data_5AJ4
#
_entry.id   5AJ4
#
_cell.length_a   1.000
_cell.length_b   1.000
_cell.length_c   1.000
_cell.angle_alpha   90.00
_cell.angle_beta   90.00
_cell.angle_gamma   90.00
#
_symmetry.space_group_name_H-M   'P 1'
#
loop_
_entity.id
_entity.type
_entity.pdbx_description
1 polymer 'MITORIBOSOMAL 12S Ribosomal RNA'
2 polymer 'MITORIBOSOMAL PROTEIN US2M, MRPS2'
3 polymer 'MITORIBOSOMAL PROTEIN US3M, MRPS24'
4 polymer 'MITORIBOSOMAL PROTEIN US5M, MRPS5'
5 polymer 'MITORIBOSOMAL PROTEIN BS6M, MRPS6'
6 polymer 'MITORIBOSOMAL PROTEIN US7M, MRPS7'
7 polymer 'MITORIBOSOMAL PROTEIN US9M, MRPS9'
8 polymer 'MITORIBOSOMAL PROTEIN US10M, MRPS10'
9 polymer 'MITORIBOSOMAL PROTEIN US11M, MRPS11'
10 polymer 'MITORIBOSOMAL PROTEIN US12M, MRPS12'
11 polymer 'MITORIBOSOMAL PROTEIN US14M, MRPS14'
12 polymer 'MITORIBOSOMAL PROTEIN US15M, MRPS15'
13 polymer 'MITORIBOSOMAL PROTEIN BS16M, MRPS16'
14 polymer 'MITORIBOSOMAL PROTEIN US17M, MRPS17'
15 polymer 'MITORIBOSOMAL PROTEIN BS18M, MRPS18C'
16 polymer 'MITORIBOSOMAL PROTEIN BS21M, MRPS21'
17 polymer 'P-SITE AND A-SITE TRNA'
18 polymer MRNA
19 polymer 'MITORIBOSOMAL PROTEIN MS22, MRPS22'
20 polymer 'MITORIBOSOMAL PROTEIN MS23, MRPS23'
21 polymer 'MITORIBOSOMAL PROTEIN MS25, MRPS25'
22 polymer 'MITORIBOSOMAL PROTEIN MS26, MRPS26'
23 polymer 'MITORIBOSOMAL PROTEIN MS27, MRPS27'
24 polymer 'MITORIBOSOMAL PROTEIN MS28, MRPS28'
25 polymer 'MITORIBOSOMAL PROTEIN MS29, MRPS29'
26 polymer 'MITORIBOSOMAL PROTEIN MS31, MRPS31'
27 polymer 'MITORIBOSOMAL PROTEIN MS33, MRPS33'
28 polymer 'MITORIBOSOMAL PROTEIN MS34, MRPS34'
29 polymer 'MITORIBOSOMAL PROTEIN MS35, MRPS35'
30 polymer 'MITORIBOSOMAL PROTEIN MS37, MRPS37'
31 polymer 'MITORIBOSOMAL PROTEIN MS38, MRPS38'
32 polymer 'MITORIBOSOMAL PROTEIN MS39, MRPS39'
33 polymer '28S RIBOSOMAL PROTEIN S18B, MITOCHONDRIAL'
34 polymer 'UNASSIGNED HELICES'
35 polymer 'UNASSIGNED HELICES'
36 polymer 'MITORIBOSOMAL PROTEIN BL27M, MRPL27'
37 polymer 'MITORIBOSOMAL PROTEIN BL28M, MRPL28'
38 polymer 'MITORIBOSOMAL PROTEIN UL29M, MRPL47'
39 polymer 'MITORIBOSOMAL PROTEIN UL30M, MRPL30'
40 polymer 'MITORIBOSOMAL PROTEIN BL31M, MRPL55'
41 polymer 'MITORIBOSOMAL PROTEIN BL32M, MRPL32'
42 polymer 'MITORIBOSOMAL PROTEIN BL33M, MRPL33'
43 polymer 'MITORIBOSOMAL PROTEIN BL34M, MRPL34'
44 polymer 'MITORIBOSOMAL PROTEIN BL35M, MRPL35'
45 polymer 'MITORIBOSOMAL PROTEIN BL36M, MRPL36'
46 polymer 'MITORIBOSOMAL 16S Ribosomal RNA'
47 polymer 'MITORIBOSOMAL CP TRNA'
48 polymer 'MITORIBOSOMAL PROTEIN UL2M, MRPL2'
49 polymer 'MITORIBOSOMAL PROTEIN UL3M, MRPL3'
50 polymer 'MITORIBOSOMAL PROTEIN UL4M, MRPL4'
51 polymer 'MITORIBOSOMAL PROTEIN BL9M, MRPL9'
52 polymer 'MITORIBOSOMAL PROTEIN UL10M, MRPL10'
53 polymer 'MITORIBOSOMAL PROTEIN UL11M, MRPL11'
54 polymer 'MITORIBOSOMAL PROTEIN UL13M, MRPL13'
55 polymer 'MITORIBOSOMAL PROTEIN UL14M, MRPL14'
56 polymer 'MITORIBOSOMAL PROTEIN UL15M, MRPL15'
57 polymer 'MITORIBOSOMAL PROTEIN UL16M, MRPL16'
58 polymer 'MITORIBOSOMAL PROTEIN BL17M, MRPL17'
59 polymer 'MITORIBOSOMAL PROTEIN UL18M, MRPL18'
60 polymer 'MITORIBOSOMAL PROTEIN BL19M, MRPL19'
61 polymer 'MITORIBOSOMAL PROTEIN BL20M, MRPL20'
62 polymer 'MITORIBOSOMAL PROTEIN BL21M, MRPL21'
63 polymer 'MITORIBOSOMAL PROTEIN UL22M, MRPL22'
64 polymer 'MITORIBOSOMAL PROTEIN UL23M, MRPL23'
65 polymer 'MITORIBOSOMAL PROTEIN UL24M, MRPL24'
66 polymer 'MITORIBOSOMAL PROTEIN ML37, MRPL37'
67 polymer 'MITORIBOSOMAL PROTEIN ML38, MRPL38'
68 polymer 'MITORIBOSOMAL PROTEIN ML39, MRPL39'
69 polymer 'MITORIBOSOMAL PROTEIN ML40, MRPL40'
70 polymer 'MITORIBOSOMAL PROTEIN ML41, MRPL41'
71 polymer 'MITORIBOSOMAL PROTEIN ML42, MRPL42'
72 polymer 'MITORIBOSOMAL PROTEIN ML43, MRPL43'
73 polymer 'MITORIBOSOMAL PROTEIN ML44, MRPL44'
74 polymer 'MITORIBOSOMAL PROTEIN ML45, MRPL45'
75 polymer 'MITORIBOSOMAL PROTEIN ML46, MRPL46'
76 polymer 'MITORIBOSOMAL PROTEIN ML48, MRPL48'
77 polymer 'MITORIBOSOMAL PROTEIN ML49, MRPL49'
78 polymer 'MITORIBOSOMAL PROTEIN ML50, MRPL50'
79 polymer 'MITORIBOSOMAL PROTEIN ML51, MRPL51'
80 polymer 'MITORIBOSOMAL PROTEIN ML52, MRPL52'
81 polymer 'MITORIBOSOMAL PROTEIN ML53, MRPL53'
82 polymer 'MITORIBOSOMAL PROTEIN ML54, MRPL54'
83 polymer 'MITORIBOSOMAL PROTEIN ML63, MRPL57'
84 polymer 'MITORIBOSOMAL PROTEIN ML62, MRPL58'
85 polymer 'MITORIBOSOMAL PROTEIN ML64, MRPL59'
86 polymer 'MITORIBOSOMAL PROTEIN ML65, MRPS30'
87 polymer 'MITORIBOSOMAL PROTEIN ML66, MRPS18A'
88 polymer 'UNASSIGNED SECONDARY STRUCTURE ELEMENTS'
89 non-polymer 'MAGNESIUM ION'
90 non-polymer 'ZINC ION'
91 non-polymer "GUANOSINE-5'-DIPHOSPHATE"
92 water water
#
loop_
_entity_poly.entity_id
_entity_poly.type
_entity_poly.pdbx_seq_one_letter_code
_entity_poly.pdbx_strand_id
1 'polyribonucleotide'
;ACACAGGUUUGGUCCUGGCCUUUCUAUUAAUUCUUAAUAAAAUUACACAUGCAAGUAUCCGCGCCCCGGUGAGAAUGCCC
UCCAGAUCUUAAAGAUCAAAAGGAGCAGGUAUCAAGCACACCUAUAACGGUAGCUCAUAACGCCUUGCUCAACCACACCC
CCACGGGAAACAGCAGUGAUAAAAAUUAAGCCAUGAACGAAAGUUUGACUAAGUUAUAUUAAUUAGAGUUGGUAAAUCUC
GUGCCAGCCACCGCGGUCAUACGAUUAACCCAAAUUAAUAGAUCCACGGCGUAAAGAGUGUUUAAGAAAAAAAAUCACAA
UAGAGUUAAAUUAUAACUAAGCUGUAAAAAGCCCUAGUUAAAAUAAAAUAACCCACGAAAGUGACUCUAAUAAUCCUGAC
ACACGAUAGCUAGGACCCAAACUGGGAUUAGAUACCCCACUAUGCCUAGCCCUAAACCCAAAUAGUUACAUAACAAAACU
AUUCGCCAGAGUACUACUCGCAACUGCCUAAAACUCAAAGGACUUGGCGGUGCUUCACAUCCACCUAGAGGAGCCUGUUC
UAUAAUCGAUAAACCCCGAUAGACCUUACCAACCCUUGCCAAUUCAGCCUAUAUACCGCCAUCUUCAGCAAACCCUAAAA
AGGAACAAUAGUAAGCACAAUCAUAGCACAUAAAAACGUUAGGUCAAGGUGUAGCUUAUGGGUUGGAAAGAAAUGGGCUA
CAUUUUCUACAUAAGAAUAUCCACCACACGAAAGUUUUUAUGAAACUAAAAACCAAAGGAGGAUUUAGCAGUAAAUCAAG
AAUAGAGUGCUUGAUUGAAUAAGGCCAUGAAGCACGCACACACCGCCCGUCACCCUCCUCAAGCAUGUAGUAAUAAAAAU
AACCUAUAUUCAAUUACACAACCAUGCAAGAAGAGACAAGUCGUAACAAGGUAAGCAUACUGGAAAGUGUGCUUGGAUUA
CC
;
AA
2 'polypeptide(L)'
;NDLRDRILSEPLKHADFFNLKELFSVRSLFDARVHLGHKAGCRHRFMEPYLFGSRLGQDIIDLEQTAAHLQLALNFTAHV
AYREGIILFVSRHRQFAHLIETTARDCGEYAHTRYFKGGLLTNAPLLLGPGVRLPDLIIFLHTLNNVFEPHVAVRDAAKM
NIPTVGIVDTNCNPALITYPVPGNDDSPPAVRLFCRLFQVAISRAKEKRRQVEALYRLQG
;
AB
3 'polypeptide(L)'
;KNRAARVRVSKGDKPVTYEEAHAPHYIAHRKGWLSLHTGNLDGEDHAAERTVEDVFLRKFMLGTFPGCLADQLVLKRRAN
QLEICALVLRQLPPHKFYFLVGYSETLLSHFYKCPVHLHLQTVPSKVVYKYI
;
AC
4 'polypeptide(L)'
;SFFTKLTADELWKGALAESRRKDLNRGQIIGEGRHGFLWPGLNIPLMRNGAVQTIAQRSKEDQEKVEADMVQQREEWDRR
RKMKVKRERGWSGNTWGGVSLGPPDPGPNGETYDDFDTRILEVRNVFNMTAKEGRKRSVRVLVAVGNGKGAAGFAIGKAT
ERADAFRKAKNRAVHYLHYIERYEDHTIYHDISLKFKRTHIKMKKQPRGYGLHCHRAIMTICRLIGIKDLYAKVSGSVNM
LNLTRGLFLGLSRQETHQQLADKKSLHVVEFREECGPLPIVVASPQGALRKDPEPEDEVPDITLDWEDVKAAQGMKRSVW
SGLKRAAT
;
AE
5 'polypeptide(L)'
;MPRYELALILKAMQRPETAAALKRTLEALMDRGAVVRNLENLGERMLPYKISAHNQRHSRGGYFLVDFYAPATTVESMME
HLSRDIDVIRPNIVKHPLTQEVKECEGIVPVPLEEKLYSTKKRK
;
AF
6 'polypeptide(L)'
;SRYGPEYKDPQIDKEYYRKPLAEQTEEEKYERDFKKTQLIKAAPATKTSSVFEDPVISKFTNMMMKGGNKVLARSLMTQT
LEAVKRKQFAKYHAASAEEQATIERNPYTIFHQALKNCEPVIGLVPILKGGHFYQVPVPLADRRRRFLAMKWMIAECREK
KHRRVLMPEKLSQELLEAFHNQGPVIKRKHDMHKMAEANRALAHYRWW
;
AG
7 'polypeptide(L)'
;TVDFIKKQIEEFNIGKRHLANMMGEDPETFTQEDIDRAIAYLFPSGLFEKRARPIMKHPEEIFPKQRAIQWGEDGRPFHF
LFYTGKQSYYSLMHDTYGKLLDVEKHHNPIGSRWLIKEELEEMLVEKLSDQDYAQFIRLLERLSALPCGATEEDFVNRFR
RSIP(UNK)(UNK)(UNK)(UNK)(UNK)(UNK)(UNK)(UNK)(UNK)(UNK)(UNK)(UNK)(UNK)(UNK)(UNK)
(UNK)GMAFSRGEGKRKTAKAEVVVYGQGSGRIDVNGVDYLLYFPVTQDREQLMFPLHFLDRLGKHDMTCAVSGGGRSAQ
AGAVRLAMARALCSFVTEDEVEWMRQAGLLTADPRVRERKKPGQEGARRKFTWKKR
;
AI
8 'polypeptide(L)'
;MAARTAFGALARRLWQGSRNFSVSSSRSSTAKNGGFLLSTTMKWVQFSNLHVDVPKDMTKPEITISDEPDTLYKRLSVLV
KGHDKAVLDSYEYFAVLAAKELGISIKVHEPPRKIERFTLLKSVHIFKKHRVQYEMRTLYRCLELEHLTGSTADVYLEYI
QRNLPEGVAMEVTKTKLEQLPEHIRKPIWETMPEEKEESKS
;
AJ
9 'polypeptide(L)'
;SFSIYPPIPGQENSLRWAGKKFEEIPIAHIKASYNNTQIQVVSAAHQPLAHASCGTEGFRNAKKGTGIAAQTAGIAAAAK
ATGKGVTHVRVVVKGLGPGRLSAIKGLTMGGLEVISITDNTPIPHNGCRPRKARRL
;
AK
10 'polypeptide(L)'
;ATLNQMHRLGPPKHPPGKMGPTAGRPQLKGVVLRTFIRKPKKPNSANRKCCRVRLSTGREAVCFIPGEGHSLQEHHVVLV
QGGRTQDLPGVKLTVVRGKYDCGHVQKKK
;
AL
11 'polypeptide(L)'
;MAASMLGFLLRTVRQMVPSSASGQVRSYYVDWKMLRDVKRRKMAYEYADERLRINSLRKNTILPKDLQEVADEEIASLPR
DSCPVRIRNRCVMTSRPRGVKRRWRLSRIVFRHLADHGQLSGVQRAMW
;
AN
12 'polypeptide(L)'
;MLRAAWRALSSIRTQAVTQAPVLGLPGGGCARFPSVQRALPSRPAGLILRAARGYAAQKPVQPNQDDPPPSMLLLDYQNV
PGIHKVDDVVKRLLSLEMANQKEKLKIKKMQLMNKVLENPEDTSSLEARIVALTVKIRNYEEHMQKHRKDKAHKRFLLMS
IDQRKKMLKNLRETNYAVFEKICKELGIEYTFPPPYHRKAHRRWVTKKALCTQVFREVQKLKKQKRALRAAAVAAHKQG
;
AO
13 'polypeptide(L)'
;RAYRGGHLTIRLALGGCTNRPFYRIVAAHSKCPRDGRFVEQLGSYDPLPNSHGEKLVALNFDRIRHWIGCGAHLSKPVEK
LLGLSGFYPLHPMMITNAERLRRKRAREVLLASQKTD
;
AP
14 'polypeptide(L)'
;SIARSSVHAKWVVGKVIGTAMQKTAKVRVTRLVLDPYLLKYFNKRKTYFAHDALQQCTVGDIVLLKALPVPRTKHVKHEL
AEIIFKVGQVIDPVTGKPCAGTTYLESPI
;
AQ
15 'polypeptide(L)'
;SNEDLPVPMENPYKEPLKKCILCEKHVDYKNVQLLSQFISPFTGCIYGRHITGLCGKKQKEITKAIKRAQILGFMPVTYK
DPAYLKDPKVCNIKYRE
;
AR
16 'polypeptide(L)'
;ANHLKFIARTVMVQEGNVEGAYRTLNRILTMDGLIEDIKRRRYYEKPCRRRQRESYETCRRIYNMEMARKINFLMRKNRA
DPWQGC
;
AU
17 'polyribonucleotide'
;(Y5P)(Y5P)(Y5P)(Y5P)(Y5P)(Y5P)(Y5P)(Y5P)(Y5P)(Y5P)(Y5P)(Y5P)(Y5P)(Y5P)(Y5P)(Y5P)
(Y5P)(Y5P)(Y5P)(Y5P)(Y5P)(Y5P)(Y5P)(Y5P)(Y5P)(Y5P)(Y5P)(Y5P)(P5P)(P5P)(P5P)(Y5P)
(Y5P)(Y5P)(Y5P)(Y5P)(Y5P)(Y5P)(Y5P)(Y5P)(Y5P)(Y5P)(Y5P)(Y5P)(Y5P)(Y5P)(Y5P)(Y5P)
(Y5P)(Y5P)(Y5P)(Y5P)(Y5P)(Y5P)(Y5P)(Y5P)(Y5P)(Y5P)(Y5P)(Y5P)(Y5P)(Y5P)(Y5P)(Y5P)
(Y5P)(Y5P)(Y5P)(Y5P)(P5P)
;
AV,AY
18 'polyribonucleotide' (Y5P)(Y5P)(Y5P)(Y5P)(Y5P)(Y5P)(Y5P)(Y5P)(Y5P)(Y5P)(Y5P)(Y5P)(Y5P) AX
19 'polypeptide(L)'
;MATLKASALLRSLQTNSCGTGRVCFPVRARPRPRALLQPLPGACGTGTLCRGLGSESESGNSEIRKPTFMDEEVQNILIK
MTGLDLQKIFKPALQELKPPTYKLMTQAQLEEATKQAVEAAKVRLKMPPVLEERAPINDVLAEDKILEGTETAKYVFTDI
SYSIPHRERFIVVREPSGTLRKASWEERDRMIQVYFPREGRRILTPVIFKEENLQTMYSQDQHVDVLNLCVAQFEPDSAE
YIKIHHHTYEDIDKCGKYDLLRSTRHFGGMAWYFVNKKKIDGLLIDQIQRDLVSDATSLVHLYHILHP(UNK)(UNK)
(UNK)(UNK)(UNK)(UNK)(UNK)(UNK)(UNK)(UNK)(UNK)(UNK)(UNK)(UNK)(UNK)(UNK)(UNK)(UNK)
(UNK)(UNK)(UNK)(UNK)(UNK)(UNK)(UNK)(UNK)(UNK)(UNK)(UNK)(UNK)(UNK)(UNK)(UNK)(UNK)
(UNK)(UNK)(UNK)(UNK)(UNK)(UNK)(UNK)(UNK)(UNK)(UNK)(UNK)(UNK)(UNK)(UNK)
;
Aa
20 'polypeptide(L)'
;MAGSRLETVGSIFSRTRDLIRAGVLKEKPLWLDIYNAFPPLREPVFRRPRLRYGKAKAAVQDIFYHEDRIRAKFYSAYGS
GPKAFDLFNPNFKSTCQRFVEKYIELQRLGETDEEKLFVEAGKALLAEGVTLRRVGEARTQQEGSPISRKSEPTGIKPQT
AVEENQPWKEVPQDQPLEAPEKESKGLPPP
;
Ab
21 'polypeptide(L)'
;PMKGRFPIRRTLQYLGQGDVVFKDSVKVMTVNYNTHGELGEGARKFVFFNIPQIQYKNPWVQITMFKNMTPSPFLRFYLD
SGEQVLVDVESKSNKEIVEHIRKILGKNEETLEKEEQEKKQLSHPAHFGPRKYCLRECMCEVEGQVPCPGLVPLPKEMTG
KYKAALKAT
;
Ac
22 'polypeptide(L)'
;RKTRHDPPAKSKAGRVATPPAVDPTEFFVLTERYRQYRQTVRALRLEFMSEVRKKLHEARAGVQAERKAQEDAAEHRELM
AWNQAENQRLHELRLARLRQEALEQERRQAEEAVLQAREAQAWAQLKEQEVLQLQEEAKTFITRENLEARVEEALDSPKS
YNWAITREGLVVRPQQK
;
Ad
23 'polypeptide(L)'
;(UNK)(UNK)(UNK)(UNK)(UNK)(UNK)(UNK)(UNK)(UNK)(UNK)(UNK)(UNK)(UNK)(UNK)(UNK)(UNK)
(UNK)(UNK)(UNK)(UNK)(UNK)(UNK)(UNK)(UNK)(UNK)(UNK)(UNK)(UNK)(UNK)(UNK)(UNK)(UNK)
(UNK)(UNK)(UNK)(UNK)(UNK)(UNK)(UNK)(UNK)(UNK)(UNK)(UNK)(UNK)(UNK)(UNK)(UNK)(UNK)
(UNK)(UNK)(UNK)(UNK)(UNK)(UNK)(UNK)(UNK)(UNK)(UNK)(UNK)(UNK)(UNK)(UNK)(UNK)(UNK)
(UNK)(UNK)(UNK)(UNK)(UNK)(UNK)(UNK)(UNK)(UNK)(UNK)(UNK)(UNK)(UNK)(UNK)(UNK)(UNK)
(UNK)(UNK)(UNK)(UNK)(UNK)(UNK)(UNK)(UNK)(UNK)(UNK)(UNK)(UNK)(UNK)(UNK)(UNK)(UNK)
(UNK)(UNK)(UNK)(UNK)(UNK)(UNK)(UNK)(UNK)(UNK)(UNK)(UNK)(UNK)(UNK)(UNK)(UNK)(UNK)
(UNK)(UNK)(UNK)(UNK)(UNK)(UNK)(UNK)(UNK)(UNK)(UNK)(UNK)(UNK)(UNK)(UNK)(UNK)(UNK)
(UNK)(UNK)(UNK)(UNK)(UNK)(UNK)(UNK)(UNK)(UNK)(UNK)(UNK)(UNK)(UNK)(UNK)(UNK)(UNK)
(UNK)(UNK)(UNK)(UNK)(UNK)(UNK)(UNK)(UNK)(UNK)(UNK)(UNK)(UNK)(UNK)(UNK)(UNK)(UNK)
(UNK)(UNK)(UNK)(UNK)(UNK)(UNK)(UNK)(UNK)(UNK)(UNK)(UNK)(UNK)(UNK)(UNK)(UNK)(UNK)
(UNK)(UNK)(UNK)(UNK)(UNK)(UNK)(UNK)(UNK)(UNK)(UNK)(UNK)(UNK)(UNK)(UNK)(UNK)(UNK)
(UNK)(UNK)(UNK)(UNK)(UNK)(UNK)(UNK)(UNK)(UNK)(UNK)(UNK)(UNK)(UNK)(UNK)(UNK)(UNK)
(UNK)(UNK)(UNK)(UNK)(UNK)(UNK)(UNK)(UNK)(UNK)(UNK)(UNK)(UNK)(UNK)(UNK)(UNK)(UNK)
(UNK)(UNK)(UNK)(UNK)(UNK)(UNK)(UNK)(UNK)(UNK)(UNK)(UNK)(UNK)(UNK)(UNK)(UNK)(UNK)
(UNK)(UNK)(UNK)(UNK)(UNK)(UNK)(UNK)(UNK)(UNK)(UNK)(UNK)(UNK)(UNK)(UNK)(UNK)(UNK)
(UNK)(UNK)(UNK)(UNK)(UNK)(UNK)(UNK)(UNK)(UNK)(UNK)(UNK)(UNK)(UNK)(UNK)(UNK)(UNK)
(UNK)(UNK)(UNK)(UNK)(UNK)(UNK)(UNK)(UNK)(UNK)(UNK)(UNK)(UNK)(UNK)(UNK)(UNK)(UNK)
(UNK)(UNK)(UNK)(UNK)(UNK)(UNK)(UNK)(UNK)(UNK)(UNK)(UNK)(UNK)(UNK)(UNK)(UNK)(UNK)
(UNK)(UNK)(UNK)(UNK)(UNK)(UNK)(UNK)(UNK)(UNK)(UNK)(UNK)(UNK)(UNK)(UNK)(UNK)(UNK)
(UNK)(UNK)(UNK)(UNK)(UNK)(UNK)(UNK)(UNK)(UNK)(UNK)(UNK)(UNK)(UNK)(UNK)(UNK)(UNK)
;
Ae
24 'polypeptide(L)'
;MAALCRTRAVTAKSHFLRVFFFSRPCRGTGTESGSGSESSESTEPKQRPGGFASALERHSELQQKAEFGRMRGSPKNVES
FASMLRHSPLTQMGPAKNKLVIGQIFHIVEDDLYIDFGGKFHCVCKRPEVDGEKYQKGTRVRLRLLDLELTSRFLGATTD
TTILEADAVLLGLQESKDSKSKEERHEK
;
Af
25 'polypeptide(L)'
;MLKGVTRLISRVHKLDPGHVLYMGTQAPQSLAAHLDNQVPVKSPRAISRTS(UNK)(UNK)(UNK)(UNK)(UNK)
(UNK)(UNK)(UNK)(UNK)(UNK)(UNK)(UNK)(UNK)(UNK)(UNK)(UNK)(UNK)(UNK)SLQELKTVFPHGLPP
RFAMQVKTFNEACLMVRKPALELLHYLKNTNFAHPAVRYVLYGEKGTGKTLSLCHILHFCAKQNWLILHIPDAHIWVKNC
RDLLQSNYNKQRFDQPLEASTWLKNFKTANEHFLSQIKVQEKYVWNKRESTEKGRPLGEVVEQGIMRVRNATDAVGIVLK
ELKRQSSLGIFHLLVAVDGVNALWGRTTLKREDKSPIAPEELALIHNLRKMVKNDWQGGAIVLTVSQTGSLFKPRNAYLP
QELLGKEGFDALDPFIPILVSNYNPKEFESCIQYYLENNWLQHEKAHTEEGKKELLFLSNRNPGQLERLCAYL
;
Ag
26 'polypeptide(L)'
;PFQNGFEEMIQWTKEGKLWEFPINNEAGFDDDGSEFHEHIFLDKYLQDFPKQGPIRHFMELVTCGLSKNPYLSVKQKVEH
IEWFRNYFNEKRVILKESGIQLN
;
Ah
27 'polypeptide(L)'
;LSEYAVRMSRLSARLFGEVARPTDSKSMKVVKLFSEQPLAKRKETYDWYPNHNTYFALMGTLRFLGLYRDEHQDFRDEQL
RLKKLRGKGKPRKGEGKRA
;
Ai
28 'polypeptide(L)'
;MARKKVRPRLIAELARRVRALREQRERPRDSQRYALDYETMMRPHSGNRLPMRAWADVRHESRLLQLLNRLPLFGLGRLV
TRKSWLWQHDEPCYWRLTRVRPDYAAENLDHGKAWGILTFKGKTESEAREIEQVMYHDWRLVPKHEEEAFT(UNK)
(UNK)(UNK)(UNK)(UNK)(UNK)(UNK)DTPLSVPYPPLLRAMILAQRQKYGDTSTEEPMLNLERARIDPWDYPAKLE
AKTKTKGAAV
;
Aj
29 'polypeptide(L)'
;RRKALPPRTEKMAVDQDWPSVYPVAAPFKPSAVPLPVRMGYPVKRGVPMAKEGNLELLKIPNFLHLTPVAIKRHCEALKD
FCTEWPAALDSDEKCEKHFPIEIDTADYVSAGPSIRNPKARVVTLRVKLSSLNLDDHAKKKLIKLVGDRYCKSTDVLTIK
TDRCPLKRQNYDYAVYLLTVLYHESWKTEEWEKKKTEADMEEYIWENSTSEKNILETLLQIKAAEKNLELSKEELLGTKE
VEDYRKSVVSLKNEGDNENTLSQYKESVKRLLNLA
;
Ak
30 'polypeptide(L)'
;ATPSLRGRLARLGNPRRPILKPNKPLILANHVGERRREKGEATCITEMSVMMACWKQNEFRDEACRKEIQDFFDCASRAE
AARKMRSIQENLGELGSLPPKKLNKLLHRFPNKPHV
;
Am
31 'polypeptide(L)' KNILKIRRRKMNHHKYRKLVKRTRFLRRKVREGRLRQKQVKFERDLKRIWQKAGLKEAPAGWQTPKIYLKNQ An
32 'polypeptide(L)'
;MAAVASARWLGVRSGLCLPLTGRRVGPCGRTPRSRFYSGSAAHPEVEGANVTGIEEVVIPKKKTWDKVAILQALASTVHR
DSTAAPYVFQDDPYLIPTSSVESHSFLLAKKSGENAAKFIINSYPKYFQKDIAEPHIPCLMPE(UNK)(UNK)(UNK)
(UNK)(UNK)(UNK)(UNK)(UNK)(UNK)(UNK)(UNK)(UNK)(UNK)(UNK)(UNK)(UNK)(UNK)(UNK)(UNK)
(UNK)(UNK)(UNK)(UNK)(UNK)(UNK)(UNK)(UNK)(UNK)(UNK)(UNK)(UNK)(UNK)(UNK)(UNK)(UNK)
(UNK)(UNK)(UNK)(UNK)(UNK)(UNK)(UNK)(UNK)(UNK)(UNK)(UNK)(UNK)(UNK)(UNK)(UNK)(UNK)
(UNK)(UNK)(UNK)(UNK)(UNK)(UNK)(UNK)(UNK)(UNK)(UNK)(UNK)(UNK)(UNK)(UNK)(UNK)(UNK)
(UNK)(UNK)(UNK)(UNK)(UNK)(UNK)(UNK)(UNK)(UNK)(UNK)(UNK)(UNK)(UNK)(UNK)(UNK)(UNK)
(UNK)(UNK)(UNK)(UNK)(UNK)(UNK)(UNK)(UNK)(UNK)(UNK)(UNK)(UNK)(UNK)(UNK)(UNK)(UNK)
(UNK)(UNK)(UNK)(UNK)(UNK)(UNK)(UNK)(UNK)(UNK)(UNK)(UNK)(UNK)(UNK)(UNK)(UNK)(UNK)
(UNK)(UNK)(UNK)(UNK)(UNK)(UNK)(UNK)(UNK)(UNK)(UNK)(UNK)(UNK)(UNK)(UNK)(UNK)(UNK)
(UNK)(UNK)(UNK)(UNK)(UNK)(UNK)(UNK)(UNK)(UNK)(UNK)(UNK)(UNK)(UNK)(UNK)(UNK)(UNK)
(UNK)(UNK)(UNK)(UNK)(UNK)(UNK)(UNK)(UNK)(UNK)(UNK)(UNK)(UNK)(UNK)(UNK)(UNK)(UNK)
(UNK)(UNK)(UNK)(UNK)(UNK)(UNK)(UNK)(UNK)(UNK)(UNK)(UNK)(UNK)(UNK)(UNK)(UNK)(UNK)
(UNK)(UNK)(UNK)(UNK)(UNK)(UNK)(UNK)(UNK)(UNK)(UNK)(UNK)(UNK)(UNK)(UNK)(UNK)(UNK)
(UNK)(UNK)(UNK)(UNK)(UNK)(UNK)(UNK)(UNK)(UNK)(UNK)(UNK)(UNK)(UNK)(UNK)(UNK)(UNK)
(UNK)(UNK)(UNK)(UNK)(UNK)(UNK)(UNK)(UNK)(UNK)(UNK)(UNK)(UNK)(UNK)(UNK)(UNK)(UNK)
(UNK)(UNK)(UNK)(UNK)(UNK)(UNK)(UNK)(UNK)(UNK)(UNK)(UNK)(UNK)(UNK)(UNK)(UNK)(UNK)
(UNK)(UNK)(UNK)(UNK)(UNK)(UNK)(UNK)(UNK)(UNK)(UNK)(UNK)(UNK)(UNK)(UNK)(UNK)(UNK)
(UNK)(UNK)(UNK)(UNK)(UNK)(UNK)(UNK)(UNK)(UNK)(UNK)(UNK)(UNK)(UNK)(UNK)(UNK)(UNK)
(UNK)(UNK)(UNK)(UNK)(UNK)(UNK)(UNK)(UNK)(UNK)(UNK)(UNK)(UNK)(UNK)(UNK)(UNK)(UNK)
(UNK)(UNK)(UNK)(UNK)(UNK)(UNK)(UNK)(UNK)(UNK)(UNK)(UNK)(UNK)(UNK)(UNK)(UNK)(UNK)
(UNK)(UNK)(UNK)(UNK)(UNK)(UNK)(UNK)(UNK)(UNK)(UNK)(UNK)(UNK)(UNK)(UNK)(UNK)(UNK)
(UNK)(UNK)(UNK)(UNK)(UNK)(UNK)(UNK)(UNK)(UNK)(UNK)(UNK)(UNK)(UNK)(UNK)(UNK)(UNK)
(UNK)(UNK)(UNK)(UNK)(UNK)(UNK)(UNK)(UNK)(UNK)(UNK)(UNK)(UNK)(UNK)(UNK)(UNK)(UNK)
(UNK)(UNK)(UNK)(UNK)(UNK)(UNK)(UNK)(UNK)(UNK)(UNK)(UNK)(UNK)(UNK)(UNK)(UNK)(UNK)
(UNK)(UNK)(UNK)(UNK)(UNK)(UNK)(UNK)(UNK)(UNK)(UNK)(UNK)(UNK)(UNK)(UNK)(UNK)(UNK)
;
Ao
33 'polypeptide(L)'
;YKDEPWKYLDSEEYQNRYGSRPVWADYRRNHKGGIPPQRTRKMCIRGNKVAGNPCPICRDQKLHVDFRNVKLLEQFVCAH
TGIIFHAPYTGVCMKQHKKLTQAIQKARDHGLLRYHIPQVEPRDLDFSTTHGAVSSTPPAPTLVSGDPWYPWYSWKQPPE
RELSRLRRLYQGRLREESGPPPELMPEV
;
Ap
34 'polypeptide(L)' (UNK)(UNK)(UNK)(UNK)(UNK)(UNK)(UNK)(UNK)(UNK)(UNK)(UNK)(UNK)(UNK)(UNK)(UNK)(UNK) As
35 'polypeptide(L)'
;(UNK)(UNK)(UNK)(UNK)(UNK)(UNK)(UNK)(UNK)(UNK)(UNK)(UNK)(UNK)(UNK)(UNK)(UNK)(UNK)
(UNK)
;
Az
36 'polypeptide(L)'
;MALAVLALRTRAAVTALLSPPQAAALAVRYASKKTGGSSKNLGGKSPGKRFGIKKMEGHYVHAGNILATQRHFRWHPGAH
VGLGKNKCLYALEEGVVRYTKEVYVPNPSNSEAVDLVTRLPQGAVLYKTFVHVVPAKPEGTFKLVAML
;
B0
37 'polypeptide(L)'
;MPLHKVPVGLWKQLRLWEGIYSRLPRHYLRSLEEARTPTPVHYRPHGAKFKINPKNWQRERVEDVPIPVHYPPESQLGLW
GGEGWVLGHRYVNNDKLSKRVRKVWKPQLFQRELYSEILDKRFTVTVTMRTLDLIDQACGFDFYILKTPKEDLCSKFGMD
LKRGMLLRLARQDPQLHPDDPARRAAIYDRYKAFVIPEAEAEWVGLTLDEAVEKQRLLEEKDPIPLFKIFVEELLGQLQQ
QALSEPAVVQTRASRK
;
B1
38 'polypeptide(L)'
;MAAAGLAVFCRRVSAALKACRLLIRPQAPPSTSCRFSPSLLPKNTPNVTSFHQFRIFHTTFSRRGLEEFFDDPKNWGEEK
VKSGASWTCQQLRNKSNEDLHKLWYVLLKERNMLLTLEQEAKRQRLPMPSPERLEKVVDSMDALDKVVQEREDALRLLQT
GQEKARPGAWRRDIFGRIIWHKFKQWPIPWYLNKKYNRKRFFAMPYVERFVRMRIEKQARIKARKRSLERKKEKFLQEKF
PHLSETQKSSHV
;
B2
39 'polypeptide(L)'
;MAGILRSVVQRPPGRLQTVTKGMESLICTDWIRHKFTRSRIPDKVFQPSPEDHEKYGGDPQYPHKLHIVTRIKSTKRRPY
WEKDIIKMLGLEKAHTPQVHKNIPSVNAKLKVVKHLIRIKPLKLPQGLPTEEDMANTCLKSNGELVVRWLLNPANQEARK
S
;
B3
40 'polypeptide(L)'
;MAAKGSLLRLLWQRVVTGAAPESCRHLYTSSWRADCNRALLTRLHRQTYARLYPVLLVKQDGSTIHIRYREPRRMLTMPV
DLDSLSPEERRARFRKREAKFKEKKEEPELSDDFDVEQYKRFWTKK
;
B4
41 'polypeptide(L)'
;MASAMLVLVVPPWPAARGLLRNWWEQLQRKLQHNRLGLPLHPWGPALAVQGPAICTEPANDTNGSKAISSLLDSVFWMAA
PKNRRSIEVNRCRRRNPQKLIKVKNNIDVCPECGHLKQKHILCGYCYEKVRKETAEIRRQMGKQEGGPFRAPTTETVVLY
SGETPSEQDQGKRIIERERKRPSWFTQN
;
B5
42 'polypeptide(L)' MFLSAVTFAKSKSKTILVKMMSQAGTGFSFNTKRSRLREKLTLLHYDPVVKKKVLFVEQKKIRSL B6
43 'polypeptide(L)'
;MAFLARSVGRLLDPVSRSAALVGGRWLQPQAWLGFPDTWGLPAMQQTRGKARGNEYQPSNIKRKHKHGWVRRLRTPTGVQ
VILRRMHKGRKSLSH
;
B7
44 'polypeptide(L)'
;MAASAFAGAVRAATGILRPLHILASSAYQNCAKNACLSSVLSSRHFSHIQTSALLSAPRLITSVRNLMCGPTAPVLNRVA
PLLPHVLKPPVRTVTYFSSRKGKRKTVKAVIYRFLRLHSGLWLRRKAGYKKKLWKKTAARKRRLREFVFCNKTQSKLLDK
MTTSFWKRRNWYADDPYQKYQDRTNLKV
;
B8
45 'polypeptide(L)'
;MATAFLRTVLSAVGPLLHLGGRPLSTFAAGPPRAALAVGAQPSPAAALLSARPLLGPQPALGFKTKGVLKKRCRDCYLVK
RRGRWFIYCKTNPKHKQRQM
;
B9
46 'polyribonucleotide'
;ACCAAAGCUAGCUCAACAUACUAAACAAAUACAAAAAUACACCAAAAUAAAAUAAAACAUUCACCUAACAUUAAAGUAUA
GGAGAUAGAAAUUUUUAUCCUGACGCUAUAGAGAUAGUACCGUAAGGGAAAGAUGAAAGAAUAAAAUAAAAGUAAAAAAA
AGCAAAGAUUACCCCUUCUACCUUUUGCAUAAUGGUUUAACCAGAAAAAAUCUAACAAAGAGAACUUUAGCUAGAUACCC
CGAAACCAGACGAGCUACCCAUGAGCAGUUUAAAAGAACCAACUCAUCUAUGUGGCAAAAUAGUGAGAAGACUUGUAGGU
AGAGGUGAAAAGCCUAACGAGCCUGGUGAUAGCUGGUUGUCCGAGAAAGAAUUUUAGUUCAACCUUAAAAAUACCCCAAA
AACCCUAAAUUCCAAUGUAUUUUUAAGAGAUAGUCUAAAAAGGUACAGCUUUUUAGAAACGGAUACAACCUUGACUAGAG
AGUAAAUCUUAAUACUACCAUAGUAGGCCUAAAAGCAGCCAUCAAUUGAGAAAGCGUUAAAGCUCAACAAAUUCACCAAC
AUAAUCCCAAAAACUAAUAACAAACUCCUAGCCCAAUACCGGACUAAUCUAUUGAAACAUAGAAGCAAUAAUGUUAAUAU
GAGUAACAAGAAGCCUUUCUCCUCGCACACGCUUACAUCAGUAACUAAUAAUAUACUGAUAAUUAACAACCAAUAAACCA
AAACAACACUAAAACGUUUAUUAAUUACAUUGUUAACCCAACACAGGAGUGCACCAAGGAAAGAUUAAAAGAAGUAAAAG
GAACUCGGCAAACACAAACCCCGCCUGUUUACCAAAAACAUCACCUCUAGCAUUACUAGUAUUAGAGGCAAUGCCUGCCC
AGUGACACCAGUUUAACGGCCGCGGUAUUCUGACCGUGCAAAGGUAGCAUAAUCACUUGUUCUCCAAAUAAGGACUUGUA
UGAAUGGCCACACGAGGGUUUUACUGUCUCUUACUUCCAAUCAGUGAAAUUAACCUUCCCGUGAAGAGGCGGGAAUAAAA
AAAUAAGACGAGAAGACCCUAUGGAGCUUUAAUUAACUAUUCCAAAAGUUAAACAACUCAACCACAAAGGGAUAAAACAU
AACUUAACAUGGACUAGCAAUUUCGGUUGGGGUGACCUCGGAGUACAAAAAACCCUCCGAGUGAUUUUAAUCUAGACAAA
CCAGUCAAAAUAACCAUAACAUCACUUAUUGAUCCAAAAUUUUGAUCAACGGAACAAGUUACCCUAGGGAUAACAGCGCA
AUCCUGUUCUAGAGUUCCUAUCGACAAUAGGGUUUACGACCUCGAUGUUGGAUCAGGACACCCAAAUGGUGCAGCCGCUA
UUAAAGGUUCGUUUGUUCAACGAUUAAAGUCCUACGUGAUCUGAGUUCAGACCGGAGCAAUCCAGGUCGGUUUCUAUCUA
UUAUAAAUUUCUCCCAGUACGAAAGGACAAGAGAAAUGGGACCAACCUCACAAACGCGUCUCAGAGAUAAUUAAUGAUUU
AAUCUUAACCUAAUUAACUCAUAAUAAAUCCAGCCCUAGAACAGGGCACA
;
BA
47 'polyribonucleotide'
;(P5P)(Y5P)(P5P)(Y5P)(P5P)(P5P)(Y5P)(Y5P)(Y5P)(P5P)(P5P)(P5P)(P5P)(P5P)(Y5P)(P5P)
(P5P)(P5P)(P5P)(Y5P)(P5P)(Y5P)(Y5P)(P5P)(P5P)(P5P)(P5P)(P5P)(Y5P)(P5P)(Y5P)(Y5P)
(Y5P)(P5P)(P5P)(P5P)(Y5P)(P5P)(P5P)(P5P)(Y5P)(Y5P)(P5P)(P5P)(Y5P)(Y5P)(Y5P)(Y5P)
(P5P)(Y5P)(P5P)
;
BB
48 'polypeptide(L)'
;MALRVLTRALSSLSLTPRIAVAPGLNLLPAVQVTNNVLLTLPSGLMSLPCRPILTSVALSATSVSWKSRTKYTVMPVKMR
KSGGRNHTGQIQVHGIGGGHKQRYRMIDFLRFRPEHESKPGPFEEKVIAVRYDPCRSADIALVAGGNRKRWIIATENMKA
GDTVLNSDHIGRMAVAAREGDAHPLGALPVGTLINNVESEPGRGAQYIRAAGTCGVLLRKVNGTAIIQLPSKRQMQVLET
CIATVGRVSNVDHNKRVIGKAGRNRWLGKRPNSGLWQRKGGWAGRKIRPLPPMKSYVKLPSAAAQS
;
BD
49 'polypeptide(L)'
;MPGWGLLGRAGARVLGCGADGLGASRGLGNRTDICLLVRSLHGKSVTWWDEHLSEENVPFVKQLVSDENKAQLASKLCPL
KDEPWPIHPWEPGSSRVGLIALKLGMMPLWTKDGQKHVVTLLQVQDCHVLKYTPKENHNGRMAALTVGGKTVSHFHKSAS
ILEFYQELGLPPKQKVKIFNVTENAVIKPGTPLYAAHFRPGQYVDVTAKTIGKGFQGVMRRWGFKGQPATHGQTKTHRRP
GAISTGDVARVWPGTKMPGQLGNIDRTAFGLKVWRINTKHNIIYVNGSVPGHKNCLVKIKDSKLPAYKDFCKNLPFPTYF
PDGDEEALPEDLYDENVCQPGAPSITFT
;
BE
50 'polypeptide(L)'
;MLQLVRAGARTWFRPSGCRGLNTLAEEAVQQAEKPESVASLGLQPPVLRKCELPVPAHRRPVQAWIESLRGYEQERVGLT
ELHPDVFSTAPRLDILHQVAIWQKNFKRISYAKTKTRAEVRGGGRKPWVQKGSGRARHGSIRSPIWRGGGVAHGPRGPTS
YYYMLPMKVRVQGLKVALTVKLAQDDLHIVDSLELPTADPQYLIELARYRRWGDSVLLVDLEHEDMPQNVVAATSGLKTF
NLVPAVGLNVHSMLKHQTLVLTLPTVAFLEEKLLWHNSRYTPLYPFRLPYCDFP
;
BF
51 'polypeptide(L)'
;MAAAACTAAGGGLLRAGLERLLRGGVRALLRPRLEGVTPRSERAFSLSLSRSTVIVERWWKVPLAGEGRKPRLHRRHRVY
KLVEDTKHRPKDNLELVLTQSVEELGVRGDLVSVKKSVGRNRLLPQGLAVYASPENKKLFEEEKLLRQEGKLEKLQTKAG
EATVKFLRRCHLEVGMKNNVKWELNPEIVARHFLRNLGVVVAPHALKLPEEPITQRGEYWCEVTVNGLDTVRVPMSVVNF
ERPKTKRYKYWLAQQAAKGDVPTSSQMI
;
BI
52 'polypeptide(L)'
;MAAVVAGMLRGGLLPQAGRLPTFQTVRYGSKAVTRHRRVMHFERQKLMAVTEYIPPKPTINPRCLPPPPTPPQEETGLVR
LLRREIAAVFRDNRMIAVCQHVALSAEDKLLLRHQLRKHKILMKIFPNQVLKPFLEESKYQNLLPLFVGHNLLLVSEEPK
VKEMVRILKGIPFLPLLGGCIDDTILSRQGFINYSKLPSLALVQGELVGGLTFLTAQTYSMLQHQPRQLTALLDQYVKQQ
QEGHPAVPASGQPEPPDPVPDP
;
BJ
53 'polypeptide(L)'
;MSKLSRATRALKKPEASGMIRAIVRAGQARPGPPLGPILGQRGVSINQFCKEFNEKTKDIKEGIPLPTKIFVKPDRTFEI
KIGQPTVSYFLKAAAGIEKGARHTGKEVAGLVTLKHVYEIARVKAQDDAFALQDVPLSSVVRSIIGSARSLGIRVVKDLS
SEELAAFQKERALFLAAQREADLAAQAEAAKK
;
BK
54 'polypeptide(L)'
;MSSFSKAPQQWATFARVWYLLDGKMQPPGKLAAMASVKLQGLHKPVYHQLSDCGDHVVIMNTRHIAFSGNKWEQKVYSSH
TGYPGGFRQVTAAQLHQKDPVAIVKLAIYGMLPKNLHRRTMMQRLHLFPDEDIPEDILKNLVEELPQPRKVPRRLDEYTQ
EEIEAFPRVWSPPEDYRL
;
BN
55 'polypeptide(L)'
;MAFCTGLRGPFAQVSRALSQRCFSTTGSLSAIQKMTRVRVVDNSALGTTPYHRPPRCIHVYNKTGVGKVGDRILLAIRGQ
KKKALIVGHRMPGPRMTPRFDSNNVVLLEDNGNPVGTRIKTPIPSSLRQREGEFSKVLAIAQNFV
;
BO
56 'polypeptide(L)'
;MGGPVQGGGPRALDLLRALPRVSLANLKPNPGSRKPERRPRGRRRGRKCGRGHKGERQRGTRPRLGFEGGQTPFYLRIPK
YGFNEGHSFRHQYQPLSLNRLQYLIDLGRVDPTQPIDLTQLVNGRGVTIQPSKRDYGVQLVEEGADTFKAKVNIEVQMAS
ELAIAAIEKNGGVVTTAFYDPRSLEILCKPVPFFLRGQPIPKRMLPPEALVPYYTDAKNRGYLADPARFPEARLELARKY
GYVLPDITKDELFKMLSTRKDPRQIFFGLAPGWVVNMADKKILKPTDENLLKYYSS
;
BP
57 'polypeptide(L)'
;MWRLLARACAPLLRAPLSDSWAAPSATAGFKTLLPVPTFEDVAIPEKPKLRFVERVPLVPKVRRERKNLSDIRGPSTEAT
EFTEGRFAILALGGGYLHWGHFEMMRLTINRSMDPKNMFALWRVPAPFKPITRKGMGQRMGGGKGAIDHYVTPVKAGRLI
VEMGGRCEFKEVQGFLDLVAHKLPFPAKAVSRETLEKMRKDQEERERNNQNPWTFERIATANMLGIRKVLSPYDLTHKGR
YWGKFYTPERV
;
BQ
58 'polypeptide(L)'
;MRLSVAAAISHGRVFRRLGLGPESRIHLLQNLLTGLVRHERIEASWARVDELRGYAEKLIDYGKLGDTNERAMRMADFWL
TEKDLIPKLFQVLAPRFQGQNGGYTRMLQIPNRNEQDRAKMAVIEYKGNCLPPLPLPRRDSNLTLLNQLLQGLRQDQEAS
SHTAQTPAV
;
BR
59 'polypeptide(L)'
;MALRSRFWALLSICRNPGCRAAALSTSCKPATNPETDPVENEAVAPEFTNRNPRNLELLAVARKERGWGTVWPSREFWHR
LRVIRTQHHIEALVEHRNGQVVVSASTREWAIKKHLYSTRNVVACESVGRVLAERCLEAGINFMVYHPTPWEAASDSIKR
LQHAMTEGGVVLREPRRIYE
;
BS
60 'polypeptide(L)'
;MAASITRGSWAAVGLGQSFPPTRALLPAPASVICRTLAGSGRQQVTGSSEPGA(UNK)(UNK)(UNK)(UNK)(UNK)
(UNK)(UNK)(UNK)(UNK)(UNK)(UNK)(UNK)(UNK)(UNK)(UNK)QRPETRFLSPEFIPPRGRTNPLKFQIERKD
MLERRKILHIPEFYVGSILRVTTADPYASAKTSQFLGICIQRSGSGLGATFILRNTIEGQGVEICFELYNPRIQEIQVVK
LEKRLDNSLLYLRDALPEYSTFDVNMKPITQEFNQEVPVNQLKVKMKPKPWSKRWERPKFNIKGIRFDLCLTEEQMREAQ
KWSQPWLEFDMMREYDTSKIEAAIWDEIEASKNS
;
BT
61 'polypeptide(L)'
;MVFLTVPLWLRSRVTDRYWRVQEVLKHARHFRGRKNRCYRLAVRAVTRAFVKCTRARRLKKRSLRTLWINRITAASQEHG
LKYPAFIINLIKCQVELNRKVLADLAIYEPKTFKSLAALAKRRREEGFAAALGDGKEPDGIFSRVVQHR
;
BU
62 'polypeptide(L)'
;MAAAVAASVLQGTFGRLVSAYSRSVLRTSRPGTAPPWSAPRRLSSQHTSSLRGCVPKTSLGSPPWPDIVLPDPVEETRHH
AEVVGQVNELIAAGRYGRLFAVVHFAGHQWKVTAEDLILIENELDVACGERIRLEKVLLVGADNFTLLGKPLLGKELVRV
EATVIEKTESWPKINMKFQKRKNYQRKRITVNPQTVLRINSIEIAPCLC
;
BV
63 'polypeptide(L)'
;MAAAVLERLGGLWMQNLRGKLALRLLSSHSILPQSHIHTSASVEISRKWEKKNKIVYPPQLPGEPRRPAEIYHCRRQIKY
SKDKMWYLAKLIRGMSIDQALAQLEFSDKKGAQIIKEVLLEAQDMAVRDHNVEFRSNLYVAESTSGRGQYLKRIRYHGRG
RFGIMEKVFCHYFVKLVEGPPPPREAPKTAVAHAREYIQELRNRTITHAL
;
BW
64 'polypeptide(L)'
;MARNVLYPLYQLGNPQLRVFRTNFFIQLVRPGTAQPEDTVQFRIPMEMTRVDLRNYLERIYNVPVAAVRTRVQYGSNRRR
DHRNIRIKKPDYKVAYVQLALGQTFTFPDLFPERKGASVDVDVRDQVLEDQRQKHSPDPRRGGVPGWFGL
;
BX
65 'polypeptide(L)'
;MRLSALLALASKVTLPPNYRYGMSRPGSLSDKRKNPPGTRRRRVPVEPISDEDWHLFCGDKVEILEGKDAGKQGKVVQVI
RQRNWVVVEGLNTHYRYVGKTVDYRGTMIPSEAPLLHNQVKLVDPTDRKPTDVEWRFTEAGERVRVSTRSGRIIPKPEFP
RADGIVPETWIDGPKDTSVEDALEKTYVPRLKTLEEEVMEAMGIQETRRHKKVYWY
;
BY
66 'polypeptide(L)'
;MALASGPARRALARPGRLGFGGCGAPRRGAYEWGVRSTRKPEPPPLDRVYEIPGLEPITYAGKMHFMPGLARPVFPPWDP
GWTHPKFRRLPPLHEHPLYKDQACYVFHQRCRLLEGVKQALWLTKTQLIEGLPEKVLRLADDPRNHIENQDERVLNAISH
ARLWHSTEDIPKRETYCPVIVDSLIQLCKSQILKHPSLARRICAQNNTLSATWNRESILLQVHGSSGARLNAKDPLPPVA
SQEEVEATKNHVLETFYPISPTMGLQECNVYDVNDDTGFQEGYPYPCPHTLYFLESANLRPRRFQPDQLRAKMILFAFGS
ALAQARLLYGNDSKVLEQPVVVQSVGTDGRLFQFLVLQLNTTDLASDEGVKNLAWVDSDQLLYQHFWCLPVIKKKVVVEP
VGPIGFQPETFRKFLALYLHGAV
;
Ba
67 'polypeptide(L)'
;MAAPWWRAALCASRRWRGFSTSAALSRRAAPLGPMPNEDIDVSDLERLKKYRSFDRYRRRAEQEARKPHWWRTYREHFGE
ESGPKDRVDIGLPPPKVSRTQQLLERKQALRELRANVEEERAARLQTARIPLEAVRAEWERTCGPYHKQRLAEYCGLYRD
LFHGATFVPRVPLHVAYAVGEDDLMPVYHGNEVTPTEAAQAPEVTYEADEGSLWTLLLTNLDGHLLEPDAEYVHWLVTNI
PGNRVTEGQETCPYLPPFPARGSGFHRFAFLLFKQDKRIDFSGDTRPSPCYQLAQRTFHTFDFYKKHQDAMTPAGLAFFQ
CRWDDSVTRVFHQLLDMREPVFEFVRPPPYHPKQKRFPHRQPLRYLDRYRDSHEPTYGIY
;
Bb
68 'polypeptide(L)'
;MAMGAWGLRLWRAVPRGEAGWRLIATSPASQLSPTELIEMQNDLFNKEKNRQLSLTPRTEKIEVKHVGKTDPGTVFVMNK
NISTPYSCAMHLSEWYCRKSILALVDGQPWDMYKPLTKSCEIKFLTFKDDDPGEVNKAYWRSCAMMMGCVIERAFKDEYV
VSLVRAPEVPVIAGAFCYDVVLDKRLDEWMPTKENLHSFTKDARALIYKDLPFETLEVEAKVALEIFQHNKYKLDFIEEK
ASQNPERIVKLHRFGDFIDVSEGPLIPRTSICFQYEVSAVHNLQTQSSLVRRFQGLSLPVHLRAHFTIWNKLLERSRKMV
TEDKTKPTEESAST
;
Bc
69 'polypeptide(L)'
;MAAAALGAASRTLRPASRLVGAWPTQTRDAHERGSLFSFWGLVPMRAEPLRKKKKVDPKKDQAAKDRLKKRIRRLEKASQ
ELIPIEDFITPVKFLNKERQRPPVELPFEESERRALLLKRWSLYKQREHEMERSAIRSLLEAQEEALQELRLSSPELHAE
ATKRDPSLFPFERQGPDYTPPISDYQPPEGRYQDITKVYTQVEFKK
;
Bd
70 'polypeptide(L)'
;MGLLSGAARALVRGADRMSKWTSKRGPRTFCKGRGAKGTGFHGRDGKFVQIKEMIPELVVPELAGFKLKPYVNYRAPEGT
DTPLTAKQLFLETAAPAIEKDFKAGTFDPEHLEKYGFEPTQEGKLFQLYPKNFPR
;
Be
71 'polypeptide(L)'
;MALAAVKWVISSRTILKHLFPIQNSASYCVCHKSTYSSLPDDYNCKVELALTSDGRTIVCYHPSVDIPYEHTKPIP
(UNK)(UNK)(UNK)(UNK)(UNK)(UNK)(UNK)(UNK)(UNK)(UNK)(UNK)(UNK)(UNK)(UNK)(UNK)(UNK)
(UNK)(UNK)(UNK)(UNK)(UNK)(UNK)(UNK)(UNK)EHLEQGPMIEQLSKMFFTTKHRWYPRGQYHRRRRKPNPPK
DR
;
Bf
72 'polypeptide(L)'
;MTARGTASRFLTSVLHNGLGRYVQQLQRLSFSLSRDAPSSRGAREFVEREVTDFARRNPGVVIYVNPRPCCVPRVVAEYL
NGAVREESIHCKSVEEIAALVQKLADQSGLDVIRIRKPFHTDSPSIQGQWHPFTNKPTTLGGLRPREVQDPAPAQVQAQ
;
Bg
73 'polypeptide(L)'
;MASGLVRLLQWGPRRLLAPAAPTLAPPVRGAKKGFRAAYRFQKELERWRLLRCPPPPVRRSEKPNWDYHAEIQAFGHRLQ
ETFSLDLLKTAFVNSCYIKSEEAKRQKLGIDKEAALLNLKDNQELSEQGISFSQTCLTQFFEDAFPDLPTEGVTSLVDFL
TSEEVVCHVARNLAVEQLALSAEFPVPPPVLRQTFFAVIGALLQSSGPERTALFIRDFLITQMTGKELFEMWTITNPMGL
LVEELKKRKISAPESRLTRQSGSTTALPVYFVGLYCDRKLIAEGPGETVLVAEEEAARVALRKLFGFTENRRPWDYSKPK
EHVRAEKTITAS
;
Bh
74 'polypeptide(L)'
;MAAPVTRGLSCLPRVLGWWSRQPVLVTQSTAVVPVRTKKRFTPPTYQPKYKSEKEFVEHARKAGLVIPHERLERPIHLAC
TAGIFDAYVPPEGDARISSLSKEGLAQRAERLKKNVASQLSIRKIRESDPNFKIKDFPEKAKDIFIEAHLCLNNSDHDRL
HTLVTENCFPDMVWDIRYKTVRWSFVESLEPPQVVQVRCSSLMNQGNIYGQVTVRMHTRQTLAIYDRFGRLMYGQEDVPR
DVLEYVVFEKHLVDPYGSWRMHGKIIPPWAPPKQPILKTVMIPGPQLKPWEEFEEPQGEVHKPQPARRRNDS
;
Bi
75 'polypeptide(L)'
;MAAPVRRTMLRVVRGWRRFEGPWAHSLGSRNLALAVAPSSSSSPWRLLGALCLQRPPLVTKPLTPLQEEMADLLQQIEIE
RSLYSDHELRALDEAQQLAKKKSDLYEEEDEQNILLAQDLEDMWEQKFLHFKLGARLTEADKKDDRTSLHRKLDRNLILL
VREKLGDQDIWMLPQSDWQPGETLRQTAERTLATLSENNMEAKFLGNAPCGHYKFKFPQAMRTETSLGAKVFFFKALLLT
GDFSQAGKKGHHVWVSKEELGDYLKPKYLAQVRRFLLDL
;
Bj
76 'polypeptide(L)'
;MNGALGKALCLRNDTVLKQALSLIRVRASGESPICSAGGILLSTSRHYRSKPTHGIGRYKHLVKAQEPKKKKGKVEVRPI
NLGTDYEYGVLNIHLIAYDMALAESYAQYVHNLCNHLAIKVEESYAMPTKTMEVLQLQEQGSKMFLDAVLTTHERVVQIS
GLSATFAEIFLEIIHSNLPEGVKLSVREHTEEDFKGRFKARPELEELLAKLN
;
Bk
77 'polypeptide(L)'
;MAATVLCGVLRAWRTGVPLGCGLRRLSQTQGTPEYPSFVESVDEYHFVERLLPPASIPRPPKHEHYPTPSGWQPPRDPAP
SLPYFVRRSRMHNIPVYRDITHGNRQMTVIRKVEGDIWALQKDVEDFLSPLLGKTPVTQVNEVTGTLRVKGYFDQQLKAW
LLEKGF
;
Bl
78 'polypeptide(L)'
;MAARWVSGLARRSLTCAVSGAPRREFWSPFRKEKQPVVAETVEEVKKEPILVCPPIQSRTYIPPEDLQSRLESHVKEVFG
SSVPSNWQDISLEDVHLKFSFLARLANDLRHAVPNSRLHQMCRVRDVLDFYNVPVQDRSKFDELIASNLPHNLKITWGY
;
Bm
79 'polypeptide(L)'
;MAGSLSWVTGRGLWGQLPLTCRSFSLGIPRLFHVRVTLPPRKVVDRWNEKRAMFGVYDNIGILGNFEKHPKELIKGPIWL
RGWKGNELQRCIRKKRMVGNRMFIDDLHNLNKRISYLYKHFNRHGKYR
;
Bn
80 'polypeptide(L)'
;MAAWGILLSTGVRRLHCGTAAQAGSQWRLQQGFAANPSGYGPLTELPDWSYADGRPAPPMKGQLRRKAQREKFARRVVLL
SQEMDAGLQAWQLRQQEKLQEEEGKQKNALKSKGALLQNPQPSQ
;
Bo
81 'polypeptide(L)'
;MAAALARLGLRAVKQVRVQFCPFEKNVESTRTFLQAVSSEKVRCTNLNCSVIADVRHDGSEPCVDVLFGDGHRLIMRGAH
LTAQEMLTAFASHIQARGAAGSGDKPSASTGR
;
Bp
82 'polypeptide(L)'
;MAARRLFGAARSWAAWRAWELSDAAVSGRLHVRNYAKRPVIKGGKGGKGAVVGEALKDPEVCTDPFRLTTHAMGVNIYKE
GQDVVLKPDSEYPEWLFEMNVGPPKKLEELDPETREYWRLLRKHNIWRHNRLSKNRKF
;
Bq
83 'polypeptide(L)'
;MFLTALLRRNRIPGRQWIGKHRRPRPVSAQAKQNMIRRLETEAENQYWLSRPFLTAEQERGHAAVRRAAAFQALKAAQAA
RFPAHRRLEEQLGHLLVTRKWS
;
Bt
84 'polypeptide(L)'
;MAAARCLRWGLNRAGAWLLPSPTRYPRRALHKQVEGTEFQSIYSLDKLYPESRGSDTAWRLPDDAKQANDIPVDRLTISY
CRSSGPGGQNVNKVNSKAEVRFHLASADWIAEPVRLKLAVKHKNRINRSGELILTSECSRYQFRNLADCLQKLRDMIAEA
SQP(UNK)(UNK)(UNK)(UNK)(UNK)(UNK)(UNK)(UNK)(UNK)(UNK)LRRSRIENMNRERLRKKRISSAIKTSR
RVDVD
;
Bu
85 'polypeptide(L)'
;MAAPVQQARTLLRLVTTLGQGSRGYRARPPPRRSQEPRWPDPDDPLTPRWQLSPRYAAKQFARHGAASGVAAGSLWPSQE
QLRELEAEEREWYPSLAAMQESLRVQQLAEEQKRQAREQLIEECMAKMPQMIENWRQQQQERR(UNK)(UNK)(UNK)
(UNK)(UNK)(UNK)(UNK)(UNK)(UNK)(UNK)(UNK)(UNK)LQAEAQERLGYHVDPRSARFQELLQDMEKQHRKRL
KEEKQRKKKEARAAAMAAAAAQDPADSETPSS
;
Bv
86 'polypeptide(L)'
;MAAARCRRFPLRGAGLSLHTAAKAAVTAPEVTGPDVPATPVARYPPIVASLTAKSKAARQRRVEQWQATVHAAKSVDEKL
RILTKMQFMKYVVYPQTFALNADNWYQSFTKTVFLSGLPPTPAKLEPEPTLDITALREAVCDCLLQEHFFLRRKKRAPVI
QDREAIASPFLDQLVASLTGLLSVHNPVLAAAALDCKRPVHFFWLRGEEIIPRGHRKGRVDALRYQINDKPHNQIRISRQ
LPEFVPLDYSIPIEVPVMSCKPDKLPLFKRQYENTIFIGSKTADPLCYGHTQFHLLPDKLKREKLLKQNCADQIEVVFRA
NAIASLFAWTGAQAMYQGFWSEADVTRPFVSQGVITDGKYFSFFCYQLNTLALTAQADQNNPRKNICWGTQSKPLYETIE
DNNVKGFNDDVLLQLVQFLLNRPKEDKSQLLEN
;
Bw
87 'polypeptide(L)'
;MVGLNVLVSGCGRLLRGLLAGPAATSWARPPSRGFREVVEILDGKTTIIEGRITETPQESPNPPNPTGQCPICRWNLKHK
YNYEDVLLLSQFIRPHGGMLPRRITGLCQEEHLKIEECVKMAHRAGLLPNHRPKLPEGFVPKSKPRLNRYLTRWSPRSVK
PIYNKGHRWNKVRMPVGSPLLKDNVSYSGRPLLLYH
;
Bx
88 'polypeptide(L)'
;(UNK)(UNK)(UNK)(UNK)(UNK)(UNK)(UNK)(UNK)(UNK)(UNK)(UNK)(UNK)(UNK)(UNK)(UNK)(UNK)
(UNK)(UNK)(UNK)(UNK)(UNK)(UNK)(UNK)(UNK)(UNK)(UNK)(UNK)(UNK)(UNK)(UNK)(UNK)(UNK)
(UNK)(UNK)(UNK)(UNK)(UNK)(UNK)(UNK)(UNK)(UNK)(UNK)(UNK)(UNK)(UNK)(UNK)(UNK)(UNK)
(UNK)(UNK)(UNK)(UNK)(UNK)(UNK)(UNK)(UNK)(UNK)(UNK)(UNK)(UNK)(UNK)(UNK)(UNK)(UNK)
(UNK)(UNK)(UNK)(UNK)(UNK)(UNK)(UNK)(UNK)(UNK)(UNK)(UNK)(UNK)(UNK)(UNK)(UNK)(UNK)
(UNK)(UNK)(UNK)(UNK)(UNK)(UNK)(UNK)(UNK)(UNK)(UNK)(UNK)(UNK)(UNK)(UNK)
;
Bz
#
# COMPACT_ATOMS: atom_id res chain seq x y z
N ASN B 1 132.56 6.42 25.05
CA ASN B 1 131.21 6.04 25.43
C ASN B 1 130.85 6.48 26.85
N ASP B 2 131.70 6.12 27.81
CA ASP B 2 131.52 6.52 29.21
C ASP B 2 131.59 8.05 29.34
N LEU B 3 132.51 8.63 28.58
CA LEU B 3 132.79 10.06 28.66
C LEU B 3 131.81 10.88 27.83
N ARG B 4 131.05 10.17 26.99
CA ARG B 4 129.91 10.77 26.27
C ARG B 4 128.77 10.96 27.26
N ASP B 5 128.55 9.94 28.06
CA ASP B 5 127.58 10.01 29.15
C ASP B 5 128.05 11.05 30.17
N ARG B 6 129.38 11.21 30.31
CA ARG B 6 129.91 12.34 31.08
C ARG B 6 129.52 13.68 30.47
N ILE B 7 129.85 13.88 29.21
CA ILE B 7 129.67 15.17 28.53
C ILE B 7 128.18 15.57 28.52
N LEU B 8 127.30 14.59 28.47
CA LEU B 8 125.87 14.87 28.53
C LEU B 8 125.32 15.05 29.97
N SER B 9 125.79 14.24 30.93
CA SER B 9 125.26 14.31 32.29
C SER B 9 125.89 15.42 33.13
N GLU B 10 126.91 16.09 32.58
CA GLU B 10 127.54 17.23 33.26
C GLU B 10 126.68 18.49 33.39
N PRO B 11 126.12 19.02 32.28
CA PRO B 11 125.42 20.31 32.39
C PRO B 11 124.12 20.28 33.19
N LEU B 12 123.59 19.09 33.47
CA LEU B 12 122.32 18.95 34.18
C LEU B 12 122.42 19.26 35.68
N LYS B 13 123.63 19.27 36.23
CA LYS B 13 123.79 19.42 37.68
C LYS B 13 124.02 20.87 38.12
N HIS B 14 124.06 21.79 37.17
CA HIS B 14 124.19 23.21 37.48
C HIS B 14 123.09 23.99 36.78
N ALA B 15 122.19 24.57 37.57
CA ALA B 15 120.98 25.20 37.03
C ALA B 15 121.29 26.35 36.06
N ASP B 16 122.44 26.98 36.26
CA ASP B 16 122.85 28.18 35.52
C ASP B 16 123.77 27.92 34.33
N PHE B 17 123.95 26.66 33.96
CA PHE B 17 125.06 26.21 33.11
C PHE B 17 125.35 27.12 31.90
N PHE B 18 124.32 27.73 31.33
CA PHE B 18 124.52 28.71 30.27
C PHE B 18 124.51 30.17 30.73
N ASN B 19 124.19 30.41 32.00
CA ASN B 19 124.14 31.76 32.55
C ASN B 19 123.22 32.70 31.76
N LEU B 20 121.95 32.31 31.64
CA LEU B 20 120.96 33.10 30.90
C LEU B 20 120.31 34.19 31.75
N LYS B 21 120.52 34.13 33.06
CA LYS B 21 119.93 35.07 34.02
C LYS B 21 120.17 36.52 33.62
N GLU B 22 121.33 36.76 33.01
CA GLU B 22 121.79 38.10 32.69
C GLU B 22 121.23 38.64 31.38
N LEU B 23 120.49 37.82 30.63
CA LEU B 23 120.03 38.23 29.30
C LEU B 23 118.90 39.27 29.37
N PHE B 24 118.21 39.32 30.51
CA PHE B 24 117.05 40.18 30.66
C PHE B 24 116.71 40.42 32.12
N SER B 25 115.69 41.25 32.34
CA SER B 25 115.23 41.61 33.67
C SER B 25 113.76 41.96 33.64
N VAL B 26 113.23 42.33 34.80
CA VAL B 26 111.84 42.78 34.86
C VAL B 26 111.71 44.08 34.08
N ARG B 27 112.71 44.95 34.22
CA ARG B 27 112.74 46.20 33.46
C ARG B 27 112.83 45.93 31.96
N SER B 28 113.66 44.95 31.60
CA SER B 28 113.85 44.55 30.22
C SER B 28 112.53 44.23 29.54
N LEU B 29 111.77 43.35 30.16
CA LEU B 29 110.47 42.96 29.65
C LEU B 29 109.50 44.14 29.72
N PHE B 30 109.72 45.06 30.66
CA PHE B 30 108.81 46.20 30.80
C PHE B 30 108.92 47.21 29.66
N ASP B 31 110.13 47.49 29.21
CA ASP B 31 110.31 48.42 28.11
C ASP B 31 110.11 47.70 26.77
N ALA B 32 109.84 46.40 26.88
CA ALA B 32 109.57 45.55 25.73
C ALA B 32 108.08 45.38 25.45
N ARG B 33 107.24 46.11 26.20
CA ARG B 33 105.79 46.13 25.99
C ARG B 33 105.11 44.82 26.39
N VAL B 34 105.90 43.87 26.87
CA VAL B 34 105.43 42.53 27.24
C VAL B 34 104.19 42.53 28.14
N HIS B 35 104.09 43.50 29.04
CA HIS B 35 103.05 43.49 30.08
C HIS B 35 101.62 43.80 29.59
N LEU B 36 101.48 44.13 28.31
CA LEU B 36 100.18 44.52 27.73
C LEU B 36 99.40 43.36 27.11
N GLY B 37 98.11 43.27 27.44
CA GLY B 37 97.25 42.25 26.85
C GLY B 37 96.18 42.76 25.91
N HIS B 38 95.22 41.90 25.57
CA HIS B 38 94.03 42.35 24.85
C HIS B 38 92.98 42.84 25.84
N LYS B 39 91.76 43.12 25.37
CA LYS B 39 90.69 43.59 26.26
C LYS B 39 90.18 42.48 27.19
N ALA B 40 89.55 42.87 28.29
CA ALA B 40 88.99 41.93 29.27
C ALA B 40 87.74 41.25 28.72
N GLY B 41 87.32 41.66 27.53
CA GLY B 41 86.31 40.92 26.79
C GLY B 41 86.92 39.72 26.11
N CYS B 42 88.11 39.91 25.54
CA CYS B 42 88.76 38.93 24.68
C CYS B 42 89.58 37.91 25.47
N ARG B 43 89.73 38.19 26.75
CA ARG B 43 90.59 37.42 27.62
C ARG B 43 90.23 35.94 27.65
N HIS B 44 91.26 35.11 27.78
CA HIS B 44 91.05 33.70 28.00
C HIS B 44 90.77 33.43 29.47
N ARG B 45 90.08 32.32 29.74
CA ARG B 45 89.76 31.96 31.12
C ARG B 45 90.95 31.32 31.82
N PHE B 46 91.90 30.80 31.06
CA PHE B 46 93.09 30.21 31.64
C PHE B 46 94.22 31.19 31.73
N MET B 47 93.93 32.43 31.35
CA MET B 47 94.91 33.50 31.47
C MET B 47 94.73 34.32 32.75
N GLU B 48 93.78 33.92 33.60
CA GLU B 48 93.54 34.64 34.83
C GLU B 48 94.72 34.60 35.82
N PRO B 49 95.23 33.39 36.17
CA PRO B 49 96.27 33.42 37.20
C PRO B 49 97.60 34.06 36.76
N TYR B 50 97.88 34.12 35.47
CA TYR B 50 99.10 34.78 34.99
C TYR B 50 98.91 36.29 34.91
N LEU B 51 97.65 36.72 34.85
CA LEU B 51 97.36 38.13 34.73
C LEU B 51 97.60 38.85 36.05
N PHE B 52 97.83 40.16 35.93
CA PHE B 52 98.03 41.02 37.08
C PHE B 52 96.74 41.75 37.38
N GLY B 53 96.37 42.68 36.50
CA GLY B 53 95.16 43.44 36.73
C GLY B 53 94.62 44.15 35.51
N SER B 54 93.36 44.54 35.61
CA SER B 54 92.68 45.25 34.55
C SER B 54 92.74 46.75 34.74
N ARG B 55 93.49 47.41 33.88
CA ARG B 55 93.62 48.85 33.93
C ARG B 55 92.72 49.46 32.87
N LEU B 56 91.62 50.05 33.32
CA LEU B 56 90.63 50.68 32.45
C LEU B 56 90.24 49.83 31.25
N GLY B 57 90.00 48.54 31.48
CA GLY B 57 89.53 47.65 30.42
C GLY B 57 90.62 46.90 29.68
N GLN B 58 91.85 47.38 29.74
CA GLN B 58 92.96 46.68 29.12
C GLN B 58 93.75 45.86 30.14
N ASP B 59 93.94 44.59 29.83
CA ASP B 59 94.57 43.65 30.76
C ASP B 59 96.08 43.86 30.85
N ILE B 60 96.67 43.40 31.95
CA ILE B 60 98.11 43.53 32.19
C ILE B 60 98.72 42.23 32.67
N ILE B 61 99.71 41.72 31.96
CA ILE B 61 100.35 40.49 32.38
C ILE B 61 101.29 40.74 33.56
N ASP B 62 101.55 39.69 34.35
CA ASP B 62 102.46 39.78 35.49
C ASP B 62 103.88 39.46 35.04
N LEU B 63 104.77 40.44 35.09
CA LEU B 63 106.12 40.30 34.52
C LEU B 63 107.10 39.61 35.46
N GLU B 64 106.72 39.47 36.72
CA GLU B 64 107.50 38.68 37.66
C GLU B 64 107.26 37.19 37.36
N GLN B 65 106.00 36.82 37.18
CA GLN B 65 105.66 35.47 36.70
C GLN B 65 106.28 35.19 35.32
N THR B 66 106.20 36.18 34.42
CA THR B 66 106.78 36.09 33.07
C THR B 66 108.27 35.81 33.14
N ALA B 67 108.98 36.57 33.97
CA ALA B 67 110.39 36.36 34.19
C ALA B 67 110.65 34.93 34.69
N ALA B 68 109.89 34.50 35.70
CA ALA B 68 110.08 33.17 36.27
C ALA B 68 109.92 32.07 35.22
N HIS B 69 108.86 32.15 34.41
CA HIS B 69 108.63 31.16 33.35
C HIS B 69 109.71 31.23 32.28
N LEU B 70 109.87 32.40 31.69
CA LEU B 70 110.79 32.64 30.57
C LEU B 70 112.19 32.16 30.92
N GLN B 71 112.54 32.26 32.20
CA GLN B 71 113.77 31.69 32.69
C GLN B 71 113.83 30.20 32.37
N LEU B 72 112.81 29.47 32.80
CA LEU B 72 112.74 28.02 32.55
C LEU B 72 112.67 27.71 31.06
N ALA B 73 112.03 28.62 30.32
CA ALA B 73 111.88 28.47 28.89
C ALA B 73 113.22 28.45 28.19
N LEU B 74 113.98 29.53 28.34
CA LEU B 74 115.28 29.64 27.67
C LEU B 74 116.24 28.60 28.24
N ASN B 75 116.07 28.28 29.53
CA ASN B 75 116.80 27.19 30.17
C ASN B 75 116.63 25.91 29.36
N PHE B 76 115.37 25.56 29.10
CA PHE B 76 115.07 24.36 28.35
C PHE B 76 115.56 24.43 26.91
N THR B 77 115.22 25.52 26.21
CA THR B 77 115.62 25.73 24.82
C THR B 77 117.11 25.52 24.60
N ALA B 78 117.90 26.23 25.40
CA ALA B 78 119.33 26.03 25.42
C ALA B 78 119.65 24.55 25.67
N HIS B 79 119.00 23.96 26.67
CA HIS B 79 119.31 22.57 27.05
C HIS B 79 119.07 21.54 25.95
N VAL B 80 118.08 21.74 25.09
CA VAL B 80 117.91 20.85 23.96
C VAL B 80 118.92 21.22 22.86
N ALA B 81 119.22 22.52 22.74
CA ALA B 81 120.15 22.99 21.71
C ALA B 81 121.57 22.44 21.89
N TYR B 82 121.98 22.22 23.14
CA TYR B 82 123.27 21.63 23.47
C TYR B 82 123.26 20.12 23.20
N ARG B 83 122.09 19.53 23.31
CA ARG B 83 121.97 18.09 23.20
C ARG B 83 121.77 17.69 21.76
N GLU B 84 121.93 18.67 20.88
CA GLU B 84 121.93 18.45 19.44
C GLU B 84 120.62 17.91 18.92
N GLY B 85 119.62 18.78 18.90
CA GLY B 85 118.31 18.39 18.44
C GLY B 85 117.64 19.52 17.70
N ILE B 86 116.60 19.18 16.96
CA ILE B 86 115.95 20.11 16.05
C ILE B 86 115.06 21.09 16.80
N ILE B 87 114.98 22.32 16.31
CA ILE B 87 114.06 23.30 16.87
C ILE B 87 113.32 24.02 15.75
N LEU B 88 111.99 24.04 15.87
CA LEU B 88 111.15 24.66 14.86
C LEU B 88 110.32 25.81 15.41
N PHE B 89 110.54 26.99 14.86
CA PHE B 89 109.77 28.18 15.19
C PHE B 89 108.51 28.26 14.35
N VAL B 90 107.35 28.24 15.00
CA VAL B 90 106.10 28.43 14.28
C VAL B 90 105.48 29.77 14.60
N SER B 91 105.00 30.44 13.55
CA SER B 91 104.11 31.57 13.72
C SER B 91 103.26 31.70 12.48
N ARG B 92 102.03 32.14 12.66
CA ARG B 92 101.18 32.49 11.53
C ARG B 92 101.15 34.00 11.32
N HIS B 93 101.92 34.73 12.11
CA HIS B 93 101.81 36.19 12.10
C HIS B 93 102.60 36.82 10.96
N ARG B 94 101.88 37.52 10.09
CA ARG B 94 102.47 38.02 8.85
C ARG B 94 103.34 39.25 9.10
N GLN B 95 103.06 39.95 10.19
CA GLN B 95 103.85 41.12 10.54
C GLN B 95 105.30 40.72 10.67
N PHE B 96 105.52 39.71 11.49
CA PHE B 96 106.84 39.30 11.94
C PHE B 96 107.46 38.08 11.25
N ALA B 97 106.79 37.55 10.24
CA ALA B 97 107.25 36.34 9.54
C ALA B 97 108.72 36.42 9.15
N HIS B 98 109.08 37.53 8.52
CA HIS B 98 110.45 37.75 8.05
C HIS B 98 111.45 37.75 9.21
N LEU B 99 111.09 38.44 10.29
CA LEU B 99 111.92 38.50 11.49
C LEU B 99 112.20 37.10 12.04
N ILE B 100 111.16 36.28 12.15
CA ILE B 100 111.31 34.94 12.69
C ILE B 100 112.14 34.05 11.79
N GLU B 101 111.86 34.07 10.49
CA GLU B 101 112.61 33.27 9.51
C GLU B 101 114.09 33.61 9.59
N THR B 102 114.37 34.91 9.65
CA THR B 102 115.73 35.40 9.78
C THR B 102 116.37 34.95 11.09
N THR B 103 115.56 34.88 12.15
CA THR B 103 116.04 34.35 13.43
C THR B 103 116.44 32.88 13.30
N ALA B 104 115.58 32.09 12.67
CA ALA B 104 115.78 30.66 12.48
C ALA B 104 117.05 30.33 11.72
N ARG B 105 117.17 30.88 10.51
CA ARG B 105 118.33 30.61 9.68
C ARG B 105 119.63 31.02 10.40
N ASP B 106 119.55 32.06 11.23
CA ASP B 106 120.71 32.59 11.92
C ASP B 106 121.05 31.80 13.18
N CYS B 107 120.09 31.05 13.69
CA CYS B 107 120.38 30.12 14.77
C CYS B 107 120.91 28.82 14.21
N GLY B 108 120.75 28.64 12.90
CA GLY B 108 120.95 27.35 12.30
C GLY B 108 119.82 26.48 12.83
N GLU B 109 118.64 27.09 12.94
CA GLU B 109 117.45 26.39 13.41
C GLU B 109 116.31 26.56 12.41
N TYR B 110 115.27 25.75 12.55
CA TYR B 110 114.25 25.65 11.53
C TYR B 110 113.03 26.46 11.88
N ALA B 111 112.38 27.01 10.86
CA ALA B 111 111.16 27.77 11.05
C ALA B 111 110.11 27.35 10.04
N HIS B 112 108.91 27.05 10.52
CA HIS B 112 107.76 27.04 9.65
C HIS B 112 106.93 28.27 9.98
N THR B 113 107.01 29.28 9.12
CA THR B 113 106.06 30.37 9.20
C THR B 113 105.38 30.43 7.86
N ARG B 114 104.18 29.87 7.82
CA ARG B 114 103.45 29.68 6.58
C ARG B 114 102.22 28.83 6.85
N TYR B 115 101.39 28.62 5.83
CA TYR B 115 100.28 27.69 5.94
C TYR B 115 100.76 26.32 6.39
N PHE B 116 100.10 25.78 7.41
CA PHE B 116 100.57 24.56 8.03
C PHE B 116 99.80 23.37 7.50
N LYS B 117 100.48 22.55 6.70
CA LYS B 117 99.82 21.41 6.06
C LYS B 117 99.42 20.40 7.13
N GLY B 118 98.13 20.06 7.13
CA GLY B 118 97.45 19.46 8.27
C GLY B 118 98.12 18.31 8.98
N GLY B 119 98.66 17.37 8.22
CA GLY B 119 99.24 16.18 8.80
C GLY B 119 100.74 16.21 8.97
N LEU B 120 101.33 17.40 9.00
CA LEU B 120 102.78 17.53 9.01
C LEU B 120 103.46 16.65 10.04
N LEU B 121 103.16 16.87 11.31
CA LEU B 121 103.76 16.05 12.37
C LEU B 121 103.09 14.69 12.51
N THR B 122 101.76 14.70 12.42
CA THR B 122 100.97 13.48 12.53
C THR B 122 101.42 12.47 11.49
N ASN B 123 101.30 12.88 10.23
CA ASN B 123 101.83 12.08 9.16
C ASN B 123 103.07 12.73 8.59
N ALA B 124 104.22 12.37 9.14
CA ALA B 124 105.50 12.77 8.59
C ALA B 124 105.92 11.97 7.37
N PRO B 125 105.95 10.62 7.48
CA PRO B 125 106.62 9.82 6.45
C PRO B 125 106.05 10.02 5.04
N LEU B 126 104.76 10.30 4.95
CA LEU B 126 104.17 10.54 3.65
C LEU B 126 104.40 11.97 3.18
N LEU B 127 104.28 12.92 4.10
CA LEU B 127 104.47 14.32 3.76
C LEU B 127 105.92 14.71 3.49
N LEU B 128 106.79 14.45 4.47
CA LEU B 128 108.19 14.86 4.39
C LEU B 128 109.14 13.91 3.65
N GLY B 129 109.03 12.60 3.90
CA GLY B 129 109.89 11.62 3.26
C GLY B 129 109.78 10.22 3.84
N PRO B 130 110.27 9.20 3.12
CA PRO B 130 110.13 7.76 3.41
C PRO B 130 110.44 7.39 4.87
N GLY B 131 111.44 8.04 5.45
CA GLY B 131 111.61 8.04 6.90
C GLY B 131 112.32 9.35 7.20
N VAL B 132 112.06 9.89 8.39
CA VAL B 132 112.46 11.25 8.72
C VAL B 132 112.61 11.35 10.24
N ARG B 133 113.47 12.24 10.72
CA ARG B 133 113.51 12.55 12.14
C ARG B 133 112.77 13.85 12.39
N LEU B 134 112.14 13.94 13.55
CA LEU B 134 111.16 14.98 13.82
C LEU B 134 111.74 15.96 14.80
N PRO B 135 111.26 17.21 14.75
CA PRO B 135 111.71 18.23 15.68
C PRO B 135 111.54 17.79 17.12
N ASP B 136 112.62 17.94 17.88
CA ASP B 136 112.59 17.61 19.28
C ASP B 136 111.98 18.75 20.09
N LEU B 137 112.07 19.97 19.59
CA LEU B 137 111.49 21.11 20.28
C LEU B 137 110.82 22.10 19.35
N ILE B 138 109.56 22.41 19.65
CA ILE B 138 108.84 23.42 18.91
C ILE B 138 108.77 24.68 19.74
N ILE B 139 108.83 25.82 19.07
CA ILE B 139 108.72 27.10 19.75
C ILE B 139 107.70 27.98 19.04
N PHE B 140 106.68 28.43 19.77
CA PHE B 140 105.62 29.27 19.23
C PHE B 140 105.85 30.74 19.56
N LEU B 141 105.82 31.58 18.54
CA LEU B 141 105.84 33.00 18.81
C LEU B 141 104.42 33.55 18.94
N HIS B 142 103.46 32.73 18.52
CA HIS B 142 102.04 33.00 18.68
C HIS B 142 101.37 31.65 18.86
N THR B 143 100.32 31.59 19.65
CA THR B 143 99.58 30.35 19.82
C THR B 143 98.37 30.34 18.90
N LEU B 144 98.30 31.34 18.01
CA LEU B 144 97.14 31.49 17.15
C LEU B 144 97.48 31.37 15.66
N ASN B 145 96.46 31.11 14.87
CA ASN B 145 96.56 31.19 13.42
C ASN B 145 95.57 32.25 13.00
N ASN B 146 95.68 32.75 11.78
CA ASN B 146 94.99 33.99 11.40
C ASN B 146 93.46 34.01 11.56
N VAL B 147 92.86 32.86 11.79
CA VAL B 147 91.42 32.77 12.06
C VAL B 147 91.18 32.74 13.59
N PHE B 148 92.24 32.96 14.35
CA PHE B 148 92.19 33.15 15.81
C PHE B 148 91.81 31.88 16.58
N GLU B 149 92.05 30.73 15.97
CA GLU B 149 91.95 29.43 16.63
C GLU B 149 93.30 29.02 17.24
N PRO B 150 93.30 28.02 18.14
CA PRO B 150 94.62 27.50 18.51
C PRO B 150 95.29 26.92 17.28
N HIS B 151 96.52 27.35 17.04
CA HIS B 151 97.34 26.86 15.92
C HIS B 151 97.46 25.34 15.99
N VAL B 152 97.44 24.68 14.84
CA VAL B 152 97.41 23.23 14.79
C VAL B 152 98.55 22.60 15.56
N ALA B 153 99.75 23.12 15.35
CA ALA B 153 100.97 22.51 15.85
C ALA B 153 101.00 22.38 17.38
N VAL B 154 100.15 23.13 18.07
CA VAL B 154 99.97 22.93 19.50
C VAL B 154 99.46 21.53 19.75
N ARG B 155 98.29 21.28 19.17
CA ARG B 155 97.62 20.00 19.27
C ARG B 155 98.51 18.88 18.71
N ASP B 156 99.12 19.14 17.55
CA ASP B 156 99.89 18.12 16.85
C ASP B 156 101.14 17.70 17.61
N ALA B 157 101.94 18.68 18.02
CA ALA B 157 103.11 18.40 18.82
C ALA B 157 102.66 17.65 20.07
N ALA B 158 101.60 18.13 20.70
CA ALA B 158 101.10 17.49 21.92
C ALA B 158 100.79 16.02 21.67
N LYS B 159 100.33 15.73 20.47
CA LYS B 159 99.97 14.38 20.08
C LYS B 159 101.20 13.56 19.77
N MET B 160 102.26 14.26 19.37
CA MET B 160 103.45 13.63 18.84
C MET B 160 104.55 13.44 19.89
N ASN B 161 104.21 13.72 21.15
CA ASN B 161 105.15 13.60 22.25
C ASN B 161 106.36 14.47 21.99
N ILE B 162 106.11 15.77 21.88
CA ILE B 162 107.15 16.77 21.68
C ILE B 162 106.92 17.91 22.67
N PRO B 163 107.96 18.41 23.34
CA PRO B 163 107.70 19.57 24.19
C PRO B 163 107.62 20.85 23.39
N THR B 164 106.97 21.85 23.98
CA THR B 164 106.66 23.08 23.28
C THR B 164 106.90 24.30 24.19
N VAL B 165 107.54 25.33 23.65
CA VAL B 165 107.73 26.57 24.39
C VAL B 165 107.18 27.74 23.62
N GLY B 166 106.22 28.45 24.19
CA GLY B 166 105.59 29.51 23.45
C GLY B 166 105.09 30.67 24.27
N ILE B 167 104.84 31.76 23.56
CA ILE B 167 104.34 32.98 24.17
C ILE B 167 102.83 33.00 24.09
N VAL B 168 102.17 32.82 25.24
CA VAL B 168 100.73 32.99 25.31
C VAL B 168 100.40 34.46 25.53
N ASP B 169 99.25 34.85 25.00
CA ASP B 169 98.76 36.21 25.07
C ASP B 169 97.44 36.09 25.80
N THR B 170 96.89 37.24 26.19
CA THR B 170 95.66 37.28 26.97
C THR B 170 94.52 36.38 26.42
N ASN B 171 94.45 36.19 25.09
CA ASN B 171 93.38 35.38 24.48
C ASN B 171 93.69 33.91 24.12
N CYS B 172 94.91 33.45 24.34
CA CYS B 172 95.30 32.06 24.01
C CYS B 172 94.96 31.01 25.05
N ASN B 173 94.80 29.77 24.59
CA ASN B 173 94.62 28.63 25.50
C ASN B 173 95.95 27.92 25.78
N PRO B 174 96.49 28.09 26.98
CA PRO B 174 97.80 27.57 27.40
C PRO B 174 97.85 26.06 27.67
N ALA B 175 96.73 25.48 28.08
CA ALA B 175 96.69 24.19 28.78
C ALA B 175 97.51 23.06 28.13
N LEU B 176 97.60 23.03 26.81
CA LEU B 176 98.33 21.95 26.11
C LEU B 176 99.77 22.28 25.72
N ILE B 177 100.26 23.45 26.12
CA ILE B 177 101.65 23.80 25.83
C ILE B 177 102.59 23.38 26.98
N THR B 178 103.73 22.80 26.64
CA THR B 178 104.70 22.36 27.64
C THR B 178 105.20 23.54 28.52
N TYR B 179 106.01 24.43 27.95
CA TYR B 179 106.43 25.63 28.70
C TYR B 179 105.90 26.92 28.09
N PRO B 180 104.86 27.50 28.71
CA PRO B 180 104.40 28.80 28.26
C PRO B 180 105.25 29.94 28.80
N VAL B 181 105.35 31.03 28.06
CA VAL B 181 105.78 32.29 28.66
C VAL B 181 104.68 33.34 28.49
N PRO B 182 104.06 33.77 29.61
CA PRO B 182 103.04 34.81 29.45
C PRO B 182 103.67 36.12 28.97
N GLY B 183 103.09 36.73 27.94
CA GLY B 183 103.67 37.91 27.35
C GLY B 183 102.92 38.46 26.18
N ASN B 184 103.54 39.39 25.47
CA ASN B 184 102.90 40.10 24.38
C ASN B 184 103.41 39.64 23.02
N ASP B 185 102.54 38.97 22.26
CA ASP B 185 102.89 38.51 20.92
C ASP B 185 102.57 39.54 19.83
N ASP B 186 101.78 40.55 20.20
CA ASP B 186 101.23 41.49 19.23
C ASP B 186 102.15 42.65 18.84
N SER B 187 102.85 43.23 19.81
CA SER B 187 103.67 44.41 19.51
C SER B 187 105.08 44.04 19.07
N PRO B 188 105.62 44.79 18.09
CA PRO B 188 106.93 44.52 17.46
C PRO B 188 108.19 44.52 18.37
N PRO B 189 108.40 45.52 19.28
CA PRO B 189 109.60 45.38 20.12
C PRO B 189 109.59 44.10 20.96
N ALA B 190 108.39 43.61 21.24
CA ALA B 190 108.21 42.37 21.99
C ALA B 190 108.75 41.16 21.21
N VAL B 191 108.28 41.00 19.98
CA VAL B 191 108.71 39.88 19.16
C VAL B 191 110.20 40.00 18.84
N ARG B 192 110.69 41.23 18.65
CA ARG B 192 112.13 41.39 18.44
C ARG B 192 112.88 40.89 19.67
N LEU B 193 112.40 41.28 20.84
CA LEU B 193 112.98 40.83 22.10
C LEU B 193 113.03 39.32 22.16
N PHE B 194 111.87 38.68 21.99
CA PHE B 194 111.78 37.25 22.10
C PHE B 194 112.65 36.53 21.08
N CYS B 195 112.61 37.04 19.85
CA CYS B 195 113.44 36.53 18.77
C CYS B 195 114.87 36.44 19.23
N ARG B 196 115.40 37.57 19.69
CA ARG B 196 116.81 37.64 20.01
C ARG B 196 117.14 36.85 21.29
N LEU B 197 116.18 36.75 22.21
CA LEU B 197 116.42 36.04 23.45
C LEU B 197 116.59 34.57 23.17
N PHE B 198 115.65 34.03 22.40
CA PHE B 198 115.74 32.64 22.00
C PHE B 198 117.00 32.40 21.16
N GLN B 199 117.26 33.32 20.24
CA GLN B 199 118.46 33.24 19.40
C GLN B 199 119.74 33.07 20.21
N VAL B 200 119.91 33.97 21.17
CA VAL B 200 121.12 33.97 21.98
C VAL B 200 121.18 32.71 22.83
N ALA B 201 120.06 32.32 23.41
CA ALA B 201 120.01 31.08 24.18
C ALA B 201 120.61 29.93 23.34
N ILE B 202 120.13 29.85 22.11
CA ILE B 202 120.63 28.85 21.17
C ILE B 202 122.13 28.97 20.90
N SER B 203 122.57 30.16 20.50
CA SER B 203 123.97 30.37 20.15
C SER B 203 124.88 29.95 21.30
N ARG B 204 124.53 30.36 22.52
CA ARG B 204 125.28 29.98 23.72
C ARG B 204 125.32 28.47 23.89
N ALA B 205 124.18 27.82 23.71
CA ALA B 205 124.13 26.36 23.83
C ALA B 205 125.07 25.63 22.86
N LYS B 206 124.98 25.97 21.58
CA LYS B 206 125.84 25.34 20.58
C LYS B 206 127.32 25.65 20.80
N GLU B 207 127.61 26.87 21.24
CA GLU B 207 128.98 27.25 21.59
C GLU B 207 129.54 26.35 22.67
N LYS B 208 128.81 26.27 23.77
CA LYS B 208 129.20 25.41 24.88
C LYS B 208 129.38 23.98 24.39
N ARG B 209 128.57 23.57 23.41
CA ARG B 209 128.74 22.26 22.82
C ARG B 209 130.11 22.13 22.14
N ARG B 210 130.45 23.07 21.27
CA ARG B 210 131.76 23.07 20.60
C ARG B 210 132.92 23.01 21.59
N GLN B 211 132.82 23.82 22.64
CA GLN B 211 133.91 23.95 23.60
C GLN B 211 134.05 22.73 24.51
N VAL B 212 132.95 22.23 25.04
CA VAL B 212 133.03 21.04 25.89
C VAL B 212 133.42 19.81 25.04
N GLU B 213 133.11 19.86 23.75
CA GLU B 213 133.59 18.81 22.83
C GLU B 213 135.11 18.93 22.62
N ALA B 214 135.61 20.15 22.51
CA ALA B 214 137.04 20.39 22.45
C ALA B 214 137.74 19.88 23.73
N LEU B 215 137.10 20.12 24.88
CA LEU B 215 137.57 19.63 26.18
C LEU B 215 137.67 18.10 26.17
N TYR B 216 136.59 17.46 25.74
CA TYR B 216 136.54 16.00 25.58
C TYR B 216 137.65 15.47 24.67
N ARG B 217 138.00 16.24 23.64
CA ARG B 217 139.06 15.83 22.72
C ARG B 217 140.47 16.03 23.30
N LEU B 218 140.62 17.02 24.18
CA LEU B 218 141.91 17.26 24.84
C LEU B 218 142.17 16.31 26.01
N GLN B 219 141.09 15.83 26.63
CA GLN B 219 141.22 14.93 27.78
C GLN B 219 141.92 13.61 27.44
N GLY B 220 142.06 13.31 26.16
CA GLY B 220 142.72 12.09 25.72
C GLY B 220 143.76 12.33 24.64
N LYS C 1 80.57 1.79 -22.64
CA LYS C 1 82.00 1.57 -22.49
C LYS C 1 82.50 0.62 -23.59
N ASN C 2 83.71 0.89 -24.10
CA ASN C 2 84.31 0.06 -25.13
C ASN C 2 85.17 -1.04 -24.53
N ARG C 3 84.77 -2.29 -24.76
CA ARG C 3 85.41 -3.44 -24.13
C ARG C 3 86.45 -4.16 -24.98
N ALA C 4 86.76 -3.62 -26.17
CA ALA C 4 87.64 -4.36 -27.06
C ALA C 4 89.05 -4.43 -26.50
N ALA C 5 89.52 -5.66 -26.29
CA ALA C 5 90.90 -5.96 -25.93
C ALA C 5 91.49 -5.06 -24.82
N ARG C 6 90.81 -4.96 -23.68
CA ARG C 6 91.30 -4.06 -22.66
C ARG C 6 91.46 -4.72 -21.29
N VAL C 7 92.29 -4.08 -20.47
CA VAL C 7 92.53 -4.52 -19.09
C VAL C 7 91.97 -3.48 -18.11
N ARG C 8 90.96 -3.90 -17.36
CA ARG C 8 90.21 -3.00 -16.48
C ARG C 8 91.02 -2.54 -15.28
N VAL C 9 90.61 -1.41 -14.71
CA VAL C 9 91.28 -0.88 -13.53
C VAL C 9 90.90 -1.70 -12.32
N SER C 10 91.91 -2.24 -11.66
CA SER C 10 91.75 -3.02 -10.45
C SER C 10 91.84 -2.10 -9.24
N LYS C 11 92.04 -2.69 -8.08
CA LYS C 11 92.35 -1.94 -6.87
C LYS C 11 93.71 -1.22 -7.03
N GLY C 12 94.40 -1.50 -8.14
CA GLY C 12 95.65 -0.84 -8.49
C GLY C 12 96.89 -1.71 -8.38
N ASP C 13 96.70 -2.98 -8.05
CA ASP C 13 97.81 -3.89 -7.84
C ASP C 13 98.14 -4.79 -9.04
N LYS C 14 97.33 -4.74 -10.10
CA LYS C 14 97.40 -5.74 -11.16
C LYS C 14 98.58 -5.52 -12.12
N PRO C 15 99.52 -6.47 -12.16
CA PRO C 15 100.71 -6.37 -13.00
C PRO C 15 100.36 -6.36 -14.48
N VAL C 16 100.91 -5.42 -15.25
CA VAL C 16 100.52 -5.28 -16.66
C VAL C 16 101.67 -5.02 -17.63
N THR C 17 101.77 -5.86 -18.65
CA THR C 17 102.75 -5.66 -19.74
C THR C 17 102.36 -4.46 -20.59
N TYR C 18 103.34 -3.80 -21.18
CA TYR C 18 103.12 -2.71 -22.12
C TYR C 18 102.12 -3.08 -23.21
N GLU C 19 102.13 -4.34 -23.60
CA GLU C 19 101.25 -4.82 -24.65
C GLU C 19 99.77 -4.67 -24.29
N GLU C 20 99.36 -5.19 -23.14
CA GLU C 20 97.95 -5.18 -22.75
C GLU C 20 97.49 -3.89 -22.06
N ALA C 21 98.40 -2.94 -21.89
CA ALA C 21 98.09 -1.68 -21.24
C ALA C 21 97.69 -0.63 -22.24
N HIS C 22 97.60 -1.01 -23.50
CA HIS C 22 97.22 -0.05 -24.52
C HIS C 22 96.06 -0.53 -25.37
N ALA C 23 95.03 0.30 -25.36
CA ALA C 23 93.79 0.03 -26.06
C ALA C 23 94.00 0.00 -27.56
N PRO C 24 93.19 -0.82 -28.26
CA PRO C 24 93.22 -1.02 -29.71
C PRO C 24 93.31 0.28 -30.47
N HIS C 25 92.72 1.34 -29.94
CA HIS C 25 92.70 2.61 -30.65
C HIS C 25 94.10 3.21 -30.70
N TYR C 26 95.04 2.61 -29.99
CA TYR C 26 96.42 3.10 -29.99
C TYR C 26 97.29 2.47 -31.07
N ILE C 27 96.77 1.46 -31.75
CA ILE C 27 97.58 0.72 -32.69
C ILE C 27 98.08 1.63 -33.80
N ALA C 28 99.39 1.56 -34.05
CA ALA C 28 100.14 2.36 -35.01
C ALA C 28 100.46 3.78 -34.51
N HIS C 29 99.79 4.19 -33.44
CA HIS C 29 100.16 5.42 -32.74
C HIS C 29 101.32 5.13 -31.80
N ARG C 30 101.07 4.26 -30.82
CA ARG C 30 102.05 3.82 -29.83
C ARG C 30 102.39 2.35 -30.03
N LYS C 31 101.36 1.52 -29.91
CA LYS C 31 101.41 0.09 -30.21
C LYS C 31 101.95 -0.20 -31.63
N GLY C 32 102.80 -1.22 -31.76
CA GLY C 32 103.22 -1.72 -33.05
C GLY C 32 102.28 -2.81 -33.52
N TRP C 33 102.73 -3.70 -34.41
CA TRP C 33 101.90 -4.83 -34.82
C TRP C 33 102.50 -6.16 -34.41
N LEU C 34 101.65 -7.07 -33.96
CA LEU C 34 102.11 -8.40 -33.57
C LEU C 34 102.55 -9.22 -34.76
N SER C 35 101.79 -9.17 -35.86
CA SER C 35 102.12 -9.92 -37.07
C SER C 35 102.58 -9.01 -38.22
N LEU C 36 103.58 -9.44 -38.98
CA LEU C 36 104.06 -8.68 -40.13
C LEU C 36 104.11 -9.53 -41.39
N HIS C 37 103.30 -9.16 -42.38
CA HIS C 37 103.36 -9.77 -43.68
C HIS C 37 102.75 -8.88 -44.74
N THR C 38 103.05 -9.21 -45.99
CA THR C 38 102.69 -8.42 -47.14
C THR C 38 101.17 -8.31 -47.38
N GLY C 39 100.43 -9.33 -46.97
CA GLY C 39 99.06 -9.56 -47.44
C GLY C 39 97.97 -8.49 -47.42
N ASN C 40 98.06 -7.49 -46.54
CA ASN C 40 97.03 -6.44 -46.46
C ASN C 40 97.37 -5.12 -47.18
N LEU C 41 98.50 -5.11 -47.86
CA LEU C 41 98.92 -3.97 -48.68
C LEU C 41 97.96 -3.76 -49.84
N ASP C 42 98.07 -2.60 -50.49
CA ASP C 42 97.18 -2.21 -51.57
C ASP C 42 96.93 -3.27 -52.68
N GLY C 43 98.00 -3.79 -53.29
CA GLY C 43 97.86 -4.65 -54.46
C GLY C 43 98.08 -6.15 -54.33
N GLU C 44 97.88 -6.72 -53.14
CA GLU C 44 98.45 -8.03 -52.84
C GLU C 44 97.42 -9.10 -52.48
N ASP C 45 97.87 -10.36 -52.46
CA ASP C 45 97.02 -11.54 -52.34
C ASP C 45 97.30 -12.42 -51.12
N HIS C 46 96.33 -13.28 -50.81
CA HIS C 46 96.42 -14.32 -49.79
C HIS C 46 96.72 -13.77 -48.41
N ALA C 47 96.00 -12.74 -48.02
CA ALA C 47 96.07 -12.24 -46.66
C ALA C 47 95.45 -13.28 -45.72
N ALA C 48 94.37 -13.90 -46.19
CA ALA C 48 93.63 -14.91 -45.43
C ALA C 48 94.50 -16.06 -44.91
N GLU C 49 95.42 -16.55 -45.74
CA GLU C 49 96.22 -17.73 -45.41
C GLU C 49 97.28 -17.38 -44.38
N ARG C 50 97.83 -16.17 -44.50
CA ARG C 50 98.77 -15.66 -43.52
C ARG C 50 98.04 -15.42 -42.19
N THR C 51 96.74 -15.15 -42.28
CA THR C 51 95.93 -15.00 -41.07
C THR C 51 95.65 -16.35 -40.39
N VAL C 52 95.21 -17.35 -41.15
CA VAL C 52 94.99 -18.70 -40.61
C VAL C 52 96.27 -19.20 -39.95
N GLU C 53 97.37 -19.12 -40.71
CA GLU C 53 98.72 -19.43 -40.25
C GLU C 53 99.04 -18.73 -38.93
N ASP C 54 98.76 -17.43 -38.87
CA ASP C 54 98.98 -16.66 -37.65
C ASP C 54 98.24 -17.27 -36.46
N VAL C 55 96.92 -17.43 -36.61
CA VAL C 55 96.08 -18.00 -35.56
C VAL C 55 96.62 -19.32 -35.03
N PHE C 56 96.85 -20.25 -35.97
CA PHE C 56 97.35 -21.55 -35.57
C PHE C 56 98.73 -21.46 -34.90
N LEU C 57 99.52 -20.46 -35.28
CA LEU C 57 100.83 -20.29 -34.65
C LEU C 57 100.69 -19.79 -33.23
N ARG C 58 99.66 -18.98 -32.97
CA ARG C 58 99.32 -18.59 -31.61
C ARG C 58 98.98 -19.82 -30.78
N LYS C 59 97.99 -20.58 -31.25
CA LYS C 59 97.56 -21.81 -30.58
C LYS C 59 98.72 -22.78 -30.30
N PHE C 60 99.51 -23.01 -31.33
CA PHE C 60 100.66 -23.92 -31.28
C PHE C 60 101.72 -23.47 -30.29
N MET C 61 102.13 -22.20 -30.37
CA MET C 61 103.16 -21.70 -29.47
C MET C 61 102.69 -21.65 -28.01
N LEU C 62 101.41 -21.39 -27.78
CA LEU C 62 100.91 -21.36 -26.40
C LEU C 62 100.65 -22.77 -25.83
N GLY C 63 100.38 -23.75 -26.69
CA GLY C 63 100.20 -25.12 -26.23
C GLY C 63 101.47 -25.94 -26.13
N THR C 64 102.48 -25.57 -26.93
CA THR C 64 103.77 -26.27 -26.96
C THR C 64 104.67 -25.86 -25.80
N PHE C 65 104.48 -24.63 -25.34
CA PHE C 65 105.33 -24.03 -24.29
C PHE C 65 104.51 -23.76 -23.03
N PRO C 66 104.17 -24.81 -22.26
CA PRO C 66 103.22 -24.61 -21.15
C PRO C 66 103.78 -23.74 -20.02
N GLY C 67 103.05 -22.69 -19.67
CA GLY C 67 103.37 -21.85 -18.52
C GLY C 67 104.56 -20.91 -18.65
N CYS C 68 105.42 -21.11 -19.66
CA CYS C 68 106.64 -20.31 -19.77
C CYS C 68 106.56 -19.15 -20.75
N LEU C 69 105.47 -19.05 -21.51
CA LEU C 69 105.35 -18.00 -22.51
C LEU C 69 105.05 -16.68 -21.80
N ALA C 70 105.92 -15.69 -22.01
CA ALA C 70 105.85 -14.45 -21.23
C ALA C 70 104.87 -13.43 -21.81
N ASP C 71 105.14 -12.95 -23.02
CA ASP C 71 104.30 -11.93 -23.66
C ASP C 71 103.82 -12.42 -25.03
N GLN C 72 102.84 -11.73 -25.61
CA GLN C 72 102.21 -12.19 -26.86
C GLN C 72 103.21 -12.36 -28.01
N LEU C 73 102.95 -13.36 -28.86
CA LEU C 73 103.91 -13.89 -29.85
C LEU C 73 104.13 -13.03 -31.11
N VAL C 74 105.39 -12.68 -31.40
CA VAL C 74 105.69 -11.80 -32.53
C VAL C 74 106.01 -12.57 -33.82
N LEU C 75 105.12 -12.46 -34.80
CA LEU C 75 105.26 -13.17 -36.07
C LEU C 75 105.83 -12.29 -37.16
N LYS C 76 106.94 -12.74 -37.74
CA LYS C 76 107.51 -12.08 -38.89
C LYS C 76 107.46 -13.01 -40.08
N ARG C 77 107.17 -12.46 -41.26
CA ARG C 77 107.20 -13.28 -42.46
C ARG C 77 108.05 -12.58 -43.52
N ARG C 78 109.19 -13.20 -43.87
CA ARG C 78 110.14 -12.61 -44.82
C ARG C 78 110.66 -13.60 -45.85
N ALA C 79 110.49 -13.25 -47.13
CA ALA C 79 111.00 -14.04 -48.23
C ALA C 79 110.65 -15.52 -48.06
N ASN C 80 109.37 -15.77 -47.81
CA ASN C 80 108.78 -17.11 -47.68
C ASN C 80 109.10 -17.85 -46.37
N GLN C 81 110.10 -17.37 -45.63
CA GLN C 81 110.43 -18.02 -44.36
C GLN C 81 109.81 -17.22 -43.21
N LEU C 82 109.32 -17.93 -42.20
CA LEU C 82 108.71 -17.29 -41.04
C LEU C 82 109.71 -17.16 -39.91
N GLU C 83 109.88 -15.94 -39.41
CA GLU C 83 110.68 -15.78 -38.20
C GLU C 83 109.71 -15.63 -37.04
N ILE C 84 109.63 -16.67 -36.21
CA ILE C 84 108.79 -16.64 -35.02
C ILE C 84 109.60 -16.17 -33.80
N CYS C 85 109.26 -14.99 -33.30
CA CYS C 85 109.96 -14.40 -32.16
C CYS C 85 109.10 -14.47 -30.89
N ALA C 86 109.60 -15.13 -29.87
CA ALA C 86 108.85 -15.30 -28.61
C ALA C 86 109.64 -14.84 -27.40
N LEU C 87 109.03 -13.96 -26.61
CA LEU C 87 109.58 -13.60 -25.31
C LEU C 87 109.06 -14.62 -24.30
N VAL C 88 109.98 -15.35 -23.67
CA VAL C 88 109.58 -16.50 -22.87
C VAL C 88 110.23 -16.43 -21.48
N LEU C 89 109.48 -16.85 -20.45
CA LEU C 89 109.95 -16.84 -19.07
C LEU C 89 110.96 -17.96 -18.80
N ARG C 90 111.76 -17.84 -17.74
CA ARG C 90 112.67 -18.93 -17.37
C ARG C 90 112.03 -19.87 -16.34
N GLN C 91 111.72 -21.08 -16.82
CA GLN C 91 111.01 -22.09 -16.06
C GLN C 91 111.75 -23.42 -16.15
N LEU C 92 111.82 -23.94 -17.36
CA LEU C 92 112.40 -25.24 -17.63
C LEU C 92 113.90 -25.12 -17.91
N PRO C 93 114.66 -26.22 -17.71
CA PRO C 93 116.10 -26.29 -18.00
C PRO C 93 116.41 -26.30 -19.49
N PRO C 94 117.57 -25.79 -19.91
CA PRO C 94 117.97 -25.61 -21.31
C PRO C 94 117.75 -26.83 -22.23
N HIS C 95 117.85 -28.04 -21.68
CA HIS C 95 117.67 -29.27 -22.46
C HIS C 95 116.32 -29.31 -23.14
N LYS C 96 115.26 -29.21 -22.35
CA LYS C 96 113.90 -29.24 -22.86
C LYS C 96 113.62 -28.07 -23.81
N PHE C 97 114.29 -26.93 -23.56
CA PHE C 97 114.14 -25.72 -24.39
C PHE C 97 114.67 -25.96 -25.80
N TYR C 98 115.89 -26.49 -25.93
CA TYR C 98 116.42 -26.78 -27.25
C TYR C 98 115.69 -27.94 -27.90
N PHE C 99 115.25 -28.90 -27.09
CA PHE C 99 114.45 -30.02 -27.59
C PHE C 99 113.23 -29.49 -28.32
N LEU C 100 112.49 -28.62 -27.64
CA LEU C 100 111.26 -28.07 -28.19
C LEU C 100 111.53 -27.05 -29.30
N VAL C 101 112.70 -26.42 -29.28
CA VAL C 101 113.10 -25.51 -30.35
C VAL C 101 113.25 -26.28 -31.65
N GLY C 102 114.08 -27.32 -31.62
CA GLY C 102 114.29 -28.15 -32.80
C GLY C 102 112.98 -28.80 -33.23
N TYR C 103 112.26 -29.33 -32.25
CA TYR C 103 110.97 -29.98 -32.47
C TYR C 103 110.00 -29.08 -33.23
N SER C 104 109.86 -27.86 -32.73
CA SER C 104 108.95 -26.89 -33.31
C SER C 104 109.40 -26.47 -34.69
N GLU C 105 110.69 -26.16 -34.85
CA GLU C 105 111.19 -25.72 -36.14
C GLU C 105 110.97 -26.78 -37.21
N THR C 106 111.28 -28.03 -36.87
CA THR C 106 111.05 -29.12 -37.79
C THR C 106 109.57 -29.26 -38.14
N LEU C 107 108.72 -29.40 -37.13
CA LEU C 107 107.30 -29.65 -37.39
C LEU C 107 106.60 -28.49 -38.12
N LEU C 108 107.05 -27.28 -37.86
CA LEU C 108 106.48 -26.09 -38.50
C LEU C 108 106.98 -25.89 -39.93
N SER C 109 108.26 -26.17 -40.15
CA SER C 109 108.80 -26.12 -41.51
C SER C 109 108.10 -27.14 -42.38
N HIS C 110 107.85 -28.32 -41.80
CA HIS C 110 107.28 -29.44 -42.54
C HIS C 110 105.76 -29.38 -42.72
N PHE C 111 105.03 -28.83 -41.77
CA PHE C 111 103.58 -28.70 -41.94
C PHE C 111 103.26 -27.60 -42.95
N TYR C 112 103.90 -26.46 -42.76
CA TYR C 112 103.65 -25.30 -43.61
C TYR C 112 104.45 -25.37 -44.89
N LYS C 113 105.21 -26.45 -45.02
CA LYS C 113 105.99 -26.74 -46.22
C LYS C 113 106.90 -25.56 -46.59
N CYS C 114 107.37 -24.82 -45.58
CA CYS C 114 108.27 -23.70 -45.80
C CYS C 114 109.25 -23.54 -44.63
N PRO C 115 110.46 -23.03 -44.91
CA PRO C 115 111.48 -22.93 -43.85
C PRO C 115 111.07 -22.02 -42.70
N VAL C 116 111.17 -22.55 -41.48
CA VAL C 116 110.81 -21.81 -40.28
C VAL C 116 112.07 -21.48 -39.48
N HIS C 117 112.09 -20.32 -38.83
CA HIS C 117 113.18 -20.00 -37.92
C HIS C 117 112.64 -19.44 -36.61
N LEU C 118 113.09 -20.03 -35.50
CA LEU C 118 112.55 -19.72 -34.18
C LEU C 118 113.57 -19.00 -33.29
N HIS C 119 113.20 -17.81 -32.81
CA HIS C 119 114.04 -17.05 -31.89
C HIS C 119 113.37 -16.89 -30.53
N LEU C 120 114.03 -17.42 -29.49
CA LEU C 120 113.53 -17.26 -28.14
C LEU C 120 114.38 -16.27 -27.35
N GLN C 121 113.74 -15.29 -26.72
CA GLN C 121 114.45 -14.44 -25.79
C GLN C 121 113.88 -14.58 -24.39
N THR C 122 114.74 -14.99 -23.46
CA THR C 122 114.33 -15.30 -22.10
C THR C 122 114.27 -14.05 -21.24
N VAL C 123 113.29 -14.00 -20.35
CA VAL C 123 113.10 -12.87 -19.48
C VAL C 123 112.85 -13.36 -18.05
N PRO C 124 113.46 -12.68 -17.04
CA PRO C 124 113.38 -13.12 -15.63
C PRO C 124 111.95 -13.18 -15.06
N SER C 125 111.16 -12.15 -15.26
CA SER C 125 109.76 -12.12 -14.84
C SER C 125 108.97 -11.29 -15.85
N LYS C 126 107.66 -11.52 -15.94
CA LYS C 126 106.83 -10.81 -16.92
C LYS C 126 107.05 -9.31 -16.82
N VAL C 127 107.31 -8.68 -17.96
CA VAL C 127 107.62 -7.27 -17.99
C VAL C 127 106.41 -6.44 -17.56
N VAL C 128 106.63 -5.55 -16.59
CA VAL C 128 105.54 -4.72 -16.08
C VAL C 128 105.72 -3.26 -16.43
N TYR C 129 104.83 -2.78 -17.29
CA TYR C 129 104.81 -1.39 -17.71
C TYR C 129 104.08 -0.49 -16.73
N LYS C 130 103.01 -1.01 -16.14
CA LYS C 130 102.14 -0.19 -15.30
C LYS C 130 101.67 -0.95 -14.04
N TYR C 131 101.07 -0.20 -13.13
CA TYR C 131 100.70 -0.69 -11.80
C TYR C 131 101.91 -1.20 -11.04
N ILE C 132 101.71 -2.31 -10.32
CA ILE C 132 102.72 -2.88 -9.44
C ILE C 132 103.47 -1.84 -8.61
N SER D 1 87.42 -28.21 -34.89
CA SER D 1 87.08 -27.89 -33.51
C SER D 1 88.32 -27.49 -32.75
N PHE D 2 89.45 -27.49 -33.45
CA PHE D 2 90.70 -27.06 -32.84
C PHE D 2 90.74 -25.53 -32.79
N PHE D 3 90.15 -24.89 -33.78
CA PHE D 3 90.17 -23.44 -33.87
C PHE D 3 89.14 -22.80 -32.97
N THR D 4 88.18 -23.60 -32.53
CA THR D 4 87.09 -23.13 -31.69
C THR D 4 87.47 -22.99 -30.22
N LYS D 5 88.47 -23.76 -29.80
CA LYS D 5 88.82 -23.85 -28.38
C LYS D 5 89.52 -22.58 -27.89
N LEU D 6 89.81 -22.51 -26.60
CA LEU D 6 90.31 -21.28 -25.99
C LEU D 6 91.39 -21.55 -24.95
N THR D 7 91.92 -20.48 -24.36
CA THR D 7 92.88 -20.56 -23.25
C THR D 7 92.15 -20.73 -21.91
N ALA D 8 92.71 -21.54 -21.01
CA ALA D 8 92.03 -21.95 -19.77
C ALA D 8 91.59 -20.78 -18.88
N ASP D 9 92.41 -19.74 -18.83
CA ASP D 9 92.14 -18.56 -18.00
C ASP D 9 90.77 -17.97 -18.31
N GLU D 10 90.50 -17.86 -19.60
CA GLU D 10 89.21 -17.39 -20.06
C GLU D 10 88.09 -18.34 -19.64
N LEU D 11 88.32 -19.63 -19.79
CA LEU D 11 87.32 -20.64 -19.43
C LEU D 11 86.91 -20.54 -17.97
N TRP D 12 87.89 -20.36 -17.09
CA TRP D 12 87.64 -20.24 -15.65
C TRP D 12 86.95 -18.90 -15.30
N LYS D 13 87.48 -17.79 -15.84
CA LYS D 13 86.84 -16.48 -15.64
C LYS D 13 85.38 -16.53 -16.08
N GLY D 14 85.11 -17.32 -17.12
CA GLY D 14 83.76 -17.48 -17.62
C GLY D 14 83.05 -18.70 -17.05
N ALA D 15 83.64 -19.36 -16.06
CA ALA D 15 83.00 -20.48 -15.36
C ALA D 15 82.56 -20.09 -13.94
N LEU D 16 83.53 -19.67 -13.12
CA LEU D 16 83.26 -19.20 -11.75
C LEU D 16 82.20 -18.10 -11.70
N ALA D 17 82.14 -17.30 -12.77
CA ALA D 17 81.19 -16.20 -12.93
C ALA D 17 81.32 -15.09 -11.88
N GLU D 18 82.39 -14.30 -11.99
CA GLU D 18 82.48 -13.03 -11.27
C GLU D 18 82.49 -11.87 -12.25
N SER D 19 81.40 -11.10 -12.26
CA SER D 19 81.27 -9.97 -13.18
C SER D 19 81.58 -8.65 -12.48
N ARG D 20 85.16 -23.10 -6.51
CA ARG D 20 86.51 -22.58 -6.42
C ARG D 20 87.34 -23.00 -7.64
N ARG D 21 88.48 -22.35 -7.85
CA ARG D 21 89.30 -22.51 -9.05
C ARG D 21 90.35 -23.62 -8.94
N LYS D 22 90.42 -24.50 -9.94
CA LYS D 22 91.39 -25.59 -9.94
C LYS D 22 92.34 -25.45 -11.12
N ASP D 23 93.58 -25.92 -10.95
CA ASP D 23 94.61 -25.81 -11.97
C ASP D 23 94.98 -27.15 -12.63
N LEU D 24 94.93 -27.20 -13.95
CA LEU D 24 95.45 -28.35 -14.70
C LEU D 24 96.88 -28.05 -15.10
N ASN D 25 97.38 -26.91 -14.62
CA ASN D 25 98.75 -26.48 -14.86
C ASN D 25 99.71 -27.07 -13.81
N ARG D 26 99.17 -27.90 -12.92
CA ARG D 26 99.97 -28.53 -11.86
C ARG D 26 99.96 -30.07 -11.94
N GLY D 27 101.15 -30.67 -11.88
CA GLY D 27 101.28 -32.11 -11.82
C GLY D 27 101.74 -32.81 -13.07
N GLN D 28 101.66 -32.13 -14.20
CA GLN D 28 102.05 -32.72 -15.48
C GLN D 28 103.39 -32.15 -15.93
N ILE D 29 104.40 -33.01 -15.97
CA ILE D 29 105.71 -32.59 -16.43
C ILE D 29 105.67 -32.44 -17.96
N ILE D 30 106.77 -32.00 -18.56
CA ILE D 30 106.83 -31.85 -20.02
C ILE D 30 107.17 -33.18 -20.65
N GLY D 31 106.38 -33.57 -21.66
CA GLY D 31 106.56 -34.85 -22.32
C GLY D 31 105.51 -35.89 -21.95
N GLU D 32 104.80 -35.67 -20.86
CA GLU D 32 103.83 -36.65 -20.37
C GLU D 32 102.61 -36.77 -21.27
N GLY D 33 102.31 -38.01 -21.64
CA GLY D 33 101.15 -38.31 -22.44
C GLY D 33 100.66 -39.69 -22.05
N ARG D 34 99.44 -40.03 -22.42
CA ARG D 34 98.88 -41.32 -22.02
C ARG D 34 99.25 -42.43 -23.02
N HIS D 35 99.80 -42.05 -24.17
CA HIS D 35 100.30 -43.03 -25.14
C HIS D 35 101.63 -43.60 -24.66
N GLY D 36 102.23 -42.93 -23.68
CA GLY D 36 103.41 -43.42 -22.99
C GLY D 36 104.73 -43.42 -23.75
N PHE D 37 105.13 -42.27 -24.28
CA PHE D 37 106.44 -42.14 -24.92
C PHE D 37 107.46 -41.46 -24.01
N LEU D 38 108.67 -41.98 -23.98
CA LEU D 38 109.76 -41.34 -23.25
C LEU D 38 110.67 -40.62 -24.23
N TRP D 39 110.62 -39.29 -24.24
CA TRP D 39 111.46 -38.51 -25.15
C TRP D 39 112.80 -38.19 -24.48
N PRO D 40 113.89 -38.20 -25.26
CA PRO D 40 115.26 -38.02 -24.79
C PRO D 40 115.53 -36.82 -23.88
N GLY D 41 114.90 -35.67 -24.13
CA GLY D 41 115.22 -34.46 -23.38
C GLY D 41 114.24 -34.03 -22.29
N LEU D 42 113.09 -34.69 -22.23
CA LEU D 42 112.00 -34.29 -21.33
C LEU D 42 111.77 -35.28 -20.19
N ASN D 43 111.17 -36.42 -20.52
CA ASN D 43 110.79 -37.44 -19.55
C ASN D 43 112.00 -38.06 -18.87
N ILE D 44 113.05 -38.21 -19.67
CA ILE D 44 114.23 -38.93 -19.25
C ILE D 44 115.46 -38.09 -19.55
N PRO D 45 116.56 -38.28 -18.79
CA PRO D 45 117.82 -37.57 -19.07
C PRO D 45 118.34 -37.81 -20.50
N LEU D 46 118.99 -36.81 -21.08
CA LEU D 46 119.46 -36.87 -22.47
C LEU D 46 120.44 -38.01 -22.71
N MET D 47 121.25 -38.32 -21.70
CA MET D 47 122.20 -39.41 -21.81
C MET D 47 122.08 -40.39 -20.64
N ARG D 48 122.45 -41.64 -20.93
CA ARG D 48 122.52 -42.71 -19.94
C ARG D 48 124.02 -43.03 -19.84
N ASN D 49 124.38 -44.12 -19.14
CA ASN D 49 125.76 -44.58 -19.16
C ASN D 49 126.29 -44.65 -20.61
N GLY D 50 125.46 -45.14 -21.53
CA GLY D 50 125.68 -44.93 -22.96
C GLY D 50 125.02 -43.64 -23.42
N ALA D 51 125.60 -42.98 -24.41
CA ALA D 51 125.13 -41.65 -24.82
C ALA D 51 123.87 -41.70 -25.71
N VAL D 52 123.11 -40.61 -25.70
CA VAL D 52 122.00 -40.37 -26.64
C VAL D 52 120.92 -41.44 -26.64
N GLN D 53 120.09 -41.48 -25.59
CA GLN D 53 118.99 -42.43 -25.54
C GLN D 53 118.01 -42.23 -26.68
N THR D 54 117.48 -43.31 -27.22
CA THR D 54 116.62 -43.21 -28.39
C THR D 54 115.16 -42.99 -27.99
N ILE D 55 114.31 -42.80 -28.99
CA ILE D 55 112.89 -42.62 -28.79
C ILE D 55 112.32 -43.90 -28.17
N ALA D 56 111.63 -43.77 -27.04
CA ALA D 56 111.23 -44.94 -26.27
C ALA D 56 109.74 -44.95 -25.93
N GLN D 57 109.23 -46.14 -25.61
CA GLN D 57 107.84 -46.34 -25.21
C GLN D 57 107.80 -47.27 -23.99
N ARG D 58 107.08 -46.87 -22.95
CA ARG D 58 106.99 -47.68 -21.73
C ARG D 58 106.12 -48.90 -21.98
N SER D 59 106.00 -49.76 -20.97
CA SER D 59 105.11 -50.90 -21.10
C SER D 59 103.68 -50.42 -20.88
N LYS D 60 102.73 -51.35 -20.99
CA LYS D 60 101.33 -51.00 -20.73
C LYS D 60 101.13 -50.81 -19.22
N GLU D 61 101.62 -51.77 -18.45
CA GLU D 61 101.51 -51.71 -16.99
C GLU D 61 102.26 -50.51 -16.38
N ASP D 62 103.32 -50.07 -17.07
CA ASP D 62 104.08 -48.89 -16.65
C ASP D 62 103.21 -47.62 -16.66
N GLN D 63 102.42 -47.47 -17.72
CA GLN D 63 101.51 -46.33 -17.83
C GLN D 63 100.23 -46.51 -17.00
N GLU D 64 99.82 -47.77 -16.75
CA GLU D 64 98.76 -48.02 -15.78
C GLU D 64 99.20 -47.49 -14.39
N LYS D 65 100.48 -47.70 -14.08
CA LYS D 65 101.06 -47.19 -12.83
C LYS D 65 101.23 -45.67 -12.82
N VAL D 66 101.67 -45.08 -13.93
CA VAL D 66 101.80 -43.62 -14.02
C VAL D 66 100.43 -42.92 -13.88
N GLU D 67 99.40 -43.50 -14.49
CA GLU D 67 98.03 -42.96 -14.38
C GLU D 67 97.44 -43.23 -12.99
N ALA D 68 97.84 -44.32 -12.34
CA ALA D 68 97.52 -44.50 -10.92
C ALA D 68 98.15 -43.38 -10.09
N ASP D 69 99.40 -43.03 -10.39
CA ASP D 69 100.11 -41.95 -9.70
C ASP D 69 99.44 -40.59 -9.87
N MET D 70 98.99 -40.26 -11.08
CA MET D 70 98.31 -38.98 -11.30
C MET D 70 96.92 -38.97 -10.66
N VAL D 71 96.18 -40.08 -10.75
CA VAL D 71 94.88 -40.17 -10.07
C VAL D 71 95.07 -39.93 -8.57
N GLN D 72 96.08 -40.57 -7.99
CA GLN D 72 96.38 -40.38 -6.56
C GLN D 72 96.89 -38.97 -6.23
N GLN D 73 97.54 -38.31 -7.19
CA GLN D 73 97.98 -36.92 -6.99
C GLN D 73 96.79 -35.96 -6.94
N ARG D 74 95.81 -36.15 -7.83
CA ARG D 74 94.59 -35.33 -7.82
C ARG D 74 93.73 -35.60 -6.58
N GLU D 75 93.58 -36.87 -6.20
CA GLU D 75 92.84 -37.19 -4.97
C GLU D 75 93.55 -36.57 -3.76
N GLU D 76 94.89 -36.58 -3.78
CA GLU D 76 95.69 -35.92 -2.74
C GLU D 76 95.43 -34.41 -2.67
N TRP D 77 95.39 -33.74 -3.82
CA TRP D 77 95.10 -32.30 -3.86
C TRP D 77 93.70 -31.99 -3.35
N ASP D 78 92.74 -32.86 -3.67
CA ASP D 78 91.37 -32.69 -3.18
C ASP D 78 91.28 -32.88 -1.67
N ARG D 79 92.02 -33.87 -1.15
CA ARG D 79 92.16 -34.05 0.29
C ARG D 79 92.77 -32.81 0.95
N ARG D 80 93.76 -32.21 0.29
CA ARG D 80 94.46 -31.03 0.83
C ARG D 80 93.64 -29.75 0.73
N ARG D 81 92.64 -29.73 -0.16
CA ARG D 81 91.67 -28.64 -0.18
C ARG D 81 90.56 -28.81 0.87
N LYS D 82 90.09 -30.05 1.09
CA LYS D 82 89.01 -30.28 2.05
C LYS D 82 89.47 -30.23 3.52
N MET D 83 90.78 -30.31 3.75
CA MET D 83 91.37 -30.22 5.09
C MET D 83 91.47 -28.76 5.57
N LYS D 84 91.26 -27.83 4.64
CA LYS D 84 91.60 -26.42 4.84
C LYS D 84 90.77 -25.69 5.91
N VAL D 85 89.74 -26.35 6.45
CA VAL D 85 88.89 -25.72 7.46
C VAL D 85 89.32 -26.21 8.85
N LYS D 86 90.03 -25.35 9.57
CA LYS D 86 90.40 -25.53 10.97
C LYS D 86 90.44 -24.14 11.58
N ARG D 87 89.88 -23.96 12.77
CA ARG D 87 89.81 -22.61 13.35
C ARG D 87 89.66 -22.67 14.87
N GLU D 88 90.03 -21.59 15.55
CA GLU D 88 89.76 -21.45 16.97
C GLU D 88 88.73 -20.36 17.19
N ARG D 89 87.61 -20.71 17.85
CA ARG D 89 86.53 -19.75 18.06
C ARG D 89 86.86 -18.74 19.14
N GLY D 90 86.69 -17.46 18.81
CA GLY D 90 86.96 -16.39 19.74
C GLY D 90 85.98 -16.28 20.90
N TRP D 91 84.69 -16.16 20.59
CA TRP D 91 83.69 -16.13 21.64
C TRP D 91 82.75 -17.29 21.42
N SER D 92 81.89 -17.16 20.42
CA SER D 92 81.07 -18.29 20.02
C SER D 92 81.09 -18.44 18.50
N GLY D 93 81.68 -19.54 18.02
CA GLY D 93 81.60 -19.88 16.61
C GLY D 93 82.09 -18.78 15.68
N ASN D 94 81.18 -18.33 14.82
CA ASN D 94 81.48 -17.41 13.73
C ASN D 94 81.59 -15.96 14.19
N THR D 95 81.40 -15.74 15.48
CA THR D 95 81.71 -14.47 16.11
C THR D 95 83.19 -14.14 15.96
N TRP D 96 83.50 -12.90 15.60
CA TRP D 96 84.91 -12.50 15.49
C TRP D 96 85.42 -11.81 16.74
N GLY D 97 84.56 -11.60 17.71
CA GLY D 97 85.02 -11.05 18.97
C GLY D 97 85.92 -12.03 19.70
N GLY D 98 87.15 -11.61 20.00
CA GLY D 98 88.06 -12.41 20.81
C GLY D 98 89.12 -13.23 20.09
N VAL D 99 88.97 -13.41 18.78
CA VAL D 99 89.93 -14.17 18.00
C VAL D 99 91.26 -13.44 17.94
N SER D 100 92.35 -14.18 17.97
CA SER D 100 93.67 -13.58 17.82
C SER D 100 93.83 -13.11 16.38
N LEU D 101 94.13 -11.83 16.23
CA LEU D 101 94.44 -11.26 14.93
C LEU D 101 95.91 -11.54 14.61
N GLY D 102 96.72 -11.53 15.65
CA GLY D 102 98.16 -11.67 15.53
C GLY D 102 98.82 -10.31 15.62
N PRO D 103 100.01 -10.24 16.23
CA PRO D 103 100.71 -9.00 16.57
C PRO D 103 100.81 -8.04 15.41
N PRO D 104 100.85 -6.73 15.72
CA PRO D 104 100.77 -5.70 14.68
C PRO D 104 101.96 -5.74 13.75
N ASP D 105 101.94 -4.85 12.78
CA ASP D 105 103.01 -4.75 11.80
C ASP D 105 104.09 -3.80 12.33
N PRO D 106 105.36 -4.11 12.04
CA PRO D 106 106.45 -3.23 12.47
C PRO D 106 106.38 -1.90 11.75
N GLY D 107 106.55 -0.81 12.49
CA GLY D 107 106.45 0.52 11.93
C GLY D 107 107.62 0.81 11.01
N PRO D 108 107.71 2.06 10.54
CA PRO D 108 108.77 2.49 9.61
C PRO D 108 110.18 2.55 10.25
N ASN D 109 110.28 2.60 11.57
CA ASN D 109 111.57 2.76 12.24
C ASN D 109 112.28 1.46 12.60
N GLY D 110 111.60 0.34 12.41
CA GLY D 110 112.16 -0.96 12.75
C GLY D 110 111.59 -1.56 14.01
N GLU D 111 110.81 -0.77 14.75
CA GLU D 111 110.15 -1.21 15.97
C GLU D 111 109.25 -2.42 15.70
N THR D 112 109.42 -3.49 16.46
CA THR D 112 108.64 -4.69 16.23
C THR D 112 108.13 -5.29 17.55
N TYR D 113 106.84 -5.58 17.58
CA TYR D 113 106.19 -6.07 18.77
C TYR D 113 105.62 -7.47 18.59
N ASP D 114 106.28 -8.46 19.20
CA ASP D 114 105.73 -9.80 19.25
C ASP D 114 105.08 -10.07 20.60
N ASP D 115 105.19 -9.11 21.50
CA ASP D 115 104.72 -9.27 22.88
C ASP D 115 103.26 -8.85 22.95
N PHE D 116 102.70 -8.57 21.78
CA PHE D 116 101.34 -8.05 21.69
C PHE D 116 100.36 -9.01 21.01
N ASP D 117 99.42 -9.55 21.78
CA ASP D 117 98.27 -10.25 21.22
C ASP D 117 97.22 -9.23 20.89
N THR D 118 96.51 -9.45 19.80
CA THR D 118 95.38 -8.60 19.50
C THR D 118 94.12 -9.44 19.41
N ARG D 119 93.04 -8.90 19.95
CA ARG D 119 91.75 -9.56 19.91
C ARG D 119 90.73 -8.59 19.37
N ILE D 120 89.91 -9.06 18.43
CA ILE D 120 88.85 -8.22 17.91
C ILE D 120 87.77 -8.09 18.95
N LEU D 121 87.38 -6.84 19.21
CA LEU D 121 86.30 -6.57 20.13
C LEU D 121 84.97 -6.61 19.40
N GLU D 122 84.81 -5.75 18.38
CA GLU D 122 83.59 -5.85 17.58
C GLU D 122 83.77 -5.75 16.08
N VAL D 123 83.38 -6.81 15.39
CA VAL D 123 83.31 -6.80 13.95
C VAL D 123 81.92 -6.35 13.52
N ARG D 124 81.83 -5.42 12.56
CA ARG D 124 80.51 -4.95 12.13
C ARG D 124 80.37 -4.62 10.66
N ASN D 125 79.26 -5.09 10.09
CA ASN D 125 78.93 -4.77 8.72
C ASN D 125 78.09 -3.50 8.67
N VAL D 126 78.67 -2.45 8.11
CA VAL D 126 78.01 -1.18 8.00
C VAL D 126 77.69 -0.87 6.54
N PHE D 127 76.65 -0.07 6.31
CA PHE D 127 76.34 0.41 4.98
C PHE D 127 76.43 1.94 4.90
N ASN D 128 76.63 2.47 3.69
CA ASN D 128 76.43 3.90 3.40
C ASN D 128 75.65 4.03 2.08
N MET D 129 75.13 5.21 1.76
CA MET D 129 74.38 5.33 0.52
C MET D 129 75.21 6.04 -0.55
N THR D 130 75.33 5.37 -1.69
CA THR D 130 76.08 5.86 -2.83
C THR D 130 75.11 6.18 -3.95
N ALA D 131 75.19 7.42 -4.45
CA ALA D 131 74.40 7.82 -5.63
C ALA D 131 74.51 6.82 -6.80
N LYS D 132 75.76 6.47 -7.10
CA LYS D 132 76.10 5.50 -8.13
C LYS D 132 75.55 4.10 -7.80
N GLU D 133 76.03 3.56 -6.69
CA GLU D 133 76.00 2.12 -6.42
C GLU D 133 74.72 1.64 -5.76
N GLY D 134 73.97 2.57 -5.20
CA GLY D 134 72.99 2.25 -4.18
C GLY D 134 73.76 1.96 -2.91
N ARG D 135 73.46 0.84 -2.26
CA ARG D 135 74.15 0.47 -1.04
C ARG D 135 75.65 0.25 -1.22
N LYS D 136 76.45 0.92 -0.40
CA LYS D 136 77.88 0.60 -0.28
C LYS D 136 78.16 -0.17 1.00
N ARG D 137 78.76 -1.36 0.86
CA ARG D 137 79.10 -2.19 2.00
C ARG D 137 80.51 -1.89 2.49
N SER D 138 80.60 -1.49 3.76
CA SER D 138 81.89 -1.26 4.41
C SER D 138 81.94 -2.06 5.70
N VAL D 139 83.16 -2.40 6.12
CA VAL D 139 83.33 -3.16 7.35
C VAL D 139 84.12 -2.34 8.35
N ARG D 140 83.60 -2.25 9.56
CA ARG D 140 84.29 -1.52 10.61
C ARG D 140 84.52 -2.46 11.79
N VAL D 141 85.74 -2.43 12.32
CA VAL D 141 86.11 -3.30 13.42
C VAL D 141 86.72 -2.51 14.54
N LEU D 142 86.37 -2.88 15.77
CA LEU D 142 87.04 -2.38 16.95
C LEU D 142 87.93 -3.47 17.51
N VAL D 143 89.18 -3.09 17.75
CA VAL D 143 90.24 -4.02 18.09
C VAL D 143 91.13 -3.41 19.17
N ALA D 144 91.69 -4.23 20.03
CA ALA D 144 92.57 -3.73 21.09
C ALA D 144 93.85 -4.54 21.22
N VAL D 145 94.84 -3.96 21.89
CA VAL D 145 96.16 -4.55 22.06
C VAL D 145 96.77 -4.20 23.41
N GLY D 146 97.45 -5.15 24.02
CA GLY D 146 98.17 -4.90 25.26
C GLY D 146 99.23 -5.97 25.44
N ASN D 147 100.28 -5.65 26.18
CA ASN D 147 101.38 -6.61 26.34
C ASN D 147 101.29 -7.43 27.63
N GLY D 148 100.30 -7.14 28.46
CA GLY D 148 100.18 -7.82 29.73
C GLY D 148 101.10 -7.24 30.78
N LYS D 149 101.83 -6.19 30.37
CA LYS D 149 102.75 -5.46 31.24
C LYS D 149 102.11 -4.20 31.84
N GLY D 150 100.82 -4.03 31.59
CA GLY D 150 100.07 -2.90 32.11
C GLY D 150 99.73 -1.89 31.03
N ALA D 151 100.42 -1.98 29.90
CA ALA D 151 100.22 -1.04 28.79
C ALA D 151 99.28 -1.61 27.72
N ALA D 152 98.29 -0.82 27.34
CA ALA D 152 97.34 -1.27 26.33
C ALA D 152 96.63 -0.10 25.66
N GLY D 153 95.99 -0.38 24.53
CA GLY D 153 95.16 0.60 23.83
C GLY D 153 94.21 -0.03 22.83
N PHE D 154 93.17 0.71 22.44
CA PHE D 154 92.20 0.23 21.45
C PHE D 154 92.21 1.14 20.24
N ALA D 155 91.68 0.64 19.14
CA ALA D 155 91.37 1.50 18.01
C ALA D 155 90.35 0.85 17.09
N ILE D 156 89.77 1.68 16.23
CA ILE D 156 88.81 1.24 15.25
C ILE D 156 89.37 1.38 13.84
N GLY D 157 88.91 0.53 12.92
CA GLY D 157 89.35 0.64 11.54
C GLY D 157 88.32 0.12 10.55
N LYS D 158 88.37 0.66 9.33
CA LYS D 158 87.27 0.45 8.39
C LYS D 158 87.71 0.40 6.92
N ALA D 159 87.17 -0.56 6.18
CA ALA D 159 87.47 -0.69 4.75
C ALA D 159 86.42 -1.55 4.03
N THR D 160 86.39 -1.50 2.70
CA THR D 160 85.53 -2.41 1.92
C THR D 160 85.79 -3.86 2.29
N GLU D 161 87.07 -4.22 2.33
CA GLU D 161 87.48 -5.58 2.63
C GLU D 161 87.76 -5.76 4.12
N ARG D 162 87.29 -6.87 4.68
CA ARG D 162 87.42 -7.08 6.11
C ARG D 162 88.86 -7.41 6.50
N ALA D 163 89.56 -8.14 5.64
CA ALA D 163 91.00 -8.39 5.82
C ALA D 163 91.74 -7.07 6.05
N ASP D 164 91.52 -6.16 5.10
CA ASP D 164 92.11 -4.84 5.12
C ASP D 164 91.88 -4.11 6.45
N ALA D 165 90.63 -4.04 6.87
CA ALA D 165 90.30 -3.28 8.08
C ALA D 165 90.86 -3.95 9.33
N PHE D 166 90.97 -5.27 9.31
CA PHE D 166 91.64 -5.97 10.40
C PHE D 166 93.05 -5.40 10.51
N ARG D 167 93.75 -5.38 9.38
CA ARG D 167 95.13 -4.84 9.34
C ARG D 167 95.23 -3.38 9.84
N LYS D 168 94.43 -2.52 9.24
CA LYS D 168 94.37 -1.11 9.64
C LYS D 168 94.12 -0.93 11.14
N ALA D 169 93.24 -1.77 11.70
CA ALA D 169 92.89 -1.70 13.12
C ALA D 169 94.06 -2.08 14.01
N LYS D 170 94.82 -3.10 13.62
CA LYS D 170 96.09 -3.40 14.29
C LYS D 170 97.00 -2.18 14.33
N ASN D 171 97.46 -1.80 13.14
CA ASN D 171 98.48 -0.77 13.01
C ASN D 171 98.08 0.56 13.64
N ARG D 172 96.80 0.88 13.58
CA ARG D 172 96.29 2.09 14.21
C ARG D 172 96.17 1.90 15.72
N ALA D 173 95.93 0.68 16.18
CA ALA D 173 95.76 0.44 17.61
C ALA D 173 97.06 0.62 18.36
N VAL D 174 98.16 0.24 17.72
CA VAL D 174 99.46 0.45 18.37
C VAL D 174 99.75 1.92 18.65
N HIS D 175 99.03 2.82 17.99
CA HIS D 175 99.26 4.26 18.10
C HIS D 175 98.73 4.89 19.38
N TYR D 176 97.57 4.44 19.84
CA TYR D 176 96.96 4.97 21.07
C TYR D 176 97.02 3.91 22.16
N LEU D 177 97.87 4.12 23.15
CA LEU D 177 98.05 3.16 24.24
C LEU D 177 97.97 3.87 25.59
N HIS D 178 97.58 3.13 26.63
CA HIS D 178 97.55 3.69 27.98
C HIS D 178 98.39 2.85 28.91
N TYR D 179 98.91 3.45 29.98
CA TYR D 179 99.47 2.62 31.02
C TYR D 179 98.46 2.44 32.13
N ILE D 180 98.12 1.18 32.37
CA ILE D 180 97.20 0.81 33.42
C ILE D 180 97.98 0.28 34.62
N GLU D 181 98.03 1.06 35.69
CA GLU D 181 98.80 0.69 36.85
C GLU D 181 98.07 -0.35 37.67
N ARG D 182 98.70 -1.50 37.82
CA ARG D 182 98.06 -2.61 38.48
C ARG D 182 98.60 -2.78 39.88
N TYR D 183 97.70 -2.92 40.84
CA TYR D 183 98.11 -3.15 42.23
C TYR D 183 98.51 -4.60 42.40
N GLU D 184 99.77 -4.79 42.77
CA GLU D 184 100.35 -6.11 42.97
C GLU D 184 100.16 -6.98 41.73
N ASP D 185 100.11 -6.30 40.57
CA ASP D 185 100.06 -6.93 39.28
C ASP D 185 98.91 -7.92 39.12
N HIS D 186 97.80 -7.66 39.79
CA HIS D 186 96.58 -8.41 39.47
C HIS D 186 95.36 -7.50 39.26
N THR D 187 94.85 -6.89 40.33
CA THR D 187 93.63 -6.10 40.24
C THR D 187 93.91 -4.62 40.01
N ILE D 188 92.85 -3.84 40.14
CA ILE D 188 92.95 -2.39 40.16
C ILE D 188 93.26 -1.92 41.59
N TYR D 189 93.44 -0.62 41.77
CA TYR D 189 93.80 -0.07 43.08
C TYR D 189 92.60 0.13 44.01
N HIS D 190 91.46 0.47 43.42
CA HIS D 190 90.25 0.73 44.20
C HIS D 190 89.01 0.53 43.32
N ASP D 191 87.84 0.41 43.96
CA ASP D 191 86.57 0.34 43.25
C ASP D 191 86.42 1.55 42.30
N ILE D 192 85.85 1.35 41.11
CA ILE D 192 85.56 2.47 40.19
C ILE D 192 84.15 2.42 39.62
N SER D 193 83.37 3.47 39.89
CA SER D 193 82.06 3.63 39.26
C SER D 193 82.07 4.85 38.35
N LEU D 194 82.01 4.61 37.04
CA LEU D 194 81.99 5.70 36.08
C LEU D 194 80.89 5.50 35.06
N LYS D 195 80.07 6.52 34.87
CA LYS D 195 79.05 6.50 33.83
C LYS D 195 79.55 7.28 32.61
N PHE D 196 79.50 6.63 31.45
CA PHE D 196 79.96 7.22 30.20
C PHE D 196 78.95 7.07 29.06
N LYS D 197 78.41 8.19 28.59
CA LYS D 197 77.44 8.24 27.51
C LYS D 197 76.37 7.17 27.61
N ARG D 198 75.54 7.27 28.65
CA ARG D 198 74.42 6.34 28.85
C ARG D 198 74.84 4.90 29.20
N THR D 199 76.15 4.65 29.25
CA THR D 199 76.70 3.35 29.65
C THR D 199 77.38 3.36 31.02
N HIS D 200 76.82 2.66 32.01
CA HIS D 200 77.41 2.57 33.34
C HIS D 200 78.46 1.48 33.47
N ILE D 201 79.55 1.80 34.17
CA ILE D 201 80.55 0.79 34.48
C ILE D 201 80.86 0.83 35.98
N LYS D 202 80.83 -0.34 36.62
CA LYS D 202 81.20 -0.40 38.03
C LYS D 202 82.07 -1.62 38.30
N MET D 203 83.26 -1.36 38.84
CA MET D 203 84.28 -2.41 39.01
C MET D 203 84.79 -2.49 40.44
N LYS D 204 84.64 -3.68 41.03
CA LYS D 204 85.19 -3.98 42.35
C LYS D 204 86.51 -4.71 42.24
N LYS D 205 87.48 -4.27 43.05
CA LYS D 205 88.80 -4.87 43.08
C LYS D 205 88.82 -6.11 43.97
N GLN D 206 89.12 -7.26 43.37
CA GLN D 206 89.23 -8.51 44.09
C GLN D 206 90.67 -8.81 44.53
N PRO D 207 90.85 -9.66 45.56
CA PRO D 207 92.19 -10.15 45.89
C PRO D 207 92.57 -11.32 44.99
N ARG D 208 93.71 -11.95 45.28
CA ARG D 208 94.33 -12.92 44.39
C ARG D 208 93.42 -14.02 43.84
N GLY D 209 92.72 -14.72 44.72
CA GLY D 209 92.03 -15.95 44.37
C GLY D 209 90.90 -15.82 43.37
N TYR D 210 90.38 -14.60 43.21
CA TYR D 210 89.23 -14.39 42.36
C TYR D 210 89.67 -13.81 41.01
N GLY D 211 89.75 -14.67 39.99
CA GLY D 211 90.04 -14.23 38.64
C GLY D 211 88.94 -13.59 37.84
N LEU D 212 89.17 -12.37 37.36
CA LEU D 212 88.52 -11.83 36.17
C LEU D 212 87.04 -12.17 35.95
N HIS D 213 86.14 -11.64 36.76
CA HIS D 213 84.73 -11.89 36.52
C HIS D 213 84.04 -10.70 35.84
N CYS D 214 83.77 -10.80 34.55
CA CYS D 214 83.40 -9.63 33.73
C CYS D 214 82.69 -9.93 32.44
N HIS D 215 82.12 -8.88 31.83
CA HIS D 215 81.64 -8.96 30.46
C HIS D 215 82.76 -9.46 29.56
N ARG D 216 82.43 -10.40 28.68
CA ARG D 216 83.42 -11.16 27.93
C ARG D 216 84.48 -10.28 27.27
N ALA D 217 84.05 -9.15 26.74
CA ALA D 217 84.94 -8.20 26.11
C ALA D 217 85.97 -7.64 27.09
N ILE D 218 85.48 -7.13 28.21
CA ILE D 218 86.36 -6.57 29.23
C ILE D 218 87.32 -7.63 29.74
N MET D 219 86.84 -8.87 29.85
CA MET D 219 87.71 -9.99 30.22
C MET D 219 88.86 -10.12 29.25
N THR D 220 88.55 -10.03 27.96
CA THR D 220 89.59 -10.08 26.95
C THR D 220 90.60 -8.95 27.13
N ILE D 221 90.11 -7.72 27.21
CA ILE D 221 90.98 -6.56 27.40
C ILE D 221 91.90 -6.70 28.63
N CYS D 222 91.35 -7.25 29.71
CA CYS D 222 92.12 -7.43 30.93
C CYS D 222 93.14 -8.56 30.80
N ARG D 223 92.83 -9.57 29.99
CA ARG D 223 93.83 -10.56 29.64
C ARG D 223 94.97 -9.87 28.92
N LEU D 224 94.62 -8.81 28.19
CA LEU D 224 95.63 -8.05 27.43
C LEU D 224 96.49 -7.08 28.27
N ILE D 225 95.90 -6.47 29.30
CA ILE D 225 96.63 -5.49 30.10
C ILE D 225 97.57 -6.14 31.12
N GLY D 226 97.24 -7.36 31.54
CA GLY D 226 97.92 -7.97 32.67
C GLY D 226 97.09 -7.97 33.93
N ILE D 227 95.77 -7.75 33.78
CA ILE D 227 94.86 -7.81 34.91
C ILE D 227 94.31 -9.22 35.05
N LYS D 228 94.72 -9.90 36.11
CA LYS D 228 94.36 -11.30 36.33
C LYS D 228 93.14 -11.48 37.24
N ASP D 229 92.73 -10.40 37.92
CA ASP D 229 91.63 -10.45 38.88
C ASP D 229 90.76 -9.21 38.76
N LEU D 230 89.45 -9.38 38.64
CA LEU D 230 88.52 -8.25 38.64
C LEU D 230 87.07 -8.69 38.94
N TYR D 231 86.26 -7.75 39.42
CA TYR D 231 84.82 -7.85 39.28
C TYR D 231 84.34 -6.59 38.58
N ALA D 232 83.43 -6.73 37.63
CA ALA D 232 82.81 -5.56 37.03
C ALA D 232 81.44 -5.89 36.47
N LYS D 233 80.57 -4.91 36.52
CA LYS D 233 79.27 -5.02 35.90
C LYS D 233 79.04 -3.75 35.09
N VAL D 234 78.38 -3.94 33.95
CA VAL D 234 78.05 -2.85 33.06
C VAL D 234 76.53 -2.68 33.02
N SER D 235 76.06 -1.47 33.34
CA SER D 235 74.64 -1.20 33.47
C SER D 235 74.14 -0.29 32.33
N GLY D 236 72.86 -0.40 31.97
CA GLY D 236 72.30 0.39 30.89
C GLY D 236 72.78 -0.02 29.50
N SER D 237 73.36 0.93 28.77
CA SER D 237 73.75 0.73 27.37
C SER D 237 75.00 -0.14 27.17
N VAL D 238 74.84 -1.21 26.39
CA VAL D 238 75.85 -2.27 26.24
C VAL D 238 76.75 -2.15 25.01
N ASN D 239 76.62 -1.08 24.25
CA ASN D 239 77.37 -0.96 23.00
C ASN D 239 78.87 -1.08 23.21
N MET D 240 79.56 -1.62 22.20
CA MET D 240 80.95 -1.99 22.35
C MET D 240 81.89 -0.82 22.53
N LEU D 241 81.79 0.16 21.63
CA LEU D 241 82.71 1.26 21.63
C LEU D 241 82.76 1.96 22.98
N ASN D 242 81.62 2.50 23.41
CA ASN D 242 81.59 3.25 24.66
C ASN D 242 82.06 2.38 25.81
N LEU D 243 81.84 1.08 25.67
CA LEU D 243 82.22 0.14 26.72
C LEU D 243 83.72 0.17 26.88
N THR D 244 84.42 -0.01 25.78
CA THR D 244 85.87 -0.01 25.87
C THR D 244 86.43 1.39 26.16
N ARG D 245 85.77 2.43 25.66
CA ARG D 245 86.23 3.79 25.87
C ARG D 245 86.13 4.22 27.33
N GLY D 246 85.04 3.83 27.98
CA GLY D 246 84.81 4.14 29.39
C GLY D 246 85.56 3.18 30.30
N LEU D 247 85.88 2.00 29.78
CA LEU D 247 86.73 1.06 30.48
C LEU D 247 88.14 1.63 30.59
N PHE D 248 88.63 2.21 29.50
CA PHE D 248 89.96 2.80 29.50
C PHE D 248 90.02 4.17 30.12
N LEU D 249 88.97 4.96 29.99
CA LEU D 249 88.93 6.21 30.74
C LEU D 249 88.93 5.88 32.22
N GLY D 250 88.13 4.88 32.60
CA GLY D 250 88.05 4.44 33.98
C GLY D 250 89.37 3.97 34.57
N LEU D 251 90.05 3.06 33.87
CA LEU D 251 91.36 2.59 34.33
C LEU D 251 92.43 3.68 34.28
N SER D 252 92.25 4.66 33.40
CA SER D 252 93.18 5.79 33.37
C SER D 252 92.77 6.87 34.36
N ARG D 253 91.55 6.78 34.86
CA ARG D 253 91.08 7.65 35.93
C ARG D 253 91.65 7.18 37.27
N GLN D 254 92.41 6.09 37.22
CA GLN D 254 92.96 5.44 38.41
C GLN D 254 93.89 6.32 39.25
N GLU D 255 93.97 5.99 40.54
CA GLU D 255 94.83 6.70 41.49
C GLU D 255 95.68 5.69 42.29
N THR D 256 96.99 5.87 42.24
CA THR D 256 97.94 4.97 42.91
C THR D 256 98.14 5.37 44.38
N HIS D 257 98.35 4.36 45.23
CA HIS D 257 98.60 4.55 46.66
C HIS D 257 99.67 5.60 46.91
N GLN D 258 100.69 5.60 46.06
CA GLN D 258 101.74 6.59 46.14
C GLN D 258 101.18 8.01 46.02
N GLN D 259 100.34 8.24 45.01
CA GLN D 259 99.69 9.54 44.84
C GLN D 259 98.79 9.91 46.02
N LEU D 260 98.11 8.90 46.59
CA LEU D 260 97.23 9.10 47.74
C LEU D 260 98.02 9.65 48.92
N ALA D 261 99.11 8.95 49.24
CA ALA D 261 100.03 9.40 50.28
C ALA D 261 100.58 10.79 49.94
N ASP D 262 100.83 11.04 48.67
CA ASP D 262 101.42 12.31 48.24
C ASP D 262 100.49 13.51 48.49
N LYS D 263 99.23 13.39 48.13
CA LYS D 263 98.30 14.51 48.32
C LYS D 263 97.84 14.62 49.79
N LYS D 264 97.74 13.49 50.48
CA LYS D 264 97.26 13.52 51.86
C LYS D 264 98.37 13.61 52.93
N SER D 265 99.63 13.47 52.51
CA SER D 265 100.79 13.48 53.40
C SER D 265 100.67 12.51 54.59
N LEU D 266 100.09 11.34 54.35
CA LEU D 266 99.95 10.31 55.39
C LEU D 266 100.37 8.94 54.87
N HIS D 267 100.92 8.13 55.77
CA HIS D 267 101.28 6.76 55.44
C HIS D 267 100.03 5.95 55.08
N VAL D 268 100.12 5.15 54.03
CA VAL D 268 98.96 4.35 53.65
C VAL D 268 99.21 2.87 53.91
N VAL D 269 98.19 2.28 54.53
CA VAL D 269 98.23 1.03 55.25
C VAL D 269 97.11 0.09 54.84
N GLU D 270 97.45 -1.16 54.52
CA GLU D 270 96.49 -2.17 54.12
C GLU D 270 96.24 -3.20 55.21
N PHE D 271 94.99 -3.37 55.61
CA PHE D 271 94.67 -4.40 56.60
C PHE D 271 94.12 -5.62 55.91
N ARG D 272 94.96 -6.65 55.83
CA ARG D 272 94.60 -7.90 55.19
C ARG D 272 93.88 -8.74 56.22
N GLU D 273 92.79 -9.38 55.80
CA GLU D 273 91.96 -10.13 56.74
C GLU D 273 92.54 -11.50 57.08
N GLU D 274 93.42 -12.00 56.22
CA GLU D 274 94.15 -13.24 56.50
C GLU D 274 95.36 -12.99 57.41
N CYS D 275 95.91 -11.78 57.35
CA CYS D 275 97.06 -11.38 58.17
C CYS D 275 96.63 -10.75 59.50
N GLY D 276 95.33 -10.73 59.78
CA GLY D 276 94.82 -10.16 61.01
C GLY D 276 95.00 -8.65 61.11
N PRO D 277 95.15 -8.14 62.33
CA PRO D 277 95.33 -6.71 62.65
C PRO D 277 96.66 -6.12 62.18
N LEU D 278 97.61 -6.98 61.78
CA LEU D 278 98.94 -6.53 61.34
C LEU D 278 98.86 -5.49 60.22
N PRO D 279 99.39 -4.29 60.48
CA PRO D 279 99.34 -3.17 59.56
C PRO D 279 100.45 -3.16 58.51
N ILE D 280 100.30 -3.95 57.44
CA ILE D 280 101.20 -3.82 56.28
C ILE D 280 101.10 -2.38 55.81
N VAL D 281 102.22 -1.66 55.77
CA VAL D 281 102.18 -0.30 55.25
C VAL D 281 102.61 -0.35 53.80
N VAL D 282 101.67 -0.12 52.91
CA VAL D 282 101.94 -0.24 51.50
C VAL D 282 102.76 0.95 51.06
N ALA D 283 102.23 2.15 51.19
CA ALA D 283 102.98 3.27 50.65
C ALA D 283 103.32 4.32 51.69
N SER D 284 104.41 5.03 51.43
CA SER D 284 104.85 6.08 52.32
C SER D 284 104.84 7.41 51.61
N PRO D 285 104.46 8.46 52.34
CA PRO D 285 104.45 9.84 51.85
C PRO D 285 105.85 10.43 51.81
N GLN D 286 106.58 10.19 50.74
CA GLN D 286 107.86 10.87 50.53
C GLN D 286 107.65 12.38 50.69
N GLY D 287 108.61 13.06 51.33
CA GLY D 287 108.41 14.43 51.77
C GLY D 287 108.01 14.50 53.23
N ALA D 288 107.32 15.56 53.63
CA ALA D 288 106.98 15.78 55.03
C ALA D 288 105.78 14.94 55.49
N LEU D 289 106.00 14.08 56.47
CA LEU D 289 104.93 13.27 57.05
C LEU D 289 104.07 14.09 58.01
N ARG D 290 102.76 14.09 57.81
CA ARG D 290 101.85 14.85 58.65
C ARG D 290 101.80 14.31 60.09
N LYS D 291 101.87 15.21 61.05
CA LYS D 291 101.69 14.89 62.47
C LYS D 291 100.21 14.99 62.81
N ASP D 292 99.42 15.28 61.79
CA ASP D 292 98.01 15.57 61.93
C ASP D 292 97.13 14.34 61.68
N PRO D 293 96.35 13.94 62.69
CA PRO D 293 95.29 12.95 62.49
C PRO D 293 94.21 13.51 61.58
N GLU D 294 93.36 12.67 61.01
CA GLU D 294 92.30 13.17 60.17
C GLU D 294 90.95 12.90 60.81
N PRO D 295 90.00 13.84 60.66
CA PRO D 295 88.67 13.73 61.26
C PRO D 295 87.98 12.42 60.89
N GLU D 296 87.41 11.75 61.90
CA GLU D 296 86.66 10.53 61.65
C GLU D 296 85.18 10.72 62.00
N ASP D 297 84.34 10.74 60.98
CA ASP D 297 82.90 10.90 61.13
C ASP D 297 82.27 9.62 61.66
N GLU D 298 81.23 9.78 62.46
CA GLU D 298 80.38 8.66 62.82
C GLU D 298 79.57 8.28 61.57
N VAL D 299 79.25 9.32 60.80
CA VAL D 299 78.40 9.19 59.62
C VAL D 299 79.07 9.82 58.38
N PRO D 300 79.76 9.00 57.58
CA PRO D 300 80.42 9.51 56.38
C PRO D 300 79.42 9.90 55.28
N ASP D 301 79.81 10.80 54.38
CA ASP D 301 78.96 11.11 53.24
C ASP D 301 79.56 10.50 51.97
N ILE D 302 78.95 9.42 51.49
CA ILE D 302 79.39 8.74 50.28
C ILE D 302 78.20 8.47 49.39
N THR D 303 78.37 8.72 48.09
CA THR D 303 77.37 8.26 47.14
C THR D 303 77.40 6.74 47.18
N LEU D 304 76.25 6.13 47.46
CA LEU D 304 76.19 4.70 47.64
C LEU D 304 75.29 4.04 46.62
N ASP D 305 75.82 3.03 45.96
CA ASP D 305 75.05 2.34 44.95
C ASP D 305 74.14 1.33 45.61
N TRP D 306 72.87 1.35 45.21
CA TRP D 306 71.86 0.53 45.84
C TRP D 306 72.07 -0.95 45.60
N GLU D 307 72.82 -1.29 44.55
CA GLU D 307 73.06 -2.67 44.17
C GLU D 307 74.00 -3.39 45.13
N ASP D 308 75.06 -2.70 45.51
CA ASP D 308 76.07 -3.25 46.41
C ASP D 308 75.54 -3.37 47.83
N VAL D 309 74.67 -2.45 48.22
CA VAL D 309 74.01 -2.51 49.52
C VAL D 309 72.98 -3.63 49.49
N LYS D 310 72.34 -3.80 48.34
CA LYS D 310 71.39 -4.89 48.14
C LYS D 310 72.11 -6.24 48.23
N ALA D 311 73.36 -6.26 47.79
CA ALA D 311 74.17 -7.45 47.87
C ALA D 311 74.70 -7.63 49.29
N ALA D 312 74.82 -6.51 50.00
CA ALA D 312 75.34 -6.50 51.35
C ALA D 312 74.42 -7.25 52.30
N GLN D 313 73.13 -7.01 52.15
CA GLN D 313 72.12 -7.63 52.99
C GLN D 313 71.64 -8.95 52.39
N GLY D 314 72.29 -9.36 51.30
CA GLY D 314 72.00 -10.64 50.68
C GLY D 314 70.65 -10.63 50.02
N MET D 315 70.29 -9.46 49.49
CA MET D 315 68.99 -9.27 48.84
C MET D 315 69.06 -9.49 47.33
N LYS D 316 70.21 -9.94 46.83
CA LYS D 316 70.26 -10.41 45.45
C LYS D 316 70.02 -11.90 45.46
N ARG D 317 68.81 -12.27 45.09
CA ARG D 317 68.43 -13.66 45.00
C ARG D 317 68.42 -14.10 43.55
N SER D 318 68.84 -13.21 42.66
CA SER D 318 68.83 -13.49 41.22
C SER D 318 69.55 -14.80 40.91
N VAL D 319 68.86 -15.71 40.24
CA VAL D 319 69.34 -17.08 40.10
C VAL D 319 70.63 -17.17 39.31
N TRP D 320 70.89 -16.17 38.48
CA TRP D 320 72.00 -16.25 37.54
C TRP D 320 73.36 -15.86 38.15
N SER D 321 73.35 -15.22 39.31
CA SER D 321 74.55 -14.58 39.83
C SER D 321 75.73 -15.51 40.12
N GLY D 322 75.52 -16.45 41.03
CA GLY D 322 76.60 -17.26 41.55
C GLY D 322 76.77 -18.56 40.80
N LEU D 323 76.24 -18.61 39.58
CA LEU D 323 76.26 -19.84 38.80
C LEU D 323 77.67 -20.22 38.43
N LYS D 324 77.83 -21.49 38.05
CA LYS D 324 79.16 -22.01 37.74
C LYS D 324 79.48 -21.92 36.25
N ARG D 325 80.43 -21.02 35.97
CA ARG D 325 80.92 -20.71 34.63
C ARG D 325 82.36 -21.18 34.57
N ALA D 326 82.87 -21.45 33.36
CA ALA D 326 84.22 -22.00 33.24
C ALA D 326 85.27 -20.96 33.63
N ALA D 327 86.54 -21.37 33.57
CA ALA D 327 87.64 -20.53 34.02
C ALA D 327 87.83 -19.32 33.14
N THR D 328 88.56 -18.34 33.66
CA THR D 328 88.91 -17.15 32.90
C THR D 328 89.47 -17.49 31.52
N PRO E 2 47.41 70.53 43.84
CA PRO E 2 46.09 70.44 43.19
C PRO E 2 45.69 68.99 42.91
N ARG E 3 44.40 68.70 43.00
CA ARG E 3 43.90 67.32 42.91
C ARG E 3 43.31 66.99 41.53
N TYR E 4 42.27 67.70 41.13
CA TYR E 4 41.65 67.47 39.83
C TYR E 4 41.79 68.66 38.91
N GLU E 5 41.79 68.35 37.61
CA GLU E 5 41.86 69.34 36.53
C GLU E 5 40.65 69.18 35.60
N LEU E 6 40.07 70.30 35.20
CA LEU E 6 38.90 70.27 34.35
C LEU E 6 39.20 70.97 33.04
N ALA E 7 39.28 70.18 31.98
CA ALA E 7 39.51 70.70 30.65
C ALA E 7 38.16 70.96 30.01
N LEU E 8 37.89 72.23 29.79
CA LEU E 8 36.62 72.65 29.24
C LEU E 8 36.80 73.24 27.87
N ILE E 9 36.19 72.63 26.86
CA ILE E 9 36.09 73.34 25.60
C ILE E 9 34.66 73.81 25.44
N LEU E 10 34.50 75.12 25.35
CA LEU E 10 33.16 75.74 25.35
C LEU E 10 32.84 76.37 24.00
N LYS E 11 31.55 76.48 23.73
CA LYS E 11 31.05 77.11 22.51
C LYS E 11 31.65 78.50 22.35
N ALA E 12 32.07 78.84 21.13
CA ALA E 12 32.65 80.15 20.85
C ALA E 12 31.58 81.23 20.94
N MET E 13 31.79 82.21 21.81
CA MET E 13 30.79 83.23 22.06
C MET E 13 31.40 84.60 22.31
N GLN E 14 30.54 85.54 22.68
CA GLN E 14 30.96 86.86 23.11
C GLN E 14 31.35 86.83 24.57
N ARG E 15 31.52 88.01 25.15
CA ARG E 15 31.87 88.15 26.57
C ARG E 15 30.80 87.68 27.60
N PRO E 16 29.54 88.18 27.49
CA PRO E 16 28.57 87.95 28.57
C PRO E 16 28.25 86.48 28.84
N GLU E 17 27.97 85.76 27.76
CA GLU E 17 27.51 84.39 27.85
C GLU E 17 28.69 83.50 28.25
N THR E 18 29.89 83.98 27.95
CA THR E 18 31.12 83.34 28.38
C THR E 18 31.26 83.37 29.90
N ALA E 19 31.17 84.59 30.45
CA ALA E 19 31.18 84.72 31.91
C ALA E 19 30.03 83.92 32.54
N ALA E 20 28.90 83.84 31.83
CA ALA E 20 27.73 83.06 32.27
C ALA E 20 28.02 81.57 32.43
N ALA E 21 28.51 80.95 31.35
CA ALA E 21 28.89 79.55 31.36
C ALA E 21 29.95 79.26 32.43
N LEU E 22 31.00 80.09 32.45
CA LEU E 22 32.08 79.94 33.43
C LEU E 22 31.56 79.89 34.86
N LYS E 23 30.80 80.94 35.23
CA LYS E 23 30.31 81.03 36.60
C LYS E 23 29.34 79.91 36.94
N ARG E 24 28.40 79.59 36.04
CA ARG E 24 27.39 78.58 36.37
C ARG E 24 28.03 77.20 36.52
N THR E 25 29.05 76.94 35.70
CA THR E 25 29.82 75.72 35.83
C THR E 25 30.56 75.66 37.17
N LEU E 26 31.28 76.74 37.49
CA LEU E 26 32.01 76.82 38.75
C LEU E 26 31.08 76.61 39.94
N GLU E 27 29.86 77.11 39.82
CA GLU E 27 28.85 76.94 40.86
C GLU E 27 28.37 75.50 40.95
N ALA E 28 28.27 74.81 39.81
CA ALA E 28 27.98 73.37 39.84
C ALA E 28 29.07 72.66 40.65
N LEU E 29 30.31 73.03 40.38
CA LEU E 29 31.46 72.47 41.08
C LEU E 29 31.38 72.68 42.58
N MET E 30 31.27 73.93 43.01
CA MET E 30 31.13 74.24 44.44
C MET E 30 29.89 73.58 45.03
N ASP E 31 28.90 73.29 44.18
CA ASP E 31 27.67 72.63 44.60
C ASP E 31 27.88 71.17 44.96
N ARG E 32 28.77 70.48 44.23
CA ARG E 32 29.03 69.08 44.57
C ARG E 32 30.00 68.96 45.75
N GLY E 33 30.45 70.11 46.25
CA GLY E 33 31.33 70.17 47.39
C GLY E 33 32.75 70.54 47.02
N ALA E 34 32.97 70.80 45.73
CA ALA E 34 34.31 71.08 45.23
C ALA E 34 34.86 72.39 45.77
N VAL E 35 36.20 72.48 45.75
CA VAL E 35 36.91 73.66 46.22
C VAL E 35 37.89 74.11 45.13
N VAL E 36 37.68 75.31 44.57
CA VAL E 36 38.42 75.75 43.38
C VAL E 36 39.67 76.58 43.69
N ARG E 37 40.82 76.09 43.23
CA ARG E 37 42.13 76.74 43.43
C ARG E 37 42.42 77.91 42.47
N ASN E 38 42.20 77.69 41.17
CA ASN E 38 42.47 78.70 40.13
C ASN E 38 41.62 78.45 38.87
N LEU E 39 41.42 79.48 38.06
CA LEU E 39 40.67 79.33 36.81
C LEU E 39 41.51 79.86 35.65
N GLU E 40 41.65 79.08 34.59
CA GLU E 40 42.56 79.47 33.52
C GLU E 40 41.95 79.42 32.14
N ASN E 41 42.11 80.52 31.43
CA ASN E 41 41.66 80.65 30.06
C ASN E 41 42.85 80.55 29.10
N LEU E 42 42.76 79.62 28.14
CA LEU E 42 43.86 79.34 27.22
C LEU E 42 43.70 80.07 25.89
N GLY E 43 42.63 80.84 25.79
CA GLY E 43 42.31 81.56 24.58
C GLY E 43 41.16 80.90 23.86
N GLU E 44 40.67 81.53 22.79
CA GLU E 44 39.73 80.89 21.89
C GLU E 44 40.42 80.62 20.54
N ARG E 45 40.41 79.35 20.14
CA ARG E 45 41.09 78.93 18.91
C ARG E 45 40.15 78.16 18.00
N MET E 46 40.62 77.97 16.77
CA MET E 46 40.03 76.95 15.92
C MET E 46 40.48 75.59 16.44
N LEU E 47 39.52 74.69 16.66
CA LEU E 47 39.77 73.36 17.21
C LEU E 47 40.62 72.50 16.27
N PRO E 48 41.27 71.44 16.79
CA PRO E 48 42.02 70.49 15.97
C PRO E 48 41.17 69.84 14.88
N TYR E 49 39.89 69.66 15.20
CA TYR E 49 38.91 69.07 14.29
C TYR E 49 37.50 69.51 14.71
N LYS E 50 36.55 69.44 13.78
CA LYS E 50 35.20 69.90 14.07
C LYS E 50 34.45 68.90 14.95
N ILE E 51 33.97 69.35 16.11
CA ILE E 51 33.36 68.41 17.06
C ILE E 51 31.83 68.52 17.06
N SER E 52 31.13 67.39 17.08
CA SER E 52 29.67 67.41 17.02
C SER E 52 29.05 67.21 18.42
N ALA E 53 28.50 68.31 18.94
CA ALA E 53 27.86 68.33 20.23
C ALA E 53 26.48 68.97 20.12
N HIS E 54 25.47 68.28 20.63
CA HIS E 54 24.15 68.86 20.85
C HIS E 54 23.54 69.50 19.60
N ASN E 55 23.43 68.69 18.55
CA ASN E 55 22.88 69.08 17.26
C ASN E 55 23.64 70.21 16.59
N GLN E 56 24.91 70.35 16.96
CA GLN E 56 25.74 71.39 16.39
C GLN E 56 27.17 70.90 16.16
N ARG E 57 27.70 71.12 14.96
CA ARG E 57 29.09 70.76 14.68
C ARG E 57 29.95 72.02 14.73
N HIS E 58 30.72 72.13 15.80
CA HIS E 58 31.45 73.35 16.09
C HIS E 58 32.83 73.32 15.50
N SER E 59 33.20 74.45 14.91
CA SER E 59 34.54 74.66 14.37
C SER E 59 35.44 75.25 15.46
N ARG E 60 35.09 76.44 15.92
CA ARG E 60 35.90 77.14 16.91
C ARG E 60 35.51 76.78 18.34
N GLY E 61 36.27 77.30 19.30
CA GLY E 61 35.92 77.08 20.70
C GLY E 61 36.78 77.85 21.68
N GLY E 62 36.22 78.07 22.88
CA GLY E 62 36.98 78.62 24.00
C GLY E 62 37.64 77.52 24.80
N TYR E 63 38.83 77.81 25.35
CA TYR E 63 39.62 76.81 26.07
C TYR E 63 39.81 77.17 27.54
N PHE E 64 39.46 76.25 28.43
CA PHE E 64 39.43 76.57 29.84
C PHE E 64 39.99 75.48 30.72
N LEU E 65 40.58 75.90 31.83
CA LEU E 65 41.18 74.97 32.78
C LEU E 65 40.75 75.28 34.20
N VAL E 66 40.05 74.34 34.83
CA VAL E 66 39.60 74.54 36.21
C VAL E 66 40.23 73.55 37.19
N ASP E 67 41.13 74.02 38.05
CA ASP E 67 41.78 73.12 39.02
C ASP E 67 41.12 73.21 40.39
N PHE E 68 40.79 72.06 40.97
CA PHE E 68 40.01 72.02 42.21
C PHE E 68 40.21 70.74 43.00
N TYR E 69 39.74 70.74 44.23
CA TYR E 69 39.68 69.53 45.03
C TYR E 69 38.24 69.04 45.13
N ALA E 70 38.01 67.76 44.87
CA ALA E 70 36.68 67.16 44.94
C ALA E 70 36.76 65.74 45.46
N PRO E 71 35.70 65.28 46.17
CA PRO E 71 35.74 63.92 46.72
C PRO E 71 35.57 62.86 45.64
N ALA E 72 35.97 61.63 45.95
CA ALA E 72 35.95 60.51 44.99
C ALA E 72 34.55 60.24 44.46
N THR E 73 33.62 60.08 45.38
CA THR E 73 32.21 59.81 45.07
C THR E 73 31.63 60.83 44.09
N THR E 74 32.06 62.09 44.25
CA THR E 74 31.47 63.23 43.55
C THR E 74 31.70 63.27 42.04
N VAL E 75 32.90 62.90 41.61
CA VAL E 75 33.36 63.19 40.24
C VAL E 75 32.39 62.81 39.15
N GLU E 76 31.87 61.59 39.23
CA GLU E 76 30.92 61.10 38.24
C GLU E 76 29.80 62.12 38.03
N SER E 77 29.18 62.52 39.14
CA SER E 77 28.08 63.50 39.13
C SER E 77 28.44 64.73 38.30
N MET E 78 29.62 65.30 38.58
CA MET E 78 30.07 66.51 37.90
C MET E 78 29.98 66.35 36.40
N MET E 79 30.49 65.21 35.92
CA MET E 79 30.49 64.93 34.50
C MET E 79 29.07 65.00 33.94
N GLU E 80 28.12 64.32 34.59
CA GLU E 80 26.71 64.36 34.18
C GLU E 80 26.28 65.80 33.91
N HIS E 81 26.66 66.68 34.82
CA HIS E 81 26.17 68.04 34.80
C HIS E 81 26.79 68.87 33.68
N LEU E 82 28.01 68.53 33.30
CA LEU E 82 28.63 69.17 32.15
C LEU E 82 28.15 68.50 30.86
N SER E 83 27.60 67.29 31.00
CA SER E 83 27.19 66.46 29.83
C SER E 83 25.96 67.01 29.16
N ARG E 84 24.88 67.21 29.91
CA ARG E 84 23.61 67.69 29.35
C ARG E 84 23.66 69.18 29.03
N ASP E 85 24.78 69.83 29.33
CA ASP E 85 24.88 71.28 29.14
C ASP E 85 25.11 71.60 27.68
N ILE E 86 24.17 72.34 27.06
CA ILE E 86 24.17 72.59 25.60
C ILE E 86 25.29 73.48 25.12
N ASP E 87 25.93 74.16 26.06
CA ASP E 87 26.97 75.08 25.68
C ASP E 87 28.38 74.52 25.82
N VAL E 88 28.51 73.31 26.35
CA VAL E 88 29.84 72.72 26.51
C VAL E 88 30.18 71.88 25.29
N ILE E 89 31.24 72.26 24.58
CA ILE E 89 31.66 71.55 23.37
C ILE E 89 32.35 70.22 23.73
N ARG E 90 33.00 70.18 24.90
CA ARG E 90 33.46 68.91 25.49
C ARG E 90 34.05 69.09 26.88
N PRO E 91 33.57 68.27 27.83
CA PRO E 91 34.10 68.10 29.19
C PRO E 91 35.27 67.13 29.26
N ASN E 92 36.22 67.34 30.18
CA ASN E 92 37.02 66.24 30.69
C ASN E 92 37.58 66.52 32.09
N ILE E 93 37.67 65.50 32.93
CA ILE E 93 38.28 65.65 34.25
C ILE E 93 39.46 64.70 34.41
N VAL E 94 40.63 65.25 34.69
CA VAL E 94 41.87 64.49 34.71
C VAL E 94 42.57 64.67 36.05
N LYS E 95 43.14 63.60 36.62
CA LYS E 95 43.93 63.74 37.83
C LYS E 95 45.04 64.76 37.60
N HIS E 96 45.08 65.78 38.45
CA HIS E 96 45.90 66.96 38.20
C HIS E 96 47.38 66.62 38.02
N PRO E 97 47.99 67.15 36.94
CA PRO E 97 49.36 66.87 36.49
C PRO E 97 50.44 67.08 37.55
N LEU E 98 50.22 68.02 38.46
CA LEU E 98 51.26 68.42 39.38
C LEU E 98 51.21 67.60 40.68
N THR E 99 50.29 66.64 40.74
CA THR E 99 50.30 65.66 41.82
C THR E 99 51.34 64.59 41.51
N GLN E 100 51.43 64.21 40.24
CA GLN E 100 52.35 63.19 39.75
C GLN E 100 53.80 63.57 40.06
N GLU E 101 54.58 62.58 40.49
CA GLU E 101 55.96 62.82 40.89
C GLU E 101 56.92 62.80 39.71
N VAL E 102 57.98 63.60 39.81
CA VAL E 102 59.12 63.42 38.91
C VAL E 102 60.24 62.71 39.69
N LYS E 103 60.43 61.43 39.39
CA LYS E 103 61.55 60.66 39.91
C LYS E 103 62.63 60.73 38.86
N GLU E 104 63.80 61.22 39.24
CA GLU E 104 64.78 61.69 38.26
C GLU E 104 65.18 60.68 37.19
N CYS E 105 65.00 61.08 35.93
CA CYS E 105 65.54 60.35 34.81
C CYS E 105 67.02 60.37 35.14
N GLU E 106 67.61 59.21 35.37
CA GLU E 106 68.96 59.19 35.89
C GLU E 106 69.89 59.39 34.72
N GLY E 107 69.44 58.89 33.58
CA GLY E 107 70.21 58.93 32.36
C GLY E 107 69.86 57.65 31.61
N ILE E 108 70.66 57.31 30.60
CA ILE E 108 70.50 56.02 29.96
C ILE E 108 71.47 55.02 30.59
N VAL E 109 70.95 53.98 31.22
CA VAL E 109 71.80 52.90 31.68
C VAL E 109 71.93 51.90 30.53
N PRO E 110 73.13 51.81 29.95
CA PRO E 110 73.36 51.09 28.68
C PRO E 110 73.12 49.60 28.81
N VAL E 111 72.43 49.03 27.82
CA VAL E 111 72.23 47.59 27.77
C VAL E 111 73.24 46.97 26.81
N PRO E 112 74.24 46.26 27.36
CA PRO E 112 75.26 45.56 26.55
C PRO E 112 74.64 44.39 25.83
N LEU E 113 75.33 43.87 24.82
CA LEU E 113 74.82 42.72 24.10
C LEU E 113 74.76 41.50 25.03
N GLU E 114 73.67 40.73 24.91
CA GLU E 114 73.42 39.57 25.78
C GLU E 114 74.19 38.32 25.27
N GLU E 115 74.68 37.52 26.22
CA GLU E 115 75.48 36.32 25.92
C GLU E 115 74.94 35.12 26.70
N LYS E 116 75.46 33.95 26.39
CA LYS E 116 75.02 32.71 27.03
C LYS E 116 73.55 32.46 26.74
N LEU E 117 73.20 32.62 25.47
CA LEU E 117 71.91 32.20 24.98
C LEU E 117 72.09 30.82 24.36
N TYR E 118 72.93 30.75 23.34
CA TYR E 118 73.19 29.52 22.63
C TYR E 118 74.42 28.81 23.14
N SER E 119 74.33 27.49 23.20
CA SER E 119 75.38 26.67 23.79
C SER E 119 76.62 26.63 22.94
N THR E 120 77.72 26.27 23.59
CA THR E 120 78.99 26.12 22.92
C THR E 120 79.00 24.80 22.17
N LYS E 121 79.09 24.88 20.85
CA LYS E 121 79.08 23.70 20.00
C LYS E 121 79.98 23.95 18.79
N LYS E 122 80.74 22.92 18.41
CA LYS E 122 81.91 23.08 17.54
C LYS E 122 81.52 23.01 16.07
N ARG E 123 80.21 23.06 15.86
CA ARG E 123 79.55 22.82 14.57
C ARG E 123 80.15 23.54 13.34
N LYS E 124 80.40 22.77 12.29
CA LYS E 124 80.79 23.26 10.96
C LYS E 124 81.97 24.24 10.99
N SER F 1 83.12 27.63 -38.96
CA SER F 1 83.73 27.59 -37.63
C SER F 1 85.03 26.78 -37.62
N ARG F 2 85.64 26.62 -38.79
CA ARG F 2 86.99 26.06 -38.85
C ARG F 2 87.98 27.09 -38.31
N TYR F 3 87.49 28.31 -38.13
CA TYR F 3 88.26 29.38 -37.52
C TYR F 3 88.14 29.31 -36.00
N GLY F 4 89.24 29.59 -35.30
CA GLY F 4 89.18 29.80 -33.87
C GLY F 4 88.51 31.15 -33.62
N PRO F 5 88.36 31.53 -32.34
CA PRO F 5 87.81 32.86 -32.02
C PRO F 5 88.77 33.98 -32.44
N GLU F 6 90.01 33.58 -32.71
CA GLU F 6 91.11 34.48 -33.04
C GLU F 6 90.92 35.28 -34.34
N TYR F 7 90.14 34.74 -35.27
CA TYR F 7 90.07 35.31 -36.62
C TYR F 7 89.01 36.41 -36.69
N LYS F 8 89.48 37.65 -36.90
CA LYS F 8 88.60 38.80 -37.09
C LYS F 8 88.05 38.88 -38.50
N ASP F 9 86.93 39.58 -38.67
CA ASP F 9 86.23 39.68 -39.96
C ASP F 9 86.95 40.59 -40.98
N PRO F 10 86.84 40.23 -42.28
CA PRO F 10 87.41 41.05 -43.36
C PRO F 10 86.64 42.36 -43.56
N GLN F 11 87.36 43.48 -43.68
CA GLN F 11 86.74 44.72 -44.13
C GLN F 11 86.95 44.84 -45.64
N ILE F 12 85.85 44.72 -46.37
CA ILE F 12 85.89 44.51 -47.81
C ILE F 12 85.84 45.84 -48.59
N ASP F 13 85.55 46.91 -47.87
CA ASP F 13 85.37 48.24 -48.47
C ASP F 13 86.70 48.86 -48.92
N LYS F 14 86.77 49.25 -50.18
CA LYS F 14 88.00 49.79 -50.77
C LYS F 14 88.29 51.22 -50.30
N GLU F 15 87.22 51.96 -50.07
CA GLU F 15 87.30 53.39 -49.78
C GLU F 15 87.93 53.70 -48.42
N TYR F 16 87.80 52.79 -47.47
CA TYR F 16 88.41 52.97 -46.15
C TYR F 16 89.92 52.87 -46.22
N TYR F 17 90.41 51.92 -47.02
CA TYR F 17 91.84 51.69 -47.11
C TYR F 17 92.51 52.74 -48.01
N ARG F 18 91.87 53.08 -49.13
CA ARG F 18 92.48 54.02 -50.08
C ARG F 18 92.77 55.40 -49.47
N LYS F 19 92.01 55.82 -48.46
CA LYS F 19 92.11 57.19 -47.93
C LYS F 19 92.32 57.30 -46.40
N PRO F 20 93.47 56.78 -45.89
CA PRO F 20 93.81 56.71 -44.46
C PRO F 20 94.23 58.01 -43.73
N LEU F 21 94.82 58.97 -44.43
CA LEU F 21 95.64 60.02 -43.81
C LEU F 21 94.90 61.12 -43.02
N ALA F 22 93.60 61.24 -43.19
CA ALA F 22 92.84 62.31 -42.56
C ALA F 22 92.17 61.90 -41.23
N GLU F 23 92.31 60.64 -40.84
CA GLU F 23 91.63 60.13 -39.64
C GLU F 23 92.63 59.60 -38.60
N GLN F 24 92.63 60.18 -37.40
CA GLN F 24 93.56 59.78 -36.34
C GLN F 24 93.17 58.50 -35.59
N THR F 25 91.93 58.44 -35.10
CA THR F 25 91.50 57.31 -34.27
C THR F 25 91.35 56.06 -35.13
N GLU F 26 91.06 56.27 -36.42
CA GLU F 26 90.95 55.18 -37.40
C GLU F 26 92.33 54.66 -37.86
N GLU F 27 93.31 55.56 -38.02
CA GLU F 27 94.69 55.15 -38.27
C GLU F 27 95.17 54.30 -37.10
N GLU F 28 94.92 54.80 -35.88
CA GLU F 28 95.22 54.04 -34.66
C GLU F 28 94.50 52.68 -34.66
N LYS F 29 93.26 52.65 -35.14
CA LYS F 29 92.43 51.44 -35.11
C LYS F 29 92.84 50.35 -36.11
N TYR F 30 93.15 50.70 -37.35
CA TYR F 30 93.58 49.65 -38.28
C TYR F 30 95.10 49.36 -38.12
N GLU F 31 95.83 50.26 -37.45
CA GLU F 31 97.20 49.94 -37.00
C GLU F 31 97.18 48.87 -35.90
N ARG F 32 96.37 49.10 -34.86
CA ARG F 32 96.16 48.06 -33.84
C ARG F 32 95.57 46.81 -34.47
N ASP F 33 94.79 46.98 -35.53
CA ASP F 33 94.26 45.87 -36.31
C ASP F 33 95.36 44.95 -36.88
N PHE F 34 96.21 45.47 -37.79
CA PHE F 34 97.16 44.55 -38.45
C PHE F 34 98.51 44.35 -37.72
N LYS F 35 98.78 45.17 -36.70
CA LYS F 35 100.04 45.02 -35.96
C LYS F 35 100.00 43.85 -34.98
N LYS F 36 98.81 43.56 -34.46
CA LYS F 36 98.59 42.52 -33.46
C LYS F 36 98.83 41.08 -33.94
N THR F 37 99.14 40.91 -35.23
CA THR F 37 99.25 39.60 -35.88
C THR F 37 97.87 38.92 -35.87
N GLN F 38 96.85 39.69 -36.24
CA GLN F 38 95.50 39.18 -36.30
C GLN F 38 95.33 38.30 -37.51
N LEU F 39 94.98 37.05 -37.26
CA LEU F 39 94.58 36.16 -38.34
C LEU F 39 93.26 36.71 -38.87
N ILE F 40 93.20 36.97 -40.16
CA ILE F 40 92.03 37.60 -40.76
C ILE F 40 91.32 36.66 -41.72
N LYS F 41 90.00 36.57 -41.59
CA LYS F 41 89.18 35.63 -42.37
C LYS F 41 89.35 35.78 -43.87
N ALA F 42 89.26 34.64 -44.56
CA ALA F 42 89.16 34.66 -46.02
C ALA F 42 87.82 35.32 -46.38
N ALA F 43 87.89 36.36 -47.21
CA ALA F 43 86.68 37.08 -47.59
C ALA F 43 85.74 36.18 -48.36
N PRO F 44 84.43 36.29 -48.08
CA PRO F 44 83.41 35.47 -48.72
C PRO F 44 83.42 35.60 -50.25
N ALA F 45 83.03 34.53 -50.94
CA ALA F 45 82.98 34.55 -52.40
C ALA F 45 81.73 35.26 -52.92
N THR F 46 80.66 35.24 -52.13
CA THR F 46 79.42 35.91 -52.53
C THR F 46 79.58 37.43 -52.47
N LYS F 47 80.32 37.94 -51.49
CA LYS F 47 80.58 39.38 -51.37
C LYS F 47 81.78 39.81 -52.21
N THR F 48 81.62 40.92 -52.92
CA THR F 48 82.69 41.45 -53.76
C THR F 48 82.81 42.98 -53.53
N SER F 49 83.97 43.54 -53.83
CA SER F 49 84.23 44.96 -53.59
C SER F 49 83.68 45.78 -54.75
N SER F 50 83.02 45.06 -55.66
CA SER F 50 82.36 45.63 -56.83
C SER F 50 81.45 46.78 -56.46
N VAL F 51 81.46 47.83 -57.27
CA VAL F 51 80.68 49.01 -56.99
C VAL F 51 79.18 48.73 -57.21
N PHE F 52 78.88 47.58 -57.82
CA PHE F 52 77.50 47.19 -58.16
C PHE F 52 76.78 46.24 -57.19
N GLU F 53 77.39 45.87 -56.07
CA GLU F 53 76.72 44.99 -55.11
C GLU F 53 76.03 45.73 -53.96
N ASP F 54 74.77 45.38 -53.70
CA ASP F 54 74.05 45.84 -52.53
C ASP F 54 73.73 44.66 -51.61
N PRO F 55 74.29 44.66 -50.39
CA PRO F 55 74.05 43.58 -49.42
C PRO F 55 72.55 43.36 -49.14
N VAL F 56 71.73 44.38 -49.39
CA VAL F 56 70.29 44.23 -49.33
C VAL F 56 69.80 43.31 -50.44
N ILE F 57 70.20 43.63 -51.66
CA ILE F 57 69.96 42.78 -52.80
C ILE F 57 70.55 41.40 -52.54
N SER F 58 71.71 41.38 -51.92
CA SER F 58 72.41 40.13 -51.61
C SER F 58 71.56 39.21 -50.72
N LYS F 59 71.00 39.78 -49.65
CA LYS F 59 70.23 38.96 -48.71
C LYS F 59 68.84 38.61 -49.27
N PHE F 60 68.22 39.48 -50.05
CA PHE F 60 66.94 39.09 -50.63
C PHE F 60 67.16 37.99 -51.67
N THR F 61 68.25 38.11 -52.41
CA THR F 61 68.66 37.08 -53.36
C THR F 61 68.81 35.75 -52.63
N ASN F 62 69.67 35.75 -51.61
CA ASN F 62 69.93 34.55 -50.83
C ASN F 62 68.63 33.94 -50.29
N MET F 63 67.77 34.76 -49.71
CA MET F 63 66.54 34.28 -49.09
C MET F 63 65.58 33.65 -50.09
N MET F 64 65.80 33.96 -51.36
CA MET F 64 64.97 33.44 -52.41
C MET F 64 65.49 32.11 -52.95
N MET F 65 66.73 31.76 -52.58
CA MET F 65 67.35 30.56 -53.09
C MET F 65 66.68 29.29 -52.57
N LYS F 66 66.60 28.28 -53.43
CA LYS F 66 66.18 26.96 -53.00
C LYS F 66 67.21 25.92 -53.40
N GLY F 67 67.42 24.94 -52.53
CA GLY F 67 68.42 23.92 -52.74
C GLY F 67 69.78 24.58 -52.80
N GLY F 68 70.60 24.13 -53.75
CA GLY F 68 71.93 24.68 -53.90
C GLY F 68 72.06 25.65 -55.05
N ASN F 69 70.96 26.24 -55.49
CA ASN F 69 71.04 27.14 -56.65
C ASN F 69 71.23 28.61 -56.24
N LYS F 70 72.43 29.13 -56.44
CA LYS F 70 72.66 30.57 -56.38
C LYS F 70 72.36 31.14 -57.75
N VAL F 71 72.54 30.29 -58.75
CA VAL F 71 72.34 30.65 -60.16
C VAL F 71 70.90 31.01 -60.46
N LEU F 72 69.97 30.12 -60.12
CA LEU F 72 68.54 30.31 -60.38
C LEU F 72 67.98 31.54 -59.66
N ALA F 73 68.48 31.81 -58.46
CA ALA F 73 68.04 32.98 -57.70
C ALA F 73 68.64 34.26 -58.27
N ARG F 74 69.93 34.23 -58.62
CA ARG F 74 70.59 35.37 -59.25
C ARG F 74 69.87 35.75 -60.55
N SER F 75 69.38 34.73 -61.25
CA SER F 75 68.65 34.92 -62.49
C SER F 75 67.23 35.48 -62.26
N LEU F 76 66.50 34.94 -61.27
CA LEU F 76 65.17 35.46 -60.96
C LEU F 76 65.22 36.92 -60.46
N MET F 77 66.29 37.26 -59.75
CA MET F 77 66.53 38.62 -59.29
C MET F 77 66.91 39.54 -60.45
N THR F 78 67.74 39.04 -61.37
CA THR F 78 68.05 39.75 -62.59
C THR F 78 66.77 40.09 -63.34
N GLN F 79 65.91 39.08 -63.52
CA GLN F 79 64.65 39.24 -64.24
C GLN F 79 63.65 40.15 -63.51
N THR F 80 63.72 40.21 -62.18
CA THR F 80 62.84 41.11 -61.42
C THR F 80 63.29 42.56 -61.49
N LEU F 81 64.59 42.80 -61.31
CA LEU F 81 65.16 44.14 -61.50
C LEU F 81 64.90 44.63 -62.92
N GLU F 82 64.97 43.69 -63.87
CA GLU F 82 64.70 43.93 -65.28
C GLU F 82 63.22 44.32 -65.53
N ALA F 83 62.30 43.50 -65.01
CA ALA F 83 60.87 43.76 -65.15
C ALA F 83 60.47 45.12 -64.55
N VAL F 84 60.95 45.40 -63.34
CA VAL F 84 60.72 46.71 -62.71
C VAL F 84 61.27 47.87 -63.55
N LYS F 85 62.54 47.77 -63.95
CA LYS F 85 63.18 48.78 -64.79
C LYS F 85 62.39 49.09 -66.08
N ARG F 86 62.24 48.08 -66.94
CA ARG F 86 61.54 48.26 -68.22
C ARG F 86 60.06 48.65 -68.07
N LYS F 87 59.41 48.14 -67.03
CA LYS F 87 58.02 48.52 -66.77
C LYS F 87 57.94 50.00 -66.38
N GLN F 88 58.92 50.47 -65.62
CA GLN F 88 59.00 51.90 -65.26
C GLN F 88 59.29 52.75 -66.50
N PHE F 89 60.04 52.19 -67.44
CA PHE F 89 60.20 52.83 -68.74
C PHE F 89 58.85 52.93 -69.48
N ALA F 90 58.06 51.86 -69.40
CA ALA F 90 56.74 51.80 -70.05
C ALA F 90 55.74 52.78 -69.43
N LYS F 91 55.89 53.04 -68.14
CA LYS F 91 55.07 54.05 -67.45
C LYS F 91 55.59 55.46 -67.70
N TYR F 92 56.90 55.58 -67.97
CA TYR F 92 57.52 56.89 -68.23
C TYR F 92 57.22 57.43 -69.62
N HIS F 93 57.25 56.55 -70.63
CA HIS F 93 57.07 56.98 -72.02
C HIS F 93 55.61 57.13 -72.45
N ALA F 94 54.69 56.69 -71.60
CA ALA F 94 53.25 56.89 -71.83
C ALA F 94 52.68 58.09 -71.08
N ALA F 95 53.54 58.82 -70.37
CA ALA F 95 53.12 59.86 -69.43
C ALA F 95 53.35 61.30 -69.91
N SER F 96 53.02 62.26 -69.04
CA SER F 96 53.16 63.69 -69.29
C SER F 96 54.36 64.24 -68.50
N ALA F 97 54.98 65.30 -69.03
CA ALA F 97 56.27 65.84 -68.54
C ALA F 97 56.38 66.03 -67.01
N GLU F 98 55.28 66.45 -66.37
CA GLU F 98 55.22 66.54 -64.91
C GLU F 98 55.58 65.18 -64.28
N GLU F 99 54.87 64.16 -64.74
CA GLU F 99 55.09 62.79 -64.27
C GLU F 99 56.39 62.20 -64.83
N GLN F 100 56.99 62.88 -65.82
CA GLN F 100 58.33 62.53 -66.30
C GLN F 100 59.40 63.13 -65.38
N ALA F 101 58.99 64.13 -64.60
CA ALA F 101 59.80 64.59 -63.46
C ALA F 101 59.59 63.71 -62.23
N THR F 102 58.35 63.26 -62.02
CA THR F 102 57.99 62.46 -60.83
C THR F 102 58.46 60.98 -60.82
N ILE F 103 58.17 60.24 -61.88
CA ILE F 103 58.37 58.79 -61.94
C ILE F 103 59.81 58.33 -61.66
N GLU F 104 59.96 57.24 -60.91
CA GLU F 104 61.28 56.69 -60.59
C GLU F 104 61.64 55.51 -61.48
N ARG F 105 62.69 55.65 -62.29
CA ARG F 105 63.13 54.60 -63.18
C ARG F 105 64.28 53.76 -62.61
N ASN F 106 64.71 54.07 -61.40
CA ASN F 106 65.78 53.32 -60.73
C ASN F 106 65.22 52.15 -59.91
N PRO F 107 65.42 50.89 -60.36
CA PRO F 107 64.86 49.73 -59.65
C PRO F 107 65.52 49.51 -58.29
N TYR F 108 66.72 50.08 -58.11
CA TYR F 108 67.44 49.97 -56.84
C TYR F 108 66.79 50.81 -55.73
N THR F 109 66.57 52.10 -56.01
CA THR F 109 65.95 52.99 -55.03
C THR F 109 64.46 52.67 -54.86
N ILE F 110 63.86 52.07 -55.90
CA ILE F 110 62.50 51.54 -55.83
C ILE F 110 62.43 50.29 -54.93
N PHE F 111 63.48 49.48 -54.96
CA PHE F 111 63.59 48.32 -54.07
C PHE F 111 63.75 48.75 -52.60
N HIS F 112 64.74 49.61 -52.33
CA HIS F 112 64.96 50.12 -50.98
C HIS F 112 63.73 50.86 -50.45
N GLN F 113 63.01 51.55 -51.33
CA GLN F 113 61.77 52.23 -50.95
C GLN F 113 60.57 51.27 -50.83
N ALA F 114 60.68 50.09 -51.44
CA ALA F 114 59.64 49.08 -51.33
C ALA F 114 59.76 48.28 -50.03
N LEU F 115 60.99 48.08 -49.57
CA LEU F 115 61.23 47.45 -48.26
C LEU F 115 61.17 48.42 -47.05
N LYS F 116 61.62 49.67 -47.21
CA LYS F 116 61.52 50.65 -46.13
C LYS F 116 60.07 50.95 -45.77
N ASN F 117 59.20 50.90 -46.78
CA ASN F 117 57.77 51.13 -46.60
C ASN F 117 57.00 49.92 -46.08
N CYS F 118 57.51 48.72 -46.33
CA CYS F 118 56.81 47.47 -46.00
C CYS F 118 57.14 46.96 -44.59
N GLU F 119 58.07 47.65 -43.94
CA GLU F 119 58.63 47.26 -42.65
C GLU F 119 57.70 47.56 -41.46
N PRO F 120 57.16 46.51 -40.79
CA PRO F 120 56.31 46.72 -39.62
C PRO F 120 57.10 47.25 -38.42
N VAL F 121 56.54 48.25 -37.74
CA VAL F 121 57.22 48.92 -36.64
C VAL F 121 57.32 48.06 -35.37
N ILE F 122 56.20 47.52 -34.92
CA ILE F 122 56.19 46.62 -33.77
C ILE F 122 55.70 45.25 -34.17
N GLY F 123 56.05 44.25 -33.36
CA GLY F 123 55.66 42.89 -33.66
C GLY F 123 55.41 42.11 -32.40
N LEU F 124 54.65 41.03 -32.51
CA LEU F 124 54.12 40.38 -31.34
C LEU F 124 54.91 39.14 -30.91
N VAL F 125 55.01 38.94 -29.60
CA VAL F 125 55.57 37.69 -29.09
C VAL F 125 54.55 37.03 -28.16
N PRO F 126 54.38 35.70 -28.29
CA PRO F 126 53.51 35.04 -27.30
C PRO F 126 54.20 34.88 -25.95
N ILE F 127 53.44 35.12 -24.88
CA ILE F 127 53.92 34.95 -23.51
C ILE F 127 52.94 34.04 -22.80
N LEU F 128 53.45 33.11 -22.00
CA LEU F 128 52.61 32.23 -21.20
C LEU F 128 52.33 32.81 -19.83
N LYS F 129 51.06 33.05 -19.53
CA LYS F 129 50.71 33.48 -18.19
C LYS F 129 49.38 32.87 -17.79
N GLY F 130 49.34 32.29 -16.59
CA GLY F 130 48.14 31.66 -16.11
C GLY F 130 47.58 30.63 -17.08
N GLY F 131 48.45 30.04 -17.90
CA GLY F 131 48.04 29.01 -18.83
C GLY F 131 47.65 29.48 -20.22
N HIS F 132 47.59 30.79 -20.42
CA HIS F 132 47.23 31.36 -21.72
C HIS F 132 48.43 31.93 -22.46
N PHE F 133 48.38 31.89 -23.79
CA PHE F 133 49.36 32.59 -24.62
C PHE F 133 48.78 33.91 -25.10
N TYR F 134 49.34 35.00 -24.59
CA TYR F 134 48.92 36.30 -25.08
C TYR F 134 49.95 36.82 -26.07
N GLN F 135 49.48 37.46 -27.13
CA GLN F 135 50.41 38.12 -28.05
C GLN F 135 50.65 39.53 -27.57
N VAL F 136 51.91 39.86 -27.29
CA VAL F 136 52.23 41.15 -26.71
C VAL F 136 53.07 41.97 -27.67
N PRO F 137 52.81 43.29 -27.68
CA PRO F 137 53.57 44.25 -28.48
C PRO F 137 55.02 44.33 -28.03
N VAL F 138 55.88 44.11 -29.01
CA VAL F 138 57.31 44.12 -28.86
C VAL F 138 57.97 45.12 -29.81
N PRO F 139 58.70 46.11 -29.27
CA PRO F 139 59.63 46.92 -30.07
C PRO F 139 60.70 46.04 -30.73
N LEU F 140 60.92 46.21 -32.04
CA LEU F 140 61.82 45.34 -32.77
C LEU F 140 63.11 46.04 -33.24
N ALA F 141 64.20 45.29 -33.28
CA ALA F 141 65.47 45.81 -33.81
C ALA F 141 65.46 45.76 -35.33
N ASP F 142 66.24 46.66 -35.94
CA ASP F 142 66.19 46.91 -37.39
C ASP F 142 66.29 45.65 -38.24
N ARG F 143 67.30 44.83 -37.96
CA ARG F 143 67.59 43.67 -38.79
C ARG F 143 66.46 42.65 -38.82
N ARG F 144 65.84 42.40 -37.66
CA ARG F 144 64.71 41.48 -37.58
C ARG F 144 63.58 41.92 -38.50
N ARG F 145 63.34 43.23 -38.53
CA ARG F 145 62.27 43.79 -39.34
C ARG F 145 62.63 43.76 -40.83
N ARG F 146 63.89 44.01 -41.14
CA ARG F 146 64.40 43.86 -42.51
C ARG F 146 64.04 42.47 -42.99
N PHE F 147 64.44 41.48 -42.20
CA PHE F 147 64.12 40.10 -42.47
C PHE F 147 62.63 39.94 -42.66
N LEU F 148 61.86 40.59 -41.80
CA LEU F 148 60.41 40.46 -41.84
C LEU F 148 59.88 40.87 -43.21
N ALA F 149 60.25 42.07 -43.65
CA ALA F 149 59.79 42.60 -44.93
C ALA F 149 60.16 41.66 -46.07
N MET F 150 61.45 41.35 -46.17
CA MET F 150 61.94 40.50 -47.26
C MET F 150 61.19 39.17 -47.31
N LYS F 151 61.14 38.51 -46.17
CA LYS F 151 60.46 37.23 -46.06
C LYS F 151 59.01 37.32 -46.48
N TRP F 152 58.32 38.37 -46.03
CA TRP F 152 56.91 38.53 -46.41
C TRP F 152 56.80 38.63 -47.92
N MET F 153 57.68 39.42 -48.54
CA MET F 153 57.62 39.61 -49.98
C MET F 153 57.79 38.27 -50.71
N ILE F 154 58.88 37.57 -50.40
CA ILE F 154 59.14 36.26 -51.00
C ILE F 154 57.98 35.29 -50.80
N ALA F 155 57.52 35.17 -49.56
CA ALA F 155 56.43 34.26 -49.21
C ALA F 155 55.16 34.56 -50.00
N GLU F 156 54.76 35.82 -50.03
CA GLU F 156 53.57 36.22 -50.76
C GLU F 156 53.67 35.86 -52.24
N CYS F 157 54.74 36.29 -52.91
CA CYS F 157 54.82 36.07 -54.36
C CYS F 157 55.06 34.60 -54.75
N ARG F 158 55.62 33.81 -53.83
CA ARG F 158 55.68 32.36 -54.03
C ARG F 158 54.26 31.79 -53.95
N GLU F 159 53.52 32.29 -52.97
CA GLU F 159 52.19 31.77 -52.62
C GLU F 159 51.03 32.09 -53.57
N LYS F 160 50.80 33.39 -53.81
CA LYS F 160 49.50 33.83 -54.33
C LYS F 160 49.40 34.10 -55.85
N LYS F 161 50.48 33.87 -56.59
CA LYS F 161 50.41 34.01 -58.05
C LYS F 161 49.79 32.77 -58.69
N HIS F 162 49.18 32.93 -59.86
CA HIS F 162 48.65 31.79 -60.61
C HIS F 162 49.79 31.06 -61.35
N ARG F 163 49.57 29.80 -61.70
CA ARG F 163 50.65 28.92 -62.17
C ARG F 163 51.31 29.35 -63.48
N ARG F 164 50.63 30.14 -64.31
CA ARG F 164 51.23 30.64 -65.54
C ARG F 164 52.11 31.85 -65.28
N VAL F 165 51.87 32.51 -64.15
CA VAL F 165 52.59 33.74 -63.79
C VAL F 165 54.01 33.48 -63.32
N LEU F 166 54.98 34.12 -63.97
CA LEU F 166 56.37 33.97 -63.59
C LEU F 166 56.69 34.69 -62.30
N MET F 167 57.76 34.27 -61.65
CA MET F 167 58.23 34.89 -60.42
C MET F 167 58.63 36.37 -60.57
N PRO F 168 59.53 36.69 -61.52
CA PRO F 168 60.07 38.06 -61.54
C PRO F 168 59.02 39.11 -61.88
N GLU F 169 58.05 38.72 -62.70
CA GLU F 169 56.92 39.57 -63.04
C GLU F 169 56.10 39.90 -61.81
N LYS F 170 55.69 38.86 -61.08
CA LYS F 170 54.87 39.00 -59.88
C LYS F 170 55.61 39.86 -58.85
N LEU F 171 56.90 39.59 -58.66
CA LEU F 171 57.71 40.33 -57.70
C LEU F 171 57.90 41.78 -58.13
N SER F 172 57.96 42.03 -59.44
CA SER F 172 58.01 43.41 -59.93
C SER F 172 56.72 44.11 -59.57
N GLN F 173 55.59 43.43 -59.82
CA GLN F 173 54.28 43.94 -59.47
C GLN F 173 54.20 44.36 -58.00
N GLU F 174 54.55 43.43 -57.13
CA GLU F 174 54.42 43.67 -55.70
C GLU F 174 55.46 44.67 -55.19
N LEU F 175 56.62 44.74 -55.85
CA LEU F 175 57.63 45.75 -55.52
C LEU F 175 57.09 47.14 -55.81
N LEU F 176 56.47 47.28 -56.98
CA LEU F 176 55.92 48.55 -57.41
C LEU F 176 54.70 48.96 -56.59
N GLU F 177 53.88 47.99 -56.22
CA GLU F 177 52.68 48.28 -55.43
C GLU F 177 53.05 48.51 -53.96
N ALA F 178 54.21 48.01 -53.55
CA ALA F 178 54.74 48.28 -52.21
C ALA F 178 55.42 49.65 -52.15
N PHE F 179 55.94 50.09 -53.29
CA PHE F 179 56.47 51.44 -53.40
C PHE F 179 55.39 52.46 -53.05
N HIS F 180 54.19 52.22 -53.57
CA HIS F 180 53.04 53.10 -53.38
C HIS F 180 52.11 52.66 -52.24
N ASN F 181 52.53 51.63 -51.49
CA ASN F 181 51.88 51.20 -50.25
C ASN F 181 50.57 50.42 -50.43
N GLN F 182 50.16 50.22 -51.69
CA GLN F 182 48.85 49.64 -51.95
C GLN F 182 48.81 48.13 -52.18
N GLY F 183 49.95 47.45 -52.04
CA GLY F 183 49.99 46.01 -52.21
C GLY F 183 49.69 45.26 -50.92
N PRO F 184 49.34 43.95 -51.01
CA PRO F 184 49.00 43.12 -49.85
C PRO F 184 50.10 42.98 -48.76
N VAL F 185 51.35 43.27 -49.11
CA VAL F 185 52.45 43.28 -48.14
C VAL F 185 52.23 44.26 -46.99
N ILE F 186 51.91 45.51 -47.33
CA ILE F 186 51.60 46.53 -46.33
C ILE F 186 50.25 46.24 -45.65
N LYS F 187 49.44 45.38 -46.25
CA LYS F 187 48.21 44.92 -45.60
C LYS F 187 48.57 44.00 -44.45
N ARG F 188 49.54 43.12 -44.69
CA ARG F 188 50.03 42.25 -43.62
C ARG F 188 50.72 43.08 -42.53
N LYS F 189 51.48 44.09 -42.97
CA LYS F 189 52.08 45.05 -42.03
C LYS F 189 51.01 45.76 -41.16
N HIS F 190 49.91 46.16 -41.80
CA HIS F 190 48.84 46.88 -41.12
C HIS F 190 48.00 45.99 -40.20
N ASP F 191 47.87 44.70 -40.55
CA ASP F 191 47.20 43.76 -39.66
C ASP F 191 48.11 43.49 -38.46
N MET F 192 49.42 43.52 -38.71
CA MET F 192 50.40 43.44 -37.64
C MET F 192 50.24 44.61 -36.67
N HIS F 193 50.02 45.80 -37.22
CA HIS F 193 49.85 46.99 -36.36
C HIS F 193 48.49 47.06 -35.65
N LYS F 194 47.44 46.57 -36.32
CA LYS F 194 46.10 46.50 -35.71
C LYS F 194 46.08 45.51 -34.55
N MET F 195 46.67 44.34 -34.77
CA MET F 195 46.76 43.34 -33.71
C MET F 195 47.73 43.83 -32.63
N ALA F 196 48.66 44.70 -33.02
CA ALA F 196 49.57 45.32 -32.06
C ALA F 196 48.85 46.33 -31.18
N GLU F 197 47.82 46.97 -31.72
CA GLU F 197 47.03 47.92 -30.94
C GLU F 197 45.92 47.32 -30.06
N ALA F 198 45.18 46.34 -30.60
CA ALA F 198 44.05 45.77 -29.86
C ALA F 198 44.48 45.26 -28.47
N ASN F 199 45.67 44.68 -28.42
CA ASN F 199 46.19 44.07 -27.20
C ASN F 199 47.15 44.94 -26.38
N ARG F 200 47.37 46.20 -26.76
CA ARG F 200 48.48 47.00 -26.21
C ARG F 200 48.56 47.02 -24.67
N ALA F 201 47.41 46.80 -24.01
CA ALA F 201 47.36 46.71 -22.54
C ALA F 201 48.33 45.66 -22.00
N LEU F 202 48.27 44.50 -22.63
CA LEU F 202 49.10 43.36 -22.26
C LEU F 202 50.59 43.70 -22.33
N ALA F 203 50.94 44.85 -22.90
CA ALA F 203 52.36 45.23 -22.94
C ALA F 203 52.93 45.34 -21.53
N HIS F 204 52.05 45.38 -20.53
CA HIS F 204 52.52 45.31 -19.14
C HIS F 204 52.91 43.88 -18.75
N TYR F 205 52.60 42.91 -19.61
CA TYR F 205 53.10 41.53 -19.45
C TYR F 205 54.58 41.44 -19.80
N ARG F 206 55.06 42.43 -20.56
CA ARG F 206 56.44 42.38 -21.03
C ARG F 206 57.40 42.71 -19.90
N TRP F 207 58.32 41.80 -19.60
CA TRP F 207 59.28 42.02 -18.52
C TRP F 207 60.65 42.53 -18.98
N TRP F 208 60.85 42.69 -20.28
CA TRP F 208 62.17 43.08 -20.78
C TRP F 208 62.14 44.36 -21.62
N THR G 1 119.08 7.02 -6.19
CA THR G 1 118.92 6.90 -7.63
C THR G 1 120.09 7.56 -8.37
N VAL G 2 121.19 7.79 -7.66
CA VAL G 2 122.37 8.45 -8.25
C VAL G 2 123.27 7.48 -9.06
N ASP G 3 123.38 6.25 -8.57
CA ASP G 3 124.17 5.20 -9.23
C ASP G 3 123.58 4.88 -10.61
N PHE G 4 122.27 5.05 -10.75
CA PHE G 4 121.58 4.89 -12.02
C PHE G 4 121.99 5.95 -13.04
N ILE G 5 121.99 7.23 -12.65
CA ILE G 5 122.45 8.31 -13.53
C ILE G 5 123.93 8.15 -13.93
N LYS G 6 124.79 7.87 -12.95
CA LYS G 6 126.21 7.62 -13.23
C LYS G 6 126.43 6.45 -14.22
N LYS G 7 125.88 5.29 -13.86
CA LYS G 7 125.96 4.11 -14.72
C LYS G 7 125.45 4.38 -16.14
N GLN G 8 124.21 4.90 -16.24
CA GLN G 8 123.59 5.18 -17.53
C GLN G 8 124.39 6.21 -18.35
N ILE G 9 125.14 7.08 -17.66
CA ILE G 9 126.06 7.99 -18.35
C ILE G 9 127.26 7.22 -18.94
N GLU G 10 127.85 6.34 -18.14
CA GLU G 10 128.93 5.46 -18.63
C GLU G 10 128.50 4.74 -19.90
N GLU G 11 127.38 4.04 -19.78
CA GLU G 11 126.84 3.23 -20.86
C GLU G 11 126.35 4.08 -22.03
N PHE G 12 126.02 5.34 -21.77
CA PHE G 12 125.66 6.25 -22.85
C PHE G 12 126.89 6.63 -23.66
N ASN G 13 128.01 6.83 -22.97
CA ASN G 13 129.25 7.19 -23.66
C ASN G 13 129.82 6.00 -24.45
N ILE G 14 129.95 4.86 -23.78
CA ILE G 14 130.39 3.63 -24.43
C ILE G 14 129.43 3.28 -25.58
N GLY G 15 128.13 3.51 -25.37
CA GLY G 15 127.11 3.24 -26.39
C GLY G 15 127.20 4.20 -27.56
N LYS G 16 127.64 5.42 -27.26
CA LYS G 16 127.89 6.44 -28.28
C LYS G 16 129.04 6.03 -29.19
N ARG G 17 130.11 5.53 -28.58
CA ARG G 17 131.25 5.01 -29.36
C ARG G 17 130.86 3.76 -30.17
N HIS G 18 130.03 2.89 -29.60
CA HIS G 18 129.52 1.72 -30.31
C HIS G 18 128.57 2.12 -31.44
N LEU G 19 128.03 3.33 -31.35
CA LEU G 19 127.23 3.91 -32.42
C LEU G 19 128.12 4.50 -33.53
N ALA G 20 129.19 5.18 -33.14
CA ALA G 20 130.09 5.85 -34.08
C ALA G 20 130.97 4.88 -34.88
N ASN G 21 131.34 3.77 -34.24
CA ASN G 21 132.11 2.71 -34.89
C ASN G 21 131.32 1.99 -35.98
N MET G 22 130.05 1.69 -35.70
CA MET G 22 129.18 0.98 -36.64
C MET G 22 128.65 1.92 -37.73
N MET G 23 128.25 3.13 -37.34
CA MET G 23 127.77 4.11 -38.30
C MET G 23 128.96 4.69 -39.07
N GLY G 24 130.16 4.31 -38.65
CA GLY G 24 131.37 4.65 -39.38
C GLY G 24 131.66 6.14 -39.38
N GLU G 25 131.26 6.80 -38.30
CA GLU G 25 131.52 8.21 -38.14
C GLU G 25 132.48 8.43 -36.97
N ASP G 26 133.22 9.53 -37.04
CA ASP G 26 134.11 9.93 -35.95
C ASP G 26 133.30 10.07 -34.67
N PRO G 27 133.75 9.41 -33.58
CA PRO G 27 133.06 9.53 -32.29
C PRO G 27 133.05 10.97 -31.74
N GLU G 28 133.95 11.80 -32.27
CA GLU G 28 134.15 13.17 -31.80
C GLU G 28 133.18 14.21 -32.38
N THR G 29 132.90 14.13 -33.68
CA THR G 29 132.02 15.12 -34.35
C THR G 29 130.56 14.65 -34.25
N PHE G 30 130.37 13.52 -33.58
CA PHE G 30 129.04 12.96 -33.38
C PHE G 30 128.17 13.86 -32.49
N THR G 31 126.97 14.19 -32.97
CA THR G 31 126.02 15.00 -32.19
C THR G 31 124.75 14.21 -31.92
N GLN G 32 123.80 14.81 -31.22
CA GLN G 32 122.49 14.22 -31.05
C GLN G 32 121.74 14.25 -32.38
N GLU G 33 122.04 15.27 -33.17
CA GLU G 33 121.41 15.47 -34.48
C GLU G 33 121.68 14.30 -35.43
N ASP G 34 122.91 13.81 -35.39
CA ASP G 34 123.33 12.68 -36.23
C ASP G 34 122.95 11.32 -35.60
N ILE G 35 122.97 11.25 -34.27
CA ILE G 35 122.45 10.10 -33.53
C ILE G 35 121.00 9.83 -33.95
N ASP G 36 120.23 10.90 -34.09
CA ASP G 36 118.83 10.80 -34.51
C ASP G 36 118.68 10.12 -35.88
N ARG G 37 119.44 10.56 -36.88
CA ARG G 37 119.42 9.93 -38.19
C ARG G 37 119.83 8.47 -38.07
N ALA G 38 120.82 8.23 -37.20
CA ALA G 38 121.36 6.89 -36.97
C ALA G 38 120.29 5.93 -36.48
N ILE G 39 119.57 6.33 -35.45
CA ILE G 39 118.54 5.49 -34.85
C ILE G 39 117.29 5.48 -35.74
N ALA G 40 117.13 6.51 -36.56
CA ALA G 40 116.02 6.58 -37.51
C ALA G 40 116.21 5.53 -38.60
N TYR G 41 117.46 5.34 -39.01
CA TYR G 41 117.79 4.34 -40.02
C TYR G 41 117.85 2.93 -39.44
N LEU G 42 118.43 2.79 -38.25
CA LEU G 42 118.65 1.47 -37.64
C LEU G 42 117.39 0.81 -37.08
N PHE G 43 116.58 1.58 -36.35
CA PHE G 43 115.35 1.04 -35.78
C PHE G 43 114.14 1.83 -36.23
N PRO G 44 113.83 1.79 -37.53
CA PRO G 44 112.80 2.63 -38.14
C PRO G 44 111.41 2.12 -37.83
N SER G 45 110.91 2.49 -36.65
CA SER G 45 109.57 2.10 -36.26
C SER G 45 108.53 3.04 -36.84
N GLY G 46 107.63 2.53 -37.68
CA GLY G 46 106.52 3.36 -38.12
C GLY G 46 105.61 3.59 -36.94
N LEU G 47 105.50 4.87 -36.55
CA LEU G 47 104.63 5.26 -35.44
C LEU G 47 104.22 6.71 -35.64
N PHE G 48 103.01 7.03 -35.21
CA PHE G 48 102.54 8.39 -35.26
C PHE G 48 102.93 9.21 -34.03
N GLU G 49 103.07 8.54 -32.89
CA GLU G 49 103.49 9.20 -31.65
C GLU G 49 105.02 9.28 -31.52
N LYS G 50 105.55 10.47 -31.28
CA LYS G 50 106.99 10.75 -31.34
C LYS G 50 107.76 10.44 -30.05
N ARG G 51 107.05 10.25 -28.94
CA ARG G 51 107.65 9.85 -27.68
C ARG G 51 107.73 8.32 -27.56
N ALA G 52 107.01 7.63 -28.44
CA ALA G 52 106.95 6.17 -28.43
C ALA G 52 107.96 5.57 -29.40
N ARG G 53 108.73 6.43 -30.08
CA ARG G 53 109.72 5.98 -31.04
C ARG G 53 111.05 5.73 -30.32
N PRO G 54 111.92 4.89 -30.90
CA PRO G 54 113.18 4.55 -30.25
C PRO G 54 114.08 5.77 -30.03
N ILE G 55 114.58 5.95 -28.81
CA ILE G 55 115.48 7.06 -28.49
C ILE G 55 116.64 6.66 -27.57
N MET G 56 117.87 6.92 -28.01
CA MET G 56 119.03 6.85 -27.12
C MET G 56 119.53 8.27 -26.87
N LYS G 57 119.35 8.76 -25.64
CA LYS G 57 119.81 10.10 -25.28
C LYS G 57 120.38 10.14 -23.86
N HIS G 58 121.02 11.26 -23.51
CA HIS G 58 121.61 11.44 -22.19
C HIS G 58 120.56 11.30 -21.10
N PRO G 59 120.90 10.59 -20.01
CA PRO G 59 119.99 10.34 -18.88
C PRO G 59 119.36 11.60 -18.30
N GLU G 60 119.96 12.77 -18.53
CA GLU G 60 119.42 14.02 -18.04
C GLU G 60 118.13 14.42 -18.78
N GLU G 61 118.08 14.14 -20.07
CA GLU G 61 116.92 14.46 -20.88
C GLU G 61 115.83 13.40 -20.72
N ILE G 62 116.24 12.14 -20.63
CA ILE G 62 115.31 11.03 -20.46
C ILE G 62 114.70 10.99 -19.05
N PHE G 63 115.54 10.95 -18.03
CA PHE G 63 115.08 10.85 -16.63
C PHE G 63 114.72 12.22 -16.05
N PRO G 64 113.83 12.24 -15.05
CA PRO G 64 113.55 13.49 -14.34
C PRO G 64 114.65 13.85 -13.35
N LYS G 65 114.78 15.13 -13.04
CA LYS G 65 115.71 15.54 -11.99
C LYS G 65 115.23 15.04 -10.65
N GLN G 66 116.14 14.94 -9.69
CA GLN G 66 115.81 14.44 -8.36
C GLN G 66 116.18 15.44 -7.27
N ARG G 67 115.27 15.59 -6.31
CA ARG G 67 115.56 16.36 -5.11
C ARG G 67 116.67 15.65 -4.36
N ALA G 68 117.67 16.39 -3.92
CA ALA G 68 118.85 15.79 -3.29
C ALA G 68 118.51 15.24 -1.91
N ILE G 69 119.50 14.63 -1.26
CA ILE G 69 119.31 14.09 0.08
C ILE G 69 119.05 15.25 1.03
N GLN G 70 117.96 15.17 1.79
CA GLN G 70 117.47 16.32 2.51
C GLN G 70 117.92 16.38 3.97
N TRP G 71 118.70 15.40 4.39
CA TRP G 71 119.25 15.43 5.73
C TRP G 71 120.57 14.67 5.82
N GLY G 72 121.39 15.03 6.79
CA GLY G 72 122.70 14.40 6.97
C GLY G 72 122.53 12.97 7.46
N GLU G 73 123.64 12.35 7.83
CA GLU G 73 123.60 10.97 8.30
C GLU G 73 123.29 10.89 9.79
N ASP G 74 123.09 12.05 10.40
CA ASP G 74 122.56 12.14 11.76
C ASP G 74 121.04 12.33 11.78
N GLY G 75 120.46 12.62 10.62
CA GLY G 75 119.02 12.84 10.51
C GLY G 75 118.61 14.30 10.41
N ARG G 76 119.55 15.21 10.61
CA ARG G 76 119.26 16.64 10.65
C ARG G 76 119.29 17.28 9.26
N PRO G 77 118.21 17.98 8.89
CA PRO G 77 118.01 18.63 7.58
C PRO G 77 118.90 19.86 7.33
N PHE G 78 119.40 19.99 6.11
CA PHE G 78 120.34 21.06 5.77
C PHE G 78 119.71 22.43 5.73
N HIS G 79 118.65 22.55 4.93
CA HIS G 79 117.98 23.82 4.71
C HIS G 79 116.92 24.06 5.78
N PHE G 80 116.76 25.32 6.20
CA PHE G 80 115.95 25.66 7.36
C PHE G 80 114.44 25.62 7.09
N LEU G 81 114.07 25.81 5.82
CA LEU G 81 112.66 25.87 5.46
C LEU G 81 112.13 24.48 5.15
N PHE G 82 112.97 23.49 5.38
CA PHE G 82 112.63 22.09 5.14
C PHE G 82 111.30 21.64 5.74
N TYR G 83 111.05 21.99 7.00
CA TYR G 83 109.88 21.50 7.71
C TYR G 83 108.61 22.19 7.28
N THR G 84 108.72 23.20 6.43
CA THR G 84 107.54 23.72 5.76
C THR G 84 107.05 22.66 4.79
N GLY G 85 107.99 21.95 4.18
CA GLY G 85 107.67 20.89 3.25
C GLY G 85 107.83 21.25 1.79
N LYS G 86 107.68 22.53 1.46
CA LYS G 86 108.27 23.03 0.22
C LYS G 86 109.35 24.01 0.62
N GLN G 87 110.60 23.56 0.61
CA GLN G 87 111.69 24.46 0.92
C GLN G 87 112.03 25.20 -0.34
N SER G 88 111.81 24.53 -1.47
CA SER G 88 112.22 25.07 -2.76
C SER G 88 111.43 26.32 -3.11
N TYR G 89 110.15 26.34 -2.76
CA TYR G 89 109.32 27.50 -3.05
C TYR G 89 109.56 28.65 -2.08
N TYR G 90 109.53 28.33 -0.78
CA TYR G 90 109.62 29.34 0.25
C TYR G 90 111.02 29.89 0.39
N SER G 91 112.01 29.20 -0.19
CA SER G 91 113.34 29.75 -0.26
C SER G 91 113.32 30.92 -1.20
N LEU G 92 112.64 30.75 -2.32
CA LEU G 92 112.49 31.84 -3.27
C LEU G 92 111.62 32.93 -2.69
N MET G 93 110.69 32.55 -1.81
CA MET G 93 109.85 33.54 -1.12
C MET G 93 110.66 34.42 -0.15
N HIS G 94 111.41 33.79 0.75
CA HIS G 94 112.23 34.50 1.73
C HIS G 94 113.33 35.31 1.05
N ASP G 95 113.89 34.77 -0.04
CA ASP G 95 114.90 35.50 -0.80
C ASP G 95 114.31 36.71 -1.51
N THR G 96 113.14 36.52 -2.11
CA THR G 96 112.49 37.60 -2.84
C THR G 96 112.10 38.73 -1.88
N TYR G 97 111.54 38.37 -0.73
CA TYR G 97 111.15 39.38 0.24
C TYR G 97 112.37 39.98 0.93
N GLY G 98 113.49 39.23 0.92
CA GLY G 98 114.76 39.75 1.41
C GLY G 98 115.26 40.85 0.48
N LYS G 99 115.14 40.58 -0.82
CA LYS G 99 115.47 41.57 -1.85
C LYS G 99 114.60 42.80 -1.74
N LEU G 100 113.30 42.60 -1.55
CA LEU G 100 112.34 43.71 -1.44
C LEU G 100 112.66 44.56 -0.20
N LEU G 101 112.86 43.91 0.95
CA LEU G 101 113.33 44.59 2.16
C LEU G 101 114.58 45.41 1.88
N ASP G 102 115.53 44.82 1.16
CA ASP G 102 116.79 45.47 0.84
C ASP G 102 116.57 46.75 0.01
N VAL G 103 115.73 46.65 -1.02
CA VAL G 103 115.39 47.81 -1.85
C VAL G 103 114.67 48.90 -1.05
N GLU G 104 113.81 48.50 -0.11
CA GLU G 104 113.11 49.46 0.75
C GLU G 104 114.05 50.23 1.69
N LYS G 105 114.98 49.53 2.34
CA LYS G 105 115.96 50.17 3.22
C LYS G 105 116.93 51.07 2.42
N HIS G 106 117.36 50.58 1.26
CA HIS G 106 118.27 51.34 0.40
C HIS G 106 117.60 52.57 -0.22
N HIS G 107 116.46 52.36 -0.88
CA HIS G 107 115.72 53.43 -1.53
C HIS G 107 115.16 54.44 -0.52
N ASN G 108 114.88 53.99 0.70
CA ASN G 108 114.40 54.85 1.78
C ASN G 108 113.10 55.56 1.43
N PRO G 109 107.29 45.13 -22.53
CA PRO G 109 106.58 44.85 -23.79
C PRO G 109 107.52 44.41 -24.91
N ILE G 110 108.76 44.07 -24.55
CA ILE G 110 109.78 43.60 -25.50
C ILE G 110 109.45 42.18 -25.98
N GLY G 111 108.39 41.61 -25.43
CA GLY G 111 108.01 40.23 -25.67
C GLY G 111 108.33 39.43 -24.41
N SER G 112 109.04 40.07 -23.50
CA SER G 112 109.47 39.43 -22.26
C SER G 112 108.28 39.03 -21.40
N ARG G 113 108.27 37.77 -20.99
CA ARG G 113 107.20 37.24 -20.17
C ARG G 113 107.80 36.57 -18.94
N TRP G 114 107.04 36.55 -17.86
CA TRP G 114 107.46 35.81 -16.68
C TRP G 114 107.28 34.31 -16.96
N LEU G 115 107.93 33.48 -16.14
CA LEU G 115 107.82 32.03 -16.28
C LEU G 115 106.39 31.54 -16.23
N ILE G 116 106.12 30.43 -16.90
CA ILE G 116 104.87 29.73 -16.68
C ILE G 116 104.99 28.97 -15.37
N LYS G 117 103.90 28.33 -14.96
CA LYS G 117 103.94 27.56 -13.73
C LYS G 117 104.82 26.36 -13.95
N GLU G 118 104.80 25.87 -15.18
CA GLU G 118 105.62 24.74 -15.57
C GLU G 118 107.09 25.06 -15.43
N GLU G 119 107.47 26.27 -15.80
CA GLU G 119 108.89 26.65 -15.80
C GLU G 119 109.39 26.93 -14.39
N LEU G 120 108.51 27.42 -13.54
CA LEU G 120 108.84 27.60 -12.13
C LEU G 120 108.97 26.24 -11.45
N GLU G 121 108.05 25.34 -11.78
CA GLU G 121 108.04 23.99 -11.22
C GLU G 121 109.28 23.22 -11.71
N GLU G 122 109.78 23.64 -12.87
CA GLU G 122 110.98 23.04 -13.46
C GLU G 122 112.27 23.56 -12.83
N MET G 123 112.37 24.88 -12.67
CA MET G 123 113.57 25.50 -12.13
C MET G 123 113.94 24.93 -10.76
N LEU G 124 112.94 24.84 -9.89
CA LEU G 124 113.16 24.44 -8.50
C LEU G 124 113.02 22.94 -8.29
N VAL G 125 112.64 22.23 -9.36
CA VAL G 125 112.44 20.79 -9.31
C VAL G 125 111.47 20.45 -8.18
N GLU G 126 110.33 21.13 -8.15
CA GLU G 126 109.37 20.95 -7.07
C GLU G 126 107.95 21.24 -7.53
N LYS G 127 106.98 20.47 -7.00
CA LYS G 127 105.57 20.68 -7.32
C LYS G 127 105.03 22.02 -6.78
N LEU G 128 103.94 22.50 -7.38
CA LEU G 128 103.38 23.81 -7.04
C LEU G 128 101.85 23.86 -7.00
N SER G 129 101.34 24.98 -6.51
CA SER G 129 99.93 25.31 -6.61
C SER G 129 99.78 26.58 -7.43
N ASP G 130 98.58 26.86 -7.91
CA ASP G 130 98.37 28.04 -8.76
C ASP G 130 98.35 29.33 -7.95
N GLN G 131 97.80 29.26 -6.75
CA GLN G 131 97.76 30.40 -5.85
C GLN G 131 99.17 30.84 -5.47
N ASP G 132 100.03 29.86 -5.16
CA ASP G 132 101.43 30.11 -4.78
C ASP G 132 102.18 30.84 -5.89
N TYR G 133 102.09 30.27 -7.11
CA TYR G 133 102.64 30.90 -8.29
C TYR G 133 102.15 32.33 -8.39
N ALA G 134 100.84 32.49 -8.21
CA ALA G 134 100.22 33.81 -8.28
C ALA G 134 100.84 34.79 -7.27
N GLN G 135 101.12 34.29 -6.07
CA GLN G 135 101.75 35.08 -5.01
C GLN G 135 103.14 35.51 -5.40
N PHE G 136 103.81 34.60 -6.08
CA PHE G 136 105.17 34.86 -6.51
C PHE G 136 105.22 35.92 -7.60
N ILE G 137 104.38 35.76 -8.61
CA ILE G 137 104.26 36.75 -9.68
C ILE G 137 103.93 38.10 -9.08
N ARG G 138 102.97 38.06 -8.17
CA ARG G 138 102.57 39.20 -7.37
C ARG G 138 103.81 39.89 -6.77
N LEU G 139 104.70 39.08 -6.20
CA LEU G 139 105.91 39.63 -5.58
C LEU G 139 106.90 40.20 -6.60
N LEU G 140 106.99 39.57 -7.78
CA LEU G 140 107.90 40.06 -8.81
C LEU G 140 107.42 41.38 -9.39
N GLU G 141 106.11 41.58 -9.41
CA GLU G 141 105.56 42.88 -9.78
C GLU G 141 105.82 43.88 -8.66
N ARG G 142 105.83 43.40 -7.42
CA ARG G 142 106.18 44.27 -6.29
C ARG G 142 107.62 44.77 -6.35
N LEU G 143 108.53 43.91 -6.80
CA LEU G 143 109.94 44.28 -6.95
C LEU G 143 110.19 45.09 -8.22
N SER G 144 109.37 44.85 -9.25
CA SER G 144 109.46 45.61 -10.49
C SER G 144 108.86 47.01 -10.33
N ALA G 145 108.12 47.20 -9.24
CA ALA G 145 107.45 48.47 -8.97
C ALA G 145 108.36 49.51 -8.32
N LEU G 146 109.46 49.05 -7.72
CA LEU G 146 110.38 49.95 -7.01
C LEU G 146 111.59 50.31 -7.87
N PRO G 147 112.48 51.20 -7.37
CA PRO G 147 113.81 51.31 -7.98
C PRO G 147 114.51 49.96 -8.06
N CYS G 148 115.03 49.62 -9.23
CA CYS G 148 115.59 48.30 -9.49
C CYS G 148 117.12 48.31 -9.48
N GLY G 149 117.71 47.66 -8.48
CA GLY G 149 119.16 47.54 -8.38
C GLY G 149 119.72 46.63 -9.46
N ALA G 150 121.03 46.46 -9.48
CA ALA G 150 121.67 45.59 -10.48
C ALA G 150 121.43 44.11 -10.21
N THR G 151 121.80 43.67 -9.01
CA THR G 151 121.62 42.28 -8.61
C THR G 151 120.13 41.99 -8.44
N GLU G 152 119.39 43.07 -8.18
CA GLU G 152 117.93 43.02 -8.14
C GLU G 152 117.35 42.66 -9.52
N GLU G 153 117.86 43.30 -10.57
CA GLU G 153 117.39 43.03 -11.93
C GLU G 153 117.84 41.66 -12.43
N ASP G 154 119.05 41.24 -12.06
CA ASP G 154 119.45 39.85 -12.35
C ASP G 154 118.47 38.86 -11.68
N PHE G 155 118.22 39.12 -10.40
CA PHE G 155 117.29 38.35 -9.58
C PHE G 155 115.93 38.18 -10.26
N VAL G 156 115.32 39.30 -10.69
CA VAL G 156 114.00 39.20 -11.33
C VAL G 156 114.11 38.71 -12.78
N ASN G 157 115.32 38.73 -13.33
CA ASN G 157 115.53 38.28 -14.70
C ASN G 157 115.66 36.76 -14.85
N ARG G 158 116.10 36.07 -13.80
CA ARG G 158 116.11 34.59 -13.84
C ARG G 158 114.77 34.03 -14.27
N PHE G 159 113.71 34.72 -13.88
CA PHE G 159 112.34 34.29 -14.13
C PHE G 159 111.76 34.94 -15.39
N ARG G 160 112.60 35.68 -16.11
CA ARG G 160 112.22 36.28 -17.40
C ARG G 160 112.50 35.39 -18.62
N ARG G 161 111.63 35.47 -19.63
CA ARG G 161 111.77 34.79 -20.92
C ARG G 161 111.38 35.80 -22.02
N SER G 162 111.59 35.48 -23.30
CA SER G 162 111.22 36.42 -24.36
C SER G 162 110.71 35.78 -25.67
N ILE G 163 109.66 36.37 -26.24
CA ILE G 163 108.89 35.77 -27.34
C ILE G 163 108.90 36.50 -28.73
N PRO G 164 109.25 35.78 -29.82
CA PRO G 164 109.00 36.34 -31.16
C PRO G 164 107.51 36.36 -31.58
N UNK G 165 107.08 37.49 -32.12
CA UNK G 165 105.75 37.63 -32.79
C UNK G 165 105.89 37.95 -34.31
N UNK G 166 105.57 37.01 -35.19
CA UNK G 166 105.88 37.17 -36.66
C UNK G 166 104.65 37.39 -37.59
N UNK G 167 104.58 38.55 -38.25
CA UNK G 167 103.39 38.90 -39.04
C UNK G 167 103.66 39.73 -40.31
N UNK G 168 103.98 39.07 -41.41
CA UNK G 168 104.13 39.72 -42.70
C UNK G 168 103.62 38.75 -43.74
N UNK G 169 103.03 39.26 -44.82
CA UNK G 169 102.75 38.40 -45.94
C UNK G 169 103.97 38.50 -46.84
N UNK G 170 104.72 37.40 -46.97
CA UNK G 170 106.00 37.42 -47.67
C UNK G 170 105.80 37.79 -49.14
N UNK G 171 106.48 38.85 -49.57
CA UNK G 171 106.34 39.35 -50.93
C UNK G 171 107.45 38.79 -51.82
N UNK G 172 107.06 38.05 -52.85
CA UNK G 172 108.03 37.40 -53.74
C UNK G 172 108.66 38.42 -54.70
N UNK G 173 109.99 38.38 -54.79
CA UNK G 173 110.70 39.21 -55.76
C UNK G 173 110.22 38.82 -57.16
N UNK G 174 110.05 39.81 -58.03
CA UNK G 174 109.46 39.55 -59.34
C UNK G 174 110.43 38.77 -60.23
N UNK G 175 109.98 38.43 -61.43
CA UNK G 175 110.79 37.62 -62.33
C UNK G 175 110.82 38.24 -63.73
N UNK G 176 112.01 38.62 -64.19
CA UNK G 176 112.18 39.12 -65.55
C UNK G 176 112.58 37.98 -66.48
N UNK G 177 111.65 37.56 -67.34
CA UNK G 177 111.86 36.44 -68.27
C UNK G 177 112.73 36.87 -69.45
N UNK G 178 113.38 35.92 -70.10
CA UNK G 178 114.32 36.22 -71.17
C UNK G 178 113.64 36.56 -72.50
N UNK G 179 112.40 36.10 -72.68
CA UNK G 179 111.70 36.29 -73.97
C UNK G 179 111.45 37.76 -74.30
N UNK G 180 110.65 38.44 -73.47
CA UNK G 180 110.36 39.86 -73.68
C UNK G 180 111.18 40.79 -72.78
N GLY G 181 111.96 40.22 -71.88
CA GLY G 181 112.65 41.01 -70.87
C GLY G 181 111.69 41.67 -69.90
N MET G 182 110.51 41.07 -69.73
CA MET G 182 109.43 41.66 -68.95
C MET G 182 109.27 40.97 -67.60
N ALA G 183 108.89 41.74 -66.58
CA ALA G 183 108.70 41.19 -65.24
C ALA G 183 107.35 40.49 -65.11
N PHE G 184 107.36 39.28 -64.52
CA PHE G 184 106.13 38.53 -64.28
C PHE G 184 106.08 37.99 -62.84
N SER G 185 104.91 37.52 -62.43
CA SER G 185 104.76 36.91 -61.11
C SER G 185 103.86 35.69 -61.17
N ARG G 186 104.25 34.62 -60.49
CA ARG G 186 103.48 33.37 -60.52
C ARG G 186 102.88 33.00 -59.16
N GLY G 187 101.57 33.14 -59.01
CA GLY G 187 100.88 32.77 -57.77
C GLY G 187 100.19 31.43 -57.81
N GLU G 188 99.93 30.86 -56.64
CA GLU G 188 99.21 29.58 -56.54
C GLU G 188 98.12 29.60 -55.46
N GLY G 189 96.87 29.49 -55.87
CA GLY G 189 95.79 29.35 -54.93
C GLY G 189 95.37 27.89 -54.77
N LYS G 190 94.84 27.54 -53.60
CA LYS G 190 94.17 26.25 -53.45
C LYS G 190 92.93 26.35 -52.54
N ARG G 191 91.78 25.97 -53.07
CA ARG G 191 90.55 25.88 -52.28
C ARG G 191 89.61 24.75 -52.75
N LYS G 192 89.09 23.99 -51.79
CA LYS G 192 87.96 23.07 -52.00
C LYS G 192 88.05 22.17 -53.24
N THR G 193 88.98 21.21 -53.21
CA THR G 193 89.18 20.22 -54.29
C THR G 193 89.72 20.89 -55.57
N ALA G 194 89.82 22.21 -55.59
CA ALA G 194 90.32 22.93 -56.76
C ALA G 194 91.64 23.63 -56.48
N LYS G 195 92.61 23.43 -57.37
CA LYS G 195 93.88 24.12 -57.27
C LYS G 195 94.05 25.04 -58.48
N ALA G 196 94.84 26.09 -58.31
CA ALA G 196 95.07 27.04 -59.38
C ALA G 196 96.48 27.63 -59.37
N GLU G 197 97.05 27.78 -60.57
CA GLU G 197 98.35 28.41 -60.78
C GLU G 197 98.24 29.50 -61.85
N VAL G 198 98.43 30.75 -61.42
CA VAL G 198 98.22 31.89 -62.30
C VAL G 198 99.51 32.67 -62.54
N VAL G 199 99.83 32.87 -63.81
CA VAL G 199 100.96 33.70 -64.21
C VAL G 199 100.45 35.08 -64.63
N VAL G 200 100.80 36.11 -63.85
CA VAL G 200 100.44 37.50 -64.14
C VAL G 200 101.63 38.30 -64.70
N TYR G 201 101.47 38.81 -65.92
CA TYR G 201 102.49 39.61 -66.58
C TYR G 201 102.20 41.09 -66.39
N GLY G 202 103.26 41.84 -66.12
CA GLY G 202 103.21 43.23 -65.68
C GLY G 202 102.57 44.26 -66.60
N GLN G 203 102.80 44.12 -67.91
CA GLN G 203 102.13 45.00 -68.86
C GLN G 203 101.17 44.20 -69.74
N GLY G 204 99.87 44.37 -69.48
CA GLY G 204 98.85 43.68 -70.25
C GLY G 204 98.05 44.57 -71.20
N SER G 205 97.30 43.91 -72.09
CA SER G 205 96.32 44.60 -72.92
C SER G 205 94.93 44.46 -72.29
N GLY G 206 94.86 43.72 -71.18
CA GLY G 206 93.59 43.45 -70.51
C GLY G 206 93.10 42.02 -70.70
N ARG G 207 93.89 41.21 -71.40
CA ARG G 207 93.54 39.82 -71.65
C ARG G 207 93.60 38.99 -70.38
N ILE G 208 92.64 38.10 -70.20
CA ILE G 208 92.66 37.17 -69.08
C ILE G 208 92.24 35.76 -69.55
N ASP G 209 93.13 34.79 -69.32
CA ASP G 209 93.00 33.47 -69.93
C ASP G 209 92.99 32.34 -68.89
N VAL G 210 91.95 31.52 -68.94
CA VAL G 210 91.81 30.38 -68.02
C VAL G 210 91.92 29.05 -68.77
N ASN G 211 93.01 28.32 -68.52
CA ASN G 211 93.29 27.04 -69.19
C ASN G 211 93.29 27.15 -70.70
N GLY G 212 93.95 28.17 -71.23
CA GLY G 212 94.09 28.33 -72.66
C GLY G 212 92.87 28.85 -73.38
N VAL G 213 91.78 29.06 -72.65
CA VAL G 213 90.57 29.64 -73.23
C VAL G 213 90.19 30.91 -72.47
N ASP G 214 89.34 31.74 -73.07
CA ASP G 214 88.96 33.02 -72.50
C ASP G 214 88.15 32.84 -71.21
N TYR G 215 88.33 33.77 -70.26
CA TYR G 215 87.69 33.67 -68.96
C TYR G 215 86.16 33.77 -69.07
N LEU G 216 85.68 34.57 -70.02
CA LEU G 216 84.25 34.71 -70.26
C LEU G 216 83.66 33.40 -70.74
N LEU G 217 84.49 32.60 -71.41
CA LEU G 217 84.06 31.28 -71.89
C LEU G 217 84.10 30.22 -70.79
N TYR G 218 85.11 30.31 -69.91
CA TYR G 218 85.29 29.31 -68.86
C TYR G 218 84.43 29.59 -67.61
N PHE G 219 84.04 30.85 -67.42
CA PHE G 219 83.21 31.24 -66.27
C PHE G 219 81.93 31.95 -66.71
N PRO G 220 80.98 31.21 -67.27
CA PRO G 220 79.75 31.79 -67.83
C PRO G 220 78.84 32.36 -66.76
N VAL G 221 79.05 31.98 -65.50
CA VAL G 221 78.29 32.56 -64.41
C VAL G 221 78.92 33.89 -63.98
N THR G 222 78.08 34.91 -63.86
CA THR G 222 78.52 36.26 -63.50
C THR G 222 79.26 36.28 -62.16
N GLN G 223 78.77 35.47 -61.23
CA GLN G 223 79.34 35.31 -59.88
C GLN G 223 80.85 35.08 -59.94
N ASP G 224 81.24 34.13 -60.78
CA ASP G 224 82.61 33.69 -60.91
C ASP G 224 83.54 34.79 -61.45
N ARG G 225 83.11 35.44 -62.53
CA ARG G 225 83.86 36.56 -63.11
C ARG G 225 83.98 37.72 -62.12
N GLU G 226 82.97 37.86 -61.25
CA GLU G 226 82.99 38.89 -60.20
C GLU G 226 84.06 38.60 -59.15
N GLN G 227 84.07 37.35 -58.66
CA GLN G 227 85.12 36.92 -57.73
C GLN G 227 86.49 37.15 -58.36
N LEU G 228 86.58 36.83 -59.64
CA LEU G 228 87.80 37.05 -60.42
C LEU G 228 88.17 38.52 -60.45
N MET G 229 87.14 39.35 -60.46
CA MET G 229 87.30 40.79 -60.63
C MET G 229 87.62 41.48 -59.31
N PHE G 230 87.42 40.78 -58.20
CA PHE G 230 87.62 41.37 -56.89
C PHE G 230 89.03 41.98 -56.69
N PRO G 231 90.11 41.19 -56.82
CA PRO G 231 91.40 41.77 -56.45
C PRO G 231 91.86 42.88 -57.40
N LEU G 232 91.44 42.79 -58.66
CA LEU G 232 91.80 43.79 -59.66
C LEU G 232 90.98 45.07 -59.50
N HIS G 233 89.74 44.95 -59.05
CA HIS G 233 88.92 46.11 -58.71
C HIS G 233 89.44 46.72 -57.42
N PHE G 234 90.13 45.89 -56.66
CA PHE G 234 90.71 46.29 -55.39
C PHE G 234 91.97 47.13 -55.62
N LEU G 235 92.79 46.70 -56.57
CA LEU G 235 94.10 47.31 -56.81
C LEU G 235 94.11 48.39 -57.93
N ASP G 236 92.95 48.69 -58.49
CA ASP G 236 92.78 49.69 -59.56
C ASP G 236 93.62 49.35 -60.81
N ARG G 237 93.94 48.06 -60.93
CA ARG G 237 94.77 47.53 -62.01
C ARG G 237 94.01 46.87 -63.16
N LEU G 238 92.67 47.01 -63.17
CA LEU G 238 91.77 46.18 -63.97
C LEU G 238 92.19 45.89 -65.42
N GLY G 239 92.74 46.88 -66.12
CA GLY G 239 93.18 46.70 -67.49
C GLY G 239 94.69 46.63 -67.72
N LYS G 240 95.45 46.75 -66.64
CA LYS G 240 96.91 46.84 -66.73
C LYS G 240 97.62 45.50 -66.94
N HIS G 241 97.08 44.42 -66.39
CA HIS G 241 97.84 43.16 -66.30
C HIS G 241 97.33 42.04 -67.18
N ASP G 242 98.25 41.17 -67.59
CA ASP G 242 97.90 40.08 -68.52
C ASP G 242 98.11 38.72 -67.86
N MET G 243 97.03 37.99 -67.61
CA MET G 243 97.16 36.74 -66.85
C MET G 243 96.81 35.49 -67.66
N THR G 244 97.70 34.51 -67.60
CA THR G 244 97.43 33.19 -68.14
C THR G 244 97.31 32.23 -66.97
N CYS G 245 96.49 31.20 -67.10
CA CYS G 245 96.17 30.39 -65.94
C CYS G 245 96.08 28.88 -66.19
N ALA G 246 96.28 28.10 -65.13
CA ALA G 246 95.95 26.68 -65.14
C ALA G 246 95.24 26.29 -63.82
N VAL G 247 93.98 25.87 -63.91
CA VAL G 247 93.20 25.52 -62.71
C VAL G 247 92.49 24.17 -62.87
N SER G 248 92.59 23.31 -61.86
CA SER G 248 92.10 21.94 -61.95
C SER G 248 91.37 21.43 -60.71
N GLY G 249 90.39 20.56 -60.93
CA GLY G 249 89.63 19.94 -59.85
C GLY G 249 88.46 20.79 -59.39
N GLY G 250 87.52 20.17 -58.67
CA GLY G 250 86.42 20.91 -58.08
C GLY G 250 85.41 21.52 -59.04
N GLY G 251 84.51 22.34 -58.50
CA GLY G 251 83.43 22.92 -59.26
C GLY G 251 83.71 24.34 -59.70
N ARG G 252 82.72 24.99 -60.30
CA ARG G 252 82.95 26.30 -60.91
C ARG G 252 83.34 27.39 -59.89
N SER G 253 82.60 27.48 -58.79
CA SER G 253 82.87 28.50 -57.77
C SER G 253 84.10 28.13 -56.95
N ALA G 254 84.34 26.83 -56.83
CA ALA G 254 85.55 26.35 -56.17
C ALA G 254 86.76 26.83 -56.93
N GLN G 255 86.74 26.60 -58.24
CA GLN G 255 87.81 27.03 -59.12
C GLN G 255 87.92 28.55 -59.12
N ALA G 256 86.77 29.23 -59.10
CA ALA G 256 86.74 30.69 -59.03
C ALA G 256 87.45 31.19 -57.78
N GLY G 257 87.25 30.47 -56.67
CA GLY G 257 87.90 30.80 -55.42
C GLY G 257 89.40 30.57 -55.53
N ALA G 258 89.77 29.46 -56.14
CA ALA G 258 91.17 29.11 -56.31
C ALA G 258 91.91 30.18 -57.10
N VAL G 259 91.30 30.62 -58.19
CA VAL G 259 91.89 31.63 -59.05
C VAL G 259 91.86 32.99 -58.37
N ARG G 260 90.84 33.23 -57.55
CA ARG G 260 90.77 34.44 -56.75
C ARG G 260 92.02 34.53 -55.87
N LEU G 261 92.32 33.44 -55.17
CA LEU G 261 93.48 33.39 -54.28
C LEU G 261 94.80 33.50 -55.04
N ALA G 262 94.97 32.66 -56.05
CA ALA G 262 96.19 32.64 -56.86
C ALA G 262 96.48 34.02 -57.42
N MET G 263 95.45 34.65 -57.98
CA MET G 263 95.56 36.00 -58.51
C MET G 263 95.98 36.96 -57.41
N ALA G 264 95.32 36.85 -56.27
CA ALA G 264 95.60 37.74 -55.14
C ALA G 264 97.06 37.66 -54.69
N ARG G 265 97.61 36.45 -54.66
CA ARG G 265 99.00 36.25 -54.25
C ARG G 265 99.97 36.66 -55.35
N ALA G 266 99.53 36.51 -56.60
CA ALA G 266 100.36 36.83 -57.76
C ALA G 266 100.36 38.33 -58.07
N LEU G 267 99.43 39.06 -57.46
CA LEU G 267 99.35 40.51 -57.64
C LEU G 267 100.11 41.27 -56.54
N CYS G 268 100.82 40.53 -55.69
CA CYS G 268 101.55 41.13 -54.57
C CYS G 268 103.01 41.47 -54.91
N SER G 269 103.43 41.15 -56.14
CA SER G 269 104.75 41.56 -56.62
C SER G 269 104.79 42.98 -57.17
N PHE G 270 103.73 43.38 -57.88
CA PHE G 270 103.69 44.66 -58.58
C PHE G 270 103.03 45.77 -57.77
N VAL G 271 102.63 45.45 -56.53
CA VAL G 271 101.89 46.41 -55.71
C VAL G 271 102.82 47.03 -54.65
N THR G 272 102.32 48.04 -53.93
CA THR G 272 103.09 48.72 -52.89
C THR G 272 103.06 47.95 -51.56
N GLU G 273 104.06 48.20 -50.71
CA GLU G 273 104.15 47.53 -49.41
C GLU G 273 102.91 47.70 -48.53
N ASP G 274 102.20 48.82 -48.70
CA ASP G 274 101.03 49.10 -47.89
C ASP G 274 99.82 48.30 -48.37
N GLU G 275 99.67 48.19 -49.69
CA GLU G 275 98.51 47.52 -50.28
C GLU G 275 98.52 46.01 -50.05
N VAL G 276 99.67 45.48 -49.64
CA VAL G 276 99.76 44.09 -49.21
C VAL G 276 98.99 43.88 -47.91
N GLU G 277 99.12 44.84 -47.00
CA GLU G 277 98.41 44.78 -45.72
C GLU G 277 96.91 45.03 -45.90
N TRP G 278 96.54 45.78 -46.94
CA TRP G 278 95.15 46.01 -47.27
C TRP G 278 94.52 44.78 -47.93
N MET G 279 95.30 44.08 -48.77
CA MET G 279 94.85 42.81 -49.33
C MET G 279 94.82 41.73 -48.25
N ARG G 280 95.58 41.97 -47.18
CA ARG G 280 95.51 41.14 -45.98
C ARG G 280 94.19 41.37 -45.24
N GLN G 281 93.88 42.62 -44.92
CA GLN G 281 92.70 42.94 -44.13
C GLN G 281 91.41 42.80 -44.93
N ALA G 282 91.53 42.63 -46.25
CA ALA G 282 90.37 42.35 -47.08
C ALA G 282 90.20 40.84 -47.24
N GLY G 283 91.07 40.08 -46.58
CA GLY G 283 91.02 38.63 -46.62
C GLY G 283 91.19 38.07 -48.02
N LEU G 284 92.02 38.74 -48.82
CA LEU G 284 92.35 38.23 -50.15
C LEU G 284 93.43 37.16 -50.11
N LEU G 285 94.41 37.35 -49.24
CA LEU G 285 95.58 36.47 -49.19
C LEU G 285 95.30 35.16 -48.46
N THR G 286 94.19 35.11 -47.73
CA THR G 286 93.88 33.97 -46.86
C THR G 286 93.15 32.84 -47.59
N ALA G 287 93.66 31.61 -47.44
CA ALA G 287 92.97 30.44 -47.97
C ALA G 287 91.65 30.31 -47.23
N ASP G 288 90.66 29.68 -47.86
CA ASP G 288 89.38 29.45 -47.21
C ASP G 288 89.37 28.03 -46.62
N PRO G 289 89.52 27.91 -45.28
CA PRO G 289 89.63 26.65 -44.55
C PRO G 289 88.36 25.79 -44.62
N ARG G 290 87.26 26.35 -45.09
CA ARG G 290 86.01 25.62 -45.09
C ARG G 290 86.10 24.44 -46.06
N VAL G 291 85.95 23.23 -45.50
CA VAL G 291 86.16 21.98 -46.23
C VAL G 291 85.00 21.05 -45.95
N ARG G 292 84.58 20.31 -46.96
CA ARG G 292 83.54 19.32 -46.79
C ARG G 292 83.91 18.37 -45.65
N GLU G 293 82.94 18.13 -44.76
CA GLU G 293 83.13 17.31 -43.56
C GLU G 293 82.75 15.85 -43.79
N ARG G 294 83.49 14.94 -43.17
CA ARG G 294 83.22 13.52 -43.33
C ARG G 294 81.93 13.09 -42.62
N LYS G 295 81.13 12.28 -43.30
CA LYS G 295 79.95 11.65 -42.72
C LYS G 295 80.39 10.73 -41.56
N LYS G 296 79.53 10.54 -40.56
CA LYS G 296 79.86 9.68 -39.43
C LYS G 296 78.94 8.46 -39.40
N PRO G 297 79.47 7.30 -39.00
CA PRO G 297 78.68 6.06 -39.09
C PRO G 297 77.49 6.03 -38.11
N GLY G 298 76.31 5.68 -38.61
CA GLY G 298 75.10 5.73 -37.80
C GLY G 298 74.39 7.06 -37.94
N GLN G 299 75.05 7.99 -38.63
CA GLN G 299 74.48 9.31 -38.91
C GLN G 299 74.19 9.45 -40.39
N GLU G 300 73.76 10.64 -40.80
CA GLU G 300 73.40 10.85 -42.20
C GLU G 300 74.32 11.81 -42.94
N GLY G 301 74.25 13.10 -42.62
CA GLY G 301 74.95 14.11 -43.40
C GLY G 301 76.22 14.67 -42.78
N ALA G 302 76.82 13.90 -41.87
CA ALA G 302 77.95 14.32 -41.02
C ALA G 302 77.48 15.23 -39.90
N ARG G 303 76.26 15.74 -40.02
CA ARG G 303 75.61 16.51 -38.97
C ARG G 303 74.20 16.01 -38.77
N ARG G 304 73.40 16.10 -39.82
CA ARG G 304 72.03 15.62 -39.82
C ARG G 304 71.98 14.18 -39.34
N LYS G 305 71.02 13.90 -38.46
CA LYS G 305 70.89 12.57 -37.85
C LYS G 305 69.54 11.96 -38.16
N PHE G 306 69.46 10.64 -38.00
CA PHE G 306 68.26 9.88 -38.36
C PHE G 306 67.07 10.30 -37.53
N THR G 307 65.89 10.03 -38.06
CA THR G 307 64.65 10.36 -37.38
C THR G 307 64.65 9.68 -36.01
N TRP G 308 64.48 10.49 -34.97
CA TRP G 308 64.65 10.04 -33.60
C TRP G 308 63.29 9.85 -32.96
N LYS G 309 62.99 8.60 -32.61
CA LYS G 309 61.70 8.28 -32.02
C LYS G 309 61.69 8.51 -30.50
N LYS G 310 60.70 9.25 -30.02
CA LYS G 310 60.52 9.44 -28.59
C LYS G 310 59.98 8.14 -28.00
N ARG G 311 59.24 7.39 -28.83
CA ARG G 311 58.69 6.09 -28.44
C ARG G 311 59.42 4.91 -29.11
N PRO H 61 133.37 -17.82 -54.93
CA PRO H 61 132.75 -16.95 -55.94
C PRO H 61 133.14 -17.33 -57.38
N GLU H 62 132.40 -18.26 -57.98
CA GLU H 62 132.66 -18.69 -59.35
C GLU H 62 132.07 -17.73 -60.40
N ILE H 63 132.93 -17.19 -61.25
CA ILE H 63 132.50 -16.27 -62.30
C ILE H 63 132.85 -16.84 -63.68
N THR H 64 131.91 -16.72 -64.62
CA THR H 64 132.09 -17.25 -65.98
C THR H 64 131.60 -16.26 -67.04
N ILE H 65 132.26 -16.22 -68.19
CA ILE H 65 131.88 -15.30 -69.27
C ILE H 65 131.36 -16.03 -70.51
N SER H 66 130.06 -15.93 -70.76
CA SER H 66 129.44 -16.46 -71.97
C SER H 66 129.51 -15.42 -73.08
N ASP H 67 129.78 -15.86 -74.30
CA ASP H 67 130.00 -14.97 -75.43
C ASP H 67 128.75 -14.14 -75.81
N GLU H 68 127.58 -14.60 -75.37
CA GLU H 68 126.31 -13.98 -75.77
C GLU H 68 126.15 -12.54 -75.23
N PRO H 69 125.56 -11.64 -76.06
CA PRO H 69 125.42 -10.19 -75.89
C PRO H 69 124.40 -9.74 -74.83
N ASP H 70 124.86 -9.58 -73.58
CA ASP H 70 124.01 -9.33 -72.40
C ASP H 70 122.96 -8.21 -72.55
N THR H 71 121.77 -8.48 -72.01
CA THR H 71 120.58 -7.62 -72.15
C THR H 71 120.75 -6.21 -71.57
N LEU H 72 120.23 -5.21 -72.27
CA LEU H 72 120.25 -3.83 -71.82
C LEU H 72 118.88 -3.37 -71.32
N TYR H 73 118.85 -2.54 -70.29
CA TYR H 73 117.61 -1.96 -69.77
C TYR H 73 117.65 -0.44 -69.84
N LYS H 74 116.63 0.17 -70.45
CA LYS H 74 116.56 1.62 -70.48
C LYS H 74 116.15 2.19 -69.14
N ARG H 75 115.07 1.65 -68.60
CA ARG H 75 114.56 2.09 -67.31
C ARG H 75 114.14 0.90 -66.43
N LEU H 76 114.82 0.73 -65.31
CA LEU H 76 114.43 -0.27 -64.34
C LEU H 76 113.69 0.41 -63.20
N SER H 77 112.39 0.18 -63.11
CA SER H 77 111.55 0.85 -62.13
C SER H 77 111.13 -0.10 -61.03
N VAL H 78 111.41 0.29 -59.79
CA VAL H 78 111.13 -0.54 -58.63
C VAL H 78 110.16 0.14 -57.68
N LEU H 79 108.99 -0.47 -57.52
CA LEU H 79 107.99 0.01 -56.59
C LEU H 79 108.12 -0.69 -55.24
N VAL H 80 108.30 0.09 -54.18
CA VAL H 80 108.32 -0.44 -52.82
C VAL H 80 107.05 0.03 -52.07
N LYS H 81 106.17 -0.92 -51.79
CA LYS H 81 104.91 -0.71 -51.06
C LYS H 81 105.09 -0.92 -49.56
N GLY H 82 104.39 -0.15 -48.75
CA GLY H 82 104.47 -0.34 -47.31
C GLY H 82 103.26 0.12 -46.53
N HIS H 83 103.26 -0.19 -45.23
CA HIS H 83 102.28 0.37 -44.30
C HIS H 83 102.90 1.60 -43.64
N ASP H 84 104.00 1.35 -42.95
CA ASP H 84 104.77 2.35 -42.24
C ASP H 84 105.67 3.18 -43.16
N LYS H 85 105.92 4.43 -42.76
CA LYS H 85 106.81 5.30 -43.52
C LYS H 85 108.29 5.01 -43.26
N ALA H 86 108.63 4.87 -41.98
CA ALA H 86 110.02 4.78 -41.55
C ALA H 86 110.79 3.68 -42.28
N VAL H 87 110.20 2.50 -42.36
CA VAL H 87 110.86 1.38 -42.98
C VAL H 87 111.20 1.69 -44.43
N LEU H 88 110.28 2.33 -45.13
CA LEU H 88 110.52 2.66 -46.53
C LEU H 88 111.54 3.76 -46.67
N ASP H 89 111.59 4.65 -45.68
CA ASP H 89 112.61 5.69 -45.67
C ASP H 89 114.00 5.07 -45.55
N SER H 90 114.16 4.19 -44.57
CA SER H 90 115.43 3.52 -44.33
C SER H 90 115.83 2.66 -45.53
N TYR H 91 114.85 1.94 -46.07
CA TYR H 91 115.11 1.09 -47.21
C TYR H 91 115.51 1.93 -48.41
N GLU H 92 114.99 3.15 -48.47
CA GLU H 92 115.34 4.08 -49.54
C GLU H 92 116.80 4.47 -49.40
N TYR H 93 117.18 4.81 -48.17
CA TYR H 93 118.57 5.12 -47.87
C TYR H 93 119.47 3.95 -48.31
N PHE H 94 118.98 2.73 -48.05
CA PHE H 94 119.69 1.50 -48.38
C PHE H 94 119.88 1.31 -49.88
N ALA H 95 118.80 1.42 -50.65
CA ALA H 95 118.85 1.21 -52.10
C ALA H 95 119.65 2.32 -52.79
N VAL H 96 119.52 3.54 -52.28
CA VAL H 96 120.30 4.67 -52.80
C VAL H 96 121.79 4.46 -52.58
N LEU H 97 122.15 4.11 -51.35
CA LEU H 97 123.56 3.92 -51.02
C LEU H 97 124.15 2.68 -51.69
N ALA H 98 123.29 1.71 -51.99
CA ALA H 98 123.72 0.48 -52.67
C ALA H 98 123.87 0.72 -54.17
N ALA H 99 123.05 1.61 -54.71
CA ALA H 99 123.08 1.91 -56.14
C ALA H 99 124.07 3.03 -56.46
N LYS H 100 124.58 3.69 -55.43
CA LYS H 100 125.66 4.67 -55.60
C LYS H 100 127.03 3.99 -55.70
N GLU H 101 127.24 2.96 -54.86
CA GLU H 101 128.49 2.21 -54.82
C GLU H 101 128.79 1.51 -56.14
N LEU H 102 127.73 1.02 -56.78
CA LEU H 102 127.83 0.30 -58.05
C LEU H 102 127.73 1.27 -59.23
N GLY H 103 127.64 2.58 -58.92
CA GLY H 103 127.59 3.63 -59.93
C GLY H 103 126.44 3.46 -60.90
N ILE H 104 125.27 3.15 -60.35
CA ILE H 104 124.09 2.78 -61.14
C ILE H 104 123.30 4.01 -61.62
N SER H 105 123.53 5.17 -60.98
CA SER H 105 122.89 6.45 -61.38
C SER H 105 121.36 6.48 -61.34
N ILE H 106 120.79 6.55 -60.14
CA ILE H 106 119.34 6.40 -59.93
C ILE H 106 118.63 7.63 -59.33
N LYS H 107 117.30 7.64 -59.43
CA LYS H 107 116.45 8.63 -58.76
C LYS H 107 115.40 7.94 -57.89
N VAL H 108 114.75 8.68 -56.98
CA VAL H 108 113.68 8.14 -56.14
C VAL H 108 112.54 9.14 -55.97
N HIS H 109 111.30 8.65 -56.03
CA HIS H 109 110.16 9.51 -55.73
C HIS H 109 109.18 8.85 -54.77
N GLU H 110 108.24 9.66 -54.29
CA GLU H 110 107.17 9.18 -53.42
C GLU H 110 105.82 9.27 -54.15
N PRO H 111 105.30 8.12 -54.62
CA PRO H 111 103.93 8.10 -55.17
C PRO H 111 102.90 8.26 -54.05
N PRO H 112 101.91 9.16 -54.23
CA PRO H 112 100.92 9.51 -53.21
C PRO H 112 100.24 8.29 -52.58
N ARG H 113 99.96 8.41 -51.28
CA ARG H 113 99.50 7.29 -50.49
C ARG H 113 98.06 6.93 -50.80
N LYS H 114 97.74 5.66 -50.60
CA LYS H 114 96.38 5.21 -50.81
C LYS H 114 95.82 4.64 -49.52
N ILE H 115 94.64 5.11 -49.13
CA ILE H 115 94.03 4.71 -47.86
C ILE H 115 92.70 4.01 -48.09
N GLU H 116 92.57 2.79 -47.58
CA GLU H 116 91.29 2.11 -47.63
C GLU H 116 90.63 2.09 -46.26
N ARG H 117 89.35 2.45 -46.20
CA ARG H 117 88.61 2.45 -44.94
C ARG H 117 87.33 1.66 -45.05
N PHE H 118 87.18 0.64 -44.20
CA PHE H 118 85.91 -0.09 -44.21
C PHE H 118 85.37 -0.19 -42.79
N THR H 119 84.08 -0.47 -42.68
CA THR H 119 83.40 -0.34 -41.42
C THR H 119 82.69 -1.62 -40.99
N LEU H 120 82.80 -1.94 -39.71
CA LEU H 120 82.11 -3.09 -39.14
C LEU H 120 81.16 -2.65 -38.04
N LEU H 121 80.15 -3.47 -37.77
CA LEU H 121 79.23 -3.18 -36.69
C LEU H 121 79.93 -3.38 -35.35
N LYS H 122 79.72 -2.45 -34.43
CA LYS H 122 80.47 -2.40 -33.17
C LYS H 122 80.11 -3.50 -32.17
N SER H 123 78.88 -4.00 -32.22
CA SER H 123 78.38 -4.94 -31.23
C SER H 123 78.06 -6.32 -31.81
N VAL H 124 78.08 -7.32 -30.95
CA VAL H 124 77.78 -8.69 -31.35
C VAL H 124 76.39 -8.84 -31.92
N HIS H 125 75.38 -8.37 -31.20
CA HIS H 125 74.03 -8.59 -31.70
C HIS H 125 73.42 -7.37 -32.38
N ILE H 126 72.85 -6.41 -31.65
CA ILE H 126 72.27 -5.29 -32.38
C ILE H 126 72.46 -3.91 -31.79
N PHE H 127 73.36 -3.12 -32.37
CA PHE H 127 73.22 -1.67 -32.37
C PHE H 127 73.76 -1.18 -33.69
N LYS H 128 72.90 -0.64 -34.54
CA LYS H 128 73.34 -0.26 -35.88
C LYS H 128 73.64 1.23 -35.97
N LYS H 129 73.50 1.90 -34.83
CA LYS H 129 73.87 3.30 -34.77
C LYS H 129 75.33 3.37 -34.36
N HIS H 130 75.93 2.21 -34.09
CA HIS H 130 77.29 2.20 -33.59
C HIS H 130 78.24 1.38 -34.44
N ARG H 131 79.27 2.04 -34.95
CA ARG H 131 80.16 1.41 -35.90
C ARG H 131 81.63 1.60 -35.59
N VAL H 132 82.39 0.55 -35.83
CA VAL H 132 83.84 0.61 -35.78
C VAL H 132 84.41 0.81 -37.16
N GLN H 133 85.38 1.70 -37.27
CA GLN H 133 85.96 2.00 -38.57
C GLN H 133 87.45 1.63 -38.65
N TYR H 134 87.81 0.68 -39.52
CA TYR H 134 89.20 0.21 -39.65
C TYR H 134 89.86 0.64 -40.94
N GLU H 135 91.18 0.80 -40.87
CA GLU H 135 91.96 1.50 -41.88
C GLU H 135 93.21 0.74 -42.33
N MET H 136 93.49 0.76 -43.62
CA MET H 136 94.75 0.23 -44.13
C MET H 136 95.39 1.25 -45.06
N ARG H 137 96.57 1.71 -44.66
CA ARG H 137 97.32 2.68 -45.44
C ARG H 137 98.44 2.02 -46.21
N THR H 138 98.53 2.29 -47.51
CA THR H 138 99.67 1.85 -48.31
C THR H 138 100.43 3.07 -48.86
N LEU H 139 101.69 3.16 -48.45
CA LEU H 139 102.61 4.23 -48.82
C LEU H 139 103.61 3.72 -49.86
N TYR H 140 104.08 4.63 -50.70
CA TYR H 140 104.93 4.24 -51.83
C TYR H 140 106.33 4.86 -51.85
N ARG H 141 107.27 4.11 -52.40
CA ARG H 141 108.56 4.66 -52.82
C ARG H 141 108.92 4.07 -54.16
N CYS H 142 109.37 4.88 -55.09
CA CYS H 142 109.78 4.31 -56.35
C CYS H 142 111.20 4.68 -56.73
N LEU H 143 111.99 3.64 -56.92
CA LEU H 143 113.35 3.77 -57.41
C LEU H 143 113.33 3.73 -58.93
N GLU H 144 113.93 4.72 -59.56
CA GLU H 144 114.05 4.76 -61.01
C GLU H 144 115.50 4.69 -61.44
N LEU H 145 115.90 3.56 -62.03
CA LEU H 145 117.26 3.41 -62.54
C LEU H 145 117.24 3.60 -64.06
N GLU H 146 118.20 4.33 -64.61
CA GLU H 146 118.26 4.51 -66.06
C GLU H 146 119.63 4.11 -66.60
N HIS H 147 119.61 3.45 -67.76
CA HIS H 147 120.82 2.97 -68.43
C HIS H 147 121.65 1.99 -67.58
N LEU H 148 121.10 0.78 -67.41
CA LEU H 148 121.78 -0.31 -66.71
C LEU H 148 121.87 -1.57 -67.56
N THR H 149 122.76 -2.47 -67.17
CA THR H 149 122.93 -3.74 -67.88
C THR H 149 122.04 -4.82 -67.27
N GLY H 150 122.10 -6.02 -67.85
CA GLY H 150 121.33 -7.15 -67.37
C GLY H 150 121.94 -7.77 -66.12
N SER H 151 123.26 -7.91 -66.14
CA SER H 151 123.99 -8.46 -65.00
C SER H 151 123.96 -7.51 -63.81
N THR H 152 124.21 -6.23 -64.07
CA THR H 152 124.15 -5.20 -63.04
C THR H 152 122.75 -5.20 -62.42
N ALA H 153 121.75 -5.44 -63.26
CA ALA H 153 120.36 -5.55 -62.82
C ALA H 153 120.14 -6.76 -61.91
N ASP H 154 120.60 -7.93 -62.34
CA ASP H 154 120.43 -9.15 -61.56
C ASP H 154 121.11 -9.07 -60.20
N VAL H 155 122.32 -8.51 -60.15
CA VAL H 155 123.04 -8.33 -58.88
C VAL H 155 122.39 -7.30 -57.97
N TYR H 156 122.16 -6.10 -58.48
CA TYR H 156 121.57 -5.03 -57.67
C TYR H 156 120.21 -5.45 -57.12
N LEU H 157 119.40 -6.08 -57.97
CA LEU H 157 118.07 -6.51 -57.54
C LEU H 157 118.14 -7.75 -56.65
N GLU H 158 119.19 -8.56 -56.79
CA GLU H 158 119.41 -9.65 -55.84
C GLU H 158 119.66 -9.08 -54.44
N TYR H 159 120.61 -8.15 -54.36
CA TYR H 159 121.00 -7.53 -53.09
C TYR H 159 119.85 -6.76 -52.46
N ILE H 160 119.11 -6.03 -53.29
CA ILE H 160 117.97 -5.28 -52.82
C ILE H 160 116.86 -6.22 -52.36
N GLN H 161 116.65 -7.33 -53.07
CA GLN H 161 115.53 -8.23 -52.75
C GLN H 161 115.75 -9.16 -51.55
N ARG H 162 116.96 -9.69 -51.39
CA ARG H 162 117.22 -10.61 -50.29
C ARG H 162 116.96 -9.98 -48.93
N ASN H 163 117.19 -8.67 -48.85
CA ASN H 163 117.11 -7.94 -47.59
C ASN H 163 115.75 -7.26 -47.34
N LEU H 164 114.80 -7.48 -48.25
CA LEU H 164 113.51 -6.79 -48.20
C LEU H 164 112.73 -7.08 -46.90
N PRO H 165 112.32 -6.02 -46.19
CA PRO H 165 111.57 -6.12 -44.93
C PRO H 165 110.28 -6.92 -45.06
N GLU H 166 109.80 -7.34 -43.91
CA GLU H 166 108.68 -8.28 -43.77
C GLU H 166 107.31 -7.68 -44.06
N GLY H 167 107.15 -6.40 -43.77
CA GLY H 167 105.86 -5.74 -43.96
C GLY H 167 105.72 -5.12 -45.33
N VAL H 168 106.82 -5.07 -46.07
CA VAL H 168 106.83 -4.37 -47.36
C VAL H 168 106.91 -5.34 -48.55
N ALA H 169 106.29 -4.95 -49.66
CA ALA H 169 106.27 -5.73 -50.90
C ALA H 169 106.93 -4.95 -52.03
N MET H 170 107.37 -5.65 -53.08
CA MET H 170 108.11 -4.98 -54.15
C MET H 170 107.69 -5.41 -55.56
N GLU H 171 107.41 -4.42 -56.40
CA GLU H 171 106.99 -4.66 -57.77
C GLU H 171 107.94 -3.98 -58.75
N VAL H 172 108.58 -4.76 -59.61
CA VAL H 172 109.56 -4.22 -60.53
C VAL H 172 109.12 -4.30 -61.98
N THR H 173 109.17 -3.16 -62.67
CA THR H 173 108.91 -3.13 -64.10
C THR H 173 110.19 -2.78 -64.86
N LYS H 174 110.60 -3.68 -65.75
CA LYS H 174 111.81 -3.50 -66.52
C LYS H 174 111.48 -3.22 -67.98
N THR H 175 111.94 -2.09 -68.50
CA THR H 175 111.83 -1.87 -69.93
C THR H 175 113.19 -2.15 -70.58
N LYS H 176 113.22 -3.24 -71.34
CA LYS H 176 114.44 -3.81 -71.90
C LYS H 176 114.58 -3.46 -73.39
N LEU H 177 115.81 -3.17 -73.80
CA LEU H 177 116.07 -2.64 -75.15
C LEU H 177 116.40 -3.73 -76.17
N GLU H 178 115.52 -3.90 -77.15
CA GLU H 178 115.76 -4.80 -78.28
C GLU H 178 115.77 -4.01 -79.57
N GLN H 179 116.77 -4.28 -80.42
CA GLN H 179 116.89 -3.58 -81.69
C GLN H 179 115.66 -3.75 -82.59
N LEU H 180 115.59 -4.88 -83.29
CA LEU H 180 114.42 -5.29 -84.07
C LEU H 180 114.41 -6.83 -84.17
N PRO H 181 113.24 -7.44 -84.40
CA PRO H 181 113.13 -8.88 -84.71
C PRO H 181 113.58 -9.22 -86.14
N GLU H 182 113.80 -10.50 -86.43
CA GLU H 182 114.47 -10.93 -87.68
C GLU H 182 113.60 -10.93 -88.94
N HIS H 183 112.34 -11.36 -88.83
CA HIS H 183 111.48 -11.45 -90.01
C HIS H 183 111.00 -10.07 -90.44
N ILE H 184 111.21 -9.09 -89.57
CA ILE H 184 110.83 -7.71 -89.85
C ILE H 184 111.97 -6.83 -90.39
N ARG H 185 113.22 -7.33 -90.42
CA ARG H 185 114.40 -6.45 -90.47
C ARG H 185 114.41 -5.45 -91.62
N LYS H 186 114.77 -5.88 -92.83
CA LYS H 186 114.24 -5.25 -94.04
C LYS H 186 113.89 -6.27 -95.14
N PRO H 187 113.15 -7.35 -94.82
CA PRO H 187 112.41 -8.02 -95.89
C PRO H 187 111.03 -7.40 -96.11
N ILE H 188 110.46 -7.59 -97.29
CA ILE H 188 109.01 -7.40 -97.46
C ILE H 188 108.45 -8.70 -98.04
N TRP H 189 107.69 -9.41 -97.20
CA TRP H 189 107.26 -10.79 -97.44
C TRP H 189 108.27 -11.60 -98.27
N SER I 1 65.01 78.99 1.42
CA SER I 1 63.81 78.25 1.76
C SER I 1 62.69 78.46 0.73
N PHE I 2 62.67 77.61 -0.30
CA PHE I 2 61.72 77.77 -1.41
C PHE I 2 60.83 76.52 -1.65
N SER I 3 59.56 76.78 -1.96
CA SER I 3 58.54 75.75 -2.17
C SER I 3 58.42 74.76 -1.02
N ILE I 4 58.02 75.26 0.15
CA ILE I 4 57.58 74.38 1.23
C ILE I 4 56.14 73.99 0.92
N TYR I 5 55.95 72.70 0.73
CA TYR I 5 54.80 72.08 0.10
C TYR I 5 53.41 72.39 0.71
N PRO I 6 53.27 72.36 2.05
CA PRO I 6 51.92 72.51 2.61
C PRO I 6 51.36 73.94 2.76
N PRO I 7 50.68 74.50 1.74
CA PRO I 7 50.17 75.86 1.93
C PRO I 7 49.01 75.93 2.95
N ILE I 8 49.11 76.86 3.90
CA ILE I 8 48.20 76.92 5.06
C ILE I 8 46.86 77.60 4.68
N PRO I 9 45.75 77.14 5.27
CA PRO I 9 44.44 77.82 5.13
C PRO I 9 44.44 79.27 5.64
N GLY I 10 45.32 79.62 6.57
CA GLY I 10 45.50 81.00 6.99
C GLY I 10 46.00 81.81 5.81
N GLN I 11 45.82 83.12 5.84
CA GLN I 11 46.11 83.96 4.67
C GLN I 11 47.55 84.52 4.66
N GLU I 12 48.38 84.05 5.60
CA GLU I 12 49.78 84.44 5.68
C GLU I 12 50.55 84.32 4.35
N ASN I 13 50.12 83.38 3.50
CA ASN I 13 50.81 83.13 2.22
C ASN I 13 50.07 83.68 1.00
N SER I 14 50.80 84.34 0.12
CA SER I 14 50.26 84.69 -1.18
C SER I 14 51.04 83.99 -2.29
N LEU I 15 50.41 82.98 -2.88
CA LEU I 15 50.94 82.33 -4.06
C LEU I 15 49.77 81.99 -4.98
N ARG I 16 49.81 82.49 -6.22
CA ARG I 16 48.66 82.34 -7.12
C ARG I 16 48.99 81.70 -8.46
N TRP I 17 48.27 80.62 -8.79
CA TRP I 17 48.32 80.02 -10.12
C TRP I 17 46.97 80.29 -10.80
N ALA I 18 47.02 80.94 -11.96
CA ALA I 18 45.82 81.47 -12.62
C ALA I 18 45.10 82.47 -11.70
N GLY I 19 45.87 83.12 -10.83
CA GLY I 19 45.37 84.20 -10.00
C GLY I 19 44.62 83.73 -8.76
N LYS I 20 44.19 82.48 -8.80
CA LYS I 20 43.40 81.88 -7.74
C LYS I 20 44.27 81.39 -6.60
N LYS I 21 43.74 81.50 -5.38
CA LYS I 21 44.41 80.96 -4.20
C LYS I 21 44.46 79.44 -4.33
N PHE I 22 45.34 78.81 -3.57
CA PHE I 22 45.44 77.35 -3.55
C PHE I 22 44.07 76.73 -3.28
N GLU I 23 43.25 77.45 -2.53
CA GLU I 23 41.96 76.95 -2.08
C GLU I 23 40.89 77.00 -3.18
N GLU I 24 41.14 77.81 -4.21
CA GLU I 24 40.17 77.97 -5.29
C GLU I 24 40.42 77.04 -6.48
N ILE I 25 41.57 76.37 -6.47
CA ILE I 25 41.99 75.51 -7.57
C ILE I 25 41.24 74.18 -7.56
N PRO I 26 40.47 73.90 -8.63
CA PRO I 26 39.67 72.66 -8.76
C PRO I 26 40.48 71.36 -8.56
N ILE I 27 39.92 70.46 -7.76
CA ILE I 27 40.55 69.19 -7.38
C ILE I 27 40.50 68.14 -8.47
N ALA I 28 41.41 67.17 -8.39
CA ALA I 28 41.27 65.96 -9.17
C ALA I 28 41.30 64.73 -8.26
N HIS I 29 40.18 64.04 -8.18
CA HIS I 29 40.06 62.84 -7.36
C HIS I 29 40.38 61.61 -8.19
N ILE I 30 41.50 60.95 -7.88
CA ILE I 30 41.86 59.75 -8.62
C ILE I 30 41.75 58.50 -7.77
N LYS I 31 40.77 57.65 -8.06
CA LYS I 31 40.63 56.38 -7.34
C LYS I 31 41.37 55.29 -8.09
N ALA I 32 42.44 54.77 -7.49
CA ALA I 32 43.18 53.66 -8.09
C ALA I 32 42.96 52.41 -7.27
N SER I 33 42.19 51.49 -7.83
CA SER I 33 41.89 50.21 -7.20
C SER I 33 42.58 49.14 -8.01
N TYR I 34 42.86 48.02 -7.35
CA TYR I 34 43.53 46.91 -7.98
C TYR I 34 42.86 46.52 -9.31
N ASN I 35 41.53 46.67 -9.36
CA ASN I 35 40.78 46.38 -10.58
C ASN I 35 40.41 47.56 -11.49
N ASN I 36 40.72 48.79 -11.08
CA ASN I 36 40.25 49.97 -11.82
C ASN I 36 41.03 51.27 -11.56
N THR I 37 40.82 52.29 -12.39
CA THR I 37 41.15 53.67 -12.01
C THR I 37 40.10 54.64 -12.57
N GLN I 38 39.59 55.52 -11.71
CA GLN I 38 38.62 56.51 -12.18
C GLN I 38 38.91 57.92 -11.64
N ILE I 39 39.00 58.87 -12.58
CA ILE I 39 39.37 60.26 -12.31
C ILE I 39 38.16 61.19 -12.38
N GLN I 40 37.99 62.01 -11.35
CA GLN I 40 36.94 63.03 -11.36
C GLN I 40 37.47 64.41 -10.97
N VAL I 41 37.48 65.34 -11.93
CA VAL I 41 37.95 66.70 -11.66
C VAL I 41 36.77 67.57 -11.27
N VAL I 42 36.86 68.12 -10.07
CA VAL I 42 35.74 68.82 -9.44
C VAL I 42 36.13 70.25 -9.07
N SER I 43 35.14 71.13 -8.93
CA SER I 43 35.40 72.50 -8.50
C SER I 43 35.88 72.54 -7.05
N ALA I 44 36.47 73.66 -6.66
CA ALA I 44 36.77 73.91 -5.25
C ALA I 44 35.45 73.92 -4.46
N ALA I 45 34.37 74.26 -5.15
CA ALA I 45 33.02 74.29 -4.59
C ALA I 45 32.31 72.95 -4.75
N HIS I 46 33.05 71.95 -5.23
CA HIS I 46 32.64 70.56 -5.26
C HIS I 46 31.44 70.30 -6.18
N GLN I 47 31.51 70.87 -7.39
CA GLN I 47 30.62 70.55 -8.50
C GLN I 47 31.43 69.89 -9.61
N PRO I 48 31.08 68.65 -9.97
CA PRO I 48 31.93 67.86 -10.90
C PRO I 48 32.03 68.42 -12.32
N LEU I 49 33.26 68.67 -12.76
CA LEU I 49 33.50 69.14 -14.12
C LEU I 49 33.95 68.05 -15.08
N ALA I 50 34.43 66.93 -14.56
CA ALA I 50 34.80 65.81 -15.43
C ALA I 50 34.79 64.48 -14.71
N HIS I 51 34.42 63.44 -15.44
CA HIS I 51 34.51 62.07 -14.95
C HIS I 51 34.96 61.12 -16.06
N ALA I 52 36.02 60.36 -15.80
CA ALA I 52 36.51 59.39 -16.76
C ALA I 52 37.00 58.14 -16.05
N SER I 53 36.62 56.99 -16.59
CA SER I 53 36.96 55.73 -15.98
C SER I 53 37.71 54.88 -16.98
N CYS I 54 38.35 53.83 -16.49
CA CYS I 54 38.97 52.85 -17.37
C CYS I 54 37.91 52.04 -18.13
N GLY I 55 36.73 51.89 -17.52
CA GLY I 55 35.64 51.14 -18.12
C GLY I 55 34.76 52.01 -18.99
N THR I 56 34.83 53.31 -18.77
CA THR I 56 34.15 54.29 -19.60
C THR I 56 35.08 54.70 -20.74
N GLU I 57 36.32 54.19 -20.68
CA GLU I 57 37.37 54.50 -21.65
C GLU I 57 37.44 53.53 -22.84
N GLY I 58 36.68 52.43 -22.77
CA GLY I 58 36.69 51.42 -23.80
C GLY I 58 37.45 50.14 -23.48
N PHE I 59 37.86 50.00 -22.23
CA PHE I 59 38.53 48.77 -21.81
C PHE I 59 37.52 47.83 -21.19
N ARG I 60 37.99 46.67 -20.71
CA ARG I 60 37.09 45.68 -20.11
C ARG I 60 37.73 45.01 -18.89
N ASN I 61 37.05 43.98 -18.39
CA ASN I 61 37.25 43.45 -17.04
C ASN I 61 38.68 43.21 -16.55
N ALA I 62 39.56 42.76 -17.43
CA ALA I 62 40.94 42.52 -17.01
C ALA I 62 41.80 43.74 -17.23
N LYS I 63 42.08 44.03 -18.49
CA LYS I 63 43.10 44.99 -18.86
C LYS I 63 42.78 46.40 -18.38
N LYS I 64 41.56 46.61 -17.92
CA LYS I 64 41.17 47.91 -17.41
C LYS I 64 41.89 48.22 -16.11
N GLY I 65 42.48 47.19 -15.51
CA GLY I 65 43.26 47.39 -14.30
C GLY I 65 44.63 47.95 -14.60
N THR I 66 45.08 47.72 -15.82
CA THR I 66 46.46 48.02 -16.21
C THR I 66 46.77 49.53 -16.21
N GLY I 67 48.05 49.88 -16.17
CA GLY I 67 48.49 51.28 -16.13
C GLY I 67 48.28 52.06 -17.42
N ILE I 68 48.40 51.36 -18.54
CA ILE I 68 48.08 51.91 -19.85
C ILE I 68 46.67 52.55 -19.80
N ALA I 69 45.70 51.82 -19.27
CA ALA I 69 44.33 52.31 -19.21
C ALA I 69 44.17 53.45 -18.19
N ALA I 70 45.12 53.56 -17.26
CA ALA I 70 45.09 54.63 -16.26
C ALA I 70 45.55 55.95 -16.87
N GLN I 71 46.64 55.91 -17.65
CA GLN I 71 47.05 57.12 -18.34
C GLN I 71 46.02 57.44 -19.42
N THR I 72 45.37 56.39 -19.93
CA THR I 72 44.33 56.53 -20.94
C THR I 72 43.08 57.25 -20.42
N ALA I 73 42.65 56.93 -19.21
CA ALA I 73 41.54 57.68 -18.62
C ALA I 73 42.03 59.06 -18.18
N GLY I 74 43.32 59.13 -17.82
CA GLY I 74 43.97 60.39 -17.53
C GLY I 74 43.81 61.44 -18.63
N ILE I 75 44.16 61.07 -19.85
CA ILE I 75 44.10 62.00 -20.98
C ILE I 75 42.68 62.50 -21.29
N ALA I 76 41.74 61.59 -21.50
CA ALA I 76 40.37 61.97 -21.84
C ALA I 76 39.70 62.75 -20.70
N ALA I 77 40.06 62.41 -19.46
CA ALA I 77 39.59 63.18 -18.31
C ALA I 77 40.12 64.62 -18.34
N ALA I 78 41.42 64.74 -18.56
CA ALA I 78 42.06 66.05 -18.64
C ALA I 78 41.55 66.90 -19.82
N ALA I 79 41.08 66.23 -20.88
CA ALA I 79 40.51 66.92 -22.05
C ALA I 79 39.06 67.41 -21.81
N LYS I 80 38.23 66.54 -21.23
CA LYS I 80 36.85 66.92 -20.88
C LYS I 80 36.82 67.97 -19.77
N ALA I 81 37.86 67.98 -18.95
CA ALA I 81 38.03 69.02 -17.94
C ALA I 81 38.58 70.30 -18.56
N THR I 82 39.53 70.16 -19.49
CA THR I 82 40.09 71.30 -20.23
C THR I 82 39.01 72.08 -20.99
N GLY I 83 38.07 71.35 -21.59
CA GLY I 83 36.98 71.96 -22.34
C GLY I 83 36.06 72.88 -21.54
N LYS I 84 35.98 72.63 -20.23
CA LYS I 84 35.20 73.47 -19.31
C LYS I 84 36.07 74.53 -18.63
N GLY I 85 37.30 74.67 -19.11
CA GLY I 85 38.19 75.72 -18.64
C GLY I 85 38.76 75.53 -17.26
N VAL I 86 39.46 74.42 -17.06
CA VAL I 86 40.32 74.29 -15.89
C VAL I 86 41.78 74.09 -16.31
N THR I 87 42.61 75.04 -15.91
CA THR I 87 44.05 74.99 -16.16
C THR I 87 44.79 74.11 -15.18
N HIS I 88 44.47 74.29 -13.90
CA HIS I 88 45.26 73.69 -12.84
C HIS I 88 44.49 72.62 -12.09
N VAL I 89 45.24 71.71 -11.47
CA VAL I 89 44.67 70.70 -10.61
C VAL I 89 45.58 70.38 -9.42
N ARG I 90 44.96 70.37 -8.23
CA ARG I 90 45.55 69.79 -7.05
C ARG I 90 44.97 68.39 -6.89
N VAL I 91 45.83 67.39 -6.73
CA VAL I 91 45.41 66.00 -6.86
C VAL I 91 45.30 65.28 -5.52
N VAL I 92 44.31 64.40 -5.43
CA VAL I 92 44.17 63.51 -4.29
C VAL I 92 43.95 62.09 -4.78
N VAL I 93 44.82 61.19 -4.36
CA VAL I 93 44.79 59.82 -4.84
C VAL I 93 44.24 58.87 -3.78
N LYS I 94 43.04 58.37 -4.04
CA LYS I 94 42.39 57.41 -3.16
C LYS I 94 42.70 55.98 -3.59
N GLY I 95 43.44 55.27 -2.73
CA GLY I 95 43.80 53.90 -3.01
C GLY I 95 45.22 53.74 -3.50
N LEU I 96 45.80 52.59 -3.21
CA LEU I 96 47.13 52.26 -3.65
C LEU I 96 47.00 51.12 -4.64
N GLY I 97 47.21 51.42 -5.92
CA GLY I 97 46.86 50.47 -6.96
C GLY I 97 47.66 50.64 -8.24
N PRO I 98 47.29 49.86 -9.27
CA PRO I 98 48.04 49.81 -10.54
C PRO I 98 48.00 51.14 -11.28
N GLY I 99 46.96 51.92 -11.03
CA GLY I 99 46.71 53.11 -11.81
C GLY I 99 47.11 54.45 -11.21
N ARG I 100 47.75 54.41 -10.05
CA ARG I 100 48.18 55.65 -9.37
C ARG I 100 49.12 56.51 -10.22
N LEU I 101 50.36 56.07 -10.36
CA LEU I 101 51.38 56.88 -11.04
C LEU I 101 51.01 57.09 -12.50
N SER I 102 50.44 56.05 -13.10
CA SER I 102 50.05 56.09 -14.51
C SER I 102 49.01 57.18 -14.79
N ALA I 103 47.96 57.25 -13.97
CA ALA I 103 46.95 58.29 -14.18
C ALA I 103 47.48 59.68 -13.78
N ILE I 104 48.39 59.75 -12.81
CA ILE I 104 48.92 61.06 -12.41
C ILE I 104 49.85 61.68 -13.46
N LYS I 105 50.61 60.85 -14.18
CA LYS I 105 51.36 61.39 -15.30
C LYS I 105 50.42 61.59 -16.49
N GLY I 106 49.40 60.72 -16.54
CA GLY I 106 48.41 60.72 -17.61
C GLY I 106 47.54 61.96 -17.68
N LEU I 107 47.39 62.64 -16.55
CA LEU I 107 46.72 63.94 -16.54
C LEU I 107 47.58 65.00 -17.22
N THR I 108 48.84 65.15 -16.78
CA THR I 108 49.74 66.16 -17.34
C THR I 108 50.00 65.91 -18.82
N MET I 109 49.87 64.64 -19.21
CA MET I 109 50.07 64.20 -20.60
C MET I 109 48.90 64.59 -21.52
N GLY I 110 47.71 64.73 -20.94
CA GLY I 110 46.54 65.13 -21.68
C GLY I 110 46.32 66.64 -21.67
N GLY I 111 47.39 67.39 -21.42
CA GLY I 111 47.35 68.85 -21.45
C GLY I 111 46.61 69.46 -20.28
N LEU I 112 46.98 69.06 -19.07
CA LEU I 112 46.46 69.66 -17.84
C LEU I 112 47.62 69.86 -16.88
N GLU I 113 47.48 70.78 -15.94
CA GLU I 113 48.59 71.13 -15.06
C GLU I 113 48.41 70.57 -13.67
N VAL I 114 49.50 70.07 -13.07
CA VAL I 114 49.45 69.55 -11.71
C VAL I 114 50.27 70.42 -10.77
N ILE I 115 49.70 70.71 -9.60
CA ILE I 115 50.41 71.51 -8.59
C ILE I 115 50.60 70.75 -7.28
N SER I 116 49.51 70.34 -6.65
CA SER I 116 49.57 69.61 -5.40
C SER I 116 49.27 68.13 -5.56
N ILE I 117 50.03 67.29 -4.87
CA ILE I 117 49.66 65.89 -4.74
C ILE I 117 49.53 65.51 -3.28
N THR I 118 48.31 65.17 -2.90
CA THR I 118 48.07 64.66 -1.57
C THR I 118 47.50 63.26 -1.66
N ASP I 119 47.64 62.51 -0.58
CA ASP I 119 47.10 61.17 -0.53
C ASP I 119 46.00 61.07 0.50
N ASN I 120 44.79 60.86 0.01
CA ASN I 120 43.73 60.39 0.88
C ASN I 120 43.56 58.90 0.61
N THR I 121 44.14 58.09 1.49
CA THR I 121 43.97 56.66 1.46
C THR I 121 43.23 56.30 2.73
N PRO I 122 42.13 55.53 2.62
CA PRO I 122 41.50 55.07 3.86
C PRO I 122 42.52 54.35 4.76
N ILE I 123 42.66 54.81 5.99
CA ILE I 123 43.63 54.23 6.91
C ILE I 123 42.97 53.94 8.23
N PRO I 124 42.33 52.77 8.34
CA PRO I 124 41.67 52.42 9.59
C PRO I 124 42.66 52.42 10.76
N HIS I 125 42.25 53.05 11.85
CA HIS I 125 42.97 53.07 13.12
C HIS I 125 42.53 51.89 13.96
N ASN I 126 42.09 50.85 13.23
CA ASN I 126 41.26 49.72 13.62
C ASN I 126 39.79 50.02 13.79
N GLY I 127 39.20 50.28 12.63
CA GLY I 127 37.79 50.12 12.34
C GLY I 127 37.60 48.74 11.74
N CYS I 128 36.72 48.62 10.75
CA CYS I 128 36.18 47.35 10.23
C CYS I 128 37.16 46.21 9.94
N ARG I 129 36.74 44.99 10.28
CA ARG I 129 37.46 43.75 9.98
C ARG I 129 37.47 43.43 8.49
N PRO I 130 38.66 43.43 7.88
CA PRO I 130 38.79 43.13 6.45
C PRO I 130 38.63 41.65 6.16
N ARG I 131 38.28 41.30 4.93
CA ARG I 131 37.93 39.93 4.60
C ARG I 131 39.13 39.01 4.71
N LYS I 132 38.86 37.71 4.85
CA LYS I 132 39.89 36.71 5.07
C LYS I 132 40.91 36.69 3.94
N ALA I 133 42.15 36.41 4.30
CA ALA I 133 43.23 36.27 3.34
C ALA I 133 42.95 35.07 2.47
N ARG I 134 43.50 35.04 1.26
CA ARG I 134 43.13 33.96 0.38
C ARG I 134 44.25 33.00 0.06
N ARG I 135 44.21 31.87 0.76
CA ARG I 135 44.60 30.56 0.26
C ARG I 135 43.60 29.52 0.79
N LEU I 136 43.50 29.45 2.13
CA LEU I 136 42.45 28.73 2.91
C LEU I 136 41.39 27.90 2.19
N ALA J 1 61.07 7.41 42.31
CA ALA J 1 60.58 8.74 42.67
C ALA J 1 61.25 9.24 43.95
N THR J 2 60.52 10.02 44.74
CA THR J 2 61.03 10.40 46.05
C THR J 2 60.73 9.28 47.03
N LEU J 3 61.23 9.39 48.25
CA LEU J 3 61.13 8.27 49.18
C LEU J 3 59.71 8.08 49.66
N ASN J 4 59.11 9.17 50.12
CA ASN J 4 57.76 9.14 50.63
C ASN J 4 56.83 8.53 49.60
N GLN J 5 57.07 8.87 48.35
CA GLN J 5 56.25 8.38 47.26
C GLN J 5 56.43 6.89 47.10
N MET J 6 57.68 6.42 47.25
CA MET J 6 57.95 5.00 47.12
C MET J 6 57.40 4.24 48.31
N HIS J 7 57.14 4.96 49.40
CA HIS J 7 56.56 4.38 50.60
C HIS J 7 55.07 4.23 50.46
N ARG J 8 54.44 5.23 49.86
CA ARG J 8 53.00 5.23 49.70
C ARG J 8 52.57 4.10 48.76
N LEU J 9 53.36 3.85 47.73
CA LEU J 9 53.07 2.79 46.76
C LEU J 9 53.83 1.48 47.02
N GLY J 10 54.71 1.49 48.03
CA GLY J 10 55.46 0.31 48.39
C GLY J 10 56.40 -0.19 47.31
N PRO J 11 56.86 -1.45 47.43
CA PRO J 11 57.75 -2.06 46.44
C PRO J 11 56.97 -2.51 45.23
N PRO J 12 57.65 -2.60 44.07
CA PRO J 12 57.07 -3.18 42.85
C PRO J 12 56.89 -4.70 42.93
N LYS J 13 55.72 -5.16 42.51
CA LYS J 13 55.45 -6.58 42.45
C LYS J 13 55.35 -6.97 40.98
N HIS J 14 55.71 -8.22 40.69
CA HIS J 14 55.60 -8.73 39.32
C HIS J 14 54.28 -9.44 39.11
N PRO J 15 53.56 -9.05 38.06
CA PRO J 15 52.18 -9.43 37.74
C PRO J 15 52.00 -10.92 37.48
N PRO J 16 50.97 -11.52 38.12
CA PRO J 16 50.63 -12.94 37.92
C PRO J 16 50.38 -13.26 36.44
N GLY J 17 50.67 -14.50 36.07
CA GLY J 17 50.74 -14.88 34.68
C GLY J 17 49.45 -14.89 33.92
N LYS J 18 49.53 -14.44 32.66
CA LYS J 18 48.41 -14.57 31.74
C LYS J 18 48.49 -15.93 31.07
N MET J 19 47.47 -16.74 31.28
CA MET J 19 47.45 -18.09 30.77
C MET J 19 47.29 -18.13 29.25
N GLY J 20 47.83 -19.18 28.64
CA GLY J 20 47.76 -19.35 27.20
C GLY J 20 46.44 -19.91 26.73
N PRO J 21 46.43 -20.50 25.53
CA PRO J 21 45.25 -21.06 24.89
C PRO J 21 44.76 -22.29 25.61
N THR J 22 45.72 -22.96 26.23
CA THR J 22 45.49 -24.22 26.89
C THR J 22 45.02 -23.99 28.32
N ALA J 23 45.00 -22.74 28.73
CA ALA J 23 44.52 -22.34 30.05
C ALA J 23 45.25 -23.05 31.19
N GLY J 24 46.58 -22.99 31.17
CA GLY J 24 47.37 -23.49 32.28
C GLY J 24 47.71 -24.97 32.20
N ARG J 25 47.00 -25.70 31.34
CA ARG J 25 47.18 -27.13 31.21
C ARG J 25 48.26 -27.43 30.16
N PRO J 26 49.16 -28.40 30.45
CA PRO J 26 50.23 -28.71 29.49
C PRO J 26 49.71 -29.35 28.20
N GLN J 27 48.65 -30.17 28.26
CA GLN J 27 47.96 -30.62 27.04
C GLN J 27 46.45 -30.67 27.24
N LEU J 28 45.74 -31.04 26.18
CA LEU J 28 44.28 -31.10 26.24
C LEU J 28 43.70 -32.16 25.30
N LYS J 29 42.54 -32.72 25.65
CA LYS J 29 41.81 -33.58 24.73
C LYS J 29 40.99 -32.73 23.76
N GLY J 30 40.75 -33.25 22.56
CA GLY J 30 39.90 -32.54 21.63
C GLY J 30 39.18 -33.41 20.64
N VAL J 31 38.03 -32.91 20.18
CA VAL J 31 37.22 -33.59 19.19
C VAL J 31 37.06 -32.71 17.95
N VAL J 32 37.56 -33.22 16.82
CA VAL J 32 37.58 -32.49 15.55
C VAL J 32 36.16 -32.13 15.05
N LEU J 33 36.05 -30.99 14.37
CA LEU J 33 34.79 -30.57 13.75
C LEU J 33 34.89 -30.57 12.22
N ARG J 34 35.74 -29.71 11.66
CA ARG J 34 36.05 -29.75 10.23
C ARG J 34 37.53 -29.52 9.95
N THR J 35 38.13 -30.41 9.17
CA THR J 35 39.51 -30.20 8.71
C THR J 35 39.49 -29.22 7.56
N PHE J 36 40.42 -28.28 7.57
CA PHE J 36 40.50 -27.33 6.47
C PHE J 36 41.91 -26.79 6.34
N ILE J 37 42.06 -25.72 5.57
CA ILE J 37 43.37 -25.20 5.21
C ILE J 37 43.44 -23.68 5.33
N ARG J 38 44.54 -23.13 5.83
CA ARG J 38 44.67 -21.68 5.95
C ARG J 38 45.97 -21.12 5.35
N LYS J 39 45.88 -19.86 4.90
CA LYS J 39 46.97 -19.18 4.22
C LYS J 39 47.83 -18.35 5.18
N PRO J 40 49.16 -18.48 5.07
CA PRO J 40 50.19 -17.88 5.92
C PRO J 40 50.25 -16.37 5.81
N LYS J 41 51.01 -15.73 6.71
CA LYS J 41 51.23 -14.28 6.65
C LYS J 41 52.06 -13.91 5.44
N LYS J 42 52.39 -12.63 5.30
CA LYS J 42 52.83 -12.10 4.02
C LYS J 42 54.14 -12.61 3.39
N PRO J 43 55.31 -12.41 4.04
CA PRO J 43 56.59 -12.51 3.30
C PRO J 43 56.87 -13.89 2.75
N ASN J 44 56.15 -14.87 3.29
CA ASN J 44 56.25 -16.24 2.82
C ASN J 44 54.84 -16.74 2.45
N SER J 45 54.75 -17.83 1.71
CA SER J 45 53.46 -18.37 1.28
C SER J 45 53.43 -19.90 1.17
N ALA J 46 52.30 -20.46 1.58
CA ALA J 46 52.03 -21.89 1.47
C ALA J 46 50.53 -22.07 1.67
N ASN J 47 50.08 -23.30 1.86
CA ASN J 47 48.75 -23.53 2.44
C ASN J 47 48.82 -24.66 3.50
N ARG J 48 48.49 -24.32 4.75
CA ARG J 48 48.69 -25.27 5.85
C ARG J 48 47.43 -26.05 6.19
N LYS J 49 47.63 -27.33 6.52
CA LYS J 49 46.53 -28.20 6.94
C LYS J 49 46.23 -27.95 8.43
N CYS J 50 44.97 -27.62 8.70
CA CYS J 50 44.55 -27.11 9.99
C CYS J 50 43.23 -27.73 10.45
N CYS J 51 42.94 -27.61 11.74
CA CYS J 51 41.77 -28.25 12.29
C CYS J 51 41.03 -27.46 13.35
N ARG J 52 39.78 -27.88 13.58
CA ARG J 52 38.91 -27.24 14.55
C ARG J 52 38.51 -28.26 15.59
N VAL J 53 38.70 -27.95 16.87
CA VAL J 53 38.37 -28.92 17.91
C VAL J 53 37.54 -28.35 19.05
N ARG J 54 36.78 -29.22 19.71
CA ARG J 54 36.18 -28.90 20.99
C ARG J 54 37.01 -29.53 22.08
N LEU J 55 37.10 -28.86 23.22
CA LEU J 55 38.01 -29.29 24.27
C LEU J 55 37.20 -29.64 25.50
N SER J 56 37.84 -30.35 26.43
CA SER J 56 37.20 -30.73 27.68
C SER J 56 36.71 -29.52 28.47
N THR J 57 37.23 -28.33 28.14
CA THR J 57 36.77 -27.09 28.75
C THR J 57 35.53 -26.56 28.02
N GLY J 58 35.09 -27.32 27.01
CA GLY J 58 33.86 -27.01 26.30
C GLY J 58 34.07 -26.07 25.14
N ARG J 59 35.19 -25.34 25.19
CA ARG J 59 35.49 -24.31 24.21
C ARG J 59 35.97 -24.90 22.89
N GLU J 60 35.61 -24.23 21.81
CA GLU J 60 36.04 -24.59 20.48
C GLU J 60 37.24 -23.74 20.07
N ALA J 61 38.20 -24.33 19.37
CA ALA J 61 39.40 -23.59 18.99
C ALA J 61 40.04 -24.12 17.71
N VAL J 62 40.89 -23.27 17.11
CA VAL J 62 41.66 -23.65 15.95
C VAL J 62 43.01 -24.18 16.39
N CYS J 63 43.35 -25.36 15.90
CA CYS J 63 44.60 -26.02 16.23
C CYS J 63 45.29 -26.49 14.96
N PHE J 64 46.58 -26.77 15.05
CA PHE J 64 47.36 -27.11 13.87
C PHE J 64 47.96 -28.52 13.85
N ILE J 65 48.09 -29.08 12.65
CA ILE J 65 48.61 -30.43 12.44
C ILE J 65 50.03 -30.40 11.90
N PRO J 66 51.02 -30.69 12.77
CA PRO J 66 52.44 -30.70 12.38
C PRO J 66 52.81 -31.92 11.55
N GLY J 67 53.71 -31.76 10.59
CA GLY J 67 54.10 -32.85 9.71
C GLY J 67 53.30 -32.87 8.41
N GLU J 68 53.73 -33.73 7.50
CA GLU J 68 53.11 -33.82 6.18
C GLU J 68 52.31 -35.12 6.03
N GLY J 69 51.05 -34.98 5.68
CA GLY J 69 50.17 -36.13 5.58
C GLY J 69 49.59 -36.43 6.94
N HIS J 70 48.39 -37.02 6.96
CA HIS J 70 47.66 -37.32 8.18
C HIS J 70 46.35 -38.04 7.88
N SER J 71 45.79 -38.69 8.88
CA SER J 71 44.41 -39.17 8.77
C SER J 71 43.59 -38.48 9.84
N LEU J 72 42.75 -37.54 9.43
CA LEU J 72 41.96 -36.81 10.38
C LEU J 72 40.54 -36.60 9.88
N GLN J 73 39.61 -37.10 10.68
CA GLN J 73 38.20 -37.06 10.37
C GLN J 73 37.49 -36.44 11.54
N GLU J 74 36.23 -36.07 11.34
CA GLU J 74 35.42 -35.53 12.42
C GLU J 74 35.27 -36.57 13.52
N HIS J 75 35.07 -36.08 14.74
CA HIS J 75 34.80 -36.91 15.92
C HIS J 75 36.01 -37.69 16.38
N HIS J 76 37.11 -37.61 15.64
CA HIS J 76 38.37 -38.23 16.06
C HIS J 76 38.99 -37.43 17.21
N VAL J 77 39.43 -38.12 18.27
CA VAL J 77 40.06 -37.42 19.40
C VAL J 77 41.54 -37.22 19.19
N VAL J 78 42.04 -36.09 19.64
CA VAL J 78 43.48 -35.83 19.61
C VAL J 78 43.96 -35.24 20.92
N LEU J 79 45.26 -35.37 21.16
CA LEU J 79 45.92 -34.64 22.24
C LEU J 79 46.56 -33.38 21.66
N VAL J 80 46.22 -32.22 22.21
CA VAL J 80 46.74 -30.94 21.73
C VAL J 80 47.68 -30.30 22.74
N GLN J 81 48.62 -29.50 22.23
CA GLN J 81 49.63 -28.87 23.06
C GLN J 81 49.79 -27.40 22.70
N GLY J 82 50.56 -26.70 23.53
CA GLY J 82 50.63 -25.25 23.48
C GLY J 82 51.66 -24.62 22.54
N GLY J 83 52.06 -25.36 21.51
CA GLY J 83 52.94 -24.81 20.50
C GLY J 83 52.27 -23.75 19.62
N ARG J 84 52.91 -22.59 19.47
CA ARG J 84 52.35 -21.52 18.65
C ARG J 84 52.94 -21.53 17.24
N THR J 85 52.07 -21.48 16.24
CA THR J 85 52.51 -21.38 14.86
C THR J 85 52.89 -19.95 14.56
N GLN J 86 54.06 -19.78 13.95
CA GLN J 86 54.48 -18.45 13.55
C GLN J 86 53.83 -18.02 12.25
N ASP J 87 53.52 -19.00 11.41
CA ASP J 87 53.02 -18.74 10.05
C ASP J 87 51.68 -18.03 10.04
N LEU J 88 50.79 -18.45 10.93
CA LEU J 88 49.38 -18.07 10.85
C LEU J 88 48.98 -17.16 12.00
N PRO J 89 48.05 -16.25 11.74
CA PRO J 89 47.49 -15.45 12.81
C PRO J 89 46.67 -16.29 13.76
N GLY J 90 46.91 -16.12 15.05
CA GLY J 90 46.06 -16.68 16.08
C GLY J 90 45.88 -18.19 16.12
N VAL J 91 46.78 -18.94 15.50
CA VAL J 91 46.72 -20.38 15.69
C VAL J 91 47.78 -20.74 16.71
N LYS J 92 47.35 -20.93 17.95
CA LYS J 92 48.28 -21.21 19.04
C LYS J 92 48.28 -22.66 19.52
N LEU J 93 47.41 -23.49 18.96
CA LEU J 93 47.28 -24.87 19.43
C LEU J 93 47.79 -25.87 18.40
N THR J 94 48.46 -26.93 18.87
CA THR J 94 49.05 -27.92 17.97
C THR J 94 48.75 -29.34 18.42
N VAL J 95 48.34 -30.18 17.46
CA VAL J 95 48.04 -31.57 17.75
C VAL J 95 49.32 -32.38 17.94
N VAL J 96 49.44 -32.99 19.11
CA VAL J 96 50.53 -33.92 19.39
C VAL J 96 50.34 -35.16 18.53
N ARG J 97 51.37 -35.52 17.79
CA ARG J 97 51.28 -36.66 16.89
C ARG J 97 51.83 -37.92 17.55
N GLY J 98 51.16 -39.04 17.33
CA GLY J 98 51.56 -40.30 17.94
C GLY J 98 50.62 -40.81 19.02
N LYS J 99 49.64 -40.01 19.39
CA LYS J 99 48.61 -40.48 20.31
C LYS J 99 47.23 -40.41 19.68
N TYR J 100 46.37 -41.31 20.12
CA TYR J 100 44.97 -41.42 19.70
C TYR J 100 44.85 -41.70 18.20
N ASP J 101 43.96 -40.97 17.53
CA ASP J 101 43.63 -41.27 16.14
C ASP J 101 44.60 -40.57 15.20
N CYS J 102 45.61 -39.95 15.77
CA CYS J 102 46.73 -39.45 14.99
C CYS J 102 47.99 -40.25 15.27
N GLY J 103 48.38 -41.06 14.29
CA GLY J 103 49.61 -41.82 14.37
C GLY J 103 50.73 -41.01 13.74
N HIS J 104 51.97 -41.39 14.02
CA HIS J 104 53.15 -40.65 13.55
C HIS J 104 53.12 -40.47 12.04
N VAL J 105 53.58 -39.31 11.58
CA VAL J 105 53.65 -39.04 10.16
C VAL J 105 54.45 -40.18 9.53
N GLN J 106 53.82 -40.83 8.56
CA GLN J 106 54.23 -42.15 8.11
C GLN J 106 55.57 -42.13 7.39
N LYS J 107 56.48 -42.98 7.85
CA LYS J 107 57.79 -43.09 7.26
C LYS J 107 57.72 -43.44 5.77
N LYS J 108 58.49 -42.71 4.97
CA LYS J 108 58.78 -43.13 3.60
C LYS J 108 60.28 -43.45 3.51
N LYS J 109 60.60 -44.74 3.38
CA LYS J 109 61.97 -45.22 3.49
C LYS J 109 62.47 -45.87 2.19
N TYR K 28 87.80 -32.67 -37.22
CA TYR K 28 86.49 -32.09 -36.91
C TYR K 28 86.35 -30.68 -37.45
N TYR K 29 85.46 -30.48 -38.41
CA TYR K 29 85.08 -29.13 -38.84
C TYR K 29 84.08 -28.58 -37.82
N VAL K 30 84.20 -27.28 -37.52
CA VAL K 30 83.55 -26.70 -36.33
C VAL K 30 82.02 -26.92 -36.25
N ASP K 31 81.40 -27.17 -37.39
CA ASP K 31 79.96 -27.42 -37.45
C ASP K 31 79.61 -28.54 -38.43
N TRP K 32 78.33 -28.87 -38.49
CA TRP K 32 77.81 -29.73 -39.56
C TRP K 32 77.55 -28.88 -40.79
N LYS K 33 77.30 -27.60 -40.55
CA LYS K 33 77.18 -26.59 -41.59
C LYS K 33 78.44 -26.59 -42.46
N MET K 34 79.58 -26.39 -41.81
CA MET K 34 80.86 -26.35 -42.50
C MET K 34 81.15 -27.71 -43.15
N LEU K 35 80.61 -28.79 -42.59
CA LEU K 35 80.73 -30.12 -43.18
C LEU K 35 80.07 -30.17 -44.56
N ARG K 36 78.77 -29.86 -44.60
CA ARG K 36 78.03 -29.89 -45.86
C ARG K 36 78.57 -28.89 -46.89
N ASP K 37 79.03 -27.73 -46.41
CA ASP K 37 79.57 -26.73 -47.34
C ASP K 37 80.93 -27.12 -47.90
N VAL K 38 81.77 -27.77 -47.08
CA VAL K 38 83.03 -28.32 -47.58
C VAL K 38 82.76 -29.36 -48.66
N LYS K 39 81.79 -30.25 -48.41
CA LYS K 39 81.43 -31.24 -49.41
C LYS K 39 80.87 -30.57 -50.68
N ARG K 40 80.27 -29.40 -50.50
CA ARG K 40 79.84 -28.59 -51.64
C ARG K 40 81.02 -27.96 -52.41
N ARG K 41 82.15 -27.68 -51.73
CA ARG K 41 83.36 -27.19 -52.43
C ARG K 41 84.06 -28.29 -53.23
N LYS K 42 84.25 -29.45 -52.61
CA LYS K 42 84.77 -30.63 -53.31
C LYS K 42 83.93 -30.97 -54.53
N MET K 43 82.64 -31.12 -54.31
CA MET K 43 81.72 -31.43 -55.40
C MET K 43 81.75 -30.37 -56.51
N ALA K 44 81.70 -29.10 -56.14
CA ALA K 44 81.70 -28.02 -57.14
C ALA K 44 83.01 -27.98 -57.91
N TYR K 45 84.07 -28.50 -57.31
CA TYR K 45 85.32 -28.65 -58.06
C TYR K 45 85.25 -29.87 -58.99
N GLU K 46 84.56 -30.92 -58.57
CA GLU K 46 84.54 -32.18 -59.32
C GLU K 46 83.79 -32.10 -60.66
N TYR K 47 82.55 -31.66 -60.63
CA TYR K 47 81.71 -31.66 -61.82
C TYR K 47 81.89 -30.37 -62.61
N ALA K 48 82.85 -29.55 -62.18
CA ALA K 48 83.13 -28.25 -62.77
C ALA K 48 83.28 -28.28 -64.30
N ASP K 49 84.10 -29.22 -64.80
CA ASP K 49 84.32 -29.35 -66.24
C ASP K 49 83.02 -29.64 -66.98
N GLU K 50 82.24 -30.55 -66.42
CA GLU K 50 80.93 -30.92 -66.96
C GLU K 50 80.05 -29.68 -67.08
N ARG K 51 79.95 -28.95 -65.98
CA ARG K 51 79.25 -27.66 -65.94
C ARG K 51 79.67 -26.77 -67.10
N LEU K 52 80.95 -26.40 -67.14
CA LEU K 52 81.49 -25.49 -68.14
C LEU K 52 81.16 -25.91 -69.59
N ARG K 53 81.40 -27.18 -69.90
CA ARG K 53 81.19 -27.66 -71.26
C ARG K 53 79.72 -27.75 -71.65
N ILE K 54 78.86 -28.16 -70.72
CA ILE K 54 77.42 -28.24 -71.02
C ILE K 54 76.82 -26.85 -71.20
N ASN K 55 77.12 -25.99 -70.24
CA ASN K 55 76.67 -24.60 -70.27
C ASN K 55 77.32 -23.79 -71.40
N SER K 56 78.34 -24.37 -72.04
CA SER K 56 78.92 -23.78 -73.25
C SER K 56 77.91 -23.82 -74.40
N LEU K 57 77.32 -24.99 -74.61
CA LEU K 57 76.29 -25.15 -75.65
C LEU K 57 74.98 -24.52 -75.21
N ARG K 58 74.59 -24.77 -73.96
CA ARG K 58 73.30 -24.31 -73.48
C ARG K 58 73.10 -22.79 -73.59
N LYS K 59 74.19 -22.04 -73.49
CA LYS K 59 74.14 -20.58 -73.54
C LYS K 59 74.45 -20.01 -74.92
N ASN K 60 74.62 -20.89 -75.91
CA ASN K 60 74.90 -20.45 -77.27
C ASN K 60 73.63 -20.27 -78.10
N THR K 61 73.57 -19.17 -78.85
CA THR K 61 72.42 -18.89 -79.73
C THR K 61 72.47 -19.63 -81.07
N ILE K 62 73.65 -19.65 -81.69
CA ILE K 62 73.85 -20.19 -83.04
C ILE K 62 73.46 -21.67 -83.17
N LEU K 63 73.77 -22.45 -82.14
CA LEU K 63 73.49 -23.88 -82.12
C LEU K 63 71.99 -24.16 -82.10
N PRO K 64 71.58 -25.43 -82.39
CA PRO K 64 70.15 -25.73 -82.43
C PRO K 64 69.52 -25.71 -81.04
N LYS K 65 68.23 -25.42 -81.00
CA LYS K 65 67.46 -25.48 -79.77
C LYS K 65 67.39 -26.92 -79.28
N ASP K 66 67.53 -27.86 -80.21
CA ASP K 66 67.40 -29.29 -79.94
C ASP K 66 68.58 -29.85 -79.15
N LEU K 67 69.78 -29.36 -79.43
CA LEU K 67 70.95 -29.73 -78.64
C LEU K 67 70.88 -29.06 -77.28
N GLN K 68 70.13 -27.97 -77.22
CA GLN K 68 69.97 -27.20 -75.99
C GLN K 68 68.93 -27.78 -75.01
N GLU K 69 67.88 -28.43 -75.52
CA GLU K 69 66.92 -29.11 -74.63
C GLU K 69 67.57 -30.32 -73.98
N VAL K 70 68.38 -31.02 -74.77
CA VAL K 70 69.13 -32.18 -74.31
C VAL K 70 70.26 -31.78 -73.37
N ALA K 71 70.97 -30.69 -73.70
CA ALA K 71 71.97 -30.13 -72.79
C ALA K 71 71.31 -29.65 -71.48
N ASP K 72 70.05 -29.19 -71.59
CA ASP K 72 69.24 -28.77 -70.44
C ASP K 72 68.98 -29.95 -69.50
N GLU K 73 68.42 -31.04 -70.04
CA GLU K 73 68.24 -32.26 -69.25
C GLU K 73 69.59 -32.76 -68.70
N GLU K 74 70.67 -32.45 -69.41
CA GLU K 74 72.01 -32.87 -69.00
C GLU K 74 72.55 -32.16 -67.75
N ILE K 75 72.57 -30.82 -67.74
CA ILE K 75 73.03 -30.15 -66.52
C ILE K 75 71.98 -30.31 -65.41
N ALA K 76 70.72 -30.54 -65.80
CA ALA K 76 69.68 -30.83 -64.81
C ALA K 76 69.92 -32.19 -64.13
N SER K 77 70.52 -33.13 -64.87
CA SER K 77 70.78 -34.47 -64.35
C SER K 77 71.89 -34.51 -63.29
N LEU K 78 72.86 -33.60 -63.41
CA LEU K 78 73.97 -33.51 -62.46
C LEU K 78 73.44 -33.34 -61.03
N PRO K 79 74.17 -33.90 -60.03
CA PRO K 79 73.78 -33.68 -58.64
C PRO K 79 73.84 -32.20 -58.28
N ARG K 80 72.80 -31.68 -57.64
CA ARG K 80 72.66 -30.23 -57.45
C ARG K 80 73.56 -29.75 -56.33
N ASP K 81 74.27 -30.70 -55.73
CA ASP K 81 75.27 -30.41 -54.72
C ASP K 81 76.60 -30.01 -55.37
N SER K 82 76.72 -30.24 -56.68
CA SER K 82 77.95 -29.90 -57.41
C SER K 82 77.87 -28.57 -58.18
N CYS K 83 76.74 -27.89 -58.07
CA CYS K 83 76.56 -26.61 -58.77
C CYS K 83 77.19 -25.47 -57.97
N PRO K 84 77.68 -24.44 -58.66
CA PRO K 84 78.43 -23.35 -58.01
C PRO K 84 77.65 -22.56 -56.97
N VAL K 85 76.41 -22.17 -57.26
CA VAL K 85 75.72 -21.21 -56.41
C VAL K 85 75.14 -21.81 -55.13
N ARG K 86 75.20 -23.12 -55.00
CA ARG K 86 74.74 -23.77 -53.77
C ARG K 86 75.79 -23.62 -52.67
N ILE K 87 76.96 -23.11 -53.04
CA ILE K 87 78.06 -22.89 -52.10
C ILE K 87 77.88 -21.59 -51.32
N ARG K 88 78.11 -21.68 -50.01
CA ARG K 88 77.93 -20.55 -49.11
C ARG K 88 79.25 -20.14 -48.44
N ASN K 89 79.62 -18.87 -48.57
CA ASN K 89 80.80 -18.35 -47.90
C ASN K 89 80.57 -18.18 -46.40
N ARG K 90 81.40 -18.83 -45.60
CA ARG K 90 81.30 -18.73 -44.15
C ARG K 90 82.63 -18.23 -43.59
N CYS K 91 82.61 -17.71 -42.36
CA CYS K 91 83.87 -17.44 -41.67
C CYS K 91 84.58 -18.76 -41.46
N VAL K 92 85.89 -18.73 -41.59
CA VAL K 92 86.67 -19.95 -41.51
C VAL K 92 86.57 -20.64 -40.15
N MET K 93 86.96 -19.92 -39.10
CA MET K 93 87.03 -20.51 -37.76
C MET K 93 85.69 -20.56 -37.03
N THR K 94 84.93 -19.48 -37.12
CA THR K 94 83.70 -19.39 -36.33
C THR K 94 82.43 -19.79 -37.09
N SER K 95 82.55 -20.08 -38.38
CA SER K 95 81.46 -20.64 -39.20
C SER K 95 80.28 -19.69 -39.46
N ARG K 96 80.33 -18.47 -38.94
CA ARG K 96 79.22 -17.51 -39.09
C ARG K 96 78.88 -17.27 -40.56
N PRO K 97 77.65 -17.63 -40.97
CA PRO K 97 77.24 -17.59 -42.38
C PRO K 97 77.28 -16.18 -42.96
N ARG K 98 77.06 -15.18 -42.13
CA ARG K 98 76.94 -13.82 -42.63
C ARG K 98 77.93 -12.89 -41.94
N GLY K 99 78.09 -11.70 -42.51
CA GLY K 99 78.97 -10.69 -41.96
C GLY K 99 80.40 -11.13 -42.15
N VAL K 100 80.69 -11.67 -43.32
CA VAL K 100 82.00 -12.22 -43.60
C VAL K 100 82.79 -11.28 -44.51
N LYS K 101 84.04 -10.97 -44.13
CA LYS K 101 84.88 -10.11 -44.95
C LYS K 101 85.67 -10.95 -45.95
N ARG K 102 85.33 -10.78 -47.22
CA ARG K 102 85.75 -11.63 -48.32
C ARG K 102 87.25 -11.88 -48.37
N ARG K 103 88.01 -10.84 -48.08
CA ARG K 103 89.45 -10.91 -48.22
C ARG K 103 90.08 -11.74 -47.10
N TRP K 104 89.57 -11.61 -45.88
CA TRP K 104 90.10 -12.41 -44.78
C TRP K 104 89.30 -13.65 -44.40
N ARG K 105 88.15 -13.86 -45.06
CA ARG K 105 87.29 -15.01 -44.76
C ARG K 105 86.94 -15.10 -43.28
N LEU K 106 86.79 -13.94 -42.64
CA LEU K 106 86.60 -13.90 -41.20
C LEU K 106 85.40 -13.06 -40.79
N SER K 107 84.60 -13.59 -39.87
CA SER K 107 83.45 -12.86 -39.32
C SER K 107 83.90 -11.63 -38.55
N ARG K 108 83.04 -10.62 -38.52
CA ARG K 108 83.40 -9.34 -37.94
C ARG K 108 83.78 -9.46 -36.48
N ILE K 109 83.12 -10.35 -35.77
CA ILE K 109 83.44 -10.59 -34.37
C ILE K 109 84.90 -10.99 -34.28
N VAL K 110 85.25 -12.03 -35.01
CA VAL K 110 86.61 -12.56 -34.99
C VAL K 110 87.60 -11.60 -35.63
N PHE K 111 87.20 -10.94 -36.72
CA PHE K 111 88.08 -9.97 -37.35
C PHE K 111 88.49 -8.92 -36.33
N ARG K 112 87.48 -8.27 -35.76
CA ARG K 112 87.70 -7.21 -34.79
C ARG K 112 88.56 -7.70 -33.64
N HIS K 113 88.22 -8.88 -33.12
CA HIS K 113 89.00 -9.50 -32.06
C HIS K 113 90.47 -9.57 -32.42
N LEU K 114 90.76 -10.06 -33.62
CA LEU K 114 92.14 -10.28 -34.03
C LEU K 114 92.89 -8.97 -34.30
N ALA K 115 92.22 -8.04 -34.96
CA ALA K 115 92.86 -6.79 -35.35
C ALA K 115 93.11 -5.88 -34.15
N ASP K 116 92.24 -5.99 -33.14
CA ASP K 116 92.35 -5.15 -31.95
C ASP K 116 93.53 -5.54 -31.08
N HIS K 117 93.83 -6.83 -31.00
CA HIS K 117 95.01 -7.29 -30.29
C HIS K 117 96.25 -6.95 -31.10
N GLY K 118 96.03 -6.49 -32.33
CA GLY K 118 97.12 -6.13 -33.22
C GLY K 118 97.70 -7.34 -33.89
N GLN K 119 97.02 -8.47 -33.73
CA GLN K 119 97.42 -9.72 -34.36
C GLN K 119 97.16 -9.68 -35.87
N LEU K 120 96.39 -8.70 -36.32
CA LEU K 120 96.17 -8.51 -37.75
C LEU K 120 97.04 -7.37 -38.28
N SER K 121 97.87 -7.72 -39.24
CA SER K 121 98.87 -6.81 -39.77
C SER K 121 98.29 -5.65 -40.55
N GLY K 122 98.73 -4.43 -40.24
CA GLY K 122 98.38 -3.26 -41.02
C GLY K 122 97.04 -2.65 -40.69
N VAL K 123 96.17 -3.42 -40.03
CA VAL K 123 94.83 -2.95 -39.70
C VAL K 123 94.91 -2.05 -38.47
N GLN K 124 94.44 -0.83 -38.63
CA GLN K 124 94.45 0.15 -37.55
C GLN K 124 93.09 0.84 -37.43
N ARG K 125 92.91 1.59 -36.35
CA ARG K 125 91.68 2.35 -36.16
C ARG K 125 91.71 3.64 -36.97
N ALA K 126 90.64 3.88 -37.71
CA ALA K 126 90.58 4.95 -38.69
C ALA K 126 90.16 6.28 -38.07
N MET K 127 91.02 7.28 -38.26
CA MET K 127 90.71 8.64 -37.86
C MET K 127 90.99 9.55 -39.05
N TRP K 128 90.00 10.34 -39.42
CA TRP K 128 90.20 11.36 -40.46
C TRP K 128 89.08 12.38 -40.42
N GLN L 65 28.59 47.63 61.26
CA GLN L 65 29.45 48.40 60.37
C GLN L 65 29.90 49.69 61.03
N ASP L 66 31.21 49.96 61.00
CA ASP L 66 31.75 51.16 61.64
C ASP L 66 31.89 52.32 60.65
N ASP L 67 32.20 53.50 61.17
CA ASP L 67 32.06 54.74 60.42
C ASP L 67 33.14 55.80 60.72
N PRO L 68 34.28 55.77 60.00
CA PRO L 68 35.38 56.75 60.10
C PRO L 68 35.02 58.13 59.53
N PRO L 69 34.46 59.02 60.38
CA PRO L 69 33.73 60.27 60.11
C PRO L 69 34.38 61.22 59.11
N PRO L 70 33.57 61.93 58.31
CA PRO L 70 33.96 62.84 57.23
C PRO L 70 34.98 63.90 57.65
N SER L 71 34.95 64.25 58.92
CA SER L 71 35.80 65.31 59.44
C SER L 71 37.10 64.81 60.08
N MET L 72 37.37 63.52 59.96
CA MET L 72 38.39 62.89 60.81
C MET L 72 39.85 63.24 60.52
N LEU L 73 40.13 64.12 59.55
CA LEU L 73 41.44 64.77 59.53
C LEU L 73 42.62 63.83 59.30
N LEU L 74 42.96 63.59 58.04
CA LEU L 74 43.75 62.45 57.58
C LEU L 74 44.93 62.05 58.47
N LEU L 75 45.09 60.74 58.61
CA LEU L 75 45.97 60.08 59.59
C LEU L 75 47.38 60.68 59.69
N ASP L 76 47.95 61.05 58.56
CA ASP L 76 49.31 61.57 58.52
C ASP L 76 49.32 63.04 58.91
N TYR L 77 48.15 63.65 58.92
CA TYR L 77 47.98 65.03 59.39
C TYR L 77 47.47 65.15 60.82
N GLN L 78 47.20 64.02 61.47
CA GLN L 78 46.50 64.04 62.75
C GLN L 78 47.37 64.57 63.89
N ASN L 79 48.65 64.19 63.90
CA ASN L 79 49.54 64.53 65.01
C ASN L 79 50.45 65.76 64.83
N VAL L 80 50.32 66.48 63.72
CA VAL L 80 51.13 67.69 63.53
C VAL L 80 50.55 68.89 64.29
N PRO L 81 51.43 69.75 64.83
CA PRO L 81 51.03 70.91 65.64
C PRO L 81 50.22 71.96 64.89
N GLY L 82 49.45 72.73 65.64
CA GLY L 82 48.73 73.90 65.13
C GLY L 82 47.73 73.61 64.04
N ILE L 83 47.10 72.44 64.11
CA ILE L 83 46.08 72.06 63.13
C ILE L 83 44.70 72.66 63.44
N HIS L 84 44.31 72.67 64.71
CA HIS L 84 42.93 72.97 65.07
C HIS L 84 42.56 74.46 65.10
N LYS L 85 43.56 75.32 64.96
CA LYS L 85 43.28 76.75 64.87
C LYS L 85 43.13 77.17 63.40
N VAL L 86 43.42 76.24 62.49
CA VAL L 86 43.43 76.51 61.04
C VAL L 86 42.01 76.64 60.47
N ASP L 87 41.88 77.43 59.39
CA ASP L 87 40.59 77.76 58.79
C ASP L 87 39.87 76.54 58.22
N ASP L 88 38.56 76.69 58.01
CA ASP L 88 37.68 75.59 57.60
C ASP L 88 37.95 75.05 56.19
N VAL L 89 38.59 75.86 55.35
CA VAL L 89 38.90 75.44 53.98
C VAL L 89 39.96 74.30 53.97
N VAL L 90 41.04 74.49 54.72
CA VAL L 90 42.12 73.50 54.78
C VAL L 90 41.73 72.27 55.60
N LYS L 91 40.91 72.46 56.63
CA LYS L 91 40.35 71.34 57.39
C LYS L 91 39.34 70.57 56.53
N ARG L 92 38.74 71.26 55.56
CA ARG L 92 37.86 70.60 54.59
C ARG L 92 38.67 69.78 53.58
N LEU L 93 39.85 70.27 53.19
CA LEU L 93 40.71 69.56 52.24
C LEU L 93 41.45 68.35 52.86
N LEU L 94 41.91 68.52 54.09
CA LEU L 94 42.64 67.47 54.79
C LEU L 94 41.70 66.57 55.59
N SER L 95 40.40 66.77 55.40
CA SER L 95 39.40 65.86 55.93
C SER L 95 39.36 64.59 55.11
N LEU L 96 38.78 63.54 55.67
CA LEU L 96 38.51 62.33 54.90
C LEU L 96 37.49 62.62 53.78
N GLU L 97 36.91 63.83 53.81
CA GLU L 97 36.01 64.28 52.77
C GLU L 97 36.65 64.19 51.38
N MET L 98 37.87 64.73 51.25
CA MET L 98 38.55 64.82 49.95
C MET L 98 39.52 63.66 49.66
N ALA L 99 39.63 62.73 50.60
CA ALA L 99 40.63 61.66 50.51
C ALA L 99 40.31 60.58 49.50
N ASN L 100 41.33 59.80 49.15
CA ASN L 100 41.17 58.56 48.41
C ASN L 100 40.51 57.53 49.35
N GLN L 101 40.31 56.29 48.89
CA GLN L 101 39.79 55.27 49.81
C GLN L 101 40.92 54.67 50.67
N LYS L 102 42.16 54.77 50.18
CA LYS L 102 43.33 54.26 50.88
C LYS L 102 43.56 54.91 52.24
N GLU L 103 43.23 56.20 52.34
CA GLU L 103 43.36 56.96 53.58
C GLU L 103 42.35 56.50 54.64
N LYS L 104 41.10 56.31 54.23
CA LYS L 104 40.04 55.80 55.09
C LYS L 104 40.37 54.37 55.54
N LEU L 105 41.10 53.64 54.69
CA LEU L 105 41.62 52.34 55.10
C LEU L 105 42.79 52.44 56.10
N LYS L 106 43.62 53.47 55.97
CA LYS L 106 44.67 53.74 56.97
C LYS L 106 44.05 54.04 58.34
N ILE L 107 42.93 54.78 58.32
CA ILE L 107 42.20 55.11 59.55
C ILE L 107 41.55 53.88 60.19
N LYS L 108 40.75 53.13 59.42
CA LYS L 108 40.17 51.90 59.95
C LYS L 108 41.27 50.99 60.51
N LYS L 109 42.42 50.97 59.82
CA LYS L 109 43.58 50.20 60.25
C LYS L 109 44.09 50.66 61.62
N MET L 110 44.35 51.95 61.74
CA MET L 110 44.74 52.55 63.02
C MET L 110 43.78 52.13 64.14
N GLN L 111 42.48 52.36 63.93
CA GLN L 111 41.49 52.15 64.98
C GLN L 111 41.36 50.70 65.40
N LEU L 112 41.28 49.79 64.44
CA LEU L 112 41.19 48.38 64.76
C LEU L 112 42.46 47.93 65.51
N MET L 113 43.62 48.41 65.05
CA MET L 113 44.91 47.99 65.62
C MET L 113 45.19 48.61 66.99
N ASN L 114 44.47 49.67 67.34
CA ASN L 114 44.46 50.13 68.73
C ASN L 114 43.45 49.42 69.63
N LYS L 115 42.22 49.21 69.14
CA LYS L 115 41.15 48.67 69.97
C LYS L 115 41.35 47.19 70.32
N VAL L 116 41.75 46.41 69.32
CA VAL L 116 41.90 44.98 69.53
C VAL L 116 43.23 44.60 70.18
N LEU L 117 44.28 45.34 69.85
CA LEU L 117 45.63 44.94 70.20
C LEU L 117 46.08 45.30 71.61
N GLU L 118 47.38 45.12 71.80
CA GLU L 118 48.09 45.33 73.03
C GLU L 118 49.25 46.26 72.74
N ASN L 119 50.12 45.83 71.82
CA ASN L 119 51.31 46.58 71.41
C ASN L 119 51.15 47.03 69.96
N PRO L 120 50.55 48.20 69.75
CA PRO L 120 50.23 48.73 68.41
C PRO L 120 51.49 48.97 67.60
N GLU L 121 52.64 48.96 68.26
CA GLU L 121 53.92 49.18 67.62
C GLU L 121 54.46 48.00 66.79
N ASP L 122 54.06 46.78 67.13
CA ASP L 122 54.60 45.59 66.45
C ASP L 122 53.82 45.22 65.18
N THR L 123 54.48 45.30 64.02
CA THR L 123 53.91 44.79 62.77
C THR L 123 54.15 43.27 62.70
N SER L 124 55.34 42.87 63.12
CA SER L 124 55.79 41.49 62.99
C SER L 124 54.94 40.49 63.79
N SER L 125 54.22 40.99 64.79
CA SER L 125 53.36 40.13 65.60
C SER L 125 52.29 39.45 64.75
N LEU L 126 52.14 38.15 64.91
CA LEU L 126 51.13 37.36 64.20
C LEU L 126 49.76 38.02 64.30
N GLU L 127 49.49 38.54 65.49
CA GLU L 127 48.23 39.17 65.82
C GLU L 127 47.94 40.44 65.00
N ALA L 128 48.89 41.39 64.99
CA ALA L 128 48.72 42.64 64.24
C ALA L 128 48.47 42.39 62.75
N ARG L 129 49.19 41.40 62.20
CA ARG L 129 49.00 40.98 60.82
C ARG L 129 47.58 40.46 60.63
N ILE L 130 47.12 39.62 61.57
CA ILE L 130 45.74 39.13 61.54
C ILE L 130 44.77 40.29 61.38
N VAL L 131 44.99 41.33 62.17
CA VAL L 131 44.16 42.53 62.10
C VAL L 131 44.18 43.22 60.73
N ALA L 132 45.37 43.59 60.25
CA ALA L 132 45.49 44.28 58.96
C ALA L 132 44.81 43.47 57.83
N LEU L 133 45.02 42.16 57.86
CA LEU L 133 44.36 41.27 56.91
C LEU L 133 42.85 41.38 57.03
N THR L 134 42.34 41.44 58.25
CA THR L 134 40.89 41.60 58.46
C THR L 134 40.37 42.90 57.83
N VAL L 135 41.18 43.97 57.93
CA VAL L 135 40.87 45.25 57.27
C VAL L 135 40.74 45.12 55.74
N LYS L 136 41.77 44.57 55.10
CA LYS L 136 41.72 44.38 53.65
C LYS L 136 40.54 43.51 53.25
N ILE L 137 40.31 42.46 54.04
CA ILE L 137 39.19 41.55 53.84
C ILE L 137 37.86 42.30 53.82
N ARG L 138 37.61 43.11 54.85
CA ARG L 138 36.37 43.88 54.90
C ARG L 138 36.25 44.81 53.69
N ASN L 139 37.36 45.44 53.30
CA ASN L 139 37.35 46.30 52.12
C ASN L 139 36.87 45.54 50.88
N TYR L 140 37.47 44.38 50.68
CA TYR L 140 37.09 43.53 49.57
C TYR L 140 35.64 43.06 49.67
N GLU L 141 35.08 43.03 50.88
CA GLU L 141 33.69 42.59 51.01
C GLU L 141 32.69 43.60 50.44
N GLU L 142 32.91 44.88 50.72
CA GLU L 142 32.12 45.93 50.09
C GLU L 142 32.36 45.88 48.59
N HIS L 143 33.64 45.83 48.20
CA HIS L 143 33.99 45.81 46.78
C HIS L 143 33.34 44.65 46.00
N MET L 144 33.14 43.52 46.69
CA MET L 144 32.48 42.36 46.09
C MET L 144 30.97 42.44 46.22
N GLN L 145 30.52 43.33 47.09
CA GLN L 145 29.09 43.61 47.13
C GLN L 145 28.69 44.46 45.92
N LYS L 146 29.55 45.40 45.54
CA LYS L 146 29.27 46.24 44.37
C LYS L 146 29.45 45.50 43.03
N HIS L 147 30.61 44.87 42.85
CA HIS L 147 30.89 44.10 41.64
C HIS L 147 30.67 42.63 41.90
N ARG L 148 29.61 42.07 41.32
CA ARG L 148 29.32 40.66 41.52
C ARG L 148 29.92 39.77 40.42
N LYS L 149 30.38 40.38 39.34
CA LYS L 149 31.00 39.66 38.23
C LYS L 149 32.52 39.68 38.26
N ASP L 150 33.11 40.33 39.26
CA ASP L 150 34.55 40.51 39.24
C ASP L 150 35.23 39.33 39.91
N LYS L 151 35.91 38.56 39.09
CA LYS L 151 36.49 37.31 39.56
C LYS L 151 37.86 37.51 40.22
N ALA L 152 38.68 38.38 39.63
CA ALA L 152 40.00 38.70 40.16
C ALA L 152 39.95 38.98 41.66
N HIS L 153 39.19 40.01 42.01
CA HIS L 153 39.01 40.36 43.39
C HIS L 153 38.43 39.22 44.21
N LYS L 154 37.43 38.51 43.69
CA LYS L 154 36.85 37.39 44.42
C LYS L 154 37.93 36.41 44.86
N ARG L 155 38.94 36.27 44.01
CA ARG L 155 40.08 35.42 44.33
C ARG L 155 40.94 36.06 45.40
N PHE L 156 41.20 37.36 45.25
CA PHE L 156 41.92 38.08 46.30
C PHE L 156 41.33 37.81 47.67
N LEU L 157 40.03 38.01 47.76
CA LEU L 157 39.26 37.83 48.97
C LEU L 157 39.37 36.41 49.49
N LEU L 158 39.00 35.47 48.64
CA LEU L 158 38.91 34.07 49.04
C LEU L 158 40.26 33.52 49.50
N MET L 159 41.34 34.08 48.98
CA MET L 159 42.68 33.70 49.44
C MET L 159 43.04 34.38 50.74
N SER L 160 42.79 35.68 50.77
CA SER L 160 43.08 36.51 51.93
C SER L 160 42.49 35.87 53.18
N ILE L 161 41.25 35.39 53.05
CA ILE L 161 40.52 34.75 54.15
C ILE L 161 41.24 33.51 54.67
N ASP L 162 41.82 32.73 53.77
CA ASP L 162 42.50 31.53 54.21
C ASP L 162 43.90 31.81 54.74
N GLN L 163 44.52 32.91 54.30
CA GLN L 163 45.77 33.31 54.94
C GLN L 163 45.47 33.69 56.38
N ARG L 164 44.38 34.44 56.56
CA ARG L 164 43.95 34.79 57.90
C ARG L 164 43.66 33.52 58.72
N LYS L 165 43.05 32.51 58.11
CA LYS L 165 42.70 31.31 58.87
C LYS L 165 43.93 30.47 59.18
N LYS L 166 44.93 30.54 58.29
CA LYS L 166 46.22 29.88 58.50
C LYS L 166 46.94 30.45 59.70
N MET L 167 47.02 31.77 59.76
CA MET L 167 47.72 32.40 60.86
C MET L 167 46.91 32.37 62.17
N LEU L 168 45.58 32.34 62.08
CA LEU L 168 44.76 32.12 63.28
C LEU L 168 45.06 30.72 63.83
N LYS L 169 45.17 29.73 62.95
CA LYS L 169 45.59 28.39 63.37
C LYS L 169 46.95 28.48 64.08
N ASN L 170 47.87 29.20 63.44
CA ASN L 170 49.19 29.41 63.99
C ASN L 170 49.16 30.00 65.41
N LEU L 171 48.22 30.89 65.67
CA LEU L 171 48.10 31.48 67.00
C LEU L 171 47.42 30.55 68.01
N ARG L 172 46.42 29.79 67.56
CA ARG L 172 45.74 28.81 68.42
C ARG L 172 46.70 27.69 68.84
N GLU L 173 47.79 27.54 68.10
CA GLU L 173 48.87 26.62 68.48
C GLU L 173 49.81 27.18 69.54
N THR L 174 50.02 28.50 69.52
CA THR L 174 51.05 29.15 70.33
C THR L 174 50.55 29.87 71.57
N ASN L 175 49.87 31.00 71.35
CA ASN L 175 49.35 31.86 72.42
C ASN L 175 47.82 31.76 72.50
N TYR L 176 47.30 31.08 73.51
CA TYR L 176 45.88 30.80 73.52
C TYR L 176 45.01 32.00 73.86
N ALA L 177 45.31 32.63 75.00
CA ALA L 177 44.44 33.67 75.55
C ALA L 177 44.32 34.86 74.60
N VAL L 178 45.46 35.31 74.09
CA VAL L 178 45.50 36.38 73.10
C VAL L 178 44.64 36.02 71.88
N PHE L 179 44.76 34.77 71.43
CA PHE L 179 43.97 34.24 70.31
C PHE L 179 42.48 34.33 70.60
N GLU L 180 42.11 34.00 71.83
CA GLU L 180 40.72 34.06 72.27
C GLU L 180 40.20 35.50 72.29
N LYS L 181 41.07 36.42 72.70
CA LYS L 181 40.75 37.85 72.63
C LYS L 181 40.49 38.29 71.19
N ILE L 182 41.41 37.96 70.29
CA ILE L 182 41.27 38.30 68.87
C ILE L 182 39.98 37.74 68.27
N CYS L 183 39.64 36.51 68.63
CA CYS L 183 38.38 35.91 68.22
C CYS L 183 37.19 36.72 68.73
N LYS L 184 37.25 37.12 70.00
CA LYS L 184 36.14 37.84 70.62
C LYS L 184 35.94 39.26 70.03
N GLU L 185 37.05 39.95 69.74
CA GLU L 185 37.01 41.32 69.24
C GLU L 185 36.59 41.51 67.78
N LEU L 186 37.30 40.83 66.87
CA LEU L 186 37.17 41.08 65.44
C LEU L 186 35.95 40.39 64.83
N GLY L 187 35.42 39.40 65.53
CA GLY L 187 34.26 38.68 65.06
C GLY L 187 34.60 37.38 64.36
N ILE L 188 35.90 37.08 64.27
CA ILE L 188 36.34 35.85 63.63
C ILE L 188 36.05 34.67 64.54
N GLU L 189 35.30 33.70 64.03
CA GLU L 189 35.07 32.49 64.77
C GLU L 189 35.82 31.35 64.10
N TYR L 190 36.86 30.84 64.77
CA TYR L 190 37.71 29.79 64.20
C TYR L 190 37.01 28.45 64.23
N THR L 191 36.86 27.84 63.05
CA THR L 191 36.25 26.52 62.94
C THR L 191 37.26 25.53 62.41
N PHE L 192 37.17 24.28 62.84
CA PHE L 192 38.14 23.26 62.43
C PHE L 192 38.04 22.86 60.97
N PRO L 193 39.19 22.85 60.27
CA PRO L 193 39.15 22.20 58.97
C PRO L 193 38.82 20.70 59.15
N PRO L 194 37.76 20.21 58.46
CA PRO L 194 37.19 18.89 58.76
C PRO L 194 38.05 17.72 58.30
N PRO L 195 37.75 16.51 58.78
CA PRO L 195 38.39 15.33 58.19
C PRO L 195 37.83 15.08 56.80
N TYR L 196 38.66 14.60 55.87
CA TYR L 196 38.15 14.12 54.60
C TYR L 196 37.39 15.12 53.73
N HIS L 197 38.11 16.02 53.07
CA HIS L 197 37.42 16.86 52.11
C HIS L 197 37.02 16.01 50.93
N ARG L 198 35.71 15.97 50.73
CA ARG L 198 35.10 15.14 49.71
C ARG L 198 34.11 16.01 48.98
N LYS L 199 33.58 15.51 47.87
CA LYS L 199 32.50 16.20 47.21
C LYS L 199 31.17 15.57 47.59
N ALA L 200 30.39 16.32 48.35
CA ALA L 200 29.05 15.87 48.67
C ALA L 200 28.20 16.07 47.44
N HIS L 201 27.63 14.98 46.93
CA HIS L 201 26.81 15.08 45.74
C HIS L 201 25.40 14.65 46.05
N ARG L 202 24.55 14.68 45.02
CA ARG L 202 23.15 14.40 45.19
C ARG L 202 22.93 13.07 45.87
N ARG L 203 23.49 12.02 45.28
CA ARG L 203 23.25 10.67 45.77
C ARG L 203 23.65 10.50 47.23
N TRP L 204 24.85 10.95 47.58
CA TRP L 204 25.34 10.73 48.93
C TRP L 204 24.55 11.50 49.99
N VAL L 205 24.36 12.79 49.76
CA VAL L 205 23.65 13.61 50.73
C VAL L 205 22.23 13.06 50.89
N THR L 206 21.68 12.54 49.80
CA THR L 206 20.36 11.92 49.84
C THR L 206 20.37 10.65 50.70
N LYS L 207 21.31 9.73 50.43
CA LYS L 207 21.39 8.47 51.16
C LYS L 207 21.63 8.73 52.65
N LYS L 208 22.37 9.78 52.96
CA LYS L 208 22.62 10.12 54.36
C LYS L 208 21.37 10.70 55.02
N ALA L 209 20.64 11.54 54.30
CA ALA L 209 19.36 12.06 54.79
C ALA L 209 18.39 10.91 55.17
N LEU L 210 18.20 9.99 54.23
CA LEU L 210 17.39 8.82 54.52
C LEU L 210 17.91 8.08 55.74
N CYS L 211 19.19 7.72 55.75
CA CYS L 211 19.76 6.96 56.85
C CYS L 211 19.51 7.58 58.22
N THR L 212 19.71 8.89 58.31
CA THR L 212 19.39 9.59 59.53
C THR L 212 17.90 9.42 59.86
N GLN L 213 17.03 9.51 58.85
CA GLN L 213 15.62 9.27 59.11
C GLN L 213 15.36 7.89 59.70
N VAL L 214 15.92 6.86 59.06
CA VAL L 214 15.74 5.49 59.55
C VAL L 214 16.23 5.36 60.99
N PHE L 215 17.33 6.03 61.32
CA PHE L 215 17.88 5.98 62.67
C PHE L 215 16.94 6.58 63.72
N ARG L 216 16.53 7.82 63.46
CA ARG L 216 15.64 8.51 64.38
C ARG L 216 14.26 7.87 64.44
N GLU L 217 13.94 7.02 63.47
CA GLU L 217 12.73 6.17 63.54
C GLU L 217 12.94 4.90 64.38
N VAL L 218 14.10 4.25 64.21
CA VAL L 218 14.42 3.01 64.91
C VAL L 218 14.55 3.23 66.42
N GLN L 219 15.26 4.27 66.86
CA GLN L 219 15.39 4.51 68.30
C GLN L 219 14.06 4.99 68.92
N LYS L 220 13.23 5.65 68.11
CA LYS L 220 11.87 6.04 68.51
C LYS L 220 10.99 4.82 68.80
N LEU L 221 10.89 3.94 67.81
CA LEU L 221 10.11 2.71 67.97
C LEU L 221 10.68 1.84 69.08
N LYS L 222 12.00 1.89 69.27
CA LYS L 222 12.65 1.20 70.39
C LYS L 222 12.15 1.76 71.72
N LYS L 223 12.04 3.09 71.80
CA LYS L 223 11.50 3.74 73.01
C LYS L 223 10.05 3.36 73.28
N GLN L 224 9.26 3.23 72.21
CA GLN L 224 7.88 2.75 72.36
C GLN L 224 7.82 1.30 72.87
N LYS L 225 8.67 0.43 72.32
CA LYS L 225 8.74 -0.96 72.76
C LYS L 225 9.21 -1.12 74.21
N ARG L 226 10.14 -0.28 74.67
CA ARG L 226 10.62 -0.35 76.06
C ARG L 226 9.68 0.31 77.06
N ALA L 227 8.96 1.35 76.63
CA ALA L 227 8.00 2.04 77.49
C ALA L 227 6.68 1.25 77.63
N LEU L 228 6.34 0.44 76.62
CA LEU L 228 5.21 -0.50 76.76
C LEU L 228 5.49 -1.53 77.87
N ARG L 229 6.73 -2.02 77.93
CA ARG L 229 7.15 -2.98 78.95
C ARG L 229 7.36 -2.34 80.33
N ALA L 230 7.85 -1.10 80.34
CA ALA L 230 7.96 -0.34 81.60
C ALA L 230 6.57 -0.07 82.20
N ALA L 231 5.62 0.35 81.35
CA ALA L 231 4.24 0.62 81.79
C ALA L 231 3.49 -0.67 82.20
N ALA L 232 3.73 -1.76 81.47
CA ALA L 232 3.10 -3.05 81.78
C ALA L 232 3.64 -3.68 83.08
N VAL L 233 4.97 -3.71 83.25
CA VAL L 233 5.56 -4.29 84.47
C VAL L 233 5.32 -3.37 85.69
N ALA L 234 5.21 -2.05 85.47
CA ALA L 234 4.82 -1.14 86.55
C ALA L 234 3.34 -1.33 86.96
N ALA L 235 2.46 -1.44 85.98
CA ALA L 235 1.03 -1.67 86.26
C ALA L 235 0.75 -3.07 86.84
N HIS L 236 1.66 -4.01 86.61
CA HIS L 236 1.61 -5.34 87.24
C HIS L 236 2.19 -5.32 88.68
N LYS L 237 3.26 -4.55 88.90
CA LYS L 237 3.86 -4.42 90.23
C LYS L 237 2.97 -3.65 91.22
N GLN L 238 2.26 -2.63 90.73
CA GLN L 238 1.37 -1.84 91.59
C GLN L 238 0.12 -2.61 92.04
N GLY L 239 -0.62 -3.16 91.08
CA GLY L 239 -1.84 -3.90 91.37
C GLY L 239 -2.74 -4.02 90.16
N ARG M 1 47.96 -29.13 68.41
CA ARG M 1 46.71 -28.37 68.42
C ARG M 1 46.02 -28.45 69.78
N ALA M 2 44.76 -28.04 69.83
CA ALA M 2 43.97 -28.12 71.05
C ALA M 2 43.34 -29.51 71.20
N TYR M 3 43.66 -30.20 72.29
CA TYR M 3 43.12 -31.53 72.52
C TYR M 3 42.15 -31.51 73.68
N ARG M 4 41.53 -32.67 73.97
CA ARG M 4 40.63 -32.79 75.11
C ARG M 4 41.36 -33.06 76.42
N GLY M 5 42.56 -33.62 76.33
CA GLY M 5 43.28 -34.07 77.51
C GLY M 5 44.64 -34.62 77.15
N GLY M 6 45.18 -35.47 78.03
CA GLY M 6 46.47 -36.07 77.78
C GLY M 6 47.54 -35.54 78.69
N HIS M 7 48.67 -36.23 78.68
CA HIS M 7 49.75 -36.01 79.65
C HIS M 7 51.07 -35.63 78.97
N LEU M 8 52.01 -35.06 79.72
CA LEU M 8 53.37 -34.89 79.25
C LEU M 8 54.08 -36.24 79.30
N THR M 9 54.58 -36.71 78.17
CA THR M 9 55.17 -38.04 78.09
C THR M 9 56.57 -38.02 77.47
N ILE M 10 57.53 -38.62 78.18
CA ILE M 10 58.90 -38.77 77.69
C ILE M 10 59.05 -40.11 76.96
N ARG M 11 59.29 -40.06 75.65
CA ARG M 11 59.27 -41.29 74.85
C ARG M 11 60.27 -41.30 73.70
N LEU M 12 60.13 -42.30 72.84
CA LEU M 12 60.97 -42.46 71.67
C LEU M 12 60.24 -42.06 70.39
N ALA M 13 60.72 -41.01 69.72
CA ALA M 13 60.18 -40.64 68.41
C ALA M 13 61.05 -41.25 67.32
N LEU M 14 60.43 -41.85 66.30
CA LEU M 14 61.17 -42.60 65.29
C LEU M 14 61.38 -41.82 63.99
N GLY M 15 62.60 -41.33 63.80
CA GLY M 15 63.03 -40.85 62.50
C GLY M 15 63.80 -41.98 61.84
N GLY M 16 63.83 -42.02 60.52
CA GLY M 16 64.59 -43.07 59.88
C GLY M 16 64.75 -42.98 58.37
N CYS M 17 65.83 -43.58 57.93
CA CYS M 17 66.16 -43.73 56.51
C CYS M 17 65.77 -45.12 55.98
N THR M 18 64.94 -45.86 56.73
CA THR M 18 64.36 -47.15 56.31
C THR M 18 65.27 -48.38 56.16
N ASN M 19 65.40 -49.12 57.28
CA ASN M 19 66.30 -50.27 57.55
C ASN M 19 67.57 -49.82 58.26
N ARG M 20 67.68 -48.52 58.46
CA ARG M 20 68.63 -47.99 59.43
C ARG M 20 67.84 -46.98 60.28
N PRO M 21 67.22 -47.48 61.36
CA PRO M 21 66.40 -46.64 62.23
C PRO M 21 67.24 -45.79 63.17
N PHE M 22 66.65 -44.72 63.66
CA PHE M 22 67.28 -43.85 64.66
C PHE M 22 66.18 -43.26 65.57
N TYR M 23 66.43 -43.16 66.87
CA TYR M 23 65.38 -42.70 67.80
C TYR M 23 65.76 -41.38 68.49
N ARG M 24 64.75 -40.59 68.82
CA ARG M 24 64.95 -39.37 69.61
C ARG M 24 64.17 -39.45 70.92
N ILE M 25 64.88 -39.41 72.04
CA ILE M 25 64.24 -39.24 73.33
C ILE M 25 63.66 -37.84 73.40
N VAL M 26 62.36 -37.79 73.64
CA VAL M 26 61.58 -36.58 73.35
C VAL M 26 60.50 -36.35 74.42
N ALA M 27 60.34 -35.11 74.86
CA ALA M 27 59.29 -34.75 75.83
C ALA M 27 58.09 -34.15 75.09
N ALA M 28 56.92 -34.78 75.22
CA ALA M 28 55.79 -34.43 74.35
C ALA M 28 54.41 -34.52 75.01
N HIS M 29 53.38 -34.47 74.18
CA HIS M 29 52.01 -34.75 74.59
C HIS M 29 51.61 -36.14 74.08
N SER M 30 50.78 -36.87 74.83
CA SER M 30 50.50 -38.27 74.52
C SER M 30 49.67 -38.46 73.27
N LYS M 31 48.77 -37.53 73.00
CA LYS M 31 47.83 -37.69 71.89
C LYS M 31 48.28 -36.97 70.59
N CYS M 32 49.44 -36.31 70.61
CA CYS M 32 50.00 -35.71 69.40
C CYS M 32 50.81 -36.77 68.63
N PRO M 33 51.03 -36.57 67.31
CA PRO M 33 51.64 -37.62 66.49
C PRO M 33 53.04 -38.05 66.95
N ARG M 34 53.47 -39.22 66.50
CA ARG M 34 54.67 -39.89 67.00
C ARG M 34 55.94 -39.02 66.95
N ASP M 35 56.28 -38.54 65.76
CA ASP M 35 57.50 -37.78 65.54
C ASP M 35 57.19 -36.30 65.62
N GLY M 36 55.94 -36.01 65.94
CA GLY M 36 55.41 -34.67 65.84
C GLY M 36 55.91 -33.75 66.92
N ARG M 37 55.16 -32.67 67.11
CA ARG M 37 55.55 -31.57 67.97
C ARG M 37 55.86 -32.05 69.37
N PHE M 38 56.80 -31.39 70.02
CA PHE M 38 57.23 -31.75 71.35
C PHE M 38 57.62 -30.51 72.13
N VAL M 39 57.68 -30.64 73.44
CA VAL M 39 58.05 -29.53 74.30
C VAL M 39 59.53 -29.19 74.17
N GLU M 40 60.36 -30.19 74.43
CA GLU M 40 61.81 -30.01 74.42
C GLU M 40 62.53 -31.31 74.06
N GLN M 41 63.61 -31.20 73.30
CA GLN M 41 64.42 -32.38 73.03
C GLN M 41 65.22 -32.75 74.28
N LEU M 42 65.13 -34.03 74.63
CA LEU M 42 65.79 -34.56 75.83
C LEU M 42 67.06 -35.31 75.46
N GLY M 43 66.91 -36.35 74.66
CA GLY M 43 68.03 -37.22 74.33
C GLY M 43 67.85 -37.93 73.00
N SER M 44 68.71 -38.90 72.72
CA SER M 44 68.61 -39.70 71.51
C SER M 44 69.02 -41.15 71.74
N TYR M 45 68.71 -41.99 70.77
CA TYR M 45 69.09 -43.39 70.82
C TYR M 45 69.50 -43.90 69.43
N ASP M 46 70.57 -44.68 69.38
CA ASP M 46 71.01 -45.31 68.13
C ASP M 46 70.89 -46.83 68.24
N PRO M 47 69.94 -47.41 67.49
CA PRO M 47 69.68 -48.86 67.45
C PRO M 47 70.85 -49.71 66.96
N LEU M 48 71.51 -49.30 65.88
CA LEU M 48 72.51 -50.14 65.24
C LEU M 48 73.93 -49.89 65.78
N PRO M 49 74.63 -50.98 66.13
CA PRO M 49 75.99 -50.88 66.65
C PRO M 49 76.98 -50.34 65.62
N ASN M 50 77.88 -49.47 66.05
CA ASN M 50 78.83 -48.79 65.16
C ASN M 50 80.13 -49.58 64.92
N SER M 51 81.12 -48.89 64.34
CA SER M 51 82.44 -49.48 64.03
C SER M 51 83.10 -50.15 65.23
N HIS M 52 82.83 -49.62 66.42
CA HIS M 52 83.35 -50.16 67.66
C HIS M 52 82.32 -51.09 68.33
N GLY M 53 81.18 -51.28 67.68
CA GLY M 53 80.12 -52.14 68.20
C GLY M 53 79.39 -51.56 69.40
N GLU M 54 78.94 -50.31 69.26
CA GLU M 54 78.28 -49.61 70.37
C GLU M 54 76.96 -48.98 69.93
N LYS M 55 75.88 -49.41 70.57
CA LYS M 55 74.60 -48.73 70.42
C LYS M 55 74.68 -47.46 71.23
N LEU M 56 74.43 -46.31 70.61
CA LEU M 56 74.69 -45.03 71.28
C LEU M 56 73.45 -44.33 71.81
N VAL M 57 73.52 -43.93 73.08
CA VAL M 57 72.43 -43.20 73.73
C VAL M 57 72.94 -41.94 74.39
N ALA M 58 72.39 -40.80 73.98
CA ALA M 58 72.63 -39.54 74.66
C ALA M 58 71.40 -39.18 75.45
N LEU M 59 71.56 -38.95 76.75
CA LEU M 59 70.44 -38.59 77.60
C LEU M 59 70.77 -37.34 78.40
N ASN M 60 69.80 -36.43 78.55
CA ASN M 60 69.98 -35.29 79.44
C ASN M 60 69.25 -35.59 80.75
N PHE M 61 70.01 -35.89 81.80
CA PHE M 61 69.45 -36.38 83.05
C PHE M 61 68.87 -35.26 83.94
N ASP M 62 69.42 -34.06 83.81
CA ASP M 62 68.93 -32.90 84.53
C ASP M 62 67.49 -32.61 84.12
N ARG M 63 67.26 -32.57 82.80
CA ARG M 63 65.93 -32.31 82.26
C ARG M 63 65.03 -33.54 82.31
N ILE M 64 65.63 -34.73 82.25
CA ILE M 64 64.87 -35.97 82.44
C ILE M 64 64.25 -35.99 83.84
N ARG M 65 65.03 -35.61 84.84
CA ARG M 65 64.54 -35.59 86.22
C ARG M 65 63.71 -34.34 86.55
N HIS M 66 63.87 -33.29 85.74
CA HIS M 66 63.00 -32.13 85.87
C HIS M 66 61.60 -32.44 85.33
N TRP M 67 61.52 -33.13 84.19
CA TRP M 67 60.23 -33.50 83.59
C TRP M 67 59.56 -34.66 84.33
N ILE M 68 60.33 -35.68 84.70
CA ILE M 68 59.84 -36.73 85.58
C ILE M 68 59.46 -36.10 86.93
N GLY M 69 60.14 -35.00 87.26
CA GLY M 69 59.83 -34.24 88.46
C GLY M 69 58.57 -33.40 88.37
N CYS M 70 58.14 -33.09 87.15
CA CYS M 70 56.90 -32.34 86.92
C CYS M 70 55.67 -33.22 86.63
N GLY M 71 55.84 -34.53 86.78
CA GLY M 71 54.73 -35.46 86.66
C GLY M 71 54.62 -36.26 85.37
N ALA M 72 55.71 -36.28 84.61
CA ALA M 72 55.74 -37.01 83.34
C ALA M 72 55.69 -38.53 83.51
N HIS M 73 55.07 -39.19 82.54
CA HIS M 73 55.06 -40.65 82.45
C HIS M 73 56.18 -41.11 81.52
N LEU M 74 56.76 -42.27 81.81
CA LEU M 74 57.78 -42.83 80.93
C LEU M 74 57.26 -44.07 80.18
N SER M 75 57.58 -44.14 78.89
CA SER M 75 57.24 -45.28 78.03
C SER M 75 58.09 -46.51 78.41
N LYS M 76 57.64 -47.68 77.96
CA LYS M 76 58.32 -48.93 78.31
C LYS M 76 59.81 -48.99 77.86
N PRO M 77 60.12 -48.69 76.58
CA PRO M 77 61.55 -48.73 76.24
C PRO M 77 62.40 -47.61 76.86
N VAL M 78 61.77 -46.51 77.27
CA VAL M 78 62.46 -45.43 77.98
C VAL M 78 62.88 -45.91 79.37
N GLU M 79 62.07 -46.81 79.93
CA GLU M 79 62.43 -47.46 81.18
C GLU M 79 63.44 -48.58 80.95
N LYS M 80 63.45 -49.16 79.74
CA LYS M 80 64.55 -50.06 79.36
C LYS M 80 65.88 -49.32 79.41
N LEU M 81 65.95 -48.18 78.74
CA LEU M 81 67.18 -47.36 78.68
C LEU M 81 67.58 -46.74 80.02
N LEU M 82 66.64 -46.08 80.69
CA LEU M 82 66.93 -45.44 81.96
C LEU M 82 67.20 -46.47 83.06
N GLY M 83 66.62 -47.65 82.91
CA GLY M 83 66.90 -48.76 83.82
C GLY M 83 68.29 -49.33 83.61
N LEU M 84 68.60 -49.67 82.36
CA LEU M 84 69.92 -50.20 82.00
C LEU M 84 71.03 -49.20 82.37
N SER M 85 70.74 -47.90 82.25
CA SER M 85 71.73 -46.87 82.50
C SER M 85 72.15 -46.86 83.97
N GLY M 86 71.20 -47.14 84.85
CA GLY M 86 71.45 -47.10 86.27
C GLY M 86 70.87 -45.86 86.93
N PHE M 87 70.33 -44.95 86.14
CA PHE M 87 69.65 -43.77 86.66
C PHE M 87 68.35 -44.21 87.33
N TYR M 88 67.85 -45.37 86.91
CA TYR M 88 66.63 -45.96 87.46
C TYR M 88 66.88 -47.42 87.82
N PRO M 89 66.01 -48.00 88.67
CA PRO M 89 66.08 -49.45 88.90
C PRO M 89 65.73 -50.23 87.64
N LEU M 90 66.31 -51.42 87.49
CA LEU M 90 66.06 -52.23 86.29
C LEU M 90 64.61 -52.66 86.23
N HIS M 91 64.00 -52.52 85.06
CA HIS M 91 62.60 -52.86 84.91
C HIS M 91 62.40 -54.36 85.12
N PRO M 92 61.30 -54.73 85.80
CA PRO M 92 60.93 -56.11 86.14
C PRO M 92 60.82 -57.07 84.95
N MET M 93 60.44 -56.56 83.77
CA MET M 93 60.29 -57.41 82.59
C MET M 93 61.64 -57.62 81.88
N MET M 94 62.67 -56.90 82.32
CA MET M 94 64.03 -57.15 81.86
C MET M 94 64.54 -58.44 82.50
N ILE M 95 64.32 -58.56 83.81
CA ILE M 95 64.65 -59.76 84.57
C ILE M 95 63.68 -60.89 84.23
N THR M 96 62.45 -60.55 83.86
CA THR M 96 61.47 -61.56 83.46
C THR M 96 61.83 -62.16 82.09
N ASN M 97 62.14 -61.31 81.11
CA ASN M 97 62.62 -61.78 79.81
C ASN M 97 63.95 -62.50 79.95
N ALA M 98 64.75 -62.03 80.92
CA ALA M 98 65.97 -62.74 81.33
C ALA M 98 65.61 -64.18 81.68
N GLU M 99 64.76 -64.35 82.69
CA GLU M 99 64.28 -65.68 83.11
C GLU M 99 63.75 -66.54 81.94
N ARG M 100 62.94 -65.94 81.06
CA ARG M 100 62.39 -66.65 79.89
C ARG M 100 63.51 -67.19 78.98
N LEU M 101 64.49 -66.33 78.70
CA LEU M 101 65.65 -66.73 77.89
C LEU M 101 66.50 -67.81 78.58
N ARG M 102 66.79 -67.65 79.86
CA ARG M 102 67.61 -68.62 80.61
C ARG M 102 66.97 -70.01 80.59
N ARG M 103 65.68 -70.04 80.91
CA ARG M 103 64.94 -71.31 80.92
C ARG M 103 64.84 -71.91 79.52
N LYS M 104 64.70 -71.07 78.48
CA LYS M 104 64.65 -71.60 77.12
C LYS M 104 66.04 -72.07 76.64
N ARG M 105 67.11 -71.53 77.23
CA ARG M 105 68.48 -71.97 76.98
C ARG M 105 68.76 -73.33 77.63
N ALA M 106 68.24 -73.55 78.83
CA ALA M 106 68.37 -74.87 79.47
C ALA M 106 67.51 -75.93 78.75
N ARG M 107 66.27 -75.56 78.41
CA ARG M 107 65.36 -76.46 77.68
C ARG M 107 65.90 -76.82 76.30
N GLU M 108 66.59 -75.88 75.64
CA GLU M 108 67.17 -76.18 74.33
C GLU M 108 68.61 -76.75 74.39
N VAL M 109 69.29 -76.67 75.54
CA VAL M 109 70.51 -77.46 75.76
C VAL M 109 70.09 -78.92 75.94
N LEU M 110 69.00 -79.12 76.67
CA LEU M 110 68.40 -80.45 76.82
C LEU M 110 67.79 -80.95 75.50
N LEU M 111 67.34 -80.03 74.63
CA LEU M 111 66.91 -80.40 73.28
C LEU M 111 68.10 -80.81 72.38
N ALA M 112 69.21 -80.07 72.48
CA ALA M 112 70.43 -80.43 71.73
C ALA M 112 71.01 -81.77 72.18
N SER M 113 70.99 -82.03 73.48
CA SER M 113 71.50 -83.29 74.03
C SER M 113 70.49 -84.46 73.92
N GLN M 114 69.21 -84.16 73.72
CA GLN M 114 68.23 -85.20 73.39
C GLN M 114 68.27 -85.56 71.90
N LYS M 115 68.63 -84.59 71.05
CA LYS M 115 68.79 -84.83 69.62
C LYS M 115 70.11 -85.53 69.27
N THR M 116 71.18 -85.18 69.98
CA THR M 116 72.49 -85.82 69.77
C THR M 116 72.44 -87.32 70.06
N ASP M 117 71.65 -87.70 71.07
CA ASP M 117 71.50 -89.12 71.44
C ASP M 117 70.85 -89.92 70.32
N SER N 1 50.47 -8.89 94.01
CA SER N 1 49.97 -7.63 93.48
C SER N 1 49.53 -7.76 92.02
N ILE N 2 48.27 -8.13 91.80
CA ILE N 2 47.76 -8.29 90.44
C ILE N 2 46.77 -7.18 90.04
N ALA N 3 47.24 -6.25 89.24
CA ALA N 3 46.40 -5.38 88.43
C ALA N 3 47.10 -5.21 87.07
N ARG N 4 46.46 -5.67 86.00
CA ARG N 4 47.10 -5.67 84.68
C ARG N 4 46.12 -5.39 83.55
N SER N 5 46.67 -4.97 82.41
CA SER N 5 45.94 -4.90 81.16
C SER N 5 46.73 -5.68 80.10
N SER N 6 46.05 -6.59 79.40
CA SER N 6 46.72 -7.52 78.46
C SER N 6 47.23 -6.81 77.21
N VAL N 7 46.92 -5.52 77.08
CA VAL N 7 47.30 -4.72 75.93
C VAL N 7 48.76 -4.25 76.00
N HIS N 8 49.46 -4.31 74.87
CA HIS N 8 50.87 -3.92 74.76
C HIS N 8 51.07 -2.45 75.06
N ALA N 9 49.96 -1.74 75.19
CA ALA N 9 49.87 -0.28 75.17
C ALA N 9 50.41 0.48 76.37
N LYS N 10 51.01 -0.21 77.33
CA LYS N 10 51.06 0.22 78.73
C LYS N 10 51.16 1.72 78.99
N TRP N 11 51.98 2.41 78.19
CA TRP N 11 52.01 3.88 78.23
C TRP N 11 52.15 4.43 76.81
N VAL N 12 51.50 5.57 76.53
CA VAL N 12 51.70 6.20 75.20
C VAL N 12 51.66 7.73 75.25
N VAL N 13 52.39 8.40 74.35
CA VAL N 13 52.19 9.83 74.13
C VAL N 13 51.36 10.01 72.87
N GLY N 14 50.28 10.79 72.96
CA GLY N 14 49.45 11.00 71.78
C GLY N 14 48.66 12.29 71.74
N LYS N 15 48.39 12.74 70.53
CA LYS N 15 47.73 14.02 70.33
C LYS N 15 46.24 13.85 70.57
N VAL N 16 45.55 14.92 70.91
CA VAL N 16 44.09 14.83 71.07
C VAL N 16 43.39 15.25 69.78
N ILE N 17 42.77 14.26 69.14
CA ILE N 17 42.04 14.47 67.90
C ILE N 17 40.62 15.04 68.13
N GLY N 18 39.87 14.46 69.07
CA GLY N 18 38.52 14.96 69.27
C GLY N 18 37.87 14.81 70.63
N THR N 19 36.96 15.74 70.90
CA THR N 19 36.23 15.81 72.16
C THR N 19 34.81 15.24 72.06
N ALA N 20 34.45 14.70 70.90
CA ALA N 20 33.05 14.56 70.48
C ALA N 20 32.15 13.66 71.33
N MET N 21 32.71 12.95 72.31
CA MET N 21 31.90 12.10 73.18
C MET N 21 32.04 12.50 74.66
N GLN N 22 31.08 12.08 75.48
CA GLN N 22 31.05 12.49 76.90
C GLN N 22 32.16 11.85 77.72
N LYS N 23 32.97 12.67 78.37
CA LYS N 23 34.01 12.21 79.29
C LYS N 23 34.99 11.22 78.65
N THR N 24 35.12 11.29 77.33
CA THR N 24 35.95 10.34 76.59
C THR N 24 36.75 11.10 75.52
N ALA N 25 38.07 10.96 75.54
CA ALA N 25 38.92 11.69 74.61
C ALA N 25 39.43 10.81 73.46
N LYS N 26 39.36 11.37 72.25
CA LYS N 26 39.83 10.68 71.05
C LYS N 26 41.25 11.13 70.73
N VAL N 27 42.20 10.21 70.92
CA VAL N 27 43.63 10.51 70.97
C VAL N 27 44.43 9.93 69.82
N ARG N 28 45.19 10.77 69.12
CA ARG N 28 46.04 10.27 68.04
C ARG N 28 47.40 9.86 68.56
N VAL N 29 47.75 8.60 68.34
CA VAL N 29 49.05 8.08 68.74
C VAL N 29 49.93 7.85 67.52
N THR N 30 51.19 8.29 67.58
CA THR N 30 52.10 8.24 66.43
C THR N 30 53.41 7.50 66.74
N ARG N 31 53.63 6.34 66.08
CA ARG N 31 54.85 5.54 66.28
C ARG N 31 55.75 5.56 65.07
N LEU N 32 57.04 5.35 65.28
CA LEU N 32 57.94 5.15 64.16
C LEU N 32 57.99 3.69 63.73
N VAL N 33 57.57 3.37 62.49
CA VAL N 33 57.69 2.00 61.99
C VAL N 33 58.65 1.94 60.82
N LEU N 34 59.46 0.89 60.83
CA LEU N 34 60.42 0.65 59.77
C LEU N 34 59.78 0.02 58.54
N ASP N 35 59.95 0.70 57.40
CA ASP N 35 59.69 0.13 56.10
C ASP N 35 60.94 -0.64 55.66
N PRO N 36 60.79 -1.98 55.53
CA PRO N 36 61.80 -3.00 55.23
C PRO N 36 62.44 -2.86 53.85
N TYR N 37 61.69 -2.37 52.88
CA TYR N 37 62.21 -2.16 51.54
C TYR N 37 63.27 -1.07 51.53
N LEU N 38 62.88 0.12 51.98
CA LEU N 38 63.72 1.30 51.84
C LEU N 38 64.66 1.43 53.02
N LEU N 39 64.42 0.62 54.04
CA LEU N 39 65.03 0.80 55.35
C LEU N 39 64.80 2.23 55.80
N LYS N 40 63.53 2.59 56.01
CA LYS N 40 63.24 3.94 56.48
C LYS N 40 62.00 4.02 57.37
N TYR N 41 62.09 4.84 58.42
CA TYR N 41 61.03 4.94 59.44
C TYR N 41 60.04 6.07 59.20
N PHE N 42 58.77 5.73 59.20
CA PHE N 42 57.71 6.72 58.97
C PHE N 42 56.75 6.73 60.15
N ASN N 43 55.90 7.74 60.19
CA ASN N 43 54.95 7.88 61.29
C ASN N 43 53.65 7.17 61.00
N LYS N 44 53.42 6.06 61.70
CA LYS N 44 52.18 5.32 61.56
C LYS N 44 51.29 5.68 62.73
N ARG N 45 50.02 5.96 62.43
CA ARG N 45 49.13 6.49 63.43
C ARG N 45 48.03 5.51 63.81
N LYS N 46 47.59 5.63 65.06
CA LYS N 46 46.56 4.77 65.61
C LYS N 46 45.67 5.62 66.52
N THR N 47 44.36 5.49 66.38
CA THR N 47 43.45 6.31 67.15
C THR N 47 42.94 5.58 68.40
N TYR N 48 43.33 6.09 69.57
CA TYR N 48 42.99 5.48 70.85
C TYR N 48 41.90 6.23 71.60
N PHE N 49 41.00 5.48 72.23
CA PHE N 49 39.99 6.05 73.10
C PHE N 49 40.49 6.10 74.53
N ALA N 50 40.23 7.20 75.23
CA ALA N 50 40.63 7.32 76.63
C ALA N 50 39.49 7.83 77.51
N HIS N 51 39.51 7.48 78.79
CA HIS N 51 38.53 8.01 79.75
C HIS N 51 39.11 9.24 80.45
N ASP N 52 38.35 10.32 80.44
CA ASP N 52 38.69 11.51 81.21
C ASP N 52 37.59 11.77 82.23
N ALA N 53 37.97 11.97 83.49
CA ALA N 53 37.02 12.25 84.57
C ALA N 53 36.59 13.72 84.60
N LEU N 54 37.52 14.60 84.25
CA LEU N 54 37.31 16.03 84.31
C LEU N 54 36.62 16.54 83.05
N GLN N 55 36.62 15.71 82.01
CA GLN N 55 36.26 16.10 80.65
C GLN N 55 37.13 17.30 80.26
N GLN N 56 38.44 17.12 80.43
CA GLN N 56 39.42 18.21 80.46
C GLN N 56 40.16 18.50 79.14
N CYS N 57 39.96 17.68 78.11
CA CYS N 57 40.80 17.76 76.93
C CYS N 57 40.21 18.55 75.77
N THR N 58 40.79 19.71 75.51
CA THR N 58 40.48 20.48 74.32
C THR N 58 41.08 19.74 73.12
N VAL N 59 40.62 20.05 71.91
CA VAL N 59 41.10 19.37 70.70
C VAL N 59 42.47 19.87 70.22
N GLY N 60 43.42 18.94 70.05
CA GLY N 60 44.76 19.29 69.61
C GLY N 60 45.82 19.25 70.71
N ASP N 61 45.44 18.74 71.88
CA ASP N 61 46.33 18.67 73.04
C ASP N 61 47.36 17.57 72.93
N ILE N 62 48.42 17.65 73.74
CA ILE N 62 49.39 16.56 73.87
C ILE N 62 49.20 15.83 75.20
N VAL N 63 48.77 14.58 75.10
CA VAL N 63 48.27 13.83 76.25
C VAL N 63 48.99 12.49 76.47
N LEU N 64 49.31 12.22 77.73
CA LEU N 64 49.95 10.97 78.14
C LEU N 64 48.91 9.94 78.56
N LEU N 65 48.81 8.84 77.83
CA LEU N 65 47.82 7.80 78.12
C LEU N 65 48.36 6.63 78.93
N LYS N 66 47.63 6.31 79.98
CA LYS N 66 47.91 5.21 80.89
C LYS N 66 46.93 4.06 80.64
N ALA N 67 47.45 2.84 80.63
CA ALA N 67 46.60 1.67 80.43
C ALA N 67 45.62 1.49 81.57
N LEU N 68 44.41 1.07 81.23
CA LEU N 68 43.37 0.77 82.23
C LEU N 68 43.37 -0.74 82.50
N PRO N 69 43.39 -1.16 83.78
CA PRO N 69 43.50 -2.58 84.12
C PRO N 69 42.34 -3.42 83.58
N VAL N 70 41.10 -2.95 83.78
CA VAL N 70 39.93 -3.63 83.24
C VAL N 70 39.26 -2.78 82.17
N PRO N 71 39.10 -3.33 80.96
CA PRO N 71 38.52 -2.59 79.83
C PRO N 71 37.11 -2.10 80.13
N ARG N 72 36.83 -0.84 79.83
CA ARG N 72 35.48 -0.30 80.01
C ARG N 72 34.55 -0.87 78.94
N THR N 73 34.79 -0.47 77.69
CA THR N 73 34.05 -1.00 76.55
C THR N 73 35.00 -1.75 75.64
N LYS N 74 34.49 -2.19 74.49
CA LYS N 74 35.35 -2.78 73.46
C LYS N 74 36.45 -1.81 73.07
N HIS N 75 36.06 -0.55 72.87
CA HIS N 75 36.99 0.44 72.34
C HIS N 75 37.68 1.31 73.39
N VAL N 76 37.31 1.20 74.66
CA VAL N 76 37.99 2.02 75.67
C VAL N 76 38.89 1.16 76.55
N LYS N 77 40.18 1.19 76.23
CA LYS N 77 41.20 0.50 77.00
C LYS N 77 42.06 1.41 77.86
N HIS N 78 41.75 2.71 77.88
CA HIS N 78 42.69 3.66 78.44
C HIS N 78 42.13 4.71 79.37
N GLU N 79 43.07 5.38 80.03
CA GLU N 79 42.78 6.51 80.90
C GLU N 79 43.74 7.64 80.59
N LEU N 80 43.21 8.85 80.46
CA LEU N 80 44.09 10.00 80.41
C LEU N 80 44.82 10.04 81.74
N ALA N 81 46.16 10.01 81.70
CA ALA N 81 46.94 10.10 82.92
C ALA N 81 47.16 11.56 83.23
N GLU N 82 47.89 12.25 82.36
CA GLU N 82 48.20 13.66 82.55
C GLU N 82 48.21 14.40 81.22
N ILE N 83 48.05 15.72 81.28
CA ILE N 83 48.19 16.52 80.07
C ILE N 83 49.61 17.05 79.96
N ILE N 84 50.36 16.56 78.98
CA ILE N 84 51.74 16.98 78.79
C ILE N 84 51.80 18.41 78.29
N PHE N 85 51.11 18.68 77.18
CA PHE N 85 51.01 20.03 76.66
C PHE N 85 49.55 20.42 76.47
N LYS N 86 49.15 21.55 77.03
CA LYS N 86 47.84 22.11 76.70
C LYS N 86 47.96 22.88 75.38
N VAL N 87 46.92 22.86 74.54
CA VAL N 87 47.00 23.55 73.25
C VAL N 87 46.90 25.07 73.47
N GLY N 88 47.86 25.81 72.93
CA GLY N 88 47.88 27.26 73.05
C GLY N 88 48.46 27.74 74.37
N GLN N 89 48.51 26.84 75.34
CA GLN N 89 49.12 27.14 76.62
C GLN N 89 50.13 26.06 76.99
N VAL N 90 51.40 26.43 77.00
CA VAL N 90 52.43 25.45 77.31
C VAL N 90 53.39 26.03 78.32
N ILE N 91 53.63 25.30 79.40
CA ILE N 91 54.63 25.71 80.37
C ILE N 91 55.88 24.84 80.24
N ASP N 92 57.00 25.51 80.05
CA ASP N 92 58.30 24.87 79.87
C ASP N 92 58.60 23.98 81.08
N PRO N 93 58.73 22.65 80.84
CA PRO N 93 59.03 21.71 81.94
C PRO N 93 60.37 22.04 82.57
N VAL N 94 61.32 22.47 81.74
CA VAL N 94 62.63 22.89 82.21
C VAL N 94 62.57 24.08 83.18
N THR N 95 62.22 25.26 82.67
CA THR N 95 62.28 26.50 83.45
C THR N 95 60.97 26.86 84.18
N GLY N 96 59.88 26.16 83.89
CA GLY N 96 58.62 26.41 84.55
C GLY N 96 58.02 27.78 84.25
N LYS N 97 58.29 28.28 83.05
CA LYS N 97 57.75 29.58 82.63
C LYS N 97 56.97 29.45 81.34
N PRO N 98 55.86 30.21 81.20
CA PRO N 98 54.93 30.14 80.08
C PRO N 98 55.54 30.55 78.73
N CYS N 99 55.15 29.87 77.65
CA CYS N 99 55.79 30.03 76.35
C CYS N 99 54.85 29.91 75.14
N ALA N 100 55.18 30.64 74.07
CA ALA N 100 54.57 30.44 72.75
C ALA N 100 55.67 30.27 71.72
N GLY N 101 55.79 29.07 71.17
CA GLY N 101 56.87 28.75 70.25
C GLY N 101 58.25 28.87 70.86
N THR N 102 59.12 29.64 70.21
CA THR N 102 60.48 29.86 70.68
C THR N 102 60.55 31.10 71.57
N THR N 103 59.38 31.69 71.83
CA THR N 103 59.30 32.94 72.59
C THR N 103 58.87 32.71 74.04
N TYR N 104 59.79 32.93 74.97
CA TYR N 104 59.41 33.01 76.37
C TYR N 104 58.44 34.16 76.54
N LEU N 105 57.27 33.89 77.09
CA LEU N 105 56.36 34.96 77.43
C LEU N 105 56.83 35.58 78.74
N GLU N 106 57.21 34.72 79.67
CA GLU N 106 57.85 35.15 80.91
C GLU N 106 59.29 34.68 80.98
N SER N 107 60.22 35.62 80.86
CA SER N 107 61.66 35.33 80.90
C SER N 107 62.18 35.35 82.34
N PRO N 108 63.35 34.74 82.57
CA PRO N 108 64.04 34.89 83.85
C PRO N 108 64.40 36.34 84.17
N ILE N 109 64.69 36.63 85.45
CA ILE N 109 64.95 37.97 86.03
C ILE N 109 63.63 38.64 86.46
N SER O 1 103.59 44.97 52.70
CA SER O 1 104.28 46.22 52.98
C SER O 1 104.83 46.86 51.70
N ASN O 2 104.25 46.51 50.55
CA ASN O 2 104.57 47.18 49.29
C ASN O 2 103.52 48.21 48.99
N GLU O 3 103.92 49.48 49.01
CA GLU O 3 102.96 50.58 48.96
C GLU O 3 102.63 51.01 47.52
N ASP O 4 103.15 50.26 46.55
CA ASP O 4 102.86 50.53 45.15
C ASP O 4 101.72 49.67 44.61
N LEU O 5 101.07 48.90 45.48
CA LEU O 5 99.99 48.01 45.07
C LEU O 5 98.75 48.78 44.57
N PRO O 6 97.74 48.06 44.02
CA PRO O 6 96.50 48.71 43.63
C PRO O 6 95.53 48.97 44.78
N VAL O 7 94.70 50.00 44.61
CA VAL O 7 93.67 50.38 45.57
C VAL O 7 92.30 49.82 45.18
N PRO O 8 91.55 49.23 46.14
CA PRO O 8 90.23 48.72 45.80
C PRO O 8 89.20 49.84 45.60
N MET O 9 89.60 50.84 44.82
CA MET O 9 88.77 52.02 44.60
C MET O 9 87.77 51.85 43.45
N GLU O 10 86.69 52.63 43.55
CA GLU O 10 85.70 52.78 42.49
C GLU O 10 86.22 53.68 41.37
N ASN O 11 85.64 53.53 40.17
CA ASN O 11 86.21 54.20 39.01
C ASN O 11 86.07 55.71 39.06
N PRO O 12 87.22 56.40 39.13
CA PRO O 12 87.33 57.85 39.09
C PRO O 12 87.07 58.40 37.69
N TYR O 13 87.38 57.59 36.68
CA TYR O 13 87.26 58.02 35.30
C TYR O 13 85.87 57.73 34.75
N LYS O 14 85.00 57.28 35.65
CA LYS O 14 83.62 56.96 35.30
C LYS O 14 82.94 58.18 34.67
N GLU O 15 82.43 58.01 33.46
CA GLU O 15 81.78 59.09 32.75
C GLU O 15 80.38 59.34 33.27
N PRO O 16 79.82 60.53 33.01
CA PRO O 16 78.40 60.78 33.28
C PRO O 16 77.46 60.01 32.36
N LEU O 17 76.41 59.39 32.91
CA LEU O 17 75.41 58.70 32.10
C LEU O 17 74.71 59.70 31.18
N LYS O 18 74.60 59.36 29.90
CA LYS O 18 73.95 60.23 28.94
C LYS O 18 72.47 60.36 29.24
N LYS O 19 71.82 61.40 28.72
CA LYS O 19 70.46 61.73 29.11
C LYS O 19 69.54 62.00 27.91
N CYS O 20 68.27 61.57 28.00
CA CYS O 20 67.30 61.84 26.95
C CYS O 20 67.11 63.35 26.88
N ILE O 21 66.68 63.85 25.73
CA ILE O 21 66.49 65.28 25.54
C ILE O 21 65.54 65.84 26.60
N LEU O 22 64.67 64.99 27.12
CA LEU O 22 63.77 65.38 28.21
C LEU O 22 64.21 64.94 29.63
N CYS O 23 65.39 64.32 29.79
CA CYS O 23 65.81 63.74 31.08
C CYS O 23 65.70 64.80 32.19
N GLU O 24 64.95 64.45 33.23
CA GLU O 24 64.58 65.34 34.32
C GLU O 24 63.95 66.65 33.87
N LYS O 25 63.19 66.58 32.78
CA LYS O 25 62.21 67.60 32.45
C LYS O 25 60.81 67.12 32.87
N HIS O 26 59.77 67.83 32.48
CA HIS O 26 58.41 67.33 32.68
C HIS O 26 57.48 67.63 31.51
N VAL O 27 56.69 66.63 31.13
CA VAL O 27 55.77 66.73 30.01
C VAL O 27 54.31 66.73 30.47
N ASP O 28 53.54 67.68 29.94
CA ASP O 28 52.09 67.72 30.13
C ASP O 28 51.41 67.64 28.78
N TYR O 29 50.13 67.27 28.76
CA TYR O 29 49.43 67.17 27.50
C TYR O 29 48.84 68.53 27.11
N LYS O 30 49.14 69.53 27.91
CA LYS O 30 48.64 70.88 27.67
C LYS O 30 49.58 71.72 26.80
N ASN O 31 50.79 71.24 26.55
CA ASN O 31 51.61 71.87 25.51
C ASN O 31 51.68 70.99 24.26
N VAL O 32 50.97 71.42 23.23
CA VAL O 32 50.84 70.66 21.99
C VAL O 32 52.08 70.83 21.12
N GLN O 33 52.85 71.90 21.36
CA GLN O 33 54.08 72.16 20.64
C GLN O 33 55.13 71.06 20.89
N LEU O 34 55.42 70.87 22.18
CA LEU O 34 56.34 69.84 22.62
C LEU O 34 55.97 68.50 22.03
N LEU O 35 54.69 68.16 22.08
CA LEU O 35 54.21 66.89 21.55
C LEU O 35 54.28 66.85 20.03
N SER O 36 54.24 68.03 19.41
CA SER O 36 54.29 68.14 17.96
C SER O 36 55.65 67.73 17.45
N GLN O 37 56.69 68.20 18.12
CA GLN O 37 58.05 67.87 17.68
C GLN O 37 58.29 66.36 17.48
N PHE O 38 57.64 65.54 18.31
CA PHE O 38 57.86 64.09 18.29
C PHE O 38 56.91 63.39 17.33
N ILE O 39 56.16 64.18 16.58
CA ILE O 39 55.19 63.64 15.65
C ILE O 39 55.57 63.92 14.20
N SER O 40 55.28 62.97 13.32
CA SER O 40 55.49 63.10 11.88
C SER O 40 54.57 64.13 11.24
N PRO O 41 55.16 65.07 10.49
CA PRO O 41 54.46 66.20 9.85
C PRO O 41 53.31 65.83 8.90
N PHE O 42 53.55 64.90 7.99
CA PHE O 42 52.56 64.57 6.98
C PHE O 42 51.53 63.58 7.46
N THR O 43 51.97 62.70 8.34
CA THR O 43 51.14 61.59 8.79
C THR O 43 50.33 61.90 10.03
N GLY O 44 51.03 62.28 11.08
CA GLY O 44 50.40 62.42 12.39
C GLY O 44 50.82 61.20 13.18
N CYS O 45 51.83 60.53 12.66
CA CYS O 45 52.41 59.34 13.30
C CYS O 45 53.33 59.68 14.48
N ILE O 46 53.49 58.70 15.36
CA ILE O 46 54.35 58.82 16.54
C ILE O 46 55.68 58.09 16.35
N TYR O 47 56.79 58.83 16.26
CA TYR O 47 58.10 58.25 16.04
C TYR O 47 58.53 57.26 17.14
N GLY O 48 59.20 56.17 16.76
CA GLY O 48 59.70 55.19 17.71
C GLY O 48 60.91 55.69 18.48
N ARG O 49 61.45 54.86 19.36
CA ARG O 49 62.63 55.23 20.14
C ARG O 49 63.83 55.57 19.27
N HIS O 50 64.00 54.81 18.19
CA HIS O 50 65.17 54.92 17.33
C HIS O 50 65.23 56.26 16.59
N ILE O 51 64.18 57.06 16.70
CA ILE O 51 64.15 58.37 16.06
C ILE O 51 64.24 59.48 17.11
N THR O 52 63.22 59.54 17.97
CA THR O 52 63.20 60.50 19.07
C THR O 52 64.41 60.32 19.96
N GLY O 53 64.73 59.07 20.29
CA GLY O 53 65.85 58.80 21.16
C GLY O 53 65.60 59.24 22.59
N LEU O 54 64.57 58.68 23.21
CA LEU O 54 64.27 58.99 24.61
C LEU O 54 64.32 57.72 25.46
N CYS O 55 64.37 57.87 26.79
CA CYS O 55 64.36 56.70 27.67
C CYS O 55 62.98 56.07 27.55
N GLY O 56 62.78 54.95 28.24
CA GLY O 56 61.49 54.27 28.16
C GLY O 56 60.39 55.10 28.77
N LYS O 57 60.66 55.55 29.99
CA LYS O 57 59.76 56.40 30.74
C LYS O 57 59.28 57.62 29.95
N LYS O 58 60.22 58.38 29.41
CA LYS O 58 59.89 59.62 28.73
C LYS O 58 59.18 59.39 27.40
N GLN O 59 59.48 58.28 26.76
CA GLN O 59 58.78 57.92 25.53
C GLN O 59 57.33 57.58 25.85
N LYS O 60 57.13 56.78 26.89
CA LYS O 60 55.79 56.35 27.26
C LYS O 60 54.94 57.53 27.73
N GLU O 61 55.58 58.46 28.44
CA GLU O 61 54.88 59.66 28.88
C GLU O 61 54.56 60.54 27.68
N ILE O 62 55.49 60.63 26.74
CA ILE O 62 55.23 61.38 25.51
C ILE O 62 54.02 60.84 24.78
N THR O 63 53.96 59.51 24.70
CA THR O 63 52.89 58.84 23.97
C THR O 63 51.53 58.97 24.65
N LYS O 64 51.47 58.60 25.93
CA LYS O 64 50.25 58.76 26.71
C LYS O 64 49.78 60.20 26.55
N ALA O 65 50.73 61.13 26.57
CA ALA O 65 50.44 62.54 26.41
C ALA O 65 49.85 62.88 25.04
N ILE O 66 50.40 62.29 23.99
CA ILE O 66 49.91 62.55 22.64
C ILE O 66 48.47 62.09 22.50
N LYS O 67 48.20 60.88 22.99
CA LYS O 67 46.85 60.36 22.98
C LYS O 67 45.89 61.26 23.78
N ARG O 68 46.29 61.62 25.00
CA ARG O 68 45.45 62.45 25.87
C ARG O 68 45.22 63.85 25.32
N ALA O 69 46.16 64.37 24.54
CA ALA O 69 45.98 65.67 23.91
C ALA O 69 45.06 65.52 22.70
N GLN O 70 45.06 64.34 22.10
CA GLN O 70 44.21 64.11 20.93
C GLN O 70 42.72 63.92 21.27
N ILE O 71 42.36 63.03 22.20
CA ILE O 71 40.91 62.75 22.41
C ILE O 71 40.20 63.91 23.14
N LEU O 72 40.90 64.60 24.03
CA LEU O 72 40.30 65.76 24.73
C LEU O 72 40.12 66.93 23.78
N GLY O 73 40.88 66.95 22.69
CA GLY O 73 40.78 68.01 21.69
C GLY O 73 41.82 69.12 21.69
N PHE O 74 42.98 68.87 22.29
CA PHE O 74 44.08 69.83 22.23
C PHE O 74 44.88 69.75 20.93
N MET O 75 45.00 68.54 20.36
CA MET O 75 45.89 68.32 19.22
C MET O 75 45.24 67.46 18.14
N PRO O 76 45.47 67.80 16.85
CA PRO O 76 44.89 67.05 15.73
C PRO O 76 45.56 65.69 15.51
N VAL O 77 44.76 64.68 15.14
CA VAL O 77 45.27 63.29 15.00
C VAL O 77 46.02 63.04 13.67
N THR O 78 45.42 63.48 12.57
CA THR O 78 45.84 63.11 11.22
C THR O 78 46.99 63.97 10.65
N TYR O 79 47.38 65.05 11.34
CA TYR O 79 48.54 65.83 10.90
C TYR O 79 49.18 66.65 12.02
N LYS O 80 50.39 67.12 11.74
CA LYS O 80 51.01 68.14 12.57
C LYS O 80 50.32 69.47 12.30
N ASP O 81 50.03 70.23 13.35
CA ASP O 81 49.41 71.54 13.21
C ASP O 81 50.38 72.51 12.51
N PRO O 82 49.90 73.19 11.45
CA PRO O 82 50.75 73.99 10.55
C PRO O 82 51.69 74.92 11.31
N ALA O 83 51.15 75.56 12.34
CA ALA O 83 51.87 76.52 13.17
C ALA O 83 53.19 75.94 13.66
N TYR O 84 53.17 74.66 13.98
CA TYR O 84 54.34 74.03 14.58
C TYR O 84 55.26 73.33 13.58
N LEU O 85 54.97 73.43 12.29
CA LEU O 85 55.82 72.75 11.32
C LEU O 85 57.21 73.38 11.30
N LYS O 86 57.29 74.67 11.62
CA LYS O 86 58.56 75.40 11.54
C LYS O 86 59.35 75.48 12.86
N ASP O 87 58.89 74.74 13.86
CA ASP O 87 59.53 74.66 15.19
C ASP O 87 60.96 74.06 15.12
N PRO O 88 61.68 73.98 16.27
CA PRO O 88 63.00 73.33 16.21
C PRO O 88 62.91 71.83 15.89
N LYS O 89 63.93 71.26 15.24
CA LYS O 89 63.88 69.86 14.83
C LYS O 89 64.75 68.95 15.70
N VAL O 90 64.09 68.13 16.50
CA VAL O 90 64.75 67.20 17.40
C VAL O 90 65.18 65.87 16.73
N CYS O 91 64.27 65.36 15.91
CA CYS O 91 64.34 63.98 15.40
C CYS O 91 65.36 63.74 14.29
N ASN O 92 65.71 62.45 14.09
CA ASN O 92 66.74 62.04 13.13
C ASN O 92 66.22 61.67 11.74
N ILE O 93 64.93 61.88 11.51
CA ILE O 93 64.32 61.60 10.21
C ILE O 93 64.69 62.64 9.14
N LYS O 94 65.30 62.18 8.05
CA LYS O 94 65.42 62.99 6.85
C LYS O 94 64.46 62.46 5.81
N TYR O 95 63.39 63.19 5.57
CA TYR O 95 62.43 62.78 4.57
C TYR O 95 62.91 63.12 3.18
N ARG O 96 63.39 64.35 3.02
CA ARG O 96 63.77 64.83 1.71
C ARG O 96 65.26 64.66 1.46
N GLU O 97 65.57 63.99 0.35
CA GLU O 97 66.94 63.68 -0.04
C GLU O 97 67.20 64.17 -1.46
N ALA P 1 38.48 62.91 8.10
CA ALA P 1 37.33 63.51 7.43
C ALA P 1 36.83 64.74 8.19
N ASN P 2 36.99 64.72 9.51
CA ASN P 2 36.62 65.88 10.32
C ASN P 2 37.77 66.85 10.52
N HIS P 3 38.99 66.41 10.16
CA HIS P 3 40.14 67.30 10.13
C HIS P 3 40.13 68.18 8.88
N LEU P 4 40.84 69.30 8.93
CA LEU P 4 40.98 70.17 7.76
C LEU P 4 41.70 69.46 6.62
N LYS P 5 41.08 69.45 5.44
CA LYS P 5 41.60 68.69 4.32
C LYS P 5 42.87 69.30 3.73
N PHE P 6 43.63 68.48 3.00
CA PHE P 6 44.83 68.89 2.25
C PHE P 6 46.03 69.21 3.11
N ILE P 7 45.84 69.14 4.42
CA ILE P 7 46.96 69.29 5.34
C ILE P 7 47.59 67.92 5.64
N ALA P 8 46.91 66.87 5.24
CA ALA P 8 47.34 65.50 5.56
C ALA P 8 47.98 64.80 4.37
N ARG P 9 49.27 64.51 4.51
CA ARG P 9 50.02 63.72 3.51
C ARG P 9 50.09 64.45 2.16
N THR P 10 50.24 65.77 2.23
CA THR P 10 50.30 66.62 1.04
C THR P 10 51.72 67.01 0.69
N VAL P 11 52.07 66.88 -0.59
CA VAL P 11 53.29 67.50 -1.08
C VAL P 11 52.92 68.24 -2.37
N MET P 12 53.43 69.46 -2.52
CA MET P 12 53.14 70.27 -3.70
C MET P 12 54.33 70.32 -4.65
N VAL P 13 54.04 70.15 -5.93
CA VAL P 13 55.09 70.11 -6.93
C VAL P 13 55.83 71.43 -6.95
N GLN P 14 57.13 71.35 -7.21
CA GLN P 14 57.93 72.54 -7.40
C GLN P 14 58.55 72.45 -8.79
N GLU P 15 58.48 73.57 -9.51
CA GLU P 15 59.04 73.69 -10.87
C GLU P 15 58.40 72.72 -11.87
N GLY P 16 57.17 72.30 -11.56
CA GLY P 16 56.36 71.56 -12.51
C GLY P 16 56.65 70.08 -12.73
N ASN P 17 57.60 69.51 -11.98
CA ASN P 17 57.89 68.09 -12.16
C ASN P 17 57.05 67.23 -11.20
N VAL P 18 56.11 66.50 -11.77
CA VAL P 18 55.14 65.73 -11.02
C VAL P 18 55.74 64.42 -10.52
N GLU P 19 56.50 63.79 -11.41
CA GLU P 19 57.07 62.48 -11.14
C GLU P 19 57.91 62.50 -9.86
N GLY P 20 58.90 63.38 -9.83
CA GLY P 20 59.76 63.51 -8.67
C GLY P 20 58.99 63.77 -7.38
N ALA P 21 57.89 64.51 -7.50
CA ALA P 21 57.04 64.81 -6.37
C ALA P 21 56.38 63.55 -5.81
N TYR P 22 55.71 62.80 -6.69
CA TYR P 22 55.11 61.52 -6.31
C TYR P 22 56.17 60.63 -5.65
N ARG P 23 57.40 60.70 -6.15
CA ARG P 23 58.52 59.96 -5.54
C ARG P 23 58.78 60.37 -4.11
N THR P 24 58.93 61.67 -3.87
CA THR P 24 59.11 62.15 -2.52
C THR P 24 57.97 61.62 -1.64
N LEU P 25 56.74 61.72 -2.15
CA LEU P 25 55.54 61.27 -1.42
C LEU P 25 55.65 59.80 -0.98
N ASN P 26 55.90 58.93 -1.95
CA ASN P 26 56.00 57.51 -1.68
C ASN P 26 57.15 57.22 -0.72
N ARG P 27 58.23 57.98 -0.83
CA ARG P 27 59.33 57.85 0.11
C ARG P 27 58.82 58.11 1.53
N ILE P 28 58.02 59.16 1.71
CA ILE P 28 57.41 59.45 3.02
C ILE P 28 56.54 58.32 3.59
N LEU P 29 55.46 58.03 2.86
CA LEU P 29 54.51 56.98 3.25
C LEU P 29 55.22 55.66 3.57
N THR P 30 56.32 55.41 2.87
CA THR P 30 57.16 54.24 3.15
C THR P 30 58.01 54.42 4.42
N MET P 31 58.51 55.63 4.63
CA MET P 31 59.26 55.95 5.83
C MET P 31 58.45 55.62 7.08
N ASP P 32 57.14 55.88 7.03
CA ASP P 32 56.29 55.66 8.20
C ASP P 32 55.62 54.30 8.24
N GLY P 33 55.89 53.48 7.24
CA GLY P 33 55.31 52.15 7.18
C GLY P 33 53.82 52.21 6.91
N LEU P 34 53.40 53.18 6.09
CA LEU P 34 52.01 53.27 5.67
C LEU P 34 51.67 52.35 4.48
N ILE P 35 52.57 52.30 3.50
CA ILE P 35 52.43 51.40 2.36
C ILE P 35 52.24 49.96 2.86
N GLU P 36 53.13 49.59 3.78
CA GLU P 36 53.08 48.29 4.43
C GLU P 36 51.70 48.02 4.98
N ASP P 37 51.20 48.95 5.78
CA ASP P 37 49.96 48.74 6.48
C ASP P 37 48.79 48.71 5.51
N ILE P 38 48.91 49.39 4.37
CA ILE P 38 47.83 49.35 3.38
C ILE P 38 47.77 47.98 2.73
N LYS P 39 48.91 47.52 2.24
CA LYS P 39 49.00 46.20 1.63
C LYS P 39 48.62 45.11 2.63
N ARG P 40 48.85 45.40 3.91
CA ARG P 40 48.57 44.47 4.99
C ARG P 40 47.09 44.43 5.38
N ARG P 41 46.43 45.59 5.31
CA ARG P 41 45.02 45.69 5.62
C ARG P 41 44.16 45.47 4.39
N ARG P 42 44.79 45.15 3.27
CA ARG P 42 44.01 44.67 2.13
C ARG P 42 43.21 43.44 2.56
N TYR P 43 43.89 42.54 3.27
CA TYR P 43 43.25 41.37 3.82
C TYR P 43 43.46 41.33 5.32
N TYR P 44 42.87 40.35 5.98
CA TYR P 44 43.07 40.25 7.41
C TYR P 44 44.28 39.41 7.71
N GLU P 45 44.67 39.39 8.97
CA GLU P 45 45.60 38.40 9.49
C GLU P 45 45.17 38.10 10.91
N LYS P 46 44.98 36.82 11.19
CA LYS P 46 44.59 36.42 12.53
C LYS P 46 45.73 36.79 13.51
N PRO P 47 45.44 36.94 14.82
CA PRO P 47 46.43 37.48 15.76
C PRO P 47 47.67 36.61 15.90
N CYS P 48 47.50 35.30 15.87
CA CYS P 48 48.61 34.37 15.90
C CYS P 48 49.58 34.67 14.77
N ARG P 49 49.00 34.61 13.58
CA ARG P 49 49.66 34.88 12.32
C ARG P 49 50.35 36.23 12.35
N ARG P 50 49.84 37.12 13.20
CA ARG P 50 50.44 38.42 13.39
C ARG P 50 51.67 38.38 14.30
N ARG P 51 51.57 37.73 15.47
CA ARG P 51 52.72 37.69 16.38
C ARG P 51 53.89 36.94 15.77
N GLN P 52 53.60 35.92 14.96
CA GLN P 52 54.64 35.25 14.20
C GLN P 52 55.42 36.28 13.39
N ARG P 53 54.69 37.09 12.64
CA ARG P 53 55.28 38.10 11.77
C ARG P 53 56.11 39.07 12.58
N GLU P 54 55.57 39.47 13.73
CA GLU P 54 56.26 40.40 14.60
C GLU P 54 57.64 39.87 15.02
N SER P 55 57.65 38.70 15.66
CA SER P 55 58.90 38.10 16.14
C SER P 55 59.90 37.93 15.02
N TYR P 56 59.43 37.36 13.92
CA TYR P 56 60.27 37.17 12.75
C TYR P 56 60.92 38.49 12.32
N GLU P 57 60.12 39.53 12.23
CA GLU P 57 60.60 40.84 11.79
C GLU P 57 61.65 41.39 12.74
N THR P 58 61.44 41.13 14.03
CA THR P 58 62.35 41.62 15.05
C THR P 58 63.69 40.88 15.05
N CYS P 59 63.63 39.55 15.00
CA CYS P 59 64.84 38.74 14.87
C CYS P 59 65.63 39.18 13.66
N ARG P 60 64.89 39.36 12.56
CA ARG P 60 65.49 39.77 11.29
C ARG P 60 66.17 41.12 11.41
N ARG P 61 65.56 42.04 12.14
CA ARG P 61 66.17 43.36 12.30
C ARG P 61 67.39 43.29 13.22
N ILE P 62 67.36 42.40 14.20
CA ILE P 62 68.51 42.23 15.09
C ILE P 62 69.71 41.70 14.33
N TYR P 63 69.48 40.61 13.59
CA TYR P 63 70.52 40.04 12.75
C TYR P 63 71.02 41.08 11.76
N ASN P 64 70.11 41.87 11.20
CA ASN P 64 70.49 42.91 10.25
C ASN P 64 71.43 43.92 10.86
N MET P 65 71.01 44.52 11.97
CA MET P 65 71.80 45.56 12.64
C MET P 65 73.15 45.03 13.03
N GLU P 66 73.16 43.80 13.54
CA GLU P 66 74.40 43.15 13.92
C GLU P 66 75.31 42.94 12.73
N MET P 67 74.72 42.54 11.61
CA MET P 67 75.49 42.20 10.43
C MET P 67 76.12 43.45 9.86
N ALA P 68 75.27 44.42 9.61
CA ALA P 68 75.70 45.75 9.21
C ALA P 68 76.78 46.25 10.15
N ARG P 69 76.63 45.93 11.43
CA ARG P 69 77.57 46.40 12.45
C ARG P 69 78.96 45.77 12.27
N LYS P 70 79.03 44.44 12.14
CA LYS P 70 80.33 43.78 11.97
C LYS P 70 80.96 44.17 10.63
N ILE P 71 80.12 44.35 9.61
CA ILE P 71 80.54 44.85 8.31
C ILE P 71 81.28 46.18 8.43
N ASN P 72 80.59 47.16 9.02
CA ASN P 72 81.09 48.52 9.07
C ASN P 72 82.25 48.71 10.05
N PHE P 73 82.28 47.86 11.08
CA PHE P 73 83.40 47.85 12.02
C PHE P 73 84.63 47.23 11.36
N LEU P 74 84.39 46.26 10.48
CA LEU P 74 85.49 45.63 9.74
C LEU P 74 85.89 46.42 8.50
N MET P 75 85.15 47.49 8.20
CA MET P 75 85.39 48.27 6.99
C MET P 75 86.81 48.83 6.88
N ARG P 76 87.51 48.91 8.00
CA ARG P 76 88.84 49.49 8.05
C ARG P 76 89.91 48.61 7.41
N LYS P 77 89.77 47.31 7.55
CA LYS P 77 90.80 46.35 7.13
C LYS P 77 90.63 45.88 5.68
N ASN P 78 89.71 46.49 4.95
CA ASN P 78 89.49 46.14 3.56
C ASN P 78 90.48 46.79 2.59
N ARG P 79 91.36 47.65 3.10
CA ARG P 79 92.40 48.30 2.30
C ARG P 79 93.49 47.31 1.84
N ALA P 80 94.27 47.68 0.83
CA ALA P 80 95.36 46.85 0.31
C ALA P 80 96.41 46.53 1.37
N ASP P 81 96.72 45.23 1.50
CA ASP P 81 97.52 44.74 2.63
C ASP P 81 99.01 45.06 2.52
N PRO P 82 99.66 45.31 3.67
CA PRO P 82 101.11 45.56 3.85
C PRO P 82 102.09 44.39 3.69
N TRP P 83 101.73 43.21 4.20
CA TRP P 83 102.68 42.11 4.36
C TRP P 83 102.67 41.04 3.25
N GLN P 84 101.91 41.26 2.19
CA GLN P 84 101.67 40.23 1.18
C GLN P 84 102.95 39.57 0.65
N GLY P 85 102.89 38.26 0.49
CA GLY P 85 104.01 37.47 0.03
C GLY P 85 105.24 37.60 0.92
N CYS P 86 105.10 37.31 2.20
CA CYS P 86 106.22 37.42 3.14
C CYS P 86 107.27 36.30 2.92
N ARG T 65 110.53 -28.72 96.27
CA ARG T 65 110.44 -27.82 95.13
C ARG T 65 109.10 -28.00 94.39
N LYS T 66 108.67 -26.96 93.69
CA LYS T 66 107.46 -27.04 92.85
C LYS T 66 107.60 -26.33 91.50
N PRO T 67 108.56 -26.75 90.65
CA PRO T 67 108.58 -26.15 89.30
C PRO T 67 107.44 -26.67 88.40
N THR T 68 106.84 -25.78 87.62
CA THR T 68 105.79 -26.16 86.66
C THR T 68 105.79 -25.13 85.52
N PHE T 69 105.15 -25.49 84.40
CA PHE T 69 105.06 -24.59 83.25
C PHE T 69 104.34 -23.30 83.61
N MET T 70 103.34 -23.40 84.48
CA MET T 70 102.45 -22.29 84.76
C MET T 70 102.97 -21.38 85.89
N ASP T 71 104.18 -21.67 86.37
CA ASP T 71 104.86 -20.79 87.31
C ASP T 71 105.42 -19.58 86.57
N GLU T 72 105.38 -18.41 87.21
CA GLU T 72 105.70 -17.14 86.55
C GLU T 72 107.14 -17.06 86.04
N GLU T 73 108.05 -17.82 86.65
CA GLU T 73 109.43 -17.89 86.16
C GLU T 73 109.51 -18.56 84.80
N VAL T 74 109.01 -19.78 84.72
CA VAL T 74 109.01 -20.55 83.48
C VAL T 74 108.20 -19.84 82.39
N GLN T 75 107.13 -19.15 82.81
CA GLN T 75 106.28 -18.38 81.88
C GLN T 75 106.97 -17.14 81.31
N ASN T 76 107.51 -16.27 82.18
CA ASN T 76 108.20 -15.07 81.71
C ASN T 76 109.45 -15.40 80.88
N ILE T 77 110.17 -16.45 81.28
CA ILE T 77 111.35 -16.90 80.53
C ILE T 77 110.99 -17.52 79.17
N LEU T 78 109.94 -18.34 79.11
CA LEU T 78 109.49 -18.89 77.83
C LEU T 78 108.88 -17.82 76.92
N ILE T 79 108.34 -16.75 77.53
CA ILE T 79 107.83 -15.59 76.79
C ILE T 79 108.95 -14.77 76.16
N LYS T 80 109.98 -14.46 76.93
CA LYS T 80 111.13 -13.71 76.40
C LYS T 80 111.99 -14.55 75.43
N MET T 81 111.96 -15.88 75.61
CA MET T 81 112.68 -16.80 74.73
C MET T 81 111.96 -17.01 73.39
N THR T 82 110.63 -17.17 73.45
CA THR T 82 109.83 -17.45 72.25
C THR T 82 110.06 -16.40 71.17
N GLY T 83 109.78 -15.14 71.51
CA GLY T 83 109.94 -14.05 70.57
C GLY T 83 108.70 -13.82 69.73
N LEU T 84 108.51 -12.58 69.30
CA LEU T 84 107.38 -12.22 68.45
C LEU T 84 107.88 -11.85 67.05
N ASP T 85 107.48 -12.64 66.05
CA ASP T 85 107.69 -12.28 64.65
C ASP T 85 106.32 -12.06 64.00
N LEU T 86 105.97 -10.80 63.75
CA LEU T 86 104.63 -10.46 63.28
C LEU T 86 104.40 -10.95 61.85
N GLN T 87 105.50 -11.34 61.21
CA GLN T 87 105.45 -11.93 59.87
C GLN T 87 105.03 -13.41 59.91
N LYS T 88 105.63 -14.18 60.82
CA LYS T 88 105.28 -15.60 60.96
C LYS T 88 104.03 -15.80 61.82
N ILE T 89 103.87 -14.93 62.84
CA ILE T 89 102.69 -14.95 63.71
C ILE T 89 101.41 -14.77 62.88
N PHE T 90 101.35 -13.65 62.16
CA PHE T 90 100.24 -13.37 61.28
C PHE T 90 100.66 -13.69 59.85
N LYS T 91 100.14 -14.80 59.33
CA LYS T 91 100.61 -15.35 58.08
C LYS T 91 99.45 -15.53 57.12
N PRO T 92 99.75 -15.50 55.80
CA PRO T 92 98.69 -15.83 54.84
C PRO T 92 98.03 -17.16 55.16
N ALA T 93 96.71 -17.12 55.28
CA ALA T 93 95.93 -18.31 55.59
C ALA T 93 95.27 -18.76 54.30
N LEU T 94 95.06 -20.05 54.17
CA LEU T 94 94.51 -20.61 52.94
C LEU T 94 92.98 -20.51 52.95
N GLN T 95 92.45 -19.80 53.95
CA GLN T 95 91.02 -19.47 54.02
C GLN T 95 90.58 -18.61 52.83
N GLU T 96 89.28 -18.62 52.52
CA GLU T 96 88.75 -17.82 51.41
C GLU T 96 89.08 -16.35 51.58
N LEU T 97 89.72 -15.77 50.56
CA LEU T 97 90.22 -14.41 50.67
C LEU T 97 89.16 -13.37 50.37
N LYS T 98 89.24 -12.26 51.09
CA LYS T 98 88.36 -11.13 50.87
C LYS T 98 89.22 -9.93 50.49
N PRO T 99 88.60 -8.90 49.86
CA PRO T 99 89.38 -7.74 49.43
C PRO T 99 89.92 -6.90 50.58
N PRO T 100 91.15 -6.39 50.43
CA PRO T 100 91.86 -5.59 51.42
C PRO T 100 91.19 -4.25 51.74
N THR T 101 91.19 -3.89 53.01
CA THR T 101 90.69 -2.58 53.45
C THR T 101 91.88 -1.68 53.75
N TYR T 102 91.75 -0.38 53.43
CA TYR T 102 92.86 0.56 53.55
C TYR T 102 92.52 1.75 54.45
N LYS T 103 93.54 2.34 55.06
CA LYS T 103 93.36 3.60 55.79
C LYS T 103 94.62 4.46 55.84
N LEU T 104 94.40 5.78 55.81
CA LEU T 104 95.48 6.77 55.92
C LEU T 104 95.79 7.03 57.38
N MET T 105 97.08 7.01 57.73
CA MET T 105 97.44 7.13 59.14
C MET T 105 98.56 8.14 59.41
N THR T 106 98.54 8.71 60.61
CA THR T 106 99.61 9.56 61.14
C THR T 106 100.79 8.67 61.56
N GLN T 107 101.86 9.26 62.09
CA GLN T 107 102.95 8.47 62.65
C GLN T 107 102.49 7.80 63.94
N ALA T 108 101.88 8.61 64.80
CA ALA T 108 101.37 8.16 66.09
C ALA T 108 100.40 6.99 65.94
N GLN T 109 99.47 7.11 65.00
CA GLN T 109 98.47 6.05 64.80
C GLN T 109 99.08 4.78 64.20
N LEU T 110 100.23 4.93 63.55
CA LEU T 110 100.95 3.79 62.99
C LEU T 110 101.66 3.03 64.09
N GLU T 111 102.25 3.76 65.02
CA GLU T 111 102.81 3.15 66.22
C GLU T 111 101.71 2.50 67.05
N GLU T 112 100.54 3.14 67.12
CA GLU T 112 99.39 2.61 67.85
C GLU T 112 98.90 1.29 67.24
N ALA T 113 98.77 1.27 65.92
CA ALA T 113 98.41 0.06 65.22
C ALA T 113 99.47 -1.03 65.41
N THR T 114 100.73 -0.62 65.53
CA THR T 114 101.82 -1.56 65.79
C THR T 114 101.68 -2.24 67.16
N LYS T 115 101.54 -1.42 68.20
CA LYS T 115 101.33 -1.91 69.56
C LYS T 115 100.08 -2.77 69.63
N GLN T 116 99.07 -2.44 68.82
CA GLN T 116 97.83 -3.21 68.77
C GLN T 116 98.07 -4.60 68.16
N ALA T 117 98.82 -4.63 67.06
CA ALA T 117 99.16 -5.89 66.39
C ALA T 117 99.97 -6.77 67.33
N VAL T 118 100.87 -6.15 68.09
CA VAL T 118 101.66 -6.88 69.07
C VAL T 118 100.76 -7.42 70.19
N GLU T 119 99.80 -6.60 70.63
CA GLU T 119 98.87 -6.98 71.71
C GLU T 119 97.94 -8.14 71.33
N ALA T 120 97.54 -8.22 70.06
CA ALA T 120 96.75 -9.36 69.60
C ALA T 120 97.65 -10.58 69.37
N ALA T 121 98.85 -10.32 68.84
CA ALA T 121 99.85 -11.36 68.64
C ALA T 121 100.25 -12.02 69.95
N LYS T 122 100.08 -11.31 71.07
CA LYS T 122 100.38 -11.87 72.38
C LYS T 122 99.38 -12.97 72.70
N VAL T 123 98.10 -12.71 72.44
CA VAL T 123 97.06 -13.68 72.74
C VAL T 123 97.06 -14.78 71.69
N ARG T 124 97.61 -14.48 70.51
CA ARG T 124 97.81 -15.51 69.48
C ARG T 124 99.03 -16.39 69.83
N LEU T 125 99.94 -15.82 70.61
CA LEU T 125 101.17 -16.48 71.01
C LEU T 125 100.94 -17.28 72.31
N LYS T 126 99.68 -17.31 72.75
CA LYS T 126 99.30 -18.06 73.94
C LYS T 126 99.67 -19.54 73.80
N MET T 127 100.39 -20.05 74.79
CA MET T 127 100.95 -21.41 74.74
C MET T 127 99.96 -22.48 75.25
N PRO T 128 99.76 -23.56 74.48
CA PRO T 128 98.87 -24.63 74.98
C PRO T 128 99.45 -25.27 76.24
N PRO T 129 98.65 -25.33 77.32
CA PRO T 129 99.13 -25.87 78.61
C PRO T 129 99.65 -27.30 78.50
N VAL T 130 100.85 -27.53 79.03
CA VAL T 130 101.43 -28.88 79.04
C VAL T 130 100.94 -29.63 80.27
N LEU T 131 100.60 -30.90 80.06
CA LEU T 131 100.10 -31.74 81.14
C LEU T 131 100.72 -33.13 81.08
N GLU T 132 100.95 -33.69 82.26
CA GLU T 132 101.52 -35.02 82.42
C GLU T 132 100.46 -36.07 82.07
N GLU T 133 100.81 -37.35 82.15
CA GLU T 133 99.93 -38.39 81.60
C GLU T 133 98.88 -38.90 82.60
N ARG T 134 97.62 -38.84 82.18
CA ARG T 134 96.48 -39.31 82.98
C ARG T 134 96.59 -40.81 83.21
N ALA T 135 95.95 -41.29 84.27
CA ALA T 135 95.93 -42.72 84.55
C ALA T 135 94.57 -43.34 84.19
N PRO T 136 94.56 -44.38 83.32
CA PRO T 136 93.32 -44.99 82.79
C PRO T 136 92.37 -45.49 83.89
N ILE T 137 91.09 -45.11 83.79
CA ILE T 137 90.13 -45.36 84.87
C ILE T 137 89.13 -46.49 84.55
N ASN T 138 89.13 -47.50 85.42
CA ASN T 138 88.18 -48.60 85.35
C ASN T 138 87.49 -48.81 86.69
N ASP T 139 86.19 -48.52 86.75
CA ASP T 139 85.43 -48.77 87.96
C ASP T 139 84.02 -49.22 87.62
N VAL T 140 83.53 -50.18 88.41
CA VAL T 140 82.23 -50.78 88.17
C VAL T 140 81.21 -50.28 89.21
N LEU T 141 80.17 -49.60 88.71
CA LEU T 141 79.14 -49.02 89.59
C LEU T 141 78.11 -50.05 90.05
N ALA T 142 78.03 -51.18 89.35
CA ALA T 142 77.01 -52.19 89.63
C ALA T 142 77.17 -53.45 88.79
N GLU T 143 76.57 -54.53 89.26
CA GLU T 143 76.56 -55.81 88.55
C GLU T 143 75.22 -56.50 88.72
N ASP T 144 74.66 -56.94 87.60
CA ASP T 144 73.55 -57.88 87.64
C ASP T 144 73.82 -58.93 86.57
N LYS T 145 73.92 -60.19 86.99
CA LYS T 145 74.38 -61.26 86.12
C LYS T 145 73.20 -62.03 85.49
N ILE T 146 71.98 -61.58 85.78
CA ILE T 146 70.78 -62.05 85.08
C ILE T 146 70.64 -61.33 83.74
N LEU T 147 71.33 -60.20 83.62
CA LEU T 147 71.31 -59.33 82.43
C LEU T 147 72.40 -59.74 81.43
N GLU T 148 73.25 -60.67 81.84
CA GLU T 148 74.30 -61.19 80.98
C GLU T 148 73.71 -62.02 79.84
N GLY T 149 72.55 -62.62 80.10
CA GLY T 149 71.89 -63.50 79.15
C GLY T 149 71.30 -62.83 77.92
N THR T 150 71.20 -61.50 77.96
CA THR T 150 70.65 -60.72 76.84
C THR T 150 71.41 -60.99 75.54
N GLU T 151 72.74 -61.10 75.65
CA GLU T 151 73.63 -61.35 74.51
C GLU T 151 73.52 -60.25 73.46
N THR T 152 73.58 -59.00 73.90
CA THR T 152 73.59 -57.84 73.01
C THR T 152 74.91 -57.06 73.15
N ALA T 153 75.27 -56.32 72.11
CA ALA T 153 76.48 -55.49 72.11
C ALA T 153 76.36 -54.30 73.07
N LYS T 154 77.50 -53.68 73.38
CA LYS T 154 77.58 -52.57 74.35
C LYS T 154 76.57 -51.43 74.15
N TYR T 155 75.99 -50.98 75.25
CA TYR T 155 75.19 -49.75 75.29
C TYR T 155 76.06 -48.62 75.88
N VAL T 156 76.08 -47.46 75.24
CA VAL T 156 76.87 -46.33 75.76
C VAL T 156 75.98 -45.12 76.07
N PHE T 157 75.91 -44.74 77.34
CA PHE T 157 75.03 -43.66 77.80
C PHE T 157 75.81 -42.38 78.15
N THR T 158 75.42 -41.27 77.53
CA THR T 158 76.17 -40.02 77.68
C THR T 158 75.30 -38.87 78.23
N ASP T 159 75.82 -38.19 79.26
CA ASP T 159 75.12 -37.06 79.89
C ASP T 159 75.45 -35.77 79.18
N ILE T 160 74.43 -35.15 78.60
CA ILE T 160 74.61 -33.84 78.00
C ILE T 160 73.78 -32.79 78.75
N SER T 161 74.46 -31.92 79.48
CA SER T 161 73.86 -30.76 80.09
C SER T 161 74.83 -29.61 79.87
N TYR T 162 74.36 -28.54 79.25
CA TYR T 162 75.23 -27.50 78.69
C TYR T 162 76.14 -26.82 79.72
N SER T 163 75.71 -26.83 80.98
CA SER T 163 76.45 -26.14 82.04
C SER T 163 77.65 -26.96 82.52
N ILE T 164 77.47 -28.27 82.60
CA ILE T 164 78.48 -29.19 83.15
C ILE T 164 79.82 -29.14 82.38
N PRO T 165 80.92 -28.84 83.09
CA PRO T 165 82.26 -28.90 82.49
C PRO T 165 82.53 -30.29 81.91
N HIS T 166 83.31 -30.36 80.83
CA HIS T 166 83.51 -31.63 80.14
C HIS T 166 84.38 -32.60 80.96
N ARG T 167 85.01 -32.10 82.01
CA ARG T 167 85.72 -32.95 82.97
C ARG T 167 84.74 -33.58 83.95
N GLU T 168 83.57 -32.96 84.09
CA GLU T 168 82.57 -33.36 85.07
C GLU T 168 81.45 -34.26 84.49
N ARG T 169 81.56 -34.61 83.21
CA ARG T 169 80.54 -35.41 82.53
C ARG T 169 80.56 -36.89 82.90
N PHE T 170 79.39 -37.52 82.83
CA PHE T 170 79.23 -38.93 83.11
C PHE T 170 79.09 -39.74 81.83
N ILE T 171 80.10 -40.54 81.52
CA ILE T 171 80.06 -41.40 80.34
C ILE T 171 80.02 -42.86 80.79
N VAL T 172 78.93 -43.55 80.46
CA VAL T 172 78.63 -44.85 81.03
C VAL T 172 78.60 -45.95 79.97
N VAL T 173 78.99 -47.16 80.35
CA VAL T 173 78.94 -48.30 79.44
C VAL T 173 78.31 -49.53 80.11
N ARG T 174 77.33 -50.14 79.42
CA ARG T 174 76.72 -51.41 79.84
C ARG T 174 77.03 -52.51 78.80
N GLU T 175 77.79 -53.53 79.22
CA GLU T 175 78.30 -54.52 78.28
C GLU T 175 77.40 -55.77 78.24
N PRO T 176 77.71 -56.74 77.33
CA PRO T 176 77.03 -58.04 77.36
C PRO T 176 77.24 -58.80 78.67
N SER T 177 78.22 -58.39 79.46
CA SER T 177 78.51 -59.03 80.74
C SER T 177 77.54 -58.54 81.81
N GLY T 178 76.65 -57.62 81.43
CA GLY T 178 75.62 -57.12 82.32
C GLY T 178 76.20 -56.43 83.53
N THR T 179 77.29 -55.69 83.31
CA THR T 179 77.88 -54.92 84.39
C THR T 179 77.88 -53.45 83.99
N LEU T 180 77.85 -52.56 84.97
CA LEU T 180 77.86 -51.12 84.71
C LEU T 180 79.27 -50.56 84.95
N ARG T 181 79.97 -50.20 83.87
CA ARG T 181 81.35 -49.73 84.01
C ARG T 181 81.55 -48.34 83.42
N LYS T 182 82.51 -47.61 83.96
CA LYS T 182 82.80 -46.28 83.45
C LYS T 182 83.69 -46.37 82.22
N ALA T 183 83.35 -45.55 81.21
CA ALA T 183 84.09 -45.54 79.95
C ALA T 183 85.51 -45.03 80.12
N SER T 184 86.40 -45.45 79.22
CA SER T 184 87.81 -45.07 79.25
C SER T 184 88.01 -43.61 78.80
N TRP T 185 89.27 -43.16 78.79
CA TRP T 185 89.59 -41.77 78.45
C TRP T 185 89.42 -41.48 76.95
N GLU T 186 89.91 -42.38 76.10
CA GLU T 186 89.74 -42.23 74.66
C GLU T 186 88.26 -42.36 74.25
N GLU T 187 87.54 -43.26 74.93
CA GLU T 187 86.09 -43.47 74.68
C GLU T 187 85.27 -42.26 75.15
N ARG T 188 85.61 -41.72 76.32
CA ARG T 188 85.02 -40.48 76.81
C ARG T 188 85.23 -39.34 75.82
N ASP T 189 86.46 -39.23 75.33
CA ASP T 189 86.80 -38.21 74.34
C ASP T 189 85.95 -38.32 73.06
N ARG T 190 85.93 -39.51 72.45
CA ARG T 190 85.20 -39.66 71.19
C ARG T 190 83.67 -39.59 71.37
N MET T 191 83.17 -39.93 72.55
CA MET T 191 81.73 -39.76 72.83
C MET T 191 81.38 -38.27 72.99
N ILE T 192 82.18 -37.55 73.77
CA ILE T 192 81.96 -36.12 73.96
C ILE T 192 82.17 -35.34 72.64
N GLN T 193 82.94 -35.91 71.70
CA GLN T 193 83.02 -35.33 70.35
C GLN T 193 81.82 -35.72 69.46
N VAL T 194 81.28 -36.92 69.62
CA VAL T 194 80.07 -37.29 68.87
C VAL T 194 78.90 -36.38 69.27
N TYR T 195 78.65 -36.25 70.58
CA TYR T 195 77.49 -35.50 71.05
C TYR T 195 77.75 -34.02 71.39
N PHE T 196 79.01 -33.63 71.39
CA PHE T 196 79.35 -32.20 71.42
C PHE T 196 80.40 -31.92 70.37
N PRO T 197 80.00 -31.95 69.09
CA PRO T 197 80.93 -31.87 67.97
C PRO T 197 81.79 -30.61 68.04
N ARG T 198 83.09 -30.79 67.91
CA ARG T 198 84.03 -29.68 67.96
C ARG T 198 84.93 -29.74 66.73
N GLU T 199 85.18 -28.58 66.14
CA GLU T 199 85.94 -28.52 64.89
C GLU T 199 87.44 -28.73 65.12
N GLY T 200 88.05 -29.46 64.19
CA GLY T 200 89.42 -29.90 64.33
C GLY T 200 89.45 -31.34 64.80
N ARG T 201 88.33 -31.78 65.38
CA ARG T 201 88.22 -33.12 65.96
C ARG T 201 87.59 -34.14 65.00
N ARG T 202 88.30 -35.25 64.81
CA ARG T 202 87.78 -36.38 64.06
C ARG T 202 87.35 -37.48 65.01
N ILE T 203 86.11 -37.93 64.89
CA ILE T 203 85.56 -38.97 65.75
C ILE T 203 86.30 -40.29 65.58
N LEU T 204 86.55 -40.68 64.33
CA LEU T 204 87.42 -41.83 64.03
C LEU T 204 88.85 -41.32 63.88
N THR T 205 89.81 -42.00 64.52
CA THR T 205 91.18 -41.50 64.66
C THR T 205 91.90 -41.28 63.31
N PRO T 206 92.50 -40.08 63.13
CA PRO T 206 93.16 -39.70 61.88
C PRO T 206 94.24 -40.69 61.41
N VAL T 207 94.30 -40.92 60.10
CA VAL T 207 95.32 -41.78 59.50
C VAL T 207 96.65 -41.02 59.44
N ILE T 208 96.59 -39.68 59.53
CA ILE T 208 97.77 -38.82 59.36
C ILE T 208 98.80 -38.96 60.48
N PHE T 209 98.39 -39.54 61.60
CA PHE T 209 99.28 -39.66 62.74
C PHE T 209 100.02 -41.00 62.74
N LYS T 210 99.81 -41.80 61.69
CA LYS T 210 100.63 -42.99 61.44
C LYS T 210 102.06 -42.53 61.13
N GLU T 211 103.04 -43.38 61.44
CA GLU T 211 104.45 -42.98 61.37
C GLU T 211 104.93 -42.68 59.94
N GLU T 212 104.32 -43.34 58.95
CA GLU T 212 104.66 -43.08 57.54
C GLU T 212 104.22 -41.68 57.13
N ASN T 213 102.96 -41.35 57.43
CA ASN T 213 102.40 -40.04 57.17
C ASN T 213 103.13 -38.96 57.97
N LEU T 214 103.41 -39.27 59.23
CA LEU T 214 104.14 -38.35 60.12
C LEU T 214 105.54 -38.01 59.55
N GLN T 215 106.26 -39.02 59.09
CA GLN T 215 107.61 -38.81 58.59
C GLN T 215 107.60 -38.09 57.23
N THR T 216 106.70 -38.51 56.34
CA THR T 216 106.54 -37.82 55.06
C THR T 216 106.17 -36.35 55.28
N MET T 217 105.44 -36.07 56.36
CA MET T 217 105.07 -34.70 56.72
C MET T 217 106.25 -33.91 57.30
N TYR T 218 107.10 -34.59 58.07
CA TYR T 218 108.29 -33.97 58.65
C TYR T 218 109.30 -33.58 57.58
N SER T 219 109.38 -34.39 56.54
CA SER T 219 110.21 -34.07 55.39
C SER T 219 109.75 -32.76 54.76
N GLN T 220 108.46 -32.49 54.87
CA GLN T 220 107.86 -31.28 54.32
C GLN T 220 108.07 -30.10 55.29
N ASP T 221 108.72 -30.37 56.42
CA ASP T 221 109.05 -29.35 57.41
C ASP T 221 107.79 -28.69 57.99
N GLN T 222 106.75 -29.52 58.15
CA GLN T 222 105.42 -29.08 58.53
C GLN T 222 105.17 -29.14 60.04
N HIS T 223 106.23 -29.34 60.83
CA HIS T 223 106.14 -29.66 62.26
C HIS T 223 105.10 -28.85 63.04
N VAL T 224 105.01 -27.55 62.74
CA VAL T 224 104.04 -26.67 63.38
C VAL T 224 102.58 -27.11 63.11
N ASP T 225 102.35 -27.71 61.94
CA ASP T 225 101.02 -28.18 61.55
C ASP T 225 100.64 -29.50 62.20
N VAL T 226 101.63 -30.33 62.53
CA VAL T 226 101.36 -31.56 63.27
C VAL T 226 101.14 -31.20 64.74
N LEU T 227 101.94 -30.25 65.24
CA LEU T 227 101.77 -29.75 66.60
C LEU T 227 100.39 -29.10 66.80
N ASN T 228 99.95 -28.37 65.77
CA ASN T 228 98.61 -27.78 65.76
C ASN T 228 97.53 -28.83 65.58
N LEU T 229 97.83 -29.85 64.77
CA LEU T 229 96.94 -31.00 64.61
C LEU T 229 96.60 -31.61 65.97
N CYS T 230 97.63 -31.77 66.79
CA CYS T 230 97.46 -32.42 68.08
C CYS T 230 96.74 -31.53 69.10
N VAL T 231 96.87 -30.22 68.96
CA VAL T 231 96.20 -29.30 69.89
C VAL T 231 94.68 -29.42 69.78
N ALA T 232 94.16 -29.45 68.55
CA ALA T 232 92.73 -29.61 68.32
C ALA T 232 92.23 -31.06 68.42
N GLN T 233 92.92 -31.96 67.73
CA GLN T 233 92.44 -33.34 67.59
C GLN T 233 92.32 -34.07 68.93
N PHE T 234 93.40 -34.09 69.69
CA PHE T 234 93.44 -34.79 70.98
C PHE T 234 93.39 -33.84 72.17
N GLU T 235 93.58 -34.40 73.37
CA GLU T 235 93.48 -33.64 74.61
C GLU T 235 94.86 -33.49 75.22
N PRO T 236 95.09 -32.40 75.98
CA PRO T 236 96.44 -32.11 76.53
C PRO T 236 97.01 -33.20 77.46
N ASP T 237 96.16 -33.90 78.21
CA ASP T 237 96.64 -34.96 79.10
C ASP T 237 96.54 -36.39 78.52
N SER T 238 96.11 -36.51 77.26
CA SER T 238 95.93 -37.84 76.66
C SER T 238 97.27 -38.50 76.31
N ALA T 239 97.21 -39.72 75.80
CA ALA T 239 98.42 -40.49 75.52
C ALA T 239 99.09 -40.07 74.23
N GLU T 240 98.31 -39.96 73.17
CA GLU T 240 98.85 -39.70 71.83
C GLU T 240 99.29 -38.24 71.70
N TYR T 241 98.69 -37.36 72.49
CA TYR T 241 99.09 -35.96 72.60
C TYR T 241 100.57 -35.86 72.93
N ILE T 242 100.92 -36.37 74.12
CA ILE T 242 102.30 -36.38 74.61
C ILE T 242 103.20 -37.26 73.73
N LYS T 243 102.65 -38.36 73.22
CA LYS T 243 103.32 -39.24 72.24
C LYS T 243 103.93 -38.48 71.07
N ILE T 244 103.05 -37.89 70.27
CA ILE T 244 103.47 -37.25 69.01
C ILE T 244 104.02 -35.83 69.25
N HIS T 245 103.70 -35.22 70.39
CA HIS T 245 104.38 -33.98 70.78
C HIS T 245 105.87 -34.23 71.00
N HIS T 246 106.17 -35.16 71.89
CA HIS T 246 107.57 -35.49 72.21
C HIS T 246 108.28 -36.15 71.01
N HIS T 247 107.52 -36.85 70.17
CA HIS T 247 108.05 -37.40 68.91
C HIS T 247 108.43 -36.26 67.95
N THR T 248 107.62 -35.19 67.95
CA THR T 248 107.90 -34.01 67.12
C THR T 248 109.13 -33.28 67.61
N TYR T 249 109.21 -33.07 68.91
CA TYR T 249 110.41 -32.48 69.52
C TYR T 249 111.64 -33.35 69.21
N GLU T 250 111.44 -34.68 69.13
CA GLU T 250 112.53 -35.56 68.72
C GLU T 250 113.01 -35.29 67.29
N ASP T 251 112.07 -35.26 66.35
CA ASP T 251 112.43 -35.07 64.94
C ASP T 251 112.83 -33.62 64.62
N ILE T 252 112.60 -32.69 65.56
CA ILE T 252 113.23 -31.36 65.46
C ILE T 252 114.57 -31.33 66.22
N ASP T 253 114.82 -32.35 67.04
CA ASP T 253 116.12 -32.50 67.72
C ASP T 253 117.17 -33.14 66.81
N LYS T 254 116.72 -34.05 65.95
CA LYS T 254 117.63 -34.76 65.04
C LYS T 254 118.04 -33.95 63.80
N CYS T 255 117.14 -33.10 63.31
CA CYS T 255 117.43 -32.28 62.13
C CYS T 255 117.87 -30.84 62.44
N GLY T 256 117.96 -30.50 63.73
CA GLY T 256 118.41 -29.17 64.15
C GLY T 256 117.50 -28.05 63.69
N LYS T 257 116.23 -28.38 63.52
CA LYS T 257 115.23 -27.52 62.88
C LYS T 257 114.47 -26.63 63.86
N TYR T 258 114.95 -26.53 65.10
CA TYR T 258 114.27 -25.83 66.20
C TYR T 258 113.66 -24.48 65.79
N ASP T 259 114.42 -23.69 65.04
CA ASP T 259 114.06 -22.31 64.72
C ASP T 259 112.73 -22.20 63.92
N LEU T 260 112.23 -23.34 63.44
CA LEU T 260 110.87 -23.42 62.90
C LEU T 260 109.85 -22.83 63.88
N LEU T 261 109.91 -23.33 65.12
CA LEU T 261 108.89 -23.02 66.11
C LEU T 261 109.23 -21.77 66.94
N ARG T 262 110.29 -21.08 66.54
CA ARG T 262 110.75 -19.87 67.23
C ARG T 262 109.63 -18.90 67.59
N SER T 263 109.02 -18.29 66.58
CA SER T 263 107.96 -17.32 66.83
C SER T 263 106.62 -18.00 67.12
N THR T 264 106.62 -19.33 67.05
CA THR T 264 105.41 -20.13 67.27
C THR T 264 105.02 -20.18 68.76
N ARG T 265 103.75 -20.48 69.02
CA ARG T 265 103.25 -20.66 70.37
C ARG T 265 103.66 -22.01 70.96
N HIS T 266 104.30 -22.85 70.14
CA HIS T 266 104.73 -24.18 70.56
C HIS T 266 106.14 -24.22 71.15
N PHE T 267 106.76 -23.05 71.32
CA PHE T 267 108.13 -22.92 71.85
C PHE T 267 108.31 -23.49 73.25
N GLY T 268 107.32 -23.21 74.11
CA GLY T 268 107.34 -23.68 75.48
C GLY T 268 107.43 -25.19 75.53
N GLY T 269 106.74 -25.87 74.62
CA GLY T 269 106.80 -27.32 74.48
C GLY T 269 108.21 -27.79 74.18
N MET T 270 108.89 -27.10 73.27
CA MET T 270 110.29 -27.36 72.98
C MET T 270 111.13 -27.26 74.25
N ALA T 271 111.21 -26.06 74.82
CA ALA T 271 112.09 -25.83 75.98
C ALA T 271 111.76 -26.71 77.19
N TRP T 272 110.49 -27.09 77.34
CA TRP T 272 110.06 -27.90 78.48
C TRP T 272 110.05 -29.43 78.27
N TYR T 273 110.20 -29.89 77.02
CA TYR T 273 110.61 -31.28 76.82
C TYR T 273 112.15 -31.37 76.90
N PHE T 274 112.83 -30.36 76.40
CA PHE T 274 114.30 -30.38 76.27
C PHE T 274 115.11 -30.02 77.53
N VAL T 275 114.53 -29.26 78.45
CA VAL T 275 115.21 -29.00 79.73
C VAL T 275 115.04 -30.22 80.65
N ASN T 276 113.94 -30.95 80.47
CA ASN T 276 113.67 -32.18 81.24
C ASN T 276 114.42 -33.42 80.71
N LYS T 277 114.44 -33.60 79.38
CA LYS T 277 115.15 -34.72 78.74
C LYS T 277 116.67 -34.50 78.85
N LYS T 278 117.04 -33.29 79.26
CA LYS T 278 118.41 -32.91 79.57
C LYS T 278 119.33 -32.93 78.34
N LYS T 279 118.74 -32.73 77.16
CA LYS T 279 119.53 -32.32 76.00
C LYS T 279 119.17 -30.87 75.67
N ILE T 280 120.07 -29.95 75.99
CA ILE T 280 119.90 -28.54 75.65
C ILE T 280 120.72 -28.19 74.40
N ASP T 281 121.33 -29.22 73.81
CA ASP T 281 122.35 -29.10 72.74
C ASP T 281 122.00 -28.17 71.56
N GLY T 282 121.10 -28.63 70.70
CA GLY T 282 120.82 -27.95 69.45
C GLY T 282 120.11 -26.63 69.67
N LEU T 283 119.43 -26.51 70.81
CA LEU T 283 118.71 -25.29 71.18
C LEU T 283 119.71 -24.18 71.57
N LEU T 284 120.71 -24.52 72.37
CA LEU T 284 121.75 -23.57 72.76
C LEU T 284 122.65 -23.22 71.57
N ILE T 285 122.98 -24.23 70.76
CA ILE T 285 123.81 -24.01 69.58
C ILE T 285 123.10 -23.14 68.54
N ASP T 286 121.79 -23.37 68.34
CA ASP T 286 121.00 -22.54 67.42
C ASP T 286 120.67 -21.17 68.04
N GLN T 287 120.80 -21.04 69.37
CA GLN T 287 120.65 -19.73 70.04
C GLN T 287 121.91 -18.86 69.97
N ILE T 288 123.07 -19.49 69.97
CA ILE T 288 124.33 -18.75 69.85
C ILE T 288 124.79 -18.66 68.37
N GLN T 289 124.07 -19.38 67.48
CA GLN T 289 124.27 -19.26 66.02
C GLN T 289 123.56 -18.02 65.45
N ARG T 290 122.38 -17.69 66.00
CA ARG T 290 121.61 -16.54 65.53
C ARG T 290 122.07 -15.25 66.23
N ASP T 291 123.09 -15.37 67.07
CA ASP T 291 123.65 -14.26 67.85
C ASP T 291 122.64 -13.67 68.84
N LEU T 292 121.94 -14.56 69.55
CA LEU T 292 121.09 -14.16 70.67
C LEU T 292 121.72 -14.66 71.96
N VAL T 293 122.25 -13.72 72.75
CA VAL T 293 122.91 -14.07 74.02
C VAL T 293 121.91 -14.29 75.16
N SER T 294 120.91 -13.41 75.23
CA SER T 294 119.95 -13.41 76.34
C SER T 294 119.05 -14.65 76.35
N ASP T 295 118.83 -15.25 75.18
CA ASP T 295 117.99 -16.44 75.08
C ASP T 295 118.74 -17.70 75.56
N ALA T 296 120.04 -17.80 75.25
CA ALA T 296 120.86 -18.90 75.75
C ALA T 296 121.09 -18.77 77.26
N THR T 297 121.33 -17.53 77.72
CA THR T 297 121.46 -17.27 79.16
C THR T 297 120.15 -17.57 79.92
N SER T 298 119.00 -17.24 79.31
CA SER T 298 117.69 -17.54 79.91
C SER T 298 117.37 -19.05 79.90
N LEU T 299 117.83 -19.75 78.86
CA LEU T 299 117.67 -21.20 78.79
C LEU T 299 118.49 -21.91 79.88
N VAL T 300 119.73 -21.44 80.07
CA VAL T 300 120.57 -21.90 81.18
C VAL T 300 119.92 -21.59 82.54
N HIS T 301 119.29 -20.42 82.63
CA HIS T 301 118.54 -20.02 83.83
C HIS T 301 117.40 -21.00 84.10
N LEU T 302 116.73 -21.44 83.03
CA LEU T 302 115.64 -22.43 83.14
C LEU T 302 116.16 -23.78 83.62
N TYR T 303 117.26 -24.26 83.01
CA TYR T 303 117.85 -25.52 83.48
C TYR T 303 118.40 -25.37 84.90
N HIS T 304 118.60 -24.12 85.33
CA HIS T 304 118.99 -23.83 86.71
C HIS T 304 117.79 -23.80 87.67
N ILE T 305 116.60 -23.48 87.16
CA ILE T 305 115.38 -23.49 87.98
C ILE T 305 114.76 -24.88 88.15
N LEU T 306 114.68 -25.63 87.06
CA LEU T 306 114.02 -26.95 87.08
C LEU T 306 114.94 -28.05 87.59
N HIS T 307 116.22 -27.71 87.78
CA HIS T 307 117.18 -28.63 88.37
C HIS T 307 118.07 -27.90 89.40
N PRO T 308 117.49 -27.42 90.53
CA PRO T 308 118.22 -26.58 91.51
C PRO T 308 119.46 -27.21 92.18
N UNK T 309 119.38 -28.46 92.64
CA UNK T 309 120.57 -29.07 93.25
C UNK T 309 121.22 -30.10 92.32
N UNK T 310 122.34 -29.71 91.74
CA UNK T 310 123.16 -30.57 90.91
C UNK T 310 124.53 -29.92 90.80
N UNK T 311 125.53 -30.65 90.31
CA UNK T 311 126.88 -30.10 90.10
C UNK T 311 126.85 -28.76 89.36
N UNK T 312 126.52 -28.82 88.06
CA UNK T 312 126.44 -27.64 87.21
C UNK T 312 125.62 -26.51 87.83
N UNK T 313 124.44 -26.84 88.33
CA UNK T 313 123.52 -25.85 88.89
C UNK T 313 124.09 -25.03 90.05
N UNK T 314 124.24 -25.64 91.23
CA UNK T 314 124.67 -24.89 92.40
C UNK T 314 126.14 -24.47 92.34
N UNK T 315 126.97 -25.18 91.57
CA UNK T 315 128.37 -24.77 91.43
C UNK T 315 128.49 -23.56 90.50
N UNK T 316 128.06 -23.70 89.26
CA UNK T 316 128.10 -22.58 88.32
C UNK T 316 127.14 -21.44 88.72
N UNK T 317 126.32 -21.66 89.76
CA UNK T 317 125.51 -20.59 90.35
C UNK T 317 126.28 -19.86 91.46
N UNK T 318 126.63 -20.59 92.51
CA UNK T 318 127.30 -19.99 93.67
C UNK T 318 128.67 -19.35 93.34
N UNK T 319 129.38 -19.92 92.37
CA UNK T 319 130.67 -19.35 91.92
C UNK T 319 130.50 -17.91 91.44
N UNK T 320 129.75 -17.75 90.36
CA UNK T 320 129.40 -16.44 89.78
C UNK T 320 128.46 -16.63 88.60
N UNK T 321 127.70 -15.59 88.26
CA UNK T 321 126.69 -15.70 87.21
C UNK T 321 126.60 -14.45 86.32
N UNK T 322 126.69 -14.68 85.01
CA UNK T 322 126.56 -13.65 84.00
C UNK T 322 126.32 -14.36 82.65
N UNK T 323 126.38 -13.62 81.55
CA UNK T 323 126.32 -14.25 80.23
C UNK T 323 127.47 -15.27 80.05
N UNK T 324 128.70 -14.75 79.98
CA UNK T 324 129.90 -15.56 79.74
C UNK T 324 130.11 -16.68 80.76
N UNK T 325 130.02 -16.34 82.05
CA UNK T 325 130.26 -17.28 83.14
C UNK T 325 129.26 -18.46 83.14
N UNK T 326 127.96 -18.16 83.22
CA UNK T 326 126.95 -19.23 83.31
C UNK T 326 126.80 -20.00 81.99
N UNK T 327 126.95 -19.31 80.85
CA UNK T 327 126.87 -20.01 79.56
C UNK T 327 128.07 -20.93 79.33
N UNK T 328 129.29 -20.46 79.61
CA UNK T 328 130.47 -21.31 79.44
C UNK T 328 130.53 -22.46 80.48
N UNK T 329 130.12 -22.17 81.72
CA UNK T 329 130.12 -23.20 82.78
C UNK T 329 129.03 -24.27 82.59
N UNK T 330 127.83 -23.86 82.15
CA UNK T 330 126.79 -24.83 81.81
C UNK T 330 126.99 -25.41 80.40
N UNK T 331 128.01 -24.92 79.68
CA UNK T 331 128.50 -25.58 78.46
C UNK T 331 129.45 -26.73 78.78
N UNK T 332 130.38 -26.52 79.72
CA UNK T 332 131.33 -27.58 80.08
C UNK T 332 130.75 -28.62 81.06
N UNK T 333 129.79 -28.22 81.90
CA UNK T 333 129.19 -29.18 82.85
C UNK T 333 127.93 -29.87 82.30
N UNK T 334 127.52 -29.49 81.08
CA UNK T 334 126.56 -30.26 80.31
C UNK T 334 127.35 -31.02 79.23
N UNK T 335 127.45 -32.33 79.40
CA UNK T 335 128.50 -33.12 78.76
C UNK T 335 128.19 -33.89 77.47
N UNK T 336 126.98 -33.77 76.91
CA UNK T 336 126.64 -34.53 75.70
C UNK T 336 127.63 -34.31 74.56
N UNK T 337 127.59 -33.12 73.95
CA UNK T 337 128.72 -32.62 73.19
C UNK T 337 129.00 -31.18 73.65
N UNK T 338 130.12 -30.98 74.35
CA UNK T 338 130.48 -29.65 74.85
C UNK T 338 131.43 -28.94 73.89
N UNK T 339 131.92 -29.69 72.89
CA UNK T 339 132.87 -29.16 71.92
C UNK T 339 132.19 -28.18 70.97
N UNK T 340 130.96 -28.48 70.58
CA UNK T 340 130.17 -27.62 69.72
C UNK T 340 129.68 -26.38 70.47
N UNK T 341 129.34 -26.53 71.75
CA UNK T 341 128.89 -25.40 72.55
C UNK T 341 130.06 -24.47 72.90
N UNK T 342 131.22 -25.04 73.18
CA UNK T 342 132.40 -24.20 73.44
C UNK T 342 132.96 -23.61 72.14
N UNK T 343 132.84 -24.33 71.03
CA UNK T 343 133.30 -23.79 69.73
C UNK T 343 132.39 -22.68 69.23
N UNK T 344 131.08 -22.81 69.50
CA UNK T 344 130.12 -21.77 69.12
C UNK T 344 130.12 -20.56 70.09
N UNK T 345 130.45 -20.81 71.36
CA UNK T 345 130.65 -19.73 72.32
C UNK T 345 132.04 -19.10 72.13
N UNK T 346 132.90 -19.77 71.38
CA UNK T 346 134.14 -19.17 70.89
C UNK T 346 133.86 -18.34 69.62
N UNK T 347 132.89 -18.80 68.82
CA UNK T 347 132.55 -18.18 67.54
C UNK T 347 131.75 -16.86 67.71
N UNK T 348 130.72 -16.88 68.55
CA UNK T 348 129.95 -15.64 68.81
C UNK T 348 130.77 -14.62 69.60
N UNK T 349 131.82 -15.10 70.30
CA UNK T 349 132.76 -14.23 71.02
C UNK T 349 133.82 -13.59 70.11
N UNK T 350 134.35 -14.34 69.13
CA UNK T 350 135.26 -13.73 68.16
C UNK T 350 134.50 -12.79 67.21
N UNK T 351 133.23 -13.10 66.96
CA UNK T 351 132.37 -12.22 66.15
C UNK T 351 131.75 -11.08 66.98
N UNK T 352 131.83 -11.19 68.31
CA UNK T 352 131.57 -10.04 69.19
C UNK T 352 132.86 -9.23 69.40
N UNK T 353 134.01 -9.82 69.08
CA UNK T 353 135.28 -9.10 69.08
C UNK T 353 135.48 -8.33 67.77
N UNK T 354 134.99 -8.88 66.66
CA UNK T 354 135.18 -8.28 65.33
C UNK T 354 134.26 -7.08 65.03
N UNK T 355 132.99 -7.17 65.42
CA UNK T 355 131.99 -6.15 65.08
C UNK T 355 132.04 -4.89 65.97
N UNK T 356 132.47 -5.04 67.22
CA UNK T 356 132.54 -3.91 68.16
C UNK T 356 133.81 -3.09 67.93
N ALA U 2 104.21 1.69 19.43
CA ALA U 2 104.39 2.98 18.80
C ALA U 2 104.52 4.07 19.83
N GLY U 3 103.38 4.49 20.38
CA GLY U 3 103.34 5.53 21.39
C GLY U 3 101.92 5.78 21.87
N SER U 4 101.70 6.93 22.50
CA SER U 4 100.36 7.34 22.89
C SER U 4 100.08 8.69 22.30
N ARG U 5 99.11 8.72 21.40
CA ARG U 5 98.75 9.93 20.70
C ARG U 5 97.58 10.66 21.37
N LEU U 6 97.15 10.19 22.53
CA LEU U 6 96.02 10.82 23.17
C LEU U 6 96.46 12.11 23.84
N GLU U 7 95.94 13.22 23.35
CA GLU U 7 96.38 14.54 23.77
C GLU U 7 95.75 14.90 25.11
N THR U 8 94.59 14.30 25.35
CA THR U 8 93.80 14.62 26.51
C THR U 8 94.26 13.94 27.79
N VAL U 9 94.56 12.65 27.65
CA VAL U 9 94.73 11.74 28.79
C VAL U 9 95.63 12.30 29.89
N GLY U 10 96.77 12.88 29.52
CA GLY U 10 97.64 13.44 30.53
C GLY U 10 98.81 14.21 29.97
N SER U 11 99.59 14.78 30.87
CA SER U 11 100.81 15.49 30.49
C SER U 11 101.78 14.53 29.80
N ILE U 12 102.50 15.05 28.81
CA ILE U 12 103.43 14.26 28.00
C ILE U 12 104.45 13.53 28.87
N PHE U 13 104.76 14.14 30.01
CA PHE U 13 105.58 13.53 31.04
C PHE U 13 104.97 12.20 31.50
N SER U 14 103.69 12.23 31.85
CA SER U 14 102.98 11.03 32.30
C SER U 14 103.06 9.95 31.23
N ARG U 15 102.49 10.25 30.06
CA ARG U 15 102.44 9.34 28.92
C ARG U 15 103.79 8.71 28.63
N THR U 16 104.81 9.55 28.52
CA THR U 16 106.15 9.09 28.17
C THR U 16 106.74 8.21 29.27
N ARG U 17 106.78 8.74 30.50
CA ARG U 17 107.38 8.05 31.65
C ARG U 17 106.80 6.65 31.85
N ASP U 18 105.47 6.56 31.85
CA ASP U 18 104.84 5.27 32.10
C ASP U 18 104.85 4.38 30.85
N LEU U 19 104.94 4.98 29.67
CA LEU U 19 105.12 4.21 28.44
C LEU U 19 106.44 3.43 28.50
N ILE U 20 107.53 4.17 28.70
CA ILE U 20 108.85 3.58 28.93
C ILE U 20 108.75 2.52 30.02
N ARG U 21 108.05 2.88 31.10
CA ARG U 21 107.93 2.04 32.29
C ARG U 21 107.43 0.61 32.00
N ALA U 22 106.63 0.44 30.94
CA ALA U 22 106.11 -0.88 30.60
C ALA U 22 107.02 -1.63 29.64
N GLY U 23 108.00 -0.92 29.09
CA GLY U 23 108.95 -1.51 28.16
C GLY U 23 108.52 -1.50 26.70
N VAL U 24 107.43 -0.79 26.41
CA VAL U 24 106.96 -0.66 25.02
C VAL U 24 107.92 0.22 24.22
N LEU U 25 108.20 1.42 24.73
CA LEU U 25 109.25 2.27 24.19
C LEU U 25 110.58 1.90 24.84
N LYS U 26 111.54 1.45 24.03
CA LYS U 26 112.85 1.04 24.56
C LYS U 26 113.91 2.16 24.45
N GLU U 27 113.54 3.30 23.87
CA GLU U 27 114.48 4.42 23.72
C GLU U 27 114.02 5.69 24.41
N LYS U 28 114.77 6.11 25.41
CA LYS U 28 114.43 7.34 26.12
C LYS U 28 114.74 8.56 25.25
N PRO U 29 113.75 9.46 25.09
CA PRO U 29 114.00 10.73 24.39
C PRO U 29 114.81 11.68 25.23
N LEU U 30 115.35 12.67 24.55
CA LEU U 30 116.22 13.66 25.14
C LEU U 30 115.46 14.56 26.12
N TRP U 31 114.38 15.09 25.57
CA TRP U 31 113.54 16.05 26.26
C TRP U 31 113.00 15.48 27.58
N LEU U 32 112.87 14.15 27.65
CA LEU U 32 112.39 13.50 28.86
C LEU U 32 113.38 13.67 30.01
N ASP U 33 114.67 13.52 29.69
CA ASP U 33 115.72 13.69 30.69
C ASP U 33 115.89 15.15 31.12
N ILE U 34 115.92 16.07 30.14
CA ILE U 34 116.00 17.50 30.50
C ILE U 34 114.80 17.92 31.38
N TYR U 35 113.61 17.42 31.04
CA TYR U 35 112.38 17.68 31.79
C TYR U 35 112.43 17.11 33.21
N ASN U 36 113.05 15.94 33.36
CA ASN U 36 113.31 15.40 34.69
C ASN U 36 114.21 16.34 35.48
N ALA U 37 115.17 16.95 34.79
CA ALA U 37 116.06 17.91 35.45
C ALA U 37 115.34 19.18 35.92
N PHE U 38 114.60 19.86 35.04
CA PHE U 38 113.88 21.09 35.38
C PHE U 38 112.37 21.03 35.14
N PRO U 39 111.60 20.44 36.07
CA PRO U 39 110.15 20.50 35.83
C PRO U 39 109.61 21.94 35.82
N PRO U 40 108.79 22.26 34.80
CA PRO U 40 108.05 23.51 34.65
C PRO U 40 106.99 23.68 35.73
N LEU U 41 106.45 24.88 35.83
CA LEU U 41 105.57 25.24 36.94
C LEU U 41 104.36 24.30 37.07
N ARG U 42 103.56 24.19 36.02
CA ARG U 42 102.46 23.23 36.01
C ARG U 42 102.75 22.12 34.99
N GLU U 43 102.25 20.92 35.24
CA GLU U 43 102.29 19.85 34.25
C GLU U 43 101.30 20.17 33.13
N PRO U 44 101.78 20.18 31.87
CA PRO U 44 100.92 20.57 30.75
C PRO U 44 99.84 19.53 30.44
N VAL U 45 98.82 19.43 31.29
CA VAL U 45 97.72 18.49 31.10
C VAL U 45 96.57 19.16 30.35
N PHE U 46 95.86 18.40 29.52
CA PHE U 46 94.75 18.95 28.76
C PHE U 46 93.58 19.38 29.64
N ARG U 47 93.14 20.62 29.46
CA ARG U 47 91.96 21.12 30.17
C ARG U 47 90.90 21.67 29.23
N ARG U 48 89.65 21.44 29.59
CA ARG U 48 88.52 21.87 28.77
C ARG U 48 88.12 23.30 29.08
N PRO U 49 88.18 24.17 28.07
CA PRO U 49 87.81 25.59 28.15
C PRO U 49 86.32 25.82 28.39
N ARG U 50 85.80 25.41 29.54
CA ARG U 50 84.40 25.61 29.87
C ARG U 50 84.12 27.07 30.14
N LEU U 51 83.05 27.58 29.57
CA LEU U 51 82.57 28.92 29.86
C LEU U 51 82.01 28.96 31.29
N ARG U 52 81.89 30.15 31.87
CA ARG U 52 81.32 30.32 33.22
C ARG U 52 79.82 30.61 33.17
N TYR U 53 79.06 30.00 34.08
CA TYR U 53 77.65 30.34 34.20
C TYR U 53 77.32 30.88 35.59
N GLY U 54 76.08 31.31 35.78
CA GLY U 54 75.62 31.80 37.08
C GLY U 54 76.32 33.04 37.62
N LYS U 55 76.53 33.04 38.93
CA LYS U 55 77.12 34.19 39.62
C LYS U 55 78.64 34.14 39.59
N ALA U 56 79.19 33.13 38.94
CA ALA U 56 80.64 32.99 38.87
C ALA U 56 81.25 34.07 37.98
N LYS U 57 82.16 34.86 38.57
CA LYS U 57 82.79 35.96 37.87
C LYS U 57 84.30 35.76 37.89
N ALA U 58 85.04 36.70 37.34
CA ALA U 58 86.48 36.52 37.27
C ALA U 58 87.12 36.77 38.63
N ALA U 59 88.42 36.48 38.73
CA ALA U 59 89.24 36.78 39.91
C ALA U 59 90.15 38.01 39.74
N VAL U 60 90.05 38.68 38.59
CA VAL U 60 90.93 39.80 38.28
C VAL U 60 90.69 41.01 39.18
N GLN U 61 91.77 41.63 39.64
CA GLN U 61 91.64 42.89 40.37
C GLN U 61 91.99 44.05 39.45
N ASP U 62 90.98 44.86 39.15
CA ASP U 62 91.18 46.05 38.35
C ASP U 62 92.21 46.96 39.01
N ILE U 63 92.97 47.67 38.18
CA ILE U 63 94.12 48.41 38.67
C ILE U 63 93.84 49.91 38.82
N PHE U 64 93.92 50.37 40.06
CA PHE U 64 93.67 51.78 40.39
C PHE U 64 94.52 52.28 41.58
N TYR U 65 94.92 53.54 41.52
CA TYR U 65 95.63 54.22 42.62
C TYR U 65 94.96 55.58 42.88
N HIS U 66 95.29 56.23 43.99
CA HIS U 66 94.66 57.51 44.33
C HIS U 66 95.13 58.62 43.39
N GLU U 67 96.31 58.40 42.82
CA GLU U 67 96.85 59.28 41.79
C GLU U 67 95.78 59.50 40.73
N ASP U 68 95.16 58.40 40.34
CA ASP U 68 94.13 58.42 39.31
C ASP U 68 92.91 59.22 39.77
N ARG U 69 92.63 59.21 41.07
CA ARG U 69 91.50 59.98 41.60
C ARG U 69 91.79 61.46 41.47
N ILE U 70 93.07 61.81 41.47
CA ILE U 70 93.44 63.19 41.15
C ILE U 70 93.45 63.51 39.65
N ARG U 71 94.05 62.62 38.86
CA ARG U 71 94.14 62.78 37.41
C ARG U 71 92.74 62.95 36.84
N ALA U 72 91.77 62.32 37.49
CA ALA U 72 90.37 62.41 37.10
C ALA U 72 89.92 63.86 37.09
N LYS U 73 90.28 64.60 38.13
CA LYS U 73 89.88 65.99 38.22
C LYS U 73 90.75 66.88 37.33
N PHE U 74 92.03 66.54 37.19
CA PHE U 74 92.89 67.28 36.26
C PHE U 74 92.29 67.25 34.85
N TYR U 75 91.99 66.06 34.38
CA TYR U 75 91.34 65.88 33.08
C TYR U 75 89.97 66.56 33.05
N SER U 76 89.22 66.42 34.15
CA SER U 76 87.88 66.98 34.26
C SER U 76 87.88 68.47 33.98
N ALA U 77 88.92 69.16 34.46
CA ALA U 77 89.02 70.59 34.21
C ALA U 77 89.73 70.88 32.89
N TYR U 78 91.04 70.68 32.87
CA TYR U 78 91.89 71.19 31.79
C TYR U 78 91.96 70.34 30.52
N GLY U 79 91.76 69.03 30.65
CA GLY U 79 91.85 68.13 29.52
C GLY U 79 93.22 67.49 29.44
N SER U 80 93.51 66.83 28.33
CA SER U 80 94.81 66.17 28.16
C SER U 80 95.91 67.24 28.04
N GLY U 81 97.09 66.92 28.55
CA GLY U 81 98.19 67.87 28.61
C GLY U 81 98.70 68.38 27.27
N PRO U 82 99.14 69.65 27.24
CA PRO U 82 99.69 70.32 26.04
C PRO U 82 101.03 69.73 25.57
N LYS U 83 101.66 68.91 26.42
CA LYS U 83 102.97 68.32 26.09
C LYS U 83 102.80 67.10 25.18
N ALA U 84 101.55 66.81 24.83
CA ALA U 84 101.14 65.55 24.22
C ALA U 84 101.52 64.37 25.11
N PHE U 85 102.00 63.29 24.51
CA PHE U 85 102.40 62.08 25.25
C PHE U 85 103.47 61.33 24.48
N ASP U 86 104.34 60.64 25.19
CA ASP U 86 105.17 59.67 24.51
C ASP U 86 105.31 58.42 25.34
N LEU U 87 104.97 57.31 24.70
CA LEU U 87 105.11 56.00 25.30
C LEU U 87 106.42 55.36 24.83
N PHE U 88 107.20 56.14 24.08
CA PHE U 88 108.56 55.77 23.67
C PHE U 88 109.55 56.00 24.81
N ASN U 89 109.41 57.14 25.49
CA ASN U 89 110.31 57.55 26.57
C ASN U 89 109.98 56.87 27.90
N PRO U 90 110.92 56.07 28.43
CA PRO U 90 110.68 55.28 29.64
C PRO U 90 110.31 56.10 30.86
N ASN U 91 111.05 57.17 31.13
CA ASN U 91 110.88 57.94 32.34
C ASN U 91 109.97 59.17 32.20
N PHE U 92 109.35 59.32 31.02
CA PHE U 92 108.52 60.49 30.70
C PHE U 92 107.41 60.78 31.72
N LYS U 93 107.23 62.07 32.02
CA LYS U 93 106.14 62.51 32.89
C LYS U 93 105.51 63.79 32.31
N SER U 94 104.19 63.73 32.10
CA SER U 94 103.47 64.83 31.47
C SER U 94 102.98 65.86 32.47
N THR U 95 102.14 66.77 31.98
CA THR U 95 101.54 67.81 32.81
C THR U 95 100.77 67.20 33.97
N CYS U 96 100.07 66.10 33.67
CA CYS U 96 99.25 65.42 34.66
C CYS U 96 100.07 64.88 35.82
N GLN U 97 101.26 64.37 35.54
CA GLN U 97 102.14 63.85 36.59
C GLN U 97 102.62 64.99 37.49
N ARG U 98 103.01 66.10 36.88
CA ARG U 98 103.37 67.31 37.62
C ARG U 98 102.24 67.71 38.57
N PHE U 99 101.01 67.69 38.06
CA PHE U 99 99.84 68.03 38.86
C PHE U 99 99.68 67.06 40.03
N VAL U 100 99.84 65.76 39.76
CA VAL U 100 99.73 64.72 40.78
C VAL U 100 100.72 64.92 41.92
N GLU U 101 101.98 65.20 41.58
CA GLU U 101 103.00 65.37 42.62
C GLU U 101 102.89 66.72 43.37
N LYS U 102 102.46 67.78 42.67
CA LYS U 102 102.16 69.05 43.35
C LYS U 102 101.05 68.85 44.37
N TYR U 103 100.02 68.10 43.97
CA TYR U 103 98.87 67.78 44.84
C TYR U 103 99.28 66.86 46.01
N ILE U 104 100.22 65.95 45.77
CA ILE U 104 100.74 65.08 46.83
C ILE U 104 101.52 65.88 47.88
N GLU U 105 102.41 66.75 47.41
CA GLU U 105 103.21 67.57 48.32
C GLU U 105 102.36 68.65 48.98
N LEU U 106 101.20 68.96 48.39
CA LEU U 106 100.24 69.84 49.05
C LEU U 106 99.34 69.05 50.00
N GLN U 107 99.32 67.73 49.85
CA GLN U 107 98.51 66.87 50.73
C GLN U 107 99.20 66.62 52.07
N ARG U 108 100.53 66.48 52.04
CA ARG U 108 101.32 66.33 53.26
C ARG U 108 101.43 67.65 54.01
N LEU U 109 100.96 68.73 53.37
CA LEU U 109 100.96 70.07 53.96
C LEU U 109 99.83 70.22 54.98
N GLY U 110 98.83 69.35 54.90
CA GLY U 110 97.73 69.35 55.85
C GLY U 110 96.46 70.06 55.40
N GLU U 111 96.33 70.30 54.10
CA GLU U 111 95.11 70.92 53.55
C GLU U 111 94.12 69.82 53.15
N THR U 112 93.00 69.74 53.85
CA THR U 112 92.05 68.68 53.61
C THR U 112 91.05 69.06 52.52
N ASP U 113 91.05 70.34 52.15
CA ASP U 113 90.07 70.87 51.21
C ASP U 113 90.48 70.61 49.76
N GLU U 114 89.50 70.34 48.89
CA GLU U 114 89.77 70.05 47.48
C GLU U 114 90.24 71.26 46.69
N GLU U 115 89.47 72.34 46.74
CA GLU U 115 89.73 73.54 45.94
C GLU U 115 91.09 74.16 46.24
N LYS U 116 91.48 74.11 47.52
CA LYS U 116 92.79 74.60 47.95
C LYS U 116 93.92 73.82 47.26
N LEU U 117 93.91 72.50 47.44
CA LEU U 117 94.90 71.62 46.83
C LEU U 117 94.95 71.80 45.30
N PHE U 118 93.79 71.77 44.66
CA PHE U 118 93.65 71.89 43.21
C PHE U 118 94.21 73.20 42.68
N VAL U 119 93.68 74.32 43.16
CA VAL U 119 94.04 75.63 42.63
C VAL U 119 95.48 76.05 43.03
N GLU U 120 95.94 75.64 44.22
CA GLU U 120 97.30 75.96 44.66
C GLU U 120 98.39 75.07 44.02
N ALA U 121 98.01 73.84 43.65
CA ALA U 121 98.92 73.02 42.82
C ALA U 121 98.84 73.51 41.37
N GLY U 122 97.77 74.23 41.05
CA GLY U 122 97.60 74.87 39.75
C GLY U 122 98.44 76.13 39.59
N LYS U 123 98.64 76.86 40.69
CA LYS U 123 99.57 77.97 40.70
C LYS U 123 101.01 77.45 40.86
N ALA U 124 101.13 76.34 41.60
CA ALA U 124 102.40 75.63 41.69
C ALA U 124 102.85 75.15 40.30
N LEU U 125 101.88 74.85 39.44
CA LEU U 125 102.14 74.53 38.03
C LEU U 125 102.30 75.80 37.15
N LEU U 126 101.60 76.87 37.49
CA LEU U 126 101.73 78.13 36.76
C LEU U 126 103.10 78.77 37.01
N ALA U 127 103.79 78.27 38.03
CA ALA U 127 105.16 78.69 38.33
C ALA U 127 106.22 78.01 37.42
N GLU U 128 106.03 76.72 37.16
CA GLU U 128 107.02 75.91 36.43
C GLU U 128 107.00 76.11 34.91
N GLY U 129 105.97 76.79 34.40
CA GLY U 129 105.89 77.11 32.98
C GLY U 129 104.94 76.27 32.13
N VAL U 130 104.06 75.50 32.76
CA VAL U 130 103.04 74.76 32.02
C VAL U 130 101.77 75.59 31.83
N THR U 131 101.10 75.42 30.69
CA THR U 131 99.87 76.15 30.39
C THR U 131 98.63 75.29 30.61
N LEU U 132 97.85 75.63 31.63
CA LEU U 132 96.60 74.95 31.87
C LEU U 132 95.48 75.70 31.16
N ARG U 133 94.93 75.08 30.13
CA ARG U 133 94.01 75.74 29.20
C ARG U 133 92.74 76.25 29.88
N ARG U 134 92.31 75.55 30.93
CA ARG U 134 91.05 75.82 31.62
C ARG U 134 89.82 75.72 30.71
N VAL U 135 89.49 74.50 30.30
CA VAL U 135 88.30 74.23 29.51
C VAL U 135 87.06 74.21 30.40
N GLY U 136 85.93 74.68 29.87
CA GLY U 136 84.68 74.70 30.62
C GLY U 136 84.08 73.32 30.77
N PRO V 1 71.44 2.84 48.13
CA PRO V 1 70.46 3.90 47.91
C PRO V 1 71.11 5.23 47.57
N MET V 2 70.62 5.86 46.53
CA MET V 2 71.22 7.09 46.06
C MET V 2 70.52 8.28 46.70
N LYS V 3 69.21 8.38 46.48
CA LYS V 3 68.44 9.50 47.03
C LYS V 3 68.47 9.50 48.55
N GLY V 4 68.25 10.67 49.14
CA GLY V 4 68.52 10.90 50.54
C GLY V 4 69.87 11.57 50.58
N ARG V 5 70.10 12.45 51.55
CA ARG V 5 71.38 13.17 51.57
C ARG V 5 72.40 12.60 52.56
N PHE V 6 72.03 11.57 53.33
CA PHE V 6 73.03 10.79 54.08
C PHE V 6 72.64 9.33 54.12
N PRO V 7 72.59 8.68 52.95
CA PRO V 7 71.91 7.40 52.72
C PRO V 7 72.55 6.29 53.50
N ILE V 8 73.76 6.53 53.98
CA ILE V 8 74.50 5.53 54.72
C ILE V 8 73.73 5.18 56.00
N ARG V 9 72.77 6.02 56.39
CA ARG V 9 71.98 5.76 57.60
C ARG V 9 70.72 4.96 57.31
N ARG V 10 70.45 4.74 56.03
CA ARG V 10 69.39 3.82 55.64
C ARG V 10 70.00 2.44 55.38
N THR V 11 71.28 2.30 55.67
CA THR V 11 71.96 1.02 55.66
C THR V 11 71.47 0.14 56.82
N LEU V 12 71.50 -1.18 56.64
CA LEU V 12 71.14 -2.12 57.72
C LEU V 12 72.25 -2.17 58.77
N GLN V 13 73.47 -1.99 58.30
CA GLN V 13 74.65 -1.98 59.16
C GLN V 13 74.62 -0.82 60.15
N TYR V 14 74.36 0.38 59.65
CA TYR V 14 74.35 1.58 60.47
C TYR V 14 73.29 1.53 61.59
N LEU V 15 72.27 0.70 61.40
CA LEU V 15 71.21 0.53 62.40
C LEU V 15 71.59 -0.40 63.53
N GLY V 16 72.37 -1.43 63.22
CA GLY V 16 72.81 -2.38 64.23
C GLY V 16 74.12 -2.00 64.90
N GLN V 17 74.86 -1.06 64.30
CA GLN V 17 76.12 -0.59 64.87
C GLN V 17 75.93 0.48 65.97
N GLY V 18 74.96 1.37 65.81
CA GLY V 18 74.73 2.43 66.77
C GLY V 18 74.22 1.90 68.10
N ASP V 19 74.93 2.18 69.19
CA ASP V 19 74.64 1.50 70.44
C ASP V 19 74.07 2.36 71.57
N VAL V 20 72.77 2.17 71.77
CA VAL V 20 72.12 2.39 73.05
C VAL V 20 71.01 1.35 73.09
N VAL V 21 70.89 0.65 74.21
CA VAL V 21 69.76 -0.24 74.42
C VAL V 21 69.00 0.27 75.63
N PHE V 22 67.68 0.12 75.62
CA PHE V 22 66.86 0.75 76.65
C PHE V 22 66.41 -0.26 77.68
N LYS V 23 66.22 0.23 78.91
CA LYS V 23 65.78 -0.62 79.99
C LYS V 23 64.34 -1.04 79.77
N ASP V 24 63.83 -1.86 80.68
CA ASP V 24 62.51 -2.43 80.53
C ASP V 24 61.46 -1.52 81.14
N SER V 25 61.93 -0.50 81.84
CA SER V 25 61.08 0.54 82.40
C SER V 25 60.66 1.53 81.33
N VAL V 26 61.62 1.97 80.53
CA VAL V 26 61.38 2.95 79.47
C VAL V 26 60.38 2.39 78.45
N LYS V 27 59.34 3.17 78.20
CA LYS V 27 58.28 2.79 77.28
C LYS V 27 58.08 3.90 76.26
N VAL V 28 57.74 5.10 76.72
CA VAL V 28 57.60 6.21 75.77
C VAL V 28 58.79 7.15 75.84
N MET V 29 59.19 7.68 74.69
CA MET V 29 60.22 8.70 74.63
C MET V 29 59.80 9.87 73.76
N THR V 30 59.91 11.07 74.33
CA THR V 30 59.62 12.32 73.64
C THR V 30 60.91 13.08 73.33
N VAL V 31 61.05 13.52 72.08
CA VAL V 31 62.17 14.39 71.70
C VAL V 31 61.63 15.76 71.31
N ASN V 32 61.92 16.77 72.11
CA ASN V 32 61.41 18.10 71.83
C ASN V 32 62.53 19.02 71.36
N TYR V 33 62.51 19.41 70.09
CA TYR V 33 63.65 20.15 69.57
C TYR V 33 63.28 21.40 68.81
N ASN V 34 64.28 22.21 68.53
CA ASN V 34 64.04 23.49 67.88
C ASN V 34 64.68 23.59 66.51
N THR V 35 63.98 24.28 65.63
CA THR V 35 64.37 24.48 64.25
C THR V 35 65.43 25.55 64.06
N HIS V 36 65.20 26.70 64.66
CA HIS V 36 66.07 27.84 64.42
C HIS V 36 66.85 28.27 65.64
N GLY V 37 68.16 28.05 65.56
CA GLY V 37 69.10 28.53 66.56
C GLY V 37 70.37 27.76 66.32
N GLU V 38 71.47 28.24 66.88
CA GLU V 38 72.71 27.48 66.83
C GLU V 38 72.86 26.75 68.15
N LEU V 39 71.86 26.95 69.01
CA LEU V 39 71.80 26.31 70.31
C LEU V 39 70.95 25.03 70.33
N GLY V 40 70.32 24.71 69.22
CA GLY V 40 69.58 23.46 69.09
C GLY V 40 70.27 22.51 68.15
N GLU V 41 71.48 22.88 67.74
CA GLU V 41 72.16 22.28 66.61
C GLU V 41 72.44 20.79 66.78
N GLY V 42 73.08 20.43 67.88
CA GLY V 42 73.47 19.05 68.11
C GLY V 42 72.28 18.15 68.36
N ALA V 43 71.19 18.75 68.82
CA ALA V 43 69.96 18.02 69.07
C ALA V 43 69.37 17.53 67.76
N ARG V 44 69.25 18.44 66.79
CA ARG V 44 68.75 18.10 65.47
C ARG V 44 69.65 17.06 64.84
N LYS V 45 70.94 17.17 65.13
CA LYS V 45 71.90 16.15 64.72
C LYS V 45 71.60 14.82 65.39
N PHE V 46 71.11 14.88 66.63
CA PHE V 46 70.80 13.67 67.37
C PHE V 46 69.56 13.01 66.76
N VAL V 47 68.61 13.84 66.35
CA VAL V 47 67.44 13.35 65.66
C VAL V 47 67.84 12.66 64.37
N PHE V 48 68.59 13.40 63.56
CA PHE V 48 68.88 13.03 62.16
C PHE V 48 69.80 11.80 62.03
N PHE V 49 70.41 11.36 63.13
CA PHE V 49 71.36 10.24 63.10
C PHE V 49 70.94 9.10 64.03
N ASN V 50 70.86 9.41 65.32
CA ASN V 50 70.77 8.42 66.38
C ASN V 50 69.40 7.84 66.63
N ILE V 51 68.36 8.68 66.53
CA ILE V 51 66.99 8.21 66.63
C ILE V 51 66.79 6.96 65.79
N PRO V 52 67.36 6.94 64.57
CA PRO V 52 67.42 5.68 63.82
C PRO V 52 67.97 4.48 64.60
N GLN V 53 69.09 4.65 65.28
CA GLN V 53 69.74 3.53 65.95
C GLN V 53 68.94 3.06 67.17
N ILE V 54 68.58 4.05 67.98
CA ILE V 54 67.70 3.85 69.12
C ILE V 54 66.50 3.03 68.74
N GLN V 55 65.72 3.59 67.83
CA GLN V 55 64.46 2.98 67.43
C GLN V 55 64.61 1.57 66.92
N TYR V 56 65.61 1.34 66.07
CA TYR V 56 65.86 0.00 65.53
C TYR V 56 66.08 -0.97 66.67
N LYS V 57 66.98 -0.61 67.58
CA LYS V 57 67.29 -1.51 68.67
C LYS V 57 66.13 -1.60 69.68
N ASN V 58 65.25 -0.61 69.68
CA ASN V 58 64.13 -0.59 70.62
C ASN V 58 62.78 -0.46 69.93
N PRO V 59 62.30 -1.57 69.35
CA PRO V 59 61.08 -1.60 68.54
C PRO V 59 59.77 -1.33 69.28
N TRP V 60 59.65 -1.86 70.50
CA TRP V 60 58.40 -1.75 71.25
C TRP V 60 58.27 -0.40 71.92
N VAL V 61 59.34 0.37 71.88
CA VAL V 61 59.39 1.69 72.51
C VAL V 61 58.93 2.78 71.57
N GLN V 62 57.82 3.43 71.89
CA GLN V 62 57.32 4.51 71.05
C GLN V 62 58.20 5.76 71.20
N ILE V 63 58.62 6.33 70.08
CA ILE V 63 59.38 7.58 70.08
C ILE V 63 58.68 8.64 69.24
N THR V 64 58.54 9.83 69.79
CA THR V 64 57.88 10.91 69.07
C THR V 64 58.79 12.13 69.05
N MET V 65 58.48 13.09 68.17
CA MET V 65 59.26 14.31 68.07
C MET V 65 58.37 15.54 67.89
N PHE V 66 58.61 16.58 68.69
CA PHE V 66 57.84 17.80 68.59
C PHE V 66 58.73 18.98 68.24
N LYS V 67 58.29 19.74 67.24
CA LYS V 67 59.09 20.83 66.69
C LYS V 67 58.60 22.19 67.19
N ASN V 68 59.55 23.02 67.61
CA ASN V 68 59.31 24.43 67.95
C ASN V 68 58.16 24.73 68.91
N MET V 69 57.94 23.88 69.91
CA MET V 69 56.95 24.17 70.96
C MET V 69 57.56 25.03 72.05
N THR V 70 58.55 24.48 72.71
CA THR V 70 59.32 25.13 73.78
C THR V 70 60.61 25.77 73.25
N PRO V 71 60.93 26.99 73.70
CA PRO V 71 62.09 27.77 73.23
C PRO V 71 63.46 27.10 73.39
N SER V 72 63.56 26.04 74.20
CA SER V 72 64.83 25.34 74.33
C SER V 72 64.65 23.82 74.32
N PRO V 73 65.57 23.12 73.63
CA PRO V 73 65.46 21.69 73.34
C PRO V 73 65.63 20.82 74.55
N PHE V 74 64.92 19.70 74.57
CA PHE V 74 65.04 18.74 75.65
C PHE V 74 64.56 17.35 75.26
N LEU V 75 64.94 16.40 76.10
CA LEU V 75 64.42 15.04 76.05
C LEU V 75 63.45 14.79 77.18
N ARG V 76 62.41 14.01 76.91
CA ARG V 76 61.49 13.55 77.94
C ARG V 76 61.33 12.04 77.90
N PHE V 77 61.26 11.43 79.07
CA PHE V 77 61.17 9.99 79.17
C PHE V 77 60.04 9.56 80.08
N TYR V 78 59.27 8.59 79.62
CA TYR V 78 58.13 8.11 80.39
C TYR V 78 58.25 6.59 80.57
N LEU V 79 58.44 6.21 81.84
CA LEU V 79 58.73 4.85 82.25
C LEU V 79 57.48 4.11 82.72
N ASP V 80 57.66 2.86 83.14
CA ASP V 80 56.54 2.01 83.55
C ASP V 80 56.02 2.37 84.94
N SER V 81 56.89 2.94 85.76
CA SER V 81 56.54 3.28 87.14
C SER V 81 55.87 4.65 87.22
N GLY V 82 55.72 5.32 86.09
CA GLY V 82 55.15 6.65 86.07
C GLY V 82 56.23 7.66 86.36
N GLU V 83 57.47 7.20 86.33
CA GLU V 83 58.63 8.07 86.50
C GLU V 83 58.88 8.87 85.23
N GLN V 84 58.89 10.19 85.37
CA GLN V 84 59.12 11.05 84.21
C GLN V 84 60.51 11.67 84.25
N VAL V 85 61.38 11.17 83.37
CA VAL V 85 62.76 11.63 83.30
C VAL V 85 62.85 12.84 82.39
N LEU V 86 63.70 13.80 82.74
CA LEU V 86 63.90 14.98 81.93
C LEU V 86 65.38 15.16 81.63
N VAL V 87 65.74 15.15 80.35
CA VAL V 87 67.13 15.35 79.97
C VAL V 87 67.33 16.62 79.18
N ASP V 88 67.97 17.61 79.79
CA ASP V 88 68.16 18.88 79.09
C ASP V 88 69.31 18.76 78.09
N VAL V 89 68.98 18.95 76.81
CA VAL V 89 69.97 18.90 75.74
C VAL V 89 70.07 20.28 75.08
N GLU V 90 71.17 20.98 75.31
CA GLU V 90 71.24 22.34 74.78
C GLU V 90 72.40 22.57 73.83
N SER V 91 73.59 22.78 74.38
CA SER V 91 74.76 23.02 73.55
C SER V 91 75.49 21.68 73.36
N LYS V 92 74.84 20.62 73.82
CA LYS V 92 75.37 19.27 73.75
C LYS V 92 75.84 18.87 72.35
N SER V 93 76.99 18.20 72.26
CA SER V 93 77.39 17.54 71.03
C SER V 93 76.48 16.34 70.80
N ASN V 94 76.41 15.88 69.55
CA ASN V 94 75.65 14.70 69.20
C ASN V 94 76.00 13.52 70.12
N LYS V 95 77.30 13.22 70.18
CA LYS V 95 77.81 12.11 70.96
C LYS V 95 77.54 12.26 72.46
N GLU V 96 77.49 13.49 72.96
CA GLU V 96 77.27 13.74 74.38
C GLU V 96 75.84 13.37 74.79
N ILE V 97 74.89 13.64 73.91
CA ILE V 97 73.50 13.20 74.09
C ILE V 97 73.41 11.69 73.99
N VAL V 98 74.10 11.11 73.00
CA VAL V 98 74.16 9.65 72.87
C VAL V 98 74.60 8.96 74.16
N GLU V 99 75.75 9.37 74.68
CA GLU V 99 76.37 8.71 75.81
C GLU V 99 75.72 9.10 77.15
N HIS V 100 75.13 10.29 77.22
CA HIS V 100 74.40 10.66 78.42
C HIS V 100 73.08 9.87 78.54
N ILE V 101 72.38 9.69 77.42
CA ILE V 101 71.22 8.80 77.38
C ILE V 101 71.63 7.37 77.73
N ARG V 102 72.76 6.95 77.19
CA ARG V 102 73.34 5.65 77.50
C ARG V 102 73.56 5.51 79.00
N LYS V 103 74.04 6.60 79.60
CA LYS V 103 74.28 6.66 81.04
C LYS V 103 72.98 6.47 81.83
N ILE V 104 72.03 7.36 81.60
CA ILE V 104 70.82 7.39 82.42
C ILE V 104 70.07 6.06 82.38
N LEU V 105 69.45 5.74 81.26
CA LEU V 105 68.96 4.39 81.09
C LEU V 105 69.74 3.72 80.00
N GLY V 106 70.66 2.85 80.41
CA GLY V 106 71.35 1.95 79.52
C GLY V 106 70.96 0.52 79.80
N LYS V 107 71.86 -0.38 79.42
CA LYS V 107 71.93 -1.69 80.03
C LYS V 107 73.41 -2.02 80.09
N ASN V 108 73.88 -2.48 81.23
CA ASN V 108 75.29 -2.83 81.38
C ASN V 108 75.68 -3.82 80.32
N GLU V 109 76.85 -3.62 79.72
CA GLU V 109 77.33 -4.51 78.69
C GLU V 109 77.32 -5.94 79.23
N GLU V 110 77.59 -6.06 80.52
CA GLU V 110 77.45 -7.32 81.24
C GLU V 110 76.05 -7.92 81.04
N THR V 111 75.03 -7.14 81.36
CA THR V 111 73.64 -7.59 81.25
C THR V 111 73.34 -8.09 79.85
N LEU V 112 73.85 -7.35 78.85
CA LEU V 112 73.65 -7.71 77.45
C LEU V 112 74.28 -9.06 77.11
N GLU V 113 75.54 -9.22 77.48
CA GLU V 113 76.27 -10.45 77.18
C GLU V 113 75.67 -11.65 77.91
N LYS V 114 75.13 -11.40 79.10
CA LYS V 114 74.45 -12.41 79.89
C LYS V 114 73.16 -12.86 79.21
N GLU V 115 72.35 -11.89 78.79
CA GLU V 115 71.09 -12.18 78.10
C GLU V 115 71.34 -12.95 76.79
N GLU V 116 72.24 -12.43 75.97
CA GLU V 116 72.56 -13.09 74.70
C GLU V 116 73.16 -14.49 74.96
N GLN V 117 73.85 -14.66 76.08
CA GLN V 117 74.37 -15.97 76.46
C GLN V 117 73.23 -16.93 76.81
N GLU V 118 72.23 -16.40 77.52
CA GLU V 118 71.02 -17.14 77.86
C GLU V 118 70.29 -17.62 76.62
N LYS V 119 70.29 -16.79 75.57
CA LYS V 119 69.65 -17.18 74.31
C LYS V 119 70.51 -18.09 73.43
N LYS V 120 71.83 -18.03 73.59
CA LYS V 120 72.75 -18.87 72.81
C LYS V 120 72.84 -20.29 73.36
N GLN V 121 72.71 -20.43 74.68
CA GLN V 121 72.66 -21.75 75.29
C GLN V 121 71.35 -22.46 74.96
N LEU V 122 70.38 -21.69 74.48
CA LEU V 122 69.09 -22.22 74.03
C LEU V 122 69.26 -23.04 72.76
N SER V 123 70.40 -22.84 72.10
CA SER V 123 70.76 -23.61 70.91
C SER V 123 71.75 -24.71 71.28
N HIS V 124 71.29 -25.96 71.26
CA HIS V 124 72.09 -27.06 71.77
C HIS V 124 72.72 -27.91 70.67
N PRO V 125 74.05 -28.12 70.75
CA PRO V 125 74.86 -28.87 69.78
C PRO V 125 74.49 -30.34 69.73
N ALA V 126 74.03 -30.89 70.85
CA ALA V 126 73.84 -32.33 70.97
C ALA V 126 72.57 -32.82 70.29
N HIS V 127 71.60 -31.94 70.08
CA HIS V 127 70.28 -32.37 69.63
C HIS V 127 70.31 -32.83 68.16
N PHE V 128 69.20 -33.38 67.68
CA PHE V 128 69.11 -33.89 66.31
C PHE V 128 67.76 -33.51 65.69
N GLY V 129 67.81 -32.81 64.56
CA GLY V 129 66.60 -32.37 63.89
C GLY V 129 66.89 -31.66 62.58
N PRO V 130 65.87 -31.00 62.01
CA PRO V 130 65.98 -30.27 60.74
C PRO V 130 67.12 -29.26 60.74
N ARG V 131 67.64 -28.95 59.56
CA ARG V 131 68.81 -28.10 59.42
C ARG V 131 68.59 -26.69 59.97
N LYS V 132 67.32 -26.31 60.13
CA LYS V 132 66.98 -24.98 60.62
C LYS V 132 67.49 -24.73 62.03
N TYR V 133 67.04 -25.57 62.97
CA TYR V 133 67.35 -25.40 64.38
C TYR V 133 68.70 -25.97 64.84
N CYS V 134 69.12 -27.08 64.25
CA CYS V 134 70.30 -27.79 64.73
C CYS V 134 71.27 -28.15 63.59
N LEU V 135 72.35 -28.84 63.93
CA LEU V 135 73.36 -29.16 62.93
C LEU V 135 73.10 -30.50 62.26
N ARG V 136 73.33 -31.58 63.01
CA ARG V 136 73.10 -32.92 62.52
C ARG V 136 71.59 -33.25 62.50
N GLU V 137 71.18 -34.24 61.70
CA GLU V 137 69.75 -34.55 61.58
C GLU V 137 69.35 -36.00 61.92
N CYS V 138 69.58 -36.94 60.99
CA CYS V 138 69.24 -38.35 61.23
C CYS V 138 70.43 -39.14 61.76
N MET V 139 71.60 -38.51 61.75
CA MET V 139 72.88 -39.19 61.99
C MET V 139 73.13 -40.20 60.87
N CYS V 140 72.77 -39.83 59.64
CA CYS V 140 73.31 -40.50 58.46
C CYS V 140 74.79 -40.14 58.48
N GLU V 141 75.02 -38.94 59.02
CA GLU V 141 76.28 -38.22 58.98
C GLU V 141 77.40 -38.67 59.90
N VAL V 142 77.08 -38.80 61.19
CA VAL V 142 78.11 -38.94 62.23
C VAL V 142 79.01 -40.15 61.97
N GLU V 143 80.29 -40.02 62.31
CA GLU V 143 81.37 -40.87 61.80
C GLU V 143 81.24 -42.39 61.98
N GLY V 144 81.39 -42.87 63.20
CA GLY V 144 81.43 -44.30 63.45
C GLY V 144 80.15 -45.04 63.12
N GLN V 145 79.05 -44.31 63.08
CA GLN V 145 77.74 -44.92 62.96
C GLN V 145 77.50 -45.50 61.57
N VAL V 146 76.30 -46.02 61.37
CA VAL V 146 75.92 -46.64 60.13
C VAL V 146 75.66 -45.60 59.03
N PRO V 147 76.28 -45.81 57.85
CA PRO V 147 75.89 -45.02 56.67
C PRO V 147 74.47 -45.35 56.23
N CYS V 148 73.65 -44.33 56.02
CA CYS V 148 72.24 -44.54 55.72
C CYS V 148 72.02 -44.97 54.26
N PRO V 149 71.00 -45.82 54.02
CA PRO V 149 70.89 -46.67 52.82
C PRO V 149 70.80 -45.90 51.51
N GLY V 150 70.51 -44.61 51.58
CA GLY V 150 70.54 -43.77 50.39
C GLY V 150 71.93 -43.69 49.78
N LEU V 151 72.92 -43.39 50.61
CA LEU V 151 74.31 -43.29 50.17
C LEU V 151 74.95 -44.66 49.93
N VAL V 152 74.85 -45.52 50.94
CA VAL V 152 75.56 -46.82 50.98
C VAL V 152 74.61 -47.98 51.32
N PRO V 153 74.13 -48.71 50.31
CA PRO V 153 73.27 -49.86 50.59
C PRO V 153 73.93 -50.83 51.57
N LEU V 154 73.20 -51.19 52.63
CA LEU V 154 73.72 -52.00 53.74
C LEU V 154 73.84 -53.49 53.36
N PRO V 155 74.51 -54.32 54.20
CA PRO V 155 74.64 -55.76 53.90
C PRO V 155 73.31 -56.47 53.66
N LYS V 156 73.33 -57.52 52.85
CA LYS V 156 72.14 -58.24 52.42
C LYS V 156 71.30 -58.73 53.60
N GLU V 157 71.96 -59.12 54.68
CA GLU V 157 71.30 -59.70 55.84
C GLU V 157 70.39 -58.72 56.57
N MET V 158 70.84 -57.47 56.71
CA MET V 158 70.13 -56.48 57.53
C MET V 158 68.84 -55.97 56.89
N THR V 159 68.62 -56.35 55.64
CA THR V 159 67.37 -56.01 54.93
C THR V 159 66.22 -56.78 55.55
N GLY V 160 65.02 -56.19 55.52
CA GLY V 160 63.83 -56.83 56.04
C GLY V 160 63.36 -58.00 55.19
N LYS V 161 63.42 -57.85 53.86
CA LYS V 161 62.97 -58.92 52.95
C LYS V 161 63.90 -60.12 53.01
N TYR V 162 65.13 -59.90 53.45
CA TYR V 162 66.08 -60.98 53.67
C TYR V 162 65.71 -61.78 54.92
N LYS V 163 65.38 -61.07 55.99
CA LYS V 163 64.97 -61.69 57.25
C LYS V 163 63.61 -62.40 57.12
N ALA V 164 62.74 -61.87 56.27
CA ALA V 164 61.44 -62.48 56.01
C ALA V 164 61.55 -63.67 55.06
N ALA V 165 62.41 -63.57 54.05
CA ALA V 165 62.64 -64.68 53.12
C ALA V 165 63.35 -65.83 53.84
N LEU V 166 64.14 -65.51 54.86
CA LEU V 166 64.79 -66.52 55.70
C LEU V 166 63.84 -67.11 56.77
N LYS V 167 62.95 -66.29 57.32
CA LYS V 167 62.00 -66.76 58.33
C LYS V 167 60.88 -67.63 57.73
N ALA V 168 60.45 -67.28 56.52
CA ALA V 168 59.41 -68.06 55.83
C ALA V 168 59.92 -69.44 55.44
N THR V 169 61.08 -69.47 54.79
CA THR V 169 61.69 -70.73 54.35
C THR V 169 62.47 -71.40 55.49
N ARG W 1 42.84 -44.50 61.87
CA ARG W 1 42.05 -45.30 62.80
C ARG W 1 40.55 -45.15 62.56
N LYS W 2 39.76 -45.90 63.34
CA LYS W 2 38.31 -45.81 63.28
C LYS W 2 37.82 -44.56 64.01
N THR W 3 36.50 -44.45 64.13
CA THR W 3 35.90 -43.31 64.79
C THR W 3 34.71 -43.78 65.63
N ARG W 4 34.22 -42.93 66.52
CA ARG W 4 33.11 -43.28 67.40
C ARG W 4 31.87 -43.68 66.64
N HIS W 5 31.61 -42.96 65.55
CA HIS W 5 30.35 -43.05 64.85
C HIS W 5 30.41 -44.02 63.66
N ASP W 6 31.54 -44.70 63.52
CA ASP W 6 31.71 -45.72 62.50
C ASP W 6 31.14 -47.07 62.92
N PRO W 7 30.63 -47.84 61.95
CA PRO W 7 30.09 -49.18 62.21
C PRO W 7 31.18 -50.22 62.51
N PRO W 8 30.90 -51.16 63.44
CA PRO W 8 31.80 -52.26 63.78
C PRO W 8 31.78 -53.40 62.74
N ALA W 9 32.89 -54.14 62.65
CA ALA W 9 33.02 -55.21 61.67
C ALA W 9 32.08 -56.38 61.95
N LYS W 10 31.83 -57.20 60.93
CA LYS W 10 31.07 -58.42 61.11
C LYS W 10 31.92 -59.52 61.74
N SER W 11 33.24 -59.40 61.58
CA SER W 11 34.17 -60.37 62.14
C SER W 11 34.64 -59.99 63.55
N LYS W 12 34.34 -58.77 63.99
CA LYS W 12 34.68 -58.30 65.33
C LYS W 12 33.55 -58.54 66.36
N ALA W 13 32.37 -58.91 65.87
CA ALA W 13 31.16 -58.99 66.72
C ALA W 13 31.10 -60.22 67.64
N GLY W 14 31.25 -61.40 67.05
CA GLY W 14 31.11 -62.64 67.79
C GLY W 14 32.39 -63.00 68.54
N ARG W 15 33.32 -62.06 68.56
CA ARG W 15 34.63 -62.28 69.17
C ARG W 15 34.89 -61.31 70.33
N VAL W 16 34.95 -61.86 71.53
CA VAL W 16 35.41 -61.11 72.71
C VAL W 16 36.74 -61.73 73.14
N ALA W 17 37.65 -60.91 73.68
CA ALA W 17 39.05 -61.31 73.87
C ALA W 17 39.26 -62.56 74.74
N THR W 18 40.01 -63.53 74.21
CA THR W 18 40.37 -64.76 74.93
C THR W 18 41.74 -64.61 75.63
N PRO W 19 41.73 -64.56 76.96
CA PRO W 19 42.89 -64.20 77.81
C PRO W 19 44.12 -65.10 77.62
N PRO W 20 45.33 -64.54 77.82
CA PRO W 20 46.54 -65.36 77.80
C PRO W 20 46.67 -66.14 79.10
N ALA W 21 47.38 -67.26 79.04
CA ALA W 21 47.50 -68.15 80.20
C ALA W 21 48.33 -67.52 81.31
N VAL W 22 48.17 -68.03 82.54
CA VAL W 22 48.92 -67.53 83.69
C VAL W 22 49.86 -68.59 84.25
N ASP W 23 51.03 -68.17 84.71
CA ASP W 23 51.95 -69.10 85.36
C ASP W 23 52.18 -68.57 86.76
N PRO W 24 52.05 -69.43 87.79
CA PRO W 24 52.03 -68.90 89.16
C PRO W 24 53.37 -68.33 89.69
N THR W 25 54.47 -69.05 89.47
CA THR W 25 55.79 -68.62 89.93
C THR W 25 56.14 -67.26 89.33
N GLU W 26 56.26 -67.26 88.00
CA GLU W 26 56.50 -66.05 87.23
C GLU W 26 55.54 -64.93 87.62
N PHE W 27 54.25 -65.24 87.73
CA PHE W 27 53.24 -64.22 88.03
C PHE W 27 53.48 -63.53 89.38
N PHE W 28 53.54 -64.31 90.46
CA PHE W 28 53.70 -63.75 91.79
C PHE W 28 55.03 -62.99 91.88
N VAL W 29 56.06 -63.65 91.37
CA VAL W 29 57.38 -63.03 91.24
C VAL W 29 57.28 -61.66 90.58
N LEU W 30 56.43 -61.56 89.56
CA LEU W 30 56.27 -60.32 88.81
C LEU W 30 55.51 -59.26 89.59
N THR W 31 54.44 -59.67 90.26
CA THR W 31 53.66 -58.75 91.08
C THR W 31 54.57 -58.12 92.11
N GLU W 32 55.48 -58.92 92.66
CA GLU W 32 56.45 -58.39 93.63
C GLU W 32 57.49 -57.47 92.98
N ARG W 33 58.18 -57.96 91.95
CA ARG W 33 59.21 -57.16 91.28
C ARG W 33 58.68 -55.79 90.88
N TYR W 34 57.45 -55.78 90.34
CA TYR W 34 56.78 -54.55 89.94
C TYR W 34 56.36 -53.69 91.12
N ARG W 35 55.78 -54.33 92.14
CA ARG W 35 55.36 -53.65 93.36
C ARG W 35 56.53 -52.84 93.93
N GLN W 36 57.64 -53.53 94.13
CA GLN W 36 58.87 -52.91 94.62
C GLN W 36 59.39 -51.87 93.62
N TYR W 37 59.23 -52.16 92.33
CA TYR W 37 59.73 -51.26 91.29
C TYR W 37 59.06 -49.89 91.35
N ARG W 38 57.74 -49.87 91.24
CA ARG W 38 57.01 -48.62 91.31
C ARG W 38 57.07 -48.05 92.73
N GLN W 39 57.45 -48.88 93.69
CA GLN W 39 57.78 -48.35 95.02
C GLN W 39 59.00 -47.41 94.97
N THR W 40 60.14 -47.93 94.52
CA THR W 40 61.39 -47.15 94.47
C THR W 40 61.27 -46.00 93.47
N VAL W 41 60.49 -46.22 92.42
CA VAL W 41 60.27 -45.20 91.40
C VAL W 41 59.34 -44.07 91.87
N ARG W 42 58.30 -44.41 92.62
CA ARG W 42 57.44 -43.38 93.21
C ARG W 42 58.18 -42.67 94.33
N ALA W 43 59.23 -43.30 94.85
CA ALA W 43 60.15 -42.62 95.76
C ALA W 43 61.01 -41.58 95.02
N LEU W 44 61.70 -42.02 93.97
CA LEU W 44 62.57 -41.15 93.17
C LEU W 44 61.77 -40.01 92.54
N ARG W 45 60.50 -40.26 92.27
CA ARG W 45 59.58 -39.24 91.77
C ARG W 45 59.38 -38.11 92.77
N LEU W 46 59.07 -38.45 94.01
CA LEU W 46 58.87 -37.44 95.06
C LEU W 46 60.19 -36.72 95.34
N GLU W 47 61.30 -37.45 95.19
CA GLU W 47 62.62 -36.83 95.23
C GLU W 47 62.76 -35.75 94.16
N PHE W 48 62.37 -36.08 92.93
CA PHE W 48 62.46 -35.13 91.82
C PHE W 48 61.51 -33.95 92.02
N MET W 49 60.41 -34.18 92.72
CA MET W 49 59.48 -33.10 93.08
C MET W 49 60.13 -32.15 94.08
N SER W 50 60.85 -32.73 95.04
CA SER W 50 61.63 -31.93 95.97
C SER W 50 62.67 -31.11 95.22
N GLU W 51 63.28 -31.71 94.20
CA GLU W 51 64.21 -31.00 93.34
C GLU W 51 63.57 -29.80 92.66
N VAL W 52 62.46 -30.04 91.98
CA VAL W 52 61.73 -28.98 91.28
C VAL W 52 61.34 -27.83 92.22
N ARG W 53 60.78 -28.18 93.39
CA ARG W 53 60.46 -27.18 94.41
C ARG W 53 61.69 -26.36 94.79
N LYS W 54 62.82 -27.07 94.99
CA LYS W 54 64.09 -26.42 95.34
C LYS W 54 64.55 -25.43 94.27
N LYS W 55 64.67 -25.89 93.02
CA LYS W 55 65.12 -25.04 91.93
C LYS W 55 64.23 -23.81 91.76
N LEU W 56 62.92 -24.02 91.77
CA LEU W 56 61.94 -22.95 91.49
C LEU W 56 61.85 -21.92 92.61
N HIS W 57 61.69 -22.40 93.84
CA HIS W 57 61.51 -21.50 94.96
C HIS W 57 62.83 -20.95 95.49
N GLU W 58 63.95 -21.51 95.02
CA GLU W 58 65.24 -20.87 95.22
C GLU W 58 65.56 -19.98 94.01
N ALA W 59 64.76 -20.08 92.95
CA ALA W 59 64.82 -19.11 91.85
C ALA W 59 64.09 -17.80 92.18
N ARG W 60 62.82 -17.91 92.59
CA ARG W 60 62.03 -16.70 92.88
C ARG W 60 62.48 -16.02 94.18
N ALA W 61 62.47 -16.80 95.27
CA ALA W 61 62.76 -16.29 96.59
C ALA W 61 64.26 -16.34 96.86
N GLY W 62 65.01 -16.73 95.83
CA GLY W 62 66.46 -16.74 95.90
C GLY W 62 66.94 -15.37 96.27
N VAL W 63 67.85 -15.31 97.24
CA VAL W 63 68.33 -14.04 97.79
C VAL W 63 69.01 -13.19 96.71
N GLN W 64 69.39 -13.83 95.62
CA GLN W 64 70.04 -13.15 94.51
C GLN W 64 69.02 -12.42 93.64
N ALA W 65 67.76 -12.90 93.65
CA ALA W 65 66.65 -12.19 93.03
C ALA W 65 66.37 -10.87 93.77
N GLU W 66 66.31 -10.95 95.10
CA GLU W 66 66.12 -9.77 95.95
C GLU W 66 67.29 -8.80 95.81
N ARG W 67 68.52 -9.33 95.81
CA ARG W 67 69.73 -8.53 95.59
C ARG W 67 69.62 -7.77 94.27
N LYS W 68 69.24 -8.47 93.21
CA LYS W 68 68.98 -7.82 91.92
C LYS W 68 68.02 -6.65 92.10
N ALA W 69 66.85 -6.92 92.68
CA ALA W 69 65.82 -5.88 92.86
C ALA W 69 66.31 -4.62 93.58
N GLN W 70 66.85 -4.80 94.77
CA GLN W 70 67.32 -3.68 95.59
C GLN W 70 68.46 -2.93 94.91
N GLU W 71 69.43 -3.66 94.37
CA GLU W 71 70.56 -3.07 93.69
C GLU W 71 70.11 -2.21 92.52
N ASP W 72 69.23 -2.75 91.68
CA ASP W 72 68.73 -2.02 90.52
C ASP W 72 67.97 -0.76 90.93
N ALA W 73 67.14 -0.88 91.95
CA ALA W 73 66.43 0.26 92.50
C ALA W 73 67.42 1.38 92.87
N ALA W 74 68.40 1.01 93.68
CA ALA W 74 69.43 1.94 94.14
C ALA W 74 70.18 2.62 92.98
N GLU W 75 70.66 1.82 92.03
CA GLU W 75 71.41 2.35 90.88
C GLU W 75 70.58 3.34 90.08
N HIS W 76 69.34 2.95 89.79
CA HIS W 76 68.38 3.81 89.12
C HIS W 76 68.32 5.18 89.82
N ARG W 77 68.04 5.15 91.13
CA ARG W 77 68.00 6.39 91.92
C ARG W 77 69.27 7.24 91.79
N GLU W 78 70.43 6.62 91.96
CA GLU W 78 71.72 7.32 91.86
C GLU W 78 71.85 8.09 90.55
N LEU W 79 71.63 7.36 89.46
CA LEU W 79 71.71 7.95 88.13
C LEU W 79 70.73 9.12 87.99
N MET W 80 69.52 8.94 88.53
CA MET W 80 68.52 10.02 88.51
C MET W 80 69.03 11.28 89.20
N ALA W 81 69.65 11.09 90.35
CA ALA W 81 70.27 12.18 91.10
C ALA W 81 71.29 12.91 90.23
N TRP W 82 72.19 12.13 89.64
CA TRP W 82 73.22 12.68 88.76
C TRP W 82 72.61 13.57 87.68
N ASN W 83 71.63 13.03 86.98
CA ASN W 83 70.92 13.79 85.96
C ASN W 83 70.35 15.09 86.52
N GLN W 84 69.73 15.02 87.70
CA GLN W 84 69.21 16.22 88.36
C GLN W 84 70.27 17.30 88.52
N ALA W 85 71.45 16.89 89.01
CA ALA W 85 72.59 17.79 89.16
C ALA W 85 72.93 18.45 87.84
N GLU W 86 72.99 17.62 86.81
CA GLU W 86 73.29 18.09 85.48
C GLU W 86 72.33 19.19 85.04
N ASN W 87 71.03 18.90 85.11
CA ASN W 87 70.00 19.90 84.79
C ASN W 87 70.16 21.19 85.58
N GLN W 88 70.52 21.08 86.86
CA GLN W 88 70.73 22.27 87.69
C GLN W 88 71.82 23.17 87.12
N ARG W 89 73.02 22.61 86.97
CA ARG W 89 74.16 23.40 86.53
C ARG W 89 73.93 23.97 85.13
N LEU W 90 73.36 23.15 84.25
CA LEU W 90 72.96 23.60 82.93
C LEU W 90 72.02 24.81 83.03
N HIS W 91 71.02 24.69 83.91
CA HIS W 91 70.04 25.75 84.14
C HIS W 91 70.71 27.07 84.47
N GLU W 92 71.64 27.04 85.43
CA GLU W 92 72.38 28.23 85.81
C GLU W 92 73.15 28.85 84.63
N LEU W 93 73.87 28.02 83.88
CA LEU W 93 74.57 28.51 82.68
C LEU W 93 73.60 29.22 81.71
N ARG W 94 72.45 28.59 81.46
CA ARG W 94 71.40 29.17 80.62
C ARG W 94 71.04 30.56 81.08
N LEU W 95 70.74 30.68 82.37
CA LEU W 95 70.37 31.97 82.92
C LEU W 95 71.46 33.02 82.70
N ALA W 96 72.73 32.62 82.83
CA ALA W 96 73.86 33.53 82.53
C ALA W 96 73.75 34.08 81.10
N ARG W 97 73.59 33.15 80.16
CA ARG W 97 73.37 33.51 78.75
C ARG W 97 72.21 34.49 78.55
N LEU W 98 71.04 34.15 79.12
CA LEU W 98 69.82 34.94 78.97
C LEU W 98 70.00 36.37 79.48
N ARG W 99 70.69 36.50 80.59
CA ARG W 99 71.01 37.83 81.13
C ARG W 99 71.86 38.62 80.13
N GLN W 100 72.91 37.99 79.60
CA GLN W 100 73.69 38.64 78.56
C GLN W 100 72.81 39.13 77.41
N GLU W 101 71.88 38.27 77.00
CA GLU W 101 70.97 38.61 75.91
C GLU W 101 70.08 39.80 76.26
N ALA W 102 69.68 39.93 77.53
CA ALA W 102 68.89 41.09 77.94
C ALA W 102 69.72 42.36 77.77
N LEU W 103 70.99 42.29 78.18
CA LEU W 103 71.91 43.42 78.02
C LEU W 103 71.99 43.90 76.56
N GLU W 104 72.34 42.97 75.67
CA GLU W 104 72.44 43.32 74.25
C GLU W 104 71.09 43.79 73.68
N GLN W 105 70.01 43.19 74.17
CA GLN W 105 68.64 43.57 73.79
C GLN W 105 68.38 45.04 74.04
N GLU W 106 68.80 45.49 75.22
CA GLU W 106 68.62 46.88 75.60
C GLU W 106 69.55 47.82 74.81
N ARG W 107 70.76 47.36 74.47
CA ARG W 107 71.61 48.13 73.54
C ARG W 107 70.87 48.41 72.23
N ARG W 108 70.36 47.31 71.65
CA ARG W 108 69.52 47.38 70.47
C ARG W 108 68.38 48.38 70.65
N GLN W 109 67.65 48.27 71.76
CA GLN W 109 66.52 49.18 72.03
C GLN W 109 66.96 50.66 72.02
N ALA W 110 68.18 50.93 72.48
CA ALA W 110 68.76 52.28 72.37
C ALA W 110 68.91 52.70 70.91
N GLU W 111 69.58 51.85 70.12
CA GLU W 111 69.77 52.12 68.69
C GLU W 111 68.43 52.39 67.95
N GLU W 112 67.44 51.56 68.26
CA GLU W 112 66.08 51.67 67.72
C GLU W 112 65.42 52.98 68.08
N ALA W 113 65.50 53.38 69.36
CA ALA W 113 64.95 54.66 69.81
C ALA W 113 65.58 55.83 69.05
N VAL W 114 66.90 55.74 68.83
CA VAL W 114 67.60 56.74 68.02
C VAL W 114 67.01 56.88 66.61
N LEU W 115 66.98 55.76 65.87
CA LEU W 115 66.50 55.80 64.48
C LEU W 115 65.02 56.24 64.35
N GLN W 116 64.15 55.64 65.18
CA GLN W 116 62.72 55.99 65.22
C GLN W 116 62.51 57.48 65.53
N ALA W 117 63.30 58.00 66.47
CA ALA W 117 63.31 59.43 66.76
C ALA W 117 63.62 60.23 65.50
N ARG W 118 64.75 59.94 64.85
CA ARG W 118 65.17 60.69 63.64
C ARG W 118 64.12 60.73 62.52
N GLU W 119 63.59 59.57 62.15
CA GLU W 119 62.61 59.56 61.06
C GLU W 119 61.26 60.19 61.51
N ALA W 120 60.95 60.10 62.79
CA ALA W 120 59.81 60.85 63.34
C ALA W 120 60.01 62.36 63.13
N GLN W 121 61.25 62.84 63.35
CA GLN W 121 61.61 64.23 63.05
C GLN W 121 61.29 64.55 61.60
N ALA W 122 61.84 63.72 60.69
CA ALA W 122 61.66 63.92 59.26
C ALA W 122 60.18 64.05 58.87
N TRP W 123 59.34 63.14 59.35
CA TRP W 123 57.93 63.16 59.00
C TRP W 123 57.20 64.38 59.59
N ALA W 124 57.51 64.71 60.85
CA ALA W 124 56.95 65.90 61.48
C ALA W 124 57.23 67.17 60.67
N GLN W 125 58.50 67.34 60.29
CA GLN W 125 58.91 68.45 59.44
C GLN W 125 58.12 68.49 58.14
N LEU W 126 58.15 67.38 57.39
CA LEU W 126 57.48 67.32 56.10
C LEU W 126 56.01 67.73 56.20
N LYS W 127 55.28 67.10 57.11
CA LYS W 127 53.85 67.38 57.26
C LYS W 127 53.60 68.83 57.71
N GLU W 128 54.52 69.39 58.49
CA GLU W 128 54.41 70.81 58.85
C GLU W 128 54.58 71.72 57.62
N GLN W 129 55.60 71.46 56.81
CA GLN W 129 55.83 72.18 55.55
C GLN W 129 54.59 72.18 54.66
N GLU W 130 54.04 71.00 54.47
CA GLU W 130 52.85 70.81 53.65
C GLU W 130 51.64 71.59 54.20
N VAL W 131 51.28 71.34 55.47
CA VAL W 131 50.11 71.99 56.08
C VAL W 131 50.24 73.53 56.01
N LEU W 132 51.45 74.05 56.23
CA LEU W 132 51.63 75.50 56.11
C LEU W 132 51.55 75.97 54.66
N GLN W 133 51.96 75.14 53.71
CA GLN W 133 51.79 75.46 52.29
C GLN W 133 50.31 75.60 51.90
N LEU W 134 49.48 74.66 52.36
CA LEU W 134 48.04 74.73 52.06
C LEU W 134 47.36 75.87 52.84
N GLN W 135 47.92 76.21 54.01
CA GLN W 135 47.52 77.41 54.74
C GLN W 135 47.74 78.65 53.89
N GLU W 136 48.90 78.68 53.23
CA GLU W 136 49.25 79.78 52.32
C GLU W 136 48.28 79.88 51.14
N GLU W 137 48.03 78.75 50.48
CA GLU W 137 47.18 78.74 49.30
C GLU W 137 45.69 78.84 49.65
N ALA W 138 45.37 78.72 50.94
CA ALA W 138 44.00 78.88 51.41
C ALA W 138 43.50 80.30 51.15
N LYS W 139 44.42 81.26 51.10
CA LYS W 139 44.10 82.66 50.85
C LYS W 139 43.84 82.93 49.36
N THR W 140 44.29 82.01 48.51
CA THR W 140 44.29 82.20 47.07
C THR W 140 43.07 81.59 46.36
N PHE W 141 42.22 80.91 47.14
CA PHE W 141 41.12 80.15 46.57
C PHE W 141 40.00 81.01 46.01
N ILE W 142 39.22 80.39 45.14
CA ILE W 142 38.02 81.02 44.58
C ILE W 142 36.81 80.68 45.46
N THR W 143 36.11 81.71 45.91
CA THR W 143 34.99 81.59 46.87
C THR W 143 33.75 82.22 46.23
N ARG W 144 32.57 82.03 46.83
CA ARG W 144 31.32 82.57 46.31
C ARG W 144 31.46 84.02 45.84
N GLU W 145 32.25 84.79 46.60
CA GLU W 145 32.57 86.17 46.26
C GLU W 145 33.44 86.32 45.02
N ASN W 146 34.53 85.58 44.99
CA ASN W 146 35.53 85.72 43.93
C ASN W 146 35.02 85.33 42.54
N LEU W 147 33.81 84.78 42.46
CA LEU W 147 33.25 84.32 41.19
C LEU W 147 33.27 85.42 40.12
N GLU W 148 32.63 86.55 40.41
CA GLU W 148 32.51 87.65 39.46
C GLU W 148 33.85 88.27 39.12
N ALA W 149 34.72 88.32 40.12
CA ALA W 149 36.03 88.93 40.01
C ALA W 149 36.95 88.04 39.19
N ARG W 150 37.19 86.84 39.68
CA ARG W 150 38.09 85.90 39.03
C ARG W 150 37.63 85.49 37.62
N VAL W 151 36.32 85.33 37.41
CA VAL W 151 35.80 84.97 36.08
C VAL W 151 36.25 86.02 35.06
N GLU W 152 35.91 87.26 35.34
CA GLU W 152 36.24 88.39 34.49
C GLU W 152 37.74 88.72 34.49
N GLU W 153 38.48 88.17 35.45
CA GLU W 153 39.93 88.33 35.46
C GLU W 153 40.63 87.35 34.52
N ALA W 154 40.18 86.10 34.53
CA ALA W 154 40.75 85.09 33.65
C ALA W 154 40.35 85.36 32.20
N LEU W 155 39.13 85.87 32.00
CA LEU W 155 38.69 86.26 30.66
C LEU W 155 39.67 87.25 30.04
N ASP W 156 40.17 88.16 30.87
CA ASP W 156 41.15 89.17 30.46
C ASP W 156 42.48 88.57 30.05
N SER W 157 42.96 87.59 30.81
CA SER W 157 44.37 87.20 30.79
C SER W 157 44.61 85.74 30.38
N PRO W 158 44.74 85.51 29.06
CA PRO W 158 45.14 84.20 28.55
C PRO W 158 46.55 83.82 29.00
N LYS W 159 46.69 82.62 29.57
CA LYS W 159 47.98 82.07 29.89
C LYS W 159 48.30 80.96 28.91
N SER W 160 49.51 80.99 28.35
CA SER W 160 49.91 79.99 27.38
C SER W 160 50.68 78.86 28.05
N TYR W 161 50.25 77.63 27.82
CA TYR W 161 50.97 76.46 28.29
C TYR W 161 51.93 75.96 27.23
N ASN W 162 51.92 76.60 26.07
CA ASN W 162 52.69 76.12 24.95
C ASN W 162 54.17 76.09 25.26
N TRP W 163 54.80 75.00 24.87
CA TRP W 163 56.19 74.79 25.24
C TRP W 163 56.92 73.94 24.20
N ALA W 164 58.17 74.28 23.92
CA ALA W 164 59.00 73.57 22.95
C ALA W 164 60.35 73.16 23.55
N ILE W 165 61.16 72.47 22.75
CA ILE W 165 62.44 71.93 23.23
C ILE W 165 63.50 71.98 22.12
N THR W 166 64.78 72.04 22.52
CA THR W 166 65.88 71.98 21.57
C THR W 166 66.83 70.82 21.96
N ARG W 167 67.55 70.29 20.96
CA ARG W 167 68.31 69.05 21.12
C ARG W 167 69.36 69.07 22.22
N GLU W 168 69.69 70.25 22.71
CA GLU W 168 70.68 70.38 23.76
C GLU W 168 70.04 70.20 25.14
N GLY W 169 68.72 70.29 25.17
CA GLY W 169 67.98 70.23 26.42
C GLY W 169 67.47 71.61 26.83
N LEU W 170 67.87 72.63 26.07
CA LEU W 170 67.43 73.99 26.34
C LEU W 170 65.96 74.15 26.03
N VAL W 171 65.25 74.89 26.88
CA VAL W 171 63.86 75.18 26.60
C VAL W 171 63.77 76.49 25.84
N VAL W 172 62.84 76.56 24.91
CA VAL W 172 62.48 77.84 24.29
C VAL W 172 60.96 77.97 24.33
N ARG W 173 60.49 78.94 25.09
CA ARG W 173 59.06 79.14 25.24
C ARG W 173 58.53 79.92 24.03
N PRO W 174 57.20 80.13 23.94
CA PRO W 174 56.71 80.88 22.78
C PRO W 174 57.32 82.27 22.69
N GLN W 175 57.60 82.72 21.47
CA GLN W 175 58.39 83.93 21.23
C GLN W 175 57.69 85.19 21.77
N GLN W 176 58.48 86.11 22.34
CA GLN W 176 57.95 87.28 23.05
C GLN W 176 57.05 88.18 22.17
N LYS W 177 55.86 88.50 22.68
CA LYS W 177 54.92 89.36 21.98
C LYS W 177 54.46 90.52 22.85
N UNK X 1 -0.06 -66.91 126.26
CA UNK X 1 0.76 -65.77 125.89
C UNK X 1 0.32 -65.16 124.56
N UNK X 2 -0.47 -65.90 123.79
CA UNK X 2 -1.06 -65.38 122.55
C UNK X 2 -2.31 -64.55 122.86
N UNK X 3 -2.87 -64.75 124.06
CA UNK X 3 -4.05 -64.01 124.52
C UNK X 3 -3.70 -62.58 124.94
N UNK X 4 -2.51 -62.39 125.50
CA UNK X 4 -2.00 -61.06 125.83
C UNK X 4 -1.82 -60.22 124.55
N UNK X 5 -1.23 -60.84 123.52
CA UNK X 5 -1.05 -60.19 122.22
C UNK X 5 -2.42 -59.94 121.54
N UNK X 6 -3.38 -60.83 121.77
CA UNK X 6 -4.75 -60.62 121.23
C UNK X 6 -5.47 -59.42 121.86
N UNK X 7 -5.57 -59.38 123.19
CA UNK X 7 -6.27 -58.26 123.87
C UNK X 7 -5.53 -56.92 123.69
N UNK X 8 -4.19 -56.96 123.72
CA UNK X 8 -3.41 -55.73 123.54
C UNK X 8 -3.32 -55.24 122.09
N UNK X 9 -3.44 -56.13 121.10
CA UNK X 9 -3.53 -55.69 119.69
C UNK X 9 -4.97 -55.26 119.33
N UNK X 10 -5.96 -55.71 120.11
CA UNK X 10 -7.33 -55.17 119.97
C UNK X 10 -7.41 -53.77 120.59
N UNK X 11 -6.72 -53.56 121.72
CA UNK X 11 -6.62 -52.22 122.30
C UNK X 11 -5.73 -51.28 121.45
N UNK X 12 -4.70 -51.84 120.82
CA UNK X 12 -3.79 -51.05 119.95
C UNK X 12 -4.31 -50.83 118.53
N UNK X 13 -5.29 -51.61 118.08
CA UNK X 13 -6.01 -51.28 116.85
C UNK X 13 -7.28 -50.46 117.17
N UNK X 14 -7.66 -50.42 118.45
CA UNK X 14 -8.73 -49.52 118.90
C UNK X 14 -8.21 -48.10 119.18
N UNK X 15 -6.94 -47.97 119.58
CA UNK X 15 -6.39 -46.65 119.92
C UNK X 15 -5.69 -45.94 118.75
N UNK X 16 -5.63 -46.59 117.60
CA UNK X 16 -5.01 -45.99 116.42
C UNK X 16 -5.82 -44.77 115.95
N UNK X 17 -5.14 -43.64 115.80
CA UNK X 17 -5.79 -42.38 115.44
C UNK X 17 -6.52 -42.48 114.11
N UNK X 18 -7.80 -42.12 114.12
CA UNK X 18 -8.65 -42.28 112.94
C UNK X 18 -8.26 -41.30 111.83
N UNK X 19 -7.95 -41.84 110.66
CA UNK X 19 -7.67 -41.03 109.48
C UNK X 19 -8.96 -40.91 108.65
N UNK X 20 -9.35 -39.68 108.34
CA UNK X 20 -10.62 -39.40 107.66
C UNK X 20 -10.68 -39.93 106.22
N UNK X 21 -9.55 -40.45 105.73
CA UNK X 21 -9.46 -40.97 104.37
C UNK X 21 -10.45 -42.10 104.10
N UNK X 22 -11.23 -41.94 103.04
CA UNK X 22 -12.08 -43.00 102.51
C UNK X 22 -11.31 -43.59 101.33
N UNK X 23 -11.47 -44.89 101.11
CA UNK X 23 -10.62 -45.66 100.19
C UNK X 23 -10.32 -44.93 98.87
N UNK X 24 -11.38 -44.61 98.13
CA UNK X 24 -11.29 -43.90 96.85
C UNK X 24 -10.48 -42.59 96.86
N UNK X 25 -10.51 -41.83 97.95
CA UNK X 25 -9.76 -40.58 98.02
C UNK X 25 -8.28 -40.88 98.10
N UNK X 26 -7.92 -41.81 98.98
CA UNK X 26 -6.55 -42.28 99.13
C UNK X 26 -5.99 -42.90 97.85
N UNK X 27 -6.79 -43.71 97.17
CA UNK X 27 -6.34 -44.37 95.94
C UNK X 27 -6.35 -43.42 94.72
N UNK X 28 -7.18 -42.37 94.75
CA UNK X 28 -7.16 -41.36 93.69
C UNK X 28 -5.91 -40.49 93.83
N UNK X 29 -5.62 -40.07 95.06
CA UNK X 29 -4.42 -39.30 95.33
C UNK X 29 -3.14 -40.13 95.09
N UNK X 30 -3.18 -41.43 95.40
CA UNK X 30 -2.01 -42.29 95.19
C UNK X 30 -1.80 -42.66 93.71
N UNK X 31 -2.90 -42.88 92.97
CA UNK X 31 -2.82 -43.11 91.53
C UNK X 31 -2.26 -41.87 90.83
N UNK X 32 -2.86 -40.71 91.12
CA UNK X 32 -2.42 -39.45 90.52
C UNK X 32 -1.02 -39.01 90.97
N UNK X 33 -0.57 -39.47 92.14
CA UNK X 33 0.80 -39.17 92.60
C UNK X 33 1.86 -40.09 91.99
N UNK X 34 1.57 -41.39 91.89
CA UNK X 34 2.55 -42.34 91.36
C UNK X 34 2.64 -42.29 89.83
N UNK X 35 1.53 -41.98 89.16
CA UNK X 35 1.49 -42.00 87.69
C UNK X 35 1.82 -40.65 87.02
N UNK X 36 1.93 -39.58 87.81
CA UNK X 36 2.31 -38.28 87.28
C UNK X 36 3.82 -38.25 87.03
N UNK X 37 4.48 -39.36 87.37
CA UNK X 37 5.94 -39.48 87.33
C UNK X 37 6.55 -38.46 88.29
N UNK X 38 5.87 -38.25 89.42
CA UNK X 38 6.43 -37.54 90.56
C UNK X 38 6.56 -38.57 91.68
N UNK X 39 7.08 -38.15 92.83
CA UNK X 39 7.30 -39.08 93.93
C UNK X 39 6.02 -39.29 94.74
N UNK X 40 5.81 -40.53 95.17
CA UNK X 40 4.67 -40.87 96.02
C UNK X 40 5.11 -40.82 97.50
N UNK X 41 4.18 -41.05 98.43
CA UNK X 41 4.46 -40.83 99.85
C UNK X 41 4.37 -42.08 100.73
N UNK X 42 5.07 -42.05 101.86
CA UNK X 42 4.90 -43.06 102.90
C UNK X 42 3.87 -42.60 103.94
N UNK X 43 3.47 -41.33 103.88
CA UNK X 43 2.45 -40.78 104.77
C UNK X 43 1.01 -41.11 104.35
N UNK X 44 0.72 -40.88 103.07
CA UNK X 44 -0.60 -41.12 102.54
C UNK X 44 -0.81 -42.61 102.24
N UNK X 45 0.28 -43.36 102.14
CA UNK X 45 0.20 -44.82 102.03
C UNK X 45 -0.04 -45.41 103.42
N UNK X 46 0.35 -44.65 104.45
CA UNK X 46 0.07 -45.02 105.84
C UNK X 46 -1.41 -44.77 106.12
N UNK X 47 -1.89 -43.58 105.75
CA UNK X 47 -3.32 -43.27 105.88
C UNK X 47 -4.17 -44.11 104.91
N UNK X 48 -3.53 -44.70 103.88
CA UNK X 48 -4.19 -45.67 103.01
C UNK X 48 -4.07 -47.10 103.55
N UNK X 49 -3.19 -47.32 104.53
CA UNK X 49 -3.16 -48.58 105.28
C UNK X 49 -4.25 -48.58 106.36
N UNK X 50 -4.49 -47.41 106.96
CA UNK X 50 -5.61 -47.25 107.90
C UNK X 50 -6.93 -46.98 107.17
N UNK X 51 -6.84 -46.65 105.88
CA UNK X 51 -8.02 -46.65 105.00
C UNK X 51 -8.33 -48.07 104.48
N UNK X 52 -7.28 -48.90 104.31
CA UNK X 52 -7.45 -50.27 103.82
C UNK X 52 -7.52 -51.34 104.92
N UNK X 53 -7.46 -50.91 106.18
CA UNK X 53 -7.65 -51.82 107.31
C UNK X 53 -9.11 -52.24 107.50
N UNK X 54 -10.00 -51.69 106.67
CA UNK X 54 -11.46 -51.86 106.82
C UNK X 54 -11.98 -53.29 106.63
N UNK X 55 -11.11 -54.20 106.19
CA UNK X 55 -11.45 -55.61 106.01
C UNK X 55 -12.57 -55.83 104.99
N UNK X 56 -12.59 -54.99 103.95
CA UNK X 56 -13.47 -55.21 102.81
C UNK X 56 -12.86 -56.31 101.94
N UNK X 57 -11.56 -56.19 101.69
CA UNK X 57 -10.79 -57.15 100.90
C UNK X 57 -9.32 -56.73 100.88
N UNK X 58 -8.43 -57.62 100.43
CA UNK X 58 -6.99 -57.34 100.35
C UNK X 58 -6.61 -56.77 98.98
N UNK X 59 -7.62 -56.49 98.15
CA UNK X 59 -7.41 -55.94 96.81
C UNK X 59 -7.17 -54.42 96.79
N UNK X 60 -7.73 -53.68 97.76
CA UNK X 60 -7.57 -52.22 97.80
C UNK X 60 -6.25 -51.76 98.43
N UNK X 61 -5.66 -52.58 99.31
CA UNK X 61 -4.37 -52.28 99.94
C UNK X 61 -3.12 -52.63 99.08
N UNK X 62 -3.17 -53.73 98.35
CA UNK X 62 -1.99 -54.29 97.68
C UNK X 62 -1.50 -53.46 96.47
N UNK X 63 -2.41 -52.75 95.82
CA UNK X 63 -2.04 -51.84 94.73
C UNK X 63 -1.18 -50.69 95.26
N UNK X 64 -1.67 -50.01 96.29
CA UNK X 64 -0.92 -48.93 96.93
C UNK X 64 0.30 -49.47 97.68
N UNK X 65 0.32 -50.77 97.97
CA UNK X 65 1.47 -51.43 98.61
C UNK X 65 2.64 -51.71 97.65
N UNK X 66 2.34 -52.27 96.48
CA UNK X 66 3.39 -52.48 95.47
C UNK X 66 3.80 -51.14 94.87
N UNK X 67 2.85 -50.21 94.80
CA UNK X 67 3.10 -48.84 94.32
C UNK X 67 3.93 -47.98 95.30
N UNK X 68 3.81 -48.25 96.60
CA UNK X 68 4.68 -47.56 97.58
C UNK X 68 5.97 -48.34 97.89
N UNK X 69 6.03 -49.60 97.45
CA UNK X 69 7.26 -50.39 97.54
C UNK X 69 8.22 -50.09 96.38
N UNK X 70 7.67 -49.85 95.19
CA UNK X 70 8.51 -49.56 94.03
C UNK X 70 8.71 -48.06 93.72
N UNK X 71 8.16 -47.18 94.54
CA UNK X 71 8.40 -45.73 94.42
C UNK X 71 9.71 -45.30 95.10
N UNK X 72 10.27 -44.17 94.66
CA UNK X 72 11.56 -43.67 95.18
C UNK X 72 11.55 -43.30 96.66
N UNK X 73 10.36 -43.22 97.23
CA UNK X 73 10.16 -42.80 98.61
C UNK X 73 10.19 -43.96 99.61
N UNK X 74 10.63 -45.13 99.14
CA UNK X 74 10.30 -46.43 99.73
C UNK X 74 10.63 -46.68 101.22
N UNK X 75 11.24 -45.71 101.92
CA UNK X 75 11.40 -45.87 103.36
C UNK X 75 10.01 -45.77 104.01
N UNK X 76 9.92 -46.04 105.32
CA UNK X 76 8.59 -46.19 105.93
C UNK X 76 8.55 -46.04 107.45
N UNK X 77 7.33 -45.89 107.97
CA UNK X 77 7.07 -45.92 109.41
C UNK X 77 6.60 -47.32 109.85
N UNK X 78 7.04 -47.75 111.04
CA UNK X 78 6.74 -49.10 111.55
C UNK X 78 5.28 -49.27 111.90
N UNK X 79 4.66 -48.17 112.33
CA UNK X 79 3.25 -48.13 112.69
C UNK X 79 2.36 -48.67 111.55
N UNK X 80 2.61 -48.20 110.34
CA UNK X 80 1.80 -48.57 109.19
C UNK X 80 2.06 -49.99 108.67
N UNK X 81 3.30 -50.45 108.78
CA UNK X 81 3.64 -51.81 108.33
C UNK X 81 3.09 -52.86 109.30
N UNK X 82 3.25 -52.59 110.60
CA UNK X 82 2.75 -53.51 111.62
C UNK X 82 1.21 -53.41 111.78
N UNK X 83 0.62 -52.27 111.42
CA UNK X 83 -0.85 -52.18 111.39
C UNK X 83 -1.43 -52.74 110.08
N UNK X 84 -0.61 -52.83 109.03
CA UNK X 84 -1.01 -53.48 107.78
C UNK X 84 -0.93 -55.01 107.93
N UNK X 85 0.05 -55.47 108.69
CA UNK X 85 0.09 -56.89 109.06
C UNK X 85 -0.93 -57.21 110.17
N UNK X 86 -1.28 -56.20 110.99
CA UNK X 86 -2.35 -56.36 112.00
C UNK X 86 -3.74 -56.41 111.35
N UNK X 87 -3.91 -55.69 110.25
CA UNK X 87 -5.16 -55.75 109.48
C UNK X 87 -5.15 -56.89 108.44
N UNK X 88 -3.97 -57.47 108.18
CA UNK X 88 -3.89 -58.72 107.38
C UNK X 88 -4.17 -59.96 108.25
N UNK X 89 -3.76 -59.91 109.52
CA UNK X 89 -4.10 -60.97 110.50
C UNK X 89 -5.49 -60.84 111.12
N UNK X 90 -5.99 -59.61 111.24
CA UNK X 90 -7.32 -59.39 111.83
C UNK X 90 -8.45 -59.44 110.78
N UNK X 91 -8.09 -59.55 109.51
CA UNK X 91 -9.08 -59.87 108.48
C UNK X 91 -9.07 -61.38 108.27
N UNK X 92 -8.25 -62.05 109.09
CA UNK X 92 -8.13 -63.51 109.12
C UNK X 92 -7.86 -64.12 107.74
N UNK X 93 -7.09 -63.41 106.93
CA UNK X 93 -6.64 -63.95 105.65
C UNK X 93 -5.18 -64.41 105.79
N UNK X 94 -4.99 -65.72 105.84
CA UNK X 94 -3.65 -66.30 105.96
C UNK X 94 -2.94 -66.39 104.60
N UNK X 95 -3.70 -66.64 103.54
CA UNK X 95 -3.14 -66.83 102.19
C UNK X 95 -2.60 -65.52 101.61
N UNK X 96 -3.40 -64.46 101.65
CA UNK X 96 -2.99 -63.17 101.13
C UNK X 96 -1.76 -62.65 101.91
N UNK X 97 -1.77 -62.81 103.23
CA UNK X 97 -0.68 -62.28 104.06
C UNK X 97 0.60 -63.14 104.04
N UNK X 98 0.49 -64.44 103.76
CA UNK X 98 1.67 -65.29 103.61
C UNK X 98 2.31 -65.18 102.21
N UNK X 99 1.47 -65.16 101.17
CA UNK X 99 1.95 -64.87 99.83
C UNK X 99 2.50 -63.45 99.81
N UNK X 100 2.02 -62.63 100.76
CA UNK X 100 2.63 -61.32 101.02
C UNK X 100 3.76 -61.38 102.05
N UNK X 101 4.04 -62.56 102.62
CA UNK X 101 5.28 -62.72 103.39
C UNK X 101 6.42 -62.92 102.39
N UNK X 102 6.17 -63.76 101.39
CA UNK X 102 7.14 -63.94 100.30
C UNK X 102 7.23 -62.71 99.37
N UNK X 103 6.08 -62.08 99.07
CA UNK X 103 6.07 -60.89 98.22
C UNK X 103 6.36 -59.57 98.96
N UNK X 104 6.32 -59.57 100.29
CA UNK X 104 6.90 -58.45 101.04
C UNK X 104 8.36 -58.73 101.40
N UNK X 105 8.82 -59.97 101.20
CA UNK X 105 10.26 -60.21 101.20
C UNK X 105 10.84 -59.88 99.82
N UNK X 106 9.97 -59.85 98.80
CA UNK X 106 10.39 -59.43 97.45
C UNK X 106 10.47 -57.91 97.29
N UNK X 107 9.48 -57.19 97.81
CA UNK X 107 9.37 -55.73 97.67
C UNK X 107 10.03 -54.98 98.85
N UNK X 108 10.70 -55.74 99.72
CA UNK X 108 11.36 -55.27 100.95
C UNK X 108 10.45 -54.67 102.04
N UNK X 109 9.59 -55.52 102.62
CA UNK X 109 8.87 -55.23 103.88
C UNK X 109 8.83 -56.46 104.81
N UNK X 110 9.40 -56.36 106.01
CA UNK X 110 9.40 -57.51 106.92
C UNK X 110 9.01 -57.12 108.35
N UNK X 111 8.61 -58.12 109.12
CA UNK X 111 8.05 -57.91 110.46
C UNK X 111 9.09 -57.71 111.56
N UNK X 112 8.65 -57.06 112.64
CA UNK X 112 9.41 -56.88 113.88
C UNK X 112 9.19 -58.07 114.83
N UNK X 113 9.59 -57.92 116.09
CA UNK X 113 9.43 -58.99 117.08
C UNK X 113 7.96 -59.24 117.48
N UNK X 114 7.24 -58.17 117.82
CA UNK X 114 5.83 -58.27 118.25
C UNK X 114 4.94 -58.77 117.09
N UNK X 115 5.30 -58.40 115.86
CA UNK X 115 4.57 -58.80 114.66
C UNK X 115 4.92 -60.23 114.20
N UNK X 116 6.14 -60.69 114.44
CA UNK X 116 6.53 -62.08 114.12
C UNK X 116 6.00 -63.06 115.18
N UNK X 117 5.84 -62.56 116.41
CA UNK X 117 5.23 -63.34 117.48
C UNK X 117 3.69 -63.40 117.32
N UNK X 118 3.07 -62.29 116.91
CA UNK X 118 1.63 -62.29 116.63
C UNK X 118 1.29 -63.04 115.31
N UNK X 119 2.22 -63.05 114.35
CA UNK X 119 2.07 -63.83 113.13
C UNK X 119 2.37 -65.32 113.35
N UNK X 120 3.24 -65.62 114.31
CA UNK X 120 3.42 -67.00 114.75
C UNK X 120 2.23 -67.44 115.62
N UNK X 121 1.47 -66.48 116.16
CA UNK X 121 0.21 -66.77 116.85
C UNK X 121 -0.95 -67.02 115.87
N UNK X 122 -0.95 -66.30 114.75
CA UNK X 122 -1.93 -66.55 113.69
C UNK X 122 -1.57 -67.80 112.87
N UNK X 123 -0.31 -68.20 112.92
CA UNK X 123 0.13 -69.48 112.35
C UNK X 123 -0.12 -70.68 113.30
N UNK X 124 0.05 -70.46 114.60
CA UNK X 124 -0.13 -71.53 115.60
C UNK X 124 -1.59 -71.78 116.04
N UNK X 125 -2.40 -70.72 116.12
CA UNK X 125 -3.79 -70.86 116.55
C UNK X 125 -4.74 -71.12 115.37
N UNK X 126 -4.19 -71.18 114.16
CA UNK X 126 -4.95 -71.56 112.97
C UNK X 126 -4.86 -73.09 112.72
N UNK X 127 -4.02 -73.75 113.50
CA UNK X 127 -3.82 -75.21 113.42
C UNK X 127 -3.46 -75.72 112.03
N UNK X 128 -2.60 -74.98 111.34
CA UNK X 128 -2.02 -75.45 110.09
C UNK X 128 -0.52 -75.66 110.29
N UNK X 129 0.02 -76.71 109.69
CA UNK X 129 1.46 -76.99 109.81
C UNK X 129 2.30 -76.12 108.88
N UNK X 130 1.77 -75.85 107.69
CA UNK X 130 2.51 -75.09 106.66
C UNK X 130 2.56 -73.58 106.95
N UNK X 131 1.67 -73.07 107.80
CA UNK X 131 1.67 -71.65 108.16
C UNK X 131 2.77 -71.31 109.19
N UNK X 132 2.95 -72.16 110.20
CA UNK X 132 4.04 -72.00 111.15
C UNK X 132 5.37 -72.56 110.61
N UNK X 133 5.29 -73.44 109.59
CA UNK X 133 6.49 -73.87 108.88
C UNK X 133 7.01 -72.76 107.96
N UNK X 134 6.09 -72.07 107.29
CA UNK X 134 6.46 -70.91 106.47
C UNK X 134 6.80 -69.69 107.34
N UNK X 135 6.24 -69.60 108.55
CA UNK X 135 6.65 -68.54 109.49
C UNK X 135 8.02 -68.90 110.09
N UNK X 136 8.33 -70.20 110.12
CA UNK X 136 9.64 -70.70 110.55
C UNK X 136 10.74 -70.38 109.52
N UNK X 137 10.52 -70.76 108.26
CA UNK X 137 11.48 -70.46 107.20
C UNK X 137 11.52 -68.97 106.83
N UNK X 138 10.42 -68.24 107.07
CA UNK X 138 10.39 -66.77 106.87
C UNK X 138 10.81 -65.98 108.12
N UNK X 139 11.01 -66.66 109.24
CA UNK X 139 11.81 -66.08 110.32
C UNK X 139 13.28 -66.54 110.19
N UNK X 140 13.52 -67.48 109.28
CA UNK X 140 14.89 -67.87 108.89
C UNK X 140 15.54 -66.96 107.81
N UNK X 141 14.78 -66.59 106.78
CA UNK X 141 15.33 -65.86 105.62
C UNK X 141 15.60 -64.36 105.85
N UNK X 142 14.81 -63.72 106.72
CA UNK X 142 15.10 -62.34 107.08
C UNK X 142 15.92 -62.28 108.36
N UNK X 143 16.31 -63.47 108.84
CA UNK X 143 17.21 -63.64 109.99
C UNK X 143 16.72 -62.94 111.25
N UNK X 144 15.49 -63.24 111.67
CA UNK X 144 14.92 -62.66 112.88
C UNK X 144 15.74 -63.05 114.10
N UNK X 145 16.17 -62.04 114.87
CA UNK X 145 16.92 -62.26 116.10
C UNK X 145 16.11 -63.13 117.05
N UNK X 146 16.76 -64.02 117.79
CA UNK X 146 15.98 -64.88 118.67
C UNK X 146 15.91 -64.29 120.07
N UNK X 147 14.75 -63.68 120.34
CA UNK X 147 14.27 -63.35 121.67
C UNK X 147 13.71 -64.61 122.27
N UNK X 148 13.48 -64.62 123.58
CA UNK X 148 12.73 -65.69 124.21
C UNK X 148 11.45 -66.04 123.41
N UNK X 149 10.76 -65.02 122.89
CA UNK X 149 9.51 -65.21 122.14
C UNK X 149 9.67 -65.97 120.81
N UNK X 150 10.59 -65.53 119.96
CA UNK X 150 10.81 -66.18 118.66
C UNK X 150 11.73 -67.41 118.74
N UNK X 151 12.51 -67.54 119.81
CA UNK X 151 13.27 -68.77 120.06
C UNK X 151 12.32 -69.85 120.57
N UNK X 152 11.30 -69.43 121.32
CA UNK X 152 10.22 -70.34 121.72
C UNK X 152 9.36 -70.73 120.51
N UNK X 153 9.05 -69.73 119.68
CA UNK X 153 8.28 -69.96 118.45
C UNK X 153 9.00 -70.94 117.50
N UNK X 154 10.30 -70.72 117.28
CA UNK X 154 11.09 -71.57 116.36
C UNK X 154 11.50 -72.92 116.96
N UNK X 155 11.61 -73.00 118.29
CA UNK X 155 11.86 -74.30 118.93
C UNK X 155 10.61 -75.16 118.88
N UNK X 156 9.45 -74.57 119.22
CA UNK X 156 8.17 -75.27 119.12
C UNK X 156 7.90 -75.71 117.68
N UNK X 157 8.12 -74.79 116.74
CA UNK X 157 7.96 -75.03 115.31
C UNK X 157 8.89 -76.15 114.79
N UNK X 158 10.20 -75.99 114.99
CA UNK X 158 11.17 -76.95 114.45
C UNK X 158 11.10 -78.33 115.14
N UNK X 159 10.75 -78.34 116.43
CA UNK X 159 10.64 -79.61 117.17
C UNK X 159 9.30 -80.35 116.97
N UNK X 160 8.26 -79.64 116.55
CA UNK X 160 7.06 -80.34 116.06
C UNK X 160 7.25 -80.72 114.59
N UNK X 161 8.19 -80.06 113.91
CA UNK X 161 8.51 -80.35 112.50
C UNK X 161 9.64 -81.39 112.32
N UNK X 162 10.24 -81.82 113.42
CA UNK X 162 11.11 -83.00 113.38
C UNK X 162 10.22 -84.23 113.29
N UNK X 163 9.10 -84.18 113.99
CA UNK X 163 8.11 -85.27 114.02
C UNK X 163 7.15 -85.27 112.82
N UNK X 164 6.63 -84.09 112.46
CA UNK X 164 5.65 -84.00 111.37
C UNK X 164 6.29 -84.38 110.03
N UNK X 165 7.60 -84.17 109.91
CA UNK X 165 8.33 -84.55 108.71
C UNK X 165 9.34 -85.67 108.98
N UNK X 166 9.01 -86.87 108.50
CA UNK X 166 9.94 -88.01 108.56
C UNK X 166 10.66 -88.26 107.23
N UNK X 167 10.36 -87.45 106.21
CA UNK X 167 10.91 -87.62 104.86
C UNK X 167 11.75 -86.42 104.41
N UNK X 168 12.87 -86.68 103.73
CA UNK X 168 13.84 -85.62 103.40
C UNK X 168 14.34 -85.63 101.94
N UNK X 169 14.67 -84.43 101.44
CA UNK X 169 15.39 -84.24 100.17
C UNK X 169 16.39 -83.09 100.34
N UNK X 170 17.32 -82.92 99.39
CA UNK X 170 18.39 -81.92 99.54
C UNK X 170 17.89 -80.49 99.66
N UNK X 171 16.87 -80.13 98.88
CA UNK X 171 16.23 -78.82 98.98
C UNK X 171 15.41 -78.72 100.27
N UNK X 172 14.83 -79.85 100.67
CA UNK X 172 14.06 -79.93 101.93
C UNK X 172 14.98 -80.09 103.16
N UNK X 173 16.16 -80.68 102.99
CA UNK X 173 17.15 -80.69 104.07
C UNK X 173 17.77 -79.30 104.15
N UNK X 174 17.72 -78.58 103.03
CA UNK X 174 18.08 -77.17 102.99
C UNK X 174 17.04 -76.35 103.77
N UNK X 175 15.75 -76.64 103.57
CA UNK X 175 14.68 -75.96 104.32
C UNK X 175 14.75 -76.26 105.83
N UNK X 176 14.96 -77.54 106.15
CA UNK X 176 15.00 -78.00 107.54
C UNK X 176 16.25 -77.50 108.29
N UNK X 177 17.41 -77.46 107.62
CA UNK X 177 18.61 -76.87 108.22
C UNK X 177 18.58 -75.33 108.23
N UNK X 178 17.70 -74.74 107.41
CA UNK X 178 17.46 -73.29 107.44
C UNK X 178 16.62 -72.91 108.66
N UNK X 179 15.58 -73.69 108.95
CA UNK X 179 14.77 -73.43 110.15
C UNK X 179 15.43 -74.02 111.41
N UNK X 180 16.47 -74.83 111.23
CA UNK X 180 17.19 -75.44 112.36
C UNK X 180 18.18 -74.51 113.06
N UNK X 181 19.00 -73.79 112.27
CA UNK X 181 20.08 -73.00 112.84
C UNK X 181 19.59 -71.62 113.32
N UNK X 182 18.29 -71.40 113.19
CA UNK X 182 17.67 -70.12 113.55
C UNK X 182 17.90 -69.70 115.00
N UNK X 183 17.70 -70.63 115.94
CA UNK X 183 17.75 -70.29 117.37
C UNK X 183 19.09 -70.58 118.09
N UNK X 184 20.07 -71.13 117.37
CA UNK X 184 21.34 -71.51 118.00
C UNK X 184 22.16 -70.29 118.43
N UNK X 185 20.78 -76.53 125.64
CA UNK X 185 19.93 -76.84 124.49
C UNK X 185 20.34 -76.02 123.27
N UNK X 186 21.37 -75.20 123.43
CA UNK X 186 21.89 -74.39 122.33
C UNK X 186 22.99 -75.11 121.52
N UNK X 187 23.49 -76.22 122.06
CA UNK X 187 24.38 -77.11 121.30
C UNK X 187 23.61 -78.08 120.38
N UNK X 188 22.39 -78.44 120.78
CA UNK X 188 21.55 -79.36 120.01
C UNK X 188 21.04 -78.76 118.70
N UNK X 189 20.83 -77.44 118.69
CA UNK X 189 20.38 -76.73 117.49
C UNK X 189 21.51 -76.53 116.46
N UNK X 190 22.74 -76.25 116.92
CA UNK X 190 23.88 -76.11 116.02
C UNK X 190 24.40 -77.47 115.53
N UNK X 191 24.24 -78.51 116.35
CA UNK X 191 24.59 -79.88 115.91
C UNK X 191 23.52 -80.49 114.98
N UNK X 192 22.24 -80.15 115.20
CA UNK X 192 21.19 -80.63 114.28
C UNK X 192 21.11 -79.81 112.98
N UNK X 193 21.49 -78.53 113.02
CA UNK X 193 21.60 -77.74 111.79
C UNK X 193 22.90 -78.04 111.05
N UNK X 194 23.94 -78.46 111.77
CA UNK X 194 25.16 -78.94 111.11
C UNK X 194 24.97 -80.35 110.54
N UNK X 195 24.08 -81.14 111.13
CA UNK X 195 23.74 -82.47 110.59
C UNK X 195 22.78 -82.37 109.39
N UNK X 196 21.80 -81.47 109.48
CA UNK X 196 20.86 -81.25 108.38
C UNK X 196 21.49 -80.39 107.28
N UNK X 197 22.61 -79.73 107.59
CA UNK X 197 23.47 -79.18 106.54
C UNK X 197 24.57 -80.18 106.16
N UNK X 198 24.68 -81.29 106.91
CA UNK X 198 25.56 -82.40 106.52
C UNK X 198 24.83 -83.38 105.59
N UNK X 199 23.50 -83.25 105.53
CA UNK X 199 22.72 -83.97 104.53
C UNK X 199 22.78 -83.24 103.18
N UNK X 200 22.97 -81.92 103.22
CA UNK X 200 23.17 -81.14 102.00
C UNK X 200 24.66 -80.83 101.70
N UNK X 201 25.58 -81.21 102.59
CA UNK X 201 27.04 -81.11 102.33
C UNK X 201 27.57 -82.27 101.49
N UNK X 202 27.01 -83.45 101.75
CA UNK X 202 27.31 -84.66 100.97
C UNK X 202 26.32 -84.85 99.83
N UNK X 203 25.46 -83.84 99.63
CA UNK X 203 24.48 -83.83 98.53
C UNK X 203 25.11 -83.22 97.28
N UNK X 204 26.44 -83.02 97.37
CA UNK X 204 27.29 -82.48 96.30
C UNK X 204 27.07 -81.00 95.98
N UNK X 205 26.64 -80.23 96.98
CA UNK X 205 26.75 -78.77 96.89
C UNK X 205 27.25 -78.17 98.22
N UNK X 206 28.46 -77.62 98.22
CA UNK X 206 28.96 -76.80 99.34
C UNK X 206 28.76 -75.30 99.08
N UNK X 207 28.37 -74.95 97.85
CA UNK X 207 28.05 -73.57 97.49
C UNK X 207 26.54 -73.31 97.50
N UNK X 208 25.76 -74.34 97.81
CA UNK X 208 24.35 -74.16 98.13
C UNK X 208 24.23 -73.97 99.64
N UNK X 209 25.36 -74.20 100.33
CA UNK X 209 25.50 -73.91 101.76
C UNK X 209 25.87 -72.44 102.02
N UNK X 210 26.78 -71.89 101.20
CA UNK X 210 27.25 -70.52 101.40
C UNK X 210 26.44 -69.50 100.57
N UNK X 211 25.39 -69.96 99.90
CA UNK X 211 24.45 -69.09 99.18
C UNK X 211 23.17 -68.80 99.98
N UNK X 212 23.04 -69.38 101.16
CA UNK X 212 21.89 -69.14 102.03
C UNK X 212 22.18 -67.99 103.00
N UNK X 213 21.27 -67.76 103.95
CA UNK X 213 21.37 -66.61 104.86
C UNK X 213 22.27 -66.87 106.07
N UNK X 214 22.66 -68.12 106.25
CA UNK X 214 23.51 -68.52 107.36
C UNK X 214 24.99 -68.55 106.97
N UNK X 215 25.28 -68.10 105.76
CA UNK X 215 26.56 -68.42 105.11
C UNK X 215 27.78 -67.82 105.80
N UNK X 216 28.69 -68.69 106.22
CA UNK X 216 29.94 -68.29 106.83
C UNK X 216 31.08 -68.20 105.82
N UNK X 217 30.83 -68.71 104.61
CA UNK X 217 31.86 -68.86 103.59
C UNK X 217 33.10 -69.56 104.16
N UNK X 218 32.89 -70.73 104.77
CA UNK X 218 33.98 -71.57 105.29
C UNK X 218 33.72 -73.02 104.89
N UNK X 219 34.71 -73.89 105.08
CA UNK X 219 34.64 -75.27 104.61
C UNK X 219 34.03 -76.26 105.62
N UNK X 220 32.90 -76.85 105.24
CA UNK X 220 32.25 -77.93 106.01
C UNK X 220 31.96 -77.58 107.48
N UNK X 221 31.01 -76.69 107.72
CA UNK X 221 30.55 -76.39 109.09
C UNK X 221 29.83 -77.60 109.68
N UNK X 222 29.53 -78.57 108.81
CA UNK X 222 28.86 -79.80 109.18
C UNK X 222 29.60 -80.63 110.24
N UNK X 223 30.87 -80.95 109.98
CA UNK X 223 31.66 -81.75 110.92
C UNK X 223 32.20 -80.93 112.10
N UNK X 224 32.52 -79.65 111.87
CA UNK X 224 33.11 -78.80 112.90
C UNK X 224 32.10 -78.24 113.91
N UNK X 225 30.84 -78.03 113.51
CA UNK X 225 29.83 -77.55 114.47
C UNK X 225 29.34 -78.67 115.39
N UNK X 226 29.19 -79.89 114.86
CA UNK X 226 28.80 -81.05 115.66
C UNK X 226 29.96 -81.65 116.47
N UNK X 227 31.21 -81.55 115.96
CA UNK X 227 32.38 -81.97 116.76
C UNK X 227 32.78 -80.91 117.81
N UNK X 228 32.55 -79.62 117.52
CA UNK X 228 32.79 -78.58 118.54
C UNK X 228 31.62 -78.46 119.53
N UNK X 229 30.43 -78.94 119.16
CA UNK X 229 29.34 -79.07 120.16
C UNK X 229 29.52 -80.34 121.00
N UNK X 230 30.06 -81.41 120.39
CA UNK X 230 30.35 -82.65 121.10
C UNK X 230 31.61 -82.54 121.98
N UNK X 231 32.47 -81.56 121.68
CA UNK X 231 33.54 -81.19 122.62
C UNK X 231 33.13 -80.00 123.52
N UNK X 232 32.00 -79.35 123.22
CA UNK X 232 31.46 -78.31 124.10
C UNK X 232 30.66 -78.89 125.27
N UNK X 233 29.93 -79.98 125.05
CA UNK X 233 29.14 -80.60 126.13
C UNK X 233 29.90 -81.71 126.91
N UNK X 234 31.10 -82.06 126.44
CA UNK X 234 31.93 -83.08 127.09
C UNK X 234 32.99 -82.49 128.04
N UNK X 235 32.98 -81.17 128.20
CA UNK X 235 33.89 -80.50 129.13
C UNK X 235 33.13 -79.62 130.12
N UNK X 236 34.71 -74.08 88.49
CA UNK X 236 33.61 -74.05 89.45
C UNK X 236 34.01 -74.71 90.77
N UNK X 237 35.21 -74.40 91.24
CA UNK X 237 35.74 -75.00 92.47
C UNK X 237 36.38 -73.94 93.38
N UNK X 238 35.91 -73.88 94.64
CA UNK X 238 36.42 -72.93 95.61
C UNK X 238 37.50 -73.51 96.53
N UNK X 239 37.79 -74.80 96.36
CA UNK X 239 38.79 -75.49 97.18
C UNK X 239 40.20 -75.40 96.60
N UNK X 240 41.19 -75.33 97.49
CA UNK X 240 42.60 -75.22 97.10
C UNK X 240 43.41 -76.44 97.52
N UNK X 241 44.54 -76.67 96.83
CA UNK X 241 45.40 -77.83 97.08
C UNK X 241 46.24 -77.71 98.36
N UNK X 242 46.29 -76.49 98.92
CA UNK X 242 46.98 -76.26 100.19
C UNK X 242 45.99 -76.39 101.36
N UNK X 243 44.75 -76.74 101.04
CA UNK X 243 43.72 -77.03 102.04
C UNK X 243 43.24 -78.47 101.88
N UNK X 244 43.41 -79.27 102.93
CA UNK X 244 43.23 -80.73 102.86
C UNK X 244 41.83 -81.22 103.23
N UNK X 245 40.88 -80.31 103.46
CA UNK X 245 39.55 -80.72 103.93
C UNK X 245 38.57 -81.00 102.78
N UNK X 246 38.19 -82.26 102.67
CA UNK X 246 37.15 -82.71 101.75
C UNK X 246 36.32 -83.76 102.47
N UNK X 247 35.17 -84.14 101.91
CA UNK X 247 34.28 -85.09 102.59
C UNK X 247 34.89 -86.51 102.66
N UNK X 248 35.34 -87.01 101.50
CA UNK X 248 35.87 -88.37 101.39
C UNK X 248 37.18 -88.59 102.16
N UNK X 249 38.01 -87.54 102.27
CA UNK X 249 39.27 -87.61 103.00
C UNK X 249 39.12 -87.44 104.54
N UNK X 250 38.16 -86.62 104.96
CA UNK X 250 37.93 -86.39 106.40
C UNK X 250 36.80 -87.24 107.03
N UNK X 251 36.18 -88.14 106.26
CA UNK X 251 35.18 -89.07 106.82
C UNK X 251 35.74 -89.98 107.92
N UNK X 252 37.04 -90.29 107.85
CA UNK X 252 37.71 -91.13 108.85
C UNK X 252 37.91 -90.41 110.19
N UNK X 253 38.47 -89.19 110.14
CA UNK X 253 38.66 -88.40 111.35
C UNK X 253 37.31 -87.89 111.92
N UNK X 254 36.33 -87.69 111.05
CA UNK X 254 34.99 -87.26 111.48
C UNK X 254 34.19 -88.41 112.12
N UNK X 255 34.32 -89.62 111.57
CA UNK X 255 33.69 -90.78 112.19
C UNK X 255 34.41 -91.18 113.49
N UNK X 256 35.72 -90.91 113.56
CA UNK X 256 36.49 -91.17 114.79
C UNK X 256 36.14 -90.17 115.91
N UNK X 257 35.96 -88.88 115.56
CA UNK X 257 35.55 -87.89 116.56
C UNK X 257 34.06 -88.03 116.95
N UNK X 258 33.23 -88.50 116.01
CA UNK X 258 31.81 -88.75 116.32
C UNK X 258 31.60 -90.01 117.18
N UNK X 259 32.35 -91.08 116.93
CA UNK X 259 32.27 -92.29 117.78
C UNK X 259 33.00 -92.14 119.13
N UNK X 260 34.08 -91.35 119.17
CA UNK X 260 34.76 -91.06 120.44
C UNK X 260 34.04 -89.99 121.27
N UNK X 261 33.23 -89.13 120.64
CA UNK X 261 32.34 -88.25 121.39
C UNK X 261 31.01 -88.95 121.73
N UNK X 262 30.71 -90.06 121.04
CA UNK X 262 29.57 -90.90 121.41
C UNK X 262 29.94 -91.88 122.53
N UNK X 263 31.23 -92.13 122.71
CA UNK X 263 31.68 -92.96 123.83
C UNK X 263 31.86 -92.14 125.11
N UNK X 264 31.66 -90.83 125.02
CA UNK X 264 31.76 -89.92 126.17
C UNK X 264 30.40 -89.61 126.80
N UNK X 265 29.34 -90.21 126.27
CA UNK X 265 28.00 -90.01 126.80
C UNK X 265 27.66 -91.06 127.85
N UNK X 266 19.82 -83.19 121.97
CA UNK X 266 21.18 -83.68 121.86
C UNK X 266 21.23 -85.16 121.48
N UNK X 267 20.17 -85.89 121.82
CA UNK X 267 20.10 -87.34 121.53
C UNK X 267 19.69 -87.67 120.09
N UNK X 268 18.68 -86.98 119.56
CA UNK X 268 18.19 -87.25 118.20
C UNK X 268 19.07 -86.58 117.13
N UNK X 269 19.74 -85.49 117.48
CA UNK X 269 20.67 -84.82 116.58
C UNK X 269 22.00 -85.58 116.48
N UNK X 270 22.35 -86.29 117.55
CA UNK X 270 23.56 -87.10 117.56
C UNK X 270 23.38 -88.35 116.68
N UNK X 271 22.18 -88.96 116.74
CA UNK X 271 21.90 -90.12 115.89
C UNK X 271 21.50 -89.73 114.47
N UNK X 272 21.09 -88.48 114.27
CA UNK X 272 20.87 -87.96 112.90
C UNK X 272 22.21 -87.61 112.24
N UNK X 273 23.14 -87.03 113.00
CA UNK X 273 24.48 -86.73 112.49
C UNK X 273 25.29 -88.02 112.29
N UNK X 274 25.09 -89.03 113.14
CA UNK X 274 25.75 -90.32 112.97
C UNK X 274 25.08 -91.21 111.91
N UNK X 275 23.77 -91.08 111.71
CA UNK X 275 23.09 -91.82 110.62
C UNK X 275 23.38 -91.20 109.27
N UNK X 276 23.51 -89.87 109.22
CA UNK X 276 23.92 -89.18 107.99
C UNK X 276 25.43 -89.39 107.72
N UNK X 277 26.24 -89.53 108.78
CA UNK X 277 27.67 -89.82 108.60
C UNK X 277 27.94 -91.30 108.29
N UNK X 278 26.99 -92.19 108.62
CA UNK X 278 27.05 -93.58 108.19
C UNK X 278 26.53 -93.78 106.77
N UNK X 279 25.49 -93.04 106.38
CA UNK X 279 24.94 -93.14 105.02
C UNK X 279 25.74 -92.35 103.96
N UNK X 280 26.48 -91.31 104.38
CA UNK X 280 27.26 -90.51 103.43
C UNK X 280 28.68 -91.07 103.16
N UNK X 281 29.11 -92.06 103.95
CA UNK X 281 30.38 -92.73 103.70
C UNK X 281 30.17 -93.94 102.79
N UNK X 282 28.92 -94.12 102.36
CA UNK X 282 28.54 -95.21 101.47
C UNK X 282 28.58 -94.78 100.00
N UNK X 283 13.44 -84.00 122.09
CA UNK X 283 12.01 -84.10 122.38
C UNK X 283 11.31 -82.75 122.20
N UNK X 284 10.06 -82.81 121.75
CA UNK X 284 9.25 -81.61 121.51
C UNK X 284 8.58 -81.04 122.78
N UNK X 285 8.07 -81.93 123.63
CA UNK X 285 7.25 -81.53 124.77
C UNK X 285 8.00 -80.84 125.91
N UNK X 286 9.15 -81.39 126.32
CA UNK X 286 9.93 -80.82 127.42
C UNK X 286 10.51 -79.45 127.02
N UNK X 287 10.90 -79.33 125.75
CA UNK X 287 11.42 -78.07 125.24
C UNK X 287 10.31 -77.00 125.10
N UNK X 288 9.15 -77.39 124.58
CA UNK X 288 8.03 -76.45 124.43
C UNK X 288 7.44 -76.00 125.78
N UNK X 289 7.43 -76.90 126.76
CA UNK X 289 6.94 -76.60 128.10
C UNK X 289 7.97 -75.85 128.97
N UNK X 290 9.27 -76.04 128.72
CA UNK X 290 10.29 -75.25 129.42
C UNK X 290 10.44 -73.88 128.77
N UNK X 291 10.00 -73.77 127.51
CA UNK X 291 9.96 -72.48 126.80
C UNK X 291 8.71 -71.63 127.12
N UNK X 292 7.54 -72.27 127.17
CA UNK X 292 6.29 -71.56 127.45
C UNK X 292 6.14 -71.25 128.94
N UNK X 293 7.08 -71.75 129.76
CA UNK X 293 7.07 -71.53 131.20
C UNK X 293 7.76 -70.22 131.60
N UNK X 294 8.46 -69.60 130.64
CA UNK X 294 9.05 -68.29 130.92
C UNK X 294 8.03 -67.23 130.52
N UNK X 295 7.45 -66.60 131.53
CA UNK X 295 6.42 -65.59 131.34
C UNK X 295 7.04 -64.20 131.33
N UNK X 296 8.37 -64.16 131.41
CA UNK X 296 9.14 -62.93 131.22
C UNK X 296 8.97 -62.45 129.78
N UNK X 297 8.56 -63.38 128.90
CA UNK X 297 8.30 -63.11 127.50
C UNK X 297 6.97 -62.37 127.28
N UNK X 298 5.93 -62.82 127.98
CA UNK X 298 4.60 -62.19 127.92
C UNK X 298 4.62 -60.80 128.56
N UNK X 299 5.57 -60.57 129.46
CA UNK X 299 5.82 -59.24 130.04
C UNK X 299 6.69 -58.35 129.14
N UNK X 300 7.68 -58.93 128.46
CA UNK X 300 8.51 -58.17 127.51
C UNK X 300 7.72 -57.73 126.26
N UNK X 301 6.76 -58.57 125.82
CA UNK X 301 5.86 -58.19 124.71
C UNK X 301 4.88 -57.06 125.11
N UNK X 302 4.40 -57.11 126.35
CA UNK X 302 3.47 -56.10 126.89
C UNK X 302 4.16 -54.78 127.29
N UNK X 303 5.46 -54.81 127.59
CA UNK X 303 6.25 -53.58 127.79
C UNK X 303 6.74 -52.95 126.48
N UNK X 304 7.19 -53.78 125.52
CA UNK X 304 7.71 -53.26 124.26
C UNK X 304 6.65 -52.94 123.19
N UNK X 305 5.42 -53.46 123.33
CA UNK X 305 4.31 -53.02 122.46
C UNK X 305 3.75 -51.66 122.94
N UNK X 306 3.82 -51.43 124.25
CA UNK X 306 3.46 -50.14 124.86
C UNK X 306 4.58 -49.08 124.72
N UNK X 307 5.83 -49.52 124.58
CA UNK X 307 6.93 -48.62 124.23
C UNK X 307 7.02 -48.34 122.71
N UNK X 308 6.58 -49.30 121.88
CA UNK X 308 6.52 -49.09 120.42
C UNK X 308 5.25 -48.35 119.96
N UNK X 309 4.20 -48.35 120.78
CA UNK X 309 2.98 -47.57 120.50
C UNK X 309 3.12 -46.08 120.90
N UNK X 310 4.03 -45.80 121.82
CA UNK X 310 4.38 -44.41 122.17
C UNK X 310 5.48 -43.79 121.26
N UNK X 311 6.28 -44.64 120.61
CA UNK X 311 7.36 -44.19 119.71
C UNK X 311 6.86 -43.82 118.31
N UNK X 312 5.82 -44.53 117.87
CA UNK X 312 5.22 -44.35 116.55
C UNK X 312 4.20 -43.19 116.49
N UNK X 313 3.16 -43.25 117.33
CA UNK X 313 2.12 -42.21 117.39
C UNK X 313 2.66 -40.79 117.42
N UNK X 314 3.76 -40.60 118.16
CA UNK X 314 4.44 -39.31 118.24
C UNK X 314 5.04 -38.91 116.88
N UNK X 315 5.57 -39.89 116.15
CA UNK X 315 6.07 -39.67 114.80
C UNK X 315 4.90 -39.36 113.84
N UNK X 316 3.74 -39.96 114.08
CA UNK X 316 2.53 -39.63 113.31
C UNK X 316 2.12 -38.17 113.54
N UNK X 317 2.16 -37.74 114.81
CA UNK X 317 1.74 -36.38 115.17
C UNK X 317 2.75 -35.30 114.76
N UNK X 318 4.04 -35.65 114.67
CA UNK X 318 5.03 -34.70 114.14
C UNK X 318 5.01 -34.66 112.60
N UNK X 319 4.74 -35.80 111.96
CA UNK X 319 4.70 -35.87 110.50
C UNK X 319 3.44 -35.23 109.88
N UNK X 320 2.30 -35.38 110.55
CA UNK X 320 1.06 -34.75 110.04
C UNK X 320 1.11 -33.23 110.18
N UNK X 321 1.67 -32.75 111.30
CA UNK X 321 1.86 -31.32 111.52
C UNK X 321 2.95 -30.77 110.59
N UNK X 322 3.94 -31.59 110.26
CA UNK X 322 4.96 -31.21 109.28
C UNK X 322 4.41 -31.22 107.85
N UNK X 323 3.27 -31.90 107.65
CA UNK X 323 2.53 -31.81 106.39
C UNK X 323 1.67 -30.54 106.33
N UNK X 324 1.03 -30.20 107.45
CA UNK X 324 0.19 -29.01 107.52
C UNK X 324 1.01 -27.73 107.44
N UNK X 325 2.22 -27.76 107.99
CA UNK X 325 3.12 -26.60 107.95
C UNK X 325 3.64 -26.36 106.53
N UNK X 326 3.76 -27.42 105.73
CA UNK X 326 4.18 -27.29 104.33
C UNK X 326 3.02 -26.89 103.39
N UNK X 327 1.82 -27.45 103.62
CA UNK X 327 0.66 -27.11 102.78
C UNK X 327 0.03 -25.75 103.14
N UNK X 328 0.21 -25.29 104.37
CA UNK X 328 -0.27 -23.96 104.76
C UNK X 328 0.64 -22.85 104.24
N UNK X 329 1.95 -23.09 104.24
CA UNK X 329 2.90 -22.12 103.68
C UNK X 329 2.97 -22.22 102.15
N UNK X 330 2.55 -23.35 101.58
CA UNK X 330 2.38 -23.46 100.12
C UNK X 330 1.08 -22.76 99.69
N UNK X 331 0.05 -22.83 100.55
CA UNK X 331 -1.17 -22.03 100.35
C UNK X 331 -0.90 -20.55 100.68
N UNK X 332 0.22 -20.28 101.36
CA UNK X 332 0.71 -18.91 101.53
C UNK X 332 1.51 -18.43 100.30
N UNK X 333 2.25 -19.34 99.67
CA UNK X 333 3.10 -19.00 98.52
C UNK X 333 2.34 -18.88 97.19
N UNK X 334 1.44 -19.83 96.91
CA UNK X 334 0.72 -19.82 95.62
C UNK X 334 -0.41 -18.80 95.58
N UNK X 335 -0.79 -18.27 96.76
CA UNK X 335 -1.82 -17.22 96.84
C UNK X 335 -1.22 -15.82 96.88
N UNK X 336 0.11 -15.74 96.92
CA UNK X 336 0.85 -14.48 96.99
C UNK X 336 0.24 -13.49 97.99
N VAL Y 78 115.87 46.62 44.28
CA VAL Y 78 115.14 46.06 43.15
C VAL Y 78 113.77 46.74 42.99
N GLU Y 79 113.45 47.17 41.77
CA GLU Y 79 112.15 47.77 41.47
C GLU Y 79 111.09 46.68 41.42
N SER Y 80 110.07 46.80 42.26
CA SER Y 80 108.91 45.92 42.18
C SER Y 80 108.20 46.28 40.89
N PHE Y 81 107.56 45.31 40.26
CA PHE Y 81 106.95 45.53 38.95
C PHE Y 81 105.82 46.56 38.99
N ALA Y 82 104.91 46.42 39.96
CA ALA Y 82 103.81 47.37 40.13
C ALA Y 82 104.36 48.79 40.25
N SER Y 83 105.53 48.91 40.86
CA SER Y 83 106.21 50.20 41.01
C SER Y 83 106.57 50.78 39.65
N MET Y 84 106.97 49.90 38.74
CA MET Y 84 107.32 50.34 37.39
C MET Y 84 106.08 50.72 36.61
N LEU Y 85 105.03 49.93 36.79
CA LEU Y 85 103.74 50.18 36.17
C LEU Y 85 103.23 51.57 36.54
N ARG Y 86 103.34 51.90 37.81
CA ARG Y 86 102.69 53.08 38.39
C ARG Y 86 103.10 54.40 37.74
N HIS Y 87 104.41 54.58 37.54
CA HIS Y 87 104.93 55.84 37.01
C HIS Y 87 105.14 55.82 35.49
N SER Y 88 104.89 54.67 34.87
CA SER Y 88 105.05 54.53 33.42
C SER Y 88 104.05 55.42 32.68
N PRO Y 89 104.50 56.11 31.62
CA PRO Y 89 103.77 57.15 30.87
C PRO Y 89 102.39 56.75 30.34
N LEU Y 90 102.13 55.45 30.28
CA LEU Y 90 100.83 54.93 29.85
C LEU Y 90 99.80 55.01 30.96
N THR Y 91 100.24 54.82 32.20
CA THR Y 91 99.33 54.89 33.34
C THR Y 91 98.99 56.35 33.65
N GLN Y 92 99.94 57.25 33.41
CA GLN Y 92 99.74 58.68 33.63
C GLN Y 92 98.66 59.21 32.69
N MET Y 93 98.44 58.47 31.61
CA MET Y 93 97.44 58.81 30.61
C MET Y 93 96.02 58.41 31.02
N GLY Y 94 95.88 57.24 31.65
CA GLY Y 94 94.58 56.72 31.99
C GLY Y 94 93.76 56.35 30.76
N PRO Y 95 92.59 56.97 30.61
CA PRO Y 95 91.75 56.73 29.44
C PRO Y 95 92.42 57.29 28.20
N ALA Y 96 92.32 56.56 27.11
CA ALA Y 96 92.98 56.97 25.88
C ALA Y 96 92.12 57.99 25.15
N LYS Y 97 90.96 58.31 25.70
CA LYS Y 97 89.96 59.02 24.93
C LYS Y 97 90.35 60.46 24.61
N ASN Y 98 90.32 60.79 23.32
CA ASN Y 98 90.66 62.10 22.79
C ASN Y 98 92.00 62.60 23.31
N LYS Y 99 92.96 61.68 23.44
CA LYS Y 99 94.27 62.00 23.98
C LYS Y 99 95.19 62.62 22.93
N LEU Y 100 96.19 63.38 23.39
CA LEU Y 100 97.25 63.85 22.50
C LEU Y 100 98.42 62.90 22.62
N VAL Y 101 98.79 62.28 21.50
CA VAL Y 101 99.87 61.30 21.48
C VAL Y 101 100.88 61.65 20.38
N ILE Y 102 102.15 61.31 20.63
CA ILE Y 102 103.21 61.42 19.63
C ILE Y 102 103.54 60.01 19.13
N GLY Y 103 103.75 59.87 17.82
CA GLY Y 103 103.93 58.55 17.24
C GLY Y 103 104.92 58.53 16.11
N GLN Y 104 105.27 57.35 15.63
CA GLN Y 104 106.30 57.22 14.61
C GLN Y 104 105.90 56.19 13.54
N ILE Y 105 106.22 56.49 12.29
CA ILE Y 105 105.82 55.64 11.17
C ILE Y 105 106.90 54.65 10.78
N PHE Y 106 106.63 53.36 10.99
CA PHE Y 106 107.57 52.30 10.62
C PHE Y 106 107.32 51.67 9.24
N HIS Y 107 106.16 51.91 8.63
CA HIS Y 107 105.85 51.26 7.37
C HIS Y 107 104.87 52.04 6.50
N ILE Y 108 105.07 51.98 5.19
CA ILE Y 108 104.28 52.73 4.23
C ILE Y 108 103.71 51.88 3.11
N VAL Y 109 102.45 52.15 2.80
CA VAL Y 109 101.77 51.66 1.61
C VAL Y 109 101.31 52.95 0.94
N GLU Y 110 100.85 52.88 -0.31
CA GLU Y 110 100.61 54.08 -1.13
C GLU Y 110 99.94 55.23 -0.38
N ASP Y 111 98.68 55.05 -0.01
CA ASP Y 111 97.96 56.07 0.74
C ASP Y 111 98.03 55.87 2.25
N ASP Y 112 98.54 54.72 2.68
CA ASP Y 112 98.36 54.29 4.06
C ASP Y 112 99.63 54.28 4.91
N LEU Y 113 99.59 55.00 6.03
CA LEU Y 113 100.70 55.08 6.97
C LEU Y 113 100.44 54.20 8.18
N TYR Y 114 101.35 53.27 8.46
CA TYR Y 114 101.19 52.43 9.63
C TYR Y 114 101.94 53.01 10.80
N ILE Y 115 101.20 53.50 11.78
CA ILE Y 115 101.81 54.33 12.79
C ILE Y 115 101.84 53.68 14.16
N ASP Y 116 103.06 53.53 14.68
CA ASP Y 116 103.28 53.07 16.04
C ASP Y 116 103.44 54.30 16.95
N PHE Y 117 102.46 54.54 17.81
CA PHE Y 117 102.57 55.57 18.84
C PHE Y 117 103.12 54.92 20.11
N GLY Y 118 103.17 53.59 20.08
CA GLY Y 118 103.88 52.83 21.08
C GLY Y 118 103.05 52.13 22.14
N GLY Y 119 101.72 52.25 22.10
CA GLY Y 119 100.95 51.66 23.18
C GLY Y 119 100.92 50.15 23.23
N LYS Y 120 100.23 49.51 22.28
CA LYS Y 120 100.41 48.08 22.00
C LYS Y 120 100.33 47.86 20.50
N PHE Y 121 99.10 48.05 20.00
CA PHE Y 121 98.79 47.96 18.60
C PHE Y 121 99.21 49.25 17.91
N HIS Y 122 99.51 49.14 16.62
CA HIS Y 122 99.66 50.31 15.78
C HIS Y 122 98.29 50.79 15.34
N CYS Y 123 98.19 52.07 15.01
CA CYS Y 123 97.01 52.55 14.32
C CYS Y 123 97.37 52.78 12.86
N VAL Y 124 96.38 53.21 12.10
CA VAL Y 124 96.55 53.40 10.66
C VAL Y 124 96.05 54.78 10.26
N CYS Y 125 96.69 55.39 9.26
CA CYS Y 125 96.24 56.70 8.80
C CYS Y 125 96.23 56.86 7.28
N LYS Y 126 95.40 57.79 6.81
CA LYS Y 126 95.37 58.16 5.40
C LYS Y 126 96.12 59.47 5.16
N ARG Y 127 97.19 59.38 4.37
CA ARG Y 127 98.05 60.51 4.07
C ARG Y 127 97.27 61.71 3.52
N PRO Y 128 97.44 62.87 4.16
CA PRO Y 128 96.69 64.09 3.82
C PRO Y 128 97.16 64.80 2.54
N GLU Y 129 96.32 65.69 2.03
CA GLU Y 129 96.65 66.55 0.91
C GLU Y 129 97.68 67.58 1.36
N VAL Y 130 97.74 67.80 2.67
CA VAL Y 130 98.71 68.72 3.25
C VAL Y 130 100.06 68.02 3.37
N ASP Y 131 101.04 68.52 2.64
CA ASP Y 131 102.40 67.96 2.59
C ASP Y 131 102.42 66.44 2.53
N GLY Y 132 101.88 65.87 1.46
CA GLY Y 132 101.76 64.43 1.35
C GLY Y 132 103.11 63.73 1.39
N GLU Y 133 104.10 64.35 0.76
CA GLU Y 133 105.40 63.72 0.58
C GLU Y 133 106.28 63.75 1.83
N LYS Y 134 105.86 64.51 2.84
CA LYS Y 134 106.67 64.67 4.04
C LYS Y 134 106.57 63.48 5.00
N TYR Y 135 105.39 62.88 5.09
CA TYR Y 135 105.21 61.72 5.94
C TYR Y 135 105.86 60.53 5.25
N GLN Y 136 106.84 59.93 5.91
CA GLN Y 136 107.68 58.91 5.29
C GLN Y 136 108.11 57.83 6.28
N LYS Y 137 109.06 57.00 5.83
CA LYS Y 137 109.69 56.01 6.69
C LYS Y 137 110.56 56.69 7.73
N GLY Y 138 110.28 56.45 9.00
CA GLY Y 138 111.00 57.10 10.08
C GLY Y 138 110.35 58.40 10.55
N THR Y 139 109.42 58.91 9.75
CA THR Y 139 108.69 60.14 10.06
C THR Y 139 107.90 60.02 11.35
N ARG Y 140 107.88 61.08 12.14
CA ARG Y 140 107.10 61.11 13.37
C ARG Y 140 105.87 61.98 13.14
N VAL Y 141 104.76 61.63 13.80
CA VAL Y 141 103.50 62.36 13.62
C VAL Y 141 102.73 62.64 14.91
N ARG Y 142 101.84 63.62 14.83
CA ARG Y 142 100.93 63.97 15.92
C ARG Y 142 99.60 63.24 15.79
N LEU Y 143 99.33 62.36 16.74
CA LEU Y 143 98.09 61.59 16.78
C LEU Y 143 97.12 62.13 17.80
N ARG Y 144 95.83 62.09 17.47
CA ARG Y 144 94.80 62.23 18.48
C ARG Y 144 94.24 60.84 18.72
N LEU Y 145 94.56 60.28 19.87
CA LEU Y 145 94.12 58.92 20.17
C LEU Y 145 92.64 58.91 20.53
N LEU Y 146 91.89 58.05 19.85
CA LEU Y 146 90.46 57.87 20.08
C LEU Y 146 90.23 56.64 20.96
N ASP Y 147 90.63 55.48 20.46
CA ASP Y 147 90.53 54.24 21.21
C ASP Y 147 91.88 53.51 21.29
N LEU Y 148 92.19 53.03 22.49
CA LEU Y 148 93.42 52.30 22.76
C LEU Y 148 93.58 51.07 21.86
N GLU Y 149 92.49 50.31 21.72
CA GLU Y 149 92.42 49.20 20.76
C GLU Y 149 90.96 49.02 20.32
N LEU Y 150 90.75 48.61 19.07
CA LEU Y 150 89.40 48.50 18.53
C LEU Y 150 88.82 47.09 18.70
N THR Y 151 87.72 47.01 19.45
CA THR Y 151 87.09 45.73 19.77
C THR Y 151 85.60 45.91 20.05
N SER Y 152 84.80 44.89 19.72
CA SER Y 152 83.40 44.84 20.15
C SER Y 152 82.87 43.42 20.11
N ARG Y 153 81.80 43.16 20.85
CA ARG Y 153 81.20 41.84 20.89
C ARG Y 153 80.03 41.77 19.91
N PHE Y 154 79.84 40.61 19.30
CA PHE Y 154 78.83 40.46 18.27
C PHE Y 154 77.90 39.30 18.55
N LEU Y 155 76.81 39.22 17.79
CA LEU Y 155 75.69 38.35 18.11
C LEU Y 155 76.09 36.90 18.30
N GLY Y 156 75.73 36.34 19.44
CA GLY Y 156 76.00 34.96 19.76
C GLY Y 156 77.47 34.64 19.65
N ALA Y 157 78.30 35.38 20.37
CA ALA Y 157 79.72 35.10 20.40
C ALA Y 157 80.18 34.75 21.81
N THR Y 158 81.22 33.93 21.88
CA THR Y 158 81.84 33.59 23.16
C THR Y 158 82.70 34.75 23.61
N THR Y 159 83.67 35.09 22.76
CA THR Y 159 84.56 36.22 22.99
C THR Y 159 84.48 37.21 21.82
N ASP Y 160 85.02 38.40 22.04
CA ASP Y 160 84.94 39.49 21.08
C ASP Y 160 85.84 39.27 19.89
N THR Y 161 85.89 40.28 19.02
CA THR Y 161 86.70 40.23 17.84
C THR Y 161 87.55 41.49 17.71
N THR Y 162 88.86 41.28 17.72
CA THR Y 162 89.84 42.36 17.68
C THR Y 162 90.27 42.67 16.25
N ILE Y 163 90.54 43.93 15.97
CA ILE Y 163 91.01 44.37 14.66
C ILE Y 163 92.54 44.30 14.54
N LEU Y 164 93.19 44.15 15.69
CA LEU Y 164 94.66 44.19 15.79
C LEU Y 164 95.15 45.59 15.40
N GLU Y 165 94.30 46.58 15.66
CA GLU Y 165 94.57 48.00 15.39
C GLU Y 165 94.11 48.87 16.55
N ALA Y 166 94.48 50.14 16.50
CA ALA Y 166 93.92 51.14 17.40
C ALA Y 166 93.30 52.26 16.57
N ASP Y 167 92.46 53.07 17.20
CA ASP Y 167 91.87 54.22 16.50
C ASP Y 167 92.58 55.52 16.88
N ALA Y 168 93.14 56.20 15.89
CA ALA Y 168 93.75 57.50 16.09
C ALA Y 168 93.57 58.39 14.85
N VAL Y 169 93.64 59.69 15.06
CA VAL Y 169 93.51 60.65 13.97
C VAL Y 169 94.86 61.33 13.73
N LEU Y 170 95.12 61.70 12.48
CA LEU Y 170 96.33 62.45 12.17
C LEU Y 170 96.02 63.93 12.25
N LEU Y 171 96.71 64.63 13.16
CA LEU Y 171 96.46 66.04 13.35
C LEU Y 171 97.40 66.86 12.48
N GLY Y 172 98.69 66.75 12.75
CA GLY Y 172 99.73 67.39 11.96
C GLY Y 172 100.98 66.54 12.13
N LEU Y 173 102.10 66.94 11.54
CA LEU Y 173 103.30 66.13 11.70
C LEU Y 173 104.29 66.73 12.71
N GLN Y 174 104.31 66.14 13.91
CA GLN Y 174 105.39 66.30 14.89
C GLN Y 174 105.92 67.73 14.96
N GLU Y 175 105.03 68.69 15.15
CA GLU Y 175 105.39 70.11 15.01
C GLU Y 175 106.58 70.50 15.89
N SER Y 176 107.63 71.03 15.26
CA SER Y 176 108.90 71.30 15.93
C SER Y 176 109.43 72.68 15.60
N UNK Z 52 75.97 59.83 -81.60
CA UNK Z 52 76.56 59.43 -82.87
C UNK Z 52 75.64 59.79 -84.06
N UNK Z 53 76.24 60.05 -85.22
CA UNK Z 53 75.52 60.62 -86.38
C UNK Z 53 75.45 59.72 -87.62
N UNK Z 54 74.26 59.59 -88.20
CA UNK Z 54 74.04 58.75 -89.37
C UNK Z 54 72.77 59.14 -90.16
N UNK Z 55 72.66 58.64 -91.40
CA UNK Z 55 71.50 58.90 -92.26
C UNK Z 55 70.85 57.62 -92.82
N UNK Z 56 71.57 56.93 -93.69
CA UNK Z 56 71.11 55.66 -94.26
C UNK Z 56 72.24 54.63 -94.14
N UNK Z 57 71.91 53.36 -94.40
CA UNK Z 57 72.78 52.24 -94.07
C UNK Z 57 74.25 52.32 -94.49
N UNK Z 58 74.53 52.84 -95.69
CA UNK Z 58 75.89 52.74 -96.22
C UNK Z 58 76.77 53.97 -95.95
N UNK Z 59 77.73 53.80 -95.02
CA UNK Z 59 78.84 54.75 -94.85
C UNK Z 59 80.05 54.04 -94.22
N UNK Z 60 81.25 54.39 -94.69
CA UNK Z 60 82.49 53.76 -94.21
C UNK Z 60 83.05 54.35 -92.90
N UNK Z 61 83.02 55.68 -92.77
CA UNK Z 61 83.60 56.37 -91.62
C UNK Z 61 82.61 56.47 -90.47
N UNK Z 62 81.42 55.91 -90.67
CA UNK Z 62 80.36 55.92 -89.67
C UNK Z 62 80.33 54.65 -88.80
N UNK Z 63 81.33 53.77 -88.96
CA UNK Z 63 81.47 52.60 -88.08
C UNK Z 63 81.49 53.03 -86.61
N UNK Z 64 80.76 52.29 -85.77
CA UNK Z 64 80.45 52.66 -84.37
C UNK Z 64 79.57 53.92 -84.23
N UNK Z 65 78.52 53.99 -85.04
CA UNK Z 65 77.51 55.05 -84.91
C UNK Z 65 76.10 54.47 -84.87
N UNK Z 66 75.15 55.23 -84.30
CA UNK Z 66 73.79 54.72 -84.11
C UNK Z 66 72.84 55.09 -85.25
N UNK Z 67 72.42 54.10 -86.02
CA UNK Z 67 71.44 54.24 -87.09
C UNK Z 67 70.02 53.98 -86.58
N UNK Z 68 69.13 54.93 -86.83
CA UNK Z 68 67.74 54.82 -86.39
C UNK Z 68 66.83 54.52 -87.57
N UNK Z 69 65.76 53.76 -87.31
CA UNK Z 69 64.76 53.52 -88.34
C UNK Z 69 63.36 53.77 -87.77
N SER Z 70 62.36 53.81 -88.65
CA SER Z 70 60.98 54.02 -88.22
C SER Z 70 60.39 52.71 -87.71
N LEU Z 71 59.15 52.78 -87.21
CA LEU Z 71 58.45 51.59 -86.71
C LEU Z 71 57.85 50.79 -87.86
N GLN Z 72 57.47 51.50 -88.91
CA GLN Z 72 56.88 50.89 -90.10
C GLN Z 72 57.97 50.27 -90.98
N GLU Z 73 59.19 50.80 -90.85
CA GLU Z 73 60.38 50.16 -91.41
C GLU Z 73 60.59 48.82 -90.71
N LEU Z 74 60.41 48.84 -89.39
CA LEU Z 74 60.55 47.63 -88.58
C LEU Z 74 59.46 46.61 -88.86
N LYS Z 75 58.26 47.08 -89.21
CA LYS Z 75 57.16 46.18 -89.51
C LYS Z 75 57.19 45.60 -90.93
N THR Z 76 57.60 46.42 -91.90
CA THR Z 76 57.69 45.96 -93.29
C THR Z 76 58.95 45.14 -93.58
N VAL Z 77 60.10 45.62 -93.09
CA VAL Z 77 61.38 44.95 -93.35
C VAL Z 77 61.54 43.63 -92.57
N PHE Z 78 61.13 43.64 -91.29
CA PHE Z 78 61.20 42.42 -90.48
C PHE Z 78 59.83 41.95 -90.01
N PRO Z 79 58.99 41.44 -90.93
CA PRO Z 79 57.74 40.84 -90.46
C PRO Z 79 58.04 39.53 -89.76
N HIS Z 80 59.18 38.95 -90.13
CA HIS Z 80 59.70 37.75 -89.51
C HIS Z 80 60.36 38.08 -88.18
N GLY Z 81 61.04 37.09 -87.60
CA GLY Z 81 61.72 37.26 -86.34
C GLY Z 81 62.88 38.25 -86.36
N LEU Z 82 62.95 39.04 -85.30
CA LEU Z 82 64.09 39.90 -85.00
C LEU Z 82 64.63 39.39 -83.67
N PRO Z 83 65.96 39.39 -83.46
CA PRO Z 83 66.47 38.73 -82.25
C PRO Z 83 65.82 39.28 -80.98
N PRO Z 84 65.26 38.38 -80.14
CA PRO Z 84 64.34 38.71 -79.05
C PRO Z 84 64.80 39.86 -78.15
N ARG Z 85 66.09 39.85 -77.82
CA ARG Z 85 66.67 40.86 -76.94
C ARG Z 85 66.68 42.25 -77.60
N PHE Z 86 66.85 42.28 -78.91
CA PHE Z 86 66.81 43.53 -79.68
C PHE Z 86 65.37 44.04 -79.82
N ALA Z 87 64.43 43.11 -79.91
CA ALA Z 87 63.00 43.42 -79.96
C ALA Z 87 62.53 44.07 -78.64
N MET Z 88 62.98 43.52 -77.53
CA MET Z 88 62.72 44.14 -76.22
C MET Z 88 63.43 45.50 -76.09
N GLN Z 89 64.65 45.58 -76.61
CA GLN Z 89 65.38 46.85 -76.66
C GLN Z 89 64.53 47.95 -77.33
N VAL Z 90 64.03 47.64 -78.52
CA VAL Z 90 63.17 48.55 -79.29
C VAL Z 90 61.85 48.87 -78.57
N LYS Z 91 61.18 47.86 -78.03
CA LYS Z 91 59.91 48.09 -77.36
C LYS Z 91 60.07 48.96 -76.10
N THR Z 92 61.23 48.84 -75.46
CA THR Z 92 61.54 49.64 -74.27
C THR Z 92 61.91 51.10 -74.58
N PHE Z 93 62.89 51.32 -75.46
CA PHE Z 93 63.31 52.70 -75.73
C PHE Z 93 62.36 53.41 -76.69
N ASN Z 94 61.49 52.63 -77.33
CA ASN Z 94 60.52 53.11 -78.33
C ASN Z 94 61.19 53.68 -79.58
N GLU Z 95 62.52 53.77 -79.55
CA GLU Z 95 63.29 54.12 -80.74
C GLU Z 95 64.00 52.89 -81.28
N ALA Z 96 63.97 52.71 -82.60
CA ALA Z 96 64.68 51.59 -83.20
C ALA Z 96 66.08 52.04 -83.62
N CYS Z 97 67.08 51.54 -82.91
CA CYS Z 97 68.47 51.97 -83.08
C CYS Z 97 69.41 50.76 -83.16
N LEU Z 98 70.33 50.78 -84.12
CA LEU Z 98 71.35 49.74 -84.27
C LEU Z 98 72.71 50.43 -84.38
N MET Z 99 73.80 49.69 -84.24
CA MET Z 99 75.11 50.31 -84.42
C MET Z 99 75.95 49.57 -85.46
N VAL Z 100 76.36 50.30 -86.49
CA VAL Z 100 77.10 49.74 -87.61
C VAL Z 100 78.41 49.10 -87.15
N ARG Z 101 78.65 47.87 -87.61
CA ARG Z 101 79.83 47.10 -87.23
C ARG Z 101 80.74 46.89 -88.43
N LYS Z 102 82.03 46.67 -88.20
CA LYS Z 102 82.99 46.39 -89.29
C LYS Z 102 82.65 45.16 -90.18
N PRO Z 103 82.11 44.05 -89.60
CA PRO Z 103 81.64 42.94 -90.45
C PRO Z 103 80.48 43.28 -91.39
N ALA Z 104 79.49 44.04 -90.91
CA ALA Z 104 78.38 44.46 -91.76
C ALA Z 104 78.85 45.49 -92.81
N LEU Z 105 79.92 46.24 -92.51
CA LEU Z 105 80.55 47.16 -93.46
C LEU Z 105 81.24 46.41 -94.60
N GLU Z 106 82.09 45.45 -94.23
CA GLU Z 106 82.78 44.57 -95.17
C GLU Z 106 81.77 43.83 -96.07
N LEU Z 107 80.74 43.25 -95.46
CA LEU Z 107 79.73 42.47 -96.19
C LEU Z 107 78.84 43.35 -97.07
N LEU Z 108 78.46 44.53 -96.59
CA LEU Z 108 77.63 45.43 -97.39
C LEU Z 108 78.45 46.05 -98.53
N HIS Z 109 79.76 46.16 -98.35
CA HIS Z 109 80.62 46.62 -99.45
C HIS Z 109 80.96 45.47 -100.40
N TYR Z 110 80.68 44.23 -99.97
CA TYR Z 110 80.68 43.12 -100.92
C TYR Z 110 79.31 42.93 -101.61
N LEU Z 111 78.25 43.53 -101.05
CA LEU Z 111 76.93 43.54 -101.72
C LEU Z 111 76.63 44.85 -102.48
N LYS Z 112 77.56 45.81 -102.41
CA LYS Z 112 77.53 46.98 -103.30
C LYS Z 112 78.11 46.65 -104.68
N ASN Z 113 79.10 45.76 -104.70
CA ASN Z 113 79.88 45.44 -105.90
C ASN Z 113 79.39 44.21 -106.68
N THR Z 114 78.28 43.62 -106.25
CA THR Z 114 77.77 42.39 -106.85
C THR Z 114 77.52 42.51 -108.35
N ASN Z 115 77.92 41.47 -109.08
CA ASN Z 115 77.64 41.34 -110.50
C ASN Z 115 76.54 40.27 -110.66
N PHE Z 116 75.35 40.69 -111.07
CA PHE Z 116 74.16 39.83 -111.01
C PHE Z 116 74.05 38.86 -112.19
N ALA Z 117 74.99 38.95 -113.12
CA ALA Z 117 75.13 37.95 -114.17
C ALA Z 117 75.86 36.73 -113.63
N HIS Z 118 76.72 36.98 -112.65
CA HIS Z 118 77.47 35.91 -111.98
C HIS Z 118 76.54 35.02 -111.17
N PRO Z 119 76.91 33.74 -111.02
CA PRO Z 119 76.16 32.82 -110.18
C PRO Z 119 76.10 33.27 -108.72
N ALA Z 120 75.16 32.73 -107.95
CA ALA Z 120 74.95 33.15 -106.57
C ALA Z 120 76.20 32.93 -105.71
N VAL Z 121 76.60 33.97 -104.99
CA VAL Z 121 77.74 33.91 -104.08
C VAL Z 121 77.23 33.69 -102.65
N ARG Z 122 77.95 32.85 -101.90
CA ARG Z 122 77.58 32.54 -100.53
C ARG Z 122 78.51 33.23 -99.51
N TYR Z 123 77.89 33.90 -98.54
CA TYR Z 123 78.63 34.52 -97.44
C TYR Z 123 78.32 33.75 -96.14
N VAL Z 124 79.25 33.73 -95.18
CA VAL Z 124 79.00 33.07 -93.90
C VAL Z 124 79.43 33.95 -92.72
N LEU Z 125 78.51 34.18 -91.78
CA LEU Z 125 78.78 35.00 -90.60
C LEU Z 125 79.06 34.12 -89.38
N TYR Z 126 80.31 34.10 -88.89
CA TYR Z 126 80.63 33.20 -87.78
C TYR Z 126 81.28 33.91 -86.59
N GLY Z 127 81.12 33.32 -85.41
CA GLY Z 127 81.72 33.86 -84.21
C GLY Z 127 81.14 33.28 -82.93
N GLU Z 128 81.51 33.86 -81.80
CA GLU Z 128 81.07 33.41 -80.48
C GLU Z 128 79.57 33.61 -80.25
N LYS Z 129 79.04 32.91 -79.26
CA LYS Z 129 77.63 33.07 -78.86
C LYS Z 129 77.35 34.48 -78.36
N GLY Z 130 76.32 35.11 -78.91
CA GLY Z 130 75.94 36.45 -78.50
C GLY Z 130 76.94 37.52 -78.85
N THR Z 131 77.66 37.33 -79.94
CA THR Z 131 78.68 38.28 -80.37
C THR Z 131 78.10 39.28 -81.38
N GLY Z 132 76.80 39.19 -81.63
CA GLY Z 132 76.13 40.11 -82.54
C GLY Z 132 76.18 39.76 -84.01
N LYS Z 133 76.18 38.47 -84.33
CA LYS Z 133 76.22 38.02 -85.72
C LYS Z 133 74.85 37.77 -86.36
N THR Z 134 73.77 37.77 -85.57
CA THR Z 134 72.41 37.64 -86.11
C THR Z 134 71.90 38.99 -86.60
N LEU Z 135 72.34 40.07 -85.95
CA LEU Z 135 71.93 41.42 -86.34
C LEU Z 135 72.75 42.00 -87.52
N SER Z 136 74.01 41.58 -87.66
CA SER Z 136 74.82 41.96 -88.82
C SER Z 136 74.22 41.39 -90.10
N LEU Z 137 73.26 40.47 -89.94
CA LEU Z 137 72.39 39.99 -91.02
C LEU Z 137 71.24 40.98 -91.27
N CYS Z 138 70.76 41.58 -90.19
CA CYS Z 138 69.67 42.57 -90.25
C CYS Z 138 70.09 43.86 -90.98
N HIS Z 139 71.33 44.29 -90.76
CA HIS Z 139 71.89 45.44 -91.49
C HIS Z 139 71.70 45.28 -93.01
N ILE Z 140 72.30 44.22 -93.54
CA ILE Z 140 72.11 43.80 -94.94
C ILE Z 140 70.63 43.68 -95.35
N LEU Z 141 69.82 43.05 -94.49
CA LEU Z 141 68.40 42.84 -94.79
C LEU Z 141 67.64 44.14 -95.06
N HIS Z 142 67.79 45.15 -94.19
CA HIS Z 142 67.08 46.43 -94.39
C HIS Z 142 67.76 47.37 -95.41
N PHE Z 143 69.09 47.27 -95.59
CA PHE Z 143 69.73 48.04 -96.68
C PHE Z 143 69.31 47.53 -98.07
N CYS Z 144 69.18 46.21 -98.22
CA CYS Z 144 68.76 45.64 -99.51
C CYS Z 144 67.24 45.51 -99.62
N ALA Z 145 66.51 45.77 -98.53
CA ALA Z 145 65.07 46.00 -98.61
C ALA Z 145 64.77 47.45 -99.02
N LYS Z 146 65.67 48.37 -98.65
CA LYS Z 146 65.53 49.77 -99.04
C LYS Z 146 65.96 50.00 -100.49
N GLN Z 147 66.76 49.08 -101.04
CA GLN Z 147 67.11 49.09 -102.45
C GLN Z 147 66.03 48.35 -103.26
N ASN Z 148 64.99 47.91 -102.56
CA ASN Z 148 63.85 47.20 -103.14
C ASN Z 148 64.24 45.88 -103.81
N TRP Z 149 64.60 44.90 -103.00
CA TRP Z 149 64.88 43.56 -103.50
C TRP Z 149 63.78 42.60 -103.02
N LEU Z 150 63.95 41.32 -103.36
CA LEU Z 150 63.10 40.27 -102.81
C LEU Z 150 63.80 39.70 -101.58
N ILE Z 151 63.24 39.95 -100.39
CA ILE Z 151 63.88 39.48 -99.16
C ILE Z 151 63.18 38.23 -98.63
N LEU Z 152 63.86 37.10 -98.75
CA LEU Z 152 63.38 35.83 -98.22
C LEU Z 152 64.16 35.52 -96.93
N HIS Z 153 63.50 35.65 -95.78
CA HIS Z 153 64.21 35.61 -94.50
C HIS Z 153 63.67 34.53 -93.56
N ILE Z 154 64.55 33.62 -93.14
CA ILE Z 154 64.22 32.62 -92.14
C ILE Z 154 65.05 32.88 -90.88
N PRO Z 155 64.39 33.35 -89.80
CA PRO Z 155 65.06 33.77 -88.56
C PRO Z 155 65.85 32.67 -87.82
N ASP Z 156 65.26 31.49 -87.65
CA ASP Z 156 65.97 30.33 -87.10
C ASP Z 156 65.59 29.06 -87.86
N ALA Z 157 66.57 28.43 -88.50
CA ALA Z 157 66.31 27.23 -89.29
C ALA Z 157 66.01 26.04 -88.38
N HIS Z 158 66.60 26.06 -87.19
CA HIS Z 158 66.46 24.97 -86.24
C HIS Z 158 65.03 24.78 -85.78
N ILE Z 159 64.24 25.86 -85.82
CA ILE Z 159 62.83 25.80 -85.47
C ILE Z 159 62.10 24.80 -86.37
N TRP Z 160 62.57 24.66 -87.61
CA TRP Z 160 61.99 23.69 -88.53
C TRP Z 160 62.54 22.28 -88.23
N VAL Z 161 63.79 22.23 -87.75
CA VAL Z 161 64.46 20.97 -87.39
C VAL Z 161 64.08 20.43 -86.02
N LYS Z 162 63.81 21.35 -85.08
CA LYS Z 162 63.53 20.97 -83.70
C LYS Z 162 62.11 21.33 -83.27
N ASN Z 163 61.59 20.59 -82.29
CA ASN Z 163 60.35 20.94 -81.60
C ASN Z 163 59.16 21.18 -82.51
N CYS Z 164 58.84 20.20 -83.35
CA CYS Z 164 57.64 20.30 -84.18
C CYS Z 164 56.50 19.49 -83.60
N ARG Z 165 55.42 20.20 -83.28
CA ARG Z 165 54.20 19.61 -82.72
C ARG Z 165 53.57 18.62 -83.70
N ASP Z 166 53.36 19.06 -84.93
CA ASP Z 166 52.68 18.25 -85.93
C ASP Z 166 53.60 17.87 -87.09
N LEU Z 167 53.88 16.56 -87.21
CA LEU Z 167 54.67 16.02 -88.31
C LEU Z 167 53.76 15.32 -89.32
N LEU Z 168 53.63 15.89 -90.52
CA LEU Z 168 52.74 15.30 -91.52
C LEU Z 168 53.50 14.49 -92.58
N GLN Z 169 52.97 13.32 -92.95
CA GLN Z 169 53.63 12.45 -93.90
C GLN Z 169 53.19 12.71 -95.34
N SER Z 170 54.16 12.95 -96.22
CA SER Z 170 53.88 13.28 -97.62
C SER Z 170 54.62 12.38 -98.62
N ASN Z 171 53.84 11.64 -99.41
CA ASN Z 171 54.38 10.77 -100.46
C ASN Z 171 54.37 11.45 -101.85
N TYR Z 172 53.94 12.71 -101.91
CA TYR Z 172 54.00 13.48 -103.16
C TYR Z 172 55.46 13.72 -103.52
N ASN Z 173 56.25 13.99 -102.48
CA ASN Z 173 57.67 14.29 -102.57
C ASN Z 173 58.58 13.07 -102.36
N LYS Z 174 57.97 11.88 -102.35
CA LYS Z 174 58.67 10.60 -102.09
C LYS Z 174 59.25 10.46 -100.68
N GLN Z 175 58.34 10.24 -99.73
CA GLN Z 175 58.66 10.05 -98.31
C GLN Z 175 59.36 11.28 -97.76
N ARG Z 176 58.61 12.38 -97.71
CA ARG Z 176 59.08 13.61 -97.10
C ARG Z 176 58.02 14.14 -96.16
N PHE Z 177 58.46 14.70 -95.04
CA PHE Z 177 57.54 15.16 -94.00
C PHE Z 177 57.40 16.68 -94.02
N ASP Z 178 56.24 17.19 -93.64
CA ASP Z 178 56.04 18.63 -93.63
C ASP Z 178 55.50 19.16 -92.30
N GLN Z 179 55.77 20.44 -92.07
CA GLN Z 179 55.36 21.18 -90.88
C GLN Z 179 54.47 22.34 -91.28
N PRO Z 180 53.16 22.10 -91.33
CA PRO Z 180 52.17 23.11 -91.72
C PRO Z 180 52.26 24.38 -90.89
N LEU Z 181 52.55 24.22 -89.61
CA LEU Z 181 52.65 25.35 -88.67
C LEU Z 181 53.68 26.37 -89.16
N GLU Z 182 54.94 25.93 -89.18
CA GLU Z 182 56.06 26.74 -89.62
C GLU Z 182 55.86 27.32 -91.02
N ALA Z 183 55.32 26.50 -91.92
CA ALA Z 183 55.07 26.93 -93.30
C ALA Z 183 54.08 28.09 -93.36
N SER Z 184 52.99 27.97 -92.61
CA SER Z 184 51.99 29.03 -92.59
C SER Z 184 52.48 30.29 -91.87
N THR Z 185 53.23 30.15 -90.77
CA THR Z 185 53.76 31.33 -90.07
C THR Z 185 54.75 32.09 -90.97
N TRP Z 186 55.66 31.33 -91.57
CA TRP Z 186 56.65 31.86 -92.50
C TRP Z 186 56.01 32.53 -93.72
N LEU Z 187 54.97 31.91 -94.28
CA LEU Z 187 54.24 32.50 -95.40
C LEU Z 187 53.52 33.80 -95.02
N LYS Z 188 52.86 33.78 -93.86
CA LYS Z 188 52.15 34.97 -93.36
C LYS Z 188 53.12 36.13 -93.07
N ASN Z 189 54.37 35.81 -92.76
CA ASN Z 189 55.40 36.85 -92.66
C ASN Z 189 55.92 37.30 -94.03
N PHE Z 190 56.01 36.36 -94.96
CA PHE Z 190 56.48 36.61 -96.33
C PHE Z 190 55.50 37.49 -97.11
N LYS Z 191 54.24 37.52 -96.67
CA LYS Z 191 53.24 38.36 -97.33
C LYS Z 191 53.42 39.86 -97.02
N THR Z 192 53.68 40.20 -95.77
CA THR Z 192 53.95 41.58 -95.38
C THR Z 192 55.40 41.99 -95.65
N ALA Z 193 56.28 41.00 -95.83
CA ALA Z 193 57.68 41.28 -96.15
C ALA Z 193 57.81 42.12 -97.41
N ASN Z 194 57.51 41.53 -98.56
CA ASN Z 194 57.48 42.28 -99.81
C ASN Z 194 56.12 42.22 -100.52
N GLU Z 195 55.39 43.34 -100.49
CA GLU Z 195 54.09 43.44 -101.15
C GLU Z 195 54.12 43.83 -102.66
N HIS Z 196 54.99 44.77 -103.03
CA HIS Z 196 55.01 45.31 -104.40
C HIS Z 196 55.34 44.27 -105.46
N PHE Z 197 56.19 43.31 -105.09
CA PHE Z 197 56.66 42.31 -106.03
C PHE Z 197 55.72 41.09 -106.10
N LEU Z 198 54.78 40.97 -105.17
CA LEU Z 198 53.84 39.85 -105.17
C LEU Z 198 52.70 40.03 -106.16
N SER Z 199 52.39 41.28 -106.49
CA SER Z 199 51.46 41.58 -107.58
C SER Z 199 52.18 41.53 -108.94
N GLN Z 200 53.50 41.70 -108.89
CA GLN Z 200 54.34 41.77 -110.09
C GLN Z 200 54.69 40.41 -110.74
N ILE Z 201 55.12 39.43 -109.95
CA ILE Z 201 55.54 38.12 -110.49
C ILE Z 201 54.42 37.41 -111.22
N LYS Z 202 54.72 36.81 -112.36
CA LYS Z 202 53.74 35.95 -113.00
C LYS Z 202 54.21 34.50 -112.96
N VAL Z 203 53.44 33.66 -112.28
CA VAL Z 203 53.78 32.26 -112.08
C VAL Z 203 53.57 31.47 -113.36
N GLN Z 204 54.61 30.82 -113.86
CA GLN Z 204 54.41 29.94 -115.01
C GLN Z 204 54.66 28.47 -114.68
N GLU Z 205 53.57 27.77 -114.36
CA GLU Z 205 53.48 26.31 -114.18
C GLU Z 205 51.97 25.98 -114.17
N LYS Z 206 51.60 24.71 -114.27
CA LYS Z 206 50.25 24.31 -113.85
C LYS Z 206 50.34 23.71 -112.44
N TYR Z 207 49.50 24.20 -111.53
CA TYR Z 207 49.59 23.81 -110.12
C TYR Z 207 48.30 23.23 -109.52
N VAL Z 208 48.44 22.06 -108.89
CA VAL Z 208 47.32 21.34 -108.29
C VAL Z 208 47.41 21.32 -106.76
N TRP Z 209 46.54 22.09 -106.11
CA TRP Z 209 46.42 22.07 -104.66
C TRP Z 209 45.60 20.87 -104.18
N ASN Z 210 44.45 20.66 -104.82
CA ASN Z 210 43.49 19.61 -104.44
C ASN Z 210 42.87 18.97 -105.69
N LYS Z 211 42.12 17.88 -105.51
CA LYS Z 211 41.36 17.31 -106.62
C LYS Z 211 40.26 18.28 -107.09
N ARG Z 212 39.80 19.13 -106.18
CA ARG Z 212 38.76 20.12 -106.47
C ARG Z 212 39.26 21.56 -106.73
N GLU Z 213 40.58 21.77 -106.63
CA GLU Z 213 41.16 23.12 -106.79
C GLU Z 213 42.47 23.12 -107.57
N SER Z 214 42.66 24.10 -108.44
CA SER Z 214 43.94 24.28 -109.12
C SER Z 214 44.16 25.74 -109.50
N THR Z 215 45.43 26.15 -109.52
CA THR Z 215 45.79 27.47 -110.04
C THR Z 215 46.71 27.27 -111.24
N GLU Z 216 46.42 27.97 -112.33
CA GLU Z 216 47.13 27.77 -113.58
C GLU Z 216 47.84 29.05 -114.03
N LYS Z 217 48.86 28.90 -114.87
CA LYS Z 217 49.88 29.93 -115.06
C LYS Z 217 49.36 31.31 -115.46
N GLY Z 218 50.09 32.33 -115.02
CA GLY Z 218 49.68 33.71 -115.22
C GLY Z 218 49.20 34.34 -113.92
N ARG Z 219 49.27 33.56 -112.85
CA ARG Z 219 48.88 34.06 -111.54
C ARG Z 219 50.01 34.85 -110.89
N PRO Z 220 49.69 36.03 -110.34
CA PRO Z 220 50.61 36.72 -109.42
C PRO Z 220 50.90 35.85 -108.19
N LEU Z 221 52.03 36.08 -107.52
CA LEU Z 221 52.46 35.18 -106.45
C LEU Z 221 51.86 35.53 -105.08
N GLY Z 222 51.26 36.72 -104.97
CA GLY Z 222 50.50 37.07 -103.78
C GLY Z 222 49.37 36.09 -103.58
N GLU Z 223 48.78 35.66 -104.69
CA GLU Z 223 47.68 34.68 -104.72
C GLU Z 223 48.10 33.26 -104.30
N VAL Z 224 49.21 32.78 -104.84
CA VAL Z 224 49.73 31.45 -104.49
C VAL Z 224 50.17 31.43 -103.01
N VAL Z 225 50.81 32.51 -102.55
CA VAL Z 225 51.22 32.63 -101.14
C VAL Z 225 50.03 32.68 -100.18
N GLU Z 226 49.00 33.47 -100.52
CA GLU Z 226 47.81 33.55 -99.65
C GLU Z 226 46.93 32.30 -99.74
N GLN Z 227 47.01 31.57 -100.85
CA GLN Z 227 46.33 30.29 -100.98
C GLN Z 227 47.09 29.19 -100.25
N GLY Z 228 48.38 29.41 -100.02
CA GLY Z 228 49.16 28.53 -99.15
C GLY Z 228 48.92 28.82 -97.68
N ILE Z 229 48.74 30.09 -97.35
CA ILE Z 229 48.40 30.51 -95.98
C ILE Z 229 47.02 30.04 -95.56
N MET Z 230 46.03 30.27 -96.43
CA MET Z 230 44.63 29.97 -96.14
C MET Z 230 44.39 28.49 -95.82
N ARG Z 231 44.77 27.60 -96.75
CA ARG Z 231 44.75 26.17 -96.47
C ARG Z 231 46.12 25.76 -95.97
N VAL Z 232 46.19 25.44 -94.68
CA VAL Z 232 47.45 25.19 -93.99
C VAL Z 232 47.94 23.77 -94.31
N ARG Z 233 47.01 22.90 -94.69
CA ARG Z 233 47.31 21.50 -94.99
C ARG Z 233 48.45 21.39 -95.99
N ASN Z 234 48.28 22.08 -97.12
CA ASN Z 234 49.29 22.09 -98.18
C ASN Z 234 50.24 23.30 -98.17
N ALA Z 235 50.18 24.10 -97.11
CA ALA Z 235 51.01 25.31 -96.97
C ALA Z 235 52.50 25.11 -97.27
N THR Z 236 53.06 23.97 -96.86
CA THR Z 236 54.49 23.69 -97.07
C THR Z 236 54.84 23.46 -98.55
N ASP Z 237 53.97 22.72 -99.25
CA ASP Z 237 54.14 22.50 -100.69
C ASP Z 237 54.08 23.85 -101.41
N ALA Z 238 53.25 24.76 -100.87
CA ALA Z 238 53.16 26.12 -101.37
C ALA Z 238 54.44 26.89 -101.10
N VAL Z 239 55.06 26.63 -99.94
CA VAL Z 239 56.34 27.26 -99.61
C VAL Z 239 57.44 26.82 -100.58
N GLY Z 240 57.56 25.50 -100.79
CA GLY Z 240 58.55 24.95 -101.68
C GLY Z 240 58.34 25.34 -103.13
N ILE Z 241 57.07 25.45 -103.53
CA ILE Z 241 56.72 25.92 -104.86
C ILE Z 241 57.11 27.39 -105.03
N VAL Z 242 56.80 28.21 -104.01
CA VAL Z 242 57.24 29.61 -103.96
C VAL Z 242 58.76 29.70 -104.13
N LEU Z 243 59.47 28.76 -103.51
CA LEU Z 243 60.93 28.72 -103.59
C LEU Z 243 61.47 28.34 -104.99
N LYS Z 244 61.00 27.22 -105.55
CA LYS Z 244 61.53 26.77 -106.85
C LYS Z 244 61.12 27.71 -107.99
N GLU Z 245 59.94 28.32 -107.89
CA GLU Z 245 59.54 29.30 -108.91
C GLU Z 245 60.20 30.66 -108.70
N LEU Z 246 60.53 30.99 -107.45
CA LEU Z 246 61.38 32.17 -107.17
C LEU Z 246 62.74 31.98 -107.85
N LYS Z 247 63.28 30.77 -107.76
CA LYS Z 247 64.58 30.46 -108.35
C LYS Z 247 64.54 30.36 -109.88
N ARG Z 248 63.41 29.92 -110.44
CA ARG Z 248 63.24 29.91 -111.89
C ARG Z 248 63.06 31.32 -112.46
N GLN Z 249 62.35 32.17 -111.71
CA GLN Z 249 62.05 33.53 -112.16
C GLN Z 249 63.15 34.53 -111.79
N SER Z 250 64.15 34.09 -111.03
CA SER Z 250 65.27 34.97 -110.65
C SER Z 250 66.24 35.21 -111.80
N SER Z 251 66.11 34.43 -112.87
CA SER Z 251 66.92 34.62 -114.08
C SER Z 251 66.61 35.98 -114.71
N LEU Z 252 65.35 36.41 -114.59
CA LEU Z 252 64.89 37.68 -115.12
C LEU Z 252 65.53 38.85 -114.37
N GLY Z 253 65.48 40.03 -114.98
CA GLY Z 253 65.95 41.25 -114.34
C GLY Z 253 64.96 41.86 -113.36
N ILE Z 254 63.81 41.21 -113.18
CA ILE Z 254 62.83 41.65 -112.20
C ILE Z 254 63.18 41.18 -110.78
N PHE Z 255 64.00 40.14 -110.69
CA PHE Z 255 64.31 39.50 -109.41
C PHE Z 255 65.77 39.65 -108.97
N HIS Z 256 65.96 40.43 -107.91
CA HIS Z 256 67.22 40.41 -107.18
C HIS Z 256 66.90 39.80 -105.82
N LEU Z 257 67.39 38.58 -105.60
CA LEU Z 257 66.96 37.74 -104.49
C LEU Z 257 68.02 37.64 -103.38
N LEU Z 258 67.72 38.21 -102.21
CA LEU Z 258 68.60 38.10 -101.04
C LEU Z 258 68.05 37.05 -100.09
N VAL Z 259 68.75 35.92 -99.98
CA VAL Z 259 68.28 34.80 -99.17
C VAL Z 259 69.03 34.68 -97.85
N ALA Z 260 68.33 34.89 -96.74
CA ALA Z 260 68.93 34.81 -95.41
C ALA Z 260 68.36 33.67 -94.57
N VAL Z 261 69.18 32.65 -94.32
CA VAL Z 261 68.80 31.57 -93.44
C VAL Z 261 69.79 31.50 -92.27
N ASP Z 262 69.32 31.89 -91.08
CA ASP Z 262 70.17 31.90 -89.89
C ASP Z 262 70.22 30.49 -89.33
N GLY Z 263 71.40 30.09 -88.86
CA GLY Z 263 71.59 28.72 -88.44
C GLY Z 263 71.56 27.76 -89.61
N VAL Z 264 72.45 27.98 -90.58
CA VAL Z 264 72.53 27.13 -91.77
C VAL Z 264 72.88 25.68 -91.42
N ASN Z 265 73.57 25.50 -90.30
CA ASN Z 265 73.97 24.17 -89.84
C ASN Z 265 72.78 23.26 -89.55
N ALA Z 266 71.59 23.84 -89.48
CA ALA Z 266 70.35 23.10 -89.27
C ALA Z 266 69.94 22.33 -90.52
N LEU Z 267 70.37 22.82 -91.68
CA LEU Z 267 69.99 22.18 -92.93
C LEU Z 267 70.69 20.82 -93.05
N TRP Z 268 71.99 20.81 -92.76
CA TRP Z 268 72.81 19.60 -92.84
C TRP Z 268 73.03 18.90 -91.49
N GLY Z 269 72.49 19.48 -90.42
CA GLY Z 269 72.69 18.92 -89.09
C GLY Z 269 71.86 17.69 -88.81
N ARG Z 270 72.07 17.10 -87.63
CA ARG Z 270 71.36 15.92 -87.18
C ARG Z 270 70.03 16.31 -86.54
N THR Z 271 68.96 15.59 -86.86
CA THR Z 271 67.62 16.05 -86.49
C THR Z 271 67.09 15.43 -85.20
N THR Z 272 66.44 16.28 -84.40
CA THR Z 272 65.81 15.88 -83.16
C THR Z 272 64.44 15.20 -83.38
N LEU Z 273 63.70 15.67 -84.38
CA LEU Z 273 62.37 15.15 -84.68
C LEU Z 273 62.39 13.65 -85.02
N LYS Z 274 61.31 12.95 -84.70
CA LYS Z 274 61.27 11.49 -84.83
C LYS Z 274 59.93 10.98 -85.34
N ARG Z 275 59.95 9.78 -85.90
CA ARG Z 275 58.72 9.05 -86.24
C ARG Z 275 58.07 8.46 -84.98
N GLU Z 276 56.79 8.12 -85.06
CA GLU Z 276 56.12 7.41 -83.97
C GLU Z 276 56.75 6.05 -83.71
N ASP Z 277 57.49 5.55 -84.70
CA ASP Z 277 58.31 4.34 -84.53
C ASP Z 277 59.43 4.58 -83.53
N LYS Z 278 59.57 5.82 -83.09
CA LYS Z 278 60.64 6.31 -82.21
C LYS Z 278 61.95 6.45 -83.00
N SER Z 279 61.92 6.07 -84.28
CA SER Z 279 63.09 6.18 -85.14
C SER Z 279 63.32 7.62 -85.58
N PRO Z 280 64.58 8.09 -85.49
CA PRO Z 280 64.93 9.46 -85.87
C PRO Z 280 64.84 9.68 -87.39
N ILE Z 281 64.43 10.88 -87.80
CA ILE Z 281 64.38 11.20 -89.21
C ILE Z 281 65.57 12.08 -89.59
N ALA Z 282 66.07 11.88 -90.81
CA ALA Z 282 67.23 12.62 -91.34
C ALA Z 282 66.84 14.05 -91.73
N PRO Z 283 67.83 14.94 -91.95
CA PRO Z 283 67.49 16.30 -92.41
C PRO Z 283 66.88 16.33 -93.83
N GLU Z 284 67.03 15.25 -94.58
CA GLU Z 284 66.48 15.16 -95.94
C GLU Z 284 64.98 14.87 -95.96
N GLU Z 285 64.49 14.26 -94.88
CA GLU Z 285 63.11 13.75 -94.80
C GLU Z 285 62.03 14.83 -94.67
N LEU Z 286 62.43 16.08 -94.45
CA LEU Z 286 61.45 17.16 -94.35
C LEU Z 286 61.29 17.85 -95.70
N ALA Z 287 60.06 18.25 -96.03
CA ALA Z 287 59.81 18.98 -97.26
C ALA Z 287 60.50 20.34 -97.20
N LEU Z 288 60.39 20.98 -96.04
CA LEU Z 288 60.94 22.31 -95.82
C LEU Z 288 62.47 22.40 -95.99
N ILE Z 289 63.22 21.56 -95.28
CA ILE Z 289 64.69 21.53 -95.42
C ILE Z 289 65.11 21.14 -96.84
N HIS Z 290 64.50 20.09 -97.37
CA HIS Z 290 64.75 19.62 -98.73
C HIS Z 290 64.58 20.75 -99.76
N ASN Z 291 63.63 21.65 -99.52
CA ASN Z 291 63.43 22.82 -100.38
C ASN Z 291 64.43 23.97 -100.15
N LEU Z 292 64.69 24.31 -98.88
CA LEU Z 292 65.61 25.42 -98.59
C LEU Z 292 67.06 25.00 -98.84
N ARG Z 293 67.26 23.71 -99.11
CA ARG Z 293 68.57 23.19 -99.51
C ARG Z 293 68.86 23.55 -100.95
N LYS Z 294 67.81 23.71 -101.74
CA LYS Z 294 67.96 24.12 -103.13
C LYS Z 294 68.06 25.64 -103.24
N MET Z 295 67.85 26.33 -102.13
CA MET Z 295 67.87 27.79 -102.10
C MET Z 295 69.28 28.35 -101.83
N VAL Z 296 70.19 27.51 -101.34
CA VAL Z 296 71.59 27.89 -101.17
C VAL Z 296 72.53 27.33 -102.27
N LYS Z 297 71.98 26.56 -103.22
CA LYS Z 297 72.79 25.78 -104.19
C LYS Z 297 73.69 26.57 -105.16
N ASN Z 298 73.48 27.89 -105.24
CA ASN Z 298 74.18 28.85 -106.12
C ASN Z 298 74.11 28.56 -107.63
N ASP Z 299 73.09 27.80 -108.05
CA ASP Z 299 72.89 27.48 -109.47
C ASP Z 299 72.36 28.68 -110.27
N TRP Z 300 71.93 29.73 -109.59
CA TRP Z 300 71.14 30.78 -110.23
C TRP Z 300 71.73 32.19 -110.11
N GLN Z 301 71.23 33.10 -110.94
CA GLN Z 301 71.80 34.44 -111.07
C GLN Z 301 70.83 35.54 -110.62
N GLY Z 302 71.39 36.69 -110.23
CA GLY Z 302 70.60 37.83 -109.80
C GLY Z 302 70.53 37.92 -108.28
N GLY Z 303 70.87 36.83 -107.61
CA GLY Z 303 70.81 36.77 -106.16
C GLY Z 303 72.13 36.77 -105.40
N ALA Z 304 72.04 36.90 -104.08
CA ALA Z 304 73.17 36.72 -103.18
C ALA Z 304 72.72 35.99 -101.92
N ILE Z 305 73.39 34.91 -101.53
CA ILE Z 305 72.97 34.16 -100.34
C ILE Z 305 73.84 34.49 -99.11
N VAL Z 306 73.25 35.20 -98.15
CA VAL Z 306 73.92 35.55 -96.89
C VAL Z 306 73.53 34.53 -95.80
N LEU Z 307 74.52 33.83 -95.25
CA LEU Z 307 74.29 32.73 -94.32
C LEU Z 307 74.90 32.99 -92.93
N THR Z 308 74.40 32.31 -91.92
CA THR Z 308 74.94 32.42 -90.56
C THR Z 308 74.94 31.06 -89.85
N VAL Z 309 76.07 30.70 -89.24
CA VAL Z 309 76.17 29.46 -88.49
C VAL Z 309 75.97 29.71 -86.98
N SER Z 310 75.14 28.87 -86.35
CA SER Z 310 74.72 29.13 -84.96
C SER Z 310 75.06 28.02 -83.97
N GLN Z 311 75.35 28.44 -82.76
CA GLN Z 311 75.55 27.54 -81.62
C GLN Z 311 74.24 27.46 -80.82
N THR Z 312 73.74 28.61 -80.36
CA THR Z 312 72.53 28.68 -79.52
C THR Z 312 71.39 27.83 -80.02
N GLY Z 313 71.06 27.96 -81.29
CA GLY Z 313 69.92 27.27 -81.84
C GLY Z 313 70.20 25.82 -82.17
N SER Z 314 71.46 25.41 -82.08
CA SER Z 314 71.89 24.14 -82.65
C SER Z 314 71.34 22.91 -81.92
N LEU Z 315 71.70 21.75 -82.44
CA LEU Z 315 71.31 20.47 -81.86
C LEU Z 315 72.51 19.52 -81.91
N PHE Z 316 72.81 18.88 -80.79
CA PHE Z 316 73.91 17.90 -80.67
C PHE Z 316 75.30 18.53 -80.78
N LYS Z 317 75.34 19.83 -81.06
CA LYS Z 317 76.61 20.53 -81.14
C LYS Z 317 76.97 21.10 -79.76
N PRO Z 318 78.25 21.03 -79.39
CA PRO Z 318 78.73 21.59 -78.11
C PRO Z 318 78.56 23.10 -78.04
N ARG Z 319 78.67 23.65 -76.84
CA ARG Z 319 78.40 25.05 -76.59
C ARG Z 319 79.52 25.97 -77.07
N ASN Z 320 80.76 25.53 -76.91
CA ASN Z 320 81.92 26.40 -77.12
C ASN Z 320 82.56 26.40 -78.52
N ALA Z 321 81.97 25.67 -79.48
CA ALA Z 321 82.53 25.67 -80.84
C ALA Z 321 81.82 26.70 -81.72
N TYR Z 322 82.54 27.78 -82.02
CA TYR Z 322 82.00 28.88 -82.81
C TYR Z 322 82.41 28.81 -84.28
N LEU Z 323 83.23 27.83 -84.64
CA LEU Z 323 83.82 27.74 -85.98
C LEU Z 323 82.91 26.98 -86.97
N PRO Z 324 82.92 27.38 -88.26
CA PRO Z 324 81.93 26.89 -89.23
C PRO Z 324 82.01 25.39 -89.50
N GLN Z 325 83.22 24.87 -89.69
CA GLN Z 325 83.40 23.48 -90.13
C GLN Z 325 82.87 22.46 -89.12
N GLU Z 326 82.96 22.79 -87.84
CA GLU Z 326 82.48 21.90 -86.79
C GLU Z 326 80.94 21.88 -86.76
N LEU Z 327 80.34 23.07 -86.73
CA LEU Z 327 78.88 23.22 -86.72
C LEU Z 327 78.25 22.55 -87.94
N LEU Z 328 78.81 22.86 -89.10
CA LEU Z 328 78.28 22.39 -90.37
C LEU Z 328 78.64 20.93 -90.63
N GLY Z 329 79.72 20.47 -90.01
CA GLY Z 329 80.22 19.13 -90.22
C GLY Z 329 80.75 18.92 -91.64
N LYS Z 330 81.12 17.67 -91.95
CA LYS Z 330 81.61 17.30 -93.28
C LYS Z 330 80.58 17.61 -94.37
N GLU Z 331 79.34 17.12 -94.20
CA GLU Z 331 78.25 17.40 -95.13
C GLU Z 331 78.05 18.91 -95.34
N GLY Z 332 77.98 19.65 -94.24
CA GLY Z 332 77.75 21.09 -94.29
C GLY Z 332 78.81 21.86 -95.06
N PHE Z 333 80.07 21.74 -94.64
CA PHE Z 333 81.15 22.47 -95.30
C PHE Z 333 81.38 21.99 -96.73
N ASP Z 334 81.27 20.69 -96.96
CA ASP Z 334 81.51 20.11 -98.28
C ASP Z 334 80.44 20.58 -99.29
N ALA Z 335 79.17 20.54 -98.89
CA ALA Z 335 78.09 20.97 -99.76
C ALA Z 335 77.96 22.50 -99.82
N LEU Z 336 78.60 23.21 -98.90
CA LEU Z 336 78.46 24.67 -98.89
C LEU Z 336 79.32 25.34 -99.96
N ASP Z 337 80.34 24.65 -100.47
CA ASP Z 337 81.11 25.12 -101.64
C ASP Z 337 81.91 26.39 -101.27
N PRO Z 338 82.85 26.85 -102.13
CA PRO Z 338 83.56 28.09 -101.75
C PRO Z 338 82.64 29.26 -101.40
N PHE Z 339 82.88 29.83 -100.22
CA PHE Z 339 82.08 30.94 -99.70
C PHE Z 339 83.01 31.93 -99.03
N ILE Z 340 82.50 33.12 -98.69
CA ILE Z 340 83.31 34.10 -97.99
C ILE Z 340 83.10 33.98 -96.47
N PRO Z 341 84.16 33.52 -95.75
CA PRO Z 341 84.14 33.27 -94.29
C PRO Z 341 84.36 34.51 -93.42
N ILE Z 342 83.29 35.26 -93.15
CA ILE Z 342 83.36 36.49 -92.38
C ILE Z 342 83.32 36.27 -90.86
N LEU Z 343 84.35 36.78 -90.18
CA LEU Z 343 84.48 36.71 -88.73
C LEU Z 343 83.80 37.89 -88.04
N VAL Z 344 82.90 37.60 -87.10
CA VAL Z 344 82.24 38.63 -86.32
C VAL Z 344 82.65 38.51 -84.85
N SER Z 345 83.28 39.56 -84.32
CA SER Z 345 83.80 39.53 -82.96
C SER Z 345 83.13 40.56 -82.06
N ASN Z 346 83.57 40.58 -80.81
CA ASN Z 346 83.10 41.53 -79.79
C ASN Z 346 83.58 42.96 -80.09
N TYR Z 347 82.93 43.94 -79.44
CA TYR Z 347 83.36 45.34 -79.54
C TYR Z 347 84.82 45.55 -79.16
N ASN Z 348 85.48 46.52 -79.77
CA ASN Z 348 86.78 47.00 -79.31
C ASN Z 348 86.56 48.30 -78.47
N PRO Z 349 87.62 48.93 -77.92
CA PRO Z 349 87.40 50.12 -77.08
C PRO Z 349 86.47 51.21 -77.63
N LYS Z 350 86.55 51.54 -78.92
CA LYS Z 350 85.70 52.58 -79.50
C LYS Z 350 84.23 52.14 -79.62
N GLU Z 351 83.99 50.91 -80.10
CA GLU Z 351 82.64 50.33 -80.19
C GLU Z 351 82.03 50.17 -78.80
N PHE Z 352 82.89 49.86 -77.82
CA PHE Z 352 82.46 49.68 -76.44
C PHE Z 352 82.03 51.00 -75.80
N GLU Z 353 82.91 52.00 -75.85
CA GLU Z 353 82.58 53.31 -75.28
C GLU Z 353 81.42 53.95 -76.06
N SER Z 354 81.23 53.54 -77.31
CA SER Z 354 80.06 53.97 -78.10
C SER Z 354 78.77 53.28 -77.61
N CYS Z 355 78.86 52.00 -77.28
CA CYS Z 355 77.71 51.26 -76.74
C CYS Z 355 77.29 51.84 -75.39
N ILE Z 356 78.27 52.12 -74.54
CA ILE Z 356 78.02 52.75 -73.25
C ILE Z 356 77.48 54.17 -73.43
N GLN Z 357 77.99 54.91 -74.41
CA GLN Z 357 77.41 56.21 -74.75
C GLN Z 357 75.92 56.06 -75.06
N TYR Z 358 75.60 55.03 -75.85
CA TYR Z 358 74.23 54.72 -76.24
C TYR Z 358 73.35 54.40 -75.03
N TYR Z 359 73.92 53.72 -74.03
CA TYR Z 359 73.15 53.35 -72.84
C TYR Z 359 73.05 54.50 -71.82
N LEU Z 360 73.94 55.49 -71.91
CA LEU Z 360 73.88 56.69 -71.07
C LEU Z 360 72.87 57.71 -71.60
N GLU Z 361 72.83 57.86 -72.93
CA GLU Z 361 71.91 58.79 -73.59
C GLU Z 361 70.44 58.47 -73.27
N ASN Z 362 70.09 57.19 -73.26
CA ASN Z 362 68.73 56.74 -72.98
C ASN Z 362 68.44 56.62 -71.48
N ASN Z 363 69.44 56.97 -70.67
CA ASN Z 363 69.47 56.73 -69.22
C ASN Z 363 68.97 55.32 -68.84
N TRP Z 364 69.49 54.32 -69.55
CA TRP Z 364 69.14 52.91 -69.32
C TRP Z 364 70.03 52.28 -68.23
N LEU Z 365 71.14 52.94 -67.91
CA LEU Z 365 71.93 52.56 -66.76
C LEU Z 365 71.49 53.41 -65.58
N GLN Z 366 70.75 52.81 -64.66
CA GLN Z 366 70.13 53.53 -63.56
C GLN Z 366 70.98 53.43 -62.29
N HIS Z 367 72.13 52.78 -62.40
CA HIS Z 367 73.03 52.72 -61.26
C HIS Z 367 73.78 54.04 -61.14
N GLU Z 368 73.75 54.61 -59.94
CA GLU Z 368 74.38 55.89 -59.63
C GLU Z 368 75.88 55.89 -59.90
N LYS Z 369 76.51 54.73 -59.68
CA LYS Z 369 77.96 54.59 -59.80
C LYS Z 369 78.38 54.11 -61.19
N ALA Z 370 77.42 54.00 -62.10
CA ALA Z 370 77.72 53.64 -63.49
C ALA Z 370 78.28 54.81 -64.29
N HIS Z 371 78.30 55.99 -63.67
CA HIS Z 371 78.73 57.25 -64.32
C HIS Z 371 80.18 57.69 -64.05
N THR Z 372 80.92 56.92 -63.26
CA THR Z 372 82.36 57.13 -63.12
C THR Z 372 83.07 56.14 -64.08
N GLU Z 373 84.39 56.20 -64.18
CA GLU Z 373 85.12 55.29 -65.07
C GLU Z 373 85.18 53.90 -64.41
N GLU Z 374 84.82 53.86 -63.13
CA GLU Z 374 84.74 52.61 -62.40
C GLU Z 374 83.72 51.66 -63.03
N GLY Z 375 82.53 52.19 -63.30
CA GLY Z 375 81.47 51.42 -63.91
C GLY Z 375 81.85 50.87 -65.27
N LYS Z 376 82.52 51.69 -66.08
CA LYS Z 376 82.99 51.28 -67.39
C LYS Z 376 84.02 50.16 -67.26
N LYS Z 377 85.00 50.36 -66.37
CA LYS Z 377 86.05 49.35 -66.14
C LYS Z 377 85.47 48.01 -65.70
N GLU Z 378 84.45 48.06 -64.85
CA GLU Z 378 83.87 46.83 -64.32
C GLU Z 378 82.96 46.14 -65.32
N LEU Z 379 82.19 46.89 -66.10
CA LEU Z 379 81.36 46.23 -67.12
C LEU Z 379 82.24 45.69 -68.23
N LEU Z 380 83.36 46.37 -68.50
CA LEU Z 380 84.32 45.90 -69.50
C LEU Z 380 85.00 44.64 -69.02
N PHE Z 381 85.30 44.59 -67.73
CA PHE Z 381 85.95 43.41 -67.18
C PHE Z 381 84.96 42.25 -67.06
N LEU Z 382 83.68 42.58 -66.90
CA LEU Z 382 82.62 41.58 -66.73
C LEU Z 382 82.15 40.96 -68.05
N SER Z 383 81.94 41.79 -69.06
CA SER Z 383 81.37 41.31 -70.32
C SER Z 383 82.43 40.83 -71.32
N ASN Z 384 83.70 41.13 -71.03
CA ASN Z 384 84.77 41.04 -72.04
C ASN Z 384 84.30 41.73 -73.31
N ARG Z 385 83.60 42.86 -73.10
CA ARG Z 385 83.01 43.69 -74.16
C ARG Z 385 82.30 42.89 -75.27
N ASN Z 386 81.50 41.90 -74.87
CA ASN Z 386 80.64 41.15 -75.80
C ASN Z 386 79.23 41.77 -75.82
N PRO Z 387 78.69 42.06 -77.02
CA PRO Z 387 77.44 42.83 -77.14
C PRO Z 387 76.23 42.20 -76.46
N GLY Z 388 76.04 40.89 -76.64
CA GLY Z 388 74.94 40.20 -75.98
C GLY Z 388 75.17 40.12 -74.49
N GLN Z 389 76.42 39.85 -74.11
CA GLN Z 389 76.84 39.82 -72.71
C GLN Z 389 76.69 41.20 -72.04
N LEU Z 390 77.02 42.27 -72.77
CA LEU Z 390 76.85 43.63 -72.25
C LEU Z 390 75.37 43.99 -72.15
N GLU Z 391 74.56 43.47 -73.06
CA GLU Z 391 73.10 43.59 -72.96
C GLU Z 391 72.60 42.92 -71.66
N ARG Z 392 72.96 41.65 -71.47
CA ARG Z 392 72.57 40.91 -70.27
C ARG Z 392 73.05 41.61 -68.99
N LEU Z 393 74.22 42.24 -69.05
CA LEU Z 393 74.81 42.92 -67.88
C LEU Z 393 74.23 44.31 -67.59
N CYS Z 394 73.71 44.99 -68.61
CA CYS Z 394 73.05 46.29 -68.37
C CYS Z 394 71.54 46.10 -68.20
N ALA Z 395 71.07 44.86 -68.30
CA ALA Z 395 69.67 44.52 -68.03
C ALA Z 395 69.25 44.86 -66.58
N TYR Z 396 69.99 44.34 -65.59
CA TYR Z 396 69.60 44.49 -64.18
C TYR Z 396 70.23 45.70 -63.47
N LEU Z 397 71.08 46.43 -64.19
CA LEU Z 397 71.81 47.55 -63.60
C LEU Z 397 71.01 48.86 -63.65
N PRO AA 1 127.41 -28.95 -39.06
CA PRO AA 1 127.21 -27.77 -38.21
C PRO AA 1 127.37 -26.46 -39.00
N PHE AA 2 126.79 -25.36 -38.51
CA PHE AA 2 126.78 -24.09 -39.24
C PHE AA 2 127.84 -23.11 -38.77
N GLN AA 3 128.62 -22.59 -39.71
CA GLN AA 3 129.62 -21.55 -39.42
C GLN AA 3 129.05 -20.12 -39.40
N ASN AA 4 127.99 -19.88 -40.17
CA ASN AA 4 127.41 -18.53 -40.26
C ASN AA 4 125.94 -18.54 -40.73
N GLY AA 5 125.25 -17.42 -40.54
CA GLY AA 5 123.89 -17.28 -41.03
C GLY AA 5 123.83 -17.42 -42.53
N PHE AA 6 124.89 -16.93 -43.18
CA PHE AA 6 125.05 -17.09 -44.61
C PHE AA 6 125.15 -18.56 -45.01
N GLU AA 7 125.75 -19.37 -44.13
CA GLU AA 7 125.85 -20.81 -44.37
C GLU AA 7 124.46 -21.45 -44.30
N GLU AA 8 123.67 -20.97 -43.33
CA GLU AA 8 122.27 -21.34 -43.23
C GLU AA 8 121.54 -21.07 -44.54
N MET AA 9 121.48 -19.80 -44.94
CA MET AA 9 120.83 -19.39 -46.19
C MET AA 9 121.30 -20.20 -47.40
N ILE AA 10 122.61 -20.30 -47.55
CA ILE AA 10 123.25 -21.05 -48.62
C ILE AA 10 122.73 -22.49 -48.69
N GLN AA 11 122.72 -23.18 -47.56
CA GLN AA 11 122.28 -24.57 -47.55
C GLN AA 11 120.79 -24.70 -47.83
N TRP AA 12 119.98 -23.80 -47.26
CA TRP AA 12 118.56 -23.78 -47.54
C TRP AA 12 118.30 -23.58 -49.04
N THR AA 13 119.15 -22.79 -49.70
CA THR AA 13 118.96 -22.45 -51.12
C THR AA 13 119.41 -23.58 -52.05
N LYS AA 14 120.54 -24.20 -51.74
CA LYS AA 14 120.97 -25.40 -52.46
C LYS AA 14 119.90 -26.49 -52.35
N GLU AA 15 119.38 -26.67 -51.13
CA GLU AA 15 118.33 -27.65 -50.85
C GLU AA 15 117.04 -27.33 -51.60
N GLY AA 16 116.92 -26.10 -52.06
CA GLY AA 16 115.75 -25.66 -52.78
C GLY AA 16 114.63 -25.24 -51.85
N LYS AA 17 114.93 -25.21 -50.55
CA LYS AA 17 113.95 -24.77 -49.56
C LYS AA 17 113.82 -23.26 -49.52
N LEU AA 18 114.95 -22.56 -49.59
CA LEU AA 18 114.94 -21.10 -49.65
C LEU AA 18 114.65 -20.63 -51.09
N TRP AA 19 114.08 -19.44 -51.22
CA TRP AA 19 113.65 -18.90 -52.52
C TRP AA 19 114.81 -18.45 -53.40
N GLU AA 20 114.51 -18.31 -54.70
CA GLU AA 20 115.51 -17.97 -55.70
C GLU AA 20 115.48 -16.47 -56.09
N PHE AA 21 116.65 -15.84 -56.15
CA PHE AA 21 116.77 -14.39 -56.33
C PHE AA 21 117.68 -13.98 -57.52
N PRO AA 22 117.38 -12.83 -58.16
CA PRO AA 22 116.16 -12.03 -57.99
C PRO AA 22 114.93 -12.78 -58.49
N ILE AA 23 113.90 -12.79 -57.66
CA ILE AA 23 112.75 -13.67 -57.84
C ILE AA 23 112.01 -13.50 -59.17
N ASN AA 24 111.82 -14.60 -59.88
CA ASN AA 24 110.87 -14.65 -60.96
C ASN AA 24 109.73 -15.55 -60.52
N ASN AA 25 108.50 -15.05 -60.61
CA ASN AA 25 107.35 -15.77 -60.08
C ASN AA 25 107.07 -17.07 -60.82
N GLU AA 26 107.78 -17.26 -61.92
CA GLU AA 26 107.60 -18.44 -62.75
C GLU AA 26 108.65 -19.53 -62.46
N ALA AA 27 109.48 -19.31 -61.45
CA ALA AA 27 110.50 -20.28 -61.06
C ALA AA 27 109.87 -21.56 -60.52
N GLY AA 28 110.23 -22.70 -61.11
CA GLY AA 28 109.71 -23.98 -60.68
C GLY AA 28 108.51 -24.47 -61.47
N PHE AA 29 107.99 -23.61 -62.35
CA PHE AA 29 106.89 -24.00 -63.22
C PHE AA 29 107.31 -23.80 -64.70
N ASP AA 30 107.48 -24.92 -65.41
CA ASP AA 30 108.01 -24.90 -66.78
C ASP AA 30 106.92 -24.80 -67.85
N ASP AA 31 105.67 -25.05 -67.44
CA ASP AA 31 104.51 -25.15 -68.33
C ASP AA 31 104.70 -26.19 -69.45
N ASP AA 32 105.10 -27.42 -69.05
CA ASP AA 32 105.09 -28.59 -69.94
C ASP AA 32 106.06 -28.50 -71.14
N GLY AA 33 106.70 -27.35 -71.31
CA GLY AA 33 107.65 -27.13 -72.40
C GLY AA 33 107.01 -26.39 -73.57
N SER AA 34 105.78 -25.93 -73.36
CA SER AA 34 104.95 -25.36 -74.43
C SER AA 34 105.35 -23.95 -74.86
N GLU AA 35 104.90 -23.59 -76.06
CA GLU AA 35 105.09 -22.27 -76.63
C GLU AA 35 103.76 -21.75 -77.17
N PHE AA 36 103.72 -20.47 -77.53
CA PHE AA 36 102.45 -19.79 -77.81
C PHE AA 36 101.68 -20.39 -78.98
N HIS AA 37 102.35 -20.81 -80.04
CA HIS AA 37 101.63 -21.31 -81.20
C HIS AA 37 101.04 -22.71 -80.93
N GLU AA 38 101.39 -23.29 -79.79
CA GLU AA 38 100.72 -24.50 -79.33
C GLU AA 38 99.49 -24.13 -78.49
N HIS AA 39 99.46 -22.89 -78.02
CA HIS AA 39 98.38 -22.36 -77.20
C HIS AA 39 97.38 -21.60 -78.06
N ILE AA 40 97.87 -20.55 -78.72
CA ILE AA 40 97.04 -19.64 -79.52
C ILE AA 40 96.31 -20.27 -80.72
N PHE AA 41 97.00 -21.07 -81.52
CA PHE AA 41 96.40 -21.62 -82.73
C PHE AA 41 95.91 -23.05 -82.52
N LEU AA 42 94.59 -23.18 -82.46
CA LEU AA 42 93.93 -24.45 -82.18
C LEU AA 42 93.46 -25.20 -83.43
N ASP AA 43 93.85 -24.71 -84.60
CA ASP AA 43 93.49 -25.31 -85.89
C ASP AA 43 93.69 -26.83 -85.90
N LYS AA 44 94.76 -27.29 -85.25
CA LYS AA 44 95.13 -28.72 -85.22
C LYS AA 44 93.95 -29.64 -84.89
N TYR AA 45 93.16 -29.23 -83.91
CA TYR AA 45 92.06 -30.04 -83.41
C TYR AA 45 90.70 -29.63 -84.00
N LEU AA 46 90.72 -28.63 -84.88
CA LEU AA 46 89.52 -28.24 -85.61
C LEU AA 46 89.47 -28.94 -86.97
N GLN AA 47 90.47 -29.78 -87.23
CA GLN AA 47 90.59 -30.50 -88.50
C GLN AA 47 89.38 -31.38 -88.78
N ASP AA 48 88.94 -32.12 -87.76
CA ASP AA 48 87.83 -33.02 -87.92
C ASP AA 48 86.56 -32.39 -87.37
N PHE AA 49 85.71 -31.93 -88.28
CA PHE AA 49 84.51 -31.12 -87.98
C PHE AA 49 83.92 -30.66 -89.32
N PRO AA 50 82.58 -30.53 -89.39
CA PRO AA 50 81.96 -29.96 -90.60
C PRO AA 50 82.40 -28.52 -90.79
N LYS AA 51 82.86 -28.15 -91.99
CA LYS AA 51 83.56 -26.89 -92.20
C LYS AA 51 82.69 -25.62 -92.35
N GLN AA 52 81.58 -25.72 -93.09
CA GLN AA 52 80.73 -24.55 -93.33
C GLN AA 52 79.54 -24.47 -92.39
N GLY AA 53 79.38 -25.49 -91.55
CA GLY AA 53 78.26 -25.55 -90.63
C GLY AA 53 78.43 -24.60 -89.45
N PRO AA 54 77.35 -24.38 -88.69
CA PRO AA 54 77.34 -23.57 -87.47
C PRO AA 54 78.16 -24.23 -86.35
N ILE AA 55 78.46 -25.52 -86.51
CA ILE AA 55 79.34 -26.24 -85.60
C ILE AA 55 80.73 -25.58 -85.58
N ARG AA 56 81.12 -25.00 -86.71
CA ARG AA 56 82.35 -24.20 -86.78
C ARG AA 56 82.20 -22.83 -86.10
N HIS AA 57 80.99 -22.29 -86.06
CA HIS AA 57 80.72 -21.04 -85.35
C HIS AA 57 80.95 -21.26 -83.84
N PHE AA 58 80.24 -22.26 -83.32
CA PHE AA 58 80.35 -22.70 -81.93
C PHE AA 58 81.78 -23.11 -81.54
N MET AA 59 82.42 -23.92 -82.39
CA MET AA 59 83.78 -24.38 -82.12
C MET AA 59 84.86 -23.32 -82.35
N GLU AA 60 84.56 -22.28 -83.11
CA GLU AA 60 85.47 -21.14 -83.28
C GLU AA 60 85.38 -20.21 -82.08
N LEU AA 61 84.20 -20.12 -81.47
CA LEU AA 61 84.09 -19.39 -80.21
C LEU AA 61 84.76 -20.18 -79.08
N VAL AA 62 84.58 -21.50 -79.08
CA VAL AA 62 85.27 -22.36 -78.10
C VAL AA 62 86.78 -22.25 -78.27
N THR AA 63 87.23 -22.29 -79.51
CA THR AA 63 88.64 -22.16 -79.86
C THR AA 63 89.22 -20.82 -79.41
N CYS AA 64 88.59 -19.73 -79.85
CA CYS AA 64 89.01 -18.37 -79.50
C CYS AA 64 88.99 -18.17 -77.99
N GLY AA 65 88.13 -18.92 -77.29
CA GLY AA 65 88.10 -18.89 -75.84
C GLY AA 65 89.30 -19.59 -75.21
N LEU AA 66 89.58 -20.81 -75.68
CA LEU AA 66 90.68 -21.60 -75.15
C LEU AA 66 92.03 -20.97 -75.52
N SER AA 67 91.98 -20.05 -76.48
CA SER AA 67 93.17 -19.31 -76.88
C SER AA 67 93.52 -18.22 -75.88
N LYS AA 68 92.49 -17.56 -75.35
CA LYS AA 68 92.68 -16.42 -74.47
C LYS AA 68 93.00 -16.84 -73.05
N ASN AA 69 93.07 -18.15 -72.83
CA ASN AA 69 93.10 -18.72 -71.48
C ASN AA 69 94.50 -19.08 -70.96
N PRO AA 70 95.04 -18.26 -70.04
CA PRO AA 70 96.29 -18.56 -69.33
C PRO AA 70 96.13 -19.66 -68.29
N TYR AA 71 94.90 -19.93 -67.87
CA TYR AA 71 94.64 -20.78 -66.71
C TYR AA 71 94.72 -22.28 -67.01
N LEU AA 72 94.88 -22.66 -68.28
CA LEU AA 72 94.93 -24.08 -68.63
C LEU AA 72 96.06 -24.39 -69.60
N SER AA 73 96.66 -25.58 -69.46
CA SER AA 73 97.75 -26.02 -70.32
C SER AA 73 97.21 -26.51 -71.67
N VAL AA 74 98.10 -27.09 -72.47
CA VAL AA 74 97.69 -27.69 -73.75
C VAL AA 74 96.70 -28.83 -73.53
N LYS AA 75 97.07 -29.71 -72.60
CA LYS AA 75 96.40 -30.97 -72.37
C LYS AA 75 94.89 -30.84 -72.12
N GLN AA 76 94.50 -30.00 -71.17
CA GLN AA 76 93.10 -29.87 -70.81
C GLN AA 76 92.25 -29.21 -71.90
N LYS AA 77 92.82 -28.23 -72.60
CA LYS AA 77 92.16 -27.62 -73.75
C LYS AA 77 91.83 -28.70 -74.78
N VAL AA 78 92.85 -29.51 -75.08
CA VAL AA 78 92.68 -30.59 -76.03
C VAL AA 78 91.59 -31.56 -75.55
N GLU AA 79 91.57 -31.86 -74.24
CA GLU AA 79 90.52 -32.72 -73.69
C GLU AA 79 89.14 -32.10 -73.87
N HIS AA 80 89.07 -30.77 -73.82
CA HIS AA 80 87.84 -30.04 -74.10
C HIS AA 80 87.38 -30.27 -75.54
N ILE AA 81 88.23 -29.94 -76.50
CA ILE AA 81 87.83 -30.08 -77.91
C ILE AA 81 87.52 -31.54 -78.27
N GLU AA 82 88.22 -32.47 -77.61
CA GLU AA 82 88.01 -33.91 -77.82
C GLU AA 82 86.69 -34.42 -77.23
N TRP AA 83 86.37 -33.96 -76.04
CA TRP AA 83 85.08 -34.27 -75.43
C TRP AA 83 83.97 -33.71 -76.32
N PHE AA 84 84.24 -32.56 -76.95
CA PHE AA 84 83.27 -31.96 -77.88
C PHE AA 84 83.09 -32.78 -79.17
N ARG AA 85 84.18 -33.31 -79.70
CA ARG AA 85 84.09 -34.21 -80.85
C ARG AA 85 83.30 -35.46 -80.48
N ASN AA 86 83.67 -36.06 -79.36
CA ASN AA 86 83.04 -37.28 -78.85
C ASN AA 86 81.54 -37.10 -78.61
N TYR AA 87 81.14 -35.95 -78.06
CA TYR AA 87 79.73 -35.68 -77.77
C TYR AA 87 78.94 -35.28 -79.03
N PHE AA 88 79.56 -34.50 -79.91
CA PHE AA 88 78.88 -34.10 -81.14
C PHE AA 88 78.62 -35.30 -82.04
N ASN AA 89 79.58 -36.22 -82.11
CA ASN AA 89 79.41 -37.44 -82.87
C ASN AA 89 78.61 -38.48 -82.07
N GLU AA 90 78.54 -38.28 -80.76
CA GLU AA 90 77.77 -39.17 -79.89
C GLU AA 90 76.32 -39.17 -80.32
N LYS AA 91 75.76 -37.98 -80.53
CA LYS AA 91 74.41 -37.90 -81.06
C LYS AA 91 74.46 -37.50 -82.53
N ARG AA 92 74.24 -38.49 -83.38
CA ARG AA 92 74.09 -38.31 -84.81
C ARG AA 92 72.65 -37.95 -85.19
N VAL AA 93 71.72 -38.41 -84.36
CA VAL AA 93 70.29 -38.29 -84.62
C VAL AA 93 69.81 -36.83 -84.51
N ILE AA 94 70.22 -36.16 -83.44
CA ILE AA 94 69.83 -34.76 -83.18
C ILE AA 94 70.26 -33.79 -84.28
N LEU AA 95 71.57 -33.83 -84.60
CA LEU AA 95 72.14 -32.96 -85.62
C LEU AA 95 71.38 -33.06 -86.95
N LYS AA 96 71.12 -34.28 -87.41
CA LYS AA 96 70.39 -34.50 -88.66
C LYS AA 96 68.90 -34.11 -88.58
N GLU AA 97 68.25 -34.42 -87.47
CA GLU AA 97 66.84 -34.07 -87.30
C GLU AA 97 66.62 -32.55 -87.25
N SER AA 98 67.59 -31.82 -86.72
CA SER AA 98 67.41 -30.39 -86.45
C SER AA 98 67.16 -29.56 -87.72
N GLY AA 99 67.44 -30.14 -88.88
CA GLY AA 99 67.26 -29.45 -90.15
C GLY AA 99 68.55 -29.05 -90.84
N ILE AA 100 69.69 -29.37 -90.24
CA ILE AA 100 70.98 -29.23 -90.94
C ILE AA 100 71.75 -30.54 -90.91
N GLN AA 101 72.22 -30.97 -92.08
CA GLN AA 101 73.01 -32.20 -92.15
C GLN AA 101 74.40 -31.92 -91.58
N LEU AA 102 74.75 -32.66 -90.54
CA LEU AA 102 75.97 -32.38 -89.79
C LEU AA 102 76.82 -33.64 -89.63
N ASN AA 103 78.10 -33.52 -89.95
CA ASN AA 103 79.04 -34.64 -90.01
C ASN AA 103 79.73 -34.91 -88.67
N LEU BA 1 80.70 4.22 -92.24
CA LEU BA 1 80.99 2.79 -92.34
C LEU BA 1 81.13 2.41 -93.81
N SER BA 2 81.88 1.33 -94.07
CA SER BA 2 82.12 0.86 -95.43
C SER BA 2 82.37 -0.64 -95.47
N GLU BA 3 82.60 -1.19 -96.66
CA GLU BA 3 83.02 -2.59 -96.77
C GLU BA 3 84.52 -2.70 -96.47
N TYR BA 4 85.25 -1.61 -96.75
CA TYR BA 4 86.67 -1.50 -96.41
C TYR BA 4 86.86 -1.56 -94.89
N ALA BA 5 85.89 -1.01 -94.15
CA ALA BA 5 85.89 -1.03 -92.69
C ALA BA 5 85.63 -2.44 -92.16
N VAL BA 6 84.65 -3.12 -92.77
CA VAL BA 6 84.30 -4.50 -92.40
C VAL BA 6 85.47 -5.47 -92.67
N ARG BA 7 86.09 -5.34 -93.84
CA ARG BA 7 87.22 -6.19 -94.20
C ARG BA 7 88.47 -5.88 -93.36
N MET BA 8 88.71 -4.59 -93.08
CA MET BA 8 89.78 -4.18 -92.16
C MET BA 8 89.60 -4.79 -90.78
N SER BA 9 88.37 -4.71 -90.28
CA SER BA 9 88.02 -5.25 -88.97
C SER BA 9 88.16 -6.77 -88.93
N ARG BA 10 87.77 -7.45 -90.00
CA ARG BA 10 87.95 -8.90 -90.07
C ARG BA 10 89.43 -9.26 -90.10
N LEU BA 11 90.22 -8.44 -90.78
CA LEU BA 11 91.67 -8.63 -90.85
C LEU BA 11 92.27 -8.55 -89.45
N SER BA 12 92.00 -7.45 -88.75
CA SER BA 12 92.44 -7.28 -87.37
C SER BA 12 91.97 -8.45 -86.50
N ALA BA 13 90.72 -8.87 -86.72
CA ALA BA 13 90.08 -9.92 -85.93
C ALA BA 13 90.77 -11.27 -86.06
N ARG BA 14 90.90 -11.76 -87.28
CA ARG BA 14 91.53 -13.05 -87.54
C ARG BA 14 93.04 -13.01 -87.27
N LEU BA 15 93.62 -11.83 -87.35
CA LEU BA 15 95.06 -11.67 -87.10
C LEU BA 15 95.36 -11.81 -85.61
N PHE BA 16 94.82 -10.88 -84.82
CA PHE BA 16 95.09 -10.84 -83.39
C PHE BA 16 94.71 -12.13 -82.66
N GLY BA 17 93.81 -12.91 -83.25
CA GLY BA 17 93.36 -14.14 -82.65
C GLY BA 17 92.06 -13.97 -81.90
N GLU BA 18 91.37 -12.86 -82.17
CA GLU BA 18 90.08 -12.59 -81.55
C GLU BA 18 88.97 -13.20 -82.41
N VAL BA 19 87.71 -12.93 -82.04
CA VAL BA 19 86.59 -13.48 -82.79
C VAL BA 19 86.54 -12.91 -84.21
N ALA BA 20 86.52 -13.80 -85.20
CA ALA BA 20 86.66 -13.40 -86.60
C ALA BA 20 85.31 -13.08 -87.26
N ARG BA 21 84.48 -14.11 -87.46
CA ARG BA 21 83.17 -13.93 -88.06
C ARG BA 21 82.20 -13.28 -87.05
N PRO BA 22 81.42 -12.29 -87.50
CA PRO BA 22 80.44 -11.57 -86.66
C PRO BA 22 79.45 -12.49 -85.92
N THR BA 23 79.25 -12.22 -84.63
CA THR BA 23 78.43 -13.07 -83.78
C THR BA 23 77.42 -12.23 -82.98
N ASP BA 24 76.46 -12.92 -82.35
CA ASP BA 24 75.51 -12.25 -81.44
C ASP BA 24 76.23 -11.78 -80.16
N SER BA 25 75.62 -10.82 -79.47
CA SER BA 25 76.13 -10.42 -78.16
C SER BA 25 75.92 -11.57 -77.16
N LYS BA 26 74.87 -12.36 -77.40
CA LYS BA 26 74.50 -13.46 -76.53
C LYS BA 26 75.50 -14.61 -76.59
N SER BA 27 75.80 -15.06 -77.80
CA SER BA 27 76.74 -16.17 -78.01
C SER BA 27 78.12 -15.83 -77.50
N MET BA 28 78.45 -14.53 -77.52
CA MET BA 28 79.73 -14.03 -77.03
C MET BA 28 80.03 -14.46 -75.61
N LYS BA 29 78.98 -14.68 -74.82
CA LYS BA 29 79.18 -15.18 -73.46
C LYS BA 29 80.03 -16.44 -73.47
N VAL BA 30 79.73 -17.38 -74.37
CA VAL BA 30 80.50 -18.62 -74.47
C VAL BA 30 81.99 -18.34 -74.69
N VAL BA 31 82.31 -17.32 -75.48
CA VAL BA 31 83.69 -16.82 -75.59
C VAL BA 31 84.26 -16.60 -74.19
N LYS BA 32 83.68 -15.61 -73.49
CA LYS BA 32 84.07 -15.26 -72.14
C LYS BA 32 83.99 -16.45 -71.20
N LEU BA 33 83.25 -17.48 -71.59
CA LEU BA 33 83.09 -18.66 -70.75
C LEU BA 33 84.38 -19.51 -70.72
N PHE BA 34 85.03 -19.66 -71.88
CA PHE BA 34 86.29 -20.42 -71.92
C PHE BA 34 87.50 -19.49 -71.80
N SER BA 35 87.24 -18.19 -71.81
CA SER BA 35 88.28 -17.16 -71.69
C SER BA 35 88.73 -16.99 -70.24
N GLU BA 36 87.93 -17.52 -69.32
CA GLU BA 36 88.17 -17.37 -67.90
C GLU BA 36 88.44 -18.69 -67.20
N GLN BA 37 88.69 -18.58 -65.90
CA GLN BA 37 88.67 -19.71 -65.01
C GLN BA 37 87.26 -19.78 -64.44
N PRO BA 38 86.60 -20.95 -64.54
CA PRO BA 38 85.23 -21.03 -64.02
C PRO BA 38 85.22 -20.81 -62.51
N LEU BA 39 84.11 -20.31 -61.99
CA LEU BA 39 84.00 -19.92 -60.58
C LEU BA 39 84.32 -21.05 -59.60
N ALA BA 40 83.61 -22.17 -59.73
CA ALA BA 40 83.73 -23.28 -58.79
C ALA BA 40 85.14 -23.92 -58.75
N LYS BA 41 85.96 -23.66 -59.78
CA LYS BA 41 87.33 -24.18 -59.83
C LYS BA 41 88.40 -23.35 -59.11
N ARG BA 42 88.13 -22.06 -58.89
CA ARG BA 42 89.14 -21.16 -58.35
C ARG BA 42 89.67 -21.60 -56.98
N LYS BA 43 90.96 -21.39 -56.73
CA LYS BA 43 91.59 -21.79 -55.47
C LYS BA 43 91.09 -20.97 -54.29
N GLU BA 44 90.64 -19.75 -54.58
CA GLU BA 44 90.07 -18.88 -53.56
C GLU BA 44 88.69 -19.35 -53.16
N THR BA 45 88.20 -20.40 -53.83
CA THR BA 45 86.88 -20.95 -53.55
C THR BA 45 86.95 -22.34 -52.90
N TYR BA 46 87.50 -23.33 -53.59
CA TYR BA 46 87.52 -24.70 -53.07
C TYR BA 46 88.48 -24.87 -51.89
N ASP BA 47 89.47 -23.98 -51.79
CA ASP BA 47 90.45 -23.99 -50.69
C ASP BA 47 90.07 -23.07 -49.53
N TRP BA 48 88.84 -22.55 -49.58
CA TRP BA 48 88.28 -21.63 -48.58
C TRP BA 48 88.61 -22.04 -47.15
N TYR BA 49 88.14 -23.20 -46.72
CA TYR BA 49 88.46 -23.70 -45.38
C TYR BA 49 89.77 -24.48 -45.34
N PRO BA 50 90.67 -24.12 -44.41
CA PRO BA 50 91.77 -25.03 -44.11
C PRO BA 50 91.20 -26.32 -43.58
N ASN BA 51 91.89 -27.44 -43.75
CA ASN BA 51 91.33 -28.69 -43.27
C ASN BA 51 91.33 -28.67 -41.76
N HIS BA 52 90.14 -28.80 -41.18
CA HIS BA 52 90.00 -28.78 -39.74
C HIS BA 52 90.36 -30.14 -39.13
N ASN BA 53 90.02 -31.22 -39.85
CA ASN BA 53 90.42 -32.56 -39.43
C ASN BA 53 91.92 -32.62 -39.16
N THR BA 54 92.69 -31.96 -40.03
CA THR BA 54 94.15 -31.95 -39.96
C THR BA 54 94.67 -31.33 -38.68
N TYR BA 55 94.34 -30.07 -38.44
CA TYR BA 55 94.83 -29.38 -37.26
C TYR BA 55 94.33 -30.07 -35.99
N PHE BA 56 93.04 -30.42 -35.98
CA PHE BA 56 92.42 -31.06 -34.82
C PHE BA 56 93.14 -32.35 -34.44
N ALA BA 57 93.19 -33.29 -35.38
CA ALA BA 57 93.79 -34.58 -35.14
C ALA BA 57 95.29 -34.44 -34.82
N LEU BA 58 95.99 -33.61 -35.60
CA LEU BA 58 97.45 -33.41 -35.41
C LEU BA 58 97.79 -32.95 -34.01
N MET BA 59 97.09 -31.91 -33.55
CA MET BA 59 97.34 -31.36 -32.22
C MET BA 59 96.92 -32.33 -31.11
N GLY BA 60 95.85 -33.09 -31.35
CA GLY BA 60 95.43 -34.07 -30.36
C GLY BA 60 96.44 -35.18 -30.18
N THR BA 61 96.94 -35.66 -31.30
CA THR BA 61 98.02 -36.63 -31.31
C THR BA 61 99.22 -36.08 -30.55
N LEU BA 62 99.71 -34.94 -31.00
CA LEU BA 62 100.85 -34.30 -30.36
C LEU BA 62 100.62 -34.13 -28.87
N ARG BA 63 99.36 -33.99 -28.48
CA ARG BA 63 99.01 -33.92 -27.06
C ARG BA 63 99.20 -35.27 -26.37
N PHE BA 64 98.58 -36.31 -26.90
CA PHE BA 64 98.68 -37.60 -26.23
C PHE BA 64 100.10 -38.14 -26.34
N LEU BA 65 100.79 -37.73 -27.39
CA LEU BA 65 102.20 -38.06 -27.52
C LEU BA 65 103.04 -37.17 -26.60
N GLY BA 66 102.38 -36.24 -25.91
CA GLY BA 66 103.03 -35.46 -24.87
C GLY BA 66 103.97 -34.40 -25.41
N LEU BA 67 103.52 -33.69 -26.44
CA LEU BA 67 104.29 -32.60 -27.02
C LEU BA 67 103.52 -31.29 -26.89
N TYR BA 68 102.35 -31.24 -27.53
CA TYR BA 68 101.41 -30.12 -27.39
C TYR BA 68 100.58 -30.24 -26.11
N ARG BA 69 100.10 -29.11 -25.60
CA ARG BA 69 99.32 -29.10 -24.36
C ARG BA 69 98.03 -28.30 -24.49
N ASP BA 70 96.90 -28.98 -24.34
CA ASP BA 70 95.57 -28.36 -24.51
C ASP BA 70 94.87 -28.18 -23.16
N GLU BA 71 94.74 -26.92 -22.71
CA GLU BA 71 94.11 -26.62 -21.42
C GLU BA 71 92.59 -26.66 -21.52
N HIS BA 72 92.10 -26.46 -22.73
CA HIS BA 72 90.67 -26.52 -23.03
C HIS BA 72 90.17 -27.95 -22.89
N GLN BA 73 90.92 -28.87 -23.49
CA GLN BA 73 90.58 -30.28 -23.42
C GLN BA 73 90.76 -30.80 -21.99
N ASP BA 74 91.63 -30.15 -21.22
CA ASP BA 74 91.86 -30.52 -19.83
C ASP BA 74 90.72 -30.03 -18.93
N PHE BA 75 90.24 -28.84 -19.23
CA PHE BA 75 89.06 -28.29 -18.57
C PHE BA 75 87.89 -29.23 -18.83
N ARG BA 76 87.61 -29.47 -20.11
CA ARG BA 76 86.57 -30.40 -20.54
C ARG BA 76 86.66 -31.73 -19.81
N ASP BA 77 87.80 -32.42 -19.99
CA ASP BA 77 88.07 -33.69 -19.31
C ASP BA 77 87.78 -33.65 -17.82
N GLU BA 78 88.46 -32.77 -17.09
CA GLU BA 78 88.26 -32.67 -15.64
C GLU BA 78 86.78 -32.45 -15.28
N GLN BA 79 86.07 -31.70 -16.10
CA GLN BA 79 84.65 -31.41 -15.84
C GLN BA 79 83.73 -32.59 -16.09
N LEU BA 80 84.04 -33.42 -17.09
CA LEU BA 80 83.27 -34.64 -17.34
C LEU BA 80 83.64 -35.67 -16.27
N ARG BA 81 84.84 -35.53 -15.72
CA ARG BA 81 85.29 -36.36 -14.59
C ARG BA 81 84.45 -36.07 -13.36
N LEU BA 82 84.25 -34.78 -13.08
CA LEU BA 82 83.42 -34.36 -11.95
C LEU BA 82 81.92 -34.43 -12.26
N LYS BA 83 81.59 -34.63 -13.53
CA LYS BA 83 80.19 -34.83 -13.94
C LYS BA 83 79.78 -36.31 -13.75
N LYS BA 84 80.66 -37.22 -14.13
CA LYS BA 84 80.42 -38.67 -14.02
C LYS BA 84 80.64 -39.17 -12.58
N LEU BA 85 81.66 -38.63 -11.92
CA LEU BA 85 81.91 -38.90 -10.49
C LEU BA 85 80.67 -38.57 -9.66
N ARG BA 86 79.88 -37.61 -10.16
CA ARG BA 86 78.62 -37.23 -9.53
C ARG BA 86 77.53 -38.26 -9.80
N GLY BA 87 77.66 -38.95 -10.93
CA GLY BA 87 76.68 -39.95 -11.32
C GLY BA 87 75.83 -39.56 -12.52
N LYS BA 88 75.96 -38.32 -12.99
CA LYS BA 88 75.30 -37.95 -14.23
C LYS BA 88 76.33 -37.93 -15.34
N GLY BA 89 76.30 -38.98 -16.16
CA GLY BA 89 77.28 -39.17 -17.21
C GLY BA 89 76.70 -39.00 -18.59
N LYS BA 90 77.33 -39.66 -19.55
CA LYS BA 90 76.77 -39.80 -20.88
C LYS BA 90 76.40 -41.28 -21.09
N PRO BA 91 75.08 -41.60 -21.11
CA PRO BA 91 74.57 -42.97 -21.18
C PRO BA 91 75.15 -43.83 -22.32
N ARG BA 92 75.47 -45.09 -22.02
CA ARG BA 92 75.87 -46.06 -23.04
C ARG BA 92 74.74 -46.18 -24.07
N LYS BA 93 75.10 -46.14 -25.35
CA LYS BA 93 74.09 -46.00 -26.41
C LYS BA 93 73.01 -47.07 -26.40
N GLY BA 94 71.76 -46.62 -26.37
CA GLY BA 94 70.60 -47.49 -26.42
C GLY BA 94 69.89 -47.65 -25.08
N GLU BA 95 70.60 -47.30 -24.01
CA GLU BA 95 70.14 -47.57 -22.64
C GLU BA 95 69.14 -46.56 -22.02
N GLY BA 96 69.37 -45.26 -22.26
CA GLY BA 96 68.71 -44.20 -21.51
C GLY BA 96 67.19 -44.03 -21.54
N LYS BA 97 66.61 -43.89 -22.74
CA LYS BA 97 65.18 -43.59 -22.91
C LYS BA 97 64.22 -44.61 -22.30
N ARG BA 98 64.22 -45.81 -22.87
CA ARG BA 98 63.23 -46.84 -22.54
C ARG BA 98 63.30 -47.33 -21.09
N ALA BA 99 64.50 -47.47 -20.56
CA ALA BA 99 64.70 -48.02 -19.22
C ALA BA 99 64.07 -47.14 -18.15
N ALA CA 2 44.31 -4.45 59.68
CA ALA CA 2 43.94 -5.03 60.97
C ALA CA 2 43.35 -6.44 60.80
N ARG CA 3 43.11 -7.11 61.92
CA ARG CA 3 42.44 -8.41 61.93
C ARG CA 3 41.08 -8.34 62.68
N LYS CA 4 39.98 -8.42 61.92
CA LYS CA 4 38.63 -8.41 62.50
C LYS CA 4 37.72 -9.44 61.80
N LYS CA 5 37.26 -10.42 62.56
CA LYS CA 5 36.29 -11.37 62.03
C LYS CA 5 35.01 -11.33 62.83
N VAL CA 6 33.97 -10.84 62.19
CA VAL CA 6 32.67 -10.73 62.81
C VAL CA 6 31.72 -11.66 62.09
N ARG CA 7 31.08 -12.55 62.86
CA ARG CA 7 30.19 -13.58 62.35
C ARG CA 7 29.47 -14.21 63.52
N PRO CA 8 28.14 -14.30 63.43
CA PRO CA 8 27.28 -14.98 64.40
C PRO CA 8 27.23 -16.49 64.19
N ARG CA 9 27.13 -17.25 65.29
CA ARG CA 9 26.61 -18.61 65.21
C ARG CA 9 25.55 -18.80 66.29
N LEU CA 10 24.30 -18.88 65.83
CA LEU CA 10 23.16 -19.02 66.74
C LEU CA 10 22.85 -20.45 67.14
N ILE CA 11 23.13 -21.40 66.25
CA ILE CA 11 22.79 -22.80 66.47
C ILE CA 11 23.95 -23.56 67.14
N ALA CA 12 25.03 -22.84 67.46
CA ALA CA 12 26.09 -23.43 68.26
C ALA CA 12 25.63 -23.62 69.70
N GLU CA 13 24.81 -22.69 70.18
CA GLU CA 13 24.20 -22.76 71.51
C GLU CA 13 22.95 -23.67 71.52
N LEU CA 14 22.16 -23.59 70.46
CA LEU CA 14 20.92 -24.36 70.32
C LEU CA 14 21.14 -25.85 70.54
N ALA CA 15 22.14 -26.37 69.84
CA ALA CA 15 22.51 -27.78 69.96
C ALA CA 15 22.97 -28.10 71.37
N ARG CA 16 23.56 -27.12 72.07
CA ARG CA 16 24.00 -27.33 73.45
C ARG CA 16 22.82 -27.49 74.41
N ARG CA 17 21.90 -26.53 74.40
CA ARG CA 17 20.71 -26.62 75.24
C ARG CA 17 19.90 -27.88 74.89
N VAL CA 18 19.75 -28.14 73.60
CA VAL CA 18 19.05 -29.33 73.09
C VAL CA 18 19.65 -30.64 73.59
N ARG CA 19 20.94 -30.83 73.36
CA ARG CA 19 21.64 -32.02 73.81
C ARG CA 19 21.61 -32.18 75.33
N ALA CA 20 21.78 -31.09 76.06
CA ALA CA 20 21.81 -31.15 77.53
C ALA CA 20 20.44 -31.55 78.12
N LEU CA 21 19.38 -30.86 77.72
CA LEU CA 21 18.03 -31.16 78.22
C LEU CA 21 17.57 -32.56 77.79
N ARG CA 22 17.81 -32.90 76.52
CA ARG CA 22 17.47 -34.24 76.03
C ARG CA 22 18.32 -35.31 76.72
N GLU CA 23 19.52 -34.94 77.14
CA GLU CA 23 20.38 -35.83 77.91
C GLU CA 23 19.78 -36.12 79.29
N GLN CA 24 19.40 -35.07 80.02
CA GLN CA 24 18.88 -35.26 81.37
C GLN CA 24 17.50 -35.93 81.35
N ARG CA 25 16.71 -35.71 80.30
CA ARG CA 25 15.40 -36.35 80.20
C ARG CA 25 15.48 -37.80 79.72
N GLU CA 26 16.43 -38.09 78.85
CA GLU CA 26 16.63 -39.46 78.34
C GLU CA 26 17.69 -40.24 79.11
N ARG CA 27 18.19 -39.67 80.21
CA ARG CA 27 19.22 -40.31 81.01
C ARG CA 27 18.77 -41.70 81.48
N PRO CA 28 19.52 -42.74 81.08
CA PRO CA 28 19.16 -44.13 81.38
C PRO CA 28 19.15 -44.42 82.87
N ARG CA 29 18.05 -45.00 83.35
CA ARG CA 29 18.01 -45.50 84.71
C ARG CA 29 18.73 -46.84 84.70
N ASP CA 30 19.36 -47.19 85.83
CA ASP CA 30 20.28 -48.32 85.88
C ASP CA 30 19.62 -49.70 85.81
N SER CA 31 18.29 -49.74 85.82
CA SER CA 31 17.55 -51.00 85.76
C SER CA 31 17.68 -51.68 84.40
N GLN CA 32 17.38 -50.94 83.33
CA GLN CA 32 17.48 -51.45 81.96
C GLN CA 32 18.92 -51.44 81.46
N ARG CA 33 19.69 -50.45 81.90
CA ARG CA 33 21.07 -50.24 81.46
C ARG CA 33 21.99 -51.43 81.70
N TYR CA 34 22.19 -51.77 82.97
CA TYR CA 34 23.10 -52.85 83.35
C TYR CA 34 22.42 -54.22 83.23
N ALA CA 35 21.15 -54.22 82.82
CA ALA CA 35 20.42 -55.46 82.57
C ALA CA 35 21.15 -56.29 81.53
N LEU CA 36 21.25 -57.58 81.79
CA LEU CA 36 22.15 -58.46 81.04
C LEU CA 36 21.42 -59.73 80.60
N ASP CA 37 21.77 -60.22 79.40
CA ASP CA 37 21.25 -61.49 78.89
C ASP CA 37 22.24 -62.60 79.26
N TYR CA 38 21.82 -63.50 80.15
CA TYR CA 38 22.75 -64.46 80.77
C TYR CA 38 23.30 -65.55 79.85
N GLU CA 39 22.55 -65.91 78.80
CA GLU CA 39 22.94 -67.01 77.90
C GLU CA 39 24.04 -66.59 76.92
N THR CA 40 23.86 -65.41 76.31
CA THR CA 40 24.77 -64.92 75.28
C THR CA 40 25.92 -64.10 75.88
N MET CA 41 25.76 -63.72 77.15
CA MET CA 41 26.66 -62.79 77.82
C MET CA 41 26.71 -61.50 76.99
N MET CA 42 25.52 -60.97 76.68
CA MET CA 42 25.36 -59.80 75.82
C MET CA 42 24.47 -58.74 76.47
N ARG CA 43 24.99 -57.53 76.58
CA ARG CA 43 24.23 -56.40 77.13
C ARG CA 43 23.29 -55.82 76.08
N PRO CA 44 21.97 -55.89 76.32
CA PRO CA 44 21.01 -55.32 75.37
C PRO CA 44 21.14 -53.78 75.24
N HIS CA 45 21.37 -53.09 76.36
CA HIS CA 45 21.48 -51.63 76.36
C HIS CA 45 22.78 -51.12 75.73
N SER CA 46 23.92 -51.58 76.23
CA SER CA 46 25.21 -51.06 75.79
C SER CA 46 25.84 -51.82 74.62
N GLY CA 47 25.29 -52.99 74.29
CA GLY CA 47 25.85 -53.84 73.24
C GLY CA 47 27.25 -54.35 73.55
N ASN CA 48 27.65 -54.19 74.82
CA ASN CA 48 29.00 -54.52 75.26
C ASN CA 48 29.08 -55.94 75.83
N ARG CA 49 29.88 -56.79 75.19
CA ARG CA 49 30.03 -58.19 75.62
C ARG CA 49 31.10 -58.34 76.71
N LEU CA 50 30.68 -58.87 77.85
CA LEU CA 50 31.55 -59.02 79.01
C LEU CA 50 32.74 -59.93 78.72
N PRO CA 51 33.89 -59.68 79.38
CA PRO CA 51 35.15 -60.41 79.19
C PRO CA 51 35.06 -61.90 79.52
N MET CA 52 36.00 -62.68 79.00
CA MET CA 52 35.94 -64.14 79.12
C MET CA 52 36.30 -64.63 80.51
N ARG CA 53 36.88 -63.77 81.34
CA ARG CA 53 37.19 -64.15 82.71
C ARG CA 53 36.01 -63.91 83.64
N ALA CA 54 35.03 -63.14 83.16
CA ALA CA 54 33.93 -62.69 84.01
C ALA CA 54 32.64 -63.52 83.92
N TRP CA 55 32.60 -64.52 83.04
CA TRP CA 55 31.39 -65.31 82.78
C TRP CA 55 30.81 -66.09 83.98
N ALA CA 56 31.57 -67.05 84.48
CA ALA CA 56 31.11 -67.97 85.51
C ALA CA 56 30.75 -67.28 86.84
N ASP CA 57 31.42 -66.17 87.15
CA ASP CA 57 31.09 -65.40 88.35
C ASP CA 57 29.72 -64.73 88.19
N VAL CA 58 29.42 -64.31 86.97
CA VAL CA 58 28.11 -63.75 86.63
C VAL CA 58 27.03 -64.82 86.78
N ARG CA 59 27.31 -66.00 86.25
CA ARG CA 59 26.33 -67.09 86.30
C ARG CA 59 26.10 -67.66 87.72
N HIS CA 60 27.16 -67.71 88.53
CA HIS CA 60 27.12 -68.45 89.81
C HIS CA 60 26.85 -67.64 91.09
N GLU CA 61 26.69 -66.32 90.99
CA GLU CA 61 26.49 -65.50 92.19
C GLU CA 61 25.74 -64.20 91.84
N SER CA 62 25.21 -63.51 92.86
CA SER CA 62 24.40 -62.31 92.65
C SER CA 62 24.99 -61.01 93.22
N ARG CA 63 24.58 -59.89 92.62
CA ARG CA 63 25.11 -58.56 92.92
C ARG CA 63 24.72 -58.04 94.30
N LEU CA 64 25.43 -57.00 94.76
CA LEU CA 64 25.23 -56.42 96.09
C LEU CA 64 23.77 -56.13 96.45
N LEU CA 65 23.02 -55.51 95.54
CA LEU CA 65 21.65 -55.07 95.89
C LEU CA 65 20.57 -56.10 95.53
N GLN CA 66 20.98 -57.29 95.08
CA GLN CA 66 20.06 -58.43 95.03
C GLN CA 66 19.93 -59.05 96.42
N LEU CA 67 21.04 -59.04 97.16
CA LEU CA 67 21.11 -59.63 98.49
C LEU CA 67 20.81 -58.64 99.62
N LEU CA 68 20.70 -57.35 99.26
CA LEU CA 68 20.33 -56.30 100.20
C LEU CA 68 18.80 -56.12 100.15
N ASN CA 69 18.16 -56.88 99.26
CA ASN CA 69 16.71 -56.85 99.08
C ASN CA 69 15.98 -57.88 99.95
N ARG CA 70 16.75 -58.79 100.55
CA ARG CA 70 16.19 -59.71 101.54
C ARG CA 70 16.00 -58.95 102.85
N LEU CA 71 16.82 -57.92 103.02
CA LEU CA 71 16.84 -57.09 104.23
C LEU CA 71 15.53 -56.34 104.45
N PRO CA 72 14.90 -56.54 105.62
CA PRO CA 72 13.78 -55.71 106.10
C PRO CA 72 14.13 -54.23 106.05
N LEU CA 73 15.38 -53.93 106.38
CA LEU CA 73 15.88 -52.57 106.35
C LEU CA 73 17.20 -52.54 105.57
N PHE CA 74 17.27 -51.66 104.58
CA PHE CA 74 18.46 -51.54 103.75
C PHE CA 74 19.63 -50.87 104.50
N GLY CA 75 19.30 -50.13 105.55
CA GLY CA 75 20.28 -49.29 106.25
C GLY CA 75 21.15 -50.00 107.27
N LEU CA 76 21.21 -51.32 107.15
CA LEU CA 76 21.96 -52.15 108.08
C LEU CA 76 23.45 -51.83 108.08
N GLY CA 77 24.10 -52.13 109.20
CA GLY CA 77 25.55 -51.98 109.33
C GLY CA 77 26.27 -53.30 109.18
N ARG CA 78 25.62 -54.27 108.55
CA ARG CA 78 26.24 -55.57 108.27
C ARG CA 78 27.45 -55.42 107.36
N LEU CA 79 28.53 -56.14 107.66
CA LEU CA 79 29.75 -56.07 106.86
C LEU CA 79 29.52 -56.76 105.50
N VAL CA 80 30.02 -56.14 104.43
CA VAL CA 80 29.89 -56.71 103.09
C VAL CA 80 31.27 -56.98 102.49
N THR CA 81 31.49 -58.21 102.02
CA THR CA 81 32.79 -58.59 101.47
C THR CA 81 32.68 -59.20 100.06
N ARG CA 82 33.57 -58.77 99.18
CA ARG CA 82 33.65 -59.30 97.82
C ARG CA 82 34.44 -60.61 97.82
N LYS CA 83 34.06 -61.51 96.90
CA LYS CA 83 34.70 -62.82 96.79
C LYS CA 83 36.16 -62.73 96.34
N SER CA 84 36.46 -61.70 95.56
CA SER CA 84 37.83 -61.47 95.08
C SER CA 84 38.74 -60.95 96.20
N TRP CA 85 38.20 -60.08 97.06
CA TRP CA 85 38.91 -59.62 98.24
C TRP CA 85 39.21 -60.80 99.17
N LEU CA 86 38.21 -61.68 99.29
CA LEU CA 86 38.34 -62.94 100.01
C LEU CA 86 39.49 -63.80 99.50
N TRP CA 87 39.38 -64.24 98.24
CA TRP CA 87 40.37 -65.14 97.66
C TRP CA 87 41.77 -64.56 97.58
N GLN CA 88 41.89 -63.28 97.28
CA GLN CA 88 43.21 -62.65 97.18
C GLN CA 88 43.82 -62.19 98.53
N HIS CA 89 43.00 -61.64 99.42
CA HIS CA 89 43.48 -61.22 100.74
C HIS CA 89 43.12 -62.19 101.85
N ASP CA 90 44.10 -62.59 102.64
CA ASP CA 90 43.86 -63.47 103.78
C ASP CA 90 43.29 -62.68 104.96
N GLU CA 91 43.77 -61.45 105.13
CA GLU CA 91 43.24 -60.54 106.15
C GLU CA 91 41.87 -59.99 105.70
N PRO CA 92 40.94 -59.80 106.67
CA PRO CA 92 39.55 -59.50 106.31
C PRO CA 92 39.36 -58.18 105.57
N CYS CA 93 38.66 -58.23 104.44
CA CYS CA 93 38.27 -57.00 103.75
C CYS CA 93 36.77 -56.83 103.89
N TYR CA 94 36.35 -55.87 104.71
CA TYR CA 94 34.92 -55.66 104.89
C TYR CA 94 34.52 -54.24 104.53
N TRP CA 95 33.48 -54.14 103.72
CA TRP CA 95 32.95 -52.87 103.27
C TRP CA 95 31.64 -52.61 104.00
N ARG CA 96 31.64 -51.63 104.89
CA ARG CA 96 30.54 -51.46 105.85
C ARG CA 96 29.57 -50.35 105.45
N LEU CA 97 28.28 -50.69 105.39
CA LEU CA 97 27.26 -49.84 104.79
C LEU CA 97 26.91 -48.60 105.60
N THR CA 98 26.64 -47.49 104.90
CA THR CA 98 26.15 -46.26 105.54
C THR CA 98 24.81 -45.79 104.94
N ARG CA 99 24.84 -45.24 103.74
CA ARG CA 99 23.62 -44.71 103.13
C ARG CA 99 23.30 -45.39 101.81
N VAL CA 100 22.26 -46.21 101.79
CA VAL CA 100 21.90 -46.94 100.57
C VAL CA 100 20.65 -46.36 99.92
N ARG CA 101 20.78 -46.00 98.65
CA ARG CA 101 19.64 -45.60 97.84
C ARG CA 101 19.41 -46.60 96.72
N PRO CA 102 18.39 -47.47 96.85
CA PRO CA 102 18.10 -48.40 95.76
C PRO CA 102 17.46 -47.70 94.57
N ASP CA 103 17.98 -47.97 93.37
CA ASP CA 103 17.36 -47.49 92.15
C ASP CA 103 16.46 -48.60 91.62
N TYR CA 104 15.19 -48.29 91.45
CA TYR CA 104 14.18 -49.32 91.42
C TYR CA 104 13.88 -49.84 90.03
N ALA CA 105 14.27 -51.09 89.81
CA ALA CA 105 13.79 -51.84 88.66
C ALA CA 105 12.33 -52.16 88.93
N ALA CA 106 11.49 -52.01 87.90
CA ALA CA 106 10.07 -52.31 88.05
C ALA CA 106 9.85 -53.81 88.30
N GLU CA 107 10.92 -54.59 88.17
CA GLU CA 107 10.85 -56.04 88.35
C GLU CA 107 11.50 -56.55 89.66
N ASN CA 108 12.82 -56.60 89.69
CA ASN CA 108 13.53 -57.22 90.82
C ASN CA 108 14.12 -56.29 91.90
N LEU CA 109 14.04 -54.98 91.70
CA LEU CA 109 14.66 -54.00 92.63
C LEU CA 109 16.13 -54.36 92.92
N ASP CA 110 16.83 -54.85 91.91
CA ASP CA 110 18.16 -55.42 92.08
C ASP CA 110 19.28 -54.41 91.84
N HIS CA 111 18.93 -53.14 91.62
CA HIS CA 111 19.93 -52.12 91.35
C HIS CA 111 19.92 -50.99 92.38
N GLY CA 112 21.08 -50.36 92.58
CA GLY CA 112 21.16 -49.21 93.46
C GLY CA 112 22.52 -48.56 93.67
N LYS CA 113 22.47 -47.30 94.11
CA LYS CA 113 23.65 -46.54 94.50
C LYS CA 113 23.82 -46.56 96.01
N ALA CA 114 24.91 -47.16 96.48
CA ALA CA 114 25.10 -47.32 97.91
C ALA CA 114 26.35 -46.59 98.40
N TRP CA 115 26.36 -46.26 99.70
CA TRP CA 115 27.46 -45.52 100.33
C TRP CA 115 27.98 -46.26 101.57
N GLY CA 116 29.23 -46.72 101.52
CA GLY CA 116 29.80 -47.53 102.60
C GLY CA 116 30.93 -46.96 103.45
N ILE CA 117 31.54 -47.85 104.24
CA ILE CA 117 32.74 -47.58 105.05
C ILE CA 117 33.69 -48.78 104.90
N LEU CA 118 34.99 -48.60 105.09
CA LEU CA 118 35.92 -49.65 104.62
C LEU CA 118 36.93 -50.15 105.65
N THR CA 119 37.29 -51.44 105.56
CA THR CA 119 38.52 -51.96 106.13
C THR CA 119 39.13 -52.94 105.14
N PHE CA 120 40.37 -52.70 104.72
CA PHE CA 120 41.03 -53.58 103.77
C PHE CA 120 42.29 -54.20 104.36
N LYS CA 121 42.33 -55.53 104.29
CA LYS CA 121 43.35 -56.39 104.92
C LYS CA 121 43.68 -55.92 106.35
N GLY CA 122 42.62 -55.64 107.12
CA GLY CA 122 42.71 -55.31 108.52
C GLY CA 122 42.85 -53.82 108.79
N LYS CA 123 43.32 -53.09 107.79
CA LYS CA 123 43.53 -51.65 107.94
C LYS CA 123 42.21 -50.91 107.81
N THR CA 124 41.89 -50.07 108.80
CA THR CA 124 40.54 -49.54 108.97
C THR CA 124 40.34 -48.07 108.55
N GLU CA 125 39.54 -47.88 107.50
CA GLU CA 125 39.05 -46.56 107.10
C GLU CA 125 37.60 -46.37 107.56
N SER CA 126 37.46 -45.50 108.55
CA SER CA 126 36.19 -45.27 109.23
C SER CA 126 35.39 -44.11 108.60
N GLU CA 127 35.90 -43.55 107.51
CA GLU CA 127 35.21 -42.46 106.81
C GLU CA 127 34.23 -43.03 105.76
N ALA CA 128 33.10 -42.36 105.61
CA ALA CA 128 32.03 -42.82 104.72
C ALA CA 128 32.26 -42.43 103.25
N ARG CA 129 32.29 -43.44 102.39
CA ARG CA 129 32.48 -43.25 100.95
C ARG CA 129 31.21 -43.63 100.20
N GLU CA 130 31.28 -43.62 98.88
CA GLU CA 130 30.25 -44.21 98.04
C GLU CA 130 30.73 -45.58 97.55
N ILE CA 131 29.81 -46.55 97.47
CA ILE CA 131 30.21 -47.90 97.09
C ILE CA 131 30.53 -47.99 95.60
N GLU CA 132 31.73 -48.48 95.30
CA GLU CA 132 32.15 -48.74 93.93
C GLU CA 132 31.89 -50.20 93.56
N GLN CA 133 31.50 -50.43 92.32
CA GLN CA 133 31.28 -51.77 91.77
C GLN CA 133 30.10 -52.51 92.43
N VAL CA 134 29.03 -51.78 92.73
CA VAL CA 134 27.76 -52.38 93.17
C VAL CA 134 27.20 -53.28 92.09
N MET CA 135 27.69 -53.06 90.86
CA MET CA 135 27.10 -53.63 89.67
C MET CA 135 27.55 -55.06 89.38
N TYR CA 136 28.44 -55.60 90.21
CA TYR CA 136 28.96 -56.92 89.91
C TYR CA 136 28.54 -57.95 90.94
N HIS CA 137 28.63 -59.20 90.52
CA HIS CA 137 28.02 -60.35 91.16
C HIS CA 137 28.96 -61.09 92.13
N ASP CA 138 30.15 -60.53 92.38
CA ASP CA 138 31.12 -61.15 93.29
C ASP CA 138 30.84 -60.85 94.78
N TRP CA 139 29.78 -60.11 95.05
CA TRP CA 139 29.48 -59.64 96.41
C TRP CA 139 28.79 -60.67 97.30
N ARG CA 140 29.29 -60.79 98.54
CA ARG CA 140 28.60 -61.57 99.58
C ARG CA 140 28.42 -60.70 100.82
N LEU CA 141 27.34 -60.95 101.55
CA LEU CA 141 27.12 -60.28 102.83
C LEU CA 141 27.50 -61.25 103.95
N VAL CA 142 28.07 -60.74 105.03
CA VAL CA 142 28.36 -61.57 106.20
C VAL CA 142 27.22 -61.46 107.24
N PRO CA 143 26.76 -62.61 107.76
CA PRO CA 143 25.65 -62.68 108.72
C PRO CA 143 26.02 -62.10 110.08
N LYS CA 144 25.01 -61.85 110.91
CA LYS CA 144 25.21 -61.27 112.23
C LYS CA 144 26.09 -62.12 113.14
N HIS CA 145 26.15 -63.43 112.89
CA HIS CA 145 26.96 -64.33 113.72
C HIS CA 145 28.45 -64.34 113.34
N GLU CA 146 28.75 -64.28 112.05
CA GLU CA 146 30.14 -64.34 111.57
C GLU CA 146 30.87 -63.01 111.66
N GLU CA 147 30.13 -61.92 111.87
CA GLU CA 147 30.71 -60.58 111.83
C GLU CA 147 31.64 -60.32 113.02
N GLU CA 148 31.43 -61.09 114.09
CA GLU CA 148 32.29 -61.00 115.26
C GLU CA 148 33.49 -61.94 115.11
N ALA CA 149 33.42 -62.84 114.13
CA ALA CA 149 34.56 -63.68 113.76
C ALA CA 149 35.53 -62.98 112.78
N PHE CA 150 34.99 -62.11 111.92
CA PHE CA 150 35.79 -61.40 110.91
C PHE CA 150 36.43 -60.10 111.43
N THR CA 151 35.94 -59.57 112.55
CA THR CA 151 36.46 -58.34 113.14
C THR CA 151 37.74 -58.56 113.96
N UNK CA 152 37.82 -59.71 114.62
CA UNK CA 152 38.95 -60.02 115.51
C UNK CA 152 40.07 -60.80 114.83
N UNK CA 153 39.93 -61.08 113.53
CA UNK CA 153 40.97 -61.80 112.78
C UNK CA 153 42.01 -60.83 112.23
N UNK CA 154 41.79 -59.54 112.50
CA UNK CA 154 42.73 -58.50 112.07
C UNK CA 154 43.95 -58.47 112.97
N UNK CA 155 45.12 -58.37 112.35
CA UNK CA 155 46.38 -58.29 113.11
C UNK CA 155 47.24 -57.14 112.62
N UNK CA 156 48.38 -56.94 113.28
CA UNK CA 156 49.31 -55.88 112.91
C UNK CA 156 50.75 -56.40 112.92
N UNK CA 157 51.41 -56.34 111.76
CA UNK CA 157 52.79 -56.80 111.62
C UNK CA 157 53.68 -55.68 111.08
N UNK CA 158 55.00 -55.83 111.23
CA UNK CA 158 55.94 -54.78 110.82
C UNK CA 158 56.24 -54.79 109.33
N ASP CA 159 56.27 -53.60 108.74
CA ASP CA 159 56.41 -53.42 107.28
C ASP CA 159 57.81 -53.77 106.76
N THR CA 160 57.90 -53.95 105.44
CA THR CA 160 59.17 -54.23 104.77
C THR CA 160 60.12 -53.02 104.95
N PRO CA 161 61.41 -53.12 104.52
CA PRO CA 161 62.39 -52.05 104.82
C PRO CA 161 61.99 -50.59 104.45
N LEU CA 162 62.43 -49.65 105.29
CA LEU CA 162 62.17 -48.21 105.06
C LEU CA 162 63.31 -47.48 104.35
N SER CA 163 64.37 -48.19 103.98
CA SER CA 163 65.52 -47.57 103.33
C SER CA 163 65.85 -48.21 101.98
N VAL CA 164 66.37 -47.43 101.04
CA VAL CA 164 66.76 -47.96 99.74
C VAL CA 164 68.12 -47.42 99.26
N PRO CA 165 68.93 -48.30 98.64
CA PRO CA 165 70.24 -48.10 98.01
C PRO CA 165 70.19 -47.38 96.64
N TYR CA 166 70.36 -46.05 96.59
CA TYR CA 166 70.21 -45.27 95.35
C TYR CA 166 70.86 -45.93 94.14
N PRO CA 167 70.10 -46.03 93.03
CA PRO CA 167 70.48 -46.76 91.81
C PRO CA 167 71.87 -46.35 91.33
N PRO CA 168 72.61 -47.29 90.70
CA PRO CA 168 74.08 -47.22 90.55
C PRO CA 168 74.66 -45.92 89.95
N LEU CA 169 74.11 -45.46 88.84
CA LEU CA 169 74.65 -44.28 88.17
C LEU CA 169 74.30 -43.02 88.96
N LEU CA 170 73.08 -42.97 89.48
CA LEU CA 170 72.64 -41.86 90.33
C LEU CA 170 73.40 -41.86 91.66
N ARG CA 171 73.74 -43.04 92.15
CA ARG CA 171 74.57 -43.14 93.35
C ARG CA 171 75.96 -42.55 93.08
N ALA CA 172 76.56 -42.93 91.95
CA ALA CA 172 77.85 -42.37 91.55
C ALA CA 172 77.73 -40.85 91.38
N MET CA 173 76.56 -40.37 90.96
CA MET CA 173 76.32 -38.94 90.79
C MET CA 173 76.29 -38.19 92.12
N ILE CA 174 75.45 -38.64 93.04
CA ILE CA 174 75.36 -38.02 94.36
C ILE CA 174 76.71 -38.05 95.05
N LEU CA 175 77.39 -39.20 94.99
CA LEU CA 175 78.73 -39.33 95.55
C LEU CA 175 79.72 -38.36 94.92
N ALA CA 176 79.65 -38.20 93.60
CA ALA CA 176 80.55 -37.31 92.88
C ALA CA 176 80.34 -35.83 93.21
N GLN CA 177 79.07 -35.43 93.36
CA GLN CA 177 78.77 -34.03 93.67
C GLN CA 177 79.02 -33.67 95.13
N ARG CA 178 78.70 -34.58 96.05
CA ARG CA 178 79.03 -34.33 97.44
C ARG CA 178 80.54 -34.45 97.65
N GLN CA 179 81.23 -35.16 96.74
CA GLN CA 179 82.70 -35.26 96.78
C GLN CA 179 83.37 -33.97 96.28
N LYS CA 180 82.87 -33.40 95.18
CA LYS CA 180 83.46 -32.18 94.60
C LYS CA 180 83.09 -30.94 95.39
N TYR CA 181 81.93 -30.98 96.04
CA TYR CA 181 81.47 -29.88 96.88
C TYR CA 181 82.44 -29.59 98.04
N GLY CA 182 83.23 -30.61 98.41
CA GLY CA 182 84.13 -30.51 99.55
C GLY CA 182 83.72 -31.32 100.77
N ASP CA 183 82.63 -32.07 100.64
CA ASP CA 183 82.14 -32.93 101.72
C ASP CA 183 82.64 -34.38 101.55
N THR CA 184 83.49 -34.81 102.48
CA THR CA 184 84.11 -36.14 102.38
C THR CA 184 83.38 -37.23 103.19
N SER CA 185 82.26 -36.91 103.83
CA SER CA 185 81.51 -37.91 104.60
C SER CA 185 81.02 -39.02 103.67
N THR CA 186 81.40 -40.27 103.99
CA THR CA 186 81.24 -41.39 103.07
C THR CA 186 79.94 -42.15 103.28
N GLU CA 187 79.08 -41.60 104.14
CA GLU CA 187 77.82 -42.24 104.51
C GLU CA 187 76.99 -42.67 103.29
N GLU CA 188 76.39 -43.85 103.40
CA GLU CA 188 75.57 -44.41 102.32
C GLU CA 188 74.43 -43.48 101.92
N PRO CA 189 74.13 -43.45 100.61
CA PRO CA 189 73.02 -42.70 99.99
C PRO CA 189 71.65 -43.38 100.24
N MET CA 190 71.04 -43.07 101.37
CA MET CA 190 69.80 -43.74 101.79
C MET CA 190 68.51 -43.02 101.36
N LEU CA 191 67.64 -43.76 100.70
CA LEU CA 191 66.36 -43.28 100.21
C LEU CA 191 65.23 -43.72 101.14
N ASN CA 192 64.23 -42.86 101.32
CA ASN CA 192 63.11 -43.17 102.20
C ASN CA 192 61.87 -43.61 101.42
N LEU CA 193 61.41 -44.84 101.68
CA LEU CA 193 60.26 -45.42 100.99
C LEU CA 193 58.95 -45.06 101.71
N GLU CA 194 59.08 -44.17 102.70
CA GLU CA 194 58.00 -43.76 103.60
C GLU CA 194 56.67 -43.34 102.95
N ARG CA 195 56.71 -42.40 102.00
CA ARG CA 195 55.49 -41.89 101.37
C ARG CA 195 55.14 -42.61 100.06
N ALA CA 196 55.93 -43.62 99.69
CA ALA CA 196 55.76 -44.29 98.41
C ALA CA 196 54.70 -45.38 98.47
N ARG CA 197 54.04 -45.50 99.61
CA ARG CA 197 53.05 -46.55 99.84
C ARG CA 197 51.90 -46.55 98.83
N ILE CA 198 51.70 -47.70 98.19
CA ILE CA 198 50.65 -47.88 97.17
C ILE CA 198 49.65 -48.96 97.61
N ASP CA 199 48.36 -48.66 97.48
CA ASP CA 199 47.32 -49.66 97.70
C ASP CA 199 47.36 -50.68 96.56
N PRO CA 200 47.06 -51.95 96.86
CA PRO CA 200 46.96 -52.93 95.77
C PRO CA 200 45.74 -52.66 94.92
N TRP CA 201 45.71 -53.23 93.72
CA TRP CA 201 44.73 -52.89 92.70
C TRP CA 201 43.28 -53.24 93.02
N ASP CA 202 43.05 -53.95 94.12
CA ASP CA 202 41.69 -54.28 94.52
C ASP CA 202 41.07 -53.18 95.37
N TYR CA 203 41.89 -52.18 95.73
CA TYR CA 203 41.44 -51.07 96.56
C TYR CA 203 40.42 -50.19 95.83
N PRO CA 204 39.18 -50.12 96.34
CA PRO CA 204 38.14 -49.28 95.74
C PRO CA 204 38.53 -47.80 95.76
N ALA CA 205 38.41 -47.14 94.62
CA ALA CA 205 38.74 -45.73 94.50
C ALA CA 205 37.50 -44.87 94.70
N LYS CA 206 37.61 -43.88 95.58
CA LYS CA 206 36.49 -42.98 95.88
C LYS CA 206 36.12 -42.11 94.67
N LEU CA 207 34.86 -42.16 94.25
CA LEU CA 207 34.40 -41.23 93.22
C LEU CA 207 33.58 -40.14 93.89
N GLU CA 208 34.21 -38.97 94.04
CA GLU CA 208 33.54 -37.82 94.63
C GLU CA 208 33.82 -36.56 93.82
N ALA CA 209 35.06 -36.10 93.96
CA ALA CA 209 35.53 -34.88 93.33
C ALA CA 209 37.03 -34.78 93.53
N LYS CA 210 37.62 -33.68 93.07
CA LYS CA 210 39.04 -33.43 93.31
C LYS CA 210 39.21 -32.60 94.59
N THR CA 211 39.90 -33.16 95.57
CA THR CA 211 40.10 -32.49 96.85
C THR CA 211 41.06 -31.31 96.69
N LYS CA 212 40.60 -30.13 97.09
CA LYS CA 212 41.41 -28.93 97.05
C LYS CA 212 41.91 -28.59 98.44
N THR CA 213 43.22 -28.70 98.65
CA THR CA 213 43.81 -28.38 99.94
C THR CA 213 44.18 -26.90 99.96
N LYS CA 214 43.49 -26.14 100.81
CA LYS CA 214 43.63 -24.68 100.84
C LYS CA 214 44.46 -24.22 102.02
N ARG DA 1 118.63 -25.47 -11.01
CA ARG DA 1 119.84 -24.66 -11.03
C ARG DA 1 119.69 -23.45 -11.94
N ARG DA 2 119.72 -22.26 -11.35
CA ARG DA 2 119.42 -21.02 -12.08
C ARG DA 2 120.67 -20.37 -12.70
N LYS DA 3 120.66 -20.26 -14.04
CA LYS DA 3 121.82 -19.79 -14.81
C LYS DA 3 121.66 -18.38 -15.36
N ALA DA 4 122.43 -17.43 -14.83
CA ALA DA 4 122.50 -16.09 -15.41
C ALA DA 4 123.92 -15.73 -15.83
N LEU DA 5 124.16 -15.66 -17.14
CA LEU DA 5 125.45 -15.27 -17.73
C LEU DA 5 125.38 -13.90 -18.40
N PRO DA 6 126.34 -13.00 -18.09
CA PRO DA 6 126.34 -11.63 -18.62
C PRO DA 6 126.23 -11.54 -20.15
N PRO DA 7 125.57 -10.47 -20.65
CA PRO DA 7 125.36 -10.22 -22.08
C PRO DA 7 126.66 -9.96 -22.87
N ARG DA 8 126.59 -10.02 -24.19
CA ARG DA 8 127.76 -9.82 -25.06
C ARG DA 8 128.38 -8.42 -24.98
N THR DA 9 127.60 -7.43 -24.54
CA THR DA 9 128.08 -6.04 -24.45
C THR DA 9 129.27 -5.92 -23.49
N GLU DA 10 129.38 -6.89 -22.59
CA GLU DA 10 130.45 -6.93 -21.61
C GLU DA 10 131.79 -7.42 -22.20
N LYS DA 11 131.73 -8.30 -23.20
CA LYS DA 11 132.95 -8.83 -23.83
C LYS DA 11 133.35 -8.07 -25.10
N MET DA 12 132.57 -7.07 -25.49
CA MET DA 12 132.73 -6.41 -26.79
C MET DA 12 133.83 -5.35 -26.81
N ALA DA 13 134.71 -5.45 -27.81
CA ALA DA 13 135.72 -4.42 -28.06
C ALA DA 13 135.04 -3.16 -28.59
N VAL DA 14 135.48 -2.00 -28.11
CA VAL DA 14 134.81 -0.73 -28.42
C VAL DA 14 134.76 -0.45 -29.93
N ASP DA 15 135.85 -0.76 -30.64
CA ASP DA 15 135.93 -0.49 -32.08
C ASP DA 15 135.67 -1.70 -32.99
N GLN DA 16 135.36 -2.86 -32.42
CA GLN DA 16 135.12 -4.05 -33.23
C GLN DA 16 134.01 -3.82 -34.25
N ASP DA 17 134.29 -4.14 -35.51
CA ASP DA 17 133.36 -3.84 -36.61
C ASP DA 17 132.00 -4.52 -36.42
N TRP DA 18 130.95 -3.80 -36.78
CA TRP DA 18 129.58 -4.29 -36.57
C TRP DA 18 129.12 -5.45 -37.47
N PRO DA 19 129.38 -5.40 -38.79
CA PRO DA 19 128.85 -6.47 -39.64
C PRO DA 19 129.29 -7.87 -39.22
N SER DA 20 130.36 -7.96 -38.42
CA SER DA 20 130.79 -9.21 -37.83
C SER DA 20 129.70 -9.77 -36.90
N VAL DA 21 129.23 -8.92 -36.00
CA VAL DA 21 128.27 -9.32 -34.99
C VAL DA 21 126.85 -9.46 -35.58
N TYR DA 22 126.53 -8.63 -36.57
CA TYR DA 22 125.22 -8.71 -37.22
C TYR DA 22 125.34 -8.86 -38.73
N PRO DA 23 125.69 -10.08 -39.21
CA PRO DA 23 125.78 -10.34 -40.64
C PRO DA 23 124.43 -10.36 -41.38
N VAL DA 24 123.39 -10.96 -40.77
CA VAL DA 24 122.15 -11.23 -41.49
C VAL DA 24 120.89 -10.78 -40.76
N ALA DA 25 119.74 -11.09 -41.37
CA ALA DA 25 118.43 -10.71 -40.84
C ALA DA 25 118.17 -11.33 -39.47
N ALA DA 26 117.77 -10.49 -38.51
CA ALA DA 26 117.71 -10.89 -37.10
C ALA DA 26 116.55 -10.26 -36.30
N PRO DA 27 116.06 -10.99 -35.27
CA PRO DA 27 115.04 -10.61 -34.28
C PRO DA 27 115.37 -9.40 -33.38
N PHE DA 28 116.61 -8.94 -33.38
CA PHE DA 28 117.14 -8.01 -32.36
C PHE DA 28 117.13 -8.63 -30.95
N LYS DA 29 118.09 -9.51 -30.72
CA LYS DA 29 118.43 -9.95 -29.36
C LYS DA 29 119.12 -8.81 -28.60
N PRO DA 30 118.51 -8.34 -27.50
CA PRO DA 30 119.02 -7.25 -26.68
C PRO DA 30 120.41 -7.51 -26.09
N SER DA 31 120.74 -8.77 -25.81
CA SER DA 31 122.00 -9.11 -25.15
C SER DA 31 123.23 -8.81 -26.01
N ALA DA 32 123.12 -9.12 -27.30
CA ALA DA 32 124.24 -8.96 -28.23
C ALA DA 32 124.37 -7.51 -28.72
N VAL DA 33 123.46 -6.66 -28.30
CA VAL DA 33 123.45 -5.27 -28.74
C VAL DA 33 124.13 -4.34 -27.74
N PRO DA 34 125.27 -3.75 -28.13
CA PRO DA 34 126.07 -2.87 -27.28
C PRO DA 34 125.41 -1.52 -27.02
N LEU DA 35 124.57 -1.10 -27.96
CA LEU DA 35 123.94 0.20 -27.90
C LEU DA 35 122.70 0.21 -27.02
N PRO DA 36 122.68 1.09 -26.01
CA PRO DA 36 121.48 1.27 -25.18
C PRO DA 36 120.35 1.89 -26.00
N VAL DA 37 119.16 1.30 -25.97
CA VAL DA 37 118.05 1.88 -26.72
C VAL DA 37 116.73 1.78 -25.96
N ARG DA 38 116.09 2.93 -25.77
CA ARG DA 38 114.83 3.00 -25.02
C ARG DA 38 113.63 3.27 -25.91
N MET DA 39 112.73 2.30 -25.98
CA MET DA 39 111.46 2.52 -26.64
C MET DA 39 110.31 2.21 -25.68
N GLY DA 40 109.09 2.43 -26.17
CA GLY DA 40 107.90 2.38 -25.36
C GLY DA 40 107.48 3.78 -24.97
N TYR DA 41 106.17 3.97 -24.89
CA TYR DA 41 105.62 5.25 -24.46
C TYR DA 41 105.97 5.43 -22.99
N PRO DA 42 106.50 6.61 -22.63
CA PRO DA 42 106.95 6.82 -21.26
C PRO DA 42 105.81 6.74 -20.25
N VAL DA 43 106.10 6.26 -19.04
CA VAL DA 43 105.18 6.44 -17.92
C VAL DA 43 105.36 7.89 -17.46
N LYS DA 44 104.59 8.35 -16.47
CA LYS DA 44 104.72 9.73 -16.02
C LYS DA 44 105.93 9.88 -15.10
N ARG DA 45 106.55 8.73 -14.81
CA ARG DA 45 107.88 8.68 -14.21
C ARG DA 45 108.90 9.40 -15.09
N GLY DA 46 108.73 9.25 -16.40
CA GLY DA 46 109.65 9.80 -17.38
C GLY DA 46 110.59 8.78 -17.98
N VAL DA 47 110.31 7.50 -17.73
CA VAL DA 47 111.19 6.43 -18.20
C VAL DA 47 110.61 5.62 -19.38
N PRO DA 48 111.22 5.75 -20.56
CA PRO DA 48 110.99 4.78 -21.64
C PRO DA 48 111.58 3.44 -21.25
N MET DA 49 110.84 2.36 -21.49
CA MET DA 49 111.25 1.04 -21.06
C MET DA 49 112.56 0.64 -21.71
N ALA DA 50 113.35 -0.15 -21.00
CA ALA DA 50 114.72 -0.42 -21.42
C ALA DA 50 114.77 -1.30 -22.66
N LYS DA 51 115.98 -1.57 -23.11
CA LYS DA 51 116.18 -2.34 -24.31
C LYS DA 51 116.08 -3.82 -24.01
N GLU DA 52 115.81 -4.12 -22.75
CA GLU DA 52 115.80 -5.51 -22.27
C GLU DA 52 114.38 -6.04 -22.06
N GLY DA 53 114.06 -7.16 -22.73
CA GLY DA 53 112.76 -7.79 -22.62
C GLY DA 53 111.62 -6.99 -23.24
N ASN DA 54 111.95 -5.89 -23.92
CA ASN DA 54 110.94 -5.04 -24.55
C ASN DA 54 110.30 -5.75 -25.75
N LEU DA 55 108.98 -5.88 -25.73
CA LEU DA 55 108.26 -6.62 -26.76
C LEU DA 55 108.06 -5.79 -28.04
N GLU DA 56 108.05 -4.48 -27.91
CA GLU DA 56 107.73 -3.60 -29.04
C GLU DA 56 108.95 -3.13 -29.82
N LEU DA 57 110.14 -3.46 -29.33
CA LEU DA 57 111.34 -3.28 -30.13
C LEU DA 57 111.65 -4.54 -30.92
N LEU DA 58 110.93 -5.62 -30.57
CA LEU DA 58 111.06 -6.91 -31.24
C LEU DA 58 110.23 -6.96 -32.54
N LYS DA 59 109.23 -6.08 -32.63
CA LYS DA 59 108.42 -6.00 -33.84
C LYS DA 59 109.05 -5.10 -34.90
N ILE DA 60 109.93 -4.20 -34.48
CA ILE DA 60 110.56 -3.22 -35.37
C ILE DA 60 111.63 -3.87 -36.24
N PRO DA 61 111.55 -3.68 -37.57
CA PRO DA 61 112.61 -4.22 -38.43
C PRO DA 61 113.96 -3.57 -38.12
N ASN DA 62 114.99 -4.36 -37.87
CA ASN DA 62 116.29 -3.79 -37.54
C ASN DA 62 117.19 -3.75 -38.78
N PHE DA 63 117.63 -2.55 -39.12
CA PHE DA 63 118.40 -2.34 -40.34
C PHE DA 63 119.87 -2.58 -40.05
N LEU DA 64 120.11 -3.07 -38.84
CA LEU DA 64 121.46 -3.34 -38.35
C LEU DA 64 122.36 -4.08 -39.33
N HIS DA 65 121.89 -5.18 -39.92
CA HIS DA 65 122.71 -5.94 -40.88
C HIS DA 65 123.04 -5.12 -42.12
N LEU DA 66 122.23 -4.10 -42.37
CA LEU DA 66 122.42 -3.22 -43.52
C LEU DA 66 123.18 -1.93 -43.20
N THR DA 67 123.73 -1.83 -42.00
CA THR DA 67 124.53 -0.69 -41.57
C THR DA 67 125.56 -0.34 -42.65
N PRO DA 68 125.69 0.96 -43.00
CA PRO DA 68 126.47 1.42 -44.16
C PRO DA 68 127.86 0.79 -44.38
N VAL DA 69 128.63 0.46 -43.34
CA VAL DA 69 129.91 -0.27 -43.53
C VAL DA 69 129.69 -1.59 -44.29
N ALA DA 70 128.62 -2.29 -43.89
CA ALA DA 70 128.21 -3.55 -44.53
C ALA DA 70 127.80 -3.37 -46.00
N ILE DA 71 127.18 -2.24 -46.32
CA ILE DA 71 126.81 -1.94 -47.71
C ILE DA 71 128.06 -1.63 -48.55
N LYS DA 72 129.01 -0.91 -47.98
CA LYS DA 72 130.29 -0.64 -48.66
C LYS DA 72 131.01 -1.96 -48.99
N ARG DA 73 131.27 -2.78 -47.97
CA ARG DA 73 131.96 -4.06 -48.18
C ARG DA 73 131.19 -5.01 -49.10
N HIS DA 74 129.86 -5.09 -48.91
CA HIS DA 74 129.02 -5.95 -49.74
C HIS DA 74 129.05 -5.55 -51.21
N CYS DA 75 128.95 -4.24 -51.49
CA CYS DA 75 128.94 -3.78 -52.87
C CYS DA 75 130.34 -3.76 -53.50
N GLU DA 76 131.38 -3.80 -52.67
CA GLU DA 76 132.75 -3.96 -53.18
C GLU DA 76 133.08 -5.42 -53.48
N ALA DA 77 132.45 -6.35 -52.74
CA ALA DA 77 132.59 -7.76 -53.05
C ALA DA 77 131.61 -8.20 -54.15
N LEU DA 78 130.61 -7.37 -54.43
CA LEU DA 78 129.67 -7.59 -55.53
C LEU DA 78 130.05 -6.83 -56.82
N LYS DA 79 131.19 -6.14 -56.78
CA LYS DA 79 131.70 -5.41 -57.94
C LYS DA 79 132.07 -6.35 -59.10
N ASP DA 80 132.33 -7.61 -58.76
CA ASP DA 80 132.84 -8.60 -59.71
C ASP DA 80 131.76 -9.22 -60.62
N PHE DA 81 130.53 -9.29 -60.12
CA PHE DA 81 129.43 -9.92 -60.87
C PHE DA 81 128.88 -9.01 -61.98
N CYS DA 82 128.73 -7.73 -61.68
CA CYS DA 82 128.10 -6.79 -62.60
C CYS DA 82 128.93 -6.57 -63.86
N THR DA 83 128.25 -6.24 -64.97
CA THR DA 83 128.93 -5.95 -66.22
C THR DA 83 128.69 -4.50 -66.64
N GLU DA 84 129.62 -3.96 -67.41
CA GLU DA 84 129.67 -2.53 -67.74
C GLU DA 84 128.53 -2.05 -68.65
N TRP DA 85 128.29 -0.73 -68.64
CA TRP DA 85 127.35 -0.10 -69.55
C TRP DA 85 128.07 0.62 -70.69
N PRO DA 86 127.63 0.36 -71.94
CA PRO DA 86 128.19 0.98 -73.17
C PRO DA 86 128.19 2.51 -73.16
N ALA DA 87 129.31 3.12 -73.55
CA ALA DA 87 129.46 4.57 -73.53
C ALA DA 87 128.42 5.31 -74.39
N ALA DA 88 128.54 5.17 -75.72
CA ALA DA 88 127.81 6.00 -76.68
C ALA DA 88 126.30 6.05 -76.48
N LEU DA 89 125.73 4.98 -75.93
CA LEU DA 89 124.29 4.88 -75.69
C LEU DA 89 123.79 5.89 -74.64
N ASP DA 90 124.71 6.69 -74.08
CA ASP DA 90 124.41 7.65 -73.00
C ASP DA 90 123.19 8.54 -73.24
N SER DA 91 122.85 8.79 -74.51
CA SER DA 91 121.68 9.62 -74.80
C SER DA 91 120.53 8.77 -75.35
N ASP DA 92 119.29 9.19 -75.08
CA ASP DA 92 118.11 8.44 -75.54
C ASP DA 92 118.00 8.42 -77.06
N GLU DA 93 118.54 9.45 -77.71
CA GLU DA 93 118.49 9.56 -79.17
C GLU DA 93 119.17 8.38 -79.86
N LYS DA 94 120.40 8.09 -79.44
CA LYS DA 94 121.16 6.97 -79.99
C LYS DA 94 120.52 5.63 -79.58
N CYS DA 95 119.87 5.62 -78.42
CA CYS DA 95 119.10 4.46 -77.99
C CYS DA 95 117.94 4.17 -78.94
N GLU DA 96 117.29 5.21 -79.45
CA GLU DA 96 116.19 5.08 -80.41
C GLU DA 96 116.67 4.69 -81.81
N LYS DA 97 117.72 5.38 -82.28
CA LYS DA 97 118.29 5.10 -83.60
C LYS DA 97 118.86 3.68 -83.66
N HIS DA 98 119.33 3.19 -82.52
CA HIS DA 98 119.87 1.82 -82.45
C HIS DA 98 118.80 0.79 -82.05
N PHE DA 99 118.27 0.88 -80.84
CA PHE DA 99 117.19 -0.03 -80.44
C PHE DA 99 115.85 0.70 -80.32
N PRO DA 100 115.00 0.56 -81.34
CA PRO DA 100 113.67 1.19 -81.39
C PRO DA 100 112.64 0.62 -80.42
N ILE DA 101 112.77 -0.65 -80.04
CA ILE DA 101 111.72 -1.36 -79.31
C ILE DA 101 111.91 -1.42 -77.80
N GLU DA 102 110.82 -1.23 -77.06
CA GLU DA 102 110.82 -1.44 -75.62
C GLU DA 102 109.95 -2.64 -75.25
N ILE DA 103 110.44 -3.46 -74.33
CA ILE DA 103 109.68 -4.61 -73.80
C ILE DA 103 109.47 -4.45 -72.31
N ASP DA 104 108.21 -4.31 -71.91
CA ASP DA 104 107.85 -4.08 -70.51
C ASP DA 104 107.44 -5.38 -69.82
N THR DA 105 108.23 -5.74 -68.81
CA THR DA 105 108.10 -6.97 -68.03
C THR DA 105 107.84 -6.64 -66.56
N ALA DA 106 106.91 -7.34 -65.94
CA ALA DA 106 106.58 -7.08 -64.54
C ALA DA 106 107.02 -8.21 -63.60
N ASP DA 107 107.70 -7.86 -62.50
CA ASP DA 107 108.15 -8.84 -61.50
C ASP DA 107 107.75 -8.42 -60.08
N TYR DA 108 106.98 -9.27 -59.39
CA TYR DA 108 106.48 -8.95 -58.05
C TYR DA 108 106.93 -9.95 -56.98
N VAL DA 109 107.46 -9.45 -55.87
CA VAL DA 109 107.83 -10.30 -54.74
C VAL DA 109 107.00 -9.99 -53.51
N SER DA 110 106.43 -11.02 -52.92
CA SER DA 110 105.70 -10.90 -51.67
C SER DA 110 106.05 -12.09 -50.79
N ALA DA 111 105.81 -11.97 -49.49
CA ALA DA 111 106.19 -13.02 -48.56
C ALA DA 111 105.05 -14.00 -48.31
N GLY DA 112 105.40 -15.28 -48.28
CA GLY DA 112 104.45 -16.35 -48.05
C GLY DA 112 105.04 -17.59 -48.68
N PRO DA 113 104.40 -18.74 -48.45
CA PRO DA 113 104.87 -20.00 -49.03
C PRO DA 113 105.00 -20.01 -50.56
N SER DA 114 104.07 -19.37 -51.27
CA SER DA 114 104.01 -19.48 -52.73
C SER DA 114 104.65 -18.30 -53.46
N ILE DA 115 105.32 -18.58 -54.57
CA ILE DA 115 105.91 -17.52 -55.39
C ILE DA 115 105.07 -17.12 -56.59
N ARG DA 116 103.96 -17.81 -56.82
CA ARG DA 116 103.24 -17.64 -58.09
C ARG DA 116 102.40 -16.37 -58.11
N ASN DA 117 102.73 -15.46 -59.02
CA ASN DA 117 101.99 -14.20 -59.14
C ASN DA 117 101.31 -14.05 -60.50
N PRO DA 118 99.97 -13.96 -60.49
CA PRO DA 118 99.13 -13.83 -61.68
C PRO DA 118 99.51 -12.64 -62.59
N LYS DA 119 99.81 -11.51 -61.98
CA LYS DA 119 100.12 -10.29 -62.72
C LYS DA 119 101.45 -10.35 -63.48
N ALA DA 120 102.25 -11.38 -63.20
CA ALA DA 120 103.58 -11.50 -63.79
C ALA DA 120 103.53 -11.61 -65.31
N ARG DA 121 102.63 -12.45 -65.80
CA ARG DA 121 102.59 -12.86 -67.20
C ARG DA 121 102.58 -11.73 -68.24
N VAL DA 122 102.07 -10.55 -67.86
CA VAL DA 122 101.82 -9.49 -68.85
C VAL DA 122 103.06 -8.93 -69.53
N VAL DA 123 103.04 -8.99 -70.87
CA VAL DA 123 104.15 -8.46 -71.66
C VAL DA 123 103.70 -7.26 -72.46
N THR DA 124 104.47 -6.18 -72.41
CA THR DA 124 104.15 -5.02 -73.23
C THR DA 124 105.24 -4.76 -74.28
N LEU DA 125 104.82 -4.37 -75.48
CA LEU DA 125 105.75 -3.91 -76.50
C LEU DA 125 105.44 -2.46 -76.82
N ARG DA 126 106.46 -1.62 -76.82
CA ARG DA 126 106.32 -0.24 -77.27
C ARG DA 126 107.26 0.02 -78.44
N VAL DA 127 106.69 0.23 -79.62
CA VAL DA 127 107.47 0.43 -80.84
C VAL DA 127 107.07 1.71 -81.57
N LYS DA 128 108.03 2.60 -81.78
CA LYS DA 128 107.78 3.82 -82.53
C LYS DA 128 107.67 3.49 -84.02
N LEU DA 129 106.58 3.91 -84.65
CA LEU DA 129 106.33 3.57 -86.05
C LEU DA 129 107.23 4.33 -87.02
N SER DA 130 107.99 5.29 -86.50
CA SER DA 130 108.93 6.05 -87.31
C SER DA 130 110.21 5.24 -87.56
N SER DA 131 110.42 4.21 -86.72
CA SER DA 131 111.62 3.37 -86.79
C SER DA 131 111.40 2.11 -87.61
N LEU DA 132 110.22 2.03 -88.23
CA LEU DA 132 109.86 0.89 -89.04
C LEU DA 132 109.99 1.25 -90.51
N ASN DA 133 110.27 0.24 -91.33
CA ASN DA 133 110.64 0.43 -92.72
C ASN DA 133 109.40 0.68 -93.57
N LEU DA 134 108.26 0.77 -92.91
CA LEU DA 134 106.93 0.84 -93.54
C LEU DA 134 106.76 1.87 -94.66
N ASP DA 135 106.06 1.44 -95.69
CA ASP DA 135 105.62 2.29 -96.80
C ASP DA 135 104.47 3.18 -96.36
N ASP DA 136 104.21 4.25 -97.12
CA ASP DA 136 103.06 5.11 -96.91
C ASP DA 136 101.79 4.27 -96.78
N HIS DA 137 101.54 3.46 -97.81
CA HIS DA 137 100.44 2.52 -97.83
C HIS DA 137 100.51 1.52 -96.67
N ALA DA 138 101.70 0.98 -96.41
CA ALA DA 138 101.90 0.03 -95.32
C ALA DA 138 101.66 0.68 -93.97
N LYS DA 139 102.19 1.89 -93.78
CA LYS DA 139 102.05 2.62 -92.53
C LYS DA 139 100.59 2.96 -92.21
N LYS DA 140 99.85 3.47 -93.19
CA LYS DA 140 98.47 3.87 -92.92
C LYS DA 140 97.48 2.69 -92.89
N LYS DA 141 97.72 1.66 -93.70
CA LYS DA 141 96.97 0.41 -93.55
C LYS DA 141 97.23 -0.20 -92.18
N LEU DA 142 98.44 -0.01 -91.65
CA LEU DA 142 98.77 -0.49 -90.31
C LEU DA 142 98.05 0.31 -89.21
N ILE DA 143 97.98 1.62 -89.38
CA ILE DA 143 97.19 2.44 -88.45
C ILE DA 143 95.75 1.93 -88.41
N LYS DA 144 95.14 1.81 -89.59
CA LYS DA 144 93.76 1.33 -89.67
C LYS DA 144 93.59 -0.11 -89.18
N LEU DA 145 94.65 -0.89 -89.28
CA LEU DA 145 94.63 -2.30 -88.88
C LEU DA 145 94.73 -2.50 -87.36
N VAL DA 146 95.72 -1.86 -86.74
CA VAL DA 146 95.96 -2.03 -85.30
C VAL DA 146 95.03 -1.16 -84.46
N GLY DA 147 94.83 0.09 -84.88
CA GLY DA 147 93.93 0.98 -84.17
C GLY DA 147 94.35 1.42 -82.78
N ASP DA 148 93.50 1.13 -81.79
CA ASP DA 148 93.64 1.64 -80.42
C ASP DA 148 95.00 1.43 -79.78
N ARG DA 149 95.72 0.39 -80.22
CA ARG DA 149 97.06 0.12 -79.72
C ARG DA 149 98.04 1.21 -80.17
N TYR DA 150 97.56 2.11 -81.02
CA TYR DA 150 98.38 3.17 -81.58
C TYR DA 150 98.05 4.56 -81.03
N CYS DA 151 99.07 5.22 -80.50
CA CYS DA 151 98.96 6.62 -80.06
C CYS DA 151 99.46 7.56 -81.15
N LYS DA 152 98.59 8.46 -81.60
CA LYS DA 152 98.84 9.23 -82.82
C LYS DA 152 99.73 10.48 -82.66
N SER DA 153 99.82 10.99 -81.44
CA SER DA 153 100.66 12.17 -81.18
C SER DA 153 102.15 11.84 -81.03
N THR DA 154 102.43 10.80 -80.23
CA THR DA 154 103.81 10.42 -79.90
C THR DA 154 104.36 9.28 -80.77
N ASP DA 155 103.50 8.77 -81.66
CA ASP DA 155 103.86 7.69 -82.58
C ASP DA 155 104.32 6.41 -81.86
N VAL DA 156 103.61 6.02 -80.80
CA VAL DA 156 103.96 4.82 -80.05
C VAL DA 156 102.93 3.71 -80.25
N LEU DA 157 103.39 2.52 -80.63
CA LEU DA 157 102.53 1.36 -80.80
C LEU DA 157 102.69 0.40 -79.60
N THR DA 158 101.59 0.02 -78.97
CA THR DA 158 101.65 -0.81 -77.77
C THR DA 158 100.90 -2.14 -77.89
N ILE DA 159 101.63 -3.24 -77.65
CA ILE DA 159 101.00 -4.56 -77.62
C ILE DA 159 101.03 -5.16 -76.22
N LYS DA 160 99.85 -5.38 -75.66
CA LYS DA 160 99.72 -6.09 -74.39
C LYS DA 160 99.35 -7.54 -74.64
N THR DA 161 100.19 -8.45 -74.16
CA THR DA 161 99.94 -9.86 -74.34
C THR DA 161 99.82 -10.56 -72.99
N ASP DA 162 98.80 -11.40 -72.91
CA ASP DA 162 98.29 -12.01 -71.69
C ASP DA 162 98.20 -13.51 -71.86
N ARG DA 163 97.47 -13.91 -72.90
CA ARG DA 163 96.75 -15.18 -73.00
C ARG DA 163 97.54 -16.44 -72.66
N CYS DA 164 98.86 -16.34 -72.55
CA CYS DA 164 99.67 -17.52 -72.32
C CYS DA 164 100.26 -17.52 -70.91
N PRO DA 165 100.37 -18.72 -70.31
CA PRO DA 165 100.79 -18.88 -68.90
C PRO DA 165 102.18 -18.32 -68.61
N LEU DA 166 103.15 -18.63 -69.47
CA LEU DA 166 104.54 -18.23 -69.26
C LEU DA 166 104.83 -16.92 -69.97
N LYS DA 167 105.66 -16.09 -69.34
CA LYS DA 167 105.99 -14.77 -69.87
C LYS DA 167 106.82 -14.86 -71.14
N ARG DA 168 107.62 -15.92 -71.27
CA ARG DA 168 108.39 -16.15 -72.50
C ARG DA 168 107.43 -16.25 -73.68
N GLN DA 169 106.27 -16.86 -73.41
CA GLN DA 169 105.27 -17.11 -74.43
C GLN DA 169 104.53 -15.81 -74.80
N ASN DA 170 104.28 -14.97 -73.80
CA ASN DA 170 103.70 -13.65 -74.06
C ASN DA 170 104.66 -12.74 -74.83
N TYR DA 171 105.96 -12.89 -74.57
CA TYR DA 171 106.99 -12.15 -75.30
C TYR DA 171 107.11 -12.59 -76.76
N ASP DA 172 107.16 -13.90 -76.97
CA ASP DA 172 107.25 -14.47 -78.31
C ASP DA 172 105.99 -14.22 -79.16
N TYR DA 173 104.82 -14.24 -78.52
CA TYR DA 173 103.56 -13.95 -79.22
C TYR DA 173 103.35 -12.44 -79.46
N ALA DA 174 103.90 -11.60 -78.59
CA ALA DA 174 103.86 -10.14 -78.84
C ALA DA 174 104.77 -9.76 -80.01
N VAL DA 175 106.01 -10.25 -80.00
CA VAL DA 175 106.91 -10.00 -81.13
C VAL DA 175 106.38 -10.70 -82.40
N TYR DA 176 105.66 -11.81 -82.19
CA TYR DA 176 104.91 -12.46 -83.28
C TYR DA 176 103.88 -11.52 -83.89
N LEU DA 177 103.06 -10.88 -83.04
CA LEU DA 177 102.05 -9.91 -83.50
C LEU DA 177 102.73 -8.78 -84.28
N LEU DA 178 103.90 -8.35 -83.79
CA LEU DA 178 104.72 -7.34 -84.48
C LEU DA 178 105.10 -7.75 -85.91
N THR DA 179 105.76 -8.91 -86.02
CA THR DA 179 106.14 -9.44 -87.32
C THR DA 179 104.93 -9.64 -88.26
N VAL DA 180 103.83 -10.18 -87.71
CA VAL DA 180 102.61 -10.46 -88.49
C VAL DA 180 101.98 -9.18 -89.06
N LEU DA 181 101.77 -8.17 -88.21
CA LEU DA 181 101.23 -6.89 -88.67
C LEU DA 181 102.13 -6.23 -89.70
N TYR DA 182 103.45 -6.35 -89.53
CA TYR DA 182 104.38 -5.79 -90.52
C TYR DA 182 104.33 -6.52 -91.88
N HIS DA 183 104.22 -7.84 -91.85
CA HIS DA 183 104.17 -8.63 -93.08
C HIS DA 183 102.85 -8.44 -93.82
N GLU DA 184 101.75 -8.26 -93.09
CA GLU DA 184 100.44 -8.05 -93.72
C GLU DA 184 100.08 -6.57 -93.90
N SER DA 185 100.98 -5.66 -93.52
CA SER DA 185 100.80 -4.23 -93.83
C SER DA 185 101.20 -3.92 -95.28
N TRP DA 186 102.03 -4.77 -95.85
CA TRP DA 186 102.53 -4.57 -97.21
C TRP DA 186 101.74 -5.32 -98.28
N LYS DA 187 100.75 -6.11 -97.85
CA LYS DA 187 99.94 -6.84 -98.81
C LYS DA 187 98.70 -6.04 -99.19
N THR DA 188 98.67 -5.60 -100.44
CA THR DA 188 97.50 -4.93 -101.00
C THR DA 188 96.59 -5.99 -101.59
N GLU DA 189 95.29 -5.89 -101.30
CA GLU DA 189 94.35 -6.90 -101.78
C GLU DA 189 93.18 -6.27 -102.54
N GLU DA 190 92.24 -7.12 -102.93
CA GLU DA 190 91.12 -6.73 -103.77
C GLU DA 190 90.28 -5.57 -103.22
N TRP DA 191 89.91 -5.68 -101.94
CA TRP DA 191 88.98 -4.76 -101.29
C TRP DA 191 89.60 -3.41 -100.95
N GLU DA 192 90.91 -3.30 -101.09
CA GLU DA 192 91.62 -2.06 -100.77
C GLU DA 192 91.55 -1.08 -101.95
N LYS DA 193 91.17 -1.62 -103.10
CA LYS DA 193 90.86 -0.81 -104.28
C LYS DA 193 89.40 -0.41 -104.23
N LYS DA 194 88.67 -1.05 -103.31
CA LYS DA 194 87.25 -0.78 -103.06
C LYS DA 194 87.08 0.32 -102.01
N LYS DA 195 88.19 0.92 -101.62
CA LYS DA 195 88.21 1.89 -100.52
C LYS DA 195 87.25 3.04 -100.71
N THR DA 196 86.40 3.25 -99.71
CA THR DA 196 85.47 4.36 -99.68
C THR DA 196 86.26 5.65 -99.46
N GLU DA 197 85.82 6.75 -100.07
CA GLU DA 197 86.46 8.05 -99.88
C GLU DA 197 86.11 8.64 -98.51
N ALA DA 198 85.12 8.05 -97.84
CA ALA DA 198 84.75 8.43 -96.49
C ALA DA 198 85.72 7.79 -95.50
N ASP DA 199 86.39 6.74 -95.95
CA ASP DA 199 87.35 5.98 -95.14
C ASP DA 199 88.67 6.72 -94.97
N MET DA 200 88.80 7.85 -95.68
CA MET DA 200 90.06 8.55 -95.80
C MET DA 200 90.48 9.26 -94.51
N GLU DA 201 91.78 9.16 -94.20
CA GLU DA 201 92.39 9.89 -93.09
C GLU DA 201 92.73 11.30 -93.55
N GLU DA 202 92.65 11.50 -94.85
CA GLU DA 202 92.98 12.77 -95.48
C GLU DA 202 91.81 13.28 -96.29
N TYR DA 203 91.88 14.54 -96.70
CA TYR DA 203 91.01 15.01 -97.76
C TYR DA 203 91.85 15.19 -99.01
N ILE DA 204 91.70 14.28 -99.97
CA ILE DA 204 92.43 14.34 -101.23
C ILE DA 204 91.69 15.29 -102.17
N TRP DA 205 92.42 16.22 -102.77
CA TRP DA 205 91.77 17.20 -103.65
C TRP DA 205 91.18 16.53 -104.90
N GLU DA 206 91.69 15.37 -105.26
CA GLU DA 206 91.19 14.60 -106.40
C GLU DA 206 89.78 14.05 -106.18
N ASN DA 207 88.95 14.09 -107.22
CA ASN DA 207 87.61 13.52 -107.20
C ASN DA 207 86.70 14.11 -106.09
N SER DA 208 86.95 15.35 -105.71
CA SER DA 208 86.25 15.93 -104.57
C SER DA 208 84.89 16.51 -104.94
N THR DA 209 84.16 16.94 -103.90
CA THR DA 209 82.92 17.69 -104.10
C THR DA 209 83.25 19.16 -104.30
N SER DA 210 84.23 19.66 -103.56
CA SER DA 210 84.70 21.04 -103.70
C SER DA 210 85.29 21.26 -105.09
N GLU DA 211 85.77 20.18 -105.69
CA GLU DA 211 86.32 20.21 -107.04
C GLU DA 211 85.22 20.44 -108.09
N LYS DA 212 84.09 19.76 -107.91
CA LYS DA 212 82.96 19.88 -108.83
C LYS DA 212 82.16 21.17 -108.57
N ASN DA 213 82.20 21.64 -107.33
CA ASN DA 213 81.66 22.96 -107.00
C ASN DA 213 82.50 24.05 -107.67
N ILE DA 214 83.82 23.90 -107.62
CA ILE DA 214 84.72 24.82 -108.32
C ILE DA 214 84.50 24.80 -109.83
N LEU DA 215 84.41 23.61 -110.41
CA LEU DA 215 84.21 23.47 -111.86
C LEU DA 215 82.84 23.98 -112.34
N GLU DA 216 81.82 23.88 -111.49
CA GLU DA 216 80.50 24.44 -111.83
C GLU DA 216 80.48 25.96 -111.69
N THR DA 217 81.10 26.47 -110.63
CA THR DA 217 81.20 27.92 -110.41
C THR DA 217 82.03 28.60 -111.53
N LEU DA 218 83.07 27.91 -112.00
CA LEU DA 218 83.87 28.42 -113.11
C LEU DA 218 83.17 28.18 -114.46
N LEU DA 219 82.30 27.17 -114.52
CA LEU DA 219 81.43 26.98 -115.69
C LEU DA 219 80.46 28.16 -115.83
N GLN DA 220 79.90 28.61 -114.72
CA GLN DA 220 78.96 29.74 -114.71
C GLN DA 220 79.66 31.11 -114.78
N ILE DA 221 80.92 31.16 -114.36
CA ILE DA 221 81.74 32.36 -114.57
C ILE DA 221 82.07 32.46 -116.06
N LYS DA 222 82.42 31.33 -116.68
CA LYS DA 222 82.66 31.28 -118.12
C LYS DA 222 81.37 31.55 -118.94
N ALA DA 223 80.21 31.14 -118.43
CA ALA DA 223 78.93 31.36 -119.12
C ALA DA 223 78.39 32.79 -118.95
N ALA DA 224 78.69 33.41 -117.82
CA ALA DA 224 78.27 34.80 -117.55
C ALA DA 224 79.20 35.84 -118.19
N GLU DA 225 80.51 35.55 -118.23
CA GLU DA 225 81.49 36.47 -118.81
C GLU DA 225 81.45 36.52 -120.35
N LYS DA 226 80.65 35.64 -120.95
CA LYS DA 226 80.62 35.44 -122.40
C LYS DA 226 81.98 34.98 -122.93
N ASN DA 227 82.76 34.34 -122.06
CA ASN DA 227 83.98 33.66 -122.46
C ASN DA 227 83.64 32.23 -122.87
N LEU DA 228 83.88 31.88 -124.12
CA LEU DA 228 83.49 30.58 -124.65
C LEU DA 228 84.57 29.54 -124.37
N GLU DA 229 85.58 29.93 -123.59
CA GLU DA 229 86.68 29.04 -123.24
C GLU DA 229 86.27 28.05 -122.15
N LEU DA 230 86.29 26.77 -122.51
CA LEU DA 230 85.92 25.70 -121.58
C LEU DA 230 86.88 24.51 -121.67
N SER DA 231 87.59 24.24 -120.58
CA SER DA 231 88.41 23.04 -120.47
C SER DA 231 88.60 22.68 -118.99
N LYS DA 232 88.87 21.41 -118.69
CA LYS DA 232 89.23 21.04 -117.32
C LYS DA 232 90.69 21.39 -117.05
N GLU DA 233 91.53 21.22 -118.07
CA GLU DA 233 92.95 21.54 -118.01
C GLU DA 233 93.22 23.03 -117.76
N GLU DA 234 92.45 23.89 -118.43
CA GLU DA 234 92.63 25.34 -118.33
C GLU DA 234 92.13 25.91 -116.99
N LEU DA 235 90.93 25.49 -116.57
CA LEU DA 235 90.35 25.94 -115.31
C LEU DA 235 91.16 25.43 -114.10
N LEU DA 236 91.49 24.14 -114.10
CA LEU DA 236 92.21 23.55 -112.97
C LEU DA 236 93.73 23.87 -112.97
N GLY DA 237 94.30 24.09 -114.15
CA GLY DA 237 95.73 24.34 -114.27
C GLY DA 237 96.14 25.73 -113.81
N THR DA 238 95.15 26.59 -113.64
CA THR DA 238 95.38 27.98 -113.22
C THR DA 238 95.79 28.07 -111.75
N LYS DA 239 96.35 29.23 -111.39
CA LYS DA 239 96.84 29.51 -110.02
C LYS DA 239 95.77 29.52 -108.92
N GLU DA 240 94.54 29.89 -109.26
CA GLU DA 240 93.49 30.14 -108.26
C GLU DA 240 92.84 28.85 -107.70
N VAL DA 241 92.58 27.89 -108.58
CA VAL DA 241 92.09 26.58 -108.16
C VAL DA 241 93.18 25.82 -107.39
N GLU DA 242 94.42 26.27 -107.57
CA GLU DA 242 95.58 25.80 -106.80
C GLU DA 242 95.60 26.42 -105.38
N ASP DA 243 95.39 27.74 -105.30
CA ASP DA 243 95.20 28.43 -104.01
C ASP DA 243 94.06 27.78 -103.23
N TYR DA 244 93.04 27.33 -103.95
CA TYR DA 244 91.92 26.58 -103.37
C TYR DA 244 92.32 25.14 -102.98
N ARG DA 245 93.20 24.50 -103.76
CA ARG DA 245 93.73 23.19 -103.40
C ARG DA 245 94.34 23.27 -102.01
N LYS DA 246 95.32 24.17 -101.89
CA LYS DA 246 96.06 24.34 -100.64
C LYS DA 246 95.18 24.84 -99.49
N SER DA 247 94.27 25.75 -99.81
CA SER DA 247 93.34 26.28 -98.83
C SER DA 247 92.38 25.23 -98.23
N VAL DA 248 91.67 24.48 -99.08
CA VAL DA 248 90.67 23.51 -98.58
C VAL DA 248 91.29 22.20 -98.10
N VAL DA 249 92.48 21.84 -98.59
CA VAL DA 249 93.18 20.69 -98.02
C VAL DA 249 93.76 21.05 -96.65
N SER DA 250 94.28 22.28 -96.52
CA SER DA 250 94.73 22.78 -95.22
C SER DA 250 93.53 23.10 -94.30
N LEU DA 251 92.33 23.22 -94.86
CA LEU DA 251 91.11 23.41 -94.06
C LEU DA 251 90.52 22.12 -93.53
N LYS DA 252 90.50 21.08 -94.37
CA LYS DA 252 89.95 19.79 -93.96
C LYS DA 252 90.94 18.97 -93.12
N ASN DA 253 92.21 18.95 -93.50
CA ASN DA 253 93.21 18.16 -92.77
C ASN DA 253 93.72 18.84 -91.49
N GLU DA 254 94.08 20.12 -91.60
CA GLU DA 254 94.60 20.85 -90.46
C GLU DA 254 93.48 21.24 -89.51
N GLY DA 255 92.26 21.41 -90.05
CA GLY DA 255 91.09 21.74 -89.25
C GLY DA 255 90.73 23.22 -89.25
N ASP DA 256 89.95 23.63 -88.25
CA ASP DA 256 89.51 25.02 -88.15
C ASP DA 256 90.56 25.94 -87.53
N ASN DA 257 90.93 26.99 -88.25
CA ASN DA 257 91.94 27.94 -87.80
C ASN DA 257 91.76 29.31 -88.45
N GLU DA 258 92.41 30.33 -87.89
CA GLU DA 258 92.31 31.68 -88.42
C GLU DA 258 93.08 31.87 -89.73
N ASN DA 259 94.33 31.43 -89.75
CA ASN DA 259 95.15 31.54 -90.95
C ASN DA 259 94.60 30.71 -92.11
N THR DA 260 93.86 29.65 -91.75
CA THR DA 260 93.27 28.73 -92.72
C THR DA 260 92.03 29.30 -93.40
N LEU DA 261 91.16 29.94 -92.63
CA LEU DA 261 90.03 30.66 -93.20
C LEU DA 261 90.51 31.97 -93.83
N SER DA 262 91.75 32.36 -93.53
CA SER DA 262 92.42 33.45 -94.24
C SER DA 262 92.86 33.00 -95.64
N GLN DA 263 93.40 31.78 -95.72
CA GLN DA 263 93.68 31.14 -97.01
C GLN DA 263 92.39 30.97 -97.81
N TYR DA 264 91.30 30.60 -97.13
CA TYR DA 264 89.98 30.43 -97.77
C TYR DA 264 89.44 31.75 -98.32
N LYS DA 265 89.47 32.78 -97.49
CA LYS DA 265 89.01 34.11 -97.90
C LYS DA 265 89.84 34.67 -99.06
N GLU DA 266 91.15 34.42 -99.07
CA GLU DA 266 92.02 34.90 -100.16
C GLU DA 266 91.79 34.14 -101.48
N SER DA 267 91.76 32.81 -101.42
CA SER DA 267 91.58 31.98 -102.63
C SER DA 267 90.19 32.15 -103.26
N VAL DA 268 89.14 32.25 -102.43
CA VAL DA 268 87.80 32.48 -102.96
C VAL DA 268 87.60 33.97 -103.35
N LYS DA 269 88.35 34.87 -102.72
CA LYS DA 269 88.42 36.28 -103.18
C LYS DA 269 88.96 36.35 -104.59
N ARG DA 270 89.97 35.53 -104.87
CA ARG DA 270 90.53 35.46 -106.22
C ARG DA 270 89.64 34.70 -107.21
N LEU DA 271 88.92 33.68 -106.72
CA LEU DA 271 88.07 32.86 -107.60
C LEU DA 271 86.77 33.58 -108.02
N LEU DA 272 86.16 34.31 -107.09
CA LEU DA 272 84.89 35.00 -107.36
C LEU DA 272 85.08 36.46 -107.80
N ASN DA 273 86.35 36.86 -107.93
CA ASN DA 273 86.78 38.15 -108.52
C ASN DA 273 86.70 39.38 -107.61
N LEU DA 274 86.05 39.26 -106.45
CA LEU DA 274 85.95 40.37 -105.49
C LEU DA 274 87.32 40.66 -104.84
N ALA DA 275 87.66 41.94 -104.68
CA ALA DA 275 88.93 42.31 -104.07
C ALA DA 275 88.74 42.79 -102.64
N ALA EA 1 71.14 51.74 16.76
CA ALA EA 1 70.94 50.98 17.99
C ALA EA 1 70.35 49.59 17.72
N THR EA 2 70.87 48.59 18.43
CA THR EA 2 70.42 47.20 18.28
C THR EA 2 69.33 46.87 19.29
N PRO EA 3 68.21 46.29 18.81
CA PRO EA 3 67.14 45.82 19.69
C PRO EA 3 67.67 44.88 20.76
N SER EA 4 67.31 45.13 22.02
CA SER EA 4 67.89 44.40 23.14
C SER EA 4 67.60 42.92 23.04
N LEU EA 5 68.64 42.12 23.26
CA LEU EA 5 68.49 40.69 23.26
C LEU EA 5 68.25 40.19 24.68
N ARG EA 6 68.12 41.13 25.61
CA ARG EA 6 67.92 40.78 27.00
C ARG EA 6 66.50 40.33 27.32
N GLY EA 7 66.38 39.13 27.90
CA GLY EA 7 65.10 38.63 28.40
C GLY EA 7 64.07 38.20 27.36
N ARG EA 8 64.42 38.34 26.08
CA ARG EA 8 63.47 38.06 24.99
C ARG EA 8 63.21 36.56 24.77
N LEU EA 9 64.29 35.80 24.62
CA LEU EA 9 64.25 34.40 24.25
C LEU EA 9 63.85 33.47 25.40
N ALA EA 10 63.42 32.26 25.05
CA ALA EA 10 63.01 31.27 26.05
C ALA EA 10 64.18 30.38 26.50
N ARG EA 11 64.54 30.52 27.76
CA ARG EA 11 65.66 29.79 28.35
C ARG EA 11 65.28 29.31 29.74
N LEU EA 12 66.12 28.49 30.36
CA LEU EA 12 65.75 27.90 31.64
C LEU EA 12 65.90 28.88 32.81
N GLY EA 13 66.65 29.95 32.59
CA GLY EA 13 66.81 30.96 33.63
C GLY EA 13 65.70 32.00 33.65
N ASN EA 14 65.12 32.22 32.48
CA ASN EA 14 64.18 33.30 32.23
C ASN EA 14 62.94 33.30 33.13
N PRO EA 15 62.77 34.38 33.92
CA PRO EA 15 61.62 34.68 34.77
C PRO EA 15 60.37 35.08 33.99
N ARG EA 16 60.62 35.71 32.84
CA ARG EA 16 59.59 36.25 31.98
C ARG EA 16 59.12 35.16 31.03
N ARG EA 17 58.34 35.56 30.03
CA ARG EA 17 57.90 34.62 29.01
C ARG EA 17 58.38 35.12 27.64
N PRO EA 18 58.53 34.22 26.66
CA PRO EA 18 59.18 34.51 25.38
C PRO EA 18 58.64 35.71 24.60
N ILE EA 19 59.57 36.54 24.14
CA ILE EA 19 59.24 37.60 23.20
C ILE EA 19 59.48 37.13 21.78
N LEU EA 20 60.73 36.80 21.49
CA LEU EA 20 61.13 36.38 20.16
C LEU EA 20 61.27 34.87 20.06
N LYS EA 21 60.66 34.30 19.03
CA LYS EA 21 60.88 32.91 18.70
C LYS EA 21 61.70 32.88 17.43
N PRO EA 22 63.01 32.59 17.57
CA PRO EA 22 63.91 32.58 16.42
C PRO EA 22 63.70 31.33 15.60
N ASN EA 23 63.68 31.48 14.29
CA ASN EA 23 63.54 30.31 13.45
C ASN EA 23 64.85 29.55 13.44
N LYS EA 24 65.93 30.28 13.15
CA LYS EA 24 67.27 29.73 13.17
C LYS EA 24 68.05 30.41 14.30
N PRO EA 25 69.13 29.77 14.80
CA PRO EA 25 69.87 30.43 15.88
C PRO EA 25 70.39 31.78 15.43
N LEU EA 26 70.45 32.73 16.36
CA LEU EA 26 70.97 34.04 16.01
C LEU EA 26 72.46 34.03 16.30
N ILE EA 27 73.22 33.99 15.21
CA ILE EA 27 74.67 34.00 15.22
C ILE EA 27 75.05 34.73 13.96
N LEU EA 28 76.09 35.55 14.00
CA LEU EA 28 76.55 36.11 12.76
C LEU EA 28 77.19 34.96 11.97
N ALA EA 29 76.68 34.70 10.77
CA ALA EA 29 77.23 33.64 9.92
C ALA EA 29 78.45 34.15 9.19
N ASN EA 30 79.41 33.28 8.95
CA ASN EA 30 80.68 33.70 8.37
C ASN EA 30 80.52 34.35 7.01
N HIS EA 31 79.71 33.75 6.14
CA HIS EA 31 79.46 34.35 4.84
C HIS EA 31 78.47 35.50 4.96
N VAL EA 32 78.21 36.16 3.83
CA VAL EA 32 77.21 37.22 3.77
C VAL EA 32 76.24 36.84 2.68
N GLY EA 33 75.00 37.31 2.78
CA GLY EA 33 74.03 37.06 1.73
C GLY EA 33 74.51 37.62 0.40
N GLU EA 34 74.39 36.82 -0.66
CA GLU EA 34 74.81 37.24 -1.99
C GLU EA 34 73.90 38.31 -2.56
N ARG EA 35 74.39 39.02 -3.57
CA ARG EA 35 73.61 40.03 -4.29
C ARG EA 35 72.28 39.47 -4.79
N ARG EA 36 71.20 40.18 -4.50
CA ARG EA 36 69.88 39.81 -4.96
C ARG EA 36 69.65 40.47 -6.30
N ARG EA 37 69.56 39.68 -7.37
CA ARG EA 37 69.38 40.27 -8.70
C ARG EA 37 67.99 40.85 -8.88
N GLU EA 38 67.93 42.10 -9.34
CA GLU EA 38 66.70 42.83 -9.54
C GLU EA 38 65.88 42.36 -10.74
N LYS EA 39 64.59 42.67 -10.76
CA LYS EA 39 63.70 42.23 -11.84
C LYS EA 39 63.60 43.24 -12.97
N GLY EA 40 62.88 42.86 -14.03
CA GLY EA 40 62.63 43.76 -15.13
C GLY EA 40 61.25 44.38 -15.08
N GLU EA 41 61.13 45.52 -15.77
CA GLU EA 41 59.85 46.21 -15.97
C GLU EA 41 59.44 46.13 -17.43
N ALA EA 42 58.30 46.75 -17.75
CA ALA EA 42 57.94 46.91 -19.16
C ALA EA 42 58.40 48.29 -19.61
N THR EA 43 59.41 48.33 -20.47
CA THR EA 43 60.04 49.58 -20.86
C THR EA 43 59.43 50.08 -22.16
N CYS EA 44 59.37 51.39 -22.31
CA CYS EA 44 58.98 52.09 -23.55
C CYS EA 44 57.47 52.23 -23.73
N ILE EA 45 56.71 51.72 -22.77
CA ILE EA 45 55.25 51.70 -22.85
C ILE EA 45 54.61 53.06 -23.23
N THR EA 46 55.18 54.16 -22.73
CA THR EA 46 54.62 55.49 -22.99
C THR EA 46 54.53 55.81 -24.48
N GLU EA 47 55.65 55.70 -25.19
CA GLU EA 47 55.67 55.95 -26.63
C GLU EA 47 54.83 54.91 -27.37
N MET EA 48 54.75 53.72 -26.80
CA MET EA 48 53.91 52.64 -27.33
C MET EA 48 52.44 53.08 -27.45
N SER EA 49 51.83 53.47 -26.33
CA SER EA 49 50.42 53.88 -26.36
C SER EA 49 50.21 55.28 -26.99
N VAL EA 50 51.25 56.12 -26.96
CA VAL EA 50 51.24 57.39 -27.69
C VAL EA 50 51.04 57.11 -29.20
N MET EA 51 51.83 56.19 -29.72
CA MET EA 51 51.73 55.79 -31.12
C MET EA 51 50.46 54.97 -31.41
N MET EA 52 49.95 54.24 -30.42
CA MET EA 52 48.65 53.56 -30.56
C MET EA 52 47.54 54.60 -30.78
N ALA EA 53 47.59 55.68 -30.00
CA ALA EA 53 46.70 56.82 -30.21
C ALA EA 53 46.85 57.35 -31.63
N CYS EA 54 48.11 57.60 -32.00
CA CYS EA 54 48.46 58.10 -33.33
C CYS EA 54 47.85 57.28 -34.48
N TRP EA 55 47.84 55.96 -34.31
CA TRP EA 55 47.29 55.07 -35.34
C TRP EA 55 45.78 54.94 -35.32
N LYS EA 56 45.17 54.92 -34.13
CA LYS EA 56 43.72 54.79 -34.08
C LYS EA 56 43.06 56.08 -34.63
N GLN EA 57 43.74 57.23 -34.51
CA GLN EA 57 43.17 58.46 -35.09
C GLN EA 57 43.42 58.62 -36.61
N ASN EA 58 44.56 58.12 -37.08
CA ASN EA 58 44.99 58.30 -38.47
C ASN EA 58 44.60 57.18 -39.43
N GLU EA 59 43.74 56.26 -38.97
CA GLU EA 59 43.22 55.12 -39.76
C GLU EA 59 44.32 54.12 -40.16
N PHE EA 60 45.39 54.11 -39.38
CA PHE EA 60 46.55 53.22 -39.58
C PHE EA 60 47.36 53.51 -40.84
N ARG EA 61 47.53 54.79 -41.16
CA ARG EA 61 48.52 55.14 -42.15
C ARG EA 61 49.77 55.64 -41.42
N ASP EA 62 50.85 54.88 -41.56
CA ASP EA 62 52.11 55.18 -40.90
C ASP EA 62 52.67 56.52 -41.37
N GLU EA 63 52.36 56.86 -42.62
CA GLU EA 63 52.85 58.07 -43.27
C GLU EA 63 52.33 59.33 -42.58
N ALA EA 64 51.21 59.20 -41.88
CA ALA EA 64 50.58 60.33 -41.22
C ALA EA 64 51.43 60.82 -40.05
N CYS EA 65 52.04 59.90 -39.32
CA CYS EA 65 52.90 60.29 -38.21
C CYS EA 65 54.29 59.65 -38.31
N ARG EA 66 55.28 60.48 -38.58
CA ARG EA 66 56.69 60.07 -38.54
C ARG EA 66 57.31 60.15 -37.15
N LYS EA 67 56.81 61.08 -36.35
CA LYS EA 67 57.42 61.48 -35.09
C LYS EA 67 57.27 60.41 -33.97
N GLU EA 68 56.04 59.98 -33.71
CA GLU EA 68 55.76 58.96 -32.68
C GLU EA 68 56.63 57.73 -32.88
N ILE EA 69 56.70 57.29 -34.14
CA ILE EA 69 57.49 56.14 -34.53
C ILE EA 69 58.96 56.32 -34.18
N GLN EA 70 59.52 57.45 -34.58
CA GLN EA 70 60.93 57.71 -34.38
C GLN EA 70 61.28 57.81 -32.89
N ASP EA 71 60.39 58.40 -32.11
CA ASP EA 71 60.62 58.49 -30.67
C ASP EA 71 60.48 57.12 -30.02
N PHE EA 72 59.66 56.27 -30.63
CA PHE EA 72 59.48 54.90 -30.14
C PHE EA 72 60.69 54.02 -30.42
N PHE EA 73 61.32 54.22 -31.58
CA PHE EA 73 62.53 53.48 -31.95
C PHE EA 73 63.77 54.02 -31.23
N ASP EA 74 63.78 55.32 -30.94
CA ASP EA 74 64.82 55.91 -30.09
C ASP EA 74 64.67 55.37 -28.66
N CYS EA 75 63.43 55.18 -28.21
CA CYS EA 75 63.20 54.58 -26.88
C CYS EA 75 63.63 53.11 -26.84
N ALA EA 76 63.29 52.35 -27.88
CA ALA EA 76 63.71 50.95 -27.98
C ALA EA 76 65.23 50.84 -28.00
N SER EA 77 65.89 51.78 -28.69
CA SER EA 77 67.35 51.81 -28.71
C SER EA 77 67.92 52.17 -27.33
N ARG EA 78 67.24 53.06 -26.61
CA ARG EA 78 67.63 53.40 -25.23
C ARG EA 78 67.48 52.20 -24.30
N ALA EA 79 66.47 51.36 -24.55
CA ALA EA 79 66.24 50.17 -23.74
C ALA EA 79 67.26 49.06 -24.04
N GLU EA 80 67.62 48.90 -25.31
CA GLU EA 80 68.66 47.94 -25.70
C GLU EA 80 70.02 48.34 -25.11
N ALA EA 81 70.38 49.60 -25.30
CA ALA EA 81 71.61 50.14 -24.73
C ALA EA 81 71.59 49.96 -23.21
N ALA EA 82 70.42 50.16 -22.61
CA ALA EA 82 70.25 49.97 -21.17
C ALA EA 82 70.46 48.49 -20.77
N ARG EA 83 70.08 47.55 -21.64
CA ARG EA 83 70.24 46.12 -21.31
C ARG EA 83 71.69 45.66 -21.45
N LYS EA 84 72.36 46.08 -22.51
CA LYS EA 84 73.80 45.79 -22.65
C LYS EA 84 74.60 46.42 -21.50
N MET EA 85 74.30 47.68 -21.19
CA MET EA 85 75.00 48.39 -20.13
C MET EA 85 74.69 47.80 -18.74
N ARG EA 86 73.46 47.31 -18.54
CA ARG EA 86 73.11 46.66 -17.27
C ARG EA 86 73.72 45.25 -17.18
N SER EA 87 74.11 44.70 -18.34
CA SER EA 87 74.85 43.42 -18.34
C SER EA 87 76.32 43.62 -17.96
N ILE EA 88 76.99 44.61 -18.56
CA ILE EA 88 78.39 44.89 -18.23
C ILE EA 88 78.54 45.66 -16.91
N GLN EA 89 77.40 46.06 -16.34
CA GLN EA 89 77.37 46.88 -15.11
C GLN EA 89 77.76 46.15 -13.84
N GLU EA 90 78.11 44.86 -13.95
CA GLU EA 90 78.35 43.99 -12.77
C GLU EA 90 79.26 44.60 -11.70
N ASN EA 91 80.08 45.58 -12.08
CA ASN EA 91 80.87 46.36 -11.12
C ASN EA 91 80.01 47.20 -10.17
N LEU EA 92 78.70 47.23 -10.42
CA LEU EA 92 77.73 48.01 -9.64
C LEU EA 92 77.86 47.78 -8.14
N GLY EA 93 77.47 46.59 -7.68
CA GLY EA 93 77.38 46.31 -6.26
C GLY EA 93 76.34 47.20 -5.62
N GLU EA 94 76.63 47.72 -4.43
CA GLU EA 94 75.75 48.70 -3.79
C GLU EA 94 76.24 50.17 -3.91
N LEU EA 95 77.41 50.40 -4.52
CA LEU EA 95 77.94 51.75 -4.73
C LEU EA 95 78.16 52.55 -3.44
N GLY EA 96 79.27 52.28 -2.76
CA GLY EA 96 79.48 52.74 -1.39
C GLY EA 96 79.58 51.59 -0.43
N SER EA 97 79.32 50.39 -0.94
CA SER EA 97 79.60 49.15 -0.24
C SER EA 97 80.52 48.32 -1.13
N LEU EA 98 80.80 47.09 -0.72
CA LEU EA 98 81.66 46.23 -1.51
C LEU EA 98 80.84 45.06 -2.07
N PRO EA 99 81.29 44.52 -3.21
CA PRO EA 99 80.67 43.31 -3.76
C PRO EA 99 80.82 42.14 -2.78
N PRO EA 100 79.83 41.24 -2.73
CA PRO EA 100 79.77 40.14 -1.75
C PRO EA 100 81.06 39.32 -1.57
N LYS EA 101 81.84 39.07 -2.63
CA LYS EA 101 83.09 38.33 -2.49
C LYS EA 101 83.99 38.94 -1.45
N LYS EA 102 84.31 40.21 -1.66
CA LYS EA 102 85.26 40.93 -0.82
C LYS EA 102 84.77 40.99 0.61
N LEU EA 103 83.47 41.17 0.78
CA LEU EA 103 82.87 41.05 2.09
C LEU EA 103 83.18 39.70 2.69
N ASN EA 104 83.06 38.64 1.90
CA ASN EA 104 83.22 37.29 2.43
C ASN EA 104 84.66 36.94 2.81
N LYS EA 105 85.64 37.36 2.02
CA LYS EA 105 87.03 37.20 2.45
C LYS EA 105 87.23 38.01 3.71
N LEU EA 106 86.68 39.22 3.72
CA LEU EA 106 86.78 40.11 4.86
C LEU EA 106 86.29 39.46 6.14
N LEU EA 107 85.18 38.75 6.07
CA LEU EA 107 84.60 38.09 7.23
C LEU EA 107 85.30 36.75 7.56
N HIS EA 108 85.88 36.09 6.55
CA HIS EA 108 86.60 34.83 6.78
C HIS EA 108 88.01 35.14 7.27
N ARG EA 109 88.28 36.45 7.34
CA ARG EA 109 89.38 36.99 8.12
C ARG EA 109 89.02 37.13 9.60
N PHE EA 110 87.82 37.64 9.88
CA PHE EA 110 87.39 37.79 11.28
C PHE EA 110 86.05 37.12 11.56
N PRO EA 111 86.08 35.79 11.74
CA PRO EA 111 84.85 35.06 11.99
C PRO EA 111 84.25 35.34 13.37
N ASN EA 112 83.01 34.94 13.54
CA ASN EA 112 82.36 34.95 14.84
C ASN EA 112 82.56 33.59 15.51
N LYS EA 113 82.73 33.59 16.82
CA LYS EA 113 82.98 32.35 17.55
C LYS EA 113 81.76 31.81 18.27
N PRO EA 114 81.11 30.77 17.72
CA PRO EA 114 80.21 29.96 18.53
C PRO EA 114 80.97 29.10 19.53
N HIS EA 115 82.04 28.46 19.08
CA HIS EA 115 82.76 27.48 19.90
C HIS EA 115 83.84 28.04 20.83
N VAL EA 116 84.11 27.29 21.88
CA VAL EA 116 85.21 27.50 22.81
C VAL EA 116 85.18 28.88 23.43
N LYS FA 1 56.94 13.41 11.62
CA LYS FA 1 57.70 12.97 12.79
C LYS FA 1 56.77 12.47 13.88
N ASN FA 2 56.77 13.19 15.01
CA ASN FA 2 55.80 12.95 16.08
C ASN FA 2 54.40 13.06 15.53
N ILE FA 3 54.29 13.81 14.43
CA ILE FA 3 53.04 13.98 13.74
C ILE FA 3 52.40 12.63 13.51
N LEU FA 4 53.22 11.64 13.17
CA LEU FA 4 52.69 10.31 12.88
C LEU FA 4 52.01 9.62 14.06
N LYS FA 5 52.42 9.93 15.28
CA LYS FA 5 51.63 9.50 16.42
C LYS FA 5 50.34 10.32 16.44
N ILE FA 6 50.50 11.63 16.42
CA ILE FA 6 49.36 12.54 16.46
C ILE FA 6 48.37 12.27 15.33
N ARG FA 7 48.84 12.06 14.11
CA ARG FA 7 47.95 11.79 12.99
C ARG FA 7 47.04 10.62 13.30
N ARG FA 8 47.61 9.57 13.91
CA ARG FA 8 46.80 8.43 14.29
C ARG FA 8 45.61 8.90 15.12
N ARG FA 9 45.91 9.60 16.21
CA ARG FA 9 44.87 10.12 17.08
C ARG FA 9 43.82 10.83 16.24
N LYS FA 10 44.27 11.71 15.35
CA LYS FA 10 43.33 12.52 14.56
C LYS FA 10 42.37 11.60 13.84
N MET FA 11 42.90 10.66 13.08
CA MET FA 11 42.02 9.75 12.36
C MET FA 11 41.17 9.05 13.37
N ASN FA 12 41.82 8.48 14.38
CA ASN FA 12 41.12 7.66 15.35
C ASN FA 12 40.05 8.50 16.07
N HIS FA 13 40.22 9.83 16.15
CA HIS FA 13 39.16 10.66 16.75
C HIS FA 13 38.04 10.89 15.75
N HIS FA 14 38.43 11.24 14.53
CA HIS FA 14 37.47 11.57 13.50
C HIS FA 14 36.53 10.40 13.28
N LYS FA 15 37.09 9.22 13.12
CA LYS FA 15 36.33 8.00 12.87
C LYS FA 15 35.40 7.67 14.01
N TYR FA 16 35.72 8.24 15.17
CA TYR FA 16 34.83 8.13 16.29
C TYR FA 16 33.61 9.03 16.12
N ARG FA 17 33.84 10.30 15.83
CA ARG FA 17 32.75 11.26 15.70
C ARG FA 17 31.70 10.77 14.73
N LYS FA 18 32.16 10.34 13.55
CA LYS FA 18 31.30 9.72 12.54
C LYS FA 18 30.41 8.66 13.19
N LEU FA 19 31.04 7.71 13.89
CA LEU FA 19 30.29 6.65 14.53
C LEU FA 19 29.25 7.25 15.44
N VAL FA 20 29.66 8.19 16.27
CA VAL FA 20 28.76 8.70 17.28
C VAL FA 20 27.55 9.40 16.63
N LYS FA 21 27.65 9.81 15.37
CA LYS FA 21 26.47 10.36 14.72
C LYS FA 21 25.52 9.27 14.27
N ARG FA 22 26.04 8.22 13.66
CA ARG FA 22 25.20 7.17 13.08
C ARG FA 22 24.56 6.32 14.13
N THR FA 23 25.34 6.06 15.18
CA THR FA 23 24.94 5.22 16.30
C THR FA 23 24.25 6.09 17.36
N ARG FA 24 24.07 7.37 17.05
CA ARG FA 24 23.61 8.36 18.04
C ARG FA 24 22.34 8.01 18.82
N PHE FA 25 21.26 7.75 18.10
CA PHE FA 25 19.99 7.59 18.76
C PHE FA 25 19.91 6.25 19.43
N LEU FA 26 20.50 5.24 18.79
CA LEU FA 26 20.74 3.98 19.47
C LEU FA 26 21.44 4.20 20.82
N ARG FA 27 22.40 5.11 20.85
CA ARG FA 27 23.13 5.41 22.08
C ARG FA 27 22.25 6.09 23.10
N ARG FA 28 21.34 6.93 22.65
CA ARG FA 28 20.39 7.54 23.57
C ARG FA 28 19.50 6.50 24.23
N LYS FA 29 18.91 5.60 23.43
CA LYS FA 29 18.13 4.49 23.97
C LYS FA 29 18.88 3.73 25.05
N VAL FA 30 20.10 3.29 24.73
CA VAL FA 30 20.88 2.53 25.69
C VAL FA 30 21.18 3.37 26.94
N ARG FA 31 21.55 4.64 26.75
CA ARG FA 31 21.87 5.51 27.87
C ARG FA 31 20.68 5.69 28.84
N GLU FA 32 19.52 6.06 28.31
CA GLU FA 32 18.37 6.30 29.16
C GLU FA 32 17.90 5.00 29.80
N GLY FA 33 18.07 3.88 29.09
CA GLY FA 33 17.86 2.58 29.70
C GLY FA 33 18.79 2.37 30.90
N ARG FA 34 20.01 2.86 30.76
CA ARG FA 34 21.02 2.72 31.81
C ARG FA 34 20.72 3.58 33.04
N LEU FA 35 20.12 4.75 32.84
CA LEU FA 35 19.65 5.54 33.98
C LEU FA 35 18.43 4.88 34.62
N ARG FA 36 17.65 4.17 33.80
CA ARG FA 36 16.50 3.39 34.27
C ARG FA 36 16.92 2.19 35.10
N GLN FA 37 18.13 1.70 34.90
CA GLN FA 37 18.69 0.73 35.85
C GLN FA 37 19.26 1.44 37.07
N LYS FA 38 19.86 2.59 36.82
CA LYS FA 38 20.50 3.37 37.89
C LYS FA 38 19.53 3.70 39.01
N GLN FA 39 18.53 4.50 38.70
CA GLN FA 39 17.54 4.92 39.69
C GLN FA 39 16.98 3.74 40.47
N VAL FA 40 16.70 2.65 39.77
CA VAL FA 40 16.18 1.46 40.41
C VAL FA 40 17.17 0.86 41.42
N LYS FA 41 18.44 0.73 41.05
CA LYS FA 41 19.42 0.15 41.97
C LYS FA 41 19.62 1.06 43.20
N PHE FA 42 19.51 2.37 42.98
CA PHE FA 42 19.42 3.33 44.08
C PHE FA 42 18.28 2.93 45.04
N GLU FA 43 17.09 2.75 44.45
CA GLU FA 43 15.91 2.36 45.21
C GLU FA 43 16.11 1.12 46.06
N ARG FA 44 16.56 0.05 45.44
CA ARG FA 44 16.85 -1.17 46.18
C ARG FA 44 17.87 -0.92 47.28
N ASP FA 45 18.85 -0.05 47.03
CA ASP FA 45 19.84 0.25 48.05
C ASP FA 45 19.18 0.85 49.29
N LEU FA 46 18.12 1.63 49.08
CA LEU FA 46 17.40 2.18 50.24
C LEU FA 46 16.39 1.20 50.90
N LYS FA 47 15.65 0.48 50.07
CA LYS FA 47 14.66 -0.49 50.57
C LYS FA 47 15.34 -1.54 51.43
N ARG FA 48 16.50 -1.96 50.98
CA ARG FA 48 17.34 -2.85 51.76
C ARG FA 48 17.68 -2.21 53.12
N ILE FA 49 17.75 -0.89 53.19
CA ILE FA 49 18.05 -0.21 54.46
C ILE FA 49 16.86 -0.24 55.42
N TRP FA 50 15.64 -0.01 54.92
CA TRP FA 50 14.50 -0.21 55.84
C TRP FA 50 14.47 -1.65 56.30
N GLN FA 51 14.54 -2.56 55.34
CA GLN FA 51 14.28 -3.97 55.63
C GLN FA 51 15.42 -4.67 56.39
N LYS FA 52 16.59 -4.02 56.43
CA LYS FA 52 17.61 -4.41 57.39
C LYS FA 52 17.39 -3.74 58.75
N ALA FA 53 16.93 -2.50 58.74
CA ALA FA 53 16.74 -1.76 59.99
C ALA FA 53 15.43 -2.19 60.67
N GLY FA 54 14.71 -3.08 60.00
CA GLY FA 54 13.54 -3.75 60.56
C GLY FA 54 12.18 -3.16 60.22
N LEU FA 55 12.15 -1.87 59.88
CA LEU FA 55 10.87 -1.23 59.56
C LEU FA 55 10.33 -1.87 58.30
N LYS FA 56 9.03 -2.12 58.26
CA LYS FA 56 8.44 -2.64 57.05
C LYS FA 56 8.41 -1.51 56.05
N GLU FA 57 7.64 -0.47 56.38
CA GLU FA 57 7.53 0.71 55.53
C GLU FA 57 8.71 1.66 55.58
N ALA FA 58 8.80 2.51 54.56
CA ALA FA 58 9.71 3.65 54.56
C ALA FA 58 9.36 4.56 55.72
N PRO FA 59 10.39 5.23 56.26
CA PRO FA 59 10.23 6.27 57.27
C PRO FA 59 9.28 7.37 56.82
N ALA FA 60 8.70 8.06 57.79
CA ALA FA 60 7.73 9.11 57.53
C ALA FA 60 8.30 10.23 56.68
N GLY FA 61 7.55 10.60 55.64
CA GLY FA 61 7.93 11.71 54.77
C GLY FA 61 8.99 11.36 53.74
N TRP FA 62 8.94 10.14 53.22
CA TRP FA 62 9.93 9.72 52.24
C TRP FA 62 9.36 9.42 50.86
N GLN FA 63 9.64 10.30 49.91
CA GLN FA 63 9.22 10.09 48.52
C GLN FA 63 10.31 9.44 47.65
N THR FA 64 11.54 9.39 48.16
CA THR FA 64 12.70 8.83 47.43
C THR FA 64 12.97 9.43 46.04
N PRO FA 65 13.50 10.66 45.99
CA PRO FA 65 13.67 11.49 44.79
C PRO FA 65 14.42 10.82 43.64
N LYS FA 66 14.08 11.16 42.39
CA LYS FA 66 14.84 10.65 41.25
C LYS FA 66 15.91 11.65 40.82
N ILE FA 67 17.16 11.30 41.14
CA ILE FA 67 18.33 12.10 40.75
C ILE FA 67 18.88 11.79 39.37
N TYR FA 68 18.95 10.50 39.06
CA TYR FA 68 19.59 10.04 37.84
C TYR FA 68 18.78 10.38 36.61
N LEU FA 69 17.46 10.41 36.79
CA LEU FA 69 16.54 10.67 35.70
C LEU FA 69 16.21 12.15 35.62
N LYS FA 70 16.87 12.95 36.46
CA LYS FA 70 16.67 14.40 36.46
C LYS FA 70 16.97 15.00 35.08
N ASN FA 71 16.09 15.86 34.63
CA ASN FA 71 16.32 16.64 33.42
C ASN FA 71 15.88 18.08 33.68
N GLN FA 72 15.97 18.91 32.64
CA GLN FA 72 15.75 20.36 32.76
C GLN FA 72 16.70 20.97 33.81
N GLU GA 55 128.64 0.74 -85.27
CA GLU GA 55 130.05 0.96 -84.98
C GLU GA 55 130.24 1.55 -83.58
N GLU GA 56 129.54 2.66 -83.33
CA GLU GA 56 129.58 3.30 -82.02
C GLU GA 56 128.92 2.42 -80.96
N VAL GA 57 127.95 1.61 -81.37
CA VAL GA 57 127.31 0.67 -80.47
C VAL GA 57 128.34 -0.31 -79.92
N VAL GA 58 128.37 -0.44 -78.60
CA VAL GA 58 129.23 -1.43 -77.97
C VAL GA 58 128.36 -2.31 -77.08
N ILE GA 59 128.51 -3.63 -77.19
CA ILE GA 59 127.72 -4.55 -76.36
C ILE GA 59 128.67 -5.40 -75.54
N PRO GA 60 128.34 -5.59 -74.26
CA PRO GA 60 129.14 -6.48 -73.42
C PRO GA 60 128.60 -7.89 -73.47
N LYS GA 61 129.21 -8.78 -72.70
CA LYS GA 61 128.73 -10.14 -72.62
C LYS GA 61 128.02 -10.37 -71.28
N LYS GA 62 127.45 -11.55 -71.11
CA LYS GA 62 126.72 -11.86 -69.88
C LYS GA 62 127.53 -12.79 -69.00
N LYS GA 63 127.50 -12.54 -67.69
CA LYS GA 63 128.22 -13.38 -66.76
C LYS GA 63 127.25 -14.31 -66.04
N THR GA 64 127.32 -15.59 -66.37
CA THR GA 64 126.45 -16.59 -65.78
C THR GA 64 127.09 -17.22 -64.54
N TRP GA 65 126.48 -16.99 -63.39
CA TRP GA 65 126.96 -17.55 -62.15
C TRP GA 65 125.93 -18.51 -61.59
N ASP GA 66 126.38 -19.41 -60.72
CA ASP GA 66 125.48 -20.33 -60.05
C ASP GA 66 124.52 -19.54 -59.16
N LYS GA 67 123.36 -20.14 -58.86
CA LYS GA 67 122.28 -19.42 -58.17
C LYS GA 67 122.69 -18.81 -56.82
N VAL GA 68 123.49 -19.55 -56.04
CA VAL GA 68 123.85 -19.12 -54.68
C VAL GA 68 125.15 -18.31 -54.59
N ALA GA 69 125.79 -18.07 -55.73
CA ALA GA 69 127.11 -17.44 -55.76
C ALA GA 69 127.11 -16.10 -55.05
N ILE GA 70 126.26 -15.19 -55.51
CA ILE GA 70 126.13 -13.85 -54.93
C ILE GA 70 125.89 -13.93 -53.42
N LEU GA 71 125.24 -15.01 -52.98
CA LEU GA 71 125.02 -15.23 -51.56
C LEU GA 71 126.37 -15.47 -50.87
N GLN GA 72 127.08 -16.51 -51.32
CA GLN GA 72 128.38 -16.83 -50.75
C GLN GA 72 129.34 -15.64 -50.77
N ALA GA 73 129.20 -14.81 -51.81
CA ALA GA 73 130.06 -13.63 -52.00
C ALA GA 73 129.94 -12.59 -50.89
N LEU GA 74 128.80 -12.56 -50.22
CA LEU GA 74 128.61 -11.60 -49.15
C LEU GA 74 129.00 -12.24 -47.81
N ALA GA 75 129.33 -13.52 -47.87
CA ALA GA 75 129.74 -14.25 -46.68
C ALA GA 75 131.26 -14.15 -46.45
N SER GA 76 131.99 -13.68 -47.45
CA SER GA 76 133.44 -13.62 -47.37
C SER GA 76 133.94 -12.37 -46.65
N THR GA 77 133.07 -11.38 -46.55
CA THR GA 77 133.41 -10.12 -45.88
C THR GA 77 132.98 -10.12 -44.41
N VAL GA 78 132.44 -11.24 -43.95
CA VAL GA 78 132.03 -11.41 -42.55
C VAL GA 78 132.69 -12.64 -41.89
N HIS GA 79 133.53 -12.38 -40.90
CA HIS GA 79 134.34 -13.42 -40.22
C HIS GA 79 133.66 -14.00 -38.98
N ARG GA 80 134.45 -14.73 -38.17
CA ARG GA 80 133.96 -15.27 -36.92
C ARG GA 80 134.14 -14.27 -35.77
N ASP GA 81 133.03 -13.83 -35.18
CA ASP GA 81 133.04 -12.94 -34.03
C ASP GA 81 133.41 -13.75 -32.78
N SER GA 82 134.42 -13.29 -32.03
CA SER GA 82 134.96 -14.07 -30.92
C SER GA 82 134.06 -14.09 -29.67
N THR GA 83 133.41 -12.96 -29.36
CA THR GA 83 132.51 -12.90 -28.21
C THR GA 83 131.15 -13.50 -28.53
N ALA GA 84 130.96 -13.87 -29.80
CA ALA GA 84 129.73 -14.55 -30.22
C ALA GA 84 129.86 -16.05 -30.00
N ALA GA 85 128.93 -16.60 -29.22
CA ALA GA 85 128.86 -18.02 -28.95
C ALA GA 85 128.56 -18.75 -30.25
N PRO GA 86 128.68 -20.08 -30.26
CA PRO GA 86 128.34 -20.80 -31.49
C PRO GA 86 126.98 -20.36 -32.02
N TYR GA 87 126.95 -20.03 -33.31
CA TYR GA 87 125.76 -19.47 -33.94
C TYR GA 87 124.63 -20.50 -34.01
N VAL GA 88 124.99 -21.78 -33.95
CA VAL GA 88 124.02 -22.87 -33.98
C VAL GA 88 123.08 -22.81 -32.78
N PHE GA 89 123.64 -22.52 -31.61
CA PHE GA 89 122.87 -22.40 -30.36
C PHE GA 89 122.19 -21.01 -30.23
N GLN GA 90 121.13 -20.95 -29.43
CA GLN GA 90 120.32 -19.73 -29.28
C GLN GA 90 121.11 -18.56 -28.68
N ASP GA 91 120.64 -17.33 -28.90
CA ASP GA 91 121.41 -16.11 -28.61
C ASP GA 91 121.30 -15.60 -27.16
N ASP GA 92 120.35 -16.12 -26.40
CA ASP GA 92 120.11 -15.63 -25.04
C ASP GA 92 121.11 -16.19 -24.02
N PRO GA 93 121.52 -15.36 -23.06
CA PRO GA 93 122.40 -15.71 -21.93
C PRO GA 93 121.99 -16.97 -21.15
N TYR GA 94 120.70 -17.22 -21.00
CA TYR GA 94 120.22 -18.39 -20.26
C TYR GA 94 120.57 -19.69 -20.96
N LEU GA 95 120.48 -19.69 -22.29
CA LEU GA 95 120.75 -20.89 -23.11
C LEU GA 95 122.14 -20.97 -23.76
N ILE GA 96 122.97 -19.93 -23.63
CA ILE GA 96 124.31 -19.95 -24.25
C ILE GA 96 125.15 -21.01 -23.55
N PRO GA 97 125.74 -21.91 -24.34
CA PRO GA 97 126.54 -23.02 -23.77
C PRO GA 97 127.75 -22.52 -22.99
N THR GA 98 127.89 -22.97 -21.74
CA THR GA 98 128.96 -22.52 -20.85
C THR GA 98 130.31 -23.24 -21.03
N SER GA 99 130.26 -24.57 -21.07
CA SER GA 99 131.47 -25.39 -21.19
C SER GA 99 131.31 -26.33 -22.37
N SER GA 100 132.22 -27.28 -22.51
CA SER GA 100 132.10 -28.29 -23.55
C SER GA 100 130.87 -29.18 -23.28
N VAL GA 101 130.68 -29.55 -22.01
CA VAL GA 101 129.61 -30.46 -21.59
C VAL GA 101 128.22 -29.93 -21.93
N GLU GA 102 127.98 -28.69 -21.55
CA GLU GA 102 126.71 -28.04 -21.80
C GLU GA 102 126.42 -27.96 -23.30
N SER GA 103 127.45 -27.65 -24.08
CA SER GA 103 127.33 -27.63 -25.54
C SER GA 103 126.86 -28.99 -26.05
N HIS GA 104 127.54 -30.05 -25.61
CA HIS GA 104 127.19 -31.41 -26.01
C HIS GA 104 125.72 -31.73 -25.69
N SER GA 105 125.33 -31.50 -24.44
CA SER GA 105 123.98 -31.80 -24.01
C SER GA 105 122.93 -30.99 -24.79
N PHE GA 106 123.20 -29.70 -24.99
CA PHE GA 106 122.30 -28.78 -25.70
C PHE GA 106 122.06 -29.23 -27.14
N LEU GA 107 123.14 -29.38 -27.90
CA LEU GA 107 123.04 -29.80 -29.30
C LEU GA 107 122.36 -31.16 -29.40
N LEU GA 108 122.74 -32.05 -28.49
CA LEU GA 108 122.15 -33.38 -28.43
C LEU GA 108 120.64 -33.31 -28.27
N ALA GA 109 120.18 -32.43 -27.39
CA ALA GA 109 118.75 -32.24 -27.18
C ALA GA 109 118.08 -31.70 -28.43
N LYS GA 110 118.76 -30.77 -29.11
CA LYS GA 110 118.26 -30.20 -30.36
C LYS GA 110 117.98 -31.32 -31.36
N LYS GA 111 118.99 -32.16 -31.56
CA LYS GA 111 118.86 -33.30 -32.46
C LYS GA 111 117.80 -34.30 -32.00
N SER GA 112 117.61 -34.40 -30.69
CA SER GA 112 116.61 -35.32 -30.14
C SER GA 112 115.20 -34.85 -30.48
N GLY GA 113 114.98 -33.54 -30.36
CA GLY GA 113 113.72 -32.94 -30.72
C GLY GA 113 113.46 -33.11 -32.20
N GLU GA 114 114.51 -32.91 -33.00
CA GLU GA 114 114.39 -33.11 -34.44
C GLU GA 114 114.00 -34.55 -34.78
N ASN GA 115 114.64 -35.53 -34.15
CA ASN GA 115 114.36 -36.95 -34.41
C ASN GA 115 112.97 -37.36 -33.98
N ALA GA 116 112.56 -36.87 -32.82
CA ALA GA 116 111.19 -37.06 -32.37
C ALA GA 116 110.23 -36.50 -33.42
N ALA GA 117 110.55 -35.30 -33.90
CA ALA GA 117 109.72 -34.60 -34.89
C ALA GA 117 109.56 -35.41 -36.17
N LYS GA 118 110.67 -35.88 -36.72
CA LYS GA 118 110.66 -36.70 -37.93
C LYS GA 118 109.91 -38.00 -37.69
N PHE GA 119 110.01 -38.53 -36.47
CA PHE GA 119 109.25 -39.71 -36.10
C PHE GA 119 107.76 -39.43 -36.23
N ILE GA 120 107.30 -38.30 -35.70
CA ILE GA 120 105.88 -37.95 -35.79
C ILE GA 120 105.46 -37.73 -37.25
N ILE GA 121 106.19 -36.88 -37.95
CA ILE GA 121 105.91 -36.56 -39.35
C ILE GA 121 105.75 -37.80 -40.21
N ASN GA 122 106.76 -38.66 -40.14
CA ASN GA 122 106.78 -39.85 -40.96
C ASN GA 122 105.80 -40.92 -40.45
N SER GA 123 105.41 -40.82 -39.18
CA SER GA 123 104.43 -41.75 -38.63
C SER GA 123 103.03 -41.44 -39.15
N TYR GA 124 102.71 -40.15 -39.22
CA TYR GA 124 101.38 -39.71 -39.59
C TYR GA 124 101.44 -38.81 -40.84
N PRO GA 125 101.55 -39.45 -42.01
CA PRO GA 125 101.82 -38.80 -43.31
C PRO GA 125 100.70 -37.93 -43.90
N LYS GA 126 99.44 -38.34 -43.75
CA LYS GA 126 98.30 -37.65 -44.40
C LYS GA 126 98.20 -36.21 -43.96
N TYR GA 127 98.86 -35.93 -42.84
CA TYR GA 127 98.77 -34.67 -42.14
C TYR GA 127 99.66 -33.63 -42.79
N PHE GA 128 100.84 -34.06 -43.23
CA PHE GA 128 101.83 -33.18 -43.79
C PHE GA 128 101.82 -33.19 -45.32
N GLN GA 129 100.83 -33.88 -45.89
CA GLN GA 129 100.75 -34.09 -47.34
C GLN GA 129 100.18 -32.92 -48.16
N LYS GA 130 99.15 -32.24 -47.65
CA LYS GA 130 98.54 -31.10 -48.33
C LYS GA 130 99.58 -29.98 -48.58
N ASP GA 131 99.50 -29.31 -49.73
CA ASP GA 131 100.61 -28.48 -50.19
C ASP GA 131 100.33 -26.97 -50.27
N ILE GA 132 101.40 -26.19 -50.06
CA ILE GA 132 101.35 -24.73 -50.15
C ILE GA 132 102.41 -24.15 -51.10
N ALA GA 133 103.68 -24.33 -50.76
CA ALA GA 133 104.81 -23.66 -51.43
C ALA GA 133 104.94 -23.96 -52.94
N GLU GA 134 105.06 -22.90 -53.73
CA GLU GA 134 105.17 -23.01 -55.19
C GLU GA 134 106.44 -23.65 -55.76
N PRO GA 135 107.64 -23.37 -55.19
CA PRO GA 135 108.79 -24.05 -55.79
C PRO GA 135 108.73 -25.57 -55.65
N HIS GA 136 107.84 -26.04 -54.78
CA HIS GA 136 107.63 -27.46 -54.45
C HIS GA 136 108.91 -28.15 -54.00
N ILE GA 137 109.33 -27.81 -52.80
CA ILE GA 137 110.42 -28.51 -52.13
C ILE GA 137 110.02 -29.96 -51.86
N PRO GA 138 110.68 -30.91 -52.53
CA PRO GA 138 110.43 -32.34 -52.31
C PRO GA 138 110.94 -32.83 -50.95
N CYS GA 139 111.80 -32.02 -50.33
CA CYS GA 139 112.49 -32.38 -49.09
C CYS GA 139 111.55 -32.55 -47.89
N LEU GA 140 110.58 -31.66 -47.78
CA LEU GA 140 109.76 -31.53 -46.58
C LEU GA 140 108.54 -32.46 -46.58
N MET GA 141 108.43 -33.31 -47.61
CA MET GA 141 107.36 -34.28 -47.67
C MET GA 141 107.75 -35.56 -46.93
N PRO GA 142 106.82 -36.15 -46.16
CA PRO GA 142 107.04 -37.32 -45.32
C PRO GA 142 107.20 -38.64 -46.11
N GLU GA 143 107.71 -39.68 -45.46
CA GLU GA 143 107.98 -40.97 -46.11
C GLU GA 143 107.28 -42.15 -45.44
N UNK GA 144 105.91 -61.40 -61.21
CA UNK GA 144 105.60 -60.98 -59.85
C UNK GA 144 106.79 -61.21 -58.90
N UNK GA 145 107.86 -61.80 -59.42
CA UNK GA 145 109.10 -61.92 -58.67
C UNK GA 145 109.91 -60.62 -58.73
N UNK GA 146 109.75 -59.90 -59.84
CA UNK GA 146 110.44 -58.63 -60.06
C UNK GA 146 109.95 -57.54 -59.10
N UNK GA 147 108.63 -57.49 -58.88
CA UNK GA 147 108.05 -56.54 -57.93
C UNK GA 147 108.40 -56.90 -56.48
N UNK GA 148 108.68 -58.19 -56.26
CA UNK GA 148 109.10 -58.66 -54.92
C UNK GA 148 110.56 -58.34 -54.63
N UNK GA 149 111.44 -58.47 -55.61
CA UNK GA 149 112.84 -58.06 -55.43
C UNK GA 149 112.95 -56.53 -55.45
N UNK GA 150 111.98 -55.85 -56.07
CA UNK GA 150 111.92 -54.37 -56.07
C UNK GA 150 111.42 -53.80 -54.73
N UNK GA 151 110.39 -54.40 -54.15
CA UNK GA 151 109.91 -53.96 -52.83
C UNK GA 151 110.76 -54.57 -51.70
N UNK GA 152 111.63 -55.52 -52.05
CA UNK GA 152 112.69 -55.99 -51.14
C UNK GA 152 113.94 -55.09 -51.15
N UNK GA 153 114.31 -54.58 -52.33
CA UNK GA 153 115.45 -53.66 -52.44
C UNK GA 153 115.06 -52.24 -52.04
N UNK GA 154 113.76 -51.94 -52.08
CA UNK GA 154 113.25 -50.64 -51.62
C UNK GA 154 113.09 -50.58 -50.09
N UNK GA 155 112.62 -51.66 -49.48
CA UNK GA 155 112.32 -51.69 -48.04
C UNK GA 155 113.51 -52.15 -47.17
N UNK GA 156 114.66 -52.37 -47.80
CA UNK GA 156 115.87 -52.75 -47.07
C UNK GA 156 117.07 -51.93 -47.55
N UNK GA 157 115.25 -56.79 -42.87
CA UNK GA 157 116.08 -57.52 -43.81
C UNK GA 157 115.67 -59.00 -43.91
N UNK GA 158 114.82 -59.45 -42.99
CA UNK GA 158 114.29 -60.82 -43.00
C UNK GA 158 113.10 -61.03 -43.96
N UNK GA 159 112.15 -60.10 -43.95
CA UNK GA 159 110.93 -60.22 -44.76
C UNK GA 159 111.19 -59.99 -46.25
N UNK GA 160 112.26 -59.25 -46.56
CA UNK GA 160 112.67 -59.01 -47.93
C UNK GA 160 113.30 -60.26 -48.57
N UNK GA 161 114.12 -60.98 -47.81
CA UNK GA 161 114.73 -62.23 -48.29
C UNK GA 161 113.73 -63.41 -48.25
N UNK GA 162 112.76 -63.38 -47.33
CA UNK GA 162 111.72 -64.42 -47.31
C UNK GA 162 110.67 -64.19 -48.41
N UNK GA 163 110.38 -62.93 -48.73
CA UNK GA 163 109.46 -62.62 -49.83
C UNK GA 163 110.14 -62.78 -51.20
N UNK GA 164 111.45 -62.53 -51.28
CA UNK GA 164 112.18 -62.78 -52.53
C UNK GA 164 112.53 -64.26 -52.72
N UNK GA 165 112.57 -65.04 -51.63
CA UNK GA 165 112.71 -66.50 -51.75
C UNK GA 165 111.36 -67.16 -52.11
N UNK GA 166 110.27 -66.67 -51.51
CA UNK GA 166 108.92 -67.16 -51.85
C UNK GA 166 108.43 -66.60 -53.20
N UNK GA 167 109.12 -65.59 -53.74
CA UNK GA 167 108.96 -65.23 -55.15
C UNK GA 167 110.04 -65.86 -56.06
N UNK GA 168 111.08 -66.47 -55.46
CA UNK GA 168 112.08 -67.21 -56.24
C UNK GA 168 111.64 -68.65 -56.58
N UNK GA 169 111.01 -69.32 -55.61
CA UNK GA 169 110.57 -70.71 -55.81
C UNK GA 169 109.22 -70.84 -56.56
N UNK GA 170 108.42 -69.77 -56.59
CA UNK GA 170 107.12 -69.79 -57.27
C UNK GA 170 107.17 -69.22 -58.69
N UNK GA 171 108.36 -68.85 -59.17
CA UNK GA 171 108.52 -68.35 -60.54
C UNK GA 171 109.35 -69.31 -61.38
N UNK GA 172 119.53 -60.44 -61.79
CA UNK GA 172 118.96 -60.89 -60.53
C UNK GA 172 120.04 -61.23 -59.51
N UNK GA 173 121.28 -61.35 -59.98
CA UNK GA 173 122.42 -61.64 -59.09
C UNK GA 173 122.89 -60.37 -58.36
N UNK GA 174 122.70 -59.21 -58.97
CA UNK GA 174 123.09 -57.93 -58.36
C UNK GA 174 122.20 -57.58 -57.17
N UNK GA 175 120.90 -57.92 -57.26
CA UNK GA 175 119.95 -57.66 -56.18
C UNK GA 175 120.24 -58.50 -54.92
N UNK GA 176 120.48 -59.80 -55.12
CA UNK GA 176 120.78 -60.69 -54.00
C UNK GA 176 122.22 -60.57 -53.47
N UNK GA 177 123.17 -60.17 -54.33
CA UNK GA 177 124.55 -59.94 -53.88
C UNK GA 177 124.77 -58.59 -53.17
N UNK GA 178 124.03 -57.55 -53.58
CA UNK GA 178 124.08 -56.28 -52.83
C UNK GA 178 123.13 -56.32 -51.61
N UNK GA 179 122.13 -57.23 -51.63
CA UNK GA 179 121.32 -57.46 -50.41
C UNK GA 179 122.07 -58.35 -49.41
N UNK GA 180 122.95 -59.23 -49.92
CA UNK GA 180 123.84 -60.00 -49.04
C UNK GA 180 125.03 -59.14 -48.56
N UNK GA 181 125.48 -58.21 -49.41
CA UNK GA 181 126.55 -57.27 -49.02
C UNK GA 181 126.01 -56.16 -48.11
N UNK GA 182 124.67 -55.98 -48.10
CA UNK GA 182 124.00 -55.16 -47.08
C UNK GA 182 123.69 -55.93 -45.77
N UNK GA 183 123.34 -57.22 -45.87
CA UNK GA 183 123.01 -58.01 -44.67
C UNK GA 183 124.23 -58.51 -43.90
N UNK GA 184 125.38 -58.64 -44.56
CA UNK GA 184 126.60 -59.09 -43.91
C UNK GA 184 127.33 -57.99 -43.12
N UNK GA 185 127.03 -56.73 -43.45
CA UNK GA 185 127.64 -55.59 -42.74
C UNK GA 185 126.59 -54.77 -41.99
N UNK GA 186 130.49 -63.92 -37.89
CA UNK GA 186 130.78 -64.18 -39.29
C UNK GA 186 130.11 -65.47 -39.78
N UNK GA 187 129.09 -65.93 -39.06
CA UNK GA 187 128.28 -67.07 -39.50
C UNK GA 187 127.21 -66.67 -40.53
N UNK GA 188 126.49 -65.58 -40.25
CA UNK GA 188 125.36 -65.15 -41.09
C UNK GA 188 125.81 -64.34 -42.32
N UNK GA 189 127.04 -63.83 -42.30
CA UNK GA 189 127.61 -63.10 -43.44
C UNK GA 189 127.88 -64.04 -44.63
N UNK GA 190 128.63 -65.11 -44.39
CA UNK GA 190 128.84 -66.12 -45.43
C UNK GA 190 127.67 -67.11 -45.52
N UNK GA 191 126.75 -67.10 -44.54
CA UNK GA 191 125.48 -67.87 -44.69
C UNK GA 191 124.51 -67.19 -45.68
N UNK GA 192 124.37 -65.87 -45.59
CA UNK GA 192 123.52 -65.15 -46.56
C UNK GA 192 124.26 -64.96 -47.90
N UNK GA 193 125.60 -64.87 -47.87
CA UNK GA 193 126.37 -64.83 -49.12
C UNK GA 193 126.36 -66.19 -49.84
N UNK GA 194 126.38 -67.30 -49.10
CA UNK GA 194 126.28 -68.64 -49.72
C UNK GA 194 124.83 -69.04 -50.10
N UNK GA 195 123.83 -68.54 -49.37
CA UNK GA 195 122.43 -68.79 -49.77
C UNK GA 195 122.05 -67.94 -50.99
N UNK GA 196 122.61 -66.73 -51.09
CA UNK GA 196 122.43 -65.91 -52.29
C UNK GA 196 123.24 -66.45 -53.49
N UNK GA 197 124.45 -66.96 -53.27
CA UNK GA 197 125.23 -67.57 -54.36
C UNK GA 197 124.71 -68.97 -54.75
N UNK GA 198 123.90 -69.58 -53.87
CA UNK GA 198 123.14 -70.79 -54.21
C UNK GA 198 121.81 -70.52 -54.95
N UNK GA 199 121.16 -69.39 -54.67
CA UNK GA 199 119.91 -69.06 -55.36
C UNK GA 199 120.08 -68.18 -56.63
N UNK GA 200 121.31 -67.69 -56.88
CA UNK GA 200 121.58 -66.92 -58.11
C UNK GA 200 122.19 -67.78 -59.24
N UNK GA 201 122.32 -69.08 -59.00
CA UNK GA 201 122.87 -69.99 -59.99
C UNK GA 201 121.84 -71.02 -60.46
N UNK GA 202 128.14 -61.83 -62.67
CA UNK GA 202 127.86 -62.26 -61.30
C UNK GA 202 129.14 -62.72 -60.58
N UNK GA 203 130.29 -62.48 -61.18
CA UNK GA 203 131.58 -62.72 -60.52
C UNK GA 203 131.98 -61.56 -59.61
N UNK GA 204 131.82 -60.32 -60.11
CA UNK GA 204 132.19 -59.12 -59.35
C UNK GA 204 131.21 -58.86 -58.18
N UNK GA 205 129.99 -59.38 -58.32
CA UNK GA 205 128.98 -59.26 -57.26
C UNK GA 205 129.17 -60.26 -56.12
N UNK GA 206 129.57 -61.50 -56.43
CA UNK GA 206 129.88 -62.49 -55.39
C UNK GA 206 131.27 -62.24 -54.79
N UNK GA 207 132.17 -61.60 -55.55
CA UNK GA 207 133.45 -61.16 -54.99
C UNK GA 207 133.33 -59.85 -54.19
N UNK GA 208 132.33 -59.00 -54.49
CA UNK GA 208 132.05 -57.85 -53.62
C UNK GA 208 131.17 -58.22 -52.41
N UNK GA 209 130.44 -59.33 -52.51
CA UNK GA 209 129.76 -59.93 -51.34
C UNK GA 209 130.77 -60.71 -50.48
N UNK GA 210 131.85 -61.18 -51.12
CA UNK GA 210 133.01 -61.72 -50.38
C UNK GA 210 133.90 -60.60 -49.82
N UNK GA 211 133.83 -59.40 -50.42
CA UNK GA 211 134.50 -58.22 -49.86
C UNK GA 211 133.73 -57.69 -48.65
N UNK GA 212 132.40 -57.77 -48.72
CA UNK GA 212 131.54 -57.38 -47.59
C UNK GA 212 131.47 -58.45 -46.48
N UNK GA 213 131.74 -59.71 -46.80
CA UNK GA 213 131.89 -60.73 -45.76
C UNK GA 213 133.34 -60.86 -45.26
N UNK GA 214 134.30 -60.26 -45.98
CA UNK GA 214 135.67 -60.12 -45.48
C UNK GA 214 135.88 -58.89 -44.58
N UNK GA 215 135.30 -57.74 -44.97
CA UNK GA 215 135.55 -56.47 -44.28
C UNK GA 215 134.70 -56.26 -43.03
N UNK GA 216 133.62 -57.03 -42.90
CA UNK GA 216 132.72 -56.92 -41.75
C UNK GA 216 133.04 -57.91 -40.62
N UNK GA 217 134.13 -58.67 -40.76
CA UNK GA 217 134.52 -59.66 -39.75
C UNK GA 217 135.84 -59.30 -39.05
N UNK GA 218 137.18 -66.26 -41.75
CA UNK GA 218 136.43 -65.14 -42.31
C UNK GA 218 137.29 -64.35 -43.29
N UNK GA 219 138.57 -64.20 -42.97
CA UNK GA 219 139.54 -63.56 -43.86
C UNK GA 219 140.07 -64.52 -44.95
N UNK GA 220 140.16 -65.81 -44.63
CA UNK GA 220 140.67 -66.82 -45.57
C UNK GA 220 139.63 -67.30 -46.59
N UNK GA 221 138.39 -67.51 -46.12
CA UNK GA 221 137.31 -67.99 -46.99
C UNK GA 221 136.96 -66.96 -48.09
N UNK GA 222 137.18 -65.68 -47.79
CA UNK GA 222 136.94 -64.61 -48.77
C UNK GA 222 138.06 -64.41 -49.80
N UNK GA 223 139.30 -64.74 -49.43
CA UNK GA 223 140.41 -64.73 -50.40
C UNK GA 223 140.37 -66.01 -51.25
N UNK GA 224 139.80 -67.08 -50.70
CA UNK GA 224 139.56 -68.31 -51.47
C UNK GA 224 138.33 -68.18 -52.40
N UNK GA 225 137.33 -67.41 -51.99
CA UNK GA 225 136.18 -67.12 -52.87
C UNK GA 225 136.47 -65.98 -53.88
N UNK GA 226 137.45 -65.12 -53.56
CA UNK GA 226 137.91 -64.11 -54.53
C UNK GA 226 139.06 -64.64 -55.42
N UNK GA 227 139.63 -65.80 -55.07
CA UNK GA 227 140.46 -66.55 -56.03
C UNK GA 227 139.61 -67.60 -56.76
N UNK GA 228 138.39 -67.87 -56.26
CA UNK GA 228 137.41 -68.70 -56.98
C UNK GA 228 136.61 -67.89 -58.00
N UNK GA 229 136.44 -66.59 -57.75
CA UNK GA 229 135.70 -65.72 -58.68
C UNK GA 229 136.58 -65.04 -59.74
N UNK GA 230 137.90 -65.18 -59.61
CA UNK GA 230 138.82 -64.62 -60.60
C UNK GA 230 139.11 -65.59 -61.75
N UNK GA 231 138.72 -66.85 -61.59
CA UNK GA 231 138.94 -67.86 -62.61
C UNK GA 231 137.77 -67.95 -63.58
N UNK GA 232 135.39 -54.34 -61.92
CA UNK GA 232 136.63 -55.11 -61.89
C UNK GA 232 137.57 -54.67 -60.76
N UNK GA 233 137.37 -53.43 -60.30
CA UNK GA 233 138.15 -52.89 -59.19
C UNK GA 233 137.64 -53.36 -57.83
N UNK GA 234 136.35 -53.70 -57.76
CA UNK GA 234 135.74 -54.14 -56.51
C UNK GA 234 136.29 -55.48 -56.04
N UNK GA 235 136.69 -56.35 -56.97
CA UNK GA 235 137.26 -57.66 -56.63
C UNK GA 235 138.74 -57.58 -56.23
N UNK GA 236 139.46 -56.59 -56.78
CA UNK GA 236 140.86 -56.38 -56.39
C UNK GA 236 140.95 -55.65 -55.05
N UNK GA 237 140.04 -54.71 -54.78
CA UNK GA 237 139.98 -54.08 -53.46
C UNK GA 237 139.35 -55.06 -52.44
N UNK GA 238 138.57 -56.01 -52.95
CA UNK GA 238 138.12 -57.19 -52.18
C UNK GA 238 139.28 -58.04 -51.68
N UNK GA 239 140.01 -58.62 -52.62
CA UNK GA 239 141.15 -59.49 -52.30
C UNK GA 239 142.27 -58.72 -51.57
N UNK GA 240 142.35 -57.40 -51.77
CA UNK GA 240 143.33 -56.58 -51.04
C UNK GA 240 142.89 -56.24 -49.61
N UNK GA 241 141.60 -55.99 -49.38
CA UNK GA 241 141.11 -55.76 -48.02
C UNK GA 241 141.12 -57.05 -47.21
N UNK GA 242 140.85 -58.17 -47.88
CA UNK GA 242 140.88 -59.50 -47.24
C UNK GA 242 142.32 -60.00 -46.99
N UNK GA 243 143.23 -59.79 -47.95
CA UNK GA 243 144.64 -60.21 -47.75
C UNK GA 243 145.46 -59.18 -46.96
N UNK GA 244 144.91 -57.98 -46.75
CA UNK GA 244 145.43 -57.06 -45.73
C UNK GA 244 144.89 -57.36 -44.32
N UNK GA 245 143.62 -57.79 -44.23
CA UNK GA 245 143.02 -58.10 -42.92
C UNK GA 245 143.39 -59.50 -42.38
N UNK GA 246 143.83 -60.39 -43.25
CA UNK GA 246 144.28 -61.72 -42.80
C UNK GA 246 145.69 -61.68 -42.18
N UNK GA 247 146.65 -61.05 -42.85
CA UNK GA 247 148.02 -60.97 -42.35
C UNK GA 247 148.29 -59.65 -41.64
N UNK GA 248 157.80 -60.97 -42.99
CA UNK GA 248 157.99 -61.40 -44.37
C UNK GA 248 156.65 -61.67 -45.07
N UNK GA 249 155.57 -61.17 -44.48
CA UNK GA 249 154.25 -61.21 -45.14
C UNK GA 249 153.99 -59.92 -45.93
N UNK GA 250 154.86 -58.93 -45.72
CA UNK GA 250 154.74 -57.61 -46.35
C UNK GA 250 155.09 -57.61 -47.84
N UNK GA 251 156.24 -58.19 -48.19
CA UNK GA 251 156.68 -58.23 -49.60
C UNK GA 251 155.83 -59.17 -50.46
N UNK GA 252 155.24 -60.20 -49.84
CA UNK GA 252 154.33 -61.10 -50.55
C UNK GA 252 152.89 -60.54 -50.67
N UNK GA 253 152.41 -59.82 -49.66
CA UNK GA 253 151.11 -59.14 -49.80
C UNK GA 253 151.23 -57.98 -50.79
N UNK GA 254 152.41 -57.37 -50.87
CA UNK GA 254 152.69 -56.30 -51.84
C UNK GA 254 152.95 -56.81 -53.26
N UNK GA 255 153.54 -58.00 -53.40
CA UNK GA 255 153.72 -58.59 -54.73
C UNK GA 255 152.39 -59.17 -55.27
N UNK GA 256 151.58 -59.73 -54.37
CA UNK GA 256 150.25 -60.21 -54.77
C UNK GA 256 149.25 -59.06 -55.02
N UNK GA 257 149.41 -57.93 -54.32
CA UNK GA 257 148.57 -56.75 -54.59
C UNK GA 257 149.06 -55.94 -55.82
N UNK GA 258 150.37 -55.92 -56.08
CA UNK GA 258 150.89 -55.29 -57.30
C UNK GA 258 150.73 -56.21 -58.52
N UNK GA 259 150.43 -57.49 -58.29
CA UNK GA 259 149.96 -58.36 -59.38
C UNK GA 259 148.41 -58.43 -59.49
N UNK GA 260 147.70 -57.98 -58.46
CA UNK GA 260 146.23 -57.80 -58.56
C UNK GA 260 145.83 -56.42 -59.13
N UNK GA 261 146.73 -55.45 -59.03
CA UNK GA 261 146.44 -54.08 -59.47
C UNK GA 261 146.61 -53.81 -60.99
N UNK GA 262 147.67 -54.36 -61.58
CA UNK GA 262 148.01 -54.08 -62.98
C UNK GA 262 147.43 -55.10 -63.99
N UNK GA 263 146.63 -56.05 -63.51
CA UNK GA 263 145.97 -57.02 -64.39
C UNK GA 263 144.53 -56.61 -64.71
N UNK GA 264 143.62 -43.84 -58.89
CA UNK GA 264 144.83 -44.22 -58.19
C UNK GA 264 144.90 -43.65 -56.77
N UNK GA 265 143.80 -43.03 -56.34
CA UNK GA 265 143.71 -42.43 -55.00
C UNK GA 265 143.35 -43.41 -53.86
N UNK GA 266 142.45 -44.36 -54.12
CA UNK GA 266 141.99 -45.29 -53.09
C UNK GA 266 142.98 -46.44 -52.78
N UNK GA 267 143.79 -46.82 -53.78
CA UNK GA 267 144.82 -47.85 -53.57
C UNK GA 267 146.03 -47.28 -52.80
N UNK GA 268 146.36 -46.01 -53.05
CA UNK GA 268 147.43 -45.32 -52.31
C UNK GA 268 146.98 -44.84 -50.91
N UNK GA 269 145.69 -44.52 -50.76
CA UNK GA 269 145.13 -44.17 -49.44
C UNK GA 269 144.86 -45.40 -48.55
N UNK GA 270 144.50 -46.54 -49.16
CA UNK GA 270 144.38 -47.80 -48.40
C UNK GA 270 145.75 -48.48 -48.15
N UNK GA 271 146.73 -48.24 -49.03
CA UNK GA 271 148.11 -48.69 -48.78
C UNK GA 271 148.81 -47.81 -47.74
N UNK GA 272 148.48 -46.51 -47.73
CA UNK GA 272 149.00 -45.62 -46.67
C UNK GA 272 148.21 -45.75 -45.35
N UNK GA 273 146.98 -46.28 -45.41
CA UNK GA 273 146.25 -46.60 -44.17
C UNK GA 273 146.71 -47.96 -43.58
N UNK GA 274 147.01 -48.93 -44.45
CA UNK GA 274 147.58 -50.21 -44.00
C UNK GA 274 149.08 -50.07 -43.66
N UNK GA 275 149.68 -48.96 -44.10
CA UNK GA 275 151.01 -48.57 -43.60
C UNK GA 275 150.90 -47.62 -42.39
N UNK GA 276 149.69 -47.12 -42.12
CA UNK GA 276 149.40 -46.32 -40.92
C UNK GA 276 149.13 -47.20 -39.69
N UNK GA 277 148.46 -48.33 -39.90
CA UNK GA 277 148.15 -49.25 -38.80
C UNK GA 277 149.33 -50.17 -38.45
N UNK GA 278 150.30 -50.27 -39.35
CA UNK GA 278 151.42 -51.21 -39.20
C UNK GA 278 152.55 -50.74 -38.27
N UNK GA 279 152.95 -49.48 -38.40
CA UNK GA 279 154.10 -48.97 -37.66
C UNK GA 279 153.81 -48.84 -36.17
N UNK GA 280 162.82 -52.43 -42.73
CA UNK GA 280 162.35 -52.33 -44.11
C UNK GA 280 160.82 -52.22 -44.18
N UNK GA 281 160.17 -51.98 -43.04
CA UNK GA 281 158.74 -51.67 -43.01
C UNK GA 281 158.51 -50.19 -43.32
N UNK GA 282 159.34 -49.34 -42.69
CA UNK GA 282 159.22 -47.89 -42.82
C UNK GA 282 159.77 -47.38 -44.17
N UNK GA 283 160.73 -48.09 -44.76
CA UNK GA 283 161.26 -47.71 -46.08
C UNK GA 283 160.36 -48.20 -47.23
N UNK GA 284 159.55 -49.22 -46.96
CA UNK GA 284 158.53 -49.68 -47.93
C UNK GA 284 157.29 -48.80 -47.86
N UNK GA 285 156.89 -48.39 -46.65
CA UNK GA 285 155.80 -47.42 -46.53
C UNK GA 285 156.24 -46.03 -47.05
N UNK GA 286 157.52 -45.69 -46.88
CA UNK GA 286 158.04 -44.39 -47.36
C UNK GA 286 158.32 -44.38 -48.88
N UNK GA 287 158.77 -45.50 -49.44
CA UNK GA 287 158.95 -45.56 -50.89
C UNK GA 287 157.60 -45.80 -51.60
N UNK GA 288 156.60 -46.33 -50.88
CA UNK GA 288 155.24 -46.42 -51.42
C UNK GA 288 154.53 -45.06 -51.38
N UNK GA 289 154.76 -44.28 -50.31
CA UNK GA 289 154.19 -42.94 -50.23
C UNK GA 289 154.93 -41.95 -51.16
N UNK GA 290 156.23 -42.19 -51.40
CA UNK GA 290 156.98 -41.37 -52.36
C UNK GA 290 156.81 -41.85 -53.81
N UNK GA 291 156.28 -43.08 -53.98
CA UNK GA 291 155.81 -43.51 -55.30
C UNK GA 291 154.40 -42.99 -55.60
N UNK GA 292 153.61 -42.80 -54.55
CA UNK GA 292 152.23 -42.31 -54.73
C UNK GA 292 152.05 -40.78 -54.58
N UNK GA 293 153.08 -40.05 -54.16
CA UNK GA 293 152.96 -38.58 -54.08
C UNK GA 293 153.48 -37.84 -55.34
N UNK GA 294 154.15 -38.56 -56.23
CA UNK GA 294 154.61 -37.98 -57.50
C UNK GA 294 153.73 -38.34 -58.74
N UNK GA 295 152.70 -39.16 -58.54
CA UNK GA 295 151.83 -39.55 -59.66
C UNK GA 295 150.42 -39.00 -59.48
N UNK GA 296 143.59 -34.79 -51.53
CA UNK GA 296 143.60 -34.16 -50.21
C UNK GA 296 143.67 -35.20 -49.09
N UNK GA 297 143.13 -36.38 -49.38
CA UNK GA 297 143.13 -37.49 -48.41
C UNK GA 297 144.27 -38.51 -48.60
N UNK GA 298 145.12 -38.33 -49.62
CA UNK GA 298 146.28 -39.20 -49.79
C UNK GA 298 147.43 -38.80 -48.85
N UNK GA 299 147.77 -37.51 -48.84
CA UNK GA 299 148.83 -36.98 -47.98
C UNK GA 299 148.36 -36.82 -46.54
N UNK GA 300 147.05 -36.99 -46.31
CA UNK GA 300 146.46 -36.95 -44.97
C UNK GA 300 146.73 -38.22 -44.16
N UNK GA 301 146.46 -39.38 -44.77
CA UNK GA 301 146.79 -40.66 -44.13
C UNK GA 301 148.25 -41.05 -44.41
N UNK GA 302 148.90 -40.40 -45.39
CA UNK GA 302 150.36 -40.51 -45.53
C UNK GA 302 151.06 -39.74 -44.43
N UNK GA 303 150.47 -38.60 -44.03
CA UNK GA 303 150.96 -37.86 -42.87
C UNK GA 303 150.60 -38.59 -41.57
N UNK GA 304 149.46 -39.28 -41.55
CA UNK GA 304 149.11 -40.11 -40.40
C UNK GA 304 150.13 -41.26 -40.26
N UNK GA 305 150.58 -41.81 -41.39
CA UNK GA 305 151.57 -42.89 -41.41
C UNK GA 305 152.98 -42.43 -40.98
N UNK GA 306 153.50 -41.38 -41.64
CA UNK GA 306 154.85 -40.92 -41.31
C UNK GA 306 154.94 -40.15 -39.97
N UNK GA 307 153.80 -39.63 -39.48
CA UNK GA 307 153.75 -39.04 -38.11
C UNK GA 307 153.54 -40.10 -37.00
N UNK GA 308 152.75 -41.15 -37.26
CA UNK GA 308 152.55 -42.19 -36.24
C UNK GA 308 153.66 -43.24 -36.25
N UNK GA 309 154.52 -43.21 -37.27
CA UNK GA 309 155.74 -44.02 -37.24
C UNK GA 309 156.86 -43.27 -36.50
N UNK GA 310 156.68 -41.96 -36.30
CA UNK GA 310 157.65 -41.13 -35.59
C UNK GA 310 157.14 -40.72 -34.21
N UNK GA 311 160.19 -31.09 -42.61
CA UNK GA 311 159.14 -31.22 -41.60
C UNK GA 311 158.04 -30.16 -41.77
N UNK GA 312 158.44 -28.93 -42.12
CA UNK GA 312 157.47 -27.88 -42.42
C UNK GA 312 157.06 -27.97 -43.89
N UNK GA 313 157.74 -28.85 -44.64
CA UNK GA 313 157.39 -29.18 -46.01
C UNK GA 313 156.18 -30.12 -46.05
N UNK GA 314 156.10 -31.00 -45.05
CA UNK GA 314 154.94 -31.89 -44.92
C UNK GA 314 153.66 -31.11 -44.56
N UNK GA 315 153.80 -30.13 -43.67
CA UNK GA 315 152.66 -29.30 -43.24
C UNK GA 315 152.28 -28.19 -44.23
N UNK GA 316 153.26 -27.61 -44.95
CA UNK GA 316 152.93 -26.61 -45.98
C UNK GA 316 152.45 -27.25 -47.29
N UNK GA 317 152.99 -28.44 -47.65
CA UNK GA 317 152.48 -29.16 -48.82
C UNK GA 317 151.17 -29.90 -48.53
N UNK GA 318 150.91 -30.27 -47.27
CA UNK GA 318 149.58 -30.79 -46.90
C UNK GA 318 148.61 -29.64 -46.57
N UNK GA 319 149.12 -28.42 -46.42
CA UNK GA 319 148.25 -27.23 -46.36
C UNK GA 319 147.80 -26.84 -47.77
N UNK GA 320 148.73 -26.87 -48.73
CA UNK GA 320 148.38 -26.64 -50.13
C UNK GA 320 147.59 -27.82 -50.74
N UNK GA 321 147.76 -29.02 -50.18
CA UNK GA 321 146.94 -30.18 -50.55
C UNK GA 321 145.56 -30.22 -49.85
N UNK GA 322 145.45 -29.65 -48.65
CA UNK GA 322 144.15 -29.60 -47.96
C UNK GA 322 143.34 -28.32 -48.24
N UNK GA 323 143.95 -27.33 -48.92
CA UNK GA 323 143.24 -26.10 -49.27
C UNK GA 323 142.29 -26.28 -50.45
N UNK GA 324 142.80 -26.89 -51.53
CA UNK GA 324 142.02 -27.06 -52.76
C UNK GA 324 141.06 -28.25 -52.66
N UNK GA 325 136.78 -39.47 -41.97
CA UNK GA 325 137.70 -40.60 -42.08
C UNK GA 325 139.14 -40.13 -42.20
N UNK GA 326 139.44 -39.34 -43.23
CA UNK GA 326 140.77 -38.76 -43.42
C UNK GA 326 141.03 -37.47 -42.62
N UNK GA 327 139.99 -36.66 -42.42
CA UNK GA 327 140.11 -35.32 -41.84
C UNK GA 327 140.56 -35.26 -40.37
N UNK GA 328 139.80 -35.91 -39.49
CA UNK GA 328 140.09 -35.89 -38.05
C UNK GA 328 141.38 -36.64 -37.70
N UNK GA 329 141.77 -37.58 -38.56
CA UNK GA 329 143.03 -38.33 -38.41
C UNK GA 329 144.24 -37.50 -38.87
N UNK GA 330 144.11 -36.79 -39.98
CA UNK GA 330 145.20 -35.90 -40.40
C UNK GA 330 145.37 -34.78 -39.38
N UNK GA 331 144.24 -34.24 -38.89
CA UNK GA 331 144.28 -33.15 -37.90
C UNK GA 331 144.80 -33.63 -36.52
N UNK GA 332 144.39 -34.83 -36.09
CA UNK GA 332 144.87 -35.37 -34.81
C UNK GA 332 146.34 -35.85 -34.89
N UNK GA 333 146.79 -36.27 -36.08
CA UNK GA 333 148.20 -36.66 -36.24
C UNK GA 333 149.12 -35.43 -36.33
N UNK GA 334 148.66 -34.37 -36.99
CA UNK GA 334 149.44 -33.13 -37.05
C UNK GA 334 149.44 -32.39 -35.70
N UNK GA 335 148.33 -32.46 -34.96
CA UNK GA 335 148.29 -31.85 -33.63
C UNK GA 335 148.99 -32.72 -32.56
N UNK GA 336 149.13 -34.02 -32.83
CA UNK GA 336 149.90 -34.90 -31.94
C UNK GA 336 151.41 -34.81 -32.20
N UNK GA 337 151.80 -34.58 -33.46
CA UNK GA 337 153.23 -34.42 -33.80
C UNK GA 337 153.74 -32.96 -33.81
N UNK GA 338 152.85 -31.98 -33.64
CA UNK GA 338 153.28 -30.59 -33.48
C UNK GA 338 153.80 -30.33 -32.07
N UNK GA 339 153.05 -30.81 -31.07
CA UNK GA 339 153.43 -30.66 -29.67
C UNK GA 339 154.55 -31.63 -29.30
N UNK GA 340 157.49 -25.39 -32.11
CA UNK GA 340 156.35 -26.29 -32.05
C UNK GA 340 155.03 -25.59 -32.43
N UNK GA 341 155.07 -24.25 -32.51
CA UNK GA 341 153.89 -23.48 -32.92
C UNK GA 341 153.83 -23.15 -34.44
N UNK GA 342 154.93 -23.43 -35.15
CA UNK GA 342 155.03 -23.08 -36.58
C UNK GA 342 154.23 -24.00 -37.52
N UNK GA 343 154.35 -25.32 -37.33
CA UNK GA 343 153.62 -26.30 -38.14
C UNK GA 343 152.12 -26.35 -37.80
N UNK GA 344 151.78 -25.97 -36.57
CA UNK GA 344 150.38 -25.80 -36.17
C UNK GA 344 149.82 -24.45 -36.63
N UNK GA 345 150.69 -23.47 -36.90
CA UNK GA 345 150.28 -22.22 -37.54
C UNK GA 345 150.03 -22.42 -39.05
N UNK GA 346 150.83 -23.26 -39.70
CA UNK GA 346 150.57 -23.59 -41.11
C UNK GA 346 149.42 -24.61 -41.26
N UNK GA 347 149.19 -25.43 -40.22
CA UNK GA 347 148.03 -26.34 -40.22
C UNK GA 347 146.73 -25.57 -39.91
N UNK GA 348 146.84 -24.52 -39.09
CA UNK GA 348 145.71 -23.61 -38.86
C UNK GA 348 145.46 -22.73 -40.09
N UNK GA 349 146.53 -22.47 -40.84
CA UNK GA 349 146.37 -21.80 -42.14
C UNK GA 349 145.70 -22.73 -43.15
N UNK GA 350 145.99 -24.03 -43.06
CA UNK GA 350 145.30 -25.03 -43.88
C UNK GA 350 143.80 -25.06 -43.54
N UNK GA 351 143.49 -25.14 -42.23
CA UNK GA 351 142.10 -25.20 -41.77
C UNK GA 351 141.27 -23.93 -42.00
N UNK GA 352 141.88 -22.75 -41.90
CA UNK GA 352 141.15 -21.51 -42.17
C UNK GA 352 141.18 -21.04 -43.65
N UNK GA 353 142.10 -21.56 -44.46
CA UNK GA 353 142.07 -21.29 -45.90
C UNK GA 353 141.12 -22.25 -46.65
N UNK GA 354 141.03 -23.51 -46.20
CA UNK GA 354 140.14 -24.47 -46.87
C UNK GA 354 138.65 -24.25 -46.54
N UNK GA 355 138.36 -23.88 -45.29
CA UNK GA 355 136.98 -23.64 -44.87
C UNK GA 355 136.59 -22.17 -45.06
N UNK GA 356 132.29 -37.04 -30.29
CA UNK GA 356 133.60 -37.66 -30.19
C UNK GA 356 134.71 -36.78 -30.78
N UNK GA 357 134.34 -35.92 -31.73
CA UNK GA 357 135.30 -34.99 -32.36
C UNK GA 357 135.36 -33.59 -31.72
N UNK GA 358 134.41 -33.28 -30.83
CA UNK GA 358 134.36 -31.97 -30.18
C UNK GA 358 135.49 -31.80 -29.18
N UNK GA 359 135.71 -32.82 -28.35
CA UNK GA 359 136.79 -32.80 -27.35
C UNK GA 359 138.18 -33.08 -27.97
N UNK GA 360 138.24 -33.67 -29.17
CA UNK GA 360 139.50 -33.83 -29.89
C UNK GA 360 139.92 -32.56 -30.66
N UNK GA 361 138.97 -31.86 -31.27
CA UNK GA 361 139.26 -30.55 -31.88
C UNK GA 361 139.57 -29.55 -30.78
N UNK GA 362 138.93 -29.72 -29.61
CA UNK GA 362 139.28 -28.92 -28.43
C UNK GA 362 140.60 -29.36 -27.78
N UNK GA 363 141.05 -30.59 -28.03
CA UNK GA 363 142.38 -31.04 -27.56
C UNK GA 363 143.50 -30.49 -28.45
N UNK GA 364 143.22 -30.39 -29.76
CA UNK GA 364 144.15 -29.74 -30.68
C UNK GA 364 144.23 -28.22 -30.42
N UNK GA 365 143.07 -27.60 -30.20
CA UNK GA 365 143.03 -26.16 -29.87
C UNK GA 365 143.59 -25.83 -28.48
N UNK GA 366 143.45 -26.76 -27.52
CA UNK GA 366 144.00 -26.56 -26.17
C UNK GA 366 145.51 -26.83 -26.11
N UNK GA 367 146.01 -27.78 -26.90
CA UNK GA 367 147.45 -27.99 -26.99
C UNK GA 367 148.08 -26.83 -27.79
N UNK GA 368 147.34 -26.27 -28.75
CA UNK GA 368 147.81 -25.10 -29.50
C UNK GA 368 147.84 -23.84 -28.64
N UNK GA 369 146.82 -23.65 -27.79
CA UNK GA 369 146.76 -22.49 -26.89
C UNK GA 369 147.73 -22.62 -25.69
N UNK GA 370 147.97 -23.85 -25.23
CA UNK GA 370 148.93 -24.08 -24.14
C UNK GA 370 150.38 -24.02 -24.62
N UNK GA 371 150.63 -24.48 -25.85
CA UNK GA 371 151.98 -24.35 -26.44
C UNK GA 371 152.28 -22.96 -27.00
N UNK GA 372 151.23 -22.20 -27.36
CA UNK GA 372 151.42 -20.80 -27.74
C UNK GA 372 151.37 -19.82 -26.54
N UNK GA 373 150.85 -20.28 -25.40
CA UNK GA 373 151.05 -19.56 -24.12
C UNK GA 373 152.38 -19.96 -23.47
N UNK GA 374 152.91 -21.14 -23.82
CA UNK GA 374 154.24 -21.58 -23.37
C UNK GA 374 155.38 -20.97 -24.21
N UNK GA 375 155.19 -20.93 -25.53
CA UNK GA 375 156.21 -20.38 -26.45
C UNK GA 375 156.22 -18.85 -26.47
N UNK GA 376 155.23 -18.25 -25.81
CA UNK GA 376 155.15 -16.80 -25.72
C UNK GA 376 156.22 -16.24 -24.78
N UNK GA 377 153.67 -12.34 -29.13
CA UNK GA 377 153.24 -13.72 -28.91
C UNK GA 377 152.47 -13.90 -27.60
N UNK GA 378 152.51 -12.87 -26.74
CA UNK GA 378 151.66 -12.83 -25.53
C UNK GA 378 150.24 -12.35 -25.90
N UNK GA 379 150.17 -11.53 -26.94
CA UNK GA 379 148.89 -11.05 -27.48
C UNK GA 379 148.13 -12.16 -28.21
N UNK GA 380 148.87 -13.08 -28.84
CA UNK GA 380 148.27 -14.25 -29.49
C UNK GA 380 147.87 -15.34 -28.49
N UNK GA 381 148.51 -15.35 -27.32
CA UNK GA 381 148.14 -16.26 -26.22
C UNK GA 381 146.93 -15.73 -25.41
N UNK GA 382 146.81 -14.40 -25.29
CA UNK GA 382 145.61 -13.81 -24.69
C UNK GA 382 144.43 -13.85 -25.68
N UNK GA 383 144.71 -13.71 -26.97
CA UNK GA 383 143.66 -13.86 -28.00
C UNK GA 383 143.26 -15.33 -28.21
N UNK GA 384 144.19 -16.26 -28.00
CA UNK GA 384 143.87 -17.69 -28.06
C UNK GA 384 143.18 -18.19 -26.78
N UNK GA 385 143.51 -17.60 -25.62
CA UNK GA 385 142.76 -17.91 -24.40
C UNK GA 385 141.34 -17.33 -24.49
N UNK GA 386 141.21 -16.14 -25.12
CA UNK GA 386 139.90 -15.50 -25.30
C UNK GA 386 139.02 -16.13 -26.38
N UNK GA 387 139.62 -16.70 -27.43
CA UNK GA 387 138.83 -17.40 -28.45
C UNK GA 387 138.69 -18.91 -28.17
N UNK GA 388 139.45 -19.44 -27.20
CA UNK GA 388 139.17 -20.78 -26.63
C UNK GA 388 138.13 -20.73 -25.51
N UNK GA 389 138.02 -19.58 -24.82
CA UNK GA 389 137.07 -19.42 -23.72
C UNK GA 389 135.63 -19.17 -24.20
N UNK GA 390 135.49 -18.40 -25.29
CA UNK GA 390 134.17 -18.09 -25.84
C UNK GA 390 133.76 -19.02 -27.01
N UNK GA 391 134.58 -20.03 -27.30
CA UNK GA 391 134.26 -21.01 -28.34
C UNK GA 391 133.24 -22.03 -27.84
N UNK GA 392 139.18 -29.15 -21.46
CA UNK GA 392 139.56 -27.76 -21.64
C UNK GA 392 139.71 -27.01 -20.32
N UNK GA 393 139.60 -27.72 -19.21
CA UNK GA 393 139.79 -27.15 -17.87
C UNK GA 393 141.27 -27.07 -17.41
N UNK GA 394 142.03 -28.12 -17.65
CA UNK GA 394 143.44 -28.18 -17.23
C UNK GA 394 144.38 -27.44 -18.19
N UNK GA 395 143.96 -27.32 -19.45
CA UNK GA 395 144.72 -26.58 -20.45
C UNK GA 395 144.55 -25.06 -20.29
N UNK GA 396 143.42 -24.65 -19.72
CA UNK GA 396 143.21 -23.26 -19.32
C UNK GA 396 144.03 -22.97 -18.06
N UNK GA 397 144.32 -24.04 -17.32
CA UNK GA 397 145.22 -23.95 -16.15
C UNK GA 397 146.68 -23.88 -16.59
N UNK GA 398 147.02 -24.50 -17.73
CA UNK GA 398 148.37 -24.37 -18.30
C UNK GA 398 148.56 -23.01 -19.00
N UNK GA 399 147.52 -22.53 -19.70
CA UNK GA 399 147.56 -21.20 -20.33
C UNK GA 399 147.60 -20.09 -19.27
N UNK GA 400 146.82 -20.24 -18.20
CA UNK GA 400 146.82 -19.24 -17.13
C UNK GA 400 148.03 -19.35 -16.20
N UNK GA 401 148.59 -20.55 -16.02
CA UNK GA 401 149.80 -20.71 -15.19
C UNK GA 401 151.10 -20.38 -15.95
N UNK GA 402 151.08 -20.43 -17.29
CA UNK GA 402 152.21 -19.91 -18.05
C UNK GA 402 152.03 -18.42 -18.43
N UNK GA 403 150.80 -17.89 -18.29
CA UNK GA 403 150.57 -16.44 -18.38
C UNK GA 403 150.83 -15.66 -17.07
N UNK GA 404 150.54 -16.28 -15.92
CA UNK GA 404 150.68 -15.62 -14.62
C UNK GA 404 152.13 -15.66 -14.08
N UNK GA 405 152.95 -16.56 -14.62
CA UNK GA 405 154.36 -16.64 -14.24
C UNK GA 405 155.27 -15.89 -15.23
N UNK GA 406 154.67 -15.25 -16.23
CA UNK GA 406 155.42 -14.44 -17.20
C UNK GA 406 154.93 -13.00 -17.20
N UNK GA 407 150.36 -9.39 -11.18
CA UNK GA 407 150.46 -10.85 -11.16
C UNK GA 407 149.31 -11.50 -10.39
N UNK GA 408 148.52 -10.68 -9.68
CA UNK GA 408 147.27 -11.16 -9.07
C UNK GA 408 146.07 -10.92 -9.98
N UNK GA 409 146.27 -10.13 -11.04
CA UNK GA 409 145.21 -9.76 -11.96
C UNK GA 409 144.83 -10.87 -12.95
N UNK GA 410 145.81 -11.65 -13.41
CA UNK GA 410 145.54 -12.81 -14.29
C UNK GA 410 145.09 -14.06 -13.51
N UNK GA 411 145.39 -14.11 -12.21
CA UNK GA 411 144.88 -15.17 -11.32
C UNK GA 411 143.43 -14.89 -10.87
N UNK GA 412 143.10 -13.62 -10.62
CA UNK GA 412 141.70 -13.24 -10.33
C UNK GA 412 140.82 -13.23 -11.59
N UNK GA 413 141.39 -12.84 -12.74
CA UNK GA 413 140.64 -12.90 -14.01
C UNK GA 413 140.59 -14.33 -14.61
N UNK GA 414 141.55 -15.19 -14.28
CA UNK GA 414 141.43 -16.62 -14.63
C UNK GA 414 140.55 -17.37 -13.61
N UNK GA 415 140.37 -16.81 -12.41
CA UNK GA 415 139.37 -17.35 -11.48
C UNK GA 415 137.95 -16.91 -11.90
N UNK GA 416 137.81 -15.70 -12.44
CA UNK GA 416 136.53 -15.25 -13.00
C UNK GA 416 136.19 -15.97 -14.32
N UNK GA 417 137.21 -16.24 -15.15
CA UNK GA 417 137.01 -16.96 -16.42
C UNK GA 417 137.00 -18.50 -16.27
N UNK GA 418 137.44 -19.04 -15.13
CA UNK GA 418 137.20 -20.45 -14.80
C UNK GA 418 135.94 -20.63 -13.94
N UNK GA 419 135.40 -19.53 -13.40
CA UNK GA 419 134.08 -19.56 -12.75
C UNK GA 419 132.92 -19.42 -13.75
N UNK GA 420 133.05 -18.49 -14.71
CA UNK GA 420 131.94 -18.21 -15.63
C UNK GA 420 131.84 -19.17 -16.83
N UNK GA 421 132.94 -19.82 -17.19
CA UNK GA 421 132.94 -20.80 -18.29
C UNK GA 421 132.87 -22.27 -17.85
N UNK GA 422 132.89 -22.53 -16.54
CA UNK GA 422 132.84 -23.90 -16.03
C UNK GA 422 131.54 -24.18 -15.26
N UNK GA 423 138.82 -28.13 -10.39
CA UNK GA 423 138.74 -26.74 -9.97
C UNK GA 423 139.38 -26.52 -8.60
N UNK GA 424 139.85 -27.59 -7.98
CA UNK GA 424 140.55 -27.50 -6.69
C UNK GA 424 142.03 -27.12 -6.87
N UNK GA 425 142.71 -27.75 -7.82
CA UNK GA 425 144.15 -27.52 -8.03
C UNK GA 425 144.42 -26.20 -8.76
N UNK GA 426 143.49 -25.80 -9.63
CA UNK GA 426 143.63 -24.54 -10.37
C UNK GA 426 143.32 -23.30 -9.51
N UNK GA 427 142.31 -23.39 -8.64
CA UNK GA 427 141.98 -22.29 -7.72
C UNK GA 427 142.86 -22.31 -6.46
N UNK GA 428 143.51 -23.43 -6.15
CA UNK GA 428 144.56 -23.48 -5.11
C UNK GA 428 145.91 -22.95 -5.64
N UNK GA 429 146.21 -23.21 -6.90
CA UNK GA 429 147.42 -22.63 -7.51
C UNK GA 429 147.22 -21.14 -7.81
N UNK GA 430 145.98 -20.73 -8.12
CA UNK GA 430 145.65 -19.31 -8.23
C UNK GA 430 145.51 -18.65 -6.84
N UNK GA 431 145.21 -19.45 -5.81
CA UNK GA 431 145.17 -18.95 -4.43
C UNK GA 431 146.56 -18.73 -3.82
N UNK GA 432 147.52 -19.63 -4.08
CA UNK GA 432 148.89 -19.40 -3.62
C UNK GA 432 149.74 -18.54 -4.60
N UNK GA 433 149.27 -18.40 -5.85
CA UNK GA 433 149.84 -17.40 -6.76
C UNK GA 433 149.21 -16.02 -6.53
N UNK GA 434 148.09 -15.97 -5.80
CA UNK GA 434 147.60 -14.70 -5.24
C UNK GA 434 148.08 -14.47 -3.79
N UNK GA 435 148.64 -15.50 -3.15
CA UNK GA 435 149.30 -15.37 -1.85
C UNK GA 435 150.76 -14.88 -2.00
N UNK GA 436 151.44 -15.34 -3.05
CA UNK GA 436 152.85 -14.98 -3.27
C UNK GA 436 153.02 -13.61 -3.95
N UNK GA 437 151.92 -13.04 -4.47
CA UNK GA 437 151.92 -11.69 -5.05
C UNK GA 437 151.42 -10.61 -4.09
N UNK GA 438 151.00 -11.01 -2.89
CA UNK GA 438 150.42 -10.07 -1.93
C UNK GA 438 151.43 -9.65 -0.86
N UNK GA 439 146.33 -8.30 -5.43
CA UNK GA 439 146.97 -9.00 -4.33
C UNK GA 439 145.94 -9.41 -3.27
N UNK GA 440 145.20 -8.44 -2.76
CA UNK GA 440 144.13 -8.67 -1.80
C UNK GA 440 142.79 -9.11 -2.43
N UNK GA 441 142.51 -8.66 -3.65
CA UNK GA 441 141.24 -9.00 -4.33
C UNK GA 441 141.21 -10.46 -4.80
N UNK GA 442 142.30 -10.88 -5.45
CA UNK GA 442 142.47 -12.25 -5.89
C UNK GA 442 142.53 -13.23 -4.73
N UNK GA 443 143.08 -12.77 -3.59
CA UNK GA 443 143.14 -13.60 -2.39
C UNK GA 443 141.81 -13.58 -1.61
N UNK GA 444 140.97 -12.57 -1.83
CA UNK GA 444 139.63 -12.55 -1.24
C UNK GA 444 138.68 -13.48 -2.01
N UNK GA 445 138.76 -13.46 -3.35
CA UNK GA 445 137.98 -14.39 -4.16
C UNK GA 445 138.54 -15.82 -4.13
N UNK GA 446 139.84 -15.97 -3.85
CA UNK GA 446 140.45 -17.30 -3.67
C UNK GA 446 140.19 -17.89 -2.27
N UNK GA 447 140.16 -17.05 -1.25
CA UNK GA 447 139.80 -17.50 0.10
C UNK GA 447 138.29 -17.72 0.22
N UNK GA 448 137.51 -17.06 -0.63
CA UNK GA 448 136.07 -17.38 -0.77
C UNK GA 448 135.87 -18.64 -1.63
N UNK GA 449 136.78 -18.87 -2.58
CA UNK GA 449 136.76 -20.09 -3.41
C UNK GA 449 137.19 -21.34 -2.63
N UNK GA 450 138.00 -21.17 -1.59
CA UNK GA 450 138.28 -22.27 -0.66
C UNK GA 450 137.39 -22.26 0.62
N UNK GA 451 136.65 -21.17 0.85
CA UNK GA 451 135.63 -21.12 1.93
C UNK GA 451 134.30 -21.76 1.52
N UNK GA 452 133.93 -21.63 0.24
CA UNK GA 452 132.67 -22.22 -0.27
C UNK GA 452 132.84 -23.63 -0.87
N UNK GA 453 134.08 -24.10 -1.03
CA UNK GA 453 134.35 -25.42 -1.60
C UNK GA 453 134.64 -26.54 -0.57
N UNK GA 454 134.59 -26.23 0.73
CA UNK GA 454 134.87 -27.24 1.75
C UNK GA 454 133.71 -27.37 2.74
N UNK GA 455 142.65 -26.17 1.42
CA UNK GA 455 142.25 -24.80 1.75
C UNK GA 455 143.14 -24.18 2.83
N UNK GA 456 144.36 -24.72 3.00
CA UNK GA 456 145.34 -24.14 3.93
C UNK GA 456 146.17 -22.98 3.36
N UNK GA 457 146.66 -23.11 2.12
CA UNK GA 457 147.50 -22.07 1.51
C UNK GA 457 146.68 -20.82 1.18
N UNK GA 458 145.38 -21.01 0.92
CA UNK GA 458 144.45 -19.91 0.68
C UNK GA 458 143.95 -19.24 1.98
N UNK GA 459 143.94 -19.99 3.09
CA UNK GA 459 143.62 -19.41 4.40
C UNK GA 459 144.82 -18.64 4.94
N UNK GA 460 146.03 -19.07 4.57
CA UNK GA 460 147.24 -18.28 4.82
C UNK GA 460 147.24 -17.08 3.87
N UNK GA 461 146.65 -17.26 2.68
CA UNK GA 461 146.50 -16.17 1.71
C UNK GA 461 145.49 -15.12 2.17
N UNK GA 462 144.50 -15.52 2.97
CA UNK GA 462 143.58 -14.55 3.58
C UNK GA 462 144.07 -14.10 4.97
N UNK GA 463 145.08 -14.77 5.50
CA UNK GA 463 145.73 -14.35 6.76
C UNK GA 463 146.76 -13.23 6.58
N UNK GA 464 147.60 -13.34 5.54
CA UNK GA 464 148.66 -12.34 5.31
C UNK GA 464 148.20 -11.07 4.56
N UNK GA 465 147.36 -11.23 3.55
CA UNK GA 465 147.03 -10.14 2.62
C UNK GA 465 145.86 -9.24 3.06
N UNK GA 466 145.08 -9.69 4.05
CA UNK GA 466 143.94 -8.90 4.53
C UNK GA 466 143.92 -8.81 6.05
N UNK GA 467 139.89 -8.33 9.23
CA UNK GA 467 139.56 -9.47 8.40
C UNK GA 467 140.68 -10.51 8.39
N UNK GA 468 141.84 -10.13 8.93
CA UNK GA 468 142.96 -11.06 9.06
C UNK GA 468 142.82 -11.97 10.29
N UNK GA 469 142.17 -11.47 11.33
CA UNK GA 469 141.96 -12.23 12.57
C UNK GA 469 141.00 -13.40 12.34
N UNK GA 470 139.88 -13.11 11.66
CA UNK GA 470 138.89 -14.12 11.32
C UNK GA 470 139.40 -15.16 10.31
N UNK GA 471 140.26 -14.73 9.38
CA UNK GA 471 140.83 -15.66 8.39
C UNK GA 471 142.05 -16.49 8.89
N UNK GA 472 142.84 -15.96 9.82
CA UNK GA 472 143.90 -16.79 10.44
C UNK GA 472 143.33 -17.72 11.51
N UNK GA 473 142.27 -17.28 12.20
CA UNK GA 473 141.58 -18.15 13.16
C UNK GA 473 140.64 -19.15 12.44
N UNK GA 474 140.27 -18.86 11.19
CA UNK GA 474 139.63 -19.87 10.33
C UNK GA 474 140.68 -20.68 9.55
N UNK GA 475 141.94 -20.23 9.61
CA UNK GA 475 143.06 -21.04 9.13
C UNK GA 475 143.34 -22.15 10.14
N UNK GA 476 143.39 -21.80 11.43
CA UNK GA 476 143.51 -22.80 12.49
C UNK GA 476 142.17 -23.45 12.88
N UNK GA 477 141.05 -22.92 12.36
CA UNK GA 477 139.76 -23.63 12.42
C UNK GA 477 139.58 -24.67 11.30
N UNK GA 478 139.99 -24.33 10.08
CA UNK GA 478 139.86 -25.27 8.94
C UNK GA 478 141.04 -26.27 8.83
N UNK GA 479 142.19 -25.98 9.44
CA UNK GA 479 143.31 -26.95 9.43
C UNK GA 479 143.35 -27.88 10.66
N UNK GA 480 142.51 -27.60 11.66
CA UNK GA 480 142.41 -28.46 12.84
C UNK GA 480 141.21 -29.42 12.77
N UNK GA 481 140.46 -29.38 11.67
CA UNK GA 481 139.32 -30.29 11.47
C UNK GA 481 139.53 -31.19 10.24
N UNK GA 482 149.98 -27.32 8.44
CA UNK GA 482 150.86 -26.32 7.86
C UNK GA 482 150.28 -24.91 7.96
N UNK GA 483 149.24 -24.75 8.77
CA UNK GA 483 148.58 -23.45 8.99
C UNK GA 483 149.26 -22.53 10.02
N UNK GA 484 149.77 -23.14 11.09
CA UNK GA 484 150.24 -22.37 12.25
C UNK GA 484 151.63 -21.69 12.07
N UNK GA 485 152.47 -22.21 11.19
CA UNK GA 485 153.76 -21.55 10.91
C UNK GA 485 153.61 -20.36 9.96
N UNK GA 486 152.62 -20.41 9.06
CA UNK GA 486 152.29 -19.27 8.20
C UNK GA 486 151.47 -18.20 8.94
N UNK GA 487 150.62 -18.62 9.90
CA UNK GA 487 149.92 -17.65 10.75
C UNK GA 487 150.86 -17.05 11.83
N UNK GA 488 151.85 -17.83 12.29
CA UNK GA 488 152.90 -17.32 13.20
C UNK GA 488 154.00 -16.53 12.49
N UNK GA 489 154.11 -16.68 11.17
CA UNK GA 489 154.91 -15.75 10.36
C UNK GA 489 154.10 -14.48 10.00
N UNK GA 490 152.77 -14.60 9.89
CA UNK GA 490 151.91 -13.46 9.57
C UNK GA 490 151.51 -12.56 10.75
N UNK GA 491 151.55 -13.08 11.98
CA UNK GA 491 151.26 -12.24 13.16
C UNK GA 491 152.48 -11.41 13.60
N UNK GA 492 153.68 -12.00 13.50
CA UNK GA 492 154.91 -11.33 13.91
C UNK GA 492 155.42 -10.39 12.83
N UNK GA 493 146.72 -10.13 21.53
CA UNK GA 493 146.40 -11.16 20.54
C UNK GA 493 147.58 -12.11 20.30
N UNK GA 494 148.65 -11.96 21.09
CA UNK GA 494 149.80 -12.88 21.02
C UNK GA 494 149.56 -14.18 21.78
N UNK GA 495 148.76 -14.12 22.85
CA UNK GA 495 148.47 -15.29 23.69
C UNK GA 495 147.46 -16.25 23.04
N UNK GA 496 146.44 -15.72 22.36
CA UNK GA 496 145.45 -16.57 21.68
C UNK GA 496 145.97 -17.12 20.34
N UNK GA 497 146.91 -16.42 19.69
CA UNK GA 497 147.58 -16.93 18.48
C UNK GA 497 148.72 -17.90 18.80
N UNK GA 498 149.43 -17.69 19.91
CA UNK GA 498 150.46 -18.65 20.34
C UNK GA 498 149.82 -19.90 20.94
N UNK GA 499 148.67 -19.75 21.62
CA UNK GA 499 147.91 -20.91 22.11
C UNK GA 499 147.07 -21.58 21.00
N UNK GA 500 146.75 -20.84 19.94
CA UNK GA 500 146.11 -21.46 18.76
C UNK GA 500 147.13 -22.23 17.92
N UNK GA 501 148.35 -21.70 17.80
CA UNK GA 501 149.41 -22.42 17.08
C UNK GA 501 149.87 -23.65 17.88
N UNK GA 502 150.08 -23.49 19.18
CA UNK GA 502 150.54 -24.62 20.02
C UNK GA 502 149.43 -25.60 20.47
N UNK GA 503 148.15 -25.22 20.39
CA UNK GA 503 147.06 -26.21 20.56
C UNK GA 503 146.52 -26.77 19.22
N UNK GA 504 146.88 -26.15 18.09
CA UNK GA 504 146.65 -26.79 16.78
C UNK GA 504 147.81 -27.73 16.40
N UNK GA 505 148.99 -27.53 17.01
CA UNK GA 505 150.14 -28.40 16.73
C UNK GA 505 150.20 -29.66 17.61
N UNK GA 506 149.42 -29.68 18.69
CA UNK GA 506 149.38 -30.83 19.61
C UNK GA 506 148.21 -31.78 19.31
N UNK GA 507 147.38 -31.43 18.33
CA UNK GA 507 146.23 -32.25 17.95
C UNK GA 507 146.52 -33.06 16.68
N UNK GA 508 157.07 -26.39 17.14
CA UNK GA 508 155.69 -25.94 17.07
C UNK GA 508 155.28 -25.20 18.35
N UNK GA 509 155.89 -25.56 19.47
CA UNK GA 509 155.82 -24.75 20.68
C UNK GA 509 156.90 -23.64 20.64
N UNK GA 510 157.95 -23.88 19.84
CA UNK GA 510 159.05 -22.93 19.69
C UNK GA 510 158.71 -21.79 18.73
N UNK GA 511 157.70 -22.00 17.88
CA UNK GA 511 157.17 -20.94 17.00
C UNK GA 511 156.24 -20.00 17.77
N UNK GA 512 155.56 -20.53 18.79
CA UNK GA 512 154.77 -19.72 19.71
C UNK GA 512 155.64 -19.02 20.77
N UNK GA 513 156.74 -19.68 21.17
CA UNK GA 513 157.73 -19.04 22.06
C UNK GA 513 158.59 -18.01 21.31
N UNK GA 514 158.71 -18.18 19.99
CA UNK GA 514 159.38 -17.17 19.13
C UNK GA 514 158.46 -15.99 18.74
N UNK GA 515 157.18 -16.27 18.46
CA UNK GA 515 156.25 -15.19 18.08
C UNK GA 515 155.65 -14.42 19.27
N UNK GA 516 155.61 -15.04 20.46
CA UNK GA 516 155.14 -14.32 21.65
C UNK GA 516 156.24 -13.46 22.28
N UNK GA 517 157.48 -13.94 22.26
CA UNK GA 517 158.61 -13.23 22.86
C UNK GA 517 159.29 -12.28 21.86
N UNK GA 518 158.72 -12.15 20.66
CA UNK GA 518 159.19 -11.17 19.68
C UNK GA 518 158.28 -9.95 19.66
N UNK GA 519 153.46 -10.12 29.23
CA UNK GA 519 152.58 -11.07 28.56
C UNK GA 519 153.35 -12.09 27.74
N UNK GA 520 154.62 -11.80 27.48
CA UNK GA 520 155.50 -12.70 26.71
C UNK GA 520 156.08 -13.83 27.55
N UNK GA 521 156.36 -13.58 28.83
CA UNK GA 521 156.97 -14.59 29.70
C UNK GA 521 156.01 -15.72 30.05
N UNK GA 522 154.73 -15.37 30.22
CA UNK GA 522 153.70 -16.37 30.55
C UNK GA 522 153.35 -17.28 29.36
N UNK GA 523 153.27 -16.72 28.15
CA UNK GA 523 152.98 -17.53 26.96
C UNK GA 523 154.24 -18.24 26.38
N UNK GA 524 155.44 -17.73 26.67
CA UNK GA 524 156.66 -18.45 26.29
C UNK GA 524 157.02 -19.56 27.29
N UNK GA 525 156.69 -19.37 28.58
CA UNK GA 525 156.88 -20.45 29.56
C UNK GA 525 155.66 -21.39 29.63
N UNK GA 526 154.55 -21.00 29.01
CA UNK GA 526 153.45 -21.96 28.75
C UNK GA 526 153.55 -22.59 27.35
N UNK GA 527 154.40 -22.04 26.49
CA UNK GA 527 154.79 -22.74 25.26
C UNK GA 527 155.94 -23.73 25.47
N UNK GA 528 156.90 -23.38 26.34
CA UNK GA 528 158.07 -24.23 26.59
C UNK GA 528 157.75 -25.43 27.49
N UNK GA 529 156.59 -25.41 28.13
CA UNK GA 529 156.13 -26.55 28.95
C UNK GA 529 155.16 -27.47 28.19
N UNK GA 530 154.93 -27.19 26.90
CA UNK GA 530 154.04 -28.02 26.08
C UNK GA 530 154.85 -28.89 25.11
N TYR HA 1 102.02 -47.21 30.78
CA TYR HA 1 102.34 -46.85 32.15
C TYR HA 1 101.58 -47.68 33.18
N LYS HA 2 102.24 -47.95 34.31
CA LYS HA 2 101.60 -48.60 35.45
C LYS HA 2 101.10 -47.54 36.44
N ASP HA 3 100.72 -47.99 37.64
CA ASP HA 3 100.06 -47.16 38.65
C ASP HA 3 100.82 -45.88 39.03
N GLU HA 4 102.12 -45.86 38.75
CA GLU HA 4 102.99 -44.78 39.24
C GLU HA 4 102.77 -43.46 38.48
N PRO HA 5 102.22 -42.47 39.20
CA PRO HA 5 101.82 -41.13 38.73
C PRO HA 5 102.96 -40.15 38.41
N TRP HA 6 104.02 -40.15 39.22
CA TRP HA 6 105.11 -39.17 39.11
C TRP HA 6 105.88 -39.34 37.80
N LYS HA 7 105.83 -40.56 37.27
CA LYS HA 7 106.53 -40.93 36.05
C LYS HA 7 106.15 -40.08 34.84
N TYR HA 8 104.86 -39.91 34.58
CA TYR HA 8 104.46 -39.13 33.40
C TYR HA 8 104.51 -37.63 33.64
N LEU HA 9 104.35 -37.19 34.88
CA LEU HA 9 104.37 -35.77 35.19
C LEU HA 9 105.79 -35.20 35.22
N ASP HA 10 106.78 -36.06 35.47
CA ASP HA 10 108.18 -35.65 35.33
C ASP HA 10 108.65 -35.78 33.88
N SER HA 11 107.87 -36.47 33.08
CA SER HA 11 108.28 -36.92 31.74
C SER HA 11 108.46 -35.79 30.73
N GLU HA 12 109.17 -36.10 29.64
CA GLU HA 12 109.38 -35.16 28.55
C GLU HA 12 108.18 -35.06 27.58
N GLU HA 13 107.39 -36.13 27.47
CA GLU HA 13 106.14 -36.10 26.70
C GLU HA 13 105.18 -35.06 27.26
N TYR HA 14 105.01 -35.12 28.58
CA TYR HA 14 104.19 -34.15 29.30
C TYR HA 14 104.76 -32.74 29.17
N GLN HA 15 106.03 -32.58 29.49
CA GLN HA 15 106.67 -31.26 29.49
C GLN HA 15 106.60 -30.62 28.11
N ASN HA 16 106.62 -31.46 27.08
CA ASN HA 16 106.38 -31.04 25.71
C ASN HA 16 104.92 -30.61 25.46
N ARG HA 17 103.98 -31.51 25.74
CA ARG HA 17 102.57 -31.31 25.40
C ARG HA 17 101.86 -30.22 26.21
N TYR HA 18 101.85 -30.34 27.53
CA TYR HA 18 101.12 -29.40 28.38
C TYR HA 18 101.97 -28.17 28.73
N GLY HA 19 103.26 -28.26 28.47
CA GLY HA 19 104.19 -27.21 28.87
C GLY HA 19 104.20 -27.02 30.38
N SER HA 20 104.46 -25.79 30.82
CA SER HA 20 104.45 -25.46 32.25
C SER HA 20 103.08 -24.95 32.72
N ARG HA 21 102.19 -24.70 31.76
CA ARG HA 21 100.82 -24.31 32.07
C ARG HA 21 100.09 -25.48 32.73
N PRO HA 22 98.99 -25.20 33.42
CA PRO HA 22 98.25 -26.33 33.98
C PRO HA 22 97.66 -27.23 32.90
N VAL HA 23 97.21 -28.43 33.31
CA VAL HA 23 96.33 -29.24 32.49
C VAL HA 23 95.04 -28.41 32.37
N TRP HA 24 94.17 -28.73 31.42
CA TRP HA 24 92.91 -28.01 31.15
C TRP HA 24 93.10 -26.57 30.68
N ALA HA 25 94.35 -26.11 30.64
CA ALA HA 25 94.66 -24.75 30.20
C ALA HA 25 94.07 -24.47 28.82
N ASP HA 26 94.27 -25.40 27.89
CA ASP HA 26 93.79 -25.21 26.53
C ASP HA 26 92.44 -25.87 26.27
N TYR HA 27 91.86 -26.53 27.27
CA TYR HA 27 90.57 -27.19 27.06
C TYR HA 27 89.43 -26.18 26.95
N ARG HA 28 88.45 -26.51 26.10
CA ARG HA 28 87.24 -25.72 25.98
C ARG HA 28 86.03 -26.63 25.80
N ARG HA 29 84.99 -26.36 26.56
CA ARG HA 29 83.77 -27.15 26.55
C ARG HA 29 82.76 -26.52 25.59
N ASN HA 30 81.99 -27.36 24.89
CA ASN HA 30 81.06 -26.89 23.87
C ASN HA 30 79.58 -27.05 24.24
N HIS HA 31 78.87 -25.93 24.39
CA HIS HA 31 77.48 -25.99 24.85
C HIS HA 31 76.55 -25.04 24.12
N LYS HA 32 75.26 -25.19 24.41
CA LYS HA 32 74.17 -24.53 23.68
C LYS HA 32 74.10 -23.01 23.79
N GLY HA 33 74.91 -22.39 24.64
CA GLY HA 33 74.74 -20.97 24.90
C GLY HA 33 75.94 -20.31 25.53
N GLY HA 34 75.75 -19.13 26.09
CA GLY HA 34 76.80 -18.45 26.83
C GLY HA 34 76.96 -18.95 28.25
N ILE HA 35 75.92 -19.60 28.76
CA ILE HA 35 75.93 -20.13 30.12
C ILE HA 35 75.90 -21.67 30.12
N PRO HA 36 76.98 -22.30 30.62
CA PRO HA 36 77.11 -23.76 30.63
C PRO HA 36 76.14 -24.45 31.58
N PRO HA 37 75.59 -25.61 31.19
CA PRO HA 37 74.74 -26.40 32.09
C PRO HA 37 75.42 -26.60 33.43
N GLN HA 38 74.67 -26.40 34.51
CA GLN HA 38 75.27 -26.07 35.80
C GLN HA 38 76.11 -27.17 36.44
N ARG HA 39 76.12 -28.35 35.85
CA ARG HA 39 77.13 -29.31 36.22
C ARG HA 39 77.46 -30.16 35.01
N THR HA 40 78.75 -30.50 34.85
CA THR HA 40 79.26 -31.08 33.60
C THR HA 40 78.80 -32.52 33.38
N ARG HA 41 79.25 -33.14 32.29
CA ARG HA 41 78.72 -34.44 31.88
C ARG HA 41 79.18 -35.59 32.77
N LYS HA 42 78.29 -36.57 32.93
CA LYS HA 42 78.46 -37.68 33.87
C LYS HA 42 79.81 -38.38 33.71
N MET HA 43 79.96 -39.11 32.61
CA MET HA 43 81.21 -39.78 32.29
C MET HA 43 81.50 -39.66 30.81
N CYS HA 44 82.72 -39.29 30.48
CA CYS HA 44 83.09 -39.16 29.08
C CYS HA 44 83.50 -40.50 28.46
N ILE HA 45 83.93 -41.44 29.30
CA ILE HA 45 84.48 -42.70 28.81
C ILE HA 45 83.54 -43.88 29.11
N ARG HA 46 82.94 -44.43 28.05
CA ARG HA 46 81.87 -45.42 28.18
C ARG HA 46 82.10 -46.67 27.34
N GLY HA 47 82.09 -47.83 27.98
CA GLY HA 47 82.32 -49.08 27.29
C GLY HA 47 83.69 -49.00 26.69
N ASN HA 48 83.77 -49.15 25.37
CA ASN HA 48 85.01 -48.92 24.64
C ASN HA 48 85.12 -47.53 23.99
N LYS HA 49 84.14 -46.67 24.21
CA LYS HA 49 84.11 -45.38 23.51
C LYS HA 49 84.45 -44.17 24.40
N VAL HA 50 85.27 -43.25 23.87
CA VAL HA 50 85.47 -41.92 24.46
C VAL HA 50 84.68 -40.90 23.65
N ALA HA 51 83.86 -40.09 24.33
CA ALA HA 51 82.90 -39.24 23.65
C ALA HA 51 83.48 -37.92 23.18
N GLY HA 52 83.47 -37.70 21.86
CA GLY HA 52 83.74 -36.41 21.26
C GLY HA 52 85.04 -35.73 21.66
N ASN HA 53 84.92 -34.49 22.14
CA ASN HA 53 86.05 -33.79 22.75
C ASN HA 53 86.11 -34.16 24.24
N PRO HA 54 87.11 -34.98 24.61
CA PRO HA 54 87.25 -35.48 25.98
C PRO HA 54 87.83 -34.43 26.91
N CYS HA 55 87.74 -34.72 28.21
CA CYS HA 55 88.20 -33.81 29.26
C CYS HA 55 89.73 -33.61 29.18
N PRO HA 56 90.31 -32.72 30.03
CA PRO HA 56 91.77 -32.62 30.07
C PRO HA 56 92.43 -33.83 30.69
N ILE HA 57 91.72 -34.42 31.65
CA ILE HA 57 92.17 -35.59 32.36
C ILE HA 57 92.06 -36.88 31.54
N CYS HA 58 90.88 -37.10 30.95
CA CYS HA 58 90.55 -38.40 30.41
C CYS HA 58 90.76 -38.53 28.88
N ARG HA 59 91.24 -37.47 28.25
CA ARG HA 59 91.66 -37.54 26.85
C ARG HA 59 93.06 -38.14 26.77
N ASP HA 60 93.82 -37.95 27.85
CA ASP HA 60 95.16 -38.54 27.98
C ASP HA 60 95.11 -39.64 29.04
N GLN HA 61 95.19 -40.89 28.61
CA GLN HA 61 94.99 -42.01 29.52
C GLN HA 61 96.30 -42.34 30.25
N LYS HA 62 97.35 -41.57 29.95
CA LYS HA 62 98.61 -41.69 30.68
C LYS HA 62 98.55 -40.96 32.02
N LEU HA 63 97.45 -40.24 32.24
CA LEU HA 63 97.23 -39.56 33.50
C LEU HA 63 96.38 -40.41 34.44
N HIS HA 64 96.87 -40.62 35.65
CA HIS HA 64 96.17 -41.48 36.60
C HIS HA 64 95.63 -40.71 37.78
N VAL HA 65 94.43 -41.06 38.21
CA VAL HA 65 93.86 -40.47 39.41
C VAL HA 65 94.31 -41.33 40.58
N ASP HA 66 95.16 -40.73 41.42
CA ASP HA 66 95.64 -41.38 42.63
C ASP HA 66 95.72 -40.31 43.71
N PHE HA 67 96.07 -40.71 44.94
CA PHE HA 67 96.27 -39.74 46.01
C PHE HA 67 97.75 -39.41 46.17
N ARG HA 68 98.59 -40.08 45.37
CA ARG HA 68 100.05 -39.97 45.47
C ARG HA 68 100.65 -38.70 44.84
N ASN HA 69 100.25 -38.39 43.60
CA ASN HA 69 100.90 -37.30 42.87
C ASN HA 69 100.40 -35.94 43.34
N VAL HA 70 101.31 -35.14 43.87
CA VAL HA 70 100.97 -33.79 44.30
C VAL HA 70 100.90 -32.92 43.06
N LYS HA 71 101.66 -33.34 42.05
CA LYS HA 71 101.78 -32.59 40.81
C LYS HA 71 100.46 -32.50 40.05
N LEU HA 72 99.87 -33.65 39.73
CA LEU HA 72 98.61 -33.66 38.99
C LEU HA 72 97.47 -33.04 39.81
N LEU HA 73 97.48 -33.31 41.11
CA LEU HA 73 96.36 -32.92 41.96
C LEU HA 73 96.51 -31.52 42.54
N GLU HA 74 97.59 -30.84 42.17
CA GLU HA 74 97.78 -29.45 42.58
C GLU HA 74 96.93 -28.48 41.76
N GLN HA 75 96.97 -28.63 40.44
CA GLN HA 75 96.34 -27.67 39.53
C GLN HA 75 94.81 -27.76 39.52
N PHE HA 76 94.27 -28.82 40.10
CA PHE HA 76 92.83 -28.96 40.19
C PHE HA 76 92.31 -28.43 41.51
N VAL HA 77 93.20 -27.86 42.30
CA VAL HA 77 92.81 -27.20 43.53
C VAL HA 77 93.43 -25.81 43.59
N CYS HA 78 92.63 -24.83 43.96
CA CYS HA 78 93.10 -23.46 44.04
C CYS HA 78 94.30 -23.32 44.94
N ALA HA 79 95.26 -22.52 44.49
CA ALA HA 79 96.39 -22.21 45.34
C ALA HA 79 95.97 -21.42 46.59
N HIS HA 80 95.38 -20.25 46.37
CA HIS HA 80 95.23 -19.25 47.42
C HIS HA 80 94.02 -19.43 48.34
N THR HA 81 92.92 -19.97 47.81
CA THR HA 81 91.74 -20.31 48.64
C THR HA 81 91.80 -21.77 49.09
N GLY HA 82 92.73 -22.52 48.52
CA GLY HA 82 92.93 -23.91 48.90
C GLY HA 82 91.70 -24.79 48.79
N ILE HA 83 90.78 -24.43 47.90
CA ILE HA 83 89.56 -25.19 47.73
C ILE HA 83 89.55 -25.87 46.36
N ILE HA 84 88.87 -27.02 46.28
CA ILE HA 84 88.81 -27.77 45.02
C ILE HA 84 88.05 -26.97 43.98
N PHE HA 85 88.25 -27.31 42.70
CA PHE HA 85 87.50 -26.70 41.61
C PHE HA 85 86.34 -27.60 41.15
N HIS HA 86 85.14 -27.03 41.12
CA HIS HA 86 83.99 -27.75 40.60
C HIS HA 86 84.18 -28.00 39.10
N ALA HA 87 83.54 -29.06 38.61
CA ALA HA 87 83.71 -29.52 37.23
C ALA HA 87 83.45 -28.46 36.14
N PRO HA 88 82.48 -27.55 36.34
CA PRO HA 88 82.36 -26.49 35.32
C PRO HA 88 83.58 -25.56 35.22
N TYR HA 89 84.32 -25.38 36.31
CA TYR HA 89 85.51 -24.53 36.27
C TYR HA 89 86.57 -25.14 35.36
N THR HA 90 86.95 -26.37 35.68
CA THR HA 90 88.01 -27.08 34.97
C THR HA 90 87.56 -27.71 33.65
N GLY HA 91 86.38 -28.33 33.66
CA GLY HA 91 85.84 -28.99 32.48
C GLY HA 91 85.86 -30.51 32.54
N VAL HA 92 86.28 -31.08 33.67
CA VAL HA 92 86.35 -32.53 33.82
C VAL HA 92 84.99 -33.18 34.03
N CYS HA 93 84.82 -34.40 33.52
CA CYS HA 93 83.56 -35.12 33.69
C CYS HA 93 83.39 -35.49 35.16
N MET HA 94 82.13 -35.69 35.55
CA MET HA 94 81.80 -35.76 36.97
C MET HA 94 82.30 -37.01 37.68
N LYS HA 95 82.43 -38.09 36.92
CA LYS HA 95 83.04 -39.30 37.45
C LYS HA 95 84.41 -38.96 37.98
N GLN HA 96 85.20 -38.33 37.11
CA GLN HA 96 86.55 -37.90 37.45
C GLN HA 96 86.53 -36.79 38.47
N HIS HA 97 85.43 -36.04 38.53
CA HIS HA 97 85.32 -35.00 39.55
C HIS HA 97 85.26 -35.67 40.92
N LYS HA 98 84.45 -36.71 41.04
CA LYS HA 98 84.31 -37.41 42.31
C LYS HA 98 85.59 -38.16 42.66
N LYS HA 99 86.16 -38.84 41.67
CA LYS HA 99 87.41 -39.55 41.87
C LYS HA 99 88.54 -38.62 42.32
N LEU HA 100 88.55 -37.42 41.76
CA LEU HA 100 89.54 -36.41 42.15
C LEU HA 100 89.30 -35.88 43.54
N THR HA 101 88.03 -35.74 43.91
CA THR HA 101 87.69 -35.27 45.25
C THR HA 101 88.16 -36.27 46.30
N GLN HA 102 87.79 -37.54 46.14
CA GLN HA 102 88.23 -38.57 47.06
C GLN HA 102 89.77 -38.66 47.04
N ALA HA 103 90.35 -38.49 45.85
CA ALA HA 103 91.80 -38.49 45.70
C ALA HA 103 92.47 -37.42 46.55
N ILE HA 104 92.07 -36.16 46.34
CA ILE HA 104 92.65 -35.00 47.03
C ILE HA 104 92.40 -35.05 48.54
N GLN HA 105 91.26 -35.60 48.91
CA GLN HA 105 90.98 -35.87 50.31
C GLN HA 105 91.96 -36.89 50.88
N LYS HA 106 92.13 -38.02 50.21
CA LYS HA 106 93.08 -39.03 50.68
C LYS HA 106 94.51 -38.53 50.58
N ALA HA 107 94.71 -37.44 49.85
CA ALA HA 107 96.02 -36.79 49.76
C ALA HA 107 96.29 -35.90 50.97
N ARG HA 108 95.30 -35.11 51.37
CA ARG HA 108 95.44 -34.24 52.53
C ARG HA 108 95.47 -35.05 53.82
N ASP HA 109 94.80 -36.19 53.80
CA ASP HA 109 94.71 -37.03 54.99
C ASP HA 109 96.02 -37.75 55.28
N HIS HA 110 96.82 -37.99 54.24
CA HIS HA 110 98.09 -38.67 54.43
C HIS HA 110 99.24 -37.67 54.54
N GLY HA 111 98.91 -36.39 54.49
CA GLY HA 111 99.91 -35.34 54.60
C GLY HA 111 100.71 -35.11 53.32
N LEU HA 112 100.25 -35.73 52.22
CA LEU HA 112 100.91 -35.56 50.92
C LEU HA 112 100.61 -34.17 50.34
N LEU HA 113 99.41 -33.66 50.61
CA LEU HA 113 98.96 -32.38 50.06
C LEU HA 113 98.57 -31.37 51.14
N ARG HA 114 99.04 -30.14 50.99
CA ARG HA 114 98.79 -29.11 51.98
C ARG HA 114 97.34 -28.66 52.07
N TYR HA 115 97.03 -28.03 53.19
CA TYR HA 115 95.81 -27.25 53.36
C TYR HA 115 96.01 -26.36 54.59
N HIS HA 116 94.95 -25.69 55.03
CA HIS HA 116 95.05 -24.84 56.21
C HIS HA 116 94.42 -25.53 57.41
N ILE HA 117 95.22 -25.70 58.46
CA ILE HA 117 94.69 -26.11 59.75
C ILE HA 117 94.95 -24.99 60.75
N PRO HA 118 93.86 -24.40 61.27
CA PRO HA 118 93.85 -23.19 62.10
C PRO HA 118 94.34 -23.43 63.52
N GLN HA 119 94.63 -22.35 64.26
CA GLN HA 119 94.90 -22.47 65.68
C GLN HA 119 93.59 -22.61 66.45
N VAL HA 120 93.42 -23.74 67.14
CA VAL HA 120 92.24 -23.96 67.97
C VAL HA 120 92.74 -24.20 69.40
N GLU HA 121 92.17 -23.48 70.36
CA GLU HA 121 92.62 -23.56 71.75
C GLU HA 121 92.32 -24.95 72.35
N PRO HA 122 92.75 -25.22 73.60
CA PRO HA 122 92.42 -26.54 74.15
C PRO HA 122 90.93 -26.72 74.41
N ARG HA 123 90.48 -27.97 74.40
CA ARG HA 123 89.07 -28.31 74.57
C ARG HA 123 88.51 -27.69 75.85
N ASP HA 124 88.95 -28.21 76.99
CA ASP HA 124 88.55 -27.66 78.28
C ASP HA 124 89.25 -26.33 78.53
N LEU HA 125 88.70 -25.56 79.45
CA LEU HA 125 89.38 -24.38 79.96
C LEU HA 125 90.26 -24.78 81.15
N ASP HA 126 89.64 -25.29 82.20
CA ASP HA 126 90.36 -25.86 83.33
C ASP HA 126 90.22 -27.38 83.39
N PHE HA 127 91.34 -28.08 83.54
CA PHE HA 127 91.32 -29.54 83.66
C PHE HA 127 91.49 -29.99 85.11
N SER HA 128 90.41 -30.52 85.68
CA SER HA 128 90.49 -31.18 86.98
C SER HA 128 90.10 -32.65 86.79
N THR HA 129 91.07 -33.52 86.97
CA THR HA 129 90.85 -34.96 86.84
C THR HA 129 90.27 -35.49 88.15
N THR HA 130 90.08 -34.56 89.09
CA THR HA 130 89.73 -34.87 90.48
C THR HA 130 88.27 -35.28 90.71
N HIS HA 131 87.44 -35.19 89.68
CA HIS HA 131 86.00 -35.46 89.83
C HIS HA 131 85.71 -36.93 90.14
N GLY HA 132 84.53 -37.19 90.70
CA GLY HA 132 84.09 -38.54 91.03
C GLY HA 132 83.75 -39.43 89.85
N ALA HA 133 83.55 -38.83 88.67
CA ALA HA 133 83.31 -39.61 87.46
C ALA HA 133 84.62 -40.19 86.91
N VAL HA 134 85.65 -39.36 86.81
CA VAL HA 134 86.97 -39.84 86.39
C VAL HA 134 87.58 -40.81 87.40
N SER HA 135 87.85 -40.34 88.61
CA SER HA 135 88.49 -41.18 89.63
C SER HA 135 87.47 -42.15 90.21
N SER HA 136 87.92 -43.37 90.49
CA SER HA 136 87.03 -44.43 90.95
C SER HA 136 86.31 -44.07 92.26
N THR HA 137 84.99 -44.24 92.26
CA THR HA 137 84.16 -43.96 93.43
C THR HA 137 84.43 -45.00 94.54
N PRO HA 138 83.79 -44.83 95.74
CA PRO HA 138 83.83 -45.85 96.81
C PRO HA 138 82.80 -46.97 96.62
N PRO HA 139 83.18 -48.06 95.92
CA PRO HA 139 82.23 -49.10 95.47
C PRO HA 139 81.30 -49.54 96.59
N ALA HA 140 80.02 -49.62 96.25
CA ALA HA 140 78.95 -49.72 97.23
C ALA HA 140 79.07 -50.91 98.17
N PRO HA 141 78.42 -50.82 99.35
CA PRO HA 141 78.26 -51.96 100.27
C PRO HA 141 77.54 -53.15 99.62
N THR HA 142 76.85 -52.91 98.51
CA THR HA 142 76.23 -54.01 97.75
C THR HA 142 77.20 -54.63 96.72
N LEU HA 143 78.29 -53.92 96.42
CA LEU HA 143 79.35 -54.40 95.52
C LEU HA 143 80.40 -55.29 96.22
N VAL HA 144 80.81 -54.89 97.43
CA VAL HA 144 81.89 -55.56 98.16
C VAL HA 144 81.49 -56.97 98.59
N SER HA 145 80.21 -57.16 98.90
CA SER HA 145 79.69 -58.48 99.27
C SER HA 145 79.06 -59.19 98.07
N GLY HA 146 79.13 -58.57 96.90
CA GLY HA 146 78.67 -59.18 95.67
C GLY HA 146 77.16 -59.35 95.56
N ASP HA 147 76.44 -58.66 96.44
CA ASP HA 147 74.98 -58.74 96.46
C ASP HA 147 74.35 -58.08 95.24
N PRO HA 148 73.29 -58.68 94.68
CA PRO HA 148 72.49 -57.98 93.67
C PRO HA 148 71.97 -56.65 94.25
N TRP HA 149 71.95 -55.62 93.42
CA TRP HA 149 71.75 -54.24 93.90
C TRP HA 149 70.44 -53.97 94.62
N TYR HA 150 69.46 -54.83 94.40
CA TYR HA 150 68.17 -54.70 95.07
C TYR HA 150 67.69 -56.08 95.48
N PRO HA 151 66.71 -56.14 96.40
CA PRO HA 151 66.15 -57.44 96.81
C PRO HA 151 65.56 -58.29 95.67
N TRP HA 152 65.13 -57.67 94.57
CA TRP HA 152 64.32 -58.36 93.56
C TRP HA 152 65.07 -58.88 92.32
N TYR HA 153 66.38 -58.69 92.25
CA TYR HA 153 67.18 -59.29 91.17
C TYR HA 153 67.37 -60.78 91.47
N SER HA 154 67.17 -61.14 92.72
CA SER HA 154 67.24 -62.53 93.16
C SER HA 154 65.85 -63.17 93.16
N TRP HA 155 65.71 -64.26 92.41
CA TRP HA 155 64.41 -64.92 92.25
C TRP HA 155 64.03 -65.71 93.50
N LYS HA 156 62.88 -65.38 94.07
CA LYS HA 156 62.36 -66.08 95.25
C LYS HA 156 61.17 -66.95 94.90
N GLN HA 157 61.28 -68.24 95.17
CA GLN HA 157 60.15 -69.15 94.94
C GLN HA 157 59.06 -68.87 95.97
N PRO HA 158 57.88 -68.48 95.48
CA PRO HA 158 56.72 -68.01 96.26
C PRO HA 158 56.16 -69.05 97.25
N PRO HA 159 55.41 -68.60 98.27
CA PRO HA 159 54.70 -69.52 99.17
C PRO HA 159 53.69 -70.37 98.39
N GLU HA 160 53.43 -71.59 98.86
CA GLU HA 160 52.56 -72.53 98.13
C GLU HA 160 51.08 -72.21 98.30
N ARG HA 161 50.72 -71.56 99.40
CA ARG HA 161 49.35 -71.12 99.62
C ARG HA 161 48.97 -70.01 98.61
N GLU HA 162 49.88 -69.07 98.42
CA GLU HA 162 49.71 -67.97 97.46
C GLU HA 162 49.64 -68.49 96.01
N LEU HA 163 50.48 -69.48 95.69
CA LEU HA 163 50.49 -70.10 94.37
C LEU HA 163 49.26 -70.95 94.10
N SER HA 164 48.76 -71.61 95.15
CA SER HA 164 47.56 -72.44 95.02
C SER HA 164 46.27 -71.62 94.99
N ARG HA 165 46.29 -70.42 95.59
CA ARG HA 165 45.18 -69.48 95.42
C ARG HA 165 45.26 -68.81 94.05
N LEU HA 166 46.49 -68.64 93.57
CA LEU HA 166 46.75 -68.12 92.22
C LEU HA 166 46.33 -69.13 91.15
N ARG HA 167 46.34 -70.42 91.51
CA ARG HA 167 45.73 -71.45 90.67
C ARG HA 167 44.22 -71.44 90.87
N ARG HA 168 43.79 -71.21 92.11
CA ARG HA 168 42.37 -71.22 92.47
C ARG HA 168 41.58 -70.14 91.73
N LEU HA 169 42.26 -69.05 91.37
CA LEU HA 169 41.65 -67.96 90.61
C LEU HA 169 41.57 -68.27 89.10
N TYR HA 170 42.67 -68.81 88.57
CA TYR HA 170 42.88 -68.97 87.13
C TYR HA 170 42.50 -70.35 86.58
N GLN HA 171 41.79 -71.14 87.38
CA GLN HA 171 41.71 -72.61 87.25
C GLN HA 171 41.55 -73.19 85.85
N GLY HA 172 40.67 -72.64 85.03
CA GLY HA 172 40.45 -73.18 83.70
C GLY HA 172 41.54 -72.78 82.71
N ARG HA 173 42.05 -71.57 82.87
CA ARG HA 173 42.97 -70.96 81.91
C ARG HA 173 44.46 -71.19 82.22
N LEU HA 174 44.72 -71.74 83.40
CA LEU HA 174 46.07 -71.77 83.95
C LEU HA 174 47.05 -72.60 83.11
N ARG HA 175 48.22 -72.02 82.81
CA ARG HA 175 49.37 -72.77 82.33
C ARG HA 175 50.49 -72.71 83.36
N GLU HA 176 50.70 -73.81 84.08
CA GLU HA 176 51.61 -73.79 85.23
C GLU HA 176 52.94 -74.43 84.85
N GLU HA 177 53.97 -73.60 84.72
CA GLU HA 177 55.30 -74.07 84.40
C GLU HA 177 56.30 -73.55 85.43
N SER HA 178 56.95 -74.48 86.12
CA SER HA 178 57.90 -74.14 87.18
C SER HA 178 58.94 -73.14 86.69
N GLY HA 179 59.17 -72.13 87.51
CA GLY HA 179 60.07 -71.05 87.15
C GLY HA 179 61.50 -70.98 87.69
N PRO HA 180 62.11 -72.12 88.09
CA PRO HA 180 63.54 -71.93 88.38
C PRO HA 180 64.35 -71.49 87.15
N PRO HA 181 65.14 -70.40 87.30
CA PRO HA 181 66.02 -69.72 86.35
C PRO HA 181 67.44 -70.29 86.27
N PRO HA 182 67.68 -71.33 85.43
CA PRO HA 182 69.04 -71.91 85.34
C PRO HA 182 70.09 -70.82 85.16
N GLU HA 183 71.14 -70.86 85.97
CA GLU HA 183 71.96 -69.67 86.22
C GLU HA 183 72.96 -69.32 85.11
N LEU HA 184 73.48 -70.32 84.40
CA LEU HA 184 74.45 -70.06 83.33
C LEU HA 184 73.86 -70.34 81.93
N MET HA 185 74.04 -69.38 81.02
CA MET HA 185 73.41 -69.38 79.70
C MET HA 185 73.83 -70.43 78.65
N PRO HA 186 75.14 -70.57 78.38
CA PRO HA 186 75.63 -71.03 77.06
C PRO HA 186 75.02 -72.33 76.50
N GLU HA 187 75.02 -72.39 75.16
CA GLU HA 187 74.43 -73.48 74.40
C GLU HA 187 75.15 -73.57 73.04
N VAL HA 188 74.99 -74.69 72.34
CA VAL HA 188 75.58 -74.93 71.01
C VAL HA 188 75.48 -73.74 70.07
N UNK IA 1 135.51 -32.34 -39.30
CA UNK IA 1 135.35 -33.74 -39.66
C UNK IA 1 133.89 -34.10 -39.98
N UNK IA 2 133.10 -33.09 -40.33
CA UNK IA 2 131.75 -33.31 -40.86
C UNK IA 2 131.81 -33.66 -42.36
N UNK IA 3 132.73 -33.02 -43.06
CA UNK IA 3 132.88 -33.19 -44.52
C UNK IA 3 133.39 -34.58 -44.90
N UNK IA 4 134.26 -35.16 -44.08
CA UNK IA 4 134.77 -36.51 -44.32
C UNK IA 4 133.77 -37.59 -43.84
N UNK IA 5 132.81 -37.18 -43.00
CA UNK IA 5 131.71 -38.06 -42.61
C UNK IA 5 130.66 -38.12 -43.72
N UNK IA 6 130.43 -36.99 -44.39
CA UNK IA 6 129.57 -36.98 -45.58
C UNK IA 6 130.27 -37.63 -46.79
N UNK IA 7 131.61 -37.56 -46.84
CA UNK IA 7 132.40 -38.20 -47.89
C UNK IA 7 132.51 -39.73 -47.73
N UNK IA 8 132.62 -40.21 -46.48
CA UNK IA 8 132.61 -41.65 -46.22
C UNK IA 8 131.19 -42.23 -46.29
N UNK IA 9 130.18 -41.43 -45.94
CA UNK IA 9 128.77 -41.83 -46.15
C UNK IA 9 128.43 -41.94 -47.64
N UNK IA 10 128.84 -40.96 -48.43
CA UNK IA 10 128.59 -40.98 -49.89
C UNK IA 10 129.42 -42.05 -50.61
N UNK IA 11 130.70 -42.20 -50.25
CA UNK IA 11 131.55 -43.21 -50.88
C UNK IA 11 131.24 -44.64 -50.39
N UNK IA 12 130.57 -44.78 -49.24
CA UNK IA 12 130.03 -46.08 -48.81
C UNK IA 12 128.68 -46.41 -49.44
N UNK IA 13 127.84 -45.39 -49.69
CA UNK IA 13 126.52 -45.65 -50.29
C UNK IA 13 126.54 -45.68 -51.83
N UNK IA 14 127.62 -45.22 -52.46
CA UNK IA 14 127.73 -45.28 -53.93
C UNK IA 14 128.40 -46.57 -54.43
N UNK IA 15 129.04 -47.31 -53.53
CA UNK IA 15 129.67 -48.58 -53.89
C UNK IA 15 128.80 -49.80 -53.55
N UNK IA 16 127.59 -49.57 -53.03
CA UNK IA 16 126.67 -50.65 -52.69
C UNK IA 16 125.37 -50.56 -53.50
N UNK JA 1 80.69 -10.67 -97.68
CA UNK JA 1 81.69 -11.12 -98.64
C UNK JA 1 82.39 -12.41 -98.18
N UNK JA 2 83.68 -12.54 -98.50
CA UNK JA 2 84.43 -13.78 -98.23
C UNK JA 2 85.36 -13.66 -97.01
N UNK JA 3 84.99 -14.35 -95.94
CA UNK JA 3 85.80 -14.40 -94.72
C UNK JA 3 86.68 -15.66 -94.67
N UNK JA 4 86.65 -16.46 -95.73
CA UNK JA 4 87.33 -17.76 -95.76
C UNK JA 4 88.79 -17.68 -96.24
N UNK JA 5 89.29 -16.45 -96.40
CA UNK JA 5 90.59 -16.20 -97.02
C UNK JA 5 91.82 -16.23 -96.08
N UNK JA 6 91.63 -16.67 -94.82
CA UNK JA 6 92.69 -16.61 -93.79
C UNK JA 6 94.05 -17.19 -94.20
N UNK JA 7 95.09 -16.38 -93.98
CA UNK JA 7 96.47 -16.69 -94.40
C UNK JA 7 97.29 -17.37 -93.31
N UNK JA 8 96.65 -17.74 -92.21
CA UNK JA 8 97.31 -18.06 -90.94
C UNK JA 8 98.55 -18.96 -91.01
N UNK JA 9 98.44 -20.09 -91.69
CA UNK JA 9 99.53 -21.07 -91.74
C UNK JA 9 100.83 -20.49 -92.30
N UNK JA 10 100.72 -19.62 -93.32
CA UNK JA 10 101.90 -19.05 -94.01
C UNK JA 10 102.74 -18.11 -93.14
N UNK JA 11 102.12 -17.05 -92.60
CA UNK JA 11 102.85 -16.08 -91.78
C UNK JA 11 103.15 -16.60 -90.36
N UNK JA 12 102.38 -17.61 -89.88
CA UNK JA 12 102.73 -18.25 -88.59
C UNK JA 12 103.94 -19.18 -88.71
N UNK JA 13 103.97 -20.01 -89.76
CA UNK JA 13 105.15 -20.83 -90.01
C UNK JA 13 106.34 -19.95 -90.40
N UNK JA 14 106.07 -18.76 -90.94
CA UNK JA 14 107.13 -17.80 -91.29
C UNK JA 14 107.75 -17.16 -90.04
N UNK JA 15 106.92 -16.66 -89.13
CA UNK JA 15 107.42 -15.92 -87.96
C UNK JA 15 107.64 -16.72 -86.67
N UNK JA 16 107.21 -17.99 -86.62
CA UNK JA 16 107.28 -18.78 -85.38
C UNK JA 16 108.69 -19.19 -84.94
N UNK JA 17 109.69 -18.89 -85.77
CA UNK JA 17 111.08 -19.21 -85.43
C UNK JA 17 111.76 -18.09 -84.64
N THR KA 35 -15.22 -3.90 -16.15
CA THR KA 35 -14.64 -4.82 -17.12
C THR KA 35 -15.05 -4.43 -18.55
N GLY KA 36 -14.07 -4.03 -19.36
CA GLY KA 36 -14.33 -3.47 -20.68
C GLY KA 36 -14.78 -4.36 -21.83
N GLY KA 37 -15.91 -4.00 -22.44
CA GLY KA 37 -16.40 -4.66 -23.63
C GLY KA 37 -16.41 -3.89 -24.95
N SER KA 38 -15.73 -2.75 -25.04
CA SER KA 38 -15.91 -1.80 -26.17
C SER KA 38 -15.74 -2.35 -27.59
N SER KA 39 -16.71 -2.08 -28.46
CA SER KA 39 -16.65 -2.43 -29.88
C SER KA 39 -16.09 -1.26 -30.67
N LYS KA 40 -15.35 -1.57 -31.72
CA LYS KA 40 -14.69 -0.54 -32.50
C LYS KA 40 -15.49 -0.18 -33.76
N ASN KA 41 -16.65 -0.79 -33.93
CA ASN KA 41 -17.45 -0.53 -35.10
C ASN KA 41 -18.38 0.65 -34.91
N LEU KA 42 -18.40 1.55 -35.90
CA LEU KA 42 -19.16 2.77 -35.80
C LEU KA 42 -20.06 3.10 -36.98
N GLY KA 43 -21.11 3.87 -36.70
CA GLY KA 43 -21.90 4.54 -37.70
C GLY KA 43 -22.37 3.68 -38.87
N GLY KA 44 -22.57 2.39 -38.63
CA GLY KA 44 -23.13 1.54 -39.67
C GLY KA 44 -24.57 1.90 -39.97
N LYS KA 45 -25.08 2.92 -39.26
CA LYS KA 45 -26.48 3.30 -39.28
C LYS KA 45 -26.78 4.37 -40.32
N SER KA 46 -27.55 3.98 -41.34
CA SER KA 46 -28.13 4.88 -42.31
C SER KA 46 -29.46 4.28 -42.75
N PRO KA 47 -30.36 5.13 -43.25
CA PRO KA 47 -31.65 4.68 -43.78
C PRO KA 47 -31.55 4.04 -45.14
N GLY KA 48 -32.59 3.34 -45.52
CA GLY KA 48 -32.70 2.87 -46.88
C GLY KA 48 -32.84 4.05 -47.81
N LYS KA 49 -32.39 3.88 -49.04
CA LYS KA 49 -32.48 4.92 -50.05
C LYS KA 49 -33.79 4.85 -50.79
N ARG KA 50 -34.48 3.71 -50.63
CA ARG KA 50 -35.66 3.37 -51.42
C ARG KA 50 -35.39 3.55 -52.93
N PHE KA 51 -34.20 3.15 -53.34
CA PHE KA 51 -33.95 2.85 -54.75
C PHE KA 51 -34.90 1.79 -55.16
N GLY KA 52 -35.33 1.80 -56.40
CA GLY KA 52 -36.14 0.69 -56.83
C GLY KA 52 -37.07 1.05 -57.93
N ILE KA 53 -37.85 0.08 -58.35
CA ILE KA 53 -38.61 0.24 -59.55
C ILE KA 53 -40.00 0.72 -59.21
N LYS KA 54 -40.30 1.96 -59.57
CA LYS KA 54 -41.52 2.59 -59.11
C LYS KA 54 -42.72 2.21 -59.95
N LYS KA 55 -42.51 1.93 -61.23
CA LYS KA 55 -43.62 1.54 -62.09
C LYS KA 55 -43.41 0.17 -62.68
N MET KA 56 -44.48 -0.48 -63.10
CA MET KA 56 -44.41 -1.87 -63.53
C MET KA 56 -44.83 -2.02 -64.97
N GLU KA 57 -44.58 -3.19 -65.55
CA GLU KA 57 -45.07 -3.45 -66.89
C GLU KA 57 -46.57 -3.24 -66.95
N GLY KA 58 -47.03 -2.64 -68.04
CA GLY KA 58 -48.45 -2.47 -68.28
C GLY KA 58 -49.08 -1.37 -67.46
N HIS KA 59 -48.28 -0.68 -66.66
CA HIS KA 59 -48.80 0.48 -65.93
C HIS KA 59 -48.94 1.66 -66.83
N TYR KA 60 -50.04 2.36 -66.67
CA TYR KA 60 -50.29 3.56 -67.43
C TYR KA 60 -49.58 4.72 -66.73
N VAL KA 61 -48.99 5.59 -67.53
CA VAL KA 61 -48.16 6.67 -66.98
C VAL KA 61 -48.50 8.00 -67.66
N HIS KA 62 -48.03 9.10 -67.08
CA HIS KA 62 -48.15 10.43 -67.68
C HIS KA 62 -46.74 10.92 -67.80
N ALA KA 63 -46.53 12.01 -68.53
CA ALA KA 63 -45.17 12.48 -68.76
C ALA KA 63 -44.50 13.03 -67.51
N GLY KA 64 -43.36 12.47 -67.15
CA GLY KA 64 -42.64 12.93 -65.98
C GLY KA 64 -42.68 12.00 -64.77
N ASN KA 65 -43.62 11.06 -64.72
CA ASN KA 65 -43.65 10.13 -63.60
C ASN KA 65 -42.40 9.33 -63.60
N ILE KA 66 -41.85 9.02 -62.44
CA ILE KA 66 -40.63 8.24 -62.45
C ILE KA 66 -40.94 6.77 -62.58
N LEU KA 67 -40.18 6.08 -63.43
CA LEU KA 67 -40.30 4.65 -63.61
C LEU KA 67 -39.46 3.92 -62.62
N ALA KA 68 -38.16 4.20 -62.64
CA ALA KA 68 -37.30 3.56 -61.65
C ALA KA 68 -36.21 4.47 -61.12
N THR KA 69 -35.57 4.05 -60.03
CA THR KA 69 -34.44 4.76 -59.46
C THR KA 69 -33.41 3.76 -58.93
N GLN KA 70 -32.14 4.02 -59.21
CA GLN KA 70 -31.12 3.02 -58.98
C GLN KA 70 -29.78 3.68 -58.63
N ARG KA 71 -28.92 2.93 -57.94
CA ARG KA 71 -27.58 3.42 -57.67
C ARG KA 71 -26.58 3.17 -58.81
N HIS KA 72 -26.62 1.98 -59.38
CA HIS KA 72 -25.83 1.66 -60.57
C HIS KA 72 -26.80 1.38 -61.66
N PHE KA 73 -26.35 1.43 -62.89
CA PHE KA 73 -27.31 1.19 -63.94
C PHE KA 73 -27.64 -0.28 -63.93
N ARG KA 74 -28.90 -0.54 -63.66
CA ARG KA 74 -29.41 -1.87 -63.70
C ARG KA 74 -30.33 -1.89 -64.86
N TRP KA 75 -31.41 -1.12 -64.74
CA TRP KA 75 -32.26 -0.89 -65.90
C TRP KA 75 -31.80 0.35 -66.65
N HIS KA 76 -31.58 0.23 -67.95
CA HIS KA 76 -31.30 1.41 -68.79
C HIS KA 76 -32.56 1.94 -69.46
N PRO KA 77 -32.60 3.26 -69.65
CA PRO KA 77 -33.74 3.83 -70.35
C PRO KA 77 -33.79 3.29 -71.74
N GLY KA 78 -34.98 2.90 -72.19
CA GLY KA 78 -35.21 2.53 -73.58
C GLY KA 78 -35.88 3.65 -74.34
N ALA KA 79 -36.74 3.27 -75.27
CA ALA KA 79 -37.54 4.23 -76.02
C ALA KA 79 -38.44 5.08 -75.13
N HIS KA 80 -38.38 6.40 -75.32
CA HIS KA 80 -39.22 7.37 -74.61
C HIS KA 80 -38.99 7.47 -73.13
N VAL KA 81 -37.84 7.03 -72.66
CA VAL KA 81 -37.62 7.10 -71.24
C VAL KA 81 -36.37 7.93 -70.97
N GLY KA 82 -36.60 9.07 -70.32
CA GLY KA 82 -35.56 10.05 -70.04
C GLY KA 82 -34.75 9.76 -68.80
N LEU KA 83 -33.49 10.11 -68.91
CA LEU KA 83 -32.53 9.86 -67.86
C LEU KA 83 -32.29 11.12 -67.06
N GLY KA 84 -32.16 10.95 -65.75
CA GLY KA 84 -31.81 12.04 -64.86
C GLY KA 84 -30.37 11.82 -64.52
N LYS KA 85 -29.74 12.76 -63.85
CA LYS KA 85 -28.33 12.62 -63.55
C LYS KA 85 -28.06 11.68 -62.36
N ASN KA 86 -29.10 11.41 -61.57
CA ASN KA 86 -29.04 10.50 -60.44
C ASN KA 86 -29.36 9.09 -60.91
N LYS KA 87 -29.42 8.94 -62.23
CA LYS KA 87 -29.72 7.67 -62.87
C LYS KA 87 -31.12 7.25 -62.59
N CYS KA 88 -32.05 8.17 -62.85
CA CYS KA 88 -33.47 7.87 -62.73
C CYS KA 88 -34.13 7.70 -64.07
N LEU KA 89 -35.15 6.86 -64.12
CA LEU KA 89 -35.89 6.66 -65.34
C LEU KA 89 -37.28 7.24 -65.21
N TYR KA 90 -37.55 8.23 -66.06
CA TYR KA 90 -38.87 8.84 -66.10
C TYR KA 90 -39.53 8.94 -67.48
N ALA KA 91 -40.86 8.94 -67.46
CA ALA KA 91 -41.68 8.99 -68.66
C ALA KA 91 -41.65 10.32 -69.39
N LEU KA 92 -41.32 10.26 -70.67
CA LEU KA 92 -41.31 11.44 -71.51
C LEU KA 92 -42.59 11.68 -72.24
N GLU KA 93 -43.43 10.66 -72.27
CA GLU KA 93 -44.65 10.71 -73.04
C GLU KA 93 -45.67 9.84 -72.35
N GLU KA 94 -46.92 10.28 -72.37
CA GLU KA 94 -47.99 9.51 -71.74
C GLU KA 94 -48.15 8.13 -72.37
N GLY KA 95 -48.33 7.10 -71.55
CA GLY KA 95 -48.57 5.77 -72.10
C GLY KA 95 -48.36 4.57 -71.20
N VAL KA 96 -48.07 3.44 -71.84
CA VAL KA 96 -47.86 2.17 -71.15
C VAL KA 96 -46.38 1.88 -70.95
N VAL KA 97 -46.03 1.30 -69.81
CA VAL KA 97 -44.63 0.96 -69.57
C VAL KA 97 -44.32 -0.47 -69.99
N ARG KA 98 -43.32 -0.62 -70.87
CA ARG KA 98 -42.88 -1.92 -71.31
C ARG KA 98 -41.45 -2.15 -70.95
N TYR KA 99 -41.17 -3.36 -70.50
CA TYR KA 99 -39.80 -3.75 -70.20
C TYR KA 99 -39.26 -4.67 -71.27
N THR KA 100 -38.01 -4.50 -71.63
CA THR KA 100 -37.47 -5.37 -72.67
C THR KA 100 -35.95 -5.55 -72.60
N LYS KA 101 -35.48 -6.77 -72.87
CA LYS KA 101 -34.06 -7.04 -72.90
C LYS KA 101 -33.51 -6.83 -74.32
N GLU KA 102 -32.48 -5.98 -74.45
CA GLU KA 102 -31.94 -5.62 -75.76
C GLU KA 102 -30.42 -5.45 -75.82
N VAL KA 103 -29.91 -5.30 -77.04
CA VAL KA 103 -28.48 -5.21 -77.31
C VAL KA 103 -27.80 -4.01 -76.73
N TYR KA 104 -26.60 -4.22 -76.26
CA TYR KA 104 -25.89 -3.13 -75.68
C TYR KA 104 -24.79 -2.63 -76.59
N VAL KA 105 -24.96 -1.41 -77.07
CA VAL KA 105 -23.99 -0.81 -77.97
C VAL KA 105 -23.58 0.55 -77.45
N PRO KA 106 -22.55 0.57 -76.61
CA PRO KA 106 -22.04 1.69 -75.82
C PRO KA 106 -21.62 2.89 -76.65
N ASN KA 107 -21.52 4.06 -76.02
CA ASN KA 107 -20.98 5.22 -76.71
C ASN KA 107 -19.45 5.17 -76.71
N PRO KA 108 -18.84 5.37 -77.89
CA PRO KA 108 -17.39 5.40 -78.11
C PRO KA 108 -16.69 6.50 -77.32
N SER KA 109 -17.47 7.46 -76.81
CA SER KA 109 -16.96 8.46 -75.90
C SER KA 109 -16.70 7.85 -74.52
N ASN KA 110 -17.37 6.73 -74.20
CA ASN KA 110 -17.11 6.02 -72.96
C ASN KA 110 -16.10 4.89 -73.11
N SER KA 111 -14.94 5.08 -72.51
CA SER KA 111 -13.81 4.19 -72.70
C SER KA 111 -14.06 2.80 -72.13
N GLU KA 112 -14.41 2.75 -70.86
CA GLU KA 112 -14.58 1.48 -70.16
C GLU KA 112 -15.51 0.59 -70.93
N ALA KA 113 -16.63 1.18 -71.32
CA ALA KA 113 -17.61 0.51 -72.14
C ALA KA 113 -16.96 -0.04 -73.40
N VAL KA 114 -16.27 0.84 -74.11
CA VAL KA 114 -15.60 0.48 -75.34
C VAL KA 114 -14.70 -0.75 -75.14
N ASP KA 115 -13.91 -0.72 -74.08
CA ASP KA 115 -12.93 -1.77 -73.82
C ASP KA 115 -13.57 -3.06 -73.35
N LEU KA 116 -14.78 -2.95 -72.81
CA LEU KA 116 -15.57 -4.12 -72.50
C LEU KA 116 -15.96 -4.78 -73.79
N VAL KA 117 -16.37 -3.94 -74.74
CA VAL KA 117 -16.70 -4.44 -76.07
C VAL KA 117 -15.50 -5.11 -76.73
N THR KA 118 -14.33 -4.50 -76.58
CA THR KA 118 -13.10 -4.89 -77.28
C THR KA 118 -12.66 -6.35 -77.10
N ARG KA 119 -12.68 -6.86 -75.88
CA ARG KA 119 -12.07 -8.16 -75.62
C ARG KA 119 -12.99 -9.34 -75.80
N LEU KA 120 -14.28 -9.09 -75.98
CA LEU KA 120 -15.26 -10.15 -76.18
C LEU KA 120 -14.94 -11.06 -77.35
N PRO KA 121 -15.20 -12.35 -77.18
CA PRO KA 121 -15.17 -13.35 -78.26
C PRO KA 121 -16.11 -12.97 -79.38
N GLN KA 122 -15.82 -13.45 -80.59
CA GLN KA 122 -16.38 -12.85 -81.81
C GLN KA 122 -17.79 -13.30 -82.15
N GLY KA 123 -18.36 -14.21 -81.36
CA GLY KA 123 -19.72 -14.63 -81.59
C GLY KA 123 -20.73 -13.88 -80.74
N ALA KA 124 -20.25 -13.27 -79.66
CA ALA KA 124 -21.13 -12.88 -78.57
C ALA KA 124 -21.37 -11.38 -78.42
N VAL KA 125 -22.60 -11.05 -78.02
CA VAL KA 125 -23.05 -9.67 -77.89
C VAL KA 125 -23.60 -9.36 -76.50
N LEU KA 126 -23.35 -8.15 -76.03
CA LEU KA 126 -23.84 -7.75 -74.72
C LEU KA 126 -25.31 -7.35 -74.74
N TYR KA 127 -26.00 -7.73 -73.69
CA TYR KA 127 -27.40 -7.41 -73.52
C TYR KA 127 -27.63 -6.71 -72.19
N LYS KA 128 -28.62 -5.82 -72.13
CA LYS KA 128 -29.04 -5.17 -70.87
C LYS KA 128 -30.56 -5.09 -70.87
N THR KA 129 -31.13 -4.70 -69.74
CA THR KA 129 -32.58 -4.52 -69.65
C THR KA 129 -32.96 -3.07 -69.81
N PHE KA 130 -34.08 -2.83 -70.47
CA PHE KA 130 -34.57 -1.48 -70.72
C PHE KA 130 -35.98 -1.28 -70.32
N VAL KA 131 -36.30 0.00 -70.20
CA VAL KA 131 -37.66 0.43 -69.95
C VAL KA 131 -38.10 1.37 -71.03
N HIS KA 132 -39.34 1.24 -71.46
CA HIS KA 132 -39.88 2.14 -72.45
C HIS KA 132 -41.32 2.51 -72.17
N VAL KA 133 -41.77 3.53 -72.89
CA VAL KA 133 -43.16 3.91 -72.89
C VAL KA 133 -43.73 3.83 -74.30
N VAL KA 134 -44.75 3.00 -74.46
CA VAL KA 134 -45.57 3.03 -75.65
C VAL KA 134 -46.57 4.19 -75.53
N PRO KA 135 -46.41 5.23 -76.37
CA PRO KA 135 -47.27 6.41 -76.32
C PRO KA 135 -48.71 6.06 -76.65
N ALA KA 136 -49.64 6.48 -75.80
CA ALA KA 136 -51.02 6.07 -75.94
C ALA KA 136 -51.83 7.13 -76.68
N LYS KA 137 -51.96 8.30 -76.06
CA LYS KA 137 -52.62 9.42 -76.70
C LYS KA 137 -51.91 9.74 -78.00
N PRO KA 138 -52.68 9.93 -79.07
CA PRO KA 138 -52.08 10.28 -80.35
C PRO KA 138 -51.37 11.61 -80.22
N GLU KA 139 -50.50 11.91 -81.16
CA GLU KA 139 -49.81 13.18 -81.11
C GLU KA 139 -50.79 14.35 -81.03
N GLY KA 140 -51.78 14.36 -81.90
CA GLY KA 140 -52.68 15.50 -81.97
C GLY KA 140 -53.93 15.19 -82.77
N THR KA 141 -54.64 16.23 -83.19
CA THR KA 141 -55.89 16.08 -83.92
C THR KA 141 -56.13 17.28 -84.83
N PHE KA 142 -56.89 17.08 -85.90
CA PHE KA 142 -57.25 18.18 -86.78
C PHE KA 142 -58.69 18.61 -86.63
N LYS KA 143 -58.88 19.87 -86.30
CA LYS KA 143 -60.21 20.40 -86.04
C LYS KA 143 -60.59 21.46 -87.06
N LEU KA 144 -61.89 21.62 -87.29
CA LEU KA 144 -62.36 22.64 -88.21
C LEU KA 144 -62.58 23.93 -87.44
N VAL KA 145 -61.72 24.92 -87.68
CA VAL KA 145 -61.79 26.18 -86.95
C VAL KA 145 -62.88 27.12 -87.48
N ALA KA 146 -62.87 27.33 -88.79
CA ALA KA 146 -63.83 28.23 -89.42
C ALA KA 146 -64.11 27.80 -90.84
N MET KA 147 -65.36 27.94 -91.27
CA MET KA 147 -65.64 27.76 -92.67
C MET KA 147 -65.98 29.13 -93.26
N LEU KA 148 -65.04 29.66 -94.05
CA LEU KA 148 -65.17 30.98 -94.67
C LEU KA 148 -65.86 30.88 -96.04
N PRO LA 2 -71.84 40.64 1.02
CA PRO LA 2 -72.42 41.96 0.78
C PRO LA 2 -71.45 42.89 0.05
N LEU LA 3 -71.75 44.19 0.02
CA LEU LA 3 -70.88 45.18 -0.60
C LEU LA 3 -70.87 46.43 0.26
N HIS LA 4 -70.07 47.41 -0.12
CA HIS LA 4 -70.16 48.71 0.52
C HIS LA 4 -71.06 49.62 -0.32
N LYS LA 5 -71.83 50.44 0.37
CA LYS LA 5 -72.68 51.43 -0.29
C LYS LA 5 -71.88 52.33 -1.23
N VAL LA 6 -70.63 52.59 -0.85
CA VAL LA 6 -69.74 53.46 -1.61
C VAL LA 6 -68.36 52.84 -1.70
N PRO LA 7 -67.71 52.93 -2.87
CA PRO LA 7 -66.32 52.45 -3.02
C PRO LA 7 -65.35 53.10 -2.04
N VAL LA 8 -64.31 52.35 -1.69
CA VAL LA 8 -63.41 52.70 -0.62
C VAL LA 8 -62.36 53.73 -1.03
N GLY LA 9 -62.21 53.93 -2.34
CA GLY LA 9 -61.30 54.96 -2.82
C GLY LA 9 -61.86 56.32 -2.50
N LEU LA 10 -63.17 56.32 -2.31
CA LEU LA 10 -63.89 57.55 -2.01
C LEU LA 10 -64.14 57.68 -0.52
N TRP LA 11 -63.60 56.74 0.25
CA TRP LA 11 -63.76 56.76 1.69
C TRP LA 11 -62.97 57.87 2.38
N LYS LA 12 -61.85 58.26 1.79
CA LYS LA 12 -61.00 59.28 2.37
C LYS LA 12 -61.51 60.70 2.02
N GLN LA 13 -62.32 60.80 0.98
CA GLN LA 13 -62.90 62.07 0.60
C GLN LA 13 -64.15 62.40 1.41
N LEU LA 14 -65.02 61.42 1.56
CA LEU LA 14 -66.24 61.61 2.34
C LEU LA 14 -65.90 61.55 3.81
N ARG LA 15 -64.66 61.12 4.08
CA ARG LA 15 -64.05 61.32 5.36
C ARG LA 15 -64.02 62.82 5.64
N LEU LA 16 -63.71 63.60 4.61
CA LEU LA 16 -63.59 65.06 4.71
C LEU LA 16 -64.92 65.83 4.67
N TRP LA 17 -65.92 65.27 3.99
CA TRP LA 17 -67.22 65.92 3.88
C TRP LA 17 -67.97 66.00 5.22
N GLU LA 18 -67.58 65.15 6.16
CA GLU LA 18 -68.30 65.04 7.43
C GLU LA 18 -67.45 65.41 8.63
N GLY LA 19 -68.10 65.88 9.68
CA GLY LA 19 -67.40 66.18 10.92
C GLY LA 19 -66.72 67.54 10.88
N ILE LA 20 -65.60 67.64 11.60
CA ILE LA 20 -64.93 68.91 11.80
C ILE LA 20 -64.39 69.50 10.49
N TYR LA 21 -63.99 68.64 9.55
CA TYR LA 21 -63.52 69.11 8.25
C TYR LA 21 -64.58 69.93 7.54
N SER LA 22 -65.83 69.74 7.94
CA SER LA 22 -66.93 70.44 7.30
C SER LA 22 -66.94 71.93 7.67
N ARG LA 23 -66.33 72.30 8.79
CA ARG LA 23 -66.26 73.71 9.17
C ARG LA 23 -64.95 74.36 8.73
N LEU LA 24 -64.09 73.58 8.08
CA LEU LA 24 -62.81 74.09 7.60
C LEU LA 24 -62.99 75.18 6.56
N PRO LA 25 -62.03 76.11 6.50
CA PRO LA 25 -62.06 77.16 5.48
C PRO LA 25 -62.12 76.56 4.09
N ARG LA 26 -63.06 77.02 3.26
CA ARG LA 26 -63.27 76.45 1.92
C ARG LA 26 -62.07 76.59 1.00
N HIS LA 27 -61.37 77.71 1.12
CA HIS LA 27 -60.17 77.95 0.32
C HIS LA 27 -59.13 76.88 0.57
N TYR LA 28 -59.05 76.45 1.82
CA TYR LA 28 -58.10 75.44 2.23
C TYR LA 28 -58.40 74.13 1.52
N LEU LA 29 -59.63 73.64 1.70
CA LEU LA 29 -60.06 72.41 1.09
C LEU LA 29 -59.89 72.45 -0.42
N ARG LA 30 -60.10 73.62 -1.01
CA ARG LA 30 -59.92 73.77 -2.46
C ARG LA 30 -58.46 73.64 -2.88
N SER LA 31 -57.53 74.27 -2.15
CA SER LA 31 -56.13 74.13 -2.48
C SER LA 31 -55.68 72.70 -2.24
N LEU LA 32 -56.43 71.99 -1.41
CA LEU LA 32 -56.17 70.57 -1.16
C LEU LA 32 -56.71 69.61 -2.23
N GLU LA 33 -57.91 69.87 -2.74
CA GLU LA 33 -58.59 68.97 -3.69
C GLU LA 33 -57.76 68.74 -4.93
N GLU LA 34 -57.44 69.83 -5.61
CA GLU LA 34 -56.77 69.77 -6.89
C GLU LA 34 -55.30 69.41 -6.73
N ALA LA 35 -54.92 68.29 -7.35
CA ALA LA 35 -53.53 67.89 -7.39
C ALA LA 35 -52.97 68.20 -8.76
N ARG LA 36 -52.13 69.22 -8.81
CA ARG LA 36 -51.40 69.54 -10.01
C ARG LA 36 -50.32 68.48 -10.16
N THR LA 37 -49.94 68.18 -11.39
CA THR LA 37 -48.91 67.17 -11.60
C THR LA 37 -47.53 67.78 -11.40
N PRO LA 38 -46.78 67.25 -10.40
CA PRO LA 38 -45.47 67.78 -10.03
C PRO LA 38 -44.51 67.87 -11.21
N THR LA 39 -43.57 68.79 -11.12
CA THR LA 39 -42.59 68.99 -12.16
C THR LA 39 -41.79 67.72 -12.43
N PRO LA 40 -41.55 67.40 -13.71
CA PRO LA 40 -40.59 66.34 -14.00
C PRO LA 40 -39.21 66.70 -13.51
N VAL LA 41 -38.63 65.82 -12.70
CA VAL LA 41 -37.35 66.05 -12.07
C VAL LA 41 -36.37 64.98 -12.48
N HIS LA 42 -36.73 63.76 -12.10
CA HIS LA 42 -35.96 62.57 -12.38
C HIS LA 42 -36.22 62.06 -13.78
N TYR LA 43 -37.47 61.76 -14.10
CA TYR LA 43 -37.79 61.44 -15.50
C TYR LA 43 -37.75 62.68 -16.39
N ARG LA 44 -37.40 62.46 -17.66
CA ARG LA 44 -37.34 63.51 -18.65
C ARG LA 44 -38.45 63.33 -19.67
N PRO LA 45 -39.32 64.35 -19.83
CA PRO LA 45 -40.53 64.24 -20.66
C PRO LA 45 -40.26 64.37 -22.15
N HIS LA 46 -41.09 63.76 -22.97
CA HIS LA 46 -41.08 64.02 -24.41
C HIS LA 46 -42.11 65.08 -24.70
N GLY LA 47 -41.79 65.95 -25.64
CA GLY LA 47 -42.58 67.15 -25.87
C GLY LA 47 -43.98 66.90 -26.40
N ALA LA 48 -44.06 66.20 -27.52
CA ALA LA 48 -45.32 66.11 -28.25
C ALA LA 48 -46.33 65.13 -27.67
N LYS LA 49 -47.60 65.36 -27.99
CA LYS LA 49 -48.66 64.42 -27.68
C LYS LA 49 -48.63 63.28 -28.68
N PHE LA 50 -48.21 63.58 -29.90
CA PHE LA 50 -48.17 62.59 -30.96
C PHE LA 50 -46.77 62.43 -31.50
N LYS LA 51 -46.35 61.18 -31.68
CA LYS LA 51 -45.00 60.91 -32.12
C LYS LA 51 -45.02 59.71 -33.06
N ILE LA 52 -44.30 59.80 -34.18
CA ILE LA 52 -44.31 58.73 -35.19
C ILE LA 52 -43.52 57.51 -34.75
N ASN LA 53 -44.06 56.33 -35.03
CA ASN LA 53 -43.35 55.07 -34.77
C ASN LA 53 -42.28 54.84 -35.83
N PRO LA 54 -41.01 54.72 -35.40
CA PRO LA 54 -39.89 54.48 -36.33
C PRO LA 54 -39.96 53.10 -37.01
N LYS LA 55 -40.34 52.07 -36.25
CA LYS LA 55 -40.50 50.75 -36.82
C LYS LA 55 -41.71 50.68 -37.73
N ASN LA 56 -42.85 51.07 -37.18
CA ASN LA 56 -44.16 50.87 -37.78
C ASN LA 56 -44.57 51.90 -38.85
N TRP LA 57 -44.03 53.11 -38.73
CA TRP LA 57 -44.27 54.23 -39.64
C TRP LA 57 -45.67 54.84 -39.63
N GLN LA 58 -46.26 54.95 -38.45
CA GLN LA 58 -47.55 55.63 -38.32
C GLN LA 58 -47.49 56.60 -37.16
N ARG LA 59 -48.44 57.53 -37.10
CA ARG LA 59 -48.49 58.47 -36.00
C ARG LA 59 -49.05 57.79 -34.76
N GLU LA 60 -48.38 57.99 -33.63
CA GLU LA 60 -48.70 57.25 -32.42
C GLU LA 60 -49.01 58.15 -31.24
N ARG LA 61 -50.10 57.85 -30.54
CA ARG LA 61 -50.45 58.60 -29.34
C ARG LA 61 -49.43 58.27 -28.26
N VAL LA 62 -48.83 59.31 -27.70
CA VAL LA 62 -47.76 59.12 -26.74
C VAL LA 62 -48.00 59.88 -25.47
N GLU LA 63 -47.89 59.17 -24.35
CA GLU LA 63 -48.16 59.75 -23.05
C GLU LA 63 -46.99 59.61 -22.09
N ASP LA 64 -46.98 60.46 -21.07
CA ASP LA 64 -45.85 60.57 -20.19
C ASP LA 64 -46.17 60.11 -18.78
N VAL LA 65 -45.52 59.03 -18.37
CA VAL LA 65 -45.73 58.51 -17.04
C VAL LA 65 -44.66 58.99 -16.09
N PRO LA 66 -45.11 59.64 -15.00
CA PRO LA 66 -44.26 60.06 -13.89
C PRO LA 66 -43.52 58.89 -13.29
N ILE LA 67 -42.34 59.15 -12.74
CA ILE LA 67 -41.55 58.12 -12.09
C ILE LA 67 -41.65 58.18 -10.56
N PRO LA 68 -41.91 57.03 -9.91
CA PRO LA 68 -42.06 57.04 -8.45
C PRO LA 68 -40.79 57.50 -7.75
N VAL LA 69 -40.92 58.48 -6.86
CA VAL LA 69 -39.79 58.97 -6.08
C VAL LA 69 -40.13 59.07 -4.61
N HIS LA 70 -39.41 58.28 -3.81
CA HIS LA 70 -39.67 58.21 -2.39
C HIS LA 70 -38.89 59.28 -1.68
N TYR LA 71 -39.49 59.84 -0.64
CA TYR LA 71 -38.84 60.87 0.18
C TYR LA 71 -38.62 60.37 1.58
N PRO LA 72 -37.35 60.16 1.96
CA PRO LA 72 -37.04 59.90 3.36
C PRO LA 72 -37.56 61.04 4.23
N PRO LA 73 -37.85 60.77 5.52
CA PRO LA 73 -38.43 61.77 6.41
C PRO LA 73 -37.58 63.04 6.51
N GLU LA 74 -36.27 62.85 6.40
CA GLU LA 74 -35.31 63.94 6.43
C GLU LA 74 -35.44 64.85 5.24
N SER LA 75 -35.96 64.31 4.15
CA SER LA 75 -36.21 65.11 2.95
C SER LA 75 -37.14 66.24 3.31
N GLN LA 76 -38.11 65.95 4.17
CA GLN LA 76 -39.10 66.93 4.54
C GLN LA 76 -38.52 67.98 5.48
N LEU LA 77 -37.35 67.70 6.05
CA LEU LA 77 -36.72 68.63 6.96
C LEU LA 77 -35.94 69.76 6.27
N GLY LA 78 -35.32 69.46 5.12
CA GLY LA 78 -34.58 70.46 4.36
C GLY LA 78 -35.32 70.86 3.09
N LEU LA 79 -34.63 71.48 2.14
CA LEU LA 79 -35.23 71.76 0.84
C LEU LA 79 -34.53 70.99 -0.25
N TRP LA 80 -35.17 69.95 -0.79
CA TRP LA 80 -34.49 69.06 -1.71
C TRP LA 80 -34.77 69.40 -3.16
N GLY LA 81 -35.53 70.46 -3.38
CA GLY LA 81 -35.73 70.97 -4.72
C GLY LA 81 -36.62 70.07 -5.55
N GLY LA 82 -37.44 69.29 -4.88
CA GLY LA 82 -38.45 68.49 -5.54
C GLY LA 82 -38.05 67.06 -5.88
N GLU LA 83 -36.82 66.70 -5.57
CA GLU LA 83 -36.38 65.35 -5.82
C GLU LA 83 -36.22 64.54 -4.55
N GLY LA 84 -35.77 63.30 -4.74
CA GLY LA 84 -35.67 62.34 -3.68
C GLY LA 84 -35.11 61.05 -4.22
N TRP LA 85 -35.37 59.96 -3.48
CA TRP LA 85 -34.80 58.67 -3.82
C TRP LA 85 -35.48 58.07 -5.01
N VAL LA 86 -34.69 57.39 -5.86
CA VAL LA 86 -35.30 56.58 -6.90
C VAL LA 86 -35.05 55.12 -6.64
N LEU LA 87 -36.11 54.42 -6.27
CA LEU LA 87 -36.05 52.99 -6.09
C LEU LA 87 -36.49 52.32 -7.37
N GLY LA 88 -35.83 51.22 -7.72
CA GLY LA 88 -36.30 50.45 -8.86
C GLY LA 88 -35.33 49.35 -9.18
N HIS LA 89 -35.52 48.67 -10.29
CA HIS LA 89 -34.58 47.64 -10.62
C HIS LA 89 -33.72 48.06 -11.79
N ARG LA 90 -32.46 47.67 -11.75
CA ARG LA 90 -31.52 47.89 -12.83
C ARG LA 90 -31.24 46.60 -13.62
N TYR LA 91 -31.02 46.73 -14.92
CA TYR LA 91 -30.38 45.67 -15.72
C TYR LA 91 -28.88 45.83 -15.66
N VAL LA 92 -28.16 44.80 -15.24
CA VAL LA 92 -26.71 44.93 -15.27
C VAL LA 92 -26.27 45.02 -16.72
N ASN LA 93 -25.28 45.88 -16.97
CA ASN LA 93 -24.69 46.14 -18.29
C ASN LA 93 -25.60 46.86 -19.29
N ASN LA 94 -26.89 46.90 -18.98
CA ASN LA 94 -27.93 47.33 -19.91
C ASN LA 94 -28.22 46.32 -21.03
N ASP LA 95 -27.57 45.16 -20.99
CA ASP LA 95 -28.03 44.05 -21.82
C ASP LA 95 -29.30 43.49 -21.22
N LYS LA 96 -30.40 43.53 -21.97
CA LYS LA 96 -31.66 43.17 -21.36
C LYS LA 96 -31.66 41.72 -20.96
N LEU LA 97 -30.80 40.92 -21.58
CA LEU LA 97 -30.79 39.51 -21.24
C LEU LA 97 -30.04 39.23 -19.95
N SER LA 98 -29.29 40.23 -19.47
CA SER LA 98 -28.47 40.09 -18.26
C SER LA 98 -29.27 40.09 -16.96
N LYS LA 99 -28.59 39.95 -15.83
CA LYS LA 99 -29.26 39.90 -14.53
C LYS LA 99 -30.11 41.12 -14.28
N ARG LA 100 -31.23 40.93 -13.59
CA ARG LA 100 -31.98 42.07 -13.09
C ARG LA 100 -31.70 42.18 -11.60
N VAL LA 101 -31.54 43.40 -11.11
CA VAL LA 101 -30.95 43.65 -9.79
C VAL LA 101 -31.60 44.83 -9.09
N ARG LA 102 -31.87 44.74 -7.79
CA ARG LA 102 -32.48 45.91 -7.16
C ARG LA 102 -31.45 47.01 -6.92
N LYS LA 103 -31.90 48.24 -7.22
CA LYS LA 103 -31.06 49.43 -7.31
C LYS LA 103 -31.75 50.65 -6.74
N VAL LA 104 -31.00 51.49 -6.04
CA VAL LA 104 -31.55 52.76 -5.60
C VAL LA 104 -30.57 53.88 -5.86
N TRP LA 105 -31.09 54.96 -6.44
CA TRP LA 105 -30.30 56.14 -6.71
C TRP LA 105 -30.63 57.22 -5.69
N LYS LA 106 -29.66 57.55 -4.85
CA LYS LA 106 -29.80 58.67 -3.93
C LYS LA 106 -29.20 59.94 -4.51
N PRO LA 107 -29.87 61.08 -4.30
CA PRO LA 107 -29.37 62.40 -4.70
C PRO LA 107 -28.29 62.90 -3.76
N GLN LA 108 -27.30 63.62 -4.30
CA GLN LA 108 -26.20 64.10 -3.49
C GLN LA 108 -26.69 65.21 -2.58
N LEU LA 109 -26.10 65.32 -1.40
CA LEU LA 109 -26.56 66.30 -0.42
C LEU LA 109 -25.53 67.37 -0.06
N PHE LA 110 -26.03 68.50 0.41
CA PHE LA 110 -25.18 69.57 0.93
C PHE LA 110 -25.77 70.28 2.12
N GLN LA 111 -24.90 70.59 3.07
CA GLN LA 111 -25.27 71.54 4.09
C GLN LA 111 -24.96 72.90 3.52
N ARG LA 112 -25.97 73.74 3.42
CA ARG LA 112 -25.71 75.11 2.99
C ARG LA 112 -26.68 76.06 3.64
N GLU LA 113 -26.25 77.31 3.80
CA GLU LA 113 -27.06 78.33 4.44
C GLU LA 113 -27.66 79.28 3.42
N LEU LA 114 -28.92 79.66 3.66
CA LEU LA 114 -29.63 80.54 2.74
C LEU LA 114 -30.17 81.77 3.45
N TYR LA 115 -30.23 82.89 2.73
CA TYR LA 115 -30.62 84.15 3.34
C TYR LA 115 -32.01 84.61 2.91
N SER LA 116 -32.92 84.63 3.88
CA SER LA 116 -34.29 85.07 3.64
C SER LA 116 -34.45 86.53 3.99
N GLU LA 117 -34.86 87.30 2.99
CA GLU LA 117 -35.05 88.75 3.12
C GLU LA 117 -36.32 89.08 3.84
N ILE LA 118 -37.36 88.33 3.57
CA ILE LA 118 -38.62 88.61 4.21
C ILE LA 118 -38.63 88.01 5.61
N LEU LA 119 -37.81 86.99 5.83
CA LEU LA 119 -37.65 86.42 7.16
C LEU LA 119 -36.42 86.93 7.91
N ASP LA 120 -35.63 87.77 7.24
CA ASP LA 120 -34.41 88.36 7.80
C ASP LA 120 -33.54 87.38 8.56
N LYS LA 121 -33.04 86.36 7.88
CA LYS LA 121 -32.29 85.32 8.59
C LYS LA 121 -31.35 84.53 7.68
N ARG LA 122 -30.41 83.83 8.29
CA ARG LA 122 -29.62 82.82 7.59
C ARG LA 122 -29.91 81.44 8.16
N PHE LA 123 -30.57 80.60 7.36
CA PHE LA 123 -30.89 79.25 7.81
C PHE LA 123 -29.82 78.28 7.37
N THR LA 124 -29.51 77.31 8.22
CA THR LA 124 -28.66 76.21 7.79
C THR LA 124 -29.55 75.05 7.39
N VAL LA 125 -29.56 74.75 6.09
CA VAL LA 125 -30.50 73.79 5.54
C VAL LA 125 -29.79 72.72 4.70
N THR LA 126 -30.34 71.51 4.73
CA THR LA 126 -29.93 70.41 3.87
C THR LA 126 -30.56 70.58 2.48
N VAL LA 127 -29.72 70.62 1.45
CA VAL LA 127 -30.17 70.92 0.09
C VAL LA 127 -29.50 70.12 -1.00
N THR LA 128 -30.07 70.21 -2.20
CA THR LA 128 -29.52 69.56 -3.38
C THR LA 128 -28.72 70.54 -4.22
N MET LA 129 -28.19 70.03 -5.33
CA MET LA 129 -27.66 70.92 -6.31
C MET LA 129 -28.82 71.51 -7.09
N ARG LA 130 -29.86 70.71 -7.30
CA ARG LA 130 -31.02 71.19 -8.05
C ARG LA 130 -31.74 72.27 -7.28
N THR LA 131 -31.66 72.18 -5.95
CA THR LA 131 -32.18 73.22 -5.08
C THR LA 131 -31.55 74.57 -5.42
N LEU LA 132 -30.23 74.59 -5.38
CA LEU LA 132 -29.47 75.80 -5.68
C LEU LA 132 -29.68 76.28 -7.11
N ASP LA 133 -29.88 75.35 -8.04
CA ASP LA 133 -30.09 75.74 -9.43
C ASP LA 133 -31.43 76.43 -9.65
N LEU LA 134 -32.48 75.83 -9.09
CA LEU LA 134 -33.81 76.39 -9.19
C LEU LA 134 -33.84 77.74 -8.52
N ILE LA 135 -33.26 77.80 -7.32
CA ILE LA 135 -33.19 79.04 -6.56
C ILE LA 135 -32.45 80.13 -7.34
N ASP LA 136 -31.30 79.75 -7.88
CA ASP LA 136 -30.50 80.65 -8.73
C ASP LA 136 -31.37 81.16 -9.88
N GLN LA 137 -32.13 80.24 -10.47
CA GLN LA 137 -32.95 80.52 -11.62
C GLN LA 137 -34.16 81.40 -11.28
N ALA LA 138 -34.56 81.41 -10.01
CA ALA LA 138 -35.72 82.18 -9.57
C ALA LA 138 -35.35 83.56 -9.01
N CYS LA 139 -34.04 83.83 -8.93
CA CYS LA 139 -33.50 85.16 -8.66
C CYS LA 139 -33.69 85.68 -7.24
N GLY LA 140 -34.34 84.89 -6.41
CA GLY LA 140 -34.32 85.12 -4.99
C GLY LA 140 -34.48 83.79 -4.30
N PHE LA 141 -33.97 83.68 -3.08
CA PHE LA 141 -34.29 82.51 -2.29
C PHE LA 141 -35.76 82.64 -1.96
N ASP LA 142 -36.11 83.83 -1.46
CA ASP LA 142 -37.47 84.14 -1.08
C ASP LA 142 -38.43 84.08 -2.27
N PHE LA 143 -37.94 84.51 -3.43
CA PHE LA 143 -38.69 84.32 -4.66
C PHE LA 143 -39.02 82.85 -4.85
N TYR LA 144 -37.97 82.02 -4.90
CA TYR LA 144 -38.10 80.59 -5.11
C TYR LA 144 -39.15 80.00 -4.19
N ILE LA 145 -39.09 80.38 -2.93
CA ILE LA 145 -40.05 79.83 -1.97
C ILE LA 145 -41.47 80.29 -2.27
N LEU LA 146 -41.63 81.56 -2.63
CA LEU LA 146 -42.97 82.08 -2.94
C LEU LA 146 -43.43 81.74 -4.36
N LYS LA 147 -42.47 81.60 -5.25
CA LYS LA 147 -42.74 81.52 -6.68
C LYS LA 147 -42.92 80.07 -7.13
N THR LA 148 -42.86 79.14 -6.19
CA THR LA 148 -42.91 77.72 -6.55
C THR LA 148 -44.09 77.01 -5.86
N PRO LA 149 -44.82 76.15 -6.61
CA PRO LA 149 -45.98 75.48 -6.02
C PRO LA 149 -45.60 74.48 -4.92
N LYS LA 150 -46.59 74.08 -4.13
CA LYS LA 150 -46.39 73.15 -3.03
C LYS LA 150 -45.96 71.77 -3.51
N GLU LA 151 -46.42 71.39 -4.71
CA GLU LA 151 -46.06 70.12 -5.32
C GLU LA 151 -44.58 70.06 -5.66
N ASP LA 152 -44.02 71.20 -6.01
CA ASP LA 152 -42.64 71.25 -6.47
C ASP LA 152 -41.60 71.29 -5.35
N LEU LA 153 -41.96 71.83 -4.19
CA LEU LA 153 -41.00 71.93 -3.10
C LEU LA 153 -40.84 70.60 -2.38
N CYS LA 154 -41.98 69.95 -2.16
CA CYS LA 154 -42.10 68.65 -1.48
C CYS LA 154 -41.86 68.71 0.03
N SER LA 155 -41.34 69.82 0.51
CA SER LA 155 -40.92 69.90 1.90
C SER LA 155 -41.99 70.49 2.82
N LYS LA 156 -42.14 69.90 4.00
CA LYS LA 156 -42.91 70.50 5.08
C LYS LA 156 -42.26 71.85 5.41
N PHE LA 157 -40.93 71.81 5.51
CA PHE LA 157 -40.10 72.98 5.80
C PHE LA 157 -40.37 74.12 4.84
N GLY LA 158 -40.31 73.84 3.54
CA GLY LA 158 -40.53 74.85 2.52
C GLY LA 158 -41.90 75.49 2.64
N MET LA 159 -42.91 74.67 2.88
CA MET LA 159 -44.26 75.18 2.99
C MET LA 159 -44.42 76.05 4.22
N ASP LA 160 -43.66 75.76 5.27
CA ASP LA 160 -43.73 76.61 6.47
C ASP LA 160 -42.90 77.91 6.37
N LEU LA 161 -41.83 77.85 5.59
CA LEU LA 161 -41.03 79.01 5.23
C LEU LA 161 -41.91 79.99 4.46
N LYS LA 162 -42.56 79.46 3.44
CA LYS LA 162 -43.50 80.20 2.61
C LYS LA 162 -44.69 80.74 3.40
N ARG LA 163 -45.25 79.90 4.27
CA ARG LA 163 -46.38 80.32 5.10
C ARG LA 163 -45.99 81.47 5.98
N GLY LA 164 -44.82 81.33 6.61
CA GLY LA 164 -44.27 82.36 7.48
C GLY LA 164 -44.04 83.69 6.80
N MET LA 165 -43.29 83.70 5.70
CA MET LA 165 -43.01 84.97 5.03
C MET LA 165 -44.25 85.55 4.32
N LEU LA 166 -45.14 84.68 3.85
CA LEU LA 166 -46.41 85.15 3.29
C LEU LA 166 -47.21 85.87 4.37
N LEU LA 167 -47.21 85.31 5.58
CA LEU LA 167 -47.81 85.98 6.74
C LEU LA 167 -47.15 87.33 6.97
N ARG LA 168 -45.85 87.41 6.78
CA ARG LA 168 -45.15 88.69 6.96
C ARG LA 168 -45.51 89.69 5.86
N LEU LA 169 -45.96 89.19 4.71
CA LEU LA 169 -46.42 90.09 3.65
C LEU LA 169 -47.84 90.61 3.85
N ALA LA 170 -48.78 89.71 4.17
CA ALA LA 170 -50.19 90.13 4.30
C ALA LA 170 -50.41 91.02 5.53
N ARG LA 171 -49.61 90.80 6.57
CA ARG LA 171 -49.60 91.66 7.76
C ARG LA 171 -48.77 92.93 7.58
N GLN LA 172 -47.73 92.85 6.75
CA GLN LA 172 -46.74 93.91 6.57
C GLN LA 172 -46.04 94.28 7.89
N ASP LA 173 -45.47 93.25 8.53
CA ASP LA 173 -44.87 93.40 9.86
C ASP LA 173 -43.75 94.45 9.94
N PRO LA 174 -43.87 95.40 10.88
CA PRO LA 174 -42.89 96.41 11.25
C PRO LA 174 -41.68 95.83 11.97
N GLN LA 175 -41.88 94.68 12.61
CA GLN LA 175 -40.82 93.99 13.31
C GLN LA 175 -39.75 93.48 12.36
N LEU LA 176 -40.06 93.47 11.06
CA LEU LA 176 -39.14 93.00 10.03
C LEU LA 176 -37.79 93.72 10.09
N HIS LA 177 -37.79 94.99 9.68
CA HIS LA 177 -36.63 95.84 9.79
C HIS LA 177 -37.07 96.96 10.71
N PRO LA 178 -37.02 96.71 12.02
CA PRO LA 178 -37.63 97.62 13.00
C PRO LA 178 -37.08 99.04 12.87
N ASP LA 179 -35.79 99.16 12.57
CA ASP LA 179 -35.08 100.44 12.57
C ASP LA 179 -35.15 101.29 11.27
N ASP LA 180 -35.42 100.64 10.14
CA ASP LA 180 -35.33 101.31 8.83
C ASP LA 180 -36.52 101.03 7.92
N PRO LA 181 -37.55 101.89 7.98
CA PRO LA 181 -38.67 101.82 7.03
C PRO LA 181 -38.20 101.97 5.57
N ALA LA 182 -36.98 102.45 5.39
CA ALA LA 182 -36.32 102.51 4.08
C ALA LA 182 -36.26 101.12 3.44
N ARG LA 183 -35.60 100.20 4.15
CA ARG LA 183 -35.50 98.82 3.71
C ARG LA 183 -36.82 98.07 3.83
N ARG LA 184 -37.74 98.54 4.68
CA ARG LA 184 -39.02 97.86 4.86
C ARG LA 184 -39.89 98.06 3.62
N ALA LA 185 -39.99 99.31 3.18
CA ALA LA 185 -40.61 99.62 1.91
C ALA LA 185 -39.88 98.91 0.77
N ALA LA 186 -38.56 99.09 0.72
CA ALA LA 186 -37.71 98.52 -0.34
C ALA LA 186 -37.94 97.02 -0.53
N ILE LA 187 -37.90 96.29 0.58
CA ILE LA 187 -38.16 94.87 0.59
C ILE LA 187 -39.59 94.56 0.17
N TYR LA 188 -40.57 95.13 0.89
CA TYR LA 188 -41.96 94.74 0.70
C TYR LA 188 -42.51 95.15 -0.67
N ASP LA 189 -41.73 95.91 -1.43
CA ASP LA 189 -42.08 96.23 -2.81
C ASP LA 189 -41.94 95.09 -3.83
N ARG LA 190 -40.75 94.50 -3.93
CA ARG LA 190 -40.43 93.62 -5.05
C ARG LA 190 -41.26 92.34 -5.01
N TYR LA 191 -41.82 92.05 -3.86
CA TYR LA 191 -42.63 90.87 -3.66
C TYR LA 191 -44.14 91.15 -3.74
N LYS LA 192 -44.48 92.40 -4.07
CA LYS LA 192 -45.88 92.83 -4.09
C LYS LA 192 -46.72 92.02 -5.06
N ALA LA 193 -46.06 91.24 -5.90
CA ALA LA 193 -46.75 90.33 -6.79
C ALA LA 193 -47.41 89.20 -6.01
N PHE LA 194 -46.82 88.86 -4.88
CA PHE LA 194 -47.20 87.67 -4.12
C PHE LA 194 -48.13 87.89 -2.93
N VAL LA 195 -48.56 89.13 -2.70
CA VAL LA 195 -49.38 89.41 -1.53
C VAL LA 195 -50.76 88.76 -1.64
N ILE LA 196 -51.13 88.03 -0.60
CA ILE LA 196 -52.42 87.35 -0.53
C ILE LA 196 -53.11 87.88 0.73
N PRO LA 197 -54.45 87.80 0.79
CA PRO LA 197 -55.15 88.26 2.00
C PRO LA 197 -54.75 87.48 3.26
N GLU LA 198 -55.31 87.85 4.41
CA GLU LA 198 -54.83 87.32 5.68
C GLU LA 198 -55.32 85.91 6.02
N ALA LA 199 -56.60 85.65 5.77
CA ALA LA 199 -57.20 84.34 6.05
C ALA LA 199 -56.55 83.24 5.23
N GLU LA 200 -56.16 83.60 4.00
CA GLU LA 200 -55.53 82.66 3.07
C GLU LA 200 -54.10 82.36 3.45
N ALA LA 201 -53.45 83.33 4.10
CA ALA LA 201 -52.03 83.26 4.37
C ALA LA 201 -51.66 82.19 5.39
N GLU LA 202 -52.36 82.18 6.50
CA GLU LA 202 -51.99 81.32 7.61
C GLU LA 202 -52.24 79.85 7.32
N TRP LA 203 -53.08 79.58 6.33
CA TRP LA 203 -53.48 78.21 6.01
C TRP LA 203 -52.75 77.56 4.83
N VAL LA 204 -51.74 78.22 4.27
CA VAL LA 204 -51.07 77.70 3.07
C VAL LA 204 -50.13 76.50 3.35
N GLY LA 205 -49.46 76.51 4.50
CA GLY LA 205 -48.42 75.52 4.76
C GLY LA 205 -48.86 74.40 5.67
N LEU LA 206 -50.16 74.13 5.74
CA LEU LA 206 -50.64 73.23 6.78
C LEU LA 206 -51.00 71.82 6.31
N THR LA 207 -50.47 70.86 7.05
CA THR LA 207 -50.86 69.45 6.96
C THR LA 207 -52.27 69.32 7.51
N LEU LA 208 -53.03 68.36 6.99
CA LEU LA 208 -54.43 68.21 7.38
C LEU LA 208 -54.58 68.16 8.91
N ASP LA 209 -53.59 67.61 9.57
CA ASP LA 209 -53.60 67.59 11.03
C ASP LA 209 -53.57 69.00 11.61
N GLU LA 210 -52.59 69.79 11.19
CA GLU LA 210 -52.42 71.13 11.76
C GLU LA 210 -53.66 71.96 11.51
N ALA LA 211 -54.29 71.74 10.37
CA ALA LA 211 -55.57 72.36 10.06
C ALA LA 211 -56.63 71.94 11.06
N VAL LA 212 -56.76 70.63 11.26
CA VAL LA 212 -57.74 70.08 12.20
C VAL LA 212 -57.55 70.68 13.59
N GLU LA 213 -56.29 70.79 14.01
CA GLU LA 213 -55.97 71.32 15.31
C GLU LA 213 -56.35 72.79 15.44
N LYS LA 214 -55.83 73.59 14.52
CA LYS LA 214 -56.07 75.03 14.53
C LYS LA 214 -57.58 75.31 14.53
N GLN LA 215 -58.30 74.62 13.64
CA GLN LA 215 -59.75 74.76 13.53
C GLN LA 215 -60.47 74.36 14.82
N ARG LA 216 -60.01 73.29 15.44
CA ARG LA 216 -60.54 72.88 16.73
C ARG LA 216 -60.41 73.99 17.76
N LEU LA 217 -59.26 74.64 17.79
CA LEU LA 217 -59.02 75.70 18.75
C LEU LA 217 -59.86 76.94 18.48
N LEU LA 218 -60.06 77.28 17.21
CA LEU LA 218 -60.93 78.42 16.87
C LEU LA 218 -62.35 78.19 17.39
N GLU LA 219 -62.77 76.95 17.36
CA GLU LA 219 -64.13 76.57 17.71
C GLU LA 219 -64.27 76.25 19.21
N GLU LA 220 -63.21 76.49 19.97
CA GLU LA 220 -63.21 76.05 21.36
C GLU LA 220 -64.04 76.99 22.24
N LYS LA 221 -65.11 76.42 22.80
CA LYS LA 221 -66.04 77.11 23.68
C LYS LA 221 -66.45 76.18 24.81
N ASP LA 222 -66.34 76.65 26.05
CA ASP LA 222 -66.88 75.90 27.18
C ASP LA 222 -68.38 76.16 27.27
N PRO LA 223 -69.19 75.10 27.48
CA PRO LA 223 -70.65 75.24 27.33
C PRO LA 223 -71.23 76.33 28.23
N ILE LA 224 -72.03 77.19 27.62
CA ILE LA 224 -72.66 78.30 28.30
C ILE LA 224 -73.77 77.77 29.21
N PRO LA 225 -73.66 78.04 30.53
CA PRO LA 225 -74.58 77.55 31.55
C PRO LA 225 -76.03 77.87 31.22
N LEU LA 226 -76.95 76.96 31.50
CA LEU LA 226 -78.35 77.19 31.18
C LEU LA 226 -78.91 78.35 31.97
N PHE LA 227 -78.15 78.81 32.95
CA PHE LA 227 -78.50 79.98 33.74
C PHE LA 227 -78.69 81.19 32.84
N LYS LA 228 -77.66 81.48 32.04
CA LYS LA 228 -77.71 82.57 31.07
C LYS LA 228 -78.96 82.49 30.20
N ILE LA 229 -79.08 81.40 29.46
CA ILE LA 229 -80.10 81.27 28.43
C ILE LA 229 -81.54 81.22 28.99
N PHE LA 230 -81.70 80.61 30.16
CA PHE LA 230 -82.98 80.67 30.87
C PHE LA 230 -83.31 82.12 31.25
N VAL LA 231 -82.33 82.80 31.83
CA VAL LA 231 -82.44 84.21 32.18
C VAL LA 231 -82.93 85.03 30.97
N GLU LA 232 -82.37 84.76 29.79
CA GLU LA 232 -82.75 85.50 28.57
C GLU LA 232 -84.16 85.16 28.07
N GLU LA 233 -84.53 83.89 28.12
CA GLU LA 233 -85.89 83.53 27.76
C GLU LA 233 -86.91 84.20 28.67
N LEU LA 234 -86.57 84.30 29.96
CA LEU LA 234 -87.48 84.91 30.93
C LEU LA 234 -87.54 86.44 30.79
N LEU LA 235 -86.42 87.07 30.45
CA LEU LA 235 -86.42 88.50 30.15
C LEU LA 235 -87.25 88.78 28.89
N GLY LA 236 -87.22 87.84 27.95
CA GLY LA 236 -88.02 87.94 26.74
C GLY LA 236 -89.52 87.88 27.01
N GLN LA 237 -89.94 86.82 27.70
CA GLN LA 237 -91.34 86.68 28.11
C GLN LA 237 -91.82 87.87 28.96
N LEU LA 238 -90.97 88.32 29.89
CA LEU LA 238 -91.29 89.47 30.74
C LEU LA 238 -91.49 90.75 29.93
N GLN LA 239 -90.54 91.04 29.03
CA GLN LA 239 -90.62 92.24 28.21
C GLN LA 239 -91.83 92.24 27.26
N GLN LA 240 -92.18 91.08 26.72
CA GLN LA 240 -93.39 91.00 25.89
C GLN LA 240 -94.67 91.09 26.74
N GLN LA 241 -94.60 90.65 27.99
CA GLN LA 241 -95.72 90.80 28.92
C GLN LA 241 -95.95 92.26 29.34
N ALA LA 242 -94.86 93.03 29.43
CA ALA LA 242 -94.96 94.45 29.76
C ALA LA 242 -95.31 95.33 28.54
N LEU LA 243 -94.92 94.88 27.35
CA LEU LA 243 -95.29 95.59 26.11
C LEU LA 243 -96.74 95.31 25.68
N SER LA 244 -97.23 94.09 25.92
CA SER LA 244 -98.59 93.73 25.50
C SER LA 244 -99.67 94.50 26.27
N GLU LA 245 -99.27 95.22 27.33
CA GLU LA 245 -100.19 96.01 28.13
C GLU LA 245 -99.93 97.51 27.95
N LEU MA 66 -75.96 47.11 68.76
CA LEU MA 66 -75.40 46.00 68.00
C LEU MA 66 -76.50 45.09 67.48
N GLU MA 67 -77.64 45.09 68.16
CA GLU MA 67 -78.83 44.34 67.75
C GLU MA 67 -79.48 45.00 66.55
N GLU MA 68 -78.93 46.12 66.13
CA GLU MA 68 -79.40 46.86 64.97
C GLU MA 68 -79.25 46.02 63.69
N PHE MA 69 -78.59 44.87 63.83
CA PHE MA 69 -78.43 43.92 62.74
C PHE MA 69 -79.48 42.84 62.76
N PHE MA 70 -80.44 42.99 63.67
CA PHE MA 70 -81.48 41.97 63.82
C PHE MA 70 -82.83 42.61 63.98
N ASP MA 71 -83.86 41.83 63.69
CA ASP MA 71 -85.24 42.25 63.87
C ASP MA 71 -85.61 42.27 65.35
N ASP MA 72 -86.71 42.94 65.68
CA ASP MA 72 -87.26 42.89 67.02
C ASP MA 72 -87.42 41.44 67.41
N PRO MA 73 -86.81 41.06 68.54
CA PRO MA 73 -86.71 39.67 69.01
C PRO MA 73 -88.05 38.95 68.88
N LYS MA 74 -89.11 39.74 69.00
CA LYS MA 74 -90.48 39.29 68.78
C LYS MA 74 -90.71 38.69 67.38
N ASN MA 75 -89.87 39.03 66.41
CA ASN MA 75 -90.12 38.63 65.03
C ASN MA 75 -89.38 37.39 64.52
N TRP MA 76 -88.61 36.75 65.38
CA TRP MA 76 -87.59 35.81 64.90
C TRP MA 76 -88.11 34.50 64.31
N GLY MA 77 -88.94 33.77 65.05
CA GLY MA 77 -89.36 32.47 64.59
C GLY MA 77 -90.50 32.47 63.59
N GLU MA 78 -90.88 33.63 63.08
CA GLU MA 78 -92.08 33.70 62.24
C GLU MA 78 -91.77 33.73 60.76
N GLU MA 79 -92.46 32.86 60.03
CA GLU MA 79 -92.29 32.70 58.59
C GLU MA 79 -92.57 33.99 57.83
N LYS MA 80 -93.84 34.38 57.79
CA LYS MA 80 -94.22 35.56 57.06
C LYS MA 80 -94.16 36.77 57.97
N VAL MA 81 -93.25 37.69 57.68
CA VAL MA 81 -93.18 38.94 58.40
C VAL MA 81 -93.37 40.07 57.41
N LYS MA 82 -94.53 40.74 57.47
CA LYS MA 82 -94.88 41.69 56.42
C LYS MA 82 -94.19 43.03 56.61
N SER MA 83 -94.42 43.93 55.67
CA SER MA 83 -93.75 45.22 55.61
C SER MA 83 -94.33 45.99 54.45
N GLY MA 84 -93.94 47.26 54.37
CA GLY MA 84 -94.54 48.18 53.43
C GLY MA 84 -93.95 48.17 52.04
N ALA MA 85 -94.43 49.10 51.23
CA ALA MA 85 -93.95 49.23 49.87
C ALA MA 85 -92.65 49.98 49.80
N SER MA 86 -91.89 49.74 48.74
CA SER MA 86 -90.71 50.50 48.42
C SER MA 86 -91.08 51.92 48.02
N TRP MA 87 -90.13 52.83 48.13
CA TRP MA 87 -90.39 54.24 47.89
C TRP MA 87 -90.39 54.62 46.42
N THR MA 88 -91.51 55.18 45.95
CA THR MA 88 -91.58 55.77 44.62
C THR MA 88 -90.57 56.90 44.58
N CYS MA 89 -90.00 57.14 43.41
CA CYS MA 89 -89.21 58.34 43.17
C CYS MA 89 -89.95 59.58 43.65
N GLN MA 90 -91.21 59.68 43.21
CA GLN MA 90 -92.07 60.82 43.52
C GLN MA 90 -92.17 61.12 45.02
N GLN MA 91 -92.38 60.07 45.81
CA GLN MA 91 -92.51 60.22 47.25
C GLN MA 91 -91.27 60.86 47.85
N LEU MA 92 -90.12 60.58 47.23
CA LEU MA 92 -88.86 61.13 47.65
C LEU MA 92 -88.62 62.54 47.15
N ARG MA 93 -89.12 62.85 45.96
CA ARG MA 93 -88.94 64.16 45.37
C ARG MA 93 -89.45 65.25 46.31
N ASN MA 94 -90.36 64.86 47.19
CA ASN MA 94 -91.00 65.81 48.09
C ASN MA 94 -90.17 66.15 49.34
N LYS MA 95 -89.25 65.28 49.69
CA LYS MA 95 -88.48 65.52 50.90
C LYS MA 95 -87.40 66.55 50.69
N SER MA 96 -86.99 67.21 51.77
CA SER MA 96 -85.85 68.13 51.71
C SER MA 96 -84.57 67.32 51.63
N ASN MA 97 -83.42 68.01 51.60
CA ASN MA 97 -82.16 67.32 51.42
C ASN MA 97 -81.65 66.65 52.71
N GLU MA 98 -81.78 67.35 53.83
CA GLU MA 98 -81.45 66.77 55.13
C GLU MA 98 -82.14 65.44 55.38
N ASP MA 99 -83.42 65.37 55.02
CA ASP MA 99 -84.26 64.22 55.35
C ASP MA 99 -84.00 63.01 54.42
N LEU MA 100 -83.60 63.26 53.18
CA LEU MA 100 -83.14 62.18 52.31
C LEU MA 100 -81.85 61.64 52.89
N HIS MA 101 -80.99 62.58 53.29
CA HIS MA 101 -79.73 62.27 53.96
C HIS MA 101 -79.93 61.32 55.15
N LYS MA 102 -80.97 61.55 55.95
CA LYS MA 102 -81.28 60.63 57.03
C LYS MA 102 -81.85 59.30 56.54
N LEU MA 103 -82.81 59.38 55.62
CA LEU MA 103 -83.49 58.18 55.14
C LEU MA 103 -82.49 57.19 54.54
N TRP MA 104 -81.39 57.73 54.03
CA TRP MA 104 -80.28 56.90 53.54
C TRP MA 104 -79.86 55.92 54.62
N TYR MA 105 -79.72 56.43 55.84
CA TYR MA 105 -79.26 55.61 56.95
C TYR MA 105 -80.36 54.75 57.52
N VAL MA 106 -81.56 55.30 57.65
CA VAL MA 106 -82.67 54.50 58.17
C VAL MA 106 -82.89 53.29 57.27
N LEU MA 107 -82.63 53.49 55.98
CA LEU MA 107 -82.64 52.40 55.02
C LEU MA 107 -81.40 51.52 55.14
N LEU MA 108 -80.26 52.16 55.43
CA LEU MA 108 -78.98 51.47 55.48
C LEU MA 108 -78.98 50.37 56.55
N LYS MA 109 -79.26 50.75 57.79
CA LYS MA 109 -79.26 49.80 58.91
C LYS MA 109 -80.15 48.59 58.57
N GLU MA 110 -81.32 48.91 58.03
CA GLU MA 110 -82.26 47.89 57.60
C GLU MA 110 -81.65 46.94 56.57
N ARG MA 111 -81.00 47.52 55.56
CA ARG MA 111 -80.33 46.75 54.52
C ARG MA 111 -79.34 45.78 55.14
N ASN MA 112 -78.54 46.27 56.08
CA ASN MA 112 -77.53 45.43 56.69
C ASN MA 112 -78.16 44.31 57.49
N MET MA 113 -79.26 44.61 58.16
CA MET MA 113 -79.98 43.55 58.87
C MET MA 113 -80.47 42.48 57.92
N LEU MA 114 -81.07 42.90 56.81
CA LEU MA 114 -81.58 41.95 55.83
C LEU MA 114 -80.46 41.07 55.28
N LEU MA 115 -79.31 41.68 54.97
CA LEU MA 115 -78.15 40.93 54.49
C LEU MA 115 -77.74 39.87 55.51
N THR MA 116 -77.58 40.31 56.74
CA THR MA 116 -77.20 39.43 57.84
C THR MA 116 -78.15 38.26 57.96
N LEU MA 117 -79.42 38.59 58.15
CA LEU MA 117 -80.48 37.61 58.26
C LEU MA 117 -80.40 36.62 57.12
N GLU MA 118 -80.15 37.13 55.93
CA GLU MA 118 -79.99 36.31 54.74
C GLU MA 118 -78.90 35.26 54.92
N GLN MA 119 -77.67 35.73 55.10
CA GLN MA 119 -76.52 34.84 55.18
C GLN MA 119 -76.74 33.78 56.24
N GLU MA 120 -77.39 34.17 57.32
CA GLU MA 120 -77.71 33.21 58.38
C GLU MA 120 -78.75 32.20 57.94
N ALA MA 121 -79.76 32.66 57.20
CA ALA MA 121 -80.76 31.76 56.66
C ALA MA 121 -80.09 30.68 55.84
N LYS MA 122 -79.15 31.10 55.01
CA LYS MA 122 -78.35 30.15 54.24
C LYS MA 122 -77.66 29.16 55.16
N ARG MA 123 -76.86 29.67 56.09
CA ARG MA 123 -76.09 28.82 56.99
C ARG MA 123 -76.94 27.78 57.70
N GLN MA 124 -78.20 28.11 57.92
CA GLN MA 124 -79.08 27.30 58.74
C GLN MA 124 -79.92 26.31 57.99
N ARG MA 125 -79.71 26.21 56.67
CA ARG MA 125 -80.54 25.36 55.83
C ARG MA 125 -81.98 25.72 56.06
N LEU MA 126 -82.24 27.01 56.19
CA LEU MA 126 -83.62 27.44 56.35
C LEU MA 126 -83.96 28.47 55.29
N PRO MA 127 -85.18 28.37 54.74
CA PRO MA 127 -85.60 29.35 53.74
C PRO MA 127 -85.78 30.69 54.41
N MET MA 128 -85.33 31.75 53.75
CA MET MA 128 -85.31 33.08 54.35
C MET MA 128 -86.72 33.65 54.55
N PRO MA 129 -87.01 34.14 55.76
CA PRO MA 129 -88.33 34.71 56.05
C PRO MA 129 -88.60 35.94 55.21
N SER MA 130 -89.74 35.97 54.52
CA SER MA 130 -90.19 37.15 53.79
C SER MA 130 -89.09 37.80 52.93
N PRO MA 131 -88.71 37.13 51.84
CA PRO MA 131 -87.61 37.58 50.97
C PRO MA 131 -87.71 39.01 50.43
N GLU MA 132 -88.92 39.37 49.99
CA GLU MA 132 -89.14 40.61 49.23
C GLU MA 132 -88.59 41.86 49.87
N ARG MA 133 -88.49 41.85 51.20
CA ARG MA 133 -87.97 42.98 51.95
C ARG MA 133 -86.71 43.47 51.30
N LEU MA 134 -85.84 42.52 51.04
CA LEU MA 134 -84.54 42.84 50.52
C LEU MA 134 -84.66 43.57 49.19
N GLU MA 135 -85.46 43.03 48.29
CA GLU MA 135 -85.70 43.67 47.01
C GLU MA 135 -86.15 45.09 47.22
N LYS MA 136 -87.06 45.24 48.17
CA LYS MA 136 -87.73 46.51 48.35
C LYS MA 136 -86.76 47.58 48.83
N VAL MA 137 -86.08 47.33 49.94
CA VAL MA 137 -85.09 48.27 50.46
C VAL MA 137 -84.17 48.71 49.35
N VAL MA 138 -83.68 47.71 48.64
CA VAL MA 138 -82.74 47.91 47.56
C VAL MA 138 -83.22 49.03 46.64
N ASP MA 139 -84.44 48.87 46.11
CA ASP MA 139 -84.97 49.81 45.13
C ASP MA 139 -84.98 51.20 45.72
N SER MA 140 -85.52 51.30 46.93
CA SER MA 140 -85.62 52.59 47.58
C SER MA 140 -84.24 53.23 47.66
N MET MA 141 -83.22 52.46 48.06
CA MET MA 141 -81.87 52.99 48.12
C MET MA 141 -81.53 53.52 46.75
N ASP MA 142 -81.67 52.61 45.79
CA ASP MA 142 -81.51 52.92 44.38
C ASP MA 142 -82.34 54.17 44.04
N ALA MA 143 -83.62 54.15 44.40
CA ALA MA 143 -84.51 55.26 44.10
C ALA MA 143 -83.97 56.54 44.71
N LEU MA 144 -83.51 56.48 45.95
CA LEU MA 144 -83.02 57.68 46.63
C LEU MA 144 -81.89 58.23 45.82
N ASP MA 145 -81.02 57.33 45.39
CA ASP MA 145 -79.88 57.74 44.60
C ASP MA 145 -80.37 58.52 43.39
N LYS MA 146 -81.39 58.00 42.73
CA LYS MA 146 -81.95 58.65 41.55
C LYS MA 146 -82.19 60.14 41.78
N VAL MA 147 -82.72 60.47 42.95
CA VAL MA 147 -83.10 61.85 43.23
C VAL MA 147 -81.92 62.72 43.57
N VAL MA 148 -80.92 62.10 44.17
CA VAL MA 148 -79.77 62.87 44.62
C VAL MA 148 -78.96 63.37 43.43
N GLN MA 149 -78.53 62.47 42.56
CA GLN MA 149 -77.75 62.88 41.39
C GLN MA 149 -78.57 63.86 40.59
N GLU MA 150 -79.87 63.59 40.53
CA GLU MA 150 -80.81 64.45 39.85
C GLU MA 150 -80.56 65.88 40.29
N ARG MA 151 -80.59 66.09 41.59
CA ARG MA 151 -80.53 67.44 42.13
C ARG MA 151 -79.15 68.07 41.95
N GLU MA 152 -78.13 67.24 41.80
CA GLU MA 152 -76.82 67.78 41.45
C GLU MA 152 -76.78 68.05 39.96
N ASP MA 153 -77.35 67.12 39.20
CA ASP MA 153 -77.13 67.08 37.76
C ASP MA 153 -77.74 68.31 37.11
N ALA MA 154 -78.93 68.67 37.54
CA ALA MA 154 -79.56 69.85 37.03
C ALA MA 154 -78.72 71.01 37.50
N LEU MA 155 -78.36 70.97 38.79
CA LEU MA 155 -77.65 72.08 39.42
C LEU MA 155 -76.41 72.48 38.64
N ARG MA 156 -75.53 71.51 38.39
CA ARG MA 156 -74.32 71.82 37.63
C ARG MA 156 -74.64 72.32 36.23
N LEU MA 157 -75.65 71.74 35.58
CA LEU MA 157 -76.08 72.19 34.26
C LEU MA 157 -76.38 73.69 34.33
N LEU MA 158 -77.02 74.09 35.42
CA LEU MA 158 -77.36 75.48 35.63
C LEU MA 158 -76.10 76.30 35.94
N GLN MA 159 -75.20 75.75 36.73
CA GLN MA 159 -73.97 76.45 37.12
C GLN MA 159 -72.93 76.35 36.03
N THR MA 160 -72.51 75.12 35.76
CA THR MA 160 -71.50 74.87 34.75
C THR MA 160 -72.09 74.67 33.38
N GLY MA 161 -72.85 73.60 33.22
CA GLY MA 161 -73.44 73.29 31.93
C GLY MA 161 -72.72 72.18 31.22
N GLN MA 162 -71.81 71.53 31.94
CA GLN MA 162 -71.22 70.30 31.46
C GLN MA 162 -72.10 69.14 31.90
N GLU MA 163 -72.62 68.39 30.94
CA GLU MA 163 -73.56 67.31 31.22
C GLU MA 163 -72.88 66.15 31.95
N LYS MA 164 -71.55 66.17 31.95
CA LYS MA 164 -70.75 65.13 32.57
C LYS MA 164 -69.99 65.65 33.79
N ALA MA 165 -70.13 64.94 34.90
CA ALA MA 165 -69.59 65.38 36.19
C ALA MA 165 -68.09 65.21 36.25
N ARG MA 166 -67.60 64.21 35.54
CA ARG MA 166 -66.17 63.98 35.44
C ARG MA 166 -65.60 64.64 34.19
N PRO MA 167 -64.41 65.27 34.30
CA PRO MA 167 -63.75 65.73 33.07
C PRO MA 167 -63.45 64.53 32.19
N GLY MA 168 -63.39 64.71 30.88
CA GLY MA 168 -63.14 63.58 30.00
C GLY MA 168 -63.24 63.96 28.55
N ALA MA 169 -62.69 63.14 27.67
CA ALA MA 169 -62.66 63.52 26.26
C ALA MA 169 -62.70 62.34 25.32
N TRP MA 170 -63.30 62.56 24.16
CA TRP MA 170 -63.22 61.59 23.09
C TRP MA 170 -61.79 61.53 22.60
N ARG MA 171 -61.24 60.32 22.55
CA ARG MA 171 -59.86 60.12 22.11
C ARG MA 171 -59.80 58.89 21.22
N ARG MA 172 -58.67 58.71 20.57
CA ARG MA 172 -58.51 57.59 19.67
C ARG MA 172 -57.33 56.75 20.11
N ASP MA 173 -57.58 55.50 20.51
CA ASP MA 173 -56.51 54.65 21.06
C ASP MA 173 -55.79 53.86 19.98
N ILE MA 174 -54.75 53.13 20.36
CA ILE MA 174 -53.87 52.49 19.40
C ILE MA 174 -54.60 51.46 18.56
N PHE MA 175 -55.74 50.99 19.06
CA PHE MA 175 -56.49 49.92 18.36
C PHE MA 175 -57.52 50.47 17.40
N GLY MA 176 -57.52 51.79 17.22
CA GLY MA 176 -58.33 52.39 16.19
C GLY MA 176 -59.76 52.58 16.59
N ARG MA 177 -60.09 52.09 17.78
CA ARG MA 177 -61.39 52.39 18.36
C ARG MA 177 -61.37 53.84 18.82
N ILE MA 178 -62.51 54.51 18.72
CA ILE MA 178 -62.62 55.83 19.31
C ILE MA 178 -63.33 55.67 20.65
N ILE MA 179 -62.65 56.11 21.70
CA ILE MA 179 -63.06 55.82 23.07
C ILE MA 179 -63.39 57.06 23.86
N TRP MA 180 -64.18 56.88 24.90
CA TRP MA 180 -64.40 57.93 25.87
C TRP MA 180 -63.38 57.81 26.98
N HIS MA 181 -62.48 58.77 27.03
CA HIS MA 181 -61.42 58.75 28.01
C HIS MA 181 -61.88 59.46 29.27
N LYS MA 182 -61.98 58.69 30.35
CA LYS MA 182 -62.24 59.23 31.67
C LYS MA 182 -60.96 59.83 32.21
N PHE MA 183 -61.04 61.04 32.73
CA PHE MA 183 -59.86 61.74 33.20
C PHE MA 183 -59.41 61.25 34.57
N LYS MA 184 -58.30 61.80 35.05
CA LYS MA 184 -57.73 61.40 36.33
C LYS MA 184 -57.12 62.62 37.00
N GLN MA 185 -56.76 62.50 38.27
CA GLN MA 185 -56.12 63.61 38.97
C GLN MA 185 -54.64 63.41 39.24
N TRP MA 186 -53.83 64.37 38.85
CA TRP MA 186 -52.40 64.26 39.05
C TRP MA 186 -51.86 65.51 39.71
N PRO MA 187 -50.90 65.35 40.62
CA PRO MA 187 -50.25 66.45 41.35
C PRO MA 187 -49.40 67.32 40.45
N ILE MA 188 -49.08 66.84 39.25
CA ILE MA 188 -48.17 67.56 38.36
C ILE MA 188 -48.78 67.71 36.96
N PRO MA 189 -48.26 68.65 36.15
CA PRO MA 189 -48.71 68.83 34.75
C PRO MA 189 -48.37 67.63 33.86
N TRP MA 190 -49.19 67.43 32.84
CA TRP MA 190 -49.15 66.20 32.06
C TRP MA 190 -47.86 65.98 31.30
N TYR MA 191 -47.20 67.07 30.94
CA TYR MA 191 -45.98 66.95 30.17
C TYR MA 191 -44.81 66.67 31.10
N LEU MA 192 -45.06 66.74 32.40
CA LEU MA 192 -44.07 66.31 33.38
C LEU MA 192 -44.35 64.90 33.88
N ASN MA 193 -45.35 64.24 33.31
CA ASN MA 193 -45.74 62.91 33.77
C ASN MA 193 -45.22 61.77 32.89
N LYS MA 194 -44.46 60.88 33.51
CA LYS MA 194 -43.91 59.68 32.90
C LYS MA 194 -45.01 58.81 32.26
N LYS MA 195 -45.80 58.19 33.14
CA LYS MA 195 -46.74 57.15 32.75
C LYS MA 195 -47.77 57.69 31.79
N TYR MA 196 -48.13 58.95 31.95
CA TYR MA 196 -49.07 59.52 31.02
C TYR MA 196 -48.43 59.67 29.67
N ASN MA 197 -47.20 60.14 29.65
CA ASN MA 197 -46.57 60.37 28.38
C ASN MA 197 -46.28 59.12 27.59
N ARG MA 198 -46.14 57.98 28.25
CA ARG MA 198 -45.88 56.78 27.45
C ARG MA 198 -47.14 56.06 26.98
N LYS MA 199 -48.30 56.56 27.41
CA LYS MA 199 -49.55 56.16 26.77
C LYS MA 199 -49.60 56.82 25.41
N ARG MA 200 -50.01 56.07 24.39
CA ARG MA 200 -50.20 56.65 23.07
C ARG MA 200 -51.69 56.75 22.72
N PHE MA 201 -52.21 57.98 22.65
CA PHE MA 201 -53.52 58.15 22.07
C PHE MA 201 -53.35 58.66 20.65
N PHE MA 202 -53.43 57.73 19.70
CA PHE MA 202 -53.48 57.99 18.29
C PHE MA 202 -53.37 56.65 17.59
N ALA MA 203 -53.76 56.63 16.32
CA ALA MA 203 -53.65 55.44 15.54
C ALA MA 203 -52.35 55.50 14.78
N MET MA 204 -51.67 54.37 14.60
CA MET MA 204 -50.54 54.38 13.69
C MET MA 204 -51.00 53.97 12.29
N PRO MA 205 -50.12 54.09 11.30
CA PRO MA 205 -50.54 53.78 9.93
C PRO MA 205 -51.17 52.39 9.68
N TYR MA 206 -50.59 51.31 10.15
CA TYR MA 206 -51.02 49.99 9.70
C TYR MA 206 -52.39 49.64 10.24
N VAL MA 207 -52.68 50.17 11.40
CA VAL MA 207 -53.94 49.89 12.07
C VAL MA 207 -55.15 50.13 11.17
N GLU MA 208 -55.00 51.07 10.25
CA GLU MA 208 -56.06 51.43 9.31
C GLU MA 208 -56.66 50.25 8.61
N ARG MA 209 -55.87 49.21 8.44
CA ARG MA 209 -56.40 48.02 7.83
C ARG MA 209 -57.46 47.39 8.70
N PHE MA 210 -57.09 47.07 9.94
CA PHE MA 210 -57.98 46.38 10.86
C PHE MA 210 -59.27 47.15 11.04
N VAL MA 211 -59.16 48.47 11.07
CA VAL MA 211 -60.31 49.34 11.22
C VAL MA 211 -61.38 48.94 10.24
N ARG MA 212 -60.99 48.80 8.98
CA ARG MA 212 -61.91 48.44 7.92
C ARG MA 212 -62.56 47.10 8.22
N MET MA 213 -61.73 46.13 8.58
CA MET MA 213 -62.21 44.79 8.86
C MET MA 213 -63.27 44.81 9.95
N ARG MA 214 -62.98 45.55 11.00
CA ARG MA 214 -63.92 45.73 12.09
C ARG MA 214 -65.26 46.11 11.49
N ILE MA 215 -65.24 47.19 10.71
CA ILE MA 215 -66.43 47.68 10.04
C ILE MA 215 -67.12 46.58 9.31
N GLU MA 216 -66.35 45.92 8.47
CA GLU MA 216 -66.88 44.86 7.64
C GLU MA 216 -67.48 43.80 8.54
N LYS MA 217 -66.71 43.38 9.56
CA LYS MA 217 -67.14 42.29 10.42
C LYS MA 217 -68.47 42.67 10.99
N GLN MA 218 -68.48 43.81 11.64
CA GLN MA 218 -69.69 44.40 12.15
C GLN MA 218 -70.78 44.53 11.08
N ALA MA 219 -70.41 45.08 9.92
CA ALA MA 219 -71.35 45.25 8.82
C ALA MA 219 -72.03 43.93 8.41
N ARG MA 220 -71.37 42.79 8.59
CA ARG MA 220 -72.05 41.55 8.20
C ARG MA 220 -73.15 41.21 9.19
N ILE MA 221 -72.86 41.46 10.47
CA ILE MA 221 -73.73 40.94 11.50
C ILE MA 221 -75.08 41.62 11.38
N LYS MA 222 -75.07 42.92 11.13
CA LYS MA 222 -76.30 43.64 10.88
C LYS MA 222 -76.94 43.05 9.66
N ALA MA 223 -76.12 42.90 8.62
CA ALA MA 223 -76.58 42.39 7.34
C ALA MA 223 -77.37 41.09 7.50
N ARG MA 224 -76.87 40.16 8.30
CA ARG MA 224 -77.58 38.88 8.39
C ARG MA 224 -78.53 38.85 9.55
N LYS MA 225 -78.57 39.90 10.35
CA LYS MA 225 -79.61 39.95 11.37
C LYS MA 225 -80.89 40.27 10.64
N ARG MA 226 -80.82 41.32 9.81
CA ARG MA 226 -81.95 41.76 9.02
C ARG MA 226 -82.52 40.62 8.25
N SER MA 227 -81.64 39.97 7.51
CA SER MA 227 -82.03 38.89 6.62
C SER MA 227 -82.70 37.73 7.35
N LEU MA 228 -82.47 37.63 8.66
CA LEU MA 228 -83.15 36.62 9.44
C LEU MA 228 -84.57 37.07 9.76
N GLU MA 229 -84.69 38.31 10.21
CA GLU MA 229 -85.98 38.81 10.66
C GLU MA 229 -86.99 38.85 9.53
N ARG MA 230 -86.52 39.30 8.37
CA ARG MA 230 -87.33 39.21 7.15
C ARG MA 230 -87.87 37.81 6.96
N LYS MA 231 -86.99 36.82 7.11
CA LYS MA 231 -87.44 35.45 6.99
C LYS MA 231 -88.55 35.17 7.99
N LYS MA 232 -88.39 35.57 9.25
CA LYS MA 232 -89.38 35.23 10.26
C LYS MA 232 -90.75 35.81 9.90
N GLU MA 233 -90.77 36.78 8.99
CA GLU MA 233 -92.07 37.32 8.60
C GLU MA 233 -92.76 36.52 7.52
N LYS MA 234 -91.99 35.92 6.62
CA LYS MA 234 -92.58 35.03 5.63
C LYS MA 234 -93.23 33.84 6.32
N PHE MA 235 -92.43 33.15 7.14
CA PHE MA 235 -92.86 31.91 7.81
C PHE MA 235 -94.20 32.08 8.50
N LEU MA 236 -94.26 33.06 9.39
CA LEU MA 236 -95.49 33.37 10.12
C LEU MA 236 -96.66 33.62 9.18
N GLN MA 237 -96.46 34.46 8.16
CA GLN MA 237 -97.54 34.79 7.24
C GLN MA 237 -98.01 33.58 6.44
N GLU MA 238 -97.16 32.56 6.29
CA GLU MA 238 -97.60 31.36 5.61
C GLU MA 238 -98.10 30.29 6.58
N LYS MA 239 -97.79 30.47 7.87
CA LYS MA 239 -98.33 29.61 8.91
C LYS MA 239 -99.72 30.09 9.35
N PHE MA 240 -99.90 31.40 9.32
CA PHE MA 240 -101.13 32.03 9.79
C PHE MA 240 -101.77 32.90 8.71
N PRO MA 241 -102.70 32.33 7.94
CA PRO MA 241 -103.40 33.09 6.91
C PRO MA 241 -104.43 34.06 7.50
N HIS MA 242 -103.98 35.25 7.92
CA HIS MA 242 -104.88 36.22 8.55
C HIS MA 242 -105.85 36.84 7.56
N LEU MA 243 -106.62 37.80 8.05
CA LEU MA 243 -107.51 38.65 7.24
C LEU MA 243 -108.55 37.83 6.47
N LYS NA 35 -38.77 -17.44 -42.59
CA LYS NA 35 -40.07 -16.79 -42.55
C LYS NA 35 -41.16 -17.74 -42.90
N PHE NA 36 -42.35 -17.42 -42.45
CA PHE NA 36 -43.49 -18.20 -42.84
C PHE NA 36 -44.30 -17.39 -43.83
N THR NA 37 -44.97 -18.09 -44.74
CA THR NA 37 -45.27 -17.52 -46.03
C THR NA 37 -46.56 -17.98 -46.67
N ARG NA 38 -46.78 -17.59 -47.92
CA ARG NA 38 -47.99 -17.96 -48.63
C ARG NA 38 -47.93 -19.38 -49.16
N SER NA 39 -46.74 -19.95 -49.13
CA SER NA 39 -46.45 -21.25 -49.71
C SER NA 39 -46.96 -21.39 -51.14
N ARG NA 40 -47.24 -22.63 -51.56
CA ARG NA 40 -47.54 -22.93 -52.96
C ARG NA 40 -47.63 -24.42 -53.23
N ILE NA 41 -48.31 -24.77 -54.31
CA ILE NA 41 -48.39 -26.15 -54.75
C ILE NA 41 -47.79 -26.35 -56.15
N PRO NA 42 -46.84 -27.29 -56.27
CA PRO NA 42 -46.33 -27.89 -57.52
C PRO NA 42 -47.41 -28.63 -58.31
N ASP NA 43 -47.52 -28.35 -59.61
CA ASP NA 43 -48.68 -28.80 -60.39
C ASP NA 43 -49.01 -30.27 -60.25
N LYS NA 44 -47.96 -31.10 -60.22
CA LYS NA 44 -48.07 -32.56 -60.30
C LYS NA 44 -49.08 -33.16 -59.33
N VAL NA 45 -49.30 -32.45 -58.22
CA VAL NA 45 -50.27 -32.86 -57.20
C VAL NA 45 -51.64 -33.09 -57.78
N PHE NA 46 -52.03 -32.19 -58.67
CA PHE NA 46 -53.38 -32.15 -59.19
C PHE NA 46 -53.57 -33.01 -60.44
N GLN NA 47 -52.56 -33.79 -60.77
CA GLN NA 47 -52.67 -34.72 -61.89
C GLN NA 47 -53.19 -36.05 -61.39
N PRO NA 48 -54.44 -36.35 -61.71
CA PRO NA 48 -55.09 -37.53 -61.16
C PRO NA 48 -54.60 -38.82 -61.83
N SER NA 49 -54.44 -39.88 -61.05
CA SER NA 49 -54.12 -41.19 -61.60
C SER NA 49 -55.41 -41.93 -61.94
N PRO NA 50 -55.33 -42.87 -62.90
CA PRO NA 50 -56.50 -43.61 -63.39
C PRO NA 50 -57.32 -44.37 -62.33
N GLU NA 51 -56.70 -44.75 -61.22
CA GLU NA 51 -57.39 -45.50 -60.16
C GLU NA 51 -58.38 -44.62 -59.42
N ASP NA 52 -58.04 -43.34 -59.34
CA ASP NA 52 -58.75 -42.41 -58.49
C ASP NA 52 -60.15 -42.11 -59.02
N HIS NA 53 -60.31 -42.27 -60.32
CA HIS NA 53 -61.62 -42.19 -60.93
C HIS NA 53 -62.53 -43.29 -60.40
N GLU NA 54 -61.95 -44.44 -60.13
CA GLU NA 54 -62.67 -45.58 -59.56
C GLU NA 54 -62.88 -45.44 -58.06
N LYS NA 55 -61.91 -44.82 -57.39
CA LYS NA 55 -61.96 -44.66 -55.96
C LYS NA 55 -63.00 -43.64 -55.54
N TYR NA 56 -62.93 -42.45 -56.13
CA TYR NA 56 -63.82 -41.36 -55.73
C TYR NA 56 -65.04 -41.26 -56.62
N GLY NA 57 -65.16 -42.19 -57.55
CA GLY NA 57 -66.36 -42.28 -58.37
C GLY NA 57 -66.52 -41.17 -59.39
N GLY NA 58 -65.40 -40.60 -59.81
CA GLY NA 58 -65.43 -39.61 -60.86
C GLY NA 58 -65.55 -40.28 -62.21
N ASP NA 59 -65.97 -39.51 -63.20
CA ASP NA 59 -66.01 -39.99 -64.57
C ASP NA 59 -64.79 -39.47 -65.30
N PRO NA 60 -63.88 -40.39 -65.69
CA PRO NA 60 -62.64 -40.08 -66.39
C PRO NA 60 -62.88 -39.16 -67.57
N GLN NA 61 -63.98 -39.39 -68.26
CA GLN NA 61 -64.31 -38.61 -69.43
C GLN NA 61 -64.79 -37.18 -69.11
N TYR NA 62 -65.81 -37.04 -68.28
CA TYR NA 62 -66.50 -35.76 -68.11
C TYR NA 62 -66.46 -35.12 -66.72
N PRO NA 63 -65.83 -33.94 -66.61
CA PRO NA 63 -65.84 -33.16 -65.36
C PRO NA 63 -67.23 -32.79 -64.91
N HIS NA 64 -67.47 -32.93 -63.61
CA HIS NA 64 -68.73 -32.53 -63.02
C HIS NA 64 -68.86 -31.03 -63.07
N LYS NA 65 -70.09 -30.54 -63.09
CA LYS NA 65 -70.31 -29.13 -63.30
C LYS NA 65 -70.20 -28.25 -62.06
N LEU NA 66 -70.74 -28.70 -60.93
CA LEU NA 66 -70.83 -27.82 -59.77
C LEU NA 66 -70.33 -28.43 -58.45
N HIS NA 67 -69.51 -27.65 -57.75
CA HIS NA 67 -69.03 -28.02 -56.42
C HIS NA 67 -70.06 -27.78 -55.31
N ILE NA 68 -70.17 -28.74 -54.40
CA ILE NA 68 -70.67 -28.44 -53.07
C ILE NA 68 -69.46 -28.31 -52.14
N VAL NA 69 -69.30 -27.12 -51.57
CA VAL NA 69 -68.23 -26.91 -50.62
C VAL NA 69 -68.79 -26.72 -49.24
N THR NA 70 -68.09 -27.26 -48.25
CA THR NA 70 -68.46 -27.09 -46.86
C THR NA 70 -67.19 -26.73 -46.09
N ARG NA 71 -67.32 -25.96 -45.02
CA ARG NA 71 -66.16 -25.66 -44.19
C ARG NA 71 -66.08 -26.64 -43.05
N ILE NA 72 -65.10 -27.53 -43.11
CA ILE NA 72 -64.95 -28.59 -42.15
C ILE NA 72 -64.20 -28.20 -40.89
N LYS NA 73 -63.20 -27.32 -41.02
CA LYS NA 73 -62.36 -26.88 -39.89
C LYS NA 73 -62.41 -25.36 -39.68
N SER NA 74 -61.60 -24.84 -38.77
CA SER NA 74 -61.79 -23.45 -38.45
C SER NA 74 -60.78 -22.53 -39.02
N THR NA 75 -61.21 -21.30 -39.22
CA THR NA 75 -60.31 -20.22 -39.60
C THR NA 75 -59.23 -19.96 -38.57
N LYS NA 76 -59.58 -19.93 -37.29
CA LYS NA 76 -58.65 -19.38 -36.31
C LYS NA 76 -57.37 -20.20 -36.24
N ARG NA 77 -56.27 -19.51 -35.94
CA ARG NA 77 -54.91 -20.05 -35.91
C ARG NA 77 -54.31 -20.19 -37.32
N ARG NA 78 -55.07 -19.79 -38.33
CA ARG NA 78 -54.59 -19.82 -39.70
C ARG NA 78 -54.39 -18.40 -40.19
N PRO NA 79 -53.46 -18.21 -41.12
CA PRO NA 79 -53.04 -16.88 -41.57
C PRO NA 79 -54.14 -16.14 -42.27
N TYR NA 80 -54.23 -14.85 -41.99
CA TYR NA 80 -55.37 -14.02 -42.36
C TYR NA 80 -55.83 -14.21 -43.80
N TRP NA 81 -54.88 -14.45 -44.72
CA TRP NA 81 -55.25 -14.52 -46.12
C TRP NA 81 -56.18 -15.69 -46.30
N GLU NA 82 -55.91 -16.77 -45.55
CA GLU NA 82 -56.77 -17.95 -45.54
C GLU NA 82 -58.17 -17.56 -45.11
N LYS NA 83 -58.20 -16.81 -44.01
CA LYS NA 83 -59.44 -16.33 -43.47
C LYS NA 83 -60.21 -15.65 -44.57
N ASP NA 84 -59.56 -14.79 -45.33
CA ASP NA 84 -60.34 -13.99 -46.25
C ASP NA 84 -60.73 -14.73 -47.50
N ILE NA 85 -59.97 -15.75 -47.89
CA ILE NA 85 -60.48 -16.66 -48.91
C ILE NA 85 -61.80 -17.22 -48.48
N ILE NA 86 -61.80 -17.72 -47.27
CA ILE NA 86 -62.99 -18.35 -46.70
C ILE NA 86 -64.12 -17.34 -46.55
N LYS NA 87 -63.78 -16.08 -46.37
CA LYS NA 87 -64.79 -15.07 -46.19
C LYS NA 87 -65.44 -14.81 -47.53
N MET NA 88 -64.63 -14.78 -48.59
CA MET NA 88 -65.16 -14.48 -49.91
C MET NA 88 -65.64 -15.73 -50.59
N LEU NA 89 -65.57 -16.86 -49.91
CA LEU NA 89 -66.25 -18.03 -50.42
C LEU NA 89 -67.65 -18.20 -49.81
N GLY NA 90 -68.00 -17.32 -48.87
CA GLY NA 90 -69.27 -17.42 -48.19
C GLY NA 90 -69.32 -18.67 -47.34
N LEU NA 91 -68.14 -19.12 -46.95
CA LEU NA 91 -67.96 -20.31 -46.14
C LEU NA 91 -67.90 -19.98 -44.67
N GLU NA 92 -68.30 -18.75 -44.37
CA GLU NA 92 -68.30 -18.22 -43.02
C GLU NA 92 -68.81 -19.19 -41.96
N LYS NA 93 -69.96 -19.81 -42.19
CA LYS NA 93 -70.56 -20.67 -41.19
C LYS NA 93 -70.36 -22.15 -41.48
N ALA NA 94 -69.80 -22.85 -40.50
CA ALA NA 94 -69.33 -24.21 -40.65
C ALA NA 94 -70.43 -25.21 -40.88
N HIS NA 95 -70.03 -26.35 -41.40
CA HIS NA 95 -70.92 -27.48 -41.58
C HIS NA 95 -72.11 -27.11 -42.41
N THR NA 96 -71.95 -26.09 -43.25
CA THR NA 96 -73.05 -25.65 -44.07
C THR NA 96 -72.60 -25.82 -45.52
N PRO NA 97 -73.48 -26.37 -46.34
CA PRO NA 97 -73.11 -26.53 -47.75
C PRO NA 97 -73.31 -25.23 -48.47
N GLN NA 98 -72.52 -25.04 -49.50
CA GLN NA 98 -72.58 -23.86 -50.33
C GLN NA 98 -72.25 -24.34 -51.71
N VAL NA 99 -72.64 -23.61 -52.74
CA VAL NA 99 -72.40 -24.11 -54.07
C VAL NA 99 -71.49 -23.20 -54.87
N HIS NA 100 -70.71 -23.79 -55.78
CA HIS NA 100 -69.78 -22.99 -56.57
C HIS NA 100 -69.45 -23.54 -57.93
N LYS NA 101 -69.11 -22.63 -58.83
CA LYS NA 101 -68.71 -22.98 -60.18
C LYS NA 101 -67.44 -23.86 -60.15
N ASN NA 102 -67.38 -24.82 -61.05
CA ASN NA 102 -66.23 -25.71 -61.08
C ASN NA 102 -65.15 -25.16 -61.99
N ILE NA 103 -65.36 -23.95 -62.45
CA ILE NA 103 -64.34 -23.22 -63.20
C ILE NA 103 -63.06 -23.07 -62.37
N PRO NA 104 -61.91 -22.85 -63.04
CA PRO NA 104 -60.60 -22.65 -62.41
C PRO NA 104 -60.44 -21.38 -61.58
N SER NA 105 -61.07 -20.27 -61.99
CA SER NA 105 -60.97 -19.00 -61.28
C SER NA 105 -61.24 -19.17 -59.80
N VAL NA 106 -62.22 -20.01 -59.50
CA VAL NA 106 -62.59 -20.35 -58.14
C VAL NA 106 -61.65 -21.40 -57.52
N ASN NA 107 -61.22 -22.34 -58.34
CA ASN NA 107 -60.30 -23.36 -57.89
C ASN NA 107 -58.98 -22.79 -57.38
N ALA NA 108 -58.65 -21.56 -57.77
CA ALA NA 108 -57.51 -20.88 -57.17
C ALA NA 108 -57.69 -20.80 -55.65
N LYS NA 109 -58.80 -20.17 -55.28
CA LYS NA 109 -59.24 -20.02 -53.90
C LYS NA 109 -59.38 -21.35 -53.15
N LEU NA 110 -60.18 -22.24 -53.72
CA LEU NA 110 -60.34 -23.55 -53.11
C LEU NA 110 -59.01 -24.24 -52.90
N LYS NA 111 -58.09 -24.10 -53.85
CA LYS NA 111 -56.77 -24.68 -53.70
C LYS NA 111 -56.04 -24.06 -52.53
N VAL NA 112 -56.18 -22.75 -52.33
CA VAL NA 112 -55.56 -22.12 -51.16
C VAL NA 112 -56.04 -22.72 -49.85
N VAL NA 113 -57.35 -22.89 -49.68
CA VAL NA 113 -57.87 -23.38 -48.40
C VAL NA 113 -58.17 -24.87 -48.27
N LYS NA 114 -57.77 -25.69 -49.23
CA LYS NA 114 -58.28 -27.06 -49.36
C LYS NA 114 -58.23 -27.96 -48.13
N HIS NA 115 -57.41 -27.59 -47.16
CA HIS NA 115 -57.30 -28.35 -45.92
C HIS NA 115 -58.33 -27.90 -44.90
N LEU NA 116 -58.93 -26.75 -45.15
CA LEU NA 116 -59.96 -26.27 -44.25
C LEU NA 116 -61.34 -26.72 -44.68
N ILE NA 117 -61.44 -27.48 -45.77
CA ILE NA 117 -62.76 -27.72 -46.34
C ILE NA 117 -63.03 -29.13 -46.84
N ARG NA 118 -64.30 -29.33 -47.18
CA ARG NA 118 -64.76 -30.55 -47.78
C ARG NA 118 -65.54 -30.24 -49.04
N ILE NA 119 -64.97 -30.66 -50.17
CA ILE NA 119 -65.63 -30.49 -51.45
C ILE NA 119 -66.19 -31.81 -51.94
N LYS NA 120 -67.41 -31.79 -52.44
CA LYS NA 120 -67.94 -32.96 -53.10
C LYS NA 120 -68.82 -32.55 -54.25
N PRO NA 121 -68.82 -33.34 -55.33
CA PRO NA 121 -69.56 -32.98 -56.53
C PRO NA 121 -71.06 -32.98 -56.29
N LEU NA 122 -71.72 -31.91 -56.73
CA LEU NA 122 -73.16 -31.88 -56.78
C LEU NA 122 -73.64 -32.96 -57.77
N LYS NA 123 -74.84 -33.52 -57.55
CA LYS NA 123 -75.43 -34.43 -58.52
C LYS NA 123 -76.92 -34.16 -58.68
N LEU NA 124 -77.41 -34.24 -59.91
CA LEU NA 124 -78.79 -33.88 -60.21
C LEU NA 124 -79.55 -35.02 -60.90
N PRO NA 125 -80.00 -36.00 -60.10
CA PRO NA 125 -80.66 -37.23 -60.54
C PRO NA 125 -81.98 -37.00 -61.24
N GLN NA 126 -82.80 -36.13 -60.68
CA GLN NA 126 -84.06 -35.81 -61.31
C GLN NA 126 -83.79 -34.71 -62.34
N GLY NA 127 -82.55 -34.26 -62.35
CA GLY NA 127 -82.15 -33.16 -63.19
C GLY NA 127 -82.28 -31.83 -62.48
N LEU NA 128 -82.42 -30.77 -63.26
CA LEU NA 128 -82.49 -29.41 -62.74
C LEU NA 128 -83.91 -28.99 -62.36
N PRO NA 129 -84.03 -28.19 -61.30
CA PRO NA 129 -85.33 -27.68 -60.86
C PRO NA 129 -85.99 -26.80 -61.91
N THR NA 130 -87.25 -27.10 -62.23
CA THR NA 130 -88.07 -26.17 -62.98
C THR NA 130 -88.65 -25.22 -61.93
N GLU NA 131 -89.41 -24.21 -62.34
CA GLU NA 131 -89.92 -23.25 -61.39
C GLU NA 131 -90.95 -23.84 -60.43
N GLU NA 132 -91.74 -24.79 -60.92
CA GLU NA 132 -92.76 -25.46 -60.11
C GLU NA 132 -92.19 -26.20 -58.92
N ASP NA 133 -90.93 -26.60 -59.04
CA ASP NA 133 -90.27 -27.48 -58.08
C ASP NA 133 -89.44 -26.72 -57.04
N MET NA 134 -89.54 -25.40 -57.04
CA MET NA 134 -88.72 -24.57 -56.17
C MET NA 134 -88.91 -24.76 -54.67
N ALA NA 135 -90.14 -24.90 -54.21
CA ALA NA 135 -90.40 -25.06 -52.79
C ALA NA 135 -90.15 -26.51 -52.33
N ASN NA 136 -90.07 -27.42 -53.29
CA ASN NA 136 -89.92 -28.84 -53.00
C ASN NA 136 -88.49 -29.38 -53.06
N THR NA 137 -87.49 -28.51 -53.21
CA THR NA 137 -86.14 -29.02 -53.44
C THR NA 137 -85.27 -29.17 -52.20
N CYS NA 138 -84.76 -30.38 -52.01
CA CYS NA 138 -83.98 -30.70 -50.82
C CYS NA 138 -82.58 -31.19 -51.19
N LEU NA 139 -81.64 -31.08 -50.26
CA LEU NA 139 -80.27 -31.49 -50.54
C LEU NA 139 -79.75 -32.59 -49.61
N LYS NA 140 -79.53 -33.77 -50.15
CA LYS NA 140 -79.06 -34.90 -49.36
C LYS NA 140 -77.55 -34.96 -49.26
N SER NA 141 -77.12 -35.39 -48.08
CA SER NA 141 -75.74 -35.37 -47.63
C SER NA 141 -74.74 -36.16 -48.49
N ASN NA 142 -75.25 -37.02 -49.34
CA ASN NA 142 -74.45 -37.73 -50.32
C ASN NA 142 -73.96 -36.79 -51.42
N GLY NA 143 -74.41 -35.55 -51.33
CA GLY NA 143 -74.15 -34.58 -52.36
C GLY NA 143 -75.11 -34.71 -53.53
N GLU NA 144 -76.37 -34.89 -53.21
CA GLU NA 144 -77.34 -35.03 -54.30
C GLU NA 144 -78.53 -34.08 -54.10
N LEU NA 145 -79.07 -33.55 -55.18
CA LEU NA 145 -80.25 -32.69 -55.09
C LEU NA 145 -81.52 -33.43 -55.51
N VAL NA 146 -82.57 -33.25 -54.74
CA VAL NA 146 -83.85 -33.88 -55.06
C VAL NA 146 -84.91 -32.82 -55.30
N VAL NA 147 -85.59 -32.97 -56.44
CA VAL NA 147 -86.55 -31.97 -56.92
C VAL NA 147 -87.94 -32.07 -56.30
N ARG NA 148 -88.45 -33.29 -56.16
CA ARG NA 148 -89.78 -33.47 -55.61
C ARG NA 148 -89.61 -33.97 -54.20
N TRP NA 149 -89.97 -33.15 -53.22
CA TRP NA 149 -89.83 -33.56 -51.83
C TRP NA 149 -91.16 -33.80 -51.17
N LEU NA 150 -91.34 -35.04 -50.73
CA LEU NA 150 -92.48 -35.45 -49.89
C LEU NA 150 -93.84 -35.20 -50.56
N LEU NA 151 -94.13 -36.04 -51.55
CA LEU NA 151 -95.44 -36.10 -52.21
C LEU NA 151 -96.55 -36.54 -51.24
N ASN NA 152 -97.59 -35.70 -51.13
CA ASN NA 152 -98.73 -35.92 -50.23
C ASN NA 152 -98.40 -36.59 -48.90
N ASP OA 35 14.19 -16.97 -99.59
CA ASP OA 35 13.47 -16.38 -98.47
C ASP OA 35 14.37 -15.45 -97.66
N CYS OA 36 15.64 -15.39 -98.03
CA CYS OA 36 16.62 -14.53 -97.37
C CYS OA 36 16.26 -13.07 -97.53
N ASN OA 37 15.50 -12.77 -98.58
CA ASN OA 37 15.10 -11.40 -98.92
C ASN OA 37 13.74 -11.00 -98.35
N ARG OA 38 13.16 -11.89 -97.54
CA ARG OA 38 11.87 -11.66 -96.92
C ARG OA 38 11.76 -10.30 -96.23
N ALA OA 39 12.47 -10.18 -95.12
CA ALA OA 39 12.41 -9.00 -94.27
C ALA OA 39 13.51 -8.00 -94.58
N LEU OA 40 14.31 -8.26 -95.61
CA LEU OA 40 15.51 -7.47 -95.89
C LEU OA 40 15.24 -6.05 -96.39
N LEU OA 41 14.00 -5.74 -96.72
CA LEU OA 41 13.71 -4.49 -97.40
C LEU OA 41 12.99 -3.51 -96.48
N THR OA 42 13.70 -2.49 -96.01
CA THR OA 42 13.14 -1.58 -95.01
C THR OA 42 13.82 -0.22 -94.89
N ARG OA 43 13.11 0.68 -94.22
CA ARG OA 43 13.67 1.94 -93.73
C ARG OA 43 13.52 1.95 -92.20
N LEU OA 44 14.26 2.83 -91.53
CA LEU OA 44 14.15 2.97 -90.09
C LEU OA 44 12.94 3.86 -89.74
N HIS OA 45 12.07 3.37 -88.89
CA HIS OA 45 10.74 3.99 -88.70
C HIS OA 45 10.64 5.01 -87.58
N ARG OA 46 11.75 5.34 -86.94
CA ARG OA 46 11.69 6.35 -85.89
C ARG OA 46 11.45 7.74 -86.48
N GLN OA 47 10.73 8.57 -85.72
CA GLN OA 47 10.20 9.86 -86.17
C GLN OA 47 11.25 10.91 -86.48
N THR OA 48 12.31 10.97 -85.66
CA THR OA 48 13.39 11.92 -85.85
C THR OA 48 14.75 11.26 -85.66
N TYR OA 49 15.55 11.25 -86.74
CA TYR OA 49 16.79 10.47 -86.78
C TYR OA 49 17.81 10.97 -87.82
N ALA OA 50 19.06 10.56 -87.65
CA ALA OA 50 20.16 11.04 -88.50
C ALA OA 50 20.14 10.46 -89.90
N ARG OA 51 21.12 10.86 -90.71
CA ARG OA 51 21.25 10.33 -92.06
C ARG OA 51 21.91 8.97 -92.00
N LEU OA 52 21.28 7.97 -92.60
CA LEU OA 52 21.79 6.61 -92.53
C LEU OA 52 22.39 6.21 -93.88
N TYR OA 53 23.65 5.77 -93.87
CA TYR OA 53 24.36 5.48 -95.10
C TYR OA 53 24.85 4.02 -95.13
N PRO OA 54 24.75 3.38 -96.30
CA PRO OA 54 25.14 1.97 -96.47
C PRO OA 54 26.63 1.75 -96.24
N VAL OA 55 26.95 0.76 -95.41
CA VAL OA 55 28.33 0.46 -95.05
C VAL OA 55 28.61 -1.02 -95.20
N LEU OA 56 29.76 -1.35 -95.77
CA LEU OA 56 30.19 -2.73 -95.84
C LEU OA 56 31.11 -3.02 -94.65
N LEU OA 57 30.76 -4.05 -93.89
CA LEU OA 57 31.47 -4.37 -92.67
C LEU OA 57 32.07 -5.78 -92.69
N VAL OA 58 33.39 -5.87 -92.53
CA VAL OA 58 34.05 -7.17 -92.47
C VAL OA 58 34.44 -7.53 -91.04
N LYS OA 59 33.74 -8.52 -90.48
CA LYS OA 59 34.18 -9.10 -89.22
C LYS OA 59 35.33 -10.03 -89.56
N GLN OA 60 35.79 -10.86 -88.62
CA GLN OA 60 36.87 -11.75 -89.01
C GLN OA 60 36.32 -13.11 -89.38
N ASP OA 61 36.08 -13.22 -90.68
CA ASP OA 61 35.67 -14.43 -91.37
C ASP OA 61 36.36 -14.42 -92.73
N GLY OA 62 36.18 -13.29 -93.41
CA GLY OA 62 36.24 -13.17 -94.85
C GLY OA 62 34.82 -12.83 -95.27
N SER OA 63 33.93 -12.84 -94.29
CA SER OA 63 32.54 -12.44 -94.48
C SER OA 63 32.33 -10.94 -94.45
N THR OA 64 31.24 -10.49 -95.08
CA THR OA 64 30.87 -9.08 -95.08
C THR OA 64 29.37 -8.88 -94.83
N ILE OA 65 29.04 -7.73 -94.23
CA ILE OA 65 27.69 -7.41 -93.84
C ILE OA 65 27.36 -6.01 -94.34
N HIS OA 66 26.07 -5.69 -94.46
CA HIS OA 66 25.69 -4.32 -94.71
C HIS OA 66 25.11 -3.69 -93.46
N ILE OA 67 25.89 -2.81 -92.85
CA ILE OA 67 25.43 -2.03 -91.71
C ILE OA 67 24.97 -0.68 -92.20
N ARG OA 68 23.76 -0.28 -91.82
CA ARG OA 68 23.34 1.07 -92.13
C ARG OA 68 23.87 1.94 -91.00
N TYR OA 69 24.82 2.82 -91.35
CA TYR OA 69 25.55 3.61 -90.36
C TYR OA 69 25.75 5.04 -90.86
N ARG OA 70 25.78 5.98 -89.91
CA ARG OA 70 25.71 7.41 -90.21
C ARG OA 70 26.92 7.95 -90.97
N GLU OA 71 28.05 7.27 -90.84
CA GLU OA 71 29.23 7.66 -91.58
C GLU OA 71 29.15 7.11 -93.01
N PRO OA 72 29.29 8.00 -93.99
CA PRO OA 72 29.24 7.70 -95.44
C PRO OA 72 30.29 6.70 -95.91
N ARG OA 73 31.27 6.39 -95.07
CA ARG OA 73 32.39 5.51 -95.44
C ARG OA 73 31.98 4.19 -96.07
N ARG OA 74 32.60 3.87 -97.20
CA ARG OA 74 32.25 2.68 -97.95
C ARG OA 74 32.45 1.40 -97.16
N MET OA 75 33.47 1.36 -96.32
CA MET OA 75 33.81 0.11 -95.66
C MET OA 75 34.53 0.26 -94.31
N LEU OA 76 34.29 -0.70 -93.41
CA LEU OA 76 35.02 -0.83 -92.16
C LEU OA 76 35.29 -2.33 -91.90
N THR OA 77 36.37 -2.63 -91.20
CA THR OA 77 36.76 -4.02 -90.96
C THR OA 77 37.35 -4.26 -89.56
N MET OA 78 36.86 -5.30 -88.89
CA MET OA 78 37.34 -5.67 -87.55
C MET OA 78 38.47 -6.71 -87.55
N PRO OA 79 39.47 -6.53 -86.66
CA PRO OA 79 40.56 -7.50 -86.47
C PRO OA 79 40.40 -8.31 -85.20
N ALA PA 79 -47.30 -11.21 18.18
CA ALA PA 79 -48.04 -11.76 17.05
C ALA PA 79 -49.34 -11.02 16.84
N ALA PA 80 -49.68 -10.81 15.58
CA ALA PA 80 -50.90 -10.11 15.24
C ALA PA 80 -51.91 -10.98 14.49
N PRO PA 81 -53.14 -11.06 15.02
CA PRO PA 81 -54.25 -11.83 14.46
C PRO PA 81 -54.47 -11.49 13.01
N LYS PA 82 -54.54 -12.52 12.20
CA LYS PA 82 -54.56 -12.30 10.78
C LYS PA 82 -55.94 -11.98 10.26
N ASN PA 83 -56.97 -12.50 10.91
CA ASN PA 83 -58.33 -12.27 10.43
C ASN PA 83 -59.36 -12.12 11.55
N ARG PA 84 -60.29 -11.20 11.40
CA ARG PA 84 -61.37 -11.09 12.37
C ARG PA 84 -62.01 -12.46 12.49
N ARG PA 85 -62.30 -12.90 13.71
CA ARG PA 85 -63.03 -14.16 13.90
C ARG PA 85 -64.53 -13.98 13.71
N SER PA 86 -65.21 -15.06 13.32
CA SER PA 86 -66.67 -15.03 13.18
C SER PA 86 -67.43 -15.08 14.50
N ILE PA 87 -68.67 -14.62 14.47
CA ILE PA 87 -69.49 -14.78 15.63
C ILE PA 87 -69.73 -16.26 15.90
N GLU PA 88 -69.63 -17.10 14.86
CA GLU PA 88 -69.81 -18.54 15.06
C GLU PA 88 -68.68 -19.06 15.88
N VAL PA 89 -67.47 -18.83 15.40
CA VAL PA 89 -66.31 -19.30 16.09
C VAL PA 89 -66.23 -18.74 17.48
N ASN PA 90 -66.59 -17.49 17.63
CA ASN PA 90 -66.61 -16.88 18.95
C ASN PA 90 -67.65 -17.52 19.84
N ARG PA 91 -68.75 -17.93 19.24
CA ARG PA 91 -69.77 -18.59 20.00
C ARG PA 91 -69.24 -19.90 20.52
N CYS PA 92 -68.73 -20.72 19.61
CA CYS PA 92 -68.27 -22.03 20.02
C CYS PA 92 -67.12 -21.96 21.00
N ARG PA 93 -66.34 -20.89 20.99
CA ARG PA 93 -65.38 -20.75 22.08
C ARG PA 93 -66.11 -20.48 23.38
N ARG PA 94 -66.86 -19.40 23.44
CA ARG PA 94 -67.26 -18.97 24.76
C ARG PA 94 -68.63 -19.43 25.18
N ARG PA 95 -69.29 -20.23 24.35
CA ARG PA 95 -70.46 -20.95 24.81
C ARG PA 95 -70.11 -22.41 25.14
N ASN PA 96 -68.84 -22.76 25.03
CA ASN PA 96 -68.38 -24.10 25.38
C ASN PA 96 -68.69 -24.49 26.84
N PRO PA 97 -69.15 -25.74 27.05
CA PRO PA 97 -69.61 -26.30 28.34
C PRO PA 97 -68.58 -26.23 29.44
N GLN PA 98 -67.32 -26.26 29.04
CA GLN PA 98 -66.25 -26.15 30.00
C GLN PA 98 -66.19 -24.73 30.56
N LYS PA 99 -66.62 -23.74 29.77
CA LYS PA 99 -66.63 -22.34 30.21
C LYS PA 99 -67.87 -21.94 31.02
N LEU PA 100 -68.89 -22.80 30.96
CA LEU PA 100 -70.16 -22.53 31.60
C LEU PA 100 -70.11 -22.65 33.10
N ILE PA 101 -71.01 -21.93 33.75
CA ILE PA 101 -71.17 -22.05 35.18
C ILE PA 101 -71.98 -23.28 35.52
N LYS PA 102 -71.37 -24.20 36.26
CA LYS PA 102 -72.02 -25.45 36.62
C LYS PA 102 -72.95 -25.32 37.82
N VAL PA 103 -73.93 -26.19 37.86
CA VAL PA 103 -74.91 -26.22 38.93
C VAL PA 103 -74.34 -26.89 40.17
N LYS PA 104 -74.30 -26.17 41.29
CA LYS PA 104 -73.81 -26.79 42.53
C LYS PA 104 -74.93 -27.59 43.17
N ASN PA 105 -74.72 -28.89 43.36
CA ASN PA 105 -75.75 -29.77 43.90
C ASN PA 105 -75.63 -30.09 45.39
N ASN PA 106 -74.66 -29.51 46.09
CA ASN PA 106 -74.50 -29.77 47.51
C ASN PA 106 -75.31 -28.79 48.37
N ILE PA 107 -76.16 -28.01 47.72
CA ILE PA 107 -77.00 -27.03 48.42
C ILE PA 107 -78.14 -27.62 49.27
N ASP PA 108 -78.19 -27.24 50.54
CA ASP PA 108 -79.23 -27.69 51.47
C ASP PA 108 -79.87 -26.55 52.24
N VAL PA 109 -80.74 -26.93 53.17
CA VAL PA 109 -81.36 -25.97 54.07
C VAL PA 109 -80.94 -26.13 55.53
N CYS PA 110 -80.95 -25.02 56.25
CA CYS PA 110 -80.56 -24.98 57.66
C CYS PA 110 -81.64 -25.53 58.57
N PRO PA 111 -81.30 -26.56 59.38
CA PRO PA 111 -82.26 -27.17 60.30
C PRO PA 111 -82.81 -26.13 61.23
N GLU PA 112 -82.03 -25.09 61.46
CA GLU PA 112 -82.45 -24.01 62.33
C GLU PA 112 -83.35 -23.00 61.61
N CYS PA 113 -82.76 -22.16 60.78
CA CYS PA 113 -83.48 -21.01 60.25
C CYS PA 113 -84.07 -21.24 58.87
N GLY PA 114 -83.95 -22.46 58.34
CA GLY PA 114 -84.60 -22.81 57.09
C GLY PA 114 -84.05 -22.04 55.90
N HIS PA 115 -82.91 -21.40 56.10
CA HIS PA 115 -82.19 -20.75 55.02
C HIS PA 115 -81.29 -21.77 54.35
N LEU PA 116 -80.39 -21.29 53.51
CA LEU PA 116 -79.62 -22.20 52.69
C LEU PA 116 -78.14 -22.19 52.99
N LYS PA 117 -77.54 -23.37 52.90
CA LYS PA 117 -76.09 -23.49 53.01
C LYS PA 117 -75.57 -24.71 52.26
N GLN PA 118 -74.36 -24.60 51.73
CA GLN PA 118 -73.74 -25.76 51.10
C GLN PA 118 -73.42 -26.77 52.20
N LYS PA 119 -73.52 -28.06 51.88
CA LYS PA 119 -73.46 -29.13 52.87
C LYS PA 119 -72.28 -29.07 53.83
N HIS PA 120 -71.14 -28.62 53.34
CA HIS PA 120 -69.93 -28.70 54.12
C HIS PA 120 -69.61 -27.40 54.86
N ILE PA 121 -70.45 -26.38 54.67
CA ILE PA 121 -70.17 -25.07 55.23
C ILE PA 121 -71.19 -24.70 56.30
N LEU PA 122 -70.74 -23.93 57.28
CA LEU PA 122 -71.61 -23.37 58.31
C LEU PA 122 -72.72 -22.53 57.67
N CYS PA 123 -73.87 -22.46 58.33
CA CYS PA 123 -74.92 -21.56 57.89
C CYS PA 123 -74.53 -20.11 58.12
N GLY PA 124 -74.57 -19.30 57.06
CA GLY PA 124 -74.14 -17.92 57.15
C GLY PA 124 -74.93 -17.15 58.18
N TYR PA 125 -76.24 -17.35 58.14
CA TYR PA 125 -77.16 -16.65 59.02
C TYR PA 125 -76.94 -16.99 60.49
N CYS PA 126 -76.91 -18.29 60.78
CA CYS PA 126 -76.67 -18.74 62.15
C CYS PA 126 -75.30 -18.30 62.63
N TYR PA 127 -74.31 -18.45 61.76
CA TYR PA 127 -73.00 -17.94 62.10
C TYR PA 127 -73.09 -16.43 62.37
N GLU PA 128 -74.09 -15.76 61.82
CA GLU PA 128 -74.24 -14.33 62.06
C GLU PA 128 -74.77 -14.02 63.45
N LYS PA 129 -75.83 -14.71 63.87
CA LYS PA 129 -76.30 -14.56 65.25
C LYS PA 129 -75.10 -14.70 66.16
N VAL PA 130 -74.37 -15.78 65.92
CA VAL PA 130 -73.17 -16.06 66.68
C VAL PA 130 -72.21 -14.88 66.70
N ARG PA 131 -71.87 -14.40 65.52
CA ARG PA 131 -70.83 -13.40 65.39
C ARG PA 131 -71.22 -12.17 66.18
N LYS PA 132 -72.45 -11.72 66.00
CA LYS PA 132 -72.94 -10.56 66.73
C LYS PA 132 -72.76 -10.75 68.23
N GLU PA 133 -73.24 -11.88 68.74
CA GLU PA 133 -73.20 -12.10 70.18
C GLU PA 133 -71.77 -12.06 70.69
N THR PA 134 -70.91 -12.77 69.98
CA THR PA 134 -69.49 -12.77 70.26
C THR PA 134 -68.95 -11.35 70.35
N ALA PA 135 -69.34 -10.51 69.40
CA ALA PA 135 -68.86 -9.14 69.36
C ALA PA 135 -69.27 -8.39 70.61
N GLU PA 136 -70.55 -8.47 70.95
CA GLU PA 136 -71.04 -7.76 72.12
C GLU PA 136 -70.30 -8.20 73.37
N ILE PA 137 -70.11 -9.50 73.50
CA ILE PA 137 -69.37 -10.05 74.63
C ILE PA 137 -67.99 -9.45 74.72
N ARG PA 138 -67.31 -9.39 73.57
CA ARG PA 138 -65.96 -8.86 73.52
C ARG PA 138 -65.91 -7.38 73.90
N ARG PA 139 -66.95 -6.63 73.53
CA ARG PA 139 -67.04 -5.25 73.98
C ARG PA 139 -67.15 -5.20 75.49
N GLN PA 140 -68.09 -5.97 76.05
CA GLN PA 140 -68.35 -5.90 77.48
C GLN PA 140 -67.16 -6.41 78.29
N MET PA 141 -66.27 -7.15 77.64
CA MET PA 141 -65.03 -7.58 78.28
C MET PA 141 -63.87 -6.65 77.93
N GLY PA 142 -64.15 -5.66 77.07
CA GLY PA 142 -63.23 -4.55 76.89
C GLY PA 142 -63.60 -3.43 77.86
N LYS PA 143 -64.81 -3.52 78.41
CA LYS PA 143 -65.27 -2.60 79.45
C LYS PA 143 -64.71 -2.97 80.82
N GLN PA 144 -64.62 -4.27 81.08
CA GLN PA 144 -64.05 -4.75 82.33
C GLN PA 144 -62.53 -4.69 82.30
N GLU PA 145 -61.97 -4.35 81.15
CA GLU PA 145 -60.52 -4.22 81.02
C GLU PA 145 -60.11 -2.79 80.75
N GLY PA 146 -59.17 -2.31 81.56
CA GLY PA 146 -58.80 -0.92 81.57
C GLY PA 146 -57.52 -0.57 80.82
N GLY PA 147 -57.13 -1.43 79.88
CA GLY PA 147 -55.95 -1.16 79.11
C GLY PA 147 -55.87 -1.98 77.85
N PRO PA 148 -54.97 -1.60 76.95
CA PRO PA 148 -54.68 -2.36 75.73
C PRO PA 148 -54.00 -3.69 76.07
N PHE PA 149 -53.15 -3.66 77.08
CA PHE PA 149 -52.38 -4.84 77.46
C PHE PA 149 -52.95 -5.68 78.59
N ARG PA 150 -54.01 -5.25 79.24
CA ARG PA 150 -54.42 -5.99 80.42
C ARG PA 150 -55.37 -7.11 80.06
N ALA PA 151 -54.90 -8.33 80.26
CA ALA PA 151 -55.72 -9.51 80.05
C ALA PA 151 -55.65 -10.40 81.27
N PRO PA 152 -56.80 -10.99 81.66
CA PRO PA 152 -56.88 -11.75 82.92
C PRO PA 152 -56.01 -12.99 82.92
N THR PA 153 -55.68 -13.46 84.12
CA THR PA 153 -54.97 -14.71 84.27
C THR PA 153 -55.93 -15.87 84.64
N THR PA 154 -57.22 -15.57 84.70
CA THR PA 154 -58.23 -16.59 84.99
C THR PA 154 -59.16 -16.81 83.82
N GLU PA 155 -59.76 -17.99 83.79
CA GLU PA 155 -60.79 -18.28 82.82
C GLU PA 155 -61.98 -17.36 83.09
N THR PA 156 -62.76 -17.07 82.05
CA THR PA 156 -63.89 -16.18 82.18
C THR PA 156 -65.17 -16.93 81.82
N VAL PA 157 -66.32 -16.46 82.33
CA VAL PA 157 -67.61 -17.03 81.96
C VAL PA 157 -68.62 -15.90 81.78
N VAL PA 158 -69.65 -16.11 80.98
CA VAL PA 158 -70.61 -15.06 80.69
C VAL PA 158 -71.99 -15.33 81.32
N LEU PA 159 -72.60 -14.28 81.87
CA LEU PA 159 -73.92 -14.37 82.48
C LEU PA 159 -74.95 -13.48 81.78
N TYR PA 160 -76.21 -13.84 82.00
CA TYR PA 160 -77.36 -13.18 81.38
C TYR PA 160 -78.36 -12.84 82.48
N SER PA 161 -79.41 -12.10 82.12
CA SER PA 161 -80.41 -11.69 83.11
C SER PA 161 -80.93 -12.86 83.93
N GLY PA 162 -80.86 -12.71 85.25
CA GLY PA 162 -81.40 -13.69 86.18
C GLY PA 162 -80.56 -14.95 86.35
N GLU PA 163 -79.26 -14.76 86.55
CA GLU PA 163 -78.37 -15.88 86.77
C GLU PA 163 -77.33 -15.58 87.83
N THR PA 164 -76.70 -16.65 88.30
CA THR PA 164 -75.79 -16.57 89.43
C THR PA 164 -74.58 -17.46 89.20
N PRO PA 165 -73.39 -17.00 89.61
CA PRO PA 165 -72.25 -17.90 89.56
C PRO PA 165 -72.43 -19.13 90.45
N SER PA 166 -72.25 -20.29 89.84
CA SER PA 166 -72.18 -21.57 90.55
C SER PA 166 -70.80 -21.69 91.21
N GLU PA 167 -70.68 -22.58 92.18
CA GLU PA 167 -69.40 -22.81 92.87
C GLU PA 167 -68.29 -23.26 91.92
N GLN PA 168 -68.64 -24.14 90.98
CA GLN PA 168 -67.73 -24.56 89.92
C GLN PA 168 -67.21 -23.38 89.12
N ASP PA 169 -68.10 -22.43 88.86
CA ASP PA 169 -67.82 -21.28 88.01
C ASP PA 169 -67.42 -19.99 88.76
N GLN PA 170 -67.50 -20.00 90.09
CA GLN PA 170 -66.99 -18.87 90.87
C GLN PA 170 -65.47 -18.99 91.06
N GLY PA 171 -64.81 -17.87 91.25
CA GLY PA 171 -63.35 -17.86 91.27
C GLY PA 171 -62.84 -17.55 89.87
N LYS PA 172 -63.78 -17.26 88.98
CA LYS PA 172 -63.48 -16.91 87.59
C LYS PA 172 -63.95 -15.48 87.31
N ARG PA 173 -63.41 -14.85 86.28
CA ARG PA 173 -63.92 -13.56 85.84
C ARG PA 173 -65.31 -13.71 85.24
N ILE PA 174 -66.21 -12.82 85.61
CA ILE PA 174 -67.60 -12.93 85.18
C ILE PA 174 -68.00 -11.75 84.28
N ILE PA 175 -68.83 -12.03 83.27
CA ILE PA 175 -69.30 -10.99 82.35
C ILE PA 175 -70.83 -10.87 82.37
N GLU PA 176 -71.32 -9.74 82.88
CA GLU PA 176 -72.75 -9.55 83.11
C GLU PA 176 -73.45 -8.81 81.97
N ARG PA 177 -74.29 -9.54 81.25
CA ARG PA 177 -74.89 -9.04 80.01
C ARG PA 177 -76.41 -8.87 80.16
N GLU PA 178 -77.01 -7.99 79.36
CA GLU PA 178 -78.40 -7.57 79.56
C GLU PA 178 -79.46 -8.50 78.97
N ARG PA 179 -79.18 -9.05 77.79
CA ARG PA 179 -80.09 -9.94 77.09
C ARG PA 179 -80.39 -11.21 77.92
N LYS PA 180 -81.57 -11.81 77.77
CA LYS PA 180 -81.84 -13.11 78.38
C LYS PA 180 -81.04 -14.17 77.63
N ARG PA 181 -80.66 -15.25 78.31
CA ARG PA 181 -79.85 -16.29 77.66
C ARG PA 181 -80.53 -16.87 76.42
N PRO PA 182 -79.88 -16.70 75.26
CA PRO PA 182 -80.43 -17.06 73.95
C PRO PA 182 -80.77 -18.55 73.82
N SER PA 183 -81.56 -18.87 72.81
CA SER PA 183 -81.99 -20.24 72.57
C SER PA 183 -80.81 -21.18 72.34
N TRP PA 184 -79.98 -20.86 71.36
CA TRP PA 184 -78.93 -21.78 70.92
C TRP PA 184 -77.79 -21.90 71.95
N PHE PA 185 -77.38 -20.77 72.52
CA PHE PA 185 -76.32 -20.73 73.51
C PHE PA 185 -76.71 -21.54 74.75
N THR PA 186 -75.86 -22.46 75.19
CA THR PA 186 -76.21 -23.26 76.38
C THR PA 186 -75.63 -22.65 77.64
N GLN PA 187 -76.04 -23.16 78.80
CA GLN PA 187 -75.60 -22.56 80.07
C GLN PA 187 -74.21 -23.05 80.50
N ASN PA 188 -74.00 -24.37 80.44
CA ASN PA 188 -72.71 -24.99 80.68
C ASN PA 188 -72.04 -24.54 81.97
N SER QA 13 -5.39 23.90 -45.64
CA SER QA 13 -5.88 24.87 -46.62
C SER QA 13 -7.29 25.33 -46.27
N LYS QA 14 -7.81 26.30 -47.01
CA LYS QA 14 -9.07 26.93 -46.64
C LYS QA 14 -10.06 27.14 -47.79
N THR QA 15 -11.29 27.47 -47.41
CA THR QA 15 -12.37 27.80 -48.34
C THR QA 15 -12.82 29.25 -48.13
N ILE QA 16 -12.57 30.11 -49.13
CA ILE QA 16 -12.91 31.53 -49.05
C ILE QA 16 -14.27 31.80 -49.71
N LEU QA 17 -15.05 32.74 -49.15
CA LEU QA 17 -16.23 33.22 -49.87
C LEU QA 17 -15.98 34.60 -50.47
N VAL QA 18 -16.22 34.74 -51.77
CA VAL QA 18 -16.06 36.03 -52.41
C VAL QA 18 -17.35 36.45 -53.15
N LYS QA 19 -17.59 37.76 -53.17
CA LYS QA 19 -18.78 38.34 -53.78
C LYS QA 19 -18.43 38.89 -55.17
N MET QA 20 -18.94 38.25 -56.22
CA MET QA 20 -18.61 38.66 -57.59
C MET QA 20 -19.59 39.74 -58.09
N MET QA 21 -19.01 40.82 -58.63
CA MET QA 21 -19.77 41.98 -59.08
C MET QA 21 -19.88 42.07 -60.61
N SER QA 22 -21.07 42.40 -61.08
CA SER QA 22 -21.31 42.58 -62.50
C SER QA 22 -20.70 43.87 -63.01
N GLN QA 23 -20.49 43.94 -64.32
CA GLN QA 23 -20.09 45.19 -64.94
C GLN QA 23 -21.23 46.20 -64.84
N ALA QA 24 -22.41 45.79 -65.31
CA ALA QA 24 -23.55 46.69 -65.46
C ALA QA 24 -24.58 46.53 -64.33
N GLY QA 25 -24.68 47.55 -63.49
CA GLY QA 25 -25.72 47.62 -62.48
C GLY QA 25 -25.37 46.98 -61.15
N THR QA 26 -26.42 46.62 -60.40
CA THR QA 26 -26.29 46.05 -59.07
C THR QA 26 -26.38 44.52 -59.01
N GLY QA 27 -26.43 43.84 -60.15
CA GLY QA 27 -26.52 42.38 -60.17
C GLY QA 27 -25.29 41.71 -59.59
N PHE QA 28 -25.50 40.80 -58.65
CA PHE QA 28 -24.38 40.12 -57.99
C PHE QA 28 -24.46 38.61 -58.03
N SER QA 29 -23.29 37.96 -58.07
CA SER QA 29 -23.21 36.52 -57.87
C SER QA 29 -22.38 36.29 -56.61
N PHE QA 30 -22.56 35.13 -55.98
CA PHE QA 30 -21.86 34.86 -54.72
C PHE QA 30 -21.23 33.47 -54.73
N ASN QA 31 -19.90 33.36 -54.68
CA ASN QA 31 -19.31 32.02 -54.74
C ASN QA 31 -17.94 31.87 -54.08
N THR QA 32 -17.55 30.62 -53.87
CA THR QA 32 -16.34 30.31 -53.11
C THR QA 32 -15.10 30.18 -53.98
N LYS QA 33 -13.99 30.70 -53.43
CA LYS QA 33 -12.68 30.61 -54.03
C LYS QA 33 -11.78 29.72 -53.18
N ARG QA 34 -10.81 29.07 -53.82
CA ARG QA 34 -9.88 28.19 -53.14
C ARG QA 34 -8.71 29.00 -52.56
N SER QA 35 -8.23 28.60 -51.39
CA SER QA 35 -7.20 29.36 -50.65
C SER QA 35 -5.82 29.32 -51.31
N ARG QA 36 -5.56 28.30 -52.13
CA ARG QA 36 -4.29 28.18 -52.85
C ARG QA 36 -4.26 29.02 -54.14
N LEU QA 37 -5.46 29.35 -54.65
CA LEU QA 37 -5.63 30.15 -55.87
C LEU QA 37 -4.99 29.51 -57.11
N ARG QA 38 -5.58 28.41 -57.58
CA ARG QA 38 -5.12 27.76 -58.82
C ARG QA 38 -5.63 28.53 -60.06
N GLU QA 39 -6.90 28.92 -60.06
CA GLU QA 39 -7.46 29.80 -61.07
C GLU QA 39 -8.17 30.96 -60.37
N LYS QA 40 -7.62 32.17 -60.47
CA LYS QA 40 -8.14 33.31 -59.72
C LYS QA 40 -9.48 33.76 -60.33
N LEU QA 41 -10.28 34.49 -59.55
CA LEU QA 41 -11.70 34.57 -59.85
C LEU QA 41 -12.10 35.72 -60.76
N THR QA 42 -12.44 35.36 -61.99
CA THR QA 42 -13.21 36.19 -62.90
C THR QA 42 -14.05 35.24 -63.76
N LEU QA 43 -15.33 35.55 -63.94
CA LEU QA 43 -16.22 34.61 -64.62
C LEU QA 43 -16.90 35.21 -65.85
N LEU QA 44 -17.44 34.34 -66.69
CA LEU QA 44 -18.39 34.77 -67.70
C LEU QA 44 -19.75 34.15 -67.33
N HIS QA 45 -20.66 35.02 -66.89
CA HIS QA 45 -21.85 34.63 -66.14
C HIS QA 45 -23.09 35.32 -66.70
N TYR QA 46 -24.22 35.09 -66.02
CA TYR QA 46 -25.51 35.60 -66.44
C TYR QA 46 -25.93 36.81 -65.61
N ASP QA 47 -26.17 37.93 -66.28
CA ASP QA 47 -26.74 39.09 -65.63
C ASP QA 47 -28.20 39.29 -66.05
N PRO QA 48 -29.10 39.35 -65.05
CA PRO QA 48 -30.57 39.40 -65.14
C PRO QA 48 -31.19 40.65 -65.79
N VAL QA 49 -30.66 41.84 -65.51
CA VAL QA 49 -31.32 43.08 -65.92
C VAL QA 49 -31.30 43.30 -67.44
N VAL QA 50 -30.12 43.23 -68.05
CA VAL QA 50 -29.99 43.41 -69.50
C VAL QA 50 -30.00 42.06 -70.25
N LYS QA 51 -30.22 40.97 -69.50
CA LYS QA 51 -30.31 39.62 -70.04
C LYS QA 51 -29.07 39.22 -70.84
N LYS QA 52 -27.89 39.31 -70.21
CA LYS QA 52 -26.67 39.15 -70.99
C LYS QA 52 -25.58 38.28 -70.34
N LYS QA 53 -24.63 37.82 -71.16
CA LYS QA 53 -23.41 37.15 -70.69
C LYS QA 53 -22.27 38.14 -70.50
N VAL QA 54 -21.79 38.27 -69.27
CA VAL QA 54 -20.82 39.32 -68.94
C VAL QA 54 -19.62 38.76 -68.19
N LEU QA 55 -18.60 39.58 -67.99
CA LEU QA 55 -17.52 39.21 -67.09
C LEU QA 55 -17.83 39.73 -65.68
N PHE QA 56 -18.07 38.77 -64.78
CA PHE QA 56 -18.24 39.06 -63.37
C PHE QA 56 -16.84 39.14 -62.76
N VAL QA 57 -16.57 40.21 -62.03
CA VAL QA 57 -15.23 40.43 -61.46
C VAL QA 57 -15.24 40.06 -59.97
N GLU QA 58 -14.12 39.55 -59.46
CA GLU QA 58 -14.02 39.16 -58.06
C GLU QA 58 -14.00 40.37 -57.10
N GLN QA 59 -14.94 40.41 -56.15
CA GLN QA 59 -15.03 41.53 -55.19
C GLN QA 59 -15.39 41.08 -53.76
N LYS QA 60 -15.57 42.06 -52.87
CA LYS QA 60 -15.89 41.79 -51.48
C LYS QA 60 -17.18 42.48 -51.04
N LYS RA 50 -32.49 14.70 29.32
CA LYS RA 50 -32.43 13.24 29.46
C LYS RA 50 -33.77 12.64 29.14
N ALA RA 51 -34.74 12.93 30.00
CA ALA RA 51 -36.15 12.66 29.70
C ALA RA 51 -36.81 13.98 29.42
N ARG RA 52 -37.60 14.08 28.36
CA ARG RA 52 -38.06 15.37 27.89
C ARG RA 52 -39.59 15.46 27.85
N GLY RA 53 -40.09 16.67 27.69
CA GLY RA 53 -41.51 16.94 27.80
C GLY RA 53 -41.85 17.79 29.02
N ASN RA 54 -40.88 17.94 29.91
CA ASN RA 54 -41.08 18.71 31.10
C ASN RA 54 -40.74 20.16 30.88
N GLU RA 55 -40.52 20.54 29.62
CA GLU RA 55 -39.82 21.79 29.26
C GLU RA 55 -40.26 23.08 29.91
N TYR RA 56 -41.52 23.16 30.31
CA TYR RA 56 -42.07 24.40 30.79
C TYR RA 56 -41.92 24.49 32.31
N GLN RA 57 -41.00 25.33 32.74
CA GLN RA 57 -40.84 25.58 34.16
C GLN RA 57 -41.54 26.86 34.46
N PRO RA 58 -42.70 26.77 35.08
CA PRO RA 58 -43.60 27.92 35.18
C PRO RA 58 -43.01 29.01 36.05
N SER RA 59 -43.08 30.24 35.56
CA SER RA 59 -42.66 31.41 36.31
C SER RA 59 -43.64 32.53 35.99
N ASN RA 60 -44.16 33.22 37.00
CA ASN RA 60 -45.15 34.23 36.68
C ASN RA 60 -44.48 35.47 36.17
N ILE RA 61 -43.35 35.82 36.76
CA ILE RA 61 -42.61 36.96 36.29
C ILE RA 61 -42.20 36.79 34.85
N LYS RA 62 -41.83 35.56 34.50
CA LYS RA 62 -41.45 35.25 33.12
C LYS RA 62 -42.66 35.23 32.17
N ARG RA 63 -43.76 34.64 32.62
CA ARG RA 63 -44.98 34.59 31.85
C ARG RA 63 -45.42 35.99 31.48
N LYS RA 64 -45.52 36.87 32.48
CA LYS RA 64 -45.98 38.23 32.25
C LYS RA 64 -44.91 39.14 31.63
N HIS RA 65 -43.64 38.80 31.76
CA HIS RA 65 -42.64 39.63 31.13
C HIS RA 65 -42.53 39.33 29.67
N LYS RA 66 -42.68 38.06 29.29
CA LYS RA 66 -42.64 37.75 27.88
C LYS RA 66 -43.95 38.03 27.17
N HIS RA 67 -45.06 37.53 27.71
CA HIS RA 67 -46.36 37.64 27.01
C HIS RA 67 -47.32 38.68 27.57
N GLY RA 68 -46.85 39.44 28.56
CA GLY RA 68 -47.64 40.50 29.15
C GLY RA 68 -48.13 41.61 28.25
N TRP RA 69 -49.35 42.04 28.52
CA TRP RA 69 -50.05 43.09 27.79
C TRP RA 69 -49.11 44.26 27.52
N VAL RA 70 -48.40 44.67 28.57
CA VAL RA 70 -47.43 45.74 28.49
C VAL RA 70 -46.48 45.53 27.33
N ARG RA 71 -45.87 44.36 27.34
CA ARG RA 71 -44.82 44.07 26.40
C ARG RA 71 -45.34 44.05 24.98
N ARG RA 72 -46.56 43.54 24.79
CA ARG RA 72 -47.15 43.61 23.47
C ARG RA 72 -47.26 45.07 23.04
N LEU RA 73 -47.78 45.92 23.92
CA LEU RA 73 -47.97 47.33 23.54
C LEU RA 73 -46.71 48.08 23.25
N ARG RA 74 -45.61 47.58 23.78
CA ARG RA 74 -44.36 48.29 23.60
C ARG RA 74 -43.81 48.16 22.17
N THR RA 75 -44.42 47.30 21.36
CA THR RA 75 -43.93 47.06 20.00
C THR RA 75 -45.05 47.08 18.94
N PRO RA 76 -44.76 47.66 17.76
CA PRO RA 76 -45.80 47.77 16.72
C PRO RA 76 -46.40 46.42 16.42
N THR RA 77 -45.50 45.47 16.28
CA THR RA 77 -45.81 44.10 15.93
C THR RA 77 -46.77 43.48 16.92
N GLY RA 78 -46.46 43.67 18.21
CA GLY RA 78 -47.28 43.12 19.27
C GLY RA 78 -48.69 43.69 19.21
N VAL RA 79 -48.78 44.98 18.86
CA VAL RA 79 -50.07 45.60 18.68
C VAL RA 79 -50.79 44.87 17.57
N GLN RA 80 -50.10 44.63 16.46
CA GLN RA 80 -50.72 43.88 15.35
C GLN RA 80 -51.29 42.58 15.87
N VAL RA 81 -50.56 41.97 16.80
CA VAL RA 81 -51.04 40.73 17.39
C VAL RA 81 -52.34 40.96 18.11
N ILE RA 82 -52.32 41.91 19.04
CA ILE RA 82 -53.51 42.26 19.79
C ILE RA 82 -54.69 42.45 18.84
N LEU RA 83 -54.47 43.18 17.77
CA LEU RA 83 -55.50 43.44 16.82
C LEU RA 83 -56.01 42.17 16.22
N ARG RA 84 -55.10 41.38 15.66
CA ARG RA 84 -55.46 40.14 14.99
C ARG RA 84 -56.33 39.27 15.87
N ARG RA 85 -56.05 39.32 17.17
CA ARG RA 85 -56.79 38.54 18.17
C ARG RA 85 -58.15 39.15 18.47
N MET RA 86 -58.23 40.47 18.43
CA MET RA 86 -59.50 41.14 18.62
C MET RA 86 -60.42 40.84 17.48
N HIS RA 87 -59.86 40.83 16.29
CA HIS RA 87 -60.62 40.59 15.09
C HIS RA 87 -61.14 39.17 14.99
N LYS RA 88 -60.48 38.25 15.69
CA LYS RA 88 -60.99 36.88 15.81
C LYS RA 88 -61.83 36.68 17.09
N GLY RA 89 -61.91 37.74 17.88
CA GLY RA 89 -62.76 37.74 19.07
C GLY RA 89 -62.32 36.77 20.14
N ARG RA 90 -61.02 36.58 20.32
CA ARG RA 90 -60.50 35.78 21.43
C ARG RA 90 -61.00 36.32 22.75
N LYS RA 91 -61.31 35.41 23.67
CA LYS RA 91 -61.65 35.81 25.04
C LYS RA 91 -60.42 36.47 25.68
N SER RA 92 -59.27 35.81 25.53
CA SER RA 92 -57.97 36.29 26.04
C SER RA 92 -57.18 37.02 24.97
N LEU RA 93 -57.02 38.32 25.16
CA LEU RA 93 -56.22 39.08 24.25
C LEU RA 93 -54.78 38.70 24.41
N SER RA 94 -54.38 38.63 25.66
CA SER RA 94 -53.04 38.30 25.99
C SER RA 94 -53.07 37.80 27.38
N HIS RA 95 -51.97 37.22 27.82
CA HIS RA 95 -51.68 37.23 29.23
C HIS RA 95 -51.77 38.71 29.65
N VAL SA 94 -51.19 28.61 -26.31
CA VAL SA 94 -52.51 29.22 -26.49
C VAL SA 94 -53.07 29.68 -25.16
N THR SA 95 -53.77 30.79 -25.17
CA THR SA 95 -54.47 31.25 -23.99
C THR SA 95 -55.95 31.22 -24.30
N TYR SA 96 -56.65 30.31 -23.67
CA TYR SA 96 -58.02 30.04 -24.07
C TYR SA 96 -58.95 31.05 -23.44
N PHE SA 97 -58.52 31.62 -22.31
CA PHE SA 97 -59.23 32.75 -21.73
C PHE SA 97 -58.29 33.78 -21.23
N SER SA 98 -58.54 34.99 -21.67
CA SER SA 98 -57.65 36.08 -21.34
C SER SA 98 -57.81 36.39 -19.88
N SER SA 99 -57.00 37.30 -19.38
CA SER SA 99 -57.17 37.67 -18.01
C SER SA 99 -58.27 38.70 -17.95
N ARG SA 100 -58.00 39.82 -18.60
CA ARG SA 100 -58.84 41.01 -18.49
C ARG SA 100 -60.10 41.00 -19.36
N LYS SA 101 -60.01 40.45 -20.56
CA LYS SA 101 -61.20 40.40 -21.40
C LYS SA 101 -62.06 39.13 -21.31
N GLY SA 102 -61.50 38.04 -20.80
CA GLY SA 102 -62.20 36.77 -20.84
C GLY SA 102 -62.18 36.08 -22.20
N LYS SA 103 -61.65 36.78 -23.20
CA LYS SA 103 -61.59 36.28 -24.59
C LYS SA 103 -60.52 35.21 -24.81
N ARG SA 104 -60.42 34.75 -26.07
CA ARG SA 104 -59.40 33.78 -26.50
C ARG SA 104 -58.25 34.47 -27.23
N LYS SA 105 -57.08 34.51 -26.62
CA LYS SA 105 -55.95 35.20 -27.22
C LYS SA 105 -55.42 34.49 -28.47
N THR SA 106 -54.66 35.20 -29.30
CA THR SA 106 -53.93 34.63 -30.46
C THR SA 106 -52.40 34.62 -30.30
N VAL SA 107 -51.77 33.61 -30.88
CA VAL SA 107 -50.30 33.57 -30.94
C VAL SA 107 -49.84 34.53 -32.02
N LYS SA 108 -48.86 35.35 -31.71
CA LYS SA 108 -48.33 36.23 -32.73
C LYS SA 108 -47.28 35.54 -33.62
N ALA SA 109 -46.52 34.63 -33.06
CA ALA SA 109 -45.43 34.04 -33.83
C ALA SA 109 -45.94 33.05 -34.88
N VAL SA 110 -47.23 32.77 -34.87
CA VAL SA 110 -47.85 32.10 -36.00
C VAL SA 110 -47.91 33.08 -37.13
N ILE SA 111 -48.50 34.22 -36.81
CA ILE SA 111 -48.84 35.26 -37.78
C ILE SA 111 -47.63 35.84 -38.48
N TYR SA 112 -46.56 36.04 -37.74
CA TYR SA 112 -45.43 36.66 -38.37
C TYR SA 112 -44.91 35.83 -39.53
N ARG SA 113 -44.95 34.50 -39.41
CA ARG SA 113 -44.50 33.63 -40.51
C ARG SA 113 -45.52 32.89 -41.42
N PHE SA 114 -46.83 33.05 -41.22
CA PHE SA 114 -47.76 32.38 -42.14
C PHE SA 114 -48.69 33.33 -42.83
N LEU SA 115 -49.56 32.79 -43.66
CA LEU SA 115 -50.66 33.57 -44.21
C LEU SA 115 -51.86 32.69 -44.41
N ARG SA 116 -53.04 33.15 -43.98
CA ARG SA 116 -54.24 32.36 -44.20
C ARG SA 116 -55.04 32.87 -45.36
N LEU SA 117 -55.37 32.00 -46.29
CA LEU SA 117 -56.29 32.37 -47.34
C LEU SA 117 -57.68 32.20 -46.77
N HIS SA 118 -58.69 32.55 -47.54
CA HIS SA 118 -60.02 32.41 -47.01
C HIS SA 118 -60.54 31.01 -47.21
N SER SA 119 -59.87 30.27 -48.09
CA SER SA 119 -60.25 28.89 -48.34
C SER SA 119 -59.90 28.02 -47.15
N GLY SA 120 -58.95 28.53 -46.36
CA GLY SA 120 -58.45 27.79 -45.23
C GLY SA 120 -57.02 27.31 -45.47
N LEU SA 121 -56.56 27.42 -46.71
CA LEU SA 121 -55.20 27.00 -47.02
C LEU SA 121 -54.23 27.92 -46.31
N TRP SA 122 -53.24 27.32 -45.67
CA TRP SA 122 -52.25 28.10 -44.97
C TRP SA 122 -51.01 28.13 -45.80
N LEU SA 123 -50.38 29.29 -45.86
CA LEU SA 123 -49.25 29.47 -46.73
C LEU SA 123 -48.01 29.84 -45.94
N ARG SA 124 -46.87 29.33 -46.37
CA ARG SA 124 -45.61 29.51 -45.64
C ARG SA 124 -44.39 29.60 -46.52
N ARG SA 125 -43.32 30.11 -45.94
CA ARG SA 125 -42.01 30.02 -46.54
C ARG SA 125 -41.47 28.59 -46.40
N LYS SA 126 -40.46 28.24 -47.18
CA LYS SA 126 -39.75 26.97 -47.01
C LYS SA 126 -38.42 27.19 -46.26
N ALA SA 127 -38.21 26.46 -45.16
CA ALA SA 127 -37.15 26.77 -44.19
C ALA SA 127 -35.72 26.71 -44.68
N GLY SA 128 -34.95 27.75 -44.36
CA GLY SA 128 -33.54 27.77 -44.67
C GLY SA 128 -33.19 28.41 -45.99
N TYR SA 129 -34.10 29.22 -46.51
CA TYR SA 129 -33.96 29.73 -47.87
C TYR SA 129 -32.98 30.87 -47.96
N LYS SA 130 -32.72 31.49 -46.81
CA LYS SA 130 -31.72 32.54 -46.73
C LYS SA 130 -30.40 31.96 -46.29
N LYS SA 131 -30.34 30.62 -46.21
CA LYS SA 131 -29.26 29.94 -45.49
C LYS SA 131 -28.24 29.15 -46.33
N LYS SA 132 -26.99 29.61 -46.28
CA LYS SA 132 -25.87 28.96 -46.97
C LYS SA 132 -26.13 28.75 -48.45
N LEU SA 133 -26.27 29.84 -49.20
CA LEU SA 133 -26.72 29.73 -50.58
C LEU SA 133 -25.67 29.12 -51.51
N TRP SA 134 -24.45 29.62 -51.43
CA TRP SA 134 -23.38 29.17 -52.31
C TRP SA 134 -23.18 27.66 -52.25
N LYS SA 135 -23.46 27.07 -51.09
CA LYS SA 135 -23.23 25.66 -50.90
C LYS SA 135 -24.29 24.84 -51.61
N LYS SA 136 -25.30 25.50 -52.16
CA LYS SA 136 -26.46 24.79 -52.66
C LYS SA 136 -26.58 24.81 -54.19
N THR SA 137 -27.20 23.77 -54.74
CA THR SA 137 -27.46 23.68 -56.19
C THR SA 137 -28.58 24.60 -56.57
N ALA SA 138 -28.49 25.15 -57.77
CA ALA SA 138 -29.51 26.02 -58.30
C ALA SA 138 -30.90 25.42 -58.14
N ALA SA 139 -31.01 24.11 -58.37
CA ALA SA 139 -32.29 23.44 -58.25
C ALA SA 139 -32.89 23.65 -56.86
N ARG SA 140 -32.11 23.30 -55.83
CA ARG SA 140 -32.54 23.50 -54.46
C ARG SA 140 -32.96 24.93 -54.25
N LYS SA 141 -32.12 25.84 -54.71
CA LYS SA 141 -32.39 27.25 -54.53
C LYS SA 141 -33.75 27.63 -55.05
N ARG SA 142 -34.09 27.14 -56.23
CA ARG SA 142 -35.47 27.29 -56.70
C ARG SA 142 -36.45 26.73 -55.67
N ARG SA 143 -36.26 25.46 -55.31
CA ARG SA 143 -37.23 24.78 -54.46
C ARG SA 143 -37.47 25.53 -53.16
N LEU SA 144 -36.45 26.24 -52.71
CA LEU SA 144 -36.55 27.00 -51.46
C LEU SA 144 -37.23 28.36 -51.65
N ARG SA 145 -36.90 29.07 -52.71
CA ARG SA 145 -37.43 30.42 -52.89
C ARG SA 145 -38.95 30.42 -53.04
N GLU SA 146 -39.52 29.23 -53.10
CA GLU SA 146 -40.96 29.01 -53.24
C GLU SA 146 -41.81 29.42 -52.05
N PHE SA 147 -43.11 29.61 -52.31
CA PHE SA 147 -44.10 29.62 -51.24
C PHE SA 147 -44.88 28.33 -51.28
N VAL SA 148 -45.17 27.73 -50.12
CA VAL SA 148 -45.81 26.42 -50.08
C VAL SA 148 -47.00 26.30 -49.12
N PHE SA 149 -47.69 25.19 -49.28
CA PHE SA 149 -48.96 24.92 -48.62
C PHE SA 149 -48.84 23.95 -47.47
N CYS SA 150 -49.68 24.11 -46.45
CA CYS SA 150 -49.59 23.26 -45.28
C CYS SA 150 -50.71 22.25 -45.18
N ASN SA 151 -50.33 21.01 -44.90
CA ASN SA 151 -51.28 19.91 -44.84
C ASN SA 151 -52.30 20.09 -43.73
N LYS SA 152 -53.40 19.35 -43.83
CA LYS SA 152 -54.55 19.57 -42.97
C LYS SA 152 -54.20 19.65 -41.51
N THR SA 153 -53.34 18.75 -41.07
CA THR SA 153 -52.95 18.73 -39.67
C THR SA 153 -52.42 20.08 -39.27
N GLN SA 154 -51.41 20.53 -40.01
CA GLN SA 154 -50.77 21.79 -39.73
C GLN SA 154 -51.76 22.93 -39.73
N SER SA 155 -52.63 22.93 -40.73
CA SER SA 155 -53.63 23.99 -40.84
C SER SA 155 -54.52 24.06 -39.59
N LYS SA 156 -55.21 22.97 -39.26
CA LYS SA 156 -56.06 22.91 -38.08
C LYS SA 156 -55.35 23.40 -36.84
N LEU SA 157 -54.17 22.84 -36.64
CA LEU SA 157 -53.31 23.29 -35.57
C LEU SA 157 -53.20 24.79 -35.56
N LEU SA 158 -52.89 25.33 -36.72
CA LEU SA 158 -52.65 26.74 -36.83
C LEU SA 158 -53.88 27.57 -36.54
N ASP SA 159 -55.03 27.04 -36.93
CA ASP SA 159 -56.28 27.72 -36.68
C ASP SA 159 -56.52 27.85 -35.22
N LYS SA 160 -56.21 26.80 -34.49
CA LYS SA 160 -56.42 26.84 -33.05
C LYS SA 160 -55.64 27.97 -32.37
N MET SA 161 -54.46 28.28 -32.91
CA MET SA 161 -53.62 29.33 -32.35
C MET SA 161 -53.97 30.67 -32.94
N THR SA 162 -55.05 30.70 -33.70
CA THR SA 162 -55.44 31.89 -34.39
C THR SA 162 -56.91 32.23 -34.21
N THR SA 163 -57.17 33.47 -33.82
CA THR SA 163 -58.53 33.89 -33.53
C THR SA 163 -59.34 34.12 -34.77
N SER SA 164 -60.52 34.68 -34.56
CA SER SA 164 -61.42 34.94 -35.64
C SER SA 164 -60.80 35.94 -36.58
N PHE SA 165 -60.20 36.96 -36.01
CA PHE SA 165 -59.85 38.12 -36.78
C PHE SA 165 -58.91 37.82 -37.95
N TRP SA 166 -58.13 36.75 -37.90
CA TRP SA 166 -57.27 36.45 -39.04
C TRP SA 166 -57.95 35.50 -40.01
N LYS SA 167 -59.15 35.07 -39.62
CA LYS SA 167 -59.94 34.21 -40.47
C LYS SA 167 -61.01 34.99 -41.25
N ARG SA 168 -61.09 36.29 -41.03
CA ARG SA 168 -62.08 37.10 -41.71
C ARG SA 168 -61.70 37.31 -43.16
N ARG SA 169 -62.69 37.68 -43.96
CA ARG SA 169 -62.48 37.98 -45.39
C ARG SA 169 -61.80 39.35 -45.57
N ASN SA 170 -60.91 39.44 -46.55
CA ASN SA 170 -60.17 40.67 -46.74
C ASN SA 170 -60.04 41.09 -48.18
N TRP SA 171 -60.39 42.34 -48.45
CA TRP SA 171 -60.15 42.89 -49.78
C TRP SA 171 -59.12 43.98 -49.67
N TYR SA 172 -57.91 43.67 -50.08
CA TYR SA 172 -56.88 44.69 -50.08
C TYR SA 172 -56.80 45.22 -51.46
N ALA SA 173 -56.54 46.51 -51.57
CA ALA SA 173 -56.20 47.07 -52.86
C ALA SA 173 -54.89 46.41 -53.26
N ASP SA 174 -54.74 46.12 -54.55
CA ASP SA 174 -53.46 45.66 -55.12
C ASP SA 174 -53.05 44.26 -54.72
N ASP SA 175 -53.87 43.58 -53.90
CA ASP SA 175 -53.40 42.36 -53.23
C ASP SA 175 -52.91 41.29 -54.19
N PRO SA 176 -51.62 40.94 -54.06
CA PRO SA 176 -51.02 39.89 -54.88
C PRO SA 176 -51.77 38.56 -54.73
N TYR SA 177 -52.28 38.34 -53.53
CA TYR SA 177 -52.86 37.05 -53.18
C TYR SA 177 -54.37 37.02 -53.28
N GLN SA 178 -54.99 38.12 -53.67
CA GLN SA 178 -56.45 38.13 -53.72
C GLN SA 178 -56.91 37.22 -54.82
N LYS SA 179 -56.09 37.17 -55.86
CA LYS SA 179 -56.32 36.25 -56.95
C LYS SA 179 -56.59 34.84 -56.42
N TYR SA 180 -55.96 34.50 -55.30
CA TYR SA 180 -55.93 33.12 -54.83
C TYR SA 180 -56.96 32.63 -53.84
N GLN SA 181 -57.74 33.52 -53.26
CA GLN SA 181 -58.35 33.12 -51.99
C GLN SA 181 -59.42 32.05 -52.05
N ASP SA 182 -60.18 32.01 -53.13
CA ASP SA 182 -61.23 31.01 -53.33
C ASP SA 182 -60.77 29.64 -53.87
N ARG SA 183 -61.62 28.64 -53.67
CA ARG SA 183 -61.45 27.33 -54.27
C ARG SA 183 -62.28 27.17 -55.55
N THR SA 184 -61.66 26.59 -56.57
CA THR SA 184 -62.32 26.36 -57.87
C THR SA 184 -62.33 24.87 -58.25
N ASN SA 185 -63.46 24.43 -58.83
CA ASN SA 185 -63.53 23.12 -59.43
C ASN SA 185 -63.23 22.00 -58.46
N LEU SA 186 -63.45 22.21 -57.17
CA LEU SA 186 -63.06 21.19 -56.23
C LEU SA 186 -64.22 20.24 -56.01
N LYS SA 187 -64.06 19.00 -56.50
CA LYS SA 187 -65.08 17.97 -56.41
C LYS SA 187 -64.60 16.84 -55.53
N VAL SA 188 -65.21 16.73 -54.36
CA VAL SA 188 -64.84 15.72 -53.40
C VAL SA 188 -66.10 14.97 -52.97
N PHE TA 63 -14.08 -56.82 -8.59
CA PHE TA 63 -15.02 -56.61 -9.70
C PHE TA 63 -14.95 -55.20 -10.27
N LYS TA 64 -15.64 -54.99 -11.39
CA LYS TA 64 -15.87 -53.65 -11.91
C LYS TA 64 -17.28 -53.57 -12.44
N THR TA 65 -17.81 -52.36 -12.52
CA THR TA 65 -19.07 -52.15 -13.19
C THR TA 65 -18.80 -51.36 -14.47
N LYS TA 66 -19.34 -51.83 -15.59
CA LYS TA 66 -19.07 -51.24 -16.89
C LYS TA 66 -20.29 -51.15 -17.79
N GLY TA 67 -20.26 -50.23 -18.74
CA GLY TA 67 -21.33 -50.13 -19.71
C GLY TA 67 -21.05 -51.10 -20.82
N VAL TA 68 -19.77 -51.36 -21.00
CA VAL TA 68 -19.33 -52.20 -22.09
C VAL TA 68 -18.50 -53.35 -21.59
N LEU TA 69 -18.96 -54.56 -21.89
CA LEU TA 69 -18.20 -55.76 -21.60
C LEU TA 69 -17.29 -56.11 -22.75
N LYS TA 70 -16.14 -56.68 -22.45
CA LYS TA 70 -15.43 -57.40 -23.48
C LYS TA 70 -14.66 -58.54 -22.87
N LYS TA 71 -14.63 -59.66 -23.58
CA LYS TA 71 -13.79 -60.74 -23.16
C LYS TA 71 -12.36 -60.26 -23.26
N ARG TA 72 -11.62 -60.33 -22.16
CA ARG TA 72 -10.26 -59.83 -22.13
C ARG TA 72 -9.28 -60.94 -22.41
N CYS TA 73 -9.80 -62.16 -22.58
CA CYS TA 73 -8.96 -63.31 -22.87
C CYS TA 73 -9.77 -64.47 -23.44
N ARG TA 74 -9.14 -65.63 -23.55
CA ARG TA 74 -9.83 -66.81 -24.04
C ARG TA 74 -10.76 -67.43 -23.01
N ASP TA 75 -10.33 -67.43 -21.76
CA ASP TA 75 -11.06 -68.09 -20.69
C ASP TA 75 -12.18 -67.22 -20.14
N CYS TA 76 -12.30 -66.02 -20.69
CA CYS TA 76 -13.40 -65.13 -20.33
C CYS TA 76 -14.72 -65.65 -20.90
N TYR TA 77 -15.79 -65.63 -20.11
CA TYR TA 77 -17.11 -65.94 -20.67
C TYR TA 77 -18.26 -65.12 -20.13
N LEU TA 78 -19.38 -65.25 -20.83
CA LEU TA 78 -20.47 -64.28 -20.78
C LEU TA 78 -21.79 -64.87 -20.27
N VAL TA 79 -22.24 -64.39 -19.12
CA VAL TA 79 -23.29 -65.07 -18.37
C VAL TA 79 -24.34 -64.11 -17.77
N LYS TA 80 -25.62 -64.42 -17.97
CA LYS TA 80 -26.70 -63.50 -17.54
C LYS TA 80 -27.28 -63.94 -16.22
N ARG TA 81 -27.00 -63.17 -15.18
CA ARG TA 81 -27.45 -63.53 -13.84
C ARG TA 81 -28.11 -62.34 -13.19
N ARG TA 82 -29.22 -62.58 -12.51
CA ARG TA 82 -29.93 -61.53 -11.80
C ARG TA 82 -30.23 -60.34 -12.71
N GLY TA 83 -30.71 -60.63 -13.91
CA GLY TA 83 -31.07 -59.61 -14.87
C GLY TA 83 -29.91 -58.70 -15.22
N ARG TA 84 -28.70 -59.24 -15.22
CA ARG TA 84 -27.56 -58.48 -15.67
C ARG TA 84 -26.64 -59.34 -16.50
N TRP TA 85 -25.67 -58.69 -17.14
CA TRP TA 85 -24.61 -59.43 -17.80
C TRP TA 85 -23.35 -59.42 -16.99
N PHE TA 86 -22.71 -60.58 -16.94
CA PHE TA 86 -21.47 -60.78 -16.23
C PHE TA 86 -20.41 -61.31 -17.14
N ILE TA 87 -19.19 -60.90 -16.87
CA ILE TA 87 -18.05 -61.54 -17.45
C ILE TA 87 -17.30 -62.26 -16.35
N TYR TA 88 -17.26 -63.58 -16.43
CA TYR TA 88 -16.54 -64.36 -15.42
C TYR TA 88 -15.31 -65.03 -16.01
N CYS TA 89 -14.22 -65.00 -15.25
CA CYS TA 89 -12.95 -65.51 -15.72
C CYS TA 89 -12.21 -66.30 -14.64
N LYS TA 90 -11.95 -67.57 -14.90
CA LYS TA 90 -11.28 -68.43 -13.93
C LYS TA 90 -9.78 -68.14 -13.89
N THR TA 91 -9.18 -68.07 -15.07
CA THR TA 91 -7.74 -67.83 -15.22
C THR TA 91 -7.30 -66.56 -14.49
N ASN TA 92 -7.96 -65.46 -14.79
CA ASN TA 92 -7.73 -64.23 -14.04
C ASN TA 92 -9.00 -63.78 -13.39
N PRO TA 93 -8.90 -63.39 -12.13
CA PRO TA 93 -10.02 -62.74 -11.46
C PRO TA 93 -10.15 -61.34 -11.99
N LYS TA 94 -9.01 -60.79 -12.40
CA LYS TA 94 -8.96 -59.41 -12.71
C LYS TA 94 -9.78 -59.10 -13.97
N HIS TA 95 -10.15 -60.11 -14.72
CA HIS TA 95 -10.94 -59.86 -15.93
C HIS TA 95 -12.44 -59.76 -15.59
N LYS TA 96 -12.81 -59.92 -14.31
CA LYS TA 96 -14.23 -59.87 -13.89
C LYS TA 96 -14.91 -58.53 -14.17
N GLN TA 97 -16.03 -58.54 -14.89
CA GLN TA 97 -16.75 -57.31 -15.26
C GLN TA 97 -18.24 -57.45 -15.03
N ARG TA 98 -18.89 -56.33 -14.75
CA ARG TA 98 -20.31 -56.37 -14.51
C ARG TA 98 -21.03 -55.25 -15.22
N GLN TA 99 -21.97 -55.64 -16.08
CA GLN TA 99 -22.76 -54.67 -16.80
C GLN TA 99 -23.62 -53.86 -15.85
N MET TA 100 -23.72 -52.56 -16.10
CA MET TA 100 -24.48 -51.68 -15.21
C MET TA 100 -25.87 -51.35 -15.75
N ALA WA 61 -31.59 43.80 22.50
CA ALA WA 61 -32.27 45.05 22.87
C ALA WA 61 -31.26 46.17 23.21
N THR WA 62 -31.38 46.73 24.42
CA THR WA 62 -30.43 47.77 24.90
C THR WA 62 -29.81 47.46 26.24
N SER WA 63 -28.59 47.94 26.39
CA SER WA 63 -27.87 47.80 27.64
C SER WA 63 -27.16 49.11 27.89
N VAL WA 64 -26.82 49.37 29.14
CA VAL WA 64 -26.03 50.57 29.42
C VAL WA 64 -24.62 50.16 29.82
N SER WA 65 -23.65 50.99 29.48
CA SER WA 65 -22.28 50.78 29.92
C SER WA 65 -22.11 51.14 31.41
N TRP WA 66 -21.30 50.36 32.13
CA TRP WA 66 -21.04 50.61 33.56
C TRP WA 66 -20.14 51.81 33.72
N LYS WA 67 -19.61 52.29 32.61
CA LYS WA 67 -18.46 53.16 32.59
C LYS WA 67 -18.85 54.59 32.96
N SER WA 68 -20.07 54.74 33.46
CA SER WA 68 -20.56 56.06 33.82
C SER WA 68 -20.30 56.45 35.26
N ARG WA 69 -19.34 57.34 35.46
CA ARG WA 69 -19.20 58.12 36.68
C ARG WA 69 -18.43 59.38 36.31
N THR WA 70 -18.84 60.53 36.82
CA THR WA 70 -18.11 61.75 36.47
C THR WA 70 -16.90 62.10 37.36
N LYS WA 71 -17.03 61.90 38.67
CA LYS WA 71 -15.99 62.29 39.62
C LYS WA 71 -14.78 61.38 39.60
N TYR WA 72 -13.58 61.97 39.59
CA TYR WA 72 -12.39 61.15 39.79
C TYR WA 72 -12.42 60.62 41.21
N THR WA 73 -12.11 59.35 41.36
CA THR WA 73 -11.96 58.77 42.68
C THR WA 73 -10.78 57.85 42.70
N VAL WA 74 -10.15 57.73 43.84
CA VAL WA 74 -9.16 56.73 44.03
C VAL WA 74 -9.81 55.38 44.37
N MET WA 75 -10.90 55.43 45.13
CA MET WA 75 -11.59 54.23 45.58
C MET WA 75 -12.02 53.31 44.46
N PRO WA 76 -11.71 52.01 44.58
CA PRO WA 76 -12.01 50.99 43.57
C PRO WA 76 -13.52 50.91 43.27
N VAL WA 77 -13.94 50.94 42.01
CA VAL WA 77 -15.36 50.94 41.64
C VAL WA 77 -15.83 49.69 40.88
N LYS WA 78 -16.97 49.15 41.31
CA LYS WA 78 -17.43 47.90 40.76
C LYS WA 78 -17.93 48.13 39.34
N MET WA 79 -17.77 47.09 38.53
CA MET WA 79 -18.04 47.18 37.10
C MET WA 79 -18.56 45.85 36.56
N ARG WA 80 -19.44 45.92 35.58
CA ARG WA 80 -19.97 44.70 34.95
C ARG WA 80 -19.19 44.35 33.71
N LYS WA 81 -18.56 43.19 33.72
CA LYS WA 81 -17.81 42.75 32.56
C LYS WA 81 -18.76 42.14 31.52
N SER WA 82 -18.48 42.37 30.24
CA SER WA 82 -19.28 41.79 29.15
C SER WA 82 -18.42 40.90 28.27
N GLY WA 83 -18.65 39.60 28.31
CA GLY WA 83 -17.89 38.78 27.41
C GLY WA 83 -18.38 39.06 26.02
N GLY WA 84 -17.52 39.71 25.26
CA GLY WA 84 -17.66 39.79 23.83
C GLY WA 84 -18.90 40.40 23.22
N ARG WA 85 -19.85 40.87 24.02
CA ARG WA 85 -21.11 41.35 23.44
C ARG WA 85 -21.06 42.85 23.20
N ASN WA 86 -21.71 43.32 22.14
CA ASN WA 86 -21.89 44.76 22.00
C ASN WA 86 -23.17 45.17 22.69
N HIS WA 87 -23.54 46.44 22.58
CA HIS WA 87 -24.72 46.96 23.28
C HIS WA 87 -26.04 46.32 22.82
N THR WA 88 -25.99 45.58 21.72
CA THR WA 88 -27.16 44.87 21.20
C THR WA 88 -27.40 43.54 21.87
N GLY WA 89 -26.32 42.88 22.25
CA GLY WA 89 -26.43 41.53 22.75
C GLY WA 89 -25.84 40.51 21.78
N GLN WA 90 -25.49 40.99 20.59
CA GLN WA 90 -24.72 40.20 19.63
C GLN WA 90 -23.33 39.95 20.18
N ILE WA 91 -22.62 38.96 19.64
CA ILE WA 91 -21.21 38.79 19.97
C ILE WA 91 -20.29 39.50 19.01
N GLN WA 92 -19.62 40.53 19.49
CA GLN WA 92 -18.64 41.18 18.65
C GLN WA 92 -17.41 40.32 18.65
N VAL WA 93 -16.84 40.10 19.82
CA VAL WA 93 -15.53 39.47 19.95
C VAL WA 93 -15.51 38.15 20.73
N HIS WA 94 -15.24 37.05 20.06
CA HIS WA 94 -15.30 35.76 20.71
C HIS WA 94 -14.26 35.64 21.79
N GLY WA 95 -14.54 34.73 22.73
CA GLY WA 95 -13.52 34.18 23.60
C GLY WA 95 -13.50 34.71 25.02
N ILE WA 96 -14.34 35.71 25.25
CA ILE WA 96 -14.30 36.42 26.50
C ILE WA 96 -15.44 36.01 27.38
N GLY WA 97 -15.16 35.73 28.63
CA GLY WA 97 -16.22 35.58 29.59
C GLY WA 97 -15.74 34.86 30.82
N GLY WA 98 -16.52 34.94 31.88
CA GLY WA 98 -16.26 34.20 33.09
C GLY WA 98 -14.95 34.51 33.80
N GLY WA 99 -14.57 35.78 33.83
CA GLY WA 99 -13.39 36.18 34.58
C GLY WA 99 -13.61 36.03 36.07
N HIS WA 100 -12.62 36.42 36.86
CA HIS WA 100 -12.85 36.61 38.27
C HIS WA 100 -13.41 38.01 38.46
N LYS WA 101 -14.28 38.18 39.44
CA LYS WA 101 -14.88 39.49 39.71
C LYS WA 101 -13.82 40.56 39.93
N GLN WA 102 -13.96 41.68 39.23
CA GLN WA 102 -12.94 42.73 39.29
C GLN WA 102 -13.49 44.11 39.55
N ARG WA 103 -12.88 44.81 40.51
CA ARG WA 103 -13.00 46.26 40.61
C ARG WA 103 -12.03 47.01 39.71
N TYR WA 104 -12.39 48.25 39.38
CA TYR WA 104 -11.59 49.08 38.51
C TYR WA 104 -11.06 50.32 39.21
N ARG WA 105 -9.76 50.57 39.10
CA ARG WA 105 -9.20 51.77 39.69
C ARG WA 105 -9.12 52.86 38.63
N MET WA 106 -9.46 54.09 39.02
CA MET WA 106 -9.42 55.21 38.08
C MET WA 106 -8.00 55.75 37.98
N ILE WA 107 -7.46 55.68 36.78
CA ILE WA 107 -6.07 55.94 36.55
C ILE WA 107 -5.94 57.31 35.89
N ASP WA 108 -5.13 58.19 36.46
CA ASP WA 108 -4.92 59.48 35.83
C ASP WA 108 -3.73 59.32 34.89
N PHE WA 109 -4.00 59.43 33.59
CA PHE WA 109 -2.93 59.33 32.61
C PHE WA 109 -2.39 60.69 32.26
N LEU WA 110 -3.06 61.74 32.71
CA LEU WA 110 -2.51 63.07 32.52
C LEU WA 110 -1.71 63.36 33.75
N ARG WA 111 -0.40 63.31 33.61
CA ARG WA 111 0.46 63.28 34.77
C ARG WA 111 0.65 64.67 35.29
N PHE WA 112 0.83 65.63 34.39
CA PHE WA 112 0.88 67.00 34.82
C PHE WA 112 -0.55 67.48 34.76
N ARG WA 113 -1.15 67.64 35.93
CA ARG WA 113 -2.53 68.07 36.05
C ARG WA 113 -2.68 69.00 37.25
N PRO WA 114 -2.43 70.32 37.06
CA PRO WA 114 -2.47 71.27 38.17
C PRO WA 114 -3.74 71.19 38.99
N GLU WA 115 -3.56 71.04 40.30
CA GLU WA 115 -4.65 70.77 41.20
C GLU WA 115 -5.69 71.88 41.21
N HIS WA 116 -5.26 73.08 41.57
CA HIS WA 116 -6.12 74.25 41.46
C HIS WA 116 -5.60 75.10 40.31
N GLU WA 117 -6.49 75.59 39.45
CA GLU WA 117 -6.08 76.39 38.30
C GLU WA 117 -5.45 77.71 38.73
N SER WA 118 -5.47 77.98 40.03
CA SER WA 118 -4.87 79.18 40.61
C SER WA 118 -3.32 79.15 40.60
N LYS WA 119 -2.71 78.09 41.16
CA LYS WA 119 -1.26 77.94 41.13
C LYS WA 119 -0.83 76.90 40.09
N PRO WA 120 -0.33 77.40 38.96
CA PRO WA 120 -0.02 76.67 37.72
C PRO WA 120 1.23 75.79 37.76
N GLY WA 121 2.18 76.15 38.60
CA GLY WA 121 3.56 75.66 38.47
C GLY WA 121 3.84 74.18 38.62
N PRO WA 122 5.11 73.79 38.39
CA PRO WA 122 5.60 72.41 38.47
C PRO WA 122 5.37 71.72 39.83
N PHE WA 123 4.80 70.52 39.76
CA PHE WA 123 4.48 69.68 40.91
C PHE WA 123 5.54 68.84 41.51
N GLU WA 124 5.31 68.55 42.78
CA GLU WA 124 5.92 67.38 43.36
C GLU WA 124 4.82 66.64 44.11
N GLU WA 125 4.94 65.31 44.12
CA GLU WA 125 3.97 64.44 44.79
C GLU WA 125 4.70 63.29 45.45
N LYS WA 126 4.00 62.56 46.31
CA LYS WA 126 4.61 61.46 47.05
C LYS WA 126 3.98 60.11 46.73
N VAL WA 127 4.81 59.08 46.70
CA VAL WA 127 4.35 57.72 46.54
C VAL WA 127 3.94 57.19 47.89
N ILE WA 128 2.65 56.91 48.03
CA ILE WA 128 2.13 56.28 49.22
C ILE WA 128 2.15 54.75 49.22
N ALA WA 129 1.77 54.14 48.10
CA ALA WA 129 1.72 52.68 48.04
C ALA WA 129 1.80 52.18 46.60
N VAL WA 130 2.19 50.91 46.42
CA VAL WA 130 2.22 50.28 45.10
C VAL WA 130 1.42 48.99 45.07
N ARG WA 131 0.36 48.96 44.27
CA ARG WA 131 -0.54 47.82 44.27
C ARG WA 131 -0.72 47.16 42.90
N TYR WA 132 -0.98 45.87 42.97
CA TYR WA 132 -1.42 45.06 41.84
C TYR WA 132 -2.72 45.62 41.30
N ASP WA 133 -2.85 45.67 39.98
CA ASP WA 133 -4.15 45.98 39.42
C ASP WA 133 -4.56 44.89 38.46
N PRO WA 134 -5.83 44.52 38.53
CA PRO WA 134 -6.47 43.53 37.67
C PRO WA 134 -6.68 44.02 36.23
N CYS WA 135 -6.87 45.31 36.06
CA CYS WA 135 -7.22 45.81 34.74
C CYS WA 135 -6.05 45.78 33.77
N ARG WA 136 -4.85 46.08 34.26
CA ARG WA 136 -3.70 46.20 33.37
C ARG WA 136 -2.52 45.33 33.79
N SER WA 137 -1.61 45.14 32.83
CA SER WA 137 -0.39 44.41 33.05
C SER WA 137 0.43 45.07 34.12
N ALA WA 138 0.42 46.40 34.06
CA ALA WA 138 1.24 47.28 34.90
C ALA WA 138 0.84 47.28 36.37
N ASP WA 139 1.80 47.62 37.22
CA ASP WA 139 1.53 47.84 38.64
C ASP WA 139 1.21 49.29 38.83
N ILE WA 140 0.33 49.58 39.78
CA ILE WA 140 -0.09 50.94 39.95
C ILE WA 140 0.36 51.52 41.24
N ALA WA 141 0.66 52.81 41.19
CA ALA WA 141 1.05 53.52 42.39
C ALA WA 141 -0.02 54.51 42.79
N LEU WA 142 -0.30 54.52 44.08
CA LEU WA 142 -1.18 55.51 44.66
C LEU WA 142 -0.35 56.69 45.16
N VAL WA 143 -0.53 57.82 44.47
CA VAL WA 143 0.30 58.98 44.70
C VAL WA 143 -0.53 60.14 45.14
N ALA WA 144 -0.09 60.85 46.17
CA ALA WA 144 -0.86 62.02 46.55
C ALA WA 144 -0.01 63.25 46.64
N GLY WA 145 -0.68 64.39 46.63
CA GLY WA 145 -0.02 65.66 46.85
C GLY WA 145 -1.08 66.70 47.06
N GLY WA 146 -0.71 67.74 47.81
CA GLY WA 146 -1.69 68.75 48.16
C GLY WA 146 -2.92 68.09 48.75
N ASN WA 147 -4.07 68.44 48.21
CA ASN WA 147 -5.31 67.85 48.68
C ASN WA 147 -5.84 66.68 47.84
N ARG WA 148 -5.11 66.27 46.79
CA ARG WA 148 -5.64 65.17 45.96
C ARG WA 148 -4.80 63.89 45.97
N LYS WA 149 -5.52 62.78 45.92
CA LYS WA 149 -4.94 61.48 45.66
C LYS WA 149 -5.26 61.06 44.25
N ARG WA 150 -4.33 60.35 43.61
CA ARG WA 150 -4.55 59.81 42.27
C ARG WA 150 -3.70 58.56 42.04
N TRP WA 151 -4.24 57.61 41.31
CA TRP WA 151 -3.44 56.48 40.86
C TRP WA 151 -2.75 56.84 39.57
N ILE WA 152 -1.45 56.61 39.49
CA ILE WA 152 -0.78 56.68 38.21
C ILE WA 152 -0.02 55.40 38.00
N ILE WA 153 0.38 55.17 36.76
CA ILE WA 153 1.10 53.96 36.44
C ILE WA 153 2.54 54.03 36.95
N ALA WA 154 2.96 52.94 37.60
CA ALA WA 154 4.24 52.91 38.32
C ALA WA 154 5.41 52.47 37.45
N THR WA 155 6.47 53.27 37.46
CA THR WA 155 7.74 52.88 36.85
C THR WA 155 8.38 51.78 37.66
N GLU WA 156 9.33 51.10 37.05
CA GLU WA 156 9.89 49.85 37.55
C GLU WA 156 10.28 49.85 39.04
N ASN WA 157 11.14 50.80 39.45
CA ASN WA 157 11.65 50.83 40.83
C ASN WA 157 10.96 51.82 41.79
N MET WA 158 9.92 52.49 41.35
CA MET WA 158 9.13 53.31 42.26
C MET WA 158 8.65 52.48 43.42
N LYS WA 159 8.97 52.91 44.63
CA LYS WA 159 8.54 52.20 45.82
C LYS WA 159 7.85 53.19 46.73
N ALA WA 160 7.17 52.68 47.75
CA ALA WA 160 6.45 53.53 48.69
C ALA WA 160 7.42 54.42 49.48
N GLY WA 161 6.89 55.53 50.01
CA GLY WA 161 7.67 56.46 50.79
C GLY WA 161 8.68 57.13 49.88
N ASP WA 162 8.16 57.74 48.82
CA ASP WA 162 9.01 58.18 47.73
C ASP WA 162 8.57 59.54 47.22
N THR WA 163 9.42 60.20 46.43
CA THR WA 163 9.07 61.48 45.85
C THR WA 163 9.13 61.44 44.33
N VAL WA 164 8.06 61.95 43.71
CA VAL WA 164 7.91 61.95 42.27
C VAL WA 164 7.61 63.35 41.75
N LEU WA 165 8.35 63.78 40.73
CA LEU WA 165 8.21 65.14 40.21
C LEU WA 165 7.40 65.21 38.93
N ASN WA 166 6.58 66.26 38.82
CA ASN WA 166 5.88 66.57 37.58
C ASN WA 166 6.23 67.98 37.18
N SER WA 167 6.54 68.20 35.92
CA SER WA 167 6.83 69.54 35.47
C SER WA 167 6.45 69.66 34.01
N ASP WA 168 5.90 70.81 33.61
CA ASP WA 168 5.66 71.06 32.18
C ASP WA 168 6.77 71.94 31.61
N HIS WA 169 7.69 72.35 32.47
CA HIS WA 169 8.64 73.39 32.13
C HIS WA 169 9.78 72.89 31.23
N ILE WA 170 9.98 73.60 30.12
CA ILE WA 170 11.06 73.29 29.19
C ILE WA 170 12.21 74.27 29.36
N GLY WA 171 13.31 73.79 29.93
CA GLY WA 171 14.52 74.59 30.07
C GLY WA 171 15.51 74.25 28.96
N ARG WA 172 16.42 75.16 28.65
CA ARG WA 172 17.38 74.92 27.57
C ARG WA 172 18.33 73.80 27.90
N MET WA 173 18.61 73.69 29.19
CA MET WA 173 19.72 72.89 29.68
C MET WA 173 19.28 71.46 29.92
N ALA WA 174 18.07 71.15 29.49
CA ALA WA 174 17.43 69.83 29.72
C ALA WA 174 17.31 69.49 31.22
N VAL WA 175 17.57 68.25 31.60
CA VAL WA 175 17.41 67.82 32.98
C VAL WA 175 17.86 66.37 33.21
N ALA WA 176 18.04 66.00 34.47
CA ALA WA 176 18.42 64.64 34.83
C ALA WA 176 17.21 63.87 35.35
N ALA WA 177 16.81 62.79 34.68
CA ALA WA 177 15.50 62.18 34.99
C ALA WA 177 15.66 61.08 36.02
N ARG WA 178 14.88 61.20 37.09
CA ARG WA 178 14.58 60.06 37.92
C ARG WA 178 13.59 59.23 37.14
N GLU WA 179 13.22 58.10 37.71
CA GLU WA 179 12.25 57.24 37.06
C GLU WA 179 10.89 57.93 36.98
N GLY WA 180 10.33 58.27 38.14
CA GLY WA 180 8.95 58.68 38.21
C GLY WA 180 8.71 60.03 37.60
N ASP WA 181 9.80 60.70 37.25
CA ASP WA 181 9.74 62.03 36.69
C ASP WA 181 8.87 62.07 35.44
N ALA WA 182 7.89 62.96 35.46
CA ALA WA 182 7.09 63.28 34.30
C ALA WA 182 7.58 64.60 33.73
N HIS WA 183 7.84 64.65 32.42
CA HIS WA 183 8.44 65.84 31.83
C HIS WA 183 7.99 66.17 30.42
N PRO WA 184 8.14 67.44 30.03
CA PRO WA 184 8.00 67.71 28.60
C PRO WA 184 9.18 67.08 27.88
N LEU WA 185 8.89 66.40 26.77
CA LEU WA 185 9.90 65.66 26.03
C LEU WA 185 11.08 66.53 25.66
N GLY WA 186 10.79 67.71 25.12
CA GLY WA 186 11.82 68.62 24.65
C GLY WA 186 12.78 69.08 25.73
N ALA WA 187 12.41 68.87 26.99
CA ALA WA 187 13.27 69.23 28.11
C ALA WA 187 14.08 68.02 28.62
N LEU WA 188 13.87 66.87 27.99
CA LEU WA 188 14.65 65.69 28.32
C LEU WA 188 15.89 65.53 27.43
N PRO WA 189 16.88 64.76 27.88
CA PRO WA 189 18.03 64.41 27.03
C PRO WA 189 17.64 63.43 25.95
N VAL WA 190 18.51 63.27 24.96
CA VAL WA 190 18.10 62.69 23.69
C VAL WA 190 18.20 61.15 23.63
N GLY WA 191 18.71 60.52 24.68
CA GLY WA 191 18.73 59.06 24.70
C GLY WA 191 17.81 58.36 25.69
N THR WA 192 16.97 59.12 26.38
CA THR WA 192 16.23 58.60 27.54
C THR WA 192 15.19 57.52 27.24
N LEU WA 193 14.80 56.80 28.29
CA LEU WA 193 13.77 55.76 28.23
C LEU WA 193 12.44 56.28 28.78
N ILE WA 194 11.42 56.30 27.92
CA ILE WA 194 10.14 56.95 28.27
C ILE WA 194 8.90 56.05 28.13
N ASN WA 195 7.85 56.37 28.91
CA ASN WA 195 6.59 55.62 28.89
C ASN WA 195 5.44 56.52 29.35
N ASN WA 196 4.21 56.07 29.09
CA ASN WA 196 3.00 56.88 29.29
C ASN WA 196 3.07 58.15 28.50
N VAL WA 197 3.10 57.99 27.18
CA VAL WA 197 3.36 59.11 26.32
C VAL WA 197 2.09 59.61 25.65
N GLU WA 198 2.02 60.92 25.59
CA GLU WA 198 0.85 61.62 25.17
C GLU WA 198 0.95 61.90 23.69
N SER WA 199 -0.18 61.93 23.03
CA SER WA 199 -0.16 62.23 21.60
C SER WA 199 -0.04 63.73 21.33
N GLU WA 200 -1.14 64.45 21.54
CA GLU WA 200 -1.21 65.92 21.40
C GLU WA 200 -1.30 66.60 22.78
N PRO WA 201 -0.53 67.68 23.01
CA PRO WA 201 -0.39 68.20 24.38
C PRO WA 201 -1.73 68.48 25.08
N GLY WA 202 -1.89 67.97 26.30
CA GLY WA 202 -3.11 68.18 27.08
C GLY WA 202 -4.06 67.00 27.02
N ARG WA 203 -3.83 66.08 26.10
CA ARG WA 203 -4.77 65.00 25.78
C ARG WA 203 -4.90 63.91 26.86
N GLY WA 204 -3.79 63.61 27.53
CA GLY WA 204 -3.72 62.39 28.31
C GLY WA 204 -2.90 61.41 27.49
N ALA WA 205 -2.18 60.56 28.21
CA ALA WA 205 -1.26 59.65 27.56
C ALA WA 205 -1.96 58.35 27.18
N GLN WA 206 -1.58 57.82 26.03
CA GLN WA 206 -2.19 56.64 25.44
C GLN WA 206 -1.13 55.57 25.22
N TYR WA 207 -0.11 55.95 24.47
CA TYR WA 207 0.97 55.07 24.06
C TYR WA 207 1.94 54.69 25.19
N ILE WA 208 2.48 53.46 25.08
CA ILE WA 208 3.51 52.93 25.98
C ILE WA 208 3.05 52.79 27.44
N ARG WA 209 1.91 52.16 27.68
CA ARG WA 209 1.53 51.87 29.06
C ARG WA 209 1.84 50.46 29.63
N ALA WA 210 2.16 49.50 28.76
CA ALA WA 210 2.14 48.09 29.17
C ALA WA 210 3.31 47.70 30.04
N ALA WA 211 3.18 46.60 30.78
CA ALA WA 211 4.20 46.22 31.75
C ALA WA 211 5.53 45.89 31.10
N GLY WA 212 6.59 46.44 31.71
CA GLY WA 212 7.94 46.13 31.30
C GLY WA 212 8.35 46.77 29.99
N THR WA 213 7.47 47.55 29.39
CA THR WA 213 7.80 48.15 28.12
C THR WA 213 8.16 49.60 28.30
N CYS WA 214 9.07 50.07 27.46
CA CYS WA 214 9.50 51.46 27.47
C CYS WA 214 9.92 51.90 26.07
N GLY WA 215 9.69 53.18 25.77
CA GLY WA 215 10.09 53.75 24.51
C GLY WA 215 11.35 54.58 24.67
N VAL WA 216 11.84 55.13 23.56
CA VAL WA 216 13.06 55.93 23.61
C VAL WA 216 13.00 57.17 22.72
N LEU WA 217 13.37 58.28 23.31
CA LEU WA 217 13.49 59.52 22.58
C LEU WA 217 14.63 59.39 21.57
N LEU WA 218 14.39 59.74 20.31
CA LEU WA 218 15.44 59.65 19.28
C LEU WA 218 16.13 60.98 19.05
N ARG WA 219 15.44 61.92 18.43
CA ARG WA 219 16.03 63.25 18.21
C ARG WA 219 15.02 64.38 18.33
N LYS WA 220 15.53 65.61 18.23
CA LYS WA 220 14.72 66.81 18.42
C LYS WA 220 14.83 67.78 17.26
N VAL WA 221 13.73 67.94 16.55
CA VAL WA 221 13.69 68.68 15.31
C VAL WA 221 12.67 69.78 15.38
N ASN WA 222 13.08 71.02 15.19
CA ASN WA 222 12.11 72.04 14.84
C ASN WA 222 11.07 72.31 15.97
N GLY WA 223 11.47 72.12 17.22
CA GLY WA 223 10.55 72.29 18.33
C GLY WA 223 9.56 71.12 18.41
N THR WA 224 10.05 69.95 18.02
CA THR WA 224 9.26 68.72 17.99
C THR WA 224 10.14 67.52 18.32
N ALA WA 225 9.61 66.62 19.15
CA ALA WA 225 10.31 65.38 19.51
C ALA WA 225 10.01 64.23 18.56
N ILE WA 226 10.99 63.38 18.34
CA ILE WA 226 10.75 62.10 17.69
C ILE WA 226 11.12 60.95 18.60
N ILE WA 227 10.20 60.00 18.77
CA ILE WA 227 10.39 58.92 19.72
C ILE WA 227 10.19 57.58 19.06
N GLN WA 228 10.56 56.52 19.76
CA GLN WA 228 10.38 55.18 19.21
C GLN WA 228 9.48 54.30 20.07
N LEU WA 229 8.31 53.95 19.53
CA LEU WA 229 7.36 53.08 20.22
C LEU WA 229 7.91 51.68 20.33
N PRO WA 230 7.36 50.88 21.25
CA PRO WA 230 7.76 49.49 21.46
C PRO WA 230 7.56 48.57 20.27
N SER WA 231 6.81 48.98 19.26
CA SER WA 231 6.66 48.19 18.04
C SER WA 231 7.84 48.44 17.13
N LYS WA 232 8.73 49.31 17.60
CA LYS WA 232 9.87 49.81 16.85
C LYS WA 232 9.41 50.67 15.69
N ARG WA 233 8.22 51.24 15.81
CA ARG WA 233 7.80 52.26 14.88
C ARG WA 233 7.99 53.61 15.53
N GLN WA 234 8.53 54.56 14.76
CA GLN WA 234 8.83 55.90 15.27
C GLN WA 234 7.67 56.88 15.13
N MET WA 235 7.60 57.81 16.08
CA MET WA 235 6.47 58.72 16.24
C MET WA 235 6.94 60.19 16.39
N GLN WA 236 6.32 61.09 15.62
CA GLN WA 236 6.69 62.51 15.58
C GLN WA 236 5.65 63.39 16.29
N VAL WA 237 6.08 64.07 17.35
CA VAL WA 237 5.18 64.81 18.25
C VAL WA 237 5.74 66.22 18.50
N LEU WA 238 4.93 67.16 18.99
CA LEU WA 238 5.46 68.41 19.54
C LEU WA 238 6.34 68.11 20.74
N GLU WA 239 7.31 68.98 21.02
CA GLU WA 239 8.20 68.73 22.14
C GLU WA 239 7.48 69.00 23.46
N THR WA 240 6.37 69.71 23.35
CA THR WA 240 5.65 70.20 24.51
C THR WA 240 4.96 69.13 25.35
N CYS WA 241 4.90 67.91 24.83
CA CYS WA 241 4.10 66.85 25.45
C CYS WA 241 4.80 66.08 26.57
N ILE WA 242 4.01 65.67 27.55
CA ILE WA 242 4.54 65.01 28.74
C ILE WA 242 4.75 63.51 28.54
N ALA WA 243 5.84 63.00 29.11
CA ALA WA 243 6.11 61.56 29.18
C ALA WA 243 6.81 61.24 30.49
N THR WA 244 6.66 60.02 30.96
CA THR WA 244 7.37 59.58 32.16
C THR WA 244 8.66 58.90 31.76
N VAL WA 245 9.70 59.03 32.57
CA VAL WA 245 11.01 58.51 32.18
C VAL WA 245 11.41 57.23 32.88
N GLY WA 246 11.40 56.12 32.15
CA GLY WA 246 11.77 54.86 32.76
C GLY WA 246 11.11 53.71 32.04
N ARG WA 247 10.94 52.59 32.75
CA ARG WA 247 10.22 51.45 32.21
C ARG WA 247 9.12 51.06 33.18
N VAL WA 248 8.04 50.50 32.67
CA VAL WA 248 6.89 50.23 33.49
C VAL WA 248 7.12 49.04 34.42
N SER WA 249 6.31 48.96 35.47
CA SER WA 249 6.49 48.00 36.56
C SER WA 249 6.26 46.56 36.15
N ASN WA 250 6.79 45.65 36.96
CA ASN WA 250 6.64 44.23 36.73
C ASN WA 250 7.19 43.80 35.38
N VAL WA 251 8.51 43.80 35.26
CA VAL WA 251 9.18 43.59 33.98
C VAL WA 251 9.26 42.10 33.60
N ASP WA 252 8.91 41.24 34.55
CA ASP WA 252 8.89 39.80 34.31
C ASP WA 252 7.52 39.27 33.94
N HIS WA 253 6.58 40.18 33.69
CA HIS WA 253 5.28 39.84 33.16
C HIS WA 253 5.38 38.94 31.93
N ASN WA 254 6.42 39.16 31.14
CA ASN WA 254 6.65 38.35 29.96
C ASN WA 254 6.74 36.90 30.30
N LYS WA 255 7.56 36.61 31.30
CA LYS WA 255 7.96 35.25 31.62
C LYS WA 255 7.02 34.50 32.58
N ARG WA 256 5.92 35.13 32.97
CA ARG WA 256 4.92 34.44 33.74
C ARG WA 256 4.42 33.29 32.90
N VAL WA 257 4.14 32.19 33.56
CA VAL WA 257 3.68 31.01 32.86
C VAL WA 257 2.32 30.60 33.39
N ILE WA 258 1.36 30.54 32.49
CA ILE WA 258 0.07 30.05 32.87
C ILE WA 258 0.24 28.55 33.02
N GLY WA 259 -0.07 28.01 34.19
CA GLY WA 259 0.26 26.63 34.48
C GLY WA 259 -0.72 25.63 33.88
N LYS WA 260 -1.95 26.07 33.77
CA LYS WA 260 -3.03 25.16 33.44
C LYS WA 260 -4.10 25.98 32.78
N ALA WA 261 -4.96 25.33 32.00
CA ALA WA 261 -6.02 26.02 31.28
C ALA WA 261 -6.81 26.95 32.21
N GLY WA 262 -6.95 26.48 33.43
CA GLY WA 262 -7.71 27.16 34.45
C GLY WA 262 -7.28 28.59 34.58
N ARG WA 263 -5.98 28.80 34.79
CA ARG WA 263 -5.49 30.15 35.00
C ARG WA 263 -5.91 31.05 33.83
N ASN WA 264 -5.82 30.50 32.62
CA ASN WA 264 -6.29 31.22 31.46
C ASN WA 264 -7.77 31.60 31.60
N ARG WA 265 -8.59 30.71 32.16
CA ARG WA 265 -10.00 31.07 32.35
C ARG WA 265 -10.17 32.10 33.43
N TRP WA 266 -9.36 32.02 34.45
CA TRP WA 266 -9.35 32.99 35.52
C TRP WA 266 -9.11 34.39 35.00
N LEU WA 267 -8.34 34.48 33.93
CA LEU WA 267 -8.09 35.78 33.32
C LEU WA 267 -9.29 36.34 32.56
N GLY WA 268 -10.31 35.51 32.35
CA GLY WA 268 -11.52 35.93 31.66
C GLY WA 268 -11.54 35.44 30.22
N LYS WA 269 -10.62 34.54 29.92
CA LYS WA 269 -10.41 34.09 28.55
C LYS WA 269 -10.98 32.68 28.27
N ARG WA 270 -11.94 32.57 27.36
CA ARG WA 270 -12.55 31.30 27.00
C ARG WA 270 -11.79 30.69 25.85
N PRO WA 271 -11.86 29.35 25.71
CA PRO WA 271 -11.04 28.63 24.73
C PRO WA 271 -11.18 29.14 23.30
N ASN WA 272 -10.18 28.85 22.45
CA ASN WA 272 -10.27 29.16 21.03
C ASN WA 272 -11.38 28.22 20.51
N SER WA 273 -11.76 28.31 19.24
CA SER WA 273 -12.82 27.41 18.73
C SER WA 273 -12.25 26.01 18.42
N GLY WA 274 -13.09 25.07 18.08
CA GLY WA 274 -12.58 23.77 17.68
C GLY WA 274 -12.78 23.56 16.20
N LEU WA 275 -13.19 24.60 15.50
CA LEU WA 275 -13.38 24.44 14.08
C LEU WA 275 -12.05 24.44 13.37
N TRP WA 276 -11.75 23.38 12.62
CA TRP WA 276 -10.47 23.29 11.91
C TRP WA 276 -10.51 24.07 10.64
N GLN WA 277 -9.54 24.94 10.43
CA GLN WA 277 -9.51 25.67 9.18
C GLN WA 277 -8.21 25.45 8.48
N ARG WA 278 -8.20 25.77 7.21
CA ARG WA 278 -6.97 25.78 6.49
C ARG WA 278 -6.36 27.16 6.62
N LYS WA 279 -5.04 27.20 6.71
CA LYS WA 279 -4.32 28.45 6.70
C LYS WA 279 -4.42 29.07 5.31
N GLY WA 280 -4.87 30.31 5.27
CA GLY WA 280 -5.04 30.98 4.00
C GLY WA 280 -3.75 31.48 3.41
N GLY WA 281 -3.89 32.30 2.38
CA GLY WA 281 -2.74 32.89 1.74
C GLY WA 281 -2.02 33.72 2.75
N TRP WA 282 -2.80 34.37 3.59
CA TRP WA 282 -2.25 35.32 4.54
C TRP WA 282 -1.21 34.70 5.45
N ALA WA 283 -1.24 33.40 5.61
CA ALA WA 283 -0.29 32.79 6.49
C ALA WA 283 1.06 32.64 5.83
N GLY WA 284 2.08 32.65 6.67
CA GLY WA 284 3.45 32.50 6.23
C GLY WA 284 4.31 33.37 7.13
N ARG WA 285 5.59 33.53 6.81
CA ARG WA 285 6.33 34.58 7.47
C ARG WA 285 6.41 35.75 6.51
N LYS WA 286 5.89 36.89 6.94
CA LYS WA 286 5.93 38.07 6.12
C LYS WA 286 7.10 38.92 6.51
N ILE WA 287 7.89 39.32 5.52
CA ILE WA 287 8.96 40.23 5.80
C ILE WA 287 8.73 41.56 5.10
N ARG WA 288 8.34 42.52 5.91
CA ARG WA 288 8.09 43.90 5.50
C ARG WA 288 9.18 44.84 5.97
N PRO WA 289 9.67 45.68 5.07
CA PRO WA 289 10.39 46.88 5.51
C PRO WA 289 9.50 47.72 6.45
N LEU WA 290 10.10 48.40 7.42
CA LEU WA 290 9.35 49.14 8.45
C LEU WA 290 8.34 50.13 7.88
N PRO WA 291 7.20 50.26 8.56
CA PRO WA 291 6.24 51.28 8.12
C PRO WA 291 6.83 52.64 8.41
N PRO WA 292 6.45 53.63 7.59
CA PRO WA 292 6.91 55.02 7.76
C PRO WA 292 6.38 55.62 9.05
N MET WA 293 6.95 56.75 9.42
CA MET WA 293 6.79 57.32 10.74
C MET WA 293 5.54 58.18 10.92
N LYS WA 294 4.85 57.95 12.03
CA LYS WA 294 3.61 58.63 12.35
C LYS WA 294 3.86 60.07 12.78
N SER WA 295 3.25 61.02 12.10
CA SER WA 295 3.43 62.42 12.46
C SER WA 295 2.14 63.05 12.93
N TYR WA 296 2.09 63.39 14.20
CA TYR WA 296 0.94 64.03 14.79
C TYR WA 296 1.11 65.52 14.71
N VAL WA 297 2.17 65.89 14.03
CA VAL WA 297 2.40 67.28 13.70
C VAL WA 297 1.50 67.64 12.54
N LYS WA 298 0.59 68.58 12.77
CA LYS WA 298 -0.27 69.09 11.71
C LYS WA 298 0.38 70.33 11.12
N LEU WA 299 0.67 70.26 9.82
CA LEU WA 299 1.34 71.36 9.11
C LEU WA 299 0.38 72.53 8.87
N PRO WA 300 0.92 73.77 8.89
CA PRO WA 300 0.12 75.00 8.73
C PRO WA 300 -0.64 75.07 7.40
N HIS XA 42 -86.54 -33.27 38.84
CA HIS XA 42 -85.84 -33.96 39.91
C HIS XA 42 -84.41 -33.45 40.04
N GLY XA 43 -84.10 -32.90 41.22
CA GLY XA 43 -82.84 -32.24 41.51
C GLY XA 43 -81.83 -33.08 42.29
N LYS XA 44 -81.90 -34.41 42.14
CA LYS XA 44 -81.36 -35.36 43.11
C LYS XA 44 -79.95 -35.06 43.60
N SER XA 45 -79.84 -35.02 44.91
CA SER XA 45 -78.68 -34.49 45.60
C SER XA 45 -77.46 -35.40 45.55
N VAL XA 46 -76.31 -34.82 45.85
CA VAL XA 46 -75.06 -35.56 45.97
C VAL XA 46 -75.05 -36.34 47.29
N THR XA 47 -74.68 -37.62 47.23
CA THR XA 47 -74.68 -38.46 48.42
C THR XA 47 -73.45 -39.34 48.51
N TRP XA 48 -72.82 -39.32 49.66
CA TRP XA 48 -71.80 -40.29 49.97
C TRP XA 48 -72.33 -41.13 51.10
N TRP XA 49 -71.57 -42.14 51.48
CA TRP XA 49 -72.06 -43.14 52.42
C TRP XA 49 -72.26 -42.58 53.81
N ASP XA 50 -71.31 -41.75 54.20
CA ASP XA 50 -71.12 -41.44 55.59
C ASP XA 50 -72.08 -40.38 56.06
N GLU XA 51 -72.88 -39.88 55.14
CA GLU XA 51 -73.67 -38.69 55.39
C GLU XA 51 -74.61 -38.82 56.57
N HIS XA 52 -75.60 -39.70 56.45
CA HIS XA 52 -76.71 -39.72 57.40
C HIS XA 52 -76.49 -40.62 58.60
N LEU XA 53 -75.29 -41.19 58.70
CA LEU XA 53 -74.99 -42.10 59.80
C LEU XA 53 -74.79 -41.34 61.10
N SER XA 54 -75.46 -41.78 62.17
CA SER XA 54 -75.34 -41.12 63.46
C SER XA 54 -73.98 -41.44 64.06
N GLU XA 55 -73.67 -40.85 65.21
CA GLU XA 55 -72.40 -41.08 65.87
C GLU XA 55 -72.31 -42.55 66.26
N GLU XA 56 -73.48 -43.12 66.54
CA GLU XA 56 -73.58 -44.49 67.01
C GLU XA 56 -73.29 -45.50 65.91
N ASN XA 57 -73.96 -45.36 64.78
CA ASN XA 57 -73.89 -46.37 63.74
C ASN XA 57 -72.58 -46.33 62.98
N VAL XA 58 -71.90 -45.19 63.02
CA VAL XA 58 -70.64 -45.01 62.29
C VAL XA 58 -69.64 -46.13 62.63
N PRO XA 59 -69.24 -46.22 63.92
CA PRO XA 59 -68.23 -47.24 64.16
C PRO XA 59 -68.79 -48.63 63.95
N PHE XA 60 -70.11 -48.77 64.07
CA PHE XA 60 -70.75 -50.05 63.80
C PHE XA 60 -70.56 -50.43 62.34
N VAL XA 61 -70.78 -49.48 61.43
CA VAL XA 61 -70.60 -49.73 60.01
C VAL XA 61 -69.16 -50.16 59.77
N LYS XA 62 -68.25 -49.39 60.35
CA LYS XA 62 -66.83 -49.64 60.16
C LYS XA 62 -66.42 -51.04 60.61
N GLN XA 63 -66.80 -51.39 61.83
CA GLN XA 63 -66.52 -52.72 62.38
C GLN XA 63 -67.16 -53.82 61.57
N LEU XA 64 -68.42 -53.63 61.21
CA LEU XA 64 -69.14 -54.59 60.38
C LEU XA 64 -68.35 -54.92 59.12
N VAL XA 65 -67.93 -53.87 58.42
CA VAL XA 65 -67.20 -54.03 57.17
C VAL XA 65 -65.84 -54.69 57.39
N SER XA 66 -65.02 -54.13 58.28
CA SER XA 66 -63.68 -54.68 58.51
C SER XA 66 -63.75 -56.14 58.91
N ASP XA 67 -64.74 -56.46 59.74
CA ASP XA 67 -64.93 -57.83 60.18
C ASP XA 67 -65.25 -58.73 59.00
N GLU XA 68 -66.24 -58.34 58.19
CA GLU XA 68 -66.58 -59.20 57.06
C GLU XA 68 -65.37 -59.30 56.12
N ASN XA 69 -64.47 -58.31 56.19
CA ASN XA 69 -63.23 -58.39 55.44
C ASN XA 69 -62.32 -59.51 55.96
N LYS XA 70 -62.02 -59.49 57.25
CA LYS XA 70 -61.18 -60.54 57.86
C LYS XA 70 -61.76 -61.92 57.58
N ALA XA 71 -63.07 -62.05 57.72
CA ALA XA 71 -63.76 -63.30 57.41
C ALA XA 71 -63.56 -63.69 55.95
N GLN XA 72 -63.79 -62.73 55.05
CA GLN XA 72 -63.70 -62.98 53.61
C GLN XA 72 -62.33 -63.43 53.16
N LEU XA 73 -61.29 -62.83 53.74
CA LEU XA 73 -59.92 -63.16 53.37
C LEU XA 73 -59.45 -64.47 54.00
N ALA XA 74 -59.75 -64.66 55.28
CA ALA XA 74 -59.38 -65.90 55.96
C ALA XA 74 -60.13 -67.10 55.39
N SER XA 75 -61.27 -66.85 54.73
CA SER XA 75 -62.05 -67.92 54.10
C SER XA 75 -61.30 -68.54 52.91
N LYS XA 76 -60.84 -67.68 52.01
CA LYS XA 76 -60.14 -68.14 50.82
C LYS XA 76 -58.65 -68.20 51.08
N LEU XA 77 -58.29 -68.02 52.35
CA LEU XA 77 -56.94 -68.30 52.84
C LEU XA 77 -56.50 -69.76 52.57
N CYS XA 78 -57.49 -70.63 52.34
CA CYS XA 78 -57.23 -72.07 52.18
C CYS XA 78 -57.65 -72.59 50.78
N PRO XA 79 -56.78 -72.38 49.77
CA PRO XA 79 -57.06 -72.64 48.35
C PRO XA 79 -57.20 -74.10 47.93
N LEU XA 80 -56.29 -74.92 48.44
CA LEU XA 80 -56.02 -76.22 47.86
C LEU XA 80 -57.11 -77.22 48.16
N LYS XA 81 -57.86 -76.97 49.24
CA LYS XA 81 -58.90 -77.88 49.65
C LYS XA 81 -60.26 -77.44 49.15
N ASP XA 82 -60.31 -76.29 48.47
CA ASP XA 82 -61.61 -75.75 48.14
C ASP XA 82 -62.14 -76.44 46.88
N GLU XA 83 -61.73 -75.95 45.71
CA GLU XA 83 -61.92 -76.67 44.48
C GLU XA 83 -60.78 -76.34 43.55
N PRO XA 84 -59.56 -76.77 43.93
CA PRO XA 84 -58.40 -76.45 43.10
C PRO XA 84 -58.56 -76.97 41.68
N TRP XA 85 -58.31 -76.09 40.72
CA TRP XA 85 -58.39 -76.42 39.29
C TRP XA 85 -57.26 -77.40 38.94
N PRO XA 86 -57.34 -78.03 37.75
CA PRO XA 86 -56.30 -79.01 37.42
C PRO XA 86 -54.92 -78.41 37.38
N ILE XA 87 -54.01 -79.01 38.13
CA ILE XA 87 -52.61 -78.60 38.08
C ILE XA 87 -51.96 -79.33 36.93
N HIS XA 88 -51.25 -78.59 36.08
CA HIS XA 88 -50.66 -79.20 34.92
C HIS XA 88 -49.16 -79.18 35.06
N PRO XA 89 -48.47 -80.12 34.42
CA PRO XA 89 -47.00 -80.25 34.49
C PRO XA 89 -46.30 -79.05 33.88
N TRP XA 90 -44.98 -79.02 33.90
CA TRP XA 90 -44.29 -77.91 33.25
C TRP XA 90 -44.01 -78.22 31.79
N GLU XA 91 -44.63 -77.43 30.93
CA GLU XA 91 -44.35 -77.46 29.51
C GLU XA 91 -43.25 -76.45 29.24
N PRO XA 92 -42.43 -76.70 28.21
CA PRO XA 92 -41.25 -75.88 27.95
C PRO XA 92 -41.53 -74.42 27.56
N GLY XA 93 -42.58 -74.17 26.77
CA GLY XA 93 -42.88 -72.82 26.29
C GLY XA 93 -43.77 -72.00 27.23
N SER XA 94 -43.77 -72.39 28.50
CA SER XA 94 -44.72 -71.89 29.49
C SER XA 94 -44.52 -70.43 29.88
N SER XA 95 -45.57 -69.83 30.43
CA SER XA 95 -45.50 -68.51 31.04
C SER XA 95 -46.28 -68.46 32.35
N ARG XA 96 -45.58 -68.19 33.45
CA ARG XA 96 -46.19 -68.17 34.78
C ARG XA 96 -46.98 -66.89 35.06
N VAL XA 97 -47.87 -66.94 36.04
CA VAL XA 97 -48.63 -65.76 36.48
C VAL XA 97 -47.71 -64.81 37.20
N GLY XA 98 -48.12 -63.55 37.29
CA GLY XA 98 -47.33 -62.57 38.01
C GLY XA 98 -47.98 -62.16 39.31
N LEU XA 99 -47.50 -61.03 39.83
CA LEU XA 99 -47.91 -60.49 41.11
C LEU XA 99 -48.11 -59.01 41.11
N ILE XA 100 -48.74 -58.54 42.18
CA ILE XA 100 -48.88 -57.12 42.44
C ILE XA 100 -48.24 -56.76 43.76
N ALA XA 101 -47.34 -55.78 43.76
CA ALA XA 101 -46.63 -55.49 44.98
C ALA XA 101 -46.78 -54.06 45.39
N LEU XA 102 -46.08 -53.73 46.47
CA LEU XA 102 -46.10 -52.40 47.05
C LEU XA 102 -44.64 -52.00 47.28
N LYS XA 103 -44.20 -50.90 46.67
CA LYS XA 103 -42.78 -50.58 46.73
C LYS XA 103 -42.49 -50.01 48.10
N LEU XA 104 -41.64 -50.70 48.86
CA LEU XA 104 -41.43 -50.31 50.24
C LEU XA 104 -40.38 -49.22 50.38
N GLY XA 105 -39.16 -49.56 50.00
CA GLY XA 105 -38.04 -48.64 50.09
C GLY XA 105 -36.86 -49.24 49.33
N MET XA 106 -35.67 -48.71 49.57
CA MET XA 106 -34.47 -49.30 48.99
C MET XA 106 -33.44 -49.49 50.08
N MET XA 107 -32.66 -50.54 49.94
CA MET XA 107 -31.77 -50.93 51.02
C MET XA 107 -30.49 -51.49 50.46
N PRO XA 108 -29.35 -51.20 51.07
CA PRO XA 108 -28.12 -51.80 50.56
C PRO XA 108 -28.00 -53.24 50.99
N LEU XA 109 -27.33 -54.05 50.17
CA LEU XA 109 -27.15 -55.46 50.47
C LEU XA 109 -25.91 -55.99 49.77
N TRP XA 110 -25.23 -56.97 50.36
CA TRP XA 110 -23.92 -57.34 49.87
C TRP XA 110 -23.76 -58.76 49.32
N THR XA 111 -22.75 -58.91 48.47
CA THR XA 111 -22.37 -60.18 47.87
C THR XA 111 -21.08 -60.73 48.47
N LYS XA 112 -20.97 -62.06 48.50
CA LYS XA 112 -19.85 -62.74 49.15
C LYS XA 112 -18.52 -62.32 48.58
N ASP XA 113 -18.60 -61.69 47.42
CA ASP XA 113 -17.44 -61.23 46.66
C ASP XA 113 -16.94 -59.85 47.11
N GLY XA 114 -17.79 -59.13 47.84
CA GLY XA 114 -17.39 -57.84 48.37
C GLY XA 114 -18.01 -56.64 47.70
N GLN XA 115 -18.64 -56.82 46.54
CA GLN XA 115 -19.30 -55.72 45.87
C GLN XA 115 -20.61 -55.40 46.54
N LYS XA 116 -21.02 -54.15 46.38
CA LYS XA 116 -22.15 -53.62 47.11
C LYS XA 116 -23.32 -53.44 46.18
N HIS XA 117 -24.52 -53.70 46.69
CA HIS XA 117 -25.71 -53.42 45.89
C HIS XA 117 -26.70 -52.58 46.63
N VAL XA 118 -27.64 -52.06 45.86
CA VAL XA 118 -28.88 -51.54 46.38
C VAL XA 118 -29.98 -52.44 45.83
N VAL XA 119 -30.99 -52.69 46.65
CA VAL XA 119 -32.09 -53.54 46.25
C VAL XA 119 -33.42 -52.96 46.70
N THR XA 120 -34.48 -53.42 46.04
CA THR XA 120 -35.80 -52.94 46.28
C THR XA 120 -36.53 -53.82 47.25
N LEU XA 121 -37.14 -53.19 48.23
CA LEU XA 121 -38.01 -53.90 49.13
C LEU XA 121 -39.40 -53.82 48.53
N LEU XA 122 -39.89 -54.96 48.05
CA LEU XA 122 -41.22 -55.06 47.49
C LEU XA 122 -42.07 -55.91 48.40
N GLN XA 123 -43.27 -55.47 48.71
CA GLN XA 123 -44.13 -56.26 49.58
C GLN XA 123 -45.47 -56.55 48.94
N VAL XA 124 -45.72 -57.83 48.69
CA VAL XA 124 -47.06 -58.27 48.41
C VAL XA 124 -47.83 -57.95 49.66
N GLN XA 125 -49.06 -57.49 49.52
CA GLN XA 125 -49.89 -57.32 50.68
C GLN XA 125 -51.07 -58.25 50.54
N ASP XA 126 -51.94 -57.96 49.59
CA ASP XA 126 -53.01 -58.87 49.26
C ASP XA 126 -53.00 -59.12 47.75
N CYS XA 127 -52.67 -60.33 47.36
CA CYS XA 127 -52.68 -60.61 45.94
C CYS XA 127 -53.62 -61.75 45.68
N HIS XA 128 -54.72 -61.45 45.01
CA HIS XA 128 -55.70 -62.48 44.75
C HIS XA 128 -56.14 -62.40 43.31
N VAL XA 129 -56.01 -63.51 42.58
CA VAL XA 129 -56.42 -63.52 41.18
C VAL XA 129 -57.92 -63.28 41.08
N LEU XA 130 -58.34 -62.48 40.11
CA LEU XA 130 -59.72 -62.03 40.06
C LEU XA 130 -60.53 -62.79 39.08
N LYS XA 131 -60.30 -62.55 37.79
CA LYS XA 131 -60.99 -63.38 36.83
C LYS XA 131 -60.05 -63.98 35.82
N TYR XA 132 -60.61 -64.83 34.97
CA TYR XA 132 -59.85 -65.56 34.00
C TYR XA 132 -60.53 -65.44 32.66
N THR XA 133 -59.74 -65.07 31.65
CA THR XA 133 -60.22 -65.07 30.28
C THR XA 133 -59.53 -66.17 29.49
N PRO XA 134 -60.31 -67.06 28.86
CA PRO XA 134 -59.71 -68.15 28.08
C PRO XA 134 -58.88 -67.61 26.94
N LYS XA 135 -58.20 -68.49 26.23
CA LYS XA 135 -57.23 -68.05 25.26
C LYS XA 135 -57.85 -67.26 24.12
N GLU XA 136 -58.98 -67.76 23.64
CA GLU XA 136 -59.58 -67.27 22.41
C GLU XA 136 -60.47 -66.06 22.66
N ASN XA 137 -60.76 -65.82 23.93
CA ASN XA 137 -61.63 -64.71 24.28
C ASN XA 137 -60.84 -63.45 24.59
N HIS XA 138 -59.52 -63.55 24.51
CA HIS XA 138 -58.69 -62.38 24.75
C HIS XA 138 -57.74 -62.06 23.58
N ASN XA 139 -56.62 -62.78 23.51
CA ASN XA 139 -55.60 -62.53 22.51
C ASN XA 139 -55.65 -63.49 21.31
N GLY XA 140 -56.50 -64.51 21.42
CA GLY XA 140 -56.43 -65.61 20.47
C GLY XA 140 -55.13 -66.39 20.56
N ARG XA 141 -54.27 -66.04 21.52
CA ARG XA 141 -52.98 -66.69 21.72
C ARG XA 141 -52.79 -67.23 23.14
N MET XA 142 -52.63 -66.31 24.09
CA MET XA 142 -52.50 -66.69 25.49
C MET XA 142 -53.72 -66.26 26.26
N ALA XA 143 -54.13 -67.09 27.21
CA ALA XA 143 -55.23 -66.75 28.09
C ALA XA 143 -54.78 -65.78 29.17
N ALA XA 144 -55.68 -64.91 29.61
CA ALA XA 144 -55.28 -63.81 30.49
C ALA XA 144 -55.79 -63.98 31.92
N LEU XA 145 -54.90 -63.68 32.86
CA LEU XA 145 -55.19 -63.81 34.27
C LEU XA 145 -55.22 -62.47 34.98
N THR XA 146 -56.41 -62.12 35.45
CA THR XA 146 -56.64 -60.84 36.10
C THR XA 146 -56.21 -60.95 37.56
N VAL XA 147 -55.51 -59.94 38.04
CA VAL XA 147 -54.93 -59.99 39.37
C VAL XA 147 -55.15 -58.69 40.13
N GLY XA 148 -55.46 -58.82 41.44
CA GLY XA 148 -55.72 -57.68 42.30
C GLY XA 148 -54.60 -57.20 43.23
N GLY XA 149 -54.70 -55.95 43.68
CA GLY XA 149 -53.69 -55.31 44.49
C GLY XA 149 -54.08 -55.24 45.96
N LYS XA 150 -53.55 -54.27 46.70
CA LYS XA 150 -53.85 -54.19 48.12
C LYS XA 150 -55.32 -53.81 48.34
N THR XA 151 -55.82 -54.06 49.56
CA THR XA 151 -57.24 -53.83 49.90
C THR XA 151 -57.58 -52.38 50.28
N VAL XA 152 -58.77 -51.92 49.87
CA VAL XA 152 -59.28 -50.59 50.25
C VAL XA 152 -60.74 -50.54 50.66
N SER XA 153 -61.22 -49.32 50.87
CA SER XA 153 -62.56 -49.09 51.37
C SER XA 153 -63.63 -49.31 50.31
N HIS XA 154 -64.71 -49.96 50.71
CA HIS XA 154 -65.83 -50.19 49.82
C HIS XA 154 -66.46 -48.87 49.50
N PHE XA 155 -66.53 -48.04 50.51
CA PHE XA 155 -67.34 -46.82 50.47
C PHE XA 155 -67.02 -45.90 49.31
N HIS XA 156 -65.78 -45.94 48.86
CA HIS XA 156 -65.32 -45.02 47.83
C HIS XA 156 -65.27 -45.57 46.42
N LYS XA 157 -65.73 -46.79 46.23
CA LYS XA 157 -65.75 -47.35 44.88
C LYS XA 157 -67.17 -47.35 44.28
N SER XA 158 -67.30 -47.93 43.09
CA SER XA 158 -68.51 -47.82 42.30
C SER XA 158 -69.32 -49.09 42.33
N ALA XA 159 -70.62 -48.94 42.16
CA ALA XA 159 -71.57 -50.02 42.25
C ALA XA 159 -71.16 -51.26 41.43
N SER XA 160 -70.92 -51.07 40.14
CA SER XA 160 -70.62 -52.18 39.23
C SER XA 160 -69.58 -53.10 39.84
N ILE XA 161 -68.56 -52.45 40.36
CA ILE XA 161 -67.40 -53.13 40.86
C ILE XA 161 -67.69 -53.90 42.13
N LEU XA 162 -68.31 -53.24 43.10
CA LEU XA 162 -68.63 -53.89 44.36
C LEU XA 162 -69.56 -55.06 44.14
N GLU XA 163 -70.35 -54.97 43.07
CA GLU XA 163 -71.17 -56.09 42.67
C GLU XA 163 -70.27 -57.24 42.21
N PHE XA 164 -69.33 -56.95 41.31
CA PHE XA 164 -68.39 -57.98 40.86
C PHE XA 164 -67.68 -58.67 42.01
N TYR XA 165 -67.30 -57.90 43.02
CA TYR XA 165 -66.55 -58.45 44.15
C TYR XA 165 -67.44 -59.25 45.10
N GLN XA 166 -68.69 -58.84 45.25
CA GLN XA 166 -69.62 -59.58 46.11
C GLN XA 166 -70.02 -60.91 45.45
N GLU XA 167 -69.73 -61.07 44.15
CA GLU XA 167 -70.01 -62.33 43.44
C GLU XA 167 -68.78 -63.24 43.43
N LEU XA 168 -67.70 -62.69 43.95
CA LEU XA 168 -66.47 -63.40 44.20
C LEU XA 168 -66.40 -63.63 45.70
N GLY XA 169 -66.47 -62.54 46.45
CA GLY XA 169 -66.43 -62.61 47.90
C GLY XA 169 -65.13 -62.15 48.52
N LEU XA 170 -64.31 -61.47 47.74
CA LEU XA 170 -63.20 -60.72 48.30
C LEU XA 170 -63.53 -59.28 48.66
N PRO XA 171 -62.68 -58.65 49.49
CA PRO XA 171 -62.72 -57.20 49.71
C PRO XA 171 -62.13 -56.48 48.49
N PRO XA 172 -62.38 -55.16 48.31
CA PRO XA 172 -61.94 -54.38 47.14
C PRO XA 172 -60.43 -54.16 47.01
N LYS XA 173 -59.90 -54.32 45.79
CA LYS XA 173 -58.48 -54.15 45.52
C LYS XA 173 -58.18 -52.79 44.89
N GLN XA 174 -57.01 -52.23 45.18
CA GLN XA 174 -56.63 -50.93 44.61
C GLN XA 174 -56.28 -50.99 43.14
N LYS XA 175 -55.34 -51.86 42.79
CA LYS XA 175 -54.85 -51.91 41.43
C LYS XA 175 -55.10 -53.26 40.81
N VAL XA 176 -55.60 -53.25 39.58
CA VAL XA 176 -55.98 -54.47 38.92
C VAL XA 176 -55.32 -54.60 37.57
N LYS XA 177 -54.47 -55.61 37.43
CA LYS XA 177 -53.71 -55.74 36.20
C LYS XA 177 -53.97 -57.08 35.54
N ILE XA 178 -53.53 -57.21 34.29
CA ILE XA 178 -53.74 -58.43 33.53
C ILE XA 178 -52.42 -59.07 33.11
N PHE XA 179 -52.26 -60.35 33.44
CA PHE XA 179 -51.07 -61.09 33.02
C PHE XA 179 -51.35 -62.06 31.89
N ASN XA 180 -50.57 -61.97 30.84
CA ASN XA 180 -50.69 -62.92 29.74
C ASN XA 180 -50.08 -64.26 30.13
N VAL XA 181 -50.80 -65.35 29.86
CA VAL XA 181 -50.44 -66.65 30.40
C VAL XA 181 -50.84 -67.83 29.50
N THR XA 182 -49.99 -68.86 29.46
CA THR XA 182 -50.29 -70.10 28.72
C THR XA 182 -51.20 -71.00 29.54
N GLU XA 183 -52.10 -71.70 28.86
CA GLU XA 183 -53.25 -72.31 29.51
C GLU XA 183 -52.92 -73.34 30.58
N ASN XA 184 -51.65 -73.73 30.67
CA ASN XA 184 -51.27 -74.66 31.71
C ASN XA 184 -50.87 -73.97 33.02
N ALA XA 185 -50.88 -72.64 33.02
CA ALA XA 185 -50.53 -71.89 34.23
C ALA XA 185 -51.76 -71.46 35.02
N VAL XA 186 -52.92 -71.69 34.43
CA VAL XA 186 -54.16 -71.12 34.92
C VAL XA 186 -54.52 -71.61 36.31
N ILE XA 187 -55.05 -70.69 37.11
CA ILE XA 187 -55.37 -70.93 38.50
C ILE XA 187 -56.90 -70.85 38.63
N LYS XA 188 -57.41 -71.10 39.82
CA LYS XA 188 -58.81 -70.82 40.09
C LYS XA 188 -58.94 -69.39 40.60
N PRO XA 189 -59.84 -68.61 40.00
CA PRO XA 189 -60.03 -67.21 40.39
C PRO XA 189 -60.60 -67.11 41.79
N GLY XA 190 -60.20 -66.06 42.52
CA GLY XA 190 -60.51 -65.93 43.93
C GLY XA 190 -59.44 -66.54 44.81
N THR XA 191 -58.23 -66.65 44.29
CA THR XA 191 -57.17 -67.44 44.92
C THR XA 191 -56.05 -66.55 45.40
N PRO XA 192 -55.49 -66.86 46.57
CA PRO XA 192 -54.36 -66.11 47.11
C PRO XA 192 -53.03 -66.44 46.44
N LEU XA 193 -52.08 -65.53 46.67
CA LEU XA 193 -50.77 -65.52 46.04
C LEU XA 193 -49.73 -64.96 47.00
N TYR XA 194 -48.52 -65.52 46.97
CA TYR XA 194 -47.51 -65.06 47.92
C TYR XA 194 -46.16 -64.84 47.32
N ALA XA 195 -45.27 -64.31 48.15
CA ALA XA 195 -44.01 -63.78 47.68
C ALA XA 195 -42.99 -64.88 47.48
N ALA XA 196 -43.39 -66.11 47.79
CA ALA XA 196 -42.52 -67.25 47.57
C ALA XA 196 -42.65 -67.67 46.12
N HIS XA 197 -43.50 -66.96 45.40
CA HIS XA 197 -43.72 -67.21 44.00
C HIS XA 197 -42.42 -67.08 43.21
N PHE XA 198 -41.54 -66.24 43.73
CA PHE XA 198 -40.23 -66.03 43.14
C PHE XA 198 -39.15 -66.59 44.05
N ARG XA 199 -38.34 -67.49 43.52
CA ARG XA 199 -37.22 -68.00 44.29
C ARG XA 199 -35.97 -67.18 44.04
N PRO XA 200 -35.12 -67.05 45.08
CA PRO XA 200 -33.89 -66.26 45.03
C PRO XA 200 -32.89 -66.72 43.97
N GLY XA 201 -32.51 -65.73 43.17
CA GLY XA 201 -31.72 -65.85 41.97
C GLY XA 201 -32.81 -66.11 40.95
N GLN XA 202 -32.82 -65.26 39.94
CA GLN XA 202 -33.88 -65.23 38.93
C GLN XA 202 -33.69 -63.88 38.28
N TYR XA 203 -34.45 -63.59 37.25
CA TYR XA 203 -34.59 -62.20 36.89
C TYR XA 203 -36.07 -61.94 36.74
N VAL XA 204 -36.50 -60.75 37.13
CA VAL XA 204 -37.91 -60.43 37.01
C VAL XA 204 -38.11 -59.15 36.22
N ASP XA 205 -39.37 -58.85 35.96
CA ASP XA 205 -39.78 -57.66 35.21
C ASP XA 205 -40.72 -56.80 36.04
N VAL XA 206 -40.47 -55.50 36.06
CA VAL XA 206 -41.27 -54.62 36.91
C VAL XA 206 -41.88 -53.44 36.20
N THR XA 207 -43.20 -53.41 36.20
CA THR XA 207 -43.96 -52.38 35.53
C THR XA 207 -44.70 -51.49 36.50
N ALA XA 208 -44.55 -50.18 36.32
CA ALA XA 208 -45.30 -49.27 37.18
C ALA XA 208 -45.49 -47.89 36.58
N LYS XA 209 -46.39 -47.12 37.20
CA LYS XA 209 -46.56 -45.70 36.87
C LYS XA 209 -45.39 -44.93 37.44
N THR XA 210 -44.63 -44.29 36.55
CA THR XA 210 -43.38 -43.66 36.91
C THR XA 210 -43.62 -42.35 37.64
N ILE XA 211 -42.62 -41.88 38.36
CA ILE XA 211 -42.82 -40.68 39.16
C ILE XA 211 -43.19 -39.50 38.32
N GLY XA 212 -44.34 -38.90 38.63
CA GLY XA 212 -44.78 -37.71 37.94
C GLY XA 212 -44.05 -36.41 38.25
N LYS XA 213 -43.46 -35.80 37.23
CA LYS XA 213 -42.88 -34.49 37.41
C LYS XA 213 -43.82 -33.42 36.86
N GLY XA 214 -44.95 -33.86 36.33
CA GLY XA 214 -45.98 -32.97 35.79
C GLY XA 214 -45.67 -32.36 34.42
N PHE XA 215 -45.93 -31.06 34.29
CA PHE XA 215 -45.58 -30.37 33.06
C PHE XA 215 -44.18 -29.83 33.22
N GLN XA 216 -43.25 -30.43 32.49
CA GLN XA 216 -41.87 -30.04 32.66
C GLN XA 216 -41.30 -29.44 31.38
N GLY XA 217 -40.27 -28.63 31.57
CA GLY XA 217 -39.61 -27.95 30.46
C GLY XA 217 -38.78 -28.87 29.57
N VAL XA 218 -38.26 -28.28 28.51
CA VAL XA 218 -37.64 -29.07 27.46
C VAL XA 218 -36.23 -29.49 27.86
N MET XA 219 -35.69 -28.83 28.88
CA MET XA 219 -34.44 -29.33 29.43
C MET XA 219 -34.73 -30.70 30.01
N ARG XA 220 -35.62 -30.74 30.97
CA ARG XA 220 -35.87 -31.93 31.72
C ARG XA 220 -36.65 -32.98 31.03
N ARG XA 221 -37.55 -32.55 30.16
CA ARG XA 221 -38.35 -33.55 29.46
C ARG XA 221 -37.47 -34.30 28.47
N TRP XA 222 -36.46 -33.63 27.96
CA TRP XA 222 -35.71 -34.24 26.90
C TRP XA 222 -34.27 -34.35 27.27
N GLY XA 223 -33.67 -33.26 27.72
CA GLY XA 223 -32.25 -33.29 27.95
C GLY XA 223 -31.54 -32.41 26.97
N PHE XA 224 -32.31 -31.51 26.40
CA PHE XA 224 -31.71 -30.41 25.69
C PHE XA 224 -30.76 -29.60 26.55
N LYS XA 225 -29.67 -29.17 25.92
CA LYS XA 225 -28.82 -28.15 26.48
C LYS XA 225 -29.59 -26.85 26.51
N GLY XA 226 -29.16 -25.92 27.35
CA GLY XA 226 -29.72 -24.60 27.30
C GLY XA 226 -28.92 -23.75 26.35
N GLN XA 227 -29.18 -22.45 26.42
CA GLN XA 227 -28.30 -21.47 25.84
C GLN XA 227 -27.35 -20.99 26.95
N PRO XA 228 -26.18 -20.42 26.61
CA PRO XA 228 -25.30 -20.04 27.71
C PRO XA 228 -25.98 -18.99 28.56
N ALA XA 229 -25.57 -18.83 29.80
CA ALA XA 229 -26.27 -17.85 30.61
C ALA XA 229 -25.81 -16.43 30.30
N THR XA 230 -24.51 -16.23 30.22
CA THR XA 230 -23.97 -14.88 30.37
C THR XA 230 -23.58 -14.04 29.13
N HIS XA 231 -23.43 -14.61 27.96
CA HIS XA 231 -22.74 -13.82 26.96
C HIS XA 231 -23.69 -12.94 26.16
N GLY XA 232 -24.83 -12.69 26.78
CA GLY XA 232 -25.74 -11.66 26.31
C GLY XA 232 -27.09 -12.11 25.84
N GLN XA 233 -27.37 -13.39 26.02
CA GLN XA 233 -28.68 -13.92 25.72
C GLN XA 233 -29.78 -13.13 26.41
N THR XA 234 -30.91 -12.98 25.72
CA THR XA 234 -32.11 -12.34 26.27
C THR XA 234 -33.32 -13.26 26.29
N LYS XA 235 -33.73 -13.63 27.50
CA LYS XA 235 -34.92 -14.43 27.71
C LYS XA 235 -34.82 -15.76 26.98
N THR XA 236 -33.59 -16.18 26.69
CA THR XA 236 -33.39 -17.46 26.03
C THR XA 236 -32.92 -18.65 26.88
N HIS XA 237 -32.42 -18.41 28.09
CA HIS XA 237 -31.44 -19.32 28.72
C HIS XA 237 -31.92 -20.80 28.85
N ARG XA 238 -33.19 -21.07 28.54
CA ARG XA 238 -33.79 -22.41 28.62
C ARG XA 238 -34.47 -22.92 27.33
N ARG XA 239 -35.26 -22.08 26.68
CA ARG XA 239 -36.12 -22.46 25.55
C ARG XA 239 -35.51 -23.40 24.51
N PRO XA 240 -36.35 -24.28 23.92
CA PRO XA 240 -35.97 -25.43 23.11
C PRO XA 240 -35.16 -25.07 21.91
N GLY XA 241 -35.11 -23.80 21.57
CA GLY XA 241 -34.34 -23.39 20.41
C GLY XA 241 -35.20 -23.73 19.23
N ALA XA 242 -34.68 -23.47 18.04
CA ALA XA 242 -35.47 -23.59 16.82
C ALA XA 242 -36.08 -24.97 16.68
N ILE XA 243 -37.35 -25.03 16.34
CA ILE XA 243 -38.00 -26.32 16.33
C ILE XA 243 -38.06 -26.97 14.99
N SER XA 244 -37.63 -26.26 13.96
CA SER XA 244 -37.77 -26.85 12.66
C SER XA 244 -36.94 -26.22 11.57
N THR XA 245 -37.31 -26.60 10.38
CA THR XA 245 -36.62 -26.26 9.16
C THR XA 245 -37.40 -25.19 8.42
N GLY XA 246 -36.68 -24.32 7.71
CA GLY XA 246 -37.32 -23.29 6.93
C GLY XA 246 -38.26 -23.80 5.86
N ASP XA 247 -37.86 -24.79 5.08
CA ASP XA 247 -38.66 -25.13 3.91
C ASP XA 247 -39.85 -26.03 4.22
N VAL XA 248 -39.73 -26.90 5.21
CA VAL XA 248 -40.88 -27.71 5.59
C VAL XA 248 -42.12 -26.82 5.88
N ALA XA 249 -41.88 -25.67 6.53
CA ALA XA 249 -42.87 -24.62 6.83
C ALA XA 249 -43.93 -25.08 7.84
N ARG XA 250 -43.81 -26.32 8.32
CA ARG XA 250 -44.64 -26.80 9.42
C ARG XA 250 -43.69 -27.37 10.48
N VAL XA 251 -44.21 -28.00 11.53
CA VAL XA 251 -43.35 -28.80 12.38
C VAL XA 251 -43.79 -30.26 12.32
N TRP XA 252 -42.81 -31.13 12.49
CA TRP XA 252 -43.04 -32.54 12.37
C TRP XA 252 -43.82 -33.08 13.54
N PRO XA 253 -44.65 -34.08 13.28
CA PRO XA 253 -45.43 -34.83 14.26
C PRO XA 253 -44.60 -35.47 15.37
N GLY XA 254 -43.31 -35.57 15.19
CA GLY XA 254 -42.52 -36.19 16.23
C GLY XA 254 -42.10 -35.21 17.30
N THR XA 255 -41.96 -33.96 16.91
CA THR XA 255 -41.03 -33.04 17.56
C THR XA 255 -41.10 -32.96 19.09
N LYS XA 256 -39.93 -32.99 19.71
CA LYS XA 256 -39.79 -33.00 21.16
C LYS XA 256 -40.03 -31.62 21.76
N MET XA 257 -41.03 -31.55 22.63
CA MET XA 257 -41.49 -30.26 23.15
C MET XA 257 -41.99 -30.32 24.59
N PRO XA 258 -41.95 -29.17 25.29
CA PRO XA 258 -42.30 -29.11 26.71
C PRO XA 258 -43.67 -29.64 26.98
N GLY XA 259 -43.80 -30.49 27.98
CA GLY XA 259 -45.11 -31.00 28.31
C GLY XA 259 -45.14 -32.02 29.42
N GLN XA 260 -46.24 -32.75 29.47
CA GLN XA 260 -46.47 -33.73 30.50
C GLN XA 260 -45.33 -34.73 30.55
N LEU XA 261 -44.74 -34.87 31.73
CA LEU XA 261 -43.60 -35.78 31.93
C LEU XA 261 -43.72 -36.67 33.16
N GLY XA 262 -43.61 -37.96 32.93
CA GLY XA 262 -43.34 -38.91 33.99
C GLY XA 262 -44.50 -39.73 34.55
N ASN XA 263 -45.72 -39.24 34.44
CA ASN XA 263 -46.79 -40.08 34.93
C ASN XA 263 -47.30 -40.89 33.76
N ILE XA 264 -46.96 -42.17 33.79
CA ILE XA 264 -47.05 -43.01 32.59
C ILE XA 264 -46.42 -44.35 32.98
N ASP XA 265 -46.63 -45.40 32.18
CA ASP XA 265 -46.19 -46.72 32.59
C ASP XA 265 -44.89 -47.18 31.92
N ARG XA 266 -43.90 -47.55 32.72
CA ARG XA 266 -42.68 -48.11 32.13
C ARG XA 266 -42.25 -49.35 32.89
N THR XA 267 -41.41 -50.13 32.23
CA THR XA 267 -41.08 -51.49 32.66
C THR XA 267 -39.58 -51.74 32.66
N ALA XA 268 -39.03 -52.14 33.81
CA ALA XA 268 -37.63 -52.50 33.89
C ALA XA 268 -37.46 -53.98 33.71
N PHE XA 269 -36.43 -54.35 32.97
CA PHE XA 269 -36.10 -55.75 32.74
C PHE XA 269 -34.84 -56.14 33.48
N GLY XA 270 -34.48 -57.41 33.35
CA GLY XA 270 -33.21 -57.91 33.84
C GLY XA 270 -32.92 -57.63 35.30
N LEU XA 271 -33.94 -57.71 36.14
CA LEU XA 271 -33.71 -57.47 37.55
C LEU XA 271 -33.59 -58.78 38.34
N LYS XA 272 -32.40 -59.04 38.86
CA LYS XA 272 -32.16 -60.23 39.66
C LYS XA 272 -32.92 -60.12 40.95
N VAL XA 273 -33.42 -61.24 41.45
CA VAL XA 273 -33.91 -61.27 42.82
C VAL XA 273 -32.86 -61.92 43.68
N TRP XA 274 -32.66 -61.35 44.86
CA TRP XA 274 -31.65 -61.79 45.78
C TRP XA 274 -32.25 -62.60 46.90
N ARG XA 275 -33.16 -61.98 47.63
CA ARG XA 275 -33.64 -62.57 48.87
C ARG XA 275 -35.16 -62.46 49.07
N ILE XA 276 -35.78 -63.54 49.56
CA ILE XA 276 -37.20 -63.51 49.88
C ILE XA 276 -37.43 -63.61 51.39
N ASN XA 277 -38.36 -62.82 51.92
CA ASN XA 277 -38.81 -62.97 53.31
C ASN XA 277 -40.20 -63.62 53.31
N THR XA 278 -40.24 -64.85 53.81
CA THR XA 278 -41.44 -65.67 53.72
C THR XA 278 -42.57 -65.17 54.61
N LYS XA 279 -42.23 -64.65 55.79
CA LYS XA 279 -43.24 -64.34 56.78
C LYS XA 279 -43.99 -63.07 56.43
N HIS XA 280 -43.27 -62.03 56.03
CA HIS XA 280 -43.89 -60.76 55.70
C HIS XA 280 -44.15 -60.60 54.22
N ASN XA 281 -43.88 -61.65 53.45
CA ASN XA 281 -44.03 -61.60 52.00
C ASN XA 281 -43.20 -60.47 51.40
N ILE XA 282 -41.88 -60.55 51.46
CA ILE XA 282 -41.10 -59.44 50.95
C ILE XA 282 -39.93 -59.80 50.04
N ILE XA 283 -40.04 -59.36 48.79
CA ILE XA 283 -39.04 -59.61 47.77
C ILE XA 283 -37.96 -58.54 47.73
N TYR XA 284 -36.71 -58.97 47.61
CA TYR XA 284 -35.63 -58.01 47.40
C TYR XA 284 -35.21 -58.08 45.94
N VAL XA 285 -35.51 -57.04 45.18
CA VAL XA 285 -35.16 -57.13 43.77
C VAL XA 285 -33.92 -56.30 43.55
N ASN XA 286 -33.33 -56.34 42.37
CA ASN XA 286 -32.03 -55.71 42.19
C ASN XA 286 -32.15 -54.29 41.70
N GLY XA 287 -31.26 -53.40 42.15
CA GLY XA 287 -31.21 -52.04 41.66
C GLY XA 287 -32.51 -51.25 41.84
N SER XA 288 -32.95 -50.53 40.81
CA SER XA 288 -34.12 -49.66 40.93
C SER XA 288 -35.36 -50.09 40.16
N VAL XA 289 -36.47 -50.03 40.85
CA VAL XA 289 -37.77 -50.24 40.25
C VAL XA 289 -38.50 -48.91 40.05
N PRO XA 290 -39.07 -48.69 38.85
CA PRO XA 290 -39.75 -47.42 38.53
C PRO XA 290 -41.02 -47.14 39.34
N GLY XA 291 -41.10 -46.02 40.06
CA GLY XA 291 -42.35 -45.56 40.65
C GLY XA 291 -41.96 -44.93 41.96
N HIS XA 292 -42.88 -44.24 42.64
CA HIS XA 292 -42.53 -43.67 43.95
C HIS XA 292 -42.65 -44.71 45.04
N LYS XA 293 -41.92 -44.54 46.14
CA LYS XA 293 -42.08 -45.49 47.25
C LYS XA 293 -43.50 -45.42 47.77
N ASN XA 294 -44.06 -46.60 48.04
CA ASN XA 294 -45.43 -46.80 48.54
C ASN XA 294 -46.48 -46.87 47.42
N CYS XA 295 -46.04 -46.73 46.18
CA CYS XA 295 -46.91 -46.97 45.02
C CYS XA 295 -47.10 -48.46 44.70
N LEU XA 296 -48.12 -48.75 43.88
CA LEU XA 296 -48.43 -50.11 43.45
C LEU XA 296 -47.71 -50.59 42.18
N VAL XA 297 -47.28 -51.85 42.20
CA VAL XA 297 -46.38 -52.39 41.18
C VAL XA 297 -46.90 -53.66 40.55
N LYS XA 298 -46.44 -53.95 39.34
CA LYS XA 298 -46.71 -55.23 38.70
C LYS XA 298 -45.41 -56.01 38.41
N ILE XA 299 -45.19 -57.13 39.11
CA ILE XA 299 -44.00 -58.00 38.89
C ILE XA 299 -44.35 -59.24 38.09
N LYS XA 300 -43.44 -59.66 37.22
CA LYS XA 300 -43.59 -60.94 36.57
C LYS XA 300 -42.22 -61.52 36.35
N ASP XA 301 -42.17 -62.65 35.67
CA ASP XA 301 -40.90 -63.23 35.27
C ASP XA 301 -40.42 -62.55 34.02
N SER XA 302 -39.12 -62.44 33.86
CA SER XA 302 -38.56 -61.82 32.68
C SER XA 302 -38.94 -62.55 31.41
N LYS XA 303 -39.49 -61.82 30.46
CA LYS XA 303 -39.78 -62.37 29.15
C LYS XA 303 -38.57 -62.17 28.26
N LEU XA 304 -37.51 -61.67 28.88
CA LEU XA 304 -36.22 -61.54 28.22
C LEU XA 304 -35.77 -62.87 27.61
N PRO XA 305 -35.04 -62.79 26.47
CA PRO XA 305 -34.63 -63.96 25.69
C PRO XA 305 -33.74 -64.94 26.46
N ALA XA 306 -32.74 -64.41 27.17
CA ALA XA 306 -31.78 -65.26 27.87
C ALA XA 306 -32.44 -66.12 28.95
N TYR XA 307 -33.48 -65.57 29.57
CA TYR XA 307 -34.07 -66.14 30.78
C TYR XA 307 -35.31 -66.98 30.49
N LYS XA 308 -35.57 -67.18 29.22
CA LYS XA 308 -36.81 -67.76 28.71
C LYS XA 308 -37.31 -69.02 29.43
N ASP XA 309 -36.42 -69.98 29.66
CA ASP XA 309 -36.82 -71.28 30.19
C ASP XA 309 -36.67 -71.44 31.70
N PHE XA 310 -36.35 -70.35 32.40
CA PHE XA 310 -36.04 -70.39 33.83
C PHE XA 310 -37.21 -70.86 34.71
N CYS XA 311 -38.37 -71.04 34.09
CA CYS XA 311 -39.62 -71.42 34.76
C CYS XA 311 -39.69 -72.85 35.35
N LYS XA 312 -38.91 -73.77 34.78
CA LYS XA 312 -39.04 -75.19 35.13
C LYS XA 312 -38.74 -75.48 36.61
N ASN XA 313 -37.87 -74.67 37.21
CA ASN XA 313 -37.43 -74.92 38.57
C ASN XA 313 -38.22 -74.14 39.61
N LEU XA 314 -39.28 -73.46 39.18
CA LEU XA 314 -40.05 -72.60 40.06
C LEU XA 314 -41.44 -73.15 40.30
N PRO XA 315 -42.06 -72.75 41.42
CA PRO XA 315 -43.30 -73.39 41.93
C PRO XA 315 -44.46 -73.16 40.98
N PHE XA 316 -44.68 -74.09 40.05
CA PHE XA 316 -45.53 -73.75 38.91
C PHE XA 316 -46.85 -74.52 38.65
N PRO XA 317 -47.91 -74.23 39.41
CA PRO XA 317 -48.88 -73.27 38.84
C PRO XA 317 -48.42 -71.90 39.32
N THR XA 318 -48.04 -71.95 40.61
CA THR XA 318 -47.68 -70.87 41.53
C THR XA 318 -47.17 -71.55 42.82
N TYR XA 319 -46.86 -70.77 43.85
CA TYR XA 319 -46.50 -71.37 45.14
C TYR XA 319 -47.72 -71.58 46.05
N PHE XA 320 -47.73 -72.68 46.78
CA PHE XA 320 -48.89 -73.11 47.58
C PHE XA 320 -48.62 -73.47 49.04
N PRO XA 321 -48.90 -72.54 49.96
CA PRO XA 321 -48.67 -72.75 51.40
C PRO XA 321 -49.32 -74.02 51.98
N ASP XA 322 -50.53 -74.34 51.53
CA ASP XA 322 -51.26 -75.51 52.02
C ASP XA 322 -50.58 -76.83 51.71
N GLY XA 323 -50.39 -77.08 50.41
CA GLY XA 323 -50.08 -78.40 49.88
C GLY XA 323 -48.81 -79.10 50.34
N ASP XA 324 -47.70 -78.36 50.41
CA ASP XA 324 -46.43 -78.96 50.82
C ASP XA 324 -46.47 -79.36 52.29
N GLU XA 325 -47.25 -78.62 53.08
CA GLU XA 325 -47.42 -78.86 54.51
C GLU XA 325 -46.08 -78.82 55.27
N GLU XA 326 -45.12 -78.11 54.70
CA GLU XA 326 -43.85 -77.84 55.36
C GLU XA 326 -43.71 -76.32 55.47
N ALA XA 327 -42.87 -75.87 56.40
CA ALA XA 327 -42.60 -74.45 56.52
C ALA XA 327 -41.28 -74.10 55.84
N LEU XA 328 -41.33 -73.12 54.94
CA LEU XA 328 -40.12 -72.60 54.32
C LEU XA 328 -39.47 -71.61 55.28
N PRO XA 329 -38.14 -71.54 55.27
CA PRO XA 329 -37.40 -70.77 56.28
C PRO XA 329 -37.83 -69.31 56.30
N GLU XA 330 -37.46 -68.61 57.36
CA GLU XA 330 -37.70 -67.18 57.46
C GLU XA 330 -37.31 -66.40 56.21
N ASP XA 331 -36.14 -66.74 55.65
CA ASP XA 331 -35.63 -66.09 54.45
C ASP XA 331 -34.96 -67.07 53.47
N LEU XA 332 -35.09 -66.76 52.19
CA LEU XA 332 -34.43 -67.53 51.15
C LEU XA 332 -33.40 -66.67 50.46
N TYR XA 333 -32.12 -67.00 50.66
CA TYR XA 333 -31.06 -66.20 50.07
C TYR XA 333 -30.51 -66.88 48.83
N ASP XA 334 -30.08 -66.07 47.86
CA ASP XA 334 -29.28 -66.58 46.76
C ASP XA 334 -27.86 -66.93 47.26
N GLU XA 335 -27.14 -67.77 46.52
CA GLU XA 335 -25.83 -68.27 46.94
C GLU XA 335 -24.70 -67.25 46.88
N ASN XA 336 -25.01 -66.06 46.36
CA ASN XA 336 -24.02 -65.00 46.22
C ASN XA 336 -24.00 -64.08 47.44
N VAL XA 337 -24.91 -64.36 48.37
CA VAL XA 337 -25.36 -63.35 49.32
C VAL XA 337 -24.68 -63.40 50.68
N CYS XA 338 -24.20 -62.23 51.10
CA CYS XA 338 -23.78 -62.06 52.47
C CYS XA 338 -24.99 -61.91 53.36
N GLN XA 339 -25.09 -62.79 54.34
CA GLN XA 339 -26.25 -62.82 55.20
C GLN XA 339 -26.06 -61.89 56.42
N PRO XA 340 -27.18 -61.42 57.01
CA PRO XA 340 -27.23 -60.49 58.16
C PRO XA 340 -26.45 -60.95 59.39
N GLY XA 341 -26.16 -62.24 59.43
CA GLY XA 341 -25.23 -62.75 60.40
C GLY XA 341 -24.55 -63.85 59.62
N ALA XA 342 -23.27 -64.03 59.87
CA ALA XA 342 -22.38 -64.55 58.85
C ALA XA 342 -20.92 -64.47 59.32
N PRO XA 343 -20.02 -65.17 58.61
CA PRO XA 343 -18.57 -65.15 58.83
C PRO XA 343 -17.89 -63.79 58.94
N SER XA 344 -18.45 -62.73 58.35
CA SER XA 344 -17.74 -61.44 58.25
C SER XA 344 -16.47 -61.58 57.41
N ILE XA 345 -16.62 -61.62 56.08
CA ILE XA 345 -15.62 -62.18 55.16
C ILE XA 345 -14.18 -61.77 55.38
N THR XA 346 -13.30 -62.78 55.28
CA THR XA 346 -11.86 -62.55 55.25
C THR XA 346 -11.32 -63.10 53.93
N PHE XA 347 -10.70 -62.21 53.16
CA PHE XA 347 -10.10 -62.60 51.89
C PHE XA 347 -8.84 -63.38 52.15
N THR XA 348 -8.49 -64.27 51.21
CA THR XA 348 -7.35 -65.17 51.40
C THR XA 348 -6.60 -65.43 50.10
N PRO YA 45 -126.90 47.12 -34.29
CA PRO YA 45 -126.03 47.36 -35.46
C PRO YA 45 -124.90 46.32 -35.56
N PRO YA 46 -124.89 45.47 -36.61
CA PRO YA 46 -123.80 44.50 -36.71
C PRO YA 46 -122.40 45.15 -36.80
N VAL YA 47 -121.47 44.72 -35.95
CA VAL YA 47 -120.09 45.17 -36.03
C VAL YA 47 -119.32 44.22 -36.93
N LEU YA 48 -118.87 44.74 -38.07
CA LEU YA 48 -118.21 43.93 -39.09
C LEU YA 48 -116.85 44.53 -39.41
N ARG YA 49 -115.79 43.82 -39.04
CA ARG YA 49 -114.46 44.42 -39.10
C ARG YA 49 -113.60 43.84 -40.22
N LYS YA 50 -113.30 44.70 -41.18
CA LYS YA 50 -112.40 44.38 -42.28
C LYS YA 50 -110.96 44.51 -41.84
N CYS YA 51 -110.09 43.65 -42.37
CA CYS YA 51 -108.66 43.72 -42.03
C CYS YA 51 -108.03 45.00 -42.56
N GLU YA 52 -107.14 45.58 -41.74
CA GLU YA 52 -106.52 46.86 -42.07
C GLU YA 52 -105.24 46.65 -42.88
N LEU YA 53 -104.97 45.39 -43.23
CA LEU YA 53 -103.72 45.03 -43.88
C LEU YA 53 -103.91 44.01 -45.00
N PRO YA 54 -103.11 44.14 -46.07
CA PRO YA 54 -103.25 43.31 -47.29
C PRO YA 54 -102.98 41.84 -47.03
N VAL YA 55 -103.89 40.97 -47.47
CA VAL YA 55 -103.62 39.53 -47.42
C VAL YA 55 -102.86 39.14 -48.68
N PRO YA 56 -101.99 38.14 -48.57
CA PRO YA 56 -101.34 37.63 -49.78
C PRO YA 56 -102.39 37.04 -50.69
N ALA YA 57 -102.13 37.08 -51.99
CA ALA YA 57 -103.13 36.80 -53.00
C ALA YA 57 -103.73 35.39 -52.93
N HIS YA 58 -102.93 34.41 -52.53
CA HIS YA 58 -103.33 33.00 -52.56
C HIS YA 58 -104.01 32.57 -51.27
N ARG YA 59 -104.19 33.51 -50.36
CA ARG YA 59 -104.60 33.17 -49.01
C ARG YA 59 -105.75 34.02 -48.50
N ARG YA 60 -106.89 33.36 -48.20
CA ARG YA 60 -108.09 34.01 -47.67
C ARG YA 60 -108.01 34.23 -46.16
N PRO YA 61 -108.63 35.31 -45.66
CA PRO YA 61 -108.53 35.58 -44.23
C PRO YA 61 -109.34 34.62 -43.41
N VAL YA 62 -109.40 34.86 -42.11
CA VAL YA 62 -110.11 34.01 -41.18
C VAL YA 62 -111.21 34.86 -40.61
N GLN YA 63 -112.21 34.25 -40.00
CA GLN YA 63 -113.20 35.07 -39.35
C GLN YA 63 -113.54 34.53 -37.98
N ALA YA 64 -113.66 35.44 -37.01
CA ALA YA 64 -114.04 35.08 -35.66
C ALA YA 64 -115.28 35.85 -35.24
N TRP YA 65 -116.20 35.18 -34.54
CA TRP YA 65 -117.31 35.85 -33.90
C TRP YA 65 -116.79 36.97 -33.02
N ILE YA 66 -117.43 38.13 -33.08
CA ILE YA 66 -117.16 39.13 -32.05
C ILE YA 66 -118.24 39.01 -30.98
N GLU YA 67 -117.81 38.60 -29.79
CA GLU YA 67 -118.68 38.48 -28.64
C GLU YA 67 -118.59 39.77 -27.85
N SER YA 68 -119.66 40.14 -27.16
CA SER YA 68 -119.56 41.28 -26.27
C SER YA 68 -119.81 40.84 -24.84
N LEU YA 69 -119.38 41.68 -23.90
CA LEU YA 69 -119.34 41.32 -22.48
C LEU YA 69 -120.48 41.79 -21.60
N ARG YA 70 -121.43 42.55 -22.15
CA ARG YA 70 -122.49 43.10 -21.30
C ARG YA 70 -123.59 42.09 -20.94
N GLY YA 71 -124.16 41.42 -21.94
CA GLY YA 71 -125.12 40.37 -21.66
C GLY YA 71 -124.46 39.01 -21.57
N TYR YA 72 -125.00 38.13 -20.74
CA TYR YA 72 -124.57 36.73 -20.76
C TYR YA 72 -124.91 36.18 -22.11
N GLU YA 73 -126.04 36.65 -22.61
CA GLU YA 73 -126.72 36.02 -23.73
C GLU YA 73 -126.39 36.66 -25.07
N GLN YA 74 -125.57 37.70 -25.08
CA GLN YA 74 -125.15 38.16 -26.37
C GLN YA 74 -123.84 37.47 -26.69
N GLU YA 75 -123.95 36.51 -27.59
CA GLU YA 75 -122.86 35.61 -27.92
C GLU YA 75 -122.15 36.16 -29.13
N ARG YA 76 -122.78 36.08 -30.29
CA ARG YA 76 -122.16 36.65 -31.46
C ARG YA 76 -122.80 37.99 -31.75
N VAL YA 77 -122.05 39.03 -31.41
CA VAL YA 77 -122.50 40.39 -31.63
C VAL YA 77 -122.03 40.88 -32.98
N GLY YA 78 -121.06 40.19 -33.55
CA GLY YA 78 -120.50 40.61 -34.81
C GLY YA 78 -119.55 39.63 -35.47
N LEU YA 79 -118.83 40.13 -36.49
CA LEU YA 79 -117.92 39.28 -37.24
C LEU YA 79 -116.64 40.01 -37.63
N THR YA 80 -115.50 39.36 -37.38
CA THR YA 80 -114.21 39.97 -37.67
C THR YA 80 -113.35 39.15 -38.60
N GLU YA 81 -112.81 39.81 -39.61
CA GLU YA 81 -111.79 39.19 -40.41
C GLU YA 81 -110.43 39.31 -39.73
N LEU YA 82 -109.82 38.15 -39.50
CA LEU YA 82 -108.49 38.03 -38.95
C LEU YA 82 -107.49 37.73 -40.05
N HIS YA 83 -106.28 38.24 -39.89
CA HIS YA 83 -105.24 38.06 -40.90
C HIS YA 83 -104.67 36.65 -40.87
N PRO YA 84 -104.61 36.00 -42.04
CA PRO YA 84 -104.13 34.63 -42.19
C PRO YA 84 -102.68 34.46 -41.76
N ASP YA 85 -101.92 35.54 -41.87
CA ASP YA 85 -100.50 35.45 -41.62
C ASP YA 85 -100.16 35.54 -40.14
N VAL YA 86 -101.17 35.88 -39.34
CA VAL YA 86 -100.99 35.83 -37.91
C VAL YA 86 -101.76 34.63 -37.37
N PHE YA 87 -103.07 34.63 -37.59
CA PHE YA 87 -103.92 33.63 -36.95
C PHE YA 87 -104.13 32.34 -37.76
N SER YA 88 -103.73 32.33 -39.03
CA SER YA 88 -103.72 31.07 -39.78
C SER YA 88 -102.35 30.40 -39.99
N THR YA 89 -101.28 30.96 -39.42
CA THR YA 89 -99.90 30.46 -39.67
C THR YA 89 -99.76 28.95 -39.40
N ALA YA 90 -98.88 28.28 -40.14
CA ALA YA 90 -98.62 26.86 -39.94
C ALA YA 90 -98.24 26.60 -38.48
N PRO YA 91 -99.03 25.76 -37.78
CA PRO YA 91 -98.80 25.55 -36.35
C PRO YA 91 -97.53 24.77 -36.10
N ARG YA 92 -96.69 25.33 -35.26
CA ARG YA 92 -95.43 24.72 -34.96
C ARG YA 92 -95.23 24.69 -33.47
N LEU YA 93 -95.30 23.49 -32.90
CA LEU YA 93 -95.21 23.37 -31.47
C LEU YA 93 -93.76 23.46 -31.08
N ASP YA 94 -92.92 23.20 -32.07
CA ASP YA 94 -91.48 23.31 -31.95
C ASP YA 94 -91.08 24.65 -31.35
N ILE YA 95 -91.52 25.72 -31.99
CA ILE YA 95 -91.09 27.04 -31.58
C ILE YA 95 -91.82 27.48 -30.33
N LEU YA 96 -93.06 27.01 -30.18
CA LEU YA 96 -93.83 27.23 -28.96
C LEU YA 96 -93.00 26.84 -27.79
N HIS YA 97 -92.51 25.62 -27.89
CA HIS YA 97 -91.60 25.01 -26.93
C HIS YA 97 -90.37 25.89 -26.71
N GLN YA 98 -89.66 26.16 -27.80
CA GLN YA 98 -88.44 26.95 -27.72
C GLN YA 98 -88.58 28.20 -26.92
N VAL YA 99 -89.54 29.01 -27.33
CA VAL YA 99 -89.72 30.30 -26.72
C VAL YA 99 -90.30 30.19 -25.34
N ALA YA 100 -91.13 29.16 -25.13
CA ALA YA 100 -91.71 28.94 -23.82
C ALA YA 100 -90.61 28.73 -22.80
N ILE YA 101 -89.61 27.94 -23.19
CA ILE YA 101 -88.42 27.77 -22.37
C ILE YA 101 -87.69 29.10 -22.25
N TRP YA 102 -87.43 29.76 -23.38
CA TRP YA 102 -86.70 31.02 -23.34
C TRP YA 102 -87.34 32.03 -22.41
N GLN YA 103 -88.65 31.92 -22.22
CA GLN YA 103 -89.37 32.79 -21.28
C GLN YA 103 -88.97 32.41 -19.87
N LYS YA 104 -88.95 31.11 -19.62
CA LYS YA 104 -88.71 30.60 -18.30
C LYS YA 104 -87.34 30.94 -17.84
N ASN YA 105 -86.36 30.57 -18.67
CA ASN YA 105 -84.97 30.73 -18.29
C ASN YA 105 -84.43 32.14 -18.29
N PHE YA 106 -84.52 32.84 -19.41
CA PHE YA 106 -83.62 33.97 -19.63
C PHE YA 106 -83.65 34.99 -18.50
N LYS YA 107 -84.71 34.98 -17.70
CA LYS YA 107 -84.75 35.82 -16.52
C LYS YA 107 -83.91 35.25 -15.38
N ARG YA 108 -83.62 33.94 -15.43
CA ARG YA 108 -83.10 33.23 -14.26
C ARG YA 108 -81.69 33.56 -13.83
N ILE YA 109 -81.61 34.00 -12.59
CA ILE YA 109 -80.36 34.06 -11.89
C ILE YA 109 -80.47 33.19 -10.68
N SER YA 110 -79.67 32.14 -10.63
CA SER YA 110 -79.64 31.32 -9.44
C SER YA 110 -78.52 31.81 -8.58
N TYR YA 111 -78.86 32.19 -7.36
CA TYR YA 111 -77.83 32.52 -6.41
C TYR YA 111 -77.72 31.29 -5.57
N ALA YA 112 -76.70 30.50 -5.84
CA ALA YA 112 -76.30 29.43 -4.96
C ALA YA 112 -74.79 29.40 -4.98
N LYS YA 113 -74.17 29.69 -3.84
CA LYS YA 113 -72.73 29.57 -3.77
C LYS YA 113 -72.37 28.48 -2.80
N THR YA 114 -71.42 27.64 -3.18
CA THR YA 114 -70.86 26.71 -2.22
C THR YA 114 -69.38 27.09 -2.05
N LYS YA 115 -68.75 26.68 -0.96
CA LYS YA 115 -67.39 27.15 -0.71
C LYS YA 115 -66.35 26.13 -1.11
N THR YA 116 -65.39 26.56 -1.93
CA THR YA 116 -64.25 25.71 -2.30
C THR YA 116 -63.29 25.59 -1.14
N ARG YA 117 -62.39 24.60 -1.23
CA ARG YA 117 -61.40 24.35 -0.19
C ARG YA 117 -60.54 25.55 0.11
N ALA YA 118 -60.63 26.56 -0.75
CA ALA YA 118 -59.98 27.82 -0.52
C ALA YA 118 -60.77 28.73 0.43
N GLU YA 119 -62.09 28.63 0.38
CA GLU YA 119 -62.93 29.61 1.05
C GLU YA 119 -63.46 29.18 2.42
N VAL YA 120 -63.17 27.95 2.81
CA VAL YA 120 -63.58 27.45 4.10
C VAL YA 120 -62.79 28.17 5.19
N ARG YA 121 -63.25 28.09 6.44
CA ARG YA 121 -62.70 28.87 7.55
C ARG YA 121 -61.18 28.90 7.77
N GLY YA 122 -60.57 27.73 7.80
CA GLY YA 122 -59.25 27.58 8.38
C GLY YA 122 -58.67 26.27 7.88
N GLY YA 123 -57.68 25.73 8.59
CA GLY YA 123 -57.01 24.51 8.13
C GLY YA 123 -55.98 24.87 7.09
N GLY YA 124 -55.19 25.89 7.41
CA GLY YA 124 -54.16 26.33 6.53
C GLY YA 124 -52.94 25.44 6.67
N ARG YA 125 -53.10 24.24 7.21
CA ARG YA 125 -51.91 23.41 7.44
C ARG YA 125 -52.09 21.91 7.32
N LYS YA 126 -50.99 21.25 7.00
CA LYS YA 126 -50.93 19.81 7.02
C LYS YA 126 -51.22 19.35 8.42
N PRO YA 127 -52.27 18.55 8.58
CA PRO YA 127 -52.74 18.13 9.89
C PRO YA 127 -51.67 17.32 10.62
N TRP YA 128 -51.03 16.37 9.92
CA TRP YA 128 -49.85 15.67 10.44
C TRP YA 128 -48.89 15.27 9.32
N VAL YA 129 -47.76 14.67 9.66
CA VAL YA 129 -46.73 14.49 8.66
C VAL YA 129 -47.04 13.50 7.60
N GLN YA 130 -46.31 13.69 6.53
CA GLN YA 130 -46.35 12.85 5.38
C GLN YA 130 -46.21 11.38 5.74
N LYS YA 131 -45.15 11.08 6.46
CA LYS YA 131 -44.73 9.70 6.64
C LYS YA 131 -44.66 9.23 8.08
N GLY YA 132 -44.92 7.94 8.26
CA GLY YA 132 -44.62 7.21 9.48
C GLY YA 132 -45.80 7.02 10.41
N SER YA 133 -46.81 7.89 10.31
CA SER YA 133 -48.00 7.77 11.14
C SER YA 133 -48.64 6.45 10.80
N GLY YA 134 -48.65 6.14 9.51
CA GLY YA 134 -49.27 4.94 9.03
C GLY YA 134 -50.75 5.14 8.83
N ARG YA 135 -51.17 6.37 8.54
CA ARG YA 135 -52.53 6.56 8.05
C ARG YA 135 -52.48 7.35 6.78
N ALA YA 136 -53.64 7.52 6.16
CA ALA YA 136 -53.75 8.18 4.86
C ALA YA 136 -53.28 9.63 4.93
N ARG YA 137 -52.49 10.04 3.96
CA ARG YA 137 -51.92 11.38 3.92
C ARG YA 137 -52.92 12.44 3.50
N HIS YA 138 -52.85 13.62 4.12
CA HIS YA 138 -53.74 14.68 3.74
C HIS YA 138 -53.07 16.00 3.76
N GLY YA 139 -53.65 16.94 3.03
CA GLY YA 139 -53.26 18.33 3.13
C GLY YA 139 -54.18 18.85 4.20
N SER YA 140 -54.65 20.06 4.02
CA SER YA 140 -55.60 20.66 4.93
C SER YA 140 -56.78 19.77 5.28
N ILE YA 141 -57.25 19.90 6.50
CA ILE YA 141 -58.48 19.26 6.92
C ILE YA 141 -59.69 19.77 6.16
N ARG YA 142 -59.49 20.77 5.31
CA ARG YA 142 -60.56 21.26 4.45
C ARG YA 142 -60.54 20.66 3.06
N SER YA 143 -59.68 19.66 2.85
CA SER YA 143 -59.84 18.82 1.70
C SER YA 143 -61.28 18.37 1.59
N PRO YA 144 -61.85 18.47 0.39
CA PRO YA 144 -63.22 18.09 0.12
C PRO YA 144 -63.54 16.69 0.56
N ILE YA 145 -62.52 15.85 0.67
CA ILE YA 145 -62.71 14.51 1.20
C ILE YA 145 -63.22 14.57 2.61
N TRP YA 146 -62.70 15.54 3.34
CA TRP YA 146 -62.96 15.63 4.76
C TRP YA 146 -64.36 16.09 5.10
N ARG YA 147 -64.75 15.80 6.33
CA ARG YA 147 -66.11 16.04 6.79
C ARG YA 147 -66.53 17.48 6.59
N GLY YA 148 -66.00 18.35 7.42
CA GLY YA 148 -66.44 19.73 7.40
C GLY YA 148 -65.73 20.58 6.38
N GLY YA 149 -64.97 19.95 5.49
CA GLY YA 149 -64.20 20.69 4.50
C GLY YA 149 -64.92 21.09 3.23
N GLY YA 150 -64.16 21.54 2.23
CA GLY YA 150 -64.70 22.19 1.05
C GLY YA 150 -65.55 21.35 0.13
N VAL YA 151 -66.23 22.03 -0.78
CA VAL YA 151 -67.04 21.35 -1.78
C VAL YA 151 -66.39 21.45 -3.15
N ALA YA 152 -66.13 20.27 -3.71
CA ALA YA 152 -65.29 20.10 -4.88
C ALA YA 152 -65.73 20.92 -6.06
N HIS YA 153 -66.95 20.66 -6.48
CA HIS YA 153 -67.46 21.40 -7.59
C HIS YA 153 -68.70 22.20 -7.18
N GLY YA 154 -69.88 21.57 -7.12
CA GLY YA 154 -71.06 22.29 -6.67
C GLY YA 154 -71.43 23.52 -7.48
N PRO YA 155 -72.27 24.36 -6.92
CA PRO YA 155 -72.75 25.61 -7.51
C PRO YA 155 -71.71 26.66 -7.40
N ARG YA 156 -71.75 27.67 -8.25
CA ARG YA 156 -70.87 28.78 -8.03
C ARG YA 156 -71.60 30.09 -8.15
N GLY YA 157 -71.68 30.81 -7.04
CA GLY YA 157 -71.99 32.23 -7.03
C GLY YA 157 -73.32 32.60 -7.63
N PRO YA 158 -73.58 33.89 -7.77
CA PRO YA 158 -74.69 34.24 -8.64
C PRO YA 158 -74.35 33.78 -10.03
N THR YA 159 -75.29 33.07 -10.65
CA THR YA 159 -75.10 32.49 -11.97
C THR YA 159 -76.31 32.70 -12.86
N SER YA 160 -76.07 33.29 -14.03
CA SER YA 160 -77.17 33.70 -14.89
C SER YA 160 -77.27 32.86 -16.12
N TYR YA 161 -78.50 32.52 -16.51
CA TYR YA 161 -78.73 32.01 -17.85
C TYR YA 161 -79.44 33.08 -18.60
N TYR YA 162 -78.75 33.69 -19.52
CA TYR YA 162 -79.39 34.74 -20.26
C TYR YA 162 -79.01 34.56 -21.68
N TYR YA 163 -80.00 34.48 -22.54
CA TYR YA 163 -79.68 34.40 -23.94
C TYR YA 163 -80.84 34.96 -24.71
N MET YA 164 -80.53 35.54 -25.86
CA MET YA 164 -81.57 36.14 -26.65
C MET YA 164 -81.95 35.22 -27.80
N LEU YA 165 -83.13 34.65 -27.70
CA LEU YA 165 -83.74 34.03 -28.86
C LEU YA 165 -83.79 35.12 -29.91
N PRO YA 166 -83.42 34.80 -31.15
CA PRO YA 166 -83.39 35.85 -32.19
C PRO YA 166 -84.79 36.43 -32.45
N MET YA 167 -84.83 37.68 -32.92
CA MET YA 167 -86.07 38.47 -33.05
C MET YA 167 -87.27 37.77 -33.67
N LYS YA 168 -87.09 37.49 -34.95
CA LYS YA 168 -88.15 36.98 -35.82
C LYS YA 168 -88.69 35.63 -35.30
N VAL YA 169 -87.91 34.99 -34.44
CA VAL YA 169 -88.31 33.77 -33.77
C VAL YA 169 -89.36 33.96 -32.68
N ARG YA 170 -89.06 34.82 -31.71
CA ARG YA 170 -90.02 35.14 -30.67
C ARG YA 170 -91.29 35.63 -31.32
N VAL YA 171 -91.11 36.51 -32.30
CA VAL YA 171 -92.22 37.01 -33.07
C VAL YA 171 -93.08 35.87 -33.61
N GLN YA 172 -92.45 34.97 -34.34
CA GLN YA 172 -93.24 33.92 -34.97
C GLN YA 172 -93.84 33.01 -33.92
N GLY YA 173 -93.30 33.08 -32.71
CA GLY YA 173 -93.84 32.34 -31.58
C GLY YA 173 -95.19 32.85 -31.10
N LEU YA 174 -95.27 34.16 -30.88
CA LEU YA 174 -96.55 34.76 -30.58
C LEU YA 174 -97.51 34.42 -31.68
N LYS YA 175 -97.03 34.53 -32.92
CA LYS YA 175 -97.87 34.17 -34.05
C LYS YA 175 -98.49 32.81 -33.86
N VAL YA 176 -97.65 31.81 -33.63
CA VAL YA 176 -98.12 30.44 -33.54
C VAL YA 176 -99.08 30.28 -32.37
N ALA YA 177 -98.70 30.78 -31.20
CA ALA YA 177 -99.54 30.71 -30.01
C ALA YA 177 -100.96 31.17 -30.31
N LEU YA 178 -101.07 32.33 -30.95
CA LEU YA 178 -102.36 32.87 -31.32
C LEU YA 178 -103.10 31.96 -32.27
N THR YA 179 -102.39 31.52 -33.30
CA THR YA 179 -102.98 30.66 -34.30
C THR YA 179 -103.57 29.42 -33.65
N VAL YA 180 -102.91 28.95 -32.62
CA VAL YA 180 -103.30 27.73 -31.95
C VAL YA 180 -104.51 27.96 -31.05
N LYS YA 181 -104.47 29.06 -30.29
CA LYS YA 181 -105.61 29.43 -29.43
C LYS YA 181 -106.86 29.60 -30.27
N LEU YA 182 -106.66 30.03 -31.50
CA LEU YA 182 -107.77 30.18 -32.43
C LEU YA 182 -108.23 28.85 -33.01
N ALA YA 183 -107.29 28.02 -33.44
CA ALA YA 183 -107.61 26.82 -34.18
C ALA YA 183 -108.17 25.73 -33.30
N GLN YA 184 -107.85 25.82 -32.01
CA GLN YA 184 -108.37 24.89 -31.04
C GLN YA 184 -109.66 25.46 -30.49
N ASP YA 185 -110.09 26.57 -31.09
CA ASP YA 185 -111.45 27.13 -30.95
C ASP YA 185 -111.61 27.95 -29.67
N ASP YA 186 -110.55 28.02 -28.88
CA ASP YA 186 -110.62 28.59 -27.56
C ASP YA 186 -110.26 30.08 -27.52
N LEU YA 187 -110.08 30.68 -28.70
CA LEU YA 187 -109.93 32.13 -28.75
C LEU YA 187 -111.29 32.80 -28.94
N HIS YA 188 -111.55 33.83 -28.12
CA HIS YA 188 -112.78 34.60 -28.20
C HIS YA 188 -112.48 36.08 -28.33
N ILE YA 189 -112.82 36.66 -29.48
CA ILE YA 189 -112.66 38.10 -29.64
C ILE YA 189 -113.81 38.81 -28.98
N VAL YA 190 -113.50 39.94 -28.37
CA VAL YA 190 -114.53 40.77 -27.78
C VAL YA 190 -114.41 42.16 -28.39
N ASP YA 191 -115.51 42.89 -28.36
CA ASP YA 191 -115.47 44.32 -28.54
C ASP YA 191 -115.62 44.84 -27.12
N SER YA 192 -115.68 46.17 -26.96
CA SER YA 192 -116.03 46.71 -25.66
C SER YA 192 -115.05 46.25 -24.59
N LEU YA 193 -115.55 45.35 -23.74
CA LEU YA 193 -115.03 45.01 -22.42
C LEU YA 193 -115.68 45.88 -21.35
N GLU YA 194 -116.57 46.78 -21.76
CA GLU YA 194 -117.42 47.48 -20.78
C GLU YA 194 -118.17 46.43 -19.97
N LEU YA 195 -118.01 46.46 -18.65
CA LEU YA 195 -118.69 45.50 -17.79
C LEU YA 195 -119.89 46.10 -17.08
N PRO YA 196 -121.03 45.39 -17.10
CA PRO YA 196 -122.28 45.75 -16.42
C PRO YA 196 -122.12 46.12 -14.95
N THR YA 197 -121.06 45.65 -14.30
CA THR YA 197 -120.95 45.74 -12.84
C THR YA 197 -119.58 45.26 -12.36
N ALA YA 198 -119.27 45.53 -11.09
CA ALA YA 198 -117.97 45.16 -10.49
C ALA YA 198 -118.03 43.84 -9.69
N ASP YA 199 -119.20 43.20 -9.70
CA ASP YA 199 -119.39 41.90 -9.05
C ASP YA 199 -118.67 40.81 -9.84
N PRO YA 200 -117.63 40.22 -9.23
CA PRO YA 200 -116.85 39.18 -9.89
C PRO YA 200 -117.65 37.88 -10.17
N GLN YA 201 -118.66 37.60 -9.35
CA GLN YA 201 -119.52 36.44 -9.59
C GLN YA 201 -120.16 36.51 -10.97
N TYR YA 202 -120.55 37.71 -11.38
CA TYR YA 202 -121.06 37.94 -12.72
C TYR YA 202 -120.09 37.40 -13.77
N LEU YA 203 -118.81 37.72 -13.65
CA LEU YA 203 -117.77 37.31 -14.60
C LEU YA 203 -117.59 35.80 -14.62
N ILE YA 204 -117.42 35.24 -13.43
CA ILE YA 204 -117.26 33.80 -13.30
C ILE YA 204 -118.44 33.07 -13.95
N GLU YA 205 -119.64 33.55 -13.67
CA GLU YA 205 -120.84 32.91 -14.17
C GLU YA 205 -121.01 33.14 -15.66
N LEU YA 206 -120.42 34.22 -16.16
CA LEU YA 206 -120.40 34.49 -17.58
C LEU YA 206 -119.55 33.44 -18.29
N ALA YA 207 -118.34 33.24 -17.77
CA ALA YA 207 -117.49 32.18 -18.27
C ALA YA 207 -118.22 30.85 -18.15
N ARG YA 208 -119.10 30.73 -17.15
CA ARG YA 208 -119.87 29.51 -16.98
C ARG YA 208 -120.91 29.33 -18.08
N TYR YA 209 -121.56 30.41 -18.47
CA TYR YA 209 -122.63 30.32 -19.44
C TYR YA 209 -122.08 30.07 -20.85
N ARG YA 210 -120.86 30.53 -21.09
CA ARG YA 210 -120.24 30.40 -22.41
C ARG YA 210 -119.34 29.17 -22.56
N ARG YA 211 -119.30 28.35 -21.51
CA ARG YA 211 -118.42 27.18 -21.42
C ARG YA 211 -117.00 27.54 -21.82
N TRP YA 212 -116.41 28.40 -21.02
CA TRP YA 212 -115.14 29.00 -21.34
C TRP YA 212 -113.97 28.21 -20.79
N GLY YA 213 -114.28 27.19 -19.99
CA GLY YA 213 -113.22 26.44 -19.33
C GLY YA 213 -112.75 27.16 -18.08
N ASP YA 214 -111.72 26.63 -17.42
CA ASP YA 214 -111.35 27.06 -16.08
C ASP YA 214 -110.69 28.42 -15.98
N SER YA 215 -109.72 28.67 -16.84
CA SER YA 215 -108.91 29.87 -16.70
C SER YA 215 -109.09 30.80 -17.87
N VAL YA 216 -108.78 32.07 -17.68
CA VAL YA 216 -108.90 33.05 -18.76
C VAL YA 216 -107.89 34.20 -18.69
N LEU YA 217 -107.36 34.56 -19.86
CA LEU YA 217 -106.52 35.74 -19.99
C LEU YA 217 -107.19 36.83 -20.84
N LEU YA 218 -107.53 37.92 -20.18
CA LEU YA 218 -108.17 39.07 -20.83
C LEU YA 218 -107.14 40.08 -21.24
N VAL YA 219 -107.20 40.44 -22.52
CA VAL YA 219 -106.20 41.36 -23.06
C VAL YA 219 -106.85 42.68 -23.49
N ASP YA 220 -106.24 43.77 -23.07
CA ASP YA 220 -106.74 45.10 -23.41
C ASP YA 220 -105.61 45.94 -24.00
N LEU YA 221 -105.95 47.06 -24.63
CA LEU YA 221 -104.97 47.79 -25.43
C LEU YA 221 -103.92 48.51 -24.60
N GLU YA 222 -104.35 49.26 -23.59
CA GLU YA 222 -103.38 49.99 -22.79
C GLU YA 222 -103.73 49.91 -21.31
N HIS YA 223 -102.79 50.33 -20.47
CA HIS YA 223 -102.94 50.22 -19.02
C HIS YA 223 -103.91 51.25 -18.45
N GLU YA 224 -103.99 52.40 -19.11
CA GLU YA 224 -104.80 53.50 -18.63
C GLU YA 224 -106.29 53.37 -18.97
N ASP YA 225 -106.58 52.70 -20.09
CA ASP YA 225 -107.90 52.72 -20.71
C ASP YA 225 -108.83 51.59 -20.32
N MET YA 226 -108.40 50.74 -19.40
CA MET YA 226 -109.23 49.64 -18.95
C MET YA 226 -110.37 50.21 -18.10
N PRO YA 227 -111.64 49.91 -18.45
CA PRO YA 227 -112.78 50.42 -17.68
C PRO YA 227 -112.76 49.92 -16.25
N GLN YA 228 -113.40 50.66 -15.35
CA GLN YA 228 -113.20 50.46 -13.92
C GLN YA 228 -113.90 49.22 -13.38
N ASN YA 229 -114.94 48.77 -14.07
CA ASN YA 229 -115.62 47.54 -13.66
C ASN YA 229 -114.80 46.28 -13.96
N VAL YA 230 -114.08 46.28 -15.06
CA VAL YA 230 -113.17 45.18 -15.38
C VAL YA 230 -112.14 45.05 -14.29
N VAL YA 231 -111.38 46.14 -14.10
CA VAL YA 231 -110.34 46.20 -13.09
C VAL YA 231 -110.86 45.74 -11.75
N ALA YA 232 -111.98 46.36 -11.33
CA ALA YA 232 -112.61 46.01 -10.06
C ALA YA 232 -112.87 44.50 -9.97
N ALA YA 233 -113.75 44.00 -10.83
CA ALA YA 233 -114.22 42.61 -10.72
C ALA YA 233 -113.10 41.57 -10.82
N THR YA 234 -112.13 41.84 -11.69
CA THR YA 234 -111.09 40.87 -11.96
C THR YA 234 -109.96 40.88 -10.92
N SER YA 235 -109.58 42.05 -10.42
CA SER YA 235 -108.46 42.13 -9.46
C SER YA 235 -108.72 41.29 -8.21
N GLY YA 236 -109.98 40.90 -8.02
CA GLY YA 236 -110.39 40.04 -6.93
C GLY YA 236 -110.59 38.61 -7.39
N LEU YA 237 -109.94 38.24 -8.49
CA LEU YA 237 -110.08 36.91 -9.04
C LEU YA 237 -108.72 36.26 -9.30
N LYS YA 238 -108.63 34.97 -9.00
CA LYS YA 238 -107.40 34.20 -9.23
C LYS YA 238 -107.22 33.75 -10.66
N THR YA 239 -108.27 33.14 -11.21
CA THR YA 239 -108.15 32.45 -12.49
C THR YA 239 -108.11 33.41 -13.67
N PHE YA 240 -108.93 34.46 -13.60
CA PHE YA 240 -108.98 35.43 -14.68
C PHE YA 240 -107.85 36.39 -14.52
N ASN YA 241 -107.37 36.90 -15.63
CA ASN YA 241 -106.33 37.91 -15.53
C ASN YA 241 -106.51 39.01 -16.53
N LEU YA 242 -105.94 40.17 -16.23
CA LEU YA 242 -106.19 41.37 -17.00
C LEU YA 242 -104.90 42.10 -17.34
N VAL YA 243 -104.60 42.19 -18.62
CA VAL YA 243 -103.28 42.67 -19.00
C VAL YA 243 -103.28 43.56 -20.26
N PRO YA 244 -102.45 44.61 -20.26
CA PRO YA 244 -102.21 45.37 -21.48
C PRO YA 244 -101.56 44.49 -22.52
N ALA YA 245 -101.92 44.71 -23.79
CA ALA YA 245 -101.43 43.87 -24.87
C ALA YA 245 -99.93 44.02 -25.10
N VAL YA 246 -99.29 44.98 -24.42
CA VAL YA 246 -97.82 45.09 -24.46
C VAL YA 246 -97.18 43.93 -23.71
N GLY YA 247 -97.96 43.32 -22.81
CA GLY YA 247 -97.51 42.19 -22.03
C GLY YA 247 -98.14 40.87 -22.43
N LEU YA 248 -98.73 40.81 -23.61
CA LEU YA 248 -99.16 39.53 -24.13
C LEU YA 248 -97.92 38.66 -24.25
N ASN YA 249 -98.01 37.40 -23.81
CA ASN YA 249 -96.84 36.53 -23.89
C ASN YA 249 -97.20 35.05 -23.99
N VAL YA 250 -96.29 34.29 -24.60
CA VAL YA 250 -96.57 32.91 -24.94
C VAL YA 250 -96.93 32.05 -23.73
N HIS YA 251 -96.05 32.08 -22.73
CA HIS YA 251 -96.23 31.29 -21.51
C HIS YA 251 -97.62 31.48 -20.95
N SER YA 252 -98.03 32.74 -20.85
CA SER YA 252 -99.30 33.05 -20.24
C SER YA 252 -100.43 32.59 -21.14
N MET YA 253 -100.20 32.69 -22.44
CA MET YA 253 -101.20 32.25 -23.39
C MET YA 253 -101.52 30.78 -23.23
N LEU YA 254 -100.50 29.98 -22.97
CA LEU YA 254 -100.70 28.54 -22.75
C LEU YA 254 -101.15 28.22 -21.34
N LYS YA 255 -100.91 29.17 -20.45
CA LYS YA 255 -101.21 28.99 -19.04
C LYS YA 255 -102.69 29.22 -18.79
N HIS YA 256 -103.34 29.90 -19.71
CA HIS YA 256 -104.76 30.12 -19.59
C HIS YA 256 -105.56 29.42 -20.66
N GLN YA 257 -106.51 28.62 -20.21
CA GLN YA 257 -107.34 27.77 -21.06
C GLN YA 257 -108.18 28.56 -22.06
N THR YA 258 -108.27 29.87 -21.90
CA THR YA 258 -108.96 30.70 -22.87
C THR YA 258 -108.29 32.06 -23.00
N LEU YA 259 -108.12 32.48 -24.25
CA LEU YA 259 -107.60 33.79 -24.55
C LEU YA 259 -108.75 34.66 -25.01
N VAL YA 260 -108.78 35.92 -24.54
CA VAL YA 260 -109.84 36.84 -24.94
C VAL YA 260 -109.26 38.20 -25.34
N LEU YA 261 -109.47 38.55 -26.60
CA LEU YA 261 -108.85 39.69 -27.26
C LEU YA 261 -109.82 40.81 -27.60
N THR YA 262 -109.50 42.06 -27.23
CA THR YA 262 -110.33 43.22 -27.61
C THR YA 262 -110.11 43.62 -29.05
N LEU YA 263 -111.12 44.16 -29.71
CA LEU YA 263 -110.98 44.45 -31.13
C LEU YA 263 -109.84 45.43 -31.46
N PRO YA 264 -109.76 46.57 -30.75
CA PRO YA 264 -108.61 47.46 -31.00
C PRO YA 264 -107.29 46.75 -30.75
N THR YA 265 -107.32 45.84 -29.79
CA THR YA 265 -106.17 45.02 -29.45
C THR YA 265 -105.74 44.16 -30.63
N VAL YA 266 -106.69 43.48 -31.28
CA VAL YA 266 -106.37 42.62 -32.43
C VAL YA 266 -105.86 43.42 -33.62
N ALA YA 267 -106.53 44.53 -33.91
CA ALA YA 267 -106.10 45.39 -35.00
C ALA YA 267 -104.68 45.89 -34.76
N PHE YA 268 -104.32 46.00 -33.48
CA PHE YA 268 -103.00 46.42 -33.07
C PHE YA 268 -101.97 45.30 -33.27
N LEU YA 269 -102.23 44.16 -32.62
CA LEU YA 269 -101.40 42.95 -32.72
C LEU YA 269 -101.06 42.54 -34.14
N GLU YA 270 -102.10 42.37 -34.93
CA GLU YA 270 -102.00 41.91 -36.31
C GLU YA 270 -100.89 42.67 -37.02
N GLU YA 271 -100.90 43.98 -36.79
CA GLU YA 271 -99.96 44.91 -37.38
C GLU YA 271 -98.57 44.68 -36.81
N LYS YA 272 -98.44 44.89 -35.50
CA LYS YA 272 -97.15 44.79 -34.83
C LYS YA 272 -96.36 43.50 -35.16
N LEU YA 273 -97.07 42.37 -35.28
CA LEU YA 273 -96.42 41.11 -35.66
C LEU YA 273 -96.12 41.02 -37.15
N LEU YA 274 -97.11 41.35 -37.97
CA LEU YA 274 -96.94 41.28 -39.41
C LEU YA 274 -95.81 42.15 -39.93
N TRP YA 275 -95.39 43.09 -39.12
CA TRP YA 275 -94.32 43.98 -39.51
C TRP YA 275 -93.06 43.24 -39.89
N HIS YA 276 -92.90 42.04 -39.33
CA HIS YA 276 -91.60 41.41 -39.28
C HIS YA 276 -91.19 40.47 -40.43
N ASN YA 277 -92.13 40.09 -41.27
CA ASN YA 277 -91.78 39.29 -42.44
C ASN YA 277 -91.31 40.20 -43.56
N SER YA 278 -91.71 41.46 -43.42
CA SER YA 278 -91.46 42.50 -44.39
C SER YA 278 -90.31 43.42 -44.04
N ARG YA 279 -89.62 43.17 -42.93
CA ARG YA 279 -88.70 44.16 -42.41
C ARG YA 279 -87.24 43.88 -42.75
N TYR YA 280 -86.48 44.94 -42.89
CA TYR YA 280 -85.04 44.85 -43.03
C TYR YA 280 -84.39 44.33 -41.76
N THR YA 281 -83.16 43.86 -41.90
CA THR YA 281 -82.26 43.73 -40.76
C THR YA 281 -81.90 45.11 -40.24
N PRO YA 282 -82.11 45.34 -38.93
CA PRO YA 282 -81.79 46.63 -38.33
C PRO YA 282 -80.38 47.04 -38.64
N LEU YA 283 -80.21 48.33 -38.85
CA LEU YA 283 -78.88 48.90 -38.96
C LEU YA 283 -78.42 49.23 -37.55
N TYR YA 284 -79.14 50.11 -36.88
CA TYR YA 284 -78.88 50.36 -35.47
C TYR YA 284 -80.15 49.99 -34.73
N PRO YA 285 -80.16 50.15 -33.40
CA PRO YA 285 -81.36 49.88 -32.62
C PRO YA 285 -82.62 50.55 -33.16
N PHE YA 286 -83.73 49.83 -33.10
CA PHE YA 286 -84.96 50.30 -33.68
C PHE YA 286 -85.57 51.42 -32.87
N ARG YA 287 -85.11 51.56 -31.64
CA ARG YA 287 -85.59 52.62 -30.79
C ARG YA 287 -85.19 53.97 -31.37
N LEU YA 288 -84.21 53.97 -32.26
CA LEU YA 288 -83.70 55.18 -32.90
C LEU YA 288 -84.61 55.68 -34.04
N PRO YA 289 -84.35 56.91 -34.52
CA PRO YA 289 -85.09 57.45 -35.68
C PRO YA 289 -84.95 56.64 -36.96
N TYR YA 290 -86.08 56.31 -37.56
CA TYR YA 290 -86.05 55.72 -38.88
C TYR YA 290 -86.94 56.47 -39.82
N CYS YA 291 -86.64 56.31 -41.10
CA CYS YA 291 -87.40 56.93 -42.17
C CYS YA 291 -88.90 56.78 -41.95
N ASP YA 292 -89.37 55.56 -42.11
CA ASP YA 292 -90.78 55.26 -41.94
C ASP YA 292 -91.09 55.13 -40.46
N PHE YA 293 -90.14 54.59 -39.72
CA PHE YA 293 -90.47 54.03 -38.44
C PHE YA 293 -90.46 55.00 -37.27
N PRO YA 294 -91.46 54.86 -36.38
CA PRO YA 294 -91.52 55.49 -35.05
C PRO YA 294 -90.32 55.14 -34.15
N THR ZA 53 -29.17 64.37 -8.56
CA THR ZA 53 -30.13 64.45 -9.66
C THR ZA 53 -29.76 63.49 -10.79
N VAL ZA 54 -30.46 62.37 -10.86
CA VAL ZA 54 -30.28 61.50 -12.00
C VAL ZA 54 -31.53 61.52 -12.86
N ILE ZA 55 -31.33 61.32 -14.14
CA ILE ZA 55 -32.41 61.28 -15.09
C ILE ZA 55 -32.43 59.89 -15.72
N VAL ZA 56 -33.61 59.28 -15.69
CA VAL ZA 56 -33.76 57.84 -15.88
C VAL ZA 56 -34.92 57.48 -16.81
N GLU ZA 57 -34.77 56.39 -17.55
CA GLU ZA 57 -35.84 55.91 -18.43
C GLU ZA 57 -36.22 54.47 -18.10
N ARG ZA 58 -37.46 54.09 -18.42
CA ARG ZA 58 -37.90 52.70 -18.24
C ARG ZA 58 -37.43 51.80 -19.39
N TRP ZA 59 -37.10 50.55 -19.11
CA TRP ZA 59 -36.70 49.64 -20.17
C TRP ZA 59 -37.88 49.08 -20.88
N TRP ZA 60 -39.02 49.11 -20.21
CA TRP ZA 60 -40.23 48.55 -20.74
C TRP ZA 60 -41.25 49.63 -21.06
N LYS ZA 61 -42.00 49.44 -22.14
CA LYS ZA 61 -43.01 50.40 -22.53
C LYS ZA 61 -44.28 50.26 -21.69
N VAL ZA 62 -44.70 51.34 -21.04
CA VAL ZA 62 -46.00 51.38 -20.38
C VAL ZA 62 -47.05 51.54 -21.46
N PRO ZA 63 -48.18 50.84 -21.33
CA PRO ZA 63 -49.30 51.09 -22.24
C PRO ZA 63 -50.11 52.31 -21.80
N LEU ZA 64 -51.12 52.69 -22.57
CA LEU ZA 64 -51.76 54.01 -22.45
C LEU ZA 64 -53.10 53.98 -21.71
N ALA ZA 65 -53.33 54.97 -20.85
CA ALA ZA 65 -54.71 55.29 -20.45
C ALA ZA 65 -54.90 56.80 -20.63
N GLY ZA 66 -55.71 57.18 -21.62
CA GLY ZA 66 -55.75 58.57 -22.09
C GLY ZA 66 -56.93 59.42 -21.67
N GLU ZA 67 -57.97 58.77 -21.17
CA GLU ZA 67 -59.19 59.44 -20.77
C GLU ZA 67 -58.96 60.24 -19.49
N GLY ZA 68 -57.78 60.12 -18.91
CA GLY ZA 68 -57.50 60.78 -17.65
C GLY ZA 68 -57.44 59.78 -16.53
N ARG ZA 69 -57.80 58.54 -16.82
CA ARG ZA 69 -57.44 57.45 -15.93
C ARG ZA 69 -55.92 57.43 -15.79
N LYS ZA 70 -55.40 57.26 -14.58
CA LYS ZA 70 -53.96 57.17 -14.41
C LYS ZA 70 -53.48 55.82 -14.91
N PRO ZA 71 -52.22 55.75 -15.40
CA PRO ZA 71 -51.64 54.52 -15.95
C PRO ZA 71 -51.64 53.35 -15.00
N ARG ZA 72 -51.85 52.17 -15.57
CA ARG ZA 72 -51.87 50.93 -14.85
C ARG ZA 72 -50.45 50.37 -14.89
N LEU ZA 73 -49.87 50.16 -13.72
CA LEU ZA 73 -48.44 49.86 -13.65
C LEU ZA 73 -48.13 48.45 -13.20
N HIS ZA 74 -46.97 47.99 -13.61
CA HIS ZA 74 -46.54 46.63 -13.36
C HIS ZA 74 -45.08 46.62 -12.92
N ARG ZA 75 -44.56 45.46 -12.57
CA ARG ZA 75 -43.21 45.37 -12.03
C ARG ZA 75 -42.13 45.65 -13.07
N ARG ZA 76 -42.42 45.32 -14.32
CA ARG ZA 76 -41.46 45.55 -15.38
C ARG ZA 76 -41.25 47.03 -15.66
N HIS ZA 77 -42.15 47.89 -15.19
CA HIS ZA 77 -41.97 49.32 -15.37
C HIS ZA 77 -41.24 49.91 -14.21
N ARG ZA 78 -40.78 49.08 -13.30
CA ARG ZA 78 -39.93 49.54 -12.20
C ARG ZA 78 -38.46 49.36 -12.53
N VAL ZA 79 -38.21 48.92 -13.75
CA VAL ZA 79 -36.86 48.73 -14.19
C VAL ZA 79 -36.36 49.96 -14.88
N TYR ZA 80 -35.19 50.44 -14.51
CA TYR ZA 80 -34.66 51.59 -15.19
C TYR ZA 80 -33.30 51.32 -15.80
N LYS ZA 81 -32.93 52.22 -16.71
CA LYS ZA 81 -31.54 52.45 -17.10
C LYS ZA 81 -31.27 53.92 -16.85
N LEU ZA 82 -30.04 54.27 -16.54
CA LEU ZA 82 -29.74 55.64 -16.19
C LEU ZA 82 -29.40 56.38 -17.49
N VAL ZA 83 -30.26 57.31 -17.92
CA VAL ZA 83 -30.00 57.94 -19.22
C VAL ZA 83 -28.97 59.05 -19.08
N GLU ZA 84 -29.05 59.82 -17.99
CA GLU ZA 84 -28.09 60.90 -17.81
C GLU ZA 84 -27.91 61.22 -16.34
N ASP ZA 85 -26.75 61.76 -15.99
CA ASP ZA 85 -26.59 62.37 -14.68
C ASP ZA 85 -26.36 63.86 -14.86
N THR ZA 86 -27.02 64.66 -14.01
CA THR ZA 86 -26.92 66.11 -14.11
C THR ZA 86 -25.61 66.61 -13.53
N LYS ZA 87 -25.13 65.95 -12.49
CA LYS ZA 87 -23.89 66.33 -11.84
C LYS ZA 87 -22.67 66.10 -12.74
N HIS ZA 88 -22.85 65.25 -13.74
CA HIS ZA 88 -21.78 64.90 -14.66
C HIS ZA 88 -21.76 65.74 -15.93
N ARG ZA 89 -22.65 66.73 -16.02
CA ARG ZA 89 -22.67 67.66 -17.16
C ARG ZA 89 -21.56 68.68 -17.07
N PRO ZA 90 -21.05 69.11 -18.24
CA PRO ZA 90 -20.20 70.30 -18.20
C PRO ZA 90 -21.02 71.47 -17.67
N LYS ZA 91 -20.50 72.17 -16.68
CA LYS ZA 91 -21.31 73.11 -15.91
C LYS ZA 91 -21.47 74.46 -16.58
N ASP ZA 92 -22.61 75.09 -16.35
CA ASP ZA 92 -22.91 76.40 -16.91
C ASP ZA 92 -22.33 77.54 -16.09
N ASN ZA 93 -22.77 78.74 -16.42
CA ASN ZA 93 -22.22 79.93 -15.81
C ASN ZA 93 -23.31 80.77 -15.15
N LEU ZA 94 -22.89 81.68 -14.28
CA LEU ZA 94 -23.79 82.50 -13.48
C LEU ZA 94 -23.69 83.98 -13.85
N GLU ZA 95 -24.75 84.52 -14.45
CA GLU ZA 95 -24.77 85.92 -14.83
C GLU ZA 95 -25.26 86.82 -13.69
N LEU ZA 96 -24.41 87.80 -13.34
CA LEU ZA 96 -24.69 88.70 -12.23
C LEU ZA 96 -24.53 90.17 -12.63
N VAL ZA 97 -25.14 91.07 -11.86
CA VAL ZA 97 -24.84 92.49 -11.93
C VAL ZA 97 -24.16 92.89 -10.61
N LEU ZA 98 -22.98 93.50 -10.71
CA LEU ZA 98 -22.17 93.79 -9.52
C LEU ZA 98 -22.62 95.08 -8.82
N THR ZA 99 -22.89 94.96 -7.52
CA THR ZA 99 -23.32 96.10 -6.73
C THR ZA 99 -22.13 96.81 -6.06
N GLN ZA 100 -20.95 96.20 -6.21
CA GLN ZA 100 -19.70 96.86 -5.84
C GLN ZA 100 -18.60 96.38 -6.77
N SER ZA 101 -17.40 96.91 -6.56
CA SER ZA 101 -16.28 96.48 -7.38
C SER ZA 101 -15.53 95.38 -6.70
N VAL ZA 102 -15.62 94.19 -7.30
CA VAL ZA 102 -14.79 93.10 -6.89
C VAL ZA 102 -13.44 93.36 -7.54
N GLU ZA 103 -12.38 92.84 -6.94
CA GLU ZA 103 -11.02 93.06 -7.41
C GLU ZA 103 -10.81 92.69 -8.89
N GLU ZA 104 -10.96 91.40 -9.21
CA GLU ZA 104 -10.73 90.90 -10.57
C GLU ZA 104 -11.89 91.14 -11.56
N LEU ZA 105 -13.09 90.77 -11.14
CA LEU ZA 105 -14.21 90.61 -12.06
C LEU ZA 105 -14.69 91.91 -12.70
N GLY ZA 106 -15.06 92.88 -11.89
CA GLY ZA 106 -15.60 94.09 -12.46
C GLY ZA 106 -15.96 95.22 -11.51
N VAL ZA 107 -16.26 96.35 -12.14
CA VAL ZA 107 -16.63 97.59 -11.46
C VAL ZA 107 -18.03 97.52 -10.88
N ARG ZA 108 -18.33 98.44 -9.97
CA ARG ZA 108 -19.70 98.67 -9.53
C ARG ZA 108 -20.56 98.98 -10.76
N GLY ZA 109 -21.69 98.30 -10.89
CA GLY ZA 109 -22.56 98.52 -12.02
C GLY ZA 109 -22.00 97.92 -13.30
N ASP ZA 110 -21.56 96.67 -13.21
CA ASP ZA 110 -21.06 95.95 -14.38
C ASP ZA 110 -21.80 94.62 -14.50
N LEU ZA 111 -21.86 94.07 -15.71
CA LEU ZA 111 -22.58 92.82 -15.98
C LEU ZA 111 -21.58 91.69 -16.29
N VAL ZA 112 -21.51 90.70 -15.40
CA VAL ZA 112 -20.47 89.66 -15.48
C VAL ZA 112 -21.06 88.24 -15.59
N SER ZA 113 -20.29 87.31 -16.15
CA SER ZA 113 -20.66 85.90 -16.14
C SER ZA 113 -19.56 85.06 -15.47
N VAL ZA 114 -19.89 84.44 -14.35
CA VAL ZA 114 -18.90 83.71 -13.54
C VAL ZA 114 -19.17 82.21 -13.56
N LYS ZA 115 -18.43 81.45 -12.79
CA LYS ZA 115 -18.80 80.07 -12.54
C LYS ZA 115 -19.62 80.04 -11.25
N LYS ZA 116 -20.64 79.18 -11.21
CA LYS ZA 116 -21.60 79.18 -10.12
C LYS ZA 116 -20.97 78.92 -8.75
N SER ZA 117 -19.79 78.32 -8.72
CA SER ZA 117 -19.09 78.08 -7.47
C SER ZA 117 -18.68 79.40 -6.80
N VAL ZA 118 -17.98 80.25 -7.55
CA VAL ZA 118 -17.62 81.57 -7.09
C VAL ZA 118 -18.89 82.36 -6.79
N GLY ZA 119 -19.85 82.26 -7.70
CA GLY ZA 119 -21.10 82.99 -7.58
C GLY ZA 119 -21.87 82.76 -6.30
N ARG ZA 120 -22.14 81.49 -5.97
CA ARG ZA 120 -23.00 81.19 -4.84
C ARG ZA 120 -22.30 81.39 -3.51
N ASN ZA 121 -21.01 81.09 -3.46
CA ASN ZA 121 -20.30 81.10 -2.18
C ASN ZA 121 -19.52 82.36 -1.85
N ARG ZA 122 -19.48 83.31 -2.77
CA ARG ZA 122 -18.72 84.54 -2.54
C ARG ZA 122 -19.57 85.79 -2.65
N LEU ZA 123 -19.88 86.12 -3.89
CA LEU ZA 123 -20.54 87.38 -4.22
C LEU ZA 123 -21.91 87.58 -3.57
N LEU ZA 124 -22.89 86.77 -3.97
CA LEU ZA 124 -24.29 86.99 -3.57
C LEU ZA 124 -24.57 87.05 -2.06
N PRO ZA 125 -23.98 86.14 -1.26
CA PRO ZA 125 -24.21 86.28 0.19
C PRO ZA 125 -23.53 87.50 0.81
N GLN ZA 126 -22.41 87.92 0.23
CA GLN ZA 126 -21.65 89.08 0.70
C GLN ZA 126 -22.31 90.41 0.30
N GLY ZA 127 -23.13 90.37 -0.74
CA GLY ZA 127 -23.84 91.55 -1.20
C GLY ZA 127 -23.13 92.30 -2.30
N LEU ZA 128 -22.02 91.75 -2.80
CA LEU ZA 128 -21.23 92.40 -3.85
C LEU ZA 128 -21.88 92.31 -5.23
N ALA ZA 129 -22.94 91.51 -5.36
CA ALA ZA 129 -23.66 91.34 -6.62
C ALA ZA 129 -25.08 90.82 -6.42
N VAL ZA 130 -25.93 91.00 -7.42
CA VAL ZA 130 -27.27 90.42 -7.38
C VAL ZA 130 -27.55 89.75 -8.75
N TYR ZA 131 -28.61 88.93 -8.83
CA TYR ZA 131 -28.94 88.18 -10.04
C TYR ZA 131 -29.37 89.12 -11.18
N ALA ZA 132 -29.28 88.64 -12.42
CA ALA ZA 132 -29.45 89.48 -13.60
C ALA ZA 132 -30.90 89.93 -13.92
N SER ZA 133 -31.87 89.53 -13.10
CA SER ZA 133 -33.31 89.73 -13.37
C SER ZA 133 -33.73 91.14 -13.83
N PRO ZA 134 -34.78 91.22 -14.69
CA PRO ZA 134 -35.30 92.49 -15.26
C PRO ZA 134 -35.52 93.61 -14.25
N GLU ZA 135 -36.10 93.31 -13.09
CA GLU ZA 135 -36.40 94.35 -12.12
C GLU ZA 135 -35.14 94.86 -11.41
N ASN ZA 136 -34.12 94.01 -11.31
CA ASN ZA 136 -32.84 94.46 -10.79
C ASN ZA 136 -31.99 95.06 -11.90
N LYS ZA 137 -32.43 94.82 -13.14
CA LYS ZA 137 -31.76 95.32 -14.34
C LYS ZA 137 -32.08 96.79 -14.63
N LYS ZA 138 -33.35 97.16 -14.50
CA LYS ZA 138 -33.75 98.56 -14.77
C LYS ZA 138 -33.11 99.52 -13.76
N LEU ZA 139 -32.69 98.98 -12.62
CA LEU ZA 139 -31.97 99.76 -11.61
C LEU ZA 139 -30.60 100.24 -12.11
N PHE ZA 140 -29.90 99.38 -12.84
CA PHE ZA 140 -28.59 99.75 -13.40
C PHE ZA 140 -28.72 100.34 -14.80
N GLU ZA 141 -29.92 100.23 -15.39
CA GLU ZA 141 -30.31 101.13 -16.49
C GLU ZA 141 -30.32 102.57 -15.97
N GLU ZA 142 -31.07 102.79 -14.89
CA GLU ZA 142 -31.18 104.12 -14.23
C GLU ZA 142 -29.83 104.64 -13.73
N GLU ZA 143 -29.06 103.74 -13.11
CA GLU ZA 143 -27.70 104.05 -12.66
C GLU ZA 143 -26.77 104.45 -13.81
N LYS ZA 144 -26.88 103.74 -14.95
CA LYS ZA 144 -26.06 104.07 -16.12
C LYS ZA 144 -26.48 105.38 -16.82
N LEU ZA 145 -27.77 105.72 -16.80
CA LEU ZA 145 -28.20 107.01 -17.37
C LEU ZA 145 -27.99 108.19 -16.41
N LEU ZA 146 -27.88 107.93 -15.11
CA LEU ZA 146 -27.60 109.00 -14.13
C LEU ZA 146 -26.11 109.10 -13.71
N ARG ZA 147 -25.27 108.19 -14.23
CA ARG ZA 147 -23.82 108.22 -13.99
C ARG ZA 147 -23.08 109.10 -15.00
N GLN ZA 148 -23.20 108.73 -16.28
CA GLN ZA 148 -22.61 109.47 -17.40
C GLN ZA 148 -23.06 110.94 -17.46
N GLU ZA 149 -24.14 111.24 -16.75
CA GLU ZA 149 -24.70 112.59 -16.71
C GLU ZA 149 -23.81 113.52 -15.87
N GLY ZA 150 -23.70 113.23 -14.58
CA GLY ZA 150 -22.84 114.00 -13.69
C GLY ZA 150 -21.45 113.40 -13.57
N GLY AB 29 -35.97 -18.71 -27.21
CA GLY AB 29 -35.89 -19.36 -28.51
C GLY AB 29 -34.57 -20.10 -28.72
N SER AB 30 -34.65 -21.25 -29.38
CA SER AB 30 -33.47 -22.03 -29.70
C SER AB 30 -33.13 -21.92 -31.19
N LYS AB 31 -31.86 -21.82 -31.52
CA LYS AB 31 -31.46 -21.70 -32.92
C LYS AB 31 -31.85 -22.97 -33.68
N ALA AB 32 -31.98 -22.87 -35.01
CA ALA AB 32 -32.49 -23.98 -35.82
C ALA AB 32 -31.59 -25.22 -35.75
N VAL AB 33 -30.41 -25.02 -35.20
CA VAL AB 33 -29.45 -26.09 -35.00
C VAL AB 33 -28.91 -26.06 -33.59
N THR AB 34 -28.98 -27.18 -32.89
CA THR AB 34 -28.51 -27.21 -31.51
C THR AB 34 -27.71 -28.48 -31.23
N ARG AB 35 -27.08 -28.55 -30.06
CA ARG AB 35 -26.46 -29.79 -29.63
C ARG AB 35 -27.44 -30.83 -29.12
N HIS AB 36 -28.47 -30.35 -28.45
CA HIS AB 36 -29.20 -31.19 -27.54
C HIS AB 36 -30.47 -31.87 -28.10
N ARG AB 37 -30.71 -31.76 -29.41
CA ARG AB 37 -31.79 -32.49 -30.13
C ARG AB 37 -33.18 -31.81 -30.20
N ARG AB 38 -33.43 -30.72 -29.46
CA ARG AB 38 -34.52 -29.80 -29.85
C ARG AB 38 -35.96 -30.34 -29.94
N VAL AB 39 -36.71 -30.29 -28.85
CA VAL AB 39 -38.11 -30.71 -28.87
C VAL AB 39 -38.90 -30.12 -30.05
N MET AB 40 -39.61 -31.01 -30.74
CA MET AB 40 -40.51 -30.64 -31.83
C MET AB 40 -41.85 -30.13 -31.33
N HIS AB 41 -42.44 -29.20 -32.08
CA HIS AB 41 -43.82 -28.77 -31.86
C HIS AB 41 -44.74 -29.96 -32.07
N PHE AB 42 -45.84 -30.00 -31.33
CA PHE AB 42 -46.62 -31.22 -31.29
C PHE AB 42 -47.06 -31.69 -32.67
N GLU AB 43 -47.74 -30.84 -33.42
CA GLU AB 43 -48.35 -31.24 -34.69
C GLU AB 43 -47.35 -31.84 -35.68
N ARG AB 44 -46.09 -31.41 -35.56
CA ARG AB 44 -45.02 -31.98 -36.35
C ARG AB 44 -44.72 -33.38 -35.89
N GLN AB 45 -44.73 -33.59 -34.58
CA GLN AB 45 -44.63 -34.94 -34.08
C GLN AB 45 -45.75 -35.82 -34.62
N LYS AB 46 -46.97 -35.30 -34.59
CA LYS AB 46 -48.12 -36.03 -35.14
C LYS AB 46 -47.82 -36.46 -36.56
N LEU AB 47 -47.41 -35.48 -37.36
CA LEU AB 47 -46.95 -35.76 -38.71
C LEU AB 47 -45.93 -36.91 -38.77
N MET AB 48 -44.91 -36.90 -37.90
CA MET AB 48 -43.97 -38.02 -37.85
C MET AB 48 -44.69 -39.35 -37.66
N ALA AB 49 -45.42 -39.46 -36.55
CA ALA AB 49 -46.09 -40.71 -36.17
C ALA AB 49 -46.95 -41.28 -37.28
N VAL AB 50 -47.46 -40.38 -38.11
CA VAL AB 50 -48.19 -40.84 -39.27
C VAL AB 50 -47.24 -41.32 -40.36
N THR AB 51 -46.13 -40.62 -40.58
CA THR AB 51 -45.29 -40.94 -41.74
C THR AB 51 -44.25 -42.03 -41.51
N GLU AB 52 -44.35 -42.75 -40.39
CA GLU AB 52 -43.42 -43.84 -40.10
C GLU AB 52 -43.31 -44.88 -41.21
N TYR AB 53 -42.09 -45.37 -41.43
CA TYR AB 53 -41.84 -46.44 -42.37
C TYR AB 53 -42.71 -47.67 -42.03
N ILE AB 54 -43.42 -48.18 -43.02
CA ILE AB 54 -44.08 -49.45 -42.86
C ILE AB 54 -43.56 -50.48 -43.84
N PRO AB 55 -42.94 -51.55 -43.32
CA PRO AB 55 -42.38 -52.60 -44.15
C PRO AB 55 -43.48 -53.45 -44.77
N PRO AB 56 -43.31 -53.87 -46.03
CA PRO AB 56 -44.27 -54.82 -46.61
C PRO AB 56 -44.40 -56.08 -45.75
N LYS AB 57 -45.63 -56.43 -45.40
CA LYS AB 57 -45.89 -57.57 -44.54
C LYS AB 57 -46.44 -58.73 -45.35
N PRO AB 58 -45.76 -59.88 -45.27
CA PRO AB 58 -46.07 -61.02 -46.14
C PRO AB 58 -47.36 -61.73 -45.74
N THR AB 59 -48.02 -62.32 -46.74
CA THR AB 59 -49.15 -63.23 -46.51
C THR AB 59 -48.67 -64.45 -45.75
N ILE AB 60 -47.69 -65.13 -46.34
CA ILE AB 60 -47.07 -66.26 -45.69
C ILE AB 60 -45.60 -66.05 -45.66
N ASN AB 61 -45.01 -66.29 -44.51
CA ASN AB 61 -43.58 -66.17 -44.38
C ASN AB 61 -42.89 -67.06 -45.40
N PRO AB 62 -41.84 -66.53 -46.05
CA PRO AB 62 -41.06 -67.27 -47.05
C PRO AB 62 -40.34 -68.48 -46.46
N ARG AB 63 -39.84 -68.36 -45.24
CA ARG AB 63 -39.15 -69.47 -44.61
C ARG AB 63 -40.12 -70.62 -44.28
N CYS AB 64 -41.31 -70.29 -43.77
CA CYS AB 64 -42.29 -71.32 -43.41
C CYS AB 64 -43.09 -71.78 -44.62
N LEU AB 65 -42.81 -71.18 -45.76
CA LEU AB 65 -43.25 -71.69 -47.05
C LEU AB 65 -42.44 -72.95 -47.33
N PRO AB 66 -42.82 -73.75 -48.34
CA PRO AB 66 -42.02 -74.95 -48.58
C PRO AB 66 -40.58 -74.61 -48.95
N PRO AB 67 -39.70 -75.63 -49.09
CA PRO AB 67 -38.30 -75.28 -49.33
C PRO AB 67 -38.12 -74.45 -50.59
N PRO AB 68 -37.07 -73.62 -50.61
CA PRO AB 68 -36.73 -72.78 -51.76
C PRO AB 68 -36.49 -73.65 -52.97
N PRO AB 69 -36.46 -73.07 -54.19
CA PRO AB 69 -36.11 -73.96 -55.31
C PRO AB 69 -34.69 -74.55 -55.16
N THR AB 70 -34.29 -75.43 -56.06
CA THR AB 70 -33.10 -76.26 -55.84
C THR AB 70 -31.80 -75.67 -56.42
N PRO AB 71 -30.80 -75.41 -55.55
CA PRO AB 71 -29.45 -74.85 -55.78
C PRO AB 71 -28.30 -75.86 -56.03
N PRO AB 72 -28.09 -76.35 -57.27
CA PRO AB 72 -27.03 -77.36 -57.43
C PRO AB 72 -25.61 -76.84 -57.15
N GLN AB 73 -24.91 -77.57 -56.28
CA GLN AB 73 -23.47 -77.37 -56.08
C GLN AB 73 -22.74 -78.05 -57.22
N GLU AB 74 -21.51 -77.63 -57.48
CA GLU AB 74 -20.78 -78.19 -58.61
C GLU AB 74 -19.38 -78.67 -58.23
N GLU AB 75 -18.90 -79.67 -58.98
CA GLU AB 75 -17.61 -80.28 -58.74
C GLU AB 75 -16.48 -79.26 -58.87
N THR AB 76 -15.65 -79.20 -57.84
CA THR AB 76 -14.47 -78.36 -57.85
C THR AB 76 -13.35 -79.09 -58.59
N GLY AB 77 -12.16 -78.52 -58.56
CA GLY AB 77 -11.00 -79.19 -59.12
C GLY AB 77 -10.52 -80.25 -58.14
N LEU AB 78 -10.75 -80.00 -56.86
CA LEU AB 78 -10.32 -80.91 -55.80
C LEU AB 78 -11.18 -82.16 -55.75
N VAL AB 79 -12.49 -81.98 -55.98
CA VAL AB 79 -13.42 -83.09 -56.05
C VAL AB 79 -13.07 -84.03 -57.21
N ARG AB 80 -12.72 -83.43 -58.36
CA ARG AB 80 -12.32 -84.21 -59.54
C ARG AB 80 -10.96 -84.90 -59.34
N LEU AB 81 -10.02 -84.18 -58.74
CA LEU AB 81 -8.70 -84.72 -58.42
C LEU AB 81 -8.77 -85.91 -57.48
N LEU AB 82 -9.63 -85.82 -56.48
CA LEU AB 82 -9.80 -86.90 -55.53
C LEU AB 82 -10.63 -88.05 -56.10
N ARG AB 83 -11.55 -87.75 -57.01
CA ARG AB 83 -12.28 -88.83 -57.69
C ARG AB 83 -11.35 -89.62 -58.60
N ARG AB 84 -10.48 -88.92 -59.32
CA ARG AB 84 -9.48 -89.56 -60.19
C ARG AB 84 -8.46 -90.34 -59.36
N GLU AB 85 -7.97 -89.69 -58.30
CA GLU AB 85 -7.01 -90.26 -57.37
C GLU AB 85 -7.53 -91.53 -56.69
N ILE AB 86 -8.80 -91.53 -56.27
CA ILE AB 86 -9.42 -92.69 -55.63
C ILE AB 86 -9.72 -93.78 -56.67
N ALA AB 87 -10.17 -93.37 -57.87
CA ALA AB 87 -10.39 -94.32 -58.97
C ALA AB 87 -9.10 -95.05 -59.37
N ALA AB 88 -7.96 -94.39 -59.20
CA ALA AB 88 -6.65 -95.03 -59.38
C ALA AB 88 -6.26 -95.86 -58.16
N VAL AB 89 -6.64 -95.38 -56.98
CA VAL AB 89 -6.28 -96.01 -55.71
C VAL AB 89 -6.95 -97.38 -55.50
N PHE AB 90 -8.19 -97.55 -55.99
CA PHE AB 90 -8.80 -98.88 -55.90
C PHE AB 90 -8.33 -99.80 -57.05
N ARG AB 91 -7.76 -99.20 -58.11
CA ARG AB 91 -7.16 -99.98 -59.18
C ARG AB 91 -5.79 -100.59 -58.83
N ASP AB 92 -4.86 -99.76 -58.37
CA ASP AB 92 -3.45 -100.20 -58.29
C ASP AB 92 -3.14 -101.10 -57.08
N ASN AB 93 -3.72 -100.84 -55.91
CA ASN AB 93 -3.53 -101.73 -54.77
C ASN AB 93 -4.26 -103.05 -54.98
N ARG AB 94 -3.57 -104.15 -54.72
CA ARG AB 94 -4.22 -105.45 -54.69
C ARG AB 94 -4.89 -105.65 -53.34
N MET AB 95 -4.34 -105.05 -52.28
CA MET AB 95 -5.00 -105.14 -50.97
C MET AB 95 -5.23 -103.76 -50.34
N ILE AB 96 -6.49 -103.38 -50.20
CA ILE AB 96 -6.85 -102.10 -49.62
C ILE AB 96 -7.47 -102.34 -48.24
N ALA AB 97 -6.73 -102.01 -47.19
CA ALA AB 97 -7.15 -102.35 -45.84
C ALA AB 97 -7.57 -101.13 -45.03
N VAL AB 98 -8.83 -101.10 -44.59
CA VAL AB 98 -9.33 -99.99 -43.80
C VAL AB 98 -8.79 -100.08 -42.39
N CYS AB 99 -8.06 -99.06 -41.97
CA CYS AB 99 -7.52 -99.00 -40.61
C CYS AB 99 -8.00 -97.75 -39.90
N GLN AB 100 -8.87 -97.92 -38.90
CA GLN AB 100 -9.44 -96.77 -38.20
C GLN AB 100 -8.33 -95.87 -37.66
N HIS AB 101 -8.37 -94.60 -38.06
CA HIS AB 101 -7.37 -93.64 -37.63
C HIS AB 101 -7.45 -93.50 -36.11
N VAL AB 102 -6.29 -93.40 -35.48
CA VAL AB 102 -6.21 -93.38 -34.02
C VAL AB 102 -5.06 -92.47 -33.59
N ALA AB 103 -5.28 -91.74 -32.49
CA ALA AB 103 -4.37 -90.66 -32.10
C ALA AB 103 -3.03 -91.17 -31.57
N LEU AB 104 -1.97 -90.76 -32.26
CA LEU AB 104 -0.61 -91.15 -31.91
C LEU AB 104 0.25 -89.91 -31.97
N SER AB 105 1.47 -90.03 -31.44
CA SER AB 105 2.43 -88.95 -31.54
C SER AB 105 2.96 -88.88 -32.98
N ALA AB 106 3.50 -87.73 -33.35
CA ALA AB 106 4.08 -87.55 -34.68
C ALA AB 106 5.22 -88.54 -34.87
N GLU AB 107 5.93 -88.81 -33.78
CA GLU AB 107 7.00 -89.80 -33.74
C GLU AB 107 6.50 -91.19 -34.15
N ASP AB 108 5.33 -91.57 -33.64
CA ASP AB 108 4.77 -92.90 -33.84
C ASP AB 108 4.14 -93.09 -35.23
N LYS AB 109 3.62 -92.01 -35.79
CA LYS AB 109 3.06 -92.06 -37.13
C LYS AB 109 4.17 -92.02 -38.18
N LEU AB 110 5.22 -91.23 -37.93
CA LEU AB 110 6.40 -91.26 -38.78
C LEU AB 110 7.07 -92.65 -38.74
N LEU AB 111 7.22 -93.20 -37.53
CA LEU AB 111 7.79 -94.54 -37.36
C LEU AB 111 6.94 -95.61 -38.04
N LEU AB 112 5.62 -95.53 -37.88
CA LEU AB 112 4.74 -96.50 -38.52
C LEU AB 112 4.77 -96.36 -40.04
N ARG AB 113 5.00 -95.14 -40.51
CA ARG AB 113 5.19 -94.89 -41.94
C ARG AB 113 6.47 -95.56 -42.46
N HIS AB 114 7.58 -95.40 -41.73
CA HIS AB 114 8.85 -96.01 -42.15
C HIS AB 114 8.78 -97.54 -42.09
N GLN AB 115 8.15 -98.08 -41.04
CA GLN AB 115 7.98 -99.53 -40.91
C GLN AB 115 6.95 -100.01 -41.94
N LEU AB 116 6.20 -99.08 -42.52
CA LEU AB 116 5.43 -99.36 -43.72
C LEU AB 116 6.31 -99.26 -44.97
N ARG AB 117 7.44 -98.57 -44.85
CA ARG AB 117 8.34 -98.40 -45.99
C ARG AB 117 9.40 -99.49 -46.09
N LYS AB 118 9.53 -100.32 -45.05
CA LYS AB 118 10.47 -101.44 -45.11
C LYS AB 118 9.93 -102.64 -45.89
N HIS AB 119 8.61 -102.86 -45.83
CA HIS AB 119 7.96 -103.87 -46.67
C HIS AB 119 7.35 -103.23 -47.94
N LYS AB 120 7.58 -101.93 -48.12
CA LYS AB 120 7.17 -101.14 -49.30
C LYS AB 120 5.69 -100.75 -49.31
N ILE AB 121 4.94 -101.16 -48.29
CA ILE AB 121 3.51 -100.86 -48.22
C ILE AB 121 3.26 -99.35 -48.06
N LEU AB 122 2.16 -98.90 -48.65
CA LEU AB 122 1.81 -97.48 -48.71
C LEU AB 122 0.64 -97.17 -47.75
N MET AB 123 0.58 -95.94 -47.24
CA MET AB 123 -0.61 -95.50 -46.49
C MET AB 123 -1.14 -94.16 -47.02
N LYS AB 124 -2.44 -94.13 -47.35
CA LYS AB 124 -3.10 -92.93 -47.87
C LYS AB 124 -4.31 -92.52 -47.04
N ILE AB 125 -4.62 -91.22 -47.04
CA ILE AB 125 -5.77 -90.72 -46.30
C ILE AB 125 -6.65 -89.83 -47.17
N PHE AB 126 -7.96 -90.04 -47.08
CA PHE AB 126 -8.93 -89.32 -47.90
C PHE AB 126 -10.10 -88.78 -47.09
N PRO AB 127 -10.60 -87.58 -47.45
CA PRO AB 127 -11.71 -86.96 -46.74
C PRO AB 127 -12.99 -87.75 -46.94
N ASN AB 128 -13.70 -88.00 -45.84
CA ASN AB 128 -14.94 -88.75 -45.91
C ASN AB 128 -15.95 -88.09 -46.85
N GLN AB 129 -15.83 -86.78 -47.00
CA GLN AB 129 -16.80 -86.01 -47.78
C GLN AB 129 -16.81 -86.40 -49.25
N VAL AB 130 -15.63 -86.49 -49.85
CA VAL AB 130 -15.52 -86.90 -51.24
C VAL AB 130 -15.28 -88.42 -51.35
N LEU AB 131 -15.01 -89.06 -50.21
CA LEU AB 131 -14.78 -90.50 -50.21
C LEU AB 131 -16.11 -91.26 -50.23
N LYS AB 132 -17.11 -90.70 -49.55
CA LYS AB 132 -18.42 -91.32 -49.45
C LYS AB 132 -19.20 -91.43 -50.77
N PRO AB 133 -19.28 -90.35 -51.58
CA PRO AB 133 -20.12 -90.46 -52.79
C PRO AB 133 -19.56 -91.40 -53.85
N PHE AB 134 -18.27 -91.73 -53.73
CA PHE AB 134 -17.61 -92.58 -54.71
C PHE AB 134 -17.96 -94.07 -54.55
N LEU AB 135 -17.95 -94.55 -53.30
CA LEU AB 135 -18.21 -95.95 -53.02
C LEU AB 135 -19.71 -96.21 -52.83
N GLU AB 136 -20.51 -95.15 -52.96
CA GLU AB 136 -21.96 -95.26 -52.93
C GLU AB 136 -22.56 -95.35 -54.33
N GLU AB 137 -21.69 -95.47 -55.33
CA GLU AB 137 -22.13 -95.59 -56.71
C GLU AB 137 -22.50 -97.02 -57.10
N SER AB 138 -21.53 -97.92 -57.21
CA SER AB 138 -21.83 -99.28 -57.70
C SER AB 138 -21.30 -100.47 -56.88
N LYS AB 139 -19.98 -100.71 -56.95
CA LYS AB 139 -19.38 -101.99 -56.55
C LYS AB 139 -19.06 -102.22 -55.07
N TYR AB 140 -18.48 -101.20 -54.41
CA TYR AB 140 -17.75 -101.36 -53.15
C TYR AB 140 -18.60 -101.17 -51.89
N GLN AB 141 -19.93 -101.14 -52.06
CA GLN AB 141 -20.89 -100.70 -51.04
C GLN AB 141 -20.62 -101.21 -49.62
N ASN AB 142 -20.13 -102.44 -49.50
CA ASN AB 142 -19.91 -103.05 -48.19
C ASN AB 142 -18.91 -102.28 -47.31
N LEU AB 143 -18.22 -101.30 -47.90
CA LEU AB 143 -17.26 -100.47 -47.18
C LEU AB 143 -17.89 -99.22 -46.53
N LEU AB 144 -19.18 -99.00 -46.72
CA LEU AB 144 -19.81 -97.80 -46.17
C LEU AB 144 -19.89 -97.76 -44.63
N PRO AB 145 -20.35 -98.86 -43.97
CA PRO AB 145 -20.38 -98.79 -42.50
C PRO AB 145 -19.00 -98.71 -41.84
N LEU AB 146 -17.94 -99.03 -42.57
CA LEU AB 146 -16.56 -98.98 -42.06
C LEU AB 146 -15.99 -97.55 -41.97
N PHE AB 147 -16.42 -96.70 -42.89
CA PHE AB 147 -15.85 -95.35 -43.03
C PHE AB 147 -16.61 -94.29 -42.22
N VAL AB 148 -17.57 -94.72 -41.42
CA VAL AB 148 -18.37 -93.81 -40.60
C VAL AB 148 -17.53 -93.03 -39.58
N GLY AB 149 -16.75 -93.74 -38.78
CA GLY AB 149 -15.83 -93.10 -37.85
C GLY AB 149 -14.60 -92.63 -38.61
N HIS AB 150 -13.54 -92.29 -37.88
CA HIS AB 150 -12.28 -91.96 -38.52
C HIS AB 150 -11.73 -93.19 -39.24
N ASN AB 151 -11.04 -92.97 -40.35
CA ASN AB 151 -10.41 -94.07 -41.06
C ASN AB 151 -9.12 -93.65 -41.73
N LEU AB 152 -8.29 -94.64 -42.01
CA LEU AB 152 -7.01 -94.45 -42.68
C LEU AB 152 -6.86 -95.59 -43.68
N LEU AB 153 -6.68 -95.26 -44.95
CA LEU AB 153 -6.70 -96.27 -45.99
C LEU AB 153 -5.32 -96.86 -46.24
N LEU AB 154 -5.16 -98.16 -46.00
CA LEU AB 154 -3.88 -98.83 -46.20
C LEU AB 154 -3.75 -99.40 -47.60
N VAL AB 155 -2.84 -98.82 -48.38
CA VAL AB 155 -2.58 -99.25 -49.75
C VAL AB 155 -1.50 -100.33 -49.79
N SER AB 156 -1.86 -101.51 -50.29
CA SER AB 156 -0.88 -102.56 -50.48
C SER AB 156 -0.80 -102.95 -51.95
N GLU AB 157 0.34 -102.58 -52.54
CA GLU AB 157 0.69 -102.89 -53.91
C GLU AB 157 1.55 -104.16 -53.94
N GLU AB 158 1.01 -105.23 -54.52
CA GLU AB 158 1.62 -106.57 -54.47
C GLU AB 158 1.92 -106.96 -53.02
N PRO AB 159 0.85 -107.19 -52.24
CA PRO AB 159 0.82 -107.35 -50.78
C PRO AB 159 1.22 -108.72 -50.28
N LYS AB 160 1.63 -108.76 -49.02
CA LYS AB 160 1.60 -109.99 -48.25
C LYS AB 160 0.95 -109.66 -46.92
N VAL AB 161 -0.03 -110.48 -46.56
CA VAL AB 161 -0.93 -110.17 -45.46
C VAL AB 161 -0.24 -110.22 -44.09
N LYS AB 162 0.67 -111.18 -43.90
CA LYS AB 162 1.33 -111.37 -42.61
C LYS AB 162 2.25 -110.19 -42.27
N GLU AB 163 2.84 -109.55 -43.30
CA GLU AB 163 3.65 -108.36 -43.10
C GLU AB 163 2.81 -107.16 -42.72
N MET AB 164 1.58 -107.15 -43.24
CA MET AB 164 0.65 -106.05 -42.97
C MET AB 164 0.11 -106.12 -41.54
N VAL AB 165 -0.33 -107.31 -41.14
CA VAL AB 165 -0.84 -107.53 -39.78
C VAL AB 165 0.33 -107.53 -38.79
N ARG AB 166 1.54 -107.74 -39.30
CA ARG AB 166 2.74 -107.79 -38.47
C ARG AB 166 2.93 -106.56 -37.59
N ILE AB 167 2.88 -105.39 -38.21
CA ILE AB 167 3.12 -104.15 -37.48
C ILE AB 167 1.87 -103.74 -36.72
N LEU AB 168 0.72 -104.30 -37.12
CA LEU AB 168 -0.53 -104.08 -36.40
C LEU AB 168 -0.60 -104.94 -35.14
N LYS AB 169 0.30 -105.91 -35.05
CA LYS AB 169 0.43 -106.72 -33.86
C LYS AB 169 1.21 -105.96 -32.79
N GLY AB 170 2.04 -105.01 -33.23
CA GLY AB 170 2.90 -104.25 -32.35
C GLY AB 170 2.14 -103.25 -31.50
N ILE AB 171 1.25 -102.49 -32.13
CA ILE AB 171 0.41 -101.54 -31.43
C ILE AB 171 -1.00 -102.13 -31.24
N PRO AB 172 -1.35 -102.46 -29.98
CA PRO AB 172 -2.59 -103.15 -29.58
C PRO AB 172 -3.89 -102.34 -29.70
N PHE AB 173 -3.81 -101.01 -29.68
CA PHE AB 173 -4.98 -100.14 -29.72
C PHE AB 173 -5.33 -99.64 -31.13
N LEU AB 174 -4.65 -100.18 -32.13
CA LEU AB 174 -4.72 -99.73 -33.52
C LEU AB 174 -5.33 -100.81 -34.41
N PRO AB 175 -6.67 -100.88 -34.43
CA PRO AB 175 -7.44 -101.98 -35.02
C PRO AB 175 -7.43 -101.98 -36.54
N LEU AB 176 -7.44 -103.18 -37.13
CA LEU AB 176 -7.57 -103.32 -38.58
C LEU AB 176 -9.00 -103.76 -38.90
N LEU AB 177 -9.71 -102.95 -39.67
CA LEU AB 177 -11.13 -103.20 -39.90
C LEU AB 177 -11.45 -103.99 -41.16
N GLY AB 178 -10.42 -104.46 -41.85
CA GLY AB 178 -10.62 -105.26 -43.04
C GLY AB 178 -11.12 -104.48 -44.24
N GLY AB 179 -12.16 -104.99 -44.90
CA GLY AB 179 -12.65 -104.41 -46.14
C GLY AB 179 -12.13 -105.05 -47.41
N CYS AB 180 -12.07 -104.23 -48.47
CA CYS AB 180 -11.77 -104.66 -49.84
C CYS AB 180 -10.43 -105.39 -50.02
N ILE AB 181 -10.48 -106.62 -50.56
CA ILE AB 181 -9.32 -107.29 -51.14
C ILE AB 181 -9.67 -107.85 -52.52
N ASP AB 182 -9.11 -107.26 -53.58
CA ASP AB 182 -9.35 -107.70 -54.96
C ASP AB 182 -10.85 -107.94 -55.25
N ASP AB 183 -11.68 -106.95 -54.93
CA ASP AB 183 -13.14 -106.96 -55.14
C ASP AB 183 -13.93 -107.83 -54.13
N THR AB 184 -13.24 -108.48 -53.19
CA THR AB 184 -13.90 -109.26 -52.13
C THR AB 184 -13.68 -108.65 -50.72
N ILE AB 185 -14.75 -108.20 -50.05
CA ILE AB 185 -14.62 -107.58 -48.72
C ILE AB 185 -14.54 -108.62 -47.59
N LEU AB 186 -13.59 -108.42 -46.66
CA LEU AB 186 -13.37 -109.38 -45.57
C LEU AB 186 -13.00 -108.70 -44.25
N SER AB 187 -13.52 -109.22 -43.14
CA SER AB 187 -13.28 -108.64 -41.81
C SER AB 187 -11.90 -109.05 -41.27
N ARG AB 188 -11.69 -108.79 -39.98
CA ARG AB 188 -10.43 -109.10 -39.32
C ARG AB 188 -10.00 -110.58 -39.46
N GLN AB 189 -10.95 -111.51 -39.31
CA GLN AB 189 -10.63 -112.94 -39.36
C GLN AB 189 -10.31 -113.42 -40.78
N GLY AB 190 -10.89 -112.78 -41.78
CA GLY AB 190 -10.56 -113.06 -43.17
C GLY AB 190 -9.10 -112.74 -43.46
N PHE AB 191 -8.62 -111.66 -42.84
CA PHE AB 191 -7.22 -111.23 -42.92
C PHE AB 191 -6.28 -112.18 -42.15
N ILE AB 192 -6.69 -112.54 -40.93
CA ILE AB 192 -5.96 -113.53 -40.13
C ILE AB 192 -5.84 -114.85 -40.92
N ASN AB 193 -6.81 -115.12 -41.77
CA ASN AB 193 -6.78 -116.30 -42.65
C ASN AB 193 -5.91 -116.13 -43.92
N TYR AB 194 -5.98 -114.98 -44.58
CA TYR AB 194 -5.15 -114.71 -45.76
C TYR AB 194 -3.67 -114.72 -45.41
N SER AB 195 -3.35 -114.37 -44.16
CA SER AB 195 -1.96 -114.34 -43.68
C SER AB 195 -1.28 -115.72 -43.69
N LYS AB 196 -1.84 -116.69 -42.97
CA LYS AB 196 -1.24 -118.00 -42.84
C LYS AB 196 -1.28 -118.77 -44.16
N SER BB 17 13.93 -83.85 -18.97
CA SER BB 17 13.13 -82.63 -18.83
C SER BB 17 12.80 -82.00 -20.17
N GLY BB 18 13.42 -82.49 -21.24
CA GLY BB 18 13.11 -81.96 -22.56
C GLY BB 18 14.10 -82.29 -23.65
N MET BB 19 14.04 -81.54 -24.75
CA MET BB 19 14.96 -81.71 -25.86
C MET BB 19 15.65 -80.40 -26.22
N ILE BB 20 16.86 -80.52 -26.78
CA ILE BB 20 17.64 -79.35 -27.19
C ILE BB 20 18.12 -79.47 -28.63
N ARG BB 21 17.80 -78.46 -29.43
CA ARG BB 21 18.33 -78.33 -30.77
C ARG BB 21 19.61 -77.50 -30.71
N ALA BB 22 20.74 -78.11 -31.04
CA ALA BB 22 21.99 -77.35 -31.01
C ALA BB 22 22.80 -77.53 -32.29
N ILE BB 23 22.95 -76.44 -33.05
CA ILE BB 23 23.73 -76.51 -34.29
C ILE BB 23 25.19 -76.16 -33.97
N VAL BB 24 26.09 -77.14 -34.05
CA VAL BB 24 27.46 -76.94 -33.56
C VAL BB 24 28.52 -77.29 -34.61
N ARG BB 25 29.58 -76.48 -34.69
CA ARG BB 25 30.64 -76.68 -35.67
C ARG BB 25 31.46 -77.93 -35.37
N ALA BB 26 32.16 -78.43 -36.40
CA ALA BB 26 32.77 -79.76 -36.39
C ALA BB 26 33.63 -80.11 -35.17
N GLY BB 27 34.81 -79.49 -35.07
CA GLY BB 27 35.73 -79.87 -34.02
C GLY BB 27 35.56 -79.03 -32.77
N GLN BB 28 34.58 -78.14 -32.81
CA GLN BB 28 34.41 -77.16 -31.74
C GLN BB 28 33.29 -77.56 -30.80
N ALA BB 29 33.67 -77.97 -29.59
CA ALA BB 29 32.72 -78.11 -28.48
C ALA BB 29 33.37 -77.56 -27.21
N ARG BB 30 32.79 -76.50 -26.65
CA ARG BB 30 33.45 -75.75 -25.57
C ARG BB 30 32.53 -75.49 -24.36
N PRO BB 31 33.10 -75.49 -23.15
CA PRO BB 31 32.37 -75.19 -21.90
C PRO BB 31 32.01 -73.70 -21.74
N GLY BB 32 31.30 -73.15 -22.73
CA GLY BB 32 30.76 -71.81 -22.68
C GLY BB 32 29.54 -71.75 -23.59
N PRO BB 33 28.84 -70.61 -23.66
CA PRO BB 33 27.63 -70.47 -24.50
C PRO BB 33 27.87 -70.80 -25.98
N PRO BB 34 26.86 -71.39 -26.67
CA PRO BB 34 25.52 -71.78 -26.20
C PRO BB 34 25.42 -72.98 -25.22
N LEU BB 35 26.46 -73.81 -25.09
CA LEU BB 35 26.36 -75.06 -24.31
C LEU BB 35 26.29 -74.83 -22.78
N GLY BB 36 26.82 -73.71 -22.30
CA GLY BB 36 26.72 -73.35 -20.90
C GLY BB 36 25.32 -72.96 -20.42
N PRO BB 37 24.70 -71.93 -21.05
CA PRO BB 37 23.32 -71.49 -20.78
C PRO BB 37 22.22 -72.49 -21.16
N ILE BB 38 22.36 -73.18 -22.29
CA ILE BB 38 21.31 -74.09 -22.75
C ILE BB 38 21.36 -75.45 -22.02
N LEU BB 39 22.46 -76.19 -22.16
CA LEU BB 39 22.61 -77.47 -21.45
C LEU BB 39 22.76 -77.33 -19.93
N GLY BB 40 23.46 -76.29 -19.49
CA GLY BB 40 23.75 -76.11 -18.07
C GLY BB 40 22.57 -75.71 -17.20
N GLN BB 41 21.50 -75.27 -17.86
CA GLN BB 41 20.27 -74.92 -17.17
C GLN BB 41 19.43 -76.16 -16.86
N ARG BB 42 19.56 -77.20 -17.68
CA ARG BB 42 18.84 -78.46 -17.49
C ARG BB 42 19.46 -79.30 -16.37
N GLY BB 43 20.64 -78.89 -15.90
CA GLY BB 43 21.37 -79.60 -14.86
C GLY BB 43 22.33 -80.62 -15.44
N VAL BB 44 22.61 -80.46 -16.73
CA VAL BB 44 23.39 -81.41 -17.51
C VAL BB 44 24.91 -81.13 -17.44
N SER BB 45 25.70 -82.20 -17.39
CA SER BB 45 27.16 -82.10 -17.40
C SER BB 45 27.65 -81.62 -18.77
N ILE BB 46 28.42 -80.53 -18.76
CA ILE BB 46 28.88 -79.92 -20.01
C ILE BB 46 30.11 -80.65 -20.58
N ASN BB 47 30.96 -81.17 -19.69
CA ASN BB 47 32.18 -81.89 -20.09
C ASN BB 47 31.92 -83.28 -20.69
N GLN BB 48 30.96 -84.00 -20.12
CA GLN BB 48 30.56 -85.31 -20.64
C GLN BB 48 30.11 -85.22 -22.10
N PHE BB 49 29.24 -84.25 -22.37
CA PHE BB 49 28.76 -84.02 -23.72
C PHE BB 49 29.86 -83.44 -24.63
N CYS BB 50 30.75 -82.61 -24.08
CA CYS BB 50 31.89 -82.14 -24.87
C CYS BB 50 32.74 -83.31 -25.37
N LYS BB 51 33.00 -84.27 -24.48
CA LYS BB 51 33.80 -85.45 -24.83
C LYS BB 51 33.07 -86.37 -25.81
N GLU BB 52 31.79 -86.64 -25.58
CA GLU BB 52 31.05 -87.51 -26.49
C GLU BB 52 30.86 -86.89 -27.88
N PHE BB 53 30.32 -85.68 -27.89
CA PHE BB 53 30.03 -84.95 -29.13
C PHE BB 53 31.31 -84.67 -29.93
N ASN BB 54 32.40 -84.32 -29.25
CA ASN BB 54 33.68 -84.18 -29.96
C ASN BB 54 34.20 -85.55 -30.42
N GLU BB 55 33.94 -86.61 -29.66
CA GLU BB 55 34.33 -87.96 -30.07
C GLU BB 55 33.72 -88.31 -31.42
N LYS BB 56 32.43 -88.01 -31.57
CA LYS BB 56 31.74 -88.31 -32.83
C LYS BB 56 32.08 -87.31 -33.95
N THR BB 57 32.19 -86.03 -33.62
CA THR BB 57 32.33 -84.98 -34.63
C THR BB 57 33.78 -84.60 -34.97
N LYS BB 58 34.75 -85.12 -34.23
CA LYS BB 58 36.14 -84.97 -34.63
C LYS BB 58 36.44 -85.82 -35.86
N ASP BB 59 35.55 -86.80 -36.11
CA ASP BB 59 35.71 -87.73 -37.22
C ASP BB 59 35.12 -87.18 -38.53
N ILE BB 60 34.59 -85.97 -38.49
CA ILE BB 60 34.30 -85.24 -39.71
C ILE BB 60 35.35 -84.14 -39.91
N LYS BB 61 36.23 -84.37 -40.86
CA LYS BB 61 37.27 -83.41 -41.21
C LYS BB 61 36.80 -82.58 -42.37
N GLU BB 62 35.54 -82.80 -42.75
CA GLU BB 62 34.91 -82.02 -43.79
C GLU BB 62 34.40 -80.70 -43.19
N GLY BB 63 34.60 -80.56 -41.88
CA GLY BB 63 34.40 -79.30 -41.16
C GLY BB 63 33.01 -78.71 -41.21
N ILE BB 64 31.99 -79.56 -41.06
CA ILE BB 64 30.61 -79.16 -41.27
C ILE BB 64 29.84 -79.03 -39.95
N PRO BB 65 29.42 -77.80 -39.58
CA PRO BB 65 28.57 -77.71 -38.39
C PRO BB 65 27.25 -78.46 -38.57
N LEU BB 66 26.98 -79.38 -37.64
CA LEU BB 66 25.77 -80.21 -37.68
C LEU BB 66 24.77 -79.84 -36.58
N PRO BB 67 23.50 -79.63 -36.97
CA PRO BB 67 22.42 -79.59 -35.98
C PRO BB 67 22.30 -80.93 -35.28
N THR BB 68 22.28 -80.89 -33.96
CA THR BB 68 22.30 -82.10 -33.17
C THR BB 68 21.14 -82.07 -32.18
N LYS BB 69 20.55 -83.24 -31.96
CA LYS BB 69 19.39 -83.34 -31.08
C LYS BB 69 19.81 -83.98 -29.75
N ILE BB 70 19.79 -83.18 -28.70
CA ILE BB 70 20.18 -83.60 -27.35
C ILE BB 70 18.96 -83.84 -26.48
N PHE BB 71 18.69 -85.11 -26.17
CA PHE BB 71 17.58 -85.44 -25.29
C PHE BB 71 18.07 -85.37 -23.85
N VAL BB 72 17.48 -84.46 -23.07
CA VAL BB 72 17.86 -84.29 -21.66
C VAL BB 72 16.79 -84.89 -20.72
N LYS BB 73 17.22 -85.94 -20.00
CA LYS BB 73 16.38 -86.85 -19.21
C LYS BB 73 16.04 -86.32 -17.80
N PRO BB 74 15.07 -86.95 -17.10
CA PRO BB 74 14.66 -86.58 -15.73
C PRO BB 74 15.78 -86.59 -14.66
N ASP BB 75 16.73 -87.50 -14.77
CA ASP BB 75 17.77 -87.67 -13.74
C ASP BB 75 19.09 -86.91 -13.99
N ARG BB 76 19.10 -86.06 -15.02
CA ARG BB 76 20.22 -85.12 -15.38
C ARG BB 76 21.33 -85.74 -16.24
N THR BB 77 21.22 -87.03 -16.56
CA THR BB 77 22.01 -87.61 -17.64
C THR BB 77 21.37 -87.24 -18.98
N PHE BB 78 21.96 -87.66 -20.09
CA PHE BB 78 21.49 -87.23 -21.40
C PHE BB 78 21.88 -88.20 -22.53
N GLU BB 79 21.24 -88.05 -23.69
CA GLU BB 79 21.57 -88.87 -24.86
C GLU BB 79 21.57 -88.04 -26.16
N ILE BB 80 22.34 -88.50 -27.15
CA ILE BB 80 22.61 -87.68 -28.34
C ILE BB 80 22.21 -88.36 -29.66
N LYS BB 81 21.69 -87.55 -30.60
CA LYS BB 81 21.54 -88.00 -31.98
C LYS BB 81 22.11 -86.96 -32.94
N ILE BB 82 23.11 -87.38 -33.72
CA ILE BB 82 23.72 -86.51 -34.72
C ILE BB 82 22.93 -86.56 -36.03
N GLY BB 83 22.54 -85.38 -36.50
CA GLY BB 83 21.90 -85.28 -37.80
C GLY BB 83 22.87 -84.72 -38.81
N GLN BB 84 22.43 -84.64 -40.06
CA GLN BB 84 23.23 -84.03 -41.13
C GLN BB 84 23.35 -82.52 -40.93
N PRO BB 85 24.55 -81.97 -41.21
CA PRO BB 85 24.87 -80.53 -41.17
C PRO BB 85 23.95 -79.65 -42.04
N THR BB 86 23.81 -78.38 -41.64
CA THR BB 86 22.82 -77.48 -42.21
C THR BB 86 23.02 -77.26 -43.71
N VAL BB 87 21.91 -77.04 -44.42
CA VAL BB 87 21.94 -76.74 -45.85
C VAL BB 87 22.49 -75.35 -46.08
N SER BB 88 22.34 -74.48 -45.07
CA SER BB 88 22.97 -73.17 -45.10
C SER BB 88 24.46 -73.33 -45.34
N TYR BB 89 25.07 -74.32 -44.69
CA TYR BB 89 26.50 -74.56 -44.88
C TYR BB 89 26.84 -75.30 -46.16
N PHE BB 90 26.09 -76.34 -46.51
CA PHE BB 90 26.38 -77.10 -47.73
C PHE BB 90 26.28 -76.22 -48.97
N LEU BB 91 25.29 -75.32 -48.99
CA LEU BB 91 25.16 -74.35 -50.07
C LEU BB 91 26.08 -73.12 -49.91
N LYS BB 92 26.45 -72.77 -48.68
CA LYS BB 92 27.48 -71.74 -48.46
C LYS BB 92 28.79 -72.21 -49.09
N ALA BB 93 29.05 -73.51 -49.00
CA ALA BB 93 30.24 -74.14 -49.57
C ALA BB 93 30.09 -74.42 -51.06
N ALA BB 94 28.86 -74.68 -51.50
CA ALA BB 94 28.57 -75.02 -52.90
C ALA BB 94 28.71 -73.82 -53.84
N ALA BB 95 28.36 -72.63 -53.35
CA ALA BB 95 28.47 -71.41 -54.13
C ALA BB 95 29.84 -70.76 -53.94
N GLY BB 96 30.61 -71.25 -52.97
CA GLY BB 96 31.95 -70.75 -52.68
C GLY BB 96 31.96 -69.47 -51.87
N ILE BB 97 30.76 -68.95 -51.58
CA ILE BB 97 30.63 -67.68 -50.89
C ILE BB 97 30.91 -67.81 -49.39
N GLU BB 98 30.67 -66.73 -48.65
CA GLU BB 98 30.97 -66.68 -47.23
C GLU BB 98 29.71 -66.49 -46.40
N LYS BB 99 29.16 -65.28 -46.46
CA LYS BB 99 27.86 -64.98 -45.84
C LYS BB 99 26.84 -64.67 -46.94
N GLY BB 100 25.64 -65.23 -46.80
CA GLY BB 100 24.60 -65.10 -47.80
C GLY BB 100 24.22 -63.65 -48.04
N ALA BB 101 23.50 -63.40 -49.13
CA ALA BB 101 23.14 -62.05 -49.54
C ALA BB 101 22.38 -61.29 -48.44
N ARG BB 102 22.60 -59.97 -48.38
CA ARG BB 102 22.00 -59.10 -47.36
C ARG BB 102 20.48 -58.98 -47.52
N HIS BB 103 20.03 -58.55 -48.70
CA HIS BB 103 18.63 -58.63 -49.10
C HIS BB 103 18.48 -59.74 -50.11
N THR BB 104 17.89 -60.85 -49.69
CA THR BB 104 17.85 -62.03 -50.52
C THR BB 104 16.79 -61.91 -51.61
N GLY BB 105 17.18 -62.29 -52.82
CA GLY BB 105 16.29 -62.23 -53.97
C GLY BB 105 16.40 -60.90 -54.68
N LYS BB 106 16.81 -59.87 -53.95
CA LYS BB 106 17.14 -58.59 -54.56
C LYS BB 106 18.58 -58.61 -55.09
N GLU BB 107 19.43 -59.37 -54.41
CA GLU BB 107 20.87 -59.40 -54.70
C GLU BB 107 21.39 -60.83 -54.75
N VAL BB 108 22.24 -61.11 -55.74
CA VAL BB 108 22.80 -62.46 -55.91
C VAL BB 108 24.09 -62.62 -55.08
N ALA BB 109 24.21 -63.76 -54.39
CA ALA BB 109 25.38 -64.07 -53.56
C ALA BB 109 26.30 -65.04 -54.30
N GLY BB 110 25.79 -66.23 -54.62
CA GLY BB 110 26.55 -67.27 -55.28
C GLY BB 110 25.68 -68.18 -56.15
N LEU BB 111 26.29 -69.22 -56.74
CA LEU BB 111 25.62 -70.02 -57.76
C LEU BB 111 25.79 -71.53 -57.60
N VAL BB 112 24.76 -72.30 -57.96
CA VAL BB 112 24.83 -73.77 -57.99
C VAL BB 112 24.11 -74.41 -59.19
N THR BB 113 24.40 -75.68 -59.44
CA THR BB 113 23.82 -76.43 -60.56
C THR BB 113 22.79 -77.48 -60.14
N LEU BB 114 22.30 -78.27 -61.10
CA LEU BB 114 21.43 -79.43 -60.82
C LEU BB 114 22.24 -80.56 -60.17
N LYS BB 115 23.57 -80.48 -60.32
CA LYS BB 115 24.49 -81.41 -59.66
C LYS BB 115 24.71 -81.06 -58.17
N HIS BB 116 24.93 -79.77 -57.87
CA HIS BB 116 25.14 -79.30 -56.48
C HIS BB 116 24.02 -79.74 -55.55
N VAL BB 117 22.81 -79.38 -55.95
CA VAL BB 117 21.60 -79.68 -55.20
C VAL BB 117 21.38 -81.20 -55.09
N TYR BB 118 21.83 -81.94 -56.10
CA TYR BB 118 21.77 -83.41 -56.07
C TYR BB 118 22.72 -83.98 -54.99
N GLU BB 119 23.95 -83.48 -54.95
CA GLU BB 119 24.92 -83.90 -53.92
C GLU BB 119 24.42 -83.61 -52.52
N ILE BB 120 24.09 -82.35 -52.27
CA ILE BB 120 23.55 -81.91 -50.98
C ILE BB 120 22.25 -82.66 -50.63
N ALA BB 121 21.53 -83.13 -51.65
CA ALA BB 121 20.32 -83.92 -51.44
C ALA BB 121 20.61 -85.33 -50.93
N ARG BB 122 21.47 -86.07 -51.64
CA ARG BB 122 21.72 -87.45 -51.25
C ARG BB 122 22.59 -87.54 -49.99
N VAL BB 123 23.37 -86.49 -49.73
CA VAL BB 123 24.14 -86.43 -48.49
C VAL BB 123 23.18 -86.28 -47.30
N LYS BB 124 22.11 -85.51 -47.51
CA LYS BB 124 21.16 -85.22 -46.45
C LYS BB 124 19.94 -86.13 -46.37
N ALA BB 125 19.86 -87.14 -47.24
CA ALA BB 125 18.72 -88.04 -47.28
C ALA BB 125 18.66 -88.95 -46.05
N GLN BB 126 19.77 -89.01 -45.31
CA GLN BB 126 19.85 -89.83 -44.10
C GLN BB 126 19.59 -89.03 -42.81
N ASP BB 127 19.19 -87.77 -42.96
CA ASP BB 127 18.81 -86.92 -41.83
C ASP BB 127 17.72 -87.57 -40.97
N ASP BB 128 17.71 -87.27 -39.66
CA ASP BB 128 16.69 -87.79 -38.74
C ASP BB 128 15.26 -87.54 -39.25
N ALA BB 129 15.05 -86.37 -39.86
CA ALA BB 129 13.74 -85.97 -40.39
C ALA BB 129 13.41 -86.52 -41.78
N PHE BB 130 14.42 -86.65 -42.64
CA PHE BB 130 14.21 -87.14 -44.01
C PHE BB 130 14.35 -88.67 -44.12
N ALA BB 131 14.78 -89.32 -43.05
CA ALA BB 131 14.99 -90.77 -43.04
C ALA BB 131 13.67 -91.52 -43.10
N LEU BB 132 12.79 -91.22 -42.15
CA LEU BB 132 11.48 -91.87 -42.08
C LEU BB 132 10.60 -91.39 -43.23
N GLN BB 133 11.05 -90.34 -43.92
CA GLN BB 133 10.40 -89.85 -45.13
C GLN BB 133 11.01 -90.57 -46.33
N ASP BB 134 10.16 -91.30 -47.05
CA ASP BB 134 10.60 -92.12 -48.17
C ASP BB 134 10.67 -91.32 -49.47
N VAL BB 135 10.44 -90.02 -49.37
CA VAL BB 135 10.41 -89.13 -50.53
C VAL BB 135 11.62 -89.26 -51.45
N PRO BB 136 11.39 -89.31 -52.77
CA PRO BB 136 12.50 -89.50 -53.72
C PRO BB 136 13.47 -88.33 -53.68
N LEU BB 137 14.56 -88.42 -54.43
CA LEU BB 137 15.60 -87.39 -54.37
C LEU BB 137 15.11 -86.11 -55.04
N SER BB 138 14.05 -86.21 -55.85
CA SER BB 138 13.40 -85.05 -56.45
C SER BB 138 12.87 -84.11 -55.37
N SER BB 139 12.20 -84.72 -54.40
CA SER BB 139 11.63 -84.00 -53.26
C SER BB 139 12.70 -83.26 -52.45
N VAL BB 140 13.69 -84.00 -51.99
CA VAL BB 140 14.78 -83.43 -51.20
C VAL BB 140 15.51 -82.34 -52.01
N VAL BB 141 15.58 -82.53 -53.33
CA VAL BB 141 16.19 -81.53 -54.22
C VAL BB 141 15.39 -80.23 -54.25
N ARG BB 142 14.07 -80.32 -54.38
CA ARG BB 142 13.25 -79.10 -54.34
C ARG BB 142 13.33 -78.46 -52.94
N SER BB 143 13.52 -79.29 -51.91
CA SER BB 143 13.73 -78.78 -50.55
C SER BB 143 15.00 -77.95 -50.45
N ILE BB 144 16.10 -78.46 -51.01
CA ILE BB 144 17.37 -77.76 -50.96
C ILE BB 144 17.37 -76.53 -51.89
N ILE BB 145 16.60 -76.60 -52.98
CA ILE BB 145 16.38 -75.43 -53.82
C ILE BB 145 15.66 -74.35 -53.01
N GLY BB 146 14.69 -74.80 -52.22
CA GLY BB 146 13.96 -73.92 -51.32
C GLY BB 146 14.85 -73.28 -50.27
N SER BB 147 15.76 -74.06 -49.69
CA SER BB 147 16.70 -73.53 -48.70
C SER BB 147 17.73 -72.62 -49.39
N ALA BB 148 17.87 -72.79 -50.70
CA ALA BB 148 18.77 -71.96 -51.49
C ALA BB 148 18.19 -70.58 -51.74
N ARG BB 149 16.92 -70.52 -52.15
CA ARG BB 149 16.35 -69.29 -52.66
C ARG BB 149 16.30 -68.15 -51.63
N SER BB 150 16.23 -68.51 -50.35
CA SER BB 150 16.26 -67.52 -49.29
C SER BB 150 17.68 -67.28 -48.77
N LEU BB 151 18.61 -68.11 -49.19
CA LEU BB 151 20.00 -67.92 -48.80
C LEU BB 151 20.68 -66.95 -49.76
N GLY BB 152 20.05 -66.71 -50.91
CA GLY BB 152 20.54 -65.76 -51.90
C GLY BB 152 21.37 -66.39 -53.00
N ILE BB 153 21.35 -67.71 -53.08
CA ILE BB 153 22.15 -68.45 -54.04
C ILE BB 153 21.28 -68.98 -55.18
N ARG BB 154 21.68 -68.70 -56.41
CA ARG BB 154 20.84 -68.98 -57.56
C ARG BB 154 21.11 -70.34 -58.19
N VAL BB 155 20.05 -70.97 -58.67
CA VAL BB 155 20.12 -72.27 -59.34
C VAL BB 155 20.17 -72.12 -60.87
N VAL BB 156 21.10 -72.85 -61.49
CA VAL BB 156 21.18 -72.93 -62.95
C VAL BB 156 21.22 -74.40 -63.37
N LYS BB 157 20.18 -74.87 -64.07
CA LYS BB 157 20.11 -76.27 -64.50
C LYS BB 157 20.77 -76.47 -65.88
N ASP BB 158 21.78 -77.35 -65.93
CA ASP BB 158 22.50 -77.63 -67.17
C ASP BB 158 22.38 -79.12 -67.54
N SER CB 2 -96.65 -55.13 -10.96
CA SER CB 2 -96.64 -53.70 -11.27
C SER CB 2 -97.35 -52.90 -10.21
N SER CB 3 -98.47 -53.42 -9.74
CA SER CB 3 -99.31 -52.68 -8.82
C SER CB 3 -98.95 -53.02 -7.39
N PHE CB 4 -98.35 -52.06 -6.72
CA PHE CB 4 -97.86 -52.23 -5.36
C PHE CB 4 -98.34 -51.02 -4.58
N SER CB 5 -98.36 -51.12 -3.25
CA SER CB 5 -98.64 -49.93 -2.48
C SER CB 5 -97.36 -49.09 -2.50
N LYS CB 6 -97.40 -47.86 -1.96
CA LYS CB 6 -96.27 -46.94 -2.14
C LYS CB 6 -95.04 -47.27 -1.31
N ALA CB 7 -95.21 -47.36 0.02
CA ALA CB 7 -94.10 -47.70 0.90
C ALA CB 7 -93.37 -48.98 0.47
N PRO CB 8 -94.12 -50.07 0.18
CA PRO CB 8 -93.41 -51.27 -0.25
C PRO CB 8 -92.72 -51.11 -1.60
N GLN CB 9 -93.41 -50.50 -2.54
CA GLN CB 9 -92.86 -50.30 -3.87
C GLN CB 9 -91.50 -49.64 -3.78
N GLN CB 10 -91.45 -48.50 -3.11
CA GLN CB 10 -90.20 -47.74 -3.00
C GLN CB 10 -89.15 -48.55 -2.24
N TRP CB 11 -89.57 -49.29 -1.21
CA TRP CB 11 -88.62 -50.11 -0.46
C TRP CB 11 -87.99 -51.16 -1.35
N ALA CB 12 -88.75 -51.58 -2.34
CA ALA CB 12 -88.29 -52.58 -3.27
C ALA CB 12 -87.29 -51.99 -4.20
N THR CB 13 -87.61 -50.84 -4.76
CA THR CB 13 -86.72 -50.26 -5.74
C THR CB 13 -85.33 -50.00 -5.17
N PHE CB 14 -85.24 -49.42 -3.98
CA PHE CB 14 -83.94 -49.04 -3.42
C PHE CB 14 -83.31 -50.07 -2.50
N ALA CB 15 -83.92 -51.25 -2.46
CA ALA CB 15 -83.43 -52.37 -1.66
C ALA CB 15 -81.95 -52.69 -1.89
N ARG CB 16 -81.21 -52.82 -0.80
CA ARG CB 16 -79.82 -53.21 -0.88
C ARG CB 16 -79.72 -54.70 -1.16
N VAL CB 17 -78.61 -55.10 -1.74
CA VAL CB 17 -78.40 -56.47 -2.14
C VAL CB 17 -77.07 -56.96 -1.59
N TRP CB 18 -76.96 -58.25 -1.29
CA TRP CB 18 -75.67 -58.79 -0.91
C TRP CB 18 -75.12 -59.67 -2.01
N TYR CB 19 -74.02 -59.22 -2.60
CA TYR CB 19 -73.37 -59.91 -3.71
C TYR CB 19 -72.18 -60.69 -3.24
N LEU CB 20 -71.91 -61.82 -3.90
CA LEU CB 20 -70.73 -62.59 -3.56
C LEU CB 20 -69.84 -62.71 -4.77
N LEU CB 21 -68.54 -62.61 -4.51
CA LEU CB 21 -67.54 -62.65 -5.56
C LEU CB 21 -66.35 -63.49 -5.11
N ASP CB 22 -66.03 -64.53 -5.88
CA ASP CB 22 -64.93 -65.44 -5.56
C ASP CB 22 -63.62 -64.97 -6.16
N GLY CB 23 -62.59 -64.93 -5.33
CA GLY CB 23 -61.34 -64.33 -5.77
C GLY CB 23 -60.27 -65.29 -6.17
N LYS CB 24 -60.47 -66.57 -5.96
CA LYS CB 24 -59.38 -67.51 -6.18
C LYS CB 24 -58.89 -67.38 -7.61
N MET CB 25 -57.59 -67.11 -7.74
CA MET CB 25 -56.89 -66.96 -9.03
C MET CB 25 -57.31 -65.79 -9.91
N GLN CB 26 -57.66 -64.66 -9.31
CA GLN CB 26 -58.12 -63.51 -10.10
C GLN CB 26 -57.28 -62.27 -9.83
N PRO CB 27 -57.02 -61.47 -10.87
CA PRO CB 27 -56.30 -60.20 -10.72
C PRO CB 27 -57.04 -59.28 -9.79
N PRO CB 28 -56.34 -58.74 -8.80
CA PRO CB 28 -57.01 -57.90 -7.82
C PRO CB 28 -57.60 -56.70 -8.53
N GLY CB 29 -56.95 -56.28 -9.61
CA GLY CB 29 -57.49 -55.19 -10.40
C GLY CB 29 -58.85 -55.49 -11.02
N LYS CB 30 -58.91 -56.56 -11.83
CA LYS CB 30 -60.13 -56.88 -12.56
C LYS CB 30 -61.25 -57.19 -11.59
N LEU CB 31 -60.88 -57.58 -10.38
CA LEU CB 31 -61.86 -57.83 -9.35
C LEU CB 31 -62.44 -56.53 -8.84
N ALA CB 32 -61.54 -55.62 -8.47
CA ALA CB 32 -61.94 -54.38 -7.85
C ALA CB 32 -62.71 -53.53 -8.81
N ALA CB 33 -62.50 -53.74 -10.10
CA ALA CB 33 -63.25 -52.98 -11.09
C ALA CB 33 -64.75 -53.17 -10.88
N MET CB 34 -65.17 -54.42 -10.95
CA MET CB 34 -66.57 -54.73 -10.81
C MET CB 34 -67.04 -54.55 -9.38
N ALA CB 35 -66.16 -54.87 -8.43
CA ALA CB 35 -66.48 -54.64 -7.02
C ALA CB 35 -66.92 -53.21 -6.81
N SER CB 36 -66.14 -52.30 -7.37
CA SER CB 36 -66.42 -50.87 -7.28
C SER CB 36 -67.70 -50.48 -8.00
N VAL CB 37 -67.90 -51.04 -9.19
CA VAL CB 37 -69.17 -50.79 -9.89
C VAL CB 37 -70.33 -51.04 -8.97
N LYS CB 38 -70.35 -52.26 -8.43
CA LYS CB 38 -71.45 -52.74 -7.61
C LYS CB 38 -71.56 -51.96 -6.32
N LEU CB 39 -70.45 -51.44 -5.84
CA LEU CB 39 -70.44 -50.66 -4.61
C LEU CB 39 -71.06 -49.28 -4.81
N GLN CB 40 -70.74 -48.63 -5.92
CA GLN CB 40 -71.22 -47.26 -6.15
C GLN CB 40 -72.68 -47.28 -6.48
N GLY CB 41 -73.17 -48.44 -6.90
CA GLY CB 41 -74.55 -48.64 -7.28
C GLY CB 41 -74.80 -48.42 -8.76
N LEU CB 42 -73.74 -48.53 -9.55
CA LEU CB 42 -73.82 -48.21 -10.97
C LEU CB 42 -74.41 -49.31 -11.82
N HIS CB 43 -74.77 -50.42 -11.18
CA HIS CB 43 -75.45 -51.48 -11.89
C HIS CB 43 -76.96 -51.27 -11.82
N LYS CB 44 -77.37 -50.35 -10.97
CA LYS CB 44 -78.79 -50.09 -10.78
C LYS CB 44 -79.24 -48.91 -11.64
N PRO CB 45 -80.14 -49.14 -12.61
CA PRO CB 45 -80.57 -48.08 -13.54
C PRO CB 45 -81.20 -46.89 -12.85
N VAL CB 46 -81.62 -47.06 -11.60
CA VAL CB 46 -82.25 -45.99 -10.85
C VAL CB 46 -81.21 -45.04 -10.27
N TYR CB 47 -79.95 -45.38 -10.53
CA TYR CB 47 -78.83 -44.78 -9.83
C TYR CB 47 -78.80 -43.30 -9.90
N HIS CB 48 -78.39 -42.73 -8.78
CA HIS CB 48 -78.07 -41.34 -8.74
C HIS CB 48 -77.10 -41.13 -7.62
N GLN CB 49 -76.28 -40.09 -7.76
CA GLN CB 49 -75.17 -39.85 -6.86
C GLN CB 49 -75.60 -39.47 -5.45
N LEU CB 50 -76.57 -38.56 -5.36
CA LEU CB 50 -77.08 -38.08 -4.08
C LEU CB 50 -78.03 -39.06 -3.45
N SER CB 51 -78.31 -40.13 -4.19
CA SER CB 51 -79.11 -41.21 -3.64
C SER CB 51 -78.17 -42.26 -3.06
N ASP CB 52 -78.58 -42.85 -1.95
CA ASP CB 52 -77.68 -43.60 -1.08
C ASP CB 52 -77.25 -44.93 -1.66
N CYS CB 53 -77.87 -45.30 -2.78
CA CYS CB 53 -77.75 -46.65 -3.30
C CYS CB 53 -76.30 -47.07 -3.44
N GLY CB 54 -75.97 -48.17 -2.81
CA GLY CB 54 -74.73 -48.85 -3.06
C GLY CB 54 -75.04 -50.21 -2.52
N ASP CB 55 -74.42 -51.24 -3.06
CA ASP CB 55 -74.79 -52.59 -2.68
C ASP CB 55 -73.64 -53.22 -1.94
N HIS CB 56 -73.95 -54.09 -0.99
CA HIS CB 56 -72.90 -54.77 -0.27
C HIS CB 56 -72.16 -55.67 -1.21
N VAL CB 57 -70.90 -55.90 -0.89
CA VAL CB 57 -70.11 -56.81 -1.67
C VAL CB 57 -69.25 -57.61 -0.75
N VAL CB 58 -69.29 -58.92 -0.92
CA VAL CB 58 -68.43 -59.84 -0.18
C VAL CB 58 -67.50 -60.53 -1.14
N ILE CB 59 -66.21 -60.33 -0.94
CA ILE CB 59 -65.25 -61.07 -1.72
C ILE CB 59 -64.69 -62.16 -0.83
N MET CB 60 -64.53 -63.35 -1.38
CA MET CB 60 -63.99 -64.45 -0.62
C MET CB 60 -62.73 -64.99 -1.30
N ASN CB 61 -61.93 -65.78 -0.57
CA ASN CB 61 -60.70 -66.35 -1.08
C ASN CB 61 -59.74 -65.26 -1.48
N THR CB 62 -59.58 -64.30 -0.59
CA THR CB 62 -58.75 -63.14 -0.86
C THR CB 62 -57.28 -63.49 -0.95
N ARG CB 63 -56.80 -64.43 -0.14
CA ARG CB 63 -55.38 -64.77 -0.14
C ARG CB 63 -54.92 -65.33 -1.49
N HIS CB 64 -55.87 -65.78 -2.29
CA HIS CB 64 -55.60 -66.51 -3.53
C HIS CB 64 -55.57 -65.65 -4.78
N ILE CB 65 -55.43 -64.35 -4.60
CA ILE CB 65 -55.19 -63.39 -5.68
C ILE CB 65 -54.08 -63.79 -6.66
N ALA CB 66 -54.33 -63.57 -7.93
CA ALA CB 66 -53.30 -63.69 -8.95
C ALA CB 66 -52.80 -62.31 -9.39
N PHE CB 67 -51.48 -62.17 -9.53
CA PHE CB 67 -50.84 -60.91 -9.99
C PHE CB 67 -50.11 -61.08 -11.31
N SER CB 68 -50.62 -60.47 -12.37
CA SER CB 68 -50.01 -60.64 -13.68
C SER CB 68 -48.62 -60.00 -13.71
N GLY CB 69 -47.81 -60.41 -14.67
CA GLY CB 69 -46.42 -59.96 -14.74
C GLY CB 69 -45.63 -60.41 -13.53
N ASN CB 70 -44.57 -59.68 -13.24
CA ASN CB 70 -43.82 -59.90 -12.03
C ASN CB 70 -44.35 -59.05 -10.89
N LYS CB 71 -45.51 -58.43 -11.13
CA LYS CB 71 -46.01 -57.34 -10.31
C LYS CB 71 -45.86 -57.59 -8.83
N TRP CB 72 -45.91 -58.86 -8.46
CA TRP CB 72 -45.59 -59.29 -7.12
C TRP CB 72 -44.31 -58.66 -6.66
N GLU CB 73 -43.36 -58.55 -7.58
CA GLU CB 73 -42.06 -57.98 -7.23
C GLU CB 73 -41.92 -56.47 -7.32
N GLN CB 74 -42.44 -55.84 -8.37
CA GLN CB 74 -42.17 -54.41 -8.46
C GLN CB 74 -43.28 -53.45 -7.99
N LYS CB 75 -44.47 -53.92 -7.66
CA LYS CB 75 -45.45 -52.95 -7.22
C LYS CB 75 -45.27 -52.72 -5.73
N VAL CB 76 -44.97 -51.49 -5.38
CA VAL CB 76 -44.72 -51.18 -4.00
C VAL CB 76 -45.83 -50.34 -3.42
N TYR CB 77 -46.14 -50.61 -2.18
CA TYR CB 77 -47.10 -49.85 -1.45
C TYR CB 77 -46.39 -49.00 -0.43
N SER CB 78 -46.65 -47.71 -0.48
CA SER CB 78 -45.97 -46.78 0.40
C SER CB 78 -46.95 -46.24 1.41
N SER CB 79 -46.45 -45.88 2.59
CA SER CB 79 -47.20 -45.02 3.50
C SER CB 79 -46.32 -44.33 4.52
N HIS CB 80 -46.85 -43.29 5.15
CA HIS CB 80 -46.03 -42.51 6.05
C HIS CB 80 -46.65 -42.35 7.42
N THR CB 81 -45.87 -42.63 8.45
CA THR CB 81 -46.34 -42.40 9.80
C THR CB 81 -46.64 -40.95 10.01
N GLY CB 82 -45.79 -40.11 9.44
CA GLY CB 82 -45.80 -38.68 9.73
C GLY CB 82 -44.61 -38.31 10.59
N TYR CB 83 -43.91 -39.29 11.13
CA TYR CB 83 -42.70 -39.02 11.90
C TYR CB 83 -41.53 -38.95 10.99
N PRO CB 84 -40.56 -38.09 11.30
CA PRO CB 84 -39.39 -37.96 10.45
C PRO CB 84 -38.63 -39.29 10.32
N GLY CB 85 -38.39 -39.71 9.08
CA GLY CB 85 -37.84 -41.02 8.81
C GLY CB 85 -38.84 -42.13 9.04
N GLY CB 86 -40.10 -41.77 9.22
CA GLY CB 86 -41.16 -42.74 9.47
C GLY CB 86 -41.83 -43.23 8.21
N PHE CB 87 -41.10 -43.17 7.10
CA PHE CB 87 -41.64 -43.49 5.80
C PHE CB 87 -41.42 -44.95 5.39
N ARG CB 88 -42.46 -45.57 4.81
CA ARG CB 88 -42.45 -47.02 4.59
C ARG CB 88 -42.79 -47.48 3.16
N GLN CB 89 -41.80 -48.09 2.50
CA GLN CB 89 -41.99 -48.69 1.18
C GLN CB 89 -42.06 -50.20 1.30
N VAL CB 90 -43.10 -50.83 0.76
CA VAL CB 90 -43.24 -52.28 0.91
C VAL CB 90 -43.57 -52.99 -0.38
N THR CB 91 -42.78 -54.00 -0.68
CA THR CB 91 -43.11 -54.84 -1.81
C THR CB 91 -44.48 -55.46 -1.63
N ALA CB 92 -45.28 -55.48 -2.69
CA ALA CB 92 -46.59 -56.12 -2.72
C ALA CB 92 -46.56 -57.53 -2.15
N ALA CB 93 -45.58 -58.31 -2.57
CA ALA CB 93 -45.40 -59.65 -2.07
C ALA CB 93 -45.35 -59.67 -0.53
N GLN CB 94 -44.52 -58.81 0.05
CA GLN CB 94 -44.41 -58.73 1.51
C GLN CB 94 -45.72 -58.40 2.16
N LEU CB 95 -46.31 -57.33 1.67
CA LEU CB 95 -47.55 -56.83 2.23
C LEU CB 95 -48.57 -57.93 2.31
N HIS CB 96 -48.83 -58.57 1.18
CA HIS CB 96 -49.82 -59.63 1.12
C HIS CB 96 -49.44 -60.77 2.01
N GLN CB 97 -48.14 -61.00 2.13
CA GLN CB 97 -47.66 -61.99 3.07
C GLN CB 97 -48.17 -61.68 4.47
N LYS CB 98 -47.93 -60.47 4.92
CA LYS CB 98 -48.38 -60.04 6.24
C LYS CB 98 -49.92 -60.06 6.38
N ASP CB 99 -50.60 -59.31 5.53
CA ASP CB 99 -52.08 -59.19 5.58
C ASP CB 99 -52.77 -59.43 4.24
N PRO CB 100 -53.32 -60.64 4.06
CA PRO CB 100 -53.98 -61.06 2.81
C PRO CB 100 -54.97 -60.03 2.26
N VAL CB 101 -55.77 -59.45 3.15
CA VAL CB 101 -56.86 -58.54 2.80
C VAL CB 101 -56.42 -57.27 2.09
N ALA CB 102 -55.29 -56.73 2.53
CA ALA CB 102 -54.78 -55.42 2.11
C ALA CB 102 -54.85 -55.21 0.61
N ILE CB 103 -54.18 -56.07 -0.15
CA ILE CB 103 -54.03 -55.88 -1.59
C ILE CB 103 -55.31 -55.51 -2.29
N VAL CB 104 -56.29 -56.35 -2.11
CA VAL CB 104 -57.58 -56.12 -2.72
C VAL CB 104 -58.25 -54.84 -2.17
N LYS CB 105 -58.18 -54.64 -0.86
CA LYS CB 105 -58.81 -53.49 -0.26
C LYS CB 105 -58.28 -52.20 -0.86
N LEU CB 106 -56.98 -52.16 -1.12
CA LEU CB 106 -56.38 -50.97 -1.70
C LEU CB 106 -56.78 -50.80 -3.12
N ALA CB 107 -56.85 -51.91 -3.85
CA ALA CB 107 -57.35 -51.78 -5.20
C ALA CB 107 -58.73 -51.11 -5.20
N ILE CB 108 -59.69 -51.71 -4.49
CA ILE CB 108 -61.06 -51.20 -4.46
C ILE CB 108 -61.16 -49.76 -3.93
N TYR CB 109 -60.41 -49.48 -2.88
CA TYR CB 109 -60.37 -48.15 -2.28
C TYR CB 109 -59.92 -47.11 -3.30
N GLY CB 110 -58.73 -47.33 -3.85
CA GLY CB 110 -58.18 -46.44 -4.87
C GLY CB 110 -59.06 -46.33 -6.09
N MET CB 111 -60.01 -47.26 -6.23
CA MET CB 111 -60.87 -47.28 -7.42
C MET CB 111 -62.21 -46.54 -7.36
N LEU CB 112 -62.62 -46.12 -6.16
CA LEU CB 112 -63.86 -45.37 -5.97
C LEU CB 112 -63.68 -43.85 -6.22
N PRO CB 113 -64.79 -43.08 -6.33
CA PRO CB 113 -64.52 -41.64 -6.42
C PRO CB 113 -63.95 -41.18 -5.11
N LYS CB 114 -63.33 -40.01 -5.07
CA LYS CB 114 -62.51 -39.65 -3.94
C LYS CB 114 -63.24 -38.86 -2.84
N ASN CB 115 -64.55 -38.68 -2.99
CA ASN CB 115 -65.36 -37.95 -2.03
C ASN CB 115 -65.62 -38.72 -0.76
N LEU CB 116 -66.53 -38.22 0.06
CA LEU CB 116 -66.78 -38.86 1.34
C LEU CB 116 -67.35 -40.24 1.28
N HIS CB 117 -68.28 -40.46 0.36
CA HIS CB 117 -69.04 -41.70 0.37
C HIS CB 117 -68.19 -42.92 0.18
N ARG CB 118 -67.00 -42.73 -0.38
CA ARG CB 118 -66.03 -43.82 -0.44
C ARG CB 118 -65.87 -44.44 0.94
N ARG CB 119 -65.58 -43.61 1.94
CA ARG CB 119 -65.49 -44.05 3.34
C ARG CB 119 -66.70 -44.85 3.77
N THR CB 120 -67.86 -44.42 3.33
CA THR CB 120 -69.07 -45.12 3.68
C THR CB 120 -69.21 -46.38 2.86
N MET CB 121 -68.90 -46.35 1.57
CA MET CB 121 -69.11 -47.59 0.84
C MET CB 121 -68.01 -48.56 1.20
N MET CB 122 -66.90 -48.05 1.71
CA MET CB 122 -65.88 -48.92 2.24
C MET CB 122 -66.43 -49.82 3.38
N GLN CB 123 -67.55 -49.38 3.97
CA GLN CB 123 -68.20 -50.16 5.01
C GLN CB 123 -68.93 -51.37 4.49
N ARG CB 124 -69.53 -51.26 3.30
CA ARG CB 124 -70.36 -52.35 2.81
C ARG CB 124 -69.52 -53.43 2.14
N LEU CB 125 -68.21 -53.23 2.19
CA LEU CB 125 -67.24 -54.14 1.60
C LEU CB 125 -66.65 -55.14 2.61
N HIS CB 126 -66.95 -56.43 2.42
CA HIS CB 126 -66.51 -57.49 3.34
C HIS CB 126 -65.50 -58.43 2.68
N LEU CB 127 -64.36 -58.62 3.33
CA LEU CB 127 -63.25 -59.29 2.67
C LEU CB 127 -62.70 -60.51 3.41
N PHE CB 128 -62.77 -61.68 2.78
CA PHE CB 128 -62.38 -62.92 3.45
C PHE CB 128 -61.23 -63.69 2.80
N PRO CB 129 -60.17 -63.91 3.57
CA PRO CB 129 -58.95 -64.57 3.14
C PRO CB 129 -59.20 -65.92 2.46
N ASP CB 130 -60.09 -66.70 3.07
CA ASP CB 130 -60.47 -68.03 2.58
C ASP CB 130 -61.97 -68.04 2.46
N GLU CB 131 -62.61 -69.20 2.30
CA GLU CB 131 -64.06 -69.17 2.47
C GLU CB 131 -64.39 -69.59 3.90
N ASP CB 132 -64.51 -68.59 4.75
CA ASP CB 132 -64.97 -68.70 6.13
C ASP CB 132 -65.85 -67.50 6.26
N ILE CB 133 -67.12 -67.72 6.45
CA ILE CB 133 -67.97 -66.57 6.52
C ILE CB 133 -68.93 -66.81 7.66
N PRO CB 134 -69.17 -65.77 8.46
CA PRO CB 134 -70.25 -65.85 9.45
C PRO CB 134 -71.55 -66.21 8.77
N GLU CB 135 -72.26 -67.18 9.32
CA GLU CB 135 -73.51 -67.64 8.73
C GLU CB 135 -74.51 -66.49 8.69
N ASP CB 136 -74.20 -65.43 9.43
CA ASP CB 136 -74.88 -64.15 9.29
C ASP CB 136 -74.77 -63.65 7.87
N ILE CB 137 -73.54 -63.48 7.44
CA ILE CB 137 -73.22 -62.93 6.13
C ILE CB 137 -73.45 -63.96 5.03
N LEU CB 138 -73.33 -65.24 5.37
CA LEU CB 138 -73.70 -66.29 4.44
C LEU CB 138 -75.20 -66.24 4.15
N LYS CB 139 -75.97 -66.01 5.20
CA LYS CB 139 -77.41 -66.11 5.13
C LYS CB 139 -78.00 -65.11 4.18
N ASN CB 140 -77.45 -63.91 4.14
CA ASN CB 140 -78.07 -62.86 3.37
C ASN CB 140 -77.58 -62.73 1.93
N LEU CB 141 -76.73 -63.65 1.48
CA LEU CB 141 -76.17 -63.57 0.13
C LEU CB 141 -77.23 -63.75 -0.95
N VAL CB 142 -77.38 -62.77 -1.82
CA VAL CB 142 -78.34 -62.88 -2.92
C VAL CB 142 -77.86 -63.70 -4.10
N GLU CB 143 -76.72 -63.34 -4.64
CA GLU CB 143 -76.39 -63.86 -5.95
C GLU CB 143 -74.89 -63.94 -6.19
N GLU CB 144 -74.50 -64.88 -7.04
CA GLU CB 144 -73.10 -65.01 -7.35
C GLU CB 144 -72.73 -64.34 -8.66
N LEU CB 145 -71.60 -63.66 -8.62
CA LEU CB 145 -71.00 -62.95 -9.75
C LEU CB 145 -70.07 -63.85 -10.56
N PRO CB 146 -70.00 -63.62 -11.87
CA PRO CB 146 -69.14 -64.39 -12.76
C PRO CB 146 -67.68 -64.08 -12.55
N GLN CB 147 -66.83 -65.10 -12.47
CA GLN CB 147 -65.40 -64.90 -12.31
C GLN CB 147 -64.79 -64.15 -13.50
N PRO CB 148 -64.24 -62.95 -13.25
CA PRO CB 148 -63.78 -61.95 -14.23
C PRO CB 148 -62.65 -62.41 -15.15
N ARG CB 149 -61.99 -63.52 -14.81
CA ARG CB 149 -60.95 -64.08 -15.67
C ARG CB 149 -61.13 -65.59 -15.76
N LYS CB 150 -60.86 -66.16 -16.94
CA LYS CB 150 -60.95 -67.60 -17.10
C LYS CB 150 -59.62 -68.22 -16.75
N VAL CB 151 -59.60 -68.93 -15.63
CA VAL CB 151 -58.38 -69.49 -15.12
C VAL CB 151 -57.92 -70.61 -16.02
N PRO CB 152 -56.64 -70.58 -16.41
CA PRO CB 152 -55.96 -71.65 -17.15
C PRO CB 152 -55.77 -72.90 -16.32
N ARG CB 153 -56.07 -74.07 -16.88
CA ARG CB 153 -55.84 -75.30 -16.13
C ARG CB 153 -54.39 -75.70 -16.26
N ARG CB 154 -53.88 -76.37 -15.23
CA ARG CB 154 -52.55 -76.96 -15.32
C ARG CB 154 -52.62 -78.13 -16.27
N LEU CB 155 -51.51 -78.82 -16.48
CA LEU CB 155 -51.51 -79.96 -17.39
C LEU CB 155 -52.42 -81.05 -16.86
N ASP CB 156 -52.42 -81.21 -15.54
CA ASP CB 156 -52.99 -82.38 -14.91
C ASP CB 156 -54.54 -82.40 -14.84
N GLU CB 157 -55.18 -81.30 -15.22
CA GLU CB 157 -56.64 -81.21 -15.21
C GLU CB 157 -57.31 -81.91 -16.38
N TYR CB 158 -56.65 -81.84 -17.53
CA TYR CB 158 -57.22 -82.34 -18.78
C TYR CB 158 -57.49 -83.84 -18.72
N THR CB 159 -58.72 -84.20 -19.09
CA THR CB 159 -59.13 -85.58 -19.30
C THR CB 159 -58.20 -86.20 -20.34
N GLN CB 160 -57.90 -87.50 -20.19
CA GLN CB 160 -57.12 -88.22 -21.19
C GLN CB 160 -57.78 -88.14 -22.58
N GLU CB 161 -59.10 -88.02 -22.61
CA GLU CB 161 -59.84 -87.83 -23.86
C GLU CB 161 -59.34 -86.64 -24.66
N GLU CB 162 -59.15 -85.53 -23.97
CA GLU CB 162 -58.70 -84.29 -24.59
C GLU CB 162 -57.20 -84.30 -24.83
N ILE CB 163 -56.48 -85.07 -24.02
CA ILE CB 163 -55.04 -85.26 -24.19
C ILE CB 163 -54.76 -85.99 -25.50
N GLU CB 164 -55.55 -87.02 -25.75
CA GLU CB 164 -55.45 -87.81 -26.97
C GLU CB 164 -56.04 -87.06 -28.14
N ALA CB 165 -57.10 -86.30 -27.86
CA ALA CB 165 -57.80 -85.55 -28.89
C ALA CB 165 -56.90 -84.52 -29.57
N PHE CB 166 -55.94 -83.98 -28.82
CA PHE CB 166 -55.00 -83.02 -29.40
C PHE CB 166 -53.89 -83.78 -30.12
N PRO CB 167 -53.67 -83.45 -31.41
CA PRO CB 167 -52.75 -84.14 -32.31
C PRO CB 167 -51.27 -83.97 -31.98
N ARG CB 168 -50.50 -85.04 -32.18
CA ARG CB 168 -49.06 -85.00 -31.96
C ARG CB 168 -48.46 -84.25 -33.12
N VAL CB 169 -47.76 -83.18 -32.79
CA VAL CB 169 -47.30 -82.27 -33.81
C VAL CB 169 -46.07 -82.77 -34.53
N TRP CB 170 -45.10 -83.24 -33.77
CA TRP CB 170 -43.82 -83.64 -34.32
C TRP CB 170 -43.56 -85.08 -33.94
N SER CB 171 -42.89 -85.82 -34.81
CA SER CB 171 -42.52 -87.19 -34.48
C SER CB 171 -41.04 -87.22 -34.08
N PRO CB 172 -40.79 -87.46 -32.79
CA PRO CB 172 -39.43 -87.51 -32.22
C PRO CB 172 -38.60 -88.66 -32.79
N PRO CB 173 -37.27 -88.50 -32.88
CA PRO CB 173 -36.44 -89.65 -33.27
C PRO CB 173 -36.34 -90.66 -32.13
N GLU CB 174 -36.38 -91.95 -32.45
CA GLU CB 174 -36.39 -93.00 -31.41
C GLU CB 174 -35.10 -93.01 -30.62
N ASP CB 175 -33.99 -92.86 -31.34
CA ASP CB 175 -32.65 -92.91 -30.77
C ASP CB 175 -32.46 -91.89 -29.66
N TYR CB 176 -33.08 -90.74 -29.82
CA TYR CB 176 -32.91 -89.65 -28.86
C TYR CB 176 -33.46 -90.05 -27.49
N ARG CB 177 -32.76 -89.62 -26.43
CA ARG CB 177 -33.17 -89.93 -25.07
C ARG CB 177 -33.80 -88.73 -24.37
N LEU CB 178 -34.84 -88.98 -23.60
CA LEU CB 178 -35.56 -87.92 -22.88
C LEU CB 178 -35.65 -88.21 -21.39
N ALA DB 31 -12.18 -37.07 39.97
CA ALA DB 31 -12.53 -36.41 38.72
C ALA DB 31 -11.47 -35.40 38.30
N ILE DB 32 -10.39 -35.93 37.75
CA ILE DB 32 -9.40 -35.09 37.14
C ILE DB 32 -9.81 -35.01 35.67
N GLN DB 33 -9.59 -33.85 35.05
CA GLN DB 33 -10.04 -33.62 33.67
C GLN DB 33 -9.16 -32.58 33.00
N LYS DB 34 -9.54 -32.17 31.79
CA LYS DB 34 -8.75 -31.19 31.06
C LYS DB 34 -8.55 -29.93 31.89
N MET DB 35 -7.38 -29.35 31.73
CA MET DB 35 -7.03 -28.10 32.37
C MET DB 35 -6.97 -28.11 33.89
N THR DB 36 -6.86 -29.29 34.49
CA THR DB 36 -6.75 -29.39 35.96
C THR DB 36 -5.28 -29.29 36.35
N ARG DB 37 -5.01 -28.64 37.48
CA ARG DB 37 -3.64 -28.57 37.95
C ARG DB 37 -3.34 -29.76 38.83
N VAL DB 38 -2.18 -30.37 38.62
CA VAL DB 38 -1.83 -31.56 39.37
C VAL DB 38 -0.56 -31.38 40.14
N ARG DB 39 -0.36 -32.24 41.13
CA ARG DB 39 0.85 -32.23 41.92
C ARG DB 39 1.61 -33.53 41.69
N VAL DB 40 2.83 -33.43 41.15
CA VAL DB 40 3.61 -34.63 40.89
C VAL DB 40 4.13 -35.17 42.20
N VAL DB 41 3.75 -36.39 42.51
CA VAL DB 41 4.05 -36.93 43.82
C VAL DB 41 5.47 -37.45 43.91
N ASP DB 42 5.87 -38.24 42.93
CA ASP DB 42 7.15 -38.93 43.03
C ASP DB 42 8.31 -37.98 42.80
N ASN DB 43 9.48 -38.38 43.26
CA ASN DB 43 10.71 -37.65 42.99
C ASN DB 43 11.05 -37.74 41.50
N SER DB 44 11.19 -36.60 40.84
CA SER DB 44 11.61 -36.63 39.45
C SER DB 44 12.26 -35.34 39.02
N ALA DB 45 12.96 -35.44 37.90
CA ALA DB 45 13.63 -34.29 37.31
C ALA DB 45 12.61 -33.21 37.09
N LEU DB 46 11.78 -33.44 36.08
CA LEU DB 46 10.63 -32.62 35.79
C LEU DB 46 9.77 -32.42 37.02
N GLY DB 47 9.70 -33.47 37.84
CA GLY DB 47 8.69 -33.54 38.87
C GLY DB 47 8.81 -32.49 39.95
N THR DB 48 9.92 -32.48 40.66
CA THR DB 48 10.02 -31.54 41.77
C THR DB 48 10.52 -30.14 41.36
N THR DB 49 11.41 -30.05 40.37
CA THR DB 49 12.04 -28.78 39.99
C THR DB 49 11.02 -27.67 39.69
N PRO DB 50 11.28 -26.44 40.18
CA PRO DB 50 10.29 -25.36 40.02
C PRO DB 50 10.25 -24.74 38.62
N TYR DB 51 9.06 -24.26 38.26
CA TYR DB 51 8.78 -23.66 36.96
C TYR DB 51 7.73 -22.60 37.23
N HIS DB 52 7.57 -21.63 36.34
CA HIS DB 52 6.65 -20.53 36.64
C HIS DB 52 5.19 -20.93 36.46
N ARG DB 53 4.90 -21.73 35.45
CA ARG DB 53 3.55 -22.27 35.31
C ARG DB 53 3.45 -23.62 36.02
N PRO DB 54 2.39 -23.84 36.81
CA PRO DB 54 2.22 -25.13 37.46
C PRO DB 54 1.76 -26.15 36.47
N PRO DB 55 2.24 -27.38 36.61
CA PRO DB 55 1.92 -28.47 35.70
C PRO DB 55 0.41 -28.68 35.57
N ARG DB 56 -0.09 -28.73 34.34
CA ARG DB 56 -1.54 -28.90 34.12
C ARG DB 56 -1.80 -30.17 33.37
N CYS DB 57 -3.00 -30.69 33.49
CA CYS DB 57 -3.38 -31.73 32.56
C CYS DB 57 -3.70 -31.04 31.25
N ILE DB 58 -3.60 -31.83 30.18
CA ILE DB 58 -4.05 -31.42 28.87
C ILE DB 58 -5.22 -32.24 28.45
N HIS DB 59 -4.98 -33.54 28.31
CA HIS DB 59 -5.96 -34.43 27.76
C HIS DB 59 -5.97 -35.77 28.46
N VAL DB 60 -7.13 -36.21 28.93
CA VAL DB 60 -7.24 -37.51 29.60
C VAL DB 60 -7.61 -38.62 28.61
N TYR DB 61 -7.00 -39.79 28.75
CA TYR DB 61 -7.10 -40.86 27.74
C TYR DB 61 -8.32 -41.75 27.91
N ASN DB 62 -9.17 -41.43 28.86
CA ASN DB 62 -10.48 -42.05 28.94
C ASN DB 62 -11.42 -41.46 27.90
N LYS DB 63 -12.34 -42.26 27.36
CA LYS DB 63 -13.28 -41.73 26.36
C LYS DB 63 -14.23 -40.71 26.96
N THR DB 64 -14.52 -40.86 28.25
CA THR DB 64 -15.14 -39.77 29.01
C THR DB 64 -14.04 -38.77 29.34
N GLY DB 65 -14.35 -37.49 29.27
CA GLY DB 65 -13.35 -36.47 29.49
C GLY DB 65 -12.92 -36.35 30.94
N VAL DB 66 -13.32 -37.32 31.75
CA VAL DB 66 -12.92 -37.34 33.14
C VAL DB 66 -11.97 -38.48 33.45
N GLY DB 67 -10.87 -38.15 34.11
CA GLY DB 67 -10.03 -39.19 34.69
C GLY DB 67 -10.36 -39.44 36.14
N LYS DB 68 -10.09 -40.68 36.57
CA LYS DB 68 -10.20 -41.04 37.97
C LYS DB 68 -8.92 -41.76 38.33
N VAL DB 69 -8.85 -42.27 39.55
CA VAL DB 69 -7.68 -43.01 40.00
C VAL DB 69 -7.40 -44.22 39.11
N GLY DB 70 -6.15 -44.41 38.75
CA GLY DB 70 -5.78 -45.55 37.97
C GLY DB 70 -6.21 -45.37 36.55
N ASP DB 71 -6.05 -44.14 36.06
CA ASP DB 71 -6.20 -43.93 34.64
C ASP DB 71 -5.08 -43.06 34.11
N ARG DB 72 -5.05 -42.89 32.80
CA ARG DB 72 -3.89 -42.32 32.12
C ARG DB 72 -4.16 -40.86 31.81
N ILE DB 73 -3.12 -40.06 31.81
CA ILE DB 73 -3.33 -38.67 31.49
C ILE DB 73 -2.20 -38.11 30.63
N LEU DB 74 -2.45 -37.00 29.93
CA LEU DB 74 -1.34 -36.28 29.31
C LEU DB 74 -1.07 -34.99 30.06
N LEU DB 75 0.16 -34.83 30.52
CA LEU DB 75 0.51 -33.70 31.34
C LEU DB 75 1.38 -32.72 30.57
N ALA DB 76 1.06 -31.45 30.75
CA ALA DB 76 1.96 -30.38 30.33
C ALA DB 76 2.81 -29.96 31.52
N ILE DB 77 4.13 -30.18 31.43
CA ILE DB 77 5.08 -29.71 32.43
C ILE DB 77 6.27 -29.02 31.79
N ARG DB 78 6.66 -27.88 32.34
CA ARG DB 78 7.88 -27.19 31.92
C ARG DB 78 8.00 -27.04 30.41
N GLY DB 79 6.88 -26.83 29.73
CA GLY DB 79 6.89 -26.68 28.29
C GLY DB 79 7.10 -27.95 27.49
N GLN DB 80 6.56 -29.07 27.98
CA GLN DB 80 6.57 -30.30 27.21
C GLN DB 80 5.52 -31.29 27.71
N LYS DB 81 5.24 -32.30 26.89
CA LYS DB 81 4.21 -33.28 27.18
C LYS DB 81 4.78 -34.57 27.75
N LYS DB 82 4.21 -35.06 28.85
CA LYS DB 82 4.62 -36.35 29.42
C LYS DB 82 3.36 -37.12 29.75
N LYS DB 83 3.44 -38.39 30.10
CA LYS DB 83 2.19 -39.04 30.47
C LYS DB 83 2.15 -39.25 31.96
N ALA DB 84 0.96 -39.32 32.54
CA ALA DB 84 0.86 -39.52 33.97
C ALA DB 84 -0.09 -40.63 34.34
N LEU DB 85 0.04 -41.10 35.58
CA LEU DB 85 -0.93 -42.00 36.15
C LEU DB 85 -1.53 -41.37 37.39
N ILE DB 86 -2.85 -41.45 37.52
CA ILE DB 86 -3.54 -40.73 38.58
C ILE DB 86 -3.53 -41.52 39.87
N VAL DB 87 -2.85 -40.96 40.85
CA VAL DB 87 -2.69 -41.55 42.16
C VAL DB 87 -3.94 -41.37 42.99
N GLY DB 88 -4.21 -40.12 43.34
CA GLY DB 88 -5.33 -39.83 44.19
C GLY DB 88 -5.88 -38.50 43.74
N HIS DB 89 -7.09 -38.21 44.18
CA HIS DB 89 -7.77 -37.01 43.76
C HIS DB 89 -8.81 -36.67 44.79
N ARG DB 90 -9.26 -35.43 44.77
CA ARG DB 90 -10.03 -34.89 45.87
C ARG DB 90 -11.53 -35.20 45.81
N MET DB 91 -11.95 -35.85 44.73
CA MET DB 91 -13.37 -36.13 44.53
C MET DB 91 -13.76 -37.46 45.14
N PRO DB 92 -14.98 -37.53 45.70
CA PRO DB 92 -15.49 -38.77 46.28
C PRO DB 92 -15.60 -39.92 45.27
N GLY DB 93 -15.70 -41.13 45.78
CA GLY DB 93 -15.67 -42.35 44.99
C GLY DB 93 -16.46 -43.35 45.81
N PRO DB 94 -16.45 -44.63 45.39
CA PRO DB 94 -17.19 -45.68 46.13
C PRO DB 94 -16.73 -45.68 47.57
N ARG DB 95 -17.55 -46.11 48.53
CA ARG DB 95 -17.10 -46.03 49.92
C ARG DB 95 -15.84 -46.90 50.10
N MET DB 96 -15.02 -46.51 51.07
CA MET DB 96 -13.77 -47.19 51.39
C MET DB 96 -12.68 -46.92 50.35
N THR DB 97 -13.01 -46.10 49.36
CA THR DB 97 -12.01 -45.46 48.51
C THR DB 97 -11.29 -44.35 49.26
N PRO DB 98 -9.98 -44.49 49.46
CA PRO DB 98 -9.23 -43.41 50.10
C PRO DB 98 -9.28 -42.16 49.26
N ARG DB 99 -9.72 -41.05 49.85
CA ARG DB 99 -9.74 -39.82 49.11
C ARG DB 99 -8.64 -38.92 49.62
N PHE DB 100 -8.06 -38.12 48.75
CA PHE DB 100 -6.84 -37.40 49.09
C PHE DB 100 -7.08 -35.90 49.12
N ASP DB 101 -6.16 -35.20 49.80
CA ASP DB 101 -6.20 -33.75 49.91
C ASP DB 101 -5.83 -33.06 48.62
N SER DB 102 -5.15 -33.82 47.76
CA SER DB 102 -4.52 -33.21 46.61
C SER DB 102 -4.80 -33.97 45.33
N ASN DB 103 -4.39 -33.40 44.21
CA ASN DB 103 -4.38 -34.13 42.96
C ASN DB 103 -2.99 -34.63 42.67
N ASN DB 104 -2.88 -35.96 42.71
CA ASN DB 104 -1.59 -36.66 42.73
C ASN DB 104 -1.33 -37.41 41.45
N VAL DB 105 -0.14 -37.23 40.89
CA VAL DB 105 0.18 -37.90 39.66
C VAL DB 105 1.54 -38.55 39.69
N VAL DB 106 1.70 -39.56 38.84
CA VAL DB 106 2.95 -40.26 38.66
C VAL DB 106 3.48 -40.05 37.27
N LEU DB 107 4.63 -39.42 37.16
CA LEU DB 107 5.22 -39.09 35.88
C LEU DB 107 5.73 -40.31 35.18
N LEU DB 108 5.45 -40.38 33.89
CA LEU DB 108 5.41 -41.66 33.21
C LEU DB 108 5.77 -41.52 31.75
N GLU DB 109 6.50 -42.52 31.24
CA GLU DB 109 6.81 -42.64 29.82
C GLU DB 109 5.86 -43.59 29.13
N ASP DB 110 6.07 -43.76 27.83
CA ASP DB 110 5.16 -44.45 26.93
C ASP DB 110 5.11 -45.97 27.10
N ASN DB 111 6.14 -46.53 27.73
CA ASN DB 111 6.24 -47.98 27.83
C ASN DB 111 5.51 -48.54 29.04
N GLY DB 112 4.92 -47.65 29.83
CA GLY DB 112 4.34 -48.04 31.10
C GLY DB 112 5.44 -48.08 32.14
N ASN DB 113 6.47 -47.27 31.91
CA ASN DB 113 7.60 -47.14 32.82
C ASN DB 113 7.57 -45.82 33.58
N PRO DB 114 7.43 -45.89 34.91
CA PRO DB 114 7.52 -44.64 35.67
C PRO DB 114 8.89 -44.04 35.49
N VAL DB 115 8.92 -42.72 35.35
CA VAL DB 115 10.14 -41.96 35.11
C VAL DB 115 10.73 -41.52 36.45
N GLY DB 116 9.96 -41.75 37.51
CA GLY DB 116 10.41 -41.50 38.86
C GLY DB 116 11.07 -42.73 39.44
N THR DB 117 11.81 -42.53 40.52
CA THR DB 117 12.48 -43.61 41.22
C THR DB 117 11.58 -44.42 42.16
N ARG DB 118 10.83 -43.71 42.98
CA ARG DB 118 10.04 -44.29 44.05
C ARG DB 118 8.94 -43.28 44.36
N ILE DB 119 7.90 -43.70 45.06
CA ILE DB 119 6.79 -42.80 45.35
C ILE DB 119 6.50 -42.69 46.84
N LYS DB 120 6.71 -41.50 47.40
CA LYS DB 120 6.63 -41.36 48.84
C LYS DB 120 5.20 -41.41 49.37
N THR DB 121 4.40 -40.43 48.97
CA THR DB 121 3.05 -40.23 49.50
C THR DB 121 2.13 -41.45 49.20
N PRO DB 122 1.08 -41.65 50.01
CA PRO DB 122 0.25 -42.86 49.95
C PRO DB 122 -0.57 -43.03 48.67
N ILE DB 123 -1.08 -44.24 48.47
CA ILE DB 123 -1.68 -44.63 47.21
C ILE DB 123 -2.84 -45.59 47.45
N PRO DB 124 -3.88 -45.54 46.60
CA PRO DB 124 -4.98 -46.51 46.63
C PRO DB 124 -4.48 -47.92 46.51
N SER DB 125 -4.91 -48.76 47.42
CA SER DB 125 -4.52 -50.16 47.40
C SER DB 125 -5.15 -50.81 46.18
N SER DB 126 -6.31 -50.28 45.79
CA SER DB 126 -7.12 -50.81 44.71
C SER DB 126 -6.40 -50.90 43.36
N LEU DB 127 -5.33 -50.14 43.21
CA LEU DB 127 -4.52 -50.16 41.99
C LEU DB 127 -3.85 -51.49 41.77
N ARG DB 128 -3.63 -52.21 42.87
CA ARG DB 128 -3.07 -53.54 42.79
C ARG DB 128 -4.03 -54.51 42.09
N GLN DB 129 -5.27 -54.08 41.86
CA GLN DB 129 -6.19 -54.90 41.08
C GLN DB 129 -5.63 -55.13 39.70
N ARG DB 130 -5.36 -54.04 39.00
CA ARG DB 130 -4.79 -54.18 37.68
C ARG DB 130 -3.30 -54.21 37.88
N GLU DB 131 -2.74 -55.39 37.73
CA GLU DB 131 -1.33 -55.57 37.92
C GLU DB 131 -0.57 -55.21 36.67
N GLY DB 132 -1.08 -55.68 35.53
CA GLY DB 132 -0.36 -55.67 34.28
C GLY DB 132 0.20 -54.32 33.92
N GLU DB 133 -0.66 -53.32 33.87
CA GLU DB 133 -0.26 -51.99 33.41
C GLU DB 133 0.64 -51.34 34.43
N PHE DB 134 0.26 -51.54 35.69
CA PHE DB 134 0.81 -50.78 36.77
C PHE DB 134 1.92 -51.50 37.53
N SER DB 135 2.30 -52.68 37.02
CA SER DB 135 3.32 -53.49 37.65
C SER DB 135 4.55 -52.67 38.08
N LYS DB 136 5.27 -52.11 37.10
CA LYS DB 136 6.47 -51.32 37.36
C LYS DB 136 6.22 -50.13 38.28
N VAL DB 137 5.01 -49.59 38.16
CA VAL DB 137 4.59 -48.46 38.99
C VAL DB 137 4.47 -48.90 40.44
N LEU DB 138 3.68 -49.95 40.64
CA LEU DB 138 3.45 -50.53 41.94
C LEU DB 138 4.76 -50.91 42.58
N ALA DB 139 5.73 -51.27 41.75
CA ALA DB 139 7.04 -51.69 42.20
C ALA DB 139 7.76 -50.65 43.06
N ILE DB 140 7.62 -49.38 42.69
CA ILE DB 140 8.35 -48.32 43.39
C ILE DB 140 7.50 -47.60 44.43
N ALA DB 141 6.25 -48.02 44.56
CA ALA DB 141 5.27 -47.40 45.45
C ALA DB 141 5.46 -47.81 46.92
N GLN DB 142 5.60 -46.82 47.80
CA GLN DB 142 5.91 -47.12 49.20
C GLN DB 142 4.68 -47.48 50.03
N ASN DB 143 3.87 -46.48 50.34
CA ASN DB 143 2.77 -46.67 51.29
C ASN DB 143 1.44 -46.88 50.61
N PHE DB 144 0.72 -47.91 51.06
CA PHE DB 144 -0.56 -48.21 50.45
C PHE DB 144 -1.71 -47.92 51.39
N VAL DB 145 -2.41 -46.83 51.09
CA VAL DB 145 -3.58 -46.43 51.85
C VAL DB 145 -4.75 -46.29 50.89
N GLY EB 9 -105.91 26.74 -45.14
CA GLY EB 9 -104.49 26.74 -45.45
C GLY EB 9 -103.80 25.43 -45.09
N PRO EB 10 -103.03 25.43 -43.98
CA PRO EB 10 -102.27 24.33 -43.37
C PRO EB 10 -103.15 23.29 -42.65
N ARG EB 11 -103.58 22.26 -43.38
CA ARG EB 11 -104.55 21.27 -42.88
C ARG EB 11 -104.19 20.72 -41.51
N ALA EB 12 -102.91 20.88 -41.17
CA ALA EB 12 -102.44 20.69 -39.81
C ALA EB 12 -103.37 21.39 -38.83
N LEU EB 13 -103.81 22.58 -39.21
CA LEU EB 13 -104.75 23.33 -38.40
C LEU EB 13 -105.93 22.46 -38.00
N ASP EB 14 -106.56 21.81 -38.97
CA ASP EB 14 -107.79 21.07 -38.70
C ASP EB 14 -107.52 19.76 -37.92
N LEU EB 15 -106.26 19.44 -37.72
CA LEU EB 15 -105.93 18.29 -36.90
C LEU EB 15 -105.96 18.66 -35.42
N LEU EB 16 -105.93 19.97 -35.16
CA LEU EB 16 -105.87 20.47 -33.79
C LEU EB 16 -107.25 20.62 -33.16
N ARG EB 17 -108.29 20.51 -33.97
CA ARG EB 17 -109.65 20.44 -33.45
C ARG EB 17 -109.81 19.14 -32.70
N ALA EB 18 -109.26 18.10 -33.32
CA ALA EB 18 -109.29 16.74 -32.80
C ALA EB 18 -108.62 16.61 -31.44
N LEU EB 19 -107.44 17.20 -31.32
CA LEU EB 19 -106.58 16.97 -30.17
C LEU EB 19 -106.92 17.82 -28.97
N PRO EB 20 -106.48 17.37 -27.80
CA PRO EB 20 -106.51 18.12 -26.54
C PRO EB 20 -105.71 19.42 -26.62
N ARG EB 21 -105.95 20.31 -25.65
CA ARG EB 21 -105.30 21.61 -25.62
C ARG EB 21 -103.79 21.56 -25.73
N VAL EB 22 -103.24 22.48 -26.50
CA VAL EB 22 -101.83 22.77 -26.37
C VAL EB 22 -101.66 23.60 -25.11
N SER EB 23 -100.82 23.12 -24.20
CA SER EB 23 -100.55 23.80 -22.94
C SER EB 23 -99.10 23.53 -22.58
N LEU EB 24 -98.66 23.92 -21.39
CA LEU EB 24 -97.30 23.63 -20.99
C LEU EB 24 -97.10 22.14 -20.75
N ALA EB 25 -98.17 21.55 -20.21
CA ALA EB 25 -98.20 20.15 -19.84
C ALA EB 25 -97.67 19.24 -20.94
N ASN EB 26 -98.01 19.55 -22.19
CA ASN EB 26 -97.51 18.74 -23.30
C ASN EB 26 -96.58 19.53 -24.20
N LEU EB 27 -95.28 19.30 -24.08
CA LEU EB 27 -94.35 19.91 -25.02
C LEU EB 27 -93.15 19.02 -25.32
N LYS EB 28 -92.91 18.74 -26.60
CA LYS EB 28 -91.67 18.10 -27.02
C LYS EB 28 -90.86 18.99 -27.97
N PRO EB 29 -89.60 19.29 -27.62
CA PRO EB 29 -88.75 20.00 -28.58
C PRO EB 29 -88.41 19.11 -29.76
N ASN EB 30 -88.12 19.73 -30.89
CA ASN EB 30 -87.86 19.01 -32.12
C ASN EB 30 -86.81 17.90 -31.97
N PRO EB 31 -87.14 16.67 -32.40
CA PRO EB 31 -86.21 15.55 -32.23
C PRO EB 31 -84.83 15.84 -32.81
N GLY EB 32 -83.82 15.55 -31.99
CA GLY EB 32 -82.45 15.83 -32.35
C GLY EB 32 -82.06 17.24 -32.04
N SER EB 33 -82.94 18.02 -31.41
CA SER EB 33 -82.56 19.36 -30.98
C SER EB 33 -81.60 19.32 -29.81
N ARG EB 34 -82.02 18.59 -28.79
CA ARG EB 34 -81.18 18.37 -27.65
C ARG EB 34 -80.42 17.08 -27.90
N LYS EB 35 -79.11 17.18 -28.12
CA LYS EB 35 -78.33 15.95 -28.12
C LYS EB 35 -77.82 15.81 -26.69
N PRO EB 36 -78.19 14.69 -26.05
CA PRO EB 36 -78.18 14.64 -24.59
C PRO EB 36 -76.77 14.57 -24.06
N GLU EB 37 -76.47 15.27 -22.98
CA GLU EB 37 -75.14 15.15 -22.39
C GLU EB 37 -75.06 13.84 -21.62
N ARG EB 38 -73.86 13.28 -21.50
CA ARG EB 38 -73.69 12.07 -20.72
C ARG EB 38 -72.78 12.39 -19.56
N ARG EB 39 -72.86 11.60 -18.50
CA ARG EB 39 -72.00 11.87 -17.38
C ARG EB 39 -71.28 10.64 -16.91
N PRO EB 40 -69.98 10.81 -16.59
CA PRO EB 40 -69.07 9.71 -16.27
C PRO EB 40 -69.48 9.05 -14.98
N ARG EB 41 -70.58 8.32 -15.10
CA ARG EB 41 -71.06 7.45 -14.07
C ARG EB 41 -71.30 6.10 -14.71
N GLY EB 42 -71.44 5.08 -13.88
CA GLY EB 42 -71.85 3.78 -14.38
C GLY EB 42 -70.69 2.96 -14.88
N ARG EB 43 -71.01 1.80 -15.42
CA ARG EB 43 -69.98 0.87 -15.83
C ARG EB 43 -69.33 1.34 -17.10
N ARG EB 44 -70.13 1.90 -18.00
CA ARG EB 44 -69.57 2.28 -19.27
C ARG EB 44 -68.68 3.50 -19.16
N ARG EB 45 -69.25 4.64 -18.80
CA ARG EB 45 -68.49 5.89 -18.85
C ARG EB 45 -67.81 6.32 -17.55
N GLY EB 46 -67.83 5.48 -16.51
CA GLY EB 46 -67.06 5.75 -15.30
C GLY EB 46 -65.69 5.14 -15.46
N ARG EB 47 -64.89 5.11 -14.38
CA ARG EB 47 -63.63 4.37 -14.42
C ARG EB 47 -62.72 4.86 -15.51
N LYS EB 48 -62.04 5.96 -15.24
CA LYS EB 48 -61.04 6.52 -16.15
C LYS EB 48 -61.77 7.37 -17.20
N CYS EB 49 -63.09 7.29 -17.25
CA CYS EB 49 -63.95 8.31 -17.87
C CYS EB 49 -63.50 8.82 -19.22
N GLY EB 50 -62.89 7.95 -20.02
CA GLY EB 50 -62.33 8.40 -21.27
C GLY EB 50 -61.16 9.35 -21.11
N ARG EB 51 -60.47 9.25 -19.99
CA ARG EB 51 -59.26 10.02 -19.83
C ARG EB 51 -58.00 9.22 -20.10
N GLY EB 52 -58.16 7.92 -20.37
CA GLY EB 52 -57.03 7.05 -20.62
C GLY EB 52 -56.39 6.50 -19.36
N HIS EB 53 -55.15 6.01 -19.47
CA HIS EB 53 -54.49 5.40 -18.33
C HIS EB 53 -53.22 6.04 -17.92
N LYS EB 54 -53.21 6.65 -16.75
CA LYS EB 54 -52.00 7.24 -16.20
C LYS EB 54 -51.39 8.24 -17.15
N GLY EB 55 -50.08 8.19 -17.27
CA GLY EB 55 -49.36 9.09 -18.16
C GLY EB 55 -49.67 10.53 -17.83
N GLU EB 56 -49.56 11.40 -18.83
CA GLU EB 56 -49.83 12.82 -18.64
C GLU EB 56 -51.28 13.20 -18.75
N ARG EB 57 -51.91 12.66 -19.78
CA ARG EB 57 -53.28 12.99 -20.10
C ARG EB 57 -54.25 12.66 -18.99
N GLN EB 58 -53.99 11.59 -18.27
CA GLN EB 58 -54.93 11.21 -17.22
C GLN EB 58 -54.85 12.20 -16.10
N ARG EB 59 -53.75 12.90 -16.03
CA ARG EB 59 -53.64 13.85 -14.96
C ARG EB 59 -53.94 15.29 -15.39
N GLY EB 60 -54.21 15.49 -16.68
CA GLY EB 60 -54.80 16.75 -17.14
C GLY EB 60 -53.83 17.86 -17.51
N THR EB 61 -52.55 17.54 -17.49
CA THR EB 61 -51.47 18.49 -17.69
C THR EB 61 -50.74 18.51 -19.06
N ARG EB 62 -51.18 17.73 -20.03
CA ARG EB 62 -50.43 17.60 -21.27
C ARG EB 62 -50.05 18.98 -21.82
N PRO EB 63 -48.88 19.09 -22.46
CA PRO EB 63 -48.28 20.41 -22.66
C PRO EB 63 -49.07 21.30 -23.62
N ARG EB 64 -48.62 22.54 -23.89
CA ARG EB 64 -49.40 23.52 -24.65
C ARG EB 64 -49.57 23.11 -26.11
N LEU EB 65 -50.27 23.92 -26.91
CA LEU EB 65 -50.75 23.41 -28.20
C LEU EB 65 -49.68 23.34 -29.28
N GLY EB 66 -48.83 24.36 -29.38
CA GLY EB 66 -47.83 24.38 -30.42
C GLY EB 66 -46.73 23.36 -30.26
N PHE EB 67 -46.84 22.55 -29.21
CA PHE EB 67 -45.71 21.78 -28.74
C PHE EB 67 -45.54 20.41 -29.38
N GLU EB 68 -44.30 20.11 -29.74
CA GLU EB 68 -43.96 18.87 -30.38
C GLU EB 68 -43.30 17.82 -29.51
N GLY EB 69 -43.19 18.08 -28.23
CA GLY EB 69 -42.45 17.17 -27.40
C GLY EB 69 -41.00 17.52 -27.57
N GLY EB 70 -40.78 18.81 -27.80
CA GLY EB 70 -39.47 19.38 -27.66
C GLY EB 70 -38.68 19.42 -28.94
N GLN EB 71 -39.03 18.55 -29.88
CA GLN EB 71 -38.54 18.71 -31.22
C GLN EB 71 -38.98 20.11 -31.62
N THR EB 72 -38.12 20.85 -32.33
CA THR EB 72 -38.39 22.27 -32.61
C THR EB 72 -39.73 22.40 -33.31
N PRO EB 73 -40.65 23.10 -32.66
CA PRO EB 73 -42.09 23.10 -32.93
C PRO EB 73 -42.40 23.50 -34.34
N PHE EB 74 -43.33 22.82 -35.01
CA PHE EB 74 -43.52 23.04 -36.44
C PHE EB 74 -43.59 24.50 -36.77
N TYR EB 75 -44.48 25.18 -36.06
CA TYR EB 75 -44.79 26.54 -36.39
C TYR EB 75 -43.58 27.40 -36.11
N LEU EB 76 -42.63 26.90 -35.34
CA LEU EB 76 -41.47 27.72 -35.04
C LEU EB 76 -40.19 27.47 -35.88
N ARG EB 77 -40.17 26.45 -36.73
CA ARG EB 77 -38.96 26.18 -37.52
C ARG EB 77 -38.88 27.11 -38.71
N ILE EB 78 -40.05 27.33 -39.28
CA ILE EB 78 -40.26 28.21 -40.40
C ILE EB 78 -39.86 29.65 -40.13
N PRO EB 79 -39.12 30.29 -41.06
CA PRO EB 79 -38.67 31.67 -40.88
C PRO EB 79 -39.78 32.71 -40.98
N LYS EB 80 -39.61 33.85 -40.32
CA LYS EB 80 -40.66 34.87 -40.35
C LYS EB 80 -40.66 35.45 -41.73
N TYR EB 81 -41.65 36.26 -42.03
CA TYR EB 81 -41.72 36.82 -43.36
C TYR EB 81 -42.63 38.01 -43.43
N GLY EB 82 -42.41 38.92 -44.37
CA GLY EB 82 -43.41 39.96 -44.52
C GLY EB 82 -44.62 39.29 -45.13
N PHE EB 83 -45.69 39.20 -44.37
CA PHE EB 83 -46.87 38.59 -44.91
C PHE EB 83 -48.06 39.38 -44.51
N ASN EB 84 -48.28 39.30 -43.21
CA ASN EB 84 -49.31 40.02 -42.54
C ASN EB 84 -48.71 41.35 -42.16
N GLU EB 85 -47.52 41.58 -42.71
CA GLU EB 85 -46.77 42.78 -42.48
C GLU EB 85 -47.57 44.05 -42.78
N GLY EB 86 -47.63 44.94 -41.78
CA GLY EB 86 -48.36 46.18 -41.88
C GLY EB 86 -49.80 45.97 -42.30
N HIS EB 87 -50.35 44.82 -41.94
CA HIS EB 87 -51.69 44.41 -42.36
C HIS EB 87 -52.72 45.41 -41.86
N SER EB 88 -52.41 46.03 -40.73
CA SER EB 88 -53.32 46.98 -40.13
C SER EB 88 -53.51 48.20 -41.02
N PHE EB 89 -52.43 48.65 -41.66
CA PHE EB 89 -52.45 49.91 -42.41
C PHE EB 89 -52.67 49.74 -43.91
N ARG EB 90 -52.78 48.50 -44.36
CA ARG EB 90 -53.14 48.29 -45.76
C ARG EB 90 -54.61 48.59 -45.92
N HIS EB 91 -54.91 49.54 -46.79
CA HIS EB 91 -56.29 49.96 -47.06
C HIS EB 91 -57.13 48.82 -47.61
N GLN EB 92 -58.42 48.82 -47.30
CA GLN EB 92 -59.32 47.85 -47.90
C GLN EB 92 -60.46 48.58 -48.60
N TYR EB 93 -60.95 48.03 -49.69
CA TYR EB 93 -62.13 48.59 -50.34
C TYR EB 93 -63.15 47.50 -50.59
N GLN EB 94 -64.30 47.61 -49.94
CA GLN EB 94 -65.36 46.63 -50.11
C GLN EB 94 -65.86 46.61 -51.55
N PRO EB 95 -65.87 45.42 -52.17
CA PRO EB 95 -66.19 45.40 -53.59
C PRO EB 95 -67.68 45.55 -53.81
N LEU EB 96 -68.05 46.20 -54.91
CA LEU EB 96 -69.43 46.16 -55.40
C LEU EB 96 -69.47 45.82 -56.86
N SER EB 97 -70.04 44.67 -57.16
CA SER EB 97 -70.22 44.26 -58.53
C SER EB 97 -71.32 45.07 -59.18
N LEU EB 98 -71.25 45.17 -60.49
CA LEU EB 98 -72.29 45.83 -61.24
C LEU EB 98 -73.55 45.03 -61.19
N ASN EB 99 -73.41 43.71 -61.18
CA ASN EB 99 -74.58 42.85 -61.11
C ASN EB 99 -75.40 43.16 -59.87
N ARG EB 100 -74.71 43.27 -58.73
CA ARG EB 100 -75.38 43.62 -57.49
C ARG EB 100 -76.03 45.00 -57.63
N LEU EB 101 -75.37 45.90 -58.32
CA LEU EB 101 -75.92 47.23 -58.46
C LEU EB 101 -77.23 47.21 -59.26
N GLN EB 102 -77.19 46.58 -60.43
CA GLN EB 102 -78.38 46.41 -61.27
C GLN EB 102 -79.51 45.83 -60.47
N TYR EB 103 -79.17 44.81 -59.68
CA TYR EB 103 -80.10 44.17 -58.75
C TYR EB 103 -80.78 45.21 -57.89
N LEU EB 104 -79.98 46.02 -57.22
CA LEU EB 104 -80.49 46.94 -56.24
C LEU EB 104 -81.33 48.06 -56.81
N ILE EB 105 -81.04 48.44 -58.05
CA ILE EB 105 -81.90 49.43 -58.68
C ILE EB 105 -83.17 48.75 -59.14
N ASP EB 106 -83.03 47.50 -59.58
CA ASP EB 106 -84.15 46.74 -60.12
C ASP EB 106 -85.27 46.55 -59.10
N LEU EB 107 -84.92 46.21 -57.86
CA LEU EB 107 -85.91 45.99 -56.81
C LEU EB 107 -86.18 47.31 -56.08
N GLY EB 108 -85.61 48.37 -56.62
CA GLY EB 108 -85.95 49.72 -56.23
C GLY EB 108 -85.54 49.98 -54.80
N ARG EB 109 -84.44 49.38 -54.39
CA ARG EB 109 -83.89 49.67 -53.09
C ARG EB 109 -83.23 51.03 -53.16
N VAL EB 110 -82.14 51.10 -53.91
CA VAL EB 110 -81.58 52.39 -54.27
C VAL EB 110 -82.19 52.82 -55.60
N ASP EB 111 -82.82 54.00 -55.58
CA ASP EB 111 -83.42 54.58 -56.77
C ASP EB 111 -82.46 55.54 -57.48
N PRO EB 112 -82.35 55.38 -58.80
CA PRO EB 112 -81.38 56.10 -59.63
C PRO EB 112 -81.69 57.59 -59.72
N THR EB 113 -82.94 57.94 -59.44
CA THR EB 113 -83.43 59.29 -59.66
C THR EB 113 -82.62 60.32 -58.92
N GLN EB 114 -82.55 60.19 -57.60
CA GLN EB 114 -81.72 61.07 -56.81
C GLN EB 114 -80.29 60.56 -56.81
N PRO EB 115 -79.31 61.41 -56.41
CA PRO EB 115 -77.92 60.99 -56.54
C PRO EB 115 -77.60 59.77 -55.70
N ILE EB 116 -76.60 58.98 -56.10
CA ILE EB 116 -76.17 57.84 -55.29
C ILE EB 116 -74.71 57.93 -54.85
N ASP EB 117 -74.55 58.01 -53.53
CA ASP EB 117 -73.25 57.83 -52.89
C ASP EB 117 -73.35 56.62 -51.96
N LEU EB 118 -72.28 56.39 -51.20
CA LEU EB 118 -72.20 55.26 -50.30
C LEU EB 118 -73.43 55.11 -49.40
N THR EB 119 -73.80 56.19 -48.73
CA THR EB 119 -74.88 56.20 -47.75
C THR EB 119 -76.13 55.48 -48.26
N GLN EB 120 -76.49 55.80 -49.49
CA GLN EB 120 -77.67 55.20 -50.06
C GLN EB 120 -77.49 53.69 -50.26
N LEU EB 121 -76.31 53.30 -50.75
CA LEU EB 121 -75.98 51.88 -50.92
C LEU EB 121 -76.10 51.13 -49.61
N VAL EB 122 -75.76 51.85 -48.55
CA VAL EB 122 -75.82 51.29 -47.22
C VAL EB 122 -77.26 51.09 -46.84
N ASN EB 123 -78.07 52.13 -46.96
CA ASN EB 123 -79.43 52.06 -46.47
C ASN EB 123 -80.29 51.03 -47.17
N GLY EB 124 -79.91 50.65 -48.38
CA GLY EB 124 -80.60 49.58 -49.08
C GLY EB 124 -80.09 48.21 -48.62
N ARG EB 125 -79.18 48.23 -47.64
CA ARG EB 125 -78.47 47.04 -47.17
C ARG EB 125 -77.79 46.30 -48.34
N GLY EB 126 -77.22 47.04 -49.27
CA GLY EB 126 -76.65 46.41 -50.45
C GLY EB 126 -75.18 46.18 -50.25
N VAL EB 127 -74.67 46.86 -49.24
CA VAL EB 127 -73.25 46.84 -48.93
C VAL EB 127 -73.06 47.07 -47.46
N THR EB 128 -71.94 46.60 -46.91
CA THR EB 128 -71.70 46.75 -45.48
C THR EB 128 -70.26 47.21 -45.23
N ILE EB 129 -70.13 48.35 -44.55
CA ILE EB 129 -68.82 48.92 -44.30
C ILE EB 129 -68.48 48.98 -42.83
N GLN EB 130 -67.31 48.46 -42.51
CA GLN EB 130 -66.80 48.44 -41.15
C GLN EB 130 -65.53 49.25 -41.16
N PRO EB 131 -65.68 50.55 -40.93
CA PRO EB 131 -64.61 51.51 -41.11
C PRO EB 131 -63.48 51.23 -40.12
N SER EB 132 -63.86 50.76 -38.94
CA SER EB 132 -62.91 50.45 -37.88
C SER EB 132 -61.90 49.38 -38.29
N LYS EB 133 -62.28 48.58 -39.28
CA LYS EB 133 -61.50 47.46 -39.82
C LYS EB 133 -60.61 47.84 -41.01
N ARG EB 134 -60.39 49.15 -41.21
CA ARG EB 134 -59.61 49.77 -42.31
C ARG EB 134 -60.30 49.70 -43.66
N ASP EB 135 -61.63 49.73 -43.63
CA ASP EB 135 -62.40 49.83 -44.85
C ASP EB 135 -62.54 51.30 -45.25
N TYR EB 136 -61.97 51.64 -46.41
CA TYR EB 136 -61.97 53.01 -46.94
C TYR EB 136 -63.06 53.28 -47.95
N GLY EB 137 -63.94 52.31 -48.15
CA GLY EB 137 -65.17 52.56 -48.85
C GLY EB 137 -65.58 51.41 -49.74
N VAL EB 138 -66.49 51.69 -50.67
CA VAL EB 138 -66.88 50.72 -51.68
C VAL EB 138 -66.07 50.91 -52.93
N GLN EB 139 -65.68 49.81 -53.54
CA GLN EB 139 -65.08 49.91 -54.86
C GLN EB 139 -65.88 49.10 -55.87
N LEU EB 140 -65.68 49.45 -57.15
CA LEU EB 140 -66.49 48.96 -58.24
C LEU EB 140 -65.81 47.86 -59.06
N VAL EB 141 -66.59 46.88 -59.49
CA VAL EB 141 -66.08 45.87 -60.41
C VAL EB 141 -67.03 45.68 -61.57
N GLU EB 142 -66.59 44.92 -62.56
CA GLU EB 142 -67.22 44.84 -63.84
C GLU EB 142 -68.17 43.66 -64.07
N GLU EB 143 -68.47 42.89 -63.03
CA GLU EB 143 -69.18 41.60 -63.19
C GLU EB 143 -70.42 41.56 -64.11
N GLY EB 144 -71.35 42.48 -63.91
CA GLY EB 144 -72.54 42.54 -64.73
C GLY EB 144 -72.39 43.43 -65.96
N ALA EB 145 -71.16 43.61 -66.43
CA ALA EB 145 -70.82 44.65 -67.40
C ALA EB 145 -71.80 44.73 -68.56
N ASP EB 146 -72.12 43.56 -69.11
CA ASP EB 146 -73.01 43.47 -70.24
C ASP EB 146 -74.47 43.52 -69.78
N THR EB 147 -74.70 43.08 -68.56
CA THR EB 147 -76.03 43.04 -67.97
C THR EB 147 -76.63 44.45 -67.78
N PHE EB 148 -75.74 45.42 -67.62
CA PHE EB 148 -76.09 46.69 -66.99
C PHE EB 148 -76.83 47.67 -67.90
N LYS EB 149 -78.11 47.90 -67.60
CA LYS EB 149 -78.94 48.79 -68.41
C LYS EB 149 -79.26 50.16 -67.80
N ALA EB 150 -78.82 50.40 -66.56
CA ALA EB 150 -79.35 51.52 -65.78
C ALA EB 150 -78.58 52.83 -65.95
N LYS EB 151 -79.32 53.92 -65.95
CA LYS EB 151 -78.76 55.26 -66.03
C LYS EB 151 -78.68 55.85 -64.64
N VAL EB 152 -77.46 56.05 -64.14
CA VAL EB 152 -77.25 56.28 -62.70
C VAL EB 152 -76.16 57.30 -62.40
N ASN EB 153 -76.31 58.06 -61.32
CA ASN EB 153 -75.18 58.81 -60.76
C ASN EB 153 -74.56 58.07 -59.57
N ILE EB 154 -73.31 57.65 -59.72
CA ILE EB 154 -72.59 56.88 -58.70
C ILE EB 154 -71.33 57.60 -58.21
N GLU EB 155 -71.15 57.65 -56.90
CA GLU EB 155 -69.90 58.14 -56.35
C GLU EB 155 -69.22 57.09 -55.49
N VAL EB 156 -68.10 56.54 -55.97
CA VAL EB 156 -67.37 55.54 -55.18
C VAL EB 156 -65.93 55.98 -54.89
N GLN EB 157 -65.26 55.20 -54.06
CA GLN EB 157 -63.90 55.50 -53.60
C GLN EB 157 -62.88 54.94 -54.55
N MET EB 158 -63.29 53.88 -55.23
CA MET EB 158 -62.47 53.27 -56.26
C MET EB 158 -63.31 52.61 -57.32
N ALA EB 159 -62.81 52.62 -58.55
CA ALA EB 159 -63.50 51.94 -59.61
C ALA EB 159 -62.52 51.47 -60.66
N SER EB 160 -62.97 50.51 -61.45
CA SER EB 160 -62.12 49.92 -62.47
C SER EB 160 -62.61 50.38 -63.82
N GLU EB 161 -61.70 50.40 -64.78
CA GLU EB 161 -61.96 50.92 -66.11
C GLU EB 161 -63.23 50.41 -66.75
N LEU EB 162 -63.35 49.09 -66.76
CA LEU EB 162 -64.49 48.46 -67.39
C LEU EB 162 -65.80 48.92 -66.74
N ALA EB 163 -65.77 49.13 -65.42
CA ALA EB 163 -66.95 49.59 -64.70
C ALA EB 163 -67.38 50.99 -65.16
N ILE EB 164 -66.43 51.91 -65.13
CA ILE EB 164 -66.64 53.26 -65.62
C ILE EB 164 -67.28 53.20 -67.00
N ALA EB 165 -66.71 52.34 -67.83
CA ALA EB 165 -67.22 52.13 -69.18
C ALA EB 165 -68.70 51.76 -69.18
N ALA EB 166 -69.04 50.72 -68.43
CA ALA EB 166 -70.40 50.20 -68.44
C ALA EB 166 -71.43 51.19 -67.89
N ILE EB 167 -71.00 52.14 -67.06
CA ILE EB 167 -71.95 53.18 -66.67
C ILE EB 167 -72.06 54.26 -67.75
N GLU EB 168 -70.92 54.60 -68.36
CA GLU EB 168 -70.91 55.61 -69.44
C GLU EB 168 -71.84 55.24 -70.58
N LYS EB 169 -71.70 54.00 -71.05
CA LYS EB 169 -72.47 53.46 -72.16
C LYS EB 169 -73.97 53.71 -71.98
N ASN EB 170 -74.42 53.66 -70.74
CA ASN EB 170 -75.82 53.88 -70.42
C ASN EB 170 -76.14 55.35 -70.13
N GLY EB 171 -75.10 56.16 -69.99
CA GLY EB 171 -75.26 57.59 -69.77
C GLY EB 171 -75.36 58.10 -68.34
N GLY EB 172 -74.73 57.40 -67.40
CA GLY EB 172 -74.60 57.91 -66.05
C GLY EB 172 -73.21 58.49 -65.81
N VAL EB 173 -73.02 59.22 -64.71
CA VAL EB 173 -71.72 59.82 -64.40
C VAL EB 173 -71.11 59.27 -63.13
N VAL EB 174 -69.90 58.74 -63.24
CA VAL EB 174 -69.24 58.19 -62.08
C VAL EB 174 -68.12 59.09 -61.60
N THR EB 175 -68.11 59.31 -60.30
CA THR EB 175 -67.09 60.11 -59.67
C THR EB 175 -66.39 59.34 -58.59
N THR EB 176 -65.07 59.41 -58.59
CA THR EB 176 -64.29 58.75 -57.56
C THR EB 176 -64.03 59.74 -56.42
N ALA EB 177 -64.67 59.50 -55.28
CA ALA EB 177 -64.47 60.37 -54.13
C ALA EB 177 -63.89 59.59 -52.95
N PHE EB 178 -63.11 60.29 -52.13
CA PHE EB 178 -62.41 59.65 -51.05
C PHE EB 178 -63.03 59.99 -49.73
N TYR EB 179 -62.93 59.08 -48.77
CA TYR EB 179 -63.30 59.42 -47.41
C TYR EB 179 -62.26 58.88 -46.44
N ASP EB 180 -61.93 59.69 -45.44
CA ASP EB 180 -61.02 59.29 -44.37
C ASP EB 180 -61.74 58.34 -43.41
N PRO EB 181 -60.99 57.71 -42.48
CA PRO EB 181 -61.67 56.83 -41.53
C PRO EB 181 -62.86 57.47 -40.82
N ARG EB 182 -62.62 58.65 -40.23
CA ARG EB 182 -63.65 59.27 -39.42
C ARG EB 182 -64.85 59.70 -40.24
N SER EB 183 -64.60 60.48 -41.28
CA SER EB 183 -65.66 60.95 -42.15
C SER EB 183 -66.41 59.78 -42.76
N LEU EB 184 -65.69 58.70 -43.05
CA LEU EB 184 -66.34 57.55 -43.64
C LEU EB 184 -67.32 57.00 -42.66
N GLU EB 185 -66.91 56.89 -41.41
CA GLU EB 185 -67.84 56.45 -40.39
C GLU EB 185 -69.09 57.31 -40.43
N ILE EB 186 -68.90 58.61 -40.29
CA ILE EB 186 -70.01 59.55 -40.29
C ILE EB 186 -70.95 59.28 -41.47
N LEU EB 187 -70.34 58.95 -42.61
CA LEU EB 187 -71.04 58.64 -43.83
C LEU EB 187 -71.96 57.43 -43.66
N CYS EB 188 -71.39 56.32 -43.22
CA CYS EB 188 -72.10 55.05 -43.26
C CYS EB 188 -73.29 54.94 -42.31
N LYS EB 189 -73.09 55.29 -41.06
CA LYS EB 189 -74.17 55.27 -40.08
C LYS EB 189 -74.38 56.69 -39.58
N PRO EB 190 -74.95 57.54 -40.43
CA PRO EB 190 -75.06 58.98 -40.19
C PRO EB 190 -76.00 59.37 -39.03
N VAL EB 191 -77.19 58.75 -38.96
CA VAL EB 191 -78.17 59.06 -37.93
C VAL EB 191 -77.58 58.92 -36.53
N PRO EB 192 -76.91 57.79 -36.24
CA PRO EB 192 -76.24 57.71 -34.94
C PRO EB 192 -75.12 58.72 -34.77
N PHE EB 193 -74.58 59.27 -35.85
CA PHE EB 193 -73.61 60.32 -35.63
C PHE EB 193 -74.31 61.60 -35.20
N PHE EB 194 -75.49 61.83 -35.75
CA PHE EB 194 -76.23 63.04 -35.39
C PHE EB 194 -76.64 62.98 -33.93
N LEU EB 195 -77.11 61.80 -33.52
CA LEU EB 195 -77.54 61.58 -32.15
C LEU EB 195 -76.37 61.65 -31.19
N ARG EB 196 -75.17 61.69 -31.74
CA ARG EB 196 -73.98 61.95 -30.95
C ARG EB 196 -74.01 63.40 -30.57
N GLY EB 197 -74.55 64.21 -31.48
CA GLY EB 197 -74.76 65.63 -31.23
C GLY EB 197 -73.48 66.43 -31.20
N GLN EB 198 -72.59 66.16 -32.15
CA GLN EB 198 -71.36 66.92 -32.26
C GLN EB 198 -71.41 67.62 -33.60
N PRO EB 199 -70.62 68.71 -33.77
CA PRO EB 199 -70.75 69.38 -35.06
C PRO EB 199 -70.34 68.46 -36.21
N ILE EB 200 -70.53 68.89 -37.45
CA ILE EB 200 -70.19 67.99 -38.55
C ILE EB 200 -68.86 68.43 -39.14
N PRO EB 201 -67.80 67.67 -38.86
CA PRO EB 201 -66.42 68.08 -39.04
C PRO EB 201 -66.01 68.25 -40.49
N LYS EB 202 -64.87 68.89 -40.72
CA LYS EB 202 -64.26 68.98 -42.04
C LYS EB 202 -63.89 67.61 -42.56
N ARG EB 203 -63.87 67.46 -43.88
CA ARG EB 203 -63.41 66.24 -44.51
C ARG EB 203 -61.90 66.31 -44.66
N MET EB 204 -61.24 65.18 -44.46
CA MET EB 204 -59.81 65.13 -44.67
C MET EB 204 -59.49 65.16 -46.14
N LEU EB 205 -58.26 65.51 -46.45
CA LEU EB 205 -57.71 65.26 -47.75
C LEU EB 205 -57.06 63.89 -47.77
N PRO EB 206 -57.17 63.19 -48.90
CA PRO EB 206 -56.54 61.88 -49.01
C PRO EB 206 -55.06 61.97 -48.70
N PRO EB 207 -54.45 60.88 -48.21
CA PRO EB 207 -53.02 60.90 -47.91
C PRO EB 207 -52.16 61.14 -49.15
N GLU EB 208 -50.86 61.26 -48.97
CA GLU EB 208 -49.97 61.69 -50.05
C GLU EB 208 -49.87 60.65 -51.17
N ALA EB 209 -49.72 59.39 -50.80
CA ALA EB 209 -49.58 58.32 -51.79
C ALA EB 209 -50.83 58.19 -52.64
N LEU EB 210 -51.98 58.51 -52.05
CA LEU EB 210 -53.24 58.37 -52.75
C LEU EB 210 -53.51 59.52 -53.69
N VAL EB 211 -52.87 60.65 -53.41
CA VAL EB 211 -53.07 61.87 -54.18
C VAL EB 211 -53.12 61.64 -55.70
N PRO EB 212 -52.14 60.90 -56.26
CA PRO EB 212 -52.17 60.79 -57.72
C PRO EB 212 -53.40 60.07 -58.24
N TYR EB 213 -53.97 59.20 -57.44
CA TYR EB 213 -55.13 58.46 -57.90
C TYR EB 213 -56.34 59.37 -58.06
N TYR EB 214 -56.46 60.36 -57.17
CA TYR EB 214 -57.64 61.22 -57.15
C TYR EB 214 -57.53 62.49 -57.98
N THR EB 215 -56.32 62.76 -58.49
CA THR EB 215 -56.07 63.94 -59.32
C THR EB 215 -56.19 63.62 -60.82
N ASP EB 216 -56.50 62.36 -61.15
CA ASP EB 216 -56.61 61.94 -62.55
C ASP EB 216 -58.03 61.92 -63.09
N ALA EB 217 -58.22 62.52 -64.26
CA ALA EB 217 -59.47 62.41 -64.99
C ALA EB 217 -59.57 60.98 -65.49
N LYS EB 218 -58.41 60.33 -65.51
CA LYS EB 218 -58.30 58.91 -65.77
C LYS EB 218 -59.32 58.14 -64.89
N ASN EB 219 -59.34 58.44 -63.60
CA ASN EB 219 -60.29 57.79 -62.69
C ASN EB 219 -61.56 58.62 -62.46
N ARG EB 220 -61.61 59.79 -63.09
CA ARG EB 220 -62.64 60.77 -62.82
C ARG EB 220 -62.63 61.10 -61.34
N GLY EB 221 -61.41 61.33 -60.83
CA GLY EB 221 -61.17 61.65 -59.43
C GLY EB 221 -61.82 62.95 -59.02
N TYR EB 222 -62.44 62.95 -57.85
CA TYR EB 222 -63.23 64.09 -57.41
C TYR EB 222 -62.36 65.32 -57.21
N LEU EB 223 -61.06 65.12 -57.04
CA LEU EB 223 -60.15 66.24 -56.89
C LEU EB 223 -59.46 66.62 -58.19
N ALA EB 224 -59.81 65.92 -59.26
CA ALA EB 224 -59.20 66.16 -60.58
C ALA EB 224 -59.77 67.39 -61.30
N ASP EB 225 -58.98 67.94 -62.23
CA ASP EB 225 -59.39 69.08 -63.06
C ASP EB 225 -60.52 68.70 -64.00
N PRO EB 226 -61.70 69.34 -63.85
CA PRO EB 226 -62.85 69.07 -64.72
C PRO EB 226 -62.56 69.30 -66.22
N ALA EB 227 -61.53 70.07 -66.53
CA ALA EB 227 -61.17 70.36 -67.92
C ALA EB 227 -60.79 69.10 -68.71
N ARG EB 228 -60.32 68.08 -68.02
CA ARG EB 228 -59.99 66.81 -68.69
C ARG EB 228 -61.14 65.82 -68.64
N PHE EB 229 -62.18 66.11 -67.84
CA PHE EB 229 -63.32 65.20 -67.71
C PHE EB 229 -63.95 64.89 -69.06
N PRO EB 230 -64.34 65.92 -69.85
CA PRO EB 230 -64.92 65.60 -71.15
C PRO EB 230 -63.94 64.89 -72.07
N GLU EB 231 -62.66 65.03 -71.80
CA GLU EB 231 -61.65 64.49 -72.70
C GLU EB 231 -61.50 63.00 -72.48
N ALA EB 232 -60.88 62.66 -71.36
CA ALA EB 232 -60.62 61.27 -71.03
C ALA EB 232 -61.90 60.43 -71.11
N ARG EB 233 -63.01 61.01 -70.67
CA ARG EB 233 -64.30 60.32 -70.71
C ARG EB 233 -64.68 59.89 -72.13
N LEU EB 234 -64.58 60.83 -73.08
CA LEU EB 234 -64.89 60.51 -74.47
C LEU EB 234 -63.93 59.43 -74.95
N GLU EB 235 -62.69 59.51 -74.46
CA GLU EB 235 -61.65 58.55 -74.83
C GLU EB 235 -62.11 57.13 -74.51
N LEU EB 236 -62.80 57.03 -73.36
CA LEU EB 236 -63.28 55.74 -72.87
C LEU EB 236 -64.15 55.04 -73.90
N ALA EB 237 -64.85 55.82 -74.70
CA ALA EB 237 -65.78 55.26 -75.67
C ALA EB 237 -65.05 54.68 -76.89
N ARG EB 238 -63.95 55.32 -77.29
CA ARG EB 238 -63.28 54.89 -78.51
C ARG EB 238 -62.59 53.57 -78.23
N LYS EB 239 -62.13 53.43 -77.00
CA LYS EB 239 -61.48 52.20 -76.59
C LYS EB 239 -62.48 51.06 -76.54
N TYR EB 240 -63.65 51.33 -75.99
CA TYR EB 240 -64.68 50.29 -75.84
C TYR EB 240 -65.76 50.29 -76.92
N GLY EB 241 -65.65 51.22 -77.88
CA GLY EB 241 -66.48 51.17 -79.08
C GLY EB 241 -67.97 51.39 -78.94
N TYR EB 242 -68.37 52.54 -78.40
CA TYR EB 242 -69.78 52.91 -78.42
C TYR EB 242 -69.98 54.42 -78.58
N VAL EB 243 -71.18 54.81 -78.96
CA VAL EB 243 -71.49 56.21 -79.13
C VAL EB 243 -71.73 56.85 -77.77
N LEU EB 244 -70.94 57.86 -77.44
CA LEU EB 244 -71.06 58.55 -76.16
C LEU EB 244 -72.27 59.47 -76.12
N PRO EB 245 -73.20 59.24 -75.18
CA PRO EB 245 -74.41 60.07 -75.04
C PRO EB 245 -74.13 61.52 -74.61
N ASP EB 246 -75.03 62.43 -74.99
CA ASP EB 246 -74.95 63.83 -74.58
C ASP EB 246 -75.74 64.02 -73.31
N ILE EB 247 -75.01 64.23 -72.23
CA ILE EB 247 -75.59 64.29 -70.90
C ILE EB 247 -76.20 65.66 -70.62
N THR EB 248 -75.58 66.69 -71.20
CA THR EB 248 -76.02 68.07 -70.97
C THR EB 248 -77.44 68.28 -71.49
N LYS EB 249 -77.84 67.47 -72.47
CA LYS EB 249 -79.14 67.61 -73.12
C LYS EB 249 -80.28 66.88 -72.38
N ASP EB 250 -79.91 66.07 -71.39
CA ASP EB 250 -80.88 65.26 -70.66
C ASP EB 250 -81.71 66.01 -69.61
N GLU EB 251 -82.84 65.41 -69.25
CA GLU EB 251 -83.75 65.95 -68.24
C GLU EB 251 -83.22 65.79 -66.82
N LEU EB 252 -82.47 64.71 -66.62
CA LEU EB 252 -81.98 64.33 -65.30
C LEU EB 252 -80.61 64.94 -65.09
N PHE EB 253 -80.23 65.79 -66.04
CA PHE EB 253 -78.92 66.44 -66.05
C PHE EB 253 -78.52 67.09 -64.73
N LYS EB 254 -79.40 67.88 -64.12
CA LYS EB 254 -79.00 68.66 -62.96
C LYS EB 254 -78.73 67.82 -61.72
N MET EB 255 -79.25 66.61 -61.70
CA MET EB 255 -78.91 65.66 -60.65
C MET EB 255 -77.55 65.01 -60.91
N LEU EB 256 -77.31 64.62 -62.16
CA LEU EB 256 -76.05 64.00 -62.56
C LEU EB 256 -74.87 64.93 -62.35
N SER EB 257 -75.14 66.23 -62.49
CA SER EB 257 -74.11 67.24 -62.33
C SER EB 257 -73.70 67.35 -60.88
N THR EB 258 -74.59 66.94 -59.99
CA THR EB 258 -74.47 67.29 -58.58
C THR EB 258 -73.22 66.71 -57.96
N ARG EB 259 -72.42 67.60 -57.38
CA ARG EB 259 -71.18 67.22 -56.75
C ARG EB 259 -71.17 67.58 -55.28
N LYS EB 260 -70.07 67.25 -54.63
CA LYS EB 260 -69.82 67.64 -53.26
C LYS EB 260 -68.61 68.54 -53.26
N ASP EB 261 -68.48 69.32 -52.20
CA ASP EB 261 -67.17 69.86 -51.90
C ASP EB 261 -66.28 68.69 -51.58
N PRO EB 262 -64.98 68.85 -51.78
CA PRO EB 262 -63.99 67.94 -51.19
C PRO EB 262 -64.01 68.02 -49.66
N ARG EB 263 -64.64 69.07 -49.15
CA ARG EB 263 -64.83 69.30 -47.71
C ARG EB 263 -66.22 68.88 -47.18
N GLN EB 264 -67.11 68.44 -48.07
CA GLN EB 264 -68.49 68.13 -47.70
C GLN EB 264 -68.69 66.62 -47.51
N ILE EB 265 -69.31 66.24 -46.40
CA ILE EB 265 -69.61 64.85 -46.17
C ILE EB 265 -70.85 64.40 -46.87
N PHE EB 266 -71.90 65.22 -46.80
CA PHE EB 266 -73.23 64.86 -47.28
C PHE EB 266 -73.68 65.66 -48.50
N PHE EB 267 -74.92 65.45 -48.89
CA PHE EB 267 -75.54 66.26 -49.92
C PHE EB 267 -76.48 67.28 -49.30
N GLY EB 268 -76.07 68.54 -49.40
CA GLY EB 268 -76.90 69.64 -48.98
C GLY EB 268 -76.51 70.27 -47.65
N LEU EB 269 -75.46 69.73 -47.03
CA LEU EB 269 -75.06 70.25 -45.74
C LEU EB 269 -73.65 70.79 -45.79
N ALA EB 270 -73.17 71.32 -44.67
CA ALA EB 270 -71.90 72.01 -44.66
C ALA EB 270 -71.18 71.82 -43.34
N PRO EB 271 -69.84 71.76 -43.39
CA PRO EB 271 -69.01 71.65 -42.20
C PRO EB 271 -69.30 72.72 -41.17
N GLY EB 272 -69.42 72.30 -39.92
CA GLY EB 272 -69.67 73.21 -38.83
C GLY EB 272 -71.08 73.13 -38.34
N TRP EB 273 -71.96 72.56 -39.13
CA TRP EB 273 -73.36 72.60 -38.76
C TRP EB 273 -73.62 71.65 -37.60
N VAL EB 274 -74.85 71.72 -37.07
CA VAL EB 274 -75.30 70.79 -36.04
C VAL EB 274 -76.78 70.49 -36.25
N VAL EB 275 -77.16 69.23 -36.18
CA VAL EB 275 -78.55 68.84 -36.41
C VAL EB 275 -79.27 68.51 -35.12
N ASN EB 276 -80.32 69.26 -34.81
CA ASN EB 276 -81.22 68.84 -33.73
C ASN EB 276 -82.42 68.13 -34.34
N MET EB 277 -82.51 66.82 -34.11
CA MET EB 277 -83.54 66.02 -34.77
C MET EB 277 -84.81 65.93 -33.94
N ALA EB 278 -84.76 66.46 -32.73
CA ALA EB 278 -85.94 66.56 -31.89
C ALA EB 278 -86.83 67.72 -32.36
N ASP EB 279 -86.21 68.87 -32.59
CA ASP EB 279 -86.89 70.07 -33.03
C ASP EB 279 -86.98 70.14 -34.56
N LYS EB 280 -86.36 69.17 -35.21
CA LYS EB 280 -86.27 69.09 -36.67
C LYS EB 280 -85.68 70.38 -37.22
N LYS EB 281 -84.57 70.79 -36.61
CA LYS EB 281 -83.96 72.09 -36.84
C LYS EB 281 -82.45 72.00 -37.10
N ILE EB 282 -81.98 72.74 -38.09
CA ILE EB 282 -80.55 72.84 -38.37
C ILE EB 282 -79.97 74.06 -37.68
N LEU EB 283 -78.73 73.94 -37.23
CA LEU EB 283 -78.04 75.03 -36.55
C LEU EB 283 -76.70 75.33 -37.23
N LYS EB 284 -76.50 76.60 -37.58
CA LYS EB 284 -75.26 77.05 -38.23
C LYS EB 284 -74.60 78.14 -37.39
N PRO EB 285 -73.26 78.17 -37.38
CA PRO EB 285 -72.56 79.18 -36.59
C PRO EB 285 -72.58 80.55 -37.25
N THR EB 286 -72.80 81.59 -36.45
CA THR EB 286 -72.69 82.96 -36.92
C THR EB 286 -71.35 83.59 -36.49
N ASP EB 287 -70.58 82.84 -35.71
CA ASP EB 287 -69.25 83.29 -35.28
C ASP EB 287 -68.28 83.18 -36.46
N GLU EB 288 -67.34 84.12 -36.53
CA GLU EB 288 -66.42 84.19 -37.67
C GLU EB 288 -65.31 83.17 -37.65
N ASN EB 289 -64.63 83.03 -36.51
CA ASN EB 289 -63.51 82.09 -36.40
C ASN EB 289 -63.94 80.66 -36.74
N LEU EB 290 -65.15 80.31 -36.32
CA LEU EB 290 -65.74 79.00 -36.61
C LEU EB 290 -65.93 78.79 -38.10
N LEU EB 291 -66.53 79.79 -38.76
CA LEU EB 291 -66.77 79.71 -40.19
C LEU EB 291 -65.48 79.66 -40.99
N LYS EB 292 -64.49 80.43 -40.56
CA LYS EB 292 -63.16 80.36 -41.16
C LYS EB 292 -62.56 78.98 -40.97
N TYR EB 293 -62.86 78.36 -39.83
CA TYR EB 293 -62.36 77.03 -39.55
C TYR EB 293 -62.98 75.97 -40.46
N TYR EB 294 -64.31 75.87 -40.43
CA TYR EB 294 -65.00 74.78 -41.09
C TYR EB 294 -65.18 75.00 -42.60
N SER EB 295 -65.05 76.24 -43.05
CA SER EB 295 -65.18 76.53 -44.48
C SER EB 295 -63.82 76.48 -45.19
N SER EB 296 -62.74 76.37 -44.41
CA SER EB 296 -61.41 76.22 -44.98
C SER EB 296 -61.10 74.76 -45.31
N LYS FB 31 -12.76 -79.51 -46.11
CA LYS FB 31 -14.09 -78.95 -46.34
C LYS FB 31 -14.20 -78.29 -47.72
N THR FB 32 -14.19 -76.96 -47.75
CA THR FB 32 -14.32 -76.21 -49.01
C THR FB 32 -13.40 -74.98 -49.12
N LEU FB 33 -12.58 -74.94 -50.17
CA LEU FB 33 -11.69 -73.81 -50.45
C LEU FB 33 -12.30 -72.85 -51.46
N LEU FB 34 -12.01 -71.57 -51.27
CA LEU FB 34 -12.47 -70.54 -52.19
C LEU FB 34 -11.32 -69.68 -52.67
N PRO FB 35 -11.45 -69.11 -53.88
CA PRO FB 35 -10.45 -68.19 -54.43
C PRO FB 35 -10.31 -66.90 -53.61
N VAL FB 36 -9.07 -66.54 -53.28
CA VAL FB 36 -8.79 -65.34 -52.50
C VAL FB 36 -8.82 -64.12 -53.41
N PRO FB 37 -9.28 -62.99 -52.87
CA PRO FB 37 -9.11 -61.71 -53.57
C PRO FB 37 -7.63 -61.31 -53.64
N THR FB 38 -7.16 -60.94 -54.82
CA THR FB 38 -5.77 -60.57 -55.02
C THR FB 38 -5.73 -59.17 -55.63
N PHE FB 39 -4.77 -58.38 -55.18
CA PHE FB 39 -4.66 -57.01 -55.67
C PHE FB 39 -3.43 -56.87 -56.52
N GLU FB 40 -3.66 -56.92 -57.82
CA GLU FB 40 -2.63 -56.67 -58.79
C GLU FB 40 -2.77 -55.23 -59.25
N ASP FB 41 -3.88 -54.62 -58.86
CA ASP FB 41 -4.20 -53.26 -59.29
C ASP FB 41 -3.83 -52.23 -58.23
N VAL FB 42 -3.33 -52.68 -57.08
CA VAL FB 42 -3.11 -51.71 -56.01
C VAL FB 42 -1.85 -50.91 -56.27
N ALA FB 43 -2.08 -49.60 -56.40
CA ALA FB 43 -1.02 -48.62 -56.59
C ALA FB 43 -0.82 -47.83 -55.31
N ILE FB 44 0.30 -48.09 -54.64
CA ILE FB 44 0.59 -47.45 -53.37
C ILE FB 44 1.45 -46.22 -53.57
N PRO FB 45 0.94 -45.05 -53.18
CA PRO FB 45 1.68 -43.80 -53.31
C PRO FB 45 2.76 -43.68 -52.26
N GLU FB 46 3.71 -42.79 -52.50
CA GLU FB 46 4.61 -42.39 -51.43
C GLU FB 46 3.82 -41.55 -50.46
N LYS FB 47 4.35 -41.43 -49.25
CA LYS FB 47 3.65 -40.75 -48.17
C LYS FB 47 2.21 -41.26 -48.03
N PRO FB 48 2.06 -42.52 -47.57
CA PRO FB 48 0.76 -43.14 -47.32
C PRO FB 48 0.04 -42.58 -46.10
N LYS FB 49 0.81 -42.07 -45.15
CA LYS FB 49 0.29 -41.55 -43.88
C LYS FB 49 -0.40 -40.20 -44.07
N LEU FB 50 -1.23 -39.84 -43.09
CA LEU FB 50 -1.95 -38.58 -43.14
C LEU FB 50 -1.02 -37.38 -42.90
N ARG FB 51 -1.18 -36.35 -43.72
CA ARG FB 51 -0.39 -35.12 -43.58
C ARG FB 51 -0.72 -34.38 -42.31
N PHE FB 52 0.21 -33.53 -41.89
CA PHE FB 52 0.01 -32.74 -40.70
C PHE FB 52 -0.90 -31.55 -40.99
N VAL FB 53 -2.02 -31.47 -40.28
CA VAL FB 53 -2.95 -30.34 -40.42
C VAL FB 53 -2.64 -29.29 -39.37
N GLU FB 54 -2.81 -28.03 -39.75
CA GLU FB 54 -2.36 -26.95 -38.90
C GLU FB 54 -3.38 -26.42 -37.90
N ARG FB 55 -2.86 -26.04 -36.74
CA ARG FB 55 -3.62 -25.37 -35.70
C ARG FB 55 -4.47 -24.22 -36.22
N VAL FB 56 -3.83 -23.33 -36.98
CA VAL FB 56 -4.40 -22.08 -37.45
C VAL FB 56 -4.14 -21.96 -38.94
N PRO FB 57 -4.99 -21.23 -39.68
CA PRO FB 57 -4.54 -20.91 -41.04
C PRO FB 57 -3.30 -20.02 -41.03
N LEU FB 58 -2.63 -19.94 -42.17
CA LEU FB 58 -1.44 -19.10 -42.32
C LEU FB 58 -1.79 -17.63 -42.51
N VAL FB 59 -3.01 -17.40 -42.98
CA VAL FB 59 -3.57 -16.05 -43.05
C VAL FB 59 -4.77 -16.01 -42.13
N PRO FB 60 -4.51 -15.77 -40.83
CA PRO FB 60 -5.59 -15.84 -39.83
C PRO FB 60 -6.66 -14.81 -40.14
N LYS FB 61 -7.92 -15.24 -40.20
CA LYS FB 61 -9.00 -14.32 -40.52
C LYS FB 61 -9.02 -13.26 -39.46
N VAL FB 62 -8.93 -12.03 -39.92
CA VAL FB 62 -8.93 -10.88 -39.05
C VAL FB 62 -10.37 -10.59 -38.66
N ARG FB 63 -11.25 -10.75 -39.64
CA ARG FB 63 -12.64 -10.33 -39.51
C ARG FB 63 -13.55 -11.42 -38.98
N ARG FB 64 -14.11 -11.19 -37.80
CA ARG FB 64 -14.97 -12.17 -37.18
C ARG FB 64 -16.14 -12.51 -38.07
N GLU FB 65 -16.47 -13.79 -38.11
CA GLU FB 65 -17.51 -14.28 -39.01
C GLU FB 65 -18.80 -14.55 -38.23
N ARG FB 66 -19.93 -14.42 -38.89
CA ARG FB 66 -21.15 -14.96 -38.31
C ARG FB 66 -21.05 -16.49 -38.33
N LYS FB 67 -21.69 -17.17 -37.40
CA LYS FB 67 -21.73 -18.62 -37.48
C LYS FB 67 -22.96 -19.03 -38.25
N ASN FB 68 -22.76 -19.54 -39.45
CA ASN FB 68 -23.89 -20.08 -40.16
C ASN FB 68 -24.00 -21.43 -39.58
N LEU FB 69 -25.08 -21.68 -38.89
CA LEU FB 69 -25.24 -23.00 -38.35
C LEU FB 69 -25.80 -23.84 -39.49
N SER FB 70 -26.31 -23.15 -40.50
CA SER FB 70 -26.91 -23.82 -41.65
C SER FB 70 -25.87 -24.60 -42.44
N ASP FB 71 -24.59 -24.29 -42.24
CA ASP FB 71 -23.58 -25.03 -43.00
C ASP FB 71 -23.35 -26.42 -42.43
N ILE FB 72 -23.90 -26.66 -41.25
CA ILE FB 72 -23.95 -28.00 -40.72
C ILE FB 72 -25.33 -28.64 -40.92
N ARG FB 73 -26.27 -27.88 -41.46
CA ARG FB 73 -27.66 -28.32 -41.44
C ARG FB 73 -28.13 -28.95 -42.74
N GLY FB 74 -28.43 -30.24 -42.71
CA GLY FB 74 -28.91 -30.94 -43.88
C GLY FB 74 -27.81 -31.72 -44.57
N PRO FB 75 -28.12 -32.30 -45.74
CA PRO FB 75 -27.23 -33.23 -46.45
C PRO FB 75 -26.05 -32.56 -47.10
N SER FB 76 -24.92 -33.25 -47.16
CA SER FB 76 -23.76 -32.69 -47.84
C SER FB 76 -23.98 -32.74 -49.33
N THR FB 77 -23.47 -31.73 -50.00
CA THR FB 77 -23.41 -31.69 -51.45
C THR FB 77 -22.08 -32.26 -51.89
N GLU FB 78 -21.01 -31.62 -51.42
CA GLU FB 78 -19.64 -32.02 -51.72
C GLU FB 78 -19.16 -33.27 -50.97
N ALA FB 79 -18.15 -33.94 -51.55
CA ALA FB 79 -17.50 -35.10 -50.96
C ALA FB 79 -18.49 -36.17 -50.50
N THR FB 80 -19.52 -36.43 -51.31
CA THR FB 80 -20.45 -37.50 -51.01
C THR FB 80 -19.86 -38.82 -51.48
N GLU FB 81 -18.89 -38.72 -52.38
CA GLU FB 81 -18.39 -39.88 -53.13
C GLU FB 81 -16.88 -40.09 -52.97
N PHE FB 82 -16.42 -41.27 -53.37
CA PHE FB 82 -15.01 -41.62 -53.32
C PHE FB 82 -14.14 -40.95 -54.37
N THR FB 83 -12.84 -40.95 -54.12
CA THR FB 83 -11.89 -40.55 -55.15
C THR FB 83 -10.98 -41.73 -55.55
N GLU FB 84 -9.92 -41.95 -54.78
CA GLU FB 84 -8.95 -43.02 -55.03
C GLU FB 84 -9.25 -44.38 -54.36
N GLY FB 85 -9.59 -44.33 -53.07
CA GLY FB 85 -9.62 -45.53 -52.24
C GLY FB 85 -10.94 -46.27 -52.21
N ARG FB 86 -10.94 -47.43 -51.56
CA ARG FB 86 -12.16 -48.18 -51.35
C ARG FB 86 -12.74 -48.05 -49.93
N PHE FB 87 -12.07 -47.32 -49.03
CA PHE FB 87 -12.56 -47.20 -47.65
C PHE FB 87 -12.68 -45.76 -47.16
N ALA FB 88 -13.62 -45.54 -46.25
CA ALA FB 88 -13.76 -44.23 -45.65
C ALA FB 88 -14.53 -44.19 -44.31
N ILE FB 89 -14.34 -43.10 -43.57
CA ILE FB 89 -15.17 -42.82 -42.40
C ILE FB 89 -16.26 -41.83 -42.78
N LEU FB 90 -17.50 -42.31 -42.74
CA LEU FB 90 -18.67 -41.60 -43.23
C LEU FB 90 -19.45 -40.92 -42.10
N ALA FB 91 -19.86 -39.66 -42.31
CA ALA FB 91 -20.50 -38.86 -41.25
C ALA FB 91 -22.02 -38.98 -41.25
N LEU FB 92 -22.55 -39.57 -40.18
CA LEU FB 92 -23.98 -39.84 -40.06
C LEU FB 92 -24.74 -38.79 -39.27
N GLY FB 93 -24.03 -37.73 -38.92
CA GLY FB 93 -24.67 -36.55 -38.39
C GLY FB 93 -23.85 -35.39 -38.89
N GLY FB 94 -24.40 -34.17 -38.81
CA GLY FB 94 -23.61 -32.99 -39.10
C GLY FB 94 -22.82 -32.60 -37.86
N GLY FB 95 -21.64 -32.01 -38.04
CA GLY FB 95 -20.84 -31.65 -36.89
C GLY FB 95 -19.82 -30.56 -37.12
N TYR FB 96 -19.01 -30.36 -36.10
CA TYR FB 96 -17.91 -29.41 -36.15
C TYR FB 96 -16.63 -30.15 -35.77
N LEU FB 97 -15.64 -30.17 -36.66
CA LEU FB 97 -14.36 -30.82 -36.38
C LEU FB 97 -13.34 -29.78 -36.07
N HIS FB 98 -12.80 -29.74 -34.86
CA HIS FB 98 -11.65 -28.86 -34.66
C HIS FB 98 -10.37 -29.66 -34.48
N TRP FB 99 -9.29 -28.93 -34.23
CA TRP FB 99 -7.92 -29.43 -34.30
C TRP FB 99 -7.67 -30.71 -33.51
N GLY FB 100 -8.16 -30.74 -32.27
CA GLY FB 100 -7.99 -31.91 -31.43
C GLY FB 100 -8.36 -33.20 -32.13
N HIS FB 101 -9.47 -33.17 -32.85
CA HIS FB 101 -9.99 -34.32 -33.55
C HIS FB 101 -9.04 -34.80 -34.62
N PHE FB 102 -8.55 -33.85 -35.40
CA PHE FB 102 -7.55 -34.13 -36.39
C PHE FB 102 -6.35 -34.83 -35.79
N GLU FB 103 -5.95 -34.37 -34.61
CA GLU FB 103 -4.83 -35.01 -33.93
C GLU FB 103 -5.16 -36.46 -33.60
N MET FB 104 -6.36 -36.67 -33.06
CA MET FB 104 -6.85 -38.02 -32.78
C MET FB 104 -6.69 -38.92 -33.99
N MET FB 105 -7.26 -38.47 -35.10
CA MET FB 105 -7.29 -39.26 -36.32
C MET FB 105 -5.91 -39.54 -36.86
N ARG FB 106 -5.12 -38.49 -37.02
CA ARG FB 106 -3.77 -38.62 -37.54
C ARG FB 106 -2.94 -39.62 -36.74
N LEU FB 107 -2.86 -39.41 -35.43
CA LEU FB 107 -2.10 -40.34 -34.60
C LEU FB 107 -2.60 -41.75 -34.76
N THR FB 108 -3.88 -41.93 -34.44
CA THR FB 108 -4.50 -43.25 -34.42
C THR FB 108 -4.39 -44.05 -35.72
N ILE FB 109 -4.86 -43.46 -36.80
CA ILE FB 109 -4.75 -44.09 -38.11
C ILE FB 109 -3.31 -44.39 -38.43
N ASN FB 110 -2.40 -43.44 -38.23
CA ASN FB 110 -1.02 -43.69 -38.64
C ASN FB 110 -0.37 -44.86 -37.92
N ARG FB 111 -0.50 -44.97 -36.61
CA ARG FB 111 0.12 -46.12 -35.95
C ARG FB 111 -0.68 -47.40 -36.13
N SER FB 112 -1.93 -47.30 -36.58
CA SER FB 112 -2.74 -48.51 -36.75
C SER FB 112 -2.71 -49.08 -38.18
N MET FB 113 -1.88 -48.51 -39.03
CA MET FB 113 -1.78 -48.98 -40.41
C MET FB 113 -0.35 -49.39 -40.81
N ASP FB 114 -0.26 -50.32 -41.77
CA ASP FB 114 1.02 -50.68 -42.41
C ASP FB 114 1.28 -49.78 -43.57
N PRO FB 115 2.26 -48.89 -43.43
CA PRO FB 115 2.55 -47.92 -44.48
C PRO FB 115 2.87 -48.57 -45.85
N LYS FB 116 3.13 -49.88 -45.87
CA LYS FB 116 3.38 -50.61 -47.11
C LYS FB 116 2.12 -50.89 -47.93
N ASN FB 117 1.11 -51.44 -47.26
CA ASN FB 117 -0.08 -51.92 -47.95
C ASN FB 117 -1.29 -50.99 -47.93
N MET FB 118 -1.18 -49.89 -47.19
CA MET FB 118 -2.27 -48.94 -47.08
C MET FB 118 -1.80 -47.51 -47.27
N PHE FB 119 -2.75 -46.63 -47.52
CA PHE FB 119 -2.51 -45.20 -47.55
C PHE FB 119 -3.83 -44.53 -47.20
N ALA FB 120 -3.76 -43.32 -46.66
CA ALA FB 120 -4.95 -42.62 -46.21
C ALA FB 120 -5.03 -41.25 -46.85
N LEU FB 121 -6.20 -40.64 -46.77
CA LEU FB 121 -6.40 -39.35 -47.39
C LEU FB 121 -7.24 -38.41 -46.54
N TRP FB 122 -6.90 -37.12 -46.58
CA TRP FB 122 -7.82 -36.14 -46.07
C TRP FB 122 -8.87 -35.88 -47.14
N ARG FB 123 -10.12 -36.12 -46.78
CA ARG FB 123 -11.27 -35.73 -47.60
C ARG FB 123 -11.91 -34.42 -47.10
N VAL FB 124 -11.29 -33.80 -46.09
CA VAL FB 124 -11.81 -32.60 -45.44
C VAL FB 124 -10.69 -31.58 -45.30
N PRO FB 125 -10.98 -30.29 -45.51
CA PRO FB 125 -9.96 -29.25 -45.38
C PRO FB 125 -9.43 -29.15 -43.97
N ALA FB 126 -8.33 -28.43 -43.81
CA ALA FB 126 -7.85 -28.03 -42.49
C ALA FB 126 -8.67 -26.84 -42.01
N PRO FB 127 -8.82 -26.69 -40.69
CA PRO FB 127 -9.86 -25.81 -40.15
C PRO FB 127 -9.71 -24.36 -40.55
N PHE FB 128 -10.73 -23.82 -41.19
CA PHE FB 128 -10.71 -22.42 -41.55
C PHE FB 128 -11.66 -21.51 -40.79
N LYS FB 129 -12.61 -22.06 -40.02
CA LYS FB 129 -13.75 -21.23 -39.60
C LYS FB 129 -13.65 -20.78 -38.17
N PRO FB 130 -13.57 -19.46 -38.01
CA PRO FB 130 -13.37 -18.90 -36.68
C PRO FB 130 -14.52 -19.24 -35.78
N ILE FB 131 -14.25 -19.14 -34.50
CA ILE FB 131 -15.23 -19.33 -33.44
C ILE FB 131 -14.77 -18.36 -32.39
N THR FB 132 -15.72 -17.75 -31.71
CA THR FB 132 -15.41 -16.60 -30.90
C THR FB 132 -15.66 -16.92 -29.43
N ARG FB 133 -15.00 -16.19 -28.55
CA ARG FB 133 -15.27 -16.28 -27.12
C ARG FB 133 -15.22 -14.93 -26.48
N LYS FB 134 -16.00 -14.78 -25.41
CA LYS FB 134 -15.71 -13.79 -24.39
C LYS FB 134 -15.24 -14.57 -23.19
N GLY FB 135 -14.30 -14.00 -22.43
CA GLY FB 135 -13.80 -14.62 -21.21
C GLY FB 135 -14.91 -14.69 -20.17
N MET FB 136 -14.60 -15.22 -19.00
CA MET FB 136 -15.63 -15.38 -17.98
C MET FB 136 -16.01 -14.06 -17.33
N GLY FB 137 -17.22 -14.01 -16.78
CA GLY FB 137 -17.67 -12.85 -16.04
C GLY FB 137 -18.04 -11.69 -16.93
N GLN FB 138 -18.51 -12.01 -18.13
CA GLN FB 138 -18.91 -10.96 -19.04
C GLN FB 138 -20.39 -10.66 -18.97
N ARG FB 139 -20.74 -9.39 -18.83
CA ARG FB 139 -22.12 -9.04 -19.01
C ARG FB 139 -22.39 -9.17 -20.49
N MET FB 140 -23.65 -9.39 -20.81
CA MET FB 140 -24.06 -9.59 -22.20
C MET FB 140 -23.78 -8.39 -23.09
N GLY FB 141 -23.53 -8.68 -24.37
CA GLY FB 141 -23.27 -7.64 -25.33
C GLY FB 141 -21.96 -6.94 -25.07
N GLY FB 142 -21.91 -5.68 -25.50
CA GLY FB 142 -20.68 -4.92 -25.51
C GLY FB 142 -19.94 -5.13 -26.82
N GLY FB 143 -20.17 -6.27 -27.47
CA GLY FB 143 -19.53 -6.55 -28.74
C GLY FB 143 -19.31 -8.02 -28.96
N LYS FB 144 -18.65 -8.35 -30.07
CA LYS FB 144 -18.24 -9.73 -30.30
C LYS FB 144 -16.99 -9.98 -29.48
N GLY FB 145 -16.72 -11.23 -29.15
CA GLY FB 145 -15.50 -11.58 -28.45
C GLY FB 145 -14.33 -11.70 -29.42
N ALA FB 146 -13.25 -12.37 -29.02
CA ALA FB 146 -12.10 -12.60 -29.91
C ALA FB 146 -12.03 -14.05 -30.39
N ILE FB 147 -11.02 -14.40 -31.20
CA ILE FB 147 -11.04 -15.69 -31.88
C ILE FB 147 -10.31 -16.80 -31.11
N ASP FB 148 -11.09 -17.77 -30.66
CA ASP FB 148 -10.59 -18.91 -29.91
C ASP FB 148 -10.09 -20.08 -30.75
N HIS FB 149 -10.88 -20.43 -31.75
CA HIS FB 149 -10.76 -21.71 -32.44
C HIS FB 149 -10.29 -21.57 -33.83
N TYR FB 150 -10.27 -22.70 -34.52
CA TYR FB 150 -10.65 -22.73 -35.90
C TYR FB 150 -11.27 -24.06 -36.12
N VAL FB 151 -12.32 -24.08 -36.91
CA VAL FB 151 -13.11 -25.30 -37.02
C VAL FB 151 -13.54 -25.57 -38.45
N THR FB 152 -13.77 -26.84 -38.74
CA THR FB 152 -14.27 -27.29 -40.01
C THR FB 152 -15.63 -27.92 -39.92
N PRO FB 153 -16.61 -27.34 -40.61
CA PRO FB 153 -17.96 -27.88 -40.59
C PRO FB 153 -18.12 -29.12 -41.45
N VAL FB 154 -18.85 -30.09 -40.93
CA VAL FB 154 -19.14 -31.30 -41.68
C VAL FB 154 -20.62 -31.45 -41.83
N LYS FB 155 -21.09 -31.68 -43.05
CA LYS FB 155 -22.49 -32.01 -43.22
C LYS FB 155 -22.61 -33.51 -43.20
N ALA FB 156 -23.71 -34.01 -42.65
CA ALA FB 156 -24.00 -35.43 -42.67
C ALA FB 156 -24.08 -35.96 -44.11
N GLY FB 157 -23.43 -37.10 -44.38
CA GLY FB 157 -23.33 -37.63 -45.74
C GLY FB 157 -21.98 -37.42 -46.42
N ARG FB 158 -20.99 -37.08 -45.63
CA ARG FB 158 -19.67 -36.72 -46.13
C ARG FB 158 -18.70 -37.75 -45.61
N LEU FB 159 -17.54 -37.81 -46.26
CA LEU FB 159 -16.46 -38.67 -45.79
C LEU FB 159 -15.37 -37.81 -45.19
N ILE FB 160 -14.93 -38.17 -43.98
CA ILE FB 160 -13.79 -37.46 -43.40
C ILE FB 160 -12.48 -37.99 -43.92
N VAL FB 161 -12.36 -39.32 -43.99
CA VAL FB 161 -11.07 -39.90 -44.33
C VAL FB 161 -11.15 -41.08 -45.29
N GLU FB 162 -10.41 -40.95 -46.40
CA GLU FB 162 -10.38 -41.98 -47.42
C GLU FB 162 -9.10 -42.81 -47.34
N MET FB 163 -9.28 -44.11 -47.16
CA MET FB 163 -8.17 -45.04 -47.12
C MET FB 163 -8.28 -46.04 -48.26
N GLY FB 164 -7.29 -46.06 -49.14
CA GLY FB 164 -7.18 -47.10 -50.14
C GLY FB 164 -6.13 -48.11 -49.72
N GLY FB 165 -6.01 -49.20 -50.46
CA GLY FB 165 -4.97 -50.17 -50.16
C GLY FB 165 -5.32 -51.57 -50.59
N ARG FB 166 -4.36 -52.48 -50.40
CA ARG FB 166 -4.50 -53.87 -50.83
C ARG FB 166 -5.17 -54.67 -49.73
N CYS FB 167 -5.65 -53.95 -48.73
CA CYS FB 167 -6.30 -54.59 -47.61
C CYS FB 167 -7.72 -54.99 -47.87
N GLU FB 168 -8.13 -56.03 -47.16
CA GLU FB 168 -9.52 -56.35 -47.01
C GLU FB 168 -10.13 -55.36 -46.04
N PHE FB 169 -11.44 -55.21 -46.13
CA PHE FB 169 -12.12 -54.20 -45.38
C PHE FB 169 -12.08 -54.45 -43.90
N LYS FB 170 -12.07 -55.72 -43.50
CA LYS FB 170 -12.31 -56.06 -42.11
C LYS FB 170 -11.33 -55.42 -41.12
N GLU FB 171 -10.06 -55.35 -41.49
CA GLU FB 171 -9.06 -54.75 -40.63
C GLU FB 171 -9.23 -53.25 -40.49
N VAL FB 172 -9.25 -52.59 -41.65
CA VAL FB 172 -9.44 -51.16 -41.74
C VAL FB 172 -10.65 -50.80 -40.92
N GLN FB 173 -11.76 -51.52 -41.14
CA GLN FB 173 -12.98 -51.36 -40.37
C GLN FB 173 -12.71 -51.45 -38.88
N GLY FB 174 -12.05 -52.53 -38.48
CA GLY FB 174 -11.77 -52.77 -37.08
C GLY FB 174 -11.17 -51.56 -36.40
N PHE FB 175 -10.09 -51.02 -36.92
CA PHE FB 175 -9.46 -49.91 -36.20
C PHE FB 175 -10.00 -48.54 -36.60
N LEU FB 176 -10.75 -48.46 -37.68
CA LEU FB 176 -11.33 -47.19 -38.11
C LEU FB 176 -12.58 -46.86 -37.33
N ASP FB 177 -13.30 -47.89 -36.89
CA ASP FB 177 -14.48 -47.67 -36.08
C ASP FB 177 -14.10 -46.99 -34.77
N LEU FB 178 -12.91 -47.33 -34.27
CA LEU FB 178 -12.30 -46.62 -33.15
C LEU FB 178 -12.29 -45.14 -33.43
N VAL FB 179 -11.76 -44.79 -34.60
CA VAL FB 179 -11.65 -43.39 -34.98
C VAL FB 179 -13.02 -42.76 -35.15
N ALA FB 180 -13.94 -43.48 -35.78
CA ALA FB 180 -15.28 -42.99 -36.03
C ALA FB 180 -15.92 -42.56 -34.74
N HIS FB 181 -15.99 -43.52 -33.86
CA HIS FB 181 -16.69 -43.39 -32.61
C HIS FB 181 -16.22 -42.21 -31.76
N LYS FB 182 -14.98 -41.76 -31.95
CA LYS FB 182 -14.46 -40.68 -31.14
C LYS FB 182 -14.73 -39.32 -31.77
N LEU FB 183 -15.42 -39.35 -32.90
CA LEU FB 183 -15.78 -38.12 -33.59
C LEU FB 183 -16.95 -37.45 -32.91
N PRO FB 184 -17.11 -36.13 -33.14
CA PRO FB 184 -18.17 -35.35 -32.49
C PRO FB 184 -19.55 -35.81 -32.87
N PHE FB 185 -19.75 -36.10 -34.15
CA PHE FB 185 -21.00 -36.63 -34.67
C PHE FB 185 -20.99 -38.14 -34.73
N PRO FB 186 -22.17 -38.77 -34.79
CA PRO FB 186 -22.18 -40.21 -35.09
C PRO FB 186 -21.61 -40.48 -36.48
N ALA FB 187 -20.79 -41.52 -36.60
CA ALA FB 187 -20.03 -41.81 -37.81
C ALA FB 187 -19.69 -43.28 -37.97
N LYS FB 188 -19.31 -43.66 -39.18
CA LYS FB 188 -19.25 -45.04 -39.55
C LYS FB 188 -18.02 -45.32 -40.41
N ALA FB 189 -17.72 -46.60 -40.61
CA ALA FB 189 -16.67 -46.99 -41.52
C ALA FB 189 -17.29 -47.81 -42.65
N VAL FB 190 -16.90 -47.49 -43.88
CA VAL FB 190 -17.61 -48.01 -45.04
C VAL FB 190 -16.71 -48.28 -46.25
N SER FB 191 -17.18 -49.16 -47.13
CA SER FB 191 -16.52 -49.42 -48.40
C SER FB 191 -17.46 -49.08 -49.54
N ARG FB 192 -17.00 -49.22 -50.78
CA ARG FB 192 -17.84 -48.95 -51.93
C ARG FB 192 -19.03 -49.88 -51.88
N GLU FB 193 -18.73 -51.16 -51.65
CA GLU FB 193 -19.74 -52.17 -51.46
C GLU FB 193 -20.76 -51.80 -50.40
N THR FB 194 -20.27 -51.53 -49.19
CA THR FB 194 -21.11 -51.24 -48.04
C THR FB 194 -22.00 -50.02 -48.32
N LEU FB 195 -21.36 -48.96 -48.81
CA LEU FB 195 -22.05 -47.71 -49.04
C LEU FB 195 -23.17 -47.86 -50.03
N GLU FB 196 -22.85 -48.44 -51.18
CA GLU FB 196 -23.88 -48.61 -52.20
C GLU FB 196 -24.97 -49.56 -51.75
N LYS FB 197 -24.58 -50.57 -50.96
CA LYS FB 197 -25.54 -51.44 -50.31
C LYS FB 197 -26.58 -50.64 -49.57
N MET FB 198 -26.12 -49.75 -48.70
CA MET FB 198 -27.04 -49.01 -47.85
C MET FB 198 -27.83 -47.93 -48.60
N ARG FB 199 -27.28 -47.37 -49.67
CA ARG FB 199 -28.06 -46.40 -50.44
C ARG FB 199 -29.14 -47.09 -51.25
N LYS FB 200 -28.75 -48.18 -51.90
CA LYS FB 200 -29.68 -49.04 -52.61
C LYS FB 200 -30.84 -49.39 -51.67
N ASP FB 201 -30.48 -49.93 -50.52
CA ASP FB 201 -31.45 -50.24 -49.49
C ASP FB 201 -32.33 -49.04 -49.23
N GLN FB 202 -31.70 -47.88 -49.11
CA GLN FB 202 -32.41 -46.68 -48.68
C GLN FB 202 -33.53 -46.33 -49.65
N GLU FB 203 -33.25 -46.37 -50.94
CA GLU FB 203 -34.32 -46.05 -51.87
C GLU FB 203 -35.33 -47.20 -51.95
N GLU FB 204 -34.85 -48.43 -51.76
CA GLU FB 204 -35.73 -49.58 -51.77
C GLU FB 204 -36.82 -49.46 -50.72
N ARG FB 205 -36.41 -49.07 -49.52
CA ARG FB 205 -37.33 -48.89 -48.40
C ARG FB 205 -38.45 -47.96 -48.81
N GLU FB 206 -38.09 -46.93 -49.57
CA GLU FB 206 -39.03 -45.89 -49.89
C GLU FB 206 -39.90 -46.20 -51.13
N ARG FB 207 -39.53 -47.21 -51.92
CA ARG FB 207 -40.48 -47.69 -52.91
C ARG FB 207 -41.30 -48.88 -52.37
N ASN FB 208 -40.91 -49.41 -51.21
CA ASN FB 208 -41.63 -50.54 -50.62
C ASN FB 208 -42.63 -50.14 -49.55
N ASN FB 209 -42.74 -48.85 -49.31
CA ASN FB 209 -43.50 -48.34 -48.18
C ASN FB 209 -44.98 -48.63 -48.28
N GLN FB 210 -45.54 -49.21 -47.23
CA GLN FB 210 -46.93 -49.59 -47.25
C GLN FB 210 -47.86 -48.43 -46.95
N ASN FB 211 -47.45 -47.52 -46.06
CA ASN FB 211 -48.35 -46.43 -45.73
C ASN FB 211 -48.31 -45.37 -46.81
N PRO FB 212 -49.49 -44.97 -47.27
CA PRO FB 212 -49.75 -44.03 -48.37
C PRO FB 212 -49.18 -42.65 -48.10
N TRP FB 213 -48.83 -42.40 -46.84
CA TRP FB 213 -48.50 -41.08 -46.40
C TRP FB 213 -47.03 -40.86 -46.21
N THR FB 214 -46.44 -40.06 -47.08
CA THR FB 214 -45.03 -39.78 -46.92
C THR FB 214 -44.88 -38.32 -46.58
N PHE FB 215 -43.75 -38.03 -45.95
CA PHE FB 215 -43.45 -36.68 -45.55
C PHE FB 215 -43.42 -35.74 -46.75
N GLU FB 216 -42.74 -36.16 -47.81
CA GLU FB 216 -42.68 -35.39 -49.04
C GLU FB 216 -44.08 -35.03 -49.51
N ARG FB 217 -44.88 -36.08 -49.61
CA ARG FB 217 -46.24 -36.00 -50.11
C ARG FB 217 -47.03 -34.90 -49.44
N ILE FB 218 -46.91 -34.81 -48.12
CA ILE FB 218 -47.68 -33.84 -47.37
C ILE FB 218 -47.04 -32.46 -47.41
N ALA FB 219 -45.71 -32.41 -47.42
CA ALA FB 219 -44.99 -31.14 -47.34
C ALA FB 219 -45.12 -30.31 -48.60
N THR FB 220 -44.96 -30.96 -49.75
CA THR FB 220 -45.13 -30.24 -51.00
C THR FB 220 -46.57 -29.79 -51.17
N ALA FB 221 -47.50 -30.68 -50.82
CA ALA FB 221 -48.94 -30.47 -51.07
C ALA FB 221 -49.61 -29.66 -49.96
N ASN FB 222 -48.81 -29.29 -48.97
CA ASN FB 222 -49.25 -28.46 -47.86
C ASN FB 222 -50.58 -28.93 -47.31
N MET FB 223 -50.65 -30.22 -47.08
CA MET FB 223 -51.83 -30.76 -46.47
C MET FB 223 -51.81 -30.42 -45.02
N LEU FB 224 -53.02 -30.31 -44.46
CA LEU FB 224 -53.20 -29.93 -43.06
C LEU FB 224 -52.52 -28.60 -42.73
N GLY FB 225 -52.31 -27.77 -43.74
CA GLY FB 225 -51.62 -26.50 -43.60
C GLY FB 225 -50.32 -26.71 -42.84
N ILE FB 226 -49.73 -27.89 -43.01
CA ILE FB 226 -48.63 -28.29 -42.15
C ILE FB 226 -47.48 -27.32 -42.29
N ARG FB 227 -47.41 -26.66 -43.42
CA ARG FB 227 -46.33 -25.73 -43.70
C ARG FB 227 -46.24 -24.64 -42.66
N LYS FB 228 -47.31 -24.43 -41.89
CA LYS FB 228 -47.23 -23.48 -40.79
C LYS FB 228 -46.18 -23.95 -39.83
N VAL FB 229 -46.20 -25.23 -39.55
CA VAL FB 229 -45.29 -25.79 -38.56
C VAL FB 229 -43.91 -26.14 -39.14
N LEU FB 230 -43.86 -26.46 -40.42
CA LEU FB 230 -42.60 -26.84 -41.06
C LEU FB 230 -41.75 -25.66 -41.49
N SER FB 231 -40.43 -25.84 -41.49
CA SER FB 231 -39.51 -24.86 -42.04
C SER FB 231 -39.24 -25.12 -43.51
N PRO FB 232 -39.05 -24.06 -44.29
CA PRO FB 232 -38.83 -24.19 -45.73
C PRO FB 232 -37.78 -25.24 -46.10
N TYR FB 233 -36.72 -25.37 -45.32
CA TYR FB 233 -35.68 -26.32 -45.65
C TYR FB 233 -36.23 -27.73 -45.68
N ASP FB 234 -37.32 -27.94 -44.97
CA ASP FB 234 -37.90 -29.26 -44.83
C ASP FB 234 -38.40 -29.86 -46.15
N LEU FB 235 -38.72 -29.00 -47.10
CA LEU FB 235 -39.26 -29.47 -48.39
C LEU FB 235 -38.24 -30.34 -49.13
N THR FB 236 -36.97 -30.00 -48.95
CA THR FB 236 -35.82 -30.79 -49.40
C THR FB 236 -35.46 -31.95 -48.47
N HIS FB 237 -35.40 -31.62 -47.18
CA HIS FB 237 -34.88 -32.52 -46.18
C HIS FB 237 -35.91 -33.59 -45.92
N LYS FB 238 -37.14 -33.30 -46.31
CA LYS FB 238 -38.23 -34.27 -46.22
C LYS FB 238 -38.31 -34.91 -44.84
N GLY FB 239 -38.01 -34.11 -43.82
CA GLY FB 239 -38.12 -34.54 -42.45
C GLY FB 239 -37.15 -35.62 -42.06
N ARG FB 240 -36.19 -35.89 -42.94
CA ARG FB 240 -35.12 -36.83 -42.64
C ARG FB 240 -34.02 -36.17 -41.83
N TYR FB 241 -33.80 -34.89 -42.10
CA TYR FB 241 -32.81 -34.10 -41.38
C TYR FB 241 -33.52 -33.22 -40.39
N TRP FB 242 -33.00 -33.22 -39.17
CA TRP FB 242 -33.58 -32.43 -38.10
C TRP FB 242 -32.46 -31.73 -37.32
N GLY FB 243 -32.46 -30.40 -37.30
CA GLY FB 243 -31.34 -29.68 -36.72
C GLY FB 243 -30.05 -30.10 -37.38
N LYS FB 244 -29.07 -30.55 -36.60
CA LYS FB 244 -27.83 -31.10 -37.17
C LYS FB 244 -27.92 -32.59 -37.38
N PHE FB 245 -28.92 -33.23 -36.78
CA PHE FB 245 -29.03 -34.68 -36.77
C PHE FB 245 -29.45 -35.26 -38.09
N TYR FB 246 -29.22 -36.56 -38.25
CA TYR FB 246 -29.74 -37.28 -39.39
C TYR FB 246 -30.35 -38.56 -38.87
N THR FB 247 -31.57 -38.87 -39.32
CA THR FB 247 -32.18 -40.16 -39.01
C THR FB 247 -32.38 -40.99 -40.28
N PRO FB 248 -31.54 -42.02 -40.48
CA PRO FB 248 -31.59 -42.89 -41.67
C PRO FB 248 -32.83 -43.76 -41.70
N GLU FB 249 -33.49 -43.87 -40.55
CA GLU FB 249 -34.65 -44.73 -40.42
C GLU FB 249 -35.90 -44.08 -40.99
N ARG FB 250 -35.72 -42.86 -41.48
CA ARG FB 250 -36.82 -41.94 -41.73
C ARG FB 250 -37.41 -42.09 -43.13
N VAL FB 251 -36.98 -43.13 -43.86
CA VAL FB 251 -37.45 -43.46 -45.21
C VAL FB 251 -36.82 -42.53 -46.24
N ILE GB 9 -41.22 -28.58 41.30
CA ILE GB 9 -42.11 -29.62 41.81
C ILE GB 9 -42.17 -29.63 43.34
N SER GB 10 -43.39 -29.82 43.85
CA SER GB 10 -43.70 -29.63 45.27
C SER GB 10 -43.67 -30.91 46.10
N HIS GB 11 -43.28 -32.03 45.51
CA HIS GB 11 -43.55 -33.33 46.12
C HIS GB 11 -43.07 -33.42 47.54
N GLY GB 12 -44.00 -33.74 48.44
CA GLY GB 12 -43.70 -33.76 49.85
C GLY GB 12 -43.20 -32.43 50.39
N ARG GB 13 -43.87 -31.34 50.06
CA ARG GB 13 -43.58 -30.10 50.75
C ARG GB 13 -44.67 -29.84 51.77
N VAL GB 14 -44.26 -29.47 52.98
CA VAL GB 14 -45.19 -29.39 54.10
C VAL GB 14 -45.72 -27.98 54.37
N PHE GB 15 -45.20 -26.99 53.65
CA PHE GB 15 -45.61 -25.63 53.93
C PHE GB 15 -46.06 -24.88 52.71
N ARG GB 16 -47.15 -24.13 52.85
CA ARG GB 16 -47.55 -23.25 51.78
C ARG GB 16 -46.77 -21.97 51.91
N ARG GB 17 -46.50 -21.37 50.76
CA ARG GB 17 -45.68 -20.18 50.71
C ARG GB 17 -46.57 -18.96 50.77
N LEU GB 18 -46.50 -18.25 51.88
CA LEU GB 18 -47.34 -17.08 52.10
C LEU GB 18 -46.50 -15.84 52.34
N GLY GB 19 -47.12 -14.69 52.11
CA GLY GB 19 -46.46 -13.42 52.34
C GLY GB 19 -45.19 -13.25 51.53
N LEU GB 20 -44.33 -12.34 51.98
CA LEU GB 20 -43.18 -11.91 51.21
C LEU GB 20 -42.08 -12.97 51.09
N GLY GB 21 -42.23 -14.11 51.75
CA GLY GB 21 -41.20 -15.12 51.72
C GLY GB 21 -41.26 -15.97 52.95
N PRO GB 22 -40.14 -16.60 53.31
CA PRO GB 22 -40.16 -17.50 54.48
C PRO GB 22 -40.45 -16.75 55.77
N GLU GB 23 -39.69 -15.68 55.99
CA GLU GB 23 -39.69 -14.99 57.26
C GLU GB 23 -41.01 -14.28 57.43
N SER GB 24 -41.49 -13.78 56.30
CA SER GB 24 -42.73 -13.06 56.25
C SER GB 24 -43.88 -13.94 56.66
N ARG GB 25 -43.92 -15.13 56.10
CA ARG GB 25 -44.97 -16.09 56.43
C ARG GB 25 -44.90 -16.41 57.93
N ILE GB 26 -43.68 -16.46 58.47
CA ILE GB 26 -43.56 -16.72 59.91
C ILE GB 26 -44.17 -15.59 60.75
N HIS GB 27 -43.89 -14.33 60.41
CA HIS GB 27 -44.44 -13.23 61.20
C HIS GB 27 -45.94 -13.10 61.00
N LEU GB 28 -46.39 -13.52 59.82
CA LEU GB 28 -47.81 -13.63 59.54
C LEU GB 28 -48.46 -14.59 60.53
N LEU GB 29 -47.89 -15.79 60.62
CA LEU GB 29 -48.36 -16.76 61.58
C LEU GB 29 -48.20 -16.25 63.01
N GLN GB 30 -47.27 -15.33 63.23
CA GLN GB 30 -47.08 -14.72 64.56
C GLN GB 30 -48.30 -13.97 64.98
N ASN GB 31 -48.75 -13.09 64.09
CA ASN GB 31 -49.97 -12.36 64.35
C ASN GB 31 -51.14 -13.27 64.52
N LEU GB 32 -51.29 -14.24 63.62
CA LEU GB 32 -52.45 -15.13 63.69
C LEU GB 32 -52.51 -15.89 65.00
N LEU GB 33 -51.34 -16.26 65.50
CA LEU GB 33 -51.24 -17.04 66.71
C LEU GB 33 -51.49 -16.15 67.91
N THR GB 34 -50.93 -14.95 67.86
CA THR GB 34 -51.20 -13.95 68.89
C THR GB 34 -52.71 -13.77 69.04
N GLY GB 35 -53.38 -13.48 67.92
CA GLY GB 35 -54.81 -13.25 67.93
C GLY GB 35 -55.58 -14.45 68.43
N LEU GB 36 -55.12 -15.63 68.03
CA LEU GB 36 -55.79 -16.85 68.46
C LEU GB 36 -55.72 -17.00 69.95
N VAL GB 37 -54.55 -16.71 70.49
CA VAL GB 37 -54.33 -16.94 71.89
C VAL GB 37 -54.95 -15.82 72.74
N ARG GB 38 -55.11 -14.64 72.18
CA ARG GB 38 -55.86 -13.65 72.92
C ARG GB 38 -57.36 -13.93 72.84
N HIS GB 39 -57.92 -13.88 71.64
CA HIS GB 39 -59.36 -13.89 71.47
C HIS GB 39 -60.01 -15.26 71.45
N GLU GB 40 -59.17 -16.29 71.34
CA GLU GB 40 -59.56 -17.69 71.44
C GLU GB 40 -60.40 -18.23 70.27
N ARG GB 41 -60.99 -17.35 69.48
CA ARG GB 41 -61.62 -17.77 68.24
C ARG GB 41 -61.40 -16.72 67.19
N ILE GB 42 -60.84 -17.10 66.04
CA ILE GB 42 -60.68 -16.10 64.98
C ILE GB 42 -61.09 -16.67 63.64
N GLU GB 43 -61.56 -15.80 62.76
CA GLU GB 43 -61.82 -16.19 61.39
C GLU GB 43 -60.76 -15.54 60.48
N ALA GB 44 -60.34 -16.26 59.44
CA ALA GB 44 -59.33 -15.77 58.52
C ALA GB 44 -59.27 -16.62 57.27
N SER GB 45 -58.31 -16.32 56.41
CA SER GB 45 -58.22 -17.02 55.13
C SER GB 45 -57.96 -18.50 55.35
N TRP GB 46 -58.70 -19.32 54.61
CA TRP GB 46 -58.71 -20.75 54.82
C TRP GB 46 -57.33 -21.36 54.86
N ALA GB 47 -56.52 -21.02 53.87
CA ALA GB 47 -55.17 -21.55 53.81
C ALA GB 47 -54.36 -21.07 54.99
N ARG GB 48 -54.53 -19.80 55.34
CA ARG GB 48 -53.73 -19.25 56.41
C ARG GB 48 -54.09 -19.91 57.72
N VAL GB 49 -55.38 -20.19 57.88
CA VAL GB 49 -55.86 -20.82 59.09
C VAL GB 49 -55.51 -22.30 59.21
N ASP GB 50 -55.79 -23.05 58.16
CA ASP GB 50 -55.37 -24.44 58.03
C ASP GB 50 -53.90 -24.58 58.34
N GLU GB 51 -53.09 -23.69 57.78
CA GLU GB 51 -51.67 -23.65 58.06
C GLU GB 51 -51.39 -23.46 59.55
N LEU GB 52 -51.92 -22.36 60.08
CA LEU GB 52 -51.73 -21.98 61.47
C LEU GB 52 -52.05 -23.08 62.47
N ARG GB 53 -53.05 -23.89 62.14
CA ARG GB 53 -53.58 -24.88 63.04
C ARG GB 53 -52.48 -25.75 63.69
N GLY GB 54 -51.49 -26.15 62.91
CA GLY GB 54 -50.37 -26.91 63.42
C GLY GB 54 -49.64 -26.18 64.53
N TYR GB 55 -49.33 -24.91 64.26
CA TYR GB 55 -48.62 -24.06 65.21
C TYR GB 55 -49.42 -23.87 66.49
N ALA GB 56 -50.71 -23.59 66.33
CA ALA GB 56 -51.60 -23.39 67.47
C ALA GB 56 -51.60 -24.61 68.36
N GLU GB 57 -51.59 -25.76 67.71
CA GLU GB 57 -51.65 -27.03 68.45
C GLU GB 57 -50.36 -27.35 69.20
N LYS GB 58 -49.21 -27.10 68.59
CA LYS GB 58 -47.96 -27.40 69.29
C LYS GB 58 -47.60 -26.37 70.36
N LEU GB 59 -48.04 -25.12 70.19
CA LEU GB 59 -47.82 -24.10 71.22
C LEU GB 59 -48.38 -24.55 72.56
N ILE GB 60 -49.45 -25.32 72.49
CA ILE GB 60 -50.15 -25.74 73.69
C ILE GB 60 -49.42 -26.89 74.35
N ASP GB 61 -48.60 -27.59 73.57
CA ASP GB 61 -47.78 -28.65 74.14
C ASP GB 61 -46.45 -28.09 74.62
N TYR GB 62 -46.14 -26.84 74.23
CA TYR GB 62 -45.07 -26.13 74.91
C TYR GB 62 -45.57 -25.58 76.23
N GLY GB 63 -46.80 -25.06 76.21
CA GLY GB 63 -47.42 -24.57 77.41
C GLY GB 63 -47.45 -25.66 78.46
N LYS GB 64 -47.71 -26.89 78.00
CA LYS GB 64 -47.77 -28.05 78.89
C LYS GB 64 -46.41 -28.38 79.50
N LEU GB 65 -45.35 -27.71 79.06
CA LEU GB 65 -44.02 -28.00 79.59
C LEU GB 65 -43.67 -27.14 80.80
N GLY GB 66 -44.65 -26.36 81.25
CA GLY GB 66 -44.51 -25.67 82.50
C GLY GB 66 -43.78 -24.36 82.37
N ASP GB 67 -44.07 -23.46 83.29
CA ASP GB 67 -43.55 -22.10 83.29
C ASP GB 67 -42.03 -22.06 83.47
N THR GB 68 -41.48 -23.15 84.01
CA THR GB 68 -40.08 -23.24 84.37
C THR GB 68 -39.13 -23.58 83.21
N ASN GB 69 -39.56 -24.50 82.36
CA ASN GB 69 -38.78 -24.91 81.21
C ASN GB 69 -38.39 -23.72 80.34
N GLU GB 70 -37.10 -23.61 80.06
CA GLU GB 70 -36.56 -22.43 79.41
C GLU GB 70 -36.87 -22.42 77.94
N ARG GB 71 -36.66 -23.58 77.30
CA ARG GB 71 -36.96 -23.73 75.89
C ARG GB 71 -38.38 -23.29 75.59
N ALA GB 72 -39.32 -23.93 76.28
CA ALA GB 72 -40.73 -23.59 76.18
C ALA GB 72 -40.98 -22.10 76.39
N MET GB 73 -40.28 -21.50 77.35
CA MET GB 73 -40.54 -20.09 77.66
C MET GB 73 -40.10 -19.13 76.57
N ARG GB 74 -38.84 -19.18 76.14
CA ARG GB 74 -38.45 -18.23 75.09
C ARG GB 74 -39.17 -18.58 73.80
N MET GB 75 -39.55 -19.84 73.65
CA MET GB 75 -40.42 -20.22 72.55
C MET GB 75 -41.68 -19.37 72.54
N ALA GB 76 -42.39 -19.36 73.66
CA ALA GB 76 -43.64 -18.59 73.76
C ALA GB 76 -43.39 -17.09 73.73
N ASP GB 77 -42.20 -16.71 74.16
CA ASP GB 77 -41.74 -15.33 74.04
C ASP GB 77 -41.83 -14.93 72.59
N PHE GB 78 -41.15 -15.70 71.74
CA PHE GB 78 -41.13 -15.37 70.33
C PHE GB 78 -42.52 -15.50 69.70
N TRP GB 79 -43.23 -16.57 70.04
CA TRP GB 79 -44.48 -16.87 69.36
C TRP GB 79 -45.70 -16.13 69.86
N LEU GB 80 -45.56 -15.39 70.94
CA LEU GB 80 -46.68 -14.56 71.38
C LEU GB 80 -46.21 -13.12 71.44
N THR GB 81 -46.78 -12.28 70.61
CA THR GB 81 -46.27 -10.93 70.51
C THR GB 81 -46.57 -10.08 71.74
N GLU GB 82 -47.83 -9.98 72.14
CA GLU GB 82 -48.16 -9.23 73.36
C GLU GB 82 -47.65 -10.03 74.53
N LYS GB 83 -46.75 -9.43 75.32
CA LYS GB 83 -46.07 -10.20 76.35
C LYS GB 83 -47.05 -10.54 77.45
N ASP GB 84 -48.06 -9.69 77.59
CA ASP GB 84 -49.17 -9.92 78.46
C ASP GB 84 -49.70 -11.33 78.28
N LEU GB 85 -49.67 -11.82 77.05
CA LEU GB 85 -50.29 -13.08 76.72
C LEU GB 85 -49.57 -14.30 77.27
N ILE GB 86 -48.29 -14.17 77.61
CA ILE GB 86 -47.53 -15.35 78.00
C ILE GB 86 -48.05 -16.04 79.27
N PRO GB 87 -48.46 -15.25 80.29
CA PRO GB 87 -49.14 -15.93 81.39
C PRO GB 87 -50.38 -16.72 80.99
N LYS GB 88 -51.29 -16.11 80.22
CA LYS GB 88 -52.51 -16.78 79.83
C LYS GB 88 -52.23 -18.12 79.16
N LEU GB 89 -51.08 -18.17 78.50
CA LEU GB 89 -50.64 -19.41 77.89
C LEU GB 89 -50.44 -20.49 78.94
N PHE GB 90 -49.55 -20.24 79.90
CA PHE GB 90 -49.18 -21.25 80.89
C PHE GB 90 -50.23 -21.47 81.98
N GLN GB 91 -50.78 -20.38 82.48
CA GLN GB 91 -51.68 -20.48 83.61
C GLN GB 91 -53.09 -20.86 83.23
N VAL GB 92 -53.51 -20.42 82.04
CA VAL GB 92 -54.89 -20.61 81.65
C VAL GB 92 -55.05 -21.71 80.63
N LEU GB 93 -54.41 -21.50 79.48
CA LEU GB 93 -54.60 -22.38 78.34
C LEU GB 93 -54.09 -23.79 78.56
N ALA GB 94 -52.84 -23.91 79.01
CA ALA GB 94 -52.21 -25.22 79.21
C ALA GB 94 -52.84 -26.10 80.31
N PRO GB 95 -53.23 -25.52 81.46
CA PRO GB 95 -53.80 -26.42 82.48
C PRO GB 95 -55.19 -26.95 82.13
N ARG GB 96 -56.01 -26.17 81.42
CA ARG GB 96 -57.36 -26.60 81.09
C ARG GB 96 -57.33 -27.67 79.99
N PHE GB 97 -56.13 -27.87 79.45
CA PHE GB 97 -55.83 -29.02 78.60
C PHE GB 97 -54.92 -29.98 79.31
N GLN GB 98 -55.47 -31.11 79.73
CA GLN GB 98 -54.64 -32.11 80.37
C GLN GB 98 -54.93 -33.46 79.74
N GLY GB 99 -56.18 -33.90 79.90
CA GLY GB 99 -56.62 -35.19 79.42
C GLY GB 99 -56.46 -35.37 77.93
N GLN GB 100 -56.81 -34.33 77.17
CA GLN GB 100 -56.74 -34.44 75.73
C GLN GB 100 -55.34 -34.13 75.21
N ASN GB 101 -54.76 -35.12 74.56
CA ASN GB 101 -53.49 -34.96 73.87
C ASN GB 101 -53.50 -33.92 72.75
N GLY GB 102 -54.20 -34.21 71.67
CA GLY GB 102 -54.23 -33.33 70.51
C GLY GB 102 -55.49 -32.59 70.11
N GLY GB 103 -56.54 -32.69 70.92
CA GLY GB 103 -57.87 -32.26 70.50
C GLY GB 103 -58.23 -30.79 70.72
N TYR GB 104 -57.20 -29.96 70.82
CA TYR GB 104 -57.30 -28.55 71.22
C TYR GB 104 -58.20 -27.66 70.39
N THR GB 105 -58.38 -28.03 69.14
CA THR GB 105 -58.74 -27.06 68.13
C THR GB 105 -59.92 -27.44 67.27
N ARG GB 106 -60.81 -26.49 67.06
CA ARG GB 106 -61.86 -26.69 66.09
C ARG GB 106 -61.64 -25.73 64.93
N MET GB 107 -61.54 -26.25 63.73
CA MET GB 107 -61.49 -25.38 62.56
C MET GB 107 -62.57 -25.74 61.57
N LEU GB 108 -63.39 -24.75 61.25
CA LEU GB 108 -64.51 -24.97 60.36
C LEU GB 108 -64.49 -23.98 59.20
N GLN GB 109 -65.19 -24.30 58.12
CA GLN GB 109 -65.22 -23.37 57.00
C GLN GB 109 -66.49 -22.51 56.96
N ILE GB 110 -66.28 -21.19 56.96
CA ILE GB 110 -67.33 -20.18 56.92
C ILE GB 110 -67.68 -19.73 55.48
N PRO GB 111 -68.93 -19.24 55.24
CA PRO GB 111 -69.30 -18.81 53.88
C PRO GB 111 -68.33 -17.76 53.33
N ASN GB 112 -68.05 -17.79 52.03
CA ASN GB 112 -67.00 -16.92 51.47
C ASN GB 112 -67.21 -15.44 51.78
N ARG GB 113 -66.11 -14.74 52.01
CA ARG GB 113 -66.16 -13.37 52.48
C ARG GB 113 -67.05 -12.49 51.59
N ASN GB 114 -67.77 -11.53 52.19
CA ASN GB 114 -68.72 -10.72 51.44
C ASN GB 114 -68.12 -9.45 50.85
N GLU GB 115 -66.80 -9.29 51.00
CA GLU GB 115 -66.04 -8.33 50.19
C GLU GB 115 -66.00 -8.72 48.73
N GLN GB 116 -65.61 -7.78 47.87
CA GLN GB 116 -65.50 -8.07 46.45
C GLN GB 116 -64.45 -9.13 46.11
N ASP GB 117 -63.43 -9.29 46.93
CA ASP GB 117 -62.37 -10.25 46.60
C ASP GB 117 -62.85 -11.67 46.85
N ARG GB 118 -63.77 -11.82 47.79
CA ARG GB 118 -64.42 -13.10 48.02
C ARG GB 118 -63.46 -14.23 48.26
N ALA GB 119 -62.80 -14.22 49.41
CA ALA GB 119 -61.86 -15.28 49.70
C ALA GB 119 -62.58 -16.44 50.34
N LYS GB 120 -61.83 -17.52 50.54
CA LYS GB 120 -62.36 -18.71 51.18
C LYS GB 120 -61.96 -18.66 52.64
N MET GB 121 -62.96 -18.50 53.50
CA MET GB 121 -62.68 -18.13 54.87
C MET GB 121 -63.05 -19.21 55.86
N ALA GB 122 -62.27 -19.33 56.93
CA ALA GB 122 -62.50 -20.33 57.96
C ALA GB 122 -62.47 -19.68 59.32
N VAL GB 123 -62.90 -20.42 60.33
CA VAL GB 123 -62.78 -19.96 61.69
C VAL GB 123 -62.12 -21.06 62.51
N ILE GB 124 -61.29 -20.65 63.46
CA ILE GB 124 -60.41 -21.53 64.21
C ILE GB 124 -60.60 -21.20 65.67
N GLU GB 125 -60.49 -22.22 66.51
CA GLU GB 125 -60.90 -22.06 67.89
C GLU GB 125 -60.22 -23.03 68.87
N TYR GB 126 -60.05 -22.57 70.09
CA TYR GB 126 -59.61 -23.42 71.18
C TYR GB 126 -60.81 -24.03 71.89
N LYS GB 127 -60.92 -25.37 71.89
CA LYS GB 127 -62.02 -26.04 72.58
C LYS GB 127 -62.08 -25.59 74.03
N GLY GB 128 -63.28 -25.38 74.53
CA GLY GB 128 -63.42 -25.02 75.93
C GLY GB 128 -62.99 -23.60 76.20
N ASN GB 129 -63.06 -22.78 75.17
CA ASN GB 129 -63.04 -21.34 75.36
C ASN GB 129 -64.37 -20.93 75.94
N CYS GB 130 -64.46 -19.75 76.54
CA CYS GB 130 -65.81 -19.33 76.87
C CYS GB 130 -66.27 -18.35 75.83
N LEU GB 131 -67.05 -18.86 74.89
CA LEU GB 131 -67.66 -18.08 73.83
C LEU GB 131 -68.89 -18.83 73.35
N PRO GB 132 -69.81 -18.12 72.67
CA PRO GB 132 -70.93 -18.79 72.03
C PRO GB 132 -70.45 -19.97 71.22
N PRO GB 133 -71.16 -21.09 71.36
CA PRO GB 133 -70.77 -22.28 70.61
C PRO GB 133 -70.94 -22.03 69.12
N LEU GB 134 -69.93 -22.38 68.34
CA LEU GB 134 -70.02 -22.30 66.90
C LEU GB 134 -71.12 -23.22 66.43
N PRO GB 135 -71.95 -22.75 65.48
CA PRO GB 135 -73.05 -23.62 65.05
C PRO GB 135 -72.53 -24.80 64.23
N LEU GB 136 -71.91 -25.76 64.92
CA LEU GB 136 -71.32 -26.93 64.28
C LEU GB 136 -72.39 -27.77 63.58
N PRO GB 137 -71.96 -28.63 62.64
CA PRO GB 137 -72.88 -29.63 62.08
C PRO GB 137 -73.17 -30.75 63.09
N ARG GB 138 -74.41 -31.21 63.15
CA ARG GB 138 -74.75 -32.37 63.96
C ARG GB 138 -74.96 -33.56 63.03
N ARG GB 139 -74.59 -34.74 63.51
CA ARG GB 139 -75.00 -35.99 62.87
C ARG GB 139 -76.51 -36.08 62.94
N ASP GB 140 -77.12 -36.88 62.06
CA ASP GB 140 -78.56 -37.13 62.17
C ASP GB 140 -78.84 -37.91 63.46
N SER GB 141 -80.02 -37.72 64.04
CA SER GB 141 -80.35 -38.38 65.29
C SER GB 141 -80.59 -39.88 65.06
N ASN GB 142 -80.80 -40.64 66.13
CA ASN GB 142 -80.95 -42.09 66.00
C ASN GB 142 -82.40 -42.49 65.82
N LEU GB 143 -83.28 -41.50 65.67
CA LEU GB 143 -84.67 -41.77 65.31
C LEU GB 143 -84.89 -41.82 63.80
N THR GB 144 -83.91 -41.33 63.05
CA THR GB 144 -83.95 -41.37 61.58
C THR GB 144 -84.19 -42.78 61.04
N LEU GB 145 -85.02 -42.89 60.01
CA LEU GB 145 -85.40 -44.20 59.49
C LEU GB 145 -84.19 -45.09 59.18
N LEU GB 146 -83.13 -44.50 58.65
CA LEU GB 146 -81.96 -45.28 58.28
C LEU GB 146 -81.20 -45.83 59.49
N ASN GB 147 -80.83 -44.94 60.40
CA ASN GB 147 -80.10 -45.35 61.60
C ASN GB 147 -80.91 -46.37 62.39
N GLN GB 148 -82.21 -46.11 62.45
CA GLN GB 148 -83.16 -47.01 63.09
C GLN GB 148 -83.10 -48.38 62.42
N LEU GB 149 -82.95 -48.38 61.09
CA LEU GB 149 -82.86 -49.63 60.34
C LEU GB 149 -81.55 -50.34 60.64
N LEU GB 150 -80.56 -49.57 61.07
CA LEU GB 150 -79.29 -50.16 61.48
C LEU GB 150 -79.28 -50.69 62.91
N GLN GB 151 -80.11 -50.14 63.78
CA GLN GB 151 -80.19 -50.63 65.16
C GLN GB 151 -80.70 -52.06 65.22
N GLY GB 152 -81.48 -52.46 64.22
CA GLY GB 152 -81.93 -53.83 64.09
C GLY GB 152 -80.77 -54.78 63.84
N LEU GB 153 -79.94 -54.44 62.85
CA LEU GB 153 -78.70 -55.17 62.58
C LEU GB 153 -77.84 -55.22 63.81
N ARG GB 154 -77.82 -54.11 64.54
CA ARG GB 154 -77.08 -54.00 65.79
C ARG GB 154 -77.52 -55.02 66.85
N GLN GB 155 -78.81 -54.99 67.19
CA GLN GB 155 -79.36 -55.86 68.22
C GLN GB 155 -79.39 -57.34 67.81
N ASP GB 156 -79.39 -57.59 66.52
CA ASP GB 156 -79.30 -58.98 66.05
C ASP GB 156 -77.84 -59.40 65.84
N GLN GB 157 -76.90 -58.46 65.96
CA GLN GB 157 -75.50 -58.82 66.12
C GLN GB 157 -75.18 -59.09 67.60
N GLU GB 158 -76.00 -58.52 68.49
CA GLU GB 158 -75.92 -58.84 69.92
C GLU GB 158 -76.57 -60.19 70.23
N ALA GB 159 -77.70 -60.47 69.58
CA ALA GB 159 -78.54 -61.63 69.91
C ALA GB 159 -78.01 -62.98 69.38
N SER GB 160 -77.12 -62.96 68.39
CA SER GB 160 -76.50 -64.20 67.88
C SER GB 160 -75.10 -64.46 68.46
N SER GB 161 -74.61 -63.56 69.31
CA SER GB 161 -73.30 -63.72 69.93
C SER GB 161 -73.41 -64.28 71.35
N PRO HB 38 -78.51 24.47 -98.60
CA PRO HB 38 -77.11 24.79 -98.90
C PRO HB 38 -76.59 24.07 -100.15
N VAL HB 39 -75.30 23.70 -100.13
CA VAL HB 39 -74.73 22.81 -101.14
C VAL HB 39 -74.58 21.42 -100.52
N GLU HB 40 -74.79 20.36 -101.30
CA GLU HB 40 -74.66 18.99 -100.79
C GLU HB 40 -73.19 18.66 -100.51
N ASN HB 41 -72.30 19.37 -101.20
CA ASN HB 41 -70.86 19.23 -101.00
C ASN HB 41 -70.37 20.02 -99.79
N GLU HB 42 -71.17 21.01 -99.36
CA GLU HB 42 -70.77 21.96 -98.33
C GLU HB 42 -70.40 21.30 -96.99
N ALA HB 43 -70.87 20.06 -96.78
CA ALA HB 43 -70.56 19.32 -95.57
C ALA HB 43 -69.08 18.89 -95.56
N VAL HB 44 -68.47 19.00 -94.38
CA VAL HB 44 -67.03 18.84 -94.18
C VAL HB 44 -66.78 17.79 -93.09
N ALA HB 45 -67.46 18.00 -91.96
CA ALA HB 45 -67.34 17.29 -90.69
C ALA HB 45 -66.18 17.88 -89.89
N PRO HB 46 -66.33 17.87 -88.55
CA PRO HB 46 -65.52 18.69 -87.64
C PRO HB 46 -64.06 18.34 -87.60
N GLU HB 47 -63.81 17.05 -87.46
CA GLU HB 47 -62.48 16.53 -87.21
C GLU HB 47 -61.98 15.81 -88.45
N PHE HB 48 -60.83 16.24 -88.96
CA PHE HB 48 -60.35 15.72 -90.23
C PHE HB 48 -59.37 14.56 -90.10
N THR HB 49 -59.54 13.56 -90.96
CA THR HB 49 -58.63 12.43 -91.01
C THR HB 49 -57.54 12.64 -92.05
N ASN HB 50 -56.32 12.84 -91.56
CA ASN HB 50 -55.15 12.87 -92.43
C ASN HB 50 -54.44 11.53 -92.29
N ARG HB 51 -54.55 10.71 -93.32
CA ARG HB 51 -54.18 9.33 -93.19
C ARG HB 51 -52.72 9.10 -93.54
N ASN HB 52 -52.06 10.13 -94.07
CA ASN HB 52 -50.72 9.96 -94.62
C ASN HB 52 -49.62 10.16 -93.58
N PRO HB 53 -48.78 9.13 -93.42
CA PRO HB 53 -47.79 9.08 -92.34
C PRO HB 53 -46.69 10.09 -92.54
N ARG HB 54 -46.40 10.44 -93.77
CA ARG HB 54 -45.31 11.35 -94.04
C ARG HB 54 -45.60 12.74 -93.47
N ASN HB 55 -46.89 13.03 -93.31
CA ASN HB 55 -47.38 14.36 -92.94
C ASN HB 55 -46.66 15.07 -91.80
N LEU HB 56 -46.90 14.57 -90.59
CA LEU HB 56 -46.46 15.24 -89.39
C LEU HB 56 -44.96 15.42 -89.38
N GLU HB 57 -44.25 14.39 -89.83
CA GLU HB 57 -42.80 14.39 -89.87
C GLU HB 57 -42.30 15.55 -90.70
N LEU HB 58 -43.13 15.96 -91.64
CA LEU HB 58 -42.83 17.15 -92.40
C LEU HB 58 -43.25 18.38 -91.61
N LEU HB 59 -44.42 18.31 -90.97
CA LEU HB 59 -44.91 19.43 -90.19
C LEU HB 59 -44.08 19.64 -88.93
N ALA HB 60 -43.25 18.64 -88.61
CA ALA HB 60 -42.30 18.67 -87.48
C ALA HB 60 -42.99 18.53 -86.13
N VAL HB 61 -44.30 18.40 -86.16
CA VAL HB 61 -45.09 18.30 -84.95
C VAL HB 61 -45.04 16.89 -84.37
N ALA HB 62 -44.58 15.94 -85.18
CA ALA HB 62 -44.72 14.52 -84.83
C ALA HB 62 -43.84 14.16 -83.65
N ARG HB 63 -43.90 12.89 -83.25
CA ARG HB 63 -43.08 12.43 -82.15
C ARG HB 63 -41.71 11.99 -82.67
N LYS HB 64 -40.64 12.43 -82.02
CA LYS HB 64 -39.34 11.82 -82.21
C LYS HB 64 -39.24 10.69 -81.23
N GLU HB 65 -38.15 9.94 -81.24
CA GLU HB 65 -37.96 9.07 -80.09
C GLU HB 65 -36.89 9.63 -79.20
N ARG HB 66 -37.29 10.29 -78.13
CA ARG HB 66 -36.30 10.76 -77.20
C ARG HB 66 -35.97 9.52 -76.42
N GLY HB 67 -34.72 9.40 -76.00
CA GLY HB 67 -34.43 8.34 -75.08
C GLY HB 67 -33.07 7.72 -75.21
N TRP HB 68 -32.99 6.51 -74.68
CA TRP HB 68 -31.78 5.73 -74.69
C TRP HB 68 -30.72 6.57 -73.97
N GLY HB 69 -29.67 7.01 -74.64
CA GLY HB 69 -28.75 7.88 -73.94
C GLY HB 69 -27.96 7.12 -72.89
N THR HB 70 -28.30 5.86 -72.71
CA THR HB 70 -27.36 4.89 -72.17
C THR HB 70 -26.50 4.46 -73.34
N VAL HB 71 -27.18 4.31 -74.46
CA VAL HB 71 -26.65 3.60 -75.62
C VAL HB 71 -26.38 4.54 -76.78
N TRP HB 72 -26.04 3.93 -77.91
CA TRP HB 72 -25.59 4.67 -79.07
C TRP HB 72 -26.00 3.96 -80.37
N PRO HB 73 -26.30 4.74 -81.42
CA PRO HB 73 -26.32 6.21 -81.39
C PRO HB 73 -27.68 6.72 -80.96
N SER HB 74 -27.83 8.04 -80.79
CA SER HB 74 -29.12 8.61 -80.41
C SER HB 74 -30.15 8.21 -81.45
N ARG HB 75 -31.20 7.55 -80.99
CA ARG HB 75 -32.23 7.02 -81.88
C ARG HB 75 -33.34 8.03 -82.06
N GLU HB 76 -33.05 9.24 -81.61
CA GLU HB 76 -33.92 10.38 -81.84
C GLU HB 76 -33.69 11.02 -83.19
N PHE HB 77 -34.70 10.90 -84.04
CA PHE HB 77 -34.65 11.35 -85.43
C PHE HB 77 -35.96 10.96 -86.08
N TRP HB 78 -36.33 11.63 -87.17
CA TRP HB 78 -37.23 11.02 -88.13
C TRP HB 78 -36.45 10.22 -89.17
N HIS HB 79 -35.34 10.79 -89.62
CA HIS HB 79 -34.54 10.20 -90.69
C HIS HB 79 -33.05 10.26 -90.41
N ARG HB 80 -32.35 9.18 -90.72
CA ARG HB 80 -30.93 9.05 -90.36
C ARG HB 80 -30.06 8.64 -91.55
N LEU HB 81 -28.85 9.17 -91.62
CA LEU HB 81 -27.91 8.73 -92.65
C LEU HB 81 -27.09 7.56 -92.12
N ARG HB 82 -27.22 6.40 -92.76
CA ARG HB 82 -26.50 5.22 -92.30
C ARG HB 82 -25.46 4.77 -93.31
N VAL HB 83 -24.18 5.01 -93.03
CA VAL HB 83 -23.13 4.66 -93.98
C VAL HB 83 -22.38 3.43 -93.52
N ILE HB 84 -22.52 2.38 -94.32
CA ILE HB 84 -21.88 1.11 -94.03
C ILE HB 84 -20.72 0.90 -95.00
N ARG HB 85 -19.50 0.94 -94.47
CA ARG HB 85 -18.31 0.76 -95.28
C ARG HB 85 -17.75 -0.65 -95.13
N THR HB 86 -17.95 -1.47 -96.16
CA THR HB 86 -17.32 -2.78 -96.29
C THR HB 86 -15.92 -2.64 -96.91
N GLN HB 87 -15.03 -3.60 -96.66
CA GLN HB 87 -13.75 -3.69 -97.36
C GLN HB 87 -13.88 -3.62 -98.90
N HIS HB 88 -15.01 -4.06 -99.44
CA HIS HB 88 -15.30 -3.94 -100.87
C HIS HB 88 -16.07 -2.67 -101.21
N HIS HB 89 -17.34 -2.64 -100.81
CA HIS HB 89 -18.29 -1.64 -101.30
C HIS HB 89 -18.83 -0.67 -100.26
N ILE HB 90 -18.91 0.59 -100.67
CA ILE HB 90 -19.55 1.62 -99.88
C ILE HB 90 -21.06 1.53 -100.05
N GLU HB 91 -21.79 1.43 -98.96
CA GLU HB 91 -23.25 1.51 -99.08
C GLU HB 91 -23.82 2.54 -98.12
N ALA HB 92 -24.37 3.62 -98.67
CA ALA HB 92 -24.92 4.68 -97.82
C ALA HB 92 -26.44 4.69 -97.94
N LEU HB 93 -27.11 4.69 -96.79
CA LEU HB 93 -28.55 4.50 -96.74
C LEU HB 93 -29.25 5.64 -96.04
N VAL HB 94 -30.56 5.70 -96.24
CA VAL HB 94 -31.38 6.60 -95.50
C VAL HB 94 -32.40 5.80 -94.73
N GLU HB 95 -32.44 6.04 -93.43
CA GLU HB 95 -33.19 5.19 -92.51
C GLU HB 95 -34.34 5.89 -91.81
N HIS HB 96 -35.36 5.08 -91.54
CA HIS HB 96 -36.41 5.45 -90.64
C HIS HB 96 -36.29 4.61 -89.36
N ARG HB 97 -36.74 5.17 -88.23
CA ARG HB 97 -36.64 4.49 -86.94
C ARG HB 97 -37.41 3.18 -86.90
N ASN HB 98 -38.29 2.97 -87.87
CA ASN HB 98 -38.94 1.68 -88.03
C ASN HB 98 -37.95 0.64 -88.51
N GLY HB 99 -36.73 1.10 -88.79
CA GLY HB 99 -35.66 0.22 -89.22
C GLY HB 99 -35.70 0.05 -90.71
N GLN HB 100 -36.79 0.52 -91.31
CA GLN HB 100 -36.95 0.43 -92.74
C GLN HB 100 -36.14 1.51 -93.43
N VAL HB 101 -35.29 1.09 -94.36
CA VAL HB 101 -34.48 2.00 -95.17
C VAL HB 101 -35.31 2.60 -96.30
N VAL HB 102 -35.35 3.93 -96.33
CA VAL HB 102 -36.18 4.63 -97.29
C VAL HB 102 -35.50 4.69 -98.65
N VAL HB 103 -34.45 5.49 -98.74
CA VAL HB 103 -33.74 5.63 -100.00
C VAL HB 103 -32.29 5.23 -99.80
N SER HB 104 -31.77 4.44 -100.74
CA SER HB 104 -30.42 3.89 -100.59
C SER HB 104 -29.56 4.03 -101.84
N ALA HB 105 -28.26 4.22 -101.62
CA ALA HB 105 -27.28 4.21 -102.69
C ALA HB 105 -26.19 3.19 -102.39
N SER HB 106 -26.13 2.16 -103.23
CA SER HB 106 -25.22 1.03 -103.02
C SER HB 106 -24.25 0.88 -104.18
N THR HB 107 -23.05 0.40 -103.90
CA THR HB 107 -22.07 0.24 -104.96
C THR HB 107 -22.30 -1.06 -105.72
N ARG HB 108 -23.00 -1.99 -105.10
CA ARG HB 108 -23.25 -3.30 -105.70
C ARG HB 108 -24.35 -3.22 -106.76
N GLU HB 109 -25.04 -2.08 -106.77
CA GLU HB 109 -26.01 -1.71 -107.79
C GLU HB 109 -25.30 -1.53 -109.12
N TRP HB 110 -25.73 -2.23 -110.17
CA TRP HB 110 -25.00 -2.20 -111.44
C TRP HB 110 -24.84 -0.77 -111.97
N ALA HB 111 -25.77 0.11 -111.62
CA ALA HB 111 -25.81 1.47 -112.14
C ALA HB 111 -24.53 2.27 -111.89
N ILE HB 112 -24.11 2.38 -110.64
CA ILE HB 112 -22.88 3.11 -110.32
C ILE HB 112 -21.65 2.25 -110.55
N LYS HB 113 -21.80 0.97 -110.25
CA LYS HB 113 -20.77 -0.04 -110.42
C LYS HB 113 -20.12 0.07 -111.79
N LYS HB 114 -20.95 0.20 -112.82
CA LYS HB 114 -20.45 0.22 -114.18
C LYS HB 114 -19.90 1.57 -114.66
N HIS HB 115 -20.27 2.67 -114.01
CA HIS HB 115 -19.84 3.98 -114.49
C HIS HB 115 -18.45 4.38 -114.06
N LEU HB 116 -18.01 3.88 -112.92
CA LEU HB 116 -16.71 4.31 -112.42
C LEU HB 116 -15.89 3.17 -111.84
N TYR HB 117 -14.68 3.51 -111.42
CA TYR HB 117 -13.64 2.54 -111.15
C TYR HB 117 -13.28 2.48 -109.67
N SER HB 118 -12.85 1.29 -109.21
CA SER HB 118 -12.31 1.11 -107.86
C SER HB 118 -13.30 1.45 -106.73
N THR HB 119 -14.23 0.52 -106.51
CA THR HB 119 -15.34 0.66 -105.57
C THR HB 119 -15.03 1.27 -104.19
N ARG HB 120 -13.88 0.94 -103.62
CA ARG HB 120 -13.55 1.35 -102.26
C ARG HB 120 -13.10 2.83 -102.14
N ASN HB 121 -12.77 3.45 -103.26
CA ASN HB 121 -12.09 4.75 -103.26
C ASN HB 121 -12.87 5.91 -102.71
N VAL HB 122 -12.14 6.95 -102.32
CA VAL HB 122 -12.73 8.19 -101.87
C VAL HB 122 -13.66 8.74 -102.95
N VAL HB 123 -13.20 8.59 -104.18
CA VAL HB 123 -13.98 8.95 -105.35
C VAL HB 123 -15.36 8.29 -105.29
N ALA HB 124 -15.37 7.02 -104.89
CA ALA HB 124 -16.59 6.24 -104.82
C ALA HB 124 -17.55 6.69 -103.71
N CYS HB 125 -17.00 7.07 -102.56
CA CYS HB 125 -17.80 7.60 -101.45
C CYS HB 125 -18.48 8.91 -101.84
N GLU HB 126 -17.70 9.81 -102.44
CA GLU HB 126 -18.28 11.03 -102.99
C GLU HB 126 -19.40 10.68 -103.95
N SER HB 127 -19.09 9.78 -104.87
CA SER HB 127 -20.05 9.32 -105.86
C SER HB 127 -21.37 8.96 -105.20
N VAL HB 128 -21.35 7.87 -104.44
CA VAL HB 128 -22.52 7.33 -103.75
C VAL HB 128 -23.23 8.46 -102.99
N GLY HB 129 -22.44 9.42 -102.50
CA GLY HB 129 -22.99 10.61 -101.88
C GLY HB 129 -23.89 11.45 -102.77
N ARG HB 130 -23.37 11.88 -103.92
CA ARG HB 130 -24.19 12.69 -104.82
C ARG HB 130 -25.40 11.89 -105.27
N VAL HB 131 -25.17 10.61 -105.54
CA VAL HB 131 -26.25 9.72 -105.96
C VAL HB 131 -27.39 9.75 -104.97
N LEU HB 132 -27.07 9.51 -103.71
CA LEU HB 132 -28.05 9.53 -102.66
C LEU HB 132 -28.66 10.93 -102.52
N ALA HB 133 -27.90 11.98 -102.86
CA ALA HB 133 -28.40 13.36 -102.75
C ALA HB 133 -29.53 13.66 -103.75
N GLU HB 134 -29.25 13.42 -105.02
CA GLU HB 134 -30.26 13.59 -106.05
C GLU HB 134 -31.43 12.65 -105.75
N ARG HB 135 -31.11 11.41 -105.37
CA ARG HB 135 -32.16 10.46 -105.01
C ARG HB 135 -32.99 10.97 -103.81
N CYS HB 136 -32.39 11.82 -103.00
CA CYS HB 136 -33.06 12.42 -101.85
C CYS HB 136 -34.07 13.45 -102.27
N LEU HB 137 -33.64 14.39 -103.12
CA LEU HB 137 -34.58 15.39 -103.60
C LEU HB 137 -35.68 14.74 -104.42
N GLU HB 138 -35.37 13.60 -105.04
CA GLU HB 138 -36.35 12.81 -105.78
C GLU HB 138 -37.38 12.22 -104.83
N ALA HB 139 -36.88 11.67 -103.73
CA ALA HB 139 -37.76 11.25 -102.64
C ALA HB 139 -38.43 12.49 -102.04
N GLY HB 140 -37.73 13.62 -102.08
CA GLY HB 140 -38.26 14.89 -101.60
C GLY HB 140 -37.82 15.23 -100.19
N ILE HB 141 -37.19 14.27 -99.51
CA ILE HB 141 -36.74 14.47 -98.13
C ILE HB 141 -35.52 15.36 -98.15
N ASN HB 142 -35.59 16.43 -97.38
CA ASN HB 142 -34.47 17.33 -97.25
C ASN HB 142 -33.71 17.12 -95.96
N PHE HB 143 -34.20 16.22 -95.11
CA PHE HB 143 -33.66 16.15 -93.75
C PHE HB 143 -33.40 14.74 -93.23
N MET HB 144 -32.15 14.50 -92.84
CA MET HB 144 -31.76 13.28 -92.15
C MET HB 144 -30.59 13.60 -91.24
N VAL HB 145 -30.48 12.89 -90.11
CA VAL HB 145 -29.37 13.15 -89.19
C VAL HB 145 -28.27 12.13 -89.33
N TYR HB 146 -27.05 12.62 -89.24
CA TYR HB 146 -25.91 11.74 -89.33
C TYR HB 146 -25.10 11.71 -88.05
N HIS HB 147 -24.83 10.49 -87.61
CA HIS HB 147 -24.02 10.26 -86.43
C HIS HB 147 -22.80 9.44 -86.78
N PRO HB 148 -21.71 10.14 -87.13
CA PRO HB 148 -20.48 9.41 -87.43
C PRO HB 148 -19.83 8.89 -86.15
N THR HB 149 -18.80 8.10 -86.29
CA THR HB 149 -17.97 7.76 -85.15
C THR HB 149 -16.81 8.75 -85.12
N PRO HB 150 -16.34 9.10 -83.92
CA PRO HB 150 -15.24 10.07 -83.74
C PRO HB 150 -14.04 9.85 -84.66
N TRP HB 151 -13.64 8.61 -84.88
CA TRP HB 151 -12.52 8.32 -85.77
C TRP HB 151 -12.95 8.36 -87.23
N GLU HB 152 -14.24 8.12 -87.46
CA GLU HB 152 -14.81 8.14 -88.80
C GLU HB 152 -15.07 9.55 -89.27
N ALA HB 153 -15.59 10.38 -88.37
CA ALA HB 153 -15.93 11.76 -88.69
C ALA HB 153 -14.70 12.52 -89.18
N ALA HB 154 -13.55 12.10 -88.69
CA ALA HB 154 -12.28 12.74 -89.05
C ALA HB 154 -11.75 12.31 -90.42
N SER HB 155 -12.15 11.12 -90.87
CA SER HB 155 -11.66 10.55 -92.12
C SER HB 155 -12.21 11.26 -93.35
N ASP HB 156 -11.51 11.12 -94.47
CA ASP HB 156 -11.80 11.93 -95.65
C ASP HB 156 -13.03 11.49 -96.42
N SER HB 157 -13.14 10.18 -96.63
CA SER HB 157 -14.23 9.58 -97.39
C SER HB 157 -15.57 10.16 -96.90
N ILE HB 158 -15.66 10.29 -95.59
CA ILE HB 158 -16.87 10.79 -94.95
C ILE HB 158 -16.98 12.33 -95.01
N LYS HB 159 -15.87 13.04 -94.92
CA LYS HB 159 -15.87 14.49 -95.15
C LYS HB 159 -16.56 14.84 -96.47
N ARG HB 160 -16.09 14.20 -97.51
CA ARG HB 160 -16.56 14.52 -98.85
C ARG HB 160 -17.88 13.82 -99.19
N LEU HB 161 -18.20 12.75 -98.47
CA LEU HB 161 -19.57 12.26 -98.44
C LEU HB 161 -20.49 13.42 -98.06
N GLN HB 162 -20.15 14.01 -96.91
CA GLN HB 162 -20.94 15.09 -96.34
C GLN HB 162 -21.00 16.29 -97.27
N HIS HB 163 -19.94 16.51 -98.03
CA HIS HB 163 -20.02 17.59 -99.00
C HIS HB 163 -20.91 17.24 -100.17
N ALA HB 164 -20.87 15.99 -100.61
CA ALA HB 164 -21.77 15.55 -101.68
C ALA HB 164 -23.21 15.80 -101.29
N MET HB 165 -23.55 15.48 -100.04
CA MET HB 165 -24.92 15.74 -99.58
C MET HB 165 -25.23 17.22 -99.41
N THR HB 166 -24.26 17.98 -98.91
CA THR HB 166 -24.46 19.43 -98.72
C THR HB 166 -24.79 20.12 -100.04
N GLU HB 167 -23.99 19.82 -101.06
CA GLU HB 167 -24.14 20.45 -102.37
C GLU HB 167 -25.30 19.84 -103.15
N GLY HB 168 -25.70 18.63 -102.77
CA GLY HB 168 -26.92 18.04 -103.29
C GLY HB 168 -28.10 18.93 -102.96
N GLY HB 169 -28.00 19.64 -101.84
CA GLY HB 169 -29.08 20.49 -101.34
C GLY HB 169 -29.76 19.90 -100.12
N VAL HB 170 -29.23 18.77 -99.66
CA VAL HB 170 -29.78 18.07 -98.51
C VAL HB 170 -29.17 18.56 -97.20
N VAL HB 171 -30.02 18.74 -96.20
CA VAL HB 171 -29.56 19.15 -94.89
C VAL HB 171 -29.46 17.96 -93.95
N LEU HB 172 -28.34 17.86 -93.26
CA LEU HB 172 -28.24 16.99 -92.11
C LEU HB 172 -28.92 17.70 -90.95
N ARG HB 173 -28.80 17.16 -89.75
CA ARG HB 173 -29.26 17.90 -88.57
C ARG HB 173 -30.76 18.24 -88.65
N GLU HB 174 -31.59 17.23 -88.44
CA GLU HB 174 -33.05 17.38 -88.52
C GLU HB 174 -33.58 18.58 -87.74
N PRO HB 175 -34.50 19.34 -88.36
CA PRO HB 175 -35.08 20.52 -87.71
C PRO HB 175 -35.69 20.12 -86.38
N ARG HB 176 -35.73 21.01 -85.39
CA ARG HB 176 -36.15 20.56 -84.07
C ARG HB 176 -37.67 20.29 -84.07
N ARG HB 177 -38.14 19.70 -82.98
CA ARG HB 177 -39.54 19.34 -82.86
C ARG HB 177 -40.37 20.56 -82.55
N ILE HB 178 -41.67 20.44 -82.74
CA ILE HB 178 -42.58 21.50 -82.36
C ILE HB 178 -43.44 21.13 -81.15
N TYR HB 179 -43.28 21.90 -80.06
CA TYR HB 179 -43.80 21.55 -78.74
C TYR HB 179 -43.39 20.15 -78.39
N GLU HB 180 -42.09 19.98 -78.20
CA GLU HB 180 -41.52 18.65 -78.03
C GLU HB 180 -42.02 17.95 -76.78
N UNK IB 54 9.10 -65.98 91.31
CA UNK IB 54 8.57 -64.89 90.52
C UNK IB 54 7.34 -64.26 91.19
N UNK IB 55 7.40 -62.95 91.43
CA UNK IB 55 6.29 -62.24 92.06
C UNK IB 55 5.49 -61.43 91.03
N UNK IB 56 4.16 -61.62 91.02
CA UNK IB 56 3.27 -60.85 90.14
C UNK IB 56 2.56 -59.75 90.94
N UNK IB 57 2.33 -58.62 90.27
CA UNK IB 57 1.76 -57.44 90.93
C UNK IB 57 0.23 -57.43 90.88
N UNK IB 58 -0.36 -57.01 92.00
CA UNK IB 58 -1.82 -57.01 92.15
C UNK IB 58 -2.39 -55.60 92.03
N UNK IB 59 -3.45 -55.44 91.24
CA UNK IB 59 -3.98 -54.13 90.94
C UNK IB 59 -5.49 -54.06 91.04
N UNK IB 60 -5.97 -53.18 91.90
CA UNK IB 60 -7.38 -52.79 91.88
C UNK IB 60 -7.46 -51.34 91.40
N UNK IB 61 -7.98 -51.16 90.20
CA UNK IB 61 -8.10 -49.82 89.63
C UNK IB 61 -9.47 -49.21 89.92
N UNK IB 62 -10.30 -49.97 90.65
CA UNK IB 62 -11.66 -49.52 91.01
C UNK IB 62 -12.05 -49.82 92.47
N UNK IB 63 -12.40 -48.77 93.20
CA UNK IB 63 -12.98 -48.89 94.54
C UNK IB 63 -13.89 -47.69 94.78
N UNK IB 64 -14.91 -47.83 95.62
CA UNK IB 64 -15.90 -46.76 95.82
C UNK IB 64 -15.68 -45.96 97.12
N UNK IB 65 -16.05 -44.67 97.10
CA UNK IB 65 -15.82 -43.77 98.24
C UNK IB 65 -16.96 -43.77 99.26
N UNK IB 66 -17.88 -44.72 99.09
CA UNK IB 66 -19.20 -44.75 99.75
C UNK IB 66 -20.08 -43.64 99.18
N UNK IB 67 -19.76 -43.24 97.96
CA UNK IB 67 -20.64 -42.37 97.19
C UNK IB 67 -20.84 -42.96 95.82
N UNK IB 68 -22.10 -43.29 95.51
CA UNK IB 68 -22.43 -43.80 94.20
C UNK IB 68 -23.06 -42.70 93.35
N GLN IB 69 -22.32 -42.26 92.34
CA GLN IB 69 -22.79 -41.23 91.44
C GLN IB 69 -23.81 -41.82 90.46
N ARG IB 70 -24.98 -41.20 90.46
CA ARG IB 70 -26.18 -41.66 89.76
C ARG IB 70 -26.15 -41.79 88.22
N PRO IB 71 -25.43 -40.89 87.49
CA PRO IB 71 -25.65 -40.87 86.03
C PRO IB 71 -25.55 -42.22 85.30
N GLU IB 72 -26.62 -42.51 84.57
CA GLU IB 72 -26.69 -43.63 83.65
C GLU IB 72 -27.36 -43.18 82.36
N THR IB 73 -26.63 -43.26 81.25
CA THR IB 73 -27.18 -42.83 79.98
C THR IB 73 -27.34 -44.01 79.01
N ARG IB 74 -28.51 -44.05 78.37
CA ARG IB 74 -28.78 -45.05 77.36
C ARG IB 74 -28.35 -44.52 76.01
N PHE IB 75 -27.27 -45.08 75.45
CA PHE IB 75 -26.81 -44.60 74.16
C PHE IB 75 -27.33 -45.40 73.00
N LEU IB 76 -27.85 -44.66 72.04
CA LEU IB 76 -28.32 -45.22 70.80
C LEU IB 76 -27.53 -44.70 69.63
N SER IB 77 -27.01 -45.64 68.84
CA SER IB 77 -26.45 -45.37 67.54
C SER IB 77 -27.49 -44.69 66.63
N PRO IB 78 -27.16 -43.50 66.12
CA PRO IB 78 -28.05 -42.65 65.32
C PRO IB 78 -28.74 -43.38 64.17
N GLU IB 79 -28.20 -44.53 63.77
CA GLU IB 79 -28.67 -45.22 62.58
C GLU IB 79 -29.80 -46.17 62.90
N PHE IB 80 -30.24 -46.13 64.14
CA PHE IB 80 -31.49 -46.77 64.48
C PHE IB 80 -32.62 -45.75 64.45
N ILE IB 81 -32.26 -44.48 64.21
CA ILE IB 81 -33.22 -43.38 64.06
C ILE IB 81 -33.70 -43.27 62.63
N PRO IB 82 -34.95 -43.65 62.37
CA PRO IB 82 -35.49 -43.49 61.03
C PRO IB 82 -35.50 -42.02 60.63
N PRO IB 83 -35.34 -41.75 59.33
CA PRO IB 83 -35.43 -40.41 58.76
C PRO IB 83 -36.83 -39.84 58.88
N ARG IB 84 -37.00 -38.61 58.41
CA ARG IB 84 -38.25 -37.91 58.59
C ARG IB 84 -39.31 -38.37 57.59
N GLY IB 85 -38.90 -39.18 56.61
CA GLY IB 85 -39.74 -39.47 55.44
C GLY IB 85 -41.10 -40.10 55.69
N ARG IB 86 -41.89 -40.23 54.64
CA ARG IB 86 -43.22 -40.83 54.77
C ARG IB 86 -43.20 -42.34 54.50
N THR IB 87 -42.01 -42.91 54.42
CA THR IB 87 -41.84 -44.36 54.32
C THR IB 87 -42.55 -45.17 55.41
N ASN IB 88 -43.13 -46.29 55.00
CA ASN IB 88 -43.77 -47.26 55.89
C ASN IB 88 -42.73 -47.90 56.85
N PRO IB 89 -42.90 -47.69 58.18
CA PRO IB 89 -41.94 -48.14 59.21
C PRO IB 89 -41.64 -49.65 59.16
N LEU IB 90 -42.51 -50.39 58.48
CA LEU IB 90 -42.30 -51.81 58.24
C LEU IB 90 -40.90 -52.07 57.69
N LYS IB 91 -40.47 -51.19 56.79
CA LYS IB 91 -39.12 -51.20 56.22
C LYS IB 91 -38.05 -51.11 57.31
N PHE IB 92 -38.17 -50.06 58.12
CA PHE IB 92 -37.20 -49.79 59.16
C PHE IB 92 -37.07 -50.95 60.12
N GLN IB 93 -38.19 -51.62 60.39
CA GLN IB 93 -38.14 -52.78 61.29
C GLN IB 93 -37.28 -53.91 60.73
N ILE IB 94 -37.47 -54.18 59.45
CA ILE IB 94 -36.68 -55.17 58.78
C ILE IB 94 -35.21 -54.82 58.82
N GLU IB 95 -34.91 -53.56 58.50
CA GLU IB 95 -33.53 -53.07 58.57
C GLU IB 95 -32.87 -53.24 59.95
N ARG IB 96 -33.56 -52.79 60.99
CA ARG IB 96 -33.06 -52.92 62.35
C ARG IB 96 -32.82 -54.39 62.72
N LYS IB 97 -33.72 -55.29 62.34
CA LYS IB 97 -33.54 -56.70 62.72
C LYS IB 97 -32.33 -57.27 62.00
N ASP IB 98 -32.10 -56.86 60.77
CA ASP IB 98 -30.92 -57.31 60.06
C ASP IB 98 -29.63 -56.82 60.69
N MET IB 99 -29.50 -55.51 60.86
CA MET IB 99 -28.25 -54.97 61.39
C MET IB 99 -28.01 -55.37 62.85
N LEU IB 100 -29.07 -55.72 63.56
CA LEU IB 100 -28.93 -56.22 64.91
C LEU IB 100 -28.46 -57.66 64.88
N GLU IB 101 -28.91 -58.39 63.86
CA GLU IB 101 -28.35 -59.71 63.59
C GLU IB 101 -26.86 -59.58 63.26
N ARG IB 102 -26.48 -58.41 62.76
CA ARG IB 102 -25.07 -58.12 62.44
C ARG IB 102 -24.21 -57.72 63.67
N ARG IB 103 -24.81 -57.00 64.62
CA ARG IB 103 -24.09 -56.58 65.84
C ARG IB 103 -23.58 -57.77 66.63
N LYS IB 104 -24.15 -58.92 66.32
CA LYS IB 104 -23.83 -60.15 67.03
C LYS IB 104 -22.49 -60.77 66.61
N ILE IB 105 -22.16 -60.69 65.33
CA ILE IB 105 -20.83 -61.12 64.88
C ILE IB 105 -19.81 -60.01 65.16
N LEU IB 106 -19.99 -58.88 64.50
CA LEU IB 106 -19.10 -57.74 64.70
C LEU IB 106 -19.62 -56.87 65.84
N HIS IB 107 -18.70 -56.42 66.69
CA HIS IB 107 -19.07 -55.50 67.74
C HIS IB 107 -18.90 -54.04 67.30
N ILE IB 108 -20.01 -53.31 67.30
CA ILE IB 108 -20.00 -51.88 67.01
C ILE IB 108 -19.98 -51.07 68.29
N PRO IB 109 -18.86 -50.41 68.54
CA PRO IB 109 -18.64 -49.59 69.73
C PRO IB 109 -19.37 -48.25 69.69
N GLU IB 110 -19.45 -47.58 70.84
CA GLU IB 110 -19.81 -46.16 70.88
C GLU IB 110 -18.74 -45.35 70.21
N PHE IB 111 -19.12 -44.20 69.67
CA PHE IB 111 -18.18 -43.19 69.19
C PHE IB 111 -18.96 -41.99 68.74
N TYR IB 112 -18.26 -40.89 68.60
CA TYR IB 112 -18.89 -39.65 68.24
C TYR IB 112 -18.00 -38.97 67.27
N VAL IB 113 -18.52 -37.96 66.62
CA VAL IB 113 -17.69 -37.18 65.74
C VAL IB 113 -16.59 -36.52 66.57
N GLY IB 114 -15.34 -36.73 66.16
CA GLY IB 114 -14.21 -36.21 66.89
C GLY IB 114 -13.45 -37.27 67.66
N SER IB 115 -14.10 -38.40 67.91
CA SER IB 115 -13.42 -39.54 68.53
C SER IB 115 -12.50 -40.21 67.51
N ILE IB 116 -11.50 -40.92 68.00
CA ILE IB 116 -10.52 -41.54 67.12
C ILE IB 116 -10.68 -43.05 67.04
N LEU IB 117 -10.80 -43.56 65.81
CA LEU IB 117 -11.00 -45.00 65.64
C LEU IB 117 -9.96 -45.61 64.71
N ARG IB 118 -9.87 -46.93 64.80
CA ARG IB 118 -8.98 -47.70 63.96
C ARG IB 118 -9.76 -48.89 63.44
N VAL IB 119 -10.03 -48.94 62.14
CA VAL IB 119 -10.75 -50.07 61.59
C VAL IB 119 -9.85 -50.90 60.71
N THR IB 120 -10.00 -52.20 60.86
CA THR IB 120 -9.35 -53.16 60.00
C THR IB 120 -10.31 -53.58 58.90
N THR IB 121 -9.76 -53.64 57.68
CA THR IB 121 -10.52 -53.91 56.49
C THR IB 121 -10.11 -55.23 55.87
N ALA IB 122 -11.08 -55.97 55.35
CA ALA IB 122 -10.71 -57.05 54.48
C ALA IB 122 -10.20 -56.44 53.17
N ASP IB 123 -8.94 -56.73 52.85
CA ASP IB 123 -8.37 -56.37 51.56
C ASP IB 123 -7.92 -57.59 50.79
N PRO IB 124 -8.49 -57.80 49.61
CA PRO IB 124 -8.10 -58.90 48.72
C PRO IB 124 -6.69 -58.76 48.12
N TYR IB 125 -6.29 -57.52 47.82
CA TYR IB 125 -5.07 -57.29 47.04
C TYR IB 125 -3.75 -57.31 47.83
N ALA IB 126 -3.75 -56.86 49.07
CA ALA IB 126 -2.50 -56.83 49.83
C ALA IB 126 -2.11 -58.25 50.22
N SER IB 127 -0.92 -58.42 50.78
CA SER IB 127 -0.45 -59.74 51.22
C SER IB 127 -1.05 -60.08 52.58
N ALA IB 128 -0.94 -59.13 53.50
CA ALA IB 128 -1.66 -59.22 54.74
C ALA IB 128 -3.07 -58.81 54.37
N LYS IB 129 -4.02 -59.73 54.53
CA LYS IB 129 -5.38 -59.51 54.05
C LYS IB 129 -6.08 -58.43 54.85
N THR IB 130 -5.45 -58.09 55.96
CA THR IB 130 -5.90 -57.02 56.83
C THR IB 130 -5.47 -55.67 56.27
N SER IB 131 -6.30 -54.64 56.47
CA SER IB 131 -5.88 -53.28 56.24
C SER IB 131 -6.17 -52.43 57.47
N GLN IB 132 -5.13 -51.99 58.15
CA GLN IB 132 -5.30 -51.21 59.34
C GLN IB 132 -5.42 -49.72 59.00
N PHE IB 133 -6.46 -49.05 59.49
CA PHE IB 133 -6.53 -47.61 59.34
C PHE IB 133 -7.02 -46.87 60.57
N LEU IB 134 -6.32 -45.81 60.94
CA LEU IB 134 -6.76 -44.98 62.05
C LEU IB 134 -7.02 -43.56 61.59
N GLY IB 135 -7.88 -42.86 62.32
CA GLY IB 135 -8.08 -41.46 62.06
C GLY IB 135 -9.19 -40.92 62.93
N ILE IB 136 -9.44 -39.62 62.80
CA ILE IB 136 -10.51 -38.98 63.53
C ILE IB 136 -11.83 -39.23 62.81
N CYS IB 137 -12.92 -39.27 63.56
CA CYS IB 137 -14.22 -39.32 62.93
C CYS IB 137 -14.73 -37.91 62.59
N ILE IB 138 -14.89 -37.66 61.29
CA ILE IB 138 -15.32 -36.36 60.78
C ILE IB 138 -16.82 -36.13 60.83
N GLN IB 139 -17.58 -37.13 60.41
CA GLN IB 139 -19.03 -37.10 60.53
C GLN IB 139 -19.61 -38.50 60.43
N ARG IB 140 -20.80 -38.67 60.97
CA ARG IB 140 -21.53 -39.91 60.74
C ARG IB 140 -22.83 -39.55 60.10
N SER IB 141 -23.23 -40.30 59.10
CA SER IB 141 -24.50 -40.05 58.46
C SER IB 141 -25.07 -41.34 57.88
N GLY IB 142 -26.38 -41.46 57.88
CA GLY IB 142 -27.00 -42.61 57.25
C GLY IB 142 -28.20 -43.02 58.06
N SER IB 143 -28.64 -44.25 57.82
CA SER IB 143 -29.64 -44.90 58.63
C SER IB 143 -29.79 -46.29 58.11
N GLY IB 144 -30.39 -47.16 58.92
CA GLY IB 144 -30.57 -48.53 58.52
C GLY IB 144 -29.25 -49.19 58.19
N LEU IB 145 -29.31 -50.17 57.30
CA LEU IB 145 -28.15 -50.96 56.94
C LEU IB 145 -27.05 -50.10 56.37
N GLY IB 146 -27.43 -49.00 55.73
CA GLY IB 146 -26.48 -48.17 55.01
C GLY IB 146 -25.76 -47.13 55.83
N ALA IB 147 -25.82 -47.29 57.15
CA ALA IB 147 -25.14 -46.39 58.06
C ALA IB 147 -23.66 -46.29 57.73
N THR IB 148 -23.14 -45.07 57.74
CA THR IB 148 -21.75 -44.83 57.41
C THR IB 148 -21.09 -43.79 58.30
N PHE IB 149 -19.76 -43.69 58.18
CA PHE IB 149 -19.00 -42.69 58.92
C PHE IB 149 -17.69 -42.42 58.21
N ILE IB 150 -17.01 -41.35 58.62
CA ILE IB 150 -15.82 -40.94 57.91
C ILE IB 150 -14.61 -40.77 58.80
N LEU IB 151 -13.47 -41.29 58.32
CA LEU IB 151 -12.20 -41.17 59.04
C LEU IB 151 -11.22 -40.26 58.32
N ARG IB 152 -10.45 -39.51 59.09
CA ARG IB 152 -9.55 -38.51 58.54
C ARG IB 152 -8.21 -38.54 59.25
N ASN IB 153 -7.13 -38.66 58.49
CA ASN IB 153 -5.80 -38.56 59.05
C ASN IB 153 -4.74 -38.14 58.02
N THR IB 154 -3.70 -37.45 58.45
CA THR IB 154 -2.61 -37.04 57.56
C THR IB 154 -1.43 -37.98 57.63
N ILE IB 155 -1.02 -38.45 56.46
CA ILE IB 155 0.12 -39.31 56.34
C ILE IB 155 1.13 -38.63 55.46
N GLU IB 156 2.27 -38.25 56.02
CA GLU IB 156 3.41 -37.73 55.24
C GLU IB 156 3.14 -36.31 54.71
N GLY IB 157 2.01 -35.74 55.10
CA GLY IB 157 1.58 -34.44 54.61
C GLY IB 157 0.34 -34.55 53.75
N GLN IB 158 -0.03 -35.78 53.45
CA GLN IB 158 -1.22 -36.01 52.65
C GLN IB 158 -2.44 -36.24 53.54
N GLY IB 159 -3.37 -35.29 53.52
CA GLY IB 159 -4.64 -35.43 54.17
C GLY IB 159 -5.41 -36.55 53.50
N VAL IB 160 -5.88 -37.50 54.31
CA VAL IB 160 -6.55 -38.65 53.75
C VAL IB 160 -7.85 -38.99 54.47
N GLU IB 161 -8.91 -39.17 53.70
CA GLU IB 161 -10.21 -39.49 54.25
C GLU IB 161 -10.75 -40.76 53.67
N ILE IB 162 -11.50 -41.48 54.47
CA ILE IB 162 -12.21 -42.63 53.95
C ILE IB 162 -13.63 -42.66 54.48
N CYS IB 163 -14.54 -43.08 53.62
CA CYS IB 163 -15.90 -43.34 54.04
C CYS IB 163 -16.09 -44.84 54.24
N PHE IB 164 -16.46 -45.23 55.46
CA PHE IB 164 -16.73 -46.64 55.77
C PHE IB 164 -18.19 -46.91 56.03
N GLU IB 165 -18.61 -48.08 55.57
CA GLU IB 165 -19.97 -48.53 55.76
C GLU IB 165 -20.04 -49.41 56.99
N LEU IB 166 -20.71 -48.95 58.02
CA LEU IB 166 -20.63 -49.60 59.32
C LEU IB 166 -21.09 -51.05 59.27
N TYR IB 167 -22.10 -51.32 58.46
CA TYR IB 167 -22.66 -52.66 58.44
C TYR IB 167 -22.08 -53.51 57.34
N ASN IB 168 -21.12 -52.97 56.62
CA ASN IB 168 -20.42 -53.75 55.61
C ASN IB 168 -19.67 -54.91 56.24
N PRO IB 169 -19.78 -56.10 55.64
CA PRO IB 169 -19.12 -57.36 56.05
C PRO IB 169 -17.63 -57.41 55.81
N ARG IB 170 -17.11 -56.55 54.94
CA ARG IB 170 -15.67 -56.51 54.72
C ARG IB 170 -14.95 -56.12 55.98
N ILE IB 171 -15.52 -55.20 56.73
CA ILE IB 171 -14.89 -54.71 57.93
C ILE IB 171 -14.78 -55.82 58.98
N GLN IB 172 -13.55 -56.04 59.45
CA GLN IB 172 -13.25 -57.03 60.47
C GLN IB 172 -13.47 -56.46 61.85
N GLU IB 173 -12.73 -55.41 62.16
CA GLU IB 173 -12.74 -54.87 63.49
C GLU IB 173 -12.78 -53.34 63.56
N ILE IB 174 -13.60 -52.82 64.48
CA ILE IB 174 -13.53 -51.43 64.89
C ILE IB 174 -12.88 -51.34 66.26
N GLN IB 175 -11.89 -50.47 66.40
CA GLN IB 175 -11.27 -50.27 67.69
C GLN IB 175 -11.24 -48.80 68.05
N VAL IB 176 -11.98 -48.43 69.08
CA VAL IB 176 -11.99 -47.06 69.52
C VAL IB 176 -10.74 -46.83 70.35
N VAL IB 177 -9.87 -45.93 69.91
CA VAL IB 177 -8.74 -45.61 70.76
C VAL IB 177 -9.09 -44.52 71.80
N LYS IB 178 -9.84 -43.51 71.38
CA LYS IB 178 -10.21 -42.44 72.31
C LYS IB 178 -11.67 -42.05 72.19
N LEU IB 179 -12.46 -42.24 73.25
CA LEU IB 179 -13.87 -41.86 73.21
C LEU IB 179 -14.00 -40.39 73.51
N GLU IB 180 -14.52 -39.64 72.55
CA GLU IB 180 -14.55 -38.20 72.70
C GLU IB 180 -15.66 -37.53 71.90
N LYS IB 181 -16.19 -36.45 72.44
CA LYS IB 181 -17.07 -35.55 71.72
C LYS IB 181 -16.35 -34.25 71.51
N ARG IB 182 -16.68 -33.55 70.44
CA ARG IB 182 -16.04 -32.28 70.12
C ARG IB 182 -17.12 -31.23 69.97
N LEU IB 183 -16.70 -29.96 69.87
CA LEU IB 183 -17.65 -28.85 69.98
C LEU IB 183 -18.81 -28.83 68.97
N ASP IB 184 -18.73 -29.62 67.89
CA ASP IB 184 -19.76 -29.65 66.87
C ASP IB 184 -20.17 -31.06 66.47
N ASN IB 185 -21.34 -31.20 65.83
CA ASN IB 185 -21.81 -32.52 65.44
C ASN IB 185 -21.10 -33.05 64.21
N SER IB 186 -20.54 -32.13 63.44
CA SER IB 186 -19.75 -32.48 62.26
C SER IB 186 -18.56 -31.57 62.12
N LEU IB 187 -17.37 -32.15 61.97
CA LEU IB 187 -16.23 -31.34 61.56
C LEU IB 187 -15.67 -31.78 60.22
N LEU IB 188 -15.99 -30.99 59.20
CA LEU IB 188 -15.33 -31.13 57.93
C LEU IB 188 -14.27 -30.06 57.83
N TYR IB 189 -14.25 -29.18 58.82
CA TYR IB 189 -13.44 -27.98 58.71
C TYR IB 189 -12.01 -28.29 59.05
N LEU IB 190 -11.74 -29.56 59.29
CA LEU IB 190 -10.37 -30.01 59.38
C LEU IB 190 -9.68 -29.86 58.05
N ARG IB 191 -10.46 -29.70 56.99
CA ARG IB 191 -9.86 -29.51 55.69
C ARG IB 191 -9.13 -28.17 55.61
N ASP IB 192 -9.70 -27.14 56.21
CA ASP IB 192 -9.12 -25.80 56.19
C ASP IB 192 -8.11 -25.51 57.31
N ALA IB 193 -8.17 -26.32 58.35
CA ALA IB 193 -7.31 -26.13 59.52
C ALA IB 193 -5.87 -26.58 59.24
N LEU IB 194 -4.95 -26.15 60.08
CA LEU IB 194 -3.57 -26.60 60.02
C LEU IB 194 -3.43 -28.09 60.32
N PRO IB 195 -2.55 -28.79 59.58
CA PRO IB 195 -2.47 -30.27 59.46
C PRO IB 195 -2.51 -31.08 60.77
N GLU IB 196 -1.87 -30.58 61.83
CA GLU IB 196 -1.72 -31.28 63.13
C GLU IB 196 -3.00 -31.85 63.69
N TYR IB 197 -4.08 -31.08 63.63
CA TYR IB 197 -5.38 -31.51 64.15
C TYR IB 197 -5.89 -32.71 63.36
N SER IB 198 -5.41 -32.83 62.13
CA SER IB 198 -5.73 -33.96 61.29
C SER IB 198 -4.64 -35.04 61.30
N THR IB 199 -3.54 -34.79 62.01
CA THR IB 199 -2.42 -35.75 62.07
C THR IB 199 -2.32 -36.43 63.42
N PHE IB 200 -2.13 -37.74 63.40
CA PHE IB 200 -1.99 -38.51 64.62
C PHE IB 200 -0.94 -39.59 64.41
N ASP IB 201 -0.46 -40.17 65.50
CA ASP IB 201 0.36 -41.36 65.39
C ASP IB 201 -0.49 -42.50 64.85
N VAL IB 202 0.15 -43.42 64.14
CA VAL IB 202 -0.52 -44.59 63.60
C VAL IB 202 -0.74 -45.66 64.67
N ASN IB 203 0.26 -45.83 65.52
CA ASN IB 203 0.32 -46.97 66.44
C ASN IB 203 -0.17 -46.71 67.86
N MET IB 204 -0.61 -45.48 68.14
CA MET IB 204 -0.90 -45.09 69.53
C MET IB 204 -1.92 -46.03 70.16
N LYS IB 205 -1.76 -46.24 71.46
CA LYS IB 205 -2.50 -47.25 72.19
C LYS IB 205 -3.84 -46.75 72.71
N PRO IB 206 -4.84 -47.66 72.79
CA PRO IB 206 -6.17 -47.35 73.28
C PRO IB 206 -6.14 -46.70 74.68
N ILE IB 207 -7.13 -45.88 74.99
CA ILE IB 207 -7.21 -45.15 76.26
C ILE IB 207 -8.61 -45.29 76.86
N THR IB 208 -8.69 -45.74 78.11
CA THR IB 208 -9.97 -46.10 78.71
C THR IB 208 -10.40 -45.12 79.82
N GLN IB 209 -11.72 -45.02 80.05
CA GLN IB 209 -12.29 -44.07 81.01
C GLN IB 209 -13.27 -44.71 81.96
N GLU IB 210 -13.62 -43.91 82.96
CA GLU IB 210 -14.80 -44.17 83.76
C GLU IB 210 -16.02 -43.62 83.07
N PHE IB 211 -17.11 -44.38 83.07
CA PHE IB 211 -18.28 -43.91 82.35
C PHE IB 211 -18.85 -42.59 82.90
N ASN IB 212 -18.88 -42.46 84.23
CA ASN IB 212 -19.50 -41.33 84.93
C ASN IB 212 -19.02 -39.95 84.44
N GLN IB 213 -17.83 -39.89 83.82
CA GLN IB 213 -17.31 -38.64 83.23
C GLN IB 213 -18.16 -38.15 82.05
N GLU IB 214 -19.10 -38.98 81.63
CA GLU IB 214 -20.07 -38.64 80.58
C GLU IB 214 -19.39 -38.22 79.28
N VAL IB 215 -18.63 -39.15 78.68
CA VAL IB 215 -18.02 -38.98 77.36
C VAL IB 215 -17.46 -37.58 77.15
N PRO IB 216 -16.31 -37.30 77.77
CA PRO IB 216 -15.77 -35.95 77.96
C PRO IB 216 -15.79 -35.15 76.66
N VAL IB 217 -16.21 -33.91 76.78
CA VAL IB 217 -16.33 -33.04 75.62
C VAL IB 217 -15.13 -32.14 75.56
N ASN IB 218 -14.25 -32.43 74.61
CA ASN IB 218 -13.14 -31.55 74.39
C ASN IB 218 -13.65 -30.27 73.78
N GLN IB 219 -13.35 -29.15 74.44
CA GLN IB 219 -13.57 -27.87 73.81
C GLN IB 219 -12.22 -27.35 73.35
N LEU IB 220 -12.05 -27.35 72.03
CA LEU IB 220 -10.81 -26.92 71.41
C LEU IB 220 -11.11 -26.03 70.21
N LYS IB 221 -10.65 -24.79 70.27
CA LYS IB 221 -10.70 -23.91 69.11
C LYS IB 221 -9.60 -24.33 68.15
N VAL IB 222 -9.77 -24.04 66.86
CA VAL IB 222 -8.79 -24.49 65.88
C VAL IB 222 -8.19 -23.35 65.07
N LYS IB 223 -6.89 -23.47 64.79
CA LYS IB 223 -6.16 -22.51 63.96
C LYS IB 223 -6.39 -22.80 62.48
N MET IB 224 -6.44 -21.77 61.66
CA MET IB 224 -6.90 -21.95 60.29
C MET IB 224 -5.94 -21.45 59.22
N LYS IB 225 -5.96 -22.15 58.08
CA LYS IB 225 -5.25 -21.72 56.88
C LYS IB 225 -5.79 -20.36 56.47
N PRO IB 226 -5.04 -19.64 55.62
CA PRO IB 226 -5.64 -18.39 55.14
C PRO IB 226 -6.79 -18.71 54.20
N LYS IB 227 -7.74 -17.77 54.07
CA LYS IB 227 -8.88 -17.94 53.18
C LYS IB 227 -8.40 -18.11 51.73
N PRO IB 228 -9.25 -18.67 50.86
CA PRO IB 228 -10.58 -19.25 51.00
C PRO IB 228 -10.60 -20.63 51.63
N TRP IB 229 -11.80 -21.05 52.00
CA TRP IB 229 -12.02 -22.31 52.67
C TRP IB 229 -12.88 -23.22 51.82
N SER IB 230 -12.85 -24.50 52.11
CA SER IB 230 -13.63 -25.46 51.34
C SER IB 230 -15.12 -25.11 51.34
N LYS IB 231 -15.64 -24.65 52.46
CA LYS IB 231 -16.98 -24.09 52.53
C LYS IB 231 -16.83 -22.78 53.25
N ARG IB 232 -17.85 -21.93 53.27
CA ARG IB 232 -17.69 -20.73 54.08
C ARG IB 232 -18.24 -21.05 55.46
N TRP IB 233 -17.37 -21.22 56.45
CA TRP IB 233 -17.83 -21.80 57.71
C TRP IB 233 -18.54 -20.78 58.55
N GLU IB 234 -18.05 -19.54 58.46
CA GLU IB 234 -18.51 -18.41 59.23
C GLU IB 234 -20.02 -18.20 59.22
N ARG IB 235 -20.67 -18.63 58.15
CA ARG IB 235 -22.10 -18.40 57.94
C ARG IB 235 -22.99 -19.25 58.85
N PRO IB 236 -24.08 -18.63 59.34
CA PRO IB 236 -24.88 -19.14 60.46
C PRO IB 236 -25.44 -20.51 60.23
N LYS IB 237 -25.46 -20.97 58.98
CA LYS IB 237 -25.97 -22.29 58.70
C LYS IB 237 -25.12 -23.37 59.34
N PHE IB 238 -23.83 -23.06 59.52
CA PHE IB 238 -22.89 -24.07 59.95
C PHE IB 238 -22.66 -24.20 61.46
N ASN IB 239 -23.11 -23.23 62.25
CA ASN IB 239 -23.06 -23.31 63.71
C ASN IB 239 -21.75 -23.78 64.29
N ILE IB 240 -20.64 -23.18 63.85
CA ILE IB 240 -19.36 -23.74 64.27
C ILE IB 240 -18.68 -22.92 65.35
N LYS IB 241 -18.67 -23.47 66.57
CA LYS IB 241 -17.93 -22.87 67.67
C LYS IB 241 -16.53 -23.45 67.72
N GLY IB 242 -16.35 -24.59 67.06
CA GLY IB 242 -15.08 -25.30 67.11
C GLY IB 242 -13.95 -24.47 66.57
N ILE IB 243 -14.30 -23.52 65.70
CA ILE IB 243 -13.31 -22.68 65.05
C ILE IB 243 -12.94 -21.48 65.90
N ARG IB 244 -11.67 -21.10 65.79
CA ARG IB 244 -11.20 -19.85 66.34
C ARG IB 244 -11.29 -18.78 65.25
N PHE IB 245 -12.26 -17.88 65.37
CA PHE IB 245 -12.53 -16.91 64.33
C PHE IB 245 -11.86 -15.56 64.50
N ASP IB 246 -11.33 -15.32 65.70
CA ASP IB 246 -10.87 -13.97 66.05
C ASP IB 246 -9.59 -13.63 65.31
N LEU IB 247 -8.75 -14.65 65.13
CA LEU IB 247 -7.49 -14.51 64.42
C LEU IB 247 -7.67 -14.55 62.91
N CYS IB 248 -8.70 -15.28 62.47
CA CYS IB 248 -8.93 -15.57 61.06
C CYS IB 248 -9.57 -14.45 60.26
N LEU IB 249 -10.45 -13.69 60.91
CA LEU IB 249 -11.33 -12.77 60.21
C LEU IB 249 -11.33 -11.36 60.80
N THR IB 250 -11.96 -10.44 60.08
CA THR IB 250 -12.14 -9.11 60.60
C THR IB 250 -13.60 -8.91 60.87
N GLU IB 251 -13.90 -7.99 61.78
CA GLU IB 251 -15.25 -7.77 62.21
C GLU IB 251 -16.19 -7.46 61.05
N GLU IB 252 -15.70 -6.74 60.06
CA GLU IB 252 -16.50 -6.48 58.88
C GLU IB 252 -17.01 -7.79 58.30
N GLN IB 253 -16.09 -8.72 58.13
CA GLN IB 253 -16.44 -10.04 57.62
C GLN IB 253 -17.53 -10.67 58.46
N MET IB 254 -17.51 -10.40 59.76
CA MET IB 254 -18.49 -11.02 60.63
C MET IB 254 -19.86 -10.35 60.61
N ARG IB 255 -19.91 -9.03 60.39
CA ARG IB 255 -21.20 -8.38 60.12
C ARG IB 255 -21.76 -8.99 58.86
N GLU IB 256 -20.87 -9.25 57.92
CA GLU IB 256 -21.26 -9.79 56.64
C GLU IB 256 -21.86 -11.17 56.76
N ALA IB 257 -21.18 -12.07 57.45
CA ALA IB 257 -21.65 -13.45 57.59
C ALA IB 257 -23.00 -13.51 58.29
N GLN IB 258 -23.45 -12.37 58.84
CA GLN IB 258 -24.71 -12.30 59.56
C GLN IB 258 -25.89 -11.82 58.71
N LYS IB 259 -25.66 -11.55 57.43
CA LYS IB 259 -26.76 -11.17 56.56
C LYS IB 259 -27.70 -12.35 56.37
N TRP IB 260 -27.15 -13.55 56.39
CA TRP IB 260 -27.88 -14.78 56.08
C TRP IB 260 -28.42 -15.50 57.31
N SER IB 261 -28.13 -14.97 58.48
CA SER IB 261 -28.70 -15.51 59.72
C SER IB 261 -30.22 -15.51 59.60
N GLN IB 262 -30.83 -16.62 59.95
CA GLN IB 262 -32.27 -16.76 59.84
C GLN IB 262 -32.85 -17.10 61.19
N PRO IB 263 -32.94 -16.08 62.07
CA PRO IB 263 -33.18 -16.18 63.50
C PRO IB 263 -34.37 -17.06 63.83
N TRP IB 264 -35.42 -16.89 63.05
CA TRP IB 264 -36.68 -17.56 63.32
C TRP IB 264 -36.57 -19.08 63.22
N LEU IB 265 -35.51 -19.55 62.60
CA LEU IB 265 -35.39 -20.98 62.31
C LEU IB 265 -35.36 -21.86 63.56
N GLU IB 266 -34.91 -21.32 64.69
CA GLU IB 266 -34.85 -22.09 65.92
C GLU IB 266 -36.16 -22.03 66.69
N PHE IB 267 -37.00 -21.10 66.26
CA PHE IB 267 -38.33 -20.91 66.84
C PHE IB 267 -39.44 -21.55 66.01
N ASP IB 268 -39.04 -22.33 65.00
CA ASP IB 268 -39.97 -22.82 63.99
C ASP IB 268 -41.00 -23.88 64.40
N MET IB 269 -40.88 -24.46 65.61
CA MET IB 269 -41.93 -25.38 66.05
C MET IB 269 -42.06 -26.52 65.05
N MET IB 270 -43.01 -26.39 64.15
CA MET IB 270 -43.29 -27.42 63.15
C MET IB 270 -42.08 -28.07 62.48
N ARG IB 271 -40.95 -27.36 62.41
CA ARG IB 271 -39.73 -27.85 61.75
C ARG IB 271 -38.87 -28.81 62.56
N GLU IB 272 -39.03 -28.79 63.87
CA GLU IB 272 -38.28 -29.69 64.75
C GLU IB 272 -38.72 -31.11 64.50
N TYR IB 273 -37.82 -32.06 64.73
CA TYR IB 273 -38.18 -33.45 64.56
C TYR IB 273 -38.45 -34.13 65.90
N ASP IB 274 -39.54 -34.90 65.95
CA ASP IB 274 -39.92 -35.61 67.17
C ASP IB 274 -39.79 -37.12 67.00
N THR IB 275 -39.34 -37.75 68.07
CA THR IB 275 -38.79 -39.09 68.05
C THR IB 275 -39.46 -39.97 69.09
N SER IB 276 -39.45 -39.48 70.33
CA SER IB 276 -39.38 -40.27 71.55
C SER IB 276 -40.21 -41.55 71.61
N LYS IB 277 -41.43 -41.51 71.08
CA LYS IB 277 -42.23 -42.73 71.01
C LYS IB 277 -41.48 -43.84 70.26
N ILE IB 278 -40.99 -43.48 69.07
CA ILE IB 278 -40.19 -44.38 68.24
C ILE IB 278 -38.97 -44.88 68.99
N GLU IB 279 -38.29 -43.95 69.66
CA GLU IB 279 -37.11 -44.25 70.45
C GLU IB 279 -37.34 -45.37 71.47
N ALA IB 280 -38.39 -45.21 72.26
CA ALA IB 280 -38.76 -46.24 73.23
C ALA IB 280 -39.01 -47.55 72.50
N ALA IB 281 -39.77 -47.47 71.42
CA ALA IB 281 -40.17 -48.67 70.70
C ALA IB 281 -38.97 -49.49 70.22
N ILE IB 282 -38.04 -48.84 69.55
CA ILE IB 282 -36.90 -49.50 68.95
C ILE IB 282 -35.85 -49.87 70.00
N TRP IB 283 -35.79 -49.09 71.06
CA TRP IB 283 -34.94 -49.44 72.18
C TRP IB 283 -35.44 -50.77 72.73
N ASP IB 284 -36.77 -50.91 72.74
CA ASP IB 284 -37.42 -52.12 73.19
C ASP IB 284 -37.20 -53.27 72.20
N GLU IB 285 -37.12 -52.93 70.93
CA GLU IB 285 -36.80 -53.90 69.89
C GLU IB 285 -35.41 -54.47 70.14
N ILE IB 286 -34.51 -53.60 70.58
CA ILE IB 286 -33.16 -53.98 70.93
C ILE IB 286 -33.12 -54.92 72.13
N GLU IB 287 -33.79 -54.54 73.21
CA GLU IB 287 -33.93 -55.43 74.37
C GLU IB 287 -34.45 -56.81 73.95
N ALA IB 288 -35.54 -56.82 73.20
CA ALA IB 288 -36.14 -58.04 72.68
C ALA IB 288 -35.18 -58.82 71.77
N SER IB 289 -34.17 -58.14 71.22
CA SER IB 289 -33.13 -58.80 70.40
C SER IB 289 -31.99 -59.46 71.19
N LYS IB 290 -31.47 -58.78 72.21
CA LYS IB 290 -30.46 -59.39 73.07
C LYS IB 290 -31.05 -60.56 73.80
N ASN IB 291 -32.33 -60.42 74.16
CA ASN IB 291 -33.09 -61.46 74.85
C ASN IB 291 -32.96 -62.84 74.20
N SER IB 292 -33.20 -62.90 72.89
CA SER IB 292 -33.22 -64.17 72.17
C SER IB 292 -31.82 -64.70 71.89
N LEU JB 10 -78.65 23.51 -6.08
CA LEU JB 10 -79.67 22.52 -5.74
C LEU JB 10 -79.04 21.23 -5.23
N ARG JB 11 -78.73 21.20 -3.94
CA ARG JB 11 -78.13 20.01 -3.34
C ARG JB 11 -79.15 18.90 -3.32
N SER JB 12 -78.78 17.78 -3.93
CA SER JB 12 -79.71 16.70 -4.12
C SER JB 12 -79.09 15.44 -3.60
N ARG JB 13 -79.90 14.62 -2.96
CA ARG JB 13 -79.37 13.42 -2.35
C ARG JB 13 -80.21 12.24 -2.72
N VAL JB 14 -79.69 11.08 -2.42
CA VAL JB 14 -80.39 9.86 -2.73
C VAL JB 14 -81.18 9.46 -1.51
N THR JB 15 -82.49 9.60 -1.61
CA THR JB 15 -83.39 9.23 -0.55
C THR JB 15 -83.48 7.72 -0.35
N ASP JB 16 -83.54 7.05 -1.49
CA ASP JB 16 -84.06 5.69 -1.62
C ASP JB 16 -83.03 4.61 -1.47
N ARG JB 17 -81.83 5.01 -1.04
CA ARG JB 17 -80.71 4.10 -1.00
C ARG JB 17 -81.11 2.75 -0.38
N TYR JB 18 -82.08 2.83 0.52
CA TYR JB 18 -82.64 1.68 1.17
C TYR JB 18 -83.00 0.54 0.18
N TRP JB 19 -83.85 0.82 -0.80
CA TRP JB 19 -84.28 -0.21 -1.77
C TRP JB 19 -83.12 -0.72 -2.57
N ARG JB 20 -82.28 0.20 -3.03
CA ARG JB 20 -81.10 -0.13 -3.82
C ARG JB 20 -80.38 -1.29 -3.15
N VAL JB 21 -80.20 -1.16 -1.85
CA VAL JB 21 -79.59 -2.25 -1.09
C VAL JB 21 -80.46 -3.49 -1.04
N GLN JB 22 -81.73 -3.30 -0.70
CA GLN JB 22 -82.61 -4.43 -0.47
C GLN JB 22 -82.76 -5.34 -1.67
N GLU JB 23 -82.62 -4.75 -2.84
CA GLU JB 23 -82.77 -5.45 -4.12
C GLU JB 23 -81.59 -6.39 -4.38
N VAL JB 24 -80.47 -6.09 -3.75
CA VAL JB 24 -79.36 -7.01 -3.68
C VAL JB 24 -79.59 -8.04 -2.60
N LEU JB 25 -80.05 -7.56 -1.46
CA LEU JB 25 -80.11 -8.40 -0.28
C LEU JB 25 -81.16 -9.47 -0.33
N LYS JB 26 -82.12 -9.34 -1.25
CA LYS JB 26 -83.07 -10.41 -1.47
C LYS JB 26 -82.30 -11.68 -1.61
N HIS JB 27 -81.29 -11.63 -2.46
CA HIS JB 27 -80.61 -12.83 -2.90
C HIS JB 27 -79.56 -13.25 -1.90
N ALA JB 28 -79.22 -12.36 -1.00
CA ALA JB 28 -78.14 -12.67 -0.09
C ALA JB 28 -78.63 -13.33 1.18
N ARG JB 29 -79.93 -13.54 1.29
CA ARG JB 29 -80.52 -14.01 2.54
C ARG JB 29 -79.88 -15.29 3.05
N HIS JB 30 -79.83 -16.29 2.19
CA HIS JB 30 -79.54 -17.64 2.63
C HIS JB 30 -78.07 -17.96 2.68
N PHE JB 31 -77.23 -16.98 2.41
CA PHE JB 31 -75.80 -17.20 2.50
C PHE JB 31 -75.38 -17.43 3.91
N ARG JB 32 -74.30 -18.19 4.08
CA ARG JB 32 -73.70 -18.33 5.39
C ARG JB 32 -72.72 -17.18 5.64
N GLY JB 33 -72.57 -16.78 6.90
CA GLY JB 33 -71.52 -15.85 7.30
C GLY JB 33 -71.94 -14.40 7.38
N ARG JB 34 -70.98 -13.49 7.26
CA ARG JB 34 -71.31 -12.08 7.27
C ARG JB 34 -71.70 -11.65 5.87
N LYS JB 35 -71.56 -12.60 4.95
CA LYS JB 35 -71.96 -12.39 3.58
C LYS JB 35 -73.44 -12.07 3.39
N ASN JB 36 -74.27 -12.42 4.37
CA ASN JB 36 -75.72 -12.31 4.19
C ASN JB 36 -76.34 -11.03 4.72
N ARG JB 37 -75.52 -10.09 5.16
CA ARG JB 37 -76.04 -8.77 5.58
C ARG JB 37 -75.30 -7.60 4.98
N CYS JB 38 -74.02 -7.47 5.31
CA CYS JB 38 -73.27 -6.28 4.96
C CYS JB 38 -73.19 -6.13 3.47
N TYR JB 39 -73.60 -4.97 3.00
CA TYR JB 39 -73.82 -4.78 1.61
C TYR JB 39 -72.60 -5.00 0.73
N ARG JB 40 -71.42 -4.62 1.20
CA ARG JB 40 -70.20 -4.80 0.43
C ARG JB 40 -70.03 -6.29 0.05
N LEU JB 41 -69.76 -7.07 1.08
CA LEU JB 41 -69.52 -8.49 0.94
C LEU JB 41 -70.63 -9.18 0.18
N ALA JB 42 -71.84 -8.73 0.48
CA ALA JB 42 -73.05 -9.26 -0.11
C ALA JB 42 -73.07 -9.09 -1.62
N VAL JB 43 -72.79 -7.86 -2.04
CA VAL JB 43 -72.75 -7.55 -3.44
C VAL JB 43 -71.90 -8.58 -4.09
N ARG JB 44 -70.67 -8.69 -3.61
CA ARG JB 44 -69.72 -9.52 -4.36
C ARG JB 44 -70.22 -10.95 -4.42
N ALA JB 45 -70.63 -11.43 -3.26
CA ALA JB 45 -71.13 -12.79 -3.14
C ALA JB 45 -72.25 -13.04 -4.14
N VAL JB 46 -73.09 -12.03 -4.29
CA VAL JB 46 -74.27 -12.14 -5.11
C VAL JB 46 -73.87 -12.19 -6.57
N THR JB 47 -72.81 -11.46 -6.90
CA THR JB 47 -72.33 -11.51 -8.25
C THR JB 47 -71.87 -12.93 -8.53
N ARG JB 48 -70.93 -13.44 -7.73
CA ARG JB 48 -70.42 -14.80 -7.96
C ARG JB 48 -71.53 -15.81 -8.06
N ALA JB 49 -72.54 -15.60 -7.24
CA ALA JB 49 -73.69 -16.48 -7.21
C ALA JB 49 -74.39 -16.49 -8.54
N PHE JB 50 -74.82 -15.34 -9.02
CA PHE JB 50 -75.51 -15.29 -10.29
C PHE JB 50 -74.69 -15.91 -11.40
N VAL JB 51 -73.41 -15.58 -11.40
CA VAL JB 51 -72.56 -16.07 -12.45
C VAL JB 51 -72.50 -17.56 -12.45
N LYS JB 52 -72.15 -18.08 -11.30
CA LYS JB 52 -71.96 -19.49 -11.17
C LYS JB 52 -73.25 -20.13 -11.58
N CYS JB 53 -74.35 -19.43 -11.30
CA CYS JB 53 -75.67 -19.88 -11.68
C CYS JB 53 -75.77 -20.08 -13.17
N THR JB 54 -75.27 -19.13 -13.92
CA THR JB 54 -75.34 -19.26 -15.37
C THR JB 54 -74.43 -20.36 -15.93
N ARG JB 55 -73.15 -20.38 -15.58
CA ARG JB 55 -72.28 -21.42 -16.10
C ARG JB 55 -72.89 -22.77 -15.77
N ALA JB 56 -73.49 -22.83 -14.59
CA ALA JB 56 -74.19 -24.03 -14.14
C ALA JB 56 -75.36 -24.40 -15.04
N ARG JB 57 -76.07 -23.39 -15.49
CA ARG JB 57 -77.21 -23.64 -16.36
C ARG JB 57 -76.80 -24.38 -17.63
N ARG JB 58 -75.59 -24.12 -18.10
CA ARG JB 58 -75.04 -24.77 -19.28
C ARG JB 58 -74.48 -26.15 -18.97
N LEU JB 59 -73.90 -26.27 -17.78
CA LEU JB 59 -73.40 -27.56 -17.33
C LEU JB 59 -74.48 -28.61 -17.14
N LYS JB 60 -75.61 -28.13 -16.63
CA LYS JB 60 -76.72 -28.93 -16.17
C LYS JB 60 -77.13 -29.98 -17.20
N LYS JB 61 -77.02 -29.59 -18.45
CA LYS JB 61 -77.40 -30.43 -19.57
C LYS JB 61 -76.40 -31.59 -19.78
N ARG JB 62 -75.11 -31.29 -19.66
CA ARG JB 62 -74.08 -32.34 -19.61
C ARG JB 62 -74.35 -33.32 -18.50
N SER JB 63 -74.50 -32.77 -17.30
CA SER JB 63 -74.74 -33.60 -16.12
C SER JB 63 -75.88 -34.57 -16.38
N LEU JB 64 -76.99 -34.04 -16.82
CA LEU JB 64 -78.13 -34.87 -17.10
C LEU JB 64 -77.81 -35.94 -18.11
N ARG JB 65 -77.10 -35.56 -19.15
CA ARG JB 65 -76.82 -36.54 -20.18
C ARG JB 65 -75.97 -37.66 -19.63
N THR JB 66 -75.06 -37.33 -18.73
CA THR JB 66 -74.19 -38.36 -18.19
C THR JB 66 -74.95 -39.29 -17.30
N LEU JB 67 -75.74 -38.71 -16.39
CA LEU JB 67 -76.63 -39.48 -15.55
C LEU JB 67 -77.39 -40.49 -16.40
N TRP JB 68 -77.99 -39.95 -17.45
CA TRP JB 68 -78.73 -40.76 -18.39
C TRP JB 68 -77.93 -41.92 -18.90
N ILE JB 69 -76.81 -41.58 -19.51
CA ILE JB 69 -76.00 -42.55 -20.18
C ILE JB 69 -75.65 -43.66 -19.24
N ASN JB 70 -75.29 -43.30 -18.02
CA ASN JB 70 -74.96 -44.33 -17.06
C ASN JB 70 -76.16 -45.21 -16.77
N ARG JB 71 -77.35 -44.62 -16.72
CA ARG JB 71 -78.54 -45.45 -16.47
C ARG JB 71 -78.71 -46.47 -17.59
N ILE JB 72 -78.75 -45.95 -18.80
CA ILE JB 72 -78.85 -46.75 -20.00
C ILE JB 72 -77.84 -47.87 -19.95
N THR JB 73 -76.63 -47.50 -19.57
CA THR JB 73 -75.54 -48.45 -19.48
C THR JB 73 -75.91 -49.53 -18.53
N ALA JB 74 -76.41 -49.13 -17.36
CA ALA JB 74 -76.71 -50.08 -16.30
C ALA JB 74 -77.72 -51.12 -16.76
N ALA JB 75 -78.86 -50.67 -17.27
CA ALA JB 75 -79.88 -51.60 -17.71
C ALA JB 75 -79.35 -52.46 -18.86
N SER JB 76 -78.60 -51.84 -19.75
CA SER JB 76 -77.99 -52.57 -20.86
C SER JB 76 -77.13 -53.71 -20.34
N GLN JB 77 -76.43 -53.44 -19.25
CA GLN JB 77 -75.56 -54.42 -18.62
C GLN JB 77 -76.40 -55.54 -18.06
N GLU JB 78 -77.52 -55.17 -17.45
CA GLU JB 78 -78.39 -56.16 -16.86
C GLU JB 78 -78.81 -57.22 -17.88
N HIS JB 79 -78.77 -56.86 -19.15
CA HIS JB 79 -79.09 -57.79 -20.21
C HIS JB 79 -77.86 -58.37 -20.87
N GLY JB 80 -76.69 -58.07 -20.31
CA GLY JB 80 -75.46 -58.64 -20.79
C GLY JB 80 -75.03 -58.00 -22.09
N LEU JB 81 -75.23 -56.70 -22.16
CA LEU JB 81 -74.89 -55.94 -23.35
C LEU JB 81 -74.25 -54.59 -23.02
N LYS JB 82 -73.09 -54.29 -23.60
CA LYS JB 82 -72.42 -53.03 -23.23
C LYS JB 82 -73.16 -51.86 -23.85
N TYR JB 83 -72.77 -50.64 -23.49
CA TYR JB 83 -73.52 -49.46 -23.93
C TYR JB 83 -73.42 -49.18 -25.42
N PRO JB 84 -72.20 -49.06 -25.94
CA PRO JB 84 -72.07 -48.54 -27.30
C PRO JB 84 -72.72 -49.44 -28.32
N ALA JB 85 -72.46 -50.73 -28.16
CA ALA JB 85 -73.08 -51.74 -28.97
C ALA JB 85 -74.59 -51.54 -28.99
N PHE JB 86 -75.20 -51.44 -27.80
CA PHE JB 86 -76.64 -51.22 -27.66
C PHE JB 86 -77.12 -50.02 -28.46
N ILE JB 87 -76.51 -48.86 -28.22
CA ILE JB 87 -76.98 -47.62 -28.84
C ILE JB 87 -76.89 -47.62 -30.35
N ILE JB 88 -75.72 -47.94 -30.87
CA ILE JB 88 -75.57 -47.94 -32.30
C ILE JB 88 -76.49 -48.94 -32.94
N ASN JB 89 -76.44 -50.18 -32.48
CA ASN JB 89 -77.23 -51.23 -33.11
C ASN JB 89 -78.71 -51.00 -32.90
N LEU JB 90 -79.05 -50.08 -32.01
CA LEU JB 90 -80.42 -49.60 -31.91
C LEU JB 90 -80.69 -48.58 -33.01
N ILE JB 91 -79.72 -47.72 -33.28
CA ILE JB 91 -79.86 -46.75 -34.37
C ILE JB 91 -80.05 -47.44 -35.71
N LYS JB 92 -79.18 -48.42 -35.99
CA LYS JB 92 -79.11 -49.08 -37.29
C LYS JB 92 -80.45 -49.69 -37.68
N CYS JB 93 -81.34 -49.76 -36.72
CA CYS JB 93 -82.69 -50.24 -36.90
C CYS JB 93 -83.65 -49.10 -37.15
N GLN JB 94 -83.10 -47.91 -37.36
CA GLN JB 94 -83.89 -46.74 -37.69
C GLN JB 94 -84.83 -46.43 -36.56
N VAL JB 95 -84.32 -46.55 -35.34
CA VAL JB 95 -85.08 -46.10 -34.20
C VAL JB 95 -84.36 -44.94 -33.54
N GLU JB 96 -84.92 -43.75 -33.71
CA GLU JB 96 -84.35 -42.60 -33.06
C GLU JB 96 -85.02 -42.47 -31.74
N LEU JB 97 -84.25 -42.69 -30.69
CA LEU JB 97 -84.75 -42.44 -29.38
C LEU JB 97 -83.73 -41.61 -28.65
N ASN JB 98 -84.24 -40.65 -27.90
CA ASN JB 98 -83.44 -39.82 -27.03
C ASN JB 98 -82.80 -40.66 -25.94
N ARG JB 99 -81.74 -40.14 -25.36
CA ARG JB 99 -81.17 -40.82 -24.23
C ARG JB 99 -82.05 -40.60 -22.99
N LYS JB 100 -82.73 -39.46 -22.93
CA LYS JB 100 -83.68 -39.20 -21.85
C LYS JB 100 -84.72 -40.31 -21.76
N VAL JB 101 -85.43 -40.45 -22.87
CA VAL JB 101 -86.55 -41.36 -22.94
C VAL JB 101 -86.07 -42.79 -22.88
N LEU JB 102 -84.87 -43.05 -23.39
CA LEU JB 102 -84.25 -44.33 -23.21
C LEU JB 102 -84.15 -44.69 -21.73
N ALA JB 103 -83.47 -43.84 -20.95
CA ALA JB 103 -83.27 -44.08 -19.51
C ALA JB 103 -84.57 -44.27 -18.75
N ASP JB 104 -85.60 -43.52 -19.13
CA ASP JB 104 -86.87 -43.72 -18.45
C ASP JB 104 -87.59 -45.01 -18.90
N LEU JB 105 -87.30 -45.48 -20.11
CA LEU JB 105 -87.75 -46.81 -20.52
C LEU JB 105 -87.01 -47.90 -19.76
N ALA JB 106 -85.81 -47.60 -19.26
CA ALA JB 106 -85.06 -48.56 -18.43
C ALA JB 106 -85.50 -48.57 -16.97
N ILE JB 107 -85.95 -47.43 -16.46
CA ILE JB 107 -86.49 -47.44 -15.11
C ILE JB 107 -87.92 -47.90 -15.08
N TYR JB 108 -88.80 -47.19 -15.75
CA TYR JB 108 -90.24 -47.46 -15.60
C TYR JB 108 -90.81 -48.45 -16.60
N GLU JB 109 -89.98 -49.00 -17.49
CA GLU JB 109 -90.49 -49.93 -18.50
C GLU JB 109 -89.53 -51.08 -18.79
N PRO JB 110 -89.28 -51.92 -17.78
CA PRO JB 110 -88.24 -52.95 -17.90
C PRO JB 110 -88.52 -53.91 -19.03
N LYS JB 111 -89.82 -54.17 -19.24
CA LYS JB 111 -90.25 -55.08 -20.28
C LYS JB 111 -89.89 -54.55 -21.65
N THR JB 112 -90.46 -53.39 -21.96
CA THR JB 112 -90.28 -52.71 -23.22
C THR JB 112 -88.80 -52.60 -23.53
N PHE JB 113 -88.07 -52.23 -22.50
CA PHE JB 113 -86.65 -52.04 -22.62
C PHE JB 113 -85.97 -53.34 -22.96
N LYS JB 114 -86.27 -54.41 -22.23
CA LYS JB 114 -85.61 -55.67 -22.50
C LYS JB 114 -85.85 -56.05 -23.94
N SER JB 115 -87.02 -55.71 -24.45
CA SER JB 115 -87.32 -55.97 -25.85
C SER JB 115 -86.44 -55.14 -26.76
N LEU JB 116 -86.20 -53.90 -26.38
CA LEU JB 116 -85.29 -53.03 -27.14
C LEU JB 116 -83.89 -53.61 -27.23
N ALA JB 117 -83.34 -54.00 -26.10
CA ALA JB 117 -82.00 -54.59 -26.07
C ALA JB 117 -81.94 -55.88 -26.85
N ALA JB 118 -83.02 -56.63 -26.81
CA ALA JB 118 -83.08 -57.83 -27.62
C ALA JB 118 -83.00 -57.45 -29.08
N LEU JB 119 -83.70 -56.38 -29.43
CA LEU JB 119 -83.72 -55.92 -30.81
C LEU JB 119 -82.33 -55.64 -31.27
N ALA JB 120 -81.67 -54.76 -30.52
CA ALA JB 120 -80.33 -54.35 -30.86
C ALA JB 120 -79.37 -55.54 -30.86
N LYS JB 121 -79.60 -56.50 -29.97
CA LYS JB 121 -78.73 -57.64 -29.87
C LYS JB 121 -78.85 -58.45 -31.15
N ARG JB 122 -80.11 -58.69 -31.51
CA ARG JB 122 -80.48 -59.37 -32.73
C ARG JB 122 -79.78 -58.74 -33.91
N ARG JB 123 -79.94 -57.42 -34.05
CA ARG JB 123 -79.34 -56.68 -35.15
C ARG JB 123 -77.81 -56.76 -35.15
N ARG JB 124 -77.21 -56.82 -33.96
CA ARG JB 124 -75.75 -56.83 -33.88
C ARG JB 124 -75.23 -58.14 -34.41
N GLU JB 125 -75.75 -59.24 -33.88
CA GLU JB 125 -75.29 -60.54 -34.35
C GLU JB 125 -75.58 -60.68 -35.82
N GLU JB 126 -76.72 -60.15 -36.25
CA GLU JB 126 -77.09 -60.14 -37.65
C GLU JB 126 -76.07 -59.35 -38.47
N GLY JB 127 -75.42 -58.40 -37.80
CA GLY JB 127 -74.34 -57.64 -38.41
C GLY JB 127 -73.06 -58.42 -38.46
N PHE JB 128 -72.78 -59.20 -37.42
CA PHE JB 128 -71.58 -60.01 -37.39
C PHE JB 128 -71.61 -61.01 -38.50
N ALA JB 129 -72.76 -61.63 -38.68
CA ALA JB 129 -72.96 -62.57 -39.77
C ALA JB 129 -73.04 -61.84 -41.11
N ALA JB 130 -73.48 -60.58 -41.09
CA ALA JB 130 -73.55 -59.79 -42.32
C ALA JB 130 -72.17 -59.48 -42.89
N ALA JB 131 -71.25 -59.12 -42.01
CA ALA JB 131 -69.88 -58.82 -42.42
C ALA JB 131 -69.04 -60.09 -42.61
N LEU JB 132 -69.34 -61.14 -41.84
CA LEU JB 132 -68.58 -62.40 -41.93
C LEU JB 132 -69.01 -63.22 -43.14
N GLY JB 133 -70.27 -63.06 -43.56
CA GLY JB 133 -70.82 -63.80 -44.68
C GLY JB 133 -70.14 -63.46 -46.00
N ASP JB 134 -69.76 -62.19 -46.15
CA ASP JB 134 -69.02 -61.68 -47.31
C ASP JB 134 -69.74 -61.81 -48.65
N GLY JB 135 -71.06 -61.56 -48.65
CA GLY JB 135 -71.83 -61.61 -49.86
C GLY JB 135 -73.01 -60.67 -49.77
N LYS JB 136 -73.48 -60.22 -50.94
CA LYS JB 136 -74.50 -59.17 -51.03
C LYS JB 136 -75.96 -59.62 -50.86
N GLU JB 137 -76.22 -60.91 -51.07
CA GLU JB 137 -77.59 -61.42 -51.10
C GLU JB 137 -78.32 -61.28 -49.77
N PRO JB 138 -77.74 -61.79 -48.66
CA PRO JB 138 -78.53 -61.66 -47.44
C PRO JB 138 -78.71 -60.21 -46.95
N ASP JB 139 -79.96 -59.84 -46.71
CA ASP JB 139 -80.31 -58.72 -45.83
C ASP JB 139 -80.96 -59.35 -44.63
N GLY JB 140 -80.40 -59.13 -43.44
CA GLY JB 140 -81.08 -59.58 -42.24
C GLY JB 140 -82.45 -58.95 -42.26
N ILE JB 141 -83.44 -59.60 -41.65
CA ILE JB 141 -84.80 -59.08 -41.68
C ILE JB 141 -84.87 -57.69 -41.06
N PHE JB 142 -84.00 -57.45 -40.08
CA PHE JB 142 -83.87 -56.14 -39.48
C PHE JB 142 -82.76 -55.26 -40.12
N SER JB 143 -81.90 -55.87 -40.96
CA SER JB 143 -80.81 -55.16 -41.62
C SER JB 143 -81.30 -54.23 -42.73
N ARG JB 144 -82.53 -54.46 -43.18
CA ARG JB 144 -83.09 -53.68 -44.28
C ARG JB 144 -83.25 -52.22 -43.91
N VAL JB 145 -83.10 -51.38 -44.92
CA VAL JB 145 -83.18 -49.95 -44.73
C VAL JB 145 -84.44 -49.41 -45.39
N VAL JB 146 -85.42 -49.07 -44.58
CA VAL JB 146 -86.68 -48.57 -45.10
C VAL JB 146 -86.53 -47.13 -45.54
N GLN JB 147 -87.40 -46.70 -46.43
CA GLN JB 147 -87.53 -45.29 -46.73
C GLN JB 147 -88.92 -44.83 -46.34
N HIS JB 148 -89.02 -43.52 -46.11
CA HIS JB 148 -90.25 -42.79 -45.81
C HIS JB 148 -91.33 -42.85 -46.92
N ARG JB 149 -92.60 -42.74 -46.53
CA ARG JB 149 -93.69 -42.51 -47.49
C ARG JB 149 -94.63 -41.40 -47.01
N VAL KB 55 -56.37 -77.63 -37.65
CA VAL KB 55 -56.76 -76.69 -36.62
C VAL KB 55 -57.29 -77.42 -35.36
N PRO KB 56 -56.39 -77.73 -34.40
CA PRO KB 56 -56.81 -78.34 -33.13
C PRO KB 56 -57.42 -77.27 -32.25
N LYS KB 57 -57.83 -77.61 -31.03
CA LYS KB 57 -58.40 -76.58 -30.19
C LYS KB 57 -57.30 -75.93 -29.35
N THR KB 58 -56.99 -74.69 -29.70
CA THR KB 58 -56.06 -73.88 -28.93
C THR KB 58 -56.87 -72.69 -28.44
N SER KB 59 -56.41 -72.05 -27.37
CA SER KB 59 -57.13 -70.93 -26.79
C SER KB 59 -57.32 -69.78 -27.77
N LEU KB 60 -56.46 -69.73 -28.80
CA LEU KB 60 -56.59 -68.73 -29.87
C LEU KB 60 -57.45 -69.22 -31.03
N GLY KB 61 -57.07 -70.35 -31.64
CA GLY KB 61 -57.74 -70.83 -32.84
C GLY KB 61 -59.26 -70.77 -32.80
N SER KB 62 -59.85 -70.92 -31.62
CA SER KB 62 -61.30 -70.75 -31.45
C SER KB 62 -61.66 -69.32 -31.01
N PRO KB 63 -62.41 -68.58 -31.85
CA PRO KB 63 -62.84 -67.22 -31.50
C PRO KB 63 -63.59 -67.22 -30.19
N PRO KB 64 -63.16 -66.38 -29.24
CA PRO KB 64 -63.70 -66.45 -27.88
C PRO KB 64 -65.03 -65.74 -27.74
N TRP KB 65 -66.09 -66.36 -28.25
CA TRP KB 65 -67.45 -65.83 -28.15
C TRP KB 65 -68.42 -66.84 -28.75
N PRO KB 66 -69.65 -66.92 -28.20
CA PRO KB 66 -70.62 -67.92 -28.68
C PRO KB 66 -70.98 -67.74 -30.16
N ASP KB 67 -70.99 -68.84 -30.89
CA ASP KB 67 -71.29 -68.82 -32.33
C ASP KB 67 -72.76 -68.47 -32.58
N ILE KB 68 -73.05 -68.09 -33.83
CA ILE KB 68 -74.36 -67.51 -34.16
C ILE KB 68 -75.23 -68.36 -35.10
N VAL KB 69 -76.52 -68.43 -34.79
CA VAL KB 69 -77.52 -69.04 -35.67
C VAL KB 69 -78.78 -68.18 -35.75
N LEU KB 70 -79.09 -67.69 -36.95
CA LEU KB 70 -80.33 -66.98 -37.23
C LEU KB 70 -81.23 -67.78 -38.19
N PRO KB 71 -82.50 -68.02 -37.80
CA PRO KB 71 -83.39 -68.85 -38.61
C PRO KB 71 -83.55 -68.36 -40.04
N ASP KB 72 -83.92 -69.27 -40.93
CA ASP KB 72 -84.17 -68.96 -42.32
C ASP KB 72 -85.29 -67.93 -42.44
N PRO KB 73 -85.06 -66.89 -43.26
CA PRO KB 73 -85.95 -65.75 -43.52
C PRO KB 73 -87.40 -66.10 -43.85
N VAL KB 74 -87.65 -67.27 -44.44
CA VAL KB 74 -89.00 -67.69 -44.73
C VAL KB 74 -89.72 -68.09 -43.44
N GLU KB 75 -89.04 -68.90 -42.62
CA GLU KB 75 -89.56 -69.30 -41.31
C GLU KB 75 -89.86 -68.08 -40.46
N GLU KB 76 -88.95 -67.11 -40.52
CA GLU KB 76 -89.10 -65.88 -39.77
C GLU KB 76 -90.20 -65.00 -40.35
N THR KB 77 -90.41 -65.05 -41.66
CA THR KB 77 -91.48 -64.27 -42.28
C THR KB 77 -92.82 -64.80 -41.80
N ARG KB 78 -92.95 -66.13 -41.78
CA ARG KB 78 -94.15 -66.79 -41.25
C ARG KB 78 -94.36 -66.44 -39.78
N HIS KB 79 -93.30 -66.61 -38.99
CA HIS KB 79 -93.33 -66.40 -37.55
C HIS KB 79 -93.76 -64.97 -37.23
N HIS KB 80 -93.23 -64.05 -38.03
CA HIS KB 80 -93.56 -62.63 -37.90
C HIS KB 80 -95.02 -62.36 -38.20
N ALA KB 81 -95.48 -62.74 -39.39
CA ALA KB 81 -96.87 -62.50 -39.77
C ALA KB 81 -97.77 -63.03 -38.68
N GLU KB 82 -97.37 -64.18 -38.14
CA GLU KB 82 -98.05 -64.80 -37.01
C GLU KB 82 -98.12 -63.89 -35.79
N VAL KB 83 -96.95 -63.44 -35.33
CA VAL KB 83 -96.87 -62.66 -34.10
C VAL KB 83 -97.67 -61.37 -34.24
N VAL KB 84 -97.44 -60.67 -35.35
CA VAL KB 84 -98.17 -59.46 -35.69
C VAL KB 84 -99.68 -59.67 -35.66
N GLY KB 85 -100.13 -60.77 -36.26
CA GLY KB 85 -101.53 -61.09 -36.28
C GLY KB 85 -102.10 -61.27 -34.89
N GLN KB 86 -101.42 -62.10 -34.09
CA GLN KB 86 -101.81 -62.34 -32.71
C GLN KB 86 -102.02 -61.04 -31.96
N VAL KB 87 -101.02 -60.18 -32.08
CA VAL KB 87 -101.08 -58.87 -31.47
C VAL KB 87 -102.25 -58.06 -31.98
N ASN KB 88 -102.40 -57.99 -33.30
CA ASN KB 88 -103.50 -57.27 -33.93
C ASN KB 88 -104.84 -57.76 -33.41
N GLU KB 89 -104.86 -59.01 -32.96
CA GLU KB 89 -106.05 -59.58 -32.36
C GLU KB 89 -106.20 -59.11 -30.91
N LEU KB 90 -105.07 -58.92 -30.22
CA LEU KB 90 -105.13 -58.32 -28.90
C LEU KB 90 -105.65 -56.87 -28.99
N ILE KB 91 -105.36 -56.22 -30.12
CA ILE KB 91 -105.81 -54.84 -30.36
C ILE KB 91 -107.26 -54.79 -30.79
N ALA KB 92 -107.64 -55.67 -31.70
CA ALA KB 92 -109.02 -55.85 -32.09
C ALA KB 92 -109.88 -56.11 -30.86
N ALA KB 93 -109.32 -56.88 -29.91
CA ALA KB 93 -110.01 -57.21 -28.67
C ALA KB 93 -110.09 -56.02 -27.70
N GLY KB 94 -109.07 -55.17 -27.70
CA GLY KB 94 -109.00 -54.06 -26.77
C GLY KB 94 -108.56 -54.52 -25.39
N ARG KB 95 -107.77 -55.60 -25.36
CA ARG KB 95 -107.33 -56.18 -24.10
C ARG KB 95 -106.15 -55.45 -23.46
N TYR KB 96 -105.61 -54.46 -24.16
CA TYR KB 96 -104.56 -53.63 -23.58
C TYR KB 96 -105.18 -52.71 -22.53
N GLY KB 97 -104.63 -52.73 -21.32
CA GLY KB 97 -105.16 -51.84 -20.31
C GLY KB 97 -104.84 -50.37 -20.48
N ARG KB 98 -103.57 -50.02 -20.41
CA ARG KB 98 -103.19 -48.61 -20.44
C ARG KB 98 -101.99 -48.42 -21.34
N LEU KB 99 -102.10 -47.48 -22.28
CA LEU KB 99 -101.04 -47.24 -23.24
C LEU KB 99 -100.09 -46.13 -22.80
N PHE KB 100 -98.80 -46.29 -23.12
CA PHE KB 100 -97.93 -45.12 -23.11
C PHE KB 100 -97.37 -44.99 -24.51
N ALA KB 101 -96.84 -43.82 -24.83
CA ALA KB 101 -96.23 -43.64 -26.13
C ALA KB 101 -95.13 -42.62 -25.99
N VAL KB 102 -94.01 -42.89 -26.66
CA VAL KB 102 -92.91 -41.93 -26.73
C VAL KB 102 -93.14 -41.06 -27.93
N VAL KB 103 -93.29 -39.76 -27.65
CA VAL KB 103 -93.78 -38.80 -28.59
C VAL KB 103 -92.78 -37.72 -28.86
N HIS KB 104 -92.50 -37.47 -30.13
CA HIS KB 104 -91.67 -36.33 -30.46
C HIS KB 104 -92.52 -35.11 -30.55
N PHE KB 105 -92.21 -34.12 -29.74
CA PHE KB 105 -92.92 -32.88 -29.88
C PHE KB 105 -92.11 -31.67 -29.53
N ALA KB 106 -92.28 -30.63 -30.35
CA ALA KB 106 -91.75 -29.30 -30.09
C ALA KB 106 -90.24 -29.31 -29.81
N GLY KB 107 -89.54 -30.27 -30.42
CA GLY KB 107 -88.09 -30.34 -30.35
C GLY KB 107 -87.56 -31.30 -29.31
N HIS KB 108 -88.47 -32.07 -28.73
CA HIS KB 108 -88.11 -32.93 -27.63
C HIS KB 108 -88.77 -34.25 -27.75
N GLN KB 109 -88.37 -35.16 -26.90
CA GLN KB 109 -89.07 -36.41 -26.82
C GLN KB 109 -89.61 -36.56 -25.41
N TRP KB 110 -90.82 -37.10 -25.31
CA TRP KB 110 -91.44 -37.27 -24.00
C TRP KB 110 -92.08 -38.66 -23.89
N LYS KB 111 -92.22 -39.13 -22.65
CA LYS KB 111 -92.91 -40.38 -22.38
C LYS KB 111 -94.30 -40.04 -21.88
N VAL KB 112 -95.30 -40.30 -22.70
CA VAL KB 112 -96.65 -39.83 -22.45
C VAL KB 112 -97.61 -40.96 -22.13
N THR KB 113 -98.44 -40.76 -21.13
CA THR KB 113 -99.50 -41.70 -20.78
C THR KB 113 -100.75 -40.83 -20.60
N ALA KB 114 -101.94 -41.41 -20.66
CA ALA KB 114 -103.15 -40.60 -20.57
C ALA KB 114 -103.27 -39.91 -19.20
N GLU KB 115 -103.97 -38.77 -19.20
CA GLU KB 115 -104.32 -37.96 -18.03
C GLU KB 115 -103.23 -37.00 -17.57
N ASP KB 116 -102.09 -37.02 -18.26
CA ASP KB 116 -100.91 -36.33 -17.76
C ASP KB 116 -100.61 -34.98 -18.35
N LEU KB 117 -99.42 -34.50 -18.00
CA LEU KB 117 -99.09 -33.09 -18.08
C LEU KB 117 -97.69 -32.90 -18.61
N ILE KB 118 -97.49 -32.10 -19.66
CA ILE KB 118 -96.14 -31.63 -19.90
C ILE KB 118 -96.09 -30.14 -20.15
N LEU KB 119 -94.91 -29.61 -19.84
CA LEU KB 119 -94.59 -28.20 -19.95
C LEU KB 119 -93.69 -27.95 -21.14
N ILE KB 120 -94.20 -27.23 -22.11
CA ILE KB 120 -93.44 -26.99 -23.31
C ILE KB 120 -92.82 -25.63 -23.19
N GLU KB 121 -91.59 -25.55 -23.66
CA GLU KB 121 -90.83 -24.37 -23.42
C GLU KB 121 -91.16 -23.23 -24.39
N ASN KB 122 -91.88 -23.50 -25.47
CA ASN KB 122 -92.19 -22.42 -26.40
C ASN KB 122 -93.67 -22.16 -26.56
N GLU KB 123 -94.01 -20.97 -27.04
CA GLU KB 123 -95.40 -20.60 -27.26
C GLU KB 123 -96.01 -21.30 -28.47
N LEU KB 124 -97.17 -21.93 -28.27
CA LEU KB 124 -97.93 -22.49 -29.38
C LEU KB 124 -99.19 -21.70 -29.53
N ASP KB 125 -99.58 -21.40 -30.77
CA ASP KB 125 -100.77 -20.57 -30.94
C ASP KB 125 -101.95 -21.49 -31.10
N VAL KB 126 -102.71 -21.57 -30.02
CA VAL KB 126 -103.95 -22.29 -29.98
C VAL KB 126 -104.72 -21.60 -28.88
N ALA KB 127 -106.03 -21.53 -29.03
CA ALA KB 127 -106.87 -20.99 -27.97
C ALA KB 127 -106.73 -21.91 -26.78
N CYS KB 128 -106.76 -21.34 -25.58
CA CYS KB 128 -106.62 -22.20 -24.42
C CYS KB 128 -107.81 -23.16 -24.34
N GLY KB 129 -107.48 -24.45 -24.23
CA GLY KB 129 -108.50 -25.48 -24.15
C GLY KB 129 -108.71 -26.31 -25.40
N GLU KB 130 -108.07 -25.92 -26.50
CA GLU KB 130 -108.25 -26.64 -27.76
C GLU KB 130 -107.76 -28.07 -27.66
N ARG KB 131 -108.41 -28.96 -28.39
CA ARG KB 131 -108.01 -30.36 -28.42
C ARG KB 131 -107.18 -30.59 -29.67
N ILE KB 132 -106.03 -31.24 -29.46
CA ILE KB 132 -104.95 -31.30 -30.43
C ILE KB 132 -104.42 -32.70 -30.67
N ARG KB 133 -104.32 -33.08 -31.93
CA ARG KB 133 -103.77 -34.39 -32.25
C ARG KB 133 -102.28 -34.23 -32.41
N LEU KB 134 -101.54 -34.77 -31.44
CA LEU KB 134 -100.12 -34.93 -31.63
C LEU KB 134 -99.97 -35.97 -32.72
N GLU KB 135 -98.93 -35.83 -33.52
CA GLU KB 135 -98.78 -36.64 -34.71
C GLU KB 135 -97.52 -37.49 -34.66
N LYS KB 136 -96.36 -36.86 -34.52
CA LYS KB 136 -95.16 -37.65 -34.53
C LYS KB 136 -95.09 -38.53 -33.30
N VAL KB 137 -95.09 -39.83 -33.55
CA VAL KB 137 -95.01 -40.81 -32.49
C VAL KB 137 -93.98 -41.86 -32.85
N LEU KB 138 -92.98 -41.91 -32.00
CA LEU KB 138 -91.84 -42.77 -32.13
C LEU KB 138 -92.16 -44.13 -31.59
N LEU KB 139 -92.56 -44.15 -30.32
CA LEU KB 139 -92.88 -45.42 -29.69
C LEU KB 139 -94.30 -45.46 -29.14
N VAL KB 140 -94.84 -46.68 -29.03
CA VAL KB 140 -96.07 -46.97 -28.33
C VAL KB 140 -95.88 -48.22 -27.52
N GLY KB 141 -96.60 -48.33 -26.43
CA GLY KB 141 -96.42 -49.45 -25.55
C GLY KB 141 -97.61 -49.77 -24.67
N ALA KB 142 -97.65 -51.02 -24.26
CA ALA KB 142 -98.63 -51.52 -23.33
C ALA KB 142 -98.05 -52.73 -22.64
N ASP KB 143 -98.67 -53.12 -21.54
CA ASP KB 143 -98.10 -54.12 -20.64
C ASP KB 143 -97.55 -55.33 -21.38
N ASN KB 144 -98.39 -55.92 -22.23
CA ASN KB 144 -98.05 -57.16 -22.89
C ASN KB 144 -97.18 -57.02 -24.12
N PHE KB 145 -97.22 -55.84 -24.73
CA PHE KB 145 -96.68 -55.74 -26.07
C PHE KB 145 -96.32 -54.31 -26.43
N THR KB 146 -95.56 -54.14 -27.50
CA THR KB 146 -95.10 -52.80 -27.83
C THR KB 146 -94.90 -52.53 -29.34
N LEU KB 147 -95.29 -51.32 -29.78
CA LEU KB 147 -95.22 -50.95 -31.20
C LEU KB 147 -94.21 -49.85 -31.47
N LEU KB 148 -93.33 -50.12 -32.43
CA LEU KB 148 -92.14 -49.30 -32.67
C LEU KB 148 -92.03 -48.69 -34.07
N GLY KB 149 -91.90 -47.36 -34.13
CA GLY KB 149 -91.85 -46.69 -35.41
C GLY KB 149 -90.48 -46.69 -36.02
N LYS KB 150 -90.43 -46.85 -37.33
CA LYS KB 150 -89.19 -46.70 -38.07
C LYS KB 150 -89.27 -45.52 -39.03
N PRO KB 151 -88.71 -44.37 -38.64
CA PRO KB 151 -88.64 -44.08 -37.21
C PRO KB 151 -89.92 -43.39 -36.76
N LEU KB 152 -91.05 -43.90 -37.21
CA LEU KB 152 -92.35 -43.28 -36.95
C LEU KB 152 -93.47 -44.27 -37.18
N LEU KB 153 -94.64 -43.98 -36.62
CA LEU KB 153 -95.81 -44.81 -36.79
C LEU KB 153 -96.76 -44.20 -37.81
N GLY KB 154 -97.47 -45.04 -38.55
CA GLY KB 154 -98.52 -44.57 -39.46
C GLY KB 154 -99.63 -43.92 -38.67
N LYS KB 155 -100.09 -42.75 -39.13
CA LYS KB 155 -101.13 -42.00 -38.42
C LYS KB 155 -102.33 -42.86 -38.08
N GLU KB 156 -102.62 -43.76 -39.00
CA GLU KB 156 -103.77 -44.62 -38.93
C GLU KB 156 -103.57 -45.67 -37.83
N LEU KB 157 -102.30 -45.96 -37.57
CA LEU KB 157 -101.93 -46.98 -36.60
C LEU KB 157 -102.15 -46.48 -35.18
N VAL KB 158 -101.95 -45.19 -34.95
CA VAL KB 158 -102.17 -44.66 -33.61
C VAL KB 158 -102.47 -43.17 -33.60
N ARG KB 159 -103.07 -42.72 -32.50
CA ARG KB 159 -103.47 -41.33 -32.40
C ARG KB 159 -103.37 -40.89 -30.95
N VAL KB 160 -102.92 -39.67 -30.72
CA VAL KB 160 -102.85 -39.17 -29.35
C VAL KB 160 -103.37 -37.75 -29.27
N GLU KB 161 -104.42 -37.59 -28.49
CA GLU KB 161 -105.10 -36.31 -28.39
C GLU KB 161 -104.81 -35.66 -27.05
N ALA KB 162 -104.21 -34.48 -27.09
CA ALA KB 162 -103.86 -33.75 -25.89
C ALA KB 162 -104.54 -32.42 -25.87
N THR KB 163 -104.60 -31.83 -24.69
CA THR KB 163 -105.23 -30.54 -24.56
C THR KB 163 -104.26 -29.51 -24.02
N VAL KB 164 -104.28 -28.33 -24.62
CA VAL KB 164 -103.55 -27.20 -24.08
C VAL KB 164 -104.28 -26.70 -22.85
N ILE KB 165 -103.54 -26.62 -21.78
CA ILE KB 165 -104.11 -26.23 -20.52
C ILE KB 165 -103.79 -24.79 -20.19
N GLU KB 166 -102.51 -24.44 -20.10
CA GLU KB 166 -102.17 -23.09 -19.64
C GLU KB 166 -101.07 -22.39 -20.46
N LYS KB 167 -101.40 -21.25 -21.05
CA LYS KB 167 -100.39 -20.37 -21.63
C LYS KB 167 -99.86 -19.52 -20.50
N THR KB 168 -98.55 -19.34 -20.46
CA THR KB 168 -97.94 -18.75 -19.30
C THR KB 168 -96.61 -18.13 -19.64
N GLU KB 169 -96.08 -17.37 -18.69
CA GLU KB 169 -94.72 -16.86 -18.76
C GLU KB 169 -93.86 -17.49 -17.66
N SER KB 170 -92.67 -17.97 -18.03
CA SER KB 170 -91.74 -18.59 -17.08
C SER KB 170 -91.25 -17.63 -16.02
N TRP KB 171 -90.82 -18.18 -14.89
CA TRP KB 171 -90.24 -17.37 -13.83
C TRP KB 171 -88.94 -16.78 -14.30
N PRO KB 172 -88.50 -15.71 -13.66
CA PRO KB 172 -87.27 -15.04 -14.09
C PRO KB 172 -86.02 -15.91 -13.99
N LYS KB 173 -85.27 -16.05 -15.08
CA LYS KB 173 -83.94 -16.68 -15.05
C LYS KB 173 -82.89 -15.60 -15.16
N ILE KB 174 -81.75 -15.83 -14.52
CA ILE KB 174 -80.74 -14.80 -14.45
C ILE KB 174 -79.48 -15.19 -15.19
N ASN KB 175 -79.19 -14.50 -16.28
CA ASN KB 175 -77.97 -14.76 -17.03
C ASN KB 175 -76.94 -13.64 -16.84
N MET KB 176 -75.84 -13.96 -16.14
CA MET KB 176 -74.84 -12.97 -15.75
C MET KB 176 -73.45 -13.26 -16.24
N LYS KB 177 -72.95 -12.46 -17.16
CA LYS KB 177 -71.58 -12.68 -17.61
C LYS KB 177 -70.67 -11.77 -16.82
N PHE KB 178 -69.46 -12.24 -16.53
CA PHE KB 178 -68.55 -11.46 -15.71
C PHE KB 178 -67.08 -11.69 -16.01
N GLN KB 179 -66.28 -10.65 -15.86
CA GLN KB 179 -64.86 -10.77 -16.11
C GLN KB 179 -63.99 -10.42 -14.91
N LYS KB 180 -62.81 -11.04 -14.79
CA LYS KB 180 -61.91 -10.71 -13.69
C LYS KB 180 -61.19 -9.42 -14.01
N ARG KB 181 -61.45 -8.41 -13.19
CA ARG KB 181 -60.73 -7.13 -13.17
C ARG KB 181 -60.57 -6.49 -14.55
N LYS KB 182 -61.47 -6.84 -15.44
CA LYS KB 182 -61.57 -6.15 -16.70
C LYS KB 182 -62.72 -5.20 -16.61
N ASN KB 183 -63.42 -5.25 -15.48
CA ASN KB 183 -64.57 -4.40 -15.25
C ASN KB 183 -65.71 -4.63 -16.24
N TYR KB 184 -66.10 -5.89 -16.41
CA TYR KB 184 -67.25 -6.14 -17.24
C TYR KB 184 -68.24 -7.06 -16.59
N GLN KB 185 -69.36 -6.46 -16.23
CA GLN KB 185 -70.51 -7.18 -15.74
C GLN KB 185 -71.59 -7.00 -16.75
N ARG KB 186 -72.33 -8.04 -17.04
CA ARG KB 186 -73.56 -7.83 -17.73
C ARG KB 186 -74.58 -8.71 -17.07
N LYS KB 187 -75.70 -8.12 -16.68
CA LYS KB 187 -76.74 -8.88 -16.05
C LYS KB 187 -77.96 -8.83 -16.91
N ARG KB 188 -78.52 -9.99 -17.20
CA ARG KB 188 -79.77 -9.99 -17.91
C ARG KB 188 -80.78 -10.86 -17.18
N ILE KB 189 -82.04 -10.44 -17.15
CA ILE KB 189 -83.08 -11.32 -16.66
C ILE KB 189 -84.00 -11.67 -17.80
N THR KB 190 -84.17 -12.98 -17.97
CA THR KB 190 -84.89 -13.52 -19.10
C THR KB 190 -86.20 -14.18 -18.65
N VAL KB 191 -87.24 -13.97 -19.46
CA VAL KB 191 -88.49 -14.67 -19.26
C VAL KB 191 -88.94 -15.32 -20.56
N ASN KB 192 -89.32 -16.57 -20.40
CA ASN KB 192 -89.64 -17.46 -21.47
C ASN KB 192 -91.15 -17.76 -21.56
N PRO KB 193 -91.79 -17.58 -22.72
CA PRO KB 193 -93.17 -18.06 -22.82
C PRO KB 193 -93.28 -19.57 -22.75
N GLN KB 194 -94.16 -20.07 -21.90
CA GLN KB 194 -94.33 -21.50 -21.69
C GLN KB 194 -95.77 -21.98 -21.92
N THR KB 195 -95.94 -23.22 -22.36
CA THR KB 195 -97.29 -23.77 -22.56
C THR KB 195 -97.49 -25.17 -22.00
N VAL KB 196 -98.48 -25.32 -21.12
CA VAL KB 196 -98.73 -26.61 -20.52
C VAL KB 196 -99.89 -27.33 -21.17
N LEU KB 197 -99.57 -28.52 -21.66
CA LEU KB 197 -100.55 -29.41 -22.26
C LEU KB 197 -100.91 -30.52 -21.31
N ARG KB 198 -102.17 -30.93 -21.33
CA ARG KB 198 -102.55 -32.20 -20.75
C ARG KB 198 -102.86 -33.20 -21.83
N ILE KB 199 -102.17 -34.33 -21.78
CA ILE KB 199 -102.50 -35.44 -22.63
C ILE KB 199 -103.84 -35.98 -22.14
N ASN KB 200 -104.80 -36.08 -23.07
CA ASN KB 200 -106.12 -36.61 -22.78
C ASN KB 200 -106.20 -38.11 -23.08
N SER KB 201 -106.04 -38.49 -24.34
CA SER KB 201 -106.20 -39.89 -24.70
C SER KB 201 -105.13 -40.42 -25.63
N ILE KB 202 -104.64 -41.61 -25.33
CA ILE KB 202 -103.85 -42.37 -26.29
C ILE KB 202 -104.77 -43.43 -26.87
N GLU KB 203 -105.02 -43.37 -28.17
CA GLU KB 203 -105.95 -44.29 -28.82
C GLU KB 203 -105.25 -45.12 -29.88
N ILE KB 204 -105.43 -46.42 -29.81
CA ILE KB 204 -104.80 -47.28 -30.78
C ILE KB 204 -105.84 -48.04 -31.58
N ALA KB 205 -105.71 -47.94 -32.90
CA ALA KB 205 -106.63 -48.56 -33.86
C ALA KB 205 -106.16 -49.97 -34.22
N PRO KB 206 -107.09 -50.82 -34.71
CA PRO KB 206 -106.77 -52.25 -34.89
C PRO KB 206 -105.70 -52.53 -35.92
N CYS KB 207 -105.67 -51.72 -36.98
CA CYS KB 207 -104.98 -52.13 -38.21
C CYS KB 207 -103.46 -52.20 -38.13
N LEU KB 208 -102.93 -53.39 -38.39
CA LEU KB 208 -101.52 -53.65 -38.59
C LEU KB 208 -101.39 -54.90 -39.44
N CYS KB 209 -100.36 -54.99 -40.27
CA CYS KB 209 -100.15 -56.19 -41.08
C CYS KB 209 -98.73 -56.75 -40.92
N ILE LB 45 -82.76 5.26 23.12
CA ILE LB 45 -82.95 3.95 23.74
C ILE LB 45 -84.21 3.25 23.31
N SER LB 46 -84.40 2.08 23.90
CA SER LB 46 -85.62 1.34 23.72
C SER LB 46 -86.05 0.71 25.06
N ARG LB 47 -87.27 1.03 25.49
CA ARG LB 47 -87.91 0.29 26.57
C ARG LB 47 -89.12 -0.35 25.95
N LYS LB 48 -89.09 -1.66 25.86
CA LYS LB 48 -90.19 -2.36 25.23
C LYS LB 48 -90.63 -3.44 26.20
N TRP LB 49 -89.64 -4.22 26.65
CA TRP LB 49 -89.85 -5.35 27.54
C TRP LB 49 -90.82 -5.06 28.69
N GLU LB 50 -90.58 -3.96 29.42
CA GLU LB 50 -91.42 -3.56 30.57
C GLU LB 50 -92.91 -3.49 30.20
N LYS LB 51 -93.17 -2.74 29.14
CA LYS LB 51 -94.51 -2.53 28.65
C LYS LB 51 -95.24 -3.80 28.17
N LYS LB 52 -94.55 -4.95 28.14
CA LYS LB 52 -95.24 -6.19 27.80
C LYS LB 52 -96.14 -6.66 28.94
N ASN LB 53 -95.99 -6.03 30.11
CA ASN LB 53 -96.82 -6.38 31.27
C ASN LB 53 -98.11 -5.56 31.39
N LYS LB 54 -98.34 -4.71 30.42
CA LYS LB 54 -99.55 -3.91 30.38
C LYS LB 54 -100.60 -4.55 29.50
N ILE LB 55 -100.28 -5.68 28.88
CA ILE LB 55 -101.19 -6.23 27.90
C ILE LB 55 -102.35 -6.98 28.56
N VAL LB 56 -103.56 -6.51 28.31
CA VAL LB 56 -104.77 -7.02 28.95
C VAL LB 56 -105.59 -7.86 27.98
N TYR LB 57 -105.80 -9.12 28.33
CA TYR LB 57 -106.42 -10.08 27.42
C TYR LB 57 -107.95 -10.07 27.51
N PRO LB 58 -108.61 -10.62 26.48
CA PRO LB 58 -110.04 -10.96 26.56
C PRO LB 58 -110.29 -12.15 27.51
N PRO LB 59 -111.31 -12.02 28.37
CA PRO LB 59 -111.69 -13.04 29.36
C PRO LB 59 -111.93 -14.39 28.72
N GLN LB 60 -111.72 -15.42 29.52
CA GLN LB 60 -111.82 -16.78 29.02
C GLN LB 60 -113.25 -17.23 29.04
N LEU LB 61 -113.67 -17.80 27.92
CA LEU LB 61 -114.93 -18.54 27.88
C LEU LB 61 -114.75 -19.81 28.71
N PRO LB 62 -115.79 -20.18 29.46
CA PRO LB 62 -115.76 -21.39 30.30
C PRO LB 62 -115.50 -22.66 29.49
N GLY LB 63 -114.87 -23.65 30.11
CA GLY LB 63 -114.56 -24.90 29.45
C GLY LB 63 -113.21 -24.92 28.77
N GLU LB 64 -112.68 -23.73 28.47
CA GLU LB 64 -111.36 -23.60 27.84
C GLU LB 64 -110.23 -23.81 28.85
N PRO LB 65 -109.03 -24.15 28.36
CA PRO LB 65 -107.87 -24.22 29.27
C PRO LB 65 -107.51 -22.87 29.89
N ARG LB 66 -107.33 -22.83 31.21
CA ARG LB 66 -106.94 -21.59 31.90
C ARG LB 66 -105.51 -21.23 31.52
N ARG LB 67 -105.33 -20.02 31.01
CA ARG LB 67 -104.04 -19.59 30.49
C ARG LB 67 -103.09 -19.27 31.65
N PRO LB 68 -101.85 -19.78 31.57
CA PRO LB 68 -100.89 -19.66 32.66
C PRO LB 68 -100.48 -18.21 32.85
N ALA LB 69 -99.93 -17.89 34.00
CA ALA LB 69 -99.50 -16.53 34.26
C ALA LB 69 -98.21 -16.19 33.50
N GLU LB 70 -98.00 -14.90 33.23
CA GLU LB 70 -96.79 -14.41 32.58
C GLU LB 70 -96.38 -13.08 33.18
N ILE LB 71 -95.10 -12.94 33.49
CA ILE LB 71 -94.61 -11.68 34.02
C ILE LB 71 -93.28 -11.31 33.37
N TYR LB 72 -93.20 -10.12 32.79
CA TYR LB 72 -91.96 -9.62 32.24
C TYR LB 72 -91.36 -8.63 33.21
N HIS LB 73 -90.11 -8.85 33.61
CA HIS LB 73 -89.45 -7.88 34.48
C HIS LB 73 -87.97 -7.80 34.17
N CYS LB 74 -87.43 -6.58 34.22
CA CYS LB 74 -86.05 -6.35 33.81
C CYS LB 74 -85.38 -5.16 34.49
N ARG LB 75 -84.09 -5.26 34.76
CA ARG LB 75 -83.37 -4.15 35.33
C ARG LB 75 -82.48 -3.54 34.25
N ARG LB 76 -82.32 -2.21 34.28
CA ARG LB 76 -81.56 -1.51 33.25
C ARG LB 76 -80.32 -0.79 33.80
N GLN LB 77 -79.30 -0.69 32.95
CA GLN LB 77 -78.06 0.02 33.27
C GLN LB 77 -77.22 -0.57 34.40
N ILE LB 78 -76.98 -1.88 34.35
CA ILE LB 78 -76.13 -2.53 35.36
C ILE LB 78 -74.65 -2.36 35.02
N LYS LB 79 -73.83 -2.14 36.05
CA LYS LB 79 -72.39 -1.89 35.91
C LYS LB 79 -71.61 -3.14 35.48
N TYR LB 80 -72.30 -4.26 35.38
CA TYR LB 80 -71.69 -5.47 34.85
C TYR LB 80 -71.47 -5.41 33.35
N SER LB 81 -70.61 -6.28 32.85
CA SER LB 81 -70.45 -6.46 31.40
C SER LB 81 -71.54 -7.33 30.81
N LYS LB 82 -71.80 -7.17 29.52
CA LYS LB 82 -72.82 -7.96 28.85
C LYS LB 82 -72.55 -9.46 28.91
N ASP LB 83 -71.31 -9.83 28.67
CA ASP LB 83 -70.93 -11.23 28.54
C ASP LB 83 -70.92 -11.98 29.84
N LYS LB 84 -70.20 -11.44 30.81
CA LYS LB 84 -70.12 -12.08 32.11
C LYS LB 84 -71.54 -12.26 32.61
N MET LB 85 -72.38 -11.28 32.33
CA MET LB 85 -73.79 -11.36 32.63
C MET LB 85 -74.43 -12.56 31.97
N TRP LB 86 -74.07 -12.73 30.70
CA TRP LB 86 -74.72 -13.75 29.90
C TRP LB 86 -74.70 -15.05 30.63
N TYR LB 87 -73.53 -15.48 31.05
CA TYR LB 87 -73.37 -16.78 31.69
C TYR LB 87 -74.31 -17.00 32.85
N LEU LB 88 -74.47 -15.96 33.67
CA LEU LB 88 -75.39 -16.06 34.77
C LEU LB 88 -76.78 -16.30 34.22
N ALA LB 89 -77.24 -15.42 33.33
CA ALA LB 89 -78.61 -15.54 32.83
C ALA LB 89 -78.86 -16.83 32.03
N LYS LB 90 -77.79 -17.50 31.64
CA LYS LB 90 -77.90 -18.80 30.98
C LYS LB 90 -78.04 -19.89 32.01
N LEU LB 91 -77.39 -19.68 33.15
CA LEU LB 91 -77.41 -20.67 34.20
C LEU LB 91 -78.82 -21.00 34.70
N ILE LB 92 -79.67 -19.99 34.79
CA ILE LB 92 -80.94 -20.16 35.47
C ILE LB 92 -82.12 -20.54 34.59
N ARG LB 93 -81.94 -20.51 33.27
CA ARG LB 93 -83.05 -20.83 32.37
C ARG LB 93 -83.64 -22.22 32.58
N GLY LB 94 -84.95 -22.27 32.74
CA GLY LB 94 -85.65 -23.53 32.84
C GLY LB 94 -85.93 -23.93 34.27
N MET LB 95 -85.21 -23.34 35.21
CA MET LB 95 -85.36 -23.75 36.60
C MET LB 95 -86.62 -23.21 37.24
N SER LB 96 -87.06 -23.91 38.28
CA SER LB 96 -88.07 -23.38 39.20
C SER LB 96 -87.41 -22.22 39.91
N ILE LB 97 -88.19 -21.17 40.21
CA ILE LB 97 -87.57 -19.94 40.69
C ILE LB 97 -86.77 -20.16 41.98
N ASP LB 98 -87.20 -21.08 42.83
CA ASP LB 98 -86.48 -21.28 44.09
C ASP LB 98 -85.14 -21.95 43.83
N GLN LB 99 -85.14 -22.86 42.88
CA GLN LB 99 -83.90 -23.47 42.41
C GLN LB 99 -82.95 -22.41 41.93
N ALA LB 100 -83.50 -21.52 41.12
CA ALA LB 100 -82.75 -20.44 40.55
C ALA LB 100 -82.07 -19.64 41.64
N LEU LB 101 -82.86 -19.19 42.62
CA LEU LB 101 -82.31 -18.38 43.70
C LEU LB 101 -81.29 -19.17 44.52
N ALA LB 102 -81.47 -20.49 44.52
CA ALA LB 102 -80.53 -21.37 45.19
C ALA LB 102 -79.16 -21.26 44.55
N GLN LB 103 -79.10 -21.51 43.24
CA GLN LB 103 -77.85 -21.38 42.51
C GLN LB 103 -77.26 -20.00 42.66
N LEU LB 104 -78.07 -19.01 42.30
CA LEU LB 104 -77.67 -17.61 42.32
C LEU LB 104 -77.05 -17.17 43.59
N GLU LB 105 -77.61 -17.63 44.70
CA GLU LB 105 -77.18 -17.18 46.00
C GLU LB 105 -75.71 -17.42 46.27
N PHE LB 106 -75.27 -18.63 45.96
CA PHE LB 106 -73.94 -19.06 46.38
C PHE LB 106 -72.84 -18.73 45.38
N SER LB 107 -73.20 -18.33 44.17
CA SER LB 107 -72.17 -18.00 43.19
C SER LB 107 -71.40 -16.78 43.61
N ASP LB 108 -70.20 -16.65 43.07
CA ASP LB 108 -69.28 -15.61 43.48
C ASP LB 108 -69.32 -14.36 42.60
N LYS LB 109 -70.03 -14.46 41.48
CA LYS LB 109 -70.07 -13.39 40.50
C LYS LB 109 -70.69 -12.12 41.08
N LYS LB 110 -70.31 -10.97 40.57
CA LYS LB 110 -70.94 -9.74 40.99
C LYS LB 110 -72.39 -9.72 40.57
N GLY LB 111 -72.64 -10.17 39.35
CA GLY LB 111 -73.97 -10.11 38.78
C GLY LB 111 -74.97 -10.93 39.56
N ALA LB 112 -74.44 -11.92 40.29
CA ALA LB 112 -75.25 -12.89 41.01
C ALA LB 112 -76.29 -12.22 41.88
N GLN LB 113 -75.82 -11.33 42.74
CA GLN LB 113 -76.71 -10.60 43.62
C GLN LB 113 -77.81 -9.89 42.86
N ILE LB 114 -77.43 -9.30 41.73
CA ILE LB 114 -78.28 -8.36 41.05
C ILE LB 114 -79.42 -9.06 40.31
N ILE LB 115 -79.04 -10.05 39.51
CA ILE LB 115 -80.01 -10.93 38.97
C ILE LB 115 -80.90 -11.43 40.12
N LYS LB 116 -80.29 -11.80 41.25
CA LYS LB 116 -81.04 -12.32 42.40
C LYS LB 116 -82.18 -11.41 42.86
N GLU LB 117 -81.85 -10.15 43.10
CA GLU LB 117 -82.85 -9.18 43.47
C GLU LB 117 -83.93 -9.07 42.39
N VAL LB 118 -83.53 -9.06 41.12
CA VAL LB 118 -84.54 -8.97 40.07
C VAL LB 118 -85.50 -10.14 40.16
N LEU LB 119 -85.00 -11.31 40.52
CA LEU LB 119 -85.87 -12.46 40.64
C LEU LB 119 -86.84 -12.33 41.81
N LEU LB 120 -86.36 -11.77 42.93
CA LEU LB 120 -87.25 -11.58 44.08
C LEU LB 120 -88.35 -10.59 43.74
N GLU LB 121 -87.93 -9.47 43.17
CA GLU LB 121 -88.82 -8.44 42.67
C GLU LB 121 -89.89 -9.04 41.77
N ALA LB 122 -89.44 -9.77 40.77
CA ALA LB 122 -90.31 -10.41 39.81
C ALA LB 122 -91.33 -11.29 40.50
N GLN LB 123 -90.85 -12.13 41.40
CA GLN LB 123 -91.72 -13.02 42.15
C GLN LB 123 -92.88 -12.25 42.84
N ASP LB 124 -92.49 -11.25 43.62
CA ASP LB 124 -93.43 -10.53 44.46
C ASP LB 124 -94.39 -9.68 43.67
N MET LB 125 -93.90 -9.13 42.57
CA MET LB 125 -94.76 -8.40 41.67
C MET LB 125 -95.75 -9.35 41.03
N ALA LB 126 -95.29 -10.56 40.74
CA ALA LB 126 -96.12 -11.54 40.08
C ALA LB 126 -97.35 -11.82 40.92
N VAL LB 127 -97.11 -12.14 42.19
CA VAL LB 127 -98.25 -12.45 43.05
C VAL LB 127 -99.06 -11.23 43.47
N ARG LB 128 -98.38 -10.10 43.70
CA ARG LB 128 -99.05 -8.89 44.16
C ARG LB 128 -99.85 -8.23 43.04
N ASP LB 129 -99.15 -7.82 41.97
CA ASP LB 129 -99.76 -7.03 40.90
C ASP LB 129 -100.63 -7.85 39.94
N HIS LB 130 -100.22 -9.07 39.66
CA HIS LB 130 -101.04 -9.99 38.90
C HIS LB 130 -101.60 -10.99 39.87
N ASN LB 131 -102.43 -11.92 39.40
CA ASN LB 131 -102.96 -12.91 40.32
C ASN LB 131 -102.25 -14.25 40.14
N VAL LB 132 -101.52 -14.64 41.18
CA VAL LB 132 -100.87 -15.92 41.23
C VAL LB 132 -100.98 -16.48 42.64
N GLU LB 133 -101.46 -17.71 42.75
CA GLU LB 133 -101.31 -18.48 43.99
C GLU LB 133 -99.88 -19.02 44.01
N PHE LB 134 -99.38 -19.37 45.19
CA PHE LB 134 -98.19 -20.22 45.27
C PHE LB 134 -96.93 -19.64 44.61
N ARG LB 135 -96.28 -18.71 45.27
CA ARG LB 135 -95.12 -18.04 44.68
C ARG LB 135 -93.91 -18.92 44.32
N SER LB 136 -93.94 -20.18 44.71
CA SER LB 136 -92.93 -21.14 44.28
C SER LB 136 -93.40 -21.95 43.07
N ASN LB 137 -94.55 -21.60 42.53
CA ASN LB 137 -95.13 -22.30 41.37
C ASN LB 137 -94.58 -21.75 40.06
N LEU LB 138 -93.68 -20.78 40.17
CA LEU LB 138 -93.03 -20.17 39.01
C LEU LB 138 -91.82 -20.93 38.46
N TYR LB 139 -91.52 -20.70 37.19
CA TYR LB 139 -90.24 -21.10 36.61
C TYR LB 139 -89.73 -19.99 35.72
N VAL LB 140 -88.46 -20.07 35.34
CA VAL LB 140 -87.89 -19.07 34.45
C VAL LB 140 -88.12 -19.47 33.00
N ALA LB 141 -88.87 -18.64 32.29
CA ALA LB 141 -89.06 -18.85 30.87
C ALA LB 141 -87.87 -18.28 30.14
N GLU LB 142 -87.68 -16.98 30.22
CA GLU LB 142 -86.67 -16.38 29.37
C GLU LB 142 -85.74 -15.45 30.10
N SER LB 143 -84.46 -15.74 30.04
CA SER LB 143 -83.50 -14.98 30.83
C SER LB 143 -82.29 -14.59 29.99
N THR LB 144 -82.05 -13.28 29.88
CA THR LB 144 -81.03 -12.80 28.97
C THR LB 144 -80.48 -11.42 29.29
N SER LB 145 -79.37 -11.08 28.64
CA SER LB 145 -78.72 -9.80 28.79
C SER LB 145 -78.61 -9.03 27.50
N GLY LB 146 -78.92 -7.74 27.54
CA GLY LB 146 -78.57 -6.84 26.44
C GLY LB 146 -77.44 -5.90 26.84
N ARG LB 147 -76.83 -5.22 25.88
CA ARG LB 147 -75.78 -4.26 26.22
C ARG LB 147 -76.41 -2.91 26.38
N GLY LB 148 -75.92 -2.14 27.34
CA GLY LB 148 -76.49 -0.83 27.62
C GLY LB 148 -75.73 0.26 26.88
N GLN LB 149 -75.94 1.52 27.24
CA GLN LB 149 -75.16 2.60 26.65
C GLN LB 149 -73.85 2.74 27.40
N TYR LB 150 -72.76 2.72 26.65
CA TYR LB 150 -71.43 2.65 27.22
C TYR LB 150 -70.76 4.01 27.39
N LEU LB 151 -70.13 4.21 28.53
CA LEU LB 151 -69.33 5.40 28.69
C LEU LB 151 -68.02 5.26 27.93
N LYS LB 152 -67.34 6.38 27.66
CA LYS LB 152 -66.05 6.34 26.97
C LYS LB 152 -64.93 7.11 27.71
N ARG LB 153 -63.75 6.51 27.82
CA ARG LB 153 -62.63 7.09 28.59
C ARG LB 153 -61.29 6.89 27.92
N ILE LB 154 -60.27 7.53 28.45
CA ILE LB 154 -58.91 7.26 27.99
C ILE LB 154 -58.29 6.11 28.74
N ARG LB 155 -57.54 5.25 28.06
CA ARG LB 155 -56.62 4.40 28.81
C ARG LB 155 -55.21 4.69 28.33
N TYR LB 156 -54.39 5.30 29.19
CA TYR LB 156 -53.04 5.72 28.83
C TYR LB 156 -52.18 4.53 28.50
N HIS LB 157 -51.10 4.73 27.77
CA HIS LB 157 -50.16 3.63 27.71
C HIS LB 157 -48.77 3.96 28.14
N GLY LB 158 -48.02 4.58 27.25
CA GLY LB 158 -46.64 4.89 27.51
C GLY LB 158 -46.14 5.23 26.14
N ARG LB 159 -45.02 5.93 26.05
CA ARG LB 159 -44.67 6.60 24.81
C ARG LB 159 -45.87 7.41 24.34
N GLY LB 160 -46.70 7.84 25.29
CA GLY LB 160 -47.85 8.65 24.99
C GLY LB 160 -48.87 8.10 24.01
N ARG LB 161 -48.87 6.79 23.78
CA ARG LB 161 -49.98 6.23 23.04
C ARG LB 161 -51.14 6.04 23.99
N PHE LB 162 -52.35 6.12 23.45
CA PHE LB 162 -53.50 5.90 24.26
C PHE LB 162 -54.54 5.07 23.57
N GLY LB 163 -55.05 4.10 24.31
CA GLY LB 163 -56.18 3.34 23.88
C GLY LB 163 -57.41 4.08 24.31
N ILE LB 164 -58.51 3.77 23.65
CA ILE LB 164 -59.78 4.32 24.05
C ILE LB 164 -60.52 3.22 24.77
N MET LB 165 -61.05 3.57 25.92
CA MET LB 165 -61.59 2.62 26.87
C MET LB 165 -63.10 2.78 26.95
N GLU LB 166 -63.79 1.71 27.29
CA GLU LB 166 -65.24 1.72 27.33
C GLU LB 166 -65.67 1.37 28.73
N LYS LB 167 -66.35 2.25 29.40
CA LYS LB 167 -66.91 1.84 30.66
C LYS LB 167 -68.23 1.16 30.35
N VAL LB 168 -68.37 -0.06 30.83
CA VAL LB 168 -69.41 -0.94 30.34
C VAL LB 168 -70.68 -0.88 31.14
N PHE LB 169 -71.81 -1.02 30.46
CA PHE LB 169 -73.09 -1.21 31.13
C PHE LB 169 -73.98 -2.23 30.46
N CYS LB 170 -74.91 -2.79 31.22
CA CYS LB 170 -75.74 -3.82 30.66
C CYS LB 170 -77.13 -3.98 31.30
N HIS LB 171 -78.02 -4.59 30.52
CA HIS LB 171 -79.42 -4.78 30.88
C HIS LB 171 -79.71 -6.22 31.14
N TYR LB 172 -80.52 -6.49 32.14
CA TYR LB 172 -80.96 -7.85 32.35
C TYR LB 172 -82.47 -7.99 32.24
N PHE LB 173 -82.90 -9.01 31.48
CA PHE LB 173 -84.32 -9.30 31.24
C PHE LB 173 -84.71 -10.70 31.66
N VAL LB 174 -85.88 -10.83 32.27
CA VAL LB 174 -86.42 -12.14 32.54
C VAL LB 174 -87.93 -12.17 32.46
N LYS LB 175 -88.45 -13.24 31.87
CA LYS LB 175 -89.87 -13.50 31.82
C LYS LB 175 -90.11 -14.76 32.63
N LEU LB 176 -91.00 -14.62 33.61
CA LEU LB 176 -91.41 -15.68 34.52
C LEU LB 176 -92.78 -16.22 34.20
N VAL LB 177 -92.89 -17.54 34.12
CA VAL LB 177 -94.16 -18.20 33.83
C VAL LB 177 -94.59 -19.13 34.93
N GLU LB 178 -95.81 -18.97 35.40
CA GLU LB 178 -96.33 -19.83 36.43
C GLU LB 178 -96.63 -21.21 35.90
N GLY LB 179 -96.10 -22.21 36.60
CA GLY LB 179 -96.35 -23.58 36.23
C GLY LB 179 -95.20 -24.45 36.67
N PRO LB 180 -95.33 -25.75 36.47
CA PRO LB 180 -94.20 -26.67 36.70
C PRO LB 180 -93.17 -26.51 35.61
N PRO LB 181 -91.88 -26.57 35.96
CA PRO LB 181 -90.82 -26.36 34.98
C PRO LB 181 -90.95 -27.33 33.85
N PRO LB 182 -90.92 -26.82 32.62
CA PRO LB 182 -90.99 -27.67 31.44
C PRO LB 182 -89.86 -28.67 31.45
N PRO LB 183 -90.18 -29.95 31.21
CA PRO LB 183 -89.30 -31.12 31.34
C PRO LB 183 -88.06 -31.05 30.44
N ARG LB 184 -86.90 -31.32 31.01
CA ARG LB 184 -85.68 -31.22 30.24
C ARG LB 184 -85.63 -32.33 29.21
N GLU LB 185 -84.99 -32.04 28.09
CA GLU LB 185 -84.96 -32.93 26.94
C GLU LB 185 -83.88 -34.01 27.03
N ALA LB 186 -84.33 -35.28 26.98
CA ALA LB 186 -83.44 -36.44 26.98
C ALA LB 186 -82.84 -36.65 25.60
N PRO LB 187 -81.55 -37.03 25.56
CA PRO LB 187 -80.91 -37.44 24.31
C PRO LB 187 -81.75 -38.50 23.60
N LYS LB 188 -81.80 -38.47 22.28
CA LYS LB 188 -82.51 -39.52 21.55
C LYS LB 188 -81.95 -40.89 21.91
N THR LB 189 -82.84 -41.86 22.07
CA THR LB 189 -82.42 -43.25 22.22
C THR LB 189 -82.05 -43.79 20.85
N ALA LB 190 -81.26 -44.85 20.83
CA ALA LB 190 -80.90 -45.54 19.60
C ALA LB 190 -82.14 -45.84 18.73
N VAL LB 191 -83.24 -46.12 19.40
CA VAL LB 191 -84.52 -46.38 18.76
C VAL LB 191 -85.05 -45.20 17.97
N ALA LB 192 -84.66 -44.00 18.38
CA ALA LB 192 -85.01 -42.80 17.65
C ALA LB 192 -84.19 -42.75 16.37
N HIS LB 193 -82.87 -42.65 16.53
CA HIS LB 193 -81.95 -42.56 15.41
C HIS LB 193 -82.20 -43.58 14.32
N ALA LB 194 -82.41 -44.83 14.72
CA ALA LB 194 -82.71 -45.85 13.74
C ALA LB 194 -83.97 -45.46 12.97
N ARG LB 195 -85.04 -45.13 13.70
CA ARG LB 195 -86.28 -44.70 13.09
C ARG LB 195 -86.07 -43.60 12.07
N GLU LB 196 -85.24 -42.63 12.41
CA GLU LB 196 -84.89 -41.55 11.50
C GLU LB 196 -84.34 -42.14 10.23
N TYR LB 197 -83.27 -42.88 10.41
CA TYR LB 197 -82.51 -43.42 9.31
C TYR LB 197 -83.45 -44.11 8.31
N ILE LB 198 -84.35 -44.88 8.87
CA ILE LB 198 -85.28 -45.64 8.04
C ILE LB 198 -86.26 -44.71 7.35
N GLN LB 199 -86.75 -43.75 8.11
CA GLN LB 199 -87.70 -42.79 7.57
C GLN LB 199 -87.10 -42.17 6.32
N GLU LB 200 -85.80 -41.92 6.40
CA GLU LB 200 -85.06 -41.30 5.32
C GLU LB 200 -84.88 -42.22 4.13
N LEU LB 201 -84.38 -43.43 4.36
CA LEU LB 201 -84.24 -44.37 3.26
C LEU LB 201 -85.57 -44.53 2.55
N ARG LB 202 -86.65 -44.34 3.31
CA ARG LB 202 -87.98 -44.42 2.76
C ARG LB 202 -88.54 -43.06 2.34
N ASN LB 203 -87.73 -42.01 2.42
CA ASN LB 203 -88.10 -40.72 1.81
C ASN LB 203 -87.56 -40.65 0.39
N ARG LB 204 -86.74 -41.63 0.05
CA ARG LB 204 -85.96 -41.56 -1.16
C ARG LB 204 -86.81 -41.61 -2.40
N THR LB 205 -86.23 -41.15 -3.50
CA THR LB 205 -86.92 -41.19 -4.78
C THR LB 205 -85.91 -41.27 -5.91
N ILE LB 206 -86.27 -41.94 -6.99
CA ILE LB 206 -85.50 -41.84 -8.20
C ILE LB 206 -85.70 -40.47 -8.77
N THR LB 207 -84.61 -39.77 -8.99
CA THR LB 207 -84.72 -38.40 -9.47
C THR LB 207 -84.35 -38.29 -10.93
N HIS LB 208 -84.99 -37.30 -11.57
CA HIS LB 208 -84.83 -37.01 -12.98
C HIS LB 208 -85.44 -38.15 -13.77
N ALA LB 209 -86.39 -38.79 -13.08
CA ALA LB 209 -86.94 -40.09 -13.44
C ALA LB 209 -88.14 -40.08 -14.39
N LEU LB 210 -88.83 -38.95 -14.50
CA LEU LB 210 -90.02 -38.95 -15.33
C LEU LB 210 -89.65 -38.38 -16.70
N ALA MB 2 -67.43 55.62 51.12
CA ALA MB 2 -68.23 55.14 49.98
C ALA MB 2 -67.39 54.32 49.02
N ARG MB 3 -68.05 53.81 47.98
CA ARG MB 3 -67.44 52.82 47.10
C ARG MB 3 -67.77 53.05 45.63
N ASN MB 4 -66.85 52.68 44.75
CA ASN MB 4 -66.99 52.88 43.30
C ASN MB 4 -66.87 54.34 42.96
N VAL MB 5 -66.62 55.15 43.98
CA VAL MB 5 -66.49 56.59 43.79
C VAL MB 5 -65.08 57.00 43.53
N LEU MB 6 -64.93 58.03 42.71
CA LEU MB 6 -63.69 58.77 42.69
C LEU MB 6 -63.53 59.48 44.04
N TYR MB 7 -62.32 59.47 44.61
CA TYR MB 7 -62.05 60.22 45.84
C TYR MB 7 -61.11 61.33 45.43
N PRO MB 8 -61.26 62.51 46.04
CA PRO MB 8 -60.49 63.66 45.57
C PRO MB 8 -59.03 63.53 45.96
N LEU MB 9 -58.14 63.94 45.07
CA LEU MB 9 -56.73 63.81 45.37
C LEU MB 9 -56.42 64.62 46.59
N TYR MB 10 -55.80 63.99 47.56
CA TYR MB 10 -55.30 64.74 48.69
C TYR MB 10 -53.94 65.31 48.33
N GLN MB 11 -53.71 66.54 48.76
CA GLN MB 11 -52.39 67.16 48.75
C GLN MB 11 -52.30 67.87 50.08
N LEU MB 12 -51.27 68.67 50.32
CA LEU MB 12 -51.14 69.26 51.66
C LEU MB 12 -52.14 70.40 51.93
N GLY MB 13 -52.55 70.53 53.18
CA GLY MB 13 -53.43 71.59 53.60
C GLY MB 13 -54.80 71.52 52.96
N ASN MB 14 -55.19 70.31 52.59
CA ASN MB 14 -56.48 70.08 51.97
C ASN MB 14 -57.56 69.79 52.98
N PRO MB 15 -58.81 70.10 52.63
CA PRO MB 15 -59.96 69.90 53.52
C PRO MB 15 -60.19 68.44 53.85
N GLN MB 16 -60.71 68.16 55.04
CA GLN MB 16 -61.01 66.79 55.41
C GLN MB 16 -62.02 66.25 54.43
N LEU MB 17 -61.78 65.01 53.98
CA LEU MB 17 -62.70 64.32 53.11
C LEU MB 17 -63.85 63.69 53.92
N ARG MB 18 -65.09 64.06 53.60
CA ARG MB 18 -66.26 63.43 54.21
C ARG MB 18 -67.15 62.80 53.16
N VAL MB 19 -67.88 61.78 53.55
CA VAL MB 19 -68.82 61.14 52.64
C VAL MB 19 -70.18 61.08 53.27
N PHE MB 20 -71.13 61.79 52.68
CA PHE MB 20 -72.39 62.03 53.34
C PHE MB 20 -73.31 60.83 53.25
N ARG MB 21 -73.45 60.26 52.07
CA ARG MB 21 -74.19 59.00 51.97
C ARG MB 21 -73.23 57.86 51.61
N THR MB 22 -72.92 57.02 52.59
CA THR MB 22 -71.87 56.01 52.43
C THR MB 22 -72.37 54.81 51.62
N ASN MB 23 -71.53 54.32 50.70
CA ASN MB 23 -71.97 53.33 49.74
C ASN MB 23 -71.81 51.90 50.22
N PHE MB 24 -71.19 51.73 51.37
CA PHE MB 24 -70.85 50.39 51.83
C PHE MB 24 -72.02 49.65 52.42
N PHE MB 25 -71.77 48.40 52.79
CA PHE MB 25 -72.75 47.52 53.39
C PHE MB 25 -72.01 46.48 54.16
N ILE MB 26 -72.73 45.71 54.94
CA ILE MB 26 -72.06 44.88 55.91
C ILE MB 26 -72.84 43.62 56.20
N GLN MB 27 -72.16 42.57 56.63
CA GLN MB 27 -72.87 41.44 57.21
C GLN MB 27 -72.24 40.99 58.53
N LEU MB 28 -73.08 40.76 59.52
CA LEU MB 28 -72.66 40.12 60.77
C LEU MB 28 -72.90 38.61 60.67
N VAL MB 29 -71.84 37.84 60.76
CA VAL MB 29 -71.92 36.41 60.47
C VAL MB 29 -71.44 35.55 61.60
N ARG MB 30 -72.19 34.47 61.86
CA ARG MB 30 -71.80 33.52 62.89
C ARG MB 30 -70.48 32.86 62.52
N PRO MB 31 -69.43 33.09 63.34
CA PRO MB 31 -68.10 32.54 63.06
C PRO MB 31 -68.16 31.04 62.84
N GLY MB 32 -67.52 30.56 61.79
CA GLY MB 32 -67.45 29.13 61.55
C GLY MB 32 -66.59 28.44 62.60
N THR MB 33 -65.79 29.25 63.30
CA THR MB 33 -64.81 28.73 64.25
C THR MB 33 -65.10 29.19 65.70
N ALA MB 34 -64.54 28.44 66.65
CA ALA MB 34 -64.46 28.88 68.02
C ALA MB 34 -63.71 30.21 68.10
N GLN MB 35 -64.30 31.21 68.77
CA GLN MB 35 -63.65 32.50 68.94
C GLN MB 35 -63.94 33.11 70.31
N PRO MB 36 -63.07 34.03 70.79
CA PRO MB 36 -63.35 34.64 72.10
C PRO MB 36 -64.55 35.58 72.04
N GLU MB 37 -65.24 35.79 73.16
CA GLU MB 37 -66.50 36.55 73.14
C GLU MB 37 -66.33 37.97 72.64
N ASP MB 38 -65.15 38.52 72.88
CA ASP MB 38 -64.84 39.92 72.55
C ASP MB 38 -64.88 40.19 71.05
N THR MB 39 -64.89 39.11 70.28
CA THR MB 39 -64.77 39.22 68.84
C THR MB 39 -66.11 39.06 68.15
N VAL MB 40 -66.33 39.90 67.14
CA VAL MB 40 -67.48 39.76 66.26
C VAL MB 40 -66.96 39.74 64.84
N GLN MB 41 -67.73 39.17 63.91
CA GLN MB 41 -67.19 38.94 62.59
C GLN MB 41 -68.02 39.51 61.45
N PHE MB 42 -67.32 40.15 60.50
CA PHE MB 42 -67.98 40.91 59.45
C PHE MB 42 -67.56 40.56 58.03
N ARG MB 43 -68.53 40.31 57.17
CA ARG MB 43 -68.24 40.28 55.74
C ARG MB 43 -68.48 41.66 55.15
N ILE MB 44 -67.42 42.27 54.62
CA ILE MB 44 -67.55 43.63 54.13
C ILE MB 44 -67.24 43.67 52.64
N PRO MB 45 -67.46 44.83 51.99
CA PRO MB 45 -67.07 44.85 50.58
C PRO MB 45 -65.58 45.02 50.43
N MET MB 46 -65.11 44.60 49.27
CA MET MB 46 -63.69 44.47 49.01
C MET MB 46 -62.86 45.72 49.27
N GLU MB 47 -63.44 46.89 48.99
CA GLU MB 47 -62.68 48.14 48.94
C GLU MB 47 -62.62 48.84 50.29
N MET MB 48 -63.12 48.14 51.30
CA MET MB 48 -63.28 48.67 52.64
C MET MB 48 -62.05 48.42 53.55
N THR MB 49 -61.38 49.49 53.93
CA THR MB 49 -60.22 49.42 54.82
C THR MB 49 -60.60 49.14 56.28
N ARG MB 50 -59.62 48.77 57.09
CA ARG MB 50 -59.84 48.56 58.52
C ARG MB 50 -60.47 49.81 59.14
N VAL MB 51 -59.73 50.92 59.03
CA VAL MB 51 -60.13 52.21 59.59
C VAL MB 51 -61.56 52.52 59.25
N ASP MB 52 -61.91 52.19 58.03
CA ASP MB 52 -63.26 52.31 57.55
C ASP MB 52 -64.27 51.50 58.35
N LEU MB 53 -64.05 50.20 58.47
CA LEU MB 53 -64.97 49.37 59.22
C LEU MB 53 -65.16 49.92 60.64
N ARG MB 54 -64.06 50.36 61.23
CA ARG MB 54 -64.07 51.03 62.54
C ARG MB 54 -65.04 52.20 62.59
N ASN MB 55 -64.71 53.23 61.82
CA ASN MB 55 -65.50 54.45 61.81
C ASN MB 55 -66.94 54.18 61.49
N TYR MB 56 -67.15 53.35 60.48
CA TYR MB 56 -68.48 52.91 60.08
C TYR MB 56 -69.24 52.40 61.30
N LEU MB 57 -68.62 51.46 62.02
CA LEU MB 57 -69.27 50.80 63.15
C LEU MB 57 -69.57 51.75 64.31
N GLU MB 58 -68.56 52.53 64.70
CA GLU MB 58 -68.72 53.52 65.76
C GLU MB 58 -69.83 54.50 65.46
N ARG MB 59 -69.76 55.09 64.27
CA ARG MB 59 -70.60 56.21 63.95
C ARG MB 59 -72.03 55.77 63.67
N ILE MB 60 -72.22 54.73 62.88
CA ILE MB 60 -73.59 54.41 62.53
C ILE MB 60 -74.27 53.62 63.62
N TYR MB 61 -73.57 52.66 64.19
CA TYR MB 61 -74.14 51.78 65.20
C TYR MB 61 -73.80 52.07 66.65
N ASN MB 62 -72.91 53.04 66.90
CA ASN MB 62 -72.40 53.31 68.25
C ASN MB 62 -71.82 52.08 68.92
N VAL MB 63 -70.94 51.40 68.21
CA VAL MB 63 -70.29 50.24 68.76
C VAL MB 63 -68.83 50.56 69.08
N PRO MB 64 -68.39 50.29 70.32
CA PRO MB 64 -67.05 50.59 70.86
C PRO MB 64 -65.95 49.65 70.38
N VAL MB 65 -65.37 49.95 69.22
CA VAL MB 65 -64.32 49.09 68.67
C VAL MB 65 -63.00 49.26 69.40
N ALA MB 66 -62.49 48.15 69.94
CA ALA MB 66 -61.12 48.11 70.43
C ALA MB 66 -60.11 47.86 69.30
N ALA MB 67 -60.34 46.84 68.46
CA ALA MB 67 -59.37 46.55 67.38
C ALA MB 67 -59.95 45.77 66.21
N VAL MB 68 -59.21 45.76 65.10
CA VAL MB 68 -59.73 45.23 63.86
C VAL MB 68 -58.68 44.47 63.04
N ARG MB 69 -59.07 43.32 62.51
CA ARG MB 69 -58.22 42.60 61.57
C ARG MB 69 -58.98 42.33 60.28
N THR MB 70 -58.26 42.27 59.17
CA THR MB 70 -58.88 42.07 57.86
C THR MB 70 -58.11 41.06 56.99
N ARG MB 71 -58.84 40.08 56.47
CA ARG MB 71 -58.27 39.05 55.62
C ARG MB 71 -59.17 38.86 54.42
N VAL MB 72 -58.67 38.15 53.40
CA VAL MB 72 -59.45 37.98 52.17
C VAL MB 72 -59.68 36.54 51.80
N GLN MB 73 -60.95 36.13 51.81
CA GLN MB 73 -61.28 34.78 51.43
C GLN MB 73 -61.48 34.70 49.93
N TYR MB 74 -60.82 33.71 49.34
CA TYR MB 74 -60.88 33.45 47.92
C TYR MB 74 -62.00 32.48 47.55
N GLY MB 75 -62.90 32.89 46.64
CA GLY MB 75 -63.97 32.02 46.22
C GLY MB 75 -63.54 31.04 45.14
N SER MB 76 -64.09 29.83 45.20
CA SER MB 76 -63.67 28.72 44.33
C SER MB 76 -63.83 28.97 42.83
N ASN MB 77 -62.77 28.74 42.08
CA ASN MB 77 -62.87 28.85 40.63
C ASN MB 77 -63.08 27.48 39.99
N ARG MB 78 -63.24 26.47 40.81
CA ARG MB 78 -63.22 25.11 40.31
C ARG MB 78 -64.47 24.69 39.52
N ARG MB 79 -65.66 24.88 40.09
CA ARG MB 79 -66.85 24.21 39.57
C ARG MB 79 -67.13 24.56 38.11
N ARG MB 80 -67.74 23.63 37.39
CA ARG MB 80 -67.93 23.82 35.96
C ARG MB 80 -69.40 23.90 35.54
N ASP MB 81 -69.60 24.73 34.52
CA ASP MB 81 -70.86 24.90 33.81
C ASP MB 81 -71.17 23.76 32.84
N HIS MB 82 -72.42 23.67 32.40
CA HIS MB 82 -72.78 22.68 31.38
C HIS MB 82 -71.96 22.81 30.10
N ARG MB 83 -71.37 23.97 29.85
CA ARG MB 83 -70.45 24.09 28.72
C ARG MB 83 -69.00 23.90 29.15
N ASN MB 84 -68.80 23.56 30.41
CA ASN MB 84 -67.48 23.45 31.01
C ASN MB 84 -66.75 24.78 31.08
N ILE MB 85 -67.47 25.89 31.08
CA ILE MB 85 -66.82 27.13 31.46
C ILE MB 85 -66.81 27.15 32.99
N ARG MB 86 -65.88 27.86 33.59
CA ARG MB 86 -65.80 27.85 35.04
C ARG MB 86 -66.82 28.79 35.67
N ILE MB 87 -67.31 28.41 36.85
CA ILE MB 87 -68.15 29.27 37.66
C ILE MB 87 -67.29 29.83 38.80
N LYS MB 88 -67.41 31.12 39.10
CA LYS MB 88 -66.68 31.64 40.25
C LYS MB 88 -67.59 32.17 41.36
N LYS MB 89 -67.61 31.47 42.49
CA LYS MB 89 -68.11 32.06 43.72
C LYS MB 89 -67.19 33.23 44.01
N PRO MB 90 -67.77 34.41 44.25
CA PRO MB 90 -67.00 35.67 44.28
C PRO MB 90 -66.11 35.81 45.50
N ASP MB 91 -64.92 36.36 45.32
CA ASP MB 91 -64.00 36.55 46.45
C ASP MB 91 -64.56 37.62 47.37
N TYR MB 92 -64.36 37.47 48.68
CA TYR MB 92 -64.88 38.49 49.60
C TYR MB 92 -64.01 38.74 50.82
N LYS MB 93 -64.15 39.94 51.36
CA LYS MB 93 -63.31 40.39 52.44
C LYS MB 93 -63.96 40.17 53.79
N VAL MB 94 -63.19 39.59 54.70
CA VAL MB 94 -63.67 39.34 56.05
C VAL MB 94 -62.88 40.22 57.02
N ALA MB 95 -63.55 40.72 58.05
CA ALA MB 95 -62.92 41.54 59.08
C ALA MB 95 -63.42 41.19 60.47
N TYR MB 96 -62.46 40.85 61.32
CA TYR MB 96 -62.70 40.52 62.72
C TYR MB 96 -62.59 41.77 63.57
N VAL MB 97 -63.57 42.02 64.43
CA VAL MB 97 -63.51 43.20 65.30
C VAL MB 97 -63.51 42.80 66.75
N GLN MB 98 -62.98 43.68 67.59
CA GLN MB 98 -62.97 43.44 69.01
C GLN MB 98 -63.36 44.67 69.81
N LEU MB 99 -64.15 44.40 70.85
CA LEU MB 99 -64.94 45.37 71.60
C LEU MB 99 -64.19 45.98 72.79
N ALA MB 100 -64.45 47.27 73.04
CA ALA MB 100 -63.59 48.11 73.91
C ALA MB 100 -63.75 47.95 75.42
N LEU MB 101 -64.99 47.93 75.91
CA LEU MB 101 -65.23 48.07 77.34
C LEU MB 101 -65.34 46.73 78.06
N GLY MB 102 -65.08 45.67 77.33
CA GLY MB 102 -65.15 44.34 77.89
C GLY MB 102 -66.49 43.73 77.57
N GLN MB 103 -67.16 44.33 76.60
CA GLN MB 103 -68.46 43.84 76.18
C GLN MB 103 -68.34 42.47 75.53
N THR MB 104 -69.09 41.50 76.05
CA THR MB 104 -69.06 40.13 75.56
C THR MB 104 -70.23 39.93 74.60
N PHE MB 105 -69.94 39.44 73.39
CA PHE MB 105 -71.01 39.17 72.47
C PHE MB 105 -71.28 37.67 72.31
N THR MB 106 -72.41 37.34 71.70
CA THR MB 106 -72.75 35.98 71.30
C THR MB 106 -73.72 36.08 70.15
N PHE MB 107 -73.58 35.20 69.16
CA PHE MB 107 -74.48 35.26 68.03
C PHE MB 107 -75.85 34.76 68.42
N PRO MB 108 -76.89 35.55 68.10
CA PRO MB 108 -78.28 35.13 68.37
C PRO MB 108 -78.71 33.95 67.54
N ASP MB 109 -79.25 32.94 68.20
CA ASP MB 109 -79.94 31.89 67.50
C ASP MB 109 -81.21 32.53 66.96
N LEU MB 110 -81.40 32.47 65.65
CA LEU MB 110 -82.45 33.27 65.04
C LEU MB 110 -83.75 32.51 64.90
N PHE MB 111 -83.74 31.24 65.28
CA PHE MB 111 -84.85 30.39 64.94
C PHE MB 111 -85.28 29.48 66.09
N PRO MB 112 -86.11 30.04 67.00
CA PRO MB 112 -86.64 29.48 68.24
C PRO MB 112 -87.58 28.28 68.07
N GLU MB 113 -88.05 28.02 66.84
CA GLU MB 113 -88.86 26.83 66.48
C GLU MB 113 -90.35 26.97 66.79
N ARG MB 114 -90.75 28.10 67.34
CA ARG MB 114 -92.17 28.39 67.59
C ARG MB 114 -93.01 28.42 66.31
N LYS MB 115 -94.14 27.73 66.30
CA LYS MB 115 -95.06 27.76 65.17
C LYS MB 115 -96.39 28.43 65.56
N GLY MB 116 -97.34 28.45 64.63
CA GLY MB 116 -98.65 29.05 64.87
C GLY MB 116 -99.80 28.06 64.76
N ARG MB 132 -101.71 10.41 57.75
CA ARG MB 132 -102.29 9.36 58.59
C ARG MB 132 -103.11 8.33 57.79
N GLN MB 133 -103.48 8.69 56.56
CA GLN MB 133 -104.35 7.81 55.76
C GLN MB 133 -103.62 6.56 55.31
N LYS MB 134 -104.17 5.40 55.67
CA LYS MB 134 -103.61 4.15 55.22
C LYS MB 134 -104.54 3.54 54.20
N HIS MB 135 -104.15 3.63 52.93
CA HIS MB 135 -104.89 3.04 51.83
C HIS MB 135 -104.30 1.73 51.33
N SER MB 136 -103.26 1.25 52.01
CA SER MB 136 -102.62 -0.02 51.68
C SER MB 136 -103.63 -1.15 51.54
N PRO MB 137 -103.59 -1.86 50.40
CA PRO MB 137 -104.51 -2.96 50.07
C PRO MB 137 -104.65 -4.01 51.17
N ASP MB 138 -105.84 -4.59 51.26
CA ASP MB 138 -106.11 -5.63 52.24
C ASP MB 138 -105.29 -6.88 51.93
N PRO MB 139 -104.53 -7.35 52.93
CA PRO MB 139 -103.80 -8.62 52.86
C PRO MB 139 -104.65 -9.80 52.39
N ARG MB 140 -105.87 -9.91 52.90
CA ARG MB 140 -106.73 -11.06 52.62
C ARG MB 140 -107.72 -10.83 51.47
N ARG MB 141 -107.62 -9.70 50.77
CA ARG MB 141 -108.50 -9.40 49.64
C ARG MB 141 -108.11 -10.14 48.35
N GLY MB 142 -106.83 -10.41 48.18
CA GLY MB 142 -106.35 -11.10 47.00
C GLY MB 142 -106.25 -10.17 45.81
N GLY MB 143 -106.23 -8.87 46.11
CA GLY MB 143 -106.03 -7.85 45.10
C GLY MB 143 -107.31 -7.28 44.52
N VAL MB 144 -108.45 -7.86 44.86
CA VAL MB 144 -109.73 -7.36 44.37
C VAL MB 144 -109.90 -5.92 44.84
N PRO MB 145 -110.43 -5.06 43.95
CA PRO MB 145 -110.65 -3.63 44.19
C PRO MB 145 -111.83 -3.40 45.14
N GLY MB 146 -111.52 -3.40 46.45
CA GLY MB 146 -112.50 -3.35 47.51
C GLY MB 146 -113.50 -2.20 47.48
N TRP MB 147 -113.27 -1.21 46.61
CA TRP MB 147 -114.29 -0.19 46.33
C TRP MB 147 -115.60 -0.86 45.94
N PHE MB 148 -115.49 -1.95 45.21
CA PHE MB 148 -116.66 -2.67 44.73
C PHE MB 148 -117.29 -3.53 45.82
N GLY MB 149 -118.54 -3.25 46.13
CA GLY MB 149 -119.24 -4.00 47.16
C GLY MB 149 -119.50 -5.44 46.73
N LEU MB 150 -120.20 -5.57 45.61
CA LEU MB 150 -120.53 -6.86 44.98
C LEU MB 150 -121.30 -6.61 43.69
N VAL NB 13 -84.93 37.72 36.42
CA VAL NB 13 -85.47 36.76 35.45
C VAL NB 13 -84.33 36.14 34.63
N THR NB 14 -84.32 34.80 34.56
CA THR NB 14 -83.26 34.06 33.88
C THR NB 14 -83.74 33.29 32.64
N LEU NB 15 -83.36 33.75 31.45
CA LEU NB 15 -83.73 33.08 30.20
C LEU NB 15 -82.59 33.01 29.18
N PRO NB 16 -82.45 31.85 28.51
CA PRO NB 16 -81.67 31.57 27.29
C PRO NB 16 -82.43 31.99 26.01
N PRO NB 17 -81.73 32.17 24.88
CA PRO NB 17 -82.34 32.59 23.61
C PRO NB 17 -83.48 31.70 23.09
N ASN NB 18 -83.28 30.39 23.13
CA ASN NB 18 -84.33 29.44 22.79
C ASN NB 18 -84.92 28.81 24.06
N TYR NB 19 -86.21 29.05 24.28
CA TYR NB 19 -86.85 28.72 25.54
C TYR NB 19 -88.25 28.15 25.31
N ARG NB 20 -88.75 27.40 26.28
CA ARG NB 20 -90.10 26.86 26.21
C ARG NB 20 -90.86 27.05 27.52
N TYR NB 21 -92.06 27.61 27.43
CA TYR NB 21 -92.90 27.87 28.61
C TYR NB 21 -93.91 26.75 28.87
N GLY NB 22 -93.76 26.13 30.03
CA GLY NB 22 -94.58 25.01 30.46
C GLY NB 22 -95.65 25.41 31.46
N MET NB 23 -96.09 26.66 31.37
CA MET NB 23 -97.04 27.29 32.30
C MET NB 23 -96.34 27.70 33.59
N SER NB 24 -95.13 27.18 33.77
CA SER NB 24 -94.36 27.39 34.98
C SER NB 24 -93.51 28.65 34.89
N ARG NB 25 -93.40 29.32 36.04
CA ARG NB 25 -92.60 30.52 36.19
C ARG NB 25 -91.12 30.24 35.89
N PRO NB 26 -90.51 31.13 35.08
CA PRO NB 26 -89.09 31.10 34.68
C PRO NB 26 -88.07 30.85 35.81
N GLY NB 27 -88.38 31.24 37.04
CA GLY NB 27 -87.43 31.09 38.13
C GLY NB 27 -87.65 29.92 39.08
N SER NB 28 -88.34 28.86 38.65
CA SER NB 28 -88.83 27.82 39.56
C SER NB 28 -88.23 26.44 39.39
N LEU NB 29 -88.35 25.63 40.44
CA LEU NB 29 -87.96 24.23 40.43
C LEU NB 29 -88.50 23.49 39.22
N SER NB 30 -89.81 23.64 38.96
CA SER NB 30 -90.45 22.93 37.87
C SER NB 30 -89.85 23.39 36.54
N ASP NB 31 -89.33 24.62 36.53
CA ASP NB 31 -88.74 25.17 35.31
C ASP NB 31 -87.32 24.66 35.04
N LYS NB 32 -86.53 24.49 36.08
CA LYS NB 32 -85.20 23.90 35.92
C LYS NB 32 -85.31 22.40 35.64
N ARG NB 33 -86.40 21.78 36.10
CA ARG NB 33 -86.60 20.35 35.84
C ARG NB 33 -87.13 20.06 34.43
N LYS NB 34 -88.09 20.86 33.95
CA LYS NB 34 -88.64 20.71 32.59
C LYS NB 34 -87.61 21.00 31.50
N ASN NB 35 -87.05 22.20 31.51
CA ASN NB 35 -85.99 22.57 30.57
C ASN NB 35 -84.71 22.95 31.31
N PRO NB 36 -83.86 21.95 31.56
CA PRO NB 36 -82.59 22.09 32.29
C PRO NB 36 -81.65 23.09 31.59
N PRO NB 37 -80.44 23.34 32.13
CA PRO NB 37 -79.58 24.35 31.48
C PRO NB 37 -79.13 24.00 30.06
N GLY NB 38 -79.07 22.72 29.75
CA GLY NB 38 -78.54 22.26 28.48
C GLY NB 38 -79.54 21.81 27.43
N THR NB 39 -80.79 22.28 27.50
CA THR NB 39 -81.75 21.97 26.44
C THR NB 39 -82.16 23.21 25.66
N ARG NB 40 -82.10 23.09 24.34
CA ARG NB 40 -82.76 24.03 23.43
C ARG NB 40 -83.62 23.20 22.47
N ARG NB 41 -84.94 23.32 22.59
CA ARG NB 41 -85.82 22.49 21.76
C ARG NB 41 -86.35 23.28 20.59
N ARG NB 42 -87.11 22.62 19.73
CA ARG NB 42 -87.57 23.23 18.49
C ARG NB 42 -88.41 24.48 18.77
N ARG NB 43 -88.36 25.45 17.86
CA ARG NB 43 -89.12 26.68 18.05
C ARG NB 43 -90.61 26.37 18.03
N VAL NB 44 -91.37 27.20 18.72
CA VAL NB 44 -92.82 27.13 18.68
C VAL NB 44 -93.35 28.34 17.91
N PRO NB 45 -93.99 28.11 16.75
CA PRO NB 45 -94.52 29.27 16.01
C PRO NB 45 -95.62 29.98 16.82
N VAL NB 46 -95.47 31.28 17.00
CA VAL NB 46 -96.47 32.06 17.73
C VAL NB 46 -96.79 33.33 16.96
N GLU NB 47 -98.04 33.43 16.53
CA GLU NB 47 -98.52 34.59 15.80
C GLU NB 47 -98.17 35.86 16.56
N PRO NB 48 -97.47 36.79 15.89
CA PRO NB 48 -97.07 38.03 16.55
C PRO NB 48 -98.27 38.89 16.90
N ILE NB 49 -98.31 39.35 18.15
CA ILE NB 49 -99.30 40.31 18.57
C ILE NB 49 -98.59 41.46 19.27
N SER NB 50 -98.64 42.63 18.64
CA SER NB 50 -98.19 43.86 19.27
C SER NB 50 -98.98 44.04 20.55
N ASP NB 51 -98.35 44.60 21.59
CA ASP NB 51 -98.97 44.71 22.90
C ASP NB 51 -100.27 45.53 22.89
N GLU NB 52 -100.40 46.39 21.89
CA GLU NB 52 -101.53 47.30 21.77
C GLU NB 52 -102.71 46.68 21.02
N ASP NB 53 -102.47 45.53 20.38
CA ASP NB 53 -103.52 44.78 19.70
C ASP NB 53 -104.05 43.65 20.59
N TRP NB 54 -103.55 43.57 21.81
CA TRP NB 54 -103.88 42.48 22.73
C TRP NB 54 -105.08 42.85 23.60
N HIS NB 55 -106.19 42.16 23.40
CA HIS NB 55 -107.47 42.54 24.00
C HIS NB 55 -107.82 41.80 25.29
N LEU NB 56 -106.97 40.87 25.72
CA LEU NB 56 -107.29 39.98 26.84
C LEU NB 56 -106.48 40.24 28.08
N PHE NB 57 -107.17 40.54 29.17
CA PHE NB 57 -106.54 40.66 30.48
C PHE NB 57 -107.07 39.55 31.37
N CYS NB 58 -106.68 39.55 32.64
CA CYS NB 58 -107.12 38.52 33.57
C CYS NB 58 -108.33 38.97 34.41
N GLY NB 59 -109.32 38.09 34.54
CA GLY NB 59 -110.49 38.39 35.35
C GLY NB 59 -111.81 38.62 34.63
N ASP NB 60 -111.77 38.82 33.31
CA ASP NB 60 -112.99 38.97 32.51
C ASP NB 60 -113.59 37.64 32.07
N LYS NB 61 -114.91 37.60 31.97
CA LYS NB 61 -115.57 36.39 31.49
C LYS NB 61 -115.41 36.29 29.98
N VAL NB 62 -114.91 35.13 29.57
CA VAL NB 62 -114.72 34.84 28.16
C VAL NB 62 -115.40 33.53 27.81
N GLU NB 63 -116.05 33.51 26.64
CA GLU NB 63 -116.63 32.27 26.14
C GLU NB 63 -115.56 31.51 25.39
N ILE NB 64 -115.52 30.21 25.66
CA ILE NB 64 -114.57 29.35 24.98
C ILE NB 64 -115.23 28.73 23.75
N LEU NB 65 -114.71 29.07 22.57
CA LEU NB 65 -115.29 28.62 21.31
C LEU NB 65 -114.83 27.20 20.93
N GLU NB 66 -113.96 26.60 21.73
CA GLU NB 66 -113.26 25.39 21.32
C GLU NB 66 -113.00 24.40 22.47
N GLY NB 67 -112.73 23.15 22.11
CA GLY NB 67 -112.40 22.11 23.07
C GLY NB 67 -113.56 21.19 23.38
N LYS NB 68 -113.36 20.28 24.33
CA LYS NB 68 -114.43 19.43 24.81
C LYS NB 68 -115.38 20.28 25.65
N ASP NB 69 -114.83 21.36 26.18
CA ASP NB 69 -115.63 22.34 26.89
C ASP NB 69 -115.67 23.60 26.05
N ALA NB 70 -116.82 23.83 25.42
CA ALA NB 70 -116.98 24.92 24.47
C ALA NB 70 -118.39 25.48 24.57
N GLY NB 71 -118.51 26.78 24.30
CA GLY NB 71 -119.75 27.49 24.51
C GLY NB 71 -119.85 27.96 25.94
N LYS NB 72 -118.97 27.44 26.78
CA LYS NB 72 -118.97 27.80 28.19
C LYS NB 72 -118.36 29.19 28.41
N GLN NB 73 -118.43 29.65 29.64
CA GLN NB 73 -117.92 30.97 30.01
C GLN NB 73 -117.11 30.90 31.28
N GLY NB 74 -115.96 31.57 31.31
CA GLY NB 74 -115.11 31.51 32.49
C GLY NB 74 -114.27 32.74 32.76
N LYS NB 75 -113.81 32.86 33.99
CA LYS NB 75 -112.97 33.97 34.40
C LYS NB 75 -111.49 33.69 34.09
N VAL NB 76 -110.76 34.73 33.69
CA VAL NB 76 -109.33 34.60 33.35
C VAL NB 76 -108.41 34.80 34.55
N VAL NB 77 -107.68 33.74 34.89
CA VAL NB 77 -106.76 33.74 36.03
C VAL NB 77 -105.48 34.51 35.73
N GLN NB 78 -104.70 33.97 34.77
CA GLN NB 78 -103.39 34.52 34.38
C GLN NB 78 -103.12 34.41 32.87
N VAL NB 79 -102.44 35.42 32.33
CA VAL NB 79 -102.07 35.42 30.93
C VAL NB 79 -100.59 35.25 30.70
N ILE NB 80 -100.26 34.36 29.77
CA ILE NB 80 -98.89 34.19 29.30
C ILE NB 80 -98.78 34.86 27.94
N ARG NB 81 -98.13 36.02 27.89
CA ARG NB 81 -98.08 36.78 26.65
C ARG NB 81 -97.07 36.19 25.69
N GLN NB 82 -96.03 35.57 26.24
CA GLN NB 82 -94.92 35.08 25.44
C GLN NB 82 -95.37 34.03 24.43
N ARG NB 83 -96.06 32.99 24.90
CA ARG NB 83 -96.55 32.00 23.96
C ARG NB 83 -98.00 32.29 23.59
N ASN NB 84 -98.50 33.42 24.07
CA ASN NB 84 -99.87 33.87 23.80
C ASN NB 84 -100.98 32.94 24.29
N TRP NB 85 -101.07 32.79 25.61
CA TRP NB 85 -102.10 31.94 26.21
C TRP NB 85 -102.96 32.71 27.18
N VAL NB 86 -104.13 32.14 27.45
CA VAL NB 86 -105.01 32.63 28.50
C VAL NB 86 -105.33 31.45 29.39
N VAL NB 87 -105.83 31.72 30.58
CA VAL NB 87 -106.21 30.66 31.49
C VAL NB 87 -107.60 30.91 32.11
N VAL NB 88 -108.56 30.05 31.79
CA VAL NB 88 -109.87 30.08 32.42
C VAL NB 88 -109.95 29.02 33.52
N GLU NB 89 -110.24 29.45 34.74
CA GLU NB 89 -110.14 28.56 35.90
C GLU NB 89 -111.05 27.33 35.81
N GLY NB 90 -110.43 26.16 35.97
CA GLY NB 90 -111.14 24.89 36.05
C GLY NB 90 -112.11 24.61 34.94
N LEU NB 91 -111.88 25.22 33.77
CA LEU NB 91 -112.77 24.96 32.65
C LEU NB 91 -112.15 24.01 31.65
N ASN NB 92 -111.06 24.41 30.99
CA ASN NB 92 -110.31 23.42 30.23
C ASN NB 92 -109.60 22.57 31.26
N THR NB 93 -109.73 21.26 31.15
CA THR NB 93 -109.34 20.40 32.25
C THR NB 93 -108.67 19.08 31.86
N HIS NB 94 -107.64 18.74 32.62
CA HIS NB 94 -107.11 17.39 32.63
C HIS NB 94 -106.74 17.09 34.08
N TYR NB 95 -106.65 15.82 34.44
CA TYR NB 95 -106.55 15.47 35.85
C TYR NB 95 -105.15 15.00 36.24
N ARG NB 96 -104.62 15.56 37.32
CA ARG NB 96 -103.26 15.23 37.73
C ARG NB 96 -103.18 14.95 39.22
N TYR NB 97 -102.24 14.10 39.63
CA TYR NB 97 -102.03 13.81 41.03
C TYR NB 97 -100.95 14.72 41.59
N VAL NB 98 -101.22 15.34 42.74
CA VAL NB 98 -100.24 16.18 43.41
C VAL NB 98 -99.47 15.37 44.47
N GLY NB 99 -100.17 14.85 45.48
CA GLY NB 99 -99.48 14.14 46.55
C GLY NB 99 -98.94 12.82 46.05
N LYS NB 100 -97.64 12.58 46.20
CA LYS NB 100 -97.12 11.26 45.85
C LYS NB 100 -96.02 10.78 46.78
N THR NB 101 -96.21 9.59 47.33
CA THR NB 101 -95.13 8.84 48.00
C THR NB 101 -95.36 7.34 47.74
N VAL NB 102 -94.44 6.51 48.20
CA VAL NB 102 -94.39 5.10 47.77
C VAL NB 102 -95.71 4.32 47.87
N ASP NB 103 -96.37 4.41 49.03
CA ASP NB 103 -97.62 3.68 49.27
C ASP NB 103 -98.85 4.52 48.91
N TYR NB 104 -98.63 5.77 48.51
CA TYR NB 104 -99.72 6.72 48.45
C TYR NB 104 -99.74 7.49 47.14
N ARG NB 105 -100.77 7.29 46.34
CA ARG NB 105 -101.04 8.24 45.27
C ARG NB 105 -102.20 9.13 45.75
N GLY NB 106 -101.83 10.32 46.20
CA GLY NB 106 -102.78 11.26 46.75
C GLY NB 106 -103.25 12.41 45.87
N THR NB 107 -104.47 12.85 46.18
CA THR NB 107 -105.02 14.12 45.71
C THR NB 107 -105.15 14.28 44.20
N MET NB 108 -106.16 13.65 43.59
CA MET NB 108 -106.40 13.96 42.19
C MET NB 108 -107.09 15.30 42.06
N ILE NB 109 -106.37 16.21 41.44
CA ILE NB 109 -106.74 17.61 41.25
C ILE NB 109 -107.05 17.88 39.79
N PRO NB 110 -108.20 18.50 39.51
CA PRO NB 110 -108.45 19.12 38.20
C PRO NB 110 -107.48 20.27 37.92
N SER NB 111 -106.78 20.25 36.79
CA SER NB 111 -105.92 21.36 36.42
C SER NB 111 -106.29 21.86 35.04
N GLU NB 112 -105.95 23.12 34.80
CA GLU NB 112 -106.36 23.80 33.59
C GLU NB 112 -105.32 23.70 32.50
N ALA NB 113 -105.74 23.13 31.37
CA ALA NB 113 -104.96 23.21 30.14
C ALA NB 113 -105.11 24.62 29.58
N PRO NB 114 -103.99 25.25 29.20
CA PRO NB 114 -104.03 26.63 28.76
C PRO NB 114 -104.77 26.74 27.44
N LEU NB 115 -105.20 27.95 27.09
CA LEU NB 115 -105.91 28.13 25.83
C LEU NB 115 -105.30 29.23 24.99
N LEU NB 116 -105.15 28.93 23.70
CA LEU NB 116 -104.70 29.90 22.74
C LEU NB 116 -105.79 30.97 22.61
N HIS NB 117 -105.45 32.15 22.08
CA HIS NB 117 -106.40 33.26 22.04
C HIS NB 117 -107.29 33.22 20.79
N ASN NB 118 -107.13 32.16 19.99
CA ASN NB 118 -108.04 31.83 18.89
C ASN NB 118 -109.28 31.06 19.33
N GLN NB 119 -109.19 30.42 20.48
CA GLN NB 119 -110.28 29.61 21.01
C GLN NB 119 -111.12 30.34 22.07
N VAL NB 120 -110.77 31.59 22.35
CA VAL NB 120 -111.40 32.37 23.42
C VAL NB 120 -111.84 33.76 22.96
N LYS NB 121 -113.12 34.08 23.13
CA LYS NB 121 -113.59 35.42 22.83
C LYS NB 121 -114.14 36.08 24.07
N LEU NB 122 -114.08 37.41 24.11
CA LEU NB 122 -114.51 38.16 25.29
C LEU NB 122 -116.04 38.30 25.35
N VAL NB 123 -116.60 38.03 26.53
CA VAL NB 123 -118.06 38.06 26.70
C VAL NB 123 -118.52 39.42 27.20
N ASP NB 124 -119.47 40.05 26.51
CA ASP NB 124 -119.89 41.37 26.97
C ASP NB 124 -120.94 41.23 28.10
N PRO NB 125 -120.78 42.01 29.19
CA PRO NB 125 -121.50 41.81 30.45
C PRO NB 125 -123.02 41.81 30.30
N THR NB 126 -123.53 42.65 29.42
CA THR NB 126 -124.97 42.86 29.31
C THR NB 126 -125.76 41.61 28.86
N ASP NB 127 -125.47 41.09 27.67
CA ASP NB 127 -126.22 39.95 27.12
C ASP NB 127 -125.53 38.58 27.28
N ARG NB 128 -124.35 38.58 27.91
CA ARG NB 128 -123.59 37.36 28.18
C ARG NB 128 -123.26 36.58 26.89
N LYS NB 129 -123.27 37.27 25.76
CA LYS NB 129 -122.84 36.67 24.50
C LYS NB 129 -121.33 36.91 24.24
N PRO NB 130 -120.73 36.08 23.36
CA PRO NB 130 -119.37 36.25 22.84
C PRO NB 130 -119.27 37.43 21.85
N THR NB 131 -118.17 38.18 21.87
CA THR NB 131 -118.03 39.31 20.94
C THR NB 131 -116.61 39.53 20.42
N ASP NB 132 -116.51 40.34 19.36
CA ASP NB 132 -115.22 40.74 18.81
C ASP NB 132 -114.78 42.06 19.42
N VAL NB 133 -113.71 42.03 20.20
CA VAL NB 133 -113.23 43.24 20.87
C VAL NB 133 -112.44 44.11 19.90
N GLU NB 134 -112.65 45.42 19.98
CA GLU NB 134 -111.97 46.36 19.11
C GLU NB 134 -111.55 47.60 19.89
N TRP NB 135 -110.28 47.97 19.83
CA TRP NB 135 -109.77 49.08 20.63
C TRP NB 135 -110.18 50.45 20.06
N ARG NB 136 -110.85 51.27 20.88
CA ARG NB 136 -111.29 52.59 20.43
C ARG NB 136 -110.88 53.71 21.39
N PHE NB 137 -110.78 54.89 20.82
CA PHE NB 137 -110.54 56.12 21.57
C PHE NB 137 -111.81 56.97 21.61
N THR NB 138 -112.34 57.19 22.80
CA THR NB 138 -113.51 58.04 22.99
C THR NB 138 -113.07 59.50 23.09
N GLU NB 139 -113.98 60.38 23.51
CA GLU NB 139 -113.74 61.82 23.50
C GLU NB 139 -113.05 62.37 24.75
N ALA NB 140 -112.88 61.55 25.79
CA ALA NB 140 -112.30 62.02 27.05
C ALA NB 140 -110.80 61.73 27.25
N GLY NB 141 -110.15 61.08 26.28
CA GLY NB 141 -108.77 60.67 26.43
C GLY NB 141 -108.64 59.23 26.89
N GLU NB 142 -109.73 58.49 26.74
CA GLU NB 142 -109.87 57.13 27.25
C GLU NB 142 -109.78 56.07 26.15
N ARG NB 143 -109.20 54.93 26.48
CA ARG NB 143 -109.10 53.82 25.54
C ARG NB 143 -109.88 52.60 26.02
N VAL NB 144 -110.97 52.28 25.32
CA VAL NB 144 -111.85 51.20 25.78
C VAL NB 144 -112.08 50.18 24.67
N ARG NB 145 -112.64 49.04 25.05
CA ARG NB 145 -112.88 47.92 24.14
C ARG NB 145 -114.34 47.88 23.67
N VAL NB 146 -114.56 48.18 22.40
CA VAL NB 146 -115.91 48.22 21.82
C VAL NB 146 -116.22 46.97 21.02
N SER NB 147 -117.47 46.51 21.12
CA SER NB 147 -117.95 45.33 20.42
C SER NB 147 -118.32 45.57 18.96
N THR NB 148 -117.80 44.73 18.07
CA THR NB 148 -118.15 44.77 16.65
C THR NB 148 -119.63 44.42 16.47
N ARG NB 149 -120.01 43.31 17.10
CA ARG NB 149 -121.38 42.80 17.04
C ARG NB 149 -122.40 43.64 17.82
N SER NB 150 -122.13 43.89 19.12
CA SER NB 150 -123.14 44.51 20.00
C SER NB 150 -123.08 46.05 20.07
N GLY NB 151 -121.99 46.66 19.61
CA GLY NB 151 -121.84 48.09 19.68
C GLY NB 151 -121.97 48.68 21.09
N ARG NB 152 -121.21 48.13 22.03
CA ARG NB 152 -121.16 48.59 23.42
C ARG NB 152 -119.72 48.86 23.84
N ILE NB 153 -119.51 49.53 24.97
CA ILE NB 153 -118.18 49.54 25.57
C ILE NB 153 -118.11 48.44 26.64
N ILE NB 154 -117.05 47.64 26.56
CA ILE NB 154 -116.78 46.54 27.49
C ILE NB 154 -115.80 47.01 28.57
N PRO NB 155 -116.08 46.67 29.84
CA PRO NB 155 -115.17 47.08 30.92
C PRO NB 155 -113.79 46.43 30.82
N LYS NB 156 -112.91 46.76 31.75
CA LYS NB 156 -111.65 46.03 31.88
C LYS NB 156 -111.65 45.37 33.25
N PRO NB 157 -111.12 44.15 33.31
CA PRO NB 157 -111.22 43.30 34.51
C PRO NB 157 -110.24 43.70 35.62
N GLU NB 158 -110.62 44.69 36.43
CA GLU NB 158 -109.82 45.07 37.59
C GLU NB 158 -109.69 43.87 38.53
N PHE NB 159 -108.44 43.53 38.85
CA PHE NB 159 -108.11 42.24 39.43
C PHE NB 159 -107.23 42.44 40.65
N PRO NB 160 -107.13 41.42 41.53
CA PRO NB 160 -106.12 41.45 42.60
C PRO NB 160 -104.68 41.49 42.04
N ARG NB 161 -103.70 41.48 42.94
CA ARG NB 161 -102.29 41.47 42.54
C ARG NB 161 -101.58 40.25 43.13
N ALA NB 162 -100.38 39.95 42.62
CA ALA NB 162 -99.63 38.76 43.05
C ALA NB 162 -99.25 38.80 44.55
N ASP NB 163 -99.43 39.96 45.17
CA ASP NB 163 -99.11 40.12 46.59
C ASP NB 163 -100.15 39.46 47.51
N GLY NB 164 -101.42 39.76 47.28
CA GLY NB 164 -102.49 39.30 48.16
C GLY NB 164 -102.88 40.40 49.11
N ILE NB 165 -102.20 41.52 48.97
CA ILE NB 165 -102.44 42.70 49.80
C ILE NB 165 -103.44 43.64 49.14
N VAL NB 166 -104.60 43.78 49.77
CA VAL NB 166 -105.58 44.79 49.41
C VAL NB 166 -105.32 46.06 50.22
N PRO NB 167 -104.98 47.18 49.54
CA PRO NB 167 -104.58 48.45 50.17
C PRO NB 167 -105.59 49.02 51.17
N GLU NB 168 -106.87 48.81 50.92
CA GLU NB 168 -107.91 49.37 51.78
C GLU NB 168 -107.94 48.67 53.15
N THR NB 169 -107.68 47.37 53.19
CA THR NB 169 -107.54 46.68 54.47
C THR NB 169 -106.04 46.49 54.76
N TRP NB 170 -105.51 47.35 55.62
CA TRP NB 170 -104.09 47.36 55.95
C TRP NB 170 -103.86 48.05 57.30
N ILE NB 171 -102.85 47.61 58.04
CA ILE NB 171 -102.43 48.31 59.26
C ILE NB 171 -100.91 48.45 59.26
N ASP NB 172 -100.41 49.62 59.62
CA ASP NB 172 -98.97 49.89 59.60
C ASP NB 172 -98.25 49.38 60.85
N GLY NB 173 -97.15 48.67 60.64
CA GLY NB 173 -96.31 48.19 61.72
C GLY NB 173 -95.32 49.25 62.17
N PRO NB 174 -94.30 48.84 62.93
CA PRO NB 174 -93.28 49.75 63.46
C PRO NB 174 -92.51 50.49 62.37
N LYS NB 175 -92.13 49.75 61.35
CA LYS NB 175 -91.26 50.26 60.30
C LYS NB 175 -92.00 50.77 59.07
N ASP NB 176 -93.32 50.84 59.16
CA ASP NB 176 -94.13 51.38 58.07
C ASP NB 176 -94.40 52.89 58.22
N THR NB 177 -94.12 53.66 57.18
CA THR NB 177 -94.42 55.10 57.20
C THR NB 177 -95.90 55.31 56.89
N SER NB 178 -96.57 56.07 57.75
CA SER NB 178 -97.97 56.37 57.56
C SER NB 178 -98.14 57.22 56.31
N VAL NB 179 -99.34 57.17 55.75
CA VAL NB 179 -99.65 57.92 54.54
C VAL NB 179 -99.29 59.39 54.69
N GLU NB 180 -99.58 59.93 55.86
CA GLU NB 180 -99.41 61.36 56.15
C GLU NB 180 -97.98 61.85 55.93
N ASP NB 181 -97.02 61.23 56.63
CA ASP NB 181 -95.64 61.70 56.65
C ASP NB 181 -95.03 61.65 55.26
N ALA NB 182 -95.41 60.63 54.51
CA ALA NB 182 -94.77 60.33 53.25
C ALA NB 182 -95.18 61.30 52.13
N LEU NB 183 -96.37 61.86 52.26
CA LEU NB 183 -96.85 62.81 51.26
C LEU NB 183 -96.49 64.23 51.66
N GLU NB 184 -95.81 64.33 52.79
CA GLU NB 184 -95.41 65.63 53.32
C GLU NB 184 -94.23 66.20 52.56
N LYS NB 185 -94.43 67.37 51.97
CA LYS NB 185 -93.38 67.99 51.18
C LYS NB 185 -92.57 68.98 52.01
N THR NB 186 -91.33 68.59 52.29
CA THR NB 186 -90.41 69.41 53.04
C THR NB 186 -89.43 70.15 52.14
N TYR NB 187 -89.57 69.97 50.83
CA TYR NB 187 -88.57 70.41 49.85
C TYR NB 187 -88.41 71.93 49.72
N VAL NB 188 -87.15 72.37 49.70
CA VAL NB 188 -86.82 73.79 49.54
C VAL NB 188 -85.91 73.97 48.33
N PRO NB 189 -86.50 74.31 47.20
CA PRO NB 189 -85.84 74.27 45.89
C PRO NB 189 -84.82 75.41 45.78
N ARG NB 190 -83.61 75.19 46.28
CA ARG NB 190 -82.57 76.20 46.17
C ARG NB 190 -81.23 75.62 45.68
N LEU NB 191 -80.29 76.51 45.38
CA LEU NB 191 -79.12 76.16 44.56
C LEU NB 191 -77.99 75.42 45.27
N LYS NB 192 -78.18 75.13 46.55
CA LYS NB 192 -77.18 74.34 47.28
C LYS NB 192 -77.37 72.84 47.04
N THR NB 193 -76.30 72.07 47.16
CA THR NB 193 -76.38 70.61 47.04
C THR NB 193 -76.75 69.98 48.35
N LEU NB 194 -76.90 68.66 48.34
CA LEU NB 194 -77.11 67.90 49.56
C LEU NB 194 -76.00 68.18 50.56
N GLU NB 195 -74.80 68.37 50.03
CA GLU NB 195 -73.61 68.43 50.84
C GLU NB 195 -73.47 69.74 51.59
N GLU NB 196 -73.57 70.84 50.84
CA GLU NB 196 -73.52 72.14 51.46
C GLU NB 196 -74.66 72.25 52.44
N GLU NB 197 -75.82 71.72 52.05
CA GLU NB 197 -77.03 71.70 52.88
C GLU NB 197 -76.83 71.04 54.23
N VAL NB 198 -76.37 69.80 54.17
CA VAL NB 198 -76.24 68.96 55.36
C VAL NB 198 -75.05 69.39 56.22
N MET NB 199 -73.98 69.93 55.62
CA MET NB 199 -72.87 70.42 56.43
C MET NB 199 -73.25 71.72 57.12
N GLU NB 200 -73.96 72.55 56.38
CA GLU NB 200 -74.46 73.82 56.90
C GLU NB 200 -75.44 73.60 58.06
N ALA NB 201 -76.33 72.62 57.91
CA ALA NB 201 -77.33 72.37 58.95
C ALA NB 201 -76.87 71.41 60.06
N MET NB 202 -75.75 70.71 59.86
CA MET NB 202 -75.12 69.94 60.94
C MET NB 202 -74.25 70.85 61.79
N GLY NB 203 -73.85 71.98 61.22
CA GLY NB 203 -73.04 72.95 61.91
C GLY NB 203 -71.55 72.74 61.72
N ILE NB 204 -71.19 71.78 60.87
CA ILE NB 204 -69.78 71.53 60.63
C ILE NB 204 -69.14 72.71 59.92
N GLN NB 205 -68.04 73.20 60.47
CA GLN NB 205 -67.36 74.34 59.87
C GLN NB 205 -66.04 73.92 59.23
N GLU NB 206 -65.89 74.34 57.99
CA GLU NB 206 -64.69 74.07 57.22
C GLU NB 206 -64.09 75.36 56.70
N THR NB 207 -62.78 75.37 56.58
CA THR NB 207 -62.06 76.54 56.17
C THR NB 207 -61.25 76.29 54.92
N ARG NB 208 -60.20 75.48 55.06
CA ARG NB 208 -59.18 75.31 54.02
C ARG NB 208 -59.78 74.82 52.69
N ARG NB 209 -59.14 75.21 51.58
CA ARG NB 209 -59.60 74.80 50.24
C ARG NB 209 -58.59 73.93 49.49
N HIS NB 210 -59.10 73.17 48.53
CA HIS NB 210 -58.30 72.22 47.74
C HIS NB 210 -57.28 72.90 46.85
N LYS NB 211 -56.09 72.32 46.81
CA LYS NB 211 -55.04 72.80 45.95
C LYS NB 211 -55.44 72.59 44.50
N LYS NB 212 -54.78 73.30 43.60
CA LYS NB 212 -55.08 73.13 42.20
C LYS NB 212 -54.70 71.73 41.74
N VAL NB 213 -55.64 71.08 41.06
CA VAL NB 213 -55.45 69.73 40.55
C VAL NB 213 -55.39 69.77 39.04
N TYR NB 214 -54.74 68.79 38.45
CA TYR NB 214 -54.68 68.66 37.00
C TYR NB 214 -55.46 67.45 36.54
N TRP NB 215 -56.01 67.51 35.33
CA TRP NB 215 -56.88 66.44 34.85
C TRP NB 215 -56.54 66.00 33.44
N TYR NB 216 -56.15 64.74 33.29
CA TYR NB 216 -56.02 64.17 31.96
C TYR NB 216 -56.70 62.82 31.91
N ALA OB 30 -6.75 65.87 28.81
CA ALA OB 30 -7.86 65.77 29.71
C ALA OB 30 -8.85 64.72 29.21
N TYR OB 31 -8.65 63.46 29.63
CA TYR OB 31 -9.60 62.41 29.32
C TYR OB 31 -10.75 62.59 30.29
N GLU OB 32 -11.93 62.87 29.74
CA GLU OB 32 -13.12 63.12 30.57
C GLU OB 32 -13.73 61.84 31.06
N TRP OB 33 -14.45 61.92 32.16
CA TRP OB 33 -14.93 60.71 32.80
C TRP OB 33 -16.36 60.31 32.51
N GLY OB 34 -17.05 61.09 31.69
CA GLY OB 34 -18.36 60.67 31.25
C GLY OB 34 -18.30 59.66 30.13
N VAL OB 35 -19.42 59.01 29.89
CA VAL OB 35 -19.60 58.23 28.68
C VAL OB 35 -20.85 58.74 27.97
N ARG OB 36 -20.68 59.24 26.76
CA ARG OB 36 -21.78 59.86 26.02
C ARG OB 36 -23.01 58.99 25.97
N SER OB 37 -22.79 57.69 25.90
CA SER OB 37 -23.89 56.73 25.88
C SER OB 37 -24.72 56.79 27.16
N THR OB 38 -24.09 57.12 28.27
CA THR OB 38 -24.82 57.33 29.52
C THR OB 38 -25.45 58.72 29.69
N ARG OB 39 -24.67 59.78 29.42
CA ARG OB 39 -25.07 61.14 29.79
C ARG OB 39 -26.46 61.47 29.29
N LYS OB 40 -27.30 62.01 30.17
CA LYS OB 40 -28.73 62.12 29.92
C LYS OB 40 -28.98 62.75 28.56
N PRO OB 41 -29.86 62.13 27.77
CA PRO OB 41 -30.00 62.44 26.36
C PRO OB 41 -30.29 63.92 26.13
N GLU OB 42 -29.52 64.54 25.24
CA GLU OB 42 -29.70 65.95 24.90
C GLU OB 42 -31.07 66.15 24.24
N PRO OB 43 -31.62 67.38 24.33
CA PRO OB 43 -32.94 67.69 23.76
C PRO OB 43 -33.04 67.40 22.26
N PRO OB 44 -34.16 66.79 21.82
CA PRO OB 44 -34.34 66.64 20.36
C PRO OB 44 -34.34 68.02 19.72
N PRO OB 45 -33.52 68.24 18.67
CA PRO OB 45 -33.41 69.56 18.03
C PRO OB 45 -34.79 70.11 17.71
N LEU OB 46 -35.02 71.37 18.05
CA LEU OB 46 -36.36 71.95 18.03
C LEU OB 46 -36.94 71.93 16.62
N ASP OB 47 -38.20 71.50 16.52
CA ASP OB 47 -38.90 71.44 15.24
C ASP OB 47 -38.81 72.79 14.54
N ARG OB 48 -38.59 72.75 13.23
CA ARG OB 48 -38.21 73.93 12.47
C ARG OB 48 -39.25 75.06 12.46
N VAL OB 49 -40.46 74.79 12.91
CA VAL OB 49 -41.48 75.84 12.93
C VAL OB 49 -41.19 76.85 14.04
N TYR OB 50 -40.18 76.56 14.84
CA TYR OB 50 -39.67 77.54 15.80
C TYR OB 50 -38.51 78.33 15.20
N GLU OB 51 -38.20 78.05 13.94
CA GLU OB 51 -37.13 78.76 13.25
C GLU OB 51 -37.68 79.89 12.38
N ILE OB 52 -39.01 80.06 12.38
CA ILE OB 52 -39.66 81.03 11.49
C ILE OB 52 -40.24 82.23 12.22
N PRO OB 53 -39.61 83.41 12.05
CA PRO OB 53 -40.02 84.64 12.74
C PRO OB 53 -41.47 85.09 12.46
N GLY OB 54 -42.22 85.35 13.53
CA GLY OB 54 -43.58 85.85 13.43
C GLY OB 54 -44.63 84.77 13.31
N LEU OB 55 -44.17 83.53 13.17
CA LEU OB 55 -45.03 82.41 12.85
C LEU OB 55 -45.51 81.70 14.11
N GLU OB 56 -46.74 81.21 14.08
CA GLU OB 56 -47.31 80.46 15.21
C GLU OB 56 -47.20 78.95 15.01
N PRO OB 57 -46.24 78.31 15.70
CA PRO OB 57 -46.18 76.86 15.60
C PRO OB 57 -47.39 76.24 16.27
N ILE OB 58 -48.05 75.34 15.56
CA ILE OB 58 -49.21 74.72 16.11
C ILE OB 58 -48.80 73.41 16.73
N THR OB 59 -49.11 73.26 18.00
CA THR OB 59 -48.53 72.20 18.81
C THR OB 59 -49.61 71.32 19.42
N TYR OB 60 -49.20 70.17 19.93
CA TYR OB 60 -50.16 69.26 20.50
C TYR OB 60 -50.52 69.64 21.92
N ALA OB 61 -49.95 70.74 22.39
CA ALA OB 61 -50.29 71.26 23.72
C ALA OB 61 -51.80 71.44 23.83
N GLY OB 62 -52.46 71.57 22.68
CA GLY OB 62 -53.90 71.67 22.63
C GLY OB 62 -54.60 70.39 23.02
N LYS OB 63 -53.99 69.24 22.73
CA LYS OB 63 -54.62 67.94 23.00
C LYS OB 63 -54.16 67.27 24.30
N MET OB 64 -53.23 67.91 25.00
CA MET OB 64 -52.59 67.36 26.21
C MET OB 64 -52.17 65.89 26.10
N HIS OB 65 -51.43 65.56 25.04
CA HIS OB 65 -50.78 64.26 24.86
C HIS OB 65 -50.00 64.29 23.57
N PHE OB 66 -49.04 63.40 23.39
CA PHE OB 66 -48.24 63.51 22.19
C PHE OB 66 -49.05 63.11 20.97
N MET OB 67 -48.75 63.79 19.87
CA MET OB 67 -49.25 63.40 18.58
C MET OB 67 -48.16 63.52 17.56
N PRO OB 68 -48.10 62.58 16.63
CA PRO OB 68 -47.22 62.77 15.47
C PRO OB 68 -47.85 63.76 14.51
N GLY OB 69 -47.04 64.40 13.69
CA GLY OB 69 -47.56 65.30 12.68
C GLY OB 69 -47.75 66.72 13.20
N LEU OB 70 -47.88 66.84 14.52
CA LEU OB 70 -47.88 68.14 15.18
C LEU OB 70 -46.48 68.52 15.57
N ALA OB 71 -46.16 69.79 15.48
CA ALA OB 71 -44.89 70.24 15.99
C ALA OB 71 -44.88 70.08 17.52
N ARG OB 72 -43.70 69.94 18.10
CA ARG OB 72 -43.56 69.74 19.54
C ARG OB 72 -43.44 71.06 20.31
N PRO OB 73 -44.19 71.20 21.42
CA PRO OB 73 -44.24 72.41 22.22
C PRO OB 73 -43.02 72.57 23.12
N VAL OB 74 -42.75 73.79 23.59
CA VAL OB 74 -41.81 73.99 24.69
C VAL OB 74 -42.62 74.46 25.88
N PHE OB 75 -42.11 74.23 27.09
CA PHE OB 75 -42.92 74.58 28.24
C PHE OB 75 -42.22 75.40 29.31
N PRO OB 76 -42.99 76.26 29.99
CA PRO OB 76 -42.42 77.09 31.06
C PRO OB 76 -41.81 76.21 32.15
N PRO OB 77 -40.70 76.66 32.76
CA PRO OB 77 -40.18 75.94 33.93
C PRO OB 77 -41.30 75.84 34.94
N TRP OB 78 -41.60 74.65 35.43
CA TRP OB 78 -42.86 74.52 36.13
C TRP OB 78 -42.84 75.02 37.56
N ASP OB 79 -43.82 75.86 37.88
CA ASP OB 79 -43.91 76.50 39.19
C ASP OB 79 -45.26 76.24 39.89
N PRO OB 80 -45.28 75.20 40.72
CA PRO OB 80 -46.39 74.89 41.62
C PRO OB 80 -46.43 75.92 42.73
N GLY OB 81 -47.14 77.03 42.52
CA GLY OB 81 -46.95 78.25 43.30
C GLY OB 81 -46.78 78.03 44.79
N TRP OB 82 -47.47 77.04 45.34
CA TRP OB 82 -47.24 76.60 46.71
C TRP OB 82 -46.17 75.51 46.76
N THR OB 83 -45.17 75.66 47.64
CA THR OB 83 -44.10 74.67 47.69
C THR OB 83 -44.38 73.56 48.70
N HIS OB 84 -44.51 72.35 48.17
CA HIS OB 84 -44.55 71.14 48.97
C HIS OB 84 -43.16 70.91 49.54
N PRO OB 85 -43.08 70.58 50.84
CA PRO OB 85 -41.79 70.33 51.49
C PRO OB 85 -40.95 69.17 50.88
N LYS OB 86 -41.55 67.99 50.62
CA LYS OB 86 -40.76 66.83 50.17
C LYS OB 86 -40.41 66.77 48.67
N PHE OB 87 -41.37 67.07 47.81
CA PHE OB 87 -41.20 66.83 46.38
C PHE OB 87 -40.45 67.92 45.65
N ARG OB 88 -40.14 69.01 46.35
CA ARG OB 88 -39.55 70.18 45.68
C ARG OB 88 -38.08 69.97 45.29
N ARG OB 89 -37.63 70.78 44.35
CA ARG OB 89 -36.25 70.77 43.91
C ARG OB 89 -35.38 71.30 45.05
N LEU OB 90 -34.36 70.52 45.38
CA LEU OB 90 -33.52 70.78 46.56
C LEU OB 90 -33.04 72.22 46.58
N PRO OB 91 -33.11 72.86 47.76
CA PRO OB 91 -32.64 74.24 47.85
C PRO OB 91 -31.16 74.28 47.44
N PRO OB 92 -30.82 75.14 46.48
CA PRO OB 92 -29.42 75.33 46.10
C PRO OB 92 -28.64 75.82 47.31
N LEU OB 93 -27.39 75.39 47.42
CA LEU OB 93 -26.71 75.41 48.70
C LEU OB 93 -26.31 76.81 49.17
N HIS OB 94 -25.94 77.67 48.24
CA HIS OB 94 -25.52 79.02 48.59
C HIS OB 94 -26.62 79.79 49.31
N GLU OB 95 -27.86 79.41 49.05
CA GLU OB 95 -29.03 80.11 49.56
C GLU OB 95 -29.11 80.17 51.07
N HIS OB 96 -28.45 79.23 51.73
CA HIS OB 96 -28.56 79.09 53.17
C HIS OB 96 -28.04 80.34 53.90
N PRO OB 97 -28.71 80.68 55.02
CA PRO OB 97 -28.28 81.78 55.90
C PRO OB 97 -26.87 81.58 56.49
N LEU OB 98 -26.58 80.38 56.97
CA LEU OB 98 -25.34 80.09 57.67
C LEU OB 98 -24.17 79.96 56.71
N TYR OB 99 -24.47 80.01 55.42
CA TYR OB 99 -23.46 79.88 54.36
C TYR OB 99 -22.38 80.95 54.51
N LYS OB 100 -21.13 80.52 54.42
CA LYS OB 100 -20.00 81.43 54.45
C LYS OB 100 -19.09 81.14 53.27
N ASP OB 101 -18.31 82.13 52.86
CA ASP OB 101 -17.47 81.97 51.69
C ASP OB 101 -16.09 81.44 52.06
N GLN OB 102 -15.82 81.34 53.35
CA GLN OB 102 -14.53 80.82 53.79
C GLN OB 102 -14.54 79.32 53.87
N ALA OB 103 -13.65 78.72 53.07
CA ALA OB 103 -13.52 77.28 53.01
C ALA OB 103 -13.22 76.73 54.38
N CYS OB 104 -14.05 75.80 54.85
CA CYS OB 104 -13.80 75.23 56.15
C CYS OB 104 -13.60 73.73 56.08
N TYR OB 105 -12.52 73.26 56.69
CA TYR OB 105 -12.24 71.83 56.69
C TYR OB 105 -12.79 71.16 57.92
N VAL OB 106 -13.77 70.31 57.67
CA VAL OB 106 -14.46 69.59 58.71
C VAL OB 106 -13.76 68.26 58.93
N PHE OB 107 -13.72 67.86 60.19
CA PHE OB 107 -13.33 66.50 60.56
C PHE OB 107 -14.45 65.90 61.40
N HIS OB 108 -14.86 64.70 61.05
CA HIS OB 108 -15.94 64.05 61.77
C HIS OB 108 -15.50 62.66 62.18
N GLN OB 109 -16.45 61.89 62.72
CA GLN OB 109 -16.15 60.55 63.26
C GLN OB 109 -15.45 59.62 62.28
N ARG OB 110 -15.86 59.66 61.03
CA ARG OB 110 -15.35 58.74 60.05
C ARG OB 110 -14.25 59.24 59.11
N CYS OB 111 -13.79 60.47 59.27
CA CYS OB 111 -12.75 60.96 58.37
C CYS OB 111 -11.44 60.18 58.53
N ARG OB 112 -10.83 59.84 57.39
CA ARG OB 112 -9.57 59.11 57.36
C ARG OB 112 -8.39 60.01 57.04
N LEU OB 113 -7.41 60.05 57.91
CA LEU OB 113 -6.24 60.88 57.65
C LEU OB 113 -5.11 60.08 57.00
N LEU OB 114 -4.41 60.71 56.07
CA LEU OB 114 -3.38 60.03 55.31
C LEU OB 114 -2.17 59.64 56.18
N GLU OB 115 -1.53 60.62 56.81
CA GLU OB 115 -0.48 60.34 57.78
C GLU OB 115 -1.07 60.60 59.15
N GLY OB 116 -1.37 59.54 59.89
CA GLY OB 116 -2.30 59.72 60.98
C GLY OB 116 -1.81 60.59 62.12
N VAL OB 117 -0.73 60.17 62.77
CA VAL OB 117 -0.33 60.83 63.98
C VAL OB 117 0.34 62.15 63.62
N LYS OB 118 1.13 62.12 62.56
CA LYS OB 118 1.81 63.32 62.08
C LYS OB 118 0.81 64.43 61.81
N GLN OB 119 -0.13 64.14 60.91
CA GLN OB 119 -1.13 65.13 60.54
C GLN OB 119 -1.89 65.57 61.77
N ALA OB 120 -2.31 64.59 62.55
CA ALA OB 120 -3.06 64.86 63.77
C ALA OB 120 -2.36 65.94 64.59
N LEU OB 121 -1.07 65.74 64.80
CA LEU OB 121 -0.30 66.67 65.61
C LEU OB 121 -0.24 68.04 64.97
N TRP OB 122 0.07 68.12 63.67
CA TRP OB 122 0.19 69.43 63.06
C TRP OB 122 -1.11 70.22 63.18
N LEU OB 123 -2.23 69.54 62.95
CA LEU OB 123 -3.53 70.17 63.10
C LEU OB 123 -3.70 70.66 64.53
N THR OB 124 -3.21 69.84 65.45
CA THR OB 124 -3.41 70.07 66.87
C THR OB 124 -2.33 70.93 67.54
N LYS OB 125 -1.23 71.19 66.82
CA LYS OB 125 -0.02 71.82 67.39
C LYS OB 125 0.46 71.11 68.66
N THR OB 126 0.74 69.81 68.55
CA THR OB 126 1.05 68.99 69.71
C THR OB 126 2.35 68.19 69.51
N GLN OB 127 2.90 67.68 70.60
CA GLN OB 127 3.99 66.73 70.53
C GLN OB 127 3.62 65.43 71.27
N LEU OB 128 4.03 64.30 70.73
CA LEU OB 128 3.71 63.00 71.32
C LEU OB 128 4.87 62.45 72.12
N ILE OB 129 4.54 61.78 73.23
CA ILE OB 129 5.55 61.07 74.01
C ILE OB 129 5.14 59.60 74.12
N GLU OB 130 6.13 58.71 74.07
CA GLU OB 130 5.86 57.28 73.99
C GLU OB 130 5.01 56.72 75.15
N GLY OB 131 5.57 56.65 76.34
CA GLY OB 131 4.88 56.01 77.45
C GLY OB 131 3.64 56.79 77.88
N LEU OB 132 2.81 56.17 78.71
CA LEU OB 132 1.74 56.90 79.38
C LEU OB 132 2.35 57.79 80.43
N PRO OB 133 1.58 58.76 80.95
CA PRO OB 133 2.10 59.52 82.10
C PRO OB 133 2.37 58.60 83.29
N GLU OB 134 3.36 58.95 84.11
CA GLU OB 134 3.83 58.05 85.16
C GLU OB 134 2.84 57.89 86.29
N LYS OB 135 2.03 58.92 86.53
CA LYS OB 135 0.98 58.87 87.53
C LYS OB 135 0.04 57.68 87.29
N VAL OB 136 -0.50 57.61 86.07
CA VAL OB 136 -1.39 56.53 85.67
C VAL OB 136 -0.68 55.17 85.80
N LEU OB 137 0.62 55.16 85.49
CA LEU OB 137 1.42 53.94 85.62
C LEU OB 137 1.41 53.41 87.04
N ARG OB 138 1.83 54.26 87.96
CA ARG OB 138 1.87 53.91 89.39
C ARG OB 138 0.51 53.50 89.88
N LEU OB 139 -0.53 54.10 89.30
CA LEU OB 139 -1.89 53.62 89.56
C LEU OB 139 -1.99 52.15 89.20
N ALA OB 140 -1.64 51.85 87.95
CA ALA OB 140 -1.82 50.52 87.37
C ALA OB 140 -1.12 49.44 88.18
N ASP OB 141 0.12 49.74 88.55
CA ASP OB 141 0.97 48.72 89.13
C ASP OB 141 0.73 48.53 90.63
N ASP OB 142 -0.16 49.32 91.22
CA ASP OB 142 -0.43 49.19 92.64
C ASP OB 142 -1.08 47.86 92.94
N PRO OB 143 -0.47 47.09 93.85
CA PRO OB 143 -1.03 45.84 94.35
C PRO OB 143 -2.48 45.99 94.82
N ARG OB 144 -2.86 47.19 95.24
CA ARG OB 144 -4.18 47.38 95.81
C ARG OB 144 -5.31 47.51 94.78
N ASN OB 145 -4.97 47.98 93.58
CA ASN OB 145 -6.00 48.40 92.62
C ASN OB 145 -6.50 47.29 91.70
N HIS OB 146 -5.95 46.09 91.82
CA HIS OB 146 -6.41 44.94 91.06
C HIS OB 146 -7.75 44.42 91.60
N ILE OB 147 -8.49 43.67 90.80
CA ILE OB 147 -9.76 43.09 91.26
C ILE OB 147 -9.50 41.86 92.11
N GLU OB 148 -10.58 41.19 92.50
CA GLU OB 148 -10.52 39.97 93.29
C GLU OB 148 -9.64 38.93 92.61
N ASN OB 149 -10.16 38.36 91.52
CA ASN OB 149 -9.38 37.49 90.68
C ASN OB 149 -9.32 38.13 89.31
N GLN OB 150 -8.15 38.66 88.99
CA GLN OB 150 -8.02 39.52 87.84
C GLN OB 150 -8.13 38.75 86.55
N ASP OB 151 -7.26 37.76 86.45
CA ASP OB 151 -7.10 36.99 85.23
C ASP OB 151 -8.36 36.18 84.95
N GLU OB 152 -8.94 35.66 86.01
CA GLU OB 152 -10.19 34.94 85.94
C GLU OB 152 -11.25 35.83 85.27
N ARG OB 153 -11.48 37.00 85.86
CA ARG OB 153 -12.46 37.96 85.38
C ARG OB 153 -12.24 38.46 83.95
N VAL OB 154 -11.00 38.80 83.62
CA VAL OB 154 -10.72 39.36 82.30
C VAL OB 154 -10.76 38.29 81.22
N LEU OB 155 -10.25 37.11 81.55
CA LEU OB 155 -10.36 36.00 80.62
C LEU OB 155 -11.83 35.66 80.40
N ASN OB 156 -12.62 35.71 81.46
CA ASN OB 156 -14.04 35.41 81.34
C ASN OB 156 -14.78 36.47 80.54
N ALA OB 157 -14.35 37.73 80.65
CA ALA OB 157 -14.94 38.81 79.87
C ALA OB 157 -14.60 38.66 78.38
N ILE OB 158 -13.35 38.30 78.10
CA ILE OB 158 -12.94 38.00 76.74
C ILE OB 158 -13.78 36.88 76.17
N SER OB 159 -13.81 35.73 76.84
CA SER OB 159 -14.55 34.56 76.36
C SER OB 159 -16.05 34.85 76.15
N HIS OB 160 -16.64 35.58 77.09
CA HIS OB 160 -18.04 35.99 76.97
C HIS OB 160 -18.27 36.81 75.74
N ALA OB 161 -17.50 37.89 75.58
CA ALA OB 161 -17.71 38.83 74.49
C ALA OB 161 -17.43 38.18 73.14
N ARG OB 162 -16.38 37.37 73.10
CA ARG OB 162 -15.90 36.74 71.89
C ARG OB 162 -16.65 35.46 71.52
N LEU OB 163 -17.30 34.85 72.50
CA LEU OB 163 -18.04 33.64 72.24
C LEU OB 163 -19.42 33.65 72.88
N TRP OB 164 -19.43 33.70 74.20
CA TRP OB 164 -20.61 33.35 74.98
C TRP OB 164 -21.82 34.27 74.84
N HIS OB 165 -21.63 35.46 74.31
CA HIS OB 165 -22.71 36.43 74.28
C HIS OB 165 -23.65 36.24 73.10
N SER OB 166 -23.26 35.39 72.16
CA SER OB 166 -24.04 35.20 70.94
C SER OB 166 -24.61 33.80 70.85
N THR OB 167 -25.71 33.67 70.10
CA THR OB 167 -26.35 32.37 69.92
C THR OB 167 -25.58 31.50 68.94
N GLU OB 168 -25.03 32.19 67.94
CA GLU OB 168 -24.24 31.59 66.87
C GLU OB 168 -22.80 31.37 67.28
N ASP OB 169 -22.19 30.37 66.64
CA ASP OB 169 -20.83 29.96 66.95
C ASP OB 169 -19.85 31.11 66.87
N ILE OB 170 -19.90 31.83 65.77
CA ILE OB 170 -18.86 32.78 65.49
C ILE OB 170 -19.45 34.14 65.29
N PRO OB 171 -19.49 34.93 66.36
CA PRO OB 171 -20.13 36.24 66.36
C PRO OB 171 -19.34 37.23 65.53
N LYS OB 172 -19.95 38.35 65.17
CA LYS OB 172 -19.27 39.33 64.32
C LYS OB 172 -18.69 40.47 65.14
N ARG OB 173 -17.94 41.36 64.50
CA ARG OB 173 -17.15 42.34 65.23
C ARG OB 173 -18.03 43.44 65.79
N GLU OB 174 -19.12 43.70 65.09
CA GLU OB 174 -20.03 44.78 65.46
C GLU OB 174 -20.74 44.50 66.76
N THR OB 175 -21.01 43.22 67.03
CA THR OB 175 -21.51 42.86 68.35
C THR OB 175 -20.41 42.82 69.39
N TYR OB 176 -19.35 42.08 69.13
CA TYR OB 176 -18.49 41.72 70.24
C TYR OB 176 -17.58 42.87 70.66
N CYS OB 177 -17.26 43.78 69.75
CA CYS OB 177 -16.39 44.89 70.14
C CYS OB 177 -17.02 45.75 71.27
N PRO OB 178 -18.26 46.25 71.08
CA PRO OB 178 -18.86 47.03 72.18
C PRO OB 178 -19.12 46.20 73.43
N VAL OB 179 -19.34 44.90 73.25
CA VAL OB 179 -19.51 44.00 74.37
C VAL OB 179 -18.22 43.90 75.20
N ILE OB 180 -17.07 43.82 74.54
CA ILE OB 180 -15.83 43.72 75.29
C ILE OB 180 -15.52 45.03 75.98
N VAL OB 181 -15.78 46.13 75.30
CA VAL OB 181 -15.41 47.41 75.88
C VAL OB 181 -16.30 47.67 77.11
N ASP OB 182 -17.59 47.39 76.95
CA ASP OB 182 -18.52 47.59 78.05
C ASP OB 182 -18.24 46.61 79.20
N SER OB 183 -17.85 45.38 78.90
CA SER OB 183 -17.52 44.42 79.96
C SER OB 183 -16.30 44.88 80.77
N LEU OB 184 -15.29 45.44 80.08
CA LEU OB 184 -14.17 46.05 80.79
C LEU OB 184 -14.67 47.14 81.72
N ILE OB 185 -15.46 48.06 81.15
CA ILE OB 185 -16.05 49.14 81.94
C ILE OB 185 -16.80 48.64 83.17
N GLN OB 186 -17.43 47.47 83.07
CA GLN OB 186 -18.16 46.89 84.19
C GLN OB 186 -17.24 46.29 85.23
N LEU OB 187 -16.09 45.75 84.80
CA LEU OB 187 -15.12 45.26 85.76
C LEU OB 187 -14.47 46.41 86.52
N CYS OB 188 -14.39 47.56 85.87
CA CYS OB 188 -13.86 48.73 86.55
C CYS OB 188 -14.89 49.45 87.42
N LYS OB 189 -16.16 49.36 87.03
CA LYS OB 189 -17.24 49.95 87.81
C LYS OB 189 -17.36 49.24 89.15
N SER OB 190 -16.86 48.01 89.22
CA SER OB 190 -16.90 47.21 90.43
C SER OB 190 -15.91 47.71 91.49
N GLN OB 191 -15.10 48.69 91.12
CA GLN OB 191 -14.10 49.23 92.02
C GLN OB 191 -14.66 50.36 92.88
N ILE OB 192 -15.87 50.81 92.55
CA ILE OB 192 -16.50 51.93 93.24
C ILE OB 192 -16.71 51.63 94.72
N LEU OB 193 -16.65 50.35 95.08
CA LEU OB 193 -16.83 49.93 96.46
C LEU OB 193 -15.57 50.26 97.27
N LYS OB 194 -14.41 50.02 96.67
CA LYS OB 194 -13.13 50.30 97.29
C LYS OB 194 -12.71 51.77 97.18
N HIS OB 195 -13.14 52.40 96.09
CA HIS OB 195 -12.70 53.75 95.76
C HIS OB 195 -13.87 54.69 95.53
N PRO OB 196 -14.73 54.89 96.54
CA PRO OB 196 -16.03 55.51 96.22
C PRO OB 196 -15.97 57.01 95.90
N SER OB 197 -15.02 57.38 95.05
CA SER OB 197 -15.00 58.67 94.40
C SER OB 197 -15.56 58.55 92.98
N LEU OB 198 -15.87 57.31 92.60
CA LEU OB 198 -16.22 56.98 91.21
C LEU OB 198 -17.69 57.17 90.92
N ALA OB 199 -18.43 57.61 91.93
CA ALA OB 199 -19.85 57.88 91.76
C ALA OB 199 -20.02 59.23 91.11
N ARG OB 200 -18.89 59.88 90.85
CA ARG OB 200 -18.87 61.21 90.29
C ARG OB 200 -19.01 61.19 88.76
N ARG OB 201 -19.18 60.01 88.18
CA ARG OB 201 -19.12 59.91 86.72
C ARG OB 201 -20.42 59.46 86.05
N ILE OB 202 -20.70 60.05 84.89
CA ILE OB 202 -21.88 59.71 84.11
C ILE OB 202 -21.56 59.51 82.63
N CYS OB 203 -22.05 58.40 82.08
CA CYS OB 203 -21.85 58.04 80.69
C CYS OB 203 -22.88 58.70 79.75
N ALA OB 204 -22.43 59.04 78.54
CA ALA OB 204 -23.29 59.66 77.53
C ALA OB 204 -23.00 59.10 76.14
N GLN OB 205 -24.05 58.77 75.39
CA GLN OB 205 -23.91 58.19 74.05
C GLN OB 205 -24.25 59.20 72.97
N ASN OB 206 -23.43 59.22 71.92
CA ASN OB 206 -23.75 59.96 70.69
C ASN OB 206 -23.98 61.44 70.95
N ASN OB 207 -22.90 62.16 71.21
CA ASN OB 207 -23.02 63.54 71.66
C ASN OB 207 -22.52 64.53 70.64
N THR OB 208 -23.40 65.45 70.25
CA THR OB 208 -23.01 66.49 69.32
C THR OB 208 -21.83 67.26 69.91
N LEU OB 209 -20.74 67.29 69.16
CA LEU OB 209 -19.58 68.03 69.61
C LEU OB 209 -19.11 68.92 68.49
N SER OB 210 -19.01 70.22 68.77
CA SER OB 210 -18.61 71.18 67.76
C SER OB 210 -17.45 72.02 68.23
N ALA OB 211 -16.29 71.82 67.62
CA ALA OB 211 -15.10 72.55 68.04
C ALA OB 211 -14.45 73.23 66.87
N THR OB 212 -14.50 74.56 66.88
CA THR OB 212 -14.02 75.37 65.77
C THR OB 212 -12.80 76.18 66.17
N TRP OB 213 -11.70 76.00 65.46
CA TRP OB 213 -10.54 76.84 65.70
C TRP OB 213 -9.79 77.17 64.44
N ASN OB 214 -8.94 78.18 64.59
CA ASN OB 214 -8.10 78.66 63.51
C ASN OB 214 -6.66 78.18 63.67
N ARG OB 215 -6.16 77.50 62.64
CA ARG OB 215 -4.78 77.05 62.64
C ARG OB 215 -4.07 77.51 61.37
N GLU OB 216 -3.15 78.45 61.54
CA GLU OB 216 -2.28 78.91 60.45
C GLU OB 216 -2.98 79.28 59.13
N SER OB 217 -3.95 80.20 59.21
CA SER OB 217 -4.70 80.70 58.04
C SER OB 217 -5.73 79.68 57.54
N ILE OB 218 -5.74 78.50 58.17
CA ILE OB 218 -6.61 77.42 57.74
C ILE OB 218 -7.59 77.05 58.85
N LEU OB 219 -8.86 77.00 58.50
CA LEU OB 219 -9.92 76.90 59.49
C LEU OB 219 -10.36 75.47 59.70
N LEU OB 220 -10.21 74.99 60.93
CA LEU OB 220 -10.48 73.59 61.21
C LEU OB 220 -11.53 73.41 62.29
N GLN OB 221 -12.48 72.53 62.02
CA GLN OB 221 -13.56 72.27 62.96
C GLN OB 221 -13.83 70.80 63.07
N VAL OB 222 -13.67 70.24 64.26
CA VAL OB 222 -14.07 68.86 64.46
C VAL OB 222 -15.51 68.88 64.95
N HIS OB 223 -16.36 68.26 64.15
CA HIS OB 223 -17.80 68.37 64.31
C HIS OB 223 -18.45 67.00 64.14
N GLY OB 224 -19.13 66.52 65.18
CA GLY OB 224 -19.79 65.24 65.07
C GLY OB 224 -19.89 64.50 66.37
N SER OB 225 -20.16 63.22 66.26
CA SER OB 225 -20.36 62.38 67.42
C SER OB 225 -19.34 61.27 67.50
N SER OB 226 -18.66 61.19 68.63
CA SER OB 226 -17.90 59.99 68.96
C SER OB 226 -18.88 59.01 69.57
N GLY OB 227 -18.40 57.79 69.85
CA GLY OB 227 -19.29 56.77 70.40
C GLY OB 227 -19.74 56.98 71.83
N ALA OB 228 -18.78 57.03 72.74
CA ALA OB 228 -19.11 57.02 74.16
C ALA OB 228 -18.25 57.98 74.96
N ARG OB 229 -18.91 58.80 75.74
CA ARG OB 229 -18.22 59.76 76.55
C ARG OB 229 -18.44 59.43 78.02
N LEU OB 230 -17.34 59.43 78.76
CA LEU OB 230 -17.40 59.31 80.21
C LEU OB 230 -17.19 60.69 80.80
N ASN OB 231 -18.23 61.26 81.39
CA ASN OB 231 -18.10 62.57 81.99
C ASN OB 231 -17.81 62.49 83.47
N ALA OB 232 -16.96 63.38 83.94
CA ALA OB 232 -16.63 63.50 85.34
C ALA OB 232 -17.22 64.78 85.92
N LYS OB 233 -17.61 64.67 87.19
CA LYS OB 233 -18.13 65.76 87.99
C LYS OB 233 -16.99 66.70 88.34
N ASP OB 234 -15.80 66.14 88.43
CA ASP OB 234 -14.61 66.85 88.87
C ASP OB 234 -13.57 66.87 87.73
N PRO OB 235 -12.84 67.99 87.56
CA PRO OB 235 -11.88 68.02 86.46
C PRO OB 235 -10.66 67.16 86.73
N LEU OB 236 -9.77 67.03 85.75
CA LEU OB 236 -8.63 66.13 85.86
C LEU OB 236 -7.34 66.92 86.14
N PRO OB 237 -6.55 66.46 87.14
CA PRO OB 237 -5.28 67.12 87.50
C PRO OB 237 -4.23 66.96 86.39
N PRO OB 238 -3.63 68.08 85.96
CA PRO OB 238 -2.65 68.08 84.86
C PRO OB 238 -1.43 67.20 85.16
N VAL OB 239 -1.05 66.37 84.20
CA VAL OB 239 -0.04 65.32 84.44
C VAL OB 239 1.39 65.67 84.01
N ALA OB 240 1.59 66.86 83.45
CA ALA OB 240 2.91 67.23 82.97
C ALA OB 240 3.60 68.21 83.90
N SER OB 241 4.82 67.87 84.33
CA SER OB 241 5.62 68.82 85.10
C SER OB 241 6.01 69.97 84.18
N GLN OB 242 6.35 71.11 84.77
CA GLN OB 242 6.61 72.31 83.97
C GLN OB 242 7.79 72.13 83.03
N GLU OB 243 8.71 71.24 83.39
CA GLU OB 243 9.86 70.92 82.56
C GLU OB 243 9.41 70.40 81.19
N GLU OB 244 8.37 69.56 81.22
CA GLU OB 244 7.79 69.02 79.99
C GLU OB 244 7.26 70.15 79.12
N VAL OB 245 6.54 71.08 79.75
CA VAL OB 245 5.98 72.24 79.06
C VAL OB 245 7.05 73.09 78.36
N GLU OB 246 8.05 73.49 79.12
CA GLU OB 246 9.11 74.34 78.60
C GLU OB 246 9.94 73.64 77.52
N ALA OB 247 10.21 72.36 77.72
CA ALA OB 247 10.95 71.59 76.73
C ALA OB 247 10.12 71.42 75.45
N THR OB 248 8.79 71.44 75.61
CA THR OB 248 7.87 71.35 74.47
C THR OB 248 7.91 72.64 73.68
N LYS OB 249 8.17 73.76 74.35
CA LYS OB 249 8.31 75.02 73.63
C LYS OB 249 9.40 75.00 72.56
N ASN OB 250 10.44 74.19 72.74
CA ASN OB 250 11.56 74.10 71.79
C ASN OB 250 11.35 73.18 70.60
N HIS OB 251 10.36 72.30 70.73
CA HIS OB 251 10.13 71.25 69.74
C HIS OB 251 9.78 71.81 68.36
N VAL OB 252 10.44 71.27 67.33
CA VAL OB 252 10.12 71.62 65.96
C VAL OB 252 9.12 70.63 65.39
N LEU OB 253 7.97 71.13 64.94
CA LEU OB 253 6.95 70.28 64.33
C LEU OB 253 7.47 69.66 63.04
N GLU OB 254 7.23 68.36 62.86
CA GLU OB 254 7.60 67.69 61.62
C GLU OB 254 6.71 68.15 60.49
N THR OB 255 7.31 68.33 59.31
CA THR OB 255 6.51 68.71 58.16
C THR OB 255 6.57 67.64 57.09
N PHE OB 256 5.40 67.29 56.57
CA PHE OB 256 5.30 66.39 55.45
C PHE OB 256 5.04 67.25 54.24
N TYR OB 257 6.05 67.40 53.40
CA TYR OB 257 5.93 68.43 52.38
C TYR OB 257 4.87 68.20 51.30
N PRO OB 258 4.94 67.06 50.58
CA PRO OB 258 4.15 66.98 49.35
C PRO OB 258 2.67 67.00 49.67
N ILE OB 259 2.39 66.71 50.92
CA ILE OB 259 1.05 66.52 51.42
C ILE OB 259 0.59 67.75 52.22
N SER OB 260 -0.51 68.36 51.81
CA SER OB 260 -1.10 69.44 52.61
C SER OB 260 -1.59 68.84 53.92
N PRO OB 261 -1.53 69.62 55.01
CA PRO OB 261 -1.87 69.04 56.31
C PRO OB 261 -3.36 68.72 56.35
N THR OB 262 -4.08 69.36 55.43
CA THR OB 262 -5.52 69.30 55.32
C THR OB 262 -6.07 67.96 54.76
N MET OB 263 -5.24 67.25 54.01
CA MET OB 263 -5.68 66.02 53.34
C MET OB 263 -6.35 65.01 54.27
N GLY OB 264 -7.51 64.53 53.84
CA GLY OB 264 -8.26 63.58 54.64
C GLY OB 264 -9.38 64.27 55.36
N LEU OB 265 -9.64 65.52 54.98
CA LEU OB 265 -10.71 66.27 55.60
C LEU OB 265 -11.81 66.58 54.60
N GLN OB 266 -12.88 67.21 55.08
CA GLN OB 266 -14.03 67.42 54.21
C GLN OB 266 -14.30 68.91 54.06
N GLU OB 267 -14.10 69.41 52.86
CA GLU OB 267 -14.27 70.83 52.61
C GLU OB 267 -15.74 71.16 52.71
N CYS OB 268 -16.04 72.35 53.24
CA CYS OB 268 -17.43 72.76 53.37
C CYS OB 268 -17.58 74.27 53.29
N ASN OB 269 -18.67 74.69 52.66
CA ASN OB 269 -19.04 76.09 52.57
C ASN OB 269 -20.16 76.56 53.51
N VAL OB 270 -20.76 75.66 54.28
CA VAL OB 270 -21.74 76.09 55.28
C VAL OB 270 -21.56 75.37 56.61
N TYR OB 271 -21.26 76.18 57.63
CA TYR OB 271 -20.88 75.69 58.95
C TYR OB 271 -21.23 76.72 60.00
N ASP OB 272 -21.18 76.33 61.25
CA ASP OB 272 -21.39 77.27 62.34
C ASP OB 272 -20.13 77.36 63.19
N VAL OB 273 -19.70 78.59 63.47
CA VAL OB 273 -18.61 78.73 64.41
C VAL OB 273 -19.21 79.10 65.74
N ASN OB 274 -19.25 78.09 66.58
CA ASN OB 274 -19.70 78.22 67.94
C ASN OB 274 -19.02 77.09 68.66
N ASP OB 275 -18.79 77.27 69.95
CA ASP OB 275 -18.09 76.26 70.72
C ASP OB 275 -19.13 75.44 71.46
N ASP OB 276 -19.33 74.21 71.02
CA ASP OB 276 -20.36 73.36 71.61
C ASP OB 276 -19.84 72.00 72.02
N THR OB 277 -20.32 71.58 73.17
CA THR OB 277 -20.12 70.25 73.66
C THR OB 277 -21.55 69.78 73.76
N GLY OB 278 -21.76 68.49 73.98
CA GLY OB 278 -23.10 67.95 73.81
C GLY OB 278 -24.16 68.49 74.76
N PHE OB 279 -23.78 69.44 75.61
CA PHE OB 279 -24.64 69.88 76.70
C PHE OB 279 -24.85 71.40 76.77
N GLN OB 280 -25.95 71.80 77.40
CA GLN OB 280 -26.27 73.20 77.64
C GLN OB 280 -25.44 73.75 78.79
N GLU OB 281 -25.81 74.94 79.24
CA GLU OB 281 -25.25 75.55 80.45
C GLU OB 281 -25.55 74.73 81.71
N GLY OB 282 -24.65 74.80 82.68
CA GLY OB 282 -24.92 74.27 84.01
C GLY OB 282 -25.27 72.80 84.08
N TYR OB 283 -24.39 71.98 83.52
CA TYR OB 283 -24.58 70.54 83.51
C TYR OB 283 -23.83 69.89 84.69
N PRO OB 284 -24.51 69.01 85.45
CA PRO OB 284 -23.99 68.41 86.69
C PRO OB 284 -22.75 67.53 86.53
N TYR OB 285 -22.43 67.13 85.30
CA TYR OB 285 -21.21 66.35 85.05
C TYR OB 285 -20.42 67.00 83.93
N PRO OB 286 -19.94 68.24 84.15
CA PRO OB 286 -19.50 69.14 83.08
C PRO OB 286 -18.19 68.73 82.41
N CYS OB 287 -17.37 67.88 83.03
CA CYS OB 287 -16.00 67.76 82.55
C CYS OB 287 -15.66 66.40 81.93
N PRO OB 288 -15.54 66.35 80.57
CA PRO OB 288 -15.18 65.16 79.80
C PRO OB 288 -13.93 64.47 80.29
N HIS OB 289 -14.06 63.17 80.49
CA HIS OB 289 -13.04 62.41 81.14
C HIS OB 289 -12.42 61.43 80.17
N THR OB 290 -13.20 60.46 79.70
CA THR OB 290 -12.66 59.48 78.76
C THR OB 290 -13.56 59.29 77.52
N LEU OB 291 -12.93 59.19 76.34
CA LEU OB 291 -13.66 58.97 75.10
C LEU OB 291 -13.44 57.55 74.58
N TYR OB 292 -14.49 56.92 74.08
CA TYR OB 292 -14.37 55.54 73.66
C TYR OB 292 -14.69 55.31 72.17
N PHE OB 293 -13.67 54.93 71.41
CA PHE OB 293 -13.83 54.75 69.97
C PHE OB 293 -13.79 53.33 69.54
N LEU OB 294 -14.91 52.84 69.05
CA LEU OB 294 -14.98 51.45 68.65
C LEU OB 294 -14.76 51.26 67.17
N GLU OB 295 -14.04 50.20 66.78
CA GLU OB 295 -14.11 49.81 65.40
C GLU OB 295 -14.97 48.58 65.30
N SER OB 296 -16.19 48.80 64.85
CA SER OB 296 -17.09 47.71 64.61
C SER OB 296 -17.39 47.74 63.14
N ALA OB 297 -16.79 46.80 62.43
CA ALA OB 297 -17.04 46.61 61.03
C ALA OB 297 -16.58 45.21 60.80
N ASN OB 298 -16.96 44.64 59.70
CA ASN OB 298 -16.52 43.29 59.40
C ASN OB 298 -15.42 43.31 58.35
N LEU OB 299 -15.70 43.92 57.20
CA LEU OB 299 -14.66 44.19 56.22
C LEU OB 299 -13.44 44.88 56.80
N ARG OB 300 -12.25 44.38 56.47
CA ARG OB 300 -10.99 45.04 56.80
C ARG OB 300 -11.02 46.51 56.37
N PRO OB 301 -11.23 46.78 55.06
CA PRO OB 301 -11.10 48.17 54.59
C PRO OB 301 -12.17 49.08 55.16
N ARG OB 302 -13.21 48.48 55.74
CA ARG OB 302 -14.21 49.29 56.39
C ARG OB 302 -13.72 49.90 57.68
N ARG OB 303 -12.89 49.18 58.43
CA ARG OB 303 -12.37 49.70 59.69
C ARG OB 303 -11.29 50.75 59.45
N PHE OB 304 -10.72 51.26 60.54
CA PHE OB 304 -9.58 52.19 60.48
C PHE OB 304 -8.28 51.41 60.60
N GLN OB 305 -7.24 51.85 59.92
CA GLN OB 305 -5.92 51.32 60.20
C GLN OB 305 -5.50 51.85 61.58
N PRO OB 306 -4.73 51.05 62.37
CA PRO OB 306 -4.51 51.41 63.79
C PRO OB 306 -3.87 52.79 63.95
N ASP OB 307 -3.17 53.24 62.92
CA ASP OB 307 -2.63 54.59 62.89
C ASP OB 307 -3.72 55.66 62.80
N GLN OB 308 -4.54 55.56 61.76
CA GLN OB 308 -5.58 56.55 61.49
C GLN OB 308 -6.51 56.66 62.69
N LEU OB 309 -6.68 55.54 63.40
CA LEU OB 309 -7.46 55.51 64.62
C LEU OB 309 -6.85 56.46 65.63
N ARG OB 310 -5.56 56.28 65.88
CA ARG OB 310 -4.82 57.12 66.80
C ARG OB 310 -5.00 58.57 66.45
N ALA OB 311 -4.88 58.89 65.17
CA ALA OB 311 -5.10 60.26 64.75
C ALA OB 311 -6.48 60.74 65.17
N LYS OB 312 -7.48 60.01 64.71
CA LYS OB 312 -8.88 60.35 64.88
C LYS OB 312 -9.18 60.67 66.32
N MET OB 313 -8.66 59.83 67.21
CA MET OB 313 -8.95 60.04 68.61
C MET OB 313 -8.09 61.15 69.20
N ILE OB 314 -6.95 61.45 68.58
CA ILE OB 314 -6.22 62.61 69.03
C ILE OB 314 -7.01 63.88 68.77
N LEU OB 315 -7.47 64.02 67.53
CA LEU OB 315 -8.24 65.20 67.14
C LEU OB 315 -9.51 65.32 67.95
N PHE OB 316 -10.16 64.19 68.16
CA PHE OB 316 -11.40 64.24 68.91
C PHE OB 316 -11.14 64.60 70.37
N ALA OB 317 -10.14 63.97 70.98
CA ALA OB 317 -9.79 64.30 72.36
C ALA OB 317 -9.50 65.78 72.47
N PHE OB 318 -8.81 66.27 71.45
CA PHE OB 318 -8.50 67.67 71.33
C PHE OB 318 -9.77 68.50 71.32
N GLY OB 319 -10.78 67.99 70.65
CA GLY OB 319 -12.04 68.70 70.61
C GLY OB 319 -12.68 68.79 71.98
N SER OB 320 -12.85 67.63 72.61
CA SER OB 320 -13.42 67.56 73.96
C SER OB 320 -12.70 68.51 74.89
N ALA OB 321 -11.40 68.67 74.68
CA ALA OB 321 -10.62 69.59 75.48
C ALA OB 321 -10.97 71.04 75.16
N LEU OB 322 -10.90 71.42 73.89
CA LEU OB 322 -11.09 72.80 73.49
C LEU OB 322 -12.46 73.32 73.87
N ALA OB 323 -13.44 72.42 73.85
CA ALA OB 323 -14.80 72.74 74.27
C ALA OB 323 -14.82 73.36 75.66
N GLN OB 324 -14.41 72.58 76.65
CA GLN OB 324 -14.31 73.07 78.02
C GLN OB 324 -13.40 74.28 78.12
N ALA OB 325 -12.29 74.26 77.39
CA ALA OB 325 -11.31 75.35 77.44
C ALA OB 325 -11.97 76.69 77.16
N ARG OB 326 -12.86 76.70 76.18
CA ARG OB 326 -13.55 77.93 75.83
C ARG OB 326 -14.85 78.11 76.59
N LEU OB 327 -15.23 77.08 77.35
CA LEU OB 327 -16.35 77.21 78.28
C LEU OB 327 -15.96 77.92 79.57
N LEU OB 328 -14.87 77.49 80.17
CA LEU OB 328 -14.46 77.97 81.49
C LEU OB 328 -13.64 79.26 81.41
N TYR OB 329 -13.17 79.59 80.21
CA TYR OB 329 -12.25 80.70 80.00
C TYR OB 329 -12.76 81.61 78.88
N GLY OB 330 -12.97 81.03 77.70
CA GLY OB 330 -13.55 81.76 76.58
C GLY OB 330 -12.67 82.01 75.37
N ASN OB 331 -13.30 82.45 74.29
CA ASN OB 331 -12.78 82.42 72.92
C ASN OB 331 -11.41 83.06 72.71
N ASP OB 332 -11.03 83.90 73.66
CA ASP OB 332 -9.77 84.61 73.63
C ASP OB 332 -8.60 83.65 73.43
N SER OB 333 -7.59 84.07 72.69
CA SER OB 333 -6.44 83.21 72.43
C SER OB 333 -5.30 83.46 73.45
N LYS OB 334 -5.13 82.50 74.36
CA LYS OB 334 -4.18 82.57 75.47
C LYS OB 334 -3.51 81.22 75.65
N VAL OB 335 -2.46 81.17 76.46
CA VAL OB 335 -1.91 79.89 76.88
C VAL OB 335 -2.48 79.55 78.25
N LEU OB 336 -2.74 78.27 78.51
CA LEU OB 336 -3.50 77.88 79.69
C LEU OB 336 -2.70 77.79 81.00
N GLU OB 337 -3.19 78.50 82.01
CA GLU OB 337 -2.65 78.50 83.37
C GLU OB 337 -3.12 77.25 84.13
N GLN OB 338 -4.27 76.74 83.70
CA GLN OB 338 -4.83 75.50 84.21
C GLN OB 338 -5.08 74.55 83.05
N PRO OB 339 -4.08 73.68 82.78
CA PRO OB 339 -3.99 72.73 81.67
C PRO OB 339 -5.13 71.70 81.65
N VAL OB 340 -5.78 71.54 80.49
CA VAL OB 340 -6.86 70.55 80.36
C VAL OB 340 -6.25 69.18 80.16
N VAL OB 341 -6.92 68.14 80.66
CA VAL OB 341 -6.47 66.79 80.39
C VAL OB 341 -7.65 65.86 80.11
N VAL OB 342 -7.58 65.13 79.00
CA VAL OB 342 -8.62 64.17 78.65
C VAL OB 342 -7.95 62.82 78.36
N GLN OB 343 -8.75 61.77 78.30
CA GLN OB 343 -8.26 60.46 77.88
C GLN OB 343 -9.07 59.91 76.70
N SER OB 344 -8.48 58.95 76.00
CA SER OB 344 -9.21 58.21 74.97
C SER OB 344 -8.72 56.77 74.89
N VAL OB 345 -9.67 55.87 74.73
CA VAL OB 345 -9.36 54.49 74.45
C VAL OB 345 -9.98 54.15 73.09
N GLY OB 346 -9.36 53.25 72.35
CA GLY OB 346 -9.89 52.89 71.05
C GLY OB 346 -9.60 51.46 70.70
N THR OB 347 -10.44 50.87 69.86
CA THR OB 347 -10.52 49.42 69.85
C THR OB 347 -10.88 48.70 68.56
N ASP OB 348 -10.19 47.58 68.33
CA ASP OB 348 -10.61 46.53 67.44
C ASP OB 348 -11.50 45.57 68.19
N GLY OB 349 -11.41 45.65 69.51
CA GLY OB 349 -11.93 44.65 70.41
C GLY OB 349 -10.85 43.62 70.67
N ARG OB 350 -9.92 43.43 69.74
CA ARG OB 350 -8.74 42.60 70.02
C ARG OB 350 -7.49 43.41 70.27
N LEU OB 351 -7.54 44.70 69.99
CA LEU OB 351 -6.34 45.50 70.03
C LEU OB 351 -6.70 46.90 70.48
N PHE OB 352 -5.92 47.47 71.39
CA PHE OB 352 -6.28 48.77 71.99
C PHE OB 352 -5.28 49.88 71.71
N GLN OB 353 -5.79 51.10 71.79
CA GLN OB 353 -4.96 52.28 71.73
C GLN OB 353 -5.34 53.19 72.89
N PHE OB 354 -4.37 53.47 73.77
CA PHE OB 354 -4.55 54.36 74.91
C PHE OB 354 -3.94 55.71 74.63
N LEU OB 355 -4.62 56.75 75.09
CA LEU OB 355 -4.16 58.09 74.82
C LEU OB 355 -4.55 59.05 75.94
N VAL OB 356 -3.66 59.97 76.26
CA VAL OB 356 -3.95 61.04 77.20
C VAL OB 356 -3.51 62.38 76.64
N LEU OB 357 -4.41 63.34 76.69
CA LEU OB 357 -4.22 64.59 76.00
C LEU OB 357 -4.29 65.78 76.94
N GLN OB 358 -3.16 66.48 77.09
CA GLN OB 358 -3.11 67.69 77.89
C GLN OB 358 -3.11 68.92 77.01
N LEU OB 359 -4.22 69.65 77.04
CA LEU OB 359 -4.34 70.90 76.31
C LEU OB 359 -3.65 72.02 77.08
N ASN OB 360 -2.61 72.57 76.47
CA ASN OB 360 -1.88 73.71 77.00
C ASN OB 360 -2.07 75.11 76.38
N THR OB 361 -2.76 75.20 75.25
CA THR OB 361 -2.81 76.46 74.51
C THR OB 361 -4.13 76.68 73.75
N THR OB 362 -4.70 77.88 73.87
CA THR OB 362 -5.88 78.29 73.11
C THR OB 362 -5.55 79.17 71.89
N ASP OB 363 -4.27 79.51 71.69
CA ASP OB 363 -3.87 80.19 70.43
C ASP OB 363 -2.98 79.30 69.57
N LEU OB 364 -3.57 78.72 68.53
CA LEU OB 364 -2.86 77.82 67.64
C LEU OB 364 -2.52 78.42 66.27
N ALA OB 365 -2.96 79.65 66.03
CA ALA OB 365 -2.75 80.30 64.74
C ALA OB 365 -1.26 80.42 64.44
N SER OB 366 -0.51 80.80 65.46
CA SER OB 366 0.93 80.80 65.39
C SER OB 366 1.42 79.38 65.46
N ASP OB 367 2.51 79.09 64.79
CA ASP OB 367 3.11 77.77 64.86
C ASP OB 367 4.20 77.68 65.95
N GLU OB 368 4.65 78.82 66.45
CA GLU OB 368 5.91 78.89 67.20
C GLU OB 368 5.81 78.90 68.74
N GLY OB 369 4.59 78.82 69.27
CA GLY OB 369 4.39 78.97 70.71
C GLY OB 369 4.73 77.73 71.53
N VAL OB 370 4.16 77.62 72.72
CA VAL OB 370 4.30 76.39 73.52
C VAL OB 370 3.17 75.43 73.16
N LYS OB 371 3.49 74.13 73.12
CA LYS OB 371 2.58 73.16 72.52
C LYS OB 371 1.91 72.22 73.54
N ASN OB 372 0.72 71.77 73.18
CA ASN OB 372 -0.02 70.80 73.98
C ASN OB 372 0.73 69.49 74.00
N LEU OB 373 0.40 68.61 74.94
CA LEU OB 373 1.13 67.37 75.03
C LEU OB 373 0.23 66.14 74.92
N ALA OB 374 0.74 65.10 74.26
CA ALA OB 374 -0.02 63.87 74.04
C ALA OB 374 0.78 62.63 74.36
N TRP OB 375 0.28 61.83 75.30
CA TRP OB 375 0.86 60.52 75.60
C TRP OB 375 0.09 59.42 74.91
N VAL OB 376 0.77 58.56 74.17
CA VAL OB 376 0.08 57.52 73.45
C VAL OB 376 0.73 56.14 73.63
N ASP OB 377 -0.05 55.23 74.20
CA ASP OB 377 0.34 53.84 74.34
C ASP OB 377 -0.40 53.08 73.25
N SER OB 378 0.33 52.63 72.25
CA SER OB 378 -0.29 52.14 71.02
C SER OB 378 -0.25 50.62 70.85
N ASP OB 379 -1.28 50.09 70.21
CA ASP OB 379 -1.28 48.71 69.76
C ASP OB 379 -1.01 47.76 70.89
N GLN OB 380 -1.79 47.91 71.94
CA GLN OB 380 -1.64 47.04 73.07
C GLN OB 380 -2.57 45.85 72.88
N LEU OB 381 -1.94 44.72 72.62
CA LEU OB 381 -2.67 43.52 72.26
C LEU OB 381 -3.28 42.91 73.51
N LEU OB 382 -4.59 42.73 73.53
CA LEU OB 382 -5.24 42.09 74.66
C LEU OB 382 -4.96 40.58 74.67
N TYR OB 383 -5.44 39.89 73.64
CA TYR OB 383 -5.14 38.48 73.43
C TYR OB 383 -4.54 38.34 72.05
N GLN OB 384 -3.92 37.22 71.76
CA GLN OB 384 -3.37 37.03 70.42
C GLN OB 384 -4.48 36.75 69.40
N HIS OB 385 -5.14 35.61 69.56
CA HIS OB 385 -6.10 35.12 68.58
C HIS OB 385 -7.07 34.25 69.37
N PHE OB 386 -8.25 33.98 68.82
CA PHE OB 386 -9.23 33.21 69.56
C PHE OB 386 -9.66 31.97 68.79
N TRP OB 387 -10.17 30.98 69.50
CA TRP OB 387 -10.76 29.85 68.83
C TRP OB 387 -12.10 29.50 69.46
N CYS OB 388 -13.14 29.58 68.64
CA CYS OB 388 -14.52 29.25 69.02
C CYS OB 388 -14.86 27.76 68.86
N LEU OB 389 -14.10 27.10 68.02
CA LEU OB 389 -14.28 25.68 67.77
C LEU OB 389 -12.98 25.01 68.09
N PRO OB 390 -13.04 23.78 68.61
CA PRO OB 390 -11.79 23.09 68.94
C PRO OB 390 -11.00 22.88 67.66
N VAL OB 391 -9.72 23.25 67.64
CA VAL OB 391 -8.96 23.04 66.40
C VAL OB 391 -8.26 21.69 66.51
N ILE OB 392 -8.51 20.89 65.47
CA ILE OB 392 -8.27 19.46 65.49
C ILE OB 392 -7.37 19.00 64.35
N LYS OB 393 -6.38 18.17 64.68
CA LYS OB 393 -5.41 17.70 63.71
C LYS OB 393 -5.12 16.21 63.92
N LYS OB 394 -5.20 15.44 62.85
CA LYS OB 394 -4.96 13.99 62.86
C LYS OB 394 -5.77 13.25 63.92
N LYS OB 395 -7.07 13.54 63.94
CA LYS OB 395 -8.05 12.93 64.83
C LYS OB 395 -7.80 13.23 66.30
N VAL OB 396 -7.04 14.29 66.57
CA VAL OB 396 -6.79 14.71 67.95
C VAL OB 396 -7.21 16.16 68.11
N VAL OB 397 -7.53 16.56 69.34
CA VAL OB 397 -7.71 17.97 69.57
C VAL OB 397 -6.35 18.52 69.99
N VAL OB 398 -5.74 19.29 69.11
CA VAL OB 398 -4.50 19.97 69.43
C VAL OB 398 -4.85 21.19 70.28
N GLU OB 399 -5.61 22.13 69.73
CA GLU OB 399 -5.89 23.33 70.49
C GLU OB 399 -7.31 23.46 70.98
N PRO OB 400 -7.45 23.70 72.29
CA PRO OB 400 -8.74 23.89 72.95
C PRO OB 400 -9.34 25.23 72.57
N VAL OB 401 -10.57 25.50 73.01
CA VAL OB 401 -11.22 26.74 72.67
C VAL OB 401 -10.87 27.79 73.70
N GLY OB 402 -10.71 29.02 73.24
CA GLY OB 402 -10.37 30.09 74.15
C GLY OB 402 -9.46 31.07 73.48
N PRO OB 403 -8.93 32.02 74.24
CA PRO OB 403 -7.90 32.95 73.79
C PRO OB 403 -6.49 32.33 73.80
N ILE OB 404 -5.66 32.71 72.85
CA ILE OB 404 -4.22 32.44 72.93
C ILE OB 404 -3.54 33.71 73.38
N GLY OB 405 -2.87 33.62 74.51
CA GLY OB 405 -2.12 34.75 75.03
C GLY OB 405 -3.06 35.67 75.75
N PHE OB 406 -2.57 36.27 76.82
CA PHE OB 406 -3.34 37.24 77.57
C PHE OB 406 -2.34 38.27 78.07
N GLN OB 407 -2.59 39.55 77.84
CA GLN OB 407 -1.69 40.55 78.41
C GLN OB 407 -2.41 41.30 79.50
N PRO OB 408 -2.07 40.97 80.75
CA PRO OB 408 -2.65 41.68 81.89
C PRO OB 408 -2.19 43.13 81.89
N GLU OB 409 -1.16 43.40 81.08
CA GLU OB 409 -0.57 44.73 80.96
C GLU OB 409 -1.56 45.72 80.39
N THR OB 410 -2.14 45.33 79.26
CA THR OB 410 -3.10 46.15 78.58
C THR OB 410 -4.26 46.49 79.50
N PHE OB 411 -4.77 45.48 80.22
CA PHE OB 411 -5.88 45.72 81.12
C PHE OB 411 -5.45 46.62 82.25
N ARG OB 412 -4.25 46.37 82.75
CA ARG OB 412 -3.68 47.17 83.83
C ARG OB 412 -3.78 48.62 83.45
N LYS OB 413 -3.31 48.95 82.26
CA LYS OB 413 -3.38 50.31 81.79
C LYS OB 413 -4.84 50.76 81.62
N PHE OB 414 -5.70 49.85 81.20
CA PHE OB 414 -7.10 50.21 80.97
C PHE OB 414 -7.75 50.69 82.26
N LEU OB 415 -7.73 49.81 83.25
CA LEU OB 415 -8.24 50.08 84.59
C LEU OB 415 -7.62 51.37 85.08
N ALA OB 416 -6.32 51.48 84.85
CA ALA OB 416 -5.57 52.65 85.23
C ALA OB 416 -6.22 53.93 84.71
N LEU OB 417 -6.50 53.95 83.41
CA LEU OB 417 -7.11 55.13 82.81
C LEU OB 417 -8.52 55.33 83.37
N TYR OB 418 -9.16 54.23 83.72
CA TYR OB 418 -10.47 54.38 84.33
C TYR OB 418 -10.32 55.04 85.70
N LEU OB 419 -9.29 54.67 86.43
CA LEU OB 419 -9.18 55.01 87.84
C LEU OB 419 -8.58 56.38 88.16
N HIS OB 420 -8.21 57.13 87.13
CA HIS OB 420 -7.35 58.30 87.31
C HIS OB 420 -7.92 59.46 88.16
N GLY OB 421 -9.24 59.49 88.35
CA GLY OB 421 -9.87 60.58 89.09
C GLY OB 421 -9.77 60.46 90.61
N ALA OB 422 -9.77 59.21 91.09
CA ALA OB 422 -9.69 58.92 92.51
C ALA OB 422 -8.24 58.78 92.98
N ARG PB 27 -36.28 -20.01 -56.91
CA ARG PB 27 -37.05 -20.67 -57.97
C ARG PB 27 -36.50 -20.31 -59.36
N ARG PB 28 -35.81 -21.26 -60.00
CA ARG PB 28 -35.24 -20.99 -61.34
C ARG PB 28 -36.11 -21.57 -62.43
N ALA PB 29 -36.20 -20.84 -63.54
CA ALA PB 29 -36.95 -21.30 -64.71
C ALA PB 29 -36.01 -21.93 -65.72
N ALA PB 30 -36.59 -22.46 -66.79
CA ALA PB 30 -35.83 -23.05 -67.89
C ALA PB 30 -35.87 -22.16 -69.12
N PRO PB 31 -34.70 -21.84 -69.68
CA PRO PB 31 -34.60 -21.06 -70.92
C PRO PB 31 -35.43 -21.70 -72.03
N LEU PB 32 -36.08 -20.87 -72.83
CA LEU PB 32 -36.92 -21.38 -73.90
C LEU PB 32 -36.21 -21.21 -75.24
N GLY PB 33 -35.76 -22.33 -75.77
CA GLY PB 33 -34.89 -22.30 -76.93
C GLY PB 33 -33.53 -21.81 -76.52
N PRO PB 34 -32.86 -21.12 -77.45
CA PRO PB 34 -31.48 -20.67 -77.24
C PRO PB 34 -31.39 -19.52 -76.24
N MET PB 35 -30.35 -19.57 -75.41
CA MET PB 35 -29.92 -18.45 -74.60
C MET PB 35 -28.75 -17.78 -75.33
N PRO PB 36 -28.78 -16.45 -75.47
CA PRO PB 36 -28.00 -15.76 -76.50
C PRO PB 36 -26.51 -16.09 -76.61
N ASN PB 37 -25.75 -16.10 -75.53
CA ASN PB 37 -24.31 -16.22 -75.70
C ASN PB 37 -23.77 -17.61 -75.46
N GLU PB 38 -24.68 -18.52 -75.18
CA GLU PB 38 -24.34 -19.87 -74.74
C GLU PB 38 -23.34 -20.62 -75.64
N ASP PB 39 -23.31 -20.29 -76.93
CA ASP PB 39 -22.64 -21.12 -77.92
C ASP PB 39 -21.10 -21.16 -77.83
N ILE PB 40 -20.51 -20.07 -77.38
CA ILE PB 40 -19.04 -19.97 -77.31
C ILE PB 40 -18.48 -20.57 -76.01
N ASP PB 41 -17.28 -21.14 -76.11
CA ASP PB 41 -16.67 -21.88 -75.02
C ASP PB 41 -15.92 -20.99 -74.07
N VAL PB 42 -16.35 -20.99 -72.81
CA VAL PB 42 -15.67 -20.22 -71.78
C VAL PB 42 -14.33 -20.84 -71.42
N SER PB 43 -14.27 -22.16 -71.47
CA SER PB 43 -13.00 -22.85 -71.33
C SER PB 43 -12.07 -22.32 -72.42
N ASP PB 44 -10.88 -21.86 -72.00
CA ASP PB 44 -9.86 -21.32 -72.90
C ASP PB 44 -10.31 -20.09 -73.70
N LEU PB 45 -10.43 -18.95 -73.02
CA LEU PB 45 -10.81 -17.71 -73.68
C LEU PB 45 -9.70 -17.13 -74.54
N GLU PB 46 -8.46 -17.38 -74.13
CA GLU PB 46 -7.30 -16.85 -74.83
C GLU PB 46 -7.28 -17.32 -76.28
N ARG PB 47 -7.70 -18.56 -76.52
CA ARG PB 47 -7.65 -19.12 -77.87
C ARG PB 47 -8.83 -18.74 -78.74
N LEU PB 48 -9.78 -17.96 -78.20
CA LEU PB 48 -10.90 -17.56 -79.01
C LEU PB 48 -10.59 -16.24 -79.67
N LYS PB 49 -11.00 -16.08 -80.93
CA LYS PB 49 -10.77 -14.84 -81.64
C LYS PB 49 -11.70 -13.75 -81.08
N LYS PB 50 -11.27 -12.48 -81.16
CA LYS PB 50 -12.06 -11.36 -80.64
C LYS PB 50 -12.38 -10.34 -81.72
N TYR PB 51 -13.41 -9.54 -81.52
CA TYR PB 51 -13.46 -8.32 -82.31
C TYR PB 51 -12.77 -7.23 -81.52
N ARG PB 52 -11.64 -6.77 -82.03
CA ARG PB 52 -10.90 -5.71 -81.38
C ARG PB 52 -11.50 -4.36 -81.74
N SER PB 53 -12.47 -4.40 -82.66
CA SER PB 53 -13.10 -3.20 -83.19
C SER PB 53 -14.47 -2.93 -82.63
N PHE PB 54 -14.65 -1.70 -82.18
CA PHE PB 54 -15.94 -1.17 -81.85
C PHE PB 54 -16.92 -1.45 -82.99
N ASP PB 55 -16.43 -1.30 -84.21
CA ASP PB 55 -17.27 -1.44 -85.39
C ASP PB 55 -17.82 -2.83 -85.57
N ARG PB 56 -16.94 -3.82 -85.64
CA ARG PB 56 -17.36 -5.21 -85.86
C ARG PB 56 -18.48 -5.54 -84.90
N TYR PB 57 -18.22 -5.19 -83.65
CA TYR PB 57 -19.18 -5.34 -82.58
C TYR PB 57 -20.49 -4.73 -82.95
N ARG PB 58 -20.46 -3.46 -83.35
CA ARG PB 58 -21.67 -2.76 -83.75
C ARG PB 58 -22.47 -3.58 -84.75
N ARG PB 59 -21.77 -4.08 -85.76
CA ARG PB 59 -22.42 -4.84 -86.83
C ARG PB 59 -23.10 -6.11 -86.32
N ARG PB 60 -22.30 -6.98 -85.69
CA ARG PB 60 -22.77 -8.25 -85.17
C ARG PB 60 -23.95 -8.01 -84.23
N ALA PB 61 -23.84 -6.89 -83.52
CA ALA PB 61 -24.88 -6.42 -82.63
C ALA PB 61 -26.17 -6.24 -83.40
N GLU PB 62 -26.15 -5.41 -84.43
CA GLU PB 62 -27.39 -5.10 -85.14
C GLU PB 62 -27.96 -6.35 -85.82
N GLN PB 63 -27.06 -7.23 -86.27
CA GLN PB 63 -27.46 -8.56 -86.72
C GLN PB 63 -28.35 -9.22 -85.68
N GLU PB 64 -27.89 -9.21 -84.43
CA GLU PB 64 -28.69 -9.80 -83.34
C GLU PB 64 -29.92 -8.98 -83.01
N ALA PB 65 -29.93 -7.73 -83.44
CA ALA PB 65 -31.09 -6.88 -83.22
C ALA PB 65 -32.16 -7.20 -84.26
N ARG PB 66 -31.79 -7.86 -85.35
CA ARG PB 66 -32.74 -8.13 -86.41
C ARG PB 66 -33.38 -9.53 -86.46
N LYS PB 67 -33.02 -10.41 -85.54
CA LYS PB 67 -33.66 -11.73 -85.46
C LYS PB 67 -34.87 -11.71 -84.50
N PRO PB 68 -35.78 -12.68 -84.65
CA PRO PB 68 -36.95 -12.93 -83.79
C PRO PB 68 -36.64 -13.66 -82.49
N HIS PB 69 -36.25 -12.91 -81.46
CA HIS PB 69 -35.96 -13.48 -80.15
C HIS PB 69 -37.20 -13.98 -79.44
N TRP PB 70 -37.02 -14.91 -78.50
CA TRP PB 70 -38.14 -15.54 -77.85
C TRP PB 70 -38.55 -14.79 -76.59
N TRP PB 71 -37.93 -13.64 -76.37
CA TRP PB 71 -38.29 -12.84 -75.22
C TRP PB 71 -38.86 -11.50 -75.67
N ARG PB 72 -39.59 -10.81 -74.79
CA ARG PB 72 -40.21 -9.54 -75.15
C ARG PB 72 -39.16 -8.58 -75.69
N THR PB 73 -39.42 -8.04 -76.87
CA THR PB 73 -38.45 -7.20 -77.56
C THR PB 73 -39.05 -5.90 -78.07
N TYR PB 74 -38.18 -4.96 -78.46
CA TYR PB 74 -38.58 -3.67 -78.97
C TYR PB 74 -39.55 -3.82 -80.10
N ARG PB 75 -39.13 -4.62 -81.06
CA ARG PB 75 -39.94 -4.91 -82.23
C ARG PB 75 -41.37 -5.27 -81.85
N GLU PB 76 -41.50 -6.18 -80.89
CA GLU PB 76 -42.80 -6.70 -80.50
C GLU PB 76 -43.78 -5.59 -80.14
N HIS PB 77 -43.39 -4.72 -79.22
CA HIS PB 77 -44.29 -3.67 -78.74
C HIS PB 77 -44.41 -2.46 -79.65
N PHE PB 78 -43.38 -2.19 -80.41
CA PHE PB 78 -43.32 -0.90 -81.07
C PHE PB 78 -43.88 -0.84 -82.46
N GLY PB 79 -44.63 -1.86 -82.84
CA GLY PB 79 -45.41 -1.74 -84.05
C GLY PB 79 -44.57 -1.77 -85.29
N GLU PB 80 -43.92 -2.91 -85.51
CA GLU PB 80 -43.21 -3.21 -86.76
C GLU PB 80 -44.20 -3.20 -87.96
N GLU PB 81 -45.47 -2.94 -87.66
CA GLU PB 81 -46.60 -2.90 -88.63
C GLU PB 81 -46.90 -4.27 -89.26
N SER PB 82 -47.49 -5.13 -88.43
CA SER PB 82 -48.05 -6.44 -88.79
C SER PB 82 -46.97 -7.52 -88.83
N GLY PB 83 -45.71 -7.10 -88.74
CA GLY PB 83 -44.59 -8.01 -88.85
C GLY PB 83 -44.58 -8.65 -90.22
N PRO PB 84 -44.44 -9.99 -90.26
CA PRO PB 84 -44.49 -10.72 -91.54
C PRO PB 84 -45.87 -10.60 -92.20
N LYS PB 85 -45.88 -10.24 -93.48
CA LYS PB 85 -47.13 -10.16 -94.22
C LYS PB 85 -47.00 -11.03 -95.46
N ASP PB 86 -48.01 -11.88 -95.71
CA ASP PB 86 -48.06 -12.66 -96.94
C ASP PB 86 -48.66 -11.76 -98.00
N ARG PB 87 -47.84 -11.42 -98.98
CA ARG PB 87 -48.18 -10.32 -99.85
C ARG PB 87 -49.18 -10.75 -100.90
N VAL PB 88 -50.29 -10.04 -100.93
CA VAL PB 88 -51.19 -10.17 -102.04
C VAL PB 88 -50.50 -9.38 -103.14
N ASP PB 89 -50.11 -10.05 -104.21
CA ASP PB 89 -49.34 -9.37 -105.22
C ASP PB 89 -50.09 -9.33 -106.52
N ILE PB 90 -50.56 -8.13 -106.89
CA ILE PB 90 -51.06 -7.94 -108.23
C ILE PB 90 -49.96 -7.23 -108.98
N GLY PB 91 -49.21 -7.98 -109.79
CA GLY PB 91 -48.05 -7.43 -110.46
C GLY PB 91 -48.11 -7.31 -111.98
N LEU PB 92 -47.08 -6.69 -112.54
CA LEU PB 92 -46.67 -7.01 -113.90
C LEU PB 92 -45.59 -8.06 -113.73
N PRO PB 93 -45.84 -9.27 -114.23
CA PRO PB 93 -44.89 -10.37 -114.08
C PRO PB 93 -43.48 -9.95 -114.46
N PRO PB 94 -42.48 -10.38 -113.68
CA PRO PB 94 -41.07 -10.00 -113.78
C PRO PB 94 -40.48 -10.15 -115.18
N PRO PB 95 -39.73 -9.15 -115.64
CA PRO PB 95 -39.03 -9.21 -116.94
C PRO PB 95 -38.05 -10.38 -116.99
N LYS PB 96 -38.14 -11.21 -118.03
CA LYS PB 96 -37.33 -12.43 -118.10
C LYS PB 96 -36.06 -12.23 -118.95
N VAL PB 97 -34.92 -12.29 -118.29
CA VAL PB 97 -33.62 -12.22 -118.95
C VAL PB 97 -32.76 -13.37 -118.41
N SER PB 98 -31.62 -13.64 -119.05
CA SER PB 98 -30.77 -14.81 -118.70
C SER PB 98 -29.57 -14.49 -117.81
N ARG PB 99 -29.33 -15.38 -116.83
CA ARG PB 99 -28.35 -15.15 -115.77
C ARG PB 99 -26.89 -15.02 -116.24
N THR PB 100 -26.40 -16.09 -116.84
CA THR PB 100 -24.97 -16.22 -117.11
C THR PB 100 -24.55 -15.23 -118.18
N GLN PB 101 -25.48 -14.92 -119.08
CA GLN PB 101 -25.25 -13.91 -120.13
C GLN PB 101 -24.86 -12.58 -119.52
N GLN PB 102 -25.74 -12.06 -118.67
CA GLN PB 102 -25.54 -10.76 -118.07
C GLN PB 102 -24.33 -10.77 -117.16
N LEU PB 103 -24.14 -11.87 -116.43
CA LEU PB 103 -22.94 -11.98 -115.59
C LEU PB 103 -21.66 -11.81 -116.42
N LEU PB 104 -21.58 -12.53 -117.53
CA LEU PB 104 -20.42 -12.42 -118.40
C LEU PB 104 -20.25 -11.00 -118.96
N GLU PB 105 -21.31 -10.48 -119.57
CA GLU PB 105 -21.27 -9.14 -120.18
C GLU PB 105 -20.75 -8.11 -119.21
N ARG PB 106 -21.36 -8.11 -118.02
CA ARG PB 106 -20.94 -7.22 -116.94
C ARG PB 106 -19.45 -7.42 -116.67
N LYS PB 107 -19.06 -8.67 -116.45
CA LYS PB 107 -17.66 -9.00 -116.14
C LYS PB 107 -16.69 -8.39 -117.14
N GLN PB 108 -17.00 -8.52 -118.42
CA GLN PB 108 -16.19 -7.96 -119.48
C GLN PB 108 -16.13 -6.44 -119.43
N ALA PB 109 -17.31 -5.81 -119.30
CA ALA PB 109 -17.39 -4.36 -119.19
C ALA PB 109 -16.44 -3.85 -118.09
N LEU PB 110 -16.42 -4.58 -116.99
CA LEU PB 110 -15.55 -4.25 -115.87
C LEU PB 110 -14.08 -4.43 -116.19
N ARG PB 111 -13.75 -5.55 -116.83
CA ARG PB 111 -12.38 -5.80 -117.28
C ARG PB 111 -11.86 -4.63 -118.11
N GLU PB 112 -12.69 -4.19 -119.04
CA GLU PB 112 -12.37 -3.03 -119.87
C GLU PB 112 -12.13 -1.82 -118.99
N LEU PB 113 -13.11 -1.54 -118.14
CA LEU PB 113 -13.09 -0.33 -117.32
C LEU PB 113 -11.84 -0.20 -116.43
N ARG PB 114 -11.62 -1.22 -115.60
CA ARG PB 114 -10.49 -1.25 -114.68
C ARG PB 114 -9.15 -1.15 -115.40
N ALA PB 115 -9.07 -1.85 -116.52
CA ALA PB 115 -7.86 -1.91 -117.33
C ALA PB 115 -7.39 -0.50 -117.69
N ASN PB 116 -8.34 0.42 -117.81
CA ASN PB 116 -8.02 1.78 -118.18
C ASN PB 116 -7.13 2.46 -117.15
N VAL PB 117 -6.01 2.98 -117.64
CA VAL PB 117 -4.99 3.63 -116.83
C VAL PB 117 -5.40 5.07 -116.49
N GLU PB 118 -5.96 5.76 -117.48
CA GLU PB 118 -6.55 7.08 -117.30
C GLU PB 118 -7.49 7.14 -116.09
N GLU PB 119 -8.28 6.07 -115.93
CA GLU PB 119 -9.25 5.96 -114.85
C GLU PB 119 -8.55 5.91 -113.49
N GLU PB 120 -7.54 5.08 -113.38
CA GLU PB 120 -6.81 4.91 -112.14
C GLU PB 120 -6.06 6.19 -111.75
N ARG PB 121 -5.50 6.88 -112.75
CA ARG PB 121 -4.90 8.20 -112.52
C ARG PB 121 -5.96 9.16 -112.01
N ALA PB 122 -7.16 9.11 -112.60
CA ALA PB 122 -8.28 9.94 -112.17
C ALA PB 122 -8.64 9.66 -110.72
N ALA PB 123 -8.48 8.40 -110.32
CA ALA PB 123 -8.83 7.96 -108.96
C ALA PB 123 -7.81 8.37 -107.89
N ARG PB 124 -6.53 8.06 -108.07
CA ARG PB 124 -5.51 8.34 -107.05
C ARG PB 124 -5.54 9.80 -106.64
N LEU PB 125 -5.73 10.64 -107.64
CA LEU PB 125 -5.60 12.07 -107.48
C LEU PB 125 -6.95 12.72 -107.21
N GLN PB 126 -7.97 11.86 -107.08
CA GLN PB 126 -9.27 12.23 -106.52
C GLN PB 126 -10.10 13.23 -107.32
N THR PB 127 -9.91 13.26 -108.64
CA THR PB 127 -10.84 14.00 -109.47
C THR PB 127 -11.56 13.05 -110.40
N ALA PB 128 -12.86 12.86 -110.15
CA ALA PB 128 -13.69 12.09 -111.04
C ALA PB 128 -15.13 12.51 -110.84
N ARG PB 129 -15.97 12.26 -111.83
CA ARG PB 129 -17.37 12.62 -111.73
C ARG PB 129 -18.21 11.52 -112.36
N ILE PB 130 -19.43 11.40 -111.88
CA ILE PB 130 -20.35 10.43 -112.44
C ILE PB 130 -21.48 11.12 -113.20
N PRO PB 131 -21.73 10.68 -114.45
CA PRO PB 131 -22.77 11.22 -115.33
C PRO PB 131 -24.16 10.87 -114.81
N LEU PB 132 -24.61 11.65 -113.83
CA LEU PB 132 -25.78 11.34 -113.03
C LEU PB 132 -26.99 10.93 -113.84
N GLU PB 133 -27.10 11.49 -115.05
CA GLU PB 133 -28.18 11.14 -115.95
C GLU PB 133 -28.16 9.65 -116.32
N ALA PB 134 -26.99 9.14 -116.72
CA ALA PB 134 -26.87 7.74 -117.12
C ALA PB 134 -27.21 6.81 -115.96
N VAL PB 135 -26.84 7.25 -114.76
CA VAL PB 135 -27.18 6.55 -113.54
C VAL PB 135 -28.68 6.49 -113.36
N ARG PB 136 -29.34 7.61 -113.63
CA ARG PB 136 -30.79 7.67 -113.61
C ARG PB 136 -31.38 6.64 -114.57
N ALA PB 137 -30.76 6.53 -115.75
CA ALA PB 137 -31.21 5.55 -116.75
C ALA PB 137 -31.08 4.11 -116.27
N GLU PB 138 -29.94 3.77 -115.68
CA GLU PB 138 -29.69 2.40 -115.26
C GLU PB 138 -30.44 2.00 -114.00
N TRP PB 139 -30.56 2.93 -113.07
CA TRP PB 139 -31.41 2.73 -111.90
C TRP PB 139 -32.82 2.48 -112.38
N GLU PB 140 -33.24 3.29 -113.37
CA GLU PB 140 -34.53 3.09 -114.00
C GLU PB 140 -34.63 1.70 -114.58
N ARG PB 141 -33.49 1.17 -115.01
CA ARG PB 141 -33.46 -0.13 -115.70
C ARG PB 141 -33.49 -1.39 -114.80
N THR PB 142 -32.79 -1.39 -113.65
CA THR PB 142 -32.65 -2.64 -112.88
C THR PB 142 -33.51 -2.76 -111.60
N CYS PB 143 -32.99 -2.21 -110.50
CA CYS PB 143 -33.65 -2.29 -109.20
C CYS PB 143 -34.35 -0.98 -108.77
N GLY PB 144 -34.33 0.01 -109.65
CA GLY PB 144 -35.10 1.24 -109.43
C GLY PB 144 -36.57 1.08 -109.14
N PRO PB 145 -37.28 0.29 -109.98
CA PRO PB 145 -38.68 -0.09 -109.73
C PRO PB 145 -38.94 -0.62 -108.33
N TYR PB 146 -37.92 -1.17 -107.69
CA TYR PB 146 -38.05 -1.64 -106.32
C TYR PB 146 -37.98 -0.49 -105.32
N HIS PB 147 -37.06 0.43 -105.54
CA HIS PB 147 -36.99 1.64 -104.71
C HIS PB 147 -38.33 2.33 -104.77
N LYS PB 148 -38.90 2.39 -105.97
CA LYS PB 148 -40.26 2.88 -106.13
C LYS PB 148 -41.19 2.15 -105.18
N GLN PB 149 -41.10 0.82 -105.22
CA GLN PB 149 -41.98 -0.04 -104.44
C GLN PB 149 -41.93 0.32 -102.96
N ARG PB 150 -40.71 0.32 -102.40
CA ARG PB 150 -40.58 0.55 -100.97
C ARG PB 150 -40.77 2.02 -100.61
N LEU PB 151 -40.77 2.90 -101.59
CA LEU PB 151 -41.07 4.29 -101.31
C LEU PB 151 -42.56 4.48 -101.19
N ALA PB 152 -43.29 3.85 -102.11
CA ALA PB 152 -44.74 3.86 -102.03
C ALA PB 152 -45.15 3.18 -100.72
N GLU PB 153 -44.48 2.09 -100.38
CA GLU PB 153 -44.73 1.38 -99.12
C GLU PB 153 -44.38 2.26 -97.93
N TYR PB 154 -43.41 3.17 -98.14
CA TYR PB 154 -43.03 4.11 -97.10
C TYR PB 154 -44.16 5.09 -96.83
N CYS PB 155 -44.78 5.59 -97.88
CA CYS PB 155 -45.85 6.57 -97.69
C CYS PB 155 -47.24 5.94 -97.69
N GLY PB 156 -47.29 4.61 -97.75
CA GLY PB 156 -48.52 3.88 -97.50
C GLY PB 156 -49.50 3.80 -98.66
N LEU PB 157 -48.98 3.93 -99.88
CA LEU PB 157 -49.80 3.87 -101.08
C LEU PB 157 -50.65 2.60 -101.11
N TYR PB 158 -50.05 1.50 -100.72
CA TYR PB 158 -50.69 0.19 -100.76
C TYR PB 158 -51.75 0.03 -99.71
N ARG PB 159 -51.54 0.67 -98.57
CA ARG PB 159 -52.48 0.63 -97.48
C ARG PB 159 -53.81 1.22 -97.94
N ASP PB 160 -53.75 2.43 -98.46
CA ASP PB 160 -54.95 3.20 -98.77
C ASP PB 160 -55.57 2.88 -100.15
N LEU PB 161 -54.80 2.31 -101.07
CA LEU PB 161 -55.33 2.04 -102.39
C LEU PB 161 -55.73 0.57 -102.57
N PHE PB 162 -54.76 -0.34 -102.52
CA PHE PB 162 -55.05 -1.76 -102.72
C PHE PB 162 -55.11 -2.58 -101.43
N HIS PB 163 -54.77 -1.92 -100.32
CA HIS PB 163 -55.11 -2.31 -98.94
C HIS PB 163 -54.42 -3.53 -98.33
N GLY PB 164 -54.21 -4.56 -99.14
CA GLY PB 164 -53.54 -5.75 -98.64
C GLY PB 164 -52.27 -6.03 -99.41
N ALA PB 165 -52.06 -5.24 -100.44
CA ALA PB 165 -51.37 -5.74 -101.61
C ALA PB 165 -50.12 -4.97 -102.00
N THR PB 166 -49.30 -5.59 -102.86
CA THR PB 166 -48.08 -4.98 -103.36
C THR PB 166 -47.92 -5.17 -104.86
N PHE PB 167 -47.61 -4.09 -105.57
CA PHE PB 167 -47.24 -4.19 -106.98
C PHE PB 167 -45.87 -3.57 -107.19
N VAL PB 168 -45.18 -4.01 -108.23
CA VAL PB 168 -43.88 -3.45 -108.56
C VAL PB 168 -43.99 -2.57 -109.79
N PRO PB 169 -43.58 -1.31 -109.67
CA PRO PB 169 -43.64 -0.39 -110.82
C PRO PB 169 -42.63 -0.77 -111.90
N ARG PB 170 -42.96 -1.79 -112.68
CA ARG PB 170 -42.12 -2.22 -113.81
C ARG PB 170 -41.83 -1.08 -114.78
N VAL PB 171 -42.90 -0.37 -115.15
CA VAL PB 171 -42.80 0.70 -116.13
C VAL PB 171 -42.56 2.04 -115.46
N PRO PB 172 -41.55 2.77 -115.94
CA PRO PB 172 -41.33 4.18 -115.56
C PRO PB 172 -42.49 5.08 -115.97
N LEU PB 173 -42.97 5.90 -115.05
CA LEU PB 173 -44.05 6.86 -115.32
C LEU PB 173 -43.50 8.26 -115.06
N HIS PB 174 -43.41 9.09 -116.09
CA HIS PB 174 -42.90 10.43 -115.91
C HIS PB 174 -43.99 11.48 -116.01
N VAL PB 175 -44.29 12.13 -114.88
CA VAL PB 175 -45.32 13.17 -114.81
C VAL PB 175 -44.66 14.55 -114.69
N ALA PB 176 -45.30 15.59 -115.21
CA ALA PB 176 -44.76 16.94 -115.08
C ALA PB 176 -45.78 18.07 -115.27
N TYR PB 177 -45.40 19.28 -114.83
CA TYR PB 177 -46.20 20.49 -115.06
C TYR PB 177 -45.37 21.60 -115.66
N ALA PB 178 -45.88 22.28 -116.66
CA ALA PB 178 -45.19 23.44 -117.17
C ALA PB 178 -45.49 24.64 -116.26
N VAL PB 179 -44.45 25.18 -115.64
CA VAL PB 179 -44.61 26.30 -114.71
C VAL PB 179 -44.44 27.64 -115.40
N GLY PB 180 -43.94 27.57 -116.62
CA GLY PB 180 -43.73 28.75 -117.43
C GLY PB 180 -43.56 28.18 -118.81
N GLU PB 181 -43.17 29.01 -119.76
CA GLU PB 181 -42.92 28.50 -121.10
C GLU PB 181 -41.65 27.66 -121.06
N ASP PB 182 -40.69 28.07 -120.24
CA ASP PB 182 -39.41 27.38 -120.12
C ASP PB 182 -39.32 26.40 -118.95
N ASP PB 183 -40.33 26.34 -118.11
CA ASP PB 183 -40.18 25.60 -116.87
C ASP PB 183 -41.00 24.33 -116.79
N LEU PB 184 -40.40 23.31 -116.20
CA LEU PB 184 -41.07 22.05 -115.99
C LEU PB 184 -40.80 21.51 -114.60
N MET PB 185 -41.85 21.38 -113.81
CA MET PB 185 -41.75 20.80 -112.47
C MET PB 185 -42.31 19.39 -112.52
N PRO PB 186 -41.41 18.39 -112.45
CA PRO PB 186 -41.73 16.96 -112.57
C PRO PB 186 -42.29 16.34 -111.28
N VAL PB 187 -42.99 15.22 -111.43
CA VAL PB 187 -43.40 14.43 -110.28
C VAL PB 187 -42.59 13.15 -110.18
N TYR PB 188 -41.66 13.18 -109.25
CA TYR PB 188 -41.08 11.96 -108.72
C TYR PB 188 -42.02 11.48 -107.68
N HIS PB 189 -41.94 10.20 -107.40
CA HIS PB 189 -42.50 9.65 -106.19
C HIS PB 189 -41.96 10.41 -104.96
N GLY PB 190 -42.88 10.91 -104.13
CA GLY PB 190 -42.54 11.49 -102.84
C GLY PB 190 -42.26 12.99 -102.77
N ASN PB 191 -41.91 13.59 -103.90
CA ASN PB 191 -41.49 14.98 -103.91
C ASN PB 191 -42.64 15.96 -103.65
N GLU PB 192 -42.30 17.17 -103.21
CA GLU PB 192 -43.31 18.17 -102.89
C GLU PB 192 -43.57 19.17 -104.01
N VAL PB 193 -44.86 19.40 -104.27
CA VAL PB 193 -45.29 20.26 -105.36
C VAL PB 193 -46.37 21.25 -104.89
N THR PB 194 -46.38 22.46 -105.44
CA THR PB 194 -47.38 23.50 -105.13
C THR PB 194 -48.59 23.49 -106.11
N PRO PB 195 -49.83 23.70 -105.59
CA PRO PB 195 -51.01 23.85 -106.47
C PRO PB 195 -50.89 25.02 -107.44
N THR PB 196 -49.93 25.92 -107.22
CA THR PB 196 -49.56 26.92 -108.24
C THR PB 196 -49.19 26.20 -109.54
N GLU PB 197 -48.51 25.07 -109.42
CA GLU PB 197 -48.10 24.26 -110.57
C GLU PB 197 -49.08 23.14 -110.92
N ALA PB 198 -50.06 22.93 -110.06
CA ALA PB 198 -51.00 21.82 -110.22
C ALA PB 198 -52.31 22.27 -110.87
N ALA PB 199 -52.38 23.53 -111.23
CA ALA PB 199 -53.59 24.09 -111.85
C ALA PB 199 -53.77 23.56 -113.27
N GLN PB 200 -52.66 23.23 -113.93
CA GLN PB 200 -52.72 22.80 -115.32
C GLN PB 200 -52.51 21.31 -115.50
N ALA PB 201 -53.13 20.77 -116.55
CA ALA PB 201 -52.99 19.37 -116.89
C ALA PB 201 -51.53 18.95 -116.99
N PRO PB 202 -51.21 17.74 -116.52
CA PRO PB 202 -49.85 17.18 -116.52
C PRO PB 202 -49.41 16.57 -117.86
N GLU PB 203 -48.10 16.60 -118.13
CA GLU PB 203 -47.53 15.92 -119.29
C GLU PB 203 -46.92 14.61 -118.84
N VAL PB 204 -47.21 13.55 -119.61
CA VAL PB 204 -46.86 12.19 -119.20
C VAL PB 204 -46.06 11.42 -120.25
N THR PB 205 -44.97 10.80 -119.80
CA THR PB 205 -44.15 10.00 -120.69
C THR PB 205 -43.88 8.63 -120.12
N TYR PB 206 -44.18 7.62 -120.93
CA TYR PB 206 -43.85 6.22 -120.66
C TYR PB 206 -43.81 5.58 -122.05
N GLU PB 207 -43.26 4.37 -122.16
CA GLU PB 207 -43.04 3.81 -123.49
C GLU PB 207 -43.62 2.40 -123.74
N ALA PB 208 -44.33 2.28 -124.86
CA ALA PB 208 -44.81 0.99 -125.35
C ALA PB 208 -45.10 1.11 -126.85
N ASP PB 209 -45.20 -0.04 -127.53
CA ASP PB 209 -45.69 -0.05 -128.91
C ASP PB 209 -47.18 0.20 -128.90
N GLU PB 210 -47.85 0.22 -130.05
CA GLU PB 210 -49.30 0.17 -129.95
C GLU PB 210 -49.86 -1.14 -130.48
N GLY PB 211 -50.00 -2.09 -129.55
CA GLY PB 211 -51.10 -3.03 -129.43
C GLY PB 211 -51.72 -2.61 -128.11
N SER PB 212 -51.08 -1.61 -127.50
CA SER PB 212 -51.28 -1.23 -126.11
C SER PB 212 -52.62 -0.56 -125.83
N LEU PB 213 -53.24 -1.00 -124.74
CA LEU PB 213 -54.44 -0.34 -124.22
C LEU PB 213 -54.16 0.03 -122.77
N TRP PB 214 -54.39 1.30 -122.45
CA TRP PB 214 -54.00 1.82 -121.14
C TRP PB 214 -55.09 2.63 -120.45
N THR PB 215 -55.06 2.58 -119.12
CA THR PB 215 -55.90 3.47 -118.30
C THR PB 215 -55.06 4.07 -117.17
N LEU PB 216 -54.94 5.39 -117.16
CA LEU PB 216 -54.12 6.09 -116.16
C LEU PB 216 -54.98 6.86 -115.16
N LEU PB 217 -54.59 6.82 -113.89
CA LEU PB 217 -55.42 7.32 -112.79
C LEU PB 217 -54.69 8.29 -111.85
N LEU PB 218 -55.35 9.39 -111.52
CA LEU PB 218 -54.85 10.32 -110.49
C LEU PB 218 -55.78 10.28 -109.28
N THR PB 219 -55.26 9.78 -108.16
CA THR PB 219 -56.08 9.61 -106.95
C THR PB 219 -55.54 10.43 -105.78
N ASN PB 220 -56.44 11.10 -105.04
CA ASN PB 220 -56.06 11.84 -103.84
C ASN PB 220 -56.43 11.04 -102.59
N LEU PB 221 -55.41 10.49 -101.93
CA LEU PB 221 -55.59 9.42 -100.93
C LEU PB 221 -56.32 9.87 -99.66
N ASP PB 222 -56.04 11.09 -99.26
CA ASP PB 222 -56.62 11.67 -98.06
C ASP PB 222 -57.14 13.08 -98.39
N GLY PB 223 -57.92 13.67 -97.51
CA GLY PB 223 -58.46 14.99 -97.78
C GLY PB 223 -59.95 14.95 -98.08
N HIS PB 224 -60.53 13.75 -98.07
CA HIS PB 224 -61.97 13.63 -98.22
C HIS PB 224 -62.66 14.08 -96.95
N LEU PB 225 -63.59 15.00 -97.11
CA LEU PB 225 -64.17 15.67 -95.96
C LEU PB 225 -65.06 14.77 -95.14
N LEU PB 226 -66.08 14.21 -95.79
CA LEU PB 226 -67.07 13.48 -95.04
C LEU PB 226 -66.68 12.04 -94.72
N GLU PB 227 -65.87 11.44 -95.60
CA GLU PB 227 -65.68 10.00 -95.61
C GLU PB 227 -64.21 9.62 -95.42
N PRO PB 228 -63.84 9.29 -94.17
CA PRO PB 228 -62.45 8.98 -93.79
C PRO PB 228 -61.79 7.90 -94.67
N ASP PB 229 -62.59 6.97 -95.17
CA ASP PB 229 -62.10 5.79 -95.89
C ASP PB 229 -62.04 5.98 -97.40
N ALA PB 230 -62.36 7.18 -97.86
CA ALA PB 230 -62.54 7.41 -99.28
C ALA PB 230 -61.65 8.51 -99.81
N GLU PB 231 -61.54 8.56 -101.14
CA GLU PB 231 -60.61 9.46 -101.80
C GLU PB 231 -61.25 10.25 -102.97
N TYR PB 232 -60.47 11.15 -103.54
CA TYR PB 232 -60.93 11.99 -104.64
C TYR PB 232 -60.15 11.67 -105.89
N VAL PB 233 -60.83 11.38 -106.98
CA VAL PB 233 -60.11 11.28 -108.24
C VAL PB 233 -60.20 12.58 -109.00
N HIS PB 234 -59.05 13.21 -109.18
CA HIS PB 234 -58.96 14.47 -109.89
C HIS PB 234 -59.09 14.26 -111.38
N TRP PB 235 -58.17 13.48 -111.93
CA TRP PB 235 -58.12 13.22 -113.36
C TRP PB 235 -58.00 11.73 -113.65
N LEU PB 236 -58.91 11.21 -114.46
CA LEU PB 236 -58.86 9.80 -114.85
C LEU PB 236 -59.07 9.61 -116.35
N VAL PB 237 -58.18 8.84 -116.96
CA VAL PB 237 -58.21 8.59 -118.40
C VAL PB 237 -58.44 7.10 -118.65
N THR PB 238 -58.92 6.76 -119.84
CA THR PB 238 -59.21 5.37 -120.19
C THR PB 238 -58.83 5.11 -121.66
N ASN PB 239 -58.64 3.84 -122.01
CA ASN PB 239 -58.36 3.42 -123.39
C ASN PB 239 -57.29 4.24 -124.08
N ILE PB 240 -56.07 4.16 -123.56
CA ILE PB 240 -54.96 4.93 -124.10
C ILE PB 240 -54.09 4.05 -124.98
N PRO PB 241 -54.18 4.24 -126.31
CA PRO PB 241 -53.29 3.51 -127.22
C PRO PB 241 -51.85 4.00 -127.12
N GLY PB 242 -50.91 3.07 -126.98
CA GLY PB 242 -49.49 3.38 -126.98
C GLY PB 242 -49.07 4.50 -126.03
N ASN PB 243 -48.29 5.44 -126.57
CA ASN PB 243 -47.83 6.63 -125.84
C ASN PB 243 -48.77 7.82 -126.03
N ARG PB 244 -49.90 7.57 -126.68
CA ARG PB 244 -50.76 8.68 -127.06
C ARG PB 244 -51.58 9.17 -125.88
N VAL PB 245 -51.31 10.41 -125.48
CA VAL PB 245 -51.86 10.98 -124.26
C VAL PB 245 -53.29 11.45 -124.39
N THR PB 246 -53.54 12.28 -125.40
CA THR PB 246 -54.82 12.95 -125.54
C THR PB 246 -55.87 12.03 -126.19
N GLU PB 247 -55.38 11.04 -126.93
CA GLU PB 247 -56.24 10.09 -127.65
C GLU PB 247 -57.10 9.26 -126.70
N GLY PB 248 -56.61 9.08 -125.48
CA GLY PB 248 -57.36 8.35 -124.48
C GLY PB 248 -58.65 9.08 -124.18
N GLN PB 249 -59.72 8.32 -124.01
CA GLN PB 249 -61.00 8.90 -123.64
C GLN PB 249 -61.00 9.20 -122.15
N GLU PB 250 -61.19 10.48 -121.81
CA GLU PB 250 -61.15 10.86 -120.41
C GLU PB 250 -62.51 10.69 -119.75
N THR PB 251 -62.56 9.83 -118.74
CA THR PB 251 -63.73 9.68 -117.91
C THR PB 251 -63.79 10.91 -117.01
N CYS PB 252 -62.75 11.12 -116.21
CA CYS PB 252 -62.68 12.32 -115.40
C CYS PB 252 -61.68 13.35 -115.93
N PRO PB 253 -62.20 14.50 -116.37
CA PRO PB 253 -61.38 15.65 -116.77
C PRO PB 253 -60.57 16.16 -115.58
N TYR PB 254 -59.54 16.95 -115.86
CA TYR PB 254 -58.58 17.35 -114.85
C TYR PB 254 -59.13 18.35 -113.84
N LEU PB 255 -59.06 17.97 -112.56
CA LEU PB 255 -59.39 18.88 -111.47
C LEU PB 255 -58.21 19.11 -110.56
N PRO PB 256 -57.73 20.35 -110.47
CA PRO PB 256 -56.54 20.70 -109.69
C PRO PB 256 -56.63 20.28 -108.21
N PRO PB 257 -55.49 19.84 -107.63
CA PRO PB 257 -55.32 19.55 -106.20
C PRO PB 257 -55.75 20.71 -105.31
N PHE PB 258 -56.55 20.39 -104.31
CA PHE PB 258 -57.16 21.40 -103.47
C PHE PB 258 -57.04 21.02 -101.98
N PRO PB 259 -55.87 21.25 -101.39
CA PRO PB 259 -55.74 20.92 -99.97
C PRO PB 259 -56.46 21.92 -99.06
N ALA PB 260 -56.50 21.64 -97.76
CA ALA PB 260 -57.15 22.52 -96.81
C ALA PB 260 -56.09 23.32 -96.07
N ARG PB 261 -56.42 24.55 -95.71
CA ARG PB 261 -55.44 25.44 -95.08
C ARG PB 261 -54.83 24.83 -93.83
N GLY PB 262 -55.65 24.25 -92.98
CA GLY PB 262 -55.16 23.62 -91.76
C GLY PB 262 -54.33 22.38 -91.98
N SER PB 263 -54.92 21.37 -92.62
CA SER PB 263 -54.22 20.11 -92.77
C SER PB 263 -53.21 20.22 -93.89
N GLY PB 264 -51.95 20.07 -93.55
CA GLY PB 264 -50.90 20.21 -94.53
C GLY PB 264 -50.66 18.89 -95.22
N PHE PB 265 -50.11 18.96 -96.44
CA PHE PB 265 -49.49 17.82 -97.09
C PHE PB 265 -50.38 16.59 -97.31
N HIS PB 266 -51.37 16.73 -98.19
CA HIS PB 266 -52.01 15.58 -98.81
C HIS PB 266 -51.00 14.90 -99.72
N ARG PB 267 -51.29 13.65 -100.11
CA ARG PB 267 -50.48 12.93 -101.11
C ARG PB 267 -51.29 12.51 -102.35
N PHE PB 268 -50.77 12.80 -103.55
CA PHE PB 268 -51.45 12.47 -104.81
C PHE PB 268 -50.72 11.45 -105.67
N ALA PB 269 -51.46 10.43 -106.15
CA ALA PB 269 -50.87 9.27 -106.84
C ALA PB 269 -51.23 9.15 -108.34
N PHE PB 270 -50.19 8.96 -109.15
CA PHE PB 270 -50.34 8.60 -110.56
C PHE PB 270 -50.09 7.11 -110.77
N LEU PB 271 -51.15 6.44 -111.20
CA LEU PB 271 -51.15 5.01 -111.45
C LEU PB 271 -51.36 4.69 -112.93
N LEU PB 272 -50.86 3.53 -113.36
CA LEU PB 272 -50.99 3.04 -114.73
C LEU PB 272 -51.43 1.58 -114.80
N PHE PB 273 -52.61 1.35 -115.37
CA PHE PB 273 -53.09 -0.02 -115.58
C PHE PB 273 -53.03 -0.41 -117.07
N LYS PB 274 -52.56 -1.63 -117.32
CA LYS PB 274 -52.66 -2.23 -118.65
C LYS PB 274 -53.99 -2.94 -118.84
N GLN PB 275 -54.78 -2.52 -119.82
CA GLN PB 275 -55.98 -3.26 -120.15
C GLN PB 275 -55.74 -4.06 -121.42
N ASP PB 276 -56.32 -5.25 -121.48
CA ASP PB 276 -56.15 -6.17 -122.60
C ASP PB 276 -57.22 -5.90 -123.67
N LYS PB 277 -58.49 -6.08 -123.31
CA LYS PB 277 -59.61 -5.70 -124.16
C LYS PB 277 -60.15 -4.33 -123.76
N ARG PB 278 -60.47 -3.48 -124.73
CA ARG PB 278 -60.99 -2.15 -124.42
C ARG PB 278 -62.24 -2.27 -123.55
N ILE PB 279 -62.23 -1.56 -122.42
CA ILE PB 279 -63.38 -1.61 -121.52
C ILE PB 279 -64.13 -0.29 -121.54
N ASP PB 280 -65.45 -0.37 -121.53
CA ASP PB 280 -66.30 0.81 -121.54
C ASP PB 280 -67.32 0.75 -120.41
N PHE PB 281 -67.24 1.74 -119.52
CA PHE PB 281 -68.08 1.82 -118.33
C PHE PB 281 -68.73 3.19 -118.22
N SER PB 282 -70.06 3.20 -118.34
CA SER PB 282 -70.82 4.45 -118.23
C SER PB 282 -71.15 4.83 -116.77
N GLY PB 283 -71.10 3.85 -115.87
CA GLY PB 283 -71.34 4.11 -114.46
C GLY PB 283 -70.20 4.91 -113.87
N ASP PB 284 -69.01 4.69 -114.44
CA ASP PB 284 -67.81 5.39 -114.04
C ASP PB 284 -67.74 6.78 -114.68
N THR PB 285 -68.27 6.87 -115.89
CA THR PB 285 -68.33 8.12 -116.66
C THR PB 285 -69.01 9.24 -115.86
N ARG PB 286 -68.42 10.44 -115.95
CA ARG PB 286 -68.87 11.60 -115.19
C ARG PB 286 -69.28 12.73 -116.13
N PRO PB 287 -70.04 13.70 -115.61
CA PRO PB 287 -70.33 14.93 -116.37
C PRO PB 287 -69.04 15.62 -116.83
N SER PB 288 -69.10 16.37 -117.94
CA SER PB 288 -67.89 16.96 -118.53
C SER PB 288 -67.26 18.09 -117.69
N PRO PB 289 -68.04 19.11 -117.26
CA PRO PB 289 -67.38 20.06 -116.34
C PRO PB 289 -67.03 19.44 -114.94
N CYS PB 290 -67.98 18.72 -114.34
CA CYS PB 290 -67.83 17.97 -113.06
C CYS PB 290 -67.01 18.63 -111.92
N TYR PB 291 -67.49 19.75 -111.38
CA TYR PB 291 -66.85 20.39 -110.23
C TYR PB 291 -67.50 20.03 -108.89
N GLN PB 292 -68.50 19.16 -108.89
CA GLN PB 292 -69.21 18.79 -107.67
C GLN PB 292 -68.52 17.63 -106.95
N LEU PB 293 -68.34 17.78 -105.65
CA LEU PB 293 -67.44 16.94 -104.88
C LEU PB 293 -68.01 15.57 -104.55
N ALA PB 294 -69.33 15.48 -104.54
CA ALA PB 294 -69.99 14.21 -104.30
C ALA PB 294 -69.90 13.35 -105.55
N GLN PB 295 -69.68 14.00 -106.69
CA GLN PB 295 -69.57 13.30 -107.96
C GLN PB 295 -68.25 12.57 -108.05
N ARG PB 296 -67.20 13.13 -107.44
CA ARG PB 296 -65.97 12.38 -107.28
C ARG PB 296 -65.90 11.87 -105.87
N THR PB 297 -66.21 10.59 -105.72
CA THR PB 297 -66.12 9.90 -104.47
C THR PB 297 -65.63 8.56 -104.94
N PHE PB 298 -64.57 8.06 -104.33
CA PHE PB 298 -63.88 6.99 -104.99
C PHE PB 298 -63.20 5.99 -104.05
N HIS PB 299 -63.17 4.73 -104.48
CA HIS PB 299 -62.39 3.72 -103.80
C HIS PB 299 -61.65 2.88 -104.85
N THR PB 300 -60.33 2.98 -104.86
CA THR PB 300 -59.51 2.33 -105.87
C THR PB 300 -59.74 0.83 -105.78
N PHE PB 301 -59.96 0.39 -104.55
CA PHE PB 301 -60.34 -0.99 -104.25
C PHE PB 301 -61.50 -1.49 -105.10
N ASP PB 302 -62.65 -0.85 -104.96
CA ASP PB 302 -63.85 -1.26 -105.68
C ASP PB 302 -63.76 -1.10 -107.21
N PHE PB 303 -63.29 0.06 -107.65
CA PHE PB 303 -63.10 0.32 -109.08
C PHE PB 303 -62.21 -0.73 -109.73
N TYR PB 304 -61.19 -1.19 -109.01
CA TYR PB 304 -60.30 -2.24 -109.52
C TYR PB 304 -60.92 -3.64 -109.40
N LYS PB 305 -61.78 -3.85 -108.41
CA LYS PB 305 -62.56 -5.09 -108.32
C LYS PB 305 -63.39 -5.28 -109.59
N LYS PB 306 -64.00 -4.18 -110.03
CA LYS PB 306 -64.73 -4.14 -111.30
C LYS PB 306 -63.95 -4.77 -112.45
N HIS PB 307 -62.89 -4.08 -112.86
CA HIS PB 307 -62.17 -4.32 -114.11
C HIS PB 307 -60.95 -5.23 -113.95
N GLN PB 308 -60.83 -5.84 -112.78
CA GLN PB 308 -59.61 -6.56 -112.39
C GLN PB 308 -59.01 -7.48 -113.46
N ASP PB 309 -59.84 -8.32 -114.07
CA ASP PB 309 -59.32 -9.32 -115.01
C ASP PB 309 -58.63 -8.69 -116.22
N ALA PB 310 -59.13 -7.54 -116.66
CA ALA PB 310 -58.49 -6.78 -117.73
C ALA PB 310 -57.33 -5.88 -117.28
N MET PB 311 -57.53 -5.18 -116.17
CA MET PB 311 -56.59 -4.13 -115.73
C MET PB 311 -55.47 -4.63 -114.82
N THR PB 312 -54.23 -4.53 -115.28
CA THR PB 312 -53.09 -4.94 -114.50
C THR PB 312 -52.19 -3.74 -114.15
N PRO PB 313 -51.98 -3.52 -112.85
CA PRO PB 313 -51.23 -2.36 -112.32
C PRO PB 313 -49.78 -2.30 -112.80
N ALA PB 314 -49.34 -1.13 -113.27
CA ALA PB 314 -48.00 -1.03 -113.81
C ALA PB 314 -47.10 0.04 -113.16
N GLY PB 315 -47.30 1.30 -113.53
CA GLY PB 315 -46.37 2.35 -113.13
C GLY PB 315 -46.83 3.18 -111.95
N LEU PB 316 -45.89 3.87 -111.30
CA LEU PB 316 -46.22 4.69 -110.13
C LEU PB 316 -45.40 6.00 -110.00
N ALA PB 317 -46.05 7.16 -109.89
CA ALA PB 317 -45.34 8.38 -109.43
C ALA PB 317 -46.25 9.32 -108.63
N PHE PB 318 -45.80 9.81 -107.48
CA PHE PB 318 -46.70 10.53 -106.58
C PHE PB 318 -46.05 11.72 -105.85
N PHE PB 319 -46.86 12.74 -105.56
CA PHE PB 319 -46.28 13.94 -104.95
C PHE PB 319 -47.00 14.44 -103.70
N GLN PB 320 -46.24 15.14 -102.86
CA GLN PB 320 -46.76 15.73 -101.63
C GLN PB 320 -47.18 17.18 -101.84
N CYS PB 321 -48.37 17.53 -101.37
CA CYS PB 321 -48.92 18.86 -101.63
C CYS PB 321 -49.68 19.46 -100.46
N ARG PB 322 -49.36 20.70 -100.11
CA ARG PB 322 -49.96 21.38 -98.98
C ARG PB 322 -50.66 22.64 -99.46
N TRP PB 323 -51.51 23.20 -98.61
CA TRP PB 323 -52.28 24.39 -98.97
C TRP PB 323 -51.41 25.54 -99.48
N ASP PB 324 -51.89 26.20 -100.53
CA ASP PB 324 -51.23 27.36 -101.10
C ASP PB 324 -52.30 28.37 -101.52
N ASP PB 325 -51.90 29.62 -101.73
CA ASP PB 325 -52.84 30.73 -101.95
C ASP PB 325 -53.86 30.50 -103.06
N SER PB 326 -53.40 29.99 -104.19
CA SER PB 326 -54.26 29.76 -105.35
C SER PB 326 -55.46 28.86 -105.01
N VAL PB 327 -55.30 28.00 -104.01
CA VAL PB 327 -56.39 27.12 -103.57
C VAL PB 327 -57.63 27.92 -103.15
N THR PB 328 -57.42 29.12 -102.59
CA THR PB 328 -58.54 29.97 -102.19
C THR PB 328 -59.44 30.29 -103.38
N ARG PB 329 -58.85 30.38 -104.57
CA ARG PB 329 -59.63 30.68 -105.76
C ARG PB 329 -60.57 29.53 -106.06
N VAL PB 330 -60.14 28.31 -105.77
CA VAL PB 330 -60.92 27.13 -106.08
C VAL PB 330 -62.33 27.18 -105.48
N PHE PB 331 -62.41 27.04 -104.17
CA PHE PB 331 -63.70 26.89 -103.49
C PHE PB 331 -64.69 28.02 -103.79
N HIS PB 332 -64.17 29.24 -103.94
CA HIS PB 332 -65.00 30.38 -104.27
C HIS PB 332 -65.47 30.26 -105.73
N GLN PB 333 -64.53 30.01 -106.62
CA GLN PB 333 -64.78 30.03 -108.06
C GLN PB 333 -65.39 28.71 -108.58
N LEU PB 334 -64.89 27.59 -108.08
CA LEU PB 334 -65.15 26.30 -108.68
C LEU PB 334 -66.32 25.55 -108.05
N LEU PB 335 -66.22 25.23 -106.77
CA LEU PB 335 -67.16 24.31 -106.13
C LEU PB 335 -68.35 25.00 -105.45
N ASP PB 336 -68.44 26.32 -105.58
CA ASP PB 336 -69.46 27.14 -104.90
C ASP PB 336 -69.45 26.85 -103.40
N MET PB 337 -68.26 26.71 -102.87
CA MET PB 337 -68.11 26.25 -101.51
C MET PB 337 -67.40 27.26 -100.64
N ARG PB 338 -67.69 27.21 -99.35
CA ARG PB 338 -66.92 27.96 -98.39
C ARG PB 338 -65.58 27.25 -98.21
N GLU PB 339 -64.58 27.98 -97.71
CA GLU PB 339 -63.23 27.44 -97.54
C GLU PB 339 -62.99 26.86 -96.15
N PRO PB 340 -62.88 25.52 -96.06
CA PRO PB 340 -62.54 24.93 -94.75
C PRO PB 340 -61.10 25.25 -94.33
N VAL PB 341 -60.95 25.72 -93.09
CA VAL PB 341 -59.64 25.93 -92.49
C VAL PB 341 -59.57 25.02 -91.26
N PHE PB 342 -58.41 24.43 -91.02
CA PHE PB 342 -58.28 23.52 -89.90
C PHE PB 342 -57.20 23.94 -88.95
N GLU PB 343 -57.19 23.34 -87.77
CA GLU PB 343 -56.06 23.53 -86.88
C GLU PB 343 -55.56 22.23 -86.31
N PHE PB 344 -54.47 22.34 -85.57
CA PHE PB 344 -53.90 21.20 -84.90
C PHE PB 344 -54.09 21.34 -83.41
N VAL PB 345 -54.76 20.36 -82.81
CA VAL PB 345 -55.12 20.44 -81.42
C VAL PB 345 -54.48 19.34 -80.58
N ARG PB 346 -53.56 19.73 -79.69
CA ARG PB 346 -52.96 18.78 -78.77
C ARG PB 346 -53.76 18.76 -77.46
N PRO PB 347 -53.97 17.56 -76.90
CA PRO PB 347 -54.84 17.36 -75.73
C PRO PB 347 -54.46 18.27 -74.57
N PRO PB 348 -55.46 18.84 -73.87
CA PRO PB 348 -55.16 19.68 -72.71
C PRO PB 348 -54.40 18.87 -71.67
N PRO PB 349 -53.37 19.49 -71.06
CA PRO PB 349 -52.43 18.82 -70.15
C PRO PB 349 -53.14 18.06 -69.02
N TYR PB 350 -52.53 16.98 -68.53
CA TYR PB 350 -53.13 16.20 -67.47
C TYR PB 350 -52.75 16.71 -66.08
N HIS PB 351 -53.75 17.14 -65.34
CA HIS PB 351 -53.60 17.49 -63.93
C HIS PB 351 -54.35 16.50 -63.02
N PRO PB 352 -53.67 16.04 -61.95
CA PRO PB 352 -54.20 15.09 -60.95
C PRO PB 352 -55.47 15.59 -60.25
N LYS PB 353 -56.30 14.71 -59.67
CA LYS PB 353 -57.52 15.16 -58.98
C LYS PB 353 -57.14 16.18 -57.94
N GLN PB 354 -57.76 17.33 -57.99
CA GLN PB 354 -57.39 18.41 -57.09
C GLN PB 354 -57.50 17.93 -55.66
N LYS PB 355 -56.60 18.36 -54.79
CA LYS PB 355 -56.66 17.98 -53.38
C LYS PB 355 -57.17 19.12 -52.52
N ARG PB 356 -57.95 18.79 -51.49
CA ARG PB 356 -58.48 19.81 -50.60
C ARG PB 356 -57.33 20.55 -49.90
N PHE PB 357 -56.32 19.79 -49.49
CA PHE PB 357 -55.11 20.38 -48.90
C PHE PB 357 -53.87 19.97 -49.67
N PRO PB 358 -53.51 20.72 -50.71
CA PRO PB 358 -52.26 20.37 -51.39
C PRO PB 358 -51.12 20.51 -50.43
N HIS PB 359 -50.34 19.46 -50.31
CA HIS PB 359 -49.30 19.44 -49.33
C HIS PB 359 -48.00 19.73 -50.01
N ARG PB 360 -47.26 20.68 -49.46
CA ARG PB 360 -45.91 20.93 -49.91
C ARG PB 360 -45.90 21.32 -51.39
N GLN PB 361 -46.87 22.13 -51.79
CA GLN PB 361 -47.01 22.46 -53.20
C GLN PB 361 -46.77 23.93 -53.46
N PRO PB 362 -46.18 24.25 -54.62
CA PRO PB 362 -46.02 25.63 -55.07
C PRO PB 362 -47.37 26.34 -55.08
N LEU PB 363 -47.34 27.63 -54.76
CA LEU PB 363 -48.55 28.43 -54.67
C LEU PB 363 -49.35 28.35 -55.96
N ARG PB 364 -48.63 28.45 -57.06
CA ARG PB 364 -49.21 28.46 -58.38
C ARG PB 364 -49.98 27.19 -58.68
N TYR PB 365 -49.84 26.20 -57.80
CA TYR PB 365 -50.64 24.99 -57.90
C TYR PB 365 -52.07 25.38 -58.11
N LEU PB 366 -52.49 26.42 -57.39
CA LEU PB 366 -53.89 26.81 -57.46
C LEU PB 366 -54.30 27.16 -58.88
N ASP PB 367 -53.44 27.86 -59.61
CA ASP PB 367 -53.81 28.28 -60.95
C ASP PB 367 -53.84 27.17 -61.96
N ARG PB 368 -53.40 26.00 -61.54
CA ARG PB 368 -53.44 24.88 -62.45
C ARG PB 368 -54.89 24.55 -62.75
N TYR PB 369 -55.71 24.48 -61.71
CA TYR PB 369 -57.11 24.04 -61.84
C TYR PB 369 -58.08 25.17 -62.12
N ARG PB 370 -57.51 26.36 -62.27
CA ARG PB 370 -58.27 27.56 -62.53
C ARG PB 370 -59.20 27.31 -63.71
N ASP PB 371 -60.45 27.73 -63.59
CA ASP PB 371 -61.41 27.48 -64.65
C ASP PB 371 -61.05 28.39 -65.80
N SER PB 372 -61.23 29.68 -65.57
CA SER PB 372 -60.79 30.71 -66.51
C SER PB 372 -60.25 31.87 -65.68
N HIS PB 373 -59.51 32.77 -66.31
CA HIS PB 373 -58.91 33.86 -65.56
C HIS PB 373 -59.76 35.11 -65.55
N GLU PB 374 -60.32 35.35 -64.37
CA GLU PB 374 -61.19 36.49 -64.07
C GLU PB 374 -61.53 36.42 -62.60
N PRO PB 375 -61.43 37.56 -61.90
CA PRO PB 375 -61.96 37.56 -60.54
C PRO PB 375 -63.46 37.42 -60.60
N THR PB 376 -64.02 36.49 -59.83
CA THR PB 376 -65.46 36.31 -59.85
C THR PB 376 -66.03 36.48 -58.44
N TYR PB 377 -66.75 37.58 -58.26
CA TYR PB 377 -67.29 37.93 -56.96
C TYR PB 377 -68.70 37.39 -56.94
N GLY PB 378 -68.92 36.35 -56.14
CA GLY PB 378 -70.15 35.62 -56.28
C GLY PB 378 -71.37 36.43 -55.89
N ILE PB 379 -71.44 36.87 -54.64
CA ILE PB 379 -72.59 37.67 -54.21
C ILE PB 379 -72.29 39.16 -54.11
N TYR PB 380 -71.05 39.54 -54.38
CA TYR PB 380 -70.66 40.91 -54.09
C TYR PB 380 -70.89 41.85 -55.25
N SER QB 30 -121.65 -63.93 41.06
CA SER QB 30 -121.15 -62.75 40.37
C SER QB 30 -119.98 -63.11 39.45
N GLN QB 31 -120.25 -63.14 38.14
CA GLN QB 31 -119.19 -63.35 37.15
C GLN QB 31 -118.60 -62.00 36.77
N LEU QB 32 -117.32 -61.81 37.07
CA LEU QB 32 -116.69 -60.50 36.94
C LEU QB 32 -115.22 -60.60 36.49
N SER QB 33 -114.81 -59.66 35.65
CA SER QB 33 -113.46 -59.60 35.09
C SER QB 33 -112.51 -58.80 35.97
N PRO QB 34 -111.18 -59.02 35.83
CA PRO QB 34 -110.23 -58.19 36.59
C PRO QB 34 -110.39 -56.68 36.33
N THR QB 35 -110.61 -56.30 35.07
CA THR QB 35 -110.76 -54.88 34.72
C THR QB 35 -112.03 -54.27 35.29
N GLU QB 36 -113.08 -55.07 35.34
CA GLU QB 36 -114.39 -54.62 35.83
C GLU QB 36 -114.35 -54.29 37.32
N LEU QB 37 -113.61 -55.08 38.09
CA LEU QB 37 -113.36 -54.80 39.51
C LEU QB 37 -112.79 -53.40 39.67
N ILE QB 38 -111.79 -53.12 38.84
CA ILE QB 38 -111.12 -51.84 38.80
C ILE QB 38 -112.10 -50.71 38.54
N GLU QB 39 -112.79 -50.81 37.42
CA GLU QB 39 -113.75 -49.77 37.03
C GLU QB 39 -114.78 -49.51 38.13
N MET QB 40 -115.25 -50.59 38.77
CA MET QB 40 -116.21 -50.47 39.86
C MET QB 40 -115.65 -49.71 41.08
N GLN QB 41 -114.54 -50.19 41.63
CA GLN QB 41 -113.96 -49.57 42.82
C GLN QB 41 -113.65 -48.11 42.56
N ASN QB 42 -113.10 -47.83 41.38
CA ASN QB 42 -112.75 -46.47 41.03
C ASN QB 42 -113.96 -45.56 40.90
N ASP QB 43 -114.95 -45.99 40.12
CA ASP QB 43 -116.15 -45.18 39.91
C ASP QB 43 -116.88 -44.91 41.23
N LEU QB 44 -116.94 -45.92 42.10
CA LEU QB 44 -117.52 -45.74 43.43
C LEU QB 44 -116.74 -44.69 44.21
N PHE QB 45 -115.41 -44.81 44.18
CA PHE QB 45 -114.54 -43.86 44.84
C PHE QB 45 -114.83 -42.43 44.35
N ASN QB 46 -115.00 -42.27 43.04
CA ASN QB 46 -115.31 -40.96 42.45
C ASN QB 46 -116.66 -40.42 42.93
N LYS QB 47 -117.66 -41.29 42.98
CA LYS QB 47 -118.98 -40.90 43.48
C LYS QB 47 -118.87 -40.38 44.91
N GLU QB 48 -118.11 -41.10 45.72
CA GLU QB 48 -117.83 -40.66 47.08
C GLU QB 48 -117.16 -39.28 47.11
N LYS QB 49 -116.12 -39.11 46.31
CA LYS QB 49 -115.39 -37.84 46.25
C LYS QB 49 -116.29 -36.66 45.92
N ASN QB 50 -117.03 -36.79 44.83
CA ASN QB 50 -117.93 -35.73 44.40
C ASN QB 50 -119.11 -35.57 45.37
N ARG QB 51 -119.31 -36.56 46.23
CA ARG QB 51 -120.27 -36.44 47.34
C ARG QB 51 -119.71 -35.59 48.49
N GLN QB 52 -118.41 -35.72 48.74
CA GLN QB 52 -117.73 -34.86 49.71
C GLN QB 52 -117.69 -33.42 49.17
N LEU QB 53 -117.63 -33.32 47.84
CA LEU QB 53 -117.65 -32.03 47.15
C LEU QB 53 -119.04 -31.43 47.05
N SER QB 54 -120.06 -32.29 47.14
CA SER QB 54 -121.44 -31.88 46.92
C SER QB 54 -122.09 -31.35 48.21
N LEU QB 55 -121.29 -31.22 49.27
CA LEU QB 55 -121.75 -30.61 50.52
C LEU QB 55 -122.09 -29.12 50.31
N THR QB 56 -121.78 -28.63 49.10
CA THR QB 56 -121.98 -27.24 48.69
C THR QB 56 -121.22 -26.25 49.57
N PRO QB 57 -119.89 -26.40 49.68
CA PRO QB 57 -119.15 -25.43 50.51
C PRO QB 57 -119.10 -24.02 49.90
N ARG QB 58 -119.14 -23.95 48.56
CA ARG QB 58 -119.05 -22.70 47.80
C ARG QB 58 -117.92 -21.79 48.28
N THR QB 59 -116.73 -22.39 48.44
CA THR QB 59 -115.51 -21.66 48.78
C THR QB 59 -115.64 -20.86 50.08
N GLU QB 60 -115.68 -21.55 51.22
CA GLU QB 60 -115.58 -20.85 52.48
C GLU QB 60 -114.13 -20.69 52.87
N LYS QB 61 -113.76 -19.46 53.24
CA LYS QB 61 -112.40 -19.17 53.68
C LYS QB 61 -112.10 -19.76 55.04
N ILE QB 62 -110.84 -20.11 55.23
CA ILE QB 62 -110.39 -20.76 56.44
C ILE QB 62 -109.01 -20.22 56.75
N GLU QB 63 -108.52 -20.49 57.95
CA GLU QB 63 -107.23 -19.92 58.29
C GLU QB 63 -106.31 -20.89 59.02
N VAL QB 64 -105.03 -20.88 58.64
CA VAL QB 64 -104.02 -21.70 59.30
C VAL QB 64 -102.83 -20.84 59.74
N LYS QB 65 -102.27 -21.15 60.89
CA LYS QB 65 -101.11 -20.44 61.37
C LYS QB 65 -99.95 -21.43 61.35
N HIS QB 66 -98.72 -20.92 61.25
CA HIS QB 66 -97.56 -21.79 61.12
C HIS QB 66 -96.73 -21.86 62.41
N VAL QB 67 -96.78 -23.01 63.07
CA VAL QB 67 -96.14 -23.23 64.38
C VAL QB 67 -94.71 -23.72 64.21
N GLY QB 68 -94.27 -23.84 62.96
CA GLY QB 68 -92.94 -24.34 62.66
C GLY QB 68 -91.85 -23.52 63.31
N LYS QB 69 -90.72 -24.18 63.55
CA LYS QB 69 -89.52 -23.54 64.05
C LYS QB 69 -89.06 -22.46 63.09
N THR QB 70 -89.25 -22.72 61.81
CA THR QB 70 -88.65 -21.94 60.73
C THR QB 70 -89.29 -20.57 60.49
N ASP QB 71 -90.54 -20.55 60.04
CA ASP QB 71 -91.17 -19.32 59.58
C ASP QB 71 -92.34 -18.94 60.46
N PRO QB 72 -92.03 -18.32 61.60
CA PRO QB 72 -93.06 -18.04 62.60
C PRO QB 72 -93.95 -16.88 62.17
N GLY QB 73 -95.11 -16.74 62.81
CA GLY QB 73 -96.02 -15.63 62.56
C GLY QB 73 -96.67 -15.73 61.20
N THR QB 74 -96.61 -16.94 60.63
CA THR QB 74 -97.04 -17.16 59.26
C THR QB 74 -98.49 -17.61 59.20
N VAL QB 75 -99.17 -17.22 58.13
CA VAL QB 75 -100.61 -17.36 58.04
C VAL QB 75 -101.04 -17.76 56.62
N PHE QB 76 -101.98 -18.69 56.52
CA PHE QB 76 -102.54 -19.12 55.23
C PHE QB 76 -104.06 -19.05 55.24
N VAL QB 77 -104.61 -18.13 54.46
CA VAL QB 77 -106.05 -18.06 54.31
C VAL QB 77 -106.38 -18.93 53.11
N MET QB 78 -107.06 -20.03 53.33
CA MET QB 78 -107.26 -20.99 52.25
C MET QB 78 -108.72 -21.41 52.03
N ASN QB 79 -108.92 -22.34 51.11
CA ASN QB 79 -110.24 -22.85 50.78
C ASN QB 79 -110.57 -24.07 51.62
N LYS QB 80 -111.64 -23.99 52.41
CA LYS QB 80 -112.00 -25.09 53.27
C LYS QB 80 -112.39 -26.32 52.45
N ASN QB 81 -111.84 -27.47 52.85
CA ASN QB 81 -112.11 -28.77 52.23
C ASN QB 81 -111.72 -28.88 50.76
N ILE QB 82 -110.79 -28.04 50.33
CA ILE QB 82 -110.22 -28.04 48.98
C ILE QB 82 -108.69 -27.97 49.02
N SER QB 83 -108.19 -26.86 49.56
CA SER QB 83 -106.77 -26.61 49.76
C SER QB 83 -106.15 -27.70 50.62
N THR QB 84 -104.88 -27.96 50.41
CA THR QB 84 -104.18 -29.03 51.10
C THR QB 84 -102.98 -28.48 51.86
N PRO QB 85 -102.46 -29.23 52.84
CA PRO QB 85 -101.20 -28.85 53.53
C PRO QB 85 -99.99 -28.87 52.61
N TYR QB 86 -100.12 -29.53 51.46
CA TYR QB 86 -99.13 -29.45 50.41
C TYR QB 86 -99.22 -28.08 49.74
N SER QB 87 -100.43 -27.71 49.34
CA SER QB 87 -100.70 -26.43 48.70
C SER QB 87 -100.41 -25.25 49.62
N CYS QB 88 -100.22 -25.55 50.90
CA CYS QB 88 -99.80 -24.56 51.88
C CYS QB 88 -98.30 -24.30 51.79
N ALA QB 89 -97.55 -25.36 51.50
CA ALA QB 89 -96.11 -25.28 51.37
C ALA QB 89 -95.69 -24.41 50.19
N MET QB 90 -96.59 -24.22 49.25
CA MET QB 90 -96.27 -23.50 48.03
C MET QB 90 -96.35 -21.99 48.24
N HIS QB 91 -96.76 -21.58 49.43
CA HIS QB 91 -96.72 -20.16 49.77
C HIS QB 91 -95.42 -19.81 50.47
N LEU QB 92 -94.66 -20.85 50.80
CA LEU QB 92 -93.39 -20.69 51.52
C LEU QB 92 -92.20 -20.85 50.60
N SER QB 93 -92.06 -22.05 50.06
CA SER QB 93 -91.03 -22.38 49.10
C SER QB 93 -91.17 -23.80 48.62
N GLU QB 94 -90.48 -24.08 47.53
CA GLU QB 94 -90.48 -25.40 46.95
C GLU QB 94 -89.71 -26.36 47.84
N TRP QB 95 -88.75 -25.80 48.57
CA TRP QB 95 -87.95 -26.56 49.52
C TRP QB 95 -88.81 -27.42 50.44
N TYR QB 96 -89.83 -26.79 51.02
CA TYR QB 96 -90.78 -27.51 51.86
C TYR QB 96 -91.41 -28.67 51.12
N CYS QB 97 -91.70 -28.45 49.84
CA CYS QB 97 -92.39 -29.45 49.05
C CYS QB 97 -91.53 -30.66 48.70
N ARG QB 98 -90.24 -30.44 48.48
CA ARG QB 98 -89.32 -31.57 48.28
C ARG QB 98 -89.15 -32.29 49.59
N LYS QB 99 -89.02 -31.51 50.65
CA LYS QB 99 -88.61 -32.02 51.95
C LYS QB 99 -89.70 -32.68 52.80
N SER QB 100 -90.93 -32.17 52.74
CA SER QB 100 -91.91 -32.56 53.75
C SER QB 100 -92.80 -33.74 53.37
N ILE QB 101 -92.69 -34.84 54.11
CA ILE QB 101 -93.55 -36.00 53.92
C ILE QB 101 -94.89 -35.87 54.64
N LEU QB 102 -94.83 -35.40 55.87
CA LEU QB 102 -95.99 -35.42 56.75
C LEU QB 102 -96.20 -34.07 57.42
N ALA QB 103 -97.46 -33.75 57.70
CA ALA QB 103 -97.73 -32.46 58.33
C ALA QB 103 -98.39 -32.62 59.69
N LEU QB 104 -97.82 -32.04 60.73
CA LEU QB 104 -98.50 -32.15 62.00
C LEU QB 104 -99.44 -30.97 62.21
N VAL QB 105 -100.73 -31.26 62.17
CA VAL QB 105 -101.72 -30.26 62.51
C VAL QB 105 -102.31 -30.66 63.85
N ASP QB 106 -102.27 -29.73 64.80
CA ASP QB 106 -102.50 -30.03 66.22
C ASP QB 106 -101.53 -31.09 66.67
N GLY QB 107 -102.06 -32.22 67.11
CA GLY QB 107 -101.23 -33.34 67.51
C GLY QB 107 -101.32 -34.47 66.51
N GLN QB 108 -101.85 -34.19 65.33
CA GLN QB 108 -102.14 -35.26 64.41
C GLN QB 108 -101.30 -35.20 63.16
N PRO QB 109 -100.86 -36.38 62.70
CA PRO QB 109 -100.30 -36.50 61.37
C PRO QB 109 -101.37 -36.33 60.29
N TRP QB 110 -101.08 -35.47 59.32
CA TRP QB 110 -101.91 -35.21 58.16
C TRP QB 110 -101.10 -35.54 56.92
N ASP QB 111 -101.73 -36.28 56.03
CA ASP QB 111 -101.16 -36.55 54.72
C ASP QB 111 -101.17 -35.25 53.93
N MET QB 112 -100.23 -35.12 53.01
CA MET QB 112 -100.00 -33.84 52.38
C MET QB 112 -101.13 -33.37 51.47
N TYR QB 113 -101.81 -34.31 50.82
CA TYR QB 113 -102.89 -33.96 49.91
C TYR QB 113 -104.29 -34.05 50.54
N LYS QB 114 -104.32 -34.30 51.84
CA LYS QB 114 -105.57 -34.38 52.57
C LYS QB 114 -106.09 -32.98 52.91
N PRO QB 115 -107.19 -32.57 52.27
CA PRO QB 115 -107.70 -31.21 52.42
C PRO QB 115 -108.06 -30.90 53.86
N LEU QB 116 -107.76 -29.69 54.32
CA LEU QB 116 -108.02 -29.35 55.72
C LEU QB 116 -109.49 -29.06 55.98
N THR QB 117 -109.93 -29.32 57.22
CA THR QB 117 -111.33 -29.18 57.59
C THR QB 117 -111.62 -27.84 58.22
N LYS QB 118 -111.05 -27.59 59.39
CA LYS QB 118 -111.33 -26.36 60.12
C LYS QB 118 -110.07 -25.51 60.28
N SER QB 119 -110.23 -24.32 60.85
CA SER QB 119 -109.12 -23.39 61.04
C SER QB 119 -108.18 -23.91 62.14
N CYS QB 120 -106.90 -24.07 61.82
CA CYS QB 120 -105.95 -24.80 62.67
C CYS QB 120 -104.53 -24.26 62.64
N GLU QB 121 -103.58 -25.01 63.20
CA GLU QB 121 -102.18 -24.60 63.21
C GLU QB 121 -101.27 -25.69 62.67
N ILE QB 122 -100.46 -25.37 61.65
CA ILE QB 122 -99.69 -26.39 60.92
C ILE QB 122 -98.18 -26.35 61.12
N LYS QB 123 -97.62 -27.53 61.38
CA LYS QB 123 -96.18 -27.74 61.45
C LYS QB 123 -95.82 -28.74 60.33
N PHE QB 124 -94.57 -28.73 59.86
CA PHE QB 124 -94.14 -29.65 58.80
C PHE QB 124 -93.07 -30.63 59.27
N LEU QB 125 -93.04 -31.81 58.66
CA LEU QB 125 -92.20 -32.90 59.16
C LEU QB 125 -91.40 -33.66 58.10
N THR QB 126 -90.15 -33.93 58.46
CA THR QB 126 -89.13 -34.39 57.54
C THR QB 126 -88.51 -35.70 57.99
N PHE QB 127 -87.87 -36.40 57.06
CA PHE QB 127 -87.13 -37.60 57.39
C PHE QB 127 -85.93 -37.31 58.27
N LYS QB 128 -85.39 -36.10 58.19
CA LYS QB 128 -84.16 -35.81 58.90
C LYS QB 128 -84.37 -35.10 60.23
N ASP QB 129 -85.62 -34.85 60.57
CA ASP QB 129 -85.99 -34.23 61.85
C ASP QB 129 -85.74 -35.19 63.02
N ASP QB 130 -85.69 -34.65 64.25
CA ASP QB 130 -85.29 -35.42 65.43
C ASP QB 130 -86.18 -36.60 65.84
N ASP QB 131 -87.51 -36.44 65.77
CA ASP QB 131 -88.44 -37.53 66.15
C ASP QB 131 -89.41 -37.96 65.04
N PRO QB 132 -88.87 -38.49 63.94
CA PRO QB 132 -89.61 -38.88 62.73
C PRO QB 132 -90.65 -39.97 62.94
N GLY QB 133 -90.67 -40.63 64.10
CA GLY QB 133 -91.37 -41.90 64.25
C GLY QB 133 -92.74 -41.95 63.60
N GLU QB 134 -93.48 -40.84 63.68
CA GLU QB 134 -94.73 -40.69 62.93
C GLU QB 134 -94.50 -40.91 61.44
N VAL QB 135 -93.61 -40.10 60.90
CA VAL QB 135 -93.22 -40.18 59.51
C VAL QB 135 -92.76 -41.59 59.17
N ASN QB 136 -91.82 -42.12 59.94
CA ASN QB 136 -91.31 -43.48 59.71
C ASN QB 136 -92.42 -44.52 59.57
N LYS QB 137 -93.35 -44.52 60.53
CA LYS QB 137 -94.52 -45.37 60.44
C LYS QB 137 -95.26 -45.18 59.13
N ALA QB 138 -95.64 -43.94 58.84
CA ALA QB 138 -96.39 -43.65 57.61
C ALA QB 138 -95.66 -44.18 56.36
N TYR QB 139 -94.33 -44.08 56.38
CA TYR QB 139 -93.51 -44.56 55.26
C TYR QB 139 -93.63 -46.05 55.11
N TRP QB 140 -93.37 -46.77 56.20
CA TRP QB 140 -93.54 -48.21 56.19
C TRP QB 140 -94.93 -48.55 55.62
N ARG QB 141 -95.93 -47.78 56.03
CA ARG QB 141 -97.32 -48.01 55.61
C ARG QB 141 -97.46 -47.93 54.10
N SER QB 142 -97.10 -46.77 53.58
CA SER QB 142 -97.18 -46.49 52.16
C SER QB 142 -96.45 -47.58 51.40
N CYS QB 143 -95.22 -47.82 51.84
CA CYS QB 143 -94.35 -48.86 51.29
C CYS QB 143 -95.06 -50.19 51.11
N ALA QB 144 -95.74 -50.61 52.18
CA ALA QB 144 -96.48 -51.85 52.14
C ALA QB 144 -97.58 -51.79 51.10
N MET QB 145 -98.41 -50.76 51.19
CA MET QB 145 -99.52 -50.59 50.24
C MET QB 145 -99.07 -50.77 48.78
N MET QB 146 -97.96 -50.12 48.43
CA MET QB 146 -97.38 -50.28 47.10
C MET QB 146 -97.22 -51.73 46.74
N MET QB 147 -96.49 -52.45 47.60
CA MET QB 147 -96.16 -53.84 47.36
C MET QB 147 -97.40 -54.69 47.20
N GLY QB 148 -98.40 -54.43 48.03
CA GLY QB 148 -99.68 -55.10 47.89
C GLY QB 148 -100.24 -54.94 46.51
N CYS QB 149 -100.27 -53.71 46.01
CA CYS QB 149 -100.75 -53.49 44.67
C CYS QB 149 -99.91 -54.24 43.64
N VAL QB 150 -98.58 -54.17 43.77
CA VAL QB 150 -97.68 -54.84 42.85
C VAL QB 150 -97.97 -56.33 42.80
N ILE QB 151 -98.25 -56.92 43.97
CA ILE QB 151 -98.56 -58.32 44.06
C ILE QB 151 -99.85 -58.64 43.33
N GLU QB 152 -100.91 -57.93 43.68
CA GLU QB 152 -102.25 -58.27 43.16
C GLU QB 152 -102.30 -58.47 41.64
N ARG QB 153 -101.69 -57.56 40.90
CA ARG QB 153 -101.82 -57.57 39.46
C ARG QB 153 -100.68 -58.33 38.77
N ALA QB 154 -99.83 -58.95 39.58
CA ALA QB 154 -98.72 -59.75 39.08
C ALA QB 154 -99.10 -61.22 38.95
N PHE QB 155 -100.35 -61.54 39.20
CA PHE QB 155 -100.77 -62.94 39.12
C PHE QB 155 -101.82 -63.19 38.03
N LYS QB 156 -101.78 -64.40 37.47
CA LYS QB 156 -102.61 -64.79 36.34
C LYS QB 156 -104.08 -64.61 36.66
N ASP QB 157 -104.84 -64.23 35.63
CA ASP QB 157 -106.28 -64.05 35.75
C ASP QB 157 -106.99 -65.27 36.31
N GLU QB 158 -106.44 -66.46 36.03
CA GLU QB 158 -107.01 -67.71 36.51
C GLU QB 158 -107.00 -67.83 38.03
N TYR QB 159 -105.86 -67.54 38.65
CA TYR QB 159 -105.73 -67.72 40.08
C TYR QB 159 -106.46 -66.63 40.82
N VAL QB 160 -106.53 -66.77 42.14
CA VAL QB 160 -107.25 -65.81 42.97
C VAL QB 160 -106.30 -65.28 44.02
N VAL QB 161 -106.17 -63.97 44.07
CA VAL QB 161 -105.37 -63.35 45.10
C VAL QB 161 -106.29 -62.60 46.03
N SER QB 162 -106.39 -63.08 47.26
CA SER QB 162 -107.15 -62.36 48.26
C SER QB 162 -106.17 -61.63 49.15
N LEU QB 163 -106.15 -60.31 48.99
CA LEU QB 163 -105.27 -59.48 49.79
C LEU QB 163 -105.84 -59.37 51.19
N VAL QB 164 -104.95 -59.37 52.17
CA VAL QB 164 -105.39 -59.47 53.55
C VAL QB 164 -105.27 -58.16 54.30
N ARG QB 165 -104.05 -57.80 54.68
CA ARG QB 165 -103.82 -56.62 55.48
C ARG QB 165 -102.37 -56.19 55.47
N ALA QB 166 -102.11 -55.09 56.16
CA ALA QB 166 -100.77 -54.53 56.26
C ALA QB 166 -100.36 -54.46 57.72
N PRO QB 167 -99.71 -55.52 58.21
CA PRO QB 167 -99.24 -55.60 59.59
C PRO QB 167 -98.22 -54.50 59.87
N GLU QB 168 -98.41 -53.78 60.96
CA GLU QB 168 -97.57 -52.64 61.21
C GLU QB 168 -96.49 -52.95 62.23
N VAL QB 169 -95.28 -53.06 61.72
CA VAL QB 169 -94.10 -53.29 62.53
C VAL QB 169 -93.43 -51.98 62.88
N PRO QB 170 -92.61 -51.97 63.94
CA PRO QB 170 -91.71 -50.85 64.20
C PRO QB 170 -90.54 -50.85 63.22
N VAL QB 171 -89.82 -49.75 63.13
CA VAL QB 171 -88.76 -49.62 62.13
C VAL QB 171 -87.59 -50.58 62.37
N ILE QB 172 -87.23 -50.81 63.64
CA ILE QB 172 -86.08 -51.66 63.96
C ILE QB 172 -86.28 -53.08 63.40
N ALA QB 173 -87.54 -53.43 63.14
CA ALA QB 173 -87.85 -54.62 62.36
C ALA QB 173 -87.23 -54.48 60.97
N GLY QB 174 -86.47 -55.48 60.56
CA GLY QB 174 -85.64 -55.37 59.37
C GLY QB 174 -86.34 -55.32 58.03
N ALA QB 175 -87.67 -55.27 58.05
CA ALA QB 175 -88.44 -55.21 56.83
C ALA QB 175 -89.83 -54.66 57.05
N PHE QB 176 -90.57 -54.54 55.96
CA PHE QB 176 -91.98 -54.26 55.98
C PHE QB 176 -92.68 -55.47 55.41
N CYS QB 177 -93.96 -55.63 55.75
CA CYS QB 177 -94.67 -56.88 55.53
C CYS QB 177 -96.05 -56.68 54.91
N TYR QB 178 -96.47 -57.64 54.09
CA TYR QB 178 -97.87 -57.64 53.65
C TYR QB 178 -98.44 -59.05 53.55
N ASP QB 179 -99.71 -59.20 53.88
CA ASP QB 179 -100.30 -60.51 53.95
C ASP QB 179 -101.14 -60.84 52.74
N VAL QB 180 -100.93 -62.03 52.20
CA VAL QB 180 -101.67 -62.42 51.00
C VAL QB 180 -102.09 -63.90 51.03
N VAL QB 181 -103.36 -64.17 50.73
CA VAL QB 181 -103.80 -65.54 50.50
C VAL QB 181 -103.91 -65.79 48.99
N LEU QB 182 -103.54 -66.98 48.56
CA LEU QB 182 -103.54 -67.30 47.13
C LEU QB 182 -104.33 -68.58 46.86
N ASP QB 183 -104.62 -68.84 45.58
CA ASP QB 183 -105.49 -69.93 45.18
C ASP QB 183 -105.00 -71.27 45.73
N LYS QB 184 -105.94 -72.18 46.01
CA LYS QB 184 -105.60 -73.43 46.71
C LYS QB 184 -104.70 -74.39 45.91
N ARG QB 185 -104.70 -74.30 44.59
CA ARG QB 185 -103.82 -75.14 43.77
C ARG QB 185 -102.43 -74.51 43.69
N LEU QB 186 -102.37 -73.27 44.17
CA LEU QB 186 -101.16 -72.45 44.13
C LEU QB 186 -100.38 -72.64 45.43
N ASP QB 187 -100.95 -73.43 46.33
CA ASP QB 187 -100.46 -73.52 47.70
C ASP QB 187 -99.06 -74.12 47.83
N GLU QB 188 -98.67 -74.96 46.88
CA GLU QB 188 -97.45 -75.73 47.07
C GLU QB 188 -96.16 -74.96 46.84
N TRP QB 189 -96.15 -74.04 45.88
CA TRP QB 189 -94.90 -73.37 45.53
C TRP QB 189 -94.50 -72.24 46.49
N MET QB 190 -93.19 -72.00 46.56
CA MET QB 190 -92.64 -70.81 47.19
C MET QB 190 -91.61 -70.22 46.21
N PRO QB 191 -91.55 -68.88 46.13
CA PRO QB 191 -90.91 -68.16 45.00
C PRO QB 191 -89.43 -68.41 44.78
N THR QB 192 -88.97 -68.06 43.58
CA THR QB 192 -87.55 -68.07 43.22
C THR QB 192 -87.11 -66.62 43.08
N LYS QB 193 -85.83 -66.34 43.31
CA LYS QB 193 -85.33 -64.96 43.25
C LYS QB 193 -85.67 -64.31 41.92
N GLU QB 194 -85.98 -65.13 40.92
CA GLU QB 194 -86.55 -64.66 39.66
C GLU QB 194 -87.85 -63.92 39.88
N ASN QB 195 -88.82 -64.60 40.49
CA ASN QB 195 -90.15 -64.04 40.74
C ASN QB 195 -90.09 -62.80 41.62
N LEU QB 196 -89.31 -62.90 42.68
CA LEU QB 196 -89.06 -61.78 43.58
C LEU QB 196 -88.48 -60.59 42.80
N HIS QB 197 -87.46 -60.85 42.00
CA HIS QB 197 -86.81 -59.83 41.20
C HIS QB 197 -87.78 -59.21 40.22
N SER QB 198 -88.78 -59.99 39.78
CA SER QB 198 -89.83 -59.47 38.93
C SER QB 198 -90.68 -58.50 39.72
N PHE QB 199 -91.06 -58.90 40.94
CA PHE QB 199 -91.80 -58.03 41.84
C PHE QB 199 -91.11 -56.71 42.05
N THR QB 200 -89.81 -56.79 42.27
CA THR QB 200 -88.96 -55.62 42.48
C THR QB 200 -88.90 -54.73 41.23
N LYS QB 201 -88.73 -55.38 40.08
CA LYS QB 201 -88.69 -54.68 38.80
C LYS QB 201 -89.96 -53.85 38.61
N ASP QB 202 -91.11 -54.50 38.80
CA ASP QB 202 -92.41 -53.84 38.62
C ASP QB 202 -92.63 -52.80 39.71
N ALA QB 203 -92.01 -53.01 40.85
CA ALA QB 203 -92.08 -52.06 41.95
C ALA QB 203 -91.41 -50.76 41.54
N ARG QB 204 -90.20 -50.86 41.03
CA ARG QB 204 -89.49 -49.68 40.54
C ARG QB 204 -90.21 -49.05 39.36
N ALA QB 205 -90.79 -49.88 38.50
CA ALA QB 205 -91.56 -49.36 37.36
C ALA QB 205 -92.78 -48.59 37.85
N LEU QB 206 -93.23 -48.93 39.05
CA LEU QB 206 -94.33 -48.22 39.70
C LEU QB 206 -93.87 -46.92 40.33
N ILE QB 207 -92.66 -46.95 40.90
CA ILE QB 207 -92.06 -45.74 41.43
C ILE QB 207 -91.91 -44.72 40.32
N TYR QB 208 -91.40 -45.21 39.19
CA TYR QB 208 -91.06 -44.40 38.03
C TYR QB 208 -92.18 -43.46 37.66
N LYS QB 209 -93.28 -44.03 37.18
CA LYS QB 209 -94.48 -43.24 37.02
C LYS QB 209 -94.81 -42.67 38.39
N ASP QB 210 -94.97 -41.35 38.46
CA ASP QB 210 -95.14 -40.71 39.76
C ASP QB 210 -96.62 -40.53 40.10
N LEU QB 211 -97.07 -41.33 41.06
CA LEU QB 211 -98.47 -41.35 41.45
C LEU QB 211 -98.69 -40.77 42.83
N PRO QB 212 -99.62 -39.81 42.94
CA PRO QB 212 -99.98 -39.19 44.21
C PRO QB 212 -100.67 -40.18 45.14
N PHE QB 213 -100.56 -39.96 46.46
CA PHE QB 213 -101.34 -40.71 47.44
C PHE QB 213 -102.53 -39.89 47.91
N GLU QB 214 -103.73 -40.41 47.67
CA GLU QB 214 -104.96 -39.66 47.88
C GLU QB 214 -105.81 -40.28 48.98
N THR QB 215 -106.42 -39.46 49.83
CA THR QB 215 -107.15 -39.99 50.98
C THR QB 215 -108.63 -39.58 51.03
N LEU QB 216 -109.48 -40.57 51.24
CA LEU QB 216 -110.91 -40.32 51.38
C LEU QB 216 -111.44 -40.97 52.66
N GLU QB 217 -112.44 -40.35 53.26
CA GLU QB 217 -113.04 -40.85 54.50
C GLU QB 217 -114.48 -41.34 54.24
N VAL QB 218 -114.74 -42.62 54.52
CA VAL QB 218 -116.02 -43.23 54.18
C VAL QB 218 -116.78 -43.76 55.39
N GLU QB 219 -118.11 -43.78 55.28
CA GLU QB 219 -118.92 -44.56 56.19
C GLU QB 219 -118.77 -46.02 55.78
N ALA QB 220 -118.87 -46.93 56.75
CA ALA QB 220 -118.69 -48.36 56.46
C ALA QB 220 -119.68 -48.89 55.41
N LYS QB 221 -120.90 -48.35 55.42
CA LYS QB 221 -122.00 -48.85 54.58
C LYS QB 221 -121.61 -48.95 53.12
N VAL QB 222 -121.06 -47.86 52.61
CA VAL QB 222 -120.62 -47.79 51.22
C VAL QB 222 -119.14 -48.18 51.03
N ALA QB 223 -118.41 -48.32 52.13
CA ALA QB 223 -117.01 -48.74 52.06
C ALA QB 223 -116.95 -50.22 51.77
N LEU QB 224 -117.78 -50.98 52.46
CA LEU QB 224 -117.83 -52.43 52.31
C LEU QB 224 -118.23 -52.83 50.89
N GLU QB 225 -119.00 -51.97 50.23
CA GLU QB 225 -119.45 -52.24 48.87
C GLU QB 225 -118.30 -52.18 47.89
N ILE QB 226 -117.26 -51.45 48.24
CA ILE QB 226 -116.09 -51.34 47.38
C ILE QB 226 -115.31 -52.65 47.36
N PHE QB 227 -114.98 -53.13 48.55
CA PHE QB 227 -114.16 -54.32 48.65
C PHE QB 227 -114.93 -55.56 48.26
N GLN QB 228 -116.07 -55.79 48.90
CA GLN QB 228 -116.88 -56.94 48.57
C GLN QB 228 -116.06 -58.23 48.67
N HIS QB 229 -115.77 -58.81 47.51
CA HIS QB 229 -115.26 -60.17 47.36
C HIS QB 229 -114.12 -60.61 48.28
N ASN QB 230 -113.27 -59.68 48.72
CA ASN QB 230 -112.22 -60.07 49.65
C ASN QB 230 -112.72 -60.06 51.08
N LYS QB 231 -112.75 -61.24 51.67
CA LYS QB 231 -113.44 -61.45 52.93
C LYS QB 231 -112.72 -60.76 54.06
N TYR QB 232 -111.42 -61.02 54.12
CA TYR QB 232 -110.54 -60.56 55.17
C TYR QB 232 -110.51 -59.05 55.23
N LYS QB 233 -110.62 -58.46 54.05
CA LYS QB 233 -110.78 -57.03 53.91
C LYS QB 233 -112.02 -56.54 54.64
N LEU QB 234 -113.17 -57.10 54.29
CA LEU QB 234 -114.43 -56.67 54.90
C LEU QB 234 -114.38 -56.82 56.40
N ASP QB 235 -113.79 -57.92 56.86
CA ASP QB 235 -113.56 -58.14 58.28
C ASP QB 235 -112.78 -56.98 58.89
N PHE QB 236 -111.68 -56.61 58.24
CA PHE QB 236 -110.84 -55.55 58.77
C PHE QB 236 -111.58 -54.20 58.81
N ILE QB 237 -112.40 -53.96 57.78
CA ILE QB 237 -113.25 -52.78 57.76
C ILE QB 237 -114.20 -52.79 58.95
N GLU QB 238 -114.82 -53.93 59.23
CA GLU QB 238 -115.76 -54.00 60.35
C GLU QB 238 -115.06 -53.75 61.69
N GLU QB 239 -113.84 -54.28 61.86
CA GLU QB 239 -113.05 -54.03 63.08
C GLU QB 239 -112.71 -52.54 63.26
N LYS QB 240 -112.12 -51.99 62.20
CA LYS QB 240 -111.69 -50.60 62.22
C LYS QB 240 -112.84 -49.63 62.45
N ALA QB 241 -113.97 -49.85 61.77
CA ALA QB 241 -115.15 -49.00 61.94
C ALA QB 241 -115.89 -49.36 63.24
N SER QB 242 -115.47 -50.45 63.87
CA SER QB 242 -115.99 -50.79 65.19
C SER QB 242 -115.32 -49.98 66.28
N GLN QB 243 -113.99 -49.83 66.22
CA GLN QB 243 -113.33 -49.08 67.30
C GLN QB 243 -113.49 -47.55 67.16
N ASN QB 244 -114.07 -47.11 66.05
CA ASN QB 244 -114.41 -45.69 65.86
C ASN QB 244 -115.92 -45.46 65.83
N PRO QB 245 -116.41 -44.59 66.74
CA PRO QB 245 -117.83 -44.35 67.02
C PRO QB 245 -118.71 -44.13 65.79
N GLU QB 246 -118.15 -43.49 64.79
CA GLU QB 246 -118.91 -43.01 63.65
C GLU QB 246 -118.89 -43.97 62.46
N ARG QB 247 -118.31 -45.15 62.68
CA ARG QB 247 -118.16 -46.17 61.65
C ARG QB 247 -117.23 -45.69 60.53
N ILE QB 248 -116.16 -45.01 60.93
CA ILE QB 248 -115.28 -44.33 59.97
C ILE QB 248 -114.17 -45.21 59.39
N VAL QB 249 -114.16 -45.28 58.07
CA VAL QB 249 -113.17 -46.05 57.32
C VAL QB 249 -112.24 -45.11 56.59
N LYS QB 250 -110.93 -45.38 56.71
CA LYS QB 250 -109.91 -44.54 56.11
C LYS QB 250 -109.37 -45.17 54.82
N LEU QB 251 -109.68 -44.56 53.69
CA LEU QB 251 -109.31 -45.13 52.40
C LEU QB 251 -108.18 -44.36 51.69
N HIS QB 252 -107.23 -45.12 51.13
CA HIS QB 252 -106.12 -44.55 50.38
C HIS QB 252 -106.08 -45.08 48.96
N ARG QB 253 -105.76 -44.18 48.02
CA ARG QB 253 -105.77 -44.50 46.61
C ARG QB 253 -104.57 -43.94 45.90
N PHE QB 254 -103.95 -44.78 45.08
CA PHE QB 254 -103.04 -44.26 44.08
C PHE QB 254 -103.31 -44.95 42.77
N GLY QB 255 -103.53 -44.14 41.73
CA GLY QB 255 -103.89 -44.66 40.44
C GLY QB 255 -105.13 -45.55 40.54
N ASP QB 256 -104.95 -46.79 40.08
CA ASP QB 256 -106.03 -47.75 39.99
C ASP QB 256 -106.27 -48.45 41.31
N PHE QB 257 -105.32 -48.33 42.23
CA PHE QB 257 -105.33 -49.16 43.41
C PHE QB 257 -105.85 -48.43 44.64
N ILE QB 258 -106.68 -49.13 45.41
CA ILE QB 258 -107.25 -48.60 46.65
C ILE QB 258 -107.14 -49.62 47.80
N ASP QB 259 -106.61 -49.16 48.94
CA ASP QB 259 -106.47 -49.98 50.14
C ASP QB 259 -106.91 -49.19 51.35
N VAL QB 260 -107.39 -49.88 52.37
CA VAL QB 260 -107.67 -49.24 53.65
C VAL QB 260 -106.52 -49.46 54.61
N SER QB 261 -106.00 -48.39 55.20
CA SER QB 261 -104.90 -48.53 56.13
C SER QB 261 -105.07 -47.61 57.34
N GLU QB 262 -104.31 -47.91 58.39
CA GLU QB 262 -104.32 -47.07 59.58
C GLU QB 262 -103.26 -45.99 59.44
N GLY QB 263 -103.68 -44.74 59.58
CA GLY QB 263 -102.76 -43.62 59.52
C GLY QB 263 -102.56 -43.02 58.14
N PRO QB 264 -101.80 -41.92 58.07
CA PRO QB 264 -101.48 -41.17 56.86
C PRO QB 264 -100.40 -41.86 56.00
N LEU QB 265 -100.28 -41.41 54.76
CA LEU QB 265 -99.25 -41.88 53.85
C LEU QB 265 -98.37 -40.74 53.33
N ILE QB 266 -97.18 -41.09 52.85
CA ILE QB 266 -96.27 -40.12 52.23
C ILE QB 266 -96.95 -39.51 51.00
N PRO QB 267 -96.56 -38.28 50.63
CA PRO QB 267 -97.22 -37.55 49.53
C PRO QB 267 -97.05 -38.11 48.11
N ARG QB 268 -95.85 -38.57 47.75
CA ARG QB 268 -95.56 -38.98 46.38
C ARG QB 268 -94.95 -40.39 46.29
N THR QB 269 -95.35 -41.13 45.26
CA THR QB 269 -94.78 -42.45 45.00
C THR QB 269 -93.27 -42.43 44.95
N SER QB 270 -92.78 -41.38 44.29
CA SER QB 270 -91.39 -41.31 43.84
C SER QB 270 -90.40 -40.98 44.95
N ILE QB 271 -90.89 -40.69 46.14
CA ILE QB 271 -89.99 -40.43 47.26
C ILE QB 271 -89.15 -41.68 47.55
N CYS QB 272 -89.69 -42.84 47.22
CA CYS QB 272 -88.98 -44.11 47.38
C CYS QB 272 -87.97 -44.30 46.26
N PHE QB 273 -86.78 -44.74 46.64
CA PHE QB 273 -85.69 -44.86 45.69
C PHE QB 273 -85.26 -46.31 45.55
N GLN QB 274 -84.55 -46.78 46.56
CA GLN QB 274 -84.14 -48.17 46.63
C GLN QB 274 -85.34 -48.97 47.12
N TYR QB 275 -85.80 -49.92 46.31
CA TYR QB 275 -86.99 -50.70 46.68
C TYR QB 275 -86.79 -52.19 46.48
N GLU QB 276 -87.41 -52.99 47.35
CA GLU QB 276 -87.22 -54.42 47.32
C GLU QB 276 -88.40 -55.27 47.76
N VAL QB 277 -88.50 -56.44 47.15
CA VAL QB 277 -89.21 -57.55 47.76
C VAL QB 277 -88.17 -58.57 48.17
N SER QB 278 -87.94 -58.68 49.46
CA SER QB 278 -86.83 -59.48 49.97
C SER QB 278 -87.12 -60.95 49.89
N ALA QB 279 -88.05 -61.40 50.72
CA ALA QB 279 -88.36 -62.81 50.78
C ALA QB 279 -89.84 -62.97 50.98
N VAL QB 280 -90.35 -64.19 50.84
CA VAL QB 280 -91.69 -64.47 51.31
C VAL QB 280 -91.65 -65.69 52.23
N HIS QB 281 -92.46 -65.63 53.27
CA HIS QB 281 -92.53 -66.70 54.25
C HIS QB 281 -93.97 -67.11 54.49
N ASN QB 282 -94.28 -68.37 54.24
CA ASN QB 282 -95.65 -68.86 54.42
C ASN QB 282 -95.91 -69.10 55.91
N LEU QB 283 -97.10 -68.69 56.35
CA LEU QB 283 -97.55 -68.92 57.72
C LEU QB 283 -99.01 -69.36 57.68
N GLN QB 284 -99.42 -70.24 58.58
CA GLN QB 284 -100.79 -70.76 58.49
C GLN QB 284 -101.54 -70.75 59.83
N THR QB 285 -102.71 -70.12 59.81
CA THR QB 285 -103.65 -70.23 60.90
C THR QB 285 -104.39 -71.55 60.70
N GLN QB 286 -105.29 -71.87 61.62
CA GLN QB 286 -106.12 -73.05 61.51
C GLN QB 286 -107.11 -72.91 60.35
N SER QB 287 -107.66 -71.71 60.19
CA SER QB 287 -108.70 -71.44 59.19
C SER QB 287 -108.20 -70.82 57.88
N SER QB 288 -106.90 -70.57 57.77
CA SER QB 288 -106.37 -69.93 56.56
C SER QB 288 -104.92 -70.31 56.26
N LEU QB 289 -104.55 -70.20 54.99
CA LEU QB 289 -103.17 -70.35 54.54
C LEU QB 289 -102.67 -69.02 53.99
N VAL QB 290 -101.76 -68.37 54.70
CA VAL QB 290 -101.41 -66.98 54.41
C VAL QB 290 -99.90 -66.72 54.28
N ARG QB 291 -99.49 -66.23 53.12
CA ARG QB 291 -98.08 -65.92 52.90
C ARG QB 291 -97.77 -64.47 53.24
N ARG QB 292 -96.64 -64.28 53.93
CA ARG QB 292 -96.18 -62.97 54.32
C ARG QB 292 -95.07 -62.53 53.38
N PHE QB 293 -95.23 -61.32 52.84
CA PHE QB 293 -94.22 -60.72 52.01
C PHE QB 293 -93.32 -59.82 52.83
N GLN QB 294 -92.02 -60.09 52.75
CA GLN QB 294 -90.98 -59.29 53.39
C GLN QB 294 -90.25 -58.46 52.34
N GLY QB 295 -90.17 -57.16 52.59
CA GLY QB 295 -89.49 -56.25 51.67
C GLY QB 295 -88.81 -55.11 52.41
N LEU QB 296 -87.94 -54.36 51.71
CA LEU QB 296 -87.19 -53.28 52.35
C LEU QB 296 -86.94 -52.13 51.37
N SER QB 297 -87.01 -50.91 51.86
CA SER QB 297 -86.88 -49.75 50.99
C SER QB 297 -86.46 -48.49 51.71
N LEU QB 298 -86.01 -47.51 50.93
CA LEU QB 298 -85.51 -46.26 51.47
C LEU QB 298 -85.87 -45.08 50.57
N PRO QB 299 -86.03 -43.89 51.17
CA PRO QB 299 -86.35 -42.66 50.45
C PRO QB 299 -85.13 -42.05 49.77
N VAL QB 300 -85.35 -41.21 48.76
CA VAL QB 300 -84.26 -40.55 48.06
C VAL QB 300 -83.35 -39.81 49.02
N HIS QB 301 -83.94 -39.23 50.06
CA HIS QB 301 -83.18 -38.36 50.93
C HIS QB 301 -82.15 -39.11 51.74
N LEU QB 302 -82.53 -40.27 52.24
CA LEU QB 302 -81.67 -41.00 53.15
C LEU QB 302 -80.80 -42.05 52.47
N ARG QB 303 -80.79 -42.06 51.14
CA ARG QB 303 -80.38 -43.25 50.37
C ARG QB 303 -79.09 -43.90 50.83
N ALA QB 304 -79.10 -45.22 50.86
CA ALA QB 304 -78.00 -45.99 51.43
C ALA QB 304 -76.99 -46.38 50.38
N HIS QB 305 -75.74 -46.38 50.81
CA HIS QB 305 -74.63 -46.86 50.00
C HIS QB 305 -74.77 -48.35 49.74
N PHE QB 306 -74.08 -48.85 48.70
CA PHE QB 306 -74.26 -50.22 48.23
C PHE QB 306 -74.03 -51.33 49.27
N THR QB 307 -72.88 -51.34 49.91
CA THR QB 307 -72.59 -52.35 50.94
C THR QB 307 -73.62 -52.35 52.06
N ILE QB 308 -73.86 -51.17 52.62
CA ILE QB 308 -74.89 -50.96 53.64
C ILE QB 308 -76.25 -51.50 53.20
N TRP QB 309 -76.67 -51.06 52.03
CA TRP QB 309 -77.90 -51.53 51.42
C TRP QB 309 -77.97 -53.04 51.42
N ASN QB 310 -76.89 -53.68 50.99
CA ASN QB 310 -76.82 -55.13 50.97
C ASN QB 310 -77.02 -55.71 52.38
N LYS QB 311 -76.35 -55.17 53.40
CA LYS QB 311 -76.51 -55.73 54.75
C LYS QB 311 -77.96 -55.64 55.27
N LEU QB 312 -78.58 -54.48 55.07
CA LEU QB 312 -79.98 -54.34 55.43
C LEU QB 312 -80.85 -55.33 54.64
N LEU QB 313 -80.49 -55.56 53.39
CA LEU QB 313 -81.19 -56.52 52.56
C LEU QB 313 -80.96 -57.97 53.04
N GLU QB 314 -79.91 -58.21 53.80
CA GLU QB 314 -79.72 -59.53 54.41
C GLU QB 314 -80.56 -59.69 55.67
N ARG QB 315 -80.62 -58.67 56.54
CA ARG QB 315 -81.47 -58.78 57.73
C ARG QB 315 -82.96 -58.81 57.37
N SER QB 316 -83.31 -58.28 56.21
CA SER QB 316 -84.69 -58.26 55.78
C SER QB 316 -85.23 -59.63 55.37
N ARG QB 317 -84.36 -60.64 55.36
CA ARG QB 317 -84.73 -61.98 54.87
C ARG QB 317 -85.58 -62.81 55.86
N LYS QB 318 -85.26 -62.75 57.16
CA LYS QB 318 -85.93 -63.59 58.16
C LYS QB 318 -87.41 -63.23 58.36
N MET QB 319 -88.19 -64.15 58.91
CA MET QB 319 -89.56 -63.82 59.33
C MET QB 319 -89.52 -62.79 60.44
N VAL QB 320 -90.28 -61.72 60.24
CA VAL QB 320 -90.43 -60.72 61.26
C VAL QB 320 -91.89 -60.62 61.63
N THR QB 321 -92.20 -61.06 62.85
CA THR QB 321 -93.57 -61.10 63.28
C THR QB 321 -93.86 -60.19 64.47
N GLU QB 322 -94.54 -59.08 64.23
CA GLU QB 322 -95.30 -58.43 65.28
C GLU QB 322 -96.67 -58.04 64.73
N ASP QB 323 -97.71 -58.75 65.15
CA ASP QB 323 -99.08 -58.30 64.89
C ASP QB 323 -99.75 -57.72 66.16
N LYS QB 324 -99.05 -57.83 67.29
CA LYS QB 324 -99.58 -57.43 68.61
C LYS QB 324 -98.49 -57.60 69.68
N ILE RB 83 15.45 -4.60 -64.65
CA ILE RB 83 15.76 -3.19 -64.45
C ILE RB 83 15.91 -2.47 -65.78
N PRO RB 84 14.77 -2.14 -66.41
CA PRO RB 84 14.61 -1.70 -67.80
C PRO RB 84 15.23 -0.33 -68.19
N ILE RB 85 16.05 -0.33 -69.25
CA ILE RB 85 16.35 0.88 -70.01
C ILE RB 85 16.30 0.61 -71.52
N GLU RB 86 15.34 1.22 -72.21
CA GLU RB 86 15.24 1.16 -73.67
C GLU RB 86 16.14 2.15 -74.42
N ASP RB 87 16.43 1.85 -75.68
CA ASP RB 87 17.15 2.79 -76.55
C ASP RB 87 16.23 3.68 -77.42
N PHE RB 88 14.92 3.57 -77.19
CA PHE RB 88 13.89 4.23 -78.03
C PHE RB 88 13.87 5.76 -78.05
N ILE RB 89 14.35 6.39 -76.98
CA ILE RB 89 14.27 7.84 -76.85
C ILE RB 89 15.08 8.54 -77.92
N THR RB 90 14.68 9.77 -78.24
CA THR RB 90 15.41 10.58 -79.21
C THR RB 90 16.52 11.38 -78.51
N PRO RB 91 17.79 11.09 -78.84
CA PRO RB 91 18.99 11.70 -78.24
C PRO RB 91 19.05 13.23 -78.34
N VAL RB 92 19.77 13.84 -77.39
CA VAL RB 92 19.90 15.29 -77.34
C VAL RB 92 20.78 15.82 -78.47
N LYS RB 93 21.58 14.95 -79.07
CA LYS RB 93 22.46 15.32 -80.17
C LYS RB 93 21.70 15.84 -81.38
N PHE RB 94 20.43 15.46 -81.46
CA PHE RB 94 19.65 15.65 -82.68
C PHE RB 94 18.72 16.87 -82.65
N LEU RB 95 18.76 17.63 -81.55
CA LEU RB 95 17.88 18.79 -81.35
C LEU RB 95 17.97 19.94 -82.36
N ASN RB 96 19.09 20.67 -82.37
CA ASN RB 96 19.20 21.94 -83.11
C ASN RB 96 19.84 21.86 -84.50
N LYS RB 97 20.19 20.65 -84.90
CA LYS RB 97 20.80 20.41 -86.21
C LYS RB 97 19.69 20.20 -87.24
N GLU RB 98 18.46 20.43 -86.80
CA GLU RB 98 17.24 20.21 -87.57
C GLU RB 98 17.17 20.98 -88.88
N ARG RB 99 18.06 21.94 -89.05
CA ARG RB 99 17.98 22.88 -90.15
C ARG RB 99 18.54 22.32 -91.45
N GLN RB 100 19.07 21.11 -91.42
CA GLN RB 100 19.82 20.57 -92.56
C GLN RB 100 18.97 20.02 -93.71
N ARG RB 101 17.76 19.54 -93.42
CA ARG RB 101 16.98 18.90 -94.45
C ARG RB 101 15.57 19.50 -94.63
N PRO RB 102 15.45 20.82 -94.93
CA PRO RB 102 14.10 21.32 -95.21
C PRO RB 102 13.42 20.91 -96.56
N PRO RB 103 14.12 21.00 -97.72
CA PRO RB 103 13.31 20.85 -98.94
C PRO RB 103 12.98 19.41 -99.36
N VAL RB 104 11.76 19.19 -99.85
CA VAL RB 104 11.41 18.00 -100.63
C VAL RB 104 10.37 18.40 -101.68
N GLU RB 105 10.63 18.06 -102.94
CA GLU RB 105 9.67 18.36 -104.00
C GLU RB 105 9.66 17.27 -105.07
N LEU RB 106 8.46 16.88 -105.49
CA LEU RB 106 8.32 15.90 -106.56
C LEU RB 106 7.41 16.43 -107.66
N PRO RB 107 7.75 16.14 -108.92
CA PRO RB 107 6.82 16.34 -110.03
C PRO RB 107 5.72 15.28 -109.97
N PHE RB 108 4.66 15.45 -110.74
CA PHE RB 108 3.64 14.41 -110.86
C PHE RB 108 4.30 13.09 -111.27
N GLU RB 109 5.45 13.19 -111.93
CA GLU RB 109 6.18 12.02 -112.42
C GLU RB 109 6.78 11.14 -111.32
N GLU RB 110 7.51 11.72 -110.39
CA GLU RB 110 8.12 10.95 -109.31
C GLU RB 110 7.05 10.35 -108.41
N SER RB 111 6.05 11.17 -108.11
CA SER RB 111 4.88 10.74 -107.36
C SER RB 111 4.23 9.52 -108.00
N GLU RB 112 3.89 9.65 -109.29
CA GLU RB 112 3.23 8.60 -110.06
C GLU RB 112 4.06 7.32 -110.11
N ARG RB 113 5.35 7.48 -110.38
CA ARG RB 113 6.29 6.37 -110.42
C ARG RB 113 6.30 5.61 -109.10
N ARG RB 114 6.54 6.33 -108.01
CA ARG RB 114 6.58 5.73 -106.68
C ARG RB 114 5.25 5.07 -106.28
N ALA RB 115 4.14 5.64 -106.71
CA ALA RB 115 2.82 5.08 -106.39
C ALA RB 115 2.54 3.78 -107.14
N LEU RB 116 2.77 3.79 -108.46
CA LEU RB 116 2.69 2.56 -109.25
C LEU RB 116 3.53 1.47 -108.62
N LEU RB 117 4.80 1.82 -108.40
CA LEU RB 117 5.76 0.95 -107.75
C LEU RB 117 5.21 0.37 -106.44
N LEU RB 118 4.54 1.21 -105.66
CA LEU RB 118 3.95 0.78 -104.41
C LEU RB 118 2.83 -0.25 -104.62
N LYS RB 119 1.87 0.07 -105.49
CA LYS RB 119 0.74 -0.84 -105.73
C LYS RB 119 1.22 -2.21 -106.20
N ARG RB 120 2.08 -2.18 -107.20
CA ARG RB 120 2.72 -3.37 -107.73
C ARG RB 120 3.39 -4.15 -106.61
N TRP RB 121 4.10 -3.43 -105.74
CA TRP RB 121 4.78 -4.06 -104.62
C TRP RB 121 3.79 -4.75 -103.68
N SER RB 122 2.61 -4.14 -103.51
CA SER RB 122 1.57 -4.74 -102.67
C SER RB 122 1.12 -6.08 -103.27
N LEU RB 123 0.81 -6.07 -104.57
CA LEU RB 123 0.42 -7.28 -105.26
C LEU RB 123 1.47 -8.38 -105.05
N TYR RB 124 2.71 -8.03 -105.30
CA TYR RB 124 3.86 -8.93 -105.19
C TYR RB 124 3.99 -9.56 -103.81
N LYS RB 125 4.10 -8.71 -102.79
CA LYS RB 125 4.20 -9.16 -101.42
C LYS RB 125 3.03 -10.06 -101.04
N GLN RB 126 1.85 -9.78 -101.58
CA GLN RB 126 0.69 -10.59 -101.26
C GLN RB 126 0.84 -12.00 -101.82
N ARG RB 127 1.19 -12.08 -103.10
CA ARG RB 127 1.49 -13.38 -103.71
C ARG RB 127 2.58 -14.11 -102.93
N GLU RB 128 3.51 -13.34 -102.37
CA GLU RB 128 4.64 -13.89 -101.62
C GLU RB 128 4.16 -14.52 -100.32
N HIS RB 129 3.34 -13.79 -99.55
CA HIS RB 129 2.80 -14.31 -98.31
C HIS RB 129 1.92 -15.52 -98.61
N GLU RB 130 1.16 -15.45 -99.70
CA GLU RB 130 0.29 -16.54 -100.10
C GLU RB 130 1.07 -17.83 -100.37
N MET RB 131 2.12 -17.71 -101.19
CA MET RB 131 2.94 -18.87 -101.57
C MET RB 131 3.70 -19.41 -100.37
N GLU RB 132 4.11 -18.52 -99.48
CA GLU RB 132 4.71 -18.92 -98.23
C GLU RB 132 3.74 -19.79 -97.42
N ARG RB 133 2.51 -19.30 -97.29
CA ARG RB 133 1.49 -19.96 -96.48
C ARG RB 133 1.12 -21.34 -97.02
N SER RB 134 0.90 -21.42 -98.33
CA SER RB 134 0.60 -22.71 -98.94
C SER RB 134 1.82 -23.65 -98.86
N ALA RB 135 3.02 -23.07 -98.85
CA ALA RB 135 4.25 -23.86 -98.74
C ALA RB 135 4.33 -24.55 -97.38
N ILE RB 136 4.24 -23.76 -96.31
CA ILE RB 136 4.30 -24.33 -94.97
C ILE RB 136 3.08 -25.20 -94.67
N ARG RB 137 1.95 -24.88 -95.31
CA ARG RB 137 0.75 -25.70 -95.16
C ARG RB 137 0.95 -27.09 -95.74
N SER RB 138 1.43 -27.15 -96.98
CA SER RB 138 1.72 -28.41 -97.65
C SER RB 138 2.77 -29.21 -96.89
N LEU RB 139 3.77 -28.48 -96.37
CA LEU RB 139 4.73 -29.05 -95.43
C LEU RB 139 4.04 -29.75 -94.26
N LEU RB 140 3.11 -29.04 -93.64
CA LEU RB 140 2.36 -29.54 -92.49
C LEU RB 140 1.47 -30.72 -92.89
N GLU RB 141 1.11 -30.81 -94.17
CA GLU RB 141 0.33 -31.95 -94.64
C GLU RB 141 1.24 -33.17 -94.81
N ALA RB 142 2.50 -32.93 -95.20
CA ALA RB 142 3.50 -33.99 -95.17
C ALA RB 142 3.66 -34.50 -93.74
N GLN RB 143 3.64 -33.57 -92.78
CA GLN RB 143 3.63 -33.93 -91.37
C GLN RB 143 2.41 -34.78 -90.99
N GLU RB 144 1.23 -34.37 -91.46
CA GLU RB 144 0.00 -35.12 -91.20
C GLU RB 144 0.10 -36.56 -91.67
N GLU RB 145 0.34 -36.73 -92.97
CA GLU RB 145 0.43 -38.05 -93.58
C GLU RB 145 1.48 -38.90 -92.88
N ALA RB 146 2.64 -38.30 -92.66
CA ALA RB 146 3.74 -38.96 -91.97
C ALA RB 146 3.33 -39.49 -90.60
N LEU RB 147 3.04 -38.58 -89.68
CA LEU RB 147 2.78 -38.94 -88.29
C LEU RB 147 1.59 -39.90 -88.17
N GLN RB 148 0.54 -39.66 -88.95
CA GLN RB 148 -0.62 -40.56 -88.94
C GLN RB 148 -0.22 -41.96 -89.43
N GLU RB 149 0.66 -42.02 -90.43
CA GLU RB 149 1.21 -43.29 -90.92
C GLU RB 149 2.04 -44.01 -89.86
N LEU RB 150 2.80 -43.23 -89.09
CA LEU RB 150 3.64 -43.77 -88.02
C LEU RB 150 2.80 -44.36 -86.88
N ARG RB 151 1.72 -43.66 -86.50
CA ARG RB 151 0.81 -44.17 -85.47
C ARG RB 151 0.03 -45.39 -85.96
N LEU RB 152 -0.44 -45.34 -87.21
CA LEU RB 152 -1.19 -46.46 -87.81
C LEU RB 152 -0.30 -47.70 -87.95
N SER RB 153 0.99 -47.48 -88.11
CA SER RB 153 1.95 -48.58 -88.14
C SER RB 153 2.34 -49.05 -86.74
N SER RB 154 3.14 -48.24 -86.06
CA SER RB 154 3.63 -48.59 -84.73
C SER RB 154 3.20 -47.61 -83.63
N PRO RB 155 2.46 -48.11 -82.61
CA PRO RB 155 2.10 -47.29 -81.44
C PRO RB 155 3.32 -46.88 -80.62
N GLU RB 156 4.29 -47.79 -80.53
CA GLU RB 156 5.56 -47.49 -79.89
C GLU RB 156 6.23 -46.29 -80.57
N LEU RB 157 5.97 -46.11 -81.87
CA LEU RB 157 6.56 -45.02 -82.64
C LEU RB 157 5.86 -43.66 -82.48
N HIS RB 158 4.61 -43.64 -82.04
CA HIS RB 158 3.99 -42.37 -81.66
C HIS RB 158 4.14 -42.13 -80.15
N ALA RB 159 4.64 -43.13 -79.42
CA ALA RB 159 5.08 -42.89 -78.04
C ALA RB 159 6.48 -42.29 -78.04
N GLU RB 160 7.34 -42.81 -78.92
CA GLU RB 160 8.72 -42.31 -79.05
C GLU RB 160 8.80 -40.86 -79.50
N ALA RB 161 8.23 -40.59 -80.67
CA ALA RB 161 8.54 -39.38 -81.43
C ALA RB 161 7.57 -38.23 -81.23
N THR RB 162 6.54 -38.43 -80.41
CA THR RB 162 5.60 -37.35 -80.12
C THR RB 162 6.12 -36.41 -79.01
N LYS RB 163 7.14 -36.87 -78.29
CA LYS RB 163 7.78 -36.07 -77.24
C LYS RB 163 8.85 -35.15 -77.80
N ARG RB 164 9.04 -34.00 -77.16
CA ARG RB 164 10.08 -33.05 -77.59
C ARG RB 164 11.37 -33.28 -76.79
N ASP RB 165 12.45 -33.50 -77.53
CA ASP RB 165 13.75 -33.83 -76.96
C ASP RB 165 14.46 -32.61 -76.38
N PRO RB 166 15.36 -32.84 -75.42
CA PRO RB 166 16.24 -31.81 -74.83
C PRO RB 166 17.19 -31.10 -75.82
N SER RB 167 17.40 -31.67 -77.01
CA SER RB 167 18.33 -31.09 -78.00
C SER RB 167 17.89 -29.74 -78.58
N LEU RB 168 16.65 -29.33 -78.31
CA LEU RB 168 16.14 -28.09 -78.90
C LEU RB 168 16.37 -26.86 -78.03
N PHE RB 169 16.89 -27.05 -76.82
CA PHE RB 169 16.87 -25.97 -75.82
C PHE RB 169 17.68 -24.74 -76.27
N PRO RB 170 19.01 -24.88 -76.48
CA PRO RB 170 19.74 -23.69 -76.90
C PRO RB 170 19.91 -23.66 -78.41
N PHE RB 171 18.82 -23.59 -79.16
CA PHE RB 171 18.91 -23.58 -80.62
C PHE RB 171 19.42 -22.24 -81.11
N GLU RB 172 20.54 -22.27 -81.82
CA GLU RB 172 21.18 -21.06 -82.32
C GLU RB 172 21.59 -21.22 -83.76
N ARG RB 173 21.30 -20.21 -84.57
CA ARG RB 173 21.58 -20.25 -85.98
C ARG RB 173 21.99 -18.86 -86.46
N GLN RB 174 23.02 -18.79 -87.31
CA GLN RB 174 23.45 -17.50 -87.81
C GLN RB 174 23.03 -17.28 -89.25
N GLY RB 175 22.53 -16.08 -89.53
CA GLY RB 175 22.09 -15.70 -90.85
C GLY RB 175 23.24 -15.60 -91.82
N PRO RB 176 22.92 -15.69 -93.12
CA PRO RB 176 23.88 -15.64 -94.24
C PRO RB 176 24.62 -14.31 -94.30
N ASP RB 177 25.72 -14.28 -95.05
CA ASP RB 177 26.49 -13.03 -95.21
C ASP RB 177 26.66 -12.67 -96.69
N TYR RB 178 27.32 -11.54 -96.93
CA TYR RB 178 27.47 -11.01 -98.28
C TYR RB 178 28.61 -11.67 -99.09
N THR RB 179 29.80 -11.80 -98.51
CA THR RB 179 30.94 -12.50 -99.13
C THR RB 179 31.38 -13.73 -98.33
N PRO RB 180 31.44 -14.92 -98.97
CA PRO RB 180 31.89 -16.11 -98.23
C PRO RB 180 33.32 -15.95 -97.67
N PRO RB 181 33.63 -16.63 -96.55
CA PRO RB 181 34.94 -16.49 -95.86
C PRO RB 181 36.14 -16.79 -96.75
N ALA SB 15 -49.57 27.11 33.49
CA ALA SB 15 -50.14 28.25 32.76
C ALA SB 15 -51.66 28.36 32.96
N ASP SB 16 -52.14 29.51 33.40
CA ASP SB 16 -53.59 29.81 33.34
C ASP SB 16 -53.85 31.19 32.69
N ARG SB 17 -54.43 31.17 31.49
CA ARG SB 17 -54.66 32.39 30.73
C ARG SB 17 -55.89 33.14 31.15
N MET SB 18 -56.93 32.37 31.43
CA MET SB 18 -58.27 32.92 31.55
C MET SB 18 -58.54 33.63 32.86
N SER SB 19 -58.13 33.00 33.95
CA SER SB 19 -58.40 33.56 35.28
C SER SB 19 -57.68 34.90 35.49
N LYS SB 20 -58.28 35.74 36.32
CA LYS SB 20 -57.78 37.09 36.52
C LYS SB 20 -56.60 37.12 37.45
N TRP SB 21 -55.82 38.16 37.26
CA TRP SB 21 -54.59 38.39 37.95
C TRP SB 21 -54.86 39.04 39.30
N THR SB 22 -54.49 38.37 40.40
CA THR SB 22 -54.74 38.90 41.74
C THR SB 22 -53.46 38.82 42.55
N SER SB 23 -53.41 39.51 43.67
CA SER SB 23 -52.24 39.48 44.54
C SER SB 23 -51.92 38.07 45.02
N LYS SB 24 -52.89 37.19 44.88
CA LYS SB 24 -52.77 35.83 45.38
C LYS SB 24 -52.02 34.88 44.44
N ARG SB 25 -51.96 35.22 43.15
CA ARG SB 25 -51.30 34.37 42.16
C ARG SB 25 -49.78 34.54 42.04
N GLY SB 26 -49.31 35.76 42.15
CA GLY SB 26 -47.91 36.00 41.86
C GLY SB 26 -46.96 35.48 42.93
N PRO SB 27 -45.70 35.92 42.84
CA PRO SB 27 -44.62 35.69 43.82
C PRO SB 27 -44.83 36.46 45.12
N ARG SB 28 -43.77 36.48 45.91
CA ARG SB 28 -43.68 37.41 47.03
C ARG SB 28 -43.83 38.84 46.53
N THR SB 29 -42.95 39.24 45.60
CA THR SB 29 -42.77 40.64 45.18
C THR SB 29 -44.03 41.29 44.62
N PHE SB 30 -44.93 40.48 44.08
CA PHE SB 30 -46.12 41.02 43.46
C PHE SB 30 -47.18 41.34 44.49
N CYS SB 31 -47.48 42.63 44.59
CA CYS SB 31 -48.48 43.12 45.52
C CYS SB 31 -49.44 44.02 44.81
N LYS SB 32 -50.68 43.58 44.70
CA LYS SB 32 -51.68 44.41 44.09
C LYS SB 32 -52.88 44.47 44.98
N GLY SB 33 -53.21 45.66 45.46
CA GLY SB 33 -54.43 45.89 46.22
C GLY SB 33 -55.70 45.51 45.47
N ARG SB 34 -56.73 45.13 46.22
CA ARG SB 34 -57.97 44.65 45.62
C ARG SB 34 -58.85 45.81 45.22
N GLY SB 35 -58.33 47.03 45.38
CA GLY SB 35 -59.06 48.22 45.01
C GLY SB 35 -59.58 49.03 46.16
N ALA SB 36 -59.18 48.68 47.38
CA ALA SB 36 -59.41 49.57 48.51
C ALA SB 36 -58.62 50.85 48.26
N LYS SB 37 -59.04 51.97 48.83
CA LYS SB 37 -58.34 53.24 48.59
C LYS SB 37 -57.21 53.49 49.55
N GLY SB 38 -56.10 54.01 49.03
CA GLY SB 38 -54.90 54.31 49.81
C GLY SB 38 -54.99 55.48 50.79
N THR SB 39 -54.65 55.23 52.05
CA THR SB 39 -54.82 56.20 53.12
C THR SB 39 -53.60 56.99 53.54
N GLY SB 40 -52.48 56.80 52.86
CA GLY SB 40 -51.27 57.40 53.39
C GLY SB 40 -50.05 57.31 52.51
N PHE SB 41 -48.89 57.46 53.15
CA PHE SB 41 -47.63 57.33 52.45
C PHE SB 41 -46.61 56.70 53.37
N HIS SB 42 -45.50 56.28 52.78
CA HIS SB 42 -44.49 55.58 53.56
C HIS SB 42 -43.61 56.53 54.34
N GLY SB 43 -43.21 56.10 55.52
CA GLY SB 43 -42.47 56.96 56.43
C GLY SB 43 -40.96 56.93 56.30
N ARG SB 44 -40.31 57.66 57.20
CA ARG SB 44 -38.86 57.77 57.22
C ARG SB 44 -38.21 56.47 57.63
N ASP SB 45 -38.65 55.97 58.77
CA ASP SB 45 -38.10 54.77 59.37
C ASP SB 45 -38.50 53.55 58.57
N GLY SB 46 -39.49 53.73 57.70
CA GLY SB 46 -40.11 52.63 56.99
C GLY SB 46 -41.46 52.37 57.60
N LYS SB 47 -41.66 52.95 58.79
CA LYS SB 47 -42.94 52.89 59.44
C LYS SB 47 -43.93 53.60 58.53
N PHE SB 48 -45.17 53.14 58.52
CA PHE SB 48 -46.16 53.66 57.58
C PHE SB 48 -46.93 54.84 58.16
N VAL SB 49 -47.17 55.86 57.34
CA VAL SB 49 -47.82 57.07 57.81
C VAL SB 49 -49.23 57.28 57.25
N GLN SB 50 -50.17 57.54 58.15
CA GLN SB 50 -51.53 57.89 57.77
C GLN SB 50 -51.81 59.36 57.92
N ILE SB 51 -52.59 59.87 57.00
CA ILE SB 51 -53.02 61.24 57.06
C ILE SB 51 -54.47 61.30 57.50
N LYS SB 52 -54.76 62.04 58.56
CA LYS SB 52 -56.11 62.07 59.12
C LYS SB 52 -57.10 62.58 58.09
N GLU SB 53 -56.58 63.28 57.10
CA GLU SB 53 -57.41 63.93 56.11
C GLU SB 53 -57.68 63.07 54.88
N MET SB 54 -56.98 61.95 54.78
CA MET SB 54 -57.25 60.99 53.71
C MET SB 54 -58.22 59.88 54.10
N ILE SB 55 -58.53 59.79 55.40
CA ILE SB 55 -59.48 58.79 55.83
C ILE SB 55 -60.86 59.36 55.71
N PRO SB 56 -61.70 58.69 54.93
CA PRO SB 56 -63.08 59.12 54.73
C PRO SB 56 -63.81 59.19 56.07
N GLU SB 57 -64.43 60.32 56.34
CA GLU SB 57 -65.16 60.53 57.58
C GLU SB 57 -66.64 60.64 57.34
N LEU SB 58 -67.38 59.66 57.82
CA LEU SB 58 -68.82 59.61 57.59
C LEU SB 58 -69.54 60.67 58.43
N VAL SB 59 -70.43 61.41 57.80
CA VAL SB 59 -71.18 62.45 58.49
C VAL SB 59 -72.61 62.00 58.73
N VAL SB 60 -72.91 61.69 59.98
CA VAL SB 60 -74.17 61.05 60.36
C VAL SB 60 -75.03 61.88 61.32
N PRO SB 61 -76.25 62.23 60.89
CA PRO SB 61 -77.22 62.97 61.71
C PRO SB 61 -77.80 62.10 62.82
N GLU SB 62 -78.42 62.71 63.82
CA GLU SB 62 -79.15 61.93 64.82
C GLU SB 62 -80.50 61.49 64.25
N LEU SB 63 -80.75 60.18 64.26
CA LEU SB 63 -81.96 59.63 63.69
C LEU SB 63 -83.12 59.54 64.68
N ALA SB 64 -82.79 59.61 65.97
CA ALA SB 64 -83.78 59.30 67.00
C ALA SB 64 -84.91 60.31 66.94
N GLY SB 65 -84.55 61.56 66.72
CA GLY SB 65 -85.50 62.64 66.79
C GLY SB 65 -86.55 62.68 65.69
N PHE SB 66 -86.38 61.89 64.62
CA PHE SB 66 -87.28 62.08 63.49
C PHE SB 66 -88.11 60.86 63.07
N LYS SB 67 -89.23 61.17 62.42
CA LYS SB 67 -90.17 60.18 61.95
C LYS SB 67 -89.95 59.97 60.47
N LEU SB 68 -89.36 58.82 60.14
CA LEU SB 68 -89.30 58.34 58.78
C LEU SB 68 -89.06 56.86 58.91
N LYS SB 69 -89.40 56.07 57.90
CA LYS SB 69 -89.28 54.62 58.02
C LYS SB 69 -88.74 54.02 56.74
N PRO SB 70 -88.20 52.79 56.80
CA PRO SB 70 -87.68 52.14 55.60
C PRO SB 70 -88.75 51.73 54.59
N TYR SB 71 -90.01 51.66 54.99
CA TYR SB 71 -91.09 51.31 54.09
C TYR SB 71 -92.25 52.27 54.17
N VAL SB 72 -93.17 52.17 53.23
CA VAL SB 72 -94.34 53.03 53.24
C VAL SB 72 -95.62 52.22 53.20
N ASN SB 73 -96.70 52.81 53.72
CA ASN SB 73 -98.03 52.22 53.63
C ASN SB 73 -98.40 51.91 52.19
N TYR SB 74 -99.12 50.81 51.98
CA TYR SB 74 -99.48 50.37 50.64
C TYR SB 74 -100.56 51.22 49.99
N ARG SB 75 -101.52 51.68 50.79
CA ARG SB 75 -102.62 52.48 50.26
C ARG SB 75 -102.22 53.95 50.15
N ALA SB 76 -101.00 54.27 50.57
CA ALA SB 76 -100.43 55.59 50.33
C ALA SB 76 -100.17 55.75 48.83
N PRO SB 77 -100.49 56.92 48.27
CA PRO SB 77 -100.48 57.08 46.81
C PRO SB 77 -99.08 57.23 46.22
N GLU SB 78 -98.94 56.73 44.99
CA GLU SB 78 -97.81 57.07 44.17
C GLU SB 78 -98.07 58.46 43.63
N GLY SB 79 -97.27 58.90 42.66
CA GLY SB 79 -97.49 60.22 42.12
C GLY SB 79 -97.20 60.31 40.63
N THR SB 80 -97.62 61.41 40.04
CA THR SB 80 -97.29 61.73 38.66
C THR SB 80 -95.78 61.91 38.57
N ASP SB 81 -95.14 61.18 37.66
CA ASP SB 81 -93.69 61.06 37.71
C ASP SB 81 -93.03 62.19 36.92
N THR SB 82 -92.43 63.13 37.65
CA THR SB 82 -91.70 64.24 37.06
C THR SB 82 -90.22 64.17 37.42
N PRO SB 83 -89.39 63.72 36.48
CA PRO SB 83 -87.96 63.85 36.74
C PRO SB 83 -87.60 65.33 36.78
N LEU SB 84 -86.66 65.68 37.64
CA LEU SB 84 -86.25 67.06 37.76
C LEU SB 84 -85.43 67.49 36.56
N THR SB 85 -85.79 68.64 36.01
CA THR SB 85 -85.12 69.21 34.86
C THR SB 85 -84.42 70.45 35.35
N ALA SB 86 -83.37 70.85 34.65
CA ALA SB 86 -82.71 72.11 34.93
C ALA SB 86 -83.71 73.27 35.02
N LYS SB 87 -84.66 73.30 34.08
CA LYS SB 87 -85.58 74.42 33.96
C LYS SB 87 -86.51 74.55 35.15
N GLN SB 88 -87.12 73.44 35.56
CA GLN SB 88 -88.00 73.43 36.73
C GLN SB 88 -87.30 74.07 37.92
N LEU SB 89 -86.05 73.65 38.10
CA LEU SB 89 -85.21 74.18 39.16
C LEU SB 89 -85.06 75.70 39.01
N PHE SB 90 -84.69 76.12 37.82
CA PHE SB 90 -84.58 77.56 37.54
C PHE SB 90 -85.84 78.34 37.88
N LEU SB 91 -87.00 77.72 37.67
CA LEU SB 91 -88.28 78.36 37.92
C LEU SB 91 -88.57 78.47 39.42
N GLU SB 92 -88.38 77.37 40.14
CA GLU SB 92 -88.65 77.36 41.58
C GLU SB 92 -87.74 78.33 42.33
N THR SB 93 -86.45 78.32 41.99
CA THR SB 93 -85.51 79.18 42.72
C THR SB 93 -85.32 80.54 42.07
N ALA SB 94 -84.77 80.56 40.85
CA ALA SB 94 -84.33 81.81 40.24
C ALA SB 94 -85.48 82.73 39.74
N ALA SB 95 -86.51 82.14 39.15
CA ALA SB 95 -87.59 82.93 38.51
C ALA SB 95 -88.32 83.93 39.43
N PRO SB 96 -88.78 83.50 40.63
CA PRO SB 96 -89.56 84.48 41.40
C PRO SB 96 -88.76 85.73 41.75
N ALA SB 97 -87.55 85.55 42.26
CA ALA SB 97 -86.69 86.67 42.62
C ALA SB 97 -86.38 87.52 41.39
N ILE SB 98 -86.20 86.85 40.25
CA ILE SB 98 -85.89 87.56 39.01
C ILE SB 98 -87.02 88.48 38.59
N GLU SB 99 -88.25 87.97 38.51
CA GLU SB 99 -89.34 88.85 38.12
C GLU SB 99 -89.56 89.93 39.18
N LYS SB 100 -89.32 89.58 40.45
CA LYS SB 100 -89.38 90.55 41.54
C LYS SB 100 -88.49 91.77 41.30
N ASP SB 101 -87.24 91.54 40.90
CA ASP SB 101 -86.31 92.67 40.72
C ASP SB 101 -86.24 93.26 39.31
N PHE SB 102 -86.83 92.61 38.32
CA PHE SB 102 -87.00 93.27 37.02
C PHE SB 102 -88.24 94.17 37.05
N LYS SB 103 -89.27 93.74 37.80
CA LYS SB 103 -90.48 94.54 37.99
C LYS SB 103 -90.17 95.79 38.80
N ALA SB 104 -89.27 95.64 39.78
CA ALA SB 104 -88.77 96.77 40.53
C ALA SB 104 -87.82 97.59 39.67
N GLY SB 105 -87.29 96.97 38.63
CA GLY SB 105 -86.40 97.63 37.68
C GLY SB 105 -84.97 97.69 38.19
N THR SB 106 -84.72 97.00 39.30
CA THR SB 106 -83.42 97.00 39.95
C THR SB 106 -82.54 95.88 39.40
N PHE SB 107 -83.06 95.20 38.39
CA PHE SB 107 -82.36 94.10 37.72
C PHE SB 107 -80.99 94.52 37.20
N ASP SB 108 -79.97 93.73 37.55
CA ASP SB 108 -78.61 93.96 37.11
C ASP SB 108 -78.05 92.72 36.42
N PRO SB 109 -78.17 92.65 35.08
CA PRO SB 109 -77.70 91.49 34.31
C PRO SB 109 -76.21 91.20 34.52
N GLU SB 110 -75.49 92.18 35.05
CA GLU SB 110 -74.07 92.08 35.32
C GLU SB 110 -73.76 91.16 36.51
N HIS SB 111 -74.35 91.45 37.67
CA HIS SB 111 -74.15 90.60 38.85
C HIS SB 111 -75.39 89.76 39.14
N LEU SB 112 -75.31 88.46 38.86
CA LEU SB 112 -76.44 87.56 39.06
C LEU SB 112 -76.33 86.82 40.38
N GLU SB 113 -75.30 87.16 41.15
CA GLU SB 113 -74.95 86.40 42.34
C GLU SB 113 -76.01 86.43 43.44
N LYS SB 114 -76.91 87.41 43.38
CA LYS SB 114 -77.94 87.52 44.41
C LYS SB 114 -79.04 86.47 44.20
N TYR SB 115 -79.09 85.88 43.01
CA TYR SB 115 -80.05 84.83 42.70
C TYR SB 115 -79.46 83.44 42.98
N GLY SB 116 -78.16 83.41 43.28
CA GLY SB 116 -77.49 82.16 43.56
C GLY SB 116 -76.51 81.68 42.49
N PHE SB 117 -76.31 82.45 41.42
CA PHE SB 117 -75.36 82.05 40.39
C PHE SB 117 -73.92 82.22 40.87
N GLU SB 118 -73.09 81.23 40.51
CA GLU SB 118 -71.68 81.23 40.87
C GLU SB 118 -70.83 81.28 39.60
N PRO SB 119 -70.08 82.39 39.43
CA PRO SB 119 -69.32 82.65 38.19
C PRO SB 119 -68.31 81.56 37.84
N THR SB 120 -67.51 81.17 38.83
CA THR SB 120 -66.53 80.08 38.69
C THR SB 120 -66.47 79.33 40.01
N GLN SB 121 -66.12 78.06 39.95
CA GLN SB 121 -66.35 77.17 41.08
C GLN SB 121 -65.20 77.02 42.09
N GLU SB 122 -64.03 77.56 41.77
CA GLU SB 122 -62.81 77.31 42.57
C GLU SB 122 -62.82 77.93 43.97
N GLY SB 123 -63.72 78.87 44.21
CA GLY SB 123 -63.85 79.43 45.53
C GLY SB 123 -64.39 78.41 46.50
N LYS SB 124 -65.56 77.87 46.18
CA LYS SB 124 -66.34 77.11 47.14
C LYS SB 124 -65.75 75.72 47.45
N LEU SB 125 -66.25 75.14 48.54
CA LEU SB 125 -65.79 73.86 49.06
C LEU SB 125 -66.04 72.71 48.09
N PHE SB 126 -67.30 72.48 47.75
CA PHE SB 126 -67.64 71.42 46.81
C PHE SB 126 -67.95 72.02 45.46
N GLN SB 127 -67.05 71.86 44.50
CA GLN SB 127 -67.34 72.39 43.16
C GLN SB 127 -67.96 71.33 42.29
N LEU SB 128 -68.88 71.74 41.43
CA LEU SB 128 -69.60 70.78 40.62
C LEU SB 128 -68.78 70.18 39.50
N TYR SB 129 -68.14 71.01 38.68
CA TYR SB 129 -67.55 70.45 37.47
C TYR SB 129 -66.30 69.59 37.63
N PRO SB 130 -65.22 70.11 38.23
CA PRO SB 130 -64.21 69.11 38.60
C PRO SB 130 -64.68 68.15 39.70
N LYS SB 131 -65.81 68.41 40.34
CA LYS SB 131 -66.51 67.43 41.19
C LYS SB 131 -65.68 66.95 42.39
N ASN SB 132 -65.39 67.84 43.32
CA ASN SB 132 -64.47 67.56 44.41
C ASN SB 132 -64.88 66.47 45.38
N PHE SB 133 -66.15 66.16 45.41
CA PHE SB 133 -66.64 65.38 46.53
C PHE SB 133 -67.10 64.06 46.06
N PRO SB 134 -66.88 63.05 46.90
CA PRO SB 134 -67.30 61.69 46.63
C PRO SB 134 -68.81 61.52 46.52
N ARG SB 135 -69.56 62.01 47.51
CA ARG SB 135 -70.97 61.64 47.66
C ARG SB 135 -71.63 62.32 48.87
N THR TB 35 -88.33 -70.65 -32.99
CA THR TB 35 -88.01 -70.74 -31.57
C THR TB 35 -86.65 -70.08 -31.27
N TYR TB 36 -86.58 -68.76 -31.53
CA TYR TB 36 -85.35 -67.98 -31.28
C TYR TB 36 -85.59 -66.60 -30.66
N SER TB 37 -85.02 -66.39 -29.48
CA SER TB 37 -84.92 -65.06 -28.86
C SER TB 37 -83.45 -64.84 -28.50
N SER TB 38 -82.98 -63.61 -28.65
CA SER TB 38 -81.55 -63.30 -28.42
C SER TB 38 -81.17 -63.50 -26.97
N LEU TB 39 -82.10 -63.20 -26.07
CA LEU TB 39 -81.85 -63.27 -24.63
C LEU TB 39 -82.68 -64.43 -24.07
N PRO TB 40 -82.17 -65.07 -23.01
CA PRO TB 40 -82.94 -66.13 -22.35
C PRO TB 40 -84.32 -65.63 -21.87
N ASP TB 41 -85.30 -66.52 -21.95
CA ASP TB 41 -86.67 -66.24 -21.47
C ASP TB 41 -86.78 -66.63 -20.00
N ASP TB 42 -85.61 -66.93 -19.40
CA ASP TB 42 -85.47 -67.19 -17.96
C ASP TB 42 -86.26 -66.19 -17.14
N TYR TB 43 -86.08 -64.91 -17.45
CA TYR TB 43 -86.48 -63.84 -16.56
C TYR TB 43 -87.36 -62.80 -17.25
N ASN TB 44 -88.04 -61.99 -16.42
CA ASN TB 44 -88.88 -60.90 -16.88
C ASN TB 44 -89.94 -61.41 -17.85
N CYS TB 45 -89.79 -60.98 -19.09
CA CYS TB 45 -90.65 -61.41 -20.18
C CYS TB 45 -90.01 -62.45 -21.08
N LYS TB 46 -90.84 -63.34 -21.57
CA LYS TB 46 -90.58 -63.98 -22.83
C LYS TB 46 -90.70 -62.87 -23.85
N VAL TB 47 -89.81 -62.82 -24.84
CA VAL TB 47 -89.78 -61.66 -25.73
C VAL TB 47 -89.85 -61.98 -27.21
N GLU TB 48 -90.85 -61.42 -27.87
CA GLU TB 48 -91.01 -61.65 -29.30
C GLU TB 48 -90.84 -60.37 -30.09
N LEU TB 49 -89.75 -60.33 -30.84
CA LEU TB 49 -89.57 -59.29 -31.83
C LEU TB 49 -90.19 -59.74 -33.12
N ALA TB 50 -90.84 -58.84 -33.81
CA ALA TB 50 -91.31 -59.16 -35.13
C ALA TB 50 -91.25 -57.93 -35.98
N LEU TB 51 -91.38 -58.13 -37.29
CA LEU TB 51 -91.38 -57.00 -38.20
C LEU TB 51 -92.53 -57.08 -39.18
N THR TB 52 -93.30 -56.00 -39.25
CA THR TB 52 -94.44 -55.87 -40.14
C THR TB 52 -94.06 -56.21 -41.59
N SER TB 53 -94.95 -56.90 -42.29
CA SER TB 53 -94.74 -57.25 -43.71
C SER TB 53 -94.57 -56.02 -44.60
N ASP TB 54 -95.22 -54.93 -44.21
CA ASP TB 54 -94.92 -53.61 -44.76
C ASP TB 54 -93.44 -53.31 -44.55
N GLY TB 55 -93.01 -53.36 -43.29
CA GLY TB 55 -91.62 -53.11 -42.94
C GLY TB 55 -91.40 -51.80 -42.21
N ARG TB 56 -92.43 -50.98 -42.13
CA ARG TB 56 -92.29 -49.70 -41.48
C ARG TB 56 -92.61 -49.79 -40.01
N THR TB 57 -92.89 -50.99 -39.51
CA THR TB 57 -93.12 -51.13 -38.08
C THR TB 57 -92.55 -52.40 -37.45
N ILE TB 58 -91.77 -52.20 -36.38
CA ILE TB 58 -91.35 -53.27 -35.48
C ILE TB 58 -92.44 -53.52 -34.45
N VAL TB 59 -92.65 -54.78 -34.08
CA VAL TB 59 -93.57 -55.08 -32.99
C VAL TB 59 -92.93 -55.97 -31.94
N CYS TB 60 -93.52 -55.94 -30.75
CA CYS TB 60 -93.03 -56.73 -29.64
C CYS TB 60 -94.16 -57.34 -28.86
N TYR TB 61 -94.07 -58.64 -28.63
CA TYR TB 61 -94.99 -59.36 -27.74
C TYR TB 61 -94.23 -59.84 -26.52
N HIS TB 62 -94.52 -59.24 -25.38
CA HIS TB 62 -93.81 -59.62 -24.16
C HIS TB 62 -94.76 -59.84 -23.00
N PRO TB 63 -95.19 -61.09 -22.82
CA PRO TB 63 -95.91 -61.56 -21.64
C PRO TB 63 -94.96 -61.74 -20.45
N SER TB 64 -95.44 -61.44 -19.26
CA SER TB 64 -94.60 -61.57 -18.07
C SER TB 64 -94.29 -63.04 -17.81
N VAL TB 65 -93.04 -63.34 -17.48
CA VAL TB 65 -92.71 -64.69 -17.04
C VAL TB 65 -92.76 -64.74 -15.52
N ASP TB 66 -93.76 -65.45 -15.01
CA ASP TB 66 -93.97 -65.64 -13.57
C ASP TB 66 -93.00 -66.67 -13.01
N ILE TB 67 -92.82 -66.65 -11.70
CA ILE TB 67 -91.80 -67.44 -11.04
C ILE TB 67 -92.31 -68.82 -10.65
N PRO TB 68 -91.65 -69.88 -11.16
CA PRO TB 68 -91.98 -71.30 -10.96
C PRO TB 68 -92.05 -71.75 -9.50
N TYR TB 69 -93.07 -72.55 -9.17
CA TYR TB 69 -93.24 -73.07 -7.82
C TYR TB 69 -92.08 -73.94 -7.37
N GLU TB 70 -91.25 -74.35 -8.32
CA GLU TB 70 -90.07 -75.16 -8.02
C GLU TB 70 -88.96 -74.31 -7.43
N HIS TB 71 -88.95 -73.05 -7.84
CA HIS TB 71 -87.87 -72.12 -7.56
C HIS TB 71 -88.12 -71.38 -6.25
N THR TB 72 -89.16 -71.81 -5.56
CA THR TB 72 -89.62 -71.16 -4.36
C THR TB 72 -89.22 -71.95 -3.13
N LYS TB 73 -89.00 -71.28 -2.02
CA LYS TB 73 -88.85 -72.01 -0.77
C LYS TB 73 -89.85 -71.54 0.26
N PRO TB 74 -90.27 -72.45 1.16
CA PRO TB 74 -91.33 -72.19 2.13
C PRO TB 74 -91.08 -70.95 2.95
N ILE TB 75 -92.16 -70.32 3.39
CA ILE TB 75 -92.09 -69.15 4.26
C ILE TB 75 -91.54 -69.50 5.64
N PRO TB 76 -90.52 -68.76 6.10
CA PRO TB 76 -89.99 -68.99 7.46
C PRO TB 76 -91.06 -68.68 8.48
N UNK TB 77 -91.32 -69.64 9.37
CA UNK TB 77 -92.24 -69.38 10.47
C UNK TB 77 -91.49 -69.59 11.80
N UNK TB 78 -91.23 -68.49 12.52
CA UNK TB 78 -90.64 -68.58 13.85
C UNK TB 78 -91.37 -67.68 14.86
N UNK TB 79 -92.08 -68.32 15.79
CA UNK TB 79 -92.61 -67.66 16.99
C UNK TB 79 -92.49 -68.60 18.20
N UNK TB 80 -91.78 -68.18 19.23
CA UNK TB 80 -91.65 -68.99 20.44
C UNK TB 80 -91.73 -68.13 21.70
N UNK TB 81 -92.65 -68.45 22.61
CA UNK TB 81 -92.76 -67.70 23.86
C UNK TB 81 -92.41 -68.53 25.10
N UNK TB 82 -91.22 -68.28 25.66
CA UNK TB 82 -90.82 -68.80 26.98
C UNK TB 82 -90.96 -67.76 28.10
N UNK TB 83 -91.44 -66.56 27.76
CA UNK TB 83 -91.59 -65.47 28.74
C UNK TB 83 -92.65 -65.78 29.80
N UNK TB 84 -93.39 -66.86 29.58
CA UNK TB 84 -94.41 -67.28 30.54
C UNK TB 84 -93.84 -68.16 31.66
N UNK TB 85 -93.93 -67.66 32.89
CA UNK TB 85 -93.56 -68.43 34.06
C UNK TB 85 -94.78 -69.21 34.55
N UNK TB 86 -94.60 -70.50 34.79
CA UNK TB 86 -95.70 -71.39 35.13
C UNK TB 86 -96.53 -70.89 36.31
N UNK TB 87 -95.89 -70.20 37.25
CA UNK TB 87 -96.58 -69.78 38.47
C UNK TB 87 -97.60 -68.67 38.23
N UNK TB 88 -97.16 -67.56 37.67
CA UNK TB 88 -98.05 -66.41 37.49
C UNK TB 88 -97.88 -65.81 36.10
N UNK TB 89 -98.98 -65.75 35.34
CA UNK TB 89 -98.92 -65.33 33.94
C UNK TB 89 -99.14 -63.83 33.70
N UNK TB 90 -99.55 -63.08 34.73
CA UNK TB 90 -99.58 -61.62 34.62
C UNK TB 90 -98.17 -61.11 34.86
N UNK TB 91 -97.47 -61.81 35.75
CA UNK TB 91 -96.05 -61.59 35.98
C UNK TB 91 -95.26 -61.93 34.72
N UNK TB 92 -95.74 -62.93 33.98
CA UNK TB 92 -95.10 -63.39 32.76
C UNK TB 92 -95.42 -62.53 31.52
N UNK TB 93 -96.63 -61.97 31.49
CA UNK TB 93 -97.03 -61.09 30.40
C UNK TB 93 -96.61 -59.64 30.70
N UNK TB 94 -96.09 -59.40 31.91
CA UNK TB 94 -95.41 -58.14 32.20
C UNK TB 94 -93.89 -58.30 32.05
N UNK TB 95 -93.48 -59.49 31.60
CA UNK TB 95 -92.06 -59.80 31.40
C UNK TB 95 -91.56 -59.51 29.97
N UNK TB 96 -92.47 -59.26 29.03
CA UNK TB 96 -92.06 -58.86 27.68
C UNK TB 96 -92.04 -57.35 27.54
N UNK TB 97 -92.59 -56.67 28.54
CA UNK TB 97 -92.52 -55.20 28.65
C UNK TB 97 -91.36 -54.80 29.57
N UNK TB 98 -90.59 -55.80 30.00
CA UNK TB 98 -89.50 -55.62 30.96
C UNK TB 98 -88.13 -55.35 30.33
N UNK TB 99 -88.08 -55.17 29.01
CA UNK TB 99 -86.82 -54.88 28.34
C UNK TB 99 -86.69 -53.40 27.90
N UNK TB 100 -85.57 -52.80 28.29
CA UNK TB 100 -85.13 -51.45 27.87
C UNK TB 100 -83.74 -51.18 28.48
N GLU TB 101 -82.97 -50.26 27.90
CA GLU TB 101 -81.57 -50.07 28.30
C GLU TB 101 -80.99 -48.69 27.97
N HIS TB 102 -79.85 -48.36 28.59
CA HIS TB 102 -79.20 -47.08 28.31
C HIS TB 102 -77.69 -47.18 28.14
N LEU TB 103 -77.18 -46.70 27.00
CA LEU TB 103 -75.75 -46.58 26.75
C LEU TB 103 -75.31 -45.13 26.57
N GLU TB 104 -73.99 -44.95 26.44
CA GLU TB 104 -73.42 -43.64 26.14
C GLU TB 104 -73.55 -43.28 24.68
N GLN TB 105 -73.40 -41.99 24.39
CA GLN TB 105 -73.39 -41.49 23.02
C GLN TB 105 -72.40 -42.24 22.12
N GLY TB 106 -71.12 -42.30 22.51
CA GLY TB 106 -70.11 -42.91 21.68
C GLY TB 106 -70.38 -44.37 21.29
N PRO TB 107 -70.51 -45.25 22.29
CA PRO TB 107 -70.81 -46.67 22.06
C PRO TB 107 -72.11 -46.95 21.29
N MET TB 108 -73.20 -46.29 21.69
CA MET TB 108 -74.46 -46.38 20.97
C MET TB 108 -74.29 -46.05 19.50
N ILE TB 109 -73.58 -44.95 19.23
CA ILE TB 109 -73.29 -44.55 17.86
C ILE TB 109 -72.50 -45.63 17.13
N GLU TB 110 -71.56 -46.26 17.82
CA GLU TB 110 -70.79 -47.35 17.20
C GLU TB 110 -71.68 -48.50 16.77
N GLN TB 111 -72.57 -48.92 17.65
CA GLN TB 111 -73.46 -50.04 17.33
C GLN TB 111 -74.44 -49.69 16.24
N LEU TB 112 -75.01 -48.49 16.36
CA LEU TB 112 -75.85 -47.90 15.33
C LEU TB 112 -75.24 -47.97 13.95
N SER TB 113 -73.97 -47.59 13.87
CA SER TB 113 -73.27 -47.54 12.60
C SER TB 113 -72.74 -48.92 12.17
N LYS TB 114 -72.71 -49.87 13.10
CA LYS TB 114 -72.39 -51.22 12.71
C LYS TB 114 -73.64 -51.95 12.26
N MET TB 115 -74.79 -51.39 12.61
CA MET TB 115 -76.07 -51.96 12.21
C MET TB 115 -76.40 -51.70 10.76
N PHE TB 116 -76.36 -50.44 10.38
CA PHE TB 116 -76.80 -50.02 9.07
C PHE TB 116 -75.64 -49.82 8.10
N PHE TB 117 -74.44 -50.15 8.57
CA PHE TB 117 -73.21 -50.07 7.78
C PHE TB 117 -72.94 -48.68 7.25
N THR TB 118 -72.89 -47.74 8.19
CA THR TB 118 -72.51 -46.37 7.91
C THR TB 118 -71.33 -46.09 8.82
N THR TB 119 -70.60 -45.04 8.53
CA THR TB 119 -69.56 -44.51 9.41
C THR TB 119 -70.12 -43.76 10.60
N LYS TB 120 -69.25 -43.52 11.57
CA LYS TB 120 -69.63 -42.85 12.79
C LYS TB 120 -70.11 -41.39 12.61
N HIS TB 121 -70.01 -40.86 11.40
CA HIS TB 121 -70.28 -39.43 11.19
C HIS TB 121 -71.71 -39.01 11.01
N ARG TB 122 -72.45 -39.81 10.23
CA ARG TB 122 -73.86 -39.55 9.94
C ARG TB 122 -74.69 -39.30 11.21
N TRP TB 123 -74.19 -39.89 12.30
CA TRP TB 123 -74.90 -40.13 13.54
C TRP TB 123 -74.70 -39.06 14.59
N TYR TB 124 -74.12 -37.94 14.20
CA TYR TB 124 -73.90 -36.86 15.14
C TYR TB 124 -74.92 -35.80 14.82
N PRO TB 125 -75.27 -34.99 15.82
CA PRO TB 125 -76.28 -33.96 15.65
C PRO TB 125 -75.86 -32.97 14.62
N ARG TB 126 -76.81 -32.15 14.18
CA ARG TB 126 -76.47 -31.03 13.33
C ARG TB 126 -76.65 -29.72 14.12
N GLY TB 127 -75.88 -28.71 13.74
CA GLY TB 127 -75.87 -27.44 14.44
C GLY TB 127 -77.15 -26.63 14.30
N GLN TB 128 -77.27 -25.59 15.10
CA GLN TB 128 -78.46 -24.76 15.14
C GLN TB 128 -78.81 -24.15 13.79
N TYR TB 129 -77.84 -23.43 13.22
CA TYR TB 129 -77.99 -22.84 11.90
C TYR TB 129 -78.47 -23.85 10.86
N HIS TB 130 -77.91 -25.07 10.91
CA HIS TB 130 -78.22 -26.09 9.91
C HIS TB 130 -79.58 -26.68 10.07
N ARG TB 131 -80.08 -26.70 11.29
CA ARG TB 131 -81.41 -27.21 11.54
C ARG TB 131 -82.44 -26.15 11.19
N ARG TB 132 -82.06 -24.90 11.39
CA ARG TB 132 -82.94 -23.77 11.09
C ARG TB 132 -83.45 -23.79 9.67
N ARG TB 133 -82.58 -24.16 8.73
CA ARG TB 133 -82.89 -23.94 7.33
C ARG TB 133 -83.49 -25.14 6.59
N ARG TB 134 -83.73 -26.24 7.30
CA ARG TB 134 -84.40 -27.37 6.65
C ARG TB 134 -85.77 -26.92 6.21
N LYS TB 135 -86.09 -27.14 4.93
CA LYS TB 135 -87.33 -26.62 4.37
C LYS TB 135 -88.54 -27.05 5.19
N PRO TB 136 -89.26 -26.06 5.71
CA PRO TB 136 -90.40 -26.29 6.61
C PRO TB 136 -91.52 -27.13 5.98
N ASN TB 137 -91.91 -26.80 4.75
CA ASN TB 137 -92.91 -27.57 4.01
C ASN TB 137 -92.41 -27.95 2.62
N PRO TB 138 -91.78 -29.12 2.54
CA PRO TB 138 -91.17 -29.60 1.30
C PRO TB 138 -92.23 -30.11 0.34
N PRO TB 139 -91.95 -30.01 -0.96
CA PRO TB 139 -92.92 -30.32 -2.01
C PRO TB 139 -93.08 -31.82 -2.19
N LYS TB 140 -94.26 -32.25 -2.61
CA LYS TB 140 -94.47 -33.67 -2.87
C LYS TB 140 -95.06 -33.92 -4.26
N ASP TB 141 -94.50 -34.93 -4.94
CA ASP TB 141 -95.01 -35.40 -6.22
C ASP TB 141 -95.98 -36.53 -5.91
N ARG TB 142 -96.64 -37.02 -6.96
CA ARG TB 142 -97.68 -38.05 -6.82
C ARG TB 142 -98.71 -37.68 -5.73
N THR UB 2 -82.62 -17.01 -8.63
CA THR UB 2 -81.66 -18.10 -8.37
C THR UB 2 -82.30 -19.35 -7.81
N ALA UB 3 -81.89 -20.51 -8.31
CA ALA UB 3 -82.55 -21.76 -7.97
C ALA UB 3 -82.60 -22.03 -6.46
N ARG UB 4 -81.44 -22.07 -5.83
CA ARG UB 4 -81.39 -22.33 -4.40
C ARG UB 4 -81.95 -21.15 -3.61
N GLY UB 5 -82.16 -20.02 -4.27
CA GLY UB 5 -82.79 -18.92 -3.59
C GLY UB 5 -84.25 -19.18 -3.25
N THR UB 6 -85.01 -19.54 -4.28
CA THR UB 6 -86.47 -19.57 -4.21
C THR UB 6 -87.07 -20.88 -3.71
N ALA UB 7 -88.40 -20.89 -3.62
CA ALA UB 7 -89.16 -22.11 -3.45
C ALA UB 7 -89.14 -22.86 -4.75
N SER UB 8 -89.92 -23.93 -4.81
CA SER UB 8 -90.17 -24.62 -6.06
C SER UB 8 -91.59 -25.15 -6.03
N ARG UB 9 -92.06 -25.61 -7.18
CA ARG UB 9 -93.27 -26.40 -7.22
C ARG UB 9 -93.11 -27.40 -8.35
N PHE UB 10 -93.64 -28.59 -8.15
CA PHE UB 10 -93.76 -29.46 -9.30
C PHE UB 10 -94.78 -28.87 -10.23
N LEU UB 11 -94.75 -29.33 -11.46
CA LEU UB 11 -95.72 -28.95 -12.47
C LEU UB 11 -97.12 -29.47 -12.12
N THR UB 12 -98.12 -28.61 -12.06
CA THR UB 12 -99.43 -29.11 -11.71
C THR UB 12 -100.62 -28.37 -12.30
N SER UB 13 -101.74 -29.08 -12.28
CA SER UB 13 -103.05 -28.59 -12.67
C SER UB 13 -103.77 -28.08 -11.44
N VAL UB 14 -104.59 -27.06 -11.62
CA VAL UB 14 -105.50 -26.63 -10.57
C VAL UB 14 -106.80 -27.46 -10.66
N LEU UB 15 -107.06 -28.23 -9.60
CA LEU UB 15 -108.27 -29.05 -9.53
C LEU UB 15 -108.37 -30.02 -10.68
N HIS UB 16 -107.21 -30.49 -11.14
CA HIS UB 16 -107.14 -31.38 -12.29
C HIS UB 16 -107.83 -30.81 -13.52
N ASN UB 17 -107.61 -29.53 -13.74
CA ASN UB 17 -108.24 -28.82 -14.84
C ASN UB 17 -107.87 -29.40 -16.17
N GLY UB 18 -108.75 -29.23 -17.15
CA GLY UB 18 -108.45 -29.61 -18.52
C GLY UB 18 -108.65 -31.09 -18.81
N LEU UB 19 -108.79 -31.89 -17.76
CA LEU UB 19 -109.00 -33.32 -17.96
C LEU UB 19 -110.42 -33.59 -18.44
N GLY UB 20 -111.40 -33.41 -17.56
CA GLY UB 20 -112.78 -33.60 -17.96
C GLY UB 20 -113.24 -32.52 -18.92
N ARG UB 21 -113.19 -31.28 -18.45
CA ARG UB 21 -113.47 -30.12 -19.28
C ARG UB 21 -112.59 -28.98 -18.81
N TYR UB 22 -112.07 -28.22 -19.77
CA TYR UB 22 -111.19 -27.13 -19.42
C TYR UB 22 -112.02 -25.97 -18.93
N VAL UB 23 -111.51 -25.35 -17.89
CA VAL UB 23 -112.18 -24.26 -17.22
C VAL UB 23 -111.21 -23.13 -17.05
N GLN UB 24 -111.49 -22.01 -17.69
CA GLN UB 24 -110.62 -20.85 -17.59
C GLN UB 24 -110.47 -20.45 -16.13
N GLN UB 25 -109.24 -20.39 -15.65
CA GLN UB 25 -109.00 -20.30 -14.23
C GLN UB 25 -109.10 -18.88 -13.71
N LEU UB 26 -109.18 -17.92 -14.62
CA LEU UB 26 -109.23 -16.53 -14.22
C LEU UB 26 -110.63 -16.13 -13.80
N GLN UB 27 -110.77 -15.51 -12.63
CA GLN UB 27 -112.09 -15.21 -12.08
C GLN UB 27 -112.55 -13.79 -12.31
N ARG UB 28 -111.83 -12.85 -11.72
CA ARG UB 28 -112.18 -11.44 -11.88
C ARG UB 28 -110.96 -10.56 -12.14
N LEU UB 29 -111.21 -9.37 -12.67
CA LEU UB 29 -110.19 -8.37 -13.00
C LEU UB 29 -110.67 -7.04 -12.47
N SER UB 30 -109.83 -6.31 -11.74
CA SER UB 30 -110.25 -4.98 -11.33
C SER UB 30 -109.31 -3.86 -11.81
N PHE UB 31 -109.79 -3.07 -12.76
CA PHE UB 31 -109.00 -2.00 -13.34
C PHE UB 31 -109.24 -0.78 -12.53
N SER UB 32 -108.18 -0.05 -12.23
CA SER UB 32 -108.35 1.23 -11.57
C SER UB 32 -107.55 2.29 -12.31
N LEU UB 33 -108.23 3.32 -12.79
CA LEU UB 33 -107.55 4.33 -13.57
C LEU UB 33 -108.14 5.69 -13.33
N SER UB 34 -107.56 6.71 -13.91
CA SER UB 34 -108.09 8.05 -13.74
C SER UB 34 -108.59 8.54 -15.07
N ARG UB 35 -109.79 9.10 -15.09
CA ARG UB 35 -110.28 9.69 -16.32
C ARG UB 35 -109.32 10.82 -16.71
N ASP UB 36 -108.76 11.49 -15.71
CA ASP UB 36 -107.90 12.65 -15.93
C ASP UB 36 -106.41 12.41 -16.20
N ALA UB 37 -105.76 11.52 -15.45
CA ALA UB 37 -104.29 11.46 -15.46
C ALA UB 37 -103.69 10.76 -16.69
N PRO UB 38 -102.53 11.26 -17.17
CA PRO UB 38 -101.94 10.77 -18.42
C PRO UB 38 -101.41 9.38 -18.24
N SER UB 39 -101.14 9.04 -16.99
CA SER UB 39 -100.52 7.78 -16.63
C SER UB 39 -101.41 6.63 -17.03
N SER UB 40 -102.70 6.91 -17.05
CA SER UB 40 -103.68 5.91 -17.33
C SER UB 40 -104.05 5.88 -18.79
N ARG UB 41 -103.38 6.70 -19.58
CA ARG UB 41 -103.84 7.00 -20.93
C ARG UB 41 -104.18 5.76 -21.74
N GLY UB 42 -103.21 4.86 -21.89
CA GLY UB 42 -103.44 3.62 -22.61
C GLY UB 42 -104.63 2.85 -22.05
N ALA UB 43 -104.62 2.68 -20.73
CA ALA UB 43 -105.67 1.92 -20.07
C ALA UB 43 -107.04 2.57 -20.21
N ARG UB 44 -107.09 3.85 -20.57
CA ARG UB 44 -108.38 4.48 -20.84
C ARG UB 44 -108.90 3.99 -22.16
N GLU UB 45 -108.03 4.02 -23.16
CA GLU UB 45 -108.39 3.62 -24.50
C GLU UB 45 -108.80 2.16 -24.52
N PHE UB 46 -108.00 1.31 -23.88
CA PHE UB 46 -108.36 -0.09 -23.70
C PHE UB 46 -109.76 -0.24 -23.14
N VAL UB 47 -110.09 0.58 -22.15
CA VAL UB 47 -111.41 0.52 -21.52
C VAL UB 47 -112.49 0.85 -22.54
N GLU UB 48 -112.21 1.87 -23.36
CA GLU UB 48 -113.14 2.23 -24.41
C GLU UB 48 -113.38 1.05 -25.34
N ARG UB 49 -112.37 0.77 -26.15
CA ARG UB 49 -112.55 -0.10 -27.30
C ARG UB 49 -112.58 -1.59 -26.98
N GLU UB 50 -111.57 -2.06 -26.26
CA GLU UB 50 -111.32 -3.49 -26.16
C GLU UB 50 -112.14 -4.22 -25.12
N VAL UB 51 -112.24 -3.62 -23.93
CA VAL UB 51 -112.82 -4.30 -22.77
C VAL UB 51 -114.12 -4.97 -23.14
N THR UB 52 -115.00 -4.19 -23.78
CA THR UB 52 -116.30 -4.65 -24.20
C THR UB 52 -116.16 -6.02 -24.82
N ASP UB 53 -115.46 -6.08 -25.95
CA ASP UB 53 -115.30 -7.31 -26.71
C ASP UB 53 -114.62 -8.42 -25.93
N PHE UB 54 -113.59 -8.07 -25.15
CA PHE UB 54 -112.92 -9.07 -24.33
C PHE UB 54 -113.92 -9.75 -23.41
N ALA UB 55 -114.83 -8.95 -22.85
CA ALA UB 55 -115.83 -9.49 -21.97
C ALA UB 55 -116.63 -10.55 -22.70
N ARG UB 56 -116.99 -10.29 -23.95
CA ARG UB 56 -117.75 -11.23 -24.76
C ARG UB 56 -116.89 -12.46 -25.07
N ARG UB 57 -115.59 -12.23 -25.23
CA ARG UB 57 -114.64 -13.31 -25.45
C ARG UB 57 -114.71 -14.29 -24.28
N ASN UB 58 -114.81 -13.74 -23.07
CA ASN UB 58 -114.72 -14.55 -21.87
C ASN UB 58 -115.86 -14.33 -20.90
N PRO UB 59 -116.89 -15.17 -20.99
CA PRO UB 59 -118.05 -15.09 -20.10
C PRO UB 59 -117.68 -15.32 -18.64
N GLY UB 60 -116.73 -16.23 -18.42
CA GLY UB 60 -116.40 -16.69 -17.08
C GLY UB 60 -115.77 -15.66 -16.15
N VAL UB 61 -115.30 -14.55 -16.70
CA VAL UB 61 -114.59 -13.58 -15.89
C VAL UB 61 -115.39 -12.32 -15.69
N VAL UB 62 -115.36 -11.80 -14.46
CA VAL UB 62 -115.99 -10.53 -14.16
C VAL UB 62 -114.99 -9.40 -14.24
N ILE UB 63 -115.43 -8.26 -14.71
CA ILE UB 63 -114.54 -7.14 -14.89
C ILE UB 63 -115.09 -5.91 -14.16
N TYR UB 64 -114.35 -5.43 -13.16
CA TYR UB 64 -114.75 -4.23 -12.41
C TYR UB 64 -113.86 -3.05 -12.76
N VAL UB 65 -114.42 -2.05 -13.41
CA VAL UB 65 -113.60 -0.94 -13.87
C VAL UB 65 -113.95 0.34 -13.14
N ASN UB 66 -113.00 0.85 -12.36
CA ASN UB 66 -113.25 2.08 -11.61
C ASN UB 66 -112.31 3.21 -11.99
N PRO UB 67 -112.87 4.28 -12.57
CA PRO UB 67 -112.17 5.57 -12.47
C PRO UB 67 -112.19 6.08 -11.04
N ARG UB 68 -111.02 6.41 -10.53
CA ARG UB 68 -110.89 6.97 -9.20
C ARG UB 68 -109.71 7.89 -9.29
N PRO UB 69 -109.60 8.84 -8.36
CA PRO UB 69 -108.40 9.66 -8.40
C PRO UB 69 -107.12 8.86 -8.03
N CYS UB 70 -106.63 8.06 -8.98
CA CYS UB 70 -105.41 7.24 -8.81
C CYS UB 70 -104.29 7.70 -9.75
N CYS UB 71 -103.05 7.70 -9.24
CA CYS UB 71 -101.90 8.13 -10.05
C CYS UB 71 -101.10 6.98 -10.70
N VAL UB 72 -101.37 5.75 -10.29
CA VAL UB 72 -100.73 4.57 -10.88
C VAL UB 72 -101.78 3.55 -11.25
N PRO UB 73 -102.15 3.53 -12.54
CA PRO UB 73 -103.08 2.58 -13.14
C PRO UB 73 -102.74 1.14 -12.75
N ARG UB 74 -103.72 0.35 -12.34
CA ARG UB 74 -103.47 -1.00 -11.83
C ARG UB 74 -104.56 -1.99 -12.19
N VAL UB 75 -104.16 -3.22 -12.47
CA VAL UB 75 -105.14 -4.26 -12.69
C VAL UB 75 -104.84 -5.43 -11.79
N VAL UB 76 -105.86 -5.91 -11.12
CA VAL UB 76 -105.66 -7.02 -10.20
C VAL UB 76 -106.41 -8.25 -10.64
N ALA UB 77 -105.67 -9.23 -11.10
CA ALA UB 77 -106.24 -10.54 -11.37
C ALA UB 77 -106.51 -11.28 -10.07
N GLU UB 78 -107.52 -12.13 -10.10
CA GLU UB 78 -107.81 -13.00 -9.00
C GLU UB 78 -108.22 -14.32 -9.61
N TYR UB 79 -107.90 -15.40 -8.92
CA TYR UB 79 -108.07 -16.72 -9.50
C TYR UB 79 -108.90 -17.63 -8.62
N LEU UB 80 -109.53 -18.61 -9.27
CA LEU UB 80 -110.27 -19.67 -8.62
C LEU UB 80 -109.40 -20.40 -7.62
N ASN UB 81 -108.09 -20.38 -7.88
CA ASN UB 81 -107.11 -20.99 -7.01
C ASN UB 81 -107.04 -20.31 -5.66
N GLY UB 82 -107.74 -19.18 -5.55
CA GLY UB 82 -107.73 -18.39 -4.34
C GLY UB 82 -106.57 -17.42 -4.43
N ALA UB 83 -105.74 -17.64 -5.43
CA ALA UB 83 -104.57 -16.82 -5.68
C ALA UB 83 -104.98 -15.46 -6.20
N VAL UB 84 -104.16 -14.46 -5.91
CA VAL UB 84 -104.37 -13.13 -6.44
C VAL UB 84 -103.07 -12.66 -7.07
N ARG UB 85 -103.17 -11.96 -8.20
CA ARG UB 85 -102.00 -11.35 -8.81
C ARG UB 85 -102.24 -9.87 -9.07
N GLU UB 86 -101.21 -9.08 -8.81
CA GLU UB 86 -101.23 -7.64 -8.95
C GLU UB 86 -100.48 -7.23 -10.20
N GLU UB 87 -100.90 -6.14 -10.83
CA GLU UB 87 -100.23 -5.67 -12.03
C GLU UB 87 -100.34 -4.17 -12.16
N SER UB 88 -99.35 -3.57 -12.82
CA SER UB 88 -99.49 -2.21 -13.26
C SER UB 88 -99.65 -2.19 -14.78
N ILE UB 89 -100.65 -1.44 -15.21
CA ILE UB 89 -100.92 -1.10 -16.59
C ILE UB 89 -100.29 0.25 -16.87
N HIS UB 90 -99.50 0.69 -15.90
CA HIS UB 90 -98.90 2.03 -15.87
C HIS UB 90 -98.21 2.34 -17.18
N CYS UB 91 -98.65 3.44 -17.79
CA CYS UB 91 -98.04 4.00 -18.99
C CYS UB 91 -97.75 3.00 -20.10
N LYS UB 92 -98.78 2.29 -20.52
CA LYS UB 92 -98.61 1.33 -21.58
C LYS UB 92 -99.55 1.62 -22.73
N SER UB 93 -99.25 1.07 -23.91
CA SER UB 93 -100.06 1.26 -25.09
C SER UB 93 -101.36 0.48 -24.94
N VAL UB 94 -102.21 0.52 -25.95
CA VAL UB 94 -103.39 -0.33 -25.96
C VAL UB 94 -103.01 -1.76 -26.29
N GLU UB 95 -102.18 -1.87 -27.31
CA GLU UB 95 -101.60 -3.13 -27.72
C GLU UB 95 -100.97 -3.85 -26.52
N GLU UB 96 -100.16 -3.10 -25.79
CA GLU UB 96 -99.49 -3.61 -24.60
C GLU UB 96 -100.45 -4.18 -23.56
N ILE UB 97 -101.38 -3.33 -23.14
CA ILE UB 97 -102.39 -3.71 -22.16
C ILE UB 97 -103.04 -4.98 -22.59
N ALA UB 98 -103.53 -4.95 -23.82
CA ALA UB 98 -104.25 -6.05 -24.42
C ALA UB 98 -103.48 -7.36 -24.23
N ALA UB 99 -102.24 -7.35 -24.69
CA ALA UB 99 -101.41 -8.53 -24.57
C ALA UB 99 -101.34 -8.97 -23.11
N LEU UB 100 -101.20 -8.02 -22.18
CA LEU UB 100 -101.06 -8.40 -20.78
C LEU UB 100 -102.32 -9.03 -20.18
N VAL UB 101 -103.47 -8.46 -20.49
CA VAL UB 101 -104.72 -9.01 -20.00
C VAL UB 101 -104.90 -10.41 -20.53
N GLN UB 102 -104.49 -10.61 -21.79
CA GLN UB 102 -104.51 -11.95 -22.34
C GLN UB 102 -103.54 -12.90 -21.66
N LYS UB 103 -102.43 -12.36 -21.14
CA LYS UB 103 -101.52 -13.18 -20.32
C LYS UB 103 -102.26 -13.68 -19.08
N LEU UB 104 -102.87 -12.73 -18.37
CA LEU UB 104 -103.61 -13.06 -17.16
C LEU UB 104 -104.69 -14.07 -17.44
N ALA UB 105 -105.32 -13.93 -18.61
CA ALA UB 105 -106.42 -14.80 -19.01
C ALA UB 105 -106.06 -16.28 -19.01
N ASP UB 106 -104.84 -16.59 -19.44
CA ASP UB 106 -104.42 -17.98 -19.72
C ASP UB 106 -103.61 -18.67 -18.61
N GLN UB 107 -103.40 -17.97 -17.49
CA GLN UB 107 -102.61 -18.49 -16.37
C GLN UB 107 -103.33 -19.46 -15.43
N SER UB 108 -102.53 -20.25 -14.71
CA SER UB 108 -103.02 -21.20 -13.73
C SER UB 108 -103.58 -20.49 -12.51
N GLY UB 109 -102.99 -19.35 -12.21
CA GLY UB 109 -103.17 -18.73 -10.92
C GLY UB 109 -102.09 -19.26 -10.01
N LEU UB 110 -101.47 -20.37 -10.43
CA LEU UB 110 -100.33 -20.93 -9.72
C LEU UB 110 -99.19 -19.93 -9.72
N ASP UB 111 -98.30 -20.04 -8.73
CA ASP UB 111 -97.25 -19.05 -8.54
C ASP UB 111 -96.03 -19.26 -9.43
N VAL UB 112 -95.38 -18.18 -9.83
CA VAL UB 112 -94.27 -18.32 -10.76
C VAL UB 112 -93.02 -18.54 -9.93
N ILE UB 113 -92.55 -19.77 -9.99
CA ILE UB 113 -91.45 -20.25 -9.18
C ILE UB 113 -90.76 -21.29 -10.03
N ARG UB 114 -89.54 -21.67 -9.65
CA ARG UB 114 -88.83 -22.70 -10.39
C ARG UB 114 -89.66 -23.98 -10.44
N ILE UB 115 -89.91 -24.48 -11.65
CA ILE UB 115 -90.72 -25.68 -11.79
C ILE UB 115 -89.83 -26.89 -12.03
N ARG UB 116 -89.74 -27.75 -11.01
CA ARG UB 116 -88.64 -28.69 -10.88
C ARG UB 116 -88.40 -29.54 -12.12
N LYS UB 117 -89.46 -30.15 -12.65
CA LYS UB 117 -89.34 -30.88 -13.90
C LYS UB 117 -90.61 -30.65 -14.68
N PRO UB 118 -90.50 -30.58 -16.01
CA PRO UB 118 -91.52 -30.29 -17.02
C PRO UB 118 -92.74 -31.23 -17.11
N PHE UB 119 -92.72 -32.38 -16.45
CA PHE UB 119 -93.72 -33.42 -16.65
C PHE UB 119 -94.36 -33.90 -15.38
N HIS UB 120 -95.65 -33.65 -15.20
CA HIS UB 120 -96.28 -34.32 -14.11
C HIS UB 120 -97.03 -35.56 -14.51
N THR UB 121 -96.56 -36.68 -13.97
CA THR UB 121 -97.09 -37.97 -14.36
C THR UB 121 -97.52 -38.77 -13.13
N ASP UB 122 -98.78 -39.20 -13.10
CA ASP UB 122 -99.22 -40.16 -12.10
C ASP UB 122 -99.07 -41.55 -12.65
N SER UB 123 -98.37 -42.39 -11.90
CA SER UB 123 -98.18 -43.78 -12.27
C SER UB 123 -97.57 -43.93 -13.67
N PRO UB 124 -96.32 -43.50 -13.81
CA PRO UB 124 -95.54 -43.54 -15.04
C PRO UB 124 -95.19 -44.98 -15.42
N SER UB 125 -95.39 -45.83 -14.43
CA SER UB 125 -94.76 -47.13 -14.30
C SER UB 125 -95.50 -48.29 -14.95
N ILE UB 126 -96.48 -47.99 -15.79
CA ILE UB 126 -97.26 -49.04 -16.45
C ILE UB 126 -96.35 -50.15 -17.01
N GLN UB 127 -96.73 -51.40 -16.72
CA GLN UB 127 -96.03 -52.66 -17.08
C GLN UB 127 -94.91 -53.04 -16.10
N GLY UB 128 -94.52 -52.08 -15.27
CA GLY UB 128 -93.73 -52.36 -14.07
C GLY UB 128 -92.93 -51.17 -13.59
N GLN UB 129 -92.40 -51.25 -12.38
CA GLN UB 129 -91.40 -50.28 -12.01
C GLN UB 129 -90.22 -51.02 -11.49
N TRP UB 130 -89.09 -50.63 -12.01
CA TRP UB 130 -87.87 -51.37 -11.82
C TRP UB 130 -87.58 -51.61 -10.34
N HIS UB 131 -87.12 -52.83 -10.05
CA HIS UB 131 -86.59 -53.17 -8.73
C HIS UB 131 -85.39 -54.07 -9.03
N PRO UB 132 -84.50 -54.24 -8.04
CA PRO UB 132 -83.27 -54.97 -8.32
C PRO UB 132 -83.47 -56.35 -8.95
N PHE UB 133 -84.37 -57.15 -8.40
CA PHE UB 133 -84.51 -58.54 -8.82
C PHE UB 133 -84.96 -58.72 -10.25
N THR UB 134 -85.60 -57.68 -10.78
CA THR UB 134 -86.43 -57.81 -11.95
C THR UB 134 -85.75 -58.57 -13.10
N ASN UB 135 -84.46 -58.34 -13.29
CA ASN UB 135 -83.73 -59.01 -14.35
C ASN UB 135 -82.90 -60.21 -13.91
N LYS UB 136 -83.04 -60.61 -12.65
CA LYS UB 136 -82.29 -61.75 -12.16
C LYS UB 136 -83.06 -63.06 -12.27
N PRO UB 137 -82.40 -64.07 -12.85
CA PRO UB 137 -82.98 -65.41 -12.94
C PRO UB 137 -82.99 -66.08 -11.57
N THR UB 138 -84.12 -66.70 -11.23
CA THR UB 138 -84.23 -67.49 -10.03
C THR UB 138 -83.64 -68.90 -10.21
N THR UB 139 -83.22 -69.51 -9.10
CA THR UB 139 -82.72 -70.89 -9.15
C THR UB 139 -83.72 -71.90 -8.57
N LEU UB 140 -83.38 -73.18 -8.63
CA LEU UB 140 -84.25 -74.22 -8.12
C LEU UB 140 -84.21 -74.29 -6.60
N GLY UB 141 -85.37 -74.22 -5.98
CA GLY UB 141 -85.46 -74.25 -4.54
C GLY UB 141 -85.27 -72.88 -3.90
N GLY UB 142 -84.91 -71.90 -4.72
CA GLY UB 142 -84.67 -70.56 -4.24
C GLY UB 142 -83.49 -70.48 -3.29
N LEU UB 143 -82.47 -71.29 -3.55
CA LEU UB 143 -81.33 -71.37 -2.67
C LEU UB 143 -80.40 -70.17 -2.79
N ARG UB 144 -79.59 -69.96 -1.75
CA ARG UB 144 -78.54 -68.95 -1.73
C ARG UB 144 -77.45 -69.26 -2.77
N PRO UB 145 -76.40 -68.42 -2.83
CA PRO UB 145 -75.23 -68.84 -3.62
C PRO UB 145 -74.51 -70.12 -3.14
N ARG UB 146 -74.18 -70.18 -1.87
CA ARG UB 146 -73.49 -71.35 -1.31
C ARG UB 146 -74.35 -72.30 -0.45
N GLU UB 147 -75.65 -72.02 -0.32
CA GLU UB 147 -76.55 -72.83 0.49
C GLU UB 147 -76.75 -74.24 -0.09
N VAL UB 148 -76.81 -75.24 0.79
CA VAL UB 148 -76.99 -76.63 0.37
C VAL UB 148 -78.25 -77.23 1.02
N GLN UB 149 -78.76 -78.30 0.41
CA GLN UB 149 -79.98 -78.97 0.88
C GLN UB 149 -79.80 -80.48 0.93
N ALA VB 31 -86.84 22.25 5.06
CA ALA VB 31 -87.29 20.87 5.20
C ALA VB 31 -88.12 20.42 3.99
N LYS VB 32 -87.46 20.18 2.85
CA LYS VB 32 -88.13 19.64 1.67
C LYS VB 32 -87.72 18.18 1.37
N LYS VB 33 -88.64 17.25 1.67
CA LYS VB 33 -88.33 15.82 1.63
C LYS VB 33 -88.96 15.10 0.44
N GLY VB 34 -88.59 13.83 0.28
CA GLY VB 34 -89.31 12.95 -0.61
C GLY VB 34 -90.65 12.57 -0.01
N PHE VB 35 -91.72 12.85 -0.72
CA PHE VB 35 -92.97 12.23 -0.35
C PHE VB 35 -92.78 10.81 -0.83
N ARG VB 36 -91.99 10.65 -1.91
CA ARG VB 36 -91.76 9.33 -2.49
C ARG VB 36 -91.15 8.38 -1.49
N ALA VB 37 -90.28 8.94 -0.66
CA ALA VB 37 -89.57 8.15 0.32
C ALA VB 37 -90.55 7.71 1.38
N ALA VB 38 -91.12 8.69 2.07
CA ALA VB 38 -92.07 8.43 3.13
C ALA VB 38 -93.15 7.46 2.69
N TYR VB 39 -93.79 7.81 1.58
CA TYR VB 39 -94.93 7.06 1.09
C TYR VB 39 -94.54 5.65 0.72
N ARG VB 40 -93.49 5.52 -0.08
CA ARG VB 40 -93.08 4.19 -0.50
C ARG VB 40 -92.73 3.36 0.74
N PHE VB 41 -92.25 4.03 1.78
CA PHE VB 41 -91.86 3.33 2.98
C PHE VB 41 -93.09 2.82 3.70
N GLN VB 42 -94.14 3.60 3.62
CA GLN VB 42 -95.37 3.25 4.28
C GLN VB 42 -95.80 1.85 3.82
N LYS VB 43 -95.65 1.55 2.53
CA LYS VB 43 -96.08 0.26 1.99
C LYS VB 43 -95.31 -0.92 2.58
N GLU VB 44 -94.04 -0.71 2.86
CA GLU VB 44 -93.28 -1.67 3.62
C GLU VB 44 -93.87 -1.81 5.01
N LEU VB 45 -94.02 -0.67 5.67
CA LEU VB 45 -94.50 -0.62 7.03
C LEU VB 45 -95.76 -1.45 7.24
N GLU VB 46 -96.68 -1.32 6.30
CA GLU VB 46 -97.88 -2.11 6.36
C GLU VB 46 -97.64 -3.55 5.95
N ARG VB 47 -96.68 -3.80 5.06
CA ARG VB 47 -96.35 -5.17 4.70
C ARG VB 47 -95.89 -5.98 5.92
N TRP VB 48 -95.07 -5.34 6.76
CA TRP VB 48 -94.64 -5.96 8.01
C TRP VB 48 -95.80 -6.03 9.01
N ARG VB 49 -96.67 -5.01 8.99
CA ARG VB 49 -97.88 -5.09 9.80
C ARG VB 49 -98.69 -6.33 9.41
N LEU VB 50 -98.58 -6.76 8.15
CA LEU VB 50 -99.25 -7.96 7.63
C LEU VB 50 -98.51 -9.27 7.89
N LEU VB 51 -97.20 -9.20 8.11
CA LEU VB 51 -96.50 -10.42 8.52
C LEU VB 51 -96.57 -10.71 10.03
N ARG VB 52 -96.42 -9.67 10.86
CA ARG VB 52 -96.37 -9.92 12.31
C ARG VB 52 -97.77 -10.18 12.90
N CYS VB 53 -98.79 -9.42 12.50
CA CYS VB 53 -100.16 -9.86 12.74
C CYS VB 53 -100.82 -10.16 11.41
N PRO VB 54 -100.94 -11.46 11.06
CA PRO VB 54 -101.79 -11.75 9.90
C PRO VB 54 -103.27 -11.52 10.26
N PRO VB 55 -104.02 -10.82 9.38
CA PRO VB 55 -105.42 -10.45 9.67
C PRO VB 55 -106.41 -11.63 9.51
N PRO VB 56 -107.57 -11.56 10.20
CA PRO VB 56 -108.57 -12.61 10.06
C PRO VB 56 -109.22 -12.57 8.68
N PRO VB 57 -109.39 -13.74 8.03
CA PRO VB 57 -109.93 -13.84 6.67
C PRO VB 57 -111.30 -13.19 6.53
N VAL VB 58 -111.40 -12.33 5.52
CA VAL VB 58 -112.59 -11.52 5.30
C VAL VB 58 -113.37 -12.08 4.11
N ARG VB 59 -114.69 -12.02 4.16
CA ARG VB 59 -115.51 -12.49 3.04
C ARG VB 59 -115.24 -11.64 1.81
N ARG VB 60 -114.96 -12.30 0.69
CA ARG VB 60 -114.65 -11.59 -0.56
C ARG VB 60 -115.80 -10.64 -0.94
N SER VB 61 -117.02 -10.99 -0.49
CA SER VB 61 -118.22 -10.17 -0.67
C SER VB 61 -118.18 -8.91 0.19
N GLU VB 62 -117.49 -8.98 1.32
CA GLU VB 62 -117.39 -7.85 2.23
C GLU VB 62 -116.26 -6.91 1.81
N LYS VB 63 -115.60 -7.28 0.71
CA LYS VB 63 -114.53 -6.50 0.12
C LYS VB 63 -115.03 -5.53 -0.97
N PRO VB 64 -114.24 -4.49 -1.27
CA PRO VB 64 -114.56 -3.41 -2.22
C PRO VB 64 -115.19 -3.79 -3.57
N ASN VB 65 -114.84 -4.89 -4.22
CA ASN VB 65 -115.49 -5.20 -5.50
C ASN VB 65 -116.35 -6.45 -5.49
N TRP VB 66 -117.67 -6.25 -5.47
CA TRP VB 66 -118.61 -7.36 -5.46
C TRP VB 66 -119.96 -7.03 -6.11
N ASP VB 67 -120.41 -7.92 -6.98
CA ASP VB 67 -121.79 -7.88 -7.48
C ASP VB 67 -122.30 -9.29 -7.47
N TYR VB 68 -123.31 -9.56 -6.66
CA TYR VB 68 -123.71 -10.95 -6.45
C TYR VB 68 -124.29 -11.57 -7.71
N HIS VB 69 -125.30 -10.88 -8.25
CA HIS VB 69 -125.96 -11.29 -9.49
C HIS VB 69 -124.95 -11.62 -10.64
N ALA VB 70 -124.00 -10.70 -10.87
CA ALA VB 70 -123.00 -10.86 -11.93
C ALA VB 70 -122.14 -12.08 -11.71
N GLU VB 71 -121.72 -12.25 -10.46
CA GLU VB 71 -121.00 -13.42 -10.03
C GLU VB 71 -121.75 -14.71 -10.34
N ILE VB 72 -123.05 -14.67 -10.07
CA ILE VB 72 -123.87 -15.86 -10.25
C ILE VB 72 -123.98 -16.25 -11.72
N GLN VB 73 -124.28 -15.27 -12.58
CA GLN VB 73 -124.34 -15.53 -14.03
C GLN VB 73 -122.99 -16.08 -14.53
N ALA VB 74 -121.92 -15.37 -14.15
CA ALA VB 74 -120.55 -15.74 -14.53
C ALA VB 74 -120.23 -17.21 -14.19
N PHE VB 75 -120.46 -17.58 -12.93
CA PHE VB 75 -120.21 -18.92 -12.42
C PHE VB 75 -120.69 -20.00 -13.41
N GLY VB 76 -122.00 -20.01 -13.61
CA GLY VB 76 -122.59 -20.94 -14.56
C GLY VB 76 -122.01 -20.84 -15.96
N HIS VB 77 -121.72 -19.63 -16.41
CA HIS VB 77 -121.15 -19.49 -17.74
C HIS VB 77 -119.80 -20.21 -17.87
N ARG VB 78 -118.95 -20.07 -16.86
CA ARG VB 78 -117.62 -20.67 -16.88
C ARG VB 78 -117.70 -22.18 -16.74
N LEU VB 79 -118.68 -22.67 -15.99
CA LEU VB 79 -118.77 -24.10 -15.83
C LEU VB 79 -119.48 -24.80 -17.01
N GLN VB 80 -119.90 -23.98 -17.97
CA GLN VB 80 -120.52 -24.44 -19.22
C GLN VB 80 -121.88 -25.13 -19.02
N GLU VB 81 -122.72 -24.53 -18.19
CA GLU VB 81 -124.02 -25.11 -17.82
C GLU VB 81 -125.16 -24.10 -17.90
N THR VB 82 -126.38 -24.61 -17.83
CA THR VB 82 -127.57 -23.78 -17.88
C THR VB 82 -128.31 -23.84 -16.56
N PHE VB 83 -128.33 -22.73 -15.83
CA PHE VB 83 -129.04 -22.68 -14.56
C PHE VB 83 -130.18 -21.65 -14.60
N SER VB 84 -131.31 -22.00 -13.99
CA SER VB 84 -132.29 -20.99 -13.62
C SER VB 84 -131.67 -20.21 -12.49
N LEU VB 85 -131.56 -18.90 -12.66
CA LEU VB 85 -130.83 -18.08 -11.70
C LEU VB 85 -131.50 -18.18 -10.34
N ASP VB 86 -132.81 -18.38 -10.35
CA ASP VB 86 -133.57 -18.56 -9.12
C ASP VB 86 -133.08 -19.79 -8.35
N LEU VB 87 -133.03 -20.93 -9.04
CA LEU VB 87 -132.59 -22.16 -8.40
C LEU VB 87 -131.19 -22.05 -7.80
N LEU VB 88 -130.30 -21.37 -8.50
CA LEU VB 88 -128.93 -21.22 -8.02
C LEU VB 88 -128.86 -20.29 -6.81
N LYS VB 89 -129.43 -19.10 -6.94
CA LYS VB 89 -129.47 -18.16 -5.82
C LYS VB 89 -130.05 -18.84 -4.59
N THR VB 90 -131.05 -19.69 -4.82
CA THR VB 90 -131.60 -20.52 -3.77
C THR VB 90 -130.57 -21.50 -3.23
N ALA VB 91 -129.81 -22.09 -4.14
CA ALA VB 91 -128.82 -23.10 -3.78
C ALA VB 91 -127.70 -22.53 -2.90
N PHE VB 92 -127.44 -21.22 -3.00
CA PHE VB 92 -126.34 -20.67 -2.22
C PHE VB 92 -126.73 -20.21 -0.81
N VAL VB 93 -128.03 -20.15 -0.54
CA VAL VB 93 -128.53 -19.66 0.76
C VAL VB 93 -128.52 -20.74 1.84
N ASN VB 94 -127.96 -20.43 3.01
CA ASN VB 94 -127.85 -21.40 4.09
C ASN VB 94 -128.68 -21.02 5.32
N SER VB 95 -129.08 -22.04 6.07
CA SER VB 95 -129.89 -21.88 7.27
C SER VB 95 -129.27 -20.87 8.22
N CYS VB 96 -127.96 -21.03 8.41
CA CYS VB 96 -127.20 -20.22 9.34
C CYS VB 96 -127.31 -18.74 8.97
N TYR VB 97 -127.32 -18.48 7.68
CA TYR VB 97 -127.45 -17.12 7.18
C TYR VB 97 -128.79 -16.52 7.58
N ILE VB 98 -129.86 -17.28 7.36
CA ILE VB 98 -131.20 -16.81 7.74
C ILE VB 98 -131.30 -16.61 9.26
N LYS VB 99 -130.66 -17.48 10.04
CA LYS VB 99 -130.71 -17.38 11.49
C LYS VB 99 -130.01 -16.13 12.00
N SER VB 100 -128.81 -15.86 11.49
CA SER VB 100 -128.09 -14.65 11.87
C SER VB 100 -128.84 -13.41 11.35
N GLU VB 101 -129.51 -13.57 10.21
CA GLU VB 101 -130.32 -12.50 9.65
C GLU VB 101 -131.54 -12.24 10.52
N GLU VB 102 -131.96 -13.25 11.27
CA GLU VB 102 -133.01 -13.11 12.26
C GLU VB 102 -132.47 -12.50 13.55
N ALA VB 103 -131.18 -12.71 13.82
CA ALA VB 103 -130.53 -12.00 14.91
C ALA VB 103 -130.57 -10.50 14.62
N LYS VB 104 -130.18 -10.11 13.41
CA LYS VB 104 -130.22 -8.70 13.03
C LYS VB 104 -131.65 -8.17 12.90
N ARG VB 105 -132.57 -9.03 12.48
CA ARG VB 105 -133.98 -8.68 12.30
C ARG VB 105 -134.69 -8.41 13.63
N GLN VB 106 -134.48 -9.28 14.62
CA GLN VB 106 -135.11 -9.14 15.94
C GLN VB 106 -134.37 -8.15 16.87
N LYS VB 107 -133.04 -8.11 16.80
CA LYS VB 107 -132.26 -7.26 17.71
C LYS VB 107 -132.39 -5.77 17.41
N LEU VB 108 -132.62 -5.42 16.15
CA LEU VB 108 -132.89 -4.04 15.79
C LEU VB 108 -134.40 -3.74 15.63
N GLY VB 109 -135.25 -4.74 15.88
CA GLY VB 109 -136.69 -4.55 15.88
C GLY VB 109 -137.26 -4.33 14.49
N ILE VB 110 -136.47 -4.68 13.48
CA ILE VB 110 -136.84 -4.50 12.09
C ILE VB 110 -137.97 -5.44 11.68
N ASP VB 111 -138.75 -5.02 10.69
CA ASP VB 111 -139.72 -5.89 10.04
C ASP VB 111 -139.13 -6.47 8.75
N LYS VB 112 -138.90 -7.78 8.79
CA LYS VB 112 -138.19 -8.56 7.77
C LYS VB 112 -139.08 -9.75 7.38
N GLU VB 113 -139.70 -10.36 8.39
CA GLU VB 113 -140.24 -11.74 8.41
C GLU VB 113 -140.80 -12.29 7.08
N ALA VB 114 -141.81 -11.66 6.49
CA ALA VB 114 -142.33 -12.07 5.17
C ALA VB 114 -141.21 -12.26 4.10
N ALA VB 115 -140.53 -11.17 3.75
CA ALA VB 115 -139.48 -11.16 2.72
C ALA VB 115 -138.26 -12.05 3.05
N LEU VB 116 -137.95 -12.19 4.33
CA LEU VB 116 -136.83 -13.01 4.80
C LEU VB 116 -137.13 -14.52 4.82
N LEU VB 117 -138.30 -14.90 5.32
CA LEU VB 117 -138.72 -16.30 5.30
C LEU VB 117 -139.09 -16.72 3.87
N ASN VB 118 -139.27 -15.73 2.99
CA ASN VB 118 -139.50 -15.99 1.57
C ASN VB 118 -138.26 -16.51 0.86
N LEU VB 119 -137.15 -16.58 1.57
CA LEU VB 119 -135.87 -16.97 0.98
C LEU VB 119 -135.79 -18.43 0.50
N LYS VB 120 -136.63 -19.31 1.05
CA LYS VB 120 -136.71 -20.69 0.57
C LYS VB 120 -135.34 -21.37 0.59
N ASP VB 121 -134.85 -21.75 1.75
CA ASP VB 121 -133.44 -22.09 1.89
C ASP VB 121 -133.05 -23.40 1.16
N ASN VB 122 -131.76 -23.73 1.20
CA ASN VB 122 -131.16 -24.65 0.24
C ASN VB 122 -131.35 -26.13 0.53
N GLN VB 123 -132.04 -26.41 1.64
CA GLN VB 123 -132.18 -27.76 2.15
C GLN VB 123 -132.58 -28.78 1.08
N GLU VB 124 -133.77 -28.60 0.53
CA GLU VB 124 -134.36 -29.50 -0.47
C GLU VB 124 -133.40 -29.82 -1.65
N LEU VB 125 -132.84 -28.76 -2.23
CA LEU VB 125 -131.86 -28.90 -3.29
C LEU VB 125 -130.72 -29.80 -2.85
N SER VB 126 -130.16 -29.50 -1.68
CA SER VB 126 -129.01 -30.24 -1.17
C SER VB 126 -129.30 -31.75 -1.06
N GLU VB 127 -130.48 -32.08 -0.55
CA GLU VB 127 -130.84 -33.49 -0.47
C GLU VB 127 -130.93 -34.11 -1.85
N GLN VB 128 -131.67 -33.48 -2.76
CA GLN VB 128 -131.74 -33.96 -4.14
C GLN VB 128 -130.36 -34.24 -4.70
N GLY VB 129 -129.43 -33.36 -4.33
CA GLY VB 129 -128.06 -33.45 -4.74
C GLY VB 129 -127.36 -34.70 -4.22
N ILE VB 130 -127.35 -34.91 -2.90
CA ILE VB 130 -126.61 -36.07 -2.37
C ILE VB 130 -127.19 -37.35 -2.95
N SER VB 131 -128.52 -37.42 -2.95
CA SER VB 131 -129.18 -38.62 -3.43
C SER VB 131 -128.72 -38.91 -4.85
N PHE VB 132 -128.92 -37.93 -5.73
CA PHE VB 132 -128.64 -38.14 -7.14
C PHE VB 132 -127.17 -38.47 -7.39
N SER VB 133 -126.30 -37.76 -6.69
CA SER VB 133 -124.87 -37.93 -6.85
C SER VB 133 -124.45 -39.35 -6.48
N GLN VB 134 -124.83 -39.79 -5.27
CA GLN VB 134 -124.46 -41.12 -4.83
C GLN VB 134 -125.01 -42.17 -5.79
N THR VB 135 -126.23 -41.95 -6.26
CA THR VB 135 -126.83 -42.81 -7.29
C THR VB 135 -125.94 -42.94 -8.52
N CYS VB 136 -125.68 -41.77 -9.11
CA CYS VB 136 -124.85 -41.61 -10.28
C CYS VB 136 -123.53 -42.36 -10.17
N LEU VB 137 -122.73 -41.97 -9.17
CA LEU VB 137 -121.44 -42.61 -8.90
C LEU VB 137 -121.55 -44.11 -8.79
N THR VB 138 -122.45 -44.56 -7.91
CA THR VB 138 -122.63 -45.99 -7.71
C THR VB 138 -122.82 -46.70 -9.03
N GLN VB 139 -123.71 -46.17 -9.87
CA GLN VB 139 -123.89 -46.73 -11.20
C GLN VB 139 -122.59 -46.76 -11.95
N PHE VB 140 -121.87 -45.65 -11.90
CA PHE VB 140 -120.62 -45.49 -12.63
C PHE VB 140 -119.62 -46.58 -12.35
N PHE VB 141 -119.28 -46.72 -11.08
CA PHE VB 141 -118.28 -47.71 -10.69
C PHE VB 141 -118.81 -49.10 -10.91
N GLU VB 142 -120.10 -49.27 -10.65
CA GLU VB 142 -120.76 -50.55 -10.88
C GLU VB 142 -120.57 -51.01 -12.32
N ASP VB 143 -120.61 -50.04 -13.23
CA ASP VB 143 -120.47 -50.30 -14.66
C ASP VB 143 -118.99 -50.54 -15.03
N ALA VB 144 -118.11 -49.74 -14.42
CA ALA VB 144 -116.70 -49.76 -14.76
C ALA VB 144 -116.00 -51.04 -14.27
N PHE VB 145 -116.17 -51.31 -12.98
CA PHE VB 145 -115.46 -52.41 -12.34
C PHE VB 145 -116.42 -53.40 -11.75
N PRO VB 146 -116.89 -54.34 -12.58
CA PRO VB 146 -117.92 -55.30 -12.22
C PRO VB 146 -117.46 -56.22 -11.10
N ASP VB 147 -116.14 -56.26 -10.89
CA ASP VB 147 -115.56 -57.22 -9.97
C ASP VB 147 -115.43 -56.69 -8.54
N LEU VB 148 -115.70 -55.40 -8.35
CA LEU VB 148 -115.75 -54.81 -7.00
C LEU VB 148 -116.90 -55.43 -6.21
N PRO VB 149 -116.66 -55.80 -4.93
CA PRO VB 149 -117.78 -56.20 -4.08
C PRO VB 149 -118.57 -54.97 -3.69
N THR VB 150 -119.85 -55.15 -3.38
CA THR VB 150 -120.74 -54.03 -3.06
C THR VB 150 -120.13 -53.04 -2.06
N GLU VB 151 -119.40 -53.58 -1.11
CA GLU VB 151 -118.69 -52.81 -0.10
C GLU VB 151 -117.63 -51.87 -0.69
N GLY VB 152 -117.01 -52.31 -1.79
CA GLY VB 152 -116.03 -51.50 -2.49
C GLY VB 152 -116.62 -50.23 -3.10
N VAL VB 153 -117.69 -50.38 -3.88
CA VAL VB 153 -118.39 -49.23 -4.42
C VAL VB 153 -118.91 -48.39 -3.26
N THR VB 154 -119.25 -49.04 -2.14
CA THR VB 154 -119.66 -48.34 -0.94
C THR VB 154 -118.59 -47.34 -0.52
N SER VB 155 -117.38 -47.83 -0.26
CA SER VB 155 -116.28 -46.96 0.18
C SER VB 155 -115.91 -45.90 -0.85
N LEU VB 156 -115.92 -46.25 -2.13
CA LEU VB 156 -115.57 -45.30 -3.18
C LEU VB 156 -116.51 -44.12 -3.24
N VAL VB 157 -117.80 -44.43 -3.36
CA VAL VB 157 -118.80 -43.40 -3.39
C VAL VB 157 -118.73 -42.60 -2.10
N ASP VB 158 -118.51 -43.29 -1.00
CA ASP VB 158 -118.31 -42.63 0.28
C ASP VB 158 -117.20 -41.59 0.20
N PHE VB 159 -116.14 -41.94 -0.52
CA PHE VB 159 -114.93 -41.12 -0.54
C PHE VB 159 -115.00 -39.92 -1.47
N LEU VB 160 -115.64 -40.07 -2.61
CA LEU VB 160 -115.67 -38.94 -3.53
C LEU VB 160 -116.70 -37.92 -3.06
N THR VB 161 -117.54 -38.39 -2.14
CA THR VB 161 -118.58 -37.58 -1.49
C THR VB 161 -118.09 -37.11 -0.11
N SER VB 162 -116.84 -37.45 0.22
CA SER VB 162 -116.30 -37.22 1.56
C SER VB 162 -116.18 -35.74 1.89
N GLU VB 163 -116.09 -35.48 3.18
CA GLU VB 163 -115.95 -34.13 3.69
C GLU VB 163 -114.80 -33.46 2.97
N GLU VB 164 -113.64 -34.07 3.10
CA GLU VB 164 -112.42 -33.46 2.63
C GLU VB 164 -112.43 -33.19 1.14
N VAL VB 165 -112.63 -34.25 0.35
CA VAL VB 165 -112.58 -34.16 -1.10
C VAL VB 165 -113.46 -33.07 -1.66
N VAL VB 166 -114.73 -33.14 -1.30
CA VAL VB 166 -115.71 -32.19 -1.77
C VAL VB 166 -115.39 -30.77 -1.30
N CYS VB 167 -114.99 -30.64 -0.04
CA CYS VB 167 -114.65 -29.32 0.50
C CYS VB 167 -113.56 -28.64 -0.31
N HIS VB 168 -112.46 -29.35 -0.48
CA HIS VB 168 -111.35 -28.93 -1.32
C HIS VB 168 -111.84 -28.50 -2.73
N VAL VB 169 -112.61 -29.37 -3.36
CA VAL VB 169 -113.12 -29.09 -4.71
C VAL VB 169 -113.94 -27.81 -4.77
N ALA VB 170 -114.97 -27.73 -3.96
CA ALA VB 170 -115.89 -26.61 -3.96
C ALA VB 170 -115.14 -25.33 -3.60
N ARG VB 171 -114.09 -25.50 -2.81
CA ARG VB 171 -113.23 -24.38 -2.48
C ARG VB 171 -112.57 -23.85 -3.76
N ASN VB 172 -112.07 -24.75 -4.59
CA ASN VB 172 -111.39 -24.31 -5.81
C ASN VB 172 -112.31 -23.89 -6.94
N LEU VB 173 -113.61 -24.14 -6.78
CA LEU VB 173 -114.59 -23.71 -7.77
C LEU VB 173 -115.22 -22.37 -7.41
N ALA VB 174 -114.71 -21.77 -6.34
CA ALA VB 174 -115.18 -20.50 -5.82
C ALA VB 174 -116.62 -20.60 -5.32
N VAL VB 175 -116.97 -21.76 -4.79
CA VAL VB 175 -118.28 -21.93 -4.22
C VAL VB 175 -118.32 -21.35 -2.82
N GLU VB 176 -117.26 -21.57 -2.06
CA GLU VB 176 -117.11 -20.95 -0.74
C GLU VB 176 -117.25 -19.44 -0.85
N GLN VB 177 -116.74 -18.90 -1.96
CA GLN VB 177 -116.75 -17.48 -2.26
C GLN VB 177 -118.17 -16.91 -2.33
N LEU VB 178 -119.05 -17.70 -2.94
CA LEU VB 178 -120.38 -17.25 -3.32
C LEU VB 178 -121.46 -17.53 -2.29
N ALA VB 179 -121.10 -18.31 -1.27
CA ALA VB 179 -122.08 -18.87 -0.36
C ALA VB 179 -122.49 -17.93 0.76
N LEU VB 180 -123.78 -17.89 1.04
CA LEU VB 180 -124.25 -17.08 2.14
C LEU VB 180 -124.38 -17.93 3.39
N SER VB 181 -123.49 -17.71 4.35
CA SER VB 181 -123.60 -18.34 5.66
C SER VB 181 -122.78 -17.59 6.69
N ALA VB 182 -123.11 -17.77 7.97
CA ALA VB 182 -122.34 -17.18 9.05
C ALA VB 182 -120.96 -17.82 9.08
N GLU VB 183 -120.00 -17.16 9.72
CA GLU VB 183 -118.65 -17.69 9.87
C GLU VB 183 -117.93 -17.94 8.53
N PHE VB 184 -117.39 -16.87 7.94
CA PHE VB 184 -116.77 -16.91 6.59
C PHE VB 184 -115.90 -18.12 6.21
N PRO VB 185 -115.07 -18.65 7.14
CA PRO VB 185 -114.30 -19.82 6.71
C PRO VB 185 -115.17 -20.97 6.15
N VAL VB 186 -116.50 -20.88 6.33
CA VAL VB 186 -117.45 -21.86 5.83
C VAL VB 186 -117.08 -23.24 6.33
N PRO VB 187 -117.37 -23.50 7.62
CA PRO VB 187 -117.05 -24.80 8.21
C PRO VB 187 -117.52 -25.87 7.26
N PRO VB 188 -116.69 -26.88 7.07
CA PRO VB 188 -116.79 -27.87 5.99
C PRO VB 188 -118.20 -28.44 5.72
N PRO VB 189 -119.00 -28.77 6.76
CA PRO VB 189 -120.32 -29.35 6.46
C PRO VB 189 -121.21 -28.46 5.57
N VAL VB 190 -121.26 -27.18 5.93
CA VAL VB 190 -122.05 -26.20 5.20
C VAL VB 190 -121.59 -26.10 3.74
N LEU VB 191 -120.29 -26.22 3.54
CA LEU VB 191 -119.75 -26.24 2.19
C LEU VB 191 -120.22 -27.46 1.39
N ARG VB 192 -120.14 -28.65 2.01
CA ARG VB 192 -120.67 -29.85 1.37
C ARG VB 192 -122.09 -29.65 0.90
N GLN VB 193 -122.93 -29.25 1.84
CA GLN VB 193 -124.32 -28.95 1.57
C GLN VB 193 -124.48 -28.03 0.38
N THR VB 194 -123.73 -26.93 0.40
CA THR VB 194 -123.91 -25.92 -0.62
C THR VB 194 -123.55 -26.45 -2.00
N PHE VB 195 -122.41 -27.13 -2.06
CA PHE VB 195 -121.95 -27.73 -3.31
C PHE VB 195 -123.01 -28.66 -3.88
N PHE VB 196 -123.41 -29.63 -3.08
CA PHE VB 196 -124.40 -30.58 -3.57
C PHE VB 196 -125.70 -29.88 -3.92
N ALA VB 197 -125.95 -28.74 -3.28
CA ALA VB 197 -127.13 -27.94 -3.59
C ALA VB 197 -127.04 -27.42 -5.02
N VAL VB 198 -125.88 -26.87 -5.38
CA VAL VB 198 -125.67 -26.47 -6.77
C VAL VB 198 -125.85 -27.69 -7.69
N ILE VB 199 -125.47 -28.87 -7.21
CA ILE VB 199 -125.66 -30.09 -8.00
C ILE VB 199 -127.14 -30.37 -8.29
N GLY VB 200 -127.96 -30.42 -7.25
CA GLY VB 200 -129.38 -30.67 -7.40
C GLY VB 200 -130.09 -29.61 -8.20
N ALA VB 201 -129.65 -28.36 -8.04
CA ALA VB 201 -130.22 -27.26 -8.81
C ALA VB 201 -129.93 -27.46 -10.29
N LEU VB 202 -128.71 -27.90 -10.60
CA LEU VB 202 -128.40 -28.32 -11.97
C LEU VB 202 -129.33 -29.44 -12.40
N LEU VB 203 -129.62 -30.36 -11.48
CA LEU VB 203 -130.47 -31.52 -11.79
C LEU VB 203 -131.87 -31.09 -12.19
N GLN VB 204 -132.35 -30.00 -11.59
CA GLN VB 204 -133.66 -29.45 -11.97
C GLN VB 204 -133.59 -28.62 -13.26
N SER VB 205 -132.52 -27.84 -13.42
CA SER VB 205 -132.38 -26.93 -14.58
C SER VB 205 -131.94 -27.64 -15.85
N SER VB 206 -131.35 -28.83 -15.69
CA SER VB 206 -130.92 -29.63 -16.82
C SER VB 206 -131.03 -31.12 -16.50
N GLY VB 207 -131.11 -31.93 -17.54
CA GLY VB 207 -131.37 -33.35 -17.40
C GLY VB 207 -130.34 -34.04 -16.55
N PRO VB 208 -130.73 -35.20 -16.00
CA PRO VB 208 -129.83 -36.08 -15.24
C PRO VB 208 -128.62 -36.46 -16.06
N GLU VB 209 -128.82 -36.52 -17.37
CA GLU VB 209 -127.75 -36.87 -18.28
C GLU VB 209 -126.64 -35.82 -18.29
N ARG VB 210 -127.04 -34.56 -18.15
CA ARG VB 210 -126.11 -33.44 -18.11
C ARG VB 210 -125.30 -33.44 -16.80
N THR VB 211 -126.04 -33.51 -15.70
CA THR VB 211 -125.45 -33.52 -14.38
C THR VB 211 -124.53 -34.72 -14.21
N ALA VB 212 -124.83 -35.78 -14.96
CA ALA VB 212 -123.96 -36.95 -15.01
C ALA VB 212 -122.56 -36.56 -15.46
N LEU VB 213 -122.50 -35.91 -16.63
CA LEU VB 213 -121.25 -35.38 -17.16
C LEU VB 213 -120.55 -34.55 -16.11
N PHE VB 214 -121.26 -33.56 -15.57
CA PHE VB 214 -120.65 -32.68 -14.57
C PHE VB 214 -119.99 -33.47 -13.43
N ILE VB 215 -120.79 -34.36 -12.85
CA ILE VB 215 -120.38 -35.10 -11.67
C ILE VB 215 -119.17 -35.95 -11.98
N ARG VB 216 -119.14 -36.54 -13.17
CA ARG VB 216 -118.00 -37.37 -13.52
C ARG VB 216 -116.76 -36.51 -13.80
N ASP VB 217 -116.96 -35.23 -14.12
CA ASP VB 217 -115.82 -34.32 -14.32
C ASP VB 217 -115.18 -33.80 -13.03
N PHE VB 218 -115.99 -33.31 -12.09
CA PHE VB 218 -115.42 -32.63 -10.93
C PHE VB 218 -115.28 -33.45 -9.66
N LEU VB 219 -115.59 -34.74 -9.76
CA LEU VB 219 -115.47 -35.61 -8.60
C LEU VB 219 -114.64 -36.84 -8.93
N ILE VB 220 -115.09 -37.65 -9.89
CA ILE VB 220 -114.38 -38.87 -10.29
C ILE VB 220 -112.90 -38.65 -10.50
N THR VB 221 -112.58 -37.52 -11.11
CA THR VB 221 -111.22 -37.11 -11.37
C THR VB 221 -110.36 -37.14 -10.11
N GLN VB 222 -110.93 -36.73 -8.98
CA GLN VB 222 -110.18 -36.63 -7.73
C GLN VB 222 -109.69 -38.00 -7.26
N MET VB 223 -110.14 -39.05 -7.94
CA MET VB 223 -109.70 -40.43 -7.67
C MET VB 223 -108.43 -40.73 -8.45
N THR VB 224 -108.02 -39.79 -9.28
CA THR VB 224 -106.88 -40.01 -10.17
C THR VB 224 -105.55 -40.10 -9.41
N GLY VB 225 -104.87 -41.22 -9.61
CA GLY VB 225 -103.62 -41.50 -8.92
C GLY VB 225 -103.84 -42.27 -7.64
N LYS VB 226 -105.04 -42.18 -7.10
CA LYS VB 226 -105.31 -42.80 -5.82
C LYS VB 226 -105.53 -44.30 -5.97
N GLU VB 227 -105.29 -45.02 -4.88
CA GLU VB 227 -105.40 -46.48 -4.85
C GLU VB 227 -106.78 -47.00 -4.49
N LEU VB 228 -106.86 -48.32 -4.37
CA LEU VB 228 -108.06 -48.98 -3.88
C LEU VB 228 -108.06 -48.96 -2.36
N PHE VB 229 -107.07 -49.62 -1.79
CA PHE VB 229 -106.94 -49.74 -0.34
C PHE VB 229 -106.51 -48.43 0.29
N GLU VB 230 -106.27 -47.44 -0.55
CA GLU VB 230 -106.15 -46.08 -0.06
C GLU VB 230 -107.51 -45.61 0.52
N MET VB 231 -108.59 -45.74 -0.24
CA MET VB 231 -109.91 -45.33 0.26
C MET VB 231 -110.74 -46.45 0.92
N TRP VB 232 -110.32 -47.70 0.78
CA TRP VB 232 -111.07 -48.79 1.41
C TRP VB 232 -110.72 -49.01 2.88
N THR VB 233 -109.43 -48.95 3.22
CA THR VB 233 -108.97 -48.99 4.61
C THR VB 233 -109.05 -50.39 5.28
N ILE VB 234 -109.54 -51.40 4.55
CA ILE VB 234 -109.67 -52.76 5.10
C ILE VB 234 -108.35 -53.32 5.66
N THR VB 235 -108.41 -53.79 6.92
CA THR VB 235 -107.20 -54.09 7.68
C THR VB 235 -106.72 -55.54 7.64
N ASN VB 236 -107.55 -56.43 7.15
CA ASN VB 236 -107.10 -57.80 6.99
C ASN VB 236 -107.28 -58.21 5.55
N PRO VB 237 -106.24 -57.99 4.75
CA PRO VB 237 -106.23 -58.29 3.33
C PRO VB 237 -106.36 -59.78 3.13
N MET VB 238 -105.70 -60.52 4.00
CA MET VB 238 -105.64 -61.96 3.91
C MET VB 238 -107.03 -62.62 3.88
N GLY VB 239 -107.83 -62.34 4.89
CA GLY VB 239 -109.16 -62.93 5.01
C GLY VB 239 -110.10 -62.61 3.86
N LEU VB 240 -110.18 -61.32 3.53
CA LEU VB 240 -111.00 -60.87 2.41
C LEU VB 240 -110.59 -61.61 1.15
N LEU VB 241 -109.27 -61.74 0.98
CA LEU VB 241 -108.72 -62.50 -0.12
C LEU VB 241 -109.29 -63.92 -0.19
N VAL VB 242 -109.21 -64.64 0.94
CA VAL VB 242 -109.72 -66.02 0.95
C VAL VB 242 -111.20 -66.09 0.65
N GLU VB 243 -111.97 -65.13 1.17
CA GLU VB 243 -113.41 -65.08 0.93
C GLU VB 243 -113.76 -64.89 -0.54
N GLU VB 244 -113.14 -63.88 -1.15
CA GLU VB 244 -113.37 -63.58 -2.56
C GLU VB 244 -112.89 -64.74 -3.43
N LEU VB 245 -111.89 -65.47 -2.94
CA LEU VB 245 -111.45 -66.68 -3.60
C LEU VB 245 -112.51 -67.78 -3.52
N LYS VB 246 -113.12 -67.90 -2.35
CA LYS VB 246 -114.19 -68.87 -2.13
C LYS VB 246 -115.34 -68.57 -3.09
N LYS VB 247 -115.63 -67.29 -3.26
CA LYS VB 247 -116.70 -66.87 -4.15
C LYS VB 247 -116.33 -67.12 -5.62
N ARG VB 248 -115.05 -67.32 -5.88
CA ARG VB 248 -114.55 -67.57 -7.25
C ARG VB 248 -114.39 -69.06 -7.55
N LYS VB 249 -114.74 -69.89 -6.57
CA LYS VB 249 -114.59 -71.34 -6.67
C LYS VB 249 -113.10 -71.71 -6.79
N ILE VB 250 -112.24 -70.80 -6.34
CA ILE VB 250 -110.82 -71.07 -6.22
C ILE VB 250 -110.52 -71.36 -4.76
N SER VB 251 -109.61 -72.29 -4.50
CA SER VB 251 -109.56 -72.90 -3.19
C SER VB 251 -108.71 -72.20 -2.13
N ALA VB 252 -107.40 -72.37 -2.25
CA ALA VB 252 -106.48 -72.12 -1.14
C ALA VB 252 -105.28 -71.25 -1.52
N PRO VB 253 -105.34 -69.94 -1.20
CA PRO VB 253 -104.14 -69.13 -1.40
C PRO VB 253 -102.97 -69.63 -0.56
N GLU VB 254 -101.84 -69.88 -1.20
CA GLU VB 254 -100.67 -70.49 -0.56
C GLU VB 254 -99.47 -69.55 -0.63
N SER VB 255 -99.06 -69.01 0.50
CA SER VB 255 -97.96 -68.06 0.55
C SER VB 255 -96.60 -68.75 0.55
N ARG VB 256 -95.79 -68.42 -0.46
CA ARG VB 256 -94.48 -69.02 -0.60
C ARG VB 256 -93.41 -67.97 -0.96
N LEU VB 257 -92.35 -67.93 -0.16
CA LEU VB 257 -91.29 -66.94 -0.32
C LEU VB 257 -90.46 -67.14 -1.58
N THR VB 258 -90.18 -66.04 -2.26
CA THR VB 258 -89.59 -66.03 -3.61
C THR VB 258 -88.22 -65.34 -3.67
N ARG VB 259 -88.20 -64.05 -3.35
CA ARG VB 259 -86.97 -63.26 -3.36
C ARG VB 259 -86.65 -62.69 -1.99
N GLN VB 260 -85.43 -62.89 -1.50
CA GLN VB 260 -85.06 -62.25 -0.26
C GLN VB 260 -83.61 -61.75 -0.22
N SER VB 261 -83.46 -60.48 0.14
CA SER VB 261 -82.13 -59.87 0.27
C SER VB 261 -81.83 -59.46 1.71
N GLY VB 262 -80.97 -60.24 2.33
CA GLY VB 262 -80.58 -60.05 3.72
C GLY VB 262 -81.61 -60.70 4.62
N SER VB 263 -81.19 -61.49 5.60
CA SER VB 263 -82.04 -61.74 6.76
C SER VB 263 -81.45 -61.16 8.05
N THR VB 264 -80.17 -60.81 7.98
CA THR VB 264 -79.45 -60.33 9.14
C THR VB 264 -79.36 -58.82 9.07
N THR VB 265 -79.87 -58.31 7.95
CA THR VB 265 -79.88 -56.90 7.69
C THR VB 265 -80.77 -56.21 8.69
N ALA VB 266 -80.57 -54.92 8.87
CA ALA VB 266 -81.54 -54.11 9.57
C ALA VB 266 -82.61 -53.70 8.57
N LEU VB 267 -82.29 -53.86 7.29
CA LEU VB 267 -83.18 -53.48 6.20
C LEU VB 267 -83.36 -54.60 5.17
N PRO VB 268 -83.86 -55.75 5.60
CA PRO VB 268 -84.00 -56.88 4.71
C PRO VB 268 -85.19 -56.69 3.80
N VAL VB 269 -85.24 -57.49 2.75
CA VAL VB 269 -86.28 -57.39 1.75
C VAL VB 269 -86.87 -58.75 1.43
N TYR VB 270 -88.19 -58.84 1.44
CA TYR VB 270 -88.81 -60.10 1.09
C TYR VB 270 -89.76 -59.97 -0.07
N PHE VB 271 -89.79 -61.00 -0.91
CA PHE VB 271 -90.85 -61.10 -1.89
C PHE VB 271 -91.65 -62.36 -1.68
N VAL VB 272 -92.87 -62.23 -1.19
CA VAL VB 272 -93.71 -63.39 -0.98
C VAL VB 272 -94.68 -63.54 -2.14
N GLY VB 273 -94.63 -64.70 -2.78
CA GLY VB 273 -95.56 -65.03 -3.83
C GLY VB 273 -96.80 -65.73 -3.30
N LEU VB 274 -97.93 -65.51 -3.97
CA LEU VB 274 -99.16 -66.19 -3.59
C LEU VB 274 -99.53 -67.17 -4.70
N TYR VB 275 -99.78 -68.42 -4.32
CA TYR VB 275 -100.03 -69.48 -5.29
C TYR VB 275 -101.40 -70.16 -5.13
N CYS VB 276 -102.10 -70.32 -6.24
CA CYS VB 276 -103.29 -71.15 -6.25
C CYS VB 276 -103.09 -72.25 -7.27
N ASP VB 277 -102.98 -73.47 -6.76
CA ASP VB 277 -102.71 -74.63 -7.59
C ASP VB 277 -101.41 -74.44 -8.35
N ARG VB 278 -100.37 -73.99 -7.64
CA ARG VB 278 -99.02 -73.86 -8.19
C ARG VB 278 -98.90 -72.78 -9.29
N LYS VB 279 -100.01 -72.13 -9.61
CA LYS VB 279 -100.00 -70.93 -10.44
C LYS VB 279 -99.76 -69.71 -9.57
N LEU VB 280 -99.02 -68.73 -10.07
CA LEU VB 280 -98.75 -67.54 -9.28
C LEU VB 280 -99.76 -66.44 -9.54
N ILE VB 281 -100.58 -66.14 -8.55
CA ILE VB 281 -101.67 -65.18 -8.70
C ILE VB 281 -101.21 -63.72 -8.56
N ALA VB 282 -100.20 -63.51 -7.73
CA ALA VB 282 -99.73 -62.18 -7.36
C ALA VB 282 -98.54 -62.32 -6.42
N GLU VB 283 -97.81 -61.23 -6.19
CA GLU VB 283 -96.60 -61.30 -5.38
C GLU VB 283 -96.30 -59.95 -4.74
N GLY VB 284 -95.59 -59.94 -3.62
CA GLY VB 284 -95.24 -58.68 -3.02
C GLY VB 284 -93.99 -58.56 -2.17
N PRO VB 285 -93.42 -57.35 -2.15
CA PRO VB 285 -92.23 -56.86 -1.46
C PRO VB 285 -92.48 -56.50 0.00
N GLY VB 286 -91.45 -56.48 0.84
CA GLY VB 286 -91.65 -56.14 2.23
C GLY VB 286 -90.45 -56.07 3.14
N GLU VB 287 -90.68 -55.48 4.31
CA GLU VB 287 -89.66 -55.32 5.34
C GLU VB 287 -89.61 -56.52 6.28
N THR VB 288 -90.67 -57.32 6.27
CA THR VB 288 -90.71 -58.58 7.00
C THR VB 288 -91.62 -59.51 6.24
N VAL VB 289 -91.47 -60.80 6.50
CA VAL VB 289 -92.25 -61.80 5.79
C VAL VB 289 -93.75 -61.53 5.98
N LEU VB 290 -94.09 -61.02 7.14
CA LEU VB 290 -95.47 -60.70 7.49
C LEU VB 290 -96.05 -59.63 6.56
N VAL VB 291 -95.41 -58.47 6.52
CA VAL VB 291 -95.86 -57.35 5.70
C VAL VB 291 -95.83 -57.69 4.20
N ALA VB 292 -94.94 -58.59 3.83
CA ALA VB 292 -94.87 -59.11 2.47
C ALA VB 292 -96.11 -59.89 2.09
N GLU VB 293 -96.46 -60.86 2.94
CA GLU VB 293 -97.68 -61.60 2.70
C GLU VB 293 -98.80 -60.61 2.57
N GLU VB 294 -98.84 -59.66 3.50
CA GLU VB 294 -99.85 -58.62 3.47
C GLU VB 294 -99.97 -57.98 2.08
N GLU VB 295 -98.84 -57.57 1.53
CA GLU VB 295 -98.91 -56.77 0.33
C GLU VB 295 -99.17 -57.60 -0.92
N ALA VB 296 -98.59 -58.79 -0.99
CA ALA VB 296 -98.91 -59.70 -2.08
C ALA VB 296 -100.41 -59.96 -2.10
N ALA VB 297 -100.99 -60.00 -0.90
CA ALA VB 297 -102.43 -60.11 -0.78
C ALA VB 297 -103.13 -58.87 -1.35
N ARG VB 298 -102.63 -57.68 -1.00
CA ARG VB 298 -103.14 -56.42 -1.57
C ARG VB 298 -103.24 -56.51 -3.08
N VAL VB 299 -102.12 -56.91 -3.66
CA VAL VB 299 -102.01 -57.10 -5.10
C VAL VB 299 -103.05 -58.06 -5.65
N ALA VB 300 -103.07 -59.27 -5.10
CA ALA VB 300 -103.99 -60.30 -5.53
C ALA VB 300 -105.40 -59.73 -5.58
N LEU VB 301 -105.78 -59.07 -4.50
CA LEU VB 301 -107.08 -58.43 -4.40
C LEU VB 301 -107.30 -57.42 -5.53
N ARG VB 302 -106.27 -56.63 -5.81
CA ARG VB 302 -106.39 -55.61 -6.85
C ARG VB 302 -106.64 -56.24 -8.23
N LYS VB 303 -105.89 -57.28 -8.59
CA LYS VB 303 -106.07 -57.94 -9.89
C LYS VB 303 -107.43 -58.61 -9.98
N LEU VB 304 -107.88 -59.14 -8.85
CA LEU VB 304 -109.22 -59.71 -8.77
C LEU VB 304 -110.29 -58.69 -9.11
N PHE VB 305 -110.25 -57.56 -8.42
CA PHE VB 305 -111.33 -56.57 -8.56
C PHE VB 305 -111.19 -55.70 -9.80
N GLY VB 306 -109.99 -55.64 -10.36
CA GLY VB 306 -109.76 -54.87 -11.56
C GLY VB 306 -109.21 -53.49 -11.32
N PHE VB 307 -108.94 -53.16 -10.07
CA PHE VB 307 -108.29 -51.90 -9.78
C PHE VB 307 -106.80 -52.15 -9.81
N THR VB 308 -106.19 -51.67 -10.87
CA THR VB 308 -104.80 -52.00 -11.17
C THR VB 308 -104.27 -50.85 -11.98
N GLU VB 309 -102.99 -50.54 -11.82
CA GLU VB 309 -102.37 -49.45 -12.56
C GLU VB 309 -102.59 -49.65 -14.07
N ASN VB 310 -102.48 -50.91 -14.50
CA ASN VB 310 -102.55 -51.24 -15.91
C ASN VB 310 -103.95 -51.06 -16.48
N ARG VB 311 -104.94 -50.94 -15.62
CA ARG VB 311 -106.33 -50.82 -16.04
C ARG VB 311 -106.50 -49.67 -17.02
N ARG VB 312 -107.44 -49.82 -17.95
CA ARG VB 312 -107.79 -48.73 -18.86
C ARG VB 312 -108.07 -47.47 -18.08
N PRO VB 313 -107.35 -46.40 -18.41
CA PRO VB 313 -107.69 -45.13 -17.78
C PRO VB 313 -109.10 -44.74 -18.17
N TRP VB 314 -109.75 -43.98 -17.30
CA TRP VB 314 -111.16 -43.65 -17.40
C TRP VB 314 -111.56 -43.00 -18.72
N ASP VB 315 -112.79 -43.26 -19.17
CA ASP VB 315 -113.31 -42.64 -20.38
C ASP VB 315 -113.78 -41.23 -20.15
N TYR VB 316 -113.46 -40.34 -21.08
CA TYR VB 316 -114.18 -39.10 -21.16
C TYR VB 316 -114.53 -38.93 -22.62
N SER VB 317 -115.82 -38.90 -22.88
CA SER VB 317 -116.34 -38.84 -24.24
C SER VB 317 -117.76 -38.29 -24.24
N LYS VB 318 -118.24 -37.86 -25.40
CA LYS VB 318 -119.56 -37.24 -25.51
C LYS VB 318 -120.43 -38.01 -26.50
N PRO VB 319 -121.19 -39.01 -26.00
CA PRO VB 319 -122.14 -39.81 -26.79
C PRO VB 319 -123.39 -39.02 -27.21
N PHE WB 56 -93.09 6.37 52.69
CA PHE WB 56 -92.17 6.91 53.68
C PHE WB 56 -92.34 8.42 53.85
N VAL WB 57 -92.32 8.88 55.09
CA VAL WB 57 -92.22 10.31 55.37
C VAL WB 57 -90.79 10.61 55.79
N GLU WB 58 -90.03 11.23 54.89
CA GLU WB 58 -88.61 11.51 55.12
C GLU WB 58 -88.16 12.82 54.48
N HIS WB 59 -87.39 13.61 55.22
CA HIS WB 59 -86.72 14.78 54.65
C HIS WB 59 -85.30 14.92 55.21
N ALA WB 60 -84.32 15.05 54.33
CA ALA WB 60 -82.94 15.32 54.76
C ALA WB 60 -82.71 16.83 54.72
N ARG WB 61 -82.62 17.42 55.92
CA ARG WB 61 -82.52 18.86 56.11
C ARG WB 61 -81.06 19.24 56.26
N LYS WB 62 -80.21 18.21 56.21
CA LYS WB 62 -78.78 18.30 56.45
C LYS WB 62 -78.07 18.95 55.26
N ALA WB 63 -78.62 18.73 54.07
CA ALA WB 63 -78.03 19.20 52.84
C ALA WB 63 -79.05 19.95 51.98
N GLY WB 64 -80.10 19.23 51.61
CA GLY WB 64 -81.00 19.63 50.54
C GLY WB 64 -81.89 20.82 50.80
N LEU WB 65 -81.64 21.52 51.90
CA LEU WB 65 -82.40 22.70 52.32
C LEU WB 65 -83.91 22.45 52.51
N VAL WB 66 -84.72 23.44 52.13
CA VAL WB 66 -86.19 23.36 52.22
C VAL WB 66 -86.77 23.98 50.94
N ILE WB 67 -87.68 23.26 50.28
CA ILE WB 67 -88.29 23.77 49.05
C ILE WB 67 -88.94 25.13 49.35
N PRO WB 68 -88.43 26.18 48.68
CA PRO WB 68 -88.80 27.56 49.01
C PRO WB 68 -90.29 27.80 48.89
N HIS WB 69 -90.84 28.59 49.82
CA HIS WB 69 -92.28 28.75 49.92
C HIS WB 69 -92.78 29.70 48.82
N GLU WB 70 -93.66 29.18 47.97
CA GLU WB 70 -94.11 29.87 46.77
C GLU WB 70 -95.51 30.41 46.89
N ARG WB 71 -95.75 31.53 46.21
CA ARG WB 71 -97.11 31.92 45.91
C ARG WB 71 -97.34 31.60 44.46
N LEU WB 72 -98.12 30.54 44.23
CA LEU WB 72 -98.42 30.09 42.90
C LEU WB 72 -99.45 31.04 42.33
N GLU WB 73 -99.17 31.57 41.15
CA GLU WB 73 -100.01 32.63 40.57
C GLU WB 73 -101.48 32.23 40.42
N ARG WB 74 -101.75 30.95 40.18
CA ARG WB 74 -103.11 30.46 40.13
C ARG WB 74 -103.43 29.64 41.37
N PRO WB 75 -104.41 30.10 42.17
CA PRO WB 75 -104.86 29.23 43.27
C PRO WB 75 -105.43 27.95 42.69
N ILE WB 76 -105.00 26.81 43.21
CA ILE WB 76 -105.45 25.53 42.66
C ILE WB 76 -106.96 25.44 42.74
N HIS WB 77 -107.60 25.18 41.61
CA HIS WB 77 -109.07 25.18 41.58
C HIS WB 77 -109.62 23.77 41.70
N LEU WB 78 -110.25 23.50 42.84
CA LEU WB 78 -110.81 22.17 43.10
C LEU WB 78 -112.30 22.15 42.81
N ALA WB 79 -112.72 21.18 42.02
CA ALA WB 79 -114.14 20.96 41.81
C ALA WB 79 -114.75 20.36 43.07
N CYS WB 80 -113.96 19.60 43.81
CA CYS WB 80 -114.47 18.88 44.99
C CYS WB 80 -113.64 19.05 46.25
N THR WB 81 -114.26 18.76 47.39
CA THR WB 81 -113.53 18.57 48.64
C THR WB 81 -113.67 17.12 49.04
N ALA WB 82 -112.53 16.50 49.37
CA ALA WB 82 -112.45 15.05 49.56
C ALA WB 82 -113.33 14.53 50.68
N GLY WB 83 -113.30 15.23 51.81
CA GLY WB 83 -113.98 14.77 53.00
C GLY WB 83 -115.49 14.69 52.86
N ILE WB 84 -116.07 13.68 53.52
CA ILE WB 84 -117.51 13.57 53.67
C ILE WB 84 -117.85 14.03 55.10
N PHE WB 85 -118.47 15.22 55.24
CA PHE WB 85 -118.54 15.91 56.55
C PHE WB 85 -119.17 15.10 57.69
N ASP WB 86 -120.43 14.70 57.50
CA ASP WB 86 -121.17 14.03 58.56
C ASP WB 86 -121.76 12.72 58.06
N ALA WB 87 -121.24 11.63 58.59
CA ALA WB 87 -121.66 10.32 58.14
C ALA WB 87 -122.77 9.78 59.02
N TYR WB 88 -123.95 9.70 58.44
CA TYR WB 88 -125.05 9.03 59.10
C TYR WB 88 -124.69 7.57 59.29
N VAL WB 89 -124.82 7.10 60.52
CA VAL WB 89 -124.58 5.70 60.82
C VAL WB 89 -125.93 5.00 61.01
N PRO WB 90 -126.36 4.20 60.00
CA PRO WB 90 -127.66 3.52 59.93
C PRO WB 90 -127.95 2.61 61.13
N PRO WB 91 -129.23 2.32 61.39
CA PRO WB 91 -129.58 1.46 62.53
C PRO WB 91 -129.06 0.04 62.38
N GLU WB 92 -128.54 -0.53 63.47
CA GLU WB 92 -127.94 -1.86 63.46
C GLU WB 92 -128.94 -2.96 63.13
N GLY WB 93 -130.22 -2.61 63.09
CA GLY WB 93 -131.26 -3.56 62.74
C GLY WB 93 -131.82 -3.35 61.35
N ASP WB 94 -131.08 -2.66 60.48
CA ASP WB 94 -131.56 -2.26 59.15
C ASP WB 94 -131.74 -3.44 58.16
N ALA WB 95 -131.29 -4.64 58.55
CA ALA WB 95 -131.48 -5.85 57.74
C ALA WB 95 -132.88 -6.44 57.92
N ARG WB 96 -133.35 -6.44 59.16
CA ARG WB 96 -134.69 -6.94 59.52
C ARG WB 96 -135.82 -5.94 59.28
N ILE WB 97 -135.47 -4.65 59.26
CA ILE WB 97 -136.44 -3.58 58.98
C ILE WB 97 -136.52 -3.33 57.45
N SER WB 98 -135.67 -4.03 56.68
CA SER WB 98 -135.69 -3.92 55.23
C SER WB 98 -136.69 -4.87 54.56
N SER WB 99 -137.16 -5.87 55.29
CA SER WB 99 -138.22 -6.78 54.81
C SER WB 99 -139.62 -6.20 55.06
N LEU WB 100 -139.71 -5.27 56.02
CA LEU WB 100 -140.95 -4.54 56.31
C LEU WB 100 -140.95 -3.20 55.57
N SER WB 101 -141.85 -3.03 54.61
CA SER WB 101 -141.84 -1.83 53.76
C SER WB 101 -142.15 -0.54 54.53
N LYS WB 102 -143.27 -0.53 55.24
CA LYS WB 102 -143.75 0.70 55.87
C LYS WB 102 -143.12 0.93 57.25
N GLU WB 103 -142.21 0.06 57.66
CA GLU WB 103 -141.35 0.32 58.82
C GLU WB 103 -140.18 1.20 58.37
N GLY WB 104 -139.39 0.66 57.44
CA GLY WB 104 -138.27 1.38 56.84
C GLY WB 104 -138.65 2.69 56.20
N LEU WB 105 -139.59 2.68 55.25
CA LEU WB 105 -139.98 3.91 54.54
C LEU WB 105 -140.44 5.01 55.51
N ALA WB 106 -141.19 4.59 56.54
CA ALA WB 106 -141.68 5.49 57.58
C ALA WB 106 -140.53 6.08 58.40
N GLN WB 107 -139.62 5.24 58.87
CA GLN WB 107 -138.48 5.74 59.66
C GLN WB 107 -137.60 6.71 58.86
N ARG WB 108 -137.38 6.39 57.59
CA ARG WB 108 -136.59 7.27 56.71
C ARG WB 108 -137.28 8.64 56.53
N ALA WB 109 -138.51 8.62 56.02
CA ALA WB 109 -139.23 9.87 55.76
C ALA WB 109 -139.35 10.69 57.05
N GLU WB 110 -139.60 10.00 58.17
CA GLU WB 110 -139.71 10.63 59.49
C GLU WB 110 -138.42 11.34 59.89
N ARG WB 111 -137.31 10.62 59.84
CA ARG WB 111 -136.02 11.21 60.23
C ARG WB 111 -135.60 12.32 59.26
N LEU WB 112 -136.12 12.30 58.03
CA LEU WB 112 -135.87 13.39 57.09
C LEU WB 112 -136.61 14.67 57.49
N LYS WB 113 -137.92 14.55 57.72
CA LYS WB 113 -138.74 15.70 58.10
C LYS WB 113 -138.34 16.27 59.46
N LYS WB 114 -137.94 15.38 60.38
CA LYS WB 114 -137.68 15.74 61.77
C LYS WB 114 -136.34 16.45 62.01
N ASN WB 115 -135.33 16.13 61.20
CA ASN WB 115 -134.00 16.69 61.39
C ASN WB 115 -133.91 18.18 61.03
N VAL WB 116 -133.29 18.96 61.91
CA VAL WB 116 -133.13 20.40 61.73
C VAL WB 116 -131.99 20.72 60.75
N ALA WB 117 -130.89 19.98 60.90
CA ALA WB 117 -129.73 20.13 60.02
C ALA WB 117 -130.11 19.83 58.56
N SER WB 118 -130.78 18.69 58.35
CA SER WB 118 -131.22 18.26 57.03
C SER WB 118 -131.97 19.36 56.27
N GLN WB 119 -132.97 19.94 56.93
CA GLN WB 119 -133.81 20.92 56.28
C GLN WB 119 -133.19 22.33 56.25
N LEU WB 120 -132.22 22.59 57.14
CA LEU WB 120 -131.40 23.80 57.00
C LEU WB 120 -130.59 23.73 55.71
N SER WB 121 -129.95 22.59 55.49
CA SER WB 121 -129.13 22.39 54.28
C SER WB 121 -129.98 22.39 53.01
N ILE WB 122 -131.13 21.71 53.05
CA ILE WB 122 -132.03 21.72 51.91
C ILE WB 122 -132.58 23.15 51.70
N ARG WB 123 -132.60 23.96 52.76
CA ARG WB 123 -132.95 25.38 52.62
C ARG WB 123 -131.88 26.19 51.90
N LYS WB 124 -130.61 25.98 52.22
CA LYS WB 124 -129.55 26.70 51.48
C LYS WB 124 -129.43 26.23 50.03
N ILE WB 125 -129.62 24.94 49.80
CA ILE WB 125 -129.65 24.40 48.43
C ILE WB 125 -130.81 25.00 47.63
N ARG WB 126 -132.00 25.00 48.23
CA ARG WB 126 -133.21 25.53 47.57
C ARG WB 126 -133.15 27.04 47.33
N GLU WB 127 -132.59 27.78 48.27
CA GLU WB 127 -132.51 29.23 48.18
C GLU WB 127 -131.40 29.65 47.21
N SER WB 128 -130.35 28.85 47.11
CA SER WB 128 -129.31 29.08 46.13
C SER WB 128 -129.68 28.53 44.74
N ASP WB 129 -130.31 27.35 44.69
CA ASP WB 129 -130.62 26.67 43.43
C ASP WB 129 -132.10 26.37 43.21
N PRO WB 130 -132.82 27.28 42.53
CA PRO WB 130 -134.24 27.10 42.25
C PRO WB 130 -134.51 25.84 41.41
N ASN WB 131 -135.77 25.40 41.40
CA ASN WB 131 -136.19 24.16 40.75
C ASN WB 131 -135.42 22.95 41.31
N PHE WB 132 -135.49 22.80 42.63
CA PHE WB 132 -134.82 21.71 43.32
C PHE WB 132 -135.81 20.94 44.20
N LYS WB 133 -135.76 19.61 44.12
CA LYS WB 133 -136.70 18.76 44.86
C LYS WB 133 -136.04 17.50 45.42
N ILE WB 134 -136.35 17.18 46.67
CA ILE WB 134 -135.77 16.02 47.38
C ILE WB 134 -136.49 14.70 47.04
N LYS WB 135 -137.74 14.79 46.57
CA LYS WB 135 -138.50 13.58 46.22
C LYS WB 135 -138.13 13.05 44.83
N ASP WB 136 -137.57 13.94 44.00
CA ASP WB 136 -137.06 13.59 42.67
C ASP WB 136 -135.68 12.97 42.73
N PHE WB 137 -134.89 13.41 43.70
CA PHE WB 137 -133.46 13.13 43.76
C PHE WB 137 -133.03 11.66 43.78
N PRO WB 138 -133.65 10.83 44.65
CA PRO WB 138 -133.14 9.45 44.69
C PRO WB 138 -133.27 8.76 43.32
N GLU WB 139 -134.13 9.28 42.46
CA GLU WB 139 -134.23 8.80 41.07
C GLU WB 139 -132.95 9.11 40.29
N LYS WB 140 -132.59 10.39 40.21
CA LYS WB 140 -131.37 10.80 39.52
C LYS WB 140 -130.13 10.13 40.11
N ALA WB 141 -130.16 9.92 41.42
CA ALA WB 141 -129.04 9.32 42.16
C ALA WB 141 -128.87 7.85 41.80
N LYS WB 142 -130.00 7.13 41.77
CA LYS WB 142 -129.99 5.73 41.38
C LYS WB 142 -129.61 5.62 39.90
N ASP WB 143 -129.80 6.70 39.15
CA ASP WB 143 -129.36 6.71 37.75
C ASP WB 143 -127.86 6.94 37.60
N ILE WB 144 -127.32 7.86 38.40
CA ILE WB 144 -125.90 8.20 38.36
C ILE WB 144 -125.04 7.00 38.67
N PHE WB 145 -125.57 6.12 39.52
CA PHE WB 145 -124.93 4.86 39.82
C PHE WB 145 -124.81 3.98 38.59
N ILE WB 146 -125.96 3.69 37.98
CA ILE WB 146 -126.05 2.77 36.84
C ILE WB 146 -125.31 3.33 35.63
N GLU WB 147 -125.08 4.64 35.60
CA GLU WB 147 -124.19 5.20 34.60
C GLU WB 147 -122.71 5.05 35.00
N ALA WB 148 -122.39 5.28 36.27
CA ALA WB 148 -121.02 5.16 36.77
C ALA WB 148 -120.44 3.74 36.57
N HIS WB 149 -121.16 2.75 37.05
CA HIS WB 149 -120.68 1.36 36.94
C HIS WB 149 -120.68 0.87 35.48
N LEU WB 150 -121.71 1.21 34.71
CA LEU WB 150 -121.73 0.92 33.28
C LEU WB 150 -120.55 1.55 32.54
N CYS WB 151 -120.04 2.67 33.07
CA CYS WB 151 -118.79 3.26 32.58
C CYS WB 151 -117.58 2.40 32.92
N LEU WB 152 -117.45 1.95 34.18
CA LEU WB 152 -116.31 1.10 34.52
C LEU WB 152 -116.31 -0.25 33.77
N ASN WB 153 -117.46 -0.70 33.29
CA ASN WB 153 -117.49 -1.86 32.41
C ASN WB 153 -116.75 -1.63 31.12
N ASN WB 154 -117.22 -0.65 30.38
CA ASN WB 154 -116.71 -0.32 29.07
C ASN WB 154 -115.34 0.35 29.17
N SER WB 155 -115.03 0.84 30.37
CA SER WB 155 -113.83 1.65 30.61
C SER WB 155 -113.81 2.89 29.72
N ASP WB 156 -114.88 3.67 29.79
CA ASP WB 156 -114.94 5.01 29.17
C ASP WB 156 -114.71 6.03 30.28
N HIS WB 157 -113.55 6.65 30.28
CA HIS WB 157 -113.17 7.49 31.39
C HIS WB 157 -113.56 8.94 31.18
N ASP WB 158 -114.05 9.25 30.00
CA ASP WB 158 -114.39 10.63 29.69
C ASP WB 158 -115.74 11.01 30.27
N ARG WB 159 -116.66 10.06 30.27
CA ARG WB 159 -117.98 10.24 30.86
C ARG WB 159 -117.90 10.08 32.37
N LEU WB 160 -117.02 9.15 32.76
CA LEU WB 160 -116.73 8.86 34.15
C LEU WB 160 -116.22 10.07 34.94
N HIS WB 161 -115.68 11.06 34.25
CA HIS WB 161 -115.29 12.30 34.91
C HIS WB 161 -116.47 13.24 35.10
N THR WB 162 -117.34 13.27 34.09
CA THR WB 162 -118.52 14.10 34.14
C THR WB 162 -119.44 13.66 35.28
N LEU WB 163 -119.54 12.34 35.49
CA LEU WB 163 -120.40 11.83 36.56
C LEU WB 163 -119.76 11.94 37.95
N VAL WB 164 -118.72 11.17 38.23
CA VAL WB 164 -118.17 11.08 39.58
C VAL WB 164 -117.20 12.20 39.99
N THR WB 165 -117.10 12.40 41.29
CA THR WB 165 -116.29 13.44 41.93
C THR WB 165 -114.78 13.18 41.96
N GLU WB 166 -114.01 14.25 42.21
CA GLU WB 166 -112.54 14.19 42.37
C GLU WB 166 -112.02 13.16 43.35
N ASN WB 167 -112.70 12.99 44.47
CA ASN WB 167 -112.29 12.02 45.46
C ASN WB 167 -112.63 10.59 45.06
N CYS WB 168 -113.69 10.43 44.28
CA CYS WB 168 -114.22 9.11 43.93
C CYS WB 168 -113.43 8.40 42.84
N PHE WB 169 -113.08 9.15 41.81
CA PHE WB 169 -112.40 8.62 40.62
C PHE WB 169 -111.14 7.82 40.90
N PRO WB 170 -110.18 8.40 41.66
CA PRO WB 170 -108.92 7.67 41.86
C PRO WB 170 -109.17 6.28 42.43
N ASP WB 171 -110.14 6.16 43.32
CA ASP WB 171 -110.39 4.90 43.99
C ASP WB 171 -111.03 3.87 43.05
N MET WB 172 -112.22 4.15 42.54
CA MET WB 172 -112.93 3.18 41.69
C MET WB 172 -112.17 2.85 40.40
N VAL WB 173 -111.33 3.77 39.92
CA VAL WB 173 -110.53 3.48 38.72
C VAL WB 173 -109.22 2.72 39.00
N TRP WB 174 -108.52 3.10 40.07
CA TRP WB 174 -107.12 2.75 40.26
C TRP WB 174 -106.73 1.29 40.08
N ASP WB 175 -107.10 0.49 41.06
CA ASP WB 175 -106.55 -0.84 41.21
C ASP WB 175 -107.20 -1.79 40.23
N ILE WB 176 -108.25 -1.28 39.58
CA ILE WB 176 -109.03 -2.09 38.66
C ILE WB 176 -108.61 -1.97 37.19
N ARG WB 177 -107.72 -1.04 36.87
CA ARG WB 177 -107.56 -0.60 35.48
C ARG WB 177 -106.93 -1.60 34.52
N TYR WB 178 -106.29 -2.64 35.04
CA TYR WB 178 -105.73 -3.68 34.18
C TYR WB 178 -106.55 -4.94 34.06
N LYS WB 179 -107.73 -4.97 34.68
CA LYS WB 179 -108.54 -6.17 34.67
C LYS WB 179 -109.85 -5.99 33.91
N THR WB 180 -110.61 -7.08 33.76
CA THR WB 180 -111.90 -6.98 33.07
C THR WB 180 -113.00 -6.85 34.11
N VAL WB 181 -113.79 -5.79 33.97
CA VAL WB 181 -114.90 -5.56 34.86
C VAL WB 181 -116.23 -5.77 34.12
N ARG WB 182 -117.04 -6.72 34.58
CA ARG WB 182 -118.39 -6.87 34.04
C ARG WB 182 -119.43 -6.93 35.15
N TRP WB 183 -120.27 -5.90 35.21
CA TRP WB 183 -121.20 -5.69 36.32
C TRP WB 183 -122.63 -5.43 35.81
N SER WB 184 -123.63 -5.96 36.50
CA SER WB 184 -125.02 -5.87 36.03
C SER WB 184 -125.98 -5.38 37.11
N PHE WB 185 -126.96 -4.57 36.68
CA PHE WB 185 -127.97 -3.99 37.57
C PHE WB 185 -129.30 -4.66 37.27
N VAL WB 186 -129.84 -5.47 38.19
CA VAL WB 186 -131.11 -6.15 37.92
C VAL WB 186 -132.30 -5.60 38.72
N GLU WB 187 -132.25 -5.72 40.04
CA GLU WB 187 -133.35 -5.23 40.87
C GLU WB 187 -132.90 -4.22 41.90
N SER WB 188 -133.72 -3.20 42.10
CA SER WB 188 -133.65 -2.44 43.33
C SER WB 188 -134.83 -2.93 44.16
N LEU WB 189 -134.53 -3.68 45.22
CA LEU WB 189 -135.57 -4.30 46.04
C LEU WB 189 -136.32 -3.27 46.89
N GLU WB 190 -135.58 -2.33 47.45
CA GLU WB 190 -136.16 -1.14 48.08
C GLU WB 190 -135.74 0.11 47.31
N PRO WB 191 -136.71 0.84 46.72
CA PRO WB 191 -136.43 2.09 46.01
C PRO WB 191 -135.59 3.05 46.84
N PRO WB 192 -134.69 3.80 46.17
CA PRO WB 192 -133.64 4.62 46.79
C PRO WB 192 -134.15 5.59 47.85
N GLN WB 193 -133.49 5.62 49.00
CA GLN WB 193 -133.96 6.47 50.10
C GLN WB 193 -133.00 7.60 50.47
N VAL WB 194 -133.49 8.83 50.48
CA VAL WB 194 -132.67 9.96 50.82
C VAL WB 194 -132.51 10.05 52.34
N VAL WB 195 -131.29 9.89 52.82
CA VAL WB 195 -131.04 9.90 54.26
C VAL WB 195 -130.87 11.29 54.92
N GLN WB 196 -129.95 12.11 54.40
CA GLN WB 196 -129.66 13.41 55.00
C GLN WB 196 -128.93 14.32 54.02
N VAL WB 197 -128.92 15.62 54.31
CA VAL WB 197 -128.18 16.58 53.48
C VAL WB 197 -127.27 17.46 54.33
N ARG WB 198 -126.05 17.70 53.85
CA ARG WB 198 -125.06 18.53 54.56
C ARG WB 198 -124.48 19.62 53.69
N CYS WB 199 -124.50 20.85 54.19
CA CYS WB 199 -123.84 21.95 53.50
C CYS WB 199 -122.55 22.30 54.24
N SER WB 200 -121.54 22.74 53.49
CA SER WB 200 -120.27 23.19 54.08
C SER WB 200 -119.93 24.60 53.61
N SER WB 201 -119.73 25.51 54.57
CA SER WB 201 -119.45 26.90 54.22
C SER WB 201 -117.97 27.21 54.31
N LEU WB 202 -117.36 27.43 53.15
CA LEU WB 202 -116.01 27.96 53.09
C LEU WB 202 -116.13 29.47 53.04
N MET WB 203 -115.68 30.14 54.09
CA MET WB 203 -115.82 31.59 54.20
C MET WB 203 -114.79 32.31 53.33
N ASN WB 204 -113.84 31.54 52.81
CA ASN WB 204 -112.88 32.06 51.83
C ASN WB 204 -113.54 32.29 50.47
N GLN WB 205 -114.16 31.23 49.95
CA GLN WB 205 -114.67 31.22 48.57
C GLN WB 205 -116.15 31.59 48.40
N GLY WB 206 -116.89 31.64 49.51
CA GLY WB 206 -118.35 31.73 49.45
C GLY WB 206 -118.93 30.47 48.85
N ASN WB 207 -118.06 29.48 48.62
CA ASN WB 207 -118.41 28.25 47.94
C ASN WB 207 -119.10 27.25 48.84
N ILE WB 208 -120.30 26.88 48.44
CA ILE WB 208 -121.11 25.99 49.23
C ILE WB 208 -121.15 24.63 48.57
N TYR WB 209 -120.90 23.57 49.34
CA TYR WB 209 -120.92 22.22 48.79
C TYR WB 209 -122.05 21.39 49.37
N GLY WB 210 -123.06 21.12 48.56
CA GLY WB 210 -124.16 20.31 49.03
C GLY WB 210 -123.78 18.86 48.90
N GLN WB 211 -124.14 18.06 49.90
CA GLN WB 211 -123.88 16.63 49.81
C GLN WB 211 -125.12 15.88 50.20
N VAL WB 212 -125.71 15.18 49.24
CA VAL WB 212 -126.91 14.44 49.53
C VAL WB 212 -126.60 12.97 49.65
N THR WB 213 -126.94 12.42 50.81
CA THR WB 213 -126.73 11.03 51.12
C THR WB 213 -127.92 10.18 50.69
N VAL WB 214 -127.65 9.13 49.90
CA VAL WB 214 -128.66 8.18 49.47
C VAL WB 214 -128.32 6.78 49.96
N ARG WB 215 -129.13 6.25 50.87
CA ARG WB 215 -129.01 4.85 51.27
C ARG WB 215 -129.83 4.01 50.28
N MET WB 216 -129.17 3.02 49.66
CA MET WB 216 -129.82 2.25 48.60
C MET WB 216 -129.57 0.75 48.65
N HIS WB 217 -130.66 0.01 48.48
CA HIS WB 217 -130.64 -1.43 48.41
C HIS WB 217 -130.69 -1.86 46.96
N THR WB 218 -129.91 -2.88 46.59
CA THR WB 218 -129.70 -3.20 45.18
C THR WB 218 -129.44 -4.69 44.93
N ARG WB 219 -129.64 -5.10 43.67
CA ARG WB 219 -129.32 -6.45 43.21
C ARG WB 219 -128.35 -6.36 42.01
N GLN WB 220 -127.12 -6.85 42.21
CA GLN WB 220 -126.04 -6.64 41.23
C GLN WB 220 -125.23 -7.91 40.94
N THR WB 221 -124.82 -8.10 39.68
CA THR WB 221 -123.96 -9.24 39.32
C THR WB 221 -122.58 -8.78 38.87
N LEU WB 222 -121.56 -9.04 39.69
CA LEU WB 222 -120.20 -8.58 39.41
C LEU WB 222 -119.21 -9.71 39.11
N ALA WB 223 -118.51 -9.59 37.98
CA ALA WB 223 -117.49 -10.52 37.57
C ALA WB 223 -116.20 -9.78 37.23
N ILE WB 224 -115.16 -10.02 38.03
CA ILE WB 224 -113.82 -9.44 37.81
C ILE WB 224 -112.83 -10.50 37.28
N TYR WB 225 -112.42 -10.36 36.02
CA TYR WB 225 -111.40 -11.24 35.45
C TYR WB 225 -110.03 -10.61 35.58
N ASP WB 226 -109.00 -11.40 35.87
CA ASP WB 226 -107.62 -10.90 35.86
C ASP WB 226 -107.06 -10.82 34.43
N ARG WB 227 -106.03 -9.98 34.22
CA ARG WB 227 -105.62 -9.55 32.88
C ARG WB 227 -105.24 -10.67 31.93
N PHE WB 228 -105.12 -11.89 32.45
CA PHE WB 228 -104.87 -13.06 31.62
C PHE WB 228 -106.14 -13.75 31.12
N GLY WB 229 -107.29 -13.29 31.57
CA GLY WB 229 -108.56 -13.85 31.10
C GLY WB 229 -109.26 -14.77 32.07
N ARG WB 230 -108.70 -14.93 33.26
CA ARG WB 230 -109.26 -15.85 34.25
C ARG WB 230 -109.97 -15.10 35.38
N LEU WB 231 -111.03 -15.71 35.90
CA LEU WB 231 -111.86 -15.10 36.93
C LEU WB 231 -111.19 -15.03 38.29
N MET WB 232 -111.41 -13.92 38.99
CA MET WB 232 -110.80 -13.67 40.29
C MET WB 232 -111.81 -13.62 41.45
N TYR WB 233 -112.74 -12.67 41.40
CA TYR WB 233 -113.62 -12.38 42.55
C TYR WB 233 -114.94 -13.16 42.60
N GLY WB 234 -115.88 -12.84 41.70
CA GLY WB 234 -117.20 -13.42 41.82
C GLY WB 234 -117.90 -13.67 40.50
N GLN WB 235 -118.87 -14.59 40.55
CA GLN WB 235 -119.58 -15.03 39.37
C GLN WB 235 -120.42 -13.93 38.75
N GLU WB 236 -120.75 -14.08 37.48
CA GLU WB 236 -121.69 -13.18 36.80
C GLU WB 236 -123.11 -13.72 36.92
N ASP WB 237 -123.21 -14.95 37.43
CA ASP WB 237 -124.47 -15.68 37.51
C ASP WB 237 -125.20 -15.49 38.85
N VAL WB 238 -124.52 -14.90 39.83
CA VAL WB 238 -125.15 -14.62 41.13
C VAL WB 238 -125.55 -13.15 41.22
N PRO WB 239 -126.85 -12.86 41.10
CA PRO WB 239 -127.33 -11.50 41.31
C PRO WB 239 -127.36 -11.20 42.80
N ARG WB 240 -126.20 -10.86 43.35
CA ARG WB 240 -126.04 -10.68 44.79
C ARG WB 240 -126.79 -9.47 45.33
N ASP WB 241 -127.28 -9.61 46.57
CA ASP WB 241 -127.97 -8.54 47.29
C ASP WB 241 -126.99 -7.61 48.00
N VAL WB 242 -127.03 -6.32 47.69
CA VAL WB 242 -126.11 -5.34 48.29
C VAL WB 242 -126.81 -4.17 48.96
N LEU WB 243 -126.26 -3.72 50.08
CA LEU WB 243 -126.74 -2.51 50.75
C LEU WB 243 -125.65 -1.45 50.77
N GLU WB 244 -125.84 -0.39 50.01
CA GLU WB 244 -124.83 0.64 49.86
C GLU WB 244 -125.24 1.91 50.56
N TYR WB 245 -124.32 2.50 51.32
CA TYR WB 245 -124.62 3.82 51.82
C TYR WB 245 -123.85 4.81 50.95
N VAL WB 246 -124.54 5.60 50.12
CA VAL WB 246 -123.86 6.41 49.08
C VAL WB 246 -123.91 7.92 49.32
N VAL WB 247 -122.87 8.65 48.90
CA VAL WB 247 -122.82 10.10 49.07
C VAL WB 247 -122.59 10.84 47.75
N PHE WB 248 -123.49 11.76 47.45
CA PHE WB 248 -123.43 12.52 46.22
C PHE WB 248 -123.08 13.96 46.57
N GLU WB 249 -122.41 14.68 45.67
CA GLU WB 249 -122.02 16.07 45.96
C GLU WB 249 -122.26 17.02 44.80
N LYS WB 250 -122.57 18.28 45.11
CA LYS WB 250 -122.67 19.33 44.12
C LYS WB 250 -122.00 20.61 44.60
N HIS WB 251 -121.34 21.27 43.65
CA HIS WB 251 -120.86 22.63 43.88
C HIS WB 251 -121.98 23.61 43.53
N LEU WB 252 -122.13 24.65 44.34
CA LEU WB 252 -123.25 25.59 44.22
C LEU WB 252 -122.95 26.84 43.39
N VAL WB 253 -122.00 27.64 43.86
CA VAL WB 253 -121.58 28.87 43.19
C VAL WB 253 -121.25 28.64 41.71
N ASP WB 254 -120.82 27.41 41.40
CA ASP WB 254 -120.58 26.94 40.03
C ASP WB 254 -121.80 27.17 39.12
N PRO WB 255 -121.59 27.83 37.98
CA PRO WB 255 -122.66 28.03 36.99
C PRO WB 255 -123.08 26.73 36.25
N TYR WB 256 -122.21 25.73 36.23
CA TYR WB 256 -122.52 24.46 35.56
C TYR WB 256 -123.00 23.35 36.50
N GLY WB 257 -122.99 23.64 37.80
CA GLY WB 257 -123.87 23.00 38.77
C GLY WB 257 -124.06 21.51 38.68
N SER WB 258 -122.98 20.80 38.38
CA SER WB 258 -123.09 19.38 38.13
C SER WB 258 -123.47 18.63 39.40
N TRP WB 259 -124.24 17.56 39.26
CA TRP WB 259 -124.54 16.66 40.37
C TRP WB 259 -123.73 15.37 40.22
N ARG WB 260 -122.97 15.02 41.27
CA ARG WB 260 -121.94 13.99 41.18
C ARG WB 260 -122.01 12.92 42.26
N MET WB 261 -121.42 11.77 41.98
CA MET WB 261 -121.15 10.74 42.99
C MET WB 261 -119.89 11.12 43.74
N HIS WB 262 -119.99 11.32 45.05
CA HIS WB 262 -118.82 11.70 45.81
C HIS WB 262 -118.10 10.52 46.43
N GLY WB 263 -118.78 9.79 47.31
CA GLY WB 263 -118.10 8.69 47.98
C GLY WB 263 -119.02 7.51 48.27
N LYS WB 264 -118.43 6.37 48.58
CA LYS WB 264 -119.22 5.21 48.94
C LYS WB 264 -118.85 4.79 50.35
N ILE WB 265 -119.81 4.89 51.27
CA ILE WB 265 -119.59 4.49 52.65
C ILE WB 265 -120.31 3.18 53.01
N ILE WB 266 -119.55 2.37 53.75
CA ILE WB 266 -119.94 1.10 54.30
C ILE WB 266 -120.15 1.23 55.81
N PRO WB 267 -121.37 0.93 56.28
CA PRO WB 267 -121.73 0.89 57.70
C PRO WB 267 -120.90 -0.14 58.50
N PRO WB 268 -120.81 0.03 59.83
CA PRO WB 268 -119.94 -0.80 60.69
C PRO WB 268 -120.25 -2.30 60.72
N TRP WB 269 -121.53 -2.65 60.75
CA TRP WB 269 -121.93 -4.06 60.89
C TRP WB 269 -122.11 -4.74 59.54
N ALA WB 270 -121.87 -4.00 58.46
CA ALA WB 270 -122.14 -4.47 57.11
C ALA WB 270 -121.51 -5.84 56.87
N PRO WB 271 -122.26 -6.73 56.20
CA PRO WB 271 -121.88 -8.12 55.93
C PRO WB 271 -120.49 -8.24 55.30
N PRO WB 272 -119.66 -9.17 55.80
CA PRO WB 272 -118.35 -9.46 55.18
C PRO WB 272 -118.54 -9.89 53.74
N LYS WB 273 -117.71 -9.39 52.81
CA LYS WB 273 -117.99 -9.59 51.39
C LYS WB 273 -117.64 -11.00 50.92
N GLN WB 274 -117.95 -11.28 49.64
CA GLN WB 274 -117.81 -12.63 49.10
C GLN WB 274 -116.40 -13.16 49.27
N PRO WB 275 -116.25 -14.46 49.56
CA PRO WB 275 -114.93 -15.07 49.64
C PRO WB 275 -114.19 -15.03 48.30
N ILE WB 276 -112.94 -14.57 48.30
CA ILE WB 276 -112.13 -14.52 47.09
C ILE WB 276 -111.72 -15.95 46.71
N LEU WB 277 -111.35 -16.15 45.45
CA LEU WB 277 -110.98 -17.48 44.97
C LEU WB 277 -109.58 -17.92 45.45
N LYS WB 278 -108.55 -17.17 45.08
CA LYS WB 278 -107.17 -17.60 45.33
C LYS WB 278 -106.75 -17.52 46.80
N THR WB 279 -106.01 -18.54 47.20
CA THR WB 279 -105.38 -18.59 48.50
C THR WB 279 -104.37 -17.45 48.63
N VAL WB 280 -104.16 -16.97 49.85
CA VAL WB 280 -103.25 -15.85 50.08
C VAL WB 280 -102.42 -16.05 51.35
N MET WB 281 -101.14 -15.70 51.28
CA MET WB 281 -100.21 -15.90 52.40
C MET WB 281 -99.86 -14.59 53.11
N ILE WB 282 -100.15 -14.54 54.41
CA ILE WB 282 -99.74 -13.43 55.25
C ILE WB 282 -98.43 -13.76 55.96
N PRO WB 283 -97.34 -13.10 55.57
CA PRO WB 283 -96.03 -13.42 56.12
C PRO WB 283 -95.86 -12.91 57.53
N GLY WB 284 -95.09 -13.64 58.32
CA GLY WB 284 -94.66 -13.14 59.62
C GLY WB 284 -93.61 -12.07 59.41
N PRO WB 285 -93.21 -11.40 60.49
CA PRO WB 285 -92.20 -10.35 60.35
C PRO WB 285 -90.89 -10.92 59.87
N GLN WB 286 -90.22 -10.21 58.98
CA GLN WB 286 -88.89 -10.60 58.54
C GLN WB 286 -87.89 -10.39 59.67
N LEU WB 287 -87.16 -11.45 60.01
CA LEU WB 287 -86.19 -11.40 61.10
C LEU WB 287 -84.77 -11.19 60.57
N LYS WB 288 -84.03 -10.31 61.23
CA LYS WB 288 -82.59 -10.20 61.02
C LYS WB 288 -81.93 -11.37 61.79
N PRO WB 289 -80.60 -11.56 61.70
CA PRO WB 289 -80.05 -12.73 62.40
C PRO WB 289 -80.12 -12.70 63.96
N TRP WB 290 -79.83 -11.57 64.59
CA TRP WB 290 -79.75 -11.49 66.07
C TRP WB 290 -81.09 -11.21 66.76
N GLU WB 291 -82.13 -10.90 66.00
CA GLU WB 291 -83.46 -10.60 66.55
C GLU WB 291 -84.28 -11.86 66.81
N GLU WB 292 -84.65 -12.09 68.07
CA GLU WB 292 -85.47 -13.24 68.43
C GLU WB 292 -86.96 -12.97 68.24
N PHE WB 293 -87.69 -14.01 67.84
CA PHE WB 293 -89.13 -13.92 67.63
C PHE WB 293 -89.87 -13.96 68.96
N GLU WB 294 -91.06 -13.35 69.00
CA GLU WB 294 -91.90 -13.35 70.19
C GLU WB 294 -93.37 -13.57 69.82
N GLU WB 295 -94.04 -14.51 70.49
CA GLU WB 295 -95.39 -14.91 70.13
C GLU WB 295 -96.45 -14.44 71.15
N PRO WB 296 -97.41 -13.61 70.71
CA PRO WB 296 -98.50 -13.12 71.57
C PRO WB 296 -99.63 -14.13 71.78
N GLN WB 297 -100.30 -14.06 72.94
CA GLN WB 297 -101.44 -14.93 73.24
C GLN WB 297 -102.76 -14.17 73.14
N SER XB 43 1.29 -59.90 -90.12
CA SER XB 43 1.65 -58.62 -90.73
C SER XB 43 3.04 -58.16 -90.27
N PRO XB 44 4.10 -58.76 -90.82
CA PRO XB 44 5.48 -58.37 -90.50
C PRO XB 44 5.84 -56.98 -91.04
N TRP XB 45 6.48 -56.15 -90.22
CA TRP XB 45 6.88 -54.82 -90.64
C TRP XB 45 8.40 -54.74 -90.80
N ARG XB 46 8.85 -54.17 -91.92
CA ARG XB 46 10.28 -53.93 -92.15
C ARG XB 46 10.63 -52.48 -91.78
N LEU XB 47 11.59 -52.33 -90.87
CA LEU XB 47 11.89 -51.01 -90.29
C LEU XB 47 13.14 -50.38 -90.91
N LEU XB 48 12.91 -49.30 -91.67
CA LEU XB 48 14.00 -48.54 -92.26
C LEU XB 48 13.95 -47.07 -91.88
N GLY XB 49 14.94 -46.60 -91.15
CA GLY XB 49 15.09 -45.18 -90.87
C GLY XB 49 15.60 -44.48 -92.11
N ALA XB 50 15.49 -43.15 -92.13
CA ALA XB 50 15.94 -42.36 -93.26
C ALA XB 50 16.21 -40.94 -92.82
N LEU XB 51 16.95 -40.19 -93.63
CA LEU XB 51 17.30 -38.84 -93.24
C LEU XB 51 17.34 -37.83 -94.39
N CYS XB 52 16.74 -36.67 -94.14
CA CYS XB 52 16.85 -35.52 -95.04
C CYS XB 52 17.96 -34.60 -94.53
N LEU XB 53 19.03 -34.50 -95.31
CA LEU XB 53 20.25 -33.82 -94.87
C LEU XB 53 20.33 -32.41 -95.45
N GLN XB 54 20.14 -31.40 -94.62
CA GLN XB 54 20.01 -30.03 -95.11
C GLN XB 54 21.28 -29.21 -94.91
N ARG XB 55 21.86 -28.77 -96.00
CA ARG XB 55 22.98 -27.85 -95.94
C ARG XB 55 22.45 -26.42 -95.91
N PRO XB 56 22.96 -25.60 -94.98
CA PRO XB 56 22.58 -24.18 -94.89
C PRO XB 56 23.06 -23.35 -96.07
N PRO XB 57 22.17 -22.55 -96.68
CA PRO XB 57 22.61 -21.56 -97.67
C PRO XB 57 23.56 -20.55 -97.03
N LEU XB 58 24.72 -20.35 -97.65
CA LEU XB 58 25.81 -19.61 -97.00
C LEU XB 58 25.73 -18.11 -97.24
N VAL XB 59 25.78 -17.70 -98.48
CA VAL XB 59 25.76 -16.29 -98.81
C VAL XB 59 24.52 -15.91 -99.61
N THR XB 60 23.98 -14.73 -99.32
CA THR XB 60 22.68 -14.28 -99.80
C THR XB 60 22.54 -14.15 -101.31
N LYS XB 61 21.30 -14.28 -101.78
CA LYS XB 61 20.97 -14.09 -103.18
C LYS XB 61 20.77 -12.61 -103.51
N PRO XB 62 21.17 -12.20 -104.73
CA PRO XB 62 20.85 -10.90 -105.34
C PRO XB 62 19.35 -10.76 -105.62
N LEU XB 63 18.88 -9.55 -105.95
CA LEU XB 63 17.45 -9.23 -105.86
C LEU XB 63 16.64 -9.23 -107.16
N THR XB 64 15.36 -9.62 -107.02
CA THR XB 64 14.33 -9.44 -108.04
C THR XB 64 14.31 -7.97 -108.47
N PRO XB 65 14.13 -7.72 -109.78
CA PRO XB 65 14.04 -6.34 -110.29
C PRO XB 65 13.08 -5.48 -109.47
N LEU XB 66 11.95 -6.06 -109.07
CA LEU XB 66 10.99 -5.33 -108.27
C LEU XB 66 11.52 -5.05 -106.87
N GLN XB 67 12.18 -6.04 -106.27
CA GLN XB 67 12.81 -5.84 -104.98
C GLN XB 67 13.91 -4.80 -105.06
N GLU XB 68 14.55 -4.69 -106.21
CA GLU XB 68 15.60 -3.69 -106.42
C GLU XB 68 15.04 -2.28 -106.55
N GLU XB 69 13.99 -2.14 -107.35
CA GLU XB 69 13.32 -0.85 -107.50
C GLU XB 69 12.79 -0.38 -106.15
N MET XB 70 12.24 -1.33 -105.39
CA MET XB 70 11.79 -1.05 -104.03
C MET XB 70 12.97 -0.65 -103.14
N ALA XB 71 14.11 -1.31 -103.35
CA ALA XB 71 15.32 -1.02 -102.57
C ALA XB 71 15.77 0.43 -102.75
N ASP XB 72 15.95 0.83 -104.01
CA ASP XB 72 16.33 2.20 -104.32
C ASP XB 72 15.28 3.18 -103.80
N LEU XB 73 14.01 2.80 -103.93
CA LEU XB 73 12.91 3.64 -103.46
C LEU XB 73 13.04 3.93 -101.97
N LEU XB 74 13.24 2.89 -101.19
CA LEU XB 74 13.39 3.04 -99.76
C LEU XB 74 14.70 3.78 -99.43
N GLN XB 75 15.72 3.63 -100.28
CA GLN XB 75 16.96 4.40 -100.15
C GLN XB 75 16.64 5.90 -100.15
N GLN XB 76 15.97 6.33 -101.22
CA GLN XB 76 15.56 7.72 -101.38
C GLN XB 76 14.73 8.20 -100.21
N ILE XB 77 13.65 7.49 -99.90
CA ILE XB 77 12.74 7.98 -98.86
C ILE XB 77 13.39 8.02 -97.48
N GLU XB 78 14.33 7.11 -97.23
CA GLU XB 78 14.98 7.08 -95.92
C GLU XB 78 15.96 8.23 -95.81
N ILE XB 79 16.80 8.42 -96.82
CA ILE XB 79 17.76 9.52 -96.79
C ILE XB 79 17.00 10.87 -96.96
N GLU XB 80 15.70 10.78 -97.26
CA GLU XB 80 14.83 11.95 -97.43
C GLU XB 80 14.43 12.58 -96.10
N ARG XB 81 13.94 11.75 -95.18
CA ARG XB 81 13.48 12.24 -93.86
C ARG XB 81 14.67 12.37 -92.94
N SER XB 82 15.85 12.09 -93.49
CA SER XB 82 17.12 12.15 -92.78
C SER XB 82 17.39 13.50 -92.13
N LEU XB 83 17.75 13.46 -90.85
CA LEU XB 83 18.12 14.67 -90.15
C LEU XB 83 19.63 14.87 -90.12
N TYR XB 84 20.08 15.92 -90.79
CA TYR XB 84 21.49 16.32 -90.94
C TYR XB 84 22.42 15.15 -91.32
N SER XB 85 23.70 15.26 -90.97
CA SER XB 85 24.61 14.14 -90.75
C SER XB 85 25.79 14.79 -90.07
N ASP XB 86 26.60 14.05 -89.32
CA ASP XB 86 27.79 14.67 -88.75
C ASP XB 86 28.74 14.97 -89.90
N HIS XB 87 28.88 13.99 -90.79
CA HIS XB 87 29.68 14.14 -92.01
C HIS XB 87 29.15 15.28 -92.87
N GLU XB 88 27.83 15.36 -93.02
CA GLU XB 88 27.22 16.40 -93.84
C GLU XB 88 27.21 17.77 -93.16
N LEU XB 89 27.16 17.78 -91.83
CA LEU XB 89 27.34 19.03 -91.09
C LEU XB 89 28.73 19.59 -91.35
N ARG XB 90 29.76 18.78 -91.13
CA ARG XB 90 31.12 19.26 -91.30
C ARG XB 90 31.48 19.49 -92.77
N ALA XB 91 30.72 18.87 -93.66
CA ALA XB 91 30.89 19.08 -95.10
C ALA XB 91 30.31 20.40 -95.57
N LEU XB 92 29.03 20.62 -95.23
CA LEU XB 92 28.30 21.78 -95.72
C LEU XB 92 28.65 23.05 -94.96
N ASP XB 93 28.84 22.93 -93.65
CA ASP XB 93 29.23 24.07 -92.82
C ASP XB 93 30.60 24.61 -93.20
N GLU XB 94 31.53 23.71 -93.51
CA GLU XB 94 32.87 24.10 -93.95
C GLU XB 94 32.88 24.55 -95.42
N ALA XB 95 32.00 23.96 -96.24
CA ALA XB 95 31.85 24.39 -97.64
C ALA XB 95 31.33 25.82 -97.71
N GLN XB 96 30.45 26.19 -96.77
CA GLN XB 96 29.93 27.56 -96.66
C GLN XB 96 30.88 28.52 -95.93
N GLN XB 97 31.63 28.01 -94.94
CA GLN XB 97 32.52 28.84 -94.12
C GLN XB 97 33.86 29.18 -94.80
N LEU XB 98 34.39 28.25 -95.59
CA LEU XB 98 35.64 28.50 -96.29
C LEU XB 98 35.48 29.64 -97.30
N ALA XB 99 34.28 29.79 -97.87
CA ALA XB 99 33.99 30.90 -98.79
C ALA XB 99 34.00 32.27 -98.09
N LYS XB 100 33.59 32.31 -96.83
CA LYS XB 100 33.58 33.55 -96.04
C LYS XB 100 34.90 33.78 -95.28
N LYS XB 101 35.81 32.81 -95.29
CA LYS XB 101 37.20 33.11 -94.98
C LYS XB 101 37.98 33.43 -96.27
N LYS XB 102 37.38 33.13 -97.42
CA LYS XB 102 37.94 33.50 -98.73
C LYS XB 102 37.68 34.96 -99.09
N SER XB 103 36.44 35.40 -98.95
CA SER XB 103 36.02 36.73 -99.41
C SER XB 103 36.42 37.88 -98.46
N ASP XB 104 36.41 37.61 -97.15
CA ASP XB 104 36.76 38.64 -96.17
C ASP XB 104 38.27 38.77 -96.02
N LEU XB 116 39.14 17.80 -94.01
CA LEU XB 116 37.78 18.15 -94.42
C LEU XB 116 37.01 16.91 -94.89
N ALA XB 117 35.79 17.12 -95.38
CA ALA XB 117 34.93 16.03 -95.84
C ALA XB 117 35.50 15.33 -97.06
N GLN XB 118 36.03 16.12 -97.99
CA GLN XB 118 36.64 15.61 -99.21
C GLN XB 118 37.79 14.64 -98.90
N ASP XB 119 38.61 15.00 -97.92
CA ASP XB 119 39.73 14.17 -97.46
C ASP XB 119 39.24 12.76 -97.14
N LEU XB 120 38.24 12.69 -96.27
CA LEU XB 120 37.66 11.44 -95.83
C LEU XB 120 36.99 10.67 -96.98
N GLU XB 121 36.23 11.36 -97.82
CA GLU XB 121 35.59 10.76 -98.97
C GLU XB 121 36.61 10.04 -99.85
N ASP XB 122 37.71 10.71 -100.16
CA ASP XB 122 38.75 10.12 -101.02
C ASP XB 122 39.54 9.00 -100.33
N MET XB 123 39.87 9.21 -99.06
CA MET XB 123 40.51 8.16 -98.26
C MET XB 123 39.70 6.87 -98.27
N TRP XB 124 38.40 6.99 -98.04
CA TRP XB 124 37.53 5.82 -98.02
C TRP XB 124 37.32 5.20 -99.41
N GLU XB 125 37.20 6.05 -100.44
CA GLU XB 125 37.13 5.56 -101.82
C GLU XB 125 38.32 4.66 -102.12
N GLN XB 126 39.52 5.18 -101.89
CA GLN XB 126 40.73 4.44 -102.19
C GLN XB 126 40.89 3.21 -101.28
N LYS XB 127 40.47 3.32 -100.02
CA LYS XB 127 40.64 2.20 -99.10
C LYS XB 127 39.68 1.05 -99.39
N PHE XB 128 38.51 1.38 -99.93
CA PHE XB 128 37.57 0.33 -100.34
C PHE XB 128 37.95 -0.27 -101.69
N LEU XB 129 38.40 0.58 -102.61
CA LEU XB 129 38.81 0.11 -103.92
C LEU XB 129 40.07 -0.76 -103.84
N HIS XB 130 41.02 -0.36 -102.98
CA HIS XB 130 42.27 -1.12 -102.76
C HIS XB 130 41.97 -2.53 -102.25
N PHE XB 131 40.89 -2.65 -101.50
CA PHE XB 131 40.50 -3.91 -100.91
C PHE XB 131 39.89 -4.84 -101.96
N LYS XB 132 39.99 -6.14 -101.71
CA LYS XB 132 39.38 -7.14 -102.59
C LYS XB 132 38.63 -8.18 -101.76
N LEU XB 133 37.66 -8.83 -102.39
CA LEU XB 133 36.74 -9.70 -101.67
C LEU XB 133 36.72 -11.12 -102.22
N GLY XB 134 36.17 -12.04 -101.44
CA GLY XB 134 35.92 -13.38 -101.91
C GLY XB 134 34.84 -13.36 -102.97
N ALA XB 135 34.98 -14.25 -103.94
CA ALA XB 135 34.04 -14.36 -105.06
C ALA XB 135 32.70 -14.94 -104.62
N ARG XB 136 31.64 -14.55 -105.30
CA ARG XB 136 30.31 -15.01 -104.97
C ARG XB 136 30.01 -16.40 -105.57
N LEU XB 137 30.78 -16.79 -106.60
CA LEU XB 137 30.61 -18.11 -107.19
C LEU XB 137 31.82 -19.03 -107.02
N THR XB 138 31.69 -20.01 -106.12
CA THR XB 138 32.65 -21.11 -106.02
C THR XB 138 32.13 -22.41 -106.68
N GLU XB 139 30.93 -22.36 -107.25
CA GLU XB 139 30.33 -23.48 -107.97
C GLU XB 139 30.64 -23.44 -109.46
N ALA XB 140 30.20 -22.36 -110.11
CA ALA XB 140 30.24 -22.21 -111.57
C ALA XB 140 31.62 -21.90 -112.17
N ASP XB 141 32.62 -21.57 -111.34
CA ASP XB 141 33.96 -21.45 -111.89
C ASP XB 141 34.53 -22.85 -112.09
N LYS XB 142 34.13 -23.78 -111.21
CA LYS XB 142 34.27 -25.21 -111.49
C LYS XB 142 33.12 -25.63 -112.43
N LYS XB 143 31.90 -25.24 -112.05
CA LYS XB 143 30.67 -25.47 -112.83
C LYS XB 143 30.32 -26.94 -112.95
N ASP XB 144 31.24 -27.78 -112.48
CA ASP XB 144 31.15 -29.22 -112.69
C ASP XB 144 30.51 -29.92 -111.49
N ASP XB 145 31.17 -29.83 -110.34
CA ASP XB 145 30.84 -30.69 -109.20
C ASP XB 145 29.42 -30.53 -108.69
N ARG XB 146 28.66 -31.63 -108.72
CA ARG XB 146 27.43 -31.75 -107.98
C ARG XB 146 27.79 -32.32 -106.63
N THR XB 147 29.01 -32.84 -106.55
CA THR XB 147 29.46 -33.59 -105.39
C THR XB 147 30.30 -32.77 -104.40
N SER XB 148 30.54 -31.51 -104.73
CA SER XB 148 31.28 -30.64 -103.83
C SER XB 148 30.33 -30.07 -102.77
N LEU XB 149 30.74 -30.12 -101.51
CA LEU XB 149 29.93 -29.60 -100.40
C LEU XB 149 30.13 -28.09 -100.29
N HIS XB 150 31.07 -27.57 -101.08
CA HIS XB 150 31.37 -26.16 -101.17
C HIS XB 150 30.66 -25.49 -102.36
N ARG XB 151 29.91 -26.29 -103.12
CA ARG XB 151 29.34 -25.87 -104.40
C ARG XB 151 28.43 -24.63 -104.35
N LYS XB 152 27.21 -24.76 -103.83
CA LYS XB 152 26.23 -23.68 -103.94
C LYS XB 152 26.12 -22.83 -102.69
N LEU XB 153 26.51 -21.57 -102.81
CA LEU XB 153 26.52 -20.64 -101.69
C LEU XB 153 25.13 -20.05 -101.41
N ASP XB 154 24.36 -19.78 -102.46
CA ASP XB 154 23.10 -19.07 -102.30
C ASP XB 154 21.93 -19.94 -101.80
N ARG XB 155 21.86 -21.21 -102.23
CA ARG XB 155 20.71 -22.05 -101.86
C ARG XB 155 20.99 -23.05 -100.77
N ASN XB 156 19.94 -23.77 -100.38
CA ASN XB 156 20.05 -24.88 -99.43
C ASN XB 156 20.34 -26.17 -100.19
N LEU XB 157 21.20 -27.00 -99.63
CA LEU XB 157 21.68 -28.18 -100.34
C LEU XB 157 21.39 -29.48 -99.59
N ILE XB 158 21.32 -30.58 -100.33
CA ILE XB 158 20.93 -31.87 -99.77
C ILE XB 158 21.82 -33.01 -100.29
N LEU XB 159 21.99 -34.04 -99.47
CA LEU XB 159 22.84 -35.17 -99.82
C LEU XB 159 22.06 -36.31 -100.50
N LEU XB 160 22.63 -36.82 -101.59
CA LEU XB 160 22.13 -38.06 -102.22
C LEU XB 160 23.27 -39.06 -102.30
N VAL XB 161 22.94 -40.34 -102.48
CA VAL XB 161 23.97 -41.38 -102.58
C VAL XB 161 23.64 -42.38 -103.69
N ARG XB 162 24.66 -43.00 -104.26
CA ARG XB 162 24.46 -44.01 -105.29
C ARG XB 162 24.73 -45.43 -104.77
N GLU XB 163 23.73 -46.30 -104.89
CA GLU XB 163 23.88 -47.70 -104.51
C GLU XB 163 23.26 -48.65 -105.54
N LYS XB 164 23.98 -49.71 -105.90
CA LYS XB 164 23.36 -50.79 -106.66
C LYS XB 164 23.35 -52.05 -105.80
N LEU XB 165 22.17 -52.44 -105.32
CA LEU XB 165 22.09 -53.61 -104.44
C LEU XB 165 21.80 -54.87 -105.24
N GLY XB 166 21.85 -56.02 -104.57
CA GLY XB 166 21.85 -57.31 -105.24
C GLY XB 166 20.74 -57.51 -106.25
N ASP XB 167 19.51 -57.29 -105.83
CA ASP XB 167 18.35 -57.40 -106.71
C ASP XB 167 17.85 -56.03 -107.24
N GLN XB 168 18.50 -54.93 -106.84
CA GLN XB 168 17.91 -53.61 -107.10
C GLN XB 168 18.91 -52.55 -107.57
N ASP XB 169 18.38 -51.49 -108.18
CA ASP XB 169 19.16 -50.28 -108.50
C ASP XB 169 18.61 -49.08 -107.71
N ILE XB 170 19.38 -48.58 -106.73
CA ILE XB 170 18.88 -47.59 -105.77
C ILE XB 170 19.63 -46.24 -105.75
N TRP XB 171 18.89 -45.18 -106.09
CA TRP XB 171 19.34 -43.81 -105.88
C TRP XB 171 18.78 -43.36 -104.53
N MET XB 172 19.68 -43.19 -103.56
CA MET XB 172 19.28 -43.14 -102.16
C MET XB 172 19.49 -41.80 -101.46
N LEU XB 173 18.40 -41.11 -101.18
CA LEU XB 173 18.42 -40.07 -100.18
C LEU XB 173 18.69 -40.80 -98.86
N PRO XB 174 19.77 -40.44 -98.14
CA PRO XB 174 20.38 -41.42 -97.23
C PRO XB 174 19.39 -42.05 -96.23
N GLN XB 175 19.41 -43.39 -96.23
CA GLN XB 175 18.47 -44.23 -95.50
C GLN XB 175 19.18 -45.01 -94.42
N SER XB 176 18.44 -45.39 -93.39
CA SER XB 176 19.02 -46.11 -92.28
C SER XB 176 18.23 -47.38 -91.97
N ASP XB 177 18.83 -48.27 -91.21
CA ASP XB 177 18.12 -49.43 -90.71
C ASP XB 177 18.04 -49.36 -89.19
N TRP XB 178 16.85 -49.14 -88.66
CA TRP XB 178 16.71 -49.04 -87.21
C TRP XB 178 16.08 -50.29 -86.63
N GLN XB 179 16.78 -50.86 -85.65
CA GLN XB 179 16.33 -52.05 -84.94
C GLN XB 179 15.19 -51.69 -83.97
N PRO XB 180 14.21 -52.58 -83.80
CA PRO XB 180 13.00 -52.35 -82.97
C PRO XB 180 13.26 -51.76 -81.58
N GLY XB 181 14.40 -52.05 -80.97
CA GLY XB 181 14.75 -51.47 -79.69
C GLY XB 181 15.22 -50.03 -79.77
N GLU XB 182 15.91 -49.71 -80.86
CA GLU XB 182 16.47 -48.37 -81.07
C GLU XB 182 15.37 -47.30 -81.21
N THR XB 183 15.71 -46.06 -80.90
CA THR XB 183 14.83 -44.92 -81.18
C THR XB 183 15.25 -44.34 -82.54
N LEU XB 184 14.26 -43.93 -83.35
CA LEU XB 184 14.51 -43.41 -84.70
C LEU XB 184 15.61 -42.35 -84.71
N ARG XB 185 15.60 -41.53 -83.67
CA ARG XB 185 16.66 -40.57 -83.38
C ARG XB 185 18.05 -41.19 -83.50
N GLN XB 186 18.30 -42.14 -82.60
CA GLN XB 186 19.59 -42.80 -82.44
C GLN XB 186 20.14 -43.38 -83.75
N THR XB 187 19.27 -44.00 -84.53
CA THR XB 187 19.66 -44.64 -85.78
C THR XB 187 19.89 -43.60 -86.89
N ALA XB 188 19.04 -42.57 -86.92
CA ALA XB 188 19.28 -41.42 -87.76
C ALA XB 188 20.72 -40.92 -87.59
N GLU XB 189 21.06 -40.50 -86.37
CA GLU XB 189 22.41 -40.00 -86.08
C GLU XB 189 23.53 -41.00 -86.35
N ARG XB 190 23.39 -42.21 -85.82
CA ARG XB 190 24.39 -43.27 -85.97
C ARG XB 190 24.73 -43.55 -87.42
N THR XB 191 23.68 -43.83 -88.22
CA THR XB 191 23.84 -44.12 -89.64
C THR XB 191 24.39 -42.89 -90.38
N LEU XB 192 23.98 -41.70 -89.97
CA LEU XB 192 24.56 -40.48 -90.52
C LEU XB 192 26.09 -40.45 -90.35
N ALA XB 193 26.57 -40.45 -89.11
CA ALA XB 193 28.00 -40.35 -88.83
C ALA XB 193 28.81 -41.52 -89.39
N THR XB 194 28.20 -42.72 -89.45
CA THR XB 194 28.89 -43.92 -89.92
C THR XB 194 28.97 -44.09 -91.45
N LEU XB 195 27.90 -43.69 -92.15
CA LEU XB 195 27.77 -43.91 -93.60
C LEU XB 195 28.78 -43.10 -94.45
N SER XB 196 28.89 -41.80 -94.18
CA SER XB 196 29.64 -40.88 -95.03
C SER XB 196 31.14 -40.78 -94.72
N GLU XB 197 31.59 -41.46 -93.66
CA GLU XB 197 32.99 -41.44 -93.24
C GLU XB 197 33.50 -40.03 -92.97
N ASN XB 198 32.62 -39.20 -92.41
CA ASN XB 198 32.96 -37.81 -92.14
C ASN XB 198 32.70 -37.45 -90.68
N ASN XB 199 33.36 -36.41 -90.18
CA ASN XB 199 33.05 -35.89 -88.85
C ASN XB 199 32.00 -34.80 -88.97
N MET XB 200 30.78 -35.09 -88.57
CA MET XB 200 29.67 -34.21 -88.88
C MET XB 200 29.00 -33.61 -87.65
N GLU XB 201 29.07 -32.29 -87.53
CA GLU XB 201 28.30 -31.59 -86.52
C GLU XB 201 26.99 -31.10 -87.14
N ALA XB 202 25.90 -31.74 -86.75
CA ALA XB 202 24.58 -31.47 -87.28
C ALA XB 202 23.58 -31.35 -86.15
N LYS XB 203 22.97 -30.18 -86.04
CA LYS XB 203 21.99 -29.94 -84.99
C LYS XB 203 20.61 -30.30 -85.53
N PHE XB 204 20.05 -31.38 -84.99
CA PHE XB 204 18.72 -31.83 -85.37
C PHE XB 204 17.70 -30.93 -84.71
N LEU XB 205 16.50 -30.86 -85.27
CA LEU XB 205 15.49 -30.03 -84.64
C LEU XB 205 14.76 -30.81 -83.55
N GLY XB 206 13.84 -31.66 -83.96
CA GLY XB 206 12.96 -32.36 -83.03
C GLY XB 206 13.22 -33.83 -82.84
N ASN XB 207 12.45 -34.42 -81.94
CA ASN XB 207 12.40 -35.86 -81.77
C ASN XB 207 11.37 -36.44 -82.74
N ALA XB 208 10.57 -35.54 -83.30
CA ALA XB 208 9.56 -35.90 -84.29
C ALA XB 208 10.11 -35.83 -85.71
N PRO XB 209 9.68 -36.74 -86.58
CA PRO XB 209 10.11 -36.91 -87.98
C PRO XB 209 9.46 -35.94 -88.97
N CYS XB 210 10.11 -35.78 -90.12
CA CYS XB 210 9.62 -34.95 -91.22
C CYS XB 210 8.52 -35.64 -92.04
N GLY XB 211 8.87 -36.69 -92.77
CA GLY XB 211 7.87 -37.33 -93.61
C GLY XB 211 8.09 -38.81 -93.86
N HIS XB 212 6.99 -39.54 -94.07
CA HIS XB 212 7.01 -41.01 -94.05
C HIS XB 212 6.46 -41.62 -95.33
N TYR XB 213 7.19 -42.59 -95.87
CA TYR XB 213 6.81 -43.24 -97.13
C TYR XB 213 6.99 -44.77 -97.05
N LYS XB 214 5.87 -45.48 -97.22
CA LYS XB 214 5.81 -46.92 -97.02
C LYS XB 214 5.94 -47.73 -98.31
N PHE XB 215 6.73 -48.79 -98.28
CA PHE XB 215 6.70 -49.77 -99.37
C PHE XB 215 6.30 -51.14 -98.82
N LYS XB 216 5.20 -51.69 -99.30
CA LYS XB 216 4.67 -52.94 -98.76
C LYS XB 216 4.77 -54.09 -99.78
N PHE XB 217 5.65 -55.05 -99.51
CA PHE XB 217 5.83 -56.21 -100.39
C PHE XB 217 4.80 -57.29 -100.11
N LEU XB 227 5.01 -59.09 -96.66
CA LEU XB 227 5.79 -58.08 -95.96
C LEU XB 227 5.10 -56.71 -96.04
N GLY XB 228 5.58 -55.77 -95.23
CA GLY XB 228 5.22 -54.36 -95.32
C GLY XB 228 6.39 -53.59 -94.72
N ALA XB 229 6.59 -52.35 -95.14
CA ALA XB 229 7.78 -51.64 -94.71
C ALA XB 229 7.63 -50.12 -94.68
N LYS XB 230 8.44 -49.48 -93.86
CA LYS XB 230 8.35 -48.04 -93.62
C LYS XB 230 9.68 -47.34 -93.88
N VAL XB 231 9.63 -46.19 -94.55
CA VAL XB 231 10.80 -45.32 -94.65
C VAL XB 231 10.49 -43.97 -93.99
N PHE XB 232 11.18 -43.69 -92.88
CA PHE XB 232 10.95 -42.48 -92.07
C PHE XB 232 12.03 -41.41 -92.24
N PHE XB 233 11.67 -40.29 -92.84
CA PHE XB 233 12.59 -39.19 -93.13
C PHE XB 233 12.57 -38.10 -92.05
N PHE XB 234 13.78 -37.77 -91.58
CA PHE XB 234 14.02 -36.77 -90.53
C PHE XB 234 14.84 -35.62 -91.10
N LYS XB 235 14.81 -34.47 -90.42
CA LYS XB 235 15.62 -33.35 -90.86
C LYS XB 235 16.80 -33.11 -89.93
N ALA XB 236 17.99 -33.10 -90.51
CA ALA XB 236 19.20 -32.77 -89.77
C ALA XB 236 19.77 -31.45 -90.28
N LEU XB 237 19.85 -30.46 -89.40
CA LEU XB 237 20.37 -29.16 -89.80
C LEU XB 237 21.89 -29.15 -89.56
N LEU XB 238 22.63 -29.03 -90.67
CA LEU XB 238 24.07 -29.18 -90.64
C LEU XB 238 24.79 -27.94 -90.15
N LEU XB 239 25.58 -28.09 -89.08
CA LEU XB 239 26.39 -27.00 -88.60
C LEU XB 239 27.72 -26.98 -89.34
N THR XB 240 28.60 -27.92 -89.02
CA THR XB 240 29.88 -28.02 -89.72
C THR XB 240 30.26 -29.47 -90.04
N GLY XB 241 30.37 -29.81 -91.32
CA GLY XB 241 30.85 -31.11 -91.73
C GLY XB 241 32.35 -31.15 -92.00
N ASP XB 242 32.97 -32.30 -91.73
CA ASP XB 242 34.35 -32.56 -92.11
C ASP XB 242 34.39 -33.82 -92.96
N PHE XB 243 34.63 -33.70 -94.25
CA PHE XB 243 34.54 -34.89 -95.09
C PHE XB 243 35.89 -35.54 -95.35
N SER XB 244 36.07 -36.75 -94.79
CA SER XB 244 37.31 -37.51 -94.89
C SER XB 244 37.33 -38.37 -96.16
N GLN XB 245 38.51 -38.48 -96.77
CA GLN XB 245 38.66 -39.13 -98.09
C GLN XB 245 37.71 -38.51 -99.08
N ALA XB 246 37.97 -37.25 -99.46
CA ALA XB 246 37.11 -36.49 -100.35
C ALA XB 246 36.91 -37.20 -101.70
N GLY XB 247 37.80 -38.14 -102.01
CA GLY XB 247 37.73 -38.88 -103.26
C GLY XB 247 37.19 -40.31 -103.16
N LYS XB 248 36.44 -40.61 -102.10
CA LYS XB 248 35.88 -41.95 -101.92
C LYS XB 248 34.89 -42.27 -103.05
N LYS XB 249 34.85 -43.54 -103.45
CA LYS XB 249 34.06 -43.99 -104.60
C LYS XB 249 32.55 -43.80 -104.46
N GLY XB 250 32.01 -44.08 -103.28
CA GLY XB 250 30.58 -43.96 -103.03
C GLY XB 250 30.09 -42.58 -103.41
N HIS XB 251 29.07 -42.52 -104.27
CA HIS XB 251 28.73 -41.26 -104.92
C HIS XB 251 27.76 -40.46 -104.10
N HIS XB 252 28.25 -39.36 -103.55
CA HIS XB 252 27.43 -38.48 -102.74
C HIS XB 252 27.22 -37.16 -103.50
N VAL XB 253 25.97 -36.91 -103.84
CA VAL XB 253 25.61 -35.77 -104.68
C VAL XB 253 24.95 -34.66 -103.85
N TRP XB 254 25.65 -33.53 -103.71
CA TRP XB 254 25.15 -32.39 -102.95
C TRP XB 254 24.40 -31.45 -103.90
N VAL XB 255 23.09 -31.36 -103.70
CA VAL XB 255 22.19 -30.92 -104.75
C VAL XB 255 21.14 -29.91 -104.26
N SER XB 256 20.79 -28.95 -105.11
CA SER XB 256 19.82 -27.91 -104.75
C SER XB 256 18.38 -28.41 -104.89
N LYS XB 257 17.41 -27.51 -104.75
CA LYS XB 257 16.00 -27.90 -104.92
C LYS XB 257 15.74 -28.38 -106.35
N GLU XB 258 16.16 -27.57 -107.31
CA GLU XB 258 15.92 -27.86 -108.72
C GLU XB 258 16.49 -29.21 -109.14
N GLU XB 259 17.65 -29.57 -108.58
CA GLU XB 259 18.27 -30.86 -108.88
C GLU XB 259 17.60 -32.01 -108.10
N LEU XB 260 17.01 -31.68 -106.94
CA LEU XB 260 16.23 -32.65 -106.16
C LEU XB 260 14.95 -33.02 -106.92
N GLY XB 261 14.52 -32.12 -107.80
CA GLY XB 261 13.48 -32.48 -108.76
C GLY XB 261 13.97 -33.55 -109.74
N ASP XB 262 15.11 -33.29 -110.37
CA ASP XB 262 15.62 -34.13 -111.46
C ASP XB 262 16.14 -35.52 -111.06
N TYR XB 263 17.11 -35.57 -110.15
CA TYR XB 263 17.84 -36.82 -109.87
C TYR XB 263 16.96 -37.89 -109.22
N LEU XB 264 15.74 -37.53 -108.84
CA LEU XB 264 14.93 -38.43 -108.02
C LEU XB 264 13.96 -39.23 -108.84
N LYS XB 265 14.28 -40.50 -109.00
CA LYS XB 265 13.37 -41.45 -109.61
C LYS XB 265 12.15 -41.81 -108.74
N PRO XB 266 12.37 -42.27 -107.48
CA PRO XB 266 11.27 -42.93 -106.77
C PRO XB 266 10.07 -42.02 -106.51
N LYS XB 267 8.92 -42.62 -106.24
CA LYS XB 267 7.75 -41.85 -105.82
C LYS XB 267 7.76 -41.69 -104.30
N TYR XB 268 8.65 -42.41 -103.62
CA TYR XB 268 8.88 -42.20 -102.18
C TYR XB 268 9.76 -40.98 -101.97
N LEU XB 269 10.76 -40.82 -102.84
CA LEU XB 269 11.68 -39.68 -102.81
C LEU XB 269 11.13 -38.47 -103.60
N ALA XB 270 10.10 -38.70 -104.43
CA ALA XB 270 9.48 -37.63 -105.19
C ALA XB 270 8.63 -36.74 -104.27
N GLN XB 271 8.28 -37.28 -103.11
CA GLN XB 271 7.49 -36.56 -102.11
C GLN XB 271 8.31 -35.97 -100.96
N VAL XB 272 9.65 -36.12 -100.99
CA VAL XB 272 10.52 -35.48 -100.00
C VAL XB 272 10.73 -34.02 -100.39
N ARG XB 273 10.68 -33.74 -101.68
CA ARG XB 273 10.70 -32.36 -102.18
C ARG XB 273 9.35 -31.67 -101.87
N ARG XB 274 8.40 -32.43 -101.34
CA ARG XB 274 7.13 -31.86 -100.89
C ARG XB 274 7.21 -31.26 -99.47
N PHE XB 275 8.00 -31.86 -98.57
CA PHE XB 275 8.23 -31.22 -97.26
C PHE XB 275 9.55 -30.43 -97.24
N LEU XB 276 10.23 -30.42 -98.38
CA LEU XB 276 11.48 -29.66 -98.51
C LEU XB 276 11.22 -28.18 -98.37
N LEU XB 277 12.27 -27.43 -98.07
CA LEU XB 277 12.17 -25.98 -98.11
C LEU XB 277 12.61 -25.49 -99.48
N ASP XB 278 11.65 -24.97 -100.23
CA ASP XB 278 11.87 -24.54 -101.60
C ASP XB 278 12.69 -23.25 -101.65
N LEU XB 279 12.48 -22.38 -100.66
CA LEU XB 279 13.10 -21.05 -100.60
C LEU XB 279 12.78 -20.24 -101.85
N TYR YB 48 -33.82 -11.49 -63.71
CA TYR YB 48 -34.65 -11.70 -62.52
C TYR YB 48 -34.90 -13.17 -62.27
N ARG YB 49 -34.41 -13.68 -61.15
CA ARG YB 49 -34.16 -15.10 -61.01
C ARG YB 49 -35.25 -16.02 -61.49
N SER YB 50 -36.50 -15.63 -61.26
CA SER YB 50 -37.62 -16.53 -61.48
C SER YB 50 -38.03 -16.59 -62.95
N LYS YB 51 -37.41 -15.77 -63.80
CA LYS YB 51 -37.78 -15.71 -65.21
C LYS YB 51 -36.97 -16.68 -66.08
N PRO YB 52 -37.51 -17.03 -67.26
CA PRO YB 52 -36.73 -17.88 -68.16
C PRO YB 52 -35.50 -17.15 -68.67
N THR YB 53 -35.54 -15.83 -68.56
CA THR YB 53 -34.55 -14.98 -69.18
C THR YB 53 -33.42 -14.58 -68.24
N HIS YB 54 -33.37 -15.14 -67.04
CA HIS YB 54 -32.34 -14.72 -66.10
C HIS YB 54 -30.95 -15.05 -66.59
N GLY YB 55 -30.10 -14.04 -66.62
CA GLY YB 55 -28.72 -14.20 -67.05
C GLY YB 55 -28.43 -13.65 -68.43
N ILE YB 56 -29.44 -13.01 -69.00
CA ILE YB 56 -29.30 -12.40 -70.30
C ILE YB 56 -28.13 -11.45 -70.32
N GLY YB 57 -28.06 -10.59 -69.32
CA GLY YB 57 -27.07 -9.54 -69.30
C GLY YB 57 -25.74 -10.04 -68.83
N ARG YB 58 -25.77 -11.21 -68.21
CA ARG YB 58 -24.60 -11.81 -67.62
C ARG YB 58 -23.45 -11.94 -68.63
N TYR YB 59 -22.28 -11.39 -68.30
CA TYR YB 59 -21.14 -11.43 -69.23
C TYR YB 59 -19.80 -11.90 -68.64
N LYS YB 60 -19.37 -11.34 -67.52
CA LYS YB 60 -17.96 -11.37 -67.08
C LYS YB 60 -17.19 -12.69 -67.22
N HIS YB 61 -17.89 -13.81 -67.26
CA HIS YB 61 -17.26 -15.06 -67.68
C HIS YB 61 -16.67 -14.93 -69.09
N LEU YB 62 -17.16 -13.97 -69.86
CA LEU YB 62 -16.72 -13.79 -71.24
C LEU YB 62 -15.40 -13.06 -71.39
N VAL YB 63 -15.19 -11.98 -70.66
CA VAL YB 63 -13.87 -11.37 -70.62
C VAL YB 63 -13.22 -11.65 -69.29
N LYS YB 64 -12.06 -12.27 -69.30
CA LYS YB 64 -11.37 -12.38 -68.04
C LYS YB 64 -10.23 -11.36 -68.01
N ALA YB 65 -10.50 -10.29 -67.26
CA ALA YB 65 -9.49 -9.34 -66.80
C ALA YB 65 -9.52 -9.40 -65.28
N GLN YB 66 -8.49 -9.99 -64.70
CA GLN YB 66 -8.51 -10.35 -63.29
C GLN YB 66 -7.33 -9.73 -62.55
N VAL YB 77 6.93 -19.94 -65.15
CA VAL YB 77 5.81 -20.72 -65.64
C VAL YB 77 6.27 -22.04 -66.26
N ARG YB 78 5.39 -23.04 -66.27
CA ARG YB 78 5.75 -24.41 -66.60
C ARG YB 78 5.52 -24.79 -68.06
N PRO YB 79 6.51 -25.45 -68.68
CA PRO YB 79 6.33 -26.31 -69.84
C PRO YB 79 5.65 -27.64 -69.46
N ILE YB 80 4.65 -28.09 -70.21
CA ILE YB 80 4.00 -29.36 -69.87
C ILE YB 80 4.48 -30.47 -70.80
N ASN YB 81 5.26 -31.39 -70.27
CA ASN YB 81 5.78 -32.45 -71.10
C ASN YB 81 5.11 -33.78 -70.76
N LEU YB 82 4.17 -34.20 -71.60
CA LEU YB 82 3.48 -35.47 -71.37
C LEU YB 82 4.01 -36.59 -72.27
N GLY YB 83 4.93 -36.26 -73.16
CA GLY YB 83 5.55 -37.25 -74.03
C GLY YB 83 4.72 -37.74 -75.21
N THR YB 84 3.42 -37.42 -75.22
CA THR YB 84 2.54 -37.77 -76.35
C THR YB 84 1.91 -36.50 -76.91
N ASP YB 85 1.01 -35.89 -76.13
CA ASP YB 85 0.71 -34.49 -76.38
C ASP YB 85 1.66 -33.72 -75.47
N TYR YB 86 2.67 -33.12 -76.08
CA TYR YB 86 3.82 -32.60 -75.37
C TYR YB 86 3.84 -31.09 -75.56
N GLU YB 87 3.53 -30.34 -74.51
CA GLU YB 87 3.49 -28.88 -74.64
C GLU YB 87 4.74 -28.27 -74.04
N TYR YB 88 5.63 -27.80 -74.89
CA TYR YB 88 6.79 -27.14 -74.35
C TYR YB 88 6.58 -25.65 -74.54
N GLY YB 89 6.31 -24.98 -73.42
CA GLY YB 89 5.95 -23.57 -73.44
C GLY YB 89 7.11 -22.69 -73.03
N VAL YB 90 6.79 -21.47 -72.63
CA VAL YB 90 7.74 -20.46 -72.11
C VAL YB 90 9.07 -20.45 -72.90
N LEU YB 91 8.97 -20.10 -74.18
CA LEU YB 91 10.15 -20.08 -75.03
C LEU YB 91 10.51 -18.66 -75.44
N ASN YB 92 11.82 -18.39 -75.45
CA ASN YB 92 12.37 -17.05 -75.67
C ASN YB 92 13.19 -16.94 -76.97
N ILE YB 93 12.71 -16.16 -77.94
CA ILE YB 93 13.51 -15.94 -79.14
C ILE YB 93 14.26 -14.63 -79.04
N HIS YB 94 15.58 -14.72 -78.94
CA HIS YB 94 16.44 -13.55 -78.98
C HIS YB 94 16.88 -13.28 -80.42
N LEU YB 95 16.54 -12.11 -80.93
CA LEU YB 95 17.00 -11.69 -82.26
C LEU YB 95 18.08 -10.63 -82.12
N ILE YB 96 19.31 -10.99 -82.43
CA ILE YB 96 20.42 -10.09 -82.20
C ILE YB 96 21.09 -9.72 -83.51
N ALA YB 97 21.28 -8.42 -83.70
CA ALA YB 97 21.96 -7.93 -84.88
C ALA YB 97 22.53 -6.56 -84.67
N TYR YB 98 23.40 -6.15 -85.58
CA TYR YB 98 23.98 -4.82 -85.55
C TYR YB 98 23.07 -3.71 -86.06
N ASP YB 99 22.10 -4.04 -86.92
CA ASP YB 99 21.28 -3.02 -87.56
C ASP YB 99 19.88 -2.93 -86.98
N MET YB 100 19.51 -1.73 -86.54
CA MET YB 100 18.21 -1.48 -85.94
C MET YB 100 17.08 -1.81 -86.91
N ALA YB 101 17.10 -1.22 -88.10
CA ALA YB 101 16.06 -1.47 -89.10
C ALA YB 101 15.94 -2.96 -89.39
N LEU YB 102 17.08 -3.65 -89.47
CA LEU YB 102 17.12 -5.07 -89.76
C LEU YB 102 16.47 -5.86 -88.64
N ALA YB 103 16.92 -5.57 -87.42
CA ALA YB 103 16.43 -6.22 -86.23
C ALA YB 103 14.93 -6.07 -86.12
N GLU YB 104 14.48 -4.83 -86.12
CA GLU YB 104 13.07 -4.49 -86.03
C GLU YB 104 12.27 -5.20 -87.13
N SER YB 105 12.84 -5.27 -88.32
CA SER YB 105 12.15 -5.89 -89.46
C SER YB 105 11.90 -7.36 -89.22
N TYR YB 106 12.96 -8.08 -88.86
CA TYR YB 106 12.82 -9.50 -88.68
C TYR YB 106 11.99 -9.81 -87.43
N ALA YB 107 12.11 -8.97 -86.42
CA ALA YB 107 11.29 -9.10 -85.22
C ALA YB 107 9.84 -9.03 -85.61
N GLN YB 108 9.52 -7.97 -86.35
CA GLN YB 108 8.19 -7.73 -86.88
C GLN YB 108 7.69 -8.97 -87.61
N TYR YB 109 8.54 -9.50 -88.47
CA TYR YB 109 8.18 -10.66 -89.27
C TYR YB 109 7.88 -11.86 -88.38
N VAL YB 110 8.68 -12.03 -87.34
CA VAL YB 110 8.46 -13.13 -86.40
C VAL YB 110 7.12 -12.99 -85.74
N HIS YB 111 6.94 -11.88 -85.06
CA HIS YB 111 5.73 -11.59 -84.30
C HIS YB 111 4.49 -11.83 -85.15
N ASN YB 112 4.49 -11.26 -86.35
CA ASN YB 112 3.38 -11.41 -87.29
C ASN YB 112 3.17 -12.87 -87.71
N LEU YB 113 4.29 -13.55 -88.00
CA LEU YB 113 4.25 -14.95 -88.35
C LEU YB 113 3.54 -15.76 -87.28
N CYS YB 114 3.91 -15.53 -86.02
CA CYS YB 114 3.30 -16.22 -84.89
C CYS YB 114 1.83 -15.91 -84.77
N ASN YB 115 1.48 -14.65 -85.06
CA ASN YB 115 0.09 -14.24 -85.08
C ASN YB 115 -0.72 -15.04 -86.09
N HIS YB 116 -0.10 -15.32 -87.24
CA HIS YB 116 -0.78 -16.09 -88.29
C HIS YB 116 -0.82 -17.60 -88.02
N LEU YB 117 0.20 -18.11 -87.31
CA LEU YB 117 0.33 -19.56 -87.09
C LEU YB 117 -0.45 -20.04 -85.88
N ALA YB 118 -1.18 -19.12 -85.26
CA ALA YB 118 -2.02 -19.38 -84.08
C ALA YB 118 -1.19 -19.59 -82.81
N ILE YB 119 0.13 -19.72 -82.97
CA ILE YB 119 1.00 -19.79 -81.81
C ILE YB 119 0.98 -18.44 -81.13
N LYS YB 120 0.71 -18.46 -79.83
CA LYS YB 120 0.41 -17.25 -79.10
C LYS YB 120 1.67 -16.56 -78.57
N VAL YB 121 1.86 -15.31 -78.98
CA VAL YB 121 2.97 -14.51 -78.48
C VAL YB 121 2.51 -13.72 -77.26
N GLU YB 122 3.35 -13.71 -76.23
CA GLU YB 122 3.03 -12.97 -75.04
C GLU YB 122 3.76 -11.64 -75.04
N GLU YB 123 5.08 -11.68 -74.96
CA GLU YB 123 5.83 -10.47 -74.77
C GLU YB 123 6.88 -10.26 -75.85
N SER YB 124 6.74 -9.14 -76.55
CA SER YB 124 7.71 -8.71 -77.54
C SER YB 124 8.39 -7.42 -77.08
N TYR YB 125 9.66 -7.49 -76.71
CA TYR YB 125 10.34 -6.30 -76.16
C TYR YB 125 11.82 -6.22 -76.52
N ALA YB 126 12.36 -5.00 -76.50
CA ALA YB 126 13.74 -4.78 -76.88
C ALA YB 126 14.67 -4.76 -75.67
N MET YB 127 15.69 -5.60 -75.72
CA MET YB 127 16.67 -5.68 -74.65
C MET YB 127 17.75 -4.60 -74.82
N PRO YB 128 18.44 -4.25 -73.72
CA PRO YB 128 19.46 -3.18 -73.74
C PRO YB 128 20.53 -3.34 -74.82
N THR YB 129 20.84 -2.22 -75.49
CA THR YB 129 21.85 -2.18 -76.55
C THR YB 129 23.27 -2.27 -75.98
N LYS YB 130 24.15 -2.96 -76.69
CA LYS YB 130 25.51 -3.14 -76.19
C LYS YB 130 26.51 -2.36 -77.04
N THR YB 131 27.16 -1.36 -76.44
CA THR YB 131 28.01 -0.43 -77.17
C THR YB 131 29.46 -0.90 -77.25
N MET YB 132 29.90 -1.23 -78.45
CA MET YB 132 31.27 -1.71 -78.66
C MET YB 132 32.22 -0.59 -79.09
N GLU YB 133 33.41 -0.64 -78.49
CA GLU YB 133 34.53 0.21 -78.88
C GLU YB 133 35.64 -0.66 -79.44
N VAL YB 134 35.88 -0.57 -80.74
CA VAL YB 134 36.87 -1.45 -81.38
C VAL YB 134 38.20 -0.74 -81.62
N LEU YB 135 39.27 -1.32 -81.09
CA LEU YB 135 40.62 -0.76 -81.15
C LEU YB 135 41.46 -1.50 -82.19
N GLN YB 136 41.98 -0.74 -83.15
CA GLN YB 136 42.74 -1.33 -84.24
C GLN YB 136 44.22 -0.91 -84.13
N LEU YB 137 45.12 -1.87 -84.37
CA LEU YB 137 46.56 -1.63 -84.29
C LEU YB 137 47.01 -0.67 -85.38
N GLN YB 138 47.71 0.39 -84.98
CA GLN YB 138 48.37 1.22 -85.98
C GLN YB 138 49.75 0.63 -86.24
N GLU YB 139 50.18 0.58 -87.50
CA GLU YB 139 51.48 -0.01 -87.82
C GLU YB 139 52.66 0.92 -87.55
N GLN YB 140 52.44 2.22 -87.79
CA GLN YB 140 53.45 3.26 -87.58
C GLN YB 140 53.94 3.29 -86.10
N GLY YB 141 53.09 3.77 -85.18
CA GLY YB 141 53.35 3.61 -83.75
C GLY YB 141 53.16 2.16 -83.36
N SER YB 142 54.17 1.57 -82.72
CA SER YB 142 54.16 0.11 -82.55
C SER YB 142 53.00 -0.47 -81.76
N LYS YB 143 52.86 -0.03 -80.52
CA LYS YB 143 51.77 -0.52 -79.68
C LYS YB 143 50.58 0.48 -79.65
N MET YB 144 50.68 1.53 -80.48
CA MET YB 144 49.65 2.56 -80.66
C MET YB 144 48.31 2.01 -81.16
N PHE YB 145 47.24 2.38 -80.45
CA PHE YB 145 45.87 1.96 -80.80
C PHE YB 145 45.06 3.10 -81.43
N LEU YB 146 44.15 2.72 -82.34
CA LEU YB 146 43.20 3.66 -82.94
C LEU YB 146 41.79 3.12 -82.71
N ASP YB 147 40.75 3.91 -82.96
CA ASP YB 147 39.41 3.49 -82.56
C ASP YB 147 38.24 3.71 -83.56
N ALA YB 148 37.23 2.83 -83.46
CA ALA YB 148 35.98 2.95 -84.22
C ALA YB 148 34.77 2.37 -83.44
N VAL YB 149 33.59 2.99 -83.58
CA VAL YB 149 32.45 2.66 -82.70
C VAL YB 149 31.33 1.87 -83.36
N LEU YB 150 30.75 0.94 -82.59
CA LEU YB 150 29.64 0.12 -83.05
C LEU YB 150 28.60 -0.07 -81.95
N THR YB 151 27.43 -0.58 -82.32
CA THR YB 151 26.33 -0.85 -81.39
C THR YB 151 25.59 -2.14 -81.75
N THR YB 152 25.34 -3.00 -80.77
CA THR YB 152 24.58 -4.22 -81.03
C THR YB 152 23.17 -4.09 -80.44
N HIS YB 153 22.16 -4.34 -81.28
CA HIS YB 153 20.76 -4.31 -80.85
C HIS YB 153 20.12 -5.68 -80.80
N GLU YB 154 19.19 -5.80 -79.87
CA GLU YB 154 18.61 -7.07 -79.51
C GLU YB 154 17.13 -6.92 -79.30
N ARG YB 155 16.35 -7.80 -79.95
CA ARG YB 155 14.92 -7.83 -79.75
C ARG YB 155 14.53 -9.19 -79.22
N VAL YB 156 13.35 -9.30 -78.64
CA VAL YB 156 12.93 -10.57 -78.07
C VAL YB 156 11.45 -10.82 -78.30
N VAL YB 157 11.13 -12.02 -78.77
CA VAL YB 157 9.75 -12.43 -78.96
C VAL YB 157 9.49 -13.72 -78.18
N GLN YB 158 8.49 -13.69 -77.28
CA GLN YB 158 8.23 -14.81 -76.37
C GLN YB 158 6.96 -15.58 -76.71
N ILE YB 159 7.11 -16.88 -76.96
CA ILE YB 159 5.95 -17.71 -77.27
C ILE YB 159 5.59 -18.64 -76.10
N SER YB 160 4.30 -18.70 -75.79
CA SER YB 160 3.81 -19.38 -74.59
C SER YB 160 3.48 -20.84 -74.80
N GLY YB 161 3.44 -21.28 -76.04
CA GLY YB 161 3.03 -22.64 -76.30
C GLY YB 161 3.62 -23.24 -77.55
N LEU YB 162 3.74 -24.56 -77.52
CA LEU YB 162 4.31 -25.30 -78.63
C LEU YB 162 3.95 -26.78 -78.55
N SER YB 163 4.11 -27.46 -79.68
CA SER YB 163 4.12 -28.91 -79.74
C SER YB 163 5.33 -29.32 -80.57
N ALA YB 164 5.65 -30.60 -80.58
CA ALA YB 164 6.80 -31.09 -81.32
C ALA YB 164 6.75 -30.70 -82.81
N THR YB 165 5.59 -30.95 -83.42
CA THR YB 165 5.41 -30.74 -84.85
C THR YB 165 5.50 -29.27 -85.25
N PHE YB 166 5.01 -28.38 -84.39
CA PHE YB 166 5.03 -26.94 -84.67
C PHE YB 166 6.41 -26.34 -84.46
N ALA YB 167 7.25 -26.99 -83.65
CA ALA YB 167 8.66 -26.60 -83.53
C ALA YB 167 9.41 -27.00 -84.78
N GLU YB 168 9.28 -28.28 -85.13
CA GLU YB 168 9.88 -28.80 -86.36
C GLU YB 168 9.54 -27.88 -87.52
N ILE YB 169 8.25 -27.55 -87.65
CA ILE YB 169 7.78 -26.64 -88.68
C ILE YB 169 8.37 -25.24 -88.53
N PHE YB 170 8.31 -24.71 -87.32
CA PHE YB 170 8.66 -23.33 -87.08
C PHE YB 170 10.11 -23.02 -87.45
N LEU YB 171 11.02 -23.77 -86.84
CA LEU YB 171 12.44 -23.53 -86.99
C LEU YB 171 12.84 -23.43 -88.44
N GLU YB 172 12.18 -24.24 -89.26
CA GLU YB 172 12.37 -24.21 -90.70
C GLU YB 172 12.13 -22.82 -91.28
N ILE YB 173 10.93 -22.27 -91.09
CA ILE YB 173 10.62 -20.95 -91.64
C ILE YB 173 11.53 -19.90 -91.03
N ILE YB 174 11.86 -20.09 -89.77
CA ILE YB 174 12.71 -19.14 -89.07
C ILE YB 174 14.06 -18.98 -89.75
N HIS YB 175 14.80 -20.07 -89.86
CA HIS YB 175 16.17 -19.96 -90.38
C HIS YB 175 16.17 -19.89 -91.90
N SER YB 176 15.06 -20.24 -92.51
CA SER YB 176 14.93 -20.15 -93.97
C SER YB 176 14.82 -18.69 -94.37
N ASN YB 177 14.06 -17.95 -93.58
CA ASN YB 177 13.77 -16.57 -93.89
C ASN YB 177 14.73 -15.59 -93.21
N LEU YB 178 15.73 -16.13 -92.53
CA LEU YB 178 16.77 -15.32 -91.89
C LEU YB 178 17.45 -14.35 -92.85
N PRO YB 179 17.57 -13.08 -92.45
CA PRO YB 179 18.25 -12.02 -93.20
C PRO YB 179 19.77 -12.12 -93.11
N GLU YB 180 20.46 -11.42 -94.00
CA GLU YB 180 21.91 -11.30 -93.88
C GLU YB 180 22.24 -10.40 -92.70
N GLY YB 181 23.29 -10.76 -91.96
CA GLY YB 181 23.72 -9.98 -90.81
C GLY YB 181 22.78 -10.06 -89.63
N VAL YB 182 22.14 -11.21 -89.47
CA VAL YB 182 21.17 -11.45 -88.41
C VAL YB 182 21.46 -12.75 -87.66
N LYS YB 183 21.48 -12.70 -86.34
CA LYS YB 183 21.73 -13.91 -85.56
C LYS YB 183 20.56 -14.21 -84.62
N LEU YB 184 20.31 -15.50 -84.45
CA LEU YB 184 19.06 -15.97 -83.86
C LEU YB 184 19.29 -16.84 -82.62
N SER YB 185 18.34 -16.82 -81.68
CA SER YB 185 18.46 -17.63 -80.47
C SER YB 185 17.13 -18.18 -79.92
N VAL YB 186 17.15 -19.46 -79.56
CA VAL YB 186 16.04 -20.12 -78.86
C VAL YB 186 16.46 -20.46 -77.42
N ARG YB 187 15.69 -19.98 -76.45
CA ARG YB 187 16.01 -20.18 -75.03
C ARG YB 187 14.76 -20.38 -74.16
N GLU YB 188 14.98 -20.42 -72.84
CA GLU YB 188 13.89 -20.59 -71.88
C GLU YB 188 13.71 -19.33 -71.05
N HIS YB 189 12.51 -19.16 -70.52
CA HIS YB 189 12.02 -17.87 -70.02
C HIS YB 189 12.90 -17.18 -68.96
N THR YB 190 13.71 -17.94 -68.21
CA THR YB 190 14.47 -17.34 -67.12
C THR YB 190 15.71 -16.63 -67.63
N GLU YB 191 15.72 -15.32 -67.45
CA GLU YB 191 16.83 -14.44 -67.79
C GLU YB 191 16.65 -13.23 -66.90
N GLU YB 192 17.70 -12.43 -66.74
CA GLU YB 192 17.67 -11.36 -65.76
C GLU YB 192 18.05 -10.00 -66.36
N ASP YB 193 17.15 -9.05 -66.25
CA ASP YB 193 17.39 -7.73 -66.83
C ASP YB 193 17.88 -6.77 -65.77
N GLU ZB 34 -68.84 83.16 -23.10
CA GLU ZB 34 -68.58 83.57 -24.47
C GLU ZB 34 -68.94 82.45 -25.45
N TYR ZB 35 -70.24 82.16 -25.54
CA TYR ZB 35 -70.76 81.16 -26.46
C TYR ZB 35 -71.09 81.79 -27.81
N PRO ZB 36 -70.42 81.34 -28.88
CA PRO ZB 36 -70.68 81.84 -30.23
C PRO ZB 36 -72.17 81.79 -30.62
N SER ZB 37 -72.61 82.73 -31.45
CA SER ZB 37 -74.01 82.82 -31.85
C SER ZB 37 -74.37 81.82 -32.93
N PHE ZB 38 -75.60 81.34 -32.91
CA PHE ZB 38 -76.05 80.34 -33.87
C PHE ZB 38 -77.35 80.76 -34.55
N VAL ZB 39 -77.70 80.07 -35.63
CA VAL ZB 39 -78.86 80.41 -36.44
C VAL ZB 39 -79.75 79.20 -36.70
N GLU ZB 40 -81.03 79.33 -36.36
CA GLU ZB 40 -81.95 78.21 -36.47
C GLU ZB 40 -82.89 78.30 -37.69
N SER ZB 41 -82.65 77.46 -38.71
CA SER ZB 41 -83.49 77.45 -39.92
C SER ZB 41 -83.93 76.02 -40.30
N VAL ZB 42 -85.14 75.87 -40.79
CA VAL ZB 42 -85.74 74.55 -40.99
C VAL ZB 42 -85.72 73.97 -42.42
N ASP ZB 43 -85.23 74.72 -43.39
CA ASP ZB 43 -85.43 74.37 -44.79
C ASP ZB 43 -84.37 73.40 -45.35
N GLU ZB 44 -83.29 73.23 -44.60
CA GLU ZB 44 -82.22 72.30 -44.98
C GLU ZB 44 -82.48 70.93 -44.37
N TYR ZB 45 -83.63 70.79 -43.73
CA TYR ZB 45 -83.97 69.54 -43.04
C TYR ZB 45 -84.37 68.43 -44.03
N HIS ZB 46 -84.77 68.83 -45.24
CA HIS ZB 46 -85.20 67.85 -46.23
C HIS ZB 46 -84.00 67.16 -46.89
N PHE ZB 47 -82.81 67.67 -46.60
CA PHE ZB 47 -81.57 66.97 -46.93
C PHE ZB 47 -81.34 65.84 -45.96
N VAL ZB 48 -81.54 66.15 -44.68
CA VAL ZB 48 -81.41 65.17 -43.62
C VAL ZB 48 -82.43 64.05 -43.79
N GLU ZB 49 -83.61 64.41 -44.28
CA GLU ZB 49 -84.64 63.42 -44.57
C GLU ZB 49 -84.15 62.25 -45.43
N ARG ZB 50 -83.27 62.54 -46.38
CA ARG ZB 50 -82.73 61.51 -47.27
C ARG ZB 50 -81.95 60.44 -46.52
N LEU ZB 51 -81.30 60.85 -45.43
CA LEU ZB 51 -80.29 60.01 -44.80
C LEU ZB 51 -80.88 58.92 -43.91
N LEU ZB 52 -82.19 58.98 -43.71
CA LEU ZB 52 -82.85 57.99 -42.87
C LEU ZB 52 -83.15 56.71 -43.63
N PRO ZB 53 -82.65 55.59 -43.10
CA PRO ZB 53 -82.79 54.29 -43.75
C PRO ZB 53 -84.20 53.75 -43.59
N PRO ZB 54 -84.66 52.97 -44.56
CA PRO ZB 54 -85.96 52.30 -44.43
C PRO ZB 54 -85.91 51.12 -43.45
N ALA ZB 55 -86.94 50.98 -42.63
CA ALA ZB 55 -87.07 49.85 -41.73
C ALA ZB 55 -87.97 48.76 -42.33
N SER ZB 56 -88.38 48.97 -43.58
CA SER ZB 56 -89.17 47.97 -44.30
C SER ZB 56 -88.84 48.02 -45.78
N ILE ZB 57 -88.91 46.86 -46.41
CA ILE ZB 57 -88.45 46.70 -47.79
C ILE ZB 57 -89.40 47.30 -48.81
N PRO ZB 58 -88.85 48.09 -49.74
CA PRO ZB 58 -89.61 48.60 -50.88
C PRO ZB 58 -90.30 47.49 -51.68
N ARG ZB 59 -91.59 47.65 -52.00
CA ARG ZB 59 -92.18 46.82 -53.04
C ARG ZB 59 -91.55 47.21 -54.35
N PRO ZB 60 -91.04 46.23 -55.10
CA PRO ZB 60 -90.22 46.50 -56.28
C PRO ZB 60 -91.02 47.15 -57.40
N PRO ZB 61 -90.45 48.19 -58.04
CA PRO ZB 61 -91.11 48.98 -59.09
C PRO ZB 61 -91.65 48.15 -60.23
N LYS ZB 62 -92.91 48.37 -60.55
CA LYS ZB 62 -93.50 47.72 -61.71
C LYS ZB 62 -92.86 48.31 -62.96
N HIS ZB 63 -92.41 47.44 -63.86
CA HIS ZB 63 -91.76 47.87 -65.11
C HIS ZB 63 -92.66 47.57 -66.30
N GLU ZB 64 -92.22 47.96 -67.50
CA GLU ZB 64 -92.95 47.64 -68.72
C GLU ZB 64 -92.49 46.34 -69.33
N HIS ZB 65 -91.36 45.85 -68.85
CA HIS ZB 65 -90.67 44.79 -69.53
C HIS ZB 65 -90.18 43.70 -68.58
N TYR ZB 66 -90.68 42.48 -68.73
CA TYR ZB 66 -90.19 41.39 -67.91
C TYR ZB 66 -89.73 40.20 -68.74
N PRO ZB 67 -88.60 39.59 -68.34
CA PRO ZB 67 -87.77 39.95 -67.18
C PRO ZB 67 -86.90 41.21 -67.29
N THR ZB 68 -86.48 41.67 -66.11
CA THR ZB 68 -85.63 42.84 -65.94
C THR ZB 68 -84.19 42.52 -66.29
N PRO ZB 69 -83.33 43.55 -66.39
CA PRO ZB 69 -81.89 43.38 -66.63
C PRO ZB 69 -81.17 42.40 -65.71
N SER ZB 70 -81.47 42.42 -64.41
CA SER ZB 70 -80.82 41.51 -63.48
C SER ZB 70 -81.54 40.15 -63.45
N GLY ZB 71 -82.65 40.04 -64.18
CA GLY ZB 71 -83.32 38.75 -64.36
C GLY ZB 71 -84.51 38.50 -63.46
N TRP ZB 72 -85.01 39.55 -62.82
CA TRP ZB 72 -86.11 39.41 -61.86
C TRP ZB 72 -87.48 39.33 -62.53
N GLN ZB 73 -88.19 38.23 -62.27
CA GLN ZB 73 -89.53 38.02 -62.79
C GLN ZB 73 -90.58 37.98 -61.67
N PRO ZB 74 -91.59 38.86 -61.74
CA PRO ZB 74 -92.66 38.81 -60.73
C PRO ZB 74 -93.51 37.57 -60.84
N PRO ZB 75 -94.08 37.11 -59.72
CA PRO ZB 75 -95.03 35.99 -59.73
C PRO ZB 75 -96.30 36.45 -60.43
N ARG ZB 76 -97.18 35.55 -60.86
CA ARG ZB 76 -98.28 35.98 -61.71
C ARG ZB 76 -99.35 36.79 -60.95
N ASP ZB 77 -100.32 37.29 -61.71
CA ASP ZB 77 -101.50 37.92 -61.12
C ASP ZB 77 -102.37 36.84 -60.46
N PRO ZB 78 -102.71 35.76 -61.20
CA PRO ZB 78 -103.27 34.66 -60.42
C PRO ZB 78 -102.17 33.73 -59.93
N ALA ZB 79 -102.53 32.76 -59.10
CA ALA ZB 79 -101.57 31.75 -58.72
C ALA ZB 79 -102.08 30.47 -59.30
N PRO ZB 80 -101.17 29.55 -59.57
CA PRO ZB 80 -101.61 28.27 -60.15
C PRO ZB 80 -102.57 27.49 -59.24
N SER ZB 81 -103.11 26.39 -59.76
CA SER ZB 81 -104.05 25.53 -59.03
C SER ZB 81 -103.37 24.31 -58.42
N LEU ZB 82 -102.06 24.21 -58.62
CA LEU ZB 82 -101.28 23.13 -58.05
C LEU ZB 82 -101.49 23.13 -56.55
N PRO ZB 83 -101.70 21.94 -55.96
CA PRO ZB 83 -102.11 22.00 -54.55
C PRO ZB 83 -100.97 22.33 -53.58
N TYR ZB 84 -100.14 23.30 -53.94
CA TYR ZB 84 -99.07 23.82 -53.09
C TYR ZB 84 -98.57 25.17 -53.59
N PHE ZB 85 -97.92 25.90 -52.70
CA PHE ZB 85 -97.46 27.23 -53.07
C PHE ZB 85 -96.12 27.60 -52.45
N VAL ZB 86 -95.44 28.52 -53.11
CA VAL ZB 86 -94.13 28.94 -52.65
C VAL ZB 86 -94.13 30.43 -52.40
N ARG ZB 87 -94.05 30.82 -51.12
CA ARG ZB 87 -93.89 32.21 -50.79
C ARG ZB 87 -92.55 32.69 -51.30
N ARG ZB 88 -92.53 33.82 -51.99
CA ARG ZB 88 -91.27 34.45 -52.34
C ARG ZB 88 -90.60 34.95 -51.08
N SER ZB 89 -89.30 35.18 -51.19
CA SER ZB 89 -88.50 35.66 -50.07
C SER ZB 89 -88.96 37.04 -49.69
N ARG ZB 90 -88.54 37.49 -48.52
CA ARG ZB 90 -88.79 38.88 -48.16
C ARG ZB 90 -88.11 39.80 -49.19
N MET ZB 91 -87.25 39.24 -50.03
CA MET ZB 91 -86.71 39.94 -51.18
C MET ZB 91 -87.39 39.68 -52.51
N HIS ZB 92 -88.47 38.91 -52.47
CA HIS ZB 92 -89.21 38.48 -53.67
C HIS ZB 92 -88.35 37.64 -54.61
N ASN ZB 93 -87.52 36.80 -54.01
CA ASN ZB 93 -86.69 35.87 -54.75
C ASN ZB 93 -87.22 34.50 -54.47
N ILE ZB 94 -86.94 33.56 -55.36
CA ILE ZB 94 -87.43 32.22 -55.16
C ILE ZB 94 -86.58 31.47 -54.15
N PRO ZB 95 -87.23 30.95 -53.10
CA PRO ZB 95 -86.60 30.35 -51.91
C PRO ZB 95 -86.02 28.98 -52.17
N VAL ZB 96 -85.08 28.95 -53.10
CA VAL ZB 96 -84.30 27.76 -53.38
C VAL ZB 96 -82.84 28.09 -53.11
N TYR ZB 97 -82.23 27.35 -52.21
CA TYR ZB 97 -80.87 27.64 -51.81
C TYR ZB 97 -80.02 26.40 -51.96
N ARG ZB 98 -78.71 26.56 -51.90
CA ARG ZB 98 -77.82 25.42 -51.87
C ARG ZB 98 -77.15 25.35 -50.50
N ASP ZB 99 -76.90 24.14 -49.98
CA ASP ZB 99 -76.21 24.00 -48.70
C ASP ZB 99 -75.39 22.72 -48.62
N ILE ZB 100 -74.28 22.78 -47.90
CA ILE ZB 100 -73.41 21.61 -47.75
C ILE ZB 100 -73.32 21.15 -46.30
N THR ZB 101 -72.97 19.88 -46.12
CA THR ZB 101 -72.63 19.38 -44.79
C THR ZB 101 -71.31 18.60 -44.90
N HIS ZB 102 -70.48 18.68 -43.87
CA HIS ZB 102 -69.18 18.00 -43.79
C HIS ZB 102 -68.26 18.34 -44.95
N GLY ZB 103 -68.58 19.41 -45.66
CA GLY ZB 103 -67.79 19.88 -46.80
C GLY ZB 103 -68.01 19.09 -48.08
N ASN ZB 104 -68.40 17.82 -47.97
CA ASN ZB 104 -68.65 17.00 -49.16
C ASN ZB 104 -70.08 16.61 -49.51
N ARG ZB 105 -71.05 16.97 -48.67
CA ARG ZB 105 -72.42 16.55 -48.94
C ARG ZB 105 -73.23 17.69 -49.50
N GLN ZB 106 -73.58 17.58 -50.77
CA GLN ZB 106 -74.21 18.70 -51.46
C GLN ZB 106 -75.71 18.58 -51.42
N MET ZB 107 -76.37 19.70 -51.15
CA MET ZB 107 -77.81 19.70 -50.96
C MET ZB 107 -78.48 20.93 -51.51
N THR ZB 108 -79.79 20.81 -51.74
CA THR ZB 108 -80.60 21.89 -52.28
C THR ZB 108 -81.92 21.98 -51.55
N VAL ZB 109 -82.20 23.17 -51.03
CA VAL ZB 109 -83.32 23.38 -50.14
C VAL ZB 109 -84.36 24.30 -50.71
N ILE ZB 110 -85.57 23.77 -50.86
CA ILE ZB 110 -86.73 24.56 -51.27
C ILE ZB 110 -87.52 24.98 -50.04
N ARG ZB 111 -87.87 26.25 -49.92
CA ARG ZB 111 -88.41 26.76 -48.66
C ARG ZB 111 -89.78 27.37 -48.78
N LYS ZB 112 -90.41 27.60 -47.64
CA LYS ZB 112 -91.66 28.36 -47.54
C LYS ZB 112 -92.74 27.78 -48.44
N VAL ZB 113 -93.13 26.55 -48.18
CA VAL ZB 113 -94.05 25.92 -49.09
C VAL ZB 113 -95.35 25.55 -48.40
N GLU ZB 114 -96.44 26.14 -48.89
CA GLU ZB 114 -97.74 25.96 -48.26
C GLU ZB 114 -98.68 25.14 -49.10
N GLY ZB 115 -98.93 23.91 -48.66
CA GLY ZB 115 -99.81 23.01 -49.38
C GLY ZB 115 -99.36 21.59 -49.13
N ASP ZB 116 -99.76 20.69 -50.02
CA ASP ZB 116 -99.22 19.35 -49.95
C ASP ZB 116 -97.83 19.38 -50.55
N ILE ZB 117 -96.81 19.13 -49.75
CA ILE ZB 117 -95.49 19.14 -50.31
C ILE ZB 117 -95.26 17.87 -51.04
N TRP ZB 118 -95.95 16.81 -50.63
CA TRP ZB 118 -95.78 15.51 -51.27
C TRP ZB 118 -95.95 15.63 -52.77
N ALA ZB 119 -96.93 16.43 -53.16
CA ALA ZB 119 -97.16 16.69 -54.56
C ALA ZB 119 -95.95 17.36 -55.16
N LEU ZB 120 -95.49 18.42 -54.49
CA LEU ZB 120 -94.29 19.12 -54.90
C LEU ZB 120 -93.12 18.17 -55.05
N GLN ZB 121 -93.06 17.17 -54.19
CA GLN ZB 121 -92.00 16.18 -54.23
C GLN ZB 121 -92.13 15.37 -55.50
N LYS ZB 122 -93.35 14.93 -55.77
CA LYS ZB 122 -93.63 14.19 -56.99
C LYS ZB 122 -93.10 14.98 -58.18
N ASP ZB 123 -93.59 16.20 -58.30
CA ASP ZB 123 -93.31 17.01 -59.47
C ASP ZB 123 -91.82 17.35 -59.59
N VAL ZB 124 -91.15 17.61 -58.48
CA VAL ZB 124 -89.74 17.97 -58.51
C VAL ZB 124 -88.87 16.80 -58.93
N GLU ZB 125 -89.10 15.66 -58.30
CA GLU ZB 125 -88.29 14.49 -58.60
C GLU ZB 125 -88.58 14.03 -60.02
N ASP ZB 126 -89.79 14.29 -60.50
CA ASP ZB 126 -90.16 13.89 -61.85
C ASP ZB 126 -89.63 14.87 -62.88
N PHE ZB 127 -89.31 16.07 -62.42
CA PHE ZB 127 -88.65 17.03 -63.28
C PHE ZB 127 -87.17 16.72 -63.38
N LEU ZB 128 -86.59 16.27 -62.27
CA LEU ZB 128 -85.15 16.05 -62.20
C LEU ZB 128 -84.70 14.72 -62.78
N SER ZB 129 -85.56 13.70 -62.67
CA SER ZB 129 -85.26 12.35 -63.14
C SER ZB 129 -84.73 12.22 -64.59
N PRO ZB 130 -85.23 13.04 -65.54
CA PRO ZB 130 -84.62 12.95 -66.87
C PRO ZB 130 -83.20 13.47 -66.86
N LEU ZB 131 -82.92 14.39 -65.94
CA LEU ZB 131 -81.60 14.98 -65.87
C LEU ZB 131 -80.57 13.98 -65.32
N LEU ZB 132 -80.92 13.23 -64.26
CA LEU ZB 132 -80.00 12.27 -63.64
C LEU ZB 132 -80.21 10.79 -64.00
N GLY ZB 133 -81.26 10.48 -64.75
CA GLY ZB 133 -81.55 9.12 -65.16
C GLY ZB 133 -82.20 8.30 -64.06
N LYS ZB 134 -82.18 8.86 -62.86
CA LYS ZB 134 -82.68 8.20 -61.67
C LYS ZB 134 -83.27 9.25 -60.76
N THR ZB 135 -84.28 8.87 -59.97
CA THR ZB 135 -84.86 9.78 -59.00
C THR ZB 135 -83.79 10.28 -58.04
N PRO ZB 136 -83.75 11.61 -57.82
CA PRO ZB 136 -82.83 12.20 -56.84
C PRO ZB 136 -83.35 11.99 -55.43
N VAL ZB 137 -82.45 11.93 -54.47
CA VAL ZB 137 -82.85 11.61 -53.12
C VAL ZB 137 -83.54 12.81 -52.51
N THR ZB 138 -84.55 12.52 -51.70
CA THR ZB 138 -85.43 13.56 -51.21
C THR ZB 138 -85.70 13.43 -49.73
N GLN ZB 139 -85.70 14.55 -49.04
CA GLN ZB 139 -86.23 14.59 -47.70
C GLN ZB 139 -87.26 15.69 -47.57
N VAL ZB 140 -88.47 15.26 -47.23
CA VAL ZB 140 -89.62 16.13 -47.07
C VAL ZB 140 -89.79 16.49 -45.61
N ASN ZB 141 -89.85 17.78 -45.30
CA ASN ZB 141 -90.24 18.12 -43.95
C ASN ZB 141 -91.55 18.87 -43.93
N GLU ZB 142 -92.54 18.16 -43.42
CA GLU ZB 142 -93.94 18.54 -43.48
C GLU ZB 142 -94.24 19.63 -42.49
N VAL ZB 143 -93.59 19.56 -41.33
CA VAL ZB 143 -93.83 20.56 -40.31
C VAL ZB 143 -93.05 21.83 -40.65
N THR ZB 144 -91.91 21.67 -41.30
CA THR ZB 144 -91.07 22.81 -41.60
C THR ZB 144 -91.65 23.52 -42.80
N GLY ZB 145 -92.33 22.76 -43.64
CA GLY ZB 145 -92.83 23.29 -44.90
C GLY ZB 145 -91.66 23.45 -45.85
N THR ZB 146 -90.79 22.45 -45.86
CA THR ZB 146 -89.49 22.56 -46.52
C THR ZB 146 -89.12 21.27 -47.29
N LEU ZB 147 -88.43 21.42 -48.41
CA LEU ZB 147 -88.00 20.27 -49.19
C LEU ZB 147 -86.48 20.25 -49.32
N ARG ZB 148 -85.91 19.06 -49.36
CA ARG ZB 148 -84.47 18.93 -49.41
C ARG ZB 148 -84.04 17.88 -50.43
N VAL ZB 149 -83.03 18.18 -51.23
CA VAL ZB 149 -82.63 17.28 -52.32
C VAL ZB 149 -81.12 17.18 -52.57
N LYS ZB 150 -80.63 15.95 -52.75
CA LYS ZB 150 -79.20 15.66 -52.89
C LYS ZB 150 -78.60 16.20 -54.19
N GLY ZB 151 -77.55 17.01 -54.08
CA GLY ZB 151 -76.87 17.59 -55.25
C GLY ZB 151 -77.19 19.06 -55.43
N TYR ZB 152 -76.53 19.73 -56.37
CA TYR ZB 152 -76.87 21.14 -56.62
C TYR ZB 152 -77.77 21.34 -57.82
N PHE ZB 153 -79.04 21.57 -57.55
CA PHE ZB 153 -80.02 21.86 -58.58
C PHE ZB 153 -80.50 23.28 -58.58
N ASP ZB 154 -79.79 24.10 -57.82
CA ASP ZB 154 -80.18 25.46 -57.56
C ASP ZB 154 -80.65 26.19 -58.83
N GLN ZB 155 -79.80 26.19 -59.86
CA GLN ZB 155 -80.06 26.94 -61.07
C GLN ZB 155 -81.32 26.47 -61.79
N GLN ZB 156 -81.48 25.15 -61.81
CA GLN ZB 156 -82.52 24.51 -62.59
C GLN ZB 156 -83.85 24.58 -61.87
N LEU ZB 157 -83.77 24.55 -60.55
CA LEU ZB 157 -84.98 24.69 -59.74
C LEU ZB 157 -85.48 26.12 -59.73
N LYS ZB 158 -84.55 27.08 -59.76
CA LYS ZB 158 -84.92 28.48 -59.94
C LYS ZB 158 -85.81 28.64 -61.17
N ALA ZB 159 -85.30 28.18 -62.30
CA ALA ZB 159 -86.05 28.20 -63.54
C ALA ZB 159 -87.38 27.49 -63.39
N TRP ZB 160 -87.34 26.27 -62.85
CA TRP ZB 160 -88.54 25.46 -62.80
C TRP ZB 160 -89.63 26.02 -61.88
N LEU ZB 161 -89.24 26.90 -60.98
CA LEU ZB 161 -90.24 27.62 -60.19
C LEU ZB 161 -90.59 28.98 -60.82
N LEU ZB 162 -89.84 29.38 -61.83
CA LEU ZB 162 -90.28 30.50 -62.67
C LEU ZB 162 -91.29 30.02 -63.72
N GLU ZB 163 -91.20 28.75 -64.06
CA GLU ZB 163 -92.14 28.12 -64.98
C GLU ZB 163 -93.55 28.19 -64.47
N LYS ZB 164 -93.74 27.60 -63.30
CA LYS ZB 164 -95.04 27.48 -62.70
C LYS ZB 164 -95.48 28.81 -62.10
N GLY ZB 165 -94.57 29.78 -62.07
CA GLY ZB 165 -94.89 31.12 -61.62
C GLY ZB 165 -95.28 31.22 -60.16
N PHE ZB 166 -94.37 30.77 -59.29
CA PHE ZB 166 -94.57 30.84 -57.85
C PHE ZB 166 -93.92 32.08 -57.24
N LEU AC 51 -130.47 41.33 -12.84
CA LEU AC 51 -129.34 40.52 -13.28
C LEU AC 51 -129.55 39.03 -13.01
N VAL AC 52 -129.58 38.25 -14.08
CA VAL AC 52 -129.78 36.80 -13.96
C VAL AC 52 -128.79 36.02 -14.82
N CYS AC 53 -128.60 34.74 -14.47
CA CYS AC 53 -127.81 33.83 -15.27
C CYS AC 53 -128.68 32.74 -15.90
N PRO AC 54 -128.72 32.70 -17.24
CA PRO AC 54 -129.45 31.66 -17.99
C PRO AC 54 -128.81 30.27 -17.84
N PRO AC 55 -129.63 29.25 -17.56
CA PRO AC 55 -129.20 27.85 -17.45
C PRO AC 55 -128.63 27.30 -18.76
N ILE AC 56 -127.57 26.51 -18.67
CA ILE AC 56 -126.78 26.15 -19.87
C ILE AC 56 -127.53 25.22 -20.83
N GLN AC 57 -127.17 25.34 -22.10
CA GLN AC 57 -127.55 24.39 -23.14
C GLN AC 57 -126.64 23.16 -23.11
N SER AC 58 -127.11 22.02 -23.60
CA SER AC 58 -126.32 20.77 -23.62
C SER AC 58 -125.54 20.53 -24.92
N ARG AC 59 -125.78 21.37 -25.93
CA ARG AC 59 -125.05 21.34 -27.21
C ARG AC 59 -125.25 20.06 -27.99
N THR AC 60 -125.82 19.05 -27.33
CA THR AC 60 -126.08 17.77 -27.95
C THR AC 60 -127.02 18.04 -29.11
N TYR AC 61 -126.65 17.59 -30.30
CA TYR AC 61 -127.34 18.05 -31.49
C TYR AC 61 -127.84 16.91 -32.36
N ILE AC 62 -129.11 17.00 -32.71
CA ILE AC 62 -129.63 16.23 -33.82
C ILE AC 62 -130.29 17.22 -34.77
N PRO AC 63 -130.06 17.08 -36.08
CA PRO AC 63 -130.73 17.93 -37.08
C PRO AC 63 -132.22 17.60 -37.27
N PRO AC 64 -133.10 18.63 -37.29
CA PRO AC 64 -134.51 18.38 -37.59
C PRO AC 64 -134.74 18.05 -39.07
N GLU AC 65 -135.87 17.46 -39.41
CA GLU AC 65 -136.12 17.00 -40.78
C GLU AC 65 -136.52 18.15 -41.72
N ASP AC 66 -136.76 19.31 -41.12
CA ASP AC 66 -137.22 20.50 -41.85
C ASP AC 66 -136.07 21.41 -42.32
N LEU AC 67 -134.85 20.93 -42.17
CA LEU AC 67 -133.63 21.69 -42.41
C LEU AC 67 -133.65 22.55 -43.67
N GLN AC 68 -133.72 21.87 -44.81
CA GLN AC 68 -133.70 22.52 -46.11
C GLN AC 68 -134.65 23.71 -46.20
N SER AC 69 -135.86 23.51 -45.69
CA SER AC 69 -136.89 24.55 -45.74
C SER AC 69 -136.55 25.73 -44.85
N ARG AC 70 -136.10 25.46 -43.62
CA ARG AC 70 -135.63 26.50 -42.72
C ARG AC 70 -134.55 27.34 -43.41
N LEU AC 71 -133.46 26.67 -43.75
CA LEU AC 71 -132.32 27.31 -44.42
C LEU AC 71 -132.67 28.11 -45.67
N GLU AC 72 -133.52 27.58 -46.54
CA GLU AC 72 -133.88 28.30 -47.76
C GLU AC 72 -134.74 29.52 -47.42
N SER AC 73 -135.59 29.37 -46.40
CA SER AC 73 -136.37 30.47 -45.88
C SER AC 73 -135.42 31.56 -45.42
N HIS AC 74 -134.31 31.13 -44.81
CA HIS AC 74 -133.30 32.05 -44.33
C HIS AC 74 -132.47 32.62 -45.47
N VAL AC 75 -132.41 31.92 -46.60
CA VAL AC 75 -131.75 32.45 -47.78
C VAL AC 75 -132.55 33.64 -48.28
N LYS AC 76 -133.84 33.39 -48.50
CA LYS AC 76 -134.73 34.39 -49.05
C LYS AC 76 -134.88 35.57 -48.10
N GLU AC 77 -134.90 35.32 -46.80
CA GLU AC 77 -135.09 36.40 -45.84
C GLU AC 77 -133.80 37.18 -45.53
N VAL AC 78 -132.67 36.49 -45.45
CA VAL AC 78 -131.40 37.15 -45.12
C VAL AC 78 -130.84 37.92 -46.30
N PHE AC 79 -130.77 37.24 -47.45
CA PHE AC 79 -130.29 37.91 -48.64
C PHE AC 79 -131.33 38.89 -49.13
N GLY AC 80 -132.59 38.64 -48.76
CA GLY AC 80 -133.71 39.43 -49.24
C GLY AC 80 -133.97 39.11 -50.70
N SER AC 81 -133.38 38.00 -51.16
CA SER AC 81 -133.35 37.67 -52.57
C SER AC 81 -134.44 36.69 -52.95
N SER AC 82 -135.04 36.93 -54.11
CA SER AC 82 -135.74 35.88 -54.80
C SER AC 82 -134.64 34.92 -55.26
N VAL AC 83 -134.79 33.64 -54.92
CA VAL AC 83 -133.72 32.66 -55.05
C VAL AC 83 -133.27 32.45 -56.50
N PRO AC 84 -131.99 32.77 -56.81
CA PRO AC 84 -131.45 32.31 -58.09
C PRO AC 84 -131.44 30.79 -58.07
N SER AC 85 -131.69 30.15 -59.21
CA SER AC 85 -132.21 28.78 -59.26
C SER AC 85 -131.53 27.80 -58.32
N ASN AC 86 -130.24 28.02 -58.07
CA ASN AC 86 -129.50 27.24 -57.09
C ASN AC 86 -129.38 28.01 -55.79
N TRP AC 87 -130.13 27.56 -54.78
CA TRP AC 87 -130.21 28.27 -53.52
C TRP AC 87 -129.06 27.92 -52.58
N GLN AC 88 -128.47 26.74 -52.76
CA GLN AC 88 -127.44 26.26 -51.85
C GLN AC 88 -126.01 26.56 -52.31
N ASP AC 89 -125.87 27.02 -53.55
CA ASP AC 89 -124.55 27.29 -54.11
C ASP AC 89 -124.15 28.75 -54.07
N ILE AC 90 -125.02 29.60 -53.53
CA ILE AC 90 -124.74 31.04 -53.47
C ILE AC 90 -123.71 31.36 -52.37
N SER AC 91 -122.77 32.24 -52.70
CA SER AC 91 -121.59 32.48 -51.85
C SER AC 91 -121.83 33.37 -50.63
N LEU AC 92 -121.17 33.02 -49.53
CA LEU AC 92 -121.34 33.70 -48.23
C LEU AC 92 -120.35 34.84 -47.97
N GLU AC 93 -119.55 35.17 -48.98
CA GLU AC 93 -118.41 36.07 -48.80
C GLU AC 93 -118.69 37.43 -48.15
N ASP AC 94 -119.86 38.01 -48.42
CA ASP AC 94 -120.22 39.30 -47.84
C ASP AC 94 -120.39 39.21 -46.33
N VAL AC 95 -119.77 40.12 -45.61
CA VAL AC 95 -119.72 40.06 -44.16
C VAL AC 95 -121.11 40.21 -43.52
N HIS AC 96 -121.87 41.21 -43.96
CA HIS AC 96 -123.21 41.44 -43.42
C HIS AC 96 -124.06 40.21 -43.54
N LEU AC 97 -124.20 39.79 -44.79
CA LEU AC 97 -125.05 38.69 -45.16
C LEU AC 97 -124.65 37.43 -44.41
N LYS AC 98 -123.34 37.20 -44.31
CA LYS AC 98 -122.85 36.06 -43.57
C LYS AC 98 -123.28 36.12 -42.11
N PHE AC 99 -123.13 37.29 -41.50
CA PHE AC 99 -123.47 37.43 -40.09
C PHE AC 99 -124.94 37.20 -39.84
N SER AC 100 -125.77 37.89 -40.60
CA SER AC 100 -127.22 37.75 -40.48
C SER AC 100 -127.61 36.29 -40.62
N PHE AC 101 -127.05 35.66 -41.64
CA PHE AC 101 -127.33 34.27 -41.96
C PHE AC 101 -127.01 33.33 -40.80
N LEU AC 102 -125.78 33.37 -40.33
CA LEU AC 102 -125.34 32.43 -39.30
C LEU AC 102 -125.91 32.78 -37.94
N ALA AC 103 -126.39 34.00 -37.78
CA ALA AC 103 -127.03 34.44 -36.54
C ALA AC 103 -128.44 33.86 -36.45
N ARG AC 104 -129.27 34.20 -37.44
CA ARG AC 104 -130.61 33.60 -37.49
C ARG AC 104 -130.55 32.08 -37.48
N LEU AC 105 -129.57 31.52 -38.19
CA LEU AC 105 -129.34 30.08 -38.15
C LEU AC 105 -128.89 29.63 -36.76
N ALA AC 106 -128.25 30.53 -36.03
CA ALA AC 106 -127.78 30.22 -34.69
C ALA AC 106 -128.94 30.08 -33.71
N ASN AC 107 -129.88 31.01 -33.80
CA ASN AC 107 -131.02 31.00 -32.87
C ASN AC 107 -132.07 29.95 -33.24
N ASP AC 108 -132.36 29.81 -34.54
CA ASP AC 108 -133.40 28.89 -35.00
C ASP AC 108 -133.05 27.44 -34.67
N LEU AC 109 -131.81 27.05 -34.97
CA LEU AC 109 -131.38 25.68 -34.77
C LEU AC 109 -130.81 25.47 -33.37
N ARG AC 110 -130.75 26.57 -32.61
CA ARG AC 110 -130.29 26.54 -31.22
C ARG AC 110 -128.80 26.15 -31.15
N HIS AC 111 -128.08 26.48 -32.21
CA HIS AC 111 -126.76 25.92 -32.43
C HIS AC 111 -125.86 26.90 -33.18
N ALA AC 112 -124.59 26.96 -32.80
CA ALA AC 112 -123.66 27.94 -33.39
C ALA AC 112 -122.48 27.28 -34.07
N VAL AC 113 -121.80 28.04 -34.93
CA VAL AC 113 -120.62 27.53 -35.62
C VAL AC 113 -119.35 27.89 -34.84
N PRO AC 114 -118.51 26.88 -34.54
CA PRO AC 114 -117.20 27.10 -33.91
C PRO AC 114 -116.32 28.08 -34.70
N ASN AC 115 -115.49 28.83 -33.99
CA ASN AC 115 -114.75 29.96 -34.56
C ASN AC 115 -113.75 29.62 -35.65
N SER AC 116 -113.15 28.44 -35.59
CA SER AC 116 -112.26 28.00 -36.65
C SER AC 116 -113.05 27.83 -37.92
N ARG AC 117 -114.12 27.05 -37.81
CA ARG AC 117 -114.99 26.68 -38.93
C ARG AC 117 -115.51 27.89 -39.72
N LEU AC 118 -115.51 29.07 -39.10
CA LEU AC 118 -116.02 30.28 -39.73
C LEU AC 118 -115.13 30.85 -40.83
N HIS AC 119 -113.92 30.33 -40.98
CA HIS AC 119 -113.13 30.66 -42.17
C HIS AC 119 -113.54 29.72 -43.31
N GLN AC 120 -114.23 28.63 -42.95
CA GLN AC 120 -114.48 27.51 -43.85
C GLN AC 120 -115.85 27.52 -44.54
N MET AC 121 -116.68 28.51 -44.22
CA MET AC 121 -118.02 28.62 -44.81
C MET AC 121 -118.03 29.66 -45.92
N CYS AC 122 -118.29 29.21 -47.15
CA CYS AC 122 -118.31 30.09 -48.33
C CYS AC 122 -119.59 29.94 -49.14
N ARG AC 123 -119.88 28.73 -49.62
CA ARG AC 123 -121.18 28.45 -50.19
C ARG AC 123 -122.19 28.29 -49.05
N VAL AC 124 -123.47 28.15 -49.40
CA VAL AC 124 -124.48 27.82 -48.41
C VAL AC 124 -124.48 26.29 -48.20
N ARG AC 125 -123.95 25.59 -49.20
CA ARG AC 125 -123.85 24.14 -49.18
C ARG AC 125 -122.97 23.66 -48.02
N ASP AC 126 -121.93 24.45 -47.73
CA ASP AC 126 -121.02 24.16 -46.62
C ASP AC 126 -121.75 24.20 -45.28
N VAL AC 127 -122.53 25.26 -45.09
CA VAL AC 127 -123.35 25.41 -43.90
C VAL AC 127 -124.35 24.28 -43.79
N LEU AC 128 -124.89 23.89 -44.94
CA LEU AC 128 -125.80 22.76 -45.02
C LEU AC 128 -125.18 21.49 -44.46
N ASP AC 129 -124.09 21.06 -45.08
CA ASP AC 129 -123.41 19.83 -44.69
C ASP AC 129 -122.91 19.91 -43.25
N PHE AC 130 -122.58 21.13 -42.83
CA PHE AC 130 -122.18 21.39 -41.45
C PHE AC 130 -123.30 21.03 -40.49
N TYR AC 131 -124.47 21.62 -40.70
CA TYR AC 131 -125.57 21.36 -39.79
C TYR AC 131 -126.13 19.96 -39.93
N ASN AC 132 -125.85 19.32 -41.07
CA ASN AC 132 -126.30 17.94 -41.28
C ASN AC 132 -125.68 16.98 -40.27
N VAL AC 133 -124.54 17.37 -39.72
CA VAL AC 133 -123.77 16.49 -38.85
C VAL AC 133 -124.18 16.61 -37.39
N PRO AC 134 -124.52 15.47 -36.76
CA PRO AC 134 -124.85 15.48 -35.34
C PRO AC 134 -123.61 15.64 -34.48
N VAL AC 135 -123.79 16.02 -33.23
CA VAL AC 135 -122.69 16.01 -32.29
C VAL AC 135 -123.16 15.60 -30.90
N GLN AC 136 -122.39 14.72 -30.27
CA GLN AC 136 -122.72 14.20 -28.94
C GLN AC 136 -121.78 14.78 -27.90
N ASP AC 137 -122.37 15.41 -26.89
CA ASP AC 137 -121.59 16.03 -25.83
C ASP AC 137 -121.29 15.01 -24.71
N ARG AC 138 -121.98 13.87 -24.77
CA ARG AC 138 -121.73 12.77 -23.84
C ARG AC 138 -120.29 12.31 -23.98
N SER AC 139 -119.70 11.88 -22.87
CA SER AC 139 -118.32 11.38 -22.86
C SER AC 139 -118.20 9.98 -23.47
N LYS AC 140 -116.97 9.48 -23.57
CA LYS AC 140 -116.74 8.11 -24.00
C LYS AC 140 -117.28 7.18 -22.94
N PHE AC 141 -117.17 7.64 -21.70
CA PHE AC 141 -117.66 6.90 -20.56
C PHE AC 141 -119.20 6.80 -20.56
N ASP AC 142 -119.87 7.95 -20.63
CA ASP AC 142 -121.34 7.99 -20.62
C ASP AC 142 -121.92 7.13 -21.75
N GLU AC 143 -121.19 7.09 -22.85
CA GLU AC 143 -121.52 6.30 -24.04
C GLU AC 143 -121.29 4.82 -23.78
N LEU AC 144 -120.23 4.53 -23.04
CA LEU AC 144 -119.94 3.17 -22.61
C LEU AC 144 -121.07 2.63 -21.73
N ILE AC 145 -121.63 3.48 -20.88
CA ILE AC 145 -122.74 3.05 -20.03
C ILE AC 145 -123.98 2.72 -20.85
N ALA AC 146 -124.23 3.53 -21.87
CA ALA AC 146 -125.46 3.44 -22.65
C ALA AC 146 -125.34 2.48 -23.86
N SER AC 147 -124.19 1.82 -23.96
CA SER AC 147 -123.83 1.03 -25.15
C SER AC 147 -124.31 -0.43 -25.10
N ASN AC 148 -125.16 -0.76 -24.12
CA ASN AC 148 -125.60 -2.13 -23.89
C ASN AC 148 -124.44 -3.07 -23.50
N LEU AC 149 -123.97 -2.91 -22.27
CA LEU AC 149 -122.85 -3.69 -21.71
C LEU AC 149 -123.20 -5.12 -21.33
N PRO AC 150 -122.29 -6.05 -21.62
CA PRO AC 150 -122.47 -7.45 -21.24
C PRO AC 150 -122.56 -7.53 -19.73
N HIS AC 151 -123.21 -8.56 -19.23
CA HIS AC 151 -123.45 -8.65 -17.80
C HIS AC 151 -122.17 -8.83 -17.00
N ASN AC 152 -121.11 -9.31 -17.63
CA ASN AC 152 -119.90 -9.65 -16.90
C ASN AC 152 -118.97 -8.44 -16.77
N LEU AC 153 -119.47 -7.31 -17.24
CA LEU AC 153 -118.75 -6.06 -17.09
C LEU AC 153 -119.53 -5.10 -16.22
N LYS AC 154 -118.91 -4.64 -15.14
CA LYS AC 154 -119.53 -3.67 -14.26
C LYS AC 154 -118.64 -2.45 -14.13
N ILE AC 155 -119.10 -1.31 -14.63
CA ILE AC 155 -118.32 -0.09 -14.43
C ILE AC 155 -118.91 0.76 -13.32
N THR AC 156 -118.08 1.09 -12.34
CA THR AC 156 -118.42 2.06 -11.30
C THR AC 156 -117.63 3.34 -11.57
N TRP AC 157 -118.25 4.48 -11.31
CA TRP AC 157 -117.61 5.78 -11.49
C TRP AC 157 -117.29 6.41 -10.13
N GLY AC 158 -116.01 6.45 -9.77
CA GLY AC 158 -115.59 6.75 -8.40
C GLY AC 158 -115.37 8.22 -8.10
N TYR AC 159 -115.66 9.07 -9.09
CA TYR AC 159 -115.60 10.51 -8.92
C TYR AC 159 -116.93 11.06 -8.38
N PHE BC 32 -79.19 4.41 5.76
CA PHE BC 32 -80.23 4.44 4.73
C PHE BC 32 -81.63 4.51 5.35
N HIS BC 33 -81.64 4.60 6.67
CA HIS BC 33 -82.87 4.72 7.43
C HIS BC 33 -83.68 5.89 6.89
N VAL BC 34 -84.93 5.61 6.55
CA VAL BC 34 -85.75 6.54 5.79
C VAL BC 34 -86.90 7.04 6.66
N ARG BC 35 -87.44 8.22 6.33
CA ARG BC 35 -88.52 8.88 7.08
C ARG BC 35 -89.75 7.99 7.34
N VAL BC 36 -90.16 7.85 8.61
CA VAL BC 36 -91.24 6.91 8.98
C VAL BC 36 -92.66 7.46 8.73
N THR BC 37 -92.84 8.75 8.99
CA THR BC 37 -94.17 9.38 8.94
C THR BC 37 -94.35 10.34 7.77
N LEU BC 38 -95.46 10.19 7.04
CA LEU BC 38 -95.78 11.05 5.90
C LEU BC 38 -95.74 12.55 6.29
N PRO BC 39 -95.06 13.38 5.47
CA PRO BC 39 -95.06 14.82 5.76
C PRO BC 39 -96.41 15.42 5.42
N PRO BC 40 -96.77 16.58 6.01
CA PRO BC 40 -98.02 17.18 5.57
C PRO BC 40 -97.93 17.49 4.09
N ARG BC 41 -98.87 17.02 3.27
CA ARG BC 41 -98.72 17.25 1.84
C ARG BC 41 -98.71 18.75 1.62
N LYS BC 42 -97.66 19.21 0.97
CA LYS BC 42 -97.51 20.62 0.68
C LYS BC 42 -98.50 20.93 -0.42
N VAL BC 43 -99.41 21.85 -0.13
CA VAL BC 43 -100.34 22.25 -1.16
C VAL BC 43 -99.86 23.56 -1.73
N VAL BC 44 -99.77 23.59 -3.04
CA VAL BC 44 -99.34 24.76 -3.77
C VAL BC 44 -100.36 25.16 -4.80
N ASP BC 45 -100.91 26.35 -4.64
CA ASP BC 45 -101.71 26.94 -5.70
C ASP BC 45 -100.73 27.44 -6.74
N ARG BC 46 -100.91 27.00 -7.97
CA ARG BC 46 -100.10 27.47 -9.07
C ARG BC 46 -100.75 28.75 -9.59
N TRP BC 47 -101.87 29.10 -8.95
CA TRP BC 47 -102.65 30.26 -9.30
C TRP BC 47 -102.38 31.48 -8.44
N ASN BC 48 -101.38 31.37 -7.57
CA ASN BC 48 -100.98 32.53 -6.78
C ASN BC 48 -100.45 33.60 -7.72
N GLU BC 49 -100.37 34.82 -7.21
CA GLU BC 49 -100.10 35.97 -8.02
C GLU BC 49 -98.89 35.81 -8.93
N LYS BC 50 -97.74 35.51 -8.34
CA LYS BC 50 -96.48 35.56 -9.06
C LYS BC 50 -96.44 34.58 -10.23
N ARG BC 51 -97.07 33.42 -10.03
CA ARG BC 51 -97.11 32.34 -11.02
C ARG BC 51 -98.10 32.59 -12.15
N ALA BC 52 -99.19 33.28 -11.84
CA ALA BC 52 -100.19 33.60 -12.84
C ALA BC 52 -99.63 34.67 -13.75
N MET BC 53 -98.85 35.55 -13.15
CA MET BC 53 -98.33 36.73 -13.80
C MET BC 53 -96.98 36.50 -14.40
N PHE BC 54 -96.56 35.25 -14.43
CA PHE BC 54 -95.23 34.97 -14.92
C PHE BC 54 -95.02 35.40 -16.36
N GLY BC 55 -93.83 35.93 -16.61
CA GLY BC 55 -93.32 36.13 -17.94
C GLY BC 55 -94.15 37.12 -18.71
N VAL BC 56 -94.79 38.01 -17.97
CA VAL BC 56 -95.81 38.85 -18.54
C VAL BC 56 -95.24 39.81 -19.58
N TYR BC 57 -94.24 40.60 -19.21
CA TYR BC 57 -93.81 41.65 -20.10
C TYR BC 57 -92.74 41.21 -21.06
N ASP BC 58 -92.50 39.91 -21.10
CA ASP BC 58 -91.41 39.33 -21.89
C ASP BC 58 -91.26 39.92 -23.30
N ASN BC 59 -92.39 40.16 -23.95
CA ASN BC 59 -92.35 40.59 -25.33
C ASN BC 59 -92.30 42.10 -25.49
N ILE BC 60 -92.10 42.78 -24.35
CA ILE BC 60 -92.24 44.24 -24.24
C ILE BC 60 -91.61 45.06 -25.36
N GLY BC 61 -90.39 44.71 -25.75
CA GLY BC 61 -89.73 45.41 -26.84
C GLY BC 61 -90.54 45.26 -28.11
N ILE BC 62 -90.80 44.02 -28.50
CA ILE BC 62 -91.54 43.73 -29.72
C ILE BC 62 -92.93 44.33 -29.78
N LEU BC 63 -93.76 43.97 -28.82
CA LEU BC 63 -95.14 44.42 -28.79
C LEU BC 63 -95.18 45.91 -28.52
N GLY BC 64 -94.15 46.40 -27.85
CA GLY BC 64 -94.10 47.78 -27.43
C GLY BC 64 -93.24 48.73 -28.25
N ASN BC 65 -92.99 48.42 -29.52
CA ASN BC 65 -92.35 49.40 -30.39
C ASN BC 65 -91.00 49.79 -29.79
N PHE BC 66 -90.04 48.90 -29.93
CA PHE BC 66 -88.98 48.73 -28.96
C PHE BC 66 -88.36 49.99 -28.47
N GLU BC 67 -88.40 50.10 -27.16
CA GLU BC 67 -87.77 51.16 -26.43
C GLU BC 67 -87.02 50.46 -25.32
N LYS BC 68 -87.77 49.73 -24.50
CA LYS BC 68 -87.13 48.89 -23.51
C LYS BC 68 -86.98 47.45 -23.97
N HIS BC 69 -85.78 46.94 -23.72
CA HIS BC 69 -85.33 45.59 -24.05
C HIS BC 69 -85.74 44.63 -22.92
N PRO BC 70 -85.99 43.36 -23.26
CA PRO BC 70 -86.28 42.31 -22.29
C PRO BC 70 -85.31 42.31 -21.14
N LYS BC 71 -84.09 42.73 -21.42
CA LYS BC 71 -83.10 42.92 -20.38
C LYS BC 71 -83.66 43.61 -19.16
N GLU BC 72 -84.38 44.69 -19.35
CA GLU BC 72 -84.68 45.53 -18.21
C GLU BC 72 -85.70 44.87 -17.30
N LEU BC 73 -86.20 43.73 -17.76
CA LEU BC 73 -87.06 42.91 -16.92
C LEU BC 73 -86.24 42.03 -15.97
N ILE BC 74 -84.91 42.14 -16.04
CA ILE BC 74 -84.04 41.32 -15.21
C ILE BC 74 -83.67 42.05 -13.93
N LYS BC 75 -84.16 41.53 -12.81
CA LYS BC 75 -83.86 42.05 -11.49
C LYS BC 75 -82.83 41.14 -10.84
N GLY BC 76 -81.62 41.65 -10.62
CA GLY BC 76 -80.60 40.81 -10.04
C GLY BC 76 -79.34 41.55 -9.70
N PRO BC 77 -78.28 40.80 -9.37
CA PRO BC 77 -76.91 41.26 -9.05
C PRO BC 77 -76.31 42.10 -10.16
N ILE BC 78 -75.78 43.24 -9.75
CA ILE BC 78 -75.47 44.35 -10.64
C ILE BC 78 -74.77 43.89 -11.90
N TRP BC 79 -73.78 43.02 -11.75
CA TRP BC 79 -72.91 42.73 -12.87
C TRP BC 79 -73.47 41.64 -13.79
N LEU BC 80 -74.51 40.97 -13.32
CA LEU BC 80 -75.04 39.84 -14.09
C LEU BC 80 -76.27 40.13 -14.95
N ARG BC 81 -76.72 41.37 -15.00
CA ARG BC 81 -77.93 41.67 -15.74
C ARG BC 81 -77.69 41.61 -17.25
N GLY BC 82 -78.51 40.83 -17.94
CA GLY BC 82 -78.43 40.75 -19.39
C GLY BC 82 -77.07 40.32 -19.92
N TRP BC 83 -76.53 39.27 -19.31
CA TRP BC 83 -75.20 38.80 -19.65
C TRP BC 83 -75.01 37.38 -19.17
N LYS BC 84 -74.03 36.70 -19.77
CA LYS BC 84 -73.80 35.29 -19.48
C LYS BC 84 -72.34 34.95 -19.69
N GLY BC 85 -71.84 34.02 -18.89
CA GLY BC 85 -70.47 33.60 -19.04
C GLY BC 85 -70.15 32.42 -18.17
N ASN BC 86 -69.04 31.75 -18.48
CA ASN BC 86 -68.53 30.67 -17.65
C ASN BC 86 -67.89 31.24 -16.40
N GLU BC 87 -67.46 30.38 -15.48
CA GLU BC 87 -67.10 30.87 -14.15
C GLU BC 87 -66.04 31.95 -14.22
N LEU BC 88 -65.02 31.71 -15.04
CA LEU BC 88 -63.89 32.61 -15.11
C LEU BC 88 -64.30 34.02 -15.51
N GLN BC 89 -65.16 34.07 -16.51
CA GLN BC 89 -65.68 35.34 -16.98
C GLN BC 89 -66.57 36.02 -15.96
N ARG BC 90 -67.46 35.26 -15.34
CA ARG BC 90 -68.27 35.80 -14.26
C ARG BC 90 -67.36 36.50 -13.30
N CYS BC 91 -66.48 35.74 -12.69
CA CYS BC 91 -65.64 36.26 -11.62
C CYS BC 91 -64.88 37.48 -12.03
N ILE BC 92 -64.16 37.38 -13.15
CA ILE BC 92 -63.37 38.49 -13.59
C ILE BC 92 -64.28 39.70 -13.80
N ARG BC 93 -65.53 39.46 -14.15
CA ARG BC 93 -66.49 40.55 -14.34
C ARG BC 93 -66.89 41.23 -13.03
N LYS BC 94 -67.36 40.43 -12.07
CA LYS BC 94 -67.70 40.93 -10.73
C LYS BC 94 -66.57 41.78 -10.22
N LYS BC 95 -65.35 41.31 -10.45
CA LYS BC 95 -64.22 42.11 -10.05
C LYS BC 95 -64.22 43.43 -10.78
N ARG BC 96 -64.20 43.41 -12.09
CA ARG BC 96 -64.00 44.68 -12.77
C ARG BC 96 -65.15 45.67 -12.54
N MET BC 97 -66.32 45.18 -12.13
CA MET BC 97 -67.47 46.06 -11.91
C MET BC 97 -67.58 46.54 -10.48
N VAL BC 98 -67.81 45.62 -9.56
CA VAL BC 98 -68.05 45.96 -8.17
C VAL BC 98 -66.85 45.83 -7.28
N GLY BC 99 -65.71 45.57 -7.89
CA GLY BC 99 -64.54 45.17 -7.13
C GLY BC 99 -64.24 46.06 -5.96
N ASN BC 100 -64.12 47.34 -6.20
CA ASN BC 100 -63.73 48.25 -5.14
C ASN BC 100 -64.83 48.48 -4.11
N ARG BC 101 -66.01 47.93 -4.34
CA ARG BC 101 -67.06 48.02 -3.32
C ARG BC 101 -67.17 46.76 -2.45
N MET BC 102 -66.33 45.78 -2.73
CA MET BC 102 -66.32 44.53 -1.99
C MET BC 102 -65.60 44.60 -0.67
N PHE BC 103 -65.91 43.67 0.22
CA PHE BC 103 -65.20 43.54 1.50
C PHE BC 103 -63.81 42.99 1.26
N ILE BC 104 -62.91 43.21 2.21
CA ILE BC 104 -61.51 42.78 2.08
C ILE BC 104 -61.39 41.30 1.75
N ASP BC 105 -62.07 40.49 2.54
CA ASP BC 105 -61.85 39.05 2.54
C ASP BC 105 -62.43 38.35 1.31
N ASP BC 106 -63.65 38.77 0.96
CA ASP BC 106 -64.30 38.28 -0.23
C ASP BC 106 -63.46 38.63 -1.42
N LEU BC 107 -62.96 39.86 -1.40
CA LEU BC 107 -62.12 40.31 -2.48
C LEU BC 107 -60.96 39.38 -2.64
N HIS BC 108 -60.26 39.14 -1.54
CA HIS BC 108 -59.11 38.26 -1.56
C HIS BC 108 -59.47 36.92 -2.20
N ASN BC 109 -60.49 36.26 -1.67
CA ASN BC 109 -60.94 34.98 -2.19
C ASN BC 109 -61.29 35.01 -3.66
N LEU BC 110 -61.69 36.18 -4.11
CA LEU BC 110 -62.04 36.39 -5.49
C LEU BC 110 -60.80 36.43 -6.36
N ASN BC 111 -59.77 37.15 -5.90
CA ASN BC 111 -58.55 37.20 -6.69
C ASN BC 111 -57.95 35.82 -6.77
N LYS BC 112 -58.02 35.10 -5.67
CA LYS BC 112 -57.47 33.75 -5.62
C LYS BC 112 -58.23 32.78 -6.54
N ARG BC 113 -59.56 32.82 -6.50
CA ARG BC 113 -60.40 32.03 -7.41
C ARG BC 113 -60.05 32.35 -8.87
N ILE BC 114 -59.84 33.63 -9.12
CA ILE BC 114 -59.44 34.07 -10.44
C ILE BC 114 -58.18 33.39 -10.86
N SER BC 115 -57.12 33.55 -10.06
CA SER BC 115 -55.84 32.92 -10.37
C SER BC 115 -56.00 31.45 -10.66
N TYR BC 116 -56.64 30.75 -9.72
CA TYR BC 116 -56.85 29.32 -9.87
C TYR BC 116 -57.45 29.02 -11.22
N LEU BC 117 -58.47 29.79 -11.58
CA LEU BC 117 -59.16 29.53 -12.82
C LEU BC 117 -58.34 29.80 -14.04
N TYR BC 118 -57.53 30.83 -13.95
CA TYR BC 118 -56.63 31.15 -15.02
C TYR BC 118 -55.84 29.89 -15.25
N LYS BC 119 -55.18 29.44 -14.20
CA LYS BC 119 -54.28 28.31 -14.30
C LYS BC 119 -54.99 27.09 -14.83
N HIS BC 120 -56.23 26.91 -14.42
CA HIS BC 120 -56.90 25.67 -14.71
C HIS BC 120 -57.47 25.62 -16.09
N PHE BC 121 -58.03 26.71 -16.56
CA PHE BC 121 -58.60 26.64 -17.88
C PHE BC 121 -57.54 26.66 -18.91
N ASN BC 122 -56.60 27.55 -18.75
CA ASN BC 122 -55.59 27.55 -19.75
C ASN BC 122 -54.79 26.27 -19.68
N ARG BC 123 -54.28 25.97 -18.50
CA ARG BC 123 -53.22 24.98 -18.39
C ARG BC 123 -53.64 23.54 -18.10
N HIS BC 124 -54.93 23.23 -18.05
CA HIS BC 124 -55.28 21.82 -17.90
C HIS BC 124 -56.32 21.44 -18.89
N GLY BC 125 -56.46 20.14 -19.07
CA GLY BC 125 -57.59 19.60 -19.76
C GLY BC 125 -57.12 18.36 -20.46
N LYS BC 126 -58.07 17.64 -21.04
CA LYS BC 126 -57.77 16.53 -21.93
C LYS BC 126 -57.54 17.11 -23.32
N TYR BC 127 -58.26 18.16 -23.66
CA TYR BC 127 -58.36 18.59 -25.06
C TYR BC 127 -57.35 19.57 -25.56
N ARG BC 128 -56.63 20.24 -24.67
CA ARG BC 128 -55.51 21.09 -25.06
C ARG BC 128 -55.68 21.93 -26.33
N ALA CC 23 -74.16 -41.14 -30.77
CA ALA CC 23 -73.54 -40.94 -32.06
C ALA CC 23 -74.21 -41.79 -33.15
N GLY CC 24 -73.41 -42.29 -34.09
CA GLY CC 24 -73.96 -42.90 -35.29
C GLY CC 24 -74.10 -42.04 -36.56
N SER CC 25 -73.27 -41.01 -36.73
CA SER CC 25 -73.29 -40.21 -37.95
C SER CC 25 -72.87 -41.01 -39.19
N GLN CC 26 -71.90 -41.90 -39.03
CA GLN CC 26 -71.33 -42.63 -40.16
C GLN CC 26 -72.34 -43.48 -40.92
N TRP CC 27 -72.90 -44.43 -40.21
CA TRP CC 27 -73.83 -45.35 -40.82
C TRP CC 27 -74.98 -44.57 -41.43
N ARG CC 28 -75.46 -43.59 -40.68
CA ARG CC 28 -76.51 -42.72 -41.15
C ARG CC 28 -76.15 -42.11 -42.49
N LEU CC 29 -74.87 -41.75 -42.64
CA LEU CC 29 -74.42 -41.14 -43.88
C LEU CC 29 -74.42 -42.11 -45.03
N GLN CC 30 -73.89 -43.31 -44.77
CA GLN CC 30 -73.78 -44.33 -45.81
C GLN CC 30 -75.12 -44.79 -46.35
N GLN CC 31 -76.16 -44.67 -45.54
CA GLN CC 31 -77.50 -44.99 -46.00
C GLN CC 31 -78.06 -43.80 -46.75
N GLY CC 32 -77.49 -42.63 -46.51
CA GLY CC 32 -77.87 -41.45 -47.25
C GLY CC 32 -78.76 -40.51 -46.48
N PHE CC 33 -78.97 -40.82 -45.20
CA PHE CC 33 -79.70 -39.92 -44.33
C PHE CC 33 -78.84 -38.73 -43.98
N ALA CC 34 -79.35 -37.89 -43.09
CA ALA CC 34 -78.58 -36.77 -42.60
C ALA CC 34 -77.57 -37.24 -41.57
N ALA CC 35 -76.50 -36.46 -41.42
CA ALA CC 35 -75.54 -36.71 -40.36
C ALA CC 35 -76.27 -36.73 -39.05
N ASN CC 36 -76.97 -35.63 -38.80
CA ASN CC 36 -77.80 -35.50 -37.64
C ASN CC 36 -79.24 -35.86 -37.95
N PRO CC 37 -79.84 -36.69 -37.10
CA PRO CC 37 -81.27 -37.02 -37.12
C PRO CC 37 -82.19 -35.83 -37.06
N SER CC 38 -81.67 -34.69 -36.66
CA SER CC 38 -82.46 -33.47 -36.73
C SER CC 38 -82.53 -32.89 -38.13
N GLY CC 39 -81.44 -32.95 -38.90
CA GLY CC 39 -81.47 -32.43 -40.26
C GLY CC 39 -82.32 -33.17 -41.30
N TYR CC 40 -83.30 -32.47 -41.87
CA TYR CC 40 -84.02 -32.82 -43.11
C TYR CC 40 -84.77 -34.18 -43.10
N GLY CC 41 -84.63 -34.98 -42.04
CA GLY CC 41 -85.40 -36.20 -41.89
C GLY CC 41 -86.91 -35.96 -41.77
N PRO CC 42 -87.73 -37.01 -41.93
CA PRO CC 42 -89.18 -36.86 -41.83
C PRO CC 42 -89.58 -36.40 -40.46
N LEU CC 43 -88.70 -36.71 -39.53
CA LEU CC 43 -88.80 -36.31 -38.16
C LEU CC 43 -89.09 -34.84 -38.06
N THR CC 44 -88.17 -34.04 -38.56
CA THR CC 44 -88.33 -32.60 -38.44
C THR CC 44 -89.35 -32.03 -39.41
N GLU CC 45 -89.47 -32.67 -40.56
CA GLU CC 45 -90.21 -32.08 -41.67
C GLU CC 45 -91.71 -32.01 -41.41
N LEU CC 46 -92.30 -33.08 -40.93
CA LEU CC 46 -93.75 -33.13 -40.74
C LEU CC 46 -94.22 -32.17 -39.67
N PRO CC 47 -95.40 -31.62 -39.86
CA PRO CC 47 -96.08 -30.70 -38.95
C PRO CC 47 -96.66 -31.41 -37.73
N ASP CC 48 -95.90 -31.51 -36.64
CA ASP CC 48 -96.20 -32.44 -35.53
C ASP CC 48 -97.55 -32.35 -34.78
N TRP CC 49 -98.36 -31.30 -35.00
CA TRP CC 49 -99.71 -31.36 -34.46
C TRP CC 49 -100.79 -30.82 -35.38
N SER CC 50 -102.00 -31.28 -35.12
CA SER CC 50 -103.19 -30.80 -35.81
C SER CC 50 -104.24 -30.47 -34.77
N TYR CC 51 -105.27 -29.74 -35.18
CA TYR CC 51 -106.48 -29.66 -34.38
C TYR CC 51 -107.15 -31.02 -34.45
N ALA CC 52 -107.91 -31.38 -33.42
CA ALA CC 52 -108.60 -32.67 -33.40
C ALA CC 52 -109.65 -32.73 -34.50
N ASP CC 53 -110.24 -31.57 -34.80
CA ASP CC 53 -111.24 -31.43 -35.87
C ASP CC 53 -110.69 -31.84 -37.22
N GLY CC 54 -109.37 -31.76 -37.35
CA GLY CC 54 -108.68 -32.08 -38.59
C GLY CC 54 -108.14 -30.84 -39.27
N ARG CC 55 -108.52 -29.66 -38.79
CA ARG CC 55 -107.98 -28.41 -39.32
C ARG CC 55 -106.48 -28.46 -39.27
N PRO CC 56 -105.84 -28.27 -40.42
CA PRO CC 56 -104.38 -28.33 -40.51
C PRO CC 56 -103.75 -27.19 -39.70
N ALA CC 57 -102.77 -27.50 -38.86
CA ALA CC 57 -102.20 -26.52 -37.93
C ALA CC 57 -101.48 -25.38 -38.66
N PRO CC 58 -101.42 -24.19 -38.03
CA PRO CC 58 -100.64 -23.07 -38.57
C PRO CC 58 -99.19 -23.49 -38.75
N PRO CC 59 -98.54 -23.06 -39.84
CA PRO CC 59 -97.24 -23.66 -40.15
C PRO CC 59 -96.17 -23.34 -39.10
N MET CC 60 -94.98 -23.94 -39.22
CA MET CC 60 -93.94 -23.79 -38.20
C MET CC 60 -92.83 -22.88 -38.64
N LYS CC 61 -92.23 -22.18 -37.68
CA LYS CC 61 -91.22 -21.19 -38.01
C LYS CC 61 -89.94 -21.83 -38.58
N GLY CC 62 -89.54 -22.95 -37.97
CA GLY CC 62 -88.36 -23.66 -38.41
C GLY CC 62 -88.49 -24.04 -39.87
N GLN CC 63 -89.59 -24.70 -40.18
CA GLN CC 63 -89.83 -25.13 -41.55
C GLN CC 63 -89.96 -23.97 -42.53
N LEU CC 64 -90.40 -22.81 -42.06
CA LEU CC 64 -90.52 -21.65 -42.95
C LEU CC 64 -89.16 -21.12 -43.30
N ARG CC 65 -88.30 -21.01 -42.29
CA ARG CC 65 -86.91 -20.70 -42.55
C ARG CC 65 -86.31 -21.66 -43.58
N ARG CC 66 -86.48 -22.96 -43.32
CA ARG CC 66 -85.86 -23.97 -44.17
C ARG CC 66 -86.40 -23.93 -45.61
N LYS CC 67 -87.70 -23.73 -45.78
CA LYS CC 67 -88.26 -23.53 -47.10
C LYS CC 67 -87.52 -22.41 -47.77
N ALA CC 68 -87.55 -21.24 -47.13
CA ALA CC 68 -86.95 -20.04 -47.70
C ALA CC 68 -85.52 -20.24 -48.19
N GLN CC 69 -84.69 -20.85 -47.35
CA GLN CC 69 -83.29 -21.01 -47.72
C GLN CC 69 -83.04 -22.15 -48.70
N ARG CC 70 -83.85 -23.21 -48.64
CA ARG CC 70 -83.73 -24.26 -49.63
C ARG CC 70 -84.05 -23.69 -50.99
N GLU CC 71 -84.96 -22.73 -51.00
CA GLU CC 71 -85.31 -22.05 -52.24
C GLU CC 71 -84.21 -21.10 -52.69
N LYS CC 72 -83.63 -20.36 -51.76
CA LYS CC 72 -82.48 -19.55 -52.10
C LYS CC 72 -81.46 -20.42 -52.80
N PHE CC 73 -81.21 -21.57 -52.20
CA PHE CC 73 -80.24 -22.53 -52.72
C PHE CC 73 -80.56 -23.00 -54.13
N ALA CC 74 -81.73 -23.57 -54.31
CA ALA CC 74 -82.17 -24.03 -55.62
C ALA CC 74 -81.96 -22.93 -56.66
N ARG CC 75 -82.46 -21.74 -56.32
CA ARG CC 75 -82.33 -20.55 -57.16
C ARG CC 75 -80.90 -20.39 -57.64
N ARG CC 76 -79.98 -20.45 -56.67
CA ARG CC 76 -78.58 -20.28 -57.00
C ARG CC 76 -78.07 -21.37 -57.93
N VAL CC 77 -78.28 -22.63 -57.57
CA VAL CC 77 -77.75 -23.75 -58.37
C VAL CC 77 -78.13 -23.56 -59.82
N VAL CC 78 -79.41 -23.25 -60.00
CA VAL CC 78 -79.91 -23.02 -61.33
C VAL CC 78 -79.21 -21.84 -62.00
N LEU CC 79 -79.11 -20.72 -61.29
CA LEU CC 79 -78.43 -19.56 -61.83
C LEU CC 79 -77.02 -19.87 -62.39
N LEU CC 80 -76.20 -20.55 -61.59
CA LEU CC 80 -74.80 -20.78 -61.97
C LEU CC 80 -74.68 -21.81 -63.07
N SER CC 81 -75.58 -22.78 -63.06
CA SER CC 81 -75.67 -23.68 -64.19
C SER CC 81 -75.86 -22.88 -65.49
N GLN CC 82 -76.94 -22.10 -65.54
CA GLN CC 82 -77.24 -21.29 -66.73
C GLN CC 82 -76.09 -20.40 -67.18
N GLU CC 83 -75.49 -19.70 -66.22
CA GLU CC 83 -74.39 -18.78 -66.52
C GLU CC 83 -73.14 -19.47 -67.06
N MET CC 84 -72.88 -20.64 -66.52
CA MET CC 84 -71.77 -21.45 -66.99
C MET CC 84 -72.00 -21.88 -68.44
N ASP CC 85 -73.22 -22.34 -68.74
CA ASP CC 85 -73.58 -22.69 -70.11
C ASP CC 85 -73.52 -21.51 -71.09
N ALA CC 86 -74.01 -20.35 -70.67
CA ALA CC 86 -73.98 -19.13 -71.50
C ALA CC 86 -72.54 -18.71 -71.80
N GLY CC 87 -71.66 -18.83 -70.80
CA GLY CC 87 -70.23 -18.66 -71.03
C GLY CC 87 -69.71 -19.60 -72.12
N LEU CC 88 -70.02 -20.90 -71.98
CA LEU CC 88 -69.53 -21.92 -72.93
C LEU CC 88 -69.97 -21.67 -74.38
N GLN CC 89 -71.26 -21.44 -74.55
CA GLN CC 89 -71.79 -21.04 -75.85
C GLN CC 89 -71.10 -19.80 -76.39
N ALA CC 90 -70.97 -18.77 -75.56
CA ALA CC 90 -70.37 -17.50 -76.01
C ALA CC 90 -68.90 -17.65 -76.45
N TRP CC 91 -68.20 -18.60 -75.84
CA TRP CC 91 -66.84 -18.94 -76.30
C TRP CC 91 -66.87 -19.68 -77.63
N GLN CC 92 -67.70 -20.72 -77.74
CA GLN CC 92 -67.83 -21.46 -79.00
C GLN CC 92 -68.12 -20.54 -80.18
N LEU CC 93 -69.11 -19.68 -79.97
CA LEU CC 93 -69.45 -18.61 -80.89
C LEU CC 93 -68.24 -17.74 -81.20
N ARG CC 94 -67.55 -17.25 -80.17
CA ARG CC 94 -66.34 -16.45 -80.38
C ARG CC 94 -65.39 -17.11 -81.37
N GLN CC 95 -65.19 -18.42 -81.19
CA GLN CC 95 -64.34 -19.19 -82.09
C GLN CC 95 -64.88 -19.30 -83.51
N GLN CC 96 -66.18 -19.61 -83.63
CA GLN CC 96 -66.80 -19.71 -84.94
C GLN CC 96 -66.66 -18.43 -85.73
N GLU CC 97 -66.81 -17.31 -85.03
CA GLU CC 97 -66.67 -16.00 -85.66
C GLU CC 97 -65.23 -15.80 -86.10
N LYS CC 98 -64.28 -16.15 -85.24
CA LYS CC 98 -62.88 -16.13 -85.65
C LYS CC 98 -62.62 -16.90 -86.96
N LEU CC 99 -63.09 -18.15 -87.03
CA LEU CC 99 -62.90 -19.02 -88.20
C LEU CC 99 -63.63 -18.56 -89.46
N GLN CC 100 -64.74 -17.87 -89.26
CA GLN CC 100 -65.51 -17.31 -90.37
C GLN CC 100 -64.83 -16.05 -90.88
N GLU CC 101 -64.10 -15.38 -89.98
CA GLU CC 101 -63.31 -14.21 -90.35
C GLU CC 101 -62.08 -14.61 -91.16
N GLU CC 102 -61.41 -15.70 -90.76
CA GLU CC 102 -60.29 -16.24 -91.55
C GLU CC 102 -60.65 -16.46 -93.03
N GLU CC 103 -61.86 -16.94 -93.25
CA GLU CC 103 -62.37 -17.23 -94.59
C GLU CC 103 -62.90 -15.98 -95.30
N GLY CC 104 -63.51 -15.08 -94.53
CA GLY CC 104 -63.88 -13.76 -95.04
C GLY CC 104 -62.67 -13.03 -95.58
N LYS CC 105 -61.50 -13.31 -95.00
CA LYS CC 105 -60.23 -12.76 -95.47
C LYS CC 105 -59.86 -13.24 -96.89
N GLN CC 106 -60.18 -14.49 -97.21
CA GLN CC 106 -59.92 -15.06 -98.54
C GLN CC 106 -60.97 -14.64 -99.57
N LYS CC 107 -62.22 -14.49 -99.13
CA LYS CC 107 -63.26 -13.95 -100.01
C LYS CC 107 -62.97 -12.50 -100.38
N ASN CC 108 -62.57 -11.69 -99.41
CA ASN CC 108 -62.29 -10.29 -99.65
C ASN CC 108 -60.93 -10.06 -100.33
N ALA CC 109 -60.16 -11.13 -100.45
CA ALA CC 109 -58.81 -11.07 -101.01
C ALA CC 109 -58.79 -10.74 -102.50
N LEU CC 110 -57.80 -9.96 -102.92
CA LEU CC 110 -57.55 -9.64 -104.33
C LEU CC 110 -56.81 -10.77 -105.06
N LYS CC 111 -56.99 -10.87 -106.39
CA LYS CC 111 -56.39 -11.93 -107.20
C LYS CC 111 -54.91 -11.72 -107.40
N SER CC 112 -54.09 -12.73 -107.13
CA SER CC 112 -52.65 -12.55 -107.29
C SER CC 112 -52.30 -12.68 -108.76
N LYS CC 113 -51.84 -11.57 -109.33
CA LYS CC 113 -51.55 -11.51 -110.76
C LYS CC 113 -50.08 -11.65 -111.09
N GLY CC 114 -49.25 -11.74 -110.06
CA GLY CC 114 -47.88 -12.15 -110.29
C GLY CC 114 -47.97 -13.58 -110.74
N ALA CC 115 -47.47 -13.83 -111.94
CA ALA CC 115 -47.51 -15.17 -112.51
C ALA CC 115 -46.18 -15.36 -113.18
N LEU CC 116 -45.65 -16.58 -113.09
CA LEU CC 116 -44.29 -16.82 -113.55
C LEU CC 116 -44.27 -17.52 -114.90
N ALA DC 2 -11.12 -85.76 -26.76
CA ALA DC 2 -10.68 -86.73 -25.75
C ALA DC 2 -10.12 -86.01 -24.55
N ALA DC 3 -10.40 -84.71 -24.48
CA ALA DC 3 -9.88 -83.87 -23.42
C ALA DC 3 -10.40 -84.30 -22.05
N ALA DC 4 -11.72 -84.51 -21.95
CA ALA DC 4 -12.37 -84.78 -20.67
C ALA DC 4 -11.77 -85.99 -19.96
N LEU DC 5 -11.24 -86.93 -20.74
CA LEU DC 5 -10.62 -88.12 -20.18
C LEU DC 5 -9.19 -87.87 -19.69
N ALA DC 6 -8.41 -87.13 -20.47
CA ALA DC 6 -6.99 -86.92 -20.17
C ALA DC 6 -6.81 -86.01 -18.96
N ARG DC 7 -7.73 -85.07 -18.79
CA ARG DC 7 -7.69 -84.13 -17.68
C ARG DC 7 -7.84 -84.84 -16.33
N LEU DC 8 -8.43 -86.03 -16.35
CA LEU DC 8 -8.87 -86.67 -15.12
C LEU DC 8 -7.90 -87.67 -14.49
N GLY DC 9 -6.70 -87.81 -15.04
CA GLY DC 9 -5.70 -88.67 -14.41
C GLY DC 9 -6.02 -90.15 -14.42
N LEU DC 10 -6.11 -90.72 -15.62
CA LEU DC 10 -6.61 -92.09 -15.84
C LEU DC 10 -5.79 -93.20 -15.17
N ARG DC 11 -4.71 -92.84 -14.50
CA ARG DC 11 -3.72 -93.81 -13.99
C ARG DC 11 -4.26 -94.89 -13.03
N ALA DC 12 -5.53 -94.79 -12.64
CA ALA DC 12 -6.15 -95.79 -11.76
C ALA DC 12 -6.63 -97.05 -12.51
N VAL DC 13 -6.44 -97.09 -13.82
CA VAL DC 13 -6.94 -98.19 -14.69
C VAL DC 13 -5.93 -99.33 -14.95
N LYS DC 14 -6.41 -100.57 -14.87
CA LYS DC 14 -5.61 -101.77 -15.17
C LYS DC 14 -5.48 -102.06 -16.67
N GLN DC 15 -6.59 -102.45 -17.30
CA GLN DC 15 -6.63 -102.73 -18.73
C GLN DC 15 -7.94 -102.28 -19.38
N VAL DC 16 -7.83 -101.66 -20.55
CA VAL DC 16 -9.00 -101.27 -21.34
C VAL DC 16 -9.10 -102.09 -22.62
N ARG DC 17 -10.12 -102.93 -22.70
CA ARG DC 17 -10.34 -103.70 -23.92
C ARG DC 17 -11.70 -103.38 -24.53
N VAL DC 18 -11.76 -103.32 -25.85
CA VAL DC 18 -13.01 -103.00 -26.54
C VAL DC 18 -13.34 -104.05 -27.58
N GLN DC 19 -14.45 -104.76 -27.38
CA GLN DC 19 -14.88 -105.80 -28.33
C GLN DC 19 -16.01 -105.28 -29.22
N PHE DC 20 -15.75 -105.08 -30.50
CA PHE DC 20 -16.83 -104.60 -31.37
C PHE DC 20 -16.80 -105.22 -32.76
N CYS DC 21 -17.89 -105.02 -33.50
CA CYS DC 21 -18.13 -105.73 -34.74
C CYS DC 21 -18.43 -104.80 -35.94
N PRO DC 22 -17.40 -104.49 -36.74
CA PRO DC 22 -17.30 -103.39 -37.73
C PRO DC 22 -18.48 -103.21 -38.71
N PHE DC 23 -19.04 -104.30 -39.25
CA PHE DC 23 -19.96 -104.17 -40.38
C PHE DC 23 -21.40 -103.86 -39.99
N GLU DC 24 -21.67 -103.76 -38.69
CA GLU DC 24 -22.99 -103.35 -38.20
C GLU DC 24 -23.15 -101.82 -38.29
N LYS DC 25 -24.39 -101.36 -38.39
CA LYS DC 25 -24.67 -99.95 -38.65
C LYS DC 25 -24.66 -99.08 -37.39
N ASN DC 26 -24.67 -99.73 -36.22
CA ASN DC 26 -24.74 -99.02 -34.94
C ASN DC 26 -23.39 -98.80 -34.26
N VAL DC 27 -22.31 -99.18 -34.93
CA VAL DC 27 -20.97 -99.27 -34.33
C VAL DC 27 -20.22 -97.96 -34.13
N GLU DC 28 -20.78 -96.87 -34.64
CA GLU DC 28 -20.11 -95.58 -34.67
C GLU DC 28 -19.63 -95.09 -33.30
N SER DC 29 -20.53 -95.14 -32.33
CA SER DC 29 -20.29 -94.55 -31.01
C SER DC 29 -19.20 -95.27 -30.23
N THR DC 30 -19.19 -96.59 -30.34
CA THR DC 30 -18.17 -97.39 -29.67
C THR DC 30 -16.82 -97.08 -30.30
N ARG DC 31 -16.83 -96.72 -31.58
CA ARG DC 31 -15.60 -96.28 -32.26
C ARG DC 31 -15.17 -94.92 -31.74
N THR DC 32 -16.15 -94.02 -31.54
CA THR DC 32 -15.88 -92.69 -30.99
C THR DC 32 -15.25 -92.80 -29.60
N PHE DC 33 -15.74 -93.75 -28.81
CA PHE DC 33 -15.15 -94.09 -27.53
C PHE DC 33 -13.73 -94.64 -27.71
N LEU DC 34 -13.55 -95.54 -28.68
CA LEU DC 34 -12.25 -96.18 -28.94
C LEU DC 34 -11.17 -95.14 -29.23
N GLN DC 35 -11.46 -94.22 -30.15
CA GLN DC 35 -10.48 -93.20 -30.53
C GLN DC 35 -10.46 -92.05 -29.51
N ALA DC 36 -11.44 -92.02 -28.63
CA ALA DC 36 -11.38 -91.08 -27.51
C ALA DC 36 -10.35 -91.55 -26.48
N VAL DC 37 -10.40 -92.83 -26.13
CA VAL DC 37 -9.48 -93.35 -25.12
C VAL DC 37 -8.09 -93.65 -25.72
N SER DC 38 -8.01 -93.80 -27.04
CA SER DC 38 -6.74 -94.13 -27.70
C SER DC 38 -5.86 -92.91 -27.92
N SER DC 39 -6.37 -91.75 -27.50
CA SER DC 39 -5.66 -90.50 -27.69
C SER DC 39 -4.35 -90.50 -26.94
N GLU DC 40 -3.44 -89.65 -27.36
CA GLU DC 40 -2.09 -89.65 -26.85
C GLU DC 40 -1.98 -89.17 -25.39
N LYS DC 41 -2.79 -88.17 -25.02
CA LYS DC 41 -2.78 -87.66 -23.65
C LYS DC 41 -3.33 -88.70 -22.68
N VAL DC 42 -4.47 -89.29 -23.06
CA VAL DC 42 -5.04 -90.38 -22.30
C VAL DC 42 -4.08 -91.56 -22.25
N ARG DC 43 -3.41 -91.83 -23.36
CA ARG DC 43 -2.46 -92.94 -23.45
C ARG DC 43 -1.27 -92.77 -22.50
N CYS DC 44 -0.73 -91.56 -22.43
CA CYS DC 44 0.47 -91.31 -21.63
C CYS DC 44 0.21 -90.74 -20.23
N THR DC 45 -1.06 -90.63 -19.84
CA THR DC 45 -1.37 -90.34 -18.44
C THR DC 45 -0.99 -91.53 -17.54
N ASN DC 46 -1.03 -92.73 -18.12
CA ASN DC 46 -0.62 -93.96 -17.42
C ASN DC 46 0.08 -94.97 -18.33
N LEU DC 47 1.17 -95.55 -17.83
CA LEU DC 47 1.91 -96.56 -18.57
C LEU DC 47 1.50 -97.97 -18.15
N ASN DC 48 0.61 -98.06 -17.15
CA ASN DC 48 0.15 -99.34 -16.65
C ASN DC 48 -1.12 -99.80 -17.33
N CYS DC 49 -1.63 -98.96 -18.24
CA CYS DC 49 -2.88 -99.24 -18.95
C CYS DC 49 -2.60 -99.70 -20.36
N SER DC 50 -2.98 -100.95 -20.66
CA SER DC 50 -2.92 -101.46 -22.02
C SER DC 50 -4.29 -101.41 -22.67
N VAL DC 51 -4.32 -101.00 -23.93
CA VAL DC 51 -5.57 -100.97 -24.68
C VAL DC 51 -5.56 -102.04 -25.75
N ILE DC 52 -6.57 -102.91 -25.73
CA ILE DC 52 -6.65 -103.99 -26.69
C ILE DC 52 -7.98 -103.94 -27.45
N ALA DC 53 -7.89 -103.84 -28.78
CA ALA DC 53 -9.08 -103.70 -29.61
C ALA DC 53 -9.44 -105.00 -30.34
N ASP DC 54 -10.53 -105.61 -29.92
CA ASP DC 54 -10.99 -106.89 -30.46
C ASP DC 54 -12.00 -106.67 -31.59
N VAL DC 55 -11.66 -107.24 -32.74
CA VAL DC 55 -12.41 -107.02 -33.96
C VAL DC 55 -13.07 -108.32 -34.46
N ARG DC 56 -14.39 -108.28 -34.64
CA ARG DC 56 -15.15 -109.48 -35.04
C ARG DC 56 -16.24 -109.19 -36.09
N HIS DC 57 -16.37 -110.05 -37.09
CA HIS DC 57 -17.53 -110.00 -37.97
C HIS DC 57 -18.73 -110.71 -37.32
N ASP DC 58 -18.44 -111.79 -36.58
CA ASP DC 58 -19.46 -112.70 -36.07
C ASP DC 58 -20.19 -112.22 -34.79
N GLY DC 59 -19.47 -111.55 -33.89
CA GLY DC 59 -19.98 -111.18 -32.58
C GLY DC 59 -21.33 -110.47 -32.52
N SER DC 60 -21.54 -109.52 -33.42
CA SER DC 60 -22.81 -108.77 -33.58
C SER DC 60 -23.14 -107.82 -32.42
N GLU DC 61 -22.41 -107.93 -31.32
CA GLU DC 61 -22.66 -107.09 -30.15
C GLU DC 61 -21.47 -106.20 -29.79
N PRO DC 62 -21.59 -104.88 -30.00
CA PRO DC 62 -20.58 -103.94 -29.54
C PRO DC 62 -20.56 -103.82 -28.01
N CYS DC 63 -19.36 -103.81 -27.43
CA CYS DC 63 -19.19 -103.68 -25.99
C CYS DC 63 -17.81 -103.12 -25.65
N VAL DC 64 -17.68 -102.61 -24.43
CA VAL DC 64 -16.38 -102.18 -23.92
C VAL DC 64 -16.23 -102.62 -22.47
N ASP DC 65 -15.04 -103.13 -22.14
CA ASP DC 65 -14.73 -103.55 -20.78
C ASP DC 65 -13.43 -102.88 -20.30
N VAL DC 66 -13.52 -102.24 -19.13
CA VAL DC 66 -12.38 -101.57 -18.52
C VAL DC 66 -12.25 -102.01 -17.06
N LEU DC 67 -11.06 -102.40 -16.61
CA LEU DC 67 -10.89 -102.80 -15.21
C LEU DC 67 -10.08 -101.75 -14.46
N PHE DC 68 -10.34 -101.58 -13.16
CA PHE DC 68 -9.46 -100.70 -12.39
C PHE DC 68 -9.32 -101.05 -10.89
N GLY DC 69 -8.26 -100.49 -10.30
CA GLY DC 69 -7.66 -100.97 -9.07
C GLY DC 69 -8.41 -100.76 -7.77
N ASP DC 70 -9.66 -100.34 -7.88
CA ASP DC 70 -10.58 -100.36 -6.75
C ASP DC 70 -11.17 -101.77 -6.68
N GLY DC 71 -10.71 -102.63 -7.60
CA GLY DC 71 -11.24 -103.98 -7.75
C GLY DC 71 -12.48 -103.93 -8.62
N HIS DC 72 -12.70 -102.77 -9.25
CA HIS DC 72 -13.91 -102.51 -10.03
C HIS DC 72 -13.77 -103.01 -11.47
N ARG DC 73 -14.85 -103.61 -11.99
CA ARG DC 73 -14.91 -104.03 -13.39
C ARG DC 73 -16.06 -103.30 -14.09
N LEU DC 74 -15.71 -102.40 -15.00
CA LEU DC 74 -16.67 -101.55 -15.70
C LEU DC 74 -17.02 -102.10 -17.09
N ILE DC 75 -18.25 -102.59 -17.25
CA ILE DC 75 -18.72 -103.11 -18.55
C ILE DC 75 -19.83 -102.23 -19.12
N MET DC 76 -19.50 -101.53 -20.20
CA MET DC 76 -20.50 -100.71 -20.85
C MET DC 76 -20.89 -101.39 -22.15
N ARG DC 77 -22.18 -101.65 -22.32
CA ARG DC 77 -22.61 -102.39 -23.48
C ARG DC 77 -23.20 -101.48 -24.53
N GLY DC 78 -22.45 -101.24 -25.59
CA GLY DC 78 -22.95 -100.47 -26.70
C GLY DC 78 -24.02 -101.25 -27.42
N ALA DC 79 -25.21 -100.68 -27.48
CA ALA DC 79 -26.21 -101.11 -28.43
C ALA DC 79 -26.73 -99.85 -29.05
N HIS DC 80 -27.50 -99.13 -28.25
CA HIS DC 80 -27.93 -97.79 -28.59
C HIS DC 80 -27.20 -96.65 -27.83
N LEU DC 81 -26.22 -96.98 -26.98
CA LEU DC 81 -25.49 -95.95 -26.25
C LEU DC 81 -24.76 -94.96 -27.16
N THR DC 82 -24.94 -93.67 -26.90
CA THR DC 82 -24.22 -92.59 -27.60
C THR DC 82 -22.81 -92.37 -27.03
N ALA DC 83 -21.93 -91.78 -27.84
CA ALA DC 83 -20.51 -91.62 -27.49
C ALA DC 83 -20.25 -90.80 -26.23
N GLN DC 84 -20.71 -89.55 -26.26
CA GLN DC 84 -20.49 -88.63 -25.14
C GLN DC 84 -21.08 -89.17 -23.84
N GLU DC 85 -22.07 -90.05 -23.96
CA GLU DC 85 -22.68 -90.68 -22.79
C GLU DC 85 -21.76 -91.72 -22.16
N MET DC 86 -21.19 -92.59 -23.00
CA MET DC 86 -20.25 -93.60 -22.51
C MET DC 86 -19.00 -92.91 -21.94
N LEU DC 87 -18.65 -91.76 -22.50
CA LEU DC 87 -17.50 -91.03 -21.99
C LEU DC 87 -17.84 -90.27 -20.69
N THR DC 88 -19.08 -89.80 -20.58
CA THR DC 88 -19.59 -89.18 -19.35
C THR DC 88 -19.56 -90.15 -18.20
N ALA DC 89 -20.11 -91.34 -18.44
CA ALA DC 89 -20.14 -92.40 -17.43
C ALA DC 89 -18.73 -92.87 -17.14
N PHE DC 90 -17.88 -92.93 -18.16
CA PHE DC 90 -16.46 -93.22 -17.94
C PHE DC 90 -15.92 -92.24 -16.91
N ALA DC 91 -16.20 -90.96 -17.16
CA ALA DC 91 -15.75 -89.85 -16.33
C ALA DC 91 -16.25 -89.89 -14.88
N SER DC 92 -17.55 -90.06 -14.68
CA SER DC 92 -18.11 -90.04 -13.33
C SER DC 92 -17.81 -91.33 -12.55
N HIS DC 93 -17.80 -92.46 -13.25
CA HIS DC 93 -17.60 -93.77 -12.63
C HIS DC 93 -16.14 -94.08 -12.26
N ILE DC 94 -15.22 -93.90 -13.21
CA ILE DC 94 -13.86 -94.39 -13.01
C ILE DC 94 -12.96 -93.41 -12.26
N GLN DC 95 -13.38 -92.15 -12.17
CA GLN DC 95 -12.58 -91.10 -11.53
C GLN DC 95 -12.98 -90.94 -10.07
N ALA DC 96 -14.25 -90.63 -9.82
CA ALA DC 96 -14.76 -90.54 -8.46
C ALA DC 96 -14.47 -91.79 -7.62
N ARG DC 97 -14.27 -92.94 -8.28
CA ARG DC 97 -13.84 -94.17 -7.59
C ARG DC 97 -12.43 -94.61 -8.00
N GLY DC 98 -11.47 -94.49 -7.10
CA GLY DC 98 -10.09 -94.89 -7.37
C GLY DC 98 -9.08 -94.14 -6.52
N GLY EC 102 13.01 -67.78 -62.20
CA GLY EC 102 13.55 -68.42 -61.01
C GLY EC 102 12.50 -69.20 -60.26
N PRO EC 103 11.93 -68.59 -59.20
CA PRO EC 103 10.85 -69.14 -58.36
C PRO EC 103 9.45 -69.05 -58.98
N PRO EC 104 8.59 -70.06 -58.73
CA PRO EC 104 7.19 -70.03 -59.16
C PRO EC 104 6.39 -69.00 -58.37
N LYS EC 105 5.58 -68.20 -59.05
CA LYS EC 105 4.90 -67.10 -58.39
C LYS EC 105 3.41 -67.10 -58.71
N LYS EC 106 3.08 -66.89 -59.98
CA LYS EC 106 1.69 -66.86 -60.40
C LYS EC 106 0.99 -68.20 -60.17
N LEU EC 107 -0.22 -68.13 -59.63
CA LEU EC 107 -1.04 -69.31 -59.40
C LEU EC 107 -1.98 -69.58 -60.58
N GLU EC 108 -2.07 -68.63 -61.51
CA GLU EC 108 -2.90 -68.80 -62.70
C GLU EC 108 -2.25 -69.72 -63.73
N GLU EC 109 -0.98 -70.02 -63.50
CA GLU EC 109 -0.22 -70.83 -64.45
C GLU EC 109 -0.23 -72.32 -64.10
N LEU EC 110 -0.83 -72.66 -62.96
CA LEU EC 110 -0.97 -74.06 -62.57
C LEU EC 110 -2.41 -74.52 -62.81
N ASP EC 111 -2.54 -75.73 -63.32
CA ASP EC 111 -3.83 -76.29 -63.73
C ASP EC 111 -4.73 -76.57 -62.52
N PRO EC 112 -5.97 -76.05 -62.55
CA PRO EC 112 -6.96 -76.41 -61.50
C PRO EC 112 -7.27 -77.92 -61.41
N GLU EC 113 -6.86 -78.72 -62.40
CA GLU EC 113 -7.03 -80.19 -62.34
C GLU EC 113 -5.79 -80.93 -61.79
N THR EC 114 -4.78 -80.18 -61.38
CA THR EC 114 -3.55 -80.74 -60.79
C THR EC 114 -3.57 -80.59 -59.27
N ARG EC 115 -3.06 -81.59 -58.56
CA ARG EC 115 -3.11 -81.61 -57.09
C ARG EC 115 -2.32 -80.47 -56.41
N GLU EC 116 -1.33 -79.93 -57.09
CA GLU EC 116 -0.43 -78.95 -56.47
C GLU EC 116 -0.80 -77.48 -56.73
N TYR EC 117 -1.93 -77.27 -57.41
CA TYR EC 117 -2.48 -75.93 -57.62
C TYR EC 117 -3.16 -75.42 -56.36
N TRP EC 118 -3.91 -76.30 -55.72
CA TRP EC 118 -4.69 -75.94 -54.54
C TRP EC 118 -3.81 -75.69 -53.33
N ARG EC 119 -2.55 -76.14 -53.37
CA ARG EC 119 -1.65 -75.91 -52.25
C ARG EC 119 -1.42 -74.41 -52.05
N LEU EC 120 -1.28 -73.68 -53.15
CA LEU EC 120 -1.12 -72.24 -53.07
C LEU EC 120 -2.43 -71.55 -52.69
N LEU EC 121 -3.55 -72.16 -53.06
CA LEU EC 121 -4.86 -71.63 -52.69
C LEU EC 121 -5.04 -71.73 -51.18
N ARG EC 122 -4.61 -72.85 -50.61
CA ARG EC 122 -4.60 -73.01 -49.17
C ARG EC 122 -3.68 -71.98 -48.55
N LYS EC 123 -2.47 -71.85 -49.08
CA LYS EC 123 -1.50 -70.90 -48.52
C LYS EC 123 -2.03 -69.47 -48.52
N HIS EC 124 -2.78 -69.10 -49.55
CA HIS EC 124 -3.37 -67.76 -49.66
C HIS EC 124 -4.57 -67.56 -48.73
N ASN EC 125 -5.43 -68.58 -48.65
CA ASN EC 125 -6.53 -68.57 -47.69
C ASN EC 125 -6.02 -68.40 -46.28
N ILE EC 126 -4.88 -69.03 -46.02
CA ILE EC 126 -4.19 -68.88 -44.76
C ILE EC 126 -3.73 -67.47 -44.55
N TRP EC 127 -2.90 -66.94 -45.46
CA TRP EC 127 -2.37 -65.59 -45.30
C TRP EC 127 -3.48 -64.58 -45.12
N ARG EC 128 -4.62 -64.86 -45.73
CA ARG EC 128 -5.81 -64.07 -45.51
C ARG EC 128 -6.14 -64.05 -44.02
N HIS EC 129 -6.24 -65.23 -43.42
CA HIS EC 129 -6.59 -65.34 -42.01
C HIS EC 129 -5.49 -64.77 -41.12
N ASN EC 130 -4.26 -64.85 -41.59
CA ASN EC 130 -3.12 -64.28 -40.89
C ASN EC 130 -3.26 -62.77 -40.85
N ARG EC 131 -3.84 -62.20 -41.91
CA ARG EC 131 -4.06 -60.75 -41.96
C ARG EC 131 -5.22 -60.32 -41.07
N LEU EC 132 -6.32 -61.07 -41.14
CA LEU EC 132 -7.52 -60.71 -40.41
C LEU EC 132 -7.29 -60.80 -38.90
N SER EC 133 -6.26 -61.56 -38.49
CA SER EC 133 -5.99 -61.78 -37.07
C SER EC 133 -5.05 -60.73 -36.48
N LYS EC 134 -4.68 -59.73 -37.28
CA LYS EC 134 -3.88 -58.63 -36.77
C LYS EC 134 -4.63 -57.90 -35.67
N ASN EC 135 -5.89 -57.61 -35.94
CA ASN EC 135 -6.72 -56.81 -35.04
C ASN EC 135 -7.35 -57.62 -33.92
N ARG EC 136 -7.30 -58.94 -34.02
CA ARG EC 136 -7.93 -59.76 -33.00
C ARG EC 136 -6.98 -59.92 -31.82
N LYS EC 137 -7.39 -59.35 -30.69
CA LYS EC 137 -6.59 -59.35 -29.48
C LYS EC 137 -7.41 -59.83 -28.29
N PHE EC 138 -7.01 -60.97 -27.73
CA PHE EC 138 -7.61 -61.50 -26.51
C PHE EC 138 -6.57 -61.55 -25.39
N ARG FC 9 -41.43 -35.74 -7.57
CA ARG FC 9 -40.04 -35.95 -7.20
C ARG FC 9 -39.21 -36.03 -8.49
N ASN FC 10 -39.90 -36.33 -9.58
CA ASN FC 10 -39.39 -36.03 -10.90
C ASN FC 10 -40.06 -34.74 -11.31
N ARG FC 11 -39.26 -33.76 -11.67
CA ARG FC 11 -39.85 -32.46 -11.85
C ARG FC 11 -39.65 -32.03 -13.29
N ILE FC 12 -40.39 -31.03 -13.74
CA ILE FC 12 -40.08 -30.35 -15.00
C ILE FC 12 -39.51 -28.96 -14.79
N PRO FC 13 -38.31 -28.71 -15.34
CA PRO FC 13 -37.62 -27.43 -15.21
C PRO FC 13 -38.37 -26.31 -15.93
N GLY FC 14 -38.54 -25.19 -15.23
CA GLY FC 14 -39.32 -24.06 -15.70
C GLY FC 14 -40.81 -24.20 -15.87
N ARG FC 15 -41.21 -23.92 -17.10
CA ARG FC 15 -42.59 -23.92 -17.50
C ARG FC 15 -42.84 -25.19 -18.30
N GLN FC 16 -44.04 -25.74 -18.16
CA GLN FC 16 -44.38 -27.05 -18.70
C GLN FC 16 -44.03 -27.25 -20.17
N TRP FC 17 -44.68 -26.49 -21.03
CA TRP FC 17 -44.60 -26.74 -22.45
C TRP FC 17 -43.67 -25.85 -23.24
N ILE FC 18 -42.95 -24.98 -22.57
CA ILE FC 18 -42.36 -23.83 -23.24
C ILE FC 18 -40.89 -23.93 -23.74
N GLY FC 19 -39.93 -24.16 -22.84
CA GLY FC 19 -38.53 -23.84 -23.11
C GLY FC 19 -37.73 -24.87 -23.87
N LYS FC 20 -36.43 -24.96 -23.57
CA LYS FC 20 -35.59 -25.95 -24.22
C LYS FC 20 -35.77 -27.32 -23.56
N HIS FC 21 -36.50 -27.33 -22.46
CA HIS FC 21 -36.86 -28.58 -21.80
C HIS FC 21 -38.32 -28.68 -21.54
N ARG FC 22 -38.93 -29.71 -22.09
CA ARG FC 22 -40.36 -29.80 -22.04
C ARG FC 22 -40.88 -31.11 -21.50
N ARG FC 23 -42.05 -31.01 -20.89
CA ARG FC 23 -42.86 -32.16 -20.63
C ARG FC 23 -42.99 -32.86 -21.98
N PRO FC 24 -42.58 -34.13 -22.03
CA PRO FC 24 -42.40 -35.06 -23.16
C PRO FC 24 -43.60 -35.43 -24.03
N ARG FC 25 -44.84 -35.04 -23.73
CA ARG FC 25 -46.05 -35.80 -24.12
C ARG FC 25 -46.06 -36.47 -25.50
N PRO FC 26 -46.38 -37.77 -25.50
CA PRO FC 26 -46.34 -38.73 -26.61
C PRO FC 26 -47.56 -38.67 -27.53
N VAL FC 27 -47.39 -39.16 -28.76
CA VAL FC 27 -48.50 -39.21 -29.69
C VAL FC 27 -49.40 -40.37 -29.34
N SER FC 28 -50.69 -40.17 -29.55
CA SER FC 28 -51.67 -41.18 -29.27
C SER FC 28 -52.08 -41.89 -30.56
N ALA FC 29 -52.41 -43.18 -30.46
CA ALA FC 29 -53.06 -43.93 -31.53
C ALA FC 29 -54.29 -43.18 -32.06
N GLN FC 30 -55.07 -42.63 -31.12
CA GLN FC 30 -56.13 -41.69 -31.43
C GLN FC 30 -55.64 -40.59 -32.37
N ALA FC 31 -54.55 -39.94 -31.98
CA ALA FC 31 -53.97 -38.86 -32.75
C ALA FC 31 -53.61 -39.32 -34.17
N LYS FC 32 -52.99 -40.49 -34.27
CA LYS FC 32 -52.63 -41.04 -35.58
C LYS FC 32 -53.90 -41.12 -36.42
N GLN FC 33 -54.95 -41.62 -35.81
CA GLN FC 33 -56.24 -41.76 -36.49
C GLN FC 33 -56.77 -40.43 -37.01
N ASN FC 34 -56.95 -39.46 -36.13
CA ASN FC 34 -57.45 -38.14 -36.52
C ASN FC 34 -56.68 -37.57 -37.69
N MET FC 35 -55.36 -37.63 -37.58
CA MET FC 35 -54.56 -37.10 -38.66
C MET FC 35 -54.84 -37.82 -39.97
N ILE FC 36 -54.85 -39.15 -39.94
CA ILE FC 36 -55.10 -39.87 -41.17
C ILE FC 36 -56.44 -39.50 -41.78
N ARG FC 37 -57.45 -39.42 -40.92
CA ARG FC 37 -58.81 -39.02 -41.30
C ARG FC 37 -58.82 -37.71 -42.08
N ARG FC 38 -58.18 -36.68 -41.52
CA ARG FC 38 -58.02 -35.41 -42.25
C ARG FC 38 -57.31 -35.58 -43.58
N LEU FC 39 -56.19 -36.29 -43.57
CA LEU FC 39 -55.46 -36.54 -44.80
C LEU FC 39 -56.33 -37.17 -45.90
N GLU FC 40 -57.20 -38.08 -45.49
CA GLU FC 40 -58.15 -38.74 -46.37
C GLU FC 40 -59.04 -37.74 -47.04
N THR FC 41 -59.73 -36.97 -46.21
CA THR FC 41 -60.59 -35.92 -46.73
C THR FC 41 -59.86 -34.99 -47.70
N GLU FC 42 -58.61 -34.66 -47.41
CA GLU FC 42 -57.89 -33.72 -48.27
C GLU FC 42 -57.37 -34.35 -49.57
N ALA FC 43 -57.05 -35.64 -49.54
CA ALA FC 43 -56.71 -36.37 -50.76
C ALA FC 43 -57.90 -36.32 -51.69
N GLU FC 44 -59.07 -36.61 -51.15
CA GLU FC 44 -60.31 -36.52 -51.92
C GLU FC 44 -60.53 -35.09 -52.46
N ASN FC 45 -60.28 -34.10 -51.62
CA ASN FC 45 -60.41 -32.71 -52.03
C ASN FC 45 -59.54 -32.36 -53.23
N GLN FC 46 -58.25 -32.61 -53.10
CA GLN FC 46 -57.35 -32.27 -54.19
C GLN FC 46 -57.59 -33.18 -55.40
N TYR FC 47 -58.35 -34.26 -55.23
CA TYR FC 47 -58.85 -34.92 -56.43
C TYR FC 47 -59.93 -34.08 -57.10
N TRP FC 48 -60.98 -33.74 -56.38
CA TRP FC 48 -62.11 -33.02 -56.99
C TRP FC 48 -61.72 -31.65 -57.50
N LEU FC 49 -60.53 -31.20 -57.14
CA LEU FC 49 -60.08 -29.90 -57.60
C LEU FC 49 -59.23 -29.99 -58.85
N SER FC 50 -59.09 -31.19 -59.37
CA SER FC 50 -58.16 -31.43 -60.44
C SER FC 50 -58.69 -31.05 -61.82
N ARG FC 51 -59.93 -31.41 -62.12
CA ARG FC 51 -60.43 -31.43 -63.50
C ARG FC 51 -61.57 -30.47 -63.73
N PRO FC 52 -61.27 -29.22 -64.05
CA PRO FC 52 -62.27 -28.16 -64.21
C PRO FC 52 -63.14 -28.36 -65.44
N PHE FC 53 -64.30 -27.71 -65.40
CA PHE FC 53 -65.30 -27.82 -66.44
C PHE FC 53 -64.88 -27.02 -67.64
N LEU FC 54 -64.82 -25.72 -67.43
CA LEU FC 54 -64.29 -24.79 -68.41
C LEU FC 54 -62.76 -24.76 -68.41
N THR FC 55 -62.17 -24.30 -69.52
CA THR FC 55 -60.75 -23.97 -69.55
C THR FC 55 -60.58 -22.53 -69.04
N ALA FC 56 -59.38 -21.99 -69.21
CA ALA FC 56 -59.06 -20.66 -68.72
C ALA FC 56 -59.68 -19.52 -69.56
N GLU FC 57 -59.52 -19.59 -70.87
CA GLU FC 57 -60.03 -18.52 -71.73
C GLU FC 57 -61.51 -18.71 -71.93
N GLN FC 58 -61.97 -19.90 -71.57
CA GLN FC 58 -63.37 -20.23 -71.68
C GLN FC 58 -64.18 -19.48 -70.66
N GLU FC 59 -63.56 -19.18 -69.52
CA GLU FC 59 -64.26 -18.49 -68.47
C GLU FC 59 -64.04 -16.98 -68.52
N ARG FC 60 -63.36 -16.49 -69.55
CA ARG FC 60 -63.16 -15.05 -69.72
C ARG FC 60 -64.49 -14.31 -69.76
N GLY FC 61 -64.63 -13.32 -68.88
CA GLY FC 61 -65.79 -12.43 -68.84
C GLY FC 61 -67.16 -13.08 -68.78
N HIS FC 62 -67.24 -14.33 -68.31
CA HIS FC 62 -68.42 -15.16 -68.55
C HIS FC 62 -69.65 -14.77 -67.72
N ALA FC 63 -69.47 -14.11 -66.58
CA ALA FC 63 -70.46 -13.10 -66.20
C ALA FC 63 -69.77 -11.79 -65.91
N ALA FC 64 -69.75 -10.89 -66.89
CA ALA FC 64 -69.29 -9.53 -66.64
C ALA FC 64 -70.53 -8.70 -66.48
N VAL FC 65 -71.64 -9.35 -66.80
CA VAL FC 65 -72.94 -8.72 -66.80
C VAL FC 65 -73.43 -8.63 -65.39
N ARG FC 66 -73.34 -9.75 -64.70
CA ARG FC 66 -73.86 -9.83 -63.36
C ARG FC 66 -73.00 -9.02 -62.39
N ARG FC 67 -71.70 -9.13 -62.57
CA ARG FC 67 -70.76 -8.61 -61.59
C ARG FC 67 -70.74 -7.07 -61.52
N ALA FC 68 -71.02 -6.40 -62.63
CA ALA FC 68 -71.14 -4.96 -62.58
C ALA FC 68 -72.49 -4.54 -62.00
N ALA FC 69 -73.50 -5.37 -62.21
CA ALA FC 69 -74.86 -5.07 -61.76
C ALA FC 69 -75.00 -5.16 -60.24
N ALA FC 70 -74.38 -6.18 -59.66
CA ALA FC 70 -74.30 -6.28 -58.20
C ALA FC 70 -73.69 -5.02 -57.61
N PHE FC 71 -72.61 -4.55 -58.22
CA PHE FC 71 -71.91 -3.35 -57.79
C PHE FC 71 -72.75 -2.08 -57.97
N GLN FC 72 -73.63 -2.07 -58.96
CA GLN FC 72 -74.55 -0.94 -59.15
C GLN FC 72 -75.66 -0.96 -58.13
N ALA FC 73 -76.00 -2.15 -57.65
CA ALA FC 73 -76.91 -2.27 -56.52
C ALA FC 73 -76.23 -1.78 -55.25
N LEU FC 74 -74.94 -2.09 -55.12
CA LEU FC 74 -74.16 -1.68 -53.95
C LEU FC 74 -73.99 -0.18 -53.89
N LYS FC 75 -73.66 0.40 -55.04
CA LYS FC 75 -73.65 1.84 -55.20
C LYS FC 75 -75.02 2.45 -54.87
N ALA FC 76 -76.07 1.93 -55.52
CA ALA FC 76 -77.44 2.43 -55.32
C ALA FC 76 -77.90 2.38 -53.85
N ALA FC 77 -77.35 1.44 -53.09
CA ALA FC 77 -77.66 1.31 -51.67
C ALA FC 77 -77.25 2.56 -50.87
N GLN FC 78 -76.01 3.01 -51.04
CA GLN FC 78 -75.55 4.19 -50.35
C GLN FC 78 -76.01 5.47 -51.01
N ALA FC 79 -76.40 5.35 -52.27
CA ALA FC 79 -77.02 6.46 -52.97
C ALA FC 79 -78.16 7.01 -52.13
N ALA FC 80 -78.89 6.07 -51.53
CA ALA FC 80 -80.18 6.34 -50.95
C ALA FC 80 -80.14 6.94 -49.55
N ARG FC 81 -78.97 7.06 -48.93
CA ARG FC 81 -78.97 7.55 -47.56
C ARG FC 81 -79.13 9.08 -47.57
N PHE FC 82 -80.21 9.50 -46.93
CA PHE FC 82 -80.52 10.88 -46.69
C PHE FC 82 -81.29 10.90 -45.39
N PRO FC 83 -81.28 12.04 -44.68
CA PRO FC 83 -82.14 12.12 -43.50
C PRO FC 83 -83.60 11.77 -43.82
N ALA FC 84 -84.32 11.29 -42.82
CA ALA FC 84 -85.66 10.77 -43.01
C ALA FC 84 -86.76 11.84 -43.03
N HIS FC 85 -87.80 11.56 -43.81
CA HIS FC 85 -88.99 12.37 -43.84
C HIS FC 85 -89.53 12.61 -42.45
N ARG FC 86 -89.95 13.83 -42.17
CA ARG FC 86 -90.62 14.10 -40.92
C ARG FC 86 -92.04 14.53 -41.17
N ARG FC 87 -92.97 13.98 -40.40
CA ARG FC 87 -94.40 14.21 -40.63
C ARG FC 87 -95.12 14.96 -39.50
N LEU FC 88 -96.23 15.59 -39.88
CA LEU FC 88 -97.12 16.28 -38.96
C LEU FC 88 -97.53 15.41 -37.82
N GLU FC 89 -97.93 14.21 -38.19
CA GLU FC 89 -98.59 13.28 -37.31
C GLU FC 89 -97.76 12.96 -36.08
N GLU FC 90 -96.45 13.08 -36.19
CA GLU FC 90 -95.57 12.89 -35.05
C GLU FC 90 -95.62 14.08 -34.10
N GLN FC 91 -95.34 15.26 -34.64
CA GLN FC 91 -95.24 16.48 -33.85
C GLN FC 91 -96.55 16.70 -33.11
N LEU FC 92 -97.64 16.49 -33.82
CA LEU FC 92 -98.96 16.68 -33.24
C LEU FC 92 -99.39 15.49 -32.39
N GLY FC 93 -99.11 14.28 -32.86
CA GLY FC 93 -99.45 13.08 -32.10
C GLY FC 93 -98.85 13.06 -30.70
N HIS FC 94 -97.79 13.86 -30.50
CA HIS FC 94 -97.25 14.03 -29.16
C HIS FC 94 -98.26 14.68 -28.20
N LEU FC 95 -99.31 15.27 -28.74
CA LEU FC 95 -100.27 15.93 -27.87
C LEU FC 95 -101.33 14.98 -27.38
N LEU FC 96 -101.40 13.79 -27.97
CA LEU FC 96 -102.37 12.80 -27.51
C LEU FC 96 -102.04 12.40 -26.07
N VAL FC 97 -100.85 12.82 -25.64
CA VAL FC 97 -100.33 12.63 -24.30
C VAL FC 97 -101.38 13.01 -23.25
N THR FC 98 -102.02 14.15 -23.48
CA THR FC 98 -102.92 14.78 -22.54
C THR FC 98 -104.37 14.39 -22.76
N ARG FC 99 -104.60 13.41 -23.63
CA ARG FC 99 -105.95 12.98 -23.98
C ARG FC 99 -106.80 12.75 -22.74
N LYS FC 100 -108.01 13.29 -22.75
CA LYS FC 100 -108.81 13.35 -21.52
C LYS FC 100 -110.21 12.75 -21.64
N TRP FC 101 -110.74 12.42 -20.47
CA TRP FC 101 -112.16 12.25 -20.27
C TRP FC 101 -112.64 13.46 -19.50
N SER FC 102 -113.89 13.85 -19.74
CA SER FC 102 -114.48 14.99 -19.05
C SER FC 102 -116.00 15.00 -19.18
N GLU GC 38 -75.96 76.03 -50.92
CA GLU GC 38 -74.97 76.67 -51.78
C GLU GC 38 -73.63 76.81 -51.08
N PHE GC 39 -73.06 75.68 -50.66
CA PHE GC 39 -71.78 75.68 -49.94
C PHE GC 39 -70.58 75.72 -50.88
N GLN GC 40 -69.52 76.37 -50.40
CA GLN GC 40 -68.20 76.29 -50.99
C GLN GC 40 -67.16 76.31 -49.88
N SER GC 41 -66.08 75.56 -50.07
CA SER GC 41 -64.96 75.56 -49.15
C SER GC 41 -63.76 76.05 -49.93
N ILE GC 42 -62.71 76.47 -49.22
CA ILE GC 42 -61.51 76.98 -49.87
C ILE GC 42 -60.88 75.93 -50.80
N TYR GC 43 -61.19 74.66 -50.52
CA TYR GC 43 -60.59 73.57 -51.28
C TYR GC 43 -61.44 73.10 -52.44
N SER GC 44 -62.52 73.80 -52.76
CA SER GC 44 -63.48 73.30 -53.75
C SER GC 44 -62.92 73.30 -55.17
N LEU GC 45 -63.68 72.75 -56.10
CA LEU GC 45 -63.17 72.48 -57.44
C LEU GC 45 -63.08 73.77 -58.25
N ASP GC 46 -63.89 74.75 -57.86
CA ASP GC 46 -63.85 76.07 -58.48
C ASP GC 46 -62.59 76.83 -58.05
N LYS GC 47 -62.27 76.77 -56.76
CA LYS GC 47 -61.21 77.60 -56.19
C LYS GC 47 -59.81 77.04 -56.48
N LEU GC 48 -59.73 75.73 -56.71
CA LEU GC 48 -58.49 75.11 -57.17
C LEU GC 48 -58.27 75.32 -58.67
N TYR GC 49 -59.34 75.09 -59.42
CA TYR GC 49 -59.33 75.18 -60.88
C TYR GC 49 -60.31 76.25 -61.34
N PRO GC 50 -59.89 77.53 -61.30
CA PRO GC 50 -60.70 78.72 -61.58
C PRO GC 50 -61.06 78.89 -63.06
N GLU GC 51 -60.24 78.33 -63.93
CA GLU GC 51 -60.43 78.46 -65.37
C GLU GC 51 -61.76 77.85 -65.78
N SER GC 52 -61.91 76.56 -65.49
CA SER GC 52 -63.16 75.85 -65.74
C SER GC 52 -64.04 75.94 -64.50
N ARG GC 53 -65.28 76.39 -64.68
CA ARG GC 53 -66.13 76.67 -63.52
C ARG GC 53 -67.51 76.00 -63.53
N GLY GC 54 -68.33 76.31 -64.54
CA GLY GC 54 -69.73 75.89 -64.55
C GLY GC 54 -70.00 74.40 -64.37
N SER GC 55 -71.19 74.06 -63.87
CA SER GC 55 -71.57 72.67 -63.62
C SER GC 55 -71.65 71.86 -64.91
N ASP GC 56 -71.83 72.56 -66.03
CA ASP GC 56 -71.88 71.94 -67.35
C ASP GC 56 -70.53 71.96 -68.09
N THR GC 57 -69.47 72.41 -67.41
CA THR GC 57 -68.14 72.54 -68.03
C THR GC 57 -67.47 71.20 -68.32
N ALA GC 58 -67.53 70.28 -67.37
CA ALA GC 58 -66.90 68.97 -67.53
C ALA GC 58 -67.69 68.05 -68.45
N TRP GC 59 -68.91 68.47 -68.81
CA TRP GC 59 -69.81 67.68 -69.66
C TRP GC 59 -69.83 68.09 -71.12
N ARG GC 60 -68.99 69.06 -71.48
CA ARG GC 60 -68.80 69.41 -72.88
C ARG GC 60 -68.38 68.16 -73.64
N LEU GC 61 -68.79 68.05 -74.88
CA LEU GC 61 -68.29 66.95 -75.70
C LEU GC 61 -67.52 67.56 -76.86
N PRO GC 62 -66.18 67.47 -76.83
CA PRO GC 62 -65.39 68.07 -77.90
C PRO GC 62 -65.30 67.16 -79.13
N ASP GC 63 -66.34 67.20 -79.98
CA ASP GC 63 -66.35 66.42 -81.23
C ASP GC 63 -65.37 67.02 -82.25
N ASP GC 64 -64.98 68.27 -82.02
CA ASP GC 64 -63.98 68.95 -82.83
C ASP GC 64 -62.56 68.53 -82.46
N ALA GC 65 -62.36 68.12 -81.20
CA ALA GC 65 -61.08 67.60 -80.74
C ALA GC 65 -60.70 66.31 -81.48
N LYS GC 66 -61.62 65.35 -81.53
CA LYS GC 66 -61.40 64.15 -82.33
C LYS GC 66 -62.34 64.12 -83.53
N GLN GC 67 -61.81 64.46 -84.71
CA GLN GC 67 -62.60 64.44 -85.92
C GLN GC 67 -62.41 63.18 -86.79
N ALA GC 68 -61.40 62.36 -86.48
CA ALA GC 68 -60.98 61.28 -87.39
C ALA GC 68 -61.96 60.10 -87.42
N ASN GC 69 -62.50 59.74 -86.25
CA ASN GC 69 -63.42 58.60 -86.06
C ASN GC 69 -63.02 57.35 -86.84
N ASP GC 70 -61.87 56.78 -86.47
CA ASP GC 70 -61.46 55.50 -87.01
C ASP GC 70 -62.50 54.46 -86.67
N ILE GC 71 -62.73 53.52 -87.60
CA ILE GC 71 -63.64 52.40 -87.37
C ILE GC 71 -65.05 52.81 -86.91
N PRO GC 72 -65.88 53.28 -87.85
CA PRO GC 72 -67.25 53.77 -87.59
C PRO GC 72 -68.21 52.63 -87.25
N VAL GC 73 -68.27 52.32 -85.96
CA VAL GC 73 -68.96 51.14 -85.42
C VAL GC 73 -70.43 50.97 -85.89
N ASP GC 74 -71.04 52.04 -86.40
CA ASP GC 74 -72.38 51.95 -86.97
C ASP GC 74 -72.41 51.22 -88.32
N ARG GC 75 -71.24 51.08 -88.95
CA ARG GC 75 -71.09 50.31 -90.20
C ARG GC 75 -70.55 48.88 -90.05
N LEU GC 76 -70.23 48.47 -88.82
CA LEU GC 76 -69.76 47.10 -88.60
C LEU GC 76 -70.89 46.19 -88.20
N THR GC 77 -70.83 44.96 -88.67
CA THR GC 77 -71.66 43.91 -88.10
C THR GC 77 -70.82 43.30 -86.97
N ILE GC 78 -71.29 43.49 -85.75
CA ILE GC 78 -70.57 43.01 -84.58
C ILE GC 78 -71.41 41.95 -83.88
N SER GC 79 -70.94 40.71 -83.96
CA SER GC 79 -71.71 39.58 -83.48
C SER GC 79 -71.04 38.95 -82.28
N TYR GC 80 -71.85 38.43 -81.36
CA TYR GC 80 -71.33 37.80 -80.15
C TYR GC 80 -71.73 36.33 -80.08
N CYS GC 81 -70.75 35.47 -79.90
CA CYS GC 81 -71.05 34.08 -79.54
C CYS GC 81 -70.83 33.90 -78.05
N ARG GC 82 -71.91 33.80 -77.28
CA ARG GC 82 -71.74 33.68 -75.83
C ARG GC 82 -71.71 32.21 -75.45
N SER GC 83 -70.54 31.74 -75.03
CA SER GC 83 -70.37 30.35 -74.64
C SER GC 83 -70.18 30.24 -73.13
N SER GC 84 -71.13 29.58 -72.47
CA SER GC 84 -71.11 29.40 -71.03
C SER GC 84 -71.04 27.91 -70.64
N GLY GC 85 -70.10 27.58 -69.74
CA GLY GC 85 -69.91 26.21 -69.32
C GLY GC 85 -68.95 26.08 -68.15
N LYS GC 93 -65.50 26.35 -69.20
CA LYS GC 93 -64.91 27.68 -69.27
C LYS GC 93 -65.87 28.69 -69.89
N VAL GC 94 -66.02 29.83 -69.22
CA VAL GC 94 -66.95 30.87 -69.68
C VAL GC 94 -66.22 31.88 -70.57
N ASN GC 95 -66.56 31.91 -71.86
CA ASN GC 95 -65.94 32.82 -72.83
C ASN GC 95 -66.95 33.34 -73.85
N SER GC 96 -66.87 34.63 -74.18
CA SER GC 96 -67.74 35.20 -75.21
C SER GC 96 -66.92 35.63 -76.42
N LYS GC 97 -67.06 34.88 -77.50
CA LYS GC 97 -66.48 35.21 -78.79
C LYS GC 97 -66.99 36.56 -79.28
N ALA GC 98 -66.08 37.46 -79.60
CA ALA GC 98 -66.47 38.70 -80.27
C ALA GC 98 -65.98 38.69 -81.71
N GLU GC 99 -66.92 38.89 -82.63
CA GLU GC 99 -66.65 38.84 -84.07
C GLU GC 99 -66.96 40.17 -84.75
N VAL GC 100 -65.96 40.70 -85.46
CA VAL GC 100 -66.06 41.95 -86.19
C VAL GC 100 -66.07 41.71 -87.71
N ARG GC 101 -67.10 42.22 -88.39
CA ARG GC 101 -67.32 42.01 -89.82
C ARG GC 101 -67.68 43.28 -90.58
N PHE GC 102 -67.00 43.50 -91.71
CA PHE GC 102 -67.37 44.56 -92.64
C PHE GC 102 -66.77 44.27 -94.01
N HIS GC 103 -67.34 44.87 -95.05
CA HIS GC 103 -66.87 44.61 -96.41
C HIS GC 103 -65.60 45.40 -96.67
N LEU GC 104 -64.57 44.73 -97.16
CA LEU GC 104 -63.28 45.36 -97.43
C LEU GC 104 -63.36 46.34 -98.59
N ALA GC 105 -64.08 45.98 -99.64
CA ALA GC 105 -64.19 46.81 -100.83
C ALA GC 105 -65.17 47.97 -100.64
N SER GC 106 -66.15 47.78 -99.77
CA SER GC 106 -67.22 48.76 -99.56
C SER GC 106 -66.95 49.72 -98.40
N ALA GC 107 -65.77 49.60 -97.79
CA ALA GC 107 -65.43 50.44 -96.65
C ALA GC 107 -64.64 51.68 -97.08
N ASP GC 108 -65.28 52.85 -96.96
CA ASP GC 108 -64.70 54.12 -97.39
C ASP GC 108 -63.75 54.76 -96.38
N TRP GC 109 -63.92 54.45 -95.08
CA TRP GC 109 -63.18 55.13 -94.02
C TRP GC 109 -61.67 54.82 -94.04
N ILE GC 110 -61.28 53.88 -94.90
CA ILE GC 110 -59.87 53.66 -95.19
C ILE GC 110 -59.63 53.93 -96.68
N ALA GC 111 -58.49 54.57 -96.99
CA ALA GC 111 -58.14 54.92 -98.36
C ALA GC 111 -57.83 53.69 -99.19
N GLU GC 112 -57.84 53.84 -100.52
CA GLU GC 112 -57.58 52.72 -101.42
C GLU GC 112 -56.22 52.01 -101.27
N PRO GC 113 -55.12 52.76 -101.02
CA PRO GC 113 -53.89 52.01 -100.71
C PRO GC 113 -54.02 51.11 -99.49
N VAL GC 114 -54.63 51.65 -98.43
CA VAL GC 114 -54.89 50.92 -97.20
C VAL GC 114 -55.93 49.81 -97.42
N ARG GC 115 -56.91 50.07 -98.28
CA ARG GC 115 -57.99 49.13 -98.53
C ARG GC 115 -57.52 47.91 -99.31
N LEU GC 116 -56.62 48.14 -100.26
CA LEU GC 116 -56.05 47.06 -101.06
C LEU GC 116 -54.88 46.33 -100.39
N LYS GC 117 -54.12 47.02 -99.53
CA LYS GC 117 -53.00 46.37 -98.85
C LYS GC 117 -53.46 45.46 -97.69
N LEU GC 118 -54.69 45.66 -97.22
CA LEU GC 118 -55.26 44.81 -96.18
C LEU GC 118 -55.74 43.47 -96.76
N ALA GC 119 -56.06 43.48 -98.04
CA ALA GC 119 -56.45 42.26 -98.75
C ALA GC 119 -55.21 41.44 -99.07
N VAL GC 120 -54.04 42.03 -98.83
CA VAL GC 120 -52.76 41.39 -99.11
C VAL GC 120 -52.28 40.51 -97.95
N LYS GC 121 -51.90 41.13 -96.83
CA LYS GC 121 -51.33 40.39 -95.71
C LYS GC 121 -52.38 39.53 -94.99
N HIS GC 122 -53.61 40.03 -94.95
CA HIS GC 122 -54.67 39.40 -94.16
C HIS GC 122 -55.57 38.47 -94.97
N LYS GC 123 -55.19 38.18 -96.21
CA LYS GC 123 -56.03 37.41 -97.13
C LYS GC 123 -56.51 36.06 -96.59
N ASN GC 124 -55.86 35.55 -95.54
CA ASN GC 124 -56.24 34.27 -94.94
C ASN GC 124 -57.61 34.28 -94.24
N ARG GC 125 -57.90 35.37 -93.53
CA ARG GC 125 -59.12 35.49 -92.73
C ARG GC 125 -60.31 36.06 -93.51
N ILE GC 126 -60.04 36.57 -94.71
CA ILE GC 126 -61.08 37.16 -95.56
C ILE GC 126 -62.04 36.09 -96.06
N ASN GC 127 -63.24 36.51 -96.45
CA ASN GC 127 -64.34 35.63 -96.78
C ASN GC 127 -64.71 35.70 -98.27
N ARG GC 128 -65.38 34.68 -98.77
CA ARG GC 128 -65.78 34.61 -100.17
C ARG GC 128 -66.72 35.77 -100.57
N SER GC 129 -67.36 36.37 -99.58
CA SER GC 129 -68.29 37.48 -99.81
C SER GC 129 -67.63 38.87 -99.62
N GLY GC 130 -66.32 38.88 -99.36
CA GLY GC 130 -65.56 40.11 -99.28
C GLY GC 130 -65.37 40.66 -97.87
N GLU GC 131 -65.97 39.97 -96.91
CA GLU GC 131 -65.95 40.40 -95.51
C GLU GC 131 -64.61 40.12 -94.83
N LEU GC 132 -64.16 41.04 -93.97
CA LEU GC 132 -62.95 40.80 -93.18
C LEU GC 132 -63.32 40.45 -91.74
N ILE GC 133 -62.98 39.22 -91.33
CA ILE GC 133 -63.44 38.67 -90.05
C ILE GC 133 -62.37 38.76 -88.95
N LEU GC 134 -62.70 39.46 -87.85
CA LEU GC 134 -61.79 39.55 -86.71
C LEU GC 134 -62.38 38.88 -85.47
N THR GC 135 -61.54 38.12 -84.76
CA THR GC 135 -61.99 37.27 -83.66
C THR GC 135 -61.25 37.53 -82.34
N SER GC 136 -61.99 37.75 -81.26
CA SER GC 136 -61.38 37.70 -79.92
C SER GC 136 -62.15 36.75 -79.02
N GLU GC 137 -61.45 36.22 -78.02
CA GLU GC 137 -61.91 35.05 -77.27
C GLU GC 137 -61.94 35.28 -75.76
N CYS GC 138 -60.77 35.64 -75.23
CA CYS GC 138 -60.42 35.54 -73.81
C CYS GC 138 -61.44 35.99 -72.74
N SER GC 139 -61.65 37.30 -72.61
CA SER GC 139 -62.40 37.86 -71.48
C SER GC 139 -63.88 37.48 -71.50
N ARG GC 140 -64.39 37.03 -70.35
CA ARG GC 140 -65.77 36.59 -70.26
C ARG GC 140 -66.72 37.77 -70.45
N TYR GC 141 -66.24 38.98 -70.16
CA TYR GC 141 -67.00 40.19 -70.47
C TYR GC 141 -66.74 40.52 -71.93
N GLN GC 142 -67.82 40.71 -72.70
CA GLN GC 142 -67.67 40.89 -74.14
C GLN GC 142 -67.16 42.29 -74.50
N PHE GC 143 -67.08 43.17 -73.50
CA PHE GC 143 -66.55 44.52 -73.71
C PHE GC 143 -65.07 44.55 -74.05
N ARG GC 144 -64.30 43.79 -73.27
CA ARG GC 144 -62.87 43.66 -73.49
C ARG GC 144 -62.58 42.93 -74.81
N ASN GC 145 -63.57 42.17 -75.27
CA ASN GC 145 -63.48 41.50 -76.56
C ASN GC 145 -63.76 42.47 -77.70
N LEU GC 146 -64.70 43.38 -77.47
CA LEU GC 146 -64.94 44.50 -78.38
C LEU GC 146 -63.65 45.31 -78.52
N ALA GC 147 -63.06 45.70 -77.40
CA ALA GC 147 -61.83 46.49 -77.39
C ALA GC 147 -60.68 45.72 -78.02
N ASP GC 148 -60.64 44.41 -77.76
CA ASP GC 148 -59.64 43.53 -78.37
C ASP GC 148 -59.72 43.59 -79.89
N CYS GC 149 -60.92 43.37 -80.41
CA CYS GC 149 -61.14 43.31 -81.86
C CYS GC 149 -60.91 44.67 -82.52
N LEU GC 150 -61.46 45.72 -81.91
CA LEU GC 150 -61.29 47.07 -82.43
C LEU GC 150 -59.82 47.46 -82.39
N GLN GC 151 -59.06 46.88 -81.46
CA GLN GC 151 -57.63 47.13 -81.39
C GLN GC 151 -56.80 46.28 -82.37
N LYS GC 152 -57.26 45.07 -82.68
CA LYS GC 152 -56.59 44.25 -83.70
C LYS GC 152 -56.81 44.93 -85.04
N LEU GC 153 -57.97 45.57 -85.15
CA LEU GC 153 -58.35 46.38 -86.29
C LEU GC 153 -57.49 47.64 -86.42
N ARG GC 154 -57.43 48.43 -85.34
CA ARG GC 154 -56.58 49.62 -85.27
C ARG GC 154 -55.13 49.28 -85.58
N ASP GC 155 -54.72 48.10 -85.15
CA ASP GC 155 -53.38 47.60 -85.41
C ASP GC 155 -53.21 47.31 -86.88
N MET GC 156 -54.16 46.60 -87.48
CA MET GC 156 -54.04 46.24 -88.88
C MET GC 156 -54.03 47.48 -89.77
N ILE GC 157 -54.93 48.41 -89.49
CA ILE GC 157 -55.01 49.64 -90.27
C ILE GC 157 -53.75 50.49 -90.02
N ALA GC 158 -53.24 50.47 -88.79
CA ALA GC 158 -52.01 51.22 -88.49
C ALA GC 158 -50.82 50.66 -89.26
N GLU GC 159 -50.66 49.33 -89.28
CA GLU GC 159 -49.51 48.70 -89.93
C GLU GC 159 -49.59 48.76 -91.45
N ALA GC 160 -50.80 48.67 -91.99
CA ALA GC 160 -51.00 48.69 -93.44
C ALA GC 160 -50.95 50.12 -93.96
N SER GC 161 -51.30 51.09 -93.11
CA SER GC 161 -51.22 52.50 -93.49
C SER GC 161 -49.80 53.03 -93.26
N GLN GC 162 -48.93 52.18 -92.76
CA GLN GC 162 -47.50 52.47 -92.71
C GLN GC 162 -46.83 51.85 -93.92
N PRO GC 163 -46.43 52.70 -94.91
CA PRO GC 163 -45.68 52.22 -96.07
C PRO GC 163 -44.29 51.77 -95.64
N UNK GC 164 -43.93 52.15 -94.41
CA UNK GC 164 -42.63 51.83 -93.82
C UNK GC 164 -42.59 50.41 -93.27
N UNK GC 165 -43.70 49.68 -93.38
CA UNK GC 165 -43.72 48.29 -92.94
C UNK GC 165 -42.90 47.44 -93.90
N UNK GC 166 -41.86 46.79 -93.37
CA UNK GC 166 -40.95 45.98 -94.18
C UNK GC 166 -41.25 44.48 -94.11
N UNK GC 167 -42.21 44.10 -93.27
CA UNK GC 167 -42.63 42.69 -93.12
C UNK GC 167 -41.45 41.75 -92.81
N UNK GC 168 -40.71 42.04 -91.75
CA UNK GC 168 -39.54 41.24 -91.37
C UNK GC 168 -39.88 39.75 -91.17
N UNK GC 169 -39.12 38.90 -91.84
CA UNK GC 169 -39.36 37.45 -91.81
C UNK GC 169 -38.31 36.72 -90.96
N UNK GC 170 -38.78 35.96 -89.97
CA UNK GC 170 -37.91 35.17 -89.10
C UNK GC 170 -37.50 33.87 -89.80
N UNK GC 171 -36.24 33.47 -89.62
CA UNK GC 171 -35.71 32.26 -90.27
C UNK GC 171 -35.90 30.99 -89.45
N UNK GC 172 -36.32 31.16 -88.19
CA UNK GC 172 -36.49 30.04 -87.26
C UNK GC 172 -37.64 29.09 -87.65
N UNK GC 173 -38.83 29.63 -87.87
CA UNK GC 173 -39.98 28.82 -88.31
C UNK GC 173 -40.00 28.56 -89.83
N LEU GC 174 -39.40 29.46 -90.61
CA LEU GC 174 -39.40 29.38 -92.07
C LEU GC 174 -38.18 28.71 -92.73
N ARG GC 175 -37.18 28.28 -91.95
CA ARG GC 175 -36.00 27.61 -92.53
C ARG GC 175 -36.42 26.37 -93.33
N ARG GC 176 -37.40 25.65 -92.81
CA ARG GC 176 -37.97 24.48 -93.48
C ARG GC 176 -38.63 24.86 -94.80
N SER GC 177 -39.31 26.00 -94.81
CA SER GC 177 -40.00 26.50 -95.99
C SER GC 177 -39.02 26.98 -97.09
N ARG GC 178 -37.96 27.68 -96.69
CA ARG GC 178 -36.93 28.11 -97.64
C ARG GC 178 -36.17 26.94 -98.24
N ILE GC 179 -35.73 26.04 -97.38
CA ILE GC 179 -34.94 24.88 -97.83
C ILE GC 179 -35.76 23.89 -98.66
N GLU GC 180 -37.05 23.69 -98.32
CA GLU GC 180 -37.91 22.85 -99.16
C GLU GC 180 -38.32 23.58 -100.46
N ASN GC 181 -38.37 24.92 -100.40
CA ASN GC 181 -38.60 25.75 -101.60
C ASN GC 181 -37.47 25.56 -102.62
N MET GC 182 -36.22 25.73 -102.17
CA MET GC 182 -35.05 25.51 -103.03
C MET GC 182 -34.89 24.05 -103.50
N ASN GC 183 -35.15 23.10 -102.61
CA ASN GC 183 -35.02 21.69 -102.98
C ASN GC 183 -36.13 21.19 -103.91
N ARG GC 184 -37.28 21.87 -103.94
CA ARG GC 184 -38.24 21.59 -105.01
C ARG GC 184 -37.92 22.49 -106.22
N GLU GC 185 -37.06 23.48 -106.01
CA GLU GC 185 -36.61 24.36 -107.09
C GLU GC 185 -35.53 23.73 -107.98
N ARG GC 186 -34.70 22.84 -107.42
CA ARG GC 186 -33.70 22.14 -108.24
C ARG GC 186 -34.32 21.19 -109.27
N LEU GC 187 -35.45 20.58 -108.89
CA LEU GC 187 -36.23 19.73 -109.80
C LEU GC 187 -37.17 20.54 -110.71
N ARG GC 188 -37.73 21.65 -110.20
CA ARG GC 188 -38.51 22.58 -111.04
C ARG GC 188 -37.66 23.16 -112.17
N LYS GC 189 -36.35 23.14 -111.97
CA LYS GC 189 -35.37 23.74 -112.86
C LYS GC 189 -35.20 23.01 -114.20
N LYS GC 190 -35.70 21.77 -114.29
CA LYS GC 190 -35.64 21.02 -115.55
C LYS GC 190 -36.47 21.76 -116.62
N ARG GC 191 -35.84 22.07 -117.75
CA ARG GC 191 -36.49 22.91 -118.76
C ARG GC 191 -36.83 22.16 -120.06
N ILE GC 192 -38.11 21.88 -120.23
CA ILE GC 192 -38.66 21.39 -121.48
C ILE GC 192 -40.01 22.09 -121.63
N SER GC 193 -40.25 22.70 -122.80
CA SER GC 193 -41.52 23.37 -123.05
C SER GC 193 -42.64 22.33 -123.16
N SER GC 194 -43.68 22.49 -122.35
CA SER GC 194 -44.75 21.49 -122.26
C SER GC 194 -46.12 22.03 -122.68
N ALA GC 195 -47.00 21.11 -123.09
CA ALA GC 195 -48.35 21.42 -123.58
C ALA GC 195 -48.32 22.36 -124.78
N TYR HC 25 -106.14 38.69 -11.21
CA TYR HC 25 -105.14 39.72 -10.95
C TYR HC 25 -104.96 40.65 -12.12
N ARG HC 26 -104.86 41.94 -11.83
CA ARG HC 26 -104.48 42.90 -12.85
C ARG HC 26 -102.97 43.00 -12.90
N ALA HC 27 -102.41 43.09 -14.11
CA ALA HC 27 -100.97 43.16 -14.28
C ALA HC 27 -100.37 44.48 -13.75
N ARG HC 28 -99.05 44.48 -13.54
CA ARG HC 28 -98.31 45.69 -13.23
C ARG HC 28 -98.38 46.70 -14.35
N PRO HC 29 -98.09 47.98 -14.04
CA PRO HC 29 -97.90 48.95 -15.12
C PRO HC 29 -96.73 48.54 -15.99
N PRO HC 30 -96.93 48.53 -17.32
CA PRO HC 30 -95.85 48.17 -18.22
C PRO HC 30 -94.69 49.09 -17.97
N PRO HC 31 -93.49 48.53 -17.96
CA PRO HC 31 -92.26 49.29 -17.82
C PRO HC 31 -92.06 50.25 -19.00
N ARG HC 32 -91.85 51.53 -18.71
CA ARG HC 32 -91.72 52.53 -19.77
C ARG HC 32 -90.39 53.20 -19.66
N ARG HC 33 -89.83 53.55 -20.80
CA ARG HC 33 -88.61 54.33 -20.79
C ARG HC 33 -89.02 55.78 -20.75
N SER HC 34 -88.69 56.46 -19.66
CA SER HC 34 -89.03 57.87 -19.50
C SER HC 34 -88.37 58.69 -20.59
N GLN HC 35 -89.14 59.55 -21.23
CA GLN HC 35 -88.66 60.26 -22.40
C GLN HC 35 -88.19 61.68 -22.06
N GLU HC 36 -88.23 62.01 -20.79
CA GLU HC 36 -87.80 63.33 -20.34
C GLU HC 36 -86.27 63.44 -20.28
N PRO HC 37 -85.75 64.68 -20.29
CA PRO HC 37 -84.32 64.89 -20.08
C PRO HC 37 -83.95 64.46 -18.67
N ARG HC 38 -82.78 63.86 -18.49
CA ARG HC 38 -82.39 63.32 -17.18
C ARG HC 38 -80.97 63.68 -16.77
N TRP HC 39 -80.89 64.43 -15.68
CA TRP HC 39 -79.65 65.02 -15.18
C TRP HC 39 -79.30 64.55 -13.79
N PRO HC 40 -78.14 63.88 -13.67
CA PRO HC 40 -77.70 63.40 -12.37
C PRO HC 40 -77.24 64.55 -11.51
N ASP HC 41 -77.17 64.34 -10.19
CA ASP HC 41 -76.54 65.31 -9.32
C ASP HC 41 -75.07 65.45 -9.71
N PRO HC 42 -74.64 66.68 -9.99
CA PRO HC 42 -73.20 66.91 -10.20
C PRO HC 42 -72.42 66.73 -8.90
N ASP HC 43 -73.07 67.00 -7.76
CA ASP HC 43 -72.43 66.94 -6.45
C ASP HC 43 -72.63 65.64 -5.64
N ASP HC 44 -73.40 64.68 -6.17
CA ASP HC 44 -73.56 63.38 -5.50
C ASP HC 44 -72.31 62.54 -5.76
N PRO HC 45 -71.66 62.06 -4.67
CA PRO HC 45 -70.36 61.41 -4.80
C PRO HC 45 -70.42 60.06 -5.50
N LEU HC 46 -71.57 59.40 -5.37
CA LEU HC 46 -71.76 58.05 -5.87
C LEU HC 46 -72.07 58.02 -7.36
N THR HC 47 -72.56 59.14 -7.89
CA THR HC 47 -72.92 59.23 -9.30
C THR HC 47 -71.66 59.12 -10.16
N PRO HC 48 -71.76 58.39 -11.29
CA PRO HC 48 -70.59 58.10 -12.11
C PRO HC 48 -70.03 59.34 -12.78
N ARG HC 49 -68.75 59.32 -13.14
CA ARG HC 49 -68.17 60.47 -13.77
C ARG HC 49 -68.38 60.43 -15.28
N TRP HC 50 -68.89 59.31 -15.80
CA TRP HC 50 -69.17 59.27 -17.23
C TRP HC 50 -70.48 59.96 -17.53
N GLN HC 51 -71.32 60.12 -16.51
CA GLN HC 51 -72.57 60.86 -16.69
C GLN HC 51 -72.37 62.34 -16.35
N LEU HC 52 -71.20 62.69 -15.82
CA LEU HC 52 -70.87 64.09 -15.51
C LEU HC 52 -70.02 64.84 -16.54
N SER HC 53 -69.74 64.20 -17.68
CA SER HC 53 -68.85 64.78 -18.68
C SER HC 53 -69.55 65.78 -19.61
N PRO HC 54 -68.76 66.55 -20.35
CA PRO HC 54 -69.27 67.42 -21.41
C PRO HC 54 -70.04 66.66 -22.48
N ARG HC 55 -69.48 65.53 -22.90
CA ARG HC 55 -70.08 64.72 -23.94
C ARG HC 55 -71.48 64.29 -23.58
N TYR HC 56 -71.71 63.98 -22.31
CA TYR HC 56 -73.03 63.56 -21.90
C TYR HC 56 -74.01 64.70 -22.09
N ALA HC 57 -73.56 65.90 -21.80
CA ALA HC 57 -74.35 67.09 -22.07
C ALA HC 57 -74.71 67.15 -23.56
N ALA HC 58 -73.70 67.07 -24.43
CA ALA HC 58 -73.92 67.11 -25.88
C ALA HC 58 -74.99 66.11 -26.30
N LYS HC 59 -74.78 64.87 -25.86
CA LYS HC 59 -75.71 63.77 -26.13
C LYS HC 59 -77.12 64.14 -25.69
N GLN HC 60 -77.22 64.75 -24.51
CA GLN HC 60 -78.52 65.09 -23.96
C GLN HC 60 -79.22 66.12 -24.86
N PHE HC 61 -78.45 67.05 -25.41
CA PHE HC 61 -79.01 67.97 -26.41
C PHE HC 61 -79.52 67.20 -27.61
N ALA HC 62 -78.73 66.24 -28.05
CA ALA HC 62 -79.10 65.48 -29.23
C ALA HC 62 -80.43 64.77 -29.02
N ARG HC 63 -80.63 64.22 -27.83
CA ARG HC 63 -81.85 63.48 -27.55
C ARG HC 63 -83.09 64.34 -27.67
N HIS HC 64 -83.12 65.46 -26.95
CA HIS HC 64 -84.27 66.35 -26.97
C HIS HC 64 -83.80 67.78 -27.24
N GLY HC 65 -83.15 68.35 -26.24
CA GLY HC 65 -82.28 69.50 -26.42
C GLY HC 65 -83.01 70.81 -26.42
N ALA HC 66 -84.26 70.76 -26.85
CA ALA HC 66 -85.14 71.87 -26.64
C ALA HC 66 -85.49 71.85 -25.18
N ALA HC 67 -86.03 70.71 -24.77
CA ALA HC 67 -86.54 70.52 -23.43
C ALA HC 67 -85.38 70.26 -22.49
N SER HC 68 -84.23 69.88 -23.06
CA SER HC 68 -83.09 69.49 -22.24
C SER HC 68 -82.41 70.69 -21.63
N GLY HC 69 -82.79 71.87 -22.10
CA GLY HC 69 -82.28 73.10 -21.55
C GLY HC 69 -80.76 73.12 -21.60
N VAL HC 70 -80.23 72.72 -22.74
CA VAL HC 70 -78.79 72.76 -22.97
C VAL HC 70 -78.42 74.05 -23.70
N ALA HC 71 -77.34 74.70 -23.24
CA ALA HC 71 -76.88 75.89 -23.92
C ALA HC 71 -76.32 75.50 -25.28
N ALA HC 72 -76.90 76.07 -26.33
CA ALA HC 72 -76.60 75.63 -27.68
C ALA HC 72 -75.19 75.98 -28.09
N GLY HC 73 -74.79 77.23 -27.86
CA GLY HC 73 -73.46 77.67 -28.24
C GLY HC 73 -72.33 76.82 -27.70
N SER HC 74 -72.61 76.06 -26.63
CA SER HC 74 -71.63 75.17 -26.01
C SER HC 74 -71.34 73.90 -26.82
N LEU HC 75 -72.10 73.70 -27.90
CA LEU HC 75 -71.97 72.49 -28.72
C LEU HC 75 -70.88 72.66 -29.76
N TRP HC 76 -70.22 73.80 -29.69
CA TRP HC 76 -69.08 74.09 -30.53
C TRP HC 76 -67.84 74.34 -29.69
N PRO HC 77 -66.65 74.07 -30.25
CA PRO HC 77 -65.37 74.24 -29.57
C PRO HC 77 -65.10 75.64 -29.01
N SER HC 78 -64.39 75.70 -27.88
CA SER HC 78 -63.99 76.98 -27.26
C SER HC 78 -62.89 77.62 -28.10
N GLN HC 79 -62.42 78.79 -27.70
CA GLN HC 79 -61.35 79.43 -28.44
C GLN HC 79 -60.06 78.63 -28.31
N GLU HC 80 -59.80 78.13 -27.10
CA GLU HC 80 -58.67 77.24 -26.87
C GLU HC 80 -58.78 75.97 -27.71
N GLN HC 81 -59.89 75.25 -27.54
CA GLN HC 81 -60.17 74.03 -28.32
C GLN HC 81 -60.01 74.29 -29.82
N LEU HC 82 -60.51 75.46 -30.24
CA LEU HC 82 -60.48 75.87 -31.63
C LEU HC 82 -59.05 76.02 -32.15
N ARG HC 83 -58.24 76.76 -31.39
CA ARG HC 83 -56.88 77.06 -31.80
C ARG HC 83 -55.98 75.82 -31.73
N GLU HC 84 -56.36 74.88 -30.87
CA GLU HC 84 -55.59 73.63 -30.77
C GLU HC 84 -55.93 72.70 -31.92
N LEU HC 85 -57.22 72.52 -32.18
CA LEU HC 85 -57.66 71.76 -33.34
C LEU HC 85 -57.03 72.33 -34.57
N GLU HC 86 -56.98 73.66 -34.62
CA GLU HC 86 -56.32 74.36 -35.69
C GLU HC 86 -54.86 73.92 -35.78
N ALA HC 87 -54.17 74.02 -34.64
CA ALA HC 87 -52.73 73.76 -34.60
C ALA HC 87 -52.36 72.36 -35.07
N GLU HC 88 -53.08 71.36 -34.55
CA GLU HC 88 -52.86 69.96 -34.94
C GLU HC 88 -53.24 69.69 -36.40
N GLU HC 89 -54.36 70.24 -36.84
CA GLU HC 89 -54.84 70.03 -38.21
C GLU HC 89 -53.87 70.60 -39.25
N ARG HC 90 -53.32 71.79 -38.99
CA ARG HC 90 -52.33 72.34 -39.92
C ARG HC 90 -51.00 71.64 -39.71
N GLU HC 91 -50.84 71.01 -38.54
CA GLU HC 91 -49.62 70.27 -38.27
C GLU HC 91 -49.48 68.96 -39.05
N TRP HC 92 -50.43 68.04 -38.88
CA TRP HC 92 -50.29 66.70 -39.46
C TRP HC 92 -50.97 66.55 -40.84
N TYR HC 93 -51.73 67.55 -41.27
CA TYR HC 93 -52.45 67.49 -42.55
C TYR HC 93 -52.20 68.70 -43.43
N PRO HC 94 -51.15 68.62 -44.26
CA PRO HC 94 -50.71 69.70 -45.16
C PRO HC 94 -51.75 70.09 -46.21
N SER HC 95 -51.37 71.03 -47.08
CA SER HC 95 -52.23 71.53 -48.15
C SER HC 95 -52.17 70.64 -49.40
N LEU HC 96 -53.28 70.54 -50.11
CA LEU HC 96 -53.36 69.76 -51.35
C LEU HC 96 -52.26 70.15 -52.32
N ALA HC 97 -52.19 71.45 -52.61
CA ALA HC 97 -51.10 71.98 -53.42
C ALA HC 97 -49.77 71.55 -52.81
N ALA HC 98 -49.65 71.71 -51.50
CA ALA HC 98 -48.41 71.37 -50.78
C ALA HC 98 -48.07 69.88 -50.85
N MET HC 99 -49.10 69.03 -50.88
CA MET HC 99 -48.89 67.59 -51.01
C MET HC 99 -48.45 67.21 -52.43
N GLN HC 100 -49.04 67.85 -53.44
CA GLN HC 100 -48.60 67.70 -54.83
C GLN HC 100 -47.11 68.07 -54.98
N GLU HC 101 -46.71 69.18 -54.36
CA GLU HC 101 -45.30 69.60 -54.37
C GLU HC 101 -44.41 68.65 -53.58
N SER HC 102 -44.95 68.04 -52.53
CA SER HC 102 -44.23 67.00 -51.79
C SER HC 102 -44.01 65.78 -52.70
N LEU HC 103 -44.94 65.53 -53.61
CA LEU HC 103 -44.84 64.39 -54.54
C LEU HC 103 -43.91 64.62 -55.73
N ARG HC 104 -43.78 65.89 -56.17
CA ARG HC 104 -42.93 66.20 -57.32
C ARG HC 104 -41.44 65.93 -57.06
N VAL HC 105 -40.96 66.27 -55.85
CA VAL HC 105 -39.57 65.96 -55.45
C VAL HC 105 -39.30 64.44 -55.49
N GLN HC 106 -40.26 63.65 -55.00
CA GLN HC 106 -40.17 62.19 -55.02
C GLN HC 106 -40.11 61.63 -56.44
N GLN HC 107 -41.13 61.94 -57.24
CA GLN HC 107 -41.21 61.40 -58.59
C GLN HC 107 -39.99 61.78 -59.43
N LEU HC 108 -39.53 63.02 -59.29
CA LEU HC 108 -38.38 63.47 -60.08
C LEU HC 108 -37.07 62.84 -59.56
N ALA HC 109 -36.97 62.63 -58.25
CA ALA HC 109 -35.79 61.96 -57.69
C ALA HC 109 -35.69 60.50 -58.16
N GLU HC 110 -36.83 59.81 -58.25
CA GLU HC 110 -36.87 58.42 -58.72
C GLU HC 110 -36.61 58.34 -60.23
N GLU HC 111 -37.12 59.32 -60.99
CA GLU HC 111 -36.78 59.44 -62.40
C GLU HC 111 -35.26 59.61 -62.57
N GLN HC 112 -34.65 60.39 -61.67
CA GLN HC 112 -33.20 60.56 -61.64
C GLN HC 112 -32.45 59.24 -61.35
N LYS HC 113 -32.95 58.47 -60.38
CA LYS HC 113 -32.37 57.15 -60.12
C LYS HC 113 -32.46 56.26 -61.37
N ARG HC 114 -33.59 56.33 -62.07
CA ARG HC 114 -33.78 55.55 -63.29
C ARG HC 114 -32.77 55.91 -64.37
N GLN HC 115 -32.65 57.20 -64.67
CA GLN HC 115 -31.69 57.65 -65.68
C GLN HC 115 -30.24 57.35 -65.27
N ALA HC 116 -29.95 57.42 -63.97
CA ALA HC 116 -28.60 57.12 -63.47
C ALA HC 116 -28.24 55.65 -63.64
N ARG HC 117 -29.20 54.78 -63.33
CA ARG HC 117 -29.02 53.34 -63.56
C ARG HC 117 -28.84 53.02 -65.04
N GLU HC 118 -29.69 53.62 -65.89
CA GLU HC 118 -29.62 53.38 -67.33
C GLU HC 118 -28.32 53.89 -67.94
N GLN HC 119 -27.79 54.99 -67.42
CA GLN HC 119 -26.49 55.50 -67.87
C GLN HC 119 -25.35 54.63 -67.34
N LEU HC 120 -25.54 54.06 -66.15
CA LEU HC 120 -24.62 53.05 -65.63
C LEU HC 120 -24.55 51.86 -66.58
N ILE HC 121 -25.72 51.46 -67.11
CA ILE HC 121 -25.83 50.35 -68.06
C ILE HC 121 -25.23 50.68 -69.45
N GLU HC 122 -25.45 51.90 -69.95
CA GLU HC 122 -24.83 52.31 -71.23
C GLU HC 122 -23.30 52.34 -71.11
N GLU HC 123 -22.81 53.02 -70.08
CA GLU HC 123 -21.37 53.08 -69.79
C GLU HC 123 -20.72 51.71 -69.66
N CYS HC 124 -21.34 50.83 -68.87
CA CYS HC 124 -20.74 49.52 -68.58
C CYS HC 124 -21.01 48.47 -69.68
N MET HC 125 -21.94 48.75 -70.60
CA MET HC 125 -22.11 47.93 -71.80
C MET HC 125 -21.10 48.31 -72.87
N ALA HC 126 -20.72 49.60 -72.94
CA ALA HC 126 -19.70 50.02 -73.88
C ALA HC 126 -18.33 49.42 -73.51
N LYS HC 127 -18.18 49.06 -72.24
CA LYS HC 127 -16.92 48.52 -71.71
C LYS HC 127 -16.91 46.97 -71.67
N MET HC 128 -18.01 46.34 -72.09
CA MET HC 128 -18.05 44.87 -72.12
C MET HC 128 -16.98 44.23 -73.04
N PRO HC 129 -16.95 44.60 -74.35
CA PRO HC 129 -16.01 43.91 -75.25
C PRO HC 129 -14.55 44.10 -74.85
N GLN HC 130 -14.20 45.28 -74.36
CA GLN HC 130 -12.84 45.59 -73.96
C GLN HC 130 -12.37 44.75 -72.77
N MET HC 131 -13.16 44.71 -71.70
CA MET HC 131 -12.83 43.89 -70.54
C MET HC 131 -12.77 42.40 -70.88
N ILE HC 132 -13.79 41.90 -71.58
CA ILE HC 132 -13.81 40.46 -71.89
C ILE HC 132 -12.66 40.05 -72.80
N GLU HC 133 -12.31 40.91 -73.77
CA GLU HC 133 -11.20 40.57 -74.67
C GLU HC 133 -9.86 40.72 -73.95
N ASN HC 134 -9.79 41.68 -73.03
CA ASN HC 134 -8.57 41.87 -72.23
C ASN HC 134 -8.28 40.66 -71.37
N TRP HC 135 -9.27 40.19 -70.62
CA TRP HC 135 -9.05 39.04 -69.74
C TRP HC 135 -8.96 37.72 -70.53
N ARG HC 136 -9.64 37.63 -71.67
CA ARG HC 136 -9.48 36.43 -72.50
C ARG HC 136 -8.06 36.34 -73.04
N GLN HC 137 -7.53 37.46 -73.54
CA GLN HC 137 -6.14 37.51 -74.00
C GLN HC 137 -5.16 37.30 -72.85
N GLN HC 138 -5.55 37.74 -71.66
CA GLN HC 138 -4.72 37.63 -70.47
C GLN HC 138 -4.57 36.19 -69.99
N GLN HC 139 -5.71 35.51 -69.84
CA GLN HC 139 -5.72 34.10 -69.45
C GLN HC 139 -5.10 33.24 -70.56
N GLN HC 140 -5.30 33.65 -71.81
CA GLN HC 140 -4.71 32.97 -72.96
C GLN HC 140 -3.19 33.19 -72.98
N GLU HC 141 -2.73 34.27 -72.35
CA GLU HC 141 -1.30 34.52 -72.17
C GLU HC 141 -0.72 33.74 -70.97
N ARG HC 142 -1.55 33.51 -69.95
CA ARG HC 142 -1.14 32.74 -68.77
C ARG HC 142 -1.05 31.23 -69.03
N ARG HC 143 -1.95 30.72 -69.87
CA ARG HC 143 -1.91 29.30 -70.24
C ARG HC 143 -0.66 28.97 -71.06
N UNK HC 144 -0.29 29.86 -71.98
CA UNK HC 144 0.93 29.68 -72.79
C UNK HC 144 2.19 30.05 -72.01
N UNK HC 145 2.06 30.90 -70.99
CA UNK HC 145 3.19 31.22 -70.10
C UNK HC 145 3.50 30.02 -69.18
N UNK HC 146 2.47 29.34 -68.69
CA UNK HC 146 2.66 28.15 -67.86
C UNK HC 146 3.01 26.91 -68.71
N UNK HC 147 2.55 26.86 -69.96
CA UNK HC 147 2.92 25.78 -70.88
C UNK HC 147 4.37 25.93 -71.38
N UNK HC 148 4.82 27.16 -71.60
CA UNK HC 148 6.22 27.41 -71.97
C UNK HC 148 7.16 27.35 -70.75
N UNK HC 149 6.62 27.61 -69.55
CA UNK HC 149 7.42 27.43 -68.32
C UNK HC 149 7.58 25.93 -67.98
N UNK HC 150 6.54 25.13 -68.25
CA UNK HC 150 6.64 23.68 -68.05
C UNK HC 150 7.47 22.99 -69.15
N UNK HC 151 7.39 23.51 -70.39
CA UNK HC 151 8.20 22.97 -71.49
C UNK HC 151 9.65 23.46 -71.46
N UNK HC 152 9.91 24.58 -70.78
CA UNK HC 152 11.29 24.99 -70.49
C UNK HC 152 11.86 24.27 -69.26
N UNK HC 153 11.01 23.94 -68.29
CA UNK HC 153 11.47 23.23 -67.08
C UNK HC 153 11.57 21.70 -67.24
N UNK HC 154 10.94 21.15 -68.28
CA UNK HC 154 11.03 19.70 -68.53
C UNK HC 154 12.22 19.30 -69.42
N UNK HC 155 12.87 20.28 -70.04
CA UNK HC 155 14.01 20.00 -70.92
C UNK HC 155 15.34 20.23 -70.21
N PRO IC 40 -36.21 -23.88 88.66
CA PRO IC 40 -36.98 -23.84 89.91
C PRO IC 40 -37.79 -22.55 90.04
N VAL IC 41 -37.31 -21.48 89.43
CA VAL IC 41 -38.05 -20.20 89.40
C VAL IC 41 -38.64 -20.00 88.00
N ALA IC 42 -39.83 -19.42 87.95
CA ALA IC 42 -40.48 -19.10 86.68
C ALA IC 42 -40.26 -17.61 86.36
N ARG IC 43 -39.83 -17.31 85.14
CA ARG IC 43 -39.51 -15.94 84.78
C ARG IC 43 -40.05 -15.50 83.41
N TYR IC 44 -40.92 -14.50 83.43
CA TYR IC 44 -41.51 -13.88 82.24
C TYR IC 44 -40.68 -12.71 81.72
N PRO IC 45 -40.95 -12.28 80.48
CA PRO IC 45 -40.49 -10.98 79.97
C PRO IC 45 -41.38 -9.82 80.43
N PRO IC 46 -40.85 -8.58 80.45
CA PRO IC 46 -41.63 -7.39 80.84
C PRO IC 46 -42.73 -7.05 79.85
N ILE IC 47 -43.83 -6.56 80.39
CA ILE IC 47 -45.12 -6.47 79.72
C ILE IC 47 -45.31 -5.13 78.98
N VAL IC 48 -44.23 -4.36 78.89
CA VAL IC 48 -44.24 -3.10 78.13
C VAL IC 48 -44.42 -3.30 76.62
N ALA IC 49 -44.80 -2.22 75.92
CA ALA IC 49 -45.17 -2.26 74.50
C ALA IC 49 -44.01 -2.55 73.53
N SER IC 50 -44.35 -3.02 72.32
CA SER IC 50 -43.36 -3.22 71.25
C SER IC 50 -42.69 -1.92 70.88
N LEU IC 51 -41.44 -2.03 70.45
CA LEU IC 51 -40.62 -0.86 70.14
C LEU IC 51 -40.91 -0.26 68.77
N THR IC 52 -40.93 -1.08 67.73
CA THR IC 52 -40.99 -0.55 66.38
C THR IC 52 -42.37 -0.46 65.73
N ALA IC 53 -43.37 -1.10 66.33
CA ALA IC 53 -44.69 -1.21 65.70
C ALA IC 53 -45.45 0.13 65.59
N LYS IC 54 -46.50 0.14 64.78
CA LYS IC 54 -47.22 1.36 64.39
C LYS IC 54 -48.10 1.96 65.49
N SER IC 55 -48.42 1.16 66.51
CA SER IC 55 -49.41 1.56 67.53
C SER IC 55 -49.02 2.79 68.37
N LYS IC 56 -50.04 3.41 69.00
CA LYS IC 56 -49.82 4.52 69.92
C LYS IC 56 -48.96 4.14 71.11
N ALA IC 57 -49.24 2.98 71.72
CA ALA IC 57 -48.44 2.46 72.82
C ALA IC 57 -46.97 2.40 72.47
N ALA IC 58 -46.68 1.87 71.28
CA ALA IC 58 -45.32 1.77 70.78
C ALA IC 58 -44.67 3.13 70.66
N ARG IC 59 -45.37 4.03 69.99
CA ARG IC 59 -44.91 5.41 69.82
C ARG IC 59 -44.48 5.95 71.17
N GLN IC 60 -45.35 5.77 72.14
CA GLN IC 60 -45.11 6.16 73.52
C GLN IC 60 -43.79 5.61 74.04
N ARG IC 61 -43.59 4.33 73.81
CA ARG IC 61 -42.38 3.70 74.29
C ARG IC 61 -41.12 4.27 73.62
N ARG IC 62 -41.20 4.61 72.34
CA ARG IC 62 -40.03 5.16 71.64
C ARG IC 62 -39.71 6.58 72.14
N VAL IC 63 -40.79 7.31 72.39
CA VAL IC 63 -40.69 8.60 73.05
C VAL IC 63 -39.90 8.44 74.33
N GLU IC 64 -40.35 7.49 75.13
CA GLU IC 64 -39.69 7.12 76.36
C GLU IC 64 -38.21 6.87 76.12
N GLN IC 65 -37.92 6.21 74.99
CA GLN IC 65 -36.56 5.84 74.66
C GLN IC 65 -35.65 7.05 74.52
N TRP IC 66 -36.04 8.01 73.71
CA TRP IC 66 -35.12 9.16 73.57
C TRP IC 66 -35.13 10.02 74.84
N GLN IC 67 -36.26 10.04 75.54
CA GLN IC 67 -36.29 10.73 76.84
C GLN IC 67 -35.18 10.19 77.76
N ALA IC 68 -35.02 8.87 77.75
CA ALA IC 68 -33.94 8.25 78.53
C ALA IC 68 -32.58 8.45 77.89
N THR IC 69 -32.56 8.79 76.60
CA THR IC 69 -31.31 9.24 75.99
C THR IC 69 -30.86 10.52 76.66
N VAL IC 70 -31.81 11.38 76.98
CA VAL IC 70 -31.48 12.64 77.67
C VAL IC 70 -31.13 12.47 79.14
N HIS IC 71 -31.97 11.73 79.88
CA HIS IC 71 -31.72 11.52 81.31
C HIS IC 71 -30.31 11.07 81.58
N ALA IC 72 -29.81 10.22 80.69
CA ALA IC 72 -28.48 9.63 80.80
C ALA IC 72 -27.39 10.40 80.02
N ALA IC 73 -27.73 11.55 79.45
CA ALA IC 73 -26.69 12.44 78.90
C ALA IC 73 -25.98 13.09 80.08
N LYS IC 74 -24.94 13.85 79.82
CA LYS IC 74 -24.18 14.41 80.94
C LYS IC 74 -24.16 15.92 80.91
N SER IC 75 -23.46 16.47 79.93
CA SER IC 75 -23.31 17.91 79.85
C SER IC 75 -24.67 18.56 79.61
N VAL IC 76 -24.79 19.81 80.05
CA VAL IC 76 -25.98 20.58 79.80
C VAL IC 76 -26.14 20.77 78.30
N ASP IC 77 -25.00 20.94 77.63
CA ASP IC 77 -24.97 21.17 76.20
C ASP IC 77 -25.61 20.02 75.46
N GLU IC 78 -25.40 18.81 75.98
CA GLU IC 78 -25.96 17.61 75.38
C GLU IC 78 -27.45 17.55 75.61
N LYS IC 79 -27.84 17.90 76.82
CA LYS IC 79 -29.24 17.96 77.17
C LYS IC 79 -29.97 18.91 76.20
N LEU IC 80 -29.48 20.13 76.07
CA LEU IC 80 -30.08 21.11 75.18
C LEU IC 80 -30.03 20.73 73.69
N ARG IC 81 -28.90 20.12 73.30
CA ARG IC 81 -28.70 19.60 71.94
C ARG IC 81 -29.82 18.64 71.56
N ILE IC 82 -30.00 17.62 72.39
CA ILE IC 82 -31.01 16.62 72.11
C ILE IC 82 -32.43 17.17 72.23
N LEU IC 83 -32.65 18.07 73.16
CA LEU IC 83 -34.01 18.58 73.34
C LEU IC 83 -34.46 19.53 72.25
N THR IC 84 -33.53 20.35 71.78
CA THR IC 84 -33.85 21.36 70.77
C THR IC 84 -33.50 21.04 69.32
N LYS IC 85 -33.01 19.84 69.03
CA LYS IC 85 -32.55 19.52 67.66
C LYS IC 85 -33.68 19.29 66.67
N MET IC 86 -34.85 18.89 67.16
CA MET IC 86 -36.04 18.66 66.34
C MET IC 86 -36.72 19.99 65.97
N GLN IC 87 -36.91 20.24 64.67
CA GLN IC 87 -37.17 21.60 64.19
C GLN IC 87 -38.63 22.05 64.02
N PHE IC 88 -39.59 21.31 64.52
CA PHE IC 88 -40.95 21.50 64.02
C PHE IC 88 -41.61 22.83 64.32
N MET IC 89 -42.87 22.89 63.88
CA MET IC 89 -43.75 24.05 63.89
C MET IC 89 -44.13 24.55 65.29
N LYS IC 90 -44.01 25.86 65.50
CA LYS IC 90 -44.24 26.45 66.80
C LYS IC 90 -44.88 27.84 66.77
N TYR IC 91 -45.42 28.29 67.90
CA TYR IC 91 -45.96 29.63 68.03
C TYR IC 91 -44.98 30.60 68.66
N VAL IC 92 -44.69 31.70 67.97
CA VAL IC 92 -43.81 32.73 68.52
C VAL IC 92 -44.56 33.57 69.51
N VAL IC 93 -44.12 33.56 70.76
CA VAL IC 93 -44.85 34.30 71.78
C VAL IC 93 -44.11 35.57 72.16
N TYR IC 94 -44.65 36.70 71.75
CA TYR IC 94 -43.99 37.95 72.02
C TYR IC 94 -44.36 38.47 73.37
N PRO IC 95 -43.40 39.08 74.05
CA PRO IC 95 -43.61 39.75 75.34
C PRO IC 95 -44.48 40.99 75.19
N GLN IC 96 -44.18 41.76 74.17
CA GLN IC 96 -44.83 43.03 73.94
C GLN IC 96 -45.85 42.83 72.84
N THR IC 97 -47.09 43.21 73.10
CA THR IC 97 -48.18 42.72 72.27
C THR IC 97 -49.32 43.70 72.14
N PHE IC 98 -50.02 43.63 71.02
CA PHE IC 98 -51.22 44.43 70.82
C PHE IC 98 -52.51 43.65 71.09
N ALA IC 99 -52.36 42.40 71.55
CA ALA IC 99 -53.49 41.50 71.71
C ALA IC 99 -54.41 41.84 72.89
N LEU IC 100 -55.69 41.49 72.73
CA LEU IC 100 -56.74 42.05 73.58
C LEU IC 100 -56.60 41.74 75.03
N ASN IC 101 -56.65 40.48 75.38
CA ASN IC 101 -56.11 40.18 76.67
C ASN IC 101 -55.06 39.14 76.53
N ALA IC 102 -53.83 39.61 76.61
CA ALA IC 102 -52.68 38.77 76.41
C ALA IC 102 -52.37 38.05 77.69
N ASP IC 103 -52.67 38.72 78.79
CA ASP IC 103 -52.37 38.20 80.10
C ASP IC 103 -52.93 36.79 80.29
N ASN IC 104 -54.24 36.66 80.11
CA ASN IC 104 -54.94 35.42 80.41
C ASN IC 104 -54.46 34.33 79.47
N TRP IC 105 -54.16 34.75 78.26
CA TRP IC 105 -53.63 33.86 77.27
C TRP IC 105 -52.28 33.31 77.66
N TYR IC 106 -51.38 34.18 78.12
CA TYR IC 106 -50.01 33.79 78.43
C TYR IC 106 -49.94 32.99 79.72
N GLN IC 107 -50.86 33.27 80.63
CA GLN IC 107 -51.02 32.42 81.80
C GLN IC 107 -51.42 31.03 81.32
N SER IC 108 -52.38 30.97 80.39
CA SER IC 108 -52.80 29.70 79.82
C SER IC 108 -51.62 28.92 79.26
N PHE IC 109 -50.77 29.61 78.50
CA PHE IC 109 -49.56 29.01 77.94
C PHE IC 109 -48.66 28.45 79.00
N THR IC 110 -48.30 29.34 79.91
CA THR IC 110 -47.17 29.15 80.78
C THR IC 110 -47.49 28.40 82.10
N LYS IC 111 -48.78 28.24 82.37
CA LYS IC 111 -49.25 27.75 83.67
C LYS IC 111 -48.81 28.72 84.76
N THR IC 112 -49.14 30.00 84.56
CA THR IC 112 -48.83 31.07 85.50
C THR IC 112 -50.06 31.52 86.27
N VAL IC 113 -49.89 31.89 87.55
CA VAL IC 113 -50.97 32.53 88.31
C VAL IC 113 -50.59 33.92 88.77
N PHE IC 114 -51.40 34.90 88.38
CA PHE IC 114 -51.08 36.28 88.62
C PHE IC 114 -51.59 36.81 89.94
N LEU IC 115 -50.70 37.40 90.72
CA LEU IC 115 -51.07 38.00 92.01
C LEU IC 115 -50.74 39.47 92.03
N SER IC 116 -51.76 40.31 92.14
CA SER IC 116 -51.54 41.74 92.26
C SER IC 116 -50.81 42.03 93.57
N GLY IC 117 -50.01 43.09 93.58
CA GLY IC 117 -49.30 43.47 94.78
C GLY IC 117 -47.99 42.71 94.89
N LEU IC 118 -47.02 43.34 95.55
CA LEU IC 118 -45.70 42.77 95.64
C LEU IC 118 -45.69 41.50 96.48
N PRO IC 119 -44.71 40.61 96.24
CA PRO IC 119 -44.54 39.39 97.03
C PRO IC 119 -44.40 39.68 98.51
N PRO IC 120 -44.71 38.69 99.35
CA PRO IC 120 -44.65 38.88 100.80
C PRO IC 120 -43.29 39.43 101.21
N THR IC 121 -43.30 40.51 101.99
CA THR IC 121 -42.07 41.13 102.45
C THR IC 121 -41.30 40.14 103.32
N PRO IC 122 -40.08 39.81 102.89
CA PRO IC 122 -39.19 38.94 103.66
C PRO IC 122 -38.62 39.70 104.87
N ALA IC 123 -39.37 39.71 105.97
CA ALA IC 123 -39.05 40.50 107.18
C ALA IC 123 -37.70 40.10 107.81
N LYS IC 124 -37.10 39.05 107.26
CA LYS IC 124 -35.77 38.56 107.64
C LYS IC 124 -34.63 39.55 107.32
N LEU IC 125 -34.96 40.67 106.68
CA LEU IC 125 -33.98 41.72 106.34
C LEU IC 125 -33.16 42.16 107.54
N GLU IC 126 -31.87 42.35 107.32
CA GLU IC 126 -30.99 42.95 108.32
C GLU IC 126 -31.16 44.47 108.24
N PRO IC 127 -30.76 45.22 109.31
CA PRO IC 127 -30.96 46.67 109.29
C PRO IC 127 -30.02 47.42 108.34
N GLU IC 128 -30.03 47.00 107.07
CA GLU IC 128 -29.23 47.62 106.01
C GLU IC 128 -29.62 49.06 105.61
N PRO IC 129 -30.92 49.42 105.58
CA PRO IC 129 -31.25 50.67 104.87
C PRO IC 129 -30.66 51.96 105.47
N THR IC 130 -29.35 52.12 105.29
CA THR IC 130 -28.65 53.36 105.63
C THR IC 130 -28.59 54.25 104.38
N LEU IC 131 -29.32 53.84 103.36
CA LEU IC 131 -29.29 54.44 102.03
C LEU IC 131 -29.78 55.88 101.92
N ASP IC 132 -29.10 56.64 101.06
CA ASP IC 132 -29.42 58.05 100.85
C ASP IC 132 -30.43 58.23 99.74
N ILE IC 133 -31.59 58.74 100.10
CA ILE IC 133 -32.66 58.95 99.13
C ILE IC 133 -32.44 60.25 98.38
N THR IC 134 -31.66 61.16 98.96
CA THR IC 134 -31.32 62.44 98.32
C THR IC 134 -30.21 62.24 97.28
N ALA IC 135 -29.24 61.38 97.59
CA ALA IC 135 -28.18 61.04 96.66
C ALA IC 135 -28.72 60.31 95.45
N LEU IC 136 -29.73 59.47 95.66
CA LEU IC 136 -30.36 58.72 94.59
C LEU IC 136 -31.42 59.52 93.81
N ARG IC 137 -32.11 60.44 94.47
CA ARG IC 137 -32.94 61.41 93.76
C ARG IC 137 -32.05 62.16 92.80
N GLU IC 138 -30.93 62.60 93.36
CA GLU IC 138 -29.87 63.24 92.60
C GLU IC 138 -29.47 62.39 91.40
N ALA IC 139 -29.10 61.14 91.68
CA ALA IC 139 -28.55 60.23 90.67
C ALA IC 139 -29.54 59.95 89.54
N VAL IC 140 -30.79 59.72 89.90
CA VAL IC 140 -31.85 59.42 88.94
C VAL IC 140 -32.18 60.62 88.06
N CYS IC 141 -32.41 61.76 88.70
CA CYS IC 141 -32.77 62.93 87.94
C CYS IC 141 -31.58 63.44 87.11
N ASP IC 142 -30.37 63.04 87.47
CA ASP IC 142 -29.21 63.34 86.64
C ASP IC 142 -29.40 62.82 85.22
N CYS IC 143 -29.72 61.53 85.15
CA CYS IC 143 -30.02 60.84 83.90
C CYS IC 143 -31.22 61.46 83.21
N LEU IC 144 -32.33 61.56 83.93
CA LEU IC 144 -33.56 62.11 83.33
C LEU IC 144 -33.30 63.48 82.69
N LEU IC 145 -32.50 64.30 83.35
CA LEU IC 145 -32.25 65.64 82.87
C LEU IC 145 -31.21 65.72 81.76
N GLN IC 146 -30.18 64.89 81.85
CA GLN IC 146 -29.19 64.81 80.77
C GLN IC 146 -29.90 64.44 79.49
N GLU IC 147 -30.84 63.50 79.62
CA GLU IC 147 -31.54 63.00 78.47
C GLU IC 147 -32.53 64.02 77.94
N HIS IC 148 -33.53 64.38 78.75
CA HIS IC 148 -34.62 65.23 78.25
C HIS IC 148 -34.26 66.71 78.12
N PHE IC 149 -33.09 67.14 78.60
CA PHE IC 149 -32.76 68.57 78.49
C PHE IC 149 -31.36 68.90 77.97
N PHE IC 150 -30.34 68.58 78.75
CA PHE IC 150 -28.98 68.99 78.44
C PHE IC 150 -28.45 68.44 77.14
N LEU IC 151 -28.47 67.11 77.01
CA LEU IC 151 -27.76 66.43 75.94
C LEU IC 151 -28.42 66.71 74.58
N ARG IC 152 -27.63 67.30 73.68
CA ARG IC 152 -28.13 67.73 72.38
C ARG IC 152 -27.84 66.70 71.32
N ARG IC 153 -28.89 66.36 70.58
CA ARG IC 153 -28.77 65.39 69.50
C ARG IC 153 -28.96 66.14 68.18
N LYS IC 154 -28.38 65.62 67.10
CA LYS IC 154 -28.52 66.23 65.79
C LYS IC 154 -30.01 66.43 65.54
N LYS IC 155 -30.38 67.66 65.20
CA LYS IC 155 -31.78 68.07 65.23
C LYS IC 155 -32.69 67.14 64.43
N ARG IC 156 -33.77 66.69 65.06
CA ARG IC 156 -34.75 65.83 64.41
C ARG IC 156 -35.86 66.66 63.75
N ALA IC 157 -36.10 66.40 62.47
CA ALA IC 157 -37.23 66.96 61.72
C ALA IC 157 -38.64 66.59 62.24
N PRO IC 158 -38.84 65.35 62.77
CA PRO IC 158 -40.18 65.05 63.30
C PRO IC 158 -40.69 66.00 64.39
N VAL IC 159 -39.84 66.35 65.37
CA VAL IC 159 -40.21 67.11 66.59
C VAL IC 159 -41.14 66.24 67.45
N ILE IC 160 -41.46 65.05 66.95
CA ILE IC 160 -42.35 64.08 67.61
C ILE IC 160 -41.64 63.44 68.81
N GLN IC 161 -40.33 63.73 68.93
CA GLN IC 161 -39.50 63.34 70.08
C GLN IC 161 -39.76 61.91 70.52
N ASP IC 162 -39.33 60.95 69.71
CA ASP IC 162 -39.67 59.54 69.90
C ASP IC 162 -39.32 59.06 71.30
N ARG IC 163 -40.30 58.52 72.01
CA ARG IC 163 -40.08 58.07 73.37
C ARG IC 163 -39.18 56.86 73.38
N GLU IC 164 -39.13 56.16 72.25
CA GLU IC 164 -38.27 54.99 72.14
C GLU IC 164 -36.81 55.40 72.13
N ALA IC 165 -36.46 56.33 71.24
CA ALA IC 165 -35.09 56.81 71.16
C ALA IC 165 -34.75 57.73 72.34
N ILE IC 166 -35.79 58.25 72.99
CA ILE IC 166 -35.58 59.12 74.15
C ILE IC 166 -35.27 58.34 75.42
N ALA IC 167 -36.08 57.32 75.69
CA ALA IC 167 -36.02 56.63 76.98
C ALA IC 167 -34.87 55.64 77.06
N SER IC 168 -34.60 54.94 75.97
CA SER IC 168 -33.60 53.86 75.97
C SER IC 168 -32.28 54.27 76.60
N PRO IC 169 -31.71 55.40 76.16
CA PRO IC 169 -30.50 55.85 76.84
C PRO IC 169 -30.70 56.22 78.32
N PHE IC 170 -31.84 56.83 78.66
CA PHE IC 170 -32.12 57.15 80.06
C PHE IC 170 -32.17 55.87 80.89
N LEU IC 171 -32.84 54.86 80.35
CA LEU IC 171 -32.98 53.59 81.05
C LEU IC 171 -31.62 52.95 81.28
N ASP IC 172 -30.86 52.82 80.21
CA ASP IC 172 -29.53 52.22 80.29
C ASP IC 172 -28.65 52.95 81.30
N GLN IC 173 -28.57 54.27 81.17
CA GLN IC 173 -27.71 55.07 82.04
C GLN IC 173 -28.19 55.05 83.47
N LEU IC 174 -29.49 54.80 83.64
CA LEU IC 174 -30.09 54.70 84.97
C LEU IC 174 -29.65 53.43 85.66
N VAL IC 175 -29.79 52.30 84.97
CA VAL IC 175 -29.37 51.03 85.55
C VAL IC 175 -27.87 51.07 85.83
N ALA IC 176 -27.13 51.57 84.85
CA ALA IC 176 -25.69 51.71 84.94
C ALA IC 176 -25.25 52.56 86.14
N SER IC 177 -25.90 53.71 86.32
CA SER IC 177 -25.59 54.60 87.42
C SER IC 177 -25.94 53.97 88.77
N LEU IC 178 -27.20 53.56 88.92
CA LEU IC 178 -27.70 53.02 90.18
C LEU IC 178 -26.94 51.81 90.65
N THR IC 179 -26.45 51.02 89.70
CA THR IC 179 -25.74 49.79 90.03
C THR IC 179 -24.57 50.06 90.99
N GLY IC 180 -23.61 50.91 90.60
CA GLY IC 180 -22.45 51.19 91.44
C GLY IC 180 -22.85 51.66 92.83
N LEU IC 181 -23.77 52.61 92.85
CA LEU IC 181 -24.25 53.22 94.08
C LEU IC 181 -24.81 52.19 95.06
N LEU IC 182 -25.83 51.47 94.64
CA LEU IC 182 -26.47 50.53 95.56
C LEU IC 182 -25.58 49.34 95.86
N SER IC 183 -24.61 49.11 94.97
CA SER IC 183 -23.67 47.99 95.13
C SER IC 183 -22.66 48.25 96.24
N VAL IC 184 -22.36 49.52 96.49
CA VAL IC 184 -21.52 49.81 97.64
C VAL IC 184 -22.14 49.21 98.92
N HIS IC 185 -23.47 49.26 99.03
CA HIS IC 185 -24.19 48.60 100.12
C HIS IC 185 -24.38 47.12 99.86
N ASN IC 186 -24.55 46.78 98.59
CA ASN IC 186 -24.86 45.40 98.18
C ASN IC 186 -23.81 44.87 97.20
N PRO IC 187 -22.66 44.41 97.73
CA PRO IC 187 -21.47 44.04 96.95
C PRO IC 187 -21.69 42.94 95.91
N VAL IC 188 -22.80 42.20 96.01
CA VAL IC 188 -23.15 41.18 95.03
C VAL IC 188 -23.10 41.77 93.62
N LEU IC 189 -23.52 43.03 93.51
CA LEU IC 189 -23.64 43.71 92.22
C LEU IC 189 -22.30 44.19 91.68
N ALA IC 190 -21.26 44.07 92.48
CA ALA IC 190 -19.91 44.38 92.03
C ALA IC 190 -19.38 43.25 91.16
N ALA IC 191 -19.71 42.01 91.55
CA ALA IC 191 -19.26 40.84 90.82
C ALA IC 191 -20.08 40.58 89.57
N ALA IC 192 -21.20 41.26 89.45
CA ALA IC 192 -22.17 40.98 88.41
C ALA IC 192 -21.75 41.45 87.01
N ALA IC 193 -22.45 40.90 86.01
CA ALA IC 193 -22.33 41.44 84.66
C ALA IC 193 -23.68 42.00 84.20
N LEU IC 194 -23.65 43.20 83.63
CA LEU IC 194 -24.85 43.84 83.12
C LEU IC 194 -25.02 43.53 81.64
N ASP IC 195 -26.21 43.05 81.30
CA ASP IC 195 -26.55 42.66 79.93
C ASP IC 195 -27.25 43.81 79.23
N CYS IC 196 -26.72 44.18 78.07
CA CYS IC 196 -27.21 45.32 77.29
C CYS IC 196 -27.84 44.87 75.98
N LYS IC 197 -29.17 44.96 75.90
CA LYS IC 197 -29.92 44.57 74.71
C LYS IC 197 -29.41 43.28 74.13
N ARG IC 198 -29.59 42.17 74.83
CA ARG IC 198 -29.20 40.90 74.25
C ARG IC 198 -30.23 39.84 74.51
N PRO IC 199 -30.35 38.88 73.58
CA PRO IC 199 -31.53 38.03 73.47
C PRO IC 199 -31.67 36.98 74.56
N VAL IC 200 -32.92 36.80 74.96
CA VAL IC 200 -33.30 35.72 75.85
C VAL IC 200 -34.26 34.81 75.11
N HIS IC 201 -33.90 33.55 75.00
CA HIS IC 201 -34.71 32.63 74.23
C HIS IC 201 -35.24 31.53 75.07
N PHE IC 202 -36.42 31.05 74.72
CA PHE IC 202 -36.91 29.86 75.39
C PHE IC 202 -37.81 29.02 74.49
N PHE IC 203 -37.88 27.73 74.79
CA PHE IC 203 -38.57 26.79 73.93
C PHE IC 203 -39.26 25.80 74.81
N TRP IC 204 -40.55 25.58 74.60
CA TRP IC 204 -41.20 24.62 75.47
C TRP IC 204 -42.45 24.01 74.92
N LEU IC 205 -42.77 22.85 75.47
CA LEU IC 205 -43.94 22.10 75.06
C LEU IC 205 -45.08 22.30 76.03
N ARG IC 206 -46.28 22.38 75.48
CA ARG IC 206 -47.48 22.48 76.29
C ARG IC 206 -48.69 21.90 75.55
N GLY IC 207 -49.64 21.37 76.33
CA GLY IC 207 -50.96 21.01 75.83
C GLY IC 207 -50.92 19.98 74.72
N GLU IC 208 -52.04 19.82 74.04
CA GLU IC 208 -52.14 18.81 73.00
C GLU IC 208 -53.03 19.28 71.88
N GLU IC 209 -52.86 18.68 70.72
CA GLU IC 209 -53.75 18.95 69.62
C GLU IC 209 -53.96 17.74 68.73
N ILE IC 210 -55.21 17.52 68.37
CA ILE IC 210 -55.54 16.72 67.21
C ILE IC 210 -55.38 17.65 66.01
N ILE IC 211 -54.45 17.36 65.10
CA ILE IC 211 -54.15 18.29 64.03
C ILE IC 211 -55.28 18.36 63.00
N PRO IC 212 -55.88 19.54 62.84
CA PRO IC 212 -57.08 19.73 62.02
C PRO IC 212 -56.86 19.49 60.52
N ARG IC 213 -55.82 20.06 59.92
CA ARG IC 213 -55.63 19.98 58.47
C ARG IC 213 -54.27 19.44 58.14
N GLY IC 214 -54.12 19.05 56.88
CA GLY IC 214 -52.89 18.44 56.38
C GLY IC 214 -53.10 16.96 56.15
N HIS IC 215 -52.09 16.29 55.62
CA HIS IC 215 -52.22 14.87 55.43
C HIS IC 215 -52.05 14.15 56.74
N ARG IC 216 -51.64 14.88 57.76
CA ARG IC 216 -51.48 14.31 59.08
C ARG IC 216 -52.73 14.50 59.92
N LYS IC 217 -53.78 15.00 59.27
CA LYS IC 217 -55.04 15.32 59.92
C LYS IC 217 -55.52 14.18 60.79
N GLY IC 218 -55.96 14.54 61.99
CA GLY IC 218 -56.50 13.55 62.90
C GLY IC 218 -55.46 13.00 63.84
N ARG IC 219 -54.20 13.33 63.62
CA ARG IC 219 -53.19 12.81 64.52
C ARG IC 219 -52.92 13.76 65.67
N VAL IC 220 -52.11 13.28 66.60
CA VAL IC 220 -51.96 13.97 67.87
C VAL IC 220 -50.64 14.69 67.90
N ASP IC 221 -50.67 15.99 68.14
CA ASP IC 221 -49.39 16.68 68.30
C ASP IC 221 -49.34 17.68 69.44
N ALA IC 222 -48.18 17.68 70.09
CA ALA IC 222 -47.87 18.61 71.14
C ALA IC 222 -47.88 20.05 70.61
N LEU IC 223 -48.26 21.00 71.45
CA LEU IC 223 -48.17 22.39 71.01
C LEU IC 223 -46.88 22.99 71.47
N ARG IC 224 -46.24 23.73 70.59
CA ARG IC 224 -44.91 24.20 70.91
C ARG IC 224 -44.79 25.72 70.88
N TYR IC 225 -43.98 26.29 71.77
CA TYR IC 225 -43.77 27.73 71.73
C TYR IC 225 -42.30 28.12 71.90
N GLN IC 226 -41.96 29.25 71.31
CA GLN IC 226 -40.62 29.80 71.39
C GLN IC 226 -40.66 31.30 71.65
N ILE IC 227 -40.02 31.70 72.74
CA ILE IC 227 -39.94 33.10 73.07
C ILE IC 227 -38.61 33.67 72.66
N ASN IC 228 -38.69 34.62 71.73
CA ASN IC 228 -37.55 35.43 71.36
C ASN IC 228 -37.69 36.80 71.99
N ASP IC 229 -36.76 37.08 72.88
CA ASP IC 229 -36.83 38.29 73.68
C ASP IC 229 -35.55 39.10 73.54
N LYS IC 230 -35.65 40.41 73.71
CA LYS IC 230 -34.47 41.26 73.68
C LYS IC 230 -34.59 42.37 74.73
N PRO IC 231 -34.47 41.98 76.01
CA PRO IC 231 -34.64 42.90 77.14
C PRO IC 231 -33.63 44.02 77.07
N HIS IC 232 -34.00 45.17 77.62
CA HIS IC 232 -33.16 46.33 77.56
C HIS IC 232 -31.92 46.18 78.42
N ASN IC 233 -32.12 45.60 79.60
CA ASN IC 233 -31.02 45.23 80.47
C ASN IC 233 -31.34 43.98 81.29
N GLN IC 234 -30.34 43.14 81.51
CA GLN IC 234 -30.49 42.06 82.47
C GLN IC 234 -29.31 42.12 83.41
N ILE IC 235 -29.39 41.38 84.50
CA ILE IC 235 -28.30 41.37 85.45
C ILE IC 235 -27.94 39.94 85.77
N ARG IC 236 -26.67 39.61 85.63
CA ARG IC 236 -26.28 38.24 85.84
C ARG IC 236 -25.29 38.03 86.98
N ILE IC 237 -25.58 36.99 87.75
CA ILE IC 237 -24.89 36.62 88.97
C ILE IC 237 -24.45 35.16 89.01
N SER IC 238 -23.57 34.87 89.95
CA SER IC 238 -23.01 33.54 90.10
C SER IC 238 -23.74 32.69 91.12
N ARG IC 239 -24.85 33.18 91.66
CA ARG IC 239 -25.61 32.33 92.59
C ARG IC 239 -27.11 32.64 92.57
N GLN IC 240 -27.89 31.61 92.89
CA GLN IC 240 -29.35 31.67 92.77
C GLN IC 240 -29.98 32.59 93.82
N LEU IC 241 -31.11 33.20 93.47
CA LEU IC 241 -31.83 34.06 94.41
C LEU IC 241 -32.88 33.29 95.22
N PRO IC 242 -33.12 33.74 96.48
CA PRO IC 242 -34.00 33.05 97.43
C PRO IC 242 -35.46 32.99 96.98
N GLU IC 243 -36.07 31.83 97.19
CA GLU IC 243 -37.47 31.61 96.83
C GLU IC 243 -38.41 32.49 97.63
N PHE IC 244 -39.46 32.98 96.98
CA PHE IC 244 -40.41 33.83 97.66
C PHE IC 244 -41.45 33.06 98.45
N VAL IC 245 -41.70 31.83 98.04
CA VAL IC 245 -42.55 30.94 98.80
C VAL IC 245 -41.99 29.53 98.70
N PRO IC 246 -42.46 28.59 99.54
CA PRO IC 246 -41.97 27.23 99.30
C PRO IC 246 -42.42 26.70 97.93
N LEU IC 247 -41.97 25.50 97.59
CA LEU IC 247 -42.20 24.92 96.27
C LEU IC 247 -43.59 24.27 96.14
N ASP IC 248 -44.16 23.91 97.29
CA ASP IC 248 -45.47 23.26 97.36
C ASP IC 248 -46.60 24.26 97.63
N TYR IC 249 -46.22 25.53 97.73
CA TYR IC 249 -47.14 26.60 98.11
C TYR IC 249 -48.31 26.73 97.16
N SER IC 250 -49.52 26.77 97.70
CA SER IC 250 -50.72 26.74 96.88
C SER IC 250 -51.59 27.97 97.05
N ILE IC 251 -52.42 28.22 96.05
CA ILE IC 251 -53.28 29.38 96.03
C ILE IC 251 -54.66 28.99 95.51
N PRO IC 252 -55.71 29.58 96.10
CA PRO IC 252 -57.10 29.45 95.65
C PRO IC 252 -57.34 29.79 94.18
N ILE IC 253 -56.51 30.69 93.64
CA ILE IC 253 -56.68 31.17 92.28
C ILE IC 253 -56.17 30.16 91.26
N GLU IC 254 -56.98 29.91 90.23
CA GLU IC 254 -56.64 28.90 89.23
C GLU IC 254 -56.28 29.52 87.87
N VAL IC 255 -55.39 28.83 87.17
CA VAL IC 255 -54.90 29.25 85.85
C VAL IC 255 -56.02 29.31 84.82
N PRO IC 256 -56.19 30.47 84.18
CA PRO IC 256 -57.26 30.67 83.19
C PRO IC 256 -57.15 29.74 81.99
N VAL IC 257 -58.21 29.01 81.68
CA VAL IC 257 -58.23 28.20 80.47
C VAL IC 257 -59.05 28.90 79.41
N MET IC 258 -58.36 29.38 78.39
CA MET IC 258 -59.00 30.01 77.27
C MET IC 258 -59.66 28.97 76.38
N SER IC 259 -60.90 29.23 75.98
CA SER IC 259 -61.50 28.35 74.99
C SER IC 259 -61.27 28.93 73.63
N CYS IC 260 -60.27 28.38 72.93
CA CYS IC 260 -59.83 28.82 71.62
C CYS IC 260 -58.53 28.10 71.27
N LYS IC 261 -58.13 28.18 70.01
CA LYS IC 261 -56.74 27.97 69.68
C LYS IC 261 -56.09 29.36 69.69
N PRO IC 262 -54.80 29.42 70.06
CA PRO IC 262 -54.07 30.68 70.28
C PRO IC 262 -54.07 31.60 69.06
N ASP IC 263 -54.31 31.02 67.90
CA ASP IC 263 -54.33 31.75 66.64
C ASP IC 263 -55.29 32.91 66.68
N LYS IC 264 -56.31 32.78 67.51
CA LYS IC 264 -57.38 33.76 67.56
C LYS IC 264 -56.94 34.95 68.40
N LEU IC 265 -55.71 34.88 68.90
CA LEU IC 265 -55.22 35.91 69.83
C LEU IC 265 -55.06 37.30 69.23
N PRO IC 266 -54.33 37.44 68.11
CA PRO IC 266 -53.70 36.51 67.16
C PRO IC 266 -52.36 35.90 67.57
N LEU IC 267 -52.10 34.70 67.07
CA LEU IC 267 -50.79 34.06 67.17
C LEU IC 267 -50.44 33.32 65.91
N PHE IC 268 -49.16 33.19 65.62
CA PHE IC 268 -48.77 32.58 64.36
C PHE IC 268 -47.78 31.46 64.50
N LYS IC 269 -47.94 30.45 63.65
CA LYS IC 269 -47.00 29.37 63.61
C LYS IC 269 -45.96 29.69 62.56
N ARG IC 270 -44.71 29.80 62.98
CA ARG IC 270 -43.58 29.84 62.07
C ARG IC 270 -42.44 29.03 62.63
N GLN IC 271 -41.94 28.05 61.89
CA GLN IC 271 -40.89 27.20 62.44
C GLN IC 271 -39.51 27.58 61.93
N TYR IC 272 -38.55 27.44 62.82
CA TYR IC 272 -37.16 27.70 62.55
C TYR IC 272 -36.40 27.18 63.74
N GLU IC 273 -35.11 27.46 63.82
CA GLU IC 273 -34.29 26.93 64.91
C GLU IC 273 -34.82 27.29 66.31
N ASN IC 274 -35.01 26.27 67.16
CA ASN IC 274 -35.48 26.47 68.52
C ASN IC 274 -34.34 26.56 69.53
N THR IC 275 -34.18 27.76 70.09
CA THR IC 275 -33.06 28.07 70.97
C THR IC 275 -33.51 28.30 72.42
N ILE IC 276 -32.73 27.75 73.34
CA ILE IC 276 -32.87 28.05 74.75
C ILE IC 276 -31.66 28.87 75.14
N PHE IC 277 -31.89 30.14 75.46
CA PHE IC 277 -30.78 31.04 75.69
C PHE IC 277 -31.02 32.07 76.78
N ILE IC 278 -30.00 32.23 77.60
CA ILE IC 278 -30.05 33.08 78.76
C ILE IC 278 -29.43 34.46 78.48
N GLY IC 279 -28.90 34.64 77.29
CA GLY IC 279 -28.13 35.83 77.00
C GLY IC 279 -26.67 35.46 77.03
N SER IC 280 -26.38 34.32 77.65
CA SER IC 280 -25.02 33.77 77.71
C SER IC 280 -25.00 32.25 77.49
N LYS IC 281 -23.95 31.76 76.83
CA LYS IC 281 -23.84 30.34 76.56
C LYS IC 281 -23.65 29.59 77.85
N THR IC 282 -23.88 28.29 77.77
CA THR IC 282 -23.78 27.42 78.92
C THR IC 282 -22.43 27.54 79.66
N ALA IC 283 -21.39 27.90 78.94
CA ALA IC 283 -20.05 27.96 79.49
C ALA IC 283 -19.86 29.04 80.55
N ASP IC 284 -20.77 30.01 80.56
CA ASP IC 284 -20.63 31.18 81.41
C ASP IC 284 -20.64 30.81 82.90
N PRO IC 285 -19.85 31.53 83.72
CA PRO IC 285 -19.85 31.41 85.18
C PRO IC 285 -21.12 31.99 85.82
N LEU IC 286 -21.85 32.81 85.09
CA LEU IC 286 -23.05 33.41 85.65
C LEU IC 286 -24.29 32.72 85.08
N CYS IC 287 -24.89 31.86 85.90
CA CYS IC 287 -26.00 31.03 85.44
C CYS IC 287 -27.33 31.59 85.84
N TYR IC 288 -27.33 32.69 86.58
CA TYR IC 288 -28.54 33.08 87.24
C TYR IC 288 -28.88 34.52 87.03
N GLY IC 289 -30.13 34.74 86.64
CA GLY IC 289 -30.61 36.07 86.39
C GLY IC 289 -31.02 36.77 87.67
N HIS IC 290 -30.82 38.08 87.70
CA HIS IC 290 -31.19 38.88 88.84
C HIS IC 290 -32.49 39.59 88.55
N THR IC 291 -32.41 40.63 87.74
CA THR IC 291 -33.59 41.34 87.30
C THR IC 291 -33.49 41.56 85.80
N GLN IC 292 -34.57 42.05 85.21
CA GLN IC 292 -34.54 42.53 83.85
C GLN IC 292 -35.11 43.95 83.77
N PHE IC 293 -34.88 44.59 82.62
CA PHE IC 293 -35.49 45.87 82.33
C PHE IC 293 -36.06 45.87 80.93
N HIS IC 294 -37.37 46.05 80.80
CA HIS IC 294 -38.00 46.09 79.49
C HIS IC 294 -38.58 47.46 79.19
N LEU IC 295 -37.94 48.16 78.25
CA LEU IC 295 -38.54 49.38 77.79
C LEU IC 295 -39.65 49.02 76.82
N LEU IC 296 -40.78 49.69 76.92
CA LEU IC 296 -41.91 49.39 76.05
C LEU IC 296 -41.76 50.03 74.67
N PRO IC 297 -42.06 49.27 73.61
CA PRO IC 297 -41.99 49.75 72.22
C PRO IC 297 -43.03 50.82 71.92
N ASP IC 298 -42.84 51.52 70.80
CA ASP IC 298 -43.61 52.72 70.48
C ASP IC 298 -45.12 52.47 70.29
N LYS IC 299 -45.44 51.35 69.64
CA LYS IC 299 -46.83 50.93 69.43
C LYS IC 299 -47.65 50.94 70.70
N LEU IC 300 -46.97 50.59 71.79
CA LEU IC 300 -47.62 50.30 73.06
C LEU IC 300 -47.63 51.49 74.01
N LYS IC 301 -47.27 52.68 73.52
CA LYS IC 301 -47.42 53.90 74.29
C LYS IC 301 -48.83 54.03 74.83
N ARG IC 302 -48.94 54.65 76.00
CA ARG IC 302 -50.24 54.91 76.59
C ARG IC 302 -51.18 55.64 75.66
N GLU IC 303 -50.70 56.76 75.15
CA GLU IC 303 -51.52 57.65 74.35
C GLU IC 303 -52.16 56.93 73.20
N LYS IC 304 -51.36 56.12 72.51
CA LYS IC 304 -51.85 55.34 71.39
C LYS IC 304 -53.01 54.46 71.84
N LEU IC 305 -52.91 53.92 73.05
CA LEU IC 305 -53.96 53.02 73.55
C LEU IC 305 -55.24 53.78 73.84
N LEU IC 306 -55.12 54.95 74.44
CA LEU IC 306 -56.32 55.73 74.72
C LEU IC 306 -56.94 56.30 73.45
N LYS IC 307 -56.14 56.46 72.41
CA LYS IC 307 -56.68 56.86 71.12
C LYS IC 307 -57.49 55.72 70.52
N GLN IC 308 -57.08 54.49 70.82
CA GLN IC 308 -57.64 53.32 70.16
C GLN IC 308 -58.92 52.84 70.81
N ASN IC 309 -59.39 53.58 71.80
CA ASN IC 309 -60.52 53.19 72.64
C ASN IC 309 -60.14 51.98 73.51
N CYS IC 310 -58.91 52.00 74.02
CA CYS IC 310 -58.38 50.93 74.85
C CYS IC 310 -58.03 51.43 76.25
N ALA IC 311 -58.70 50.86 77.24
CA ALA IC 311 -58.58 51.39 78.58
C ALA IC 311 -57.66 50.56 79.42
N ASP IC 312 -58.17 49.42 79.87
CA ASP IC 312 -57.47 48.58 80.84
C ASP IC 312 -56.18 48.03 80.24
N GLN IC 313 -56.16 47.99 78.92
CA GLN IC 313 -55.07 47.43 78.14
C GLN IC 313 -53.72 47.98 78.58
N ILE IC 314 -53.70 49.27 78.90
CA ILE IC 314 -52.50 49.96 79.38
C ILE IC 314 -51.82 49.16 80.48
N GLU IC 315 -52.61 48.72 81.44
CA GLU IC 315 -52.11 47.84 82.49
C GLU IC 315 -51.67 46.51 81.88
N VAL IC 316 -52.57 45.87 81.13
CA VAL IC 316 -52.36 44.49 80.65
C VAL IC 316 -51.09 44.34 79.83
N VAL IC 317 -50.82 45.36 79.01
CA VAL IC 317 -49.61 45.37 78.19
C VAL IC 317 -48.39 45.07 79.04
N PHE IC 318 -48.29 45.73 80.18
CA PHE IC 318 -47.24 45.45 81.13
C PHE IC 318 -47.29 43.99 81.55
N ARG IC 319 -48.44 43.59 82.10
CA ARG IC 319 -48.64 42.25 82.66
C ARG IC 319 -48.05 41.23 81.76
N ALA IC 320 -48.65 41.19 80.58
CA ALA IC 320 -48.33 40.22 79.58
C ALA IC 320 -46.84 40.11 79.46
N ASN IC 321 -46.20 41.25 79.22
CA ASN IC 321 -44.79 41.27 78.96
C ASN IC 321 -44.03 40.48 80.01
N ALA IC 322 -44.27 40.82 81.28
CA ALA IC 322 -43.57 40.17 82.37
C ALA IC 322 -43.73 38.67 82.26
N ILE IC 323 -44.99 38.24 82.27
CA ILE IC 323 -45.36 36.83 82.31
C ILE IC 323 -44.64 36.08 81.22
N ALA IC 324 -44.31 36.78 80.14
CA ALA IC 324 -43.54 36.14 79.11
C ALA IC 324 -42.08 36.14 79.53
N SER IC 325 -41.46 37.31 79.48
CA SER IC 325 -40.01 37.38 79.48
C SER IC 325 -39.48 36.65 80.67
N LEU IC 326 -40.05 37.01 81.82
CA LEU IC 326 -39.61 36.50 83.09
C LEU IC 326 -39.60 34.99 83.06
N PHE IC 327 -40.71 34.45 82.59
CA PHE IC 327 -40.83 33.03 82.43
C PHE IC 327 -39.65 32.43 81.69
N ALA IC 328 -39.41 32.93 80.49
CA ALA IC 328 -38.32 32.43 79.68
C ALA IC 328 -37.04 32.56 80.46
N TRP IC 329 -36.87 33.75 81.01
CA TRP IC 329 -35.67 34.14 81.73
C TRP IC 329 -35.40 33.10 82.78
N THR IC 330 -36.46 32.71 83.47
CA THR IC 330 -36.36 31.74 84.52
C THR IC 330 -36.08 30.38 83.92
N GLY IC 331 -36.93 30.00 82.97
CA GLY IC 331 -36.85 28.69 82.36
C GLY IC 331 -35.46 28.37 81.88
N ALA IC 332 -34.87 29.32 81.16
CA ALA IC 332 -33.52 29.16 80.63
C ALA IC 332 -32.62 28.66 81.72
N GLN IC 333 -32.63 29.42 82.81
CA GLN IC 333 -31.83 29.16 83.97
C GLN IC 333 -32.00 27.71 84.39
N ALA IC 334 -33.25 27.32 84.57
CA ALA IC 334 -33.58 25.96 84.96
C ALA IC 334 -32.97 24.95 83.99
N MET IC 335 -33.21 25.18 82.70
CA MET IC 335 -32.70 24.30 81.68
C MET IC 335 -31.20 24.27 81.77
N TYR IC 336 -30.61 25.42 82.04
CA TYR IC 336 -29.16 25.51 82.16
C TYR IC 336 -28.61 24.70 83.34
N GLN IC 337 -29.44 24.44 84.31
CA GLN IC 337 -29.00 23.70 85.50
C GLN IC 337 -29.21 22.21 85.31
N GLY IC 338 -29.72 21.86 84.15
CA GLY IC 338 -29.90 20.46 83.81
C GLY IC 338 -31.32 20.04 83.98
N PHE IC 339 -32.15 20.96 84.46
CA PHE IC 339 -33.56 20.67 84.63
C PHE IC 339 -34.29 20.71 83.30
N TRP IC 340 -35.36 19.94 83.19
CA TRP IC 340 -36.26 20.01 82.04
C TRP IC 340 -37.62 19.47 82.41
N SER IC 341 -38.45 19.26 81.41
CA SER IC 341 -39.81 18.86 81.67
C SER IC 341 -39.90 17.50 82.35
N GLU IC 342 -38.96 16.59 82.12
CA GLU IC 342 -39.03 15.33 82.85
C GLU IC 342 -38.11 15.18 84.05
N ALA IC 343 -37.22 16.15 84.28
CA ALA IC 343 -36.43 16.15 85.49
C ALA IC 343 -37.07 17.07 86.52
N ASP IC 344 -38.11 17.76 86.09
CA ASP IC 344 -38.74 18.87 86.80
C ASP IC 344 -37.72 19.84 87.39
N VAL IC 345 -37.92 20.20 88.66
CA VAL IC 345 -37.07 21.16 89.34
C VAL IC 345 -36.96 20.77 90.81
N THR IC 346 -35.75 20.81 91.36
CA THR IC 346 -35.56 20.65 92.80
C THR IC 346 -35.80 21.93 93.60
N ARG IC 347 -35.13 23.00 93.16
CA ARG IC 347 -35.14 24.27 93.90
C ARG IC 347 -35.72 25.38 93.05
N PRO IC 348 -36.84 25.97 93.48
CA PRO IC 348 -37.59 26.97 92.70
C PRO IC 348 -36.69 28.08 92.18
N PHE IC 349 -36.92 28.53 90.96
CA PHE IC 349 -36.07 29.54 90.36
C PHE IC 349 -36.75 30.88 90.37
N VAL IC 350 -36.01 31.94 90.64
CA VAL IC 350 -36.67 33.24 90.73
C VAL IC 350 -35.87 34.33 90.07
N SER IC 351 -36.58 35.18 89.36
CA SER IC 351 -35.97 36.41 88.89
C SER IC 351 -36.96 37.55 89.01
N GLN IC 352 -36.44 38.75 88.78
CA GLN IC 352 -37.19 39.98 88.95
C GLN IC 352 -37.28 40.71 87.63
N GLY IC 353 -38.21 41.65 87.52
CA GLY IC 353 -38.30 42.43 86.32
C GLY IC 353 -38.86 43.81 86.54
N VAL IC 354 -38.47 44.73 85.66
CA VAL IC 354 -38.93 46.11 85.71
C VAL IC 354 -39.44 46.52 84.36
N ILE IC 355 -40.72 46.85 84.26
CA ILE IC 355 -41.23 47.18 82.96
C ILE IC 355 -41.60 48.63 82.89
N THR IC 356 -41.22 49.23 81.78
CA THR IC 356 -41.13 50.67 81.70
C THR IC 356 -41.65 51.32 80.42
N ASP IC 357 -42.67 52.16 80.58
CA ASP IC 357 -42.90 53.22 79.61
C ASP IC 357 -42.05 54.33 80.18
N GLY IC 358 -41.38 55.13 79.36
CA GLY IC 358 -40.36 56.04 79.89
C GLY IC 358 -40.75 56.78 81.16
N LYS IC 359 -42.01 57.19 81.26
CA LYS IC 359 -42.58 57.79 82.47
C LYS IC 359 -43.06 56.80 83.54
N TYR IC 360 -43.85 55.80 83.13
CA TYR IC 360 -44.52 54.88 84.05
C TYR IC 360 -43.77 53.57 84.27
N PHE IC 361 -43.84 53.06 85.50
CA PHE IC 361 -43.13 51.84 85.87
C PHE IC 361 -44.05 50.77 86.43
N SER IC 362 -43.56 49.54 86.37
CA SER IC 362 -44.22 48.44 87.03
C SER IC 362 -43.17 47.41 87.44
N PHE IC 363 -43.43 46.73 88.53
CA PHE IC 363 -42.41 45.90 89.16
C PHE IC 363 -42.87 44.47 89.37
N PHE IC 364 -42.05 43.53 88.95
CA PHE IC 364 -42.48 42.15 88.89
C PHE IC 364 -41.50 41.16 89.46
N CYS IC 365 -42.04 40.05 89.93
CA CYS IC 365 -41.24 38.95 90.44
C CYS IC 365 -41.79 37.64 89.90
N TYR IC 366 -40.92 36.87 89.27
CA TYR IC 366 -41.32 35.56 88.83
C TYR IC 366 -40.64 34.49 89.66
N GLN IC 367 -41.46 33.62 90.24
CA GLN IC 367 -41.03 32.36 90.82
C GLN IC 367 -41.55 31.19 89.99
N LEU IC 368 -40.62 30.55 89.31
CA LEU IC 368 -40.87 29.36 88.52
C LEU IC 368 -40.72 28.14 89.43
N ASN IC 369 -41.71 27.25 89.36
CA ASN IC 369 -41.75 26.03 90.15
C ASN IC 369 -41.77 24.81 89.23
N THR IC 370 -42.82 24.74 88.42
CA THR IC 370 -43.02 23.65 87.47
C THR IC 370 -42.41 23.94 86.10
N LEU IC 371 -41.48 23.11 85.65
CA LEU IC 371 -40.93 23.24 84.31
C LEU IC 371 -41.58 22.28 83.32
N ALA IC 372 -42.48 21.45 83.82
CA ALA IC 372 -43.10 20.49 82.95
C ALA IC 372 -44.45 21.00 82.56
N LEU IC 373 -44.55 21.50 81.33
CA LEU IC 373 -45.83 21.86 80.78
C LEU IC 373 -46.29 20.83 79.72
N THR IC 374 -45.48 19.79 79.52
CA THR IC 374 -45.83 18.67 78.66
C THR IC 374 -47.03 17.95 79.26
N ALA IC 375 -48.09 17.77 78.46
CA ALA IC 375 -49.36 17.21 78.95
C ALA IC 375 -49.10 15.94 79.76
N GLN IC 376 -48.14 15.16 79.29
CA GLN IC 376 -47.68 13.95 79.95
C GLN IC 376 -47.34 14.14 81.42
N ALA IC 377 -46.42 15.04 81.70
CA ALA IC 377 -46.02 15.28 83.08
C ALA IC 377 -47.11 16.07 83.79
N ASP IC 378 -47.96 16.71 82.99
CA ASP IC 378 -48.90 17.69 83.48
C ASP IC 378 -50.15 17.11 84.14
N GLN IC 379 -50.60 15.95 83.65
CA GLN IC 379 -51.89 15.41 84.09
C GLN IC 379 -52.08 15.44 85.61
N ASN IC 380 -51.10 14.93 86.35
CA ASN IC 380 -51.18 14.87 87.81
C ASN IC 380 -50.46 16.00 88.53
N ASN IC 381 -49.81 16.88 87.79
CA ASN IC 381 -48.91 17.85 88.41
C ASN IC 381 -49.67 18.96 89.12
N PRO IC 382 -49.51 19.02 90.45
CA PRO IC 382 -50.12 19.97 91.39
C PRO IC 382 -49.59 21.40 91.37
N ARG IC 383 -48.28 21.59 91.22
CA ARG IC 383 -47.68 22.90 91.42
C ARG IC 383 -47.98 23.86 90.27
N LYS IC 384 -47.81 25.15 90.52
CA LYS IC 384 -48.04 26.17 89.50
C LYS IC 384 -46.86 27.12 89.45
N ASN IC 385 -46.84 27.97 88.44
CA ASN IC 385 -45.80 29.00 88.33
C ASN IC 385 -46.38 30.36 88.65
N ILE IC 386 -45.61 31.19 89.35
CA ILE IC 386 -46.19 32.41 89.88
C ILE IC 386 -45.46 33.69 89.56
N CYS IC 387 -46.26 34.71 89.29
CA CYS IC 387 -45.73 36.05 89.15
C CYS IC 387 -46.48 37.00 90.05
N TRP IC 388 -45.74 37.74 90.87
CA TRP IC 388 -46.32 38.84 91.61
C TRP IC 388 -45.98 40.13 90.88
N GLY IC 389 -46.89 41.08 90.87
CA GLY IC 389 -46.65 42.31 90.14
C GLY IC 389 -47.23 43.57 90.74
N THR IC 390 -46.68 44.70 90.30
CA THR IC 390 -47.10 46.01 90.78
C THR IC 390 -48.10 46.59 89.81
N GLN IC 391 -49.10 47.27 90.35
CA GLN IC 391 -49.96 48.11 89.54
C GLN IC 391 -49.05 49.14 88.84
N SER IC 392 -49.45 49.55 87.64
CA SER IC 392 -48.66 50.54 86.90
C SER IC 392 -48.62 51.87 87.66
N LYS IC 393 -47.59 52.69 87.40
CA LYS IC 393 -47.28 53.84 88.26
C LYS IC 393 -46.20 54.72 87.67
N PRO IC 394 -46.37 56.05 87.81
CA PRO IC 394 -45.43 57.02 87.27
C PRO IC 394 -44.19 57.18 88.15
N LEU IC 395 -43.09 57.60 87.54
CA LEU IC 395 -41.90 57.99 88.27
C LEU IC 395 -42.02 59.47 88.58
N TYR IC 396 -42.05 60.25 87.51
CA TYR IC 396 -41.98 61.71 87.57
C TYR IC 396 -43.23 62.28 86.94
N GLU IC 397 -43.43 63.58 87.11
CA GLU IC 397 -44.44 64.24 86.32
C GLU IC 397 -43.88 65.48 85.65
N THR IC 398 -43.92 65.48 84.32
CA THR IC 398 -43.74 66.69 83.53
C THR IC 398 -42.40 67.43 83.72
N ILE IC 399 -41.32 66.88 83.19
CA ILE IC 399 -40.05 67.60 83.19
C ILE IC 399 -40.16 68.91 82.43
N GLU IC 400 -39.67 69.96 83.07
CA GLU IC 400 -39.75 71.30 82.53
C GLU IC 400 -38.45 72.06 82.77
N ASP IC 401 -37.77 72.47 81.71
CA ASP IC 401 -36.66 73.42 81.80
C ASP IC 401 -35.60 73.08 82.85
N ASN IC 402 -35.06 71.87 82.79
CA ASN IC 402 -34.01 71.37 83.70
C ASN IC 402 -34.50 71.09 85.15
N ASN IC 403 -35.79 71.30 85.43
CA ASN IC 403 -36.41 70.83 86.67
C ASN IC 403 -37.29 69.61 86.43
N VAL IC 404 -37.31 68.67 87.38
CA VAL IC 404 -38.30 67.60 87.35
C VAL IC 404 -39.38 67.92 88.36
N LYS IC 405 -40.58 68.19 87.86
CA LYS IC 405 -41.64 68.68 88.73
C LYS IC 405 -42.16 67.54 89.60
N GLY IC 406 -42.87 66.59 89.01
CA GLY IC 406 -43.43 65.49 89.77
C GLY IC 406 -42.33 64.51 90.12
N PHE IC 407 -42.41 63.95 91.32
CA PHE IC 407 -41.51 62.87 91.69
C PHE IC 407 -42.11 61.93 92.72
N ASN IC 408 -41.83 60.64 92.57
CA ASN IC 408 -42.30 59.65 93.52
C ASN IC 408 -41.18 58.79 94.05
N ASP IC 409 -40.94 58.91 95.35
CA ASP IC 409 -39.93 58.11 95.99
C ASP IC 409 -40.27 56.63 95.94
N ASP IC 410 -41.57 56.31 95.96
CA ASP IC 410 -42.05 54.93 96.03
C ASP IC 410 -41.38 54.06 94.99
N VAL IC 411 -41.33 54.61 93.79
CA VAL IC 411 -40.67 54.01 92.67
C VAL IC 411 -39.23 53.65 93.02
N LEU IC 412 -38.48 54.64 93.46
CA LEU IC 412 -37.09 54.47 93.85
C LEU IC 412 -36.96 53.42 94.93
N LEU IC 413 -37.96 53.36 95.79
CA LEU IC 413 -37.94 52.50 96.95
C LEU IC 413 -38.06 51.04 96.54
N GLN IC 414 -39.02 50.74 95.67
CA GLN IC 414 -39.12 49.37 95.21
C GLN IC 414 -37.99 49.01 94.27
N LEU IC 415 -37.48 50.00 93.55
CA LEU IC 415 -36.32 49.80 92.69
C LEU IC 415 -35.15 49.34 93.54
N VAL IC 416 -34.90 50.09 94.61
CA VAL IC 416 -33.84 49.77 95.56
C VAL IC 416 -34.09 48.40 96.19
N GLN IC 417 -35.35 48.15 96.51
CA GLN IC 417 -35.76 46.84 97.01
C GLN IC 417 -35.19 45.76 96.11
N PHE IC 418 -35.61 45.80 94.86
CA PHE IC 418 -35.14 44.86 93.86
C PHE IC 418 -33.64 44.76 93.80
N LEU IC 419 -33.03 45.92 93.56
CA LEU IC 419 -31.61 46.00 93.29
C LEU IC 419 -30.77 45.57 94.49
N LEU IC 420 -31.41 45.46 95.65
CA LEU IC 420 -30.72 45.09 96.87
C LEU IC 420 -30.86 43.60 97.21
N ASN IC 421 -31.58 42.86 96.38
CA ASN IC 421 -31.81 41.45 96.64
C ASN IC 421 -30.52 40.64 96.61
N ARG IC 422 -30.43 39.66 97.50
CA ARG IC 422 -29.18 38.97 97.73
C ARG IC 422 -29.32 37.47 97.68
N PRO IC 423 -28.27 36.80 97.18
CA PRO IC 423 -28.09 35.37 97.38
C PRO IC 423 -27.87 35.08 98.86
N LYS IC 424 -28.52 34.05 99.41
CA LYS IC 424 -28.27 33.67 100.79
C LYS IC 424 -26.83 33.15 100.94
N GLU IC 425 -26.21 33.46 102.07
CA GLU IC 425 -24.77 33.23 102.23
C GLU IC 425 -24.46 32.09 103.20
N ASP IC 426 -23.39 31.35 102.91
CA ASP IC 426 -22.96 30.23 103.77
C ASP IC 426 -21.46 30.30 104.07
N PHE JC 35 -37.16 -92.19 -27.59
CA PHE JC 35 -36.97 -91.99 -26.15
C PHE JC 35 -36.21 -93.18 -25.60
N ARG JC 36 -34.89 -93.05 -25.50
CA ARG JC 36 -34.03 -94.15 -25.12
C ARG JC 36 -33.56 -94.03 -23.68
N GLU JC 37 -34.06 -94.89 -22.80
CA GLU JC 37 -33.60 -94.86 -21.42
C GLU JC 37 -32.22 -95.48 -21.27
N VAL JC 38 -31.36 -94.75 -20.57
CA VAL JC 38 -30.04 -95.23 -20.23
C VAL JC 38 -30.10 -95.90 -18.87
N VAL JC 39 -29.65 -97.15 -18.80
CA VAL JC 39 -29.76 -97.91 -17.55
C VAL JC 39 -28.38 -98.28 -16.98
N GLU JC 40 -28.29 -98.22 -15.65
CA GLU JC 40 -27.06 -98.55 -14.92
C GLU JC 40 -27.30 -99.56 -13.80
N ILE JC 41 -26.44 -100.57 -13.73
CA ILE JC 41 -26.54 -101.62 -12.71
C ILE JC 41 -25.22 -101.81 -11.95
N LEU JC 42 -25.30 -101.78 -10.62
CA LEU JC 42 -24.14 -102.08 -9.77
C LEU JC 42 -24.24 -103.49 -9.22
N ASP JC 43 -23.39 -104.40 -9.71
CA ASP JC 43 -23.44 -105.80 -9.26
C ASP JC 43 -22.08 -106.38 -8.91
N GLY JC 44 -21.87 -106.69 -7.62
CA GLY JC 44 -20.69 -107.41 -7.15
C GLY JC 44 -19.34 -106.90 -7.62
N LYS JC 45 -19.12 -105.59 -7.50
CA LYS JC 45 -17.91 -104.92 -7.97
C LYS JC 45 -17.71 -105.05 -9.49
N THR JC 46 -18.84 -105.05 -10.21
CA THR JC 46 -18.87 -104.87 -11.67
C THR JC 46 -20.04 -103.94 -12.03
N THR JC 47 -19.90 -103.20 -13.12
CA THR JC 47 -20.85 -102.13 -13.44
C THR JC 47 -21.35 -102.19 -14.88
N ILE JC 48 -22.66 -102.38 -15.06
CA ILE JC 48 -23.23 -102.47 -16.41
C ILE JC 48 -23.95 -101.18 -16.83
N ILE JC 49 -23.53 -100.59 -17.94
CA ILE JC 49 -24.18 -99.38 -18.44
C ILE JC 49 -24.61 -99.58 -19.88
N GLU JC 50 -25.92 -99.46 -20.13
CA GLU JC 50 -26.45 -99.89 -21.43
C GLU JC 50 -27.69 -99.10 -21.89
N GLY JC 51 -27.83 -98.97 -23.21
CA GLY JC 51 -28.99 -98.32 -23.81
C GLY JC 51 -30.21 -99.21 -24.07
N ARG JC 52 -31.40 -98.65 -23.84
CA ARG JC 52 -32.64 -99.38 -24.10
C ARG JC 52 -33.77 -98.49 -24.66
N ILE JC 53 -34.34 -98.86 -25.80
CA ILE JC 53 -35.25 -97.96 -26.50
C ILE JC 53 -36.71 -98.16 -26.13
N THR JC 54 -37.37 -97.06 -25.78
CA THR JC 54 -38.82 -97.07 -25.57
C THR JC 54 -39.50 -96.61 -26.86
N GLU JC 55 -40.83 -96.69 -26.89
CA GLU JC 55 -41.58 -96.40 -28.11
C GLU JC 55 -41.87 -94.91 -28.22
N THR JC 56 -41.37 -94.33 -29.30
CA THR JC 56 -41.67 -92.95 -29.64
C THR JC 56 -43.01 -92.84 -30.32
N PRO JC 57 -43.98 -92.17 -29.67
CA PRO JC 57 -45.26 -91.90 -30.32
C PRO JC 57 -45.08 -91.15 -31.62
N GLN JC 58 -46.02 -91.32 -32.53
CA GLN JC 58 -45.81 -90.79 -33.86
C GLN JC 58 -46.69 -89.59 -34.13
N GLU JC 59 -46.20 -88.74 -35.03
CA GLU JC 59 -46.97 -87.58 -35.44
C GLU JC 59 -48.32 -88.01 -35.98
N SER JC 60 -49.36 -87.32 -35.53
CA SER JC 60 -50.72 -87.66 -35.91
C SER JC 60 -50.89 -87.66 -37.42
N PRO JC 61 -51.88 -88.44 -37.91
CA PRO JC 61 -51.95 -88.79 -39.33
C PRO JC 61 -51.96 -87.63 -40.33
N ASN JC 62 -52.82 -86.64 -40.12
CA ASN JC 62 -53.16 -85.75 -41.22
C ASN JC 62 -52.96 -84.26 -40.94
N PRO JC 63 -51.78 -83.74 -41.26
CA PRO JC 63 -51.47 -82.31 -41.13
C PRO JC 63 -52.25 -81.43 -42.13
N PRO JC 64 -52.82 -80.31 -41.66
CA PRO JC 64 -53.58 -79.35 -42.47
C PRO JC 64 -52.78 -78.68 -43.58
N ASN JC 65 -51.52 -78.35 -43.33
CA ASN JC 65 -50.63 -77.81 -44.36
C ASN JC 65 -49.47 -78.75 -44.61
N PRO JC 66 -49.74 -79.89 -45.27
CA PRO JC 66 -48.74 -80.95 -45.44
C PRO JC 66 -47.48 -80.41 -46.09
N THR JC 67 -47.69 -79.45 -47.00
CA THR JC 67 -46.61 -78.76 -47.70
C THR JC 67 -45.77 -77.91 -46.74
N GLY JC 68 -46.39 -77.54 -45.62
CA GLY JC 68 -45.75 -76.67 -44.64
C GLY JC 68 -44.44 -77.22 -44.13
N GLN JC 69 -43.62 -76.33 -43.60
CA GLN JC 69 -42.25 -76.66 -43.23
C GLN JC 69 -42.12 -77.05 -41.76
N CYS JC 70 -42.24 -76.05 -40.90
CA CYS JC 70 -41.97 -76.19 -39.47
C CYS JC 70 -43.16 -76.77 -38.75
N PRO JC 71 -42.91 -77.70 -37.81
CA PRO JC 71 -43.94 -78.50 -37.16
C PRO JC 71 -45.13 -77.66 -36.74
N ILE JC 72 -44.86 -76.44 -36.32
CA ILE JC 72 -45.91 -75.51 -35.96
C ILE JC 72 -46.76 -75.13 -37.15
N CYS JC 73 -46.07 -74.84 -38.23
CA CYS JC 73 -46.62 -74.10 -39.34
C CYS JC 73 -47.49 -74.96 -40.24
N ARG JC 74 -47.25 -76.26 -40.23
CA ARG JC 74 -48.04 -77.18 -41.04
C ARG JC 74 -49.32 -77.60 -40.31
N TRP JC 75 -49.34 -77.35 -39.02
CA TRP JC 75 -50.50 -77.65 -38.22
C TRP JC 75 -51.36 -76.39 -38.07
N ASN JC 76 -50.99 -75.33 -38.79
CA ASN JC 76 -51.73 -74.07 -38.77
C ASN JC 76 -51.68 -73.39 -37.42
N LEU JC 77 -50.66 -73.65 -36.64
CA LEU JC 77 -50.66 -73.21 -35.26
C LEU JC 77 -49.94 -71.90 -35.02
N LYS JC 78 -49.38 -71.33 -36.08
CA LYS JC 78 -48.61 -70.09 -35.93
C LYS JC 78 -49.53 -68.95 -35.55
N HIS JC 79 -49.01 -68.08 -34.69
CA HIS JC 79 -49.75 -66.93 -34.20
C HIS JC 79 -51.07 -67.37 -33.58
N LYS JC 80 -51.07 -68.54 -32.97
CA LYS JC 80 -52.26 -69.01 -32.25
C LYS JC 80 -51.92 -69.41 -30.82
N TYR JC 81 -51.11 -70.46 -30.68
CA TYR JC 81 -50.77 -70.93 -29.34
C TYR JC 81 -50.23 -69.83 -28.44
N ASN JC 82 -50.68 -69.85 -27.19
CA ASN JC 82 -50.18 -68.90 -26.21
C ASN JC 82 -49.55 -69.70 -25.08
N TYR JC 83 -49.00 -69.01 -24.09
CA TYR JC 83 -48.44 -69.66 -22.90
C TYR JC 83 -49.50 -70.51 -22.20
N GLU JC 84 -50.75 -70.25 -22.56
CA GLU JC 84 -51.86 -70.94 -21.94
C GLU JC 84 -52.15 -72.29 -22.58
N ASP JC 85 -51.47 -72.64 -23.67
CA ASP JC 85 -51.66 -73.96 -24.25
C ASP JC 85 -50.62 -74.96 -23.74
N VAL JC 86 -51.04 -75.86 -22.86
CA VAL JC 86 -50.13 -76.89 -22.40
C VAL JC 86 -50.06 -77.99 -23.43
N LEU JC 87 -51.23 -78.43 -23.86
CA LEU JC 87 -51.38 -79.61 -24.71
C LEU JC 87 -50.50 -79.48 -25.94
N LEU JC 88 -50.33 -78.25 -26.41
CA LEU JC 88 -49.32 -78.01 -27.40
C LEU JC 88 -47.93 -78.06 -26.78
N LEU JC 89 -47.74 -77.31 -25.69
CA LEU JC 89 -46.39 -77.05 -25.21
C LEU JC 89 -45.65 -78.29 -24.73
N SER JC 90 -46.27 -79.07 -23.86
CA SER JC 90 -45.65 -80.24 -23.25
C SER JC 90 -45.09 -81.20 -24.30
N GLN JC 91 -45.52 -81.03 -25.54
CA GLN JC 91 -44.99 -81.83 -26.64
C GLN JC 91 -43.49 -81.57 -26.88
N PHE JC 92 -43.02 -80.34 -26.72
CA PHE JC 92 -41.56 -80.18 -26.67
C PHE JC 92 -41.09 -79.70 -25.31
N ILE JC 93 -40.52 -80.64 -24.56
CA ILE JC 93 -39.83 -80.38 -23.30
C ILE JC 93 -39.36 -81.73 -22.82
N ARG JC 94 -38.64 -81.72 -21.70
CA ARG JC 94 -38.09 -82.93 -21.15
C ARG JC 94 -38.84 -83.24 -19.87
N PRO JC 95 -38.85 -84.52 -19.48
CA PRO JC 95 -39.52 -84.99 -18.27
C PRO JC 95 -39.24 -84.15 -17.04
N HIS JC 96 -38.04 -83.58 -16.94
CA HIS JC 96 -37.70 -82.74 -15.78
C HIS JC 96 -37.93 -81.26 -16.04
N GLY JC 97 -38.53 -80.97 -17.18
CA GLY JC 97 -39.16 -79.68 -17.42
C GLY JC 97 -38.47 -78.73 -18.36
N GLY JC 98 -37.18 -78.94 -18.59
CA GLY JC 98 -36.43 -78.03 -19.42
C GLY JC 98 -36.86 -78.09 -20.88
N MET JC 99 -36.22 -77.26 -21.69
CA MET JC 99 -36.49 -77.21 -23.12
C MET JC 99 -35.85 -78.38 -23.89
N LEU JC 100 -36.38 -78.68 -25.07
CA LEU JC 100 -35.75 -79.60 -26.03
C LEU JC 100 -34.72 -78.86 -26.89
N PRO JC 101 -33.75 -79.59 -27.46
CA PRO JC 101 -32.89 -78.90 -28.45
C PRO JC 101 -33.63 -78.69 -29.76
N ARG JC 102 -33.43 -77.53 -30.35
CA ARG JC 102 -34.23 -77.11 -31.50
C ARG JC 102 -33.98 -78.00 -32.68
N ARG JC 103 -32.71 -78.31 -32.88
CA ARG JC 103 -32.30 -79.16 -33.99
C ARG JC 103 -33.02 -80.50 -33.93
N ILE JC 104 -33.43 -80.92 -32.73
CA ILE JC 104 -34.21 -82.15 -32.61
C ILE JC 104 -35.66 -81.89 -32.95
N THR JC 105 -36.20 -80.76 -32.49
CA THR JC 105 -37.58 -80.43 -32.79
C THR JC 105 -37.71 -79.83 -34.19
N GLY JC 106 -36.70 -79.06 -34.58
CA GLY JC 106 -36.61 -78.52 -35.92
C GLY JC 106 -37.57 -77.39 -36.20
N LEU JC 107 -37.80 -76.55 -35.20
CA LEU JC 107 -38.74 -75.46 -35.34
C LEU JC 107 -38.08 -74.24 -35.96
N CYS JC 108 -38.85 -73.49 -36.76
CA CYS JC 108 -38.40 -72.21 -37.28
C CYS JC 108 -37.93 -71.39 -36.09
N GLN JC 109 -36.71 -70.86 -36.21
CA GLN JC 109 -35.99 -70.28 -35.07
C GLN JC 109 -36.87 -69.41 -34.23
N GLU JC 110 -37.67 -68.63 -34.94
CA GLU JC 110 -38.66 -67.79 -34.34
C GLU JC 110 -39.55 -68.59 -33.39
N GLU JC 111 -40.19 -69.63 -33.91
CA GLU JC 111 -41.16 -70.37 -33.11
C GLU JC 111 -40.47 -71.12 -31.98
N HIS JC 112 -39.19 -71.39 -32.18
CA HIS JC 112 -38.42 -71.97 -31.10
C HIS JC 112 -38.32 -71.01 -29.93
N LEU JC 113 -37.90 -69.78 -30.20
CA LEU JC 113 -37.78 -68.79 -29.14
C LEU JC 113 -39.13 -68.50 -28.49
N LYS JC 114 -40.17 -68.41 -29.32
CA LYS JC 114 -41.52 -68.20 -28.81
C LYS JC 114 -41.90 -69.31 -27.82
N ILE JC 115 -41.79 -70.55 -28.28
CA ILE JC 115 -42.08 -71.70 -27.44
C ILE JC 115 -41.27 -71.69 -26.15
N GLU JC 116 -40.01 -71.28 -26.25
CA GLU JC 116 -39.14 -71.20 -25.10
C GLU JC 116 -39.75 -70.29 -24.04
N GLU JC 117 -40.03 -69.05 -24.46
CA GLU JC 117 -40.59 -68.07 -23.55
C GLU JC 117 -41.87 -68.56 -22.93
N CYS JC 118 -42.73 -69.11 -23.77
CA CYS JC 118 -44.02 -69.58 -23.30
C CYS JC 118 -43.87 -70.71 -22.29
N VAL JC 119 -42.81 -71.49 -22.45
CA VAL JC 119 -42.57 -72.59 -21.55
C VAL JC 119 -42.18 -72.06 -20.20
N LYS JC 120 -41.22 -71.15 -20.19
CA LYS JC 120 -40.79 -70.55 -18.94
C LYS JC 120 -41.98 -69.91 -18.24
N MET JC 121 -42.78 -69.18 -19.02
CA MET JC 121 -43.95 -68.47 -18.52
C MET JC 121 -44.95 -69.41 -17.87
N ALA JC 122 -45.31 -70.47 -18.61
CA ALA JC 122 -46.25 -71.47 -18.13
C ALA JC 122 -45.72 -72.09 -16.85
N HIS JC 123 -44.42 -72.28 -16.79
CA HIS JC 123 -43.82 -72.84 -15.59
C HIS JC 123 -43.97 -71.96 -14.39
N ARG JC 124 -43.52 -70.73 -14.55
CA ARG JC 124 -43.63 -69.71 -13.51
C ARG JC 124 -45.09 -69.58 -13.15
N ALA JC 125 -45.94 -69.91 -14.11
CA ALA JC 125 -47.36 -69.80 -13.90
C ALA JC 125 -47.85 -71.00 -13.12
N GLY JC 126 -46.93 -71.88 -12.75
CA GLY JC 126 -47.30 -73.01 -11.93
C GLY JC 126 -48.24 -73.93 -12.67
N LEU JC 127 -47.91 -74.14 -13.94
CA LEU JC 127 -48.59 -75.09 -14.79
C LEU JC 127 -47.52 -76.14 -15.11
N LEU JC 128 -47.95 -77.32 -15.53
CA LEU JC 128 -47.03 -78.45 -15.62
C LEU JC 128 -46.35 -78.70 -14.27
N PRO JC 129 -47.15 -78.96 -13.22
CA PRO JC 129 -46.53 -79.26 -11.93
C PRO JC 129 -45.84 -80.61 -11.98
N ASN JC 130 -46.26 -81.41 -12.97
CA ASN JC 130 -45.72 -82.74 -13.20
C ASN JC 130 -44.22 -82.73 -13.44
N HIS JC 131 -43.77 -81.72 -14.17
CA HIS JC 131 -42.44 -81.76 -14.74
C HIS JC 131 -41.37 -81.12 -13.87
N ARG JC 132 -41.75 -80.68 -12.69
CA ARG JC 132 -40.75 -80.32 -11.69
C ARG JC 132 -39.93 -81.58 -11.40
N PRO JC 133 -38.61 -81.44 -11.28
CA PRO JC 133 -37.70 -82.53 -10.89
C PRO JC 133 -38.00 -83.14 -9.50
N LYS JC 134 -37.98 -84.46 -9.40
CA LYS JC 134 -38.46 -85.15 -8.19
C LYS JC 134 -37.37 -85.27 -7.11
N LEU JC 135 -37.63 -84.66 -5.96
CA LEU JC 135 -36.66 -84.60 -4.87
C LEU JC 135 -37.24 -84.87 -3.48
N PRO JC 136 -37.17 -86.13 -3.03
CA PRO JC 136 -37.82 -86.71 -1.83
C PRO JC 136 -37.73 -85.89 -0.53
N GLU JC 137 -36.63 -85.15 -0.34
CA GLU JC 137 -36.47 -84.31 0.84
C GLU JC 137 -37.17 -82.95 0.75
N GLY JC 138 -37.13 -82.34 -0.44
CA GLY JC 138 -37.58 -80.97 -0.64
C GLY JC 138 -39.07 -80.64 -0.64
N PHE JC 139 -39.92 -81.66 -0.65
CA PHE JC 139 -41.38 -81.45 -0.59
C PHE JC 139 -41.78 -81.08 0.83
N VAL JC 140 -40.99 -81.56 1.78
CA VAL JC 140 -41.20 -81.32 3.20
C VAL JC 140 -41.04 -79.84 3.64
N PRO JC 141 -39.93 -79.16 3.25
CA PRO JC 141 -39.69 -77.81 3.80
C PRO JC 141 -40.62 -76.72 3.26
N LYS JC 142 -41.77 -76.57 3.89
CA LYS JC 142 -42.72 -75.52 3.54
C LYS JC 142 -42.12 -74.12 3.47
N SER JC 143 -42.54 -73.40 2.42
CA SER JC 143 -42.39 -71.97 2.32
C SER JC 143 -43.83 -71.50 2.13
N LYS JC 144 -44.08 -70.20 2.25
CA LYS JC 144 -45.43 -69.66 2.08
C LYS JC 144 -46.00 -70.17 0.75
N PRO JC 145 -47.31 -70.51 0.73
CA PRO JC 145 -47.89 -71.09 -0.50
C PRO JC 145 -47.59 -70.20 -1.68
N ARG JC 146 -47.03 -70.80 -2.72
CA ARG JC 146 -46.49 -70.07 -3.84
C ARG JC 146 -47.53 -69.11 -4.40
N LEU JC 147 -47.11 -67.86 -4.61
CA LEU JC 147 -47.99 -66.83 -5.14
C LEU JC 147 -48.40 -67.15 -6.58
N ASN JC 148 -49.68 -67.13 -6.83
CA ASN JC 148 -50.18 -67.44 -8.16
C ASN JC 148 -49.98 -66.26 -9.08
N ARG JC 149 -49.20 -66.48 -10.14
CA ARG JC 149 -48.85 -65.43 -11.06
C ARG JC 149 -49.01 -65.96 -12.46
N TYR JC 150 -49.08 -65.08 -13.45
CA TYR JC 150 -49.11 -65.54 -14.82
C TYR JC 150 -48.70 -64.44 -15.76
N LEU JC 151 -48.33 -64.81 -16.97
CA LEU JC 151 -47.79 -63.87 -17.92
C LEU JC 151 -46.61 -63.18 -17.29
N THR JC 152 -45.67 -63.98 -16.79
CA THR JC 152 -44.48 -63.46 -16.12
C THR JC 152 -43.25 -63.69 -16.98
N ARG JC 153 -42.68 -62.59 -17.48
CA ARG JC 153 -41.60 -62.63 -18.44
C ARG JC 153 -40.22 -62.84 -17.82
N TRP JC 154 -40.01 -62.28 -16.63
CA TRP JC 154 -38.73 -62.40 -15.95
C TRP JC 154 -38.75 -63.50 -14.90
N SER JC 155 -37.60 -63.69 -14.25
CA SER JC 155 -37.51 -64.57 -13.08
C SER JC 155 -37.80 -63.78 -11.80
N PRO JC 156 -38.51 -64.40 -10.85
CA PRO JC 156 -38.87 -63.69 -9.62
C PRO JC 156 -37.69 -63.22 -8.78
N ARG JC 157 -36.52 -63.84 -8.91
CA ARG JC 157 -35.39 -63.45 -8.08
C ARG JC 157 -34.68 -62.20 -8.58
N SER JC 158 -34.72 -61.99 -9.88
CA SER JC 158 -33.94 -60.92 -10.49
C SER JC 158 -34.57 -59.54 -10.34
N VAL JC 159 -35.89 -59.48 -10.50
CA VAL JC 159 -36.60 -58.21 -10.52
C VAL JC 159 -36.36 -57.37 -9.28
N LYS JC 160 -35.96 -56.12 -9.49
CA LYS JC 160 -35.86 -55.18 -8.38
C LYS JC 160 -37.17 -54.44 -8.21
N PRO JC 161 -37.58 -54.22 -6.96
CA PRO JC 161 -38.83 -53.48 -6.72
C PRO JC 161 -38.66 -52.03 -7.12
N ILE JC 162 -39.59 -51.47 -7.88
CA ILE JC 162 -39.43 -50.10 -8.35
C ILE JC 162 -40.06 -49.17 -7.36
N TYR JC 163 -39.20 -48.45 -6.68
CA TYR JC 163 -39.67 -47.60 -5.63
C TYR JC 163 -40.21 -46.34 -6.20
N ASN JC 164 -39.73 -46.02 -7.39
CA ASN JC 164 -39.99 -44.68 -7.86
C ASN JC 164 -41.08 -44.40 -8.88
N LYS JC 165 -41.86 -45.39 -9.32
CA LYS JC 165 -43.10 -45.06 -10.05
C LYS JC 165 -42.73 -44.08 -11.14
N GLY JC 166 -43.05 -42.82 -10.84
CA GLY JC 166 -42.74 -41.69 -11.67
C GLY JC 166 -44.05 -41.11 -12.14
N HIS JC 167 -44.05 -39.83 -12.47
CA HIS JC 167 -45.29 -39.19 -12.84
C HIS JC 167 -45.70 -39.55 -14.24
N ARG JC 168 -46.84 -39.03 -14.63
CA ARG JC 168 -47.45 -39.39 -15.89
C ARG JC 168 -46.50 -39.26 -17.11
N TRP JC 169 -45.62 -38.26 -17.13
CA TRP JC 169 -44.71 -38.09 -18.28
C TRP JC 169 -43.44 -38.93 -18.24
N ASN JC 170 -43.03 -39.41 -17.08
CA ASN JC 170 -42.03 -40.46 -17.10
C ASN JC 170 -42.52 -41.57 -16.21
N LYS JC 171 -42.82 -42.69 -16.83
CA LYS JC 171 -43.46 -43.74 -16.11
C LYS JC 171 -42.51 -44.93 -16.08
N VAL JC 172 -42.59 -45.78 -15.07
CA VAL JC 172 -41.85 -47.03 -15.15
C VAL JC 172 -42.87 -48.14 -15.36
N ARG JC 173 -42.84 -48.74 -16.54
CA ARG JC 173 -43.84 -49.69 -16.98
C ARG JC 173 -43.53 -51.12 -16.51
N MET JC 174 -44.41 -51.71 -15.70
CA MET JC 174 -44.22 -53.09 -15.27
C MET JC 174 -44.58 -54.04 -16.40
N PRO JC 175 -43.59 -54.76 -16.93
CA PRO JC 175 -43.68 -55.65 -18.10
C PRO JC 175 -44.57 -56.87 -17.91
N VAL JC 176 -45.41 -57.13 -18.91
CA VAL JC 176 -46.34 -58.24 -18.89
C VAL JC 176 -46.29 -59.02 -20.20
N GLY JC 177 -46.29 -60.35 -20.11
CA GLY JC 177 -46.17 -61.21 -21.27
C GLY JC 177 -44.80 -61.06 -21.90
N SER JC 178 -44.60 -61.66 -23.07
CA SER JC 178 -43.35 -61.40 -23.76
C SER JC 178 -43.69 -60.78 -25.11
N PRO JC 179 -42.85 -59.86 -25.54
CA PRO JC 179 -43.07 -59.17 -26.83
C PRO JC 179 -42.96 -60.15 -27.97
N LEU JC 180 -42.35 -61.30 -27.72
CA LEU JC 180 -42.21 -62.34 -28.73
C LEU JC 180 -43.57 -62.81 -29.20
N LEU JC 181 -44.56 -62.62 -28.34
CA LEU JC 181 -45.91 -63.04 -28.64
C LEU JC 181 -46.75 -61.95 -29.28
N LYS JC 182 -46.14 -60.81 -29.57
CA LYS JC 182 -46.88 -59.65 -30.06
C LYS JC 182 -47.52 -59.90 -31.42
N ASP JC 183 -47.21 -61.03 -32.03
CA ASP JC 183 -47.79 -61.37 -33.32
C ASP JC 183 -49.00 -62.31 -33.25
N ASN JC 184 -49.42 -62.69 -32.05
CA ASN JC 184 -50.62 -63.51 -31.94
C ASN JC 184 -51.83 -62.71 -32.36
N VAL JC 185 -52.75 -63.37 -33.06
CA VAL JC 185 -53.93 -62.69 -33.60
C VAL JC 185 -54.84 -62.17 -32.47
N SER JC 186 -55.32 -60.95 -32.65
CA SER JC 186 -56.19 -60.29 -31.69
C SER JC 186 -57.63 -60.25 -32.20
N TYR JC 187 -58.50 -61.01 -31.56
CA TYR JC 187 -59.90 -61.06 -31.94
C TYR JC 187 -60.56 -59.73 -31.64
N SER JC 188 -59.95 -59.02 -30.71
CA SER JC 188 -60.42 -57.71 -30.30
C SER JC 188 -60.00 -56.60 -31.27
N GLY JC 189 -58.88 -56.83 -31.96
CA GLY JC 189 -58.25 -55.80 -32.77
C GLY JC 189 -57.37 -54.91 -31.91
N ARG JC 190 -57.64 -54.89 -30.61
CA ARG JC 190 -56.80 -54.20 -29.64
C ARG JC 190 -55.48 -54.97 -29.51
N PRO JC 191 -54.37 -54.32 -29.85
CA PRO JC 191 -53.05 -54.95 -29.70
C PRO JC 191 -52.80 -55.26 -28.24
N LEU JC 192 -52.20 -56.42 -27.96
CA LEU JC 192 -52.05 -56.86 -26.59
C LEU JC 192 -51.24 -55.87 -25.79
N LEU JC 193 -51.61 -55.68 -24.53
CA LEU JC 193 -50.96 -54.65 -23.74
C LEU JC 193 -49.80 -55.20 -22.92
N LEU JC 194 -48.58 -54.79 -23.31
CA LEU JC 194 -47.36 -55.39 -22.76
C LEU JC 194 -46.83 -54.64 -21.57
N TYR JC 195 -47.41 -53.50 -21.26
CA TYR JC 195 -46.86 -52.67 -20.20
C TYR JC 195 -47.88 -52.00 -19.29
N HIS JC 196 -47.74 -52.27 -17.99
CA HIS JC 196 -48.47 -51.57 -16.94
C HIS JC 196 -47.90 -51.85 -15.54
N UNK KC 1 33.20 -71.05 -69.86
CA UNK KC 1 32.09 -70.14 -69.56
C UNK KC 1 31.60 -70.31 -68.12
N UNK KC 2 32.07 -71.36 -67.44
CA UNK KC 2 31.78 -71.54 -66.01
C UNK KC 2 32.71 -70.66 -65.18
N UNK KC 3 33.97 -70.58 -65.61
CA UNK KC 3 34.97 -69.74 -64.95
C UNK KC 3 34.69 -68.25 -65.18
N UNK KC 4 34.10 -67.93 -66.34
CA UNK KC 4 33.73 -66.54 -66.67
C UNK KC 4 32.53 -66.08 -65.83
N UNK KC 5 31.54 -66.95 -65.70
CA UNK KC 5 30.37 -66.66 -64.86
C UNK KC 5 30.76 -66.57 -63.37
N UNK KC 6 31.54 -67.55 -62.90
CA UNK KC 6 31.95 -67.57 -61.49
C UNK KC 6 32.90 -66.42 -61.13
N UNK KC 7 33.73 -65.97 -62.08
CA UNK KC 7 34.57 -64.79 -61.84
C UNK KC 7 33.78 -63.49 -61.98
N UNK KC 8 32.70 -63.52 -62.77
CA UNK KC 8 31.81 -62.36 -62.88
C UNK KC 8 31.06 -62.14 -61.56
N UNK KC 9 30.58 -63.21 -60.95
CA UNK KC 9 29.92 -63.09 -59.64
C UNK KC 9 30.92 -63.01 -58.47
N UNK KC 10 32.18 -63.39 -58.72
CA UNK KC 10 33.24 -63.18 -57.71
C UNK KC 10 33.64 -61.71 -57.66
N UNK KC 11 33.85 -61.10 -58.83
CA UNK KC 11 34.16 -59.67 -58.91
C UNK KC 11 32.93 -58.81 -58.55
N UNK KC 12 31.72 -59.32 -58.83
CA UNK KC 12 30.49 -58.60 -58.48
C UNK KC 12 30.18 -58.68 -56.96
N UNK KC 13 30.30 -59.86 -56.35
CA UNK KC 13 30.08 -59.96 -54.90
C UNK KC 13 31.27 -59.38 -54.12
N UNK KC 14 32.41 -59.22 -54.79
CA UNK KC 14 33.54 -58.48 -54.20
C UNK KC 14 33.27 -56.98 -54.22
N UNK KC 15 32.76 -56.48 -55.35
CA UNK KC 15 32.37 -55.07 -55.44
C UNK KC 15 31.22 -54.75 -54.46
N UNK KC 16 30.30 -55.69 -54.28
CA UNK KC 16 29.16 -55.47 -53.38
C UNK KC 16 29.51 -55.64 -51.89
N UNK KC 17 30.42 -56.57 -51.57
CA UNK KC 17 30.83 -56.75 -50.17
C UNK KC 17 31.82 -55.65 -49.74
N UNK KC 18 32.59 -55.13 -50.70
CA UNK KC 18 33.42 -53.96 -50.43
C UNK KC 18 32.57 -52.68 -50.40
N UNK KC 19 31.44 -52.71 -51.12
CA UNK KC 19 30.48 -51.61 -51.08
C UNK KC 19 29.74 -51.55 -49.73
N UNK KC 20 29.37 -52.71 -49.20
CA UNK KC 20 28.72 -52.77 -47.89
C UNK KC 20 29.76 -52.66 -46.75
N UNK KC 21 31.04 -52.93 -47.04
CA UNK KC 21 32.12 -52.65 -46.07
C UNK KC 21 32.37 -51.14 -45.97
N UNK KC 22 32.40 -50.48 -47.12
CA UNK KC 22 32.54 -49.03 -47.19
C UNK KC 22 31.31 -48.27 -46.63
N UNK KC 23 30.10 -48.79 -46.88
CA UNK KC 23 28.88 -48.14 -46.36
C UNK KC 23 28.59 -48.48 -44.88
N UNK KC 24 29.02 -49.66 -44.40
CA UNK KC 24 28.90 -49.98 -42.97
C UNK KC 24 30.00 -49.30 -42.16
N UNK KC 25 31.11 -49.01 -42.81
CA UNK KC 25 32.12 -48.15 -42.20
C UNK KC 25 31.75 -46.67 -42.44
N UNK KC 26 30.72 -46.44 -43.27
CA UNK KC 26 30.14 -45.11 -43.45
C UNK KC 26 29.11 -44.74 -42.37
N UNK KC 27 28.24 -45.69 -42.03
CA UNK KC 27 27.16 -45.44 -41.09
C UNK KC 27 27.66 -45.18 -39.66
N UNK KC 28 28.52 -46.06 -39.18
CA UNK KC 28 29.06 -45.96 -37.82
C UNK KC 28 30.05 -44.81 -37.69
N UNK KC 29 24.87 2.96 -68.10
CA UNK KC 29 25.90 3.39 -69.05
C UNK KC 29 26.82 2.23 -69.41
N UNK KC 30 26.91 1.92 -70.71
CA UNK KC 30 27.70 0.79 -71.19
C UNK KC 30 28.53 1.09 -72.44
N UNK KC 31 29.86 0.97 -72.31
CA UNK KC 31 30.76 0.84 -73.45
C UNK KC 31 31.82 -0.19 -73.08
N UNK KC 32 32.01 -1.18 -73.96
CA UNK KC 32 33.05 -2.18 -73.74
C UNK KC 32 34.06 -2.14 -74.89
N UNK KC 33 35.34 -2.08 -74.56
CA UNK KC 33 36.42 -1.92 -75.53
C UNK KC 33 36.99 -3.26 -76.04
N UNK KC 34 36.99 -3.45 -77.37
CA UNK KC 34 37.52 -4.66 -78.02
C UNK KC 34 38.95 -4.42 -78.55
N UNK KC 35 39.93 -5.21 -78.07
CA UNK KC 35 41.34 -4.93 -78.37
C UNK KC 35 42.00 -5.91 -79.37
N UNK KC 36 42.56 -5.35 -80.45
CA UNK KC 36 43.28 -6.13 -81.48
C UNK KC 36 44.78 -6.21 -81.20
N UNK KC 37 22.16 2.29 -66.17
CA UNK KC 37 23.10 3.03 -65.35
C UNK KC 37 22.75 2.99 -63.86
N UNK KC 38 21.67 3.64 -63.46
CA UNK KC 38 21.26 3.75 -62.05
C UNK KC 38 20.43 2.53 -61.56
N UNK KC 39 19.83 1.81 -62.51
CA UNK KC 39 19.03 0.59 -62.26
C UNK KC 39 19.96 -0.56 -61.84
N UNK KC 40 21.01 -0.73 -62.64
CA UNK KC 40 22.06 -1.71 -62.34
C UNK KC 40 22.82 -1.32 -61.05
N UNK KC 41 22.82 -0.02 -60.69
CA UNK KC 41 23.46 0.43 -59.43
C UNK KC 41 22.63 0.22 -58.15
N UNK KC 42 21.31 0.46 -58.21
CA UNK KC 42 20.44 0.15 -57.06
C UNK KC 42 20.38 -1.38 -56.86
N UNK KC 43 20.39 -2.14 -57.96
CA UNK KC 43 20.49 -3.61 -57.86
C UNK KC 43 21.90 -4.11 -57.42
N UNK KC 44 22.95 -3.37 -57.76
CA UNK KC 44 24.31 -3.75 -57.33
C UNK KC 44 24.56 -3.43 -55.84
N UNK KC 45 23.99 -2.32 -55.36
CA UNK KC 45 24.01 -2.03 -53.93
C UNK KC 45 23.07 -3.01 -53.22
N UNK KC 46 22.07 -3.51 -53.92
CA UNK KC 46 21.25 -4.61 -53.40
C UNK KC 46 22.10 -5.87 -53.18
N UNK KC 47 22.91 -6.21 -54.17
CA UNK KC 47 23.72 -7.43 -54.13
C UNK KC 47 24.87 -7.31 -53.13
N UNK KC 48 25.47 -6.12 -53.02
CA UNK KC 48 26.57 -5.91 -52.08
C UNK KC 48 26.08 -5.69 -50.64
N UNK KC 49 24.81 -5.28 -50.47
CA UNK KC 49 24.19 -5.24 -49.14
C UNK KC 49 23.67 -6.63 -48.71
N UNK KC 50 23.29 -7.48 -49.67
CA UNK KC 50 22.88 -8.86 -49.34
C UNK KC 50 24.09 -9.82 -49.32
N UNK KC 51 25.26 -9.34 -49.72
CA UNK KC 51 26.51 -10.10 -49.60
C UNK KC 51 27.10 -10.04 -48.19
N UNK KC 52 26.96 -8.90 -47.53
CA UNK KC 52 27.49 -8.71 -46.18
C UNK KC 52 26.51 -9.20 -45.12
N UNK KC 53 12.34 -3.17 -61.95
CA UNK KC 53 13.31 -2.27 -61.35
C UNK KC 53 12.88 -1.83 -59.97
N UNK KC 54 11.56 -1.81 -59.75
CA UNK KC 54 10.99 -1.52 -58.42
C UNK KC 54 10.99 -2.78 -57.55
N UNK KC 55 11.02 -3.94 -58.20
CA UNK KC 55 11.16 -5.21 -57.52
C UNK KC 55 12.49 -5.30 -56.77
N UNK KC 56 13.57 -4.96 -57.48
CA UNK KC 56 14.92 -4.89 -56.94
C UNK KC 56 14.99 -3.99 -55.70
N UNK KC 57 14.23 -2.90 -55.70
CA UNK KC 57 14.23 -1.93 -54.59
C UNK KC 57 13.40 -2.38 -53.38
N UNK KC 58 12.22 -3.00 -53.60
CA UNK KC 58 11.45 -3.58 -52.48
C UNK KC 58 12.25 -4.69 -51.78
N UNK KC 59 12.73 -5.67 -52.54
CA UNK KC 59 13.52 -6.73 -51.90
C UNK KC 59 14.86 -6.23 -51.33
N UNK KC 60 15.42 -5.14 -51.90
CA UNK KC 60 16.68 -4.57 -51.35
C UNK KC 60 16.53 -3.73 -50.08
N UNK KC 61 15.39 -3.07 -49.88
CA UNK KC 61 15.14 -2.41 -48.60
C UNK KC 61 14.81 -3.47 -47.55
N UNK KC 62 14.16 -4.55 -47.99
CA UNK KC 62 13.94 -5.68 -47.09
C UNK KC 62 15.26 -6.34 -46.65
N UNK KC 63 16.19 -6.50 -47.60
CA UNK KC 63 17.50 -7.11 -47.30
C UNK KC 63 18.40 -6.21 -46.44
N UNK KC 64 18.40 -4.91 -46.72
CA UNK KC 64 19.21 -3.95 -45.97
C UNK KC 64 18.64 -3.72 -44.56
N UNK KC 65 17.32 -3.81 -44.42
CA UNK KC 65 16.72 -3.76 -43.07
C UNK KC 65 17.03 -5.06 -42.30
N UNK KC 66 17.10 -6.19 -43.02
CA UNK KC 66 17.48 -7.48 -42.38
C UNK KC 66 18.94 -7.53 -41.91
N UNK KC 67 19.86 -6.98 -42.71
CA UNK KC 67 21.28 -6.92 -42.34
C UNK KC 67 21.57 -5.83 -41.31
N UNK KC 68 20.76 -4.77 -41.29
CA UNK KC 68 20.90 -3.75 -40.25
C UNK KC 68 20.32 -4.23 -38.91
N UNK KC 69 19.29 -5.08 -38.95
CA UNK KC 69 18.77 -5.72 -37.75
C UNK KC 69 19.73 -6.79 -37.23
N UNK KC 70 20.35 -7.54 -38.14
CA UNK KC 70 21.36 -8.53 -37.74
C UNK KC 70 22.63 -7.87 -37.17
N UNK KC 71 23.03 -6.73 -37.75
CA UNK KC 71 24.18 -5.96 -37.28
C UNK KC 71 23.92 -5.27 -35.94
N UNK KC 72 22.77 -4.60 -35.81
CA UNK KC 72 22.43 -3.97 -34.54
C UNK KC 72 22.24 -5.04 -33.46
N UNK KC 73 21.82 -6.25 -33.86
CA UNK KC 73 21.79 -7.41 -32.94
C UNK KC 73 23.19 -7.85 -32.50
N UNK KC 74 24.12 -7.96 -33.45
CA UNK KC 74 25.52 -8.31 -33.13
C UNK KC 74 26.21 -7.31 -32.19
N UNK KC 75 26.07 -6.01 -32.44
CA UNK KC 75 26.71 -5.03 -31.55
C UNK KC 75 25.85 -4.73 -30.30
N UNK KC 76 24.63 -5.29 -30.26
CA UNK KC 76 23.83 -5.32 -29.01
C UNK KC 76 24.27 -6.44 -28.06
N UNK KC 77 24.50 -7.64 -28.60
CA UNK KC 77 24.94 -8.76 -27.77
C UNK KC 77 26.42 -8.67 -27.42
N UNK KC 78 27.22 -8.07 -28.32
CA UNK KC 78 28.64 -7.88 -28.02
C UNK KC 78 28.87 -6.80 -26.95
N UNK KC 79 27.80 -6.10 -26.58
CA UNK KC 79 27.85 -5.09 -25.53
C UNK KC 79 26.88 -5.46 -24.40
N UNK KC 80 48.62 -18.00 -74.00
CA UNK KC 80 49.39 -19.03 -74.69
C UNK KC 80 49.25 -18.93 -76.20
N UNK KC 81 48.01 -18.78 -76.66
CA UNK KC 81 47.75 -18.54 -78.08
C UNK KC 81 48.01 -17.07 -78.41
N UNK KC 82 47.67 -16.19 -77.46
CA UNK KC 82 47.91 -14.75 -77.59
C UNK KC 82 49.40 -14.48 -77.78
N UNK KC 83 50.22 -15.24 -77.05
CA UNK KC 83 51.67 -15.10 -77.12
C UNK KC 83 52.29 -15.69 -78.40
N UNK KC 84 51.83 -16.87 -78.82
CA UNK KC 84 52.36 -17.51 -80.02
C UNK KC 84 52.00 -16.69 -81.28
N UNK KC 85 50.77 -16.20 -81.33
CA UNK KC 85 50.37 -15.35 -82.45
C UNK KC 85 50.95 -13.93 -82.35
N UNK KC 86 51.28 -13.49 -81.13
CA UNK KC 86 51.99 -12.21 -80.97
C UNK KC 86 53.44 -12.32 -81.45
N UNK KC 87 54.01 -13.51 -81.28
CA UNK KC 87 55.34 -13.79 -81.79
C UNK KC 87 55.28 -13.91 -83.31
N UNK KC 88 54.18 -14.46 -83.84
CA UNK KC 88 54.03 -14.56 -85.29
C UNK KC 88 53.79 -13.19 -85.96
N UNK KC 89 53.06 -12.30 -85.30
CA UNK KC 89 52.85 -10.95 -85.85
C UNK KC 89 54.07 -10.05 -85.65
N UNK KC 90 54.70 -10.13 -84.48
CA UNK KC 90 55.90 -9.32 -84.22
C UNK KC 90 57.12 -9.84 -85.00
N UNK KC 91 57.08 -11.10 -85.42
CA UNK KC 91 58.07 -11.61 -86.39
C UNK KC 91 57.70 -11.28 -87.84
N UNK KC 92 56.40 -11.25 -88.16
CA UNK KC 92 55.95 -10.95 -89.53
C UNK KC 92 56.09 -9.46 -89.86
N UNK KC 93 56.17 -8.60 -88.84
CA UNK KC 93 56.41 -7.18 -89.08
C UNK KC 93 57.88 -6.89 -89.42
N UNK KC 94 58.79 -7.70 -88.86
CA UNK KC 94 60.22 -7.52 -89.11
C UNK KC 94 60.67 -8.29 -90.34
#